data_3JAJ
#
_entry.id   3JAJ
#
_cell.length_a   1
_cell.length_b   1
_cell.length_c   1
_cell.angle_alpha   90.000
_cell.angle_beta   90.000
_cell.angle_gamma   90.000
#
_symmetry.space_group_name_H-M   'P 1'
#
loop_
_entity.id
_entity.type
_entity.pdbx_description
1 polymer 'Ribosomal protein uL2'
2 polymer 'Ribosomal protein uL18'
3 polymer 'Ribosomal protein eL8'
4 polymer 'Ribosomal protein uL6'
5 polymer 'Ribosomal protein uL5'
6 polymer 'Ribosomal protein eL13'
7 polymer 'Ribosomal protein eL14'
8 polymer 'Ribosomal protein eL15'
9 polymer 'Ribosomal protein uL13'
10 polymer 'Ribosomal protein eL18'
11 polymer 'Ribosomal protein eL19'
12 polymer 'Ribosomal protein eL20'
13 polymer 'Ribosomal protein eL21'
14 polymer 'Ribosomal protein eL22'
15 polymer 'Ribosomal protein uL14'
16 polymer 'Ribosomal protein uL23'
17 polymer 'Ribosomal protein uL24'
18 polymer 'Ribosomal protein eL27'
19 polymer 'Ribosomal protein uL15'
20 polymer 'Ribosomal protein eL29'
21 polymer 'Ribosomal protein eL30'
22 polymer 'Ribosomal protein eL31'
23 polymer 'Ribosomal protein eL32'
24 polymer 'Ribosomal protein eL33'
25 polymer 'Ribosomal protein eL34'
26 polymer 'Ribosomal protein uL29'
27 polymer 'Ribosomal protein eL36'
28 polymer 'Ribosomal protein eL38'
29 polymer 'Ribosomal protein eL39'
30 polymer 'Ribosomal protein eL40'
31 polymer 'Ribosomal protein eL42'
32 polymer '28S ribosomal RNA'
33 polymer '5S ribosomal RNA'
34 polymer '5.8S ribosomal RNA'
35 polymer 'Ribosomal protein uL3'
36 polymer 'Ribosomal protein uL4'
37 polymer 'Ribosomal protein eL6'
38 polymer 'Ribosomal protein uL30'
39 polymer 'Ribosomal protein uL16'
40 polymer 'Ribosomal protein uL22'
41 polymer 'Ribosomal protein eL24'
42 polymer 'Ribosomal protein eL37'
43 polymer 'Ribosomal protein eL41'
44 polymer 'Ribosomal protein eL43'
45 polymer 'Ribosomal protein eL28'
46 polymer 'Ribosomal protein uL11'
47 polymer 'Ribosomal protein uL10'
48 polymer SRP54
49 polymer 'Nascent chain'
50 polymer 'Val tRNA'
51 polymer 'SRP 7S RNA'
52 polymer SRP19
53 polymer SRP68
54 polymer '18S ribosomal RNA'
55 polymer 'Ribosomal protein uS2'
56 polymer 'Ribosomal protein eS1'
57 polymer 'Ribosomal protein uS5'
58 polymer 'Ribosomal protein eS4'
59 polymer 'Ribosomal protein eS6'
60 polymer 'Ribosomal protein eS7'
61 polymer 'Ribosomal protein eS8'
62 polymer 'Ribosomal protein uS4'
63 polymer 'Ribosomal protein uS17'
64 polymer 'Ribosomal protein uS15'
65 polymer 'Ribosomal protein uS11'
66 polymer 'Ribosomal protein eS21'
67 polymer 'Ribosomal protein uS8'
68 polymer 'Ribosomal protein uS12'
69 polymer 'Ribosomal protein eS24'
70 polymer 'Ribosomal protein eS26'
71 polymer 'Ribosomal protein eS27'
72 polymer 'Ribosomal protein eS30'
73 polymer 'Ribosomal protein uS3'
74 polymer 'Ribosomal protein uS7'
75 polymer 'Ribosomal protein eS10'
76 polymer 'Ribosomal protein eS12'
77 polymer 'Ribosomal protein uS19'
78 polymer 'Ribosomal protein uS9'
79 polymer 'Ribosomal protein eS17'
80 polymer 'Ribosomal protein uS13'
81 polymer 'Ribosomal protein eS19'
82 polymer 'Ribosomal protein uS10'
83 polymer 'Ribosomal protein es25'
84 polymer 'Ribosomal protein eS28'
85 polymer 'Ribosomal protein uS14'
86 polymer 'Ribosomal protein eS31'
87 polymer 'Ribosomal protein RACK1'
88 polymer SRP9
89 polymer SRP14
90 non-polymer 'MAGNESIUM ION'
91 non-polymer 'ZINC ION'
#
loop_
_entity_poly.entity_id
_entity_poly.type
_entity_poly.pdbx_seq_one_letter_code
_entity_poly.pdbx_strand_id
1 'polypeptide(L)'
;GRVIRGQRKGAGSVFRAHVKHRKGAARLRAVDFAERHGYIKGIVKDIIHDPGRGAPLAKVVFRDPYRFKKRTELFIAAEG
IHTGQFVYCGKKAQLNIGNVLPVGTMPEGTIVCCLEEKPGDRGKLARASGNYATVISHNPETKKTRVKLPSGSKKVISSA
NRAVVGVVAGGGRIDKPILKAGRAYHKYKAKRNCWPRVRGVAMNPVEHPFGGGNHQHIGKPSTIRRDAPAGRKVGLIAAR
RTGR
;
A
2 'polypeptide(L)'
;FVKVVKNKAYFKRYQVKFRRRREGKTDYYARKRLVIQDKNKYNTPKYRMIVRVTNRDIICQIAYARIEGDMIVCAAYAHE
LPKYGVKVGLTNYAAAYCTGLLLARRLLNRFGMDKIYEGQVEVTGDEYNVESIDGQPGAFTCYLDAGLARTTTGNKVFGA
LKGAVDGGLSIPHSTKRFPGYDSESKEFNAEVHRKHILGQNVADYMRYLIEEDEDAYKKQFSQYIKNNVTPDMMEEMYKK
AHAAIRENPVYEKKPKKEVKKKRWNRPKMSLAQKKDRVAQKKASFLRAQERA
;
D
3 'polypeptide(L)'
;KVVNLLFEKRPKNFGIGQDIQPKRDLTRFVKWPRYIRLQRQRAILYKRLKVPPTINQFTQALDRQTATQLLKLTHKYRPE
TKQEKKQRLLARAEKKAAGKGDVPTKRPPVLRAGVNTVTTLVENKKAQLVVIAHDVDPIELVVFLPALCRKMGVPYCIIK
GKARLGRLVHRKTCTTVAFTQVNSEDKGALAKLVEAIRTNYNDRYNEIRRHWGGNVLGPKSVARITKLEKAKAKELAT
;
G
4 'polypeptide(L)'
;MKTILSNQTVDIPENVDITLKGRTVIVKGPRGTLRRDFNHINVELSLLGKKKKRLRVDKWWGNRKELATVRTICSHVQNM
IKGVTLGFRYKMRSVYAHFPINVVIQENGSLVEIRNFLGEKYIRRVRMRPGVACSVSQAQKDELILEGNDIELVSNSAAL
IQQATTVKNKDIRKFLDGIYVSEKGTVQQA
;
H
5 'polypeptide(L)'
;ENPMRELRIRKLCLNICVGESGDRLTRAAKVLEQLTGQTPVFSKARYTVRSFGIRRNEKIAVHCTVRGAKAEEILEKGLK
VREYELRKNNFSDTGNFGFGIQEHIDLGIKYDPSIGIYGLDFYVVLGRPGFSIADKKRRTGCIGAKHRISKEEAMRWFQQ
KHDGIILPGN
;
J
6 'polypeptide(L)'
;APSRNGMILKPHFHKDWQRRVATWFNQPARKIRRRKARQAKARRIAPRPASGPLRPVVRCPTVRYHTKVRAGRGFSLEEL
RVAGIHKKVARTIGISVDPRRRNKCTESLQANVQRLKEYRSKLILFPRKPSAPKKGDSSAEELKLATQLTGPVMPIRNVY
KREKARVITDEEKNFKAFASLRMARANARLFGIRAKRAKEAAEQDVEKKK
;
L
7 'polypeptide(L)'
;VFRRFVEVGRVAYVSFGPHAGKLVAIVDVIDQNRALVDGPCTQVRRQAMPFKCMQLTDFILKFPHSARQKYVRKAWEKAD
INAKWAATRWAKKIEAREKKAKMTDFDRYKVMKARKMRNRLIKLEVKKLQKAALLKAS
;
M
8 'polypeptide(L)'
;GAYKYIQELWRKKQSDVMRFLLRVRCWQYRQLSALHRAPRPTRPDKARRLGYKAKQGYVIYRIRVRRGGRKRPVPKGATY
GKPVHHGVNQLKFARSLQSVAEERAGRHCGALRVLNSYWVGEDSTYKFFEVILIDPFHKAIRRNPDTQWITKPVHKHREM
RGLTSAGRKSRGLGKGHKFHHTIGGSRRAAWRRRNTLQLHRYR
;
N
9 'polypeptide(L)'
;EGQVLVLDGRGHLLGRLAAIVAKQVLLGRKVVVVRCEGINISGNFYRNKLKYLAFLRKRMNTNPSRGPYHFRAPSRIFWR
TVRGMLPHKTKRGQAALDRLKVFDGIPPPYDKKKRMVVPAALKVVRLKPTRKFAYLGRLAHEVGWKYQAVTATLEEKRKE
KAKIHYRKKKQLMRLRKQAEKNVEKKIDRFTEVLKTHGFLV
;
O
10 'polypeptide(L)'
;GVDIRHNKDRKVRRKEPKSQDIYLRLLVKLYRFLARRTNSTFNQVVLKRLFMSRTNRPPLSLSRMIRKMKLPGREGKTAV
VVGTITDDVRVQEVPKLKVCALRVSSRARSRILKAGGKILTFDQLALDSPKGCGTVLLSGPRKGREVYRHFGKAPGTPHS
HTKPYVRSKGRKFERARGRRASRGYKN
;
Q
11 'polypeptide(L)'
;SMLRLQKRLASSVLRCGKKKVWLDPNETNEIANANSRQQIRKLIKDGLIIRKPVTVHSRARCRKNTLARRKGRHMGIGKR
KGTANARMPEKVTWMRRMRILRRLLRRYRESKKIDRHMYHSLYLKVKGNVFKNKRILMEHIHKLKADKARKKLLADQAEA
RRSKTKEARKRREERLQAKK
;
R
12 'polypeptide(L)'
;KASGTLREYKVVGRCLPTPKCRTPPLYRMRIFAPNHVVAKSRFWYFVSQLKKMKKSSGEIVYCGQVFEKSPLRVKNFGIW
LRYDSRSGTHNMYREYRDLTTAGAVTQCYRDMGARHRARAHSIQIMKVEEIAASKCRRPAVKQFHDSKIKFPLPHRVLRR
QHKPRFTTKRPNTFF
;
S
13 'polypeptide(L)'
;TNTKGKRRGTRYMFSRPFRKHGVVPLATYMRIYKKGDIVDIKGMGTVQKGMPHKCYHGKTGRVYNVTQHAVGIVVNKQVK
GKILAKRINVRIEHIKHSKSRDSFLKRVKENDQKKKEAKEKGTWVQLKRQPAPPREAHFVRTNGKEPELLEPIPYEFMA
;
T
14 'polypeptide(L)'
;QVLKFTLDCTHPVEDGIMDAANFEQFLQERIKVNGKAGNLGGGVVTIERSKSKITVTSEVPFSKRYLKYLTKKYLKKNNL
RDWLRVVANSKESYELRYF
;
U
15 'polypeptide(L)'
;SGAKFRISLGLPVGAVINCADNTGAKNLYIISVKGIKGRLNRLPAAGVGDMVMATVKKGKPELRKKVHPAVVIRQRKSYR
RKDGVFLYFEDNAGVIVNNKGEMKGSAITGPVAKECADLWPRIASNAGSIA
;
V
16 'polypeptide(L)'
;KKIRTSPTFRRPKTLRLRRQPKYPRKSAPRRNKLDHYAIIKFPLTTESAMKKIEDNNTLVFIVDVKANKHQIKQAVKKLY
DIDVAKVNTLIRPDGEKKAYVRLAPDYDALDVANKIGII
;
X
17 'polypeptide(L)'
;MKFNPFVTSDRSKNRKRHFNAPSHIRRKIMSSPLSKELRQKYNVRSMPIRKDDEVQVVRGHYKGQQIGKVVQVYRKKYVI
YIERVQREKANGTTVHVGIHPSKVVITRLKLDKDRKKILERKAKSRQVGKEKGK
;
Y
18 'polypeptide(L)'
;GKFMKPGKVVLVLAGRYSGRKAVIVKNIDDGTSDRPYSHALVAGIDRYPRKVTAAMGKKKIAKRSKIKSFVKVYNYNHLM
PTRYSVDIPLDKTVVNKDVFRDPALKRKARREAKVKFEERYKTGKNKWFFQKLRF
;
Z
19 'polypeptide(L)'
;PSRLRKTRKLRGHVSHGHGRIGKHRKHPGGRGNAGGMHHHRINFDKYHPGYFGKVGMRHYHLKRNQSFCPTVNLDKLWTL
VSEQTRINAAKNKTGAAPIIDVVRSGYYKVLGKGKLPKQPVIVKAKFFSRRAEEKIKGVGGACVLVA
;
a
20 'polypeptide(L)' AKSKNHTTHNQSRKWHRNGIKKPRSQRYESLKGVDPKFLRNMRFAKKHNKKGLKKMQANNAKAMSARAEAIKALV b
21 'polypeptide(L)'
;SINSRLQLVMKSGKYVLGYKQTLKMIRQGKAKLVILANNCPALRKSEIEYYAMLAKTGVHHYSGNNIELGTACGKYYRVC
TLAIIDPGDSDIIR
;
c
22 'polypeptide(L)'
;NEVVTREYTINIHKRIHGVGFKKRAPRALKEIRKFAMKEMGTPDVRIDTRLNKAVWAKGIRNVPYRIRVRLSRKRNEDED
SPNKLYTLVTYVPVTTFKNLQTVNVDE
;
d
23 'polypeptide(L)'
;AALRPLVKPKIVKKRTKKFIRHQSDRYVKIKRNWRKPRGIDNRVRRRFKGQILMPNIGYGSNKKTKHMLPSGFRKFLVHN
VKELEVLLMCNKSYCAEIAHNVSSKNRKAIVERAAQLAIRVTNPNARL
;
e
24 'polypeptide(L)'
;SGRLWSKAIFAGYKRGLRNQREHTALLKIEGVYARDETEFYLGKRCAYVYKAKNNTVTPGGKPNKTRVIWGKVTRAHGNS
GMVRAKFRSNLPAKAIGHRIRVMLYPSRI
;
f
25 'polypeptide(L)'
;VQRLTYRRRLSYNTASNKTRLSRTPGNRIVYLYTKKVGKAPKSACGVCPGRLRGVRAVRPKVLMRLSKTKKHVSRAYGGS
MCAKCVRDRIKRAFLIEEQKIVVKVLKAQAQSQK
;
g
26 'polypeptide(L)'
;AKIKARDLRGKKKEELLKQLEDLKVELSQLRVAKVTGGAASKLSKIRVVRKSIARVLTVINQTQKENLRKFYKGKKYKPL
DLRPKKTRAMRRRLNKHEENLKTKKQQRKERLYPLRKFAVKA
;
h
27 'polypeptide(L)'
;ALRYPMAVGLNKGHKVTKNVSKPRHSRRRGRLTKHTKFVRDMIREVCGFAPYERRAMELLKVSKDKRALKFIKKRVGTHI
RAKRKREELSNVLAAMRKAAAK
;
i
28 'polypeptide(L)' PRKIEEIKDFLLTARRKDAKSVKIKKNKDNVKFKVRCSRYLYTLVITDKEKAEKLKQSLPPGLAVKELK k
29 'polypeptide(L)' SSHKTFRIKRFLAKKQKQNRPIPQWIRMKTGNKIRYNSKRRHWRRTKLGL l
30 'polypeptide(L)' IIEPSLRQLAQKYNCDKMICRKCYARLHPRAVNCRKKKCGHTNNLRPKKKVK m
31 'polypeptide(L)'
;VNVPKTRRTFCKKCGKHQPHKVTQYKKGKDSLYAQGKRRYDRKQSGYGGQTKPIFRKKAKTTKKIVLRLECVEPNCRSKR
MLAIKRCKHFELGGDKKRKGQVIQ
;
o
32 'polyribonucleotide'
;CGCGACCUCAGAUCAGACGUGGCGACCCGCUGAAUUUAAGCAUAUUAGUCAGCGGAGGAGAAGAAACUAACCAGGAUUCC
CUCAGUAACGGCGAGUGAACAGGGAAGAGCCCAGCGCCGAAUCCCCGCCCCGCGGCGGGGCGCGGGACAUGUGGCGUACG
GAAGACCCGCUCCCCGGCGCCGCUCGUGGGGGGCCCAAGUCCUUCUGAUCGAGGCCCAGCCCGUGGACGGUGUGAGGCCG
GUAGCGGCCCCCGGCGCGCCGGGCCCGGGUCUUCCCGGAGUCGGGUUGCUUGGGAAUGCAGCCCAAAGCGGGUGGUAAAC
UCCAUCUAAGGCUAAAUACCGGCACGAGACCGAUAGUCAACAAGUACCGUAAGGGAAAGUUGAAAAGAACUUUGAAGAGA
GAGUUCAAGAGGGCGUGAAACCGUUAAGAGGUAAACGGGUGGGGUCCGCGCAGUCCGCCCGGAGGAUUCAACCCGGCGGC
GGGUCCGGCCGUGUCGGCGGCCCGGCGGAUCUUUCCCGCGCGGGGGACCGUCCCCCGACCGGCGACCGGCCGCCGCCGGG
CGCAUUUCCACCGCGGCGGUGCGCCGCGACCGGCUCCGGGACGGCUGGGAAGGCCCGGCGGGGAAGGUGGCUCGGCCGAG
UGUUACAGCCCCCCCGGCAGCAGCACUCGCCGAAUCCCGGGGCCGAGGGAGCGAGACCCGUCGCCGCGCUCUCCCCCCUC
CCGGCGCCGCCGGGGGGGGCCGGGCCACCCCUCCCACGGCGCGACCGCUCGGGGCGGACUGUCCCCAGUGCGCCCCGGGC
GGGUCGCGCCGUCGGGCCCGGGGGAGGGGCCACGCGCGCGUCCCCCGAAGAGGGGGACGGCGGAGCGAGCGCACGGGGUC
GGCGGCGACGUCGGCUACCCACCCGACCCGUCUUGAAACACGGACCAAGGAGUCUAACACGUGCGCGAGUCGGGGGCUCG
CACGAAAGCCGCCGUGGCGCAAUGAAGGUGAAGGCCGGCGCGCUCGCCGGCCGAGGUGGGAUCCCGAGGCCUCUCCAGUC
CGCCGAGGGCGCACCACCGGCCCGUCUCGCCCGCCGCGCCGGGGAGGUGGAGCACGAGCGCACGUGUUAGGACCCGAAAG
AUGGUGAACUAUGCCUGGGCAGGGCGAAGCCAGAGGAAACUCUGGUGGAGGUCCGUAGCGGUCCUGACGUGCAAAUCGGU
CGUCCGACCUGGGUAUAGGGGCGAAAGACUAAUCGAACCAUCUAGUAGCUGGUUCCCUCCGAAGUUUCCCUCAGGAUAGC
UGGCGCUCUCGCACACGCAGUUUUAUCCGGUAAAGCGAAUGAUUAGAGGUCUUGGGGCCGAAACGAUCUCAACCUAUUCU
CAAACUUUAAAUGGGUAAGAAGCCCGGCUCGCUGGCGUGAGCCGGGCGUGGAAUGGAGUGCCUAGUGGGCCACUUUUGGU
AAGCAGAACUGGCGCUGCGGGAUGAACCGAACGCCGGGUUAAGGCGCCCGAUGCCGACGCUCAUCAGACCCCAGAAAAGG
UGUUGGUUGAUAUAGACAGCAGGACGGUGGCCAUGGAAGUCGGAAUCCGCUAAGGAGUGUGUAACAACUCACCUGCCGAA
UCAACUAGCCCUGAAAAUGGAUGGCGCUGGAGCGUCGGGCCCAUACCCGGCCGUCGCCGGCAGUCGAGAGUGGACGGGAG
CGGCGGGGGCGGCGCGCGCGCGCGCCCGCCCCCGGAGCCCCGCGGACGCUACGCCGCGACGAGUAGGAGGGCCGCUGCGG
UGAGCCUUGAAGCCUAGGGCGCGGGCCCGGGUGGAGCCGCCGCAGGUGCAGAUCUUGGUGGUAGUAGCAAAUAUUCAAAC
GAGAACUUUGAAGGCCGAAGUGGAGAAGGGUUCCAUGUGAACAGCAGUUGAACAUGGGUCAGUCGGUCCUGAGAGAUGGG
CGAGCGCCGUUCCGAAGGGACGGGCGAUGGCCUCCGUUGCCCUCGGCCGAUCGAAAGGGAGUCGGGUUCAGAUCCCCGAA
UCCGGAGUGGCGGAGAUGGGCGCCGCGAGGCGUCCAGUGCGGUAACGCGACCGAUCCCGGAGAAGCCGGCGGGAGCCCCG
GGGAGAGUUCUCUUUUCUUUGUGAAGGGCAGGGCGCCCUGGAAUGGGUUCGCCCCGAGAGAGGGGCCCGUGCCUUGGAAA
GCGUCGCGGUUCCGGCGGCGUCCGGUGAGCUCUCGCUGGCCCUUGAAAAUCCGGGGGAGAGGGUGUAAAUCUCGCGCCGG
GCCGUACCCAUAUCCGCAGCAGGUCUCCAAGGUGAACAGCCUCUGGCAUGUUGGAACAAUGUAGGUAAGGGAAGUCGGCA
AGCCGGAUCCGUAACUUCGGGAUAAGGAUUGGCUCUAAGGGCUGGGUCGGUCGUCGGCCGGCGCCUAGCAGCCGACUUAG
AACUGGUGCGGACCAGGGGAAUCCGACUGUUUAAUUAAAACAAAGCAUCGCGAAGGCCCGCGGCGGGUGUUGACGCGAUG
UGAUUUCUGCCCAGUGCUCUGAAUGUCAAAGUGAAGAAAUUCAAUGAAGCGCGGGUAAACGGCGGGAGUAACUAUGACUC
UCUUAAGGUAGCCAAAUGCCUCGUCAUCUAAUUAGUGACGCGCAUGAAUGGAUGAACGAGAUUCCCACUGUCCCUACCUA
CUAUCCAGCGAAACCACAGCCAAGGGAACGGGCUUGGCGGAAUCAGCGGGGAAAGAAGACCCUGUUGAGCUUGACUCUAG
UCUGGCACGGUGAAGAGACAUGUUUUUUCACUGACCCGGUGAGGCGGGGGGGCGAGCCCCGAGGGGCUCUCGCUUCUGGC
GCCAAGCGCCCGGCCGCGCGCCGGCCGGGCGCGACCCGCUCCGGGGACAGUGCCAGGUGGGGAGUUUGACUGGGGCGGUA
CACCUGUCAAACGGUAACGCAGGUGUCCUAAGGCGAGCUCAGGGAGGACAGAAACCUCCCGUGGAGCAGAAGGGCAAAAG
CUCGCUUGAUCUUGAUUUUCAGUACGAAUACAGACCGUGAAAGCGGGGCCUCACGAUCCUUCUGACCUUUUGGGUUUUAA
GCAGGAGGUGUCAGAAAAGUUACCACAGGGAUAACUGGCUUGUGGCGGCCAAGCGUUCAUAGCGACGUCGCUUUUUGAUC
CUUCGAUGUCGGCUCUUCCUAUCAUUGUGAAGCAGAAUUCACCAAGCGUUGGAUUGUUCACCCACUAAUAGGGAACGUGA
GCUGGGUUUAGACCGUCGUGAGACAGGUUAGUUUUACCCUACUGAUGAUGUGUUGUUGCCAUGGUAAUCCUGCUCAGUAC
GAGAGGAACCGCAGGUUCAGACAUUUGGUGUAUGUGCUUGGCUGAGGAGCCAAUGGGGCGAAGCUACCAUCUGUGGGAUU
AUGACUGAACGCCUCUAAGUCAGAAUCCCGCCCAGGCGGAACGAUACGGCAGCGCCGCGGAGCCUCGGUUGGCCUCGGAU
AGCCGGUCCCCCGCGGGGUCCGGUGCGGAGUGCCCUUCGUCCUGGGAAACGGGGCGCGGCCGGAGAGGCGGCCGCCCCCU
CGCCCGUCACGCACGCCGUUCGUGGGGAACCUGGCGCUAAACCAUUCGUAGACGACCUGCUUCUGGGUCGGGGUUUCGUA
CGUAGCAGAGCAGCUCGCUGCGAUCUAUUGAAAGUCAGCCCUCGACACAAGGGUUUGU
;
5
33 'polyribonucleotide'
;GUCUACGGCCAUACCACCCUGAACGCGCCCGAUCUCGUCUGAUCUCGGAAGCUAAGCAGGGUCGGGCCUGGUUAGUACUU
GGAUGGGAGACCGCCUGGGAAUACCGGGUGCUGUAGGCUU
;
7
34 'polyribonucleotide'
;CGACUCUUAGCGGUGGAUCACUCGGCUCGUGCGUCGAUGAAGAACGCAGCUAGCUGCGAGAAUUAAUGUGAAUUGCAGGA
CACAUUGAUCAUCGACACUUCGAACGCACUUGCGGCCCCGGGUUCCUCCCGGGGCUACGCCUGUCUGAGCGUCGCU
;
8
35 'polypeptide(L)'
;SHRKFSAPRHGSLGFLPRKRSSRHRGKVKSFPKDDSSKPVHLTAFLGYKAGMTHIVREVDRPGSKVNKKEVVEAVTIVET
PPMIVVGIVGYVETPRGLRTFKTIFAEHISDECKRRFYKNWHKSKKKAFTKYCKKWQDAAGAAALAADFSSMKAYCQVIR
VIAHTQMRLLPLRQKKAHLMEIQVNGGTVAEKLDWARERLEQQVPVNQVFGQDEMIDVIGVTKGKGYKGVTSRWHTKKLP
RKTHRGLRKVACIGAWHPARVAFSVARAGQKGYHHRTEINKKIYKIGQGYLIKDGKLIKNNASTDYDLSDKSINPLGGFV
HYGEVTNDFVMLKGCVVGTKKRVLTLRKSLLVQTKRRALEKIDLKFIDTTSKFGHGRFQTVEEKKAFMGPLKKD
;
B
36 'polypeptide(L)'
;ACARPLISVYSEKGESSGKNVTLPAVFKAPIRPDIVNFVHTNLRKNNRQPYAVSELAGHQTSAESWGTGRAVARIPRVRG
GGTHRSGQGAFGNMCRGGRMFAPTKTWRRWHRRVNTTQKRYAICSALAASALPALVMSKGHRIEEVPELPLVVEDKVESY
KKTKEAVLLLKKLKAWNDIKKVYASQRMRAGKGKMRNRRRIQRRGPCIIYNEDNGIIKAFRNIPGITLLNVSKLNILKLA
PGGHVGRFCIWTESAFRKLDELYGTWRKAATLKSNYNLPMHKMLNTDLSRILKSPEIQRALRAPRKKIHRRVLKKNPLKN
LRIMLKLNPYAKTMRRNTILRQARNHKIRMDKAAAAAAALKAKSGEK
;
C
37 'polypeptide(L)'
;PHCSRNPVLVRGIGRYSRSAMYSRMAMYKRKYSAAVLATVTKPVGGDKNGGTRVVKLRKMPRYYPTEDVPRKLLSHGKKP
FSKHVRKLRASITPGTILIILTGRHRGKRVIFLKQLSSGLLLVTGPLVLNRVPLRRTHQKFVIATSTKIDISGVKIPKHL
TDAYFKKKKLRKPRHQEGEIFDTEKEKYEISEQRKVDQKAVDSQILRRIKAVPQLQGYLRSVFALTNGIYPHKLVF
;
E
38 'polypeptide(L)'
;NFAELKIKRLRKKFAQKMLRKARRKLIYEKAKHYHKEYRQMYRTEIRMARMARKAGNFYVPAEPKLAFVIRIRGINGVSP
KVRKVLQLLRLRQIFNGTFVKLNKASINMLRIVEPYIAWGYPNLKSVNELIYKRGYGKINKKRIALTDNALIARSLGKYG
IICMEDLIHEIYTVGKRFKEANNFLWPFKLSSPRGGMKKKTTHFVEGGDAGNREDQINRLIRRMN
;
F
39 'polypeptide(L)'
;GRRPARCYRYCKNKPYPKSRFCRGVPDAKIRIFDLGRKKAKVDEFPLGGHMVSDEYEQLSSEALEAARICANKYMVKSCG
RDGFHMRVRLHPFHVIRINKMLSCAGADRLQTGMRGAFGKPQGTVARVHIGQVIMSIRTKLQNEEHVIEALRRAKFKFPG
RQKIHISKKWGFTKFNADEFENMVAKKCLIPDGCGVKYVPNHGPLDKWRVLHS
;
I
40 'polypeptide(L)'
;VRYSLDPENPTKSCKSRGSNLRVHFKNTRETAQAIKGMHIRKATKYLKDVTLQKQCVPFRRYNGGVGRCAQAKQWGWTQG
RWPKKSAEFLLHMLKNAESNAELKGLDVDSLVIEHIQVNKAPKMRRRTYRAHGRINPYMSSPCHIEMILTEKE
;
P
41 'polypeptide(L)' MKVELCSFSGYKIYPGHGRRYARTDGKVFQFLNAKCESAFLSKRNPRQINWTVLYRRKHKKGQ W
42 'polypeptide(L)'
;TKGTSSFGKRRNKTHTLCRRCGSKAYHLQKSTCGKCGYPAKRKRKYNWSAKAKRRNTTGTGRMRHLKIVYRRFRHGFREG
ITPKPK
;
j
43 'polypeptide(L)' RAKWRKKRMRRLKRKRRKMRQRS n
44 'polypeptide(L)'
;AKRTKKVGIVGKYGTRYGASLRKMVKKIEISQHAKYTCSFCGKTKMKRRAVGIWHCGSCMKTVAGGAWTYNTTSAVTVKS
AIRRLKELKDQ
;
p
45 'polypeptide(L)'
;SAHLQWMVVRNCSSFLIKRNKQTYSTEPNNLKARNSFRYNGLIHHKTVGVEPAADGKGVVVVIKRRSGQRKPATSYVRTT
INKNARATLSSIRHMIRKNKYRPDLRMAAIRRASAILRSQKPVMV
;
r
46 'polypeptide(L)'
;MPPKFDPNEIKVVYLRCTGGEVGATSALAPKIGPLGLSPKKVGDDIAKATGDWKGLRITVKLTIQNRQAQIEVVPSASAL
IIKALKEPPRDRKKQKNIKHSGNITFDEIVNIARQMRHRSLARELSGTIKEILGTAQSVGCNVDGRHPHDIIDDINSGAV
ECP
;
K
47 'polypeptide(L)'
;DRATWKSNYFLKIIQLLDDYPKCFIVGADNVGSKQMQQIRMSLRGKAVVLMGKNTMMRKAIRGHLENNPALEKLLPHIRG
NVGFVFTKEDLTEIRDMLRANKVPAAARAGAIAPCEVTVPAQNTGLGPEKTSFFQALGITTKISRGTIEILSDVQLIKTG
DKVGASEATLLNMLNISPFSFGLVIQQVFDNGSIYNPEVLDI
;
q
48 'polypeptide(L)'
;ADLGRKITSALRSLSNATIINEEVLNAMLKEVCTALLEADVNIKLVKQLRENVKSAIDLEEMASGLNKRKMIQHAVFKEL
VKLVDPGVKAWTPTKGKQNVIMFVGLQGSGKTTTCSKLAYYYQRKGWKTCLICADTFRAGAFDQLKQNATKARIPFYGSY
TEMDPVIIASEGVEKFKNENFEIIIVDTSGRHKQEDSLFEEMLQVANAIQPDNIVYVMDASIGQACEAQAKAFKDKVDVA
SVIVTKLDGHAKGGGALSAVAATKSPIIFIGTGEHIDDFEPFKTQPFISKLLGMQFTLRDMYEQFQNIMKMGPFSQILGM
IPGFGTDFMSKGNEQESMARLKKLMTIMDSMNDQELDSTDGAKVFSKQPGRIQRVARGSGVSTRDVQELLTQYTKFAQMV
KKM(UNK)(UNK)(UNK)(UNK)(UNK)(UNK)(UNK)(UNK)(UNK)(UNK)(UNK)(UNK)(UNK)(UNK)(UNK)
(UNK)(UNK)(UNK)(UNK)(UNK)(UNK)(UNK)(UNK)
;
z
49 'polypeptide(L)' LLLLLLLLLLLLKVGPVPVLVMSLLFIASMV 2
50 'polyribonucleotide' GUUUCCGUAGUGUAGUGGUUAUCACGUUCGCCUAACACGCGAAAGGUCCCCGGUUCGAAACCGGGCGGAAACACCA 3
51 'polyribonucleotide'
;GCCGGGCGCGGUGGCGCGCGCCUGUAGUCCCAGCUACUCGGGAGGCUGAGGCUGGAGGAUCGCUUUAGCGAGACCCCGUC
UCGACUAAGUUCGGCAUCAAUAUGGUGACCUCCCGGGAGCGGGGGACCACCAGGUUGCCUAAGGAGGGGUGAACCGGCCC
AGGUCGGAAACGGAGCAGGUCAAAACUCCCGUGCUGAUCAGUAGUU
;
4
52 'polypeptide(L)'
;DRFICIYPAYLNNKKTIAEGRRIPISKAVENPTATEIQDVCSAVGLNVFLEKNKMYSREWNRDVQYRGRVRVQLKQEDGS
LCLVQFPSRKSVMLYAAEMIPKLKT
;
9
53 'polypeptide(L)'
;LSLEILQIIKESQQQHGLRHGDFQRYRGYCSRRQRRLRKTLNDLLTDNRYLLLVLMDAERAWSYAMQLKQEANTEPRKRF
HLLSRLRKAVKHAEELERLCESNRVDAKTKLEAQAYTAYLSGMLRFEHQEWKAAIEAFNKCKTIYEKLASAFTEEQAVLY
NQRVEEISPNIRYCAYNIG
;
6
54 'polyribonucleotide'
;UACCUGGUUGAUCCUGCCAGUAGCAUAUGCUUGUCUCAAAGAUUAAGCCAUGCAUGUCUAAGUACGCACGGCCGGUACAG
UGAAACUGCGAAUGGCUCAUUAAAUCAGUUAUGGUUCCUUUGGUCGCUCGCUCCUCUCCCACUUGGAUAACUGUGGUAAU
UCUAGAGCUAAUACAUGCCGACGGGCGCUGACCCCCUUCGCGGGGGGGAUGCGUGCAUUUAUCAGUGGUGACUCUAGAUA
ACCUCGGGCCGAUCGCACGCCCCCCGUGGCGGCGACGACCCAUUCGAACGUCUGCCCUAUCAACUUUCGAUGGUAGUCGC
CGUGCCUACCAUGGUGACCACGGGUGACGGGGAAUCAGGGUUCGAUUCCGGAGAGGGAGCCUGAGAAACGGCUACCACAU
CCAAGGAAGGCAGCAGGCGCGCAAAUUACCCACUCCCGACCCGGGGAGGUAGUGACGAAAAAUAACAAUACAGGACUCUU
UCGAGGCCCUGUAAUUGGAAUGAGUCCACUUUAAAUCCUUCCGCGAGGAUCCAUUGGAGGGCAAGUCUGGUGCCAGCAGC
CGCGGUAAUUCCAGCUCCAAUAGCGUAUAUUAAAGUUGCUGCAGUUAAAAAGCUCGUAGUUGGAUCUUGGGAGCGGGCGU
CCCCGCCGCCUCUCGGCCGGGGCCCGAAGCAUUUACUUUGAAAAAAUUAGAGUGUUCAAAGCAGGCCCGAGCCGCCUGGA
UACCGCAGCUAGGAAUAAUGGAAUAGGACCGCGGUUCUAUUUUGUUGGUUUUCGGAACUGAGGCCAUGAUUAAGAGGGAC
GGCCGGGGGCAUUCGUAUUGCGCCGCUAGAGGUGAAAUUCUUGGACCGGCGCAAGACGGACCAGAGCGAAAGCAUUUGCC
AAGAAUGUUUUCAUUAAUCAAGAACGAAAGUCGGAGGUUCGAAGACGAUCAGAUACCGUCGUAGUUCCGACCAUAAACGA
UGCCGACUGGCGAUGCGGCGGCGUUAUUCCCAUGACCCGCCGGGCAGCUUCCGGGAAACCAAAGUCUUUGGGUUCCGGGG
GGAGUAUGGUUGCAAAGCUGAAACUUAAAGGAAUUGACGGAAGGGCACCACCAGGAGUGGAGCCUGCGGCUUAAUUUGAC
UCAACACGGGAAACCUCACCCGGCCCGGACACGGACAGGAUUGACAGAUUGAUAGCUCUUUCUCGAUUCCGUGGGUGGUG
GUGCAUGGCCGUUCUUAGUUGGUGGAGCGAUUUGUCUGGUUAAUUCCGAUAACGAACGAGACUCUGGCAUGCUAACUAGU
UACGCGACCCCCGAGCGGUCGGCGUCCCCCAACUUCUUAGAGGGACAAGUGGCGUUCAGCCACCCGAGAUUGAGCAAUAA
CAGGUCUGUGAUGCCCUUAGAUGUCCGGGGCUGCACGCGCGCUACACUGACUGGCUCAGCGUGUGCCUACCCUACGCCGG
CAGGCGCGGGUAACCCGUUGAACCCCAUUCGUGAUGGGGAUCGGGGAUUGCAAUUAUUCCCCAUGAACGAGGAAUUCCCA
GUAAGUGCGGGUCAUAAGCUUGCGUUGAUUAAGUCCCUGCCCUUUGUACACACCGCCCGUCGCUACUACCGAUUGGAUGG
UUUAGUGAGGCCCUCGGAUCGGCCCCGCCGGGGUCGGCCCACGGCCCUGGCGGAGCGCUGAGAAGACGGUCGAACUUGAC
UAUCUAGAGGAAGUAAAAGUCGUAACAAGGUUUCCGUAGGUGAACCUGCGGAAGGAUCAUUA
;
S2
55 'polypeptide(L)'
;SGALDVLQMKEEDVLKFLAAGTHLGGTNLDFQMEQYIYKRKSDGIYIINLKRTWEKLLLAARAIVAIENPADVSVISSRN
TGQRAVLKFAAATGATPIAGRFTPGTFTNQIQAAFREPRLLVVTDPRADHQPLTEASYVNLPTIALCNTDSPLRYVDIAI
PCNNKGAHSVGLMWWMLAREVLRMRGTISREHPWEVMPDLYFYRDPEE
;
SA
56 'polypeptide(L)'
;VVDPFSKRDWYDVKAPAMFNIRNIGKTLVTRTQGTKIASDGLKGRVFEVSPADLQNDEVAFRKSKLITEDVQGKNCLTNF
HGMDLTRDKMCSMVKKWQTVIEAHVDVKTTDGYLLRLFCVGFTKKRNNQIRKTSYAQHQQVRQIRKKMMEIMTREVQTND
LKEVVNKLIPDSIGKDIEKACQPIYPLHDVFVRKVKMLKKPKFELGKLMELHG
;
SB
57 'polypeptide(L)'
;EWMPVTKLGRLVKDMKIKSLEEIYLFSLPIKESEIIDFFLGASLKDEVLKIMPVQKQTRAGQRTRFKAFVAIGDYNGHVG
LGVKCSKEVATAIRGAIILAKLSIVPVRRGYWGNKIGKPHTVPCKVTGRCGSVLVRLIPAPRGTGIVSAPVPKKLLMMAG
IDDCYTSARGCTATLGNFAKATFDAISKTYSYLTPDLWKETVFTKSPYQEFTDHLVKT
;
SC
58 'polypeptide(L)'
;ARGPKKHLKRVAAPKHWMLDKLTGVFAPRPSTGPHKLRECLPLIIFLRNRLKYALTGDEVKKICMQRFIKIDGKVRTDIT
YPAGFMDVISIDKTGENFRLIYDTKGRFAVHRITPEEAKYKLCKVRKIFVGTKGIPHLVTHDARTIRYPDPLIKVNDTIQ
IDLETGKITDFIKFDTGNLCMVTGGANLGRIGVITNRERHPGSFDVVHVKDANGNSFATRLSNIFVIGKGNKPWISLPRG
KGIRLTIAEERDKRLAAKQSSG
;
SE
59 'polypeptide(L)'
;MKLNISFPATGCQKLIEVDDERKLRTFYEKRMATEVAADALGEEWKGYVVRISGGNDKQGFPMKQGVLTHGRVRLLLSKG
HSCYRPRRTGERKRKSVRGCIVDANLSVLNLVIVKKGEKDIPGLTDTTVPRRLGPKRASRIRKLFNLSKEDDVRQYVVRK
PLNKEGKKPRTKAPKIQRLVTPRVLQHKRRRIALKKQRTKKNKEEAAEYAKLLAKRMKEAKEKRQEQIAKRRRLSSL
;
SG
60 'polypeptide(L)'
;SAKIVKPNGEKPDEFESGISQALLELEMNSDLKAQLRELNITAAKEIEVGGGRKAIIIFVPVPQLKSFQKIQVRLVRELE
KKFSGKHVVFIAQRRILPKPTRKSRTKNKQKRPRSRTLTAVHDAILEDLVFPSEIVGKRIRVKLDGSRLIKVHLDKAQQN
NVEHKVETFSGVYKKLTGKDVNFEFPEFQ
;
SH
61 'polypeptide(L)'
;GISRDNWHKRRKTGGKRKPYHKKRKYELGRPAANTKIGPRRIHTVRVRGGNKKYRALRLDVGNFSWGSECCTRKTRIIDV
VYNASNNELVRTKTLVKNCIVLIDSTPYRQWYESHYALPLGRKKGAKLTPEEEEILNKKRSKKIQKKYDERKKNAKISSL
LEEQFQQGKLLACIASRPGQCGRADGYVLEGKELEFYLRKIKARKG
;
SI
62 'polypeptide(L)'
;PVARSWVCRKTYVTPRRPFEKSRLDQELKLIGEYGLRNKREVWRVKFTLAKIRKAARELLTLDEKDPRRLFEGNALLRRL
VRIGVLDEGKMKLDYILGLKIEDFLERRLQTQVFKLGLAKSIHHARVLIRQRHIRVRKQVVNIPSFIVRLDSQKHIDFSL
RSPYGGGRPGRVKRKNAKKGQGGAG
;
SJ
63 'polypeptide(L)'
;ADIQTERAYQKQPTIFQNKKRVLLGETGKEKLPRYYKNIGLGFKTPKEAIEGTYIDKKCPFTGNVSIRGRILSGVVTKMK
MQRTIVIRRDYLHYIRKYNRFEKRHKNMSVHLSPCFRDVQIGDIVTVGECRPLSKTVRFNVLKVTKAAGTKK
;
SL
64 'polypeptide(L)'
;GRMHAPGKGLSQSALPYRRSVPTWLKLTSDDVKEQIYKLAKKGLTPSQIGVILRDSHGVAQVRFVTGNKILRILKSKGLA
PDLPEDLYHLIKKAVAVRKHLERNRKDKDAKFRLILIESRIHRLARYYKTKRVLPPNWKYESSTASALV
;
SN
65 'polypeptide(L)'
;SLGPQVAEGENVFGVCHIFASFNDTFVHVTDLSGKETICRVTGGMKVKADRDESSPYAAMLAAQDVAQRCKELGITALHI
KLRATGGNRTKTPGPGAQSALRALARSGMKIGRIEDVTPIPSDSTRRKGGRRGRRL
;
SO
66 'polypeptide(L)'
;MQNDAGEFVDLYVPRKCSASNRIIGAKDHASIQMNVAEVDKVTGRFNGQFKTYAICGAIRRMGESDDSILRLAKADGIVS
KN
;
SV
67 'polypeptide(L)'
;VRMNVLADALKSINNAEKRGKRQVLIRPCSKVIVRFLTVMMKHGYIGEFEIIDDHRAGKIVVNLTGRLNKCGVISPRFDV
QLKDLEKWQNNLLPSRQFGFIVLTTSAGIMDHEEARRKHTGGKILGFFF
;
SW
68 'polypeptide(L)'
;GKCRGLRTARKLRSHRRDHKWHDKQYKKAHLGTALKANPFGGASHAKGIVLEKVGVEAKQPNSAIRKCVRVQLIKNGKKI
TAFVPNDGCLNFIEENDEVLVAGFGRKGHAVGDIPGVRFKVVKVANVSLLALYKGKKERPR
;
SX
69 'polypeptide(L)'
;DTVTIRTRKFMTNRLLQRKQMVIDVLHPGKATVPKTEIREKLAKMYKTTPDVIFVFGFRTHFGGGKTTGFGMIYDSLDYA
KKNEPKHRLARHGLYEKKKTSRKQRKERKNRMKKVRGTAKANVGAG
;
SY
70 'polypeptide(L)'
;TKKRRNNGRAKKGRGHVQPIRCTNCARCVPKDKAIKKFVIRNIVEAAAVRDISEASVFDAYVLPKLYVKLHYCVSCAIHS
KVVRNRSREARKDRTPPP
;
Sa
71 'polypeptide(L)'
;PLAKDLLHPSPEEEKRKHKKKRLVQSPNSYFMDVKCPGCYKITTVFSHAQTVVLCVGCSTVLCQPTGGKARLTEGCSFRR
KQH
;
Sb
72 'polypeptide(L)' HGSLARAGKVRGQTPKVAKQEKKKKKTGRAKRRMQYNRRFVNVVPTFGKKKGPNANS Se
73 'polypeptide(L)'
;MAVQISKKRKFVADGIFKAELNEFLTRELAEDGYSGVEVRVTPTRTEIIILATRTQNVLGEKGRRIRELTAVVQKRFGFP
EGSVELYAEKVATRGLCAIAQAESLRYKLLGGLAVRRACYGVLRFIMESGAKGCEVVVSGKLRGQRAKSMKFVDGLMIHS
GDPVNYYVDTAVRHVLLRQGVLGIKVKIMLPWDPTGKIGPKKPLPDHVSIVEPKDEILPTTPISEQK
;
SD
74 'polypeptide(L)'
;TPDIKLFGKWSTDDVQINDISLQDYIAVKEKYAKYLPHSAGRYAAKRFRKAQCPIVERLTNSMMMHGRNNGKKLMTVRIV
KHAFEIIHLLTGENPLQVLVNAIINSGPREDSTRIGRAGTVRRQAVDVSPLRRVNQAIWLLCTGAREAAFRNIKTIAECL
ADELINAAKGSSNSYAIKKKDELERVAKSNR
;
SF
75 'polypeptide(L)'
;MLMPKKNRIAIYELLFKEGVMVAKKDVHMPKHPELADKNVPNLHVMKAMQSLKSRGYVKEQFAWRHFYWYLTNEGIQYLR
DYLHLPPEIVPATLRRSR
;
SK
76 'polypeptide(L)'
;GGVMDVNTALQEVLKTALIHDGLARGIREAAKALDKRQAHLCVQASNCDEPMYVKLVEALLAEHQINLIKVDDNKKLGEW
VGLCKIDREGNPRKVVGCSCVVVKDYGKESQAKDVIEEYFKCKK
;
SM
77 'polypeptide(L)'
;VEQKKKRTFRKFTYRGVDLDQLLDMSYEQLMQLYSARQRRRLNRGLRRKQHSLLKRLRKAKKEAPPMEKPEVVKTHLRDM
IILPEMVGSMVGVYNG
;
SP
78 'polypeptide(L)'
;PLQSVQVFGRKKTATAVAHCKRGNGLIKVNGRPLEMIEPRTLQYKLLEPVLLLGKERFAGVDIRVRVKGGGHVAQIYAIR
QSISKALVAYYQKYVDEASKKEIKDILIQYDRTLLVADPRRCESKKFGGPGARARYQKSYR
;
SQ
79 'polypeptide(L)'
;MGRVRTKTVKKAARVIIEKYYTRLGNDFHTNKRVCEEIAIIPSKKLRNKIAGYVTHLMKRIQRGPVRGISIKLQEEERER
RDNYVPEVSALDQEIIEVDPDTKEMLKLLDFGSLSNLQVTQPTVGMNFK
;
SR
80 'polypeptide(L)'
;PEKFQHILRVLNTNIDGRRKIAFAITAIKGVGRRYAHVVLRKADIDLTKRAGELTEDEVERVITIMQNPRQYKIPDWFLN
RQKDVKDGKYSQVLANGLDNKLREDLERLKKIRAHRGLRHFWGLRVRGQHTKTTGRR
;
SS
81 'polypeptide(L)'
;VTVKDVNQQEFVRALAAFLKKSGKLKVPEWVDTVKLAKHKELAPYDENWFYTRAASTARHLYLRGGAGVGSMTKIYGGRQ
RNGVMPSHFSRGSKSVARRVLQALEGLKMVEKDQDGGRKLTPQGQRDLDRIAGQVAAANKK
;
ST
82 'polypeptide(L)'
;AIHRIRITLTSRNVKSLEKVCADLIRGAKEKNLKVKGPVRMPTKTLRITTRKTPCGEGSKTWDRFQMRIPKRLIDLHSPS
EIVKQITSISIEPGVEVEVTIADA
;
SU
83 'polypeptide(L)' RDKLNNLVLFDKATYDKLCKEVPNYKLITPAVVSERLKIRGSLARAALQELLSKGLIKLVSKHRAQVIYTRNTKG SZ
84 'polypeptide(L)' RVQPIKLARVTKVLGRTGSQGQCTQVRVEFMDDTSRSIIRNVKGPVREGDVLTLLESEREARRL Sc
85 'polypeptide(L)' GFYWSHPRKFGQGSRSCRVCSNRHGLIRKYGLNMCRQCFRQYAKDIGFIKLD Sd
86 'polypeptide(L)' KKSYTTPKKNKHKRKKVKLAVLKYYKVDENGKISRLRRECPSDECGAGVFMASHFDRHYCGKCCLTYCFNK Sf
87 'polypeptide(L)'
;TEQMTLRGTLKGHNGWVTQIATTPQFPDMILSASRDKTIIMWKLTRDETNYGIPQRALRGHSHFVSDVVISSDGQFALSG
SWDGTLRLWDLTTGTTTRRFVGHTKDVLSVAFSSDNRQIVSGSRDKTIKLWNTLGVCKYTVQDESHSEWVSCVRFSPNSS
NPIIVSCGWDKLVKVWNLANCKLKTNHIGHTGYLNTVTVSPDGSLCASGGKDGQAMLWDLNEGKHLYTLDGGDIINALCF
SPNRYWLCAATGPSIKIWDLEGKIIVDELKQEVISTSSKAEPPQCTSLAWSADGQTLFAGYTDNLVRVWQVTI
;
Sg
88 'polypeptide(L)' PQYQTWEEFSRAAEKLYLADPMKARVVLKYRHSDGNLCVKVTDDLVCLVYKTDQAQDVKKIEKFHSQLMRLMVA S1
89 'polypeptide(L)' VLLESEQFLTELTRLFQKCRTSGSVYITLKKYDGNKCLLRATDGKKKISTVVSSKEVNKFQMAYSNLLRANMDGLK S4
#
loop_
_chem_comp.id
_chem_comp.type
_chem_comp.name
_chem_comp.formula
A RNA linking ADENOSINE-5'-MONOPHOSPHATE 'C10 H14 N5 O7 P'
C RNA linking CYTIDINE-5'-MONOPHOSPHATE 'C9 H14 N3 O8 P'
G RNA linking GUANOSINE-5'-MONOPHOSPHATE 'C10 H14 N5 O8 P'
MG non-polymer 'MAGNESIUM ION' 'Mg 2'
U RNA linking URIDINE-5'-MONOPHOSPHATE 'C9 H13 N2 O9 P'
ZN non-polymer 'ZINC ION' 'Zn 2'
#
# COMPACT_ATOMS: atom_id res chain seq x y z
N GLY A 1 6.17 30.95 10.74
CA GLY A 1 6.95 32.16 10.36
C GLY A 1 6.15 33.18 9.58
N ARG A 2 5.57 32.76 8.47
CA ARG A 2 5.03 33.70 7.51
C ARG A 2 3.64 34.18 7.82
N VAL A 3 3.26 35.25 7.14
CA VAL A 3 2.03 35.96 7.38
C VAL A 3 0.96 35.35 6.51
N ILE A 4 0.11 34.56 7.16
CA ILE A 4 -0.92 33.75 6.50
C ILE A 4 -2.04 34.55 5.78
N ARG A 5 -2.50 34.07 4.62
CA ARG A 5 -3.62 34.70 3.87
C ARG A 5 -4.89 34.68 4.69
N GLY A 6 -5.33 35.84 5.14
CA GLY A 6 -6.28 35.88 6.24
C GLY A 6 -5.78 36.92 7.22
N GLN A 7 -4.47 36.94 7.44
CA GLN A 7 -3.79 38.10 8.03
C GLN A 7 -3.92 39.25 7.05
N ARG A 8 -3.56 38.94 5.80
CA ARG A 8 -3.29 39.94 4.79
C ARG A 8 -4.47 40.72 4.27
N LYS A 9 -5.62 40.06 4.25
CA LYS A 9 -6.88 40.68 3.82
C LYS A 9 -7.07 42.12 4.35
N GLY A 10 -6.62 42.36 5.58
CA GLY A 10 -6.71 43.68 6.21
C GLY A 10 -5.81 44.75 5.62
N ALA A 11 -4.63 44.34 5.17
CA ALA A 11 -3.74 45.22 4.45
C ALA A 11 -4.44 45.95 3.31
N GLY A 12 -5.36 45.24 2.64
CA GLY A 12 -6.04 45.78 1.49
C GLY A 12 -5.14 45.47 0.33
N SER A 13 -4.46 46.48 -0.20
CA SER A 13 -3.45 46.28 -1.23
C SER A 13 -4.10 45.66 -2.47
N VAL A 14 -3.64 44.47 -2.84
CA VAL A 14 -4.33 43.59 -3.79
C VAL A 14 -5.72 43.27 -3.27
N PHE A 15 -5.75 43.00 -1.98
CA PHE A 15 -6.72 42.12 -1.39
C PHE A 15 -7.97 42.91 -0.98
N ARG A 16 -8.54 43.54 -2.00
CA ARG A 16 -9.31 44.79 -1.85
C ARG A 16 -10.38 44.94 -2.91
N ALA A 17 -11.48 45.63 -2.59
CA ALA A 17 -12.65 45.67 -3.48
C ALA A 17 -12.49 46.54 -4.68
N HIS A 18 -11.99 45.89 -5.71
CA HIS A 18 -12.61 45.80 -7.00
C HIS A 18 -13.96 46.53 -7.19
N VAL A 19 -13.90 47.84 -7.43
CA VAL A 19 -15.09 48.72 -7.40
C VAL A 19 -15.19 49.84 -8.45
N LYS A 20 -14.44 49.80 -9.53
CA LYS A 20 -14.54 50.87 -10.54
C LYS A 20 -15.94 51.08 -11.11
N HIS A 21 -16.61 49.95 -11.28
CA HIS A 21 -17.73 49.78 -12.17
C HIS A 21 -19.08 49.75 -11.44
N ARG A 22 -19.13 50.38 -10.27
CA ARG A 22 -20.28 50.29 -9.38
C ARG A 22 -21.01 51.63 -9.34
N LYS A 23 -22.31 51.57 -9.59
CA LYS A 23 -23.16 52.73 -9.91
C LYS A 23 -23.23 53.76 -8.80
N GLY A 24 -23.10 53.28 -7.58
CA GLY A 24 -23.08 54.09 -6.39
C GLY A 24 -23.50 53.20 -5.26
N ALA A 25 -23.50 53.73 -4.05
CA ALA A 25 -24.07 53.02 -2.92
C ALA A 25 -25.57 52.87 -3.13
N ALA A 26 -26.16 51.91 -2.43
CA ALA A 26 -27.61 51.79 -2.42
C ALA A 26 -28.08 52.28 -1.08
N ARG A 27 -28.83 53.37 -1.08
CA ARG A 27 -29.12 54.09 0.14
C ARG A 27 -30.63 54.21 0.25
N LEU A 28 -31.12 55.20 1.00
CA LEU A 28 -32.57 55.40 1.19
C LEU A 28 -33.12 56.84 1.16
N ARG A 29 -32.31 57.81 0.75
CA ARG A 29 -32.58 59.25 0.97
C ARG A 29 -32.48 59.62 2.48
N ALA A 30 -32.41 60.92 2.73
CA ALA A 30 -32.26 61.44 4.08
C ALA A 30 -33.59 61.44 4.87
N VAL A 31 -33.82 62.48 5.69
CA VAL A 31 -35.13 62.82 6.26
C VAL A 31 -35.35 64.36 6.17
N ASP A 32 -36.60 64.82 6.30
CA ASP A 32 -37.07 66.26 6.13
C ASP A 32 -38.63 66.22 6.22
N PHE A 33 -39.46 67.28 6.44
CA PHE A 33 -40.93 67.00 6.81
C PHE A 33 -41.35 65.80 6.00
N ALA A 34 -41.20 65.96 4.69
CA ALA A 34 -41.46 64.91 3.72
C ALA A 34 -41.61 63.52 4.34
N GLU A 35 -40.55 63.07 5.00
CA GLU A 35 -40.52 61.77 5.61
C GLU A 35 -41.05 61.77 7.05
N ARG A 36 -40.46 62.60 7.93
CA ARG A 36 -40.86 62.61 9.38
C ARG A 36 -42.35 62.95 9.57
N HIS A 37 -42.94 63.68 8.64
CA HIS A 37 -44.30 64.18 8.77
C HIS A 37 -45.23 63.75 7.65
N GLY A 38 -44.86 64.01 6.40
CA GLY A 38 -45.77 63.80 5.25
C GLY A 38 -45.60 62.47 4.53
N TYR A 39 -45.76 62.49 3.20
CA TYR A 39 -45.75 61.27 2.40
C TYR A 39 -45.15 61.67 0.99
N ILE A 40 -43.87 62.07 0.91
CA ILE A 40 -43.32 62.55 -0.42
C ILE A 40 -43.38 61.50 -1.55
N LYS A 41 -43.14 61.94 -2.77
CA LYS A 41 -43.26 61.09 -3.96
C LYS A 41 -42.02 61.21 -4.82
N GLY A 42 -41.81 60.18 -5.64
CA GLY A 42 -40.92 60.30 -6.77
C GLY A 42 -41.05 59.11 -7.66
N ILE A 43 -40.52 59.20 -8.87
CA ILE A 43 -40.75 58.16 -9.86
C ILE A 43 -39.50 57.39 -10.23
N VAL A 44 -39.71 56.13 -10.60
CA VAL A 44 -38.63 55.23 -11.01
C VAL A 44 -38.30 55.51 -12.46
N LYS A 45 -37.05 55.85 -12.70
CA LYS A 45 -36.58 56.25 -14.03
C LYS A 45 -36.14 55.01 -14.79
N ASP A 46 -35.22 54.25 -14.18
CA ASP A 46 -34.52 53.12 -14.81
C ASP A 46 -34.26 52.11 -13.69
N ILE A 47 -34.00 50.89 -14.10
CA ILE A 47 -33.50 49.87 -13.21
C ILE A 47 -32.16 49.45 -13.83
N ILE A 48 -31.19 49.14 -12.96
CA ILE A 48 -29.80 48.98 -13.36
C ILE A 48 -29.31 47.66 -12.81
N HIS A 49 -28.20 47.18 -13.37
CA HIS A 49 -27.33 46.22 -12.69
C HIS A 49 -26.15 46.90 -11.99
N ASP A 50 -25.99 46.72 -10.68
CA ASP A 50 -24.75 47.13 -10.00
C ASP A 50 -23.81 45.95 -9.83
N PRO A 51 -22.68 45.91 -10.57
CA PRO A 51 -21.73 44.81 -10.49
C PRO A 51 -21.35 44.31 -9.10
N GLY A 52 -21.15 42.99 -9.03
CA GLY A 52 -20.85 42.29 -7.79
C GLY A 52 -21.96 42.31 -6.75
N ARG A 53 -23.19 42.25 -7.23
CA ARG A 53 -24.36 42.50 -6.41
C ARG A 53 -25.61 41.85 -7.05
N GLY A 54 -26.29 41.00 -6.29
CA GLY A 54 -27.38 40.20 -6.82
C GLY A 54 -28.64 40.98 -7.14
N ALA A 55 -28.97 41.92 -6.26
CA ALA A 55 -30.09 42.81 -6.46
C ALA A 55 -29.82 43.81 -7.58
N PRO A 56 -30.83 44.10 -8.38
CA PRO A 56 -30.78 45.27 -9.21
C PRO A 56 -31.16 46.52 -8.40
N LEU A 57 -30.54 47.63 -8.76
CA LEU A 57 -30.87 48.94 -8.21
C LEU A 57 -31.91 49.60 -9.08
N ALA A 58 -32.47 50.69 -8.57
CA ALA A 58 -33.42 51.51 -9.32
C ALA A 58 -33.13 52.96 -9.03
N LYS A 59 -32.96 53.77 -10.09
CA LYS A 59 -32.82 55.22 -9.91
C LYS A 59 -34.18 55.86 -9.87
N VAL A 60 -34.41 56.59 -8.79
CA VAL A 60 -35.71 57.14 -8.53
C VAL A 60 -35.53 58.61 -8.25
N VAL A 61 -36.08 59.40 -9.17
CA VAL A 61 -35.96 60.84 -9.18
C VAL A 61 -37.12 61.38 -8.41
N PHE A 62 -36.83 62.00 -7.27
CA PHE A 62 -37.84 62.80 -6.56
C PHE A 62 -37.54 64.22 -6.97
N ARG A 63 -37.92 65.18 -6.14
CA ARG A 63 -37.44 66.52 -6.32
C ARG A 63 -37.39 67.25 -5.02
N ASP A 64 -36.39 68.10 -4.89
CA ASP A 64 -36.03 68.62 -3.61
C ASP A 64 -37.13 69.59 -3.17
N PRO A 65 -37.81 69.29 -2.05
CA PRO A 65 -39.07 69.94 -1.63
C PRO A 65 -38.99 71.43 -1.23
N TYR A 66 -38.11 72.18 -1.88
CA TYR A 66 -37.39 73.21 -1.16
C TYR A 66 -36.37 74.05 -2.03
N ARG A 67 -35.60 73.38 -2.90
CA ARG A 67 -34.80 74.01 -4.00
C ARG A 67 -35.31 73.54 -5.34
N PHE A 68 -35.47 74.44 -6.31
CA PHE A 68 -35.97 73.99 -7.60
C PHE A 68 -34.84 73.18 -8.22
N LYS A 69 -35.07 71.88 -8.35
CA LYS A 69 -34.03 70.93 -8.73
C LYS A 69 -34.62 69.53 -8.76
N LYS A 70 -33.79 68.51 -8.99
CA LYS A 70 -34.21 67.11 -8.88
C LYS A 70 -33.15 66.19 -8.31
N ARG A 71 -33.27 65.89 -7.01
CA ARG A 71 -32.47 64.85 -6.39
C ARG A 71 -32.83 63.51 -7.01
N THR A 72 -31.79 62.70 -7.22
CA THR A 72 -31.96 61.32 -7.67
C THR A 72 -31.15 60.43 -6.74
N GLU A 73 -31.61 59.20 -6.57
CA GLU A 73 -31.12 58.31 -5.52
C GLU A 73 -30.94 56.92 -6.13
N LEU A 74 -30.64 55.92 -5.29
CA LEU A 74 -30.55 54.53 -5.74
C LEU A 74 -31.14 53.57 -4.71
N PHE A 75 -32.41 53.19 -4.91
CA PHE A 75 -33.07 52.21 -4.01
C PHE A 75 -32.77 50.85 -4.54
N ILE A 76 -32.62 49.92 -3.60
CA ILE A 76 -32.53 48.53 -3.92
C ILE A 76 -33.90 48.10 -4.37
N ALA A 77 -33.96 47.58 -5.59
CA ALA A 77 -35.24 47.32 -6.25
C ALA A 77 -35.98 46.22 -5.53
N ALA A 78 -37.14 46.57 -4.98
CA ALA A 78 -38.04 45.58 -4.44
C ALA A 78 -38.73 44.88 -5.59
N GLU A 79 -39.03 43.60 -5.40
CA GLU A 79 -39.51 42.82 -6.52
C GLU A 79 -40.92 43.20 -6.85
N GLY A 80 -41.15 43.48 -8.13
CA GLY A 80 -42.39 44.10 -8.56
C GLY A 80 -42.26 45.57 -8.85
N ILE A 81 -41.13 46.19 -8.48
CA ILE A 81 -40.80 47.50 -9.02
C ILE A 81 -40.71 47.32 -10.53
N HIS A 82 -41.62 47.98 -11.21
CA HIS A 82 -41.76 47.98 -12.63
C HIS A 82 -41.00 49.33 -12.94
N THR A 83 -40.66 49.69 -14.17
CA THR A 83 -40.18 51.09 -14.46
C THR A 83 -41.36 52.00 -14.78
N GLY A 84 -41.53 53.07 -14.01
CA GLY A 84 -42.63 54.06 -14.25
C GLY A 84 -43.56 54.21 -13.12
N GLN A 85 -43.07 53.83 -11.95
CA GLN A 85 -43.87 53.70 -10.79
C GLN A 85 -43.60 54.98 -10.11
N PHE A 86 -44.60 55.48 -9.43
CA PHE A 86 -44.34 56.52 -8.54
C PHE A 86 -44.17 55.72 -7.25
N VAL A 87 -43.20 56.14 -6.48
CA VAL A 87 -42.87 55.51 -5.24
C VAL A 87 -43.11 56.58 -4.19
N TYR A 88 -43.99 56.26 -3.25
CA TYR A 88 -44.40 57.17 -2.18
C TYR A 88 -43.48 56.83 -0.99
N CYS A 89 -43.02 57.85 -0.28
CA CYS A 89 -42.02 57.67 0.77
C CYS A 89 -42.41 58.44 2.01
N GLY A 90 -42.14 57.88 3.18
CA GLY A 90 -42.32 58.61 4.43
C GLY A 90 -43.44 58.10 5.30
N LYS A 91 -43.73 58.86 6.35
CA LYS A 91 -44.63 58.44 7.42
C LYS A 91 -46.04 58.15 6.98
N LYS A 92 -46.61 59.10 6.25
CA LYS A 92 -48.00 59.04 5.84
C LYS A 92 -48.18 58.16 4.61
N ALA A 93 -47.08 57.68 4.04
CA ALA A 93 -47.11 56.85 2.83
C ALA A 93 -48.00 55.64 2.99
N GLN A 94 -48.55 55.15 1.88
CA GLN A 94 -49.43 54.01 1.95
C GLN A 94 -48.60 52.75 1.88
N LEU A 95 -49.18 51.69 2.38
CA LEU A 95 -48.56 50.39 2.49
C LEU A 95 -48.72 49.59 1.18
N ASN A 96 -47.75 49.75 0.27
CA ASN A 96 -47.63 48.87 -0.90
C ASN A 96 -46.18 48.71 -1.31
N ILE A 97 -45.92 47.97 -2.38
CA ILE A 97 -44.56 47.58 -2.74
C ILE A 97 -43.80 48.74 -3.33
N GLY A 98 -42.53 48.85 -2.93
CA GLY A 98 -41.67 49.98 -3.27
C GLY A 98 -41.80 51.10 -2.28
N ASN A 99 -42.78 51.00 -1.40
CA ASN A 99 -43.26 52.14 -0.70
C ASN A 99 -42.58 52.24 0.66
N VAL A 100 -41.64 53.17 0.79
CA VAL A 100 -40.83 53.28 2.00
C VAL A 100 -41.59 53.97 3.15
N LEU A 101 -41.54 53.34 4.32
CA LEU A 101 -42.33 53.72 5.50
C LEU A 101 -41.51 53.58 6.76
N PRO A 102 -41.84 54.35 7.80
CA PRO A 102 -41.31 54.02 9.11
C PRO A 102 -42.00 52.80 9.66
N VAL A 103 -41.21 51.88 10.21
CA VAL A 103 -41.69 50.55 10.61
C VAL A 103 -42.82 50.60 11.66
N GLY A 104 -42.80 51.62 12.51
CA GLY A 104 -43.90 51.85 13.44
C GLY A 104 -45.27 51.92 12.78
N THR A 105 -45.33 52.52 11.61
CA THR A 105 -46.62 52.74 10.96
C THR A 105 -47.17 51.42 10.44
N MET A 106 -46.32 50.64 9.81
CA MET A 106 -46.80 49.43 9.14
C MET A 106 -47.09 48.31 10.13
N PRO A 107 -48.18 47.54 9.88
CA PRO A 107 -48.71 46.61 10.87
C PRO A 107 -47.78 45.43 11.09
N GLU A 108 -48.19 44.50 11.94
CA GLU A 108 -47.51 43.22 12.08
C GLU A 108 -47.38 42.48 10.74
N GLY A 109 -46.51 41.49 10.71
CA GLY A 109 -46.33 40.62 9.54
C GLY A 109 -46.02 41.28 8.22
N THR A 110 -45.66 42.56 8.23
CA THR A 110 -45.39 43.28 7.00
C THR A 110 -44.01 42.89 6.58
N ILE A 111 -43.83 42.66 5.29
CA ILE A 111 -42.59 42.15 4.78
C ILE A 111 -41.83 43.26 4.09
N VAL A 112 -40.71 43.64 4.69
CA VAL A 112 -39.92 44.76 4.24
C VAL A 112 -38.53 44.34 3.83
N CYS A 113 -37.81 45.28 3.23
CA CYS A 113 -36.39 45.15 3.00
C CYS A 113 -35.72 46.50 2.98
N CYS A 114 -34.40 46.47 2.92
CA CYS A 114 -33.57 47.64 2.94
C CYS A 114 -33.85 48.46 4.19
N LEU A 115 -33.94 47.77 5.32
CA LEU A 115 -34.39 48.36 6.56
C LEU A 115 -33.20 49.00 7.25
N GLU A 116 -33.39 50.08 8.01
CA GLU A 116 -32.29 50.65 8.80
C GLU A 116 -32.21 50.03 10.19
N GLU A 117 -31.00 49.84 10.71
CA GLU A 117 -30.86 49.40 12.11
C GLU A 117 -31.05 50.57 13.09
N LYS A 118 -30.43 51.71 12.80
CA LYS A 118 -30.63 52.92 13.57
C LYS A 118 -31.35 53.95 12.70
N PRO A 119 -32.04 54.92 13.32
CA PRO A 119 -32.84 55.85 12.51
C PRO A 119 -32.00 56.75 11.65
N GLY A 120 -32.55 57.06 10.47
CA GLY A 120 -31.87 57.90 9.49
C GLY A 120 -30.62 57.31 8.82
N ASP A 121 -30.28 56.06 9.12
CA ASP A 121 -29.01 55.48 8.67
C ASP A 121 -29.03 54.97 7.21
N ARG A 122 -30.12 55.24 6.51
CA ARG A 122 -30.21 55.11 5.06
C ARG A 122 -30.14 53.66 4.47
N GLY A 123 -30.47 52.65 5.26
CA GLY A 123 -30.95 51.36 4.71
C GLY A 123 -29.95 50.23 4.71
N LYS A 124 -29.93 49.47 5.79
CA LYS A 124 -28.83 48.59 6.11
C LYS A 124 -29.14 47.09 6.08
N LEU A 125 -30.25 46.65 6.66
CA LEU A 125 -30.53 45.22 6.84
C LEU A 125 -31.38 44.70 5.70
N ALA A 126 -31.18 43.44 5.36
CA ALA A 126 -32.08 42.68 4.47
C ALA A 126 -32.14 43.29 3.10
N ARG A 127 -31.05 43.19 2.37
CA ARG A 127 -30.94 43.91 1.14
C ARG A 127 -30.01 43.23 0.15
N ALA A 128 -30.05 41.91 0.20
CA ALA A 128 -29.12 41.12 -0.57
C ALA A 128 -29.71 40.90 -1.94
N SER A 129 -30.64 39.95 -2.08
CA SER A 129 -31.19 39.67 -3.43
C SER A 129 -32.59 39.06 -3.48
N GLY A 130 -32.91 38.15 -2.57
CA GLY A 130 -34.26 37.58 -2.52
C GLY A 130 -34.61 37.46 -1.08
N ASN A 131 -34.49 38.60 -0.40
CA ASN A 131 -34.48 38.65 1.03
C ASN A 131 -35.50 39.61 1.59
N TYR A 132 -35.72 39.49 2.89
CA TYR A 132 -36.64 40.35 3.63
C TYR A 132 -36.48 40.32 5.13
N ALA A 133 -37.15 41.26 5.78
CA ALA A 133 -37.36 41.25 7.20
C ALA A 133 -38.86 41.28 7.42
N THR A 134 -39.38 40.38 8.26
CA THR A 134 -40.79 40.46 8.65
C THR A 134 -40.85 41.35 9.87
N VAL A 135 -41.84 42.24 9.91
CA VAL A 135 -42.13 42.97 11.12
C VAL A 135 -42.99 42.06 11.94
N ILE A 136 -42.72 42.00 13.24
CA ILE A 136 -43.44 41.09 14.13
C ILE A 136 -44.42 41.90 14.95
N SER A 137 -43.89 42.70 15.87
CA SER A 137 -44.71 43.33 16.89
C SER A 137 -44.11 44.64 17.34
N HIS A 138 -44.98 45.60 17.61
CA HIS A 138 -44.57 46.91 17.97
C HIS A 138 -44.75 47.00 19.48
N ASN A 139 -44.54 48.20 20.01
CA ASN A 139 -44.68 48.48 21.43
C ASN A 139 -44.75 50.01 21.43
N PRO A 140 -45.99 50.56 21.54
CA PRO A 140 -46.28 51.95 21.12
C PRO A 140 -45.51 52.99 21.91
N GLU A 141 -45.35 52.74 23.21
CA GLU A 141 -44.55 53.56 24.11
C GLU A 141 -43.20 52.91 24.15
N THR A 142 -42.18 53.61 24.61
CA THR A 142 -40.78 53.21 24.37
C THR A 142 -40.38 53.33 22.87
N LYS A 143 -41.35 53.47 21.95
CA LYS A 143 -41.10 53.76 20.53
C LYS A 143 -40.30 52.68 19.83
N LYS A 144 -40.60 51.41 20.15
CA LYS A 144 -39.80 50.29 19.64
C LYS A 144 -40.63 49.21 18.95
N THR A 145 -39.94 48.47 18.09
CA THR A 145 -40.55 47.45 17.26
C THR A 145 -39.61 46.26 17.24
N ARG A 146 -40.17 45.08 17.02
CA ARG A 146 -39.42 43.86 16.89
C ARG A 146 -39.52 43.42 15.42
N VAL A 147 -38.45 42.83 14.91
CA VAL A 147 -38.34 42.45 13.50
C VAL A 147 -37.54 41.16 13.38
N LYS A 148 -37.90 40.29 12.43
CA LYS A 148 -37.13 39.06 12.12
C LYS A 148 -36.29 39.22 10.88
N LEU A 149 -34.98 38.99 11.02
CA LEU A 149 -34.04 39.24 9.93
C LEU A 149 -33.91 37.97 9.11
N PRO A 150 -33.20 38.03 7.95
CA PRO A 150 -33.00 36.83 7.09
C PRO A 150 -32.24 35.66 7.71
N SER A 151 -31.34 35.98 8.63
CA SER A 151 -30.69 34.98 9.47
C SER A 151 -31.65 34.21 10.39
N GLY A 152 -32.85 34.73 10.58
CA GLY A 152 -33.81 34.12 11.48
C GLY A 152 -33.58 34.50 12.93
N SER A 153 -32.75 35.52 13.17
CA SER A 153 -32.63 36.09 14.50
C SER A 153 -33.58 37.29 14.54
N LYS A 154 -34.07 37.59 15.74
CA LYS A 154 -35.04 38.66 15.95
C LYS A 154 -34.41 39.83 16.69
N LYS A 155 -34.73 41.05 16.26
CA LYS A 155 -34.09 42.24 16.76
C LYS A 155 -35.10 43.31 17.14
N VAL A 156 -34.82 44.02 18.23
CA VAL A 156 -35.60 45.16 18.65
C VAL A 156 -34.99 46.44 18.07
N ILE A 157 -35.84 47.28 17.50
CA ILE A 157 -35.44 48.41 16.66
C ILE A 157 -36.38 49.55 16.96
N SER A 158 -35.93 50.80 16.82
CA SER A 158 -36.83 51.95 17.03
C SER A 158 -37.86 52.02 15.90
N SER A 159 -39.09 52.33 16.28
CA SER A 159 -40.21 52.40 15.35
C SER A 159 -39.94 53.39 14.23
N ALA A 160 -39.16 54.42 14.55
CA ALA A 160 -38.87 55.52 13.64
C ALA A 160 -38.21 55.10 12.34
N ASN A 161 -37.35 54.08 12.37
CA ASN A 161 -36.54 53.81 11.18
C ASN A 161 -37.27 53.23 9.99
N ARG A 162 -36.83 53.72 8.85
CA ARG A 162 -37.63 53.80 7.66
C ARG A 162 -37.15 52.64 6.78
N ALA A 163 -38.06 51.99 6.06
CA ALA A 163 -37.78 50.70 5.39
C ALA A 163 -38.75 50.36 4.25
N VAL A 164 -38.25 49.84 3.14
CA VAL A 164 -39.11 49.66 1.95
C VAL A 164 -39.93 48.41 2.06
N VAL A 165 -41.11 48.46 1.46
CA VAL A 165 -42.07 47.39 1.56
C VAL A 165 -41.92 46.49 0.33
N GLY A 166 -42.03 45.19 0.58
CA GLY A 166 -41.72 44.16 -0.38
C GLY A 166 -40.38 43.51 -0.05
N VAL A 167 -40.04 42.52 -0.87
CA VAL A 167 -38.77 41.78 -0.79
C VAL A 167 -37.83 42.39 -1.78
N VAL A 168 -36.57 42.00 -1.73
CA VAL A 168 -35.59 42.44 -2.72
C VAL A 168 -35.69 41.59 -4.01
N ALA A 169 -35.49 42.25 -5.15
CA ALA A 169 -35.65 41.63 -6.46
C ALA A 169 -34.45 40.82 -6.84
N GLY A 170 -34.67 39.89 -7.76
CA GLY A 170 -33.60 39.00 -8.19
C GLY A 170 -33.45 37.89 -7.17
N GLY A 171 -34.60 37.31 -6.78
CA GLY A 171 -34.62 36.24 -5.80
C GLY A 171 -34.33 34.89 -6.43
N GLY A 172 -33.61 34.06 -5.69
CA GLY A 172 -33.26 32.69 -6.08
C GLY A 172 -31.92 32.70 -6.77
N ARG A 173 -31.07 33.65 -6.38
CA ARG A 173 -29.83 33.91 -7.10
C ARG A 173 -28.77 32.80 -6.83
N ILE A 174 -28.95 32.00 -5.79
CA ILE A 174 -28.05 30.86 -5.53
C ILE A 174 -28.55 29.55 -6.14
N ASP A 175 -29.80 29.53 -6.61
CA ASP A 175 -30.48 28.26 -6.90
C ASP A 175 -29.92 27.51 -8.13
N LYS A 176 -29.30 28.24 -9.05
CA LYS A 176 -28.69 27.66 -10.24
C LYS A 176 -27.30 27.29 -9.84
N PRO A 177 -26.80 26.16 -10.31
CA PRO A 177 -25.42 25.79 -10.13
C PRO A 177 -24.50 26.68 -10.94
N ILE A 178 -23.46 27.21 -10.30
CA ILE A 178 -22.44 27.99 -10.98
C ILE A 178 -21.97 27.15 -12.14
N LEU A 179 -21.61 25.92 -11.82
CA LEU A 179 -21.36 24.87 -12.80
C LEU A 179 -19.88 24.78 -13.19
N LYS A 180 -19.29 25.81 -13.82
CA LYS A 180 -17.85 25.77 -14.21
C LYS A 180 -17.02 26.81 -13.44
N ALA A 181 -15.71 26.55 -13.33
CA ALA A 181 -14.79 27.49 -12.68
C ALA A 181 -14.87 28.85 -13.32
N GLY A 182 -14.79 28.86 -14.64
CA GLY A 182 -14.97 30.07 -15.39
C GLY A 182 -16.02 30.93 -14.74
N ARG A 183 -17.24 30.41 -14.69
CA ARG A 183 -18.38 31.14 -14.16
C ARG A 183 -18.20 31.69 -12.76
N ALA A 184 -17.40 30.99 -11.97
CA ALA A 184 -16.95 31.57 -10.74
C ALA A 184 -15.88 32.68 -10.96
N TYR A 185 -14.76 32.48 -11.68
CA TYR A 185 -13.66 33.53 -11.63
C TYR A 185 -14.38 34.71 -12.16
N HIS A 186 -15.02 34.45 -13.29
CA HIS A 186 -15.64 35.46 -14.07
C HIS A 186 -16.74 36.14 -13.24
N LYS A 187 -17.37 35.42 -12.31
CA LYS A 187 -18.19 36.07 -11.24
C LYS A 187 -17.39 37.02 -10.36
N TYR A 188 -16.46 36.51 -9.55
CA TYR A 188 -15.95 37.37 -8.48
C TYR A 188 -14.87 38.32 -8.99
N LYS A 189 -14.56 38.26 -10.27
CA LYS A 189 -13.88 39.37 -10.90
C LYS A 189 -14.77 40.60 -11.09
N ALA A 190 -15.93 40.65 -10.45
CA ALA A 190 -16.64 41.90 -10.24
C ALA A 190 -16.50 42.37 -8.80
N LYS A 191 -15.94 41.51 -7.95
CA LYS A 191 -16.16 41.59 -6.52
C LYS A 191 -14.89 42.01 -5.81
N ARG A 192 -13.85 41.16 -5.84
CA ARG A 192 -12.58 41.36 -5.07
C ARG A 192 -11.66 40.15 -5.14
N ASN A 193 -10.41 40.23 -4.66
CA ASN A 193 -9.65 38.97 -4.48
C ASN A 193 -9.91 38.11 -3.27
N CYS A 194 -10.99 37.35 -3.35
CA CYS A 194 -10.98 35.99 -2.84
C CYS A 194 -11.16 35.18 -4.09
N TRP A 195 -10.71 33.95 -3.97
CA TRP A 195 -10.68 32.95 -5.03
C TRP A 195 -9.36 32.57 -5.63
N PRO A 196 -9.45 31.66 -6.57
CA PRO A 196 -8.98 30.30 -6.35
C PRO A 196 -8.55 30.10 -4.89
N ARG A 197 -9.42 29.50 -4.08
CA ARG A 197 -9.21 29.40 -2.65
C ARG A 197 -8.52 28.07 -2.35
N VAL A 198 -7.26 28.19 -1.96
CA VAL A 198 -6.41 27.06 -1.61
C VAL A 198 -6.68 26.61 -0.18
N ARG A 199 -6.59 25.31 0.07
CA ARG A 199 -6.72 24.80 1.43
C ARG A 199 -5.40 24.94 2.13
N GLY A 200 -5.52 25.24 3.41
CA GLY A 200 -4.40 25.34 4.33
C GLY A 200 -3.59 24.09 4.38
N VAL A 201 -4.20 22.96 4.03
CA VAL A 201 -3.53 21.69 4.15
C VAL A 201 -2.61 21.39 2.98
N ALA A 202 -2.76 22.13 1.88
CA ALA A 202 -1.79 22.03 0.78
C ALA A 202 -0.49 22.75 1.05
N MET A 203 -0.53 23.67 2.01
CA MET A 203 0.54 24.62 2.23
C MET A 203 1.53 24.05 3.22
N ASN A 204 2.74 24.59 3.19
CA ASN A 204 3.85 24.04 3.97
C ASN A 204 3.82 24.87 5.22
N PRO A 205 3.98 24.23 6.37
CA PRO A 205 3.53 24.74 7.66
C PRO A 205 3.81 26.22 8.00
N VAL A 206 4.78 26.84 7.31
CA VAL A 206 5.00 28.27 7.48
C VAL A 206 3.89 29.14 6.96
N GLU A 207 3.10 28.62 6.03
CA GLU A 207 2.18 29.43 5.27
C GLU A 207 0.85 29.39 6.01
N HIS A 208 -0.24 28.75 5.56
CA HIS A 208 -1.34 28.51 6.53
C HIS A 208 -0.98 27.26 7.49
N PRO A 209 -1.01 27.41 8.87
CA PRO A 209 -0.94 26.36 9.94
C PRO A 209 -1.66 25.01 9.89
N PHE A 210 -2.43 24.73 8.84
CA PHE A 210 -3.21 23.48 8.71
C PHE A 210 -2.43 22.61 7.74
N GLY A 211 -1.12 22.92 7.66
CA GLY A 211 -0.24 22.47 6.63
C GLY A 211 0.68 21.36 7.05
N GLY A 212 1.80 21.27 6.32
CA GLY A 212 2.79 20.21 6.52
C GLY A 212 2.25 18.79 6.45
N GLY A 213 3.17 17.82 6.55
CA GLY A 213 2.88 16.38 6.71
C GLY A 213 3.16 15.55 5.48
N ASN A 214 3.64 14.30 5.65
CA ASN A 214 3.86 13.39 4.48
C ASN A 214 2.57 12.62 4.18
N HIS A 215 1.47 13.09 4.76
CA HIS A 215 0.18 13.08 4.07
C HIS A 215 -0.71 14.22 4.49
N GLN A 216 -1.41 14.76 3.49
CA GLN A 216 -2.18 16.01 3.55
C GLN A 216 -3.26 15.79 4.59
N HIS A 217 -2.91 16.16 5.82
CA HIS A 217 -3.76 15.94 6.97
C HIS A 217 -3.66 17.14 7.90
N ILE A 218 -4.67 17.30 8.72
CA ILE A 218 -4.81 18.50 9.51
C ILE A 218 -3.82 18.46 10.68
N GLY A 219 -3.98 17.49 11.57
CA GLY A 219 -3.08 17.31 12.68
C GLY A 219 -3.63 17.65 14.04
N LYS A 220 -4.26 18.81 14.18
CA LYS A 220 -4.82 19.25 15.47
C LYS A 220 -6.25 19.77 15.27
N PRO A 221 -7.08 19.75 16.32
CA PRO A 221 -8.50 20.08 16.17
C PRO A 221 -8.73 21.31 15.35
N SER A 222 -9.60 21.22 14.34
CA SER A 222 -9.86 22.33 13.43
C SER A 222 -10.69 23.44 14.07
N THR A 223 -11.36 23.11 15.18
CA THR A 223 -11.98 24.12 16.02
C THR A 223 -10.93 24.89 16.81
N ILE A 224 -11.29 26.08 17.28
CA ILE A 224 -10.31 26.97 17.90
C ILE A 224 -10.95 28.11 18.76
N ARG A 225 -10.25 28.53 19.83
CA ARG A 225 -10.74 29.57 20.73
C ARG A 225 -11.01 30.80 19.90
N ARG A 226 -12.02 31.58 20.26
CA ARG A 226 -12.30 32.84 19.56
C ARG A 226 -11.49 33.97 20.16
N ASP A 227 -10.90 33.70 21.33
CA ASP A 227 -9.78 34.47 21.81
C ASP A 227 -8.54 33.73 21.34
N ALA A 228 -8.37 33.70 20.03
CA ALA A 228 -7.18 33.20 19.40
C ALA A 228 -6.42 34.37 18.90
N PRO A 229 -5.15 34.16 18.65
CA PRO A 229 -4.38 35.21 18.04
C PRO A 229 -4.54 35.08 16.54
N ALA A 230 -4.69 36.21 15.86
CA ALA A 230 -4.70 36.22 14.41
C ALA A 230 -3.52 35.36 13.99
N GLY A 231 -3.78 34.31 13.21
CA GLY A 231 -2.72 33.47 12.71
C GLY A 231 -2.91 32.05 13.08
N ARG A 232 -3.37 31.80 14.30
CA ARG A 232 -3.94 30.50 14.61
C ARG A 232 -5.38 30.50 14.19
N LYS A 233 -6.05 31.66 14.34
CA LYS A 233 -7.51 31.74 14.26
C LYS A 233 -7.98 31.39 12.86
N VAL A 234 -8.09 30.08 12.67
CA VAL A 234 -8.34 29.48 11.40
C VAL A 234 -9.10 28.19 11.68
N GLY A 235 -9.89 27.77 10.72
CA GLY A 235 -10.60 26.50 10.80
C GLY A 235 -12.04 26.80 11.17
N LEU A 236 -12.56 26.12 12.17
CA LEU A 236 -13.90 26.38 12.63
C LEU A 236 -13.78 27.30 13.84
N ILE A 237 -14.07 28.57 13.62
CA ILE A 237 -13.85 29.58 14.65
C ILE A 237 -14.87 29.31 15.73
N ALA A 238 -14.42 28.93 16.93
CA ALA A 238 -15.25 29.06 18.13
C ALA A 238 -16.58 28.32 18.08
N ALA A 239 -16.56 27.14 17.50
CA ALA A 239 -17.78 26.49 17.09
C ALA A 239 -18.57 25.94 18.27
N ARG A 240 -19.87 26.15 18.23
CA ARG A 240 -20.76 25.63 19.28
C ARG A 240 -21.02 24.14 19.11
N ARG A 241 -21.07 23.67 17.84
CA ARG A 241 -20.99 22.23 17.52
C ARG A 241 -19.91 22.01 16.50
N THR A 242 -19.99 20.91 15.74
CA THR A 242 -19.30 20.81 14.46
C THR A 242 -19.68 19.53 13.67
N GLY A 243 -20.86 19.52 13.07
CA GLY A 243 -21.34 18.37 12.31
C GLY A 243 -22.79 18.51 11.90
N ARG A 244 -23.17 17.83 10.82
CA ARG A 244 -24.49 18.00 10.17
C ARG A 244 -25.73 17.96 11.10
N PHE B 1 24.91 -46.72 62.43
CA PHE B 1 26.09 -45.81 62.27
C PHE B 1 25.67 -44.33 62.08
N VAL B 2 26.66 -43.45 61.96
CA VAL B 2 26.49 -42.04 61.56
C VAL B 2 27.73 -41.63 60.75
N LYS B 3 27.85 -40.35 60.39
CA LYS B 3 29.15 -39.82 59.97
C LYS B 3 30.00 -39.66 61.21
N VAL B 4 31.27 -40.04 61.11
CA VAL B 4 32.22 -39.78 62.18
C VAL B 4 32.48 -38.28 62.14
N VAL B 5 32.14 -37.58 63.23
CA VAL B 5 32.41 -36.15 63.31
C VAL B 5 33.92 -36.03 63.38
N LYS B 6 34.50 -36.68 64.38
CA LYS B 6 35.93 -36.56 64.65
C LYS B 6 36.81 -37.37 63.69
N ASN B 7 36.77 -36.93 62.43
CA ASN B 7 37.67 -37.33 61.36
C ASN B 7 39.17 -37.21 61.65
N LYS B 8 40.00 -37.48 60.64
CA LYS B 8 41.35 -36.89 60.57
C LYS B 8 41.19 -35.38 60.46
N ALA B 9 40.42 -34.97 59.44
CA ALA B 9 40.00 -33.60 59.25
C ALA B 9 39.57 -32.85 60.52
N TYR B 10 38.84 -33.50 61.43
CA TYR B 10 38.48 -32.82 62.68
C TYR B 10 39.82 -32.31 63.27
N PHE B 11 40.85 -33.17 63.39
CA PHE B 11 42.10 -32.81 64.11
C PHE B 11 43.14 -32.09 63.29
N LYS B 12 43.06 -32.16 61.96
CA LYS B 12 43.91 -31.30 61.13
C LYS B 12 43.46 -29.86 61.27
N ARG B 13 42.16 -29.66 61.35
CA ARG B 13 41.61 -28.33 61.38
C ARG B 13 41.35 -27.85 62.82
N TYR B 14 41.14 -28.77 63.79
CA TYR B 14 40.87 -28.33 65.18
C TYR B 14 42.10 -27.48 65.59
N GLN B 15 41.83 -26.23 65.97
CA GLN B 15 42.82 -25.23 66.42
C GLN B 15 42.72 -25.12 67.92
N VAL B 16 43.73 -25.50 68.71
CA VAL B 16 43.52 -25.43 70.17
C VAL B 16 43.10 -24.09 70.63
N LYS B 17 42.35 -24.09 71.72
CA LYS B 17 42.13 -22.88 72.44
C LYS B 17 43.49 -22.37 72.87
N PHE B 18 43.75 -22.17 74.15
CA PHE B 18 44.75 -21.18 74.49
C PHE B 18 45.09 -21.40 76.02
N ARG B 19 46.10 -22.26 76.32
CA ARG B 19 46.19 -23.21 77.55
C ARG B 19 45.35 -22.90 78.77
N ARG B 20 45.62 -21.78 79.44
CA ARG B 20 44.87 -21.45 80.67
C ARG B 20 43.36 -21.29 80.44
N ARG B 21 42.95 -21.36 79.17
CA ARG B 21 41.56 -21.58 78.77
C ARG B 21 41.08 -23.01 78.91
N ARG B 22 41.79 -23.95 78.30
CA ARG B 22 41.43 -25.35 78.38
C ARG B 22 41.24 -25.75 79.83
N GLU B 23 42.23 -25.45 80.66
CA GLU B 23 42.14 -25.68 82.09
C GLU B 23 40.97 -24.91 82.70
N GLY B 24 40.64 -23.76 82.14
CA GLY B 24 39.40 -23.07 82.44
C GLY B 24 39.57 -22.21 83.67
N LYS B 25 40.55 -21.32 83.60
CA LYS B 25 40.97 -20.56 84.77
C LYS B 25 41.01 -19.04 84.61
N THR B 26 40.92 -18.49 83.39
CA THR B 26 41.42 -17.12 83.16
C THR B 26 40.61 -16.26 82.13
N ASP B 27 40.01 -15.12 82.55
CA ASP B 27 39.44 -14.10 81.57
C ASP B 27 40.63 -13.47 81.02
N TYR B 28 40.87 -13.68 79.73
CA TYR B 28 42.00 -13.04 79.11
C TYR B 28 41.65 -12.63 77.66
N TYR B 29 40.37 -12.26 77.52
CA TYR B 29 40.01 -10.83 77.41
C TYR B 29 39.61 -10.64 78.87
N ALA B 30 39.70 -9.42 79.36
CA ALA B 30 39.49 -9.02 80.79
C ALA B 30 40.79 -9.10 81.60
N ARG B 31 41.60 -10.15 81.43
CA ARG B 31 43.01 -10.09 81.83
C ARG B 31 43.64 -9.06 80.94
N LYS B 32 43.20 -9.04 79.67
CA LYS B 32 43.67 -8.05 78.72
C LYS B 32 43.44 -6.67 79.28
N ARG B 33 42.19 -6.38 79.57
CA ARG B 33 41.82 -5.05 79.96
C ARG B 33 42.30 -4.72 81.39
N LEU B 34 42.42 -5.74 82.26
CA LEU B 34 43.00 -5.55 83.61
C LEU B 34 44.45 -5.14 83.59
N VAL B 35 45.23 -5.95 82.86
CA VAL B 35 46.66 -6.01 83.03
C VAL B 35 47.43 -4.96 82.23
N ILE B 36 47.21 -4.97 80.92
CA ILE B 36 48.07 -4.27 79.97
C ILE B 36 48.11 -2.79 80.31
N GLN B 37 49.33 -2.27 80.42
CA GLN B 37 49.51 -0.93 80.93
C GLN B 37 49.57 -0.02 79.74
N ASP B 38 48.96 1.14 79.88
CA ASP B 38 48.94 2.17 78.83
C ASP B 38 50.36 2.49 78.35
N LYS B 39 50.48 2.96 77.11
CA LYS B 39 51.77 3.38 76.58
C LYS B 39 51.83 4.91 76.59
N ASN B 40 51.49 5.50 77.72
CA ASN B 40 52.12 6.74 78.14
C ASN B 40 52.87 6.39 79.47
N LYS B 41 53.34 5.14 79.55
CA LYS B 41 54.03 4.57 80.71
C LYS B 41 55.28 3.70 80.34
N TYR B 42 55.21 2.93 79.25
CA TYR B 42 56.33 2.11 78.63
C TYR B 42 56.74 1.15 79.80
N ASN B 43 57.63 1.48 80.72
CA ASN B 43 58.01 0.46 81.73
C ASN B 43 57.10 0.26 82.96
N THR B 44 56.71 1.34 83.63
CA THR B 44 55.97 1.27 84.92
C THR B 44 54.82 0.27 84.95
N PRO B 45 54.75 -0.53 86.03
CA PRO B 45 53.82 -1.64 86.04
C PRO B 45 52.37 -1.24 86.30
N LYS B 46 51.50 -2.25 86.24
CA LYS B 46 50.12 -2.14 86.67
C LYS B 46 49.85 -3.27 87.66
N TYR B 47 49.68 -2.93 88.94
CA TYR B 47 49.45 -3.96 89.97
C TYR B 47 47.99 -4.37 89.95
N ARG B 48 47.72 -5.66 90.18
CA ARG B 48 46.35 -6.15 90.46
C ARG B 48 46.39 -7.02 91.69
N MET B 49 45.41 -6.85 92.57
CA MET B 49 45.24 -7.78 93.68
C MET B 49 44.42 -8.96 93.17
N ILE B 50 45.01 -10.13 93.33
CA ILE B 50 44.47 -11.37 92.85
C ILE B 50 43.86 -12.04 94.05
N VAL B 51 42.56 -12.33 93.98
CA VAL B 51 41.91 -13.17 94.97
C VAL B 51 41.16 -14.24 94.23
N ARG B 52 41.51 -15.50 94.46
CA ARG B 52 40.57 -16.57 94.16
C ARG B 52 40.40 -17.40 95.42
N VAL B 53 39.17 -17.38 95.93
CA VAL B 53 38.75 -18.30 96.96
C VAL B 53 38.70 -19.67 96.31
N THR B 54 39.44 -20.58 96.90
CA THR B 54 39.60 -21.89 96.33
C THR B 54 38.40 -22.75 96.59
N ASN B 55 38.20 -23.10 97.87
CA ASN B 55 37.34 -24.22 98.30
C ASN B 55 37.72 -24.60 99.75
N ARG B 56 39.03 -24.70 100.02
CA ARG B 56 39.52 -24.82 101.40
C ARG B 56 40.28 -23.62 101.90
N ASP B 57 41.07 -23.02 101.03
CA ASP B 57 41.93 -21.89 101.39
C ASP B 57 41.71 -20.70 100.39
N ILE B 58 41.66 -19.49 100.95
CA ILE B 58 41.59 -18.26 100.15
C ILE B 58 43.00 -17.83 99.88
N ILE B 59 43.34 -17.63 98.61
CA ILE B 59 44.64 -17.05 98.25
C ILE B 59 44.45 -15.62 97.79
N CYS B 60 45.24 -14.73 98.37
CA CYS B 60 45.32 -13.35 97.92
C CYS B 60 46.77 -13.04 97.62
N GLN B 61 47.02 -12.33 96.51
CA GLN B 61 48.37 -11.93 96.12
C GLN B 61 48.38 -10.74 95.16
N ILE B 62 49.28 -9.77 95.39
CA ILE B 62 49.47 -8.67 94.45
C ILE B 62 50.41 -9.16 93.36
N ALA B 63 49.99 -8.92 92.12
CA ALA B 63 50.83 -9.21 90.96
C ALA B 63 50.85 -8.06 89.94
N TYR B 64 51.98 -8.01 89.23
CA TYR B 64 52.31 -7.01 88.22
C TYR B 64 52.67 -7.88 87.03
N ALA B 65 52.54 -7.39 85.80
CA ALA B 65 52.63 -8.30 84.65
C ALA B 65 53.79 -8.04 83.69
N ARG B 66 54.74 -8.97 83.66
CA ARG B 66 55.84 -8.94 82.68
C ARG B 66 55.66 -10.00 81.62
N ILE B 67 56.34 -9.72 80.51
CA ILE B 67 56.26 -10.49 79.29
C ILE B 67 56.71 -11.95 79.47
N GLU B 68 57.53 -12.24 80.49
CA GLU B 68 57.94 -13.62 80.82
C GLU B 68 56.92 -14.33 81.68
N GLY B 69 56.19 -13.58 82.50
CA GLY B 69 55.08 -14.13 83.30
C GLY B 69 54.81 -13.39 84.59
N ASP B 70 53.59 -12.88 84.76
CA ASP B 70 53.32 -11.93 85.85
C ASP B 70 53.97 -12.31 87.16
N MET B 71 54.68 -11.32 87.70
CA MET B 71 55.53 -11.49 88.85
C MET B 71 54.68 -11.11 90.04
N ILE B 72 54.85 -11.86 91.12
CA ILE B 72 54.08 -11.66 92.33
C ILE B 72 54.99 -10.95 93.28
N VAL B 73 54.54 -9.83 93.81
CA VAL B 73 55.36 -9.11 94.76
C VAL B 73 55.09 -9.63 96.18
N CYS B 74 53.82 -9.86 96.51
CA CYS B 74 53.42 -10.28 97.86
C CYS B 74 52.26 -11.24 97.78
N ALA B 75 52.26 -12.24 98.65
CA ALA B 75 51.22 -13.27 98.66
C ALA B 75 50.86 -13.63 100.08
N ALA B 76 49.56 -13.61 100.37
CA ALA B 76 49.05 -13.91 101.69
C ALA B 76 47.87 -14.85 101.54
N TYR B 77 47.97 -16.01 102.19
CA TYR B 77 46.97 -17.05 102.04
C TYR B 77 46.13 -17.10 103.32
N ALA B 78 45.12 -17.97 103.34
CA ALA B 78 44.29 -18.16 104.53
C ALA B 78 44.89 -19.15 105.50
N HIS B 79 45.51 -20.21 104.99
CA HIS B 79 46.11 -21.24 105.87
C HIS B 79 47.33 -20.75 106.71
N GLU B 80 47.69 -19.48 106.59
CA GLU B 80 48.65 -18.84 107.49
C GLU B 80 47.96 -18.48 108.81
N LEU B 81 46.67 -18.19 108.73
CA LEU B 81 45.92 -17.56 109.83
C LEU B 81 45.89 -18.25 111.22
N PRO B 82 46.15 -19.57 111.29
CA PRO B 82 46.40 -20.15 112.61
C PRO B 82 47.43 -19.40 113.49
N LYS B 83 48.51 -18.94 112.87
CA LYS B 83 49.46 -17.99 113.49
C LYS B 83 48.82 -16.82 114.27
N TYR B 84 47.73 -16.29 113.72
CA TYR B 84 47.09 -15.07 114.21
C TYR B 84 45.84 -15.38 115.06
N GLY B 85 45.74 -16.63 115.54
CA GLY B 85 44.67 -17.08 116.44
C GLY B 85 43.34 -17.38 115.78
N VAL B 86 43.37 -17.77 114.50
CA VAL B 86 42.18 -18.19 113.80
C VAL B 86 42.45 -19.60 113.32
N LYS B 87 41.80 -20.56 113.97
CA LYS B 87 42.07 -21.97 113.76
C LYS B 87 41.33 -22.55 112.57
N VAL B 88 40.14 -22.02 112.30
CA VAL B 88 39.14 -22.73 111.52
C VAL B 88 38.24 -21.76 110.75
N GLY B 89 37.37 -22.32 109.89
CA GLY B 89 36.38 -21.54 109.14
C GLY B 89 37.08 -20.47 108.34
N LEU B 90 38.06 -20.93 107.57
CA LEU B 90 39.07 -20.07 106.98
C LEU B 90 39.01 -20.11 105.45
N THR B 91 37.81 -20.40 104.94
CA THR B 91 37.46 -20.06 103.57
C THR B 91 36.18 -19.24 103.62
N ASN B 92 35.97 -18.55 104.74
CA ASN B 92 34.69 -17.95 105.09
C ASN B 92 34.80 -16.41 104.91
N TYR B 93 33.75 -15.72 104.42
CA TYR B 93 33.95 -14.33 103.93
C TYR B 93 34.82 -13.54 105.00
N ALA B 94 34.40 -13.50 106.25
CA ALA B 94 35.22 -12.89 107.36
C ALA B 94 36.74 -13.22 107.50
N ALA B 95 37.20 -14.32 106.90
CA ALA B 95 38.62 -14.72 106.90
C ALA B 95 39.34 -14.22 105.65
N ALA B 96 38.56 -14.05 104.58
CA ALA B 96 39.02 -13.31 103.40
C ALA B 96 39.38 -11.89 103.75
N TYR B 97 38.65 -11.27 104.69
CA TYR B 97 39.10 -10.00 105.25
C TYR B 97 40.52 -10.19 105.79
N CYS B 98 40.66 -10.95 106.86
CA CYS B 98 41.95 -11.07 107.52
C CYS B 98 43.08 -11.36 106.55
N THR B 99 42.82 -12.25 105.58
CA THR B 99 43.77 -12.57 104.53
C THR B 99 44.14 -11.34 103.69
N GLY B 100 43.14 -10.60 103.26
CA GLY B 100 43.35 -9.41 102.44
C GLY B 100 44.00 -8.30 103.22
N LEU B 101 43.64 -8.22 104.49
CA LEU B 101 44.29 -7.32 105.43
C LEU B 101 45.75 -7.68 105.60
N LEU B 102 46.00 -8.96 105.82
CA LEU B 102 47.36 -9.48 105.91
C LEU B 102 48.16 -9.00 104.73
N LEU B 103 47.64 -9.28 103.54
CA LEU B 103 48.30 -8.95 102.30
C LEU B 103 48.69 -7.49 102.24
N ALA B 104 47.75 -6.61 102.52
CA ALA B 104 48.02 -5.16 102.53
C ALA B 104 49.17 -4.78 103.45
N ARG B 105 49.32 -5.48 104.58
CA ARG B 105 50.30 -5.09 105.58
C ARG B 105 51.65 -5.78 105.37
N ARG B 106 51.62 -6.99 104.81
CA ARG B 106 52.86 -7.65 104.40
C ARG B 106 53.48 -6.92 103.24
N LEU B 107 52.64 -6.32 102.43
CA LEU B 107 53.12 -5.48 101.37
C LEU B 107 53.64 -4.17 101.95
N LEU B 108 52.81 -3.49 102.73
CA LEU B 108 53.18 -2.19 103.26
C LEU B 108 54.33 -2.19 104.28
N ASN B 109 54.72 -3.37 104.82
CA ASN B 109 56.00 -3.44 105.57
C ASN B 109 57.19 -3.19 104.61
N ARG B 110 57.06 -3.62 103.36
CA ARG B 110 58.07 -3.32 102.35
C ARG B 110 57.74 -1.94 101.80
N PHE B 111 58.67 -1.36 101.05
CA PHE B 111 58.64 0.06 100.62
C PHE B 111 58.37 0.99 101.84
N GLY B 112 58.77 0.51 103.03
CA GLY B 112 58.51 1.11 104.35
C GLY B 112 57.29 2.00 104.52
N MET B 113 56.11 1.39 104.54
CA MET B 113 54.88 2.16 104.74
C MET B 113 53.96 1.59 105.82
N ASP B 114 54.48 0.72 106.69
CA ASP B 114 53.68 0.25 107.84
C ASP B 114 53.43 1.33 108.89
N LYS B 115 54.14 2.45 108.77
CA LYS B 115 53.94 3.59 109.65
C LYS B 115 53.03 4.65 109.02
N ILE B 116 52.38 4.34 107.88
CA ILE B 116 51.48 5.30 107.21
C ILE B 116 50.46 4.66 106.23
N TYR B 117 49.30 5.32 106.08
CA TYR B 117 48.09 4.80 105.35
C TYR B 117 47.86 3.37 105.91
N GLU B 118 47.46 3.36 107.19
CA GLU B 118 47.06 2.16 107.93
C GLU B 118 45.68 1.72 107.51
N GLY B 119 44.90 2.70 107.04
CA GLY B 119 43.51 2.51 106.77
C GLY B 119 42.77 2.46 108.09
N GLN B 120 41.55 1.95 108.01
CA GLN B 120 40.66 1.92 109.15
C GLN B 120 41.17 0.81 110.10
N VAL B 121 40.95 1.03 111.40
CA VAL B 121 41.55 0.25 112.50
C VAL B 121 40.51 -0.53 113.29
N GLU B 122 39.58 0.20 113.92
CA GLU B 122 38.50 -0.42 114.70
C GLU B 122 37.60 -1.27 113.82
N VAL B 123 37.51 -0.88 112.55
CA VAL B 123 36.68 -1.52 111.55
C VAL B 123 35.25 -1.05 111.74
N THR B 124 34.67 -0.52 110.67
CA THR B 124 33.27 -0.16 110.65
C THR B 124 32.57 -1.10 109.65
N GLY B 125 33.00 -1.00 108.40
CA GLY B 125 32.35 -1.61 107.27
C GLY B 125 31.72 -0.59 106.33
N ASP B 126 32.43 0.51 106.12
CA ASP B 126 31.96 1.65 105.37
C ASP B 126 32.89 1.89 104.19
N GLU B 127 32.63 3.00 103.51
CA GLU B 127 33.66 3.71 102.78
C GLU B 127 34.86 3.91 103.72
N TYR B 128 35.87 3.03 103.62
CA TYR B 128 37.24 3.51 103.81
C TYR B 128 37.92 3.43 102.43
N ASN B 129 38.63 4.50 102.09
CA ASN B 129 39.24 4.78 100.77
C ASN B 129 40.47 5.59 101.12
N VAL B 130 41.66 5.07 100.83
CA VAL B 130 42.89 5.70 101.32
C VAL B 130 43.15 7.02 100.57
N GLU B 131 43.56 8.05 101.31
CA GLU B 131 43.95 9.33 100.72
C GLU B 131 45.44 9.57 100.94
N SER B 132 46.21 9.56 99.85
CA SER B 132 47.67 9.70 99.86
C SER B 132 48.12 11.00 100.52
N ILE B 133 49.10 10.91 101.41
CA ILE B 133 49.59 12.07 102.15
C ILE B 133 50.62 12.83 101.30
N ASP B 134 50.54 14.16 101.31
CA ASP B 134 51.46 15.00 100.51
C ASP B 134 52.79 15.07 101.24
N GLY B 135 53.88 15.20 100.49
CA GLY B 135 55.22 15.17 101.05
C GLY B 135 55.69 13.82 101.56
N GLN B 136 54.91 12.75 101.32
CA GLN B 136 55.27 11.38 101.68
C GLN B 136 55.30 10.51 100.43
N PRO B 137 55.75 9.25 100.56
CA PRO B 137 55.47 8.26 99.53
C PRO B 137 53.97 8.16 99.31
N GLY B 138 53.52 8.44 98.08
CA GLY B 138 52.11 8.34 97.72
C GLY B 138 51.64 6.90 97.85
N ALA B 139 50.37 6.72 98.19
CA ALA B 139 49.82 5.40 98.46
C ALA B 139 49.89 4.43 97.28
N PHE B 140 49.82 3.15 97.63
CA PHE B 140 49.87 2.04 96.70
C PHE B 140 48.49 1.81 96.13
N THR B 141 48.41 1.22 94.94
CA THR B 141 47.11 0.94 94.31
C THR B 141 47.11 -0.28 93.39
N CYS B 142 45.95 -0.94 93.31
CA CYS B 142 45.77 -2.05 92.39
C CYS B 142 44.31 -2.34 92.10
N TYR B 143 44.06 -2.85 90.89
CA TYR B 143 42.73 -2.90 90.27
C TYR B 143 42.38 -4.38 90.50
N LEU B 144 41.48 -4.61 91.47
CA LEU B 144 41.09 -5.94 91.94
C LEU B 144 40.82 -6.91 90.79
N ASP B 145 41.26 -8.15 90.95
CA ASP B 145 41.02 -9.21 89.96
C ASP B 145 40.16 -10.29 90.59
N ALA B 146 38.93 -10.41 90.11
CA ALA B 146 38.00 -11.44 90.57
C ALA B 146 38.25 -12.82 89.97
N GLY B 147 38.82 -12.87 88.77
CA GLY B 147 38.98 -14.12 88.03
C GLY B 147 37.67 -14.49 87.36
N LEU B 148 36.99 -15.52 87.87
CA LEU B 148 35.75 -16.04 87.27
C LEU B 148 34.59 -16.15 88.26
N ALA B 149 34.62 -15.38 89.33
CA ALA B 149 33.58 -15.48 90.35
C ALA B 149 32.45 -14.56 89.95
N ARG B 150 31.24 -15.09 89.76
CA ARG B 150 30.07 -14.25 89.48
C ARG B 150 29.99 -13.44 90.75
N THR B 151 30.52 -12.22 90.62
CA THR B 151 30.60 -11.23 91.70
C THR B 151 29.26 -10.61 92.05
N THR B 152 28.44 -11.38 92.74
CA THR B 152 27.21 -10.89 93.31
C THR B 152 27.59 -10.23 94.62
N THR B 153 26.61 -9.57 95.22
CA THR B 153 26.78 -8.99 96.54
C THR B 153 27.14 -10.14 97.49
N GLY B 154 27.95 -9.83 98.48
CA GLY B 154 28.37 -10.80 99.49
C GLY B 154 29.54 -11.70 99.20
N ASN B 155 29.95 -11.85 97.95
CA ASN B 155 31.00 -12.83 97.62
C ASN B 155 32.39 -12.42 98.18
N LYS B 156 33.14 -13.43 98.60
CA LYS B 156 34.35 -13.23 99.38
C LYS B 156 35.39 -12.36 98.69
N VAL B 157 35.48 -12.49 97.38
CA VAL B 157 36.52 -11.84 96.60
C VAL B 157 36.63 -10.33 96.91
N PHE B 158 35.70 -9.53 96.37
CA PHE B 158 35.61 -8.07 96.63
C PHE B 158 35.35 -7.84 98.18
N GLY B 159 35.12 -8.90 98.96
CA GLY B 159 35.19 -8.85 100.42
C GLY B 159 36.61 -8.87 101.01
N ALA B 160 37.50 -9.66 100.42
CA ALA B 160 38.93 -9.65 100.77
C ALA B 160 39.54 -8.31 100.41
N LEU B 161 39.12 -7.79 99.25
CA LEU B 161 39.36 -6.43 98.86
C LEU B 161 39.17 -5.51 100.06
N LYS B 162 37.98 -5.57 100.69
CA LYS B 162 37.70 -4.72 101.86
C LYS B 162 38.79 -4.81 102.89
N GLY B 163 39.30 -6.02 103.07
CA GLY B 163 40.52 -6.22 103.84
C GLY B 163 41.73 -5.44 103.39
N ALA B 164 42.11 -5.56 102.13
CA ALA B 164 43.28 -4.84 101.64
C ALA B 164 43.08 -3.31 101.58
N VAL B 165 41.82 -2.86 101.41
CA VAL B 165 41.48 -1.44 101.47
C VAL B 165 41.60 -0.95 102.91
N ASP B 166 40.92 -1.67 103.81
CA ASP B 166 41.02 -1.47 105.26
C ASP B 166 42.49 -1.49 105.73
N GLY B 167 43.30 -2.33 105.07
CA GLY B 167 44.72 -2.45 105.33
C GLY B 167 45.64 -1.41 104.70
N GLY B 168 45.11 -0.53 103.85
CA GLY B 168 45.88 0.62 103.35
C GLY B 168 46.36 0.59 101.91
N LEU B 169 45.74 -0.25 101.09
CA LEU B 169 45.90 -0.18 99.64
C LEU B 169 44.76 0.67 99.07
N SER B 170 45.06 1.36 97.98
CA SER B 170 44.12 2.29 97.38
C SER B 170 43.52 1.64 96.14
N ILE B 171 42.65 0.65 96.37
CA ILE B 171 41.94 0.00 95.29
C ILE B 171 40.65 0.78 95.04
N PRO B 172 40.29 0.98 93.75
CA PRO B 172 38.92 1.42 93.44
C PRO B 172 37.90 0.29 93.63
N HIS B 173 37.06 0.49 94.62
CA HIS B 173 36.13 -0.47 95.13
C HIS B 173 34.90 0.44 95.15
N SER B 174 33.74 -0.08 94.83
CA SER B 174 32.53 0.57 95.26
C SER B 174 31.93 -0.37 96.27
N THR B 175 30.82 0.07 96.81
CA THR B 175 30.23 -0.54 97.96
C THR B 175 28.97 -1.30 97.59
N LYS B 176 28.69 -1.37 96.30
CA LYS B 176 27.41 -1.84 95.80
C LYS B 176 27.29 -3.34 96.02
N ARG B 177 28.41 -4.00 96.28
CA ARG B 177 28.37 -5.43 96.46
C ARG B 177 28.76 -5.88 97.88
N PHE B 178 29.26 -5.01 98.78
CA PHE B 178 29.59 -5.52 100.14
C PHE B 178 28.36 -6.04 100.83
N PRO B 179 28.50 -7.18 101.53
CA PRO B 179 27.34 -7.73 102.20
C PRO B 179 26.72 -6.70 103.14
N GLY B 180 25.52 -6.25 102.80
CA GLY B 180 24.88 -5.11 103.46
C GLY B 180 24.09 -4.22 102.53
N TYR B 181 24.47 -4.18 101.25
CA TYR B 181 23.75 -3.41 100.24
C TYR B 181 22.35 -3.99 100.02
N ASP B 182 21.34 -3.12 100.05
CA ASP B 182 19.94 -3.50 99.87
C ASP B 182 19.52 -3.28 98.42
N SER B 183 19.33 -4.38 97.69
CA SER B 183 19.03 -4.32 96.25
C SER B 183 17.57 -3.94 95.93
N GLU B 184 16.84 -3.34 96.87
CA GLU B 184 15.53 -2.75 96.63
C GLU B 184 15.45 -1.35 97.24
N SER B 185 16.59 -0.68 97.33
CA SER B 185 16.70 0.57 98.09
C SER B 185 17.97 1.35 97.73
N LYS B 186 19.11 0.67 97.79
CA LYS B 186 20.42 1.19 97.33
C LYS B 186 21.14 2.07 98.37
N GLU B 187 21.45 1.45 99.52
CA GLU B 187 22.33 2.04 100.58
C GLU B 187 23.16 0.91 101.24
N PHE B 188 23.77 1.18 102.40
CA PHE B 188 24.13 0.11 103.35
C PHE B 188 23.21 0.07 104.53
N ASN B 189 23.31 -1.06 105.24
CA ASN B 189 23.12 -1.08 106.67
C ASN B 189 24.45 -0.72 107.30
N ALA B 190 25.52 -1.35 106.82
CA ALA B 190 26.90 -1.12 107.27
C ALA B 190 27.16 -1.87 108.56
N GLU B 191 26.24 -1.71 109.51
CA GLU B 191 26.16 -2.60 110.67
C GLU B 191 25.73 -4.03 110.29
N VAL B 192 25.47 -4.30 109.00
CA VAL B 192 25.41 -5.67 108.50
C VAL B 192 26.83 -6.11 108.11
N HIS B 193 27.60 -5.19 107.54
CA HIS B 193 29.02 -5.46 107.30
C HIS B 193 29.75 -5.67 108.63
N ARG B 194 29.35 -4.95 109.69
CA ARG B 194 29.79 -5.23 111.08
C ARG B 194 29.88 -6.76 111.21
N LYS B 195 28.71 -7.39 111.07
CA LYS B 195 28.55 -8.81 111.35
C LYS B 195 29.35 -9.48 110.29
N HIS B 196 29.05 -9.12 109.05
CA HIS B 196 29.51 -9.92 107.95
C HIS B 196 31.06 -10.02 107.98
N ILE B 197 31.72 -8.95 108.42
CA ILE B 197 33.18 -8.94 108.60
C ILE B 197 33.68 -9.85 109.73
N LEU B 198 32.97 -9.86 110.87
CA LEU B 198 33.44 -10.57 112.06
C LEU B 198 32.84 -11.97 112.25
N GLY B 199 32.00 -12.40 111.32
CA GLY B 199 31.49 -13.76 111.32
C GLY B 199 30.31 -14.05 112.23
N GLN B 200 29.48 -13.05 112.50
CA GLN B 200 28.22 -13.30 113.22
C GLN B 200 27.12 -13.75 112.24
N ASN B 201 27.46 -13.90 110.96
CA ASN B 201 26.80 -14.89 110.09
C ASN B 201 26.91 -16.24 110.74
N VAL B 202 28.16 -16.62 110.98
CA VAL B 202 28.48 -17.96 111.40
C VAL B 202 28.07 -18.13 112.84
N ALA B 203 28.25 -17.09 113.66
CA ALA B 203 27.73 -17.11 115.02
C ALA B 203 26.23 -17.38 114.99
N ASP B 204 25.45 -16.54 114.33
CA ASP B 204 24.00 -16.74 114.32
C ASP B 204 23.51 -17.99 113.60
N TYR B 205 24.35 -18.65 112.81
CA TYR B 205 24.06 -20.01 112.32
C TYR B 205 24.46 -21.03 113.39
N MET B 206 25.60 -20.78 114.02
CA MET B 206 26.00 -21.50 115.23
C MET B 206 25.06 -21.31 116.44
N ARG B 207 24.03 -20.47 116.29
CA ARG B 207 22.99 -20.33 117.29
C ARG B 207 21.59 -20.65 116.79
N TYR B 208 21.21 -20.36 115.53
CA TYR B 208 19.93 -20.94 115.10
C TYR B 208 20.19 -22.50 115.23
N LEU B 209 21.22 -23.07 114.60
CA LEU B 209 21.55 -24.50 114.85
C LEU B 209 22.24 -24.68 116.20
N ILE B 210 21.55 -25.37 117.10
CA ILE B 210 22.01 -25.75 118.46
C ILE B 210 20.78 -25.96 119.33
N GLU B 211 19.86 -24.99 119.29
CA GLU B 211 18.67 -25.01 120.12
C GLU B 211 17.55 -25.79 119.43
N GLU B 212 17.61 -25.90 118.10
CA GLU B 212 16.67 -26.74 117.39
C GLU B 212 17.04 -28.19 117.59
N ASP B 213 18.25 -28.53 117.17
CA ASP B 213 18.67 -29.91 117.09
C ASP B 213 20.16 -30.05 117.38
N GLU B 214 20.51 -31.14 118.04
CA GLU B 214 21.89 -31.48 118.30
C GLU B 214 22.25 -32.44 117.19
N ASP B 215 23.55 -32.72 117.04
CA ASP B 215 24.03 -33.70 116.06
C ASP B 215 23.77 -33.29 114.56
N ALA B 216 23.19 -32.10 114.33
CA ALA B 216 23.38 -31.36 113.07
C ALA B 216 24.45 -30.31 113.32
N TYR B 217 24.40 -29.66 114.48
CA TYR B 217 25.62 -29.18 115.14
C TYR B 217 26.52 -30.37 115.21
N LYS B 218 27.82 -30.18 115.11
CA LYS B 218 28.76 -31.30 115.21
C LYS B 218 28.96 -31.95 113.84
N LYS B 219 27.87 -32.29 113.15
CA LYS B 219 27.97 -32.67 111.75
C LYS B 219 28.32 -31.47 110.88
N GLN B 220 27.47 -30.44 110.92
CA GLN B 220 27.66 -29.24 110.07
C GLN B 220 28.92 -28.49 110.43
N PHE B 221 29.32 -28.49 111.70
CA PHE B 221 30.60 -27.90 112.01
C PHE B 221 31.22 -28.39 113.33
N SER B 222 31.79 -29.61 113.21
CA SER B 222 32.62 -30.31 114.19
C SER B 222 33.82 -29.51 114.67
N GLN B 223 34.62 -29.02 113.73
CA GLN B 223 35.81 -28.22 114.06
C GLN B 223 35.45 -26.84 114.67
N TYR B 224 34.20 -26.39 114.47
CA TYR B 224 33.68 -25.27 115.25
C TYR B 224 33.40 -25.65 116.71
N ILE B 225 33.07 -26.92 116.99
CA ILE B 225 32.98 -27.44 118.38
C ILE B 225 34.38 -27.75 118.93
N LYS B 226 35.06 -28.70 118.29
CA LYS B 226 36.47 -29.00 118.57
C LYS B 226 37.28 -27.71 118.42
N ASN B 227 38.43 -27.65 119.07
CA ASN B 227 39.24 -26.42 119.24
C ASN B 227 38.60 -25.38 120.21
N ASN B 228 37.51 -25.76 120.89
CA ASN B 228 36.89 -24.97 121.99
C ASN B 228 36.65 -23.54 121.55
N VAL B 229 36.09 -23.46 120.34
CA VAL B 229 35.54 -22.24 119.76
C VAL B 229 34.04 -22.28 120.00
N THR B 230 33.45 -21.11 120.18
CA THR B 230 32.02 -20.97 120.45
C THR B 230 31.52 -19.76 119.68
N PRO B 231 30.19 -19.54 119.69
CA PRO B 231 29.73 -18.19 119.41
C PRO B 231 30.14 -17.30 120.58
N ASP B 232 29.59 -16.09 120.65
CA ASP B 232 30.03 -15.06 121.62
C ASP B 232 31.55 -14.74 121.49
N MET B 233 32.37 -15.77 121.71
CA MET B 233 33.82 -15.75 121.46
C MET B 233 34.24 -15.25 120.08
N MET B 234 33.64 -15.84 119.03
CA MET B 234 34.02 -15.58 117.63
C MET B 234 34.46 -14.15 117.33
N GLU B 235 33.56 -13.20 117.55
CA GLU B 235 33.81 -11.77 117.33
C GLU B 235 35.18 -11.31 117.87
N GLU B 236 35.56 -11.89 119.00
CA GLU B 236 36.80 -11.58 119.69
C GLU B 236 37.90 -12.63 119.49
N MET B 237 37.87 -13.37 118.38
CA MET B 237 39.07 -14.00 117.81
C MET B 237 39.57 -13.05 116.73
N TYR B 238 38.64 -12.70 115.84
CA TYR B 238 38.92 -11.91 114.65
C TYR B 238 39.52 -10.58 115.10
N LYS B 239 38.91 -9.91 116.08
CA LYS B 239 39.48 -8.64 116.56
C LYS B 239 40.91 -8.76 117.12
N LYS B 240 41.29 -9.95 117.59
CA LYS B 240 42.70 -10.21 117.94
C LYS B 240 43.52 -10.36 116.67
N ALA B 241 42.97 -10.99 115.63
CA ALA B 241 43.66 -11.08 114.34
C ALA B 241 43.94 -9.73 113.64
N HIS B 242 42.93 -8.88 113.40
CA HIS B 242 43.17 -7.58 112.65
C HIS B 242 44.06 -6.66 113.52
N ALA B 243 44.23 -7.02 114.80
CA ALA B 243 45.28 -6.45 115.65
C ALA B 243 46.61 -7.21 115.48
N ALA B 244 46.57 -8.54 115.63
CA ALA B 244 47.79 -9.36 115.62
C ALA B 244 48.48 -9.36 114.26
N ILE B 245 47.68 -9.42 113.21
CA ILE B 245 48.19 -9.25 111.85
C ILE B 245 48.93 -7.93 111.77
N ARG B 246 48.29 -6.87 112.23
CA ARG B 246 48.86 -5.54 112.03
C ARG B 246 50.08 -5.23 112.89
N GLU B 247 50.30 -5.91 114.04
CA GLU B 247 51.59 -5.71 114.75
C GLU B 247 52.76 -6.49 114.10
N ASN B 248 52.47 -7.64 113.47
CA ASN B 248 53.48 -8.38 112.70
C ASN B 248 52.86 -9.03 111.47
N PRO B 249 53.06 -8.42 110.28
CA PRO B 249 52.58 -9.06 109.07
C PRO B 249 53.60 -9.99 108.44
N VAL B 250 54.88 -9.78 108.72
CA VAL B 250 55.95 -10.32 107.88
C VAL B 250 55.97 -11.84 107.91
N TYR B 251 56.34 -12.43 106.79
CA TYR B 251 56.50 -13.88 106.67
C TYR B 251 57.90 -14.22 107.08
N GLU B 252 58.07 -15.36 107.75
CA GLU B 252 59.39 -15.84 108.15
C GLU B 252 59.82 -17.11 107.40
N LYS B 253 58.96 -17.61 106.49
CA LYS B 253 59.12 -18.91 105.83
C LYS B 253 59.08 -20.05 106.85
N LYS B 254 59.40 -21.26 106.38
CA LYS B 254 60.01 -22.27 107.25
C LYS B 254 61.16 -22.92 106.47
N PRO B 255 62.37 -22.95 107.07
CA PRO B 255 63.54 -23.39 106.30
C PRO B 255 63.37 -24.85 105.91
N LYS B 256 63.93 -25.22 104.78
CA LYS B 256 63.64 -26.52 104.19
C LYS B 256 64.85 -27.22 103.60
N LYS B 257 65.20 -28.36 104.19
CA LYS B 257 66.26 -29.22 103.68
C LYS B 257 66.16 -30.58 104.39
N GLU B 258 66.12 -31.65 103.59
CA GLU B 258 66.13 -33.03 104.07
C GLU B 258 66.22 -34.03 102.91
N VAL B 259 65.34 -33.84 101.93
CA VAL B 259 64.76 -34.95 101.17
C VAL B 259 65.75 -35.78 100.36
N LYS B 260 66.08 -36.95 100.94
CA LYS B 260 66.47 -38.19 100.26
C LYS B 260 66.38 -38.13 98.73
N LYS B 261 65.20 -37.75 98.26
CA LYS B 261 64.92 -37.39 96.86
C LYS B 261 64.80 -38.65 96.01
N LYS B 262 63.73 -39.37 96.28
CA LYS B 262 63.34 -40.48 95.44
C LYS B 262 62.37 -40.02 94.36
N ARG B 263 62.28 -40.84 93.33
CA ARG B 263 61.56 -40.56 92.11
C ARG B 263 60.42 -41.55 92.02
N TRP B 264 59.22 -41.08 92.31
CA TRP B 264 58.05 -41.94 92.53
C TRP B 264 56.78 -41.41 91.81
N ASN B 265 57.10 -40.73 90.72
CA ASN B 265 56.34 -40.62 89.48
C ASN B 265 56.47 -41.96 88.74
N ARG B 266 56.33 -41.93 87.42
CA ARG B 266 56.81 -42.99 86.54
C ARG B 266 57.55 -42.30 85.38
N PRO B 267 58.61 -42.90 84.86
CA PRO B 267 59.33 -42.21 83.78
C PRO B 267 58.84 -42.52 82.38
N LYS B 268 59.25 -41.66 81.46
CA LYS B 268 59.01 -41.85 80.06
C LYS B 268 59.75 -43.11 79.63
N MET B 269 59.06 -43.94 78.86
CA MET B 269 59.66 -45.11 78.27
C MET B 269 60.54 -44.69 77.10
N SER B 270 61.74 -45.25 77.01
CA SER B 270 62.66 -44.89 75.93
C SER B 270 62.23 -45.55 74.62
N LEU B 271 62.81 -45.05 73.53
CA LEU B 271 62.44 -45.47 72.19
C LEU B 271 62.45 -46.98 72.08
N ALA B 272 63.64 -47.57 72.26
CA ALA B 272 63.85 -49.01 72.05
C ALA B 272 62.90 -49.91 72.84
N GLN B 273 62.35 -49.37 73.92
CA GLN B 273 61.56 -50.08 74.91
C GLN B 273 60.07 -50.06 74.52
N LYS B 274 59.70 -49.11 73.67
CA LYS B 274 58.48 -49.19 72.86
C LYS B 274 58.75 -50.01 71.62
N LYS B 275 59.91 -49.77 71.02
CA LYS B 275 60.35 -50.39 69.78
C LYS B 275 60.29 -51.91 69.84
N ASP B 276 60.70 -52.49 70.97
CA ASP B 276 60.55 -53.93 71.17
C ASP B 276 59.14 -54.33 71.52
N ARG B 277 58.49 -53.70 72.51
CA ARG B 277 57.13 -54.18 72.93
C ARG B 277 56.23 -54.57 71.77
N VAL B 278 56.44 -53.89 70.65
CA VAL B 278 56.00 -54.34 69.35
C VAL B 278 57.15 -55.03 68.58
N ALA B 279 57.21 -56.35 68.75
CA ALA B 279 58.32 -57.27 68.39
C ALA B 279 58.39 -58.29 69.51
N GLN B 280 58.09 -57.81 70.72
CA GLN B 280 57.74 -58.60 71.92
C GLN B 280 56.35 -59.25 71.91
N LYS B 281 55.33 -58.46 71.59
CA LYS B 281 54.08 -58.93 71.03
C LYS B 281 54.50 -59.47 69.68
N LYS B 282 53.57 -59.87 68.82
CA LYS B 282 53.94 -60.26 67.46
C LYS B 282 55.10 -61.28 67.44
N ALA B 283 54.91 -62.32 68.24
CA ALA B 283 55.95 -63.25 68.72
C ALA B 283 55.41 -63.84 70.02
N SER B 284 54.66 -63.00 70.76
CA SER B 284 53.67 -63.45 71.73
C SER B 284 52.39 -63.90 71.01
N PHE B 285 51.92 -63.11 70.04
CA PHE B 285 50.77 -63.49 69.20
C PHE B 285 51.13 -64.63 68.24
N LEU B 286 52.07 -64.40 67.33
CA LEU B 286 52.42 -65.40 66.29
C LEU B 286 52.55 -66.78 66.91
N ARG B 287 53.52 -66.92 67.82
CA ARG B 287 53.74 -68.16 68.59
C ARG B 287 52.44 -68.77 69.11
N ALA B 288 51.58 -67.94 69.71
CA ALA B 288 50.34 -68.39 70.37
C ALA B 288 49.39 -69.11 69.44
N GLN B 289 49.24 -68.58 68.22
CA GLN B 289 48.29 -69.13 67.27
C GLN B 289 48.92 -69.85 66.08
N GLU B 290 50.23 -70.08 66.11
CA GLU B 290 50.86 -71.10 65.26
C GLU B 290 50.82 -72.40 66.08
N ARG B 291 49.59 -72.89 66.32
CA ARG B 291 49.29 -73.92 67.33
C ARG B 291 47.81 -74.28 67.34
N ALA B 292 46.98 -73.28 67.66
CA ALA B 292 45.56 -73.45 67.97
C ALA B 292 44.73 -72.25 67.50
N LYS C 1 -64.45 100.88 -12.64
CA LYS C 1 -63.46 99.90 -12.11
C LYS C 1 -62.03 100.39 -12.34
N VAL C 2 -61.40 100.88 -11.28
CA VAL C 2 -59.96 101.24 -11.29
C VAL C 2 -59.20 99.99 -10.80
N VAL C 3 -59.38 98.90 -11.52
CA VAL C 3 -58.84 97.57 -11.20
C VAL C 3 -58.82 96.75 -12.49
N ASN C 4 -57.67 96.78 -13.17
CA ASN C 4 -57.47 96.03 -14.41
C ASN C 4 -57.72 94.57 -14.11
N LEU C 5 -58.46 93.92 -14.99
CA LEU C 5 -58.96 92.58 -14.68
C LEU C 5 -57.88 91.53 -14.53
N LEU C 6 -56.72 91.79 -15.13
CA LEU C 6 -55.67 90.80 -15.24
C LEU C 6 -54.96 90.52 -13.92
N PHE C 7 -54.78 91.53 -13.07
CA PHE C 7 -53.94 91.30 -11.87
C PHE C 7 -54.84 90.44 -10.97
N GLU C 8 -54.33 89.23 -10.68
CA GLU C 8 -55.13 88.12 -10.20
C GLU C 8 -54.73 87.81 -8.75
N LYS C 9 -54.04 86.69 -8.50
CA LYS C 9 -53.74 86.22 -7.16
C LYS C 9 -52.54 85.27 -7.24
N ARG C 10 -52.72 84.11 -7.85
CA ARG C 10 -51.69 83.07 -7.89
C ARG C 10 -51.17 82.73 -6.47
N PRO C 11 -52.09 82.52 -5.51
CA PRO C 11 -51.66 82.29 -4.13
C PRO C 11 -51.13 80.86 -3.97
N LYS C 12 -49.88 80.76 -3.54
CA LYS C 12 -49.19 79.49 -3.45
C LYS C 12 -49.51 78.81 -2.14
N ASN C 13 -49.28 77.50 -2.09
CA ASN C 13 -49.46 76.70 -0.87
C ASN C 13 -48.23 75.85 -0.62
N PHE C 14 -47.57 76.05 0.53
CA PHE C 14 -46.36 75.30 0.89
C PHE C 14 -46.75 74.34 1.98
N GLY C 15 -47.48 73.33 1.52
CA GLY C 15 -47.63 72.11 2.25
C GLY C 15 -46.52 71.22 1.73
N ILE C 16 -46.30 70.11 2.41
CA ILE C 16 -45.29 69.15 1.99
C ILE C 16 -45.58 68.85 0.52
N GLY C 17 -44.56 68.62 -0.30
CA GLY C 17 -44.79 68.28 -1.72
C GLY C 17 -45.66 69.18 -2.62
N GLN C 18 -46.39 70.17 -2.07
CA GLN C 18 -47.13 71.12 -2.88
C GLN C 18 -46.10 72.11 -3.44
N ASP C 19 -46.39 73.42 -3.44
CA ASP C 19 -45.44 74.34 -4.03
C ASP C 19 -44.22 74.45 -3.15
N ILE C 20 -43.11 74.75 -3.82
CA ILE C 20 -41.79 74.68 -3.25
C ILE C 20 -41.63 75.67 -2.13
N GLN C 21 -40.82 75.28 -1.15
CA GLN C 21 -40.83 75.98 0.09
C GLN C 21 -40.05 77.27 0.00
N PRO C 22 -40.46 78.29 0.75
CA PRO C 22 -39.75 79.55 0.77
C PRO C 22 -38.65 79.61 1.80
N LYS C 23 -38.09 80.80 1.96
CA LYS C 23 -36.92 81.02 2.78
C LYS C 23 -37.32 81.49 4.19
N ARG C 24 -37.36 80.57 5.16
CA ARG C 24 -37.41 81.02 6.57
C ARG C 24 -36.02 81.28 7.11
N ASP C 25 -36.01 82.08 8.18
CA ASP C 25 -34.86 82.20 9.07
C ASP C 25 -34.67 80.84 9.71
N LEU C 26 -33.40 80.45 9.81
CA LEU C 26 -33.00 79.13 10.26
C LEU C 26 -32.03 79.17 11.42
N THR C 27 -31.84 80.31 12.08
CA THR C 27 -30.65 80.49 12.92
C THR C 27 -30.32 79.31 13.87
N ARG C 28 -31.34 78.55 14.28
CA ARG C 28 -31.14 77.32 15.07
C ARG C 28 -30.73 76.05 14.09
N PHE C 29 -30.93 76.06 12.73
CA PHE C 29 -30.84 74.87 11.68
C PHE C 29 -29.63 75.10 10.80
N VAL C 30 -28.70 75.90 11.32
CA VAL C 30 -27.52 76.38 10.58
C VAL C 30 -26.27 75.85 11.30
N LYS C 31 -25.12 75.87 10.62
CA LYS C 31 -23.86 75.25 11.10
C LYS C 31 -22.91 76.22 11.81
N TRP C 32 -23.01 76.26 13.14
CA TRP C 32 -22.45 77.36 13.95
C TRP C 32 -20.97 76.97 14.14
N PRO C 33 -20.02 77.70 13.50
CA PRO C 33 -18.58 77.33 13.48
C PRO C 33 -17.97 77.11 14.84
N ARG C 34 -16.75 76.59 14.84
CA ARG C 34 -16.23 76.02 16.05
C ARG C 34 -16.00 76.97 17.21
N TYR C 35 -15.72 78.25 16.98
CA TYR C 35 -15.84 79.23 18.09
C TYR C 35 -17.24 79.45 18.60
N ILE C 36 -18.21 79.45 17.70
CA ILE C 36 -19.53 79.82 18.10
C ILE C 36 -20.12 78.63 18.83
N ARG C 37 -20.37 77.53 18.13
CA ARG C 37 -20.78 76.28 18.77
C ARG C 37 -20.19 76.17 20.17
N LEU C 38 -18.88 76.34 20.28
CA LEU C 38 -18.19 76.25 21.55
C LEU C 38 -18.66 77.29 22.56
N GLN C 39 -18.50 78.58 22.24
CA GLN C 39 -18.92 79.63 23.17
C GLN C 39 -20.39 79.52 23.54
N ARG C 40 -21.20 79.04 22.61
CA ARG C 40 -22.61 78.77 22.83
C ARG C 40 -22.75 77.77 23.96
N GLN C 41 -22.07 76.64 23.82
CA GLN C 41 -22.09 75.59 24.86
C GLN C 41 -20.93 75.62 25.84
N ARG C 42 -20.50 76.84 26.15
CA ARG C 42 -19.92 77.14 27.44
C ARG C 42 -21.08 77.65 28.26
N ALA C 43 -21.72 78.72 27.77
CA ALA C 43 -22.87 79.33 28.44
C ALA C 43 -23.92 78.30 28.86
N ILE C 44 -24.09 77.26 28.07
CA ILE C 44 -25.01 76.20 28.45
C ILE C 44 -24.48 75.42 29.64
N LEU C 45 -23.29 74.81 29.53
CA LEU C 45 -22.67 74.08 30.69
C LEU C 45 -22.71 74.92 31.94
N TYR C 46 -22.30 76.17 31.78
CA TYR C 46 -22.15 77.13 32.84
C TYR C 46 -23.51 77.49 33.51
N LYS C 47 -24.63 77.04 32.91
CA LYS C 47 -25.93 76.94 33.58
C LYS C 47 -26.34 75.50 33.95
N ARG C 48 -25.94 74.53 33.13
CA ARG C 48 -26.31 73.11 33.26
C ARG C 48 -25.70 72.39 34.46
N LEU C 49 -24.44 72.72 34.72
CA LEU C 49 -23.67 72.16 35.83
C LEU C 49 -24.15 72.73 37.14
N LYS C 50 -23.67 72.17 38.24
CA LYS C 50 -23.95 72.76 39.53
C LYS C 50 -22.82 73.72 39.89
N VAL C 51 -23.05 75.01 39.65
CA VAL C 51 -22.00 76.00 39.79
C VAL C 51 -21.87 76.33 41.27
N PRO C 52 -20.62 76.45 41.77
CA PRO C 52 -20.28 76.95 43.12
C PRO C 52 -20.62 78.40 43.51
N PRO C 53 -21.00 78.60 44.80
CA PRO C 53 -21.35 79.88 45.39
C PRO C 53 -20.44 81.00 44.99
N THR C 54 -19.16 80.71 45.06
CA THR C 54 -18.11 81.67 44.87
C THR C 54 -18.07 82.17 43.43
N ILE C 55 -18.50 81.30 42.53
CA ILE C 55 -18.65 81.62 41.12
C ILE C 55 -20.07 82.11 40.79
N ASN C 56 -21.08 81.66 41.53
CA ASN C 56 -22.45 82.20 41.41
C ASN C 56 -22.59 83.67 41.69
N GLN C 57 -22.06 84.11 42.84
CA GLN C 57 -22.11 85.51 43.21
C GLN C 57 -21.73 86.45 42.05
N PHE C 58 -20.98 85.92 41.10
CA PHE C 58 -20.62 86.61 39.86
C PHE C 58 -21.70 86.53 38.76
N THR C 59 -22.96 86.33 39.18
CA THR C 59 -24.13 86.44 38.33
C THR C 59 -25.02 87.54 38.89
N GLN C 60 -25.50 87.35 40.12
CA GLN C 60 -26.33 88.34 40.79
C GLN C 60 -25.53 89.65 40.89
N ALA C 61 -26.12 90.73 40.38
CA ALA C 61 -25.40 91.99 40.17
C ALA C 61 -26.29 93.20 40.46
N LEU C 62 -25.71 94.39 40.31
CA LEU C 62 -26.45 95.64 40.44
C LEU C 62 -27.48 95.83 39.33
N ASP C 63 -28.37 96.79 39.57
CA ASP C 63 -29.48 97.10 38.66
C ASP C 63 -29.25 98.50 38.09
N ARG C 64 -29.99 98.80 37.02
CA ARG C 64 -29.94 100.12 36.39
C ARG C 64 -29.91 101.26 37.41
N GLN C 65 -30.87 101.23 38.36
CA GLN C 65 -31.02 102.33 39.33
C GLN C 65 -29.78 102.57 40.15
N THR C 66 -29.12 101.50 40.59
CA THR C 66 -27.91 101.62 41.40
C THR C 66 -26.69 101.85 40.49
N ALA C 67 -26.53 100.98 39.49
CA ALA C 67 -25.40 101.04 38.58
C ALA C 67 -25.13 102.44 38.02
N THR C 68 -26.19 103.07 37.53
CA THR C 68 -26.04 104.38 36.90
C THR C 68 -25.63 105.50 37.87
N GLN C 69 -26.03 105.40 39.14
CA GLN C 69 -25.52 106.32 40.17
C GLN C 69 -24.02 106.09 40.37
N LEU C 70 -23.62 104.83 40.51
CA LEU C 70 -22.20 104.49 40.62
C LEU C 70 -21.38 105.11 39.51
N LEU C 71 -21.78 104.87 38.26
CA LEU C 71 -21.01 105.35 37.11
C LEU C 71 -21.16 106.85 36.86
N LYS C 72 -22.19 107.47 37.46
CA LYS C 72 -22.25 108.93 37.60
C LYS C 72 -21.17 109.39 38.58
N LEU C 73 -21.19 108.77 39.78
CA LEU C 73 -20.27 109.11 40.87
C LEU C 73 -18.81 109.05 40.46
N THR C 74 -18.45 107.96 39.79
CA THR C 74 -17.10 107.79 39.27
C THR C 74 -16.68 108.85 38.25
N HIS C 75 -17.63 109.42 37.51
CA HIS C 75 -17.30 110.32 36.42
C HIS C 75 -16.74 111.69 36.87
N LYS C 76 -16.88 111.99 38.16
CA LYS C 76 -16.19 113.15 38.77
C LYS C 76 -14.72 112.83 39.04
N TYR C 77 -14.35 111.57 38.84
CA TYR C 77 -13.37 110.91 39.65
C TYR C 77 -12.40 109.97 38.92
N ARG C 78 -12.49 109.94 37.60
CA ARG C 78 -11.71 109.02 36.78
C ARG C 78 -10.28 109.50 36.84
N PRO C 79 -9.31 108.57 36.84
CA PRO C 79 -7.94 109.01 36.93
C PRO C 79 -7.57 109.76 35.65
N GLU C 80 -6.83 110.85 35.86
CA GLU C 80 -6.30 111.69 34.79
C GLU C 80 -5.99 110.92 33.51
N THR C 81 -6.56 111.39 32.40
CA THR C 81 -6.17 110.90 31.08
C THR C 81 -4.73 111.29 30.84
N LYS C 82 -4.12 110.67 29.84
CA LYS C 82 -2.91 111.23 29.27
C LYS C 82 -3.35 112.52 28.54
N GLN C 83 -2.46 113.52 28.52
CA GLN C 83 -2.70 114.90 28.04
C GLN C 83 -3.15 115.70 29.25
N GLU C 84 -4.29 115.33 29.81
CA GLU C 84 -4.72 115.76 31.15
C GLU C 84 -3.64 115.55 32.24
N LYS C 85 -2.82 114.52 32.08
CA LYS C 85 -1.66 114.28 32.95
C LYS C 85 -0.57 115.34 32.72
N LYS C 86 -0.19 115.51 31.46
CA LYS C 86 0.89 116.44 31.07
C LYS C 86 0.74 117.84 31.65
N GLN C 87 -0.48 118.37 31.60
CA GLN C 87 -0.72 119.74 32.09
C GLN C 87 -0.83 119.80 33.63
N ARG C 88 -0.92 118.66 34.30
CA ARG C 88 -0.73 118.62 35.76
C ARG C 88 0.75 118.86 36.12
N LEU C 89 1.67 118.30 35.32
CA LEU C 89 3.12 118.52 35.49
C LEU C 89 3.56 119.88 34.94
N LEU C 90 3.25 120.10 33.66
CA LEU C 90 3.62 121.32 32.93
C LEU C 90 3.22 122.62 33.65
N ALA C 91 2.00 122.66 34.21
CA ALA C 91 1.54 123.82 34.99
C ALA C 91 2.34 124.05 36.27
N ARG C 92 2.80 122.98 36.92
CA ARG C 92 3.65 123.09 38.14
C ARG C 92 5.09 123.49 37.82
N ALA C 93 5.58 123.14 36.63
CA ALA C 93 6.92 123.60 36.16
C ALA C 93 7.00 125.12 35.92
N GLU C 94 5.90 125.70 35.43
CA GLU C 94 5.80 127.16 35.20
C GLU C 94 5.45 127.91 36.49
N LYS C 95 4.54 127.34 37.29
CA LYS C 95 4.13 127.90 38.59
C LYS C 95 5.23 127.82 39.68
N LYS C 96 6.13 126.83 39.58
CA LYS C 96 7.27 126.69 40.53
C LYS C 96 8.26 127.85 40.39
N ALA C 97 8.73 128.07 39.16
CA ALA C 97 9.72 129.12 38.85
C ALA C 97 9.05 130.40 38.31
N ALA C 98 8.13 130.96 39.10
CA ALA C 98 7.44 132.21 38.75
C ALA C 98 6.77 132.86 39.98
N GLY C 99 5.70 132.24 40.50
CA GLY C 99 4.90 132.81 41.59
C GLY C 99 4.74 131.84 42.74
N LYS C 100 5.87 131.37 43.26
CA LYS C 100 5.96 130.42 44.40
C LYS C 100 5.42 129.02 44.10
N GLY C 101 6.06 128.02 44.70
CA GLY C 101 5.59 126.64 44.63
C GLY C 101 6.39 125.73 45.53
N ASP C 102 5.80 125.35 46.67
CA ASP C 102 6.32 124.24 47.47
C ASP C 102 6.13 122.94 46.66
N VAL C 103 4.98 122.85 45.98
CA VAL C 103 4.67 121.80 45.00
C VAL C 103 4.16 120.45 45.55
N PRO C 104 3.48 120.42 46.72
CA PRO C 104 2.70 119.23 47.05
C PRO C 104 1.25 119.30 46.59
N THR C 105 0.74 120.50 46.30
CA THR C 105 -0.70 120.79 46.04
C THR C 105 -1.60 120.00 47.02
N LYS C 106 -2.72 119.45 46.53
CA LYS C 106 -3.39 118.35 47.22
C LYS C 106 -3.87 117.37 46.16
N ARG C 107 -3.25 116.19 46.10
CA ARG C 107 -3.62 115.15 45.14
C ARG C 107 -5.13 114.84 45.23
N PRO C 108 -5.93 115.26 44.22
CA PRO C 108 -7.38 115.10 44.42
C PRO C 108 -7.77 113.63 44.46
N PRO C 109 -8.79 113.28 45.27
CA PRO C 109 -9.11 111.87 45.38
C PRO C 109 -9.61 111.31 44.05
N VAL C 110 -9.17 110.10 43.74
CA VAL C 110 -9.47 109.46 42.45
C VAL C 110 -9.75 107.99 42.68
N LEU C 111 -10.11 107.32 41.60
CA LEU C 111 -10.24 105.88 41.60
C LEU C 111 -8.95 105.12 41.88
N ARG C 112 -9.13 103.83 42.12
CA ARG C 112 -8.06 102.85 42.18
C ARG C 112 -8.48 101.67 41.33
N ALA C 113 -7.59 101.19 40.47
CA ALA C 113 -7.98 100.33 39.35
C ALA C 113 -7.81 98.82 39.58
N GLY C 114 -6.58 98.32 39.49
CA GLY C 114 -6.32 96.87 39.39
C GLY C 114 -6.56 96.08 40.66
N VAL C 115 -6.29 94.77 40.63
CA VAL C 115 -6.67 93.92 41.76
C VAL C 115 -5.64 94.00 42.88
N ASN C 116 -4.39 93.65 42.56
CA ASN C 116 -3.29 93.62 43.53
C ASN C 116 -2.91 95.07 43.97
N THR C 117 -3.58 96.09 43.40
CA THR C 117 -3.71 97.44 44.01
C THR C 117 -4.85 97.48 45.00
N VAL C 118 -6.03 97.06 44.56
CA VAL C 118 -7.24 97.07 45.40
C VAL C 118 -7.07 96.22 46.65
N THR C 119 -6.77 94.94 46.45
CA THR C 119 -6.71 94.00 47.57
C THR C 119 -5.78 94.45 48.70
N THR C 120 -4.69 95.15 48.37
CA THR C 120 -3.82 95.71 49.43
C THR C 120 -4.59 96.72 50.25
N LEU C 121 -5.20 97.69 49.56
CA LEU C 121 -5.95 98.75 50.23
C LEU C 121 -7.38 98.34 50.66
N VAL C 122 -7.77 97.10 50.39
CA VAL C 122 -8.89 96.48 51.10
C VAL C 122 -8.36 95.76 52.34
N GLU C 123 -7.24 95.04 52.20
CA GLU C 123 -6.55 94.45 53.35
C GLU C 123 -5.99 95.51 54.33
N ASN C 124 -5.95 96.78 53.91
CA ASN C 124 -5.62 97.92 54.77
C ASN C 124 -6.83 98.71 55.29
N LYS C 125 -8.06 98.26 55.00
CA LYS C 125 -9.28 99.01 55.29
C LYS C 125 -9.15 100.48 54.88
N LYS C 126 -8.80 100.68 53.61
CA LYS C 126 -8.58 102.03 53.09
C LYS C 126 -9.56 102.30 51.94
N ALA C 127 -10.76 101.72 52.03
CA ALA C 127 -11.75 101.77 50.95
C ALA C 127 -13.14 101.97 51.52
N GLN C 128 -13.90 102.85 50.88
CA GLN C 128 -15.31 103.08 51.22
C GLN C 128 -16.14 102.04 50.47
N LEU C 129 -15.86 101.92 49.18
CA LEU C 129 -16.55 101.00 48.30
C LEU C 129 -15.55 100.30 47.41
N VAL C 130 -15.92 99.11 46.94
CA VAL C 130 -15.16 98.38 45.94
C VAL C 130 -16.15 97.92 44.87
N VAL C 131 -15.85 98.23 43.61
CA VAL C 131 -16.65 97.74 42.48
C VAL C 131 -15.86 96.64 41.79
N ILE C 132 -16.51 95.51 41.54
CA ILE C 132 -15.92 94.34 40.91
C ILE C 132 -16.69 94.01 39.64
N ALA C 133 -15.99 93.71 38.55
CA ALA C 133 -16.65 93.24 37.33
C ALA C 133 -17.04 91.78 37.50
N HIS C 134 -18.19 91.39 36.96
CA HIS C 134 -18.66 90.01 37.04
C HIS C 134 -18.03 89.05 36.01
N ASP C 135 -17.86 89.52 34.79
CA ASP C 135 -17.53 88.64 33.65
C ASP C 135 -16.04 88.27 33.50
N VAL C 136 -15.18 88.80 34.39
CA VAL C 136 -13.72 88.56 34.39
C VAL C 136 -13.31 87.12 34.02
N ASP C 137 -12.26 87.00 33.19
CA ASP C 137 -12.08 85.81 32.33
C ASP C 137 -11.52 84.59 33.07
N PRO C 138 -10.23 84.60 33.48
CA PRO C 138 -9.96 83.75 34.66
C PRO C 138 -10.66 84.32 35.89
N ILE C 139 -11.70 83.63 36.34
CA ILE C 139 -12.49 84.07 37.50
C ILE C 139 -11.63 84.08 38.78
N GLU C 140 -10.64 83.19 38.83
CA GLU C 140 -9.54 83.19 39.83
C GLU C 140 -9.22 84.55 40.41
N LEU C 141 -9.04 85.50 39.51
CA LEU C 141 -8.58 86.85 39.84
C LEU C 141 -9.53 87.68 40.65
N VAL C 142 -10.79 87.26 40.76
CA VAL C 142 -11.73 87.92 41.63
C VAL C 142 -12.66 86.95 42.36
N VAL C 143 -12.23 85.72 42.59
CA VAL C 143 -13.09 84.79 43.35
C VAL C 143 -13.23 85.22 44.80
N PHE C 144 -12.13 85.13 45.53
CA PHE C 144 -11.99 85.70 46.87
C PHE C 144 -12.51 87.11 47.19
N LEU C 145 -12.44 88.03 46.23
CA LEU C 145 -12.43 89.43 46.60
C LEU C 145 -13.62 89.80 47.47
N PRO C 146 -14.83 89.38 47.06
CA PRO C 146 -16.00 89.56 47.93
C PRO C 146 -15.82 89.06 49.35
N ALA C 147 -15.33 87.85 49.51
CA ALA C 147 -15.07 87.31 50.86
C ALA C 147 -14.16 88.21 51.65
N LEU C 148 -13.06 88.58 50.99
CA LEU C 148 -12.08 89.44 51.62
C LEU C 148 -12.74 90.75 52.00
N CYS C 149 -13.46 91.37 51.07
CA CYS C 149 -14.15 92.64 51.31
C CYS C 149 -15.09 92.64 52.50
N ARG C 150 -15.87 91.58 52.66
CA ARG C 150 -16.81 91.52 53.77
C ARG C 150 -16.10 91.25 55.10
N LYS C 151 -14.99 90.52 55.08
CA LYS C 151 -14.22 90.33 56.31
C LYS C 151 -13.65 91.62 56.85
N MET C 152 -13.09 92.42 55.95
CA MET C 152 -12.62 93.75 56.32
C MET C 152 -13.77 94.75 56.55
N GLY C 153 -14.99 94.34 56.21
CA GLY C 153 -16.17 95.15 56.47
C GLY C 153 -16.28 96.25 55.44
N VAL C 154 -15.66 96.03 54.29
CA VAL C 154 -15.62 96.99 53.23
C VAL C 154 -16.81 96.68 52.31
N PRO C 155 -17.69 97.66 52.09
CA PRO C 155 -18.70 97.54 51.04
C PRO C 155 -18.10 97.18 49.68
N TYR C 156 -18.43 95.98 49.19
CA TYR C 156 -18.09 95.57 47.81
C TYR C 156 -19.37 95.55 47.01
N CYS C 157 -19.20 95.53 45.69
CA CYS C 157 -20.31 95.36 44.76
C CYS C 157 -19.87 94.77 43.44
N ILE C 158 -20.83 94.16 42.76
CA ILE C 158 -20.59 93.48 41.51
C ILE C 158 -21.40 94.13 40.41
N ILE C 159 -20.71 94.93 39.61
CA ILE C 159 -21.30 95.60 38.47
C ILE C 159 -21.14 94.75 37.24
N LYS C 160 -22.03 94.95 36.28
CA LYS C 160 -21.92 94.26 35.01
C LYS C 160 -20.86 95.01 34.19
N GLY C 161 -20.13 94.27 33.35
CA GLY C 161 -19.26 94.87 32.34
C GLY C 161 -17.89 95.29 32.82
N LYS C 162 -16.91 94.41 32.64
CA LYS C 162 -15.51 94.80 32.83
C LYS C 162 -15.08 95.84 31.81
N ALA C 163 -15.79 95.91 30.69
CA ALA C 163 -15.57 96.95 29.71
C ALA C 163 -15.98 98.30 30.26
N ARG C 164 -17.25 98.44 30.59
CA ARG C 164 -17.76 99.73 31.10
C ARG C 164 -17.17 100.10 32.47
N LEU C 165 -16.68 99.11 33.21
CA LEU C 165 -15.87 99.39 34.39
C LEU C 165 -14.45 99.81 34.01
N GLY C 166 -13.89 99.15 33.00
CA GLY C 166 -12.60 99.54 32.40
C GLY C 166 -12.63 100.71 31.41
N ARG C 167 -13.78 101.37 31.28
CA ARG C 167 -13.93 102.62 30.54
C ARG C 167 -13.86 103.84 31.45
N LEU C 168 -14.00 103.63 32.76
CA LEU C 168 -13.86 104.70 33.73
C LEU C 168 -12.39 105.06 33.75
N VAL C 169 -11.59 104.10 34.22
CA VAL C 169 -10.18 104.13 33.98
C VAL C 169 -10.04 103.88 32.50
N HIS C 170 -9.15 104.64 31.91
CA HIS C 170 -9.14 104.80 30.49
C HIS C 170 -8.51 103.63 29.74
N ARG C 171 -9.13 102.45 29.79
CA ARG C 171 -8.53 101.25 29.21
C ARG C 171 -9.57 100.40 28.49
N LYS C 172 -9.15 99.25 28.00
CA LYS C 172 -10.07 98.25 27.48
C LYS C 172 -10.85 97.62 28.61
N THR C 173 -10.15 97.04 29.58
CA THR C 173 -10.81 96.33 30.68
C THR C 173 -10.18 96.60 32.03
N CYS C 174 -10.95 96.23 33.06
CA CYS C 174 -10.59 96.41 34.44
C CYS C 174 -11.47 95.49 35.25
N THR C 175 -10.92 94.87 36.29
CA THR C 175 -11.69 93.90 37.08
C THR C 175 -12.26 94.48 38.36
N THR C 176 -11.59 95.49 38.91
CA THR C 176 -11.99 96.09 40.19
C THR C 176 -11.89 97.60 40.13
N VAL C 177 -12.35 98.27 41.18
CA VAL C 177 -12.26 99.71 41.27
C VAL C 177 -12.60 100.11 42.71
N ALA C 178 -12.21 101.30 43.16
CA ALA C 178 -12.47 101.69 44.54
C ALA C 178 -12.40 103.20 44.81
N PHE C 179 -13.26 103.68 45.71
CA PHE C 179 -13.22 105.07 46.21
C PHE C 179 -12.62 104.88 47.59
N THR C 180 -11.47 105.53 47.82
CA THR C 180 -10.83 105.56 49.13
C THR C 180 -11.33 106.78 49.90
N GLN C 181 -11.16 107.95 49.29
CA GLN C 181 -11.74 109.19 49.79
C GLN C 181 -12.72 109.72 48.79
N VAL C 182 -13.52 110.67 49.24
CA VAL C 182 -14.34 111.47 48.37
C VAL C 182 -14.25 112.95 48.72
N ASN C 183 -14.49 113.80 47.71
CA ASN C 183 -14.73 115.22 47.93
C ASN C 183 -15.87 115.41 48.96
N SER C 184 -15.69 116.34 49.90
CA SER C 184 -16.66 116.58 50.99
C SER C 184 -18.11 116.68 50.50
N GLU C 185 -18.35 117.58 49.54
CA GLU C 185 -19.67 117.75 48.91
C GLU C 185 -20.27 116.46 48.30
N ASP C 186 -19.40 115.59 47.77
CA ASP C 186 -19.81 114.34 47.09
C ASP C 186 -20.01 113.14 48.05
N LYS C 187 -19.91 113.38 49.36
CA LYS C 187 -19.94 112.32 50.38
C LYS C 187 -21.36 111.87 50.77
N GLY C 188 -22.35 112.72 50.56
CA GLY C 188 -23.75 112.36 50.76
C GLY C 188 -24.24 111.29 49.79
N ALA C 189 -23.81 111.42 48.53
CA ALA C 189 -24.15 110.45 47.46
C ALA C 189 -23.43 109.11 47.61
N LEU C 190 -22.18 109.16 48.07
CA LEU C 190 -21.38 107.97 48.35
C LEU C 190 -22.01 107.17 49.48
N ALA C 191 -22.21 107.82 50.61
CA ALA C 191 -22.85 107.20 51.77
C ALA C 191 -24.32 106.82 51.52
N LYS C 192 -24.94 107.40 50.49
CA LYS C 192 -26.24 106.93 49.97
C LYS C 192 -26.15 105.56 49.30
N LEU C 193 -25.15 105.38 48.44
CA LEU C 193 -24.93 104.09 47.75
C LEU C 193 -24.49 103.01 48.71
N VAL C 194 -23.47 103.32 49.51
CA VAL C 194 -22.87 102.36 50.44
C VAL C 194 -23.94 101.63 51.26
N GLU C 195 -24.79 102.38 51.97
CA GLU C 195 -25.86 101.77 52.78
C GLU C 195 -26.83 100.93 51.91
N ALA C 196 -27.06 101.34 50.66
CA ALA C 196 -27.94 100.63 49.71
C ALA C 196 -27.32 99.34 49.21
N ILE C 197 -26.00 99.38 48.97
CA ILE C 197 -25.25 98.23 48.49
C ILE C 197 -25.18 97.17 49.60
N ARG C 198 -24.66 97.52 50.78
CA ARG C 198 -24.33 96.47 51.78
C ARG C 198 -25.49 95.89 52.59
N THR C 199 -26.70 96.42 52.44
CA THR C 199 -27.91 95.67 52.80
C THR C 199 -28.04 94.47 51.86
N ASN C 200 -27.70 94.73 50.59
CA ASN C 200 -27.83 93.77 49.51
C ASN C 200 -26.66 92.81 49.32
N TYR C 201 -25.47 93.09 49.89
CA TYR C 201 -24.28 92.22 49.75
C TYR C 201 -23.58 91.77 51.04
N ASN C 202 -22.90 92.67 51.73
CA ASN C 202 -21.94 92.27 52.79
C ASN C 202 -22.70 91.55 53.89
N ASP C 203 -23.92 92.03 54.15
CA ASP C 203 -24.83 91.45 55.15
C ASP C 203 -25.85 90.49 54.51
N ARG C 204 -25.34 89.62 53.64
CA ARG C 204 -26.08 88.50 53.07
C ARG C 204 -25.34 87.18 53.16
N TYR C 205 -24.11 87.15 53.64
CA TYR C 205 -23.18 86.13 53.14
C TYR C 205 -23.59 84.69 53.30
N ASN C 206 -24.41 84.37 54.30
CA ASN C 206 -24.79 82.98 54.53
C ASN C 206 -26.02 82.62 53.68
N GLU C 207 -26.51 83.57 52.88
CA GLU C 207 -27.46 83.34 51.78
C GLU C 207 -26.69 83.14 50.47
N ILE C 208 -25.67 83.96 50.23
CA ILE C 208 -24.82 83.82 49.03
C ILE C 208 -23.94 82.57 49.14
N ARG C 209 -23.06 82.55 50.15
CA ARG C 209 -22.12 81.46 50.39
C ARG C 209 -22.68 80.04 50.28
N ARG C 210 -23.98 79.86 50.52
CA ARG C 210 -24.63 78.56 50.33
C ARG C 210 -25.82 78.74 49.40
N HIS C 211 -25.50 79.10 48.16
CA HIS C 211 -26.44 79.00 47.08
C HIS C 211 -25.70 78.46 45.82
N TRP C 212 -25.82 77.15 45.55
CA TRP C 212 -25.42 76.54 44.26
C TRP C 212 -26.34 77.09 43.17
N GLY C 213 -25.81 77.33 41.97
CA GLY C 213 -26.57 78.04 40.94
C GLY C 213 -26.29 77.57 39.54
N GLY C 214 -26.77 76.38 39.29
CA GLY C 214 -27.04 75.93 37.96
C GLY C 214 -28.04 74.82 38.17
N ASN C 215 -27.70 73.62 37.70
CA ASN C 215 -28.51 72.42 37.91
C ASN C 215 -29.90 72.63 37.26
N VAL C 216 -29.90 73.43 36.18
CA VAL C 216 -31.10 73.79 35.45
C VAL C 216 -30.97 73.07 34.13
N LEU C 217 -31.99 72.28 33.78
CA LEU C 217 -31.97 71.50 32.55
C LEU C 217 -32.34 72.40 31.35
N GLY C 218 -32.49 71.79 30.18
CA GLY C 218 -32.84 72.50 28.96
C GLY C 218 -34.34 72.57 28.86
N PRO C 219 -34.87 73.68 28.31
CA PRO C 219 -36.32 73.82 28.32
C PRO C 219 -37.02 72.70 27.54
N LYS C 220 -36.32 72.11 26.57
CA LYS C 220 -36.81 70.95 25.84
C LYS C 220 -36.98 69.73 26.74
N SER C 221 -36.03 69.52 27.66
CA SER C 221 -36.12 68.47 28.67
C SER C 221 -37.17 68.80 29.74
N VAL C 222 -37.16 70.05 30.20
CA VAL C 222 -38.09 70.52 31.24
C VAL C 222 -39.55 70.43 30.77
N ALA C 223 -39.83 70.86 29.55
CA ALA C 223 -41.16 70.76 28.97
C ALA C 223 -41.65 69.31 28.97
N ARG C 224 -40.75 68.36 28.74
CA ARG C 224 -41.09 66.94 28.75
C ARG C 224 -41.28 66.39 30.16
N ILE C 225 -40.38 66.71 31.09
CA ILE C 225 -40.49 66.22 32.49
C ILE C 225 -41.74 66.76 33.19
N THR C 226 -42.11 68.00 32.89
CA THR C 226 -43.35 68.62 33.41
C THR C 226 -44.62 68.05 32.77
N LYS C 227 -44.53 67.68 31.49
CA LYS C 227 -45.65 67.04 30.79
C LYS C 227 -45.96 65.63 31.31
N LEU C 228 -45.00 65.00 32.00
CA LEU C 228 -45.26 63.77 32.76
C LEU C 228 -45.90 63.98 34.15
N GLU C 229 -45.77 65.19 34.71
CA GLU C 229 -46.45 65.53 35.99
C GLU C 229 -47.88 66.02 35.78
N LYS C 230 -48.28 66.31 34.53
CA LYS C 230 -49.70 66.45 34.19
C LYS C 230 -50.34 65.08 33.91
N ALA C 231 -49.53 64.11 33.47
CA ALA C 231 -49.96 62.70 33.42
C ALA C 231 -50.16 62.14 34.83
N LYS C 232 -49.16 62.32 35.71
CA LYS C 232 -49.24 61.81 37.10
C LYS C 232 -50.17 62.60 38.05
N ALA C 233 -50.34 63.90 37.82
CA ALA C 233 -51.37 64.68 38.54
C ALA C 233 -52.75 64.23 38.08
N LYS C 234 -52.98 64.28 36.76
CA LYS C 234 -54.29 63.93 36.19
C LYS C 234 -54.59 62.40 36.14
N GLU C 235 -53.69 61.55 36.64
CA GLU C 235 -54.03 60.13 36.92
C GLU C 235 -54.86 60.01 38.21
N LEU C 236 -54.40 60.62 39.30
CA LEU C 236 -55.10 60.58 40.59
C LEU C 236 -55.33 61.97 41.25
N ALA C 237 -55.58 62.97 40.42
CA ALA C 237 -56.32 64.17 40.81
C ALA C 237 -57.75 64.15 40.23
N THR C 238 -57.92 63.49 39.08
CA THR C 238 -59.25 63.17 38.57
C THR C 238 -59.98 62.07 39.34
N MET D 1 75.64 -45.89 4.18
CA MET D 1 76.91 -46.67 4.33
C MET D 1 77.42 -47.06 2.97
N LYS D 2 78.68 -46.74 2.71
CA LYS D 2 79.32 -47.17 1.49
C LYS D 2 79.95 -48.52 1.76
N THR D 3 79.80 -49.43 0.80
CA THR D 3 80.36 -50.77 0.89
C THR D 3 81.61 -50.85 0.05
N ILE D 4 82.72 -51.13 0.73
CA ILE D 4 84.05 -51.20 0.13
C ILE D 4 84.12 -51.94 -1.18
N LEU D 5 83.44 -53.07 -1.26
CA LEU D 5 83.46 -53.89 -2.45
C LEU D 5 82.17 -54.61 -2.64
N SER D 6 81.75 -54.75 -3.88
CA SER D 6 80.83 -55.80 -4.26
C SER D 6 81.24 -56.21 -5.66
N ASN D 7 81.07 -57.50 -5.97
CA ASN D 7 81.43 -57.99 -7.27
C ASN D 7 80.66 -59.24 -7.67
N GLN D 8 80.86 -59.67 -8.90
CA GLN D 8 80.24 -60.88 -9.42
C GLN D 8 80.91 -61.36 -10.69
N THR D 9 81.13 -62.68 -10.76
CA THR D 9 81.69 -63.32 -11.94
C THR D 9 80.59 -63.95 -12.77
N VAL D 10 80.62 -63.71 -14.07
CA VAL D 10 79.75 -64.40 -15.00
C VAL D 10 80.60 -65.52 -15.54
N ASP D 11 80.02 -66.71 -15.62
CA ASP D 11 80.74 -67.87 -16.15
C ASP D 11 80.47 -67.94 -17.65
N ILE D 12 81.50 -67.66 -18.44
CA ILE D 12 81.36 -67.58 -19.89
C ILE D 12 81.65 -68.97 -20.48
N PRO D 13 80.77 -69.49 -21.38
CA PRO D 13 81.01 -70.79 -22.01
C PRO D 13 82.10 -70.81 -23.10
N GLU D 14 82.48 -72.02 -23.52
CA GLU D 14 83.63 -72.26 -24.43
C GLU D 14 83.31 -71.84 -25.87
N ASN D 15 82.02 -71.82 -26.18
CA ASN D 15 81.51 -71.40 -27.47
C ASN D 15 81.86 -69.95 -27.78
N VAL D 16 81.56 -69.09 -26.81
CA VAL D 16 81.52 -67.64 -27.01
C VAL D 16 82.88 -67.00 -26.76
N ASP D 17 83.09 -65.83 -27.36
CA ASP D 17 84.27 -65.00 -27.10
C ASP D 17 83.85 -63.53 -26.86
N ILE D 18 83.66 -63.16 -25.60
CA ILE D 18 83.47 -61.74 -25.24
C ILE D 18 84.80 -61.01 -25.27
N THR D 19 84.76 -59.77 -25.68
CA THR D 19 85.94 -58.93 -25.71
C THR D 19 85.52 -57.50 -25.43
N LEU D 20 85.90 -57.00 -24.27
CA LEU D 20 85.39 -55.71 -23.80
C LEU D 20 86.32 -54.57 -24.18
N LYS D 21 85.79 -53.62 -24.95
CA LYS D 21 86.49 -52.39 -25.28
C LYS D 21 86.27 -51.40 -24.13
N GLY D 22 87.17 -51.46 -23.14
CA GLY D 22 87.10 -50.64 -21.95
C GLY D 22 85.95 -51.06 -21.05
N ARG D 23 84.78 -50.46 -21.31
CA ARG D 23 83.52 -50.75 -20.60
C ARG D 23 82.49 -51.41 -21.50
N THR D 24 82.70 -51.31 -22.80
CA THR D 24 81.71 -51.71 -23.79
C THR D 24 81.93 -53.18 -24.06
N VAL D 25 80.97 -54.05 -23.72
CA VAL D 25 81.14 -55.49 -23.99
C VAL D 25 80.57 -55.85 -25.36
N ILE D 26 81.38 -56.59 -26.14
CA ILE D 26 80.93 -57.20 -27.38
C ILE D 26 81.05 -58.71 -27.20
N VAL D 27 80.10 -59.45 -27.75
CA VAL D 27 79.95 -60.89 -27.55
C VAL D 27 79.74 -61.54 -28.90
N LYS D 28 80.59 -62.50 -29.27
CA LYS D 28 80.39 -63.28 -30.51
C LYS D 28 80.48 -64.76 -30.22
N GLY D 29 79.42 -65.47 -30.61
CA GLY D 29 79.34 -66.91 -30.45
C GLY D 29 79.03 -67.52 -31.80
N PRO D 30 78.24 -68.61 -31.82
CA PRO D 30 77.78 -69.17 -33.09
C PRO D 30 76.85 -68.24 -33.84
N ARG D 31 75.79 -67.80 -33.17
CA ARG D 31 74.68 -67.15 -33.83
C ARG D 31 75.02 -65.84 -34.52
N GLY D 32 75.86 -65.02 -33.89
CA GLY D 32 76.10 -63.67 -34.40
C GLY D 32 77.03 -62.93 -33.48
N THR D 33 76.96 -61.59 -33.50
CA THR D 33 77.66 -60.77 -32.50
C THR D 33 76.72 -59.70 -31.93
N LEU D 34 76.79 -59.50 -30.62
CA LEU D 34 76.07 -58.44 -29.92
C LEU D 34 77.02 -57.51 -29.27
N ARG D 35 76.52 -56.32 -28.96
CA ARG D 35 77.30 -55.29 -28.31
C ARG D 35 76.40 -54.60 -27.35
N ARG D 36 76.99 -54.03 -26.31
CA ARG D 36 76.26 -53.14 -25.40
C ARG D 36 77.24 -52.33 -24.57
N ASP D 37 76.82 -51.11 -24.24
CA ASP D 37 77.67 -50.18 -23.50
C ASP D 37 77.13 -50.06 -22.09
N PHE D 38 78.05 -50.10 -21.13
CA PHE D 38 77.76 -49.82 -19.74
C PHE D 38 78.52 -48.54 -19.40
N ASN D 39 78.42 -47.58 -20.34
CA ASN D 39 78.91 -46.21 -20.18
C ASN D 39 77.85 -45.30 -19.56
N HIS D 40 77.52 -45.70 -18.33
CA HIS D 40 76.61 -45.04 -17.41
C HIS D 40 76.91 -45.62 -16.08
N ILE D 41 76.67 -46.92 -16.01
CA ILE D 41 76.61 -47.59 -14.75
C ILE D 41 77.87 -47.43 -13.92
N ASN D 42 79.03 -47.38 -14.56
CA ASN D 42 80.26 -47.02 -13.87
C ASN D 42 80.65 -48.16 -12.92
N VAL D 43 81.38 -49.12 -13.47
CA VAL D 43 81.99 -50.22 -12.72
C VAL D 43 83.28 -50.61 -13.38
N GLU D 44 83.99 -51.57 -12.81
CA GLU D 44 85.21 -52.07 -13.40
C GLU D 44 84.98 -53.47 -13.94
N LEU D 45 84.97 -53.61 -15.28
CA LEU D 45 84.76 -54.90 -15.95
C LEU D 45 86.08 -55.54 -16.33
N SER D 46 86.49 -56.53 -15.57
CA SER D 46 87.71 -57.29 -15.88
C SER D 46 87.34 -58.62 -16.53
N LEU D 47 88.31 -59.17 -17.25
CA LEU D 47 88.13 -60.38 -18.02
C LEU D 47 89.09 -61.43 -17.50
N LEU D 48 89.16 -61.52 -16.16
CA LEU D 48 90.28 -62.15 -15.45
C LEU D 48 90.66 -63.55 -15.91
N GLY D 49 89.65 -64.35 -16.22
CA GLY D 49 89.88 -65.73 -16.57
C GLY D 49 90.71 -65.77 -17.84
N LYS D 50 91.88 -66.41 -17.76
CA LYS D 50 92.68 -66.68 -18.97
C LYS D 50 92.05 -67.88 -19.70
N LYS D 51 92.70 -68.39 -20.75
CA LYS D 51 91.99 -69.00 -21.90
C LYS D 51 90.84 -68.04 -22.33
N LYS D 52 89.65 -68.14 -21.72
CA LYS D 52 88.70 -66.99 -21.53
C LYS D 52 87.43 -67.46 -20.79
N LYS D 53 87.48 -67.37 -19.46
CA LYS D 53 86.57 -68.09 -18.56
C LYS D 53 85.66 -67.24 -17.70
N ARG D 54 86.06 -66.00 -17.41
CA ARG D 54 85.32 -65.13 -16.49
C ARG D 54 85.22 -63.71 -16.97
N LEU D 55 84.01 -63.18 -17.01
CA LEU D 55 83.81 -61.76 -16.86
C LEU D 55 83.62 -61.57 -15.37
N ARG D 56 84.30 -60.58 -14.81
CA ARG D 56 84.10 -60.17 -13.42
C ARG D 56 83.77 -58.70 -13.43
N VAL D 57 82.63 -58.35 -12.86
CA VAL D 57 82.28 -56.95 -12.69
C VAL D 57 82.56 -56.63 -11.23
N ASP D 58 83.25 -55.52 -11.01
CA ASP D 58 83.53 -54.99 -9.66
C ASP D 58 82.43 -53.95 -9.38
N LYS D 59 82.55 -53.21 -8.28
CA LYS D 59 81.80 -51.95 -8.15
C LYS D 59 82.45 -50.92 -7.29
N TRP D 60 82.84 -51.31 -6.09
CA TRP D 60 84.02 -50.73 -5.52
C TRP D 60 83.57 -49.58 -4.53
N TRP D 61 83.85 -48.27 -4.60
CA TRP D 61 83.33 -47.36 -3.46
C TRP D 61 81.84 -47.04 -3.38
N GLY D 62 81.03 -48.09 -3.46
CA GLY D 62 79.63 -47.93 -3.84
C GLY D 62 78.70 -47.99 -2.67
N ASN D 63 77.75 -47.06 -2.65
CA ASN D 63 76.65 -47.14 -1.74
C ASN D 63 75.54 -48.01 -2.36
N ARG D 64 74.59 -48.36 -1.50
CA ARG D 64 73.44 -49.27 -1.76
C ARG D 64 72.84 -49.28 -3.16
N LYS D 65 72.64 -48.12 -3.74
CA LYS D 65 71.84 -48.01 -4.95
C LYS D 65 72.62 -48.32 -6.24
N GLU D 66 73.95 -48.32 -6.15
CA GLU D 66 74.82 -48.65 -7.27
C GLU D 66 75.22 -50.11 -7.08
N LEU D 67 75.29 -50.58 -5.83
CA LEU D 67 75.51 -51.99 -5.54
C LEU D 67 74.46 -52.87 -6.18
N ALA D 68 73.24 -52.35 -6.26
CA ALA D 68 72.17 -52.96 -7.05
C ALA D 68 72.68 -53.39 -8.41
N THR D 69 73.29 -52.43 -9.08
CA THR D 69 73.58 -52.51 -10.50
C THR D 69 74.69 -53.48 -10.89
N VAL D 70 75.54 -53.82 -9.92
CA VAL D 70 76.51 -54.88 -10.12
C VAL D 70 75.81 -56.03 -10.80
N ARG D 71 74.74 -56.50 -10.17
CA ARG D 71 74.03 -57.66 -10.64
C ARG D 71 73.26 -57.45 -11.93
N THR D 72 72.79 -56.23 -12.18
CA THR D 72 72.06 -55.94 -13.42
C THR D 72 72.97 -56.00 -14.66
N ILE D 73 74.19 -55.49 -14.58
CA ILE D 73 75.14 -55.61 -15.71
C ILE D 73 75.41 -57.08 -15.94
N CYS D 74 75.78 -57.75 -14.85
CA CYS D 74 76.01 -59.17 -14.78
C CYS D 74 74.90 -59.94 -15.50
N SER D 75 73.64 -59.56 -15.26
CA SER D 75 72.51 -60.08 -16.05
C SER D 75 72.53 -59.76 -17.57
N HIS D 76 72.53 -58.47 -17.99
CA HIS D 76 72.47 -58.15 -19.46
C HIS D 76 73.63 -58.82 -20.20
N VAL D 77 74.69 -59.19 -19.48
CA VAL D 77 75.73 -60.00 -20.10
C VAL D 77 75.34 -61.48 -20.23
N GLN D 78 74.86 -62.16 -19.18
CA GLN D 78 74.34 -63.55 -19.35
C GLN D 78 73.31 -63.57 -20.46
N ASN D 79 72.39 -62.64 -20.34
CA ASN D 79 71.29 -62.46 -21.26
C ASN D 79 71.75 -62.24 -22.72
N MET D 80 72.92 -61.65 -22.91
CA MET D 80 73.56 -61.62 -24.23
C MET D 80 74.09 -63.00 -24.62
N ILE D 81 74.80 -63.64 -23.71
CA ILE D 81 75.39 -64.94 -23.97
C ILE D 81 74.34 -65.96 -24.42
N LYS D 82 73.23 -66.02 -23.68
CA LYS D 82 72.11 -66.88 -24.07
C LYS D 82 71.56 -66.50 -25.43
N GLY D 83 71.57 -65.21 -25.73
CA GLY D 83 71.14 -64.73 -27.03
C GLY D 83 72.01 -65.07 -28.22
N VAL D 84 73.31 -65.11 -28.02
CA VAL D 84 74.23 -65.34 -29.12
C VAL D 84 74.64 -66.82 -29.24
N THR D 85 74.40 -67.61 -28.18
CA THR D 85 74.50 -69.05 -28.28
C THR D 85 73.18 -69.56 -28.82
N LEU D 86 72.17 -69.52 -27.95
CA LEU D 86 70.91 -70.18 -28.20
C LEU D 86 70.03 -69.32 -29.10
N GLY D 87 69.83 -68.07 -28.69
CA GLY D 87 68.88 -67.18 -29.36
C GLY D 87 67.51 -67.38 -28.75
N PHE D 88 66.72 -66.31 -28.67
CA PHE D 88 65.46 -66.38 -27.95
C PHE D 88 64.31 -66.58 -28.91
N ARG D 89 63.20 -67.02 -28.34
CA ARG D 89 61.96 -67.24 -29.06
C ARG D 89 60.83 -66.92 -28.11
N TYR D 90 60.17 -65.80 -28.34
CA TYR D 90 58.93 -65.52 -27.65
C TYR D 90 57.81 -65.96 -28.57
N LYS D 91 56.94 -66.79 -28.03
CA LYS D 91 55.70 -67.20 -28.67
C LYS D 91 54.57 -66.35 -28.15
N MET D 92 53.63 -66.02 -29.02
CA MET D 92 52.48 -65.23 -28.65
C MET D 92 51.24 -65.70 -29.38
N ARG D 93 50.27 -66.12 -28.57
CA ARG D 93 49.08 -66.80 -29.03
C ARG D 93 47.90 -65.83 -29.07
N SER D 94 47.28 -65.67 -30.25
CA SER D 94 46.10 -64.80 -30.38
C SER D 94 44.87 -65.43 -29.72
N VAL D 95 44.00 -64.57 -29.24
CA VAL D 95 42.95 -64.94 -28.30
C VAL D 95 41.64 -64.27 -28.68
N TYR D 96 40.55 -65.05 -28.66
CA TYR D 96 39.24 -64.47 -28.91
C TYR D 96 37.96 -65.20 -28.55
N ALA D 97 36.90 -64.40 -28.55
CA ALA D 97 35.54 -64.88 -28.69
C ALA D 97 35.27 -65.14 -30.16
N HIS D 98 35.34 -64.09 -30.96
CA HIS D 98 34.61 -64.05 -32.23
C HIS D 98 35.45 -63.73 -33.49
N PHE D 99 35.84 -62.47 -33.71
CA PHE D 99 36.44 -62.08 -35.00
C PHE D 99 37.85 -62.58 -35.04
N PRO D 100 38.15 -63.40 -36.04
CA PRO D 100 39.45 -63.99 -36.06
C PRO D 100 40.56 -63.01 -36.35
N ILE D 101 41.46 -62.86 -35.38
CA ILE D 101 42.63 -62.01 -35.55
C ILE D 101 43.49 -62.70 -36.63
N ASN D 102 43.82 -61.90 -37.64
CA ASN D 102 44.20 -62.39 -38.93
C ASN D 102 45.56 -61.79 -39.26
N VAL D 103 46.60 -62.52 -38.85
CA VAL D 103 47.97 -62.05 -38.91
C VAL D 103 48.64 -62.45 -40.23
N VAL D 104 49.56 -61.61 -40.71
CA VAL D 104 50.31 -61.89 -41.93
C VAL D 104 51.63 -61.10 -41.98
N ILE D 105 52.74 -61.76 -41.67
CA ILE D 105 54.09 -61.15 -41.81
C ILE D 105 54.39 -60.74 -43.26
N GLN D 106 55.16 -59.67 -43.48
CA GLN D 106 55.12 -58.98 -44.78
C GLN D 106 56.39 -58.40 -45.43
N GLU D 107 57.58 -58.64 -44.88
CA GLU D 107 58.82 -58.55 -45.70
C GLU D 107 59.64 -59.78 -45.43
N ASN D 108 60.04 -59.92 -44.18
CA ASN D 108 60.81 -61.05 -43.72
C ASN D 108 60.39 -61.30 -42.29
N GLY D 109 60.76 -60.40 -41.38
CA GLY D 109 60.08 -60.23 -40.12
C GLY D 109 59.32 -58.95 -40.36
N SER D 110 59.73 -57.91 -39.65
CA SER D 110 59.41 -56.52 -40.00
C SER D 110 57.93 -56.11 -39.84
N LEU D 111 57.08 -56.32 -40.86
CA LEU D 111 55.66 -55.92 -40.82
C LEU D 111 54.75 -57.04 -40.37
N VAL D 112 54.13 -56.89 -39.20
CA VAL D 112 53.13 -57.85 -38.70
C VAL D 112 51.74 -57.29 -38.88
N GLU D 113 50.98 -57.88 -39.82
CA GLU D 113 49.75 -57.26 -40.33
C GLU D 113 48.45 -57.90 -39.87
N ILE D 114 47.63 -57.09 -39.20
CA ILE D 114 46.54 -57.58 -38.35
C ILE D 114 45.18 -57.05 -38.82
N ARG D 115 44.46 -57.80 -39.65
CA ARG D 115 43.07 -57.42 -39.94
C ARG D 115 42.20 -57.94 -38.80
N ASN D 116 41.03 -57.33 -38.69
CA ASN D 116 39.83 -57.89 -38.04
C ASN D 116 39.78 -58.03 -36.54
N PHE D 117 40.80 -57.58 -35.81
CA PHE D 117 40.73 -57.65 -34.36
C PHE D 117 39.42 -56.92 -34.03
N LEU D 118 38.50 -57.67 -33.43
CA LEU D 118 37.21 -57.16 -32.91
C LEU D 118 36.34 -56.48 -34.00
N GLY D 119 36.43 -56.97 -35.23
CA GLY D 119 35.68 -56.41 -36.35
C GLY D 119 36.15 -55.04 -36.83
N GLU D 120 37.32 -54.59 -36.37
CA GLU D 120 37.80 -53.24 -36.71
C GLU D 120 38.32 -53.23 -38.13
N LYS D 121 37.90 -52.23 -38.88
CA LYS D 121 38.35 -52.08 -40.27
C LYS D 121 39.84 -51.68 -40.35
N TYR D 122 40.32 -50.86 -39.42
CA TYR D 122 41.72 -50.39 -39.46
C TYR D 122 42.66 -51.57 -39.19
N ILE D 123 43.52 -51.76 -40.19
CA ILE D 123 44.48 -52.83 -40.27
C ILE D 123 45.70 -52.32 -39.50
N ARG D 124 45.88 -52.78 -38.27
CA ARG D 124 47.05 -52.41 -37.47
C ARG D 124 48.30 -52.95 -38.11
N ARG D 125 49.30 -52.08 -38.27
CA ARG D 125 50.64 -52.50 -38.67
C ARG D 125 51.65 -52.23 -37.59
N VAL D 126 52.61 -53.14 -37.51
CA VAL D 126 53.63 -53.07 -36.50
C VAL D 126 54.95 -53.43 -37.12
N ARG D 127 55.94 -52.58 -36.89
CA ARG D 127 57.31 -52.85 -37.25
C ARG D 127 57.94 -53.65 -36.13
N MET D 128 58.88 -54.51 -36.51
CA MET D 128 59.79 -55.11 -35.54
C MET D 128 61.00 -54.21 -35.49
N ARG D 129 61.86 -54.42 -34.50
CA ARG D 129 63.17 -53.80 -34.53
C ARG D 129 64.14 -54.59 -35.40
N PRO D 130 65.29 -53.96 -35.74
CA PRO D 130 66.34 -54.68 -36.45
C PRO D 130 66.84 -55.92 -35.72
N GLY D 131 67.06 -56.99 -36.48
CA GLY D 131 67.49 -58.28 -35.96
C GLY D 131 66.38 -59.17 -35.41
N VAL D 132 65.14 -58.70 -35.45
CA VAL D 132 64.00 -59.46 -34.94
C VAL D 132 63.22 -60.05 -36.10
N ALA D 133 63.35 -61.36 -36.28
CA ALA D 133 62.64 -62.10 -37.31
C ALA D 133 61.34 -62.72 -36.76
N CYS D 134 60.22 -62.03 -37.00
CA CYS D 134 58.89 -62.58 -36.75
C CYS D 134 58.58 -63.63 -37.80
N SER D 135 57.69 -64.56 -37.45
CA SER D 135 57.19 -65.55 -38.40
C SER D 135 55.95 -66.25 -37.85
N VAL D 136 54.98 -66.52 -38.72
CA VAL D 136 53.79 -67.26 -38.32
C VAL D 136 54.16 -68.72 -38.15
N SER D 137 53.72 -69.29 -37.04
CA SER D 137 54.10 -70.64 -36.68
C SER D 137 53.35 -71.67 -37.49
N GLN D 138 53.73 -72.92 -37.23
CA GLN D 138 52.98 -74.09 -37.60
C GLN D 138 52.93 -74.98 -36.36
N ALA D 139 52.34 -76.17 -36.49
CA ALA D 139 52.10 -77.07 -35.35
C ALA D 139 51.25 -76.43 -34.23
N GLN D 140 50.53 -75.36 -34.58
CA GLN D 140 49.66 -74.63 -33.66
C GLN D 140 48.90 -73.57 -34.44
N LYS D 141 47.73 -73.20 -33.93
CA LYS D 141 46.73 -72.51 -34.74
C LYS D 141 46.94 -70.99 -34.84
N ASP D 142 46.78 -70.27 -33.72
CA ASP D 142 46.87 -68.80 -33.68
C ASP D 142 48.03 -68.40 -32.80
N GLU D 143 49.19 -68.22 -33.41
CA GLU D 143 50.46 -68.29 -32.71
C GLU D 143 51.59 -67.73 -33.57
N LEU D 144 52.24 -66.68 -33.07
CA LEU D 144 53.42 -66.09 -33.71
C LEU D 144 54.70 -66.58 -33.05
N ILE D 145 55.82 -66.44 -33.77
CA ILE D 145 57.13 -66.73 -33.22
C ILE D 145 58.09 -65.60 -33.56
N LEU D 146 58.52 -64.90 -32.51
CA LEU D 146 59.48 -63.80 -32.62
C LEU D 146 60.88 -64.29 -32.27
N GLU D 147 61.73 -64.42 -33.27
CA GLU D 147 63.08 -64.92 -33.07
C GLU D 147 64.02 -63.74 -33.13
N GLY D 148 65.00 -63.75 -32.24
CA GLY D 148 66.08 -62.78 -32.32
C GLY D 148 67.17 -63.08 -31.32
N ASN D 149 68.27 -62.38 -31.49
CA ASN D 149 69.41 -62.51 -30.59
C ASN D 149 69.20 -61.68 -29.33
N ASP D 150 68.55 -60.53 -29.46
CA ASP D 150 68.48 -59.57 -28.37
C ASP D 150 67.18 -59.57 -27.66
N ILE D 151 67.23 -59.97 -26.39
CA ILE D 151 66.07 -59.91 -25.52
C ILE D 151 65.36 -58.57 -25.59
N GLU D 152 66.13 -57.49 -25.50
CA GLU D 152 65.59 -56.14 -25.41
C GLU D 152 64.70 -55.92 -26.61
N LEU D 153 65.25 -56.28 -27.77
CA LEU D 153 64.63 -56.01 -29.04
C LEU D 153 63.47 -56.96 -29.27
N VAL D 154 63.62 -58.21 -28.87
CA VAL D 154 62.58 -59.19 -29.09
C VAL D 154 61.36 -58.93 -28.22
N SER D 155 61.54 -58.39 -27.03
CA SER D 155 60.39 -58.20 -26.14
C SER D 155 59.74 -56.82 -26.20
N ASN D 156 60.39 -55.74 -26.70
CA ASN D 156 59.63 -54.51 -27.11
C ASN D 156 58.63 -55.10 -28.13
N SER D 157 59.13 -55.96 -29.05
CA SER D 157 58.44 -56.23 -30.31
C SER D 157 57.26 -57.13 -30.09
N ALA D 158 57.42 -58.06 -29.16
CA ALA D 158 56.28 -58.74 -28.59
C ALA D 158 55.33 -57.67 -28.09
N ALA D 159 55.80 -56.88 -27.13
CA ALA D 159 54.96 -55.89 -26.46
C ALA D 159 54.35 -54.88 -27.42
N LEU D 160 55.03 -54.53 -28.51
CA LEU D 160 54.48 -53.60 -29.49
C LEU D 160 53.20 -54.15 -30.08
N ILE D 161 53.19 -55.43 -30.43
CA ILE D 161 52.00 -56.01 -31.05
C ILE D 161 51.02 -56.46 -29.98
N GLN D 162 51.53 -56.83 -28.82
CA GLN D 162 50.69 -57.12 -27.66
C GLN D 162 49.92 -55.88 -27.17
N GLN D 163 50.50 -54.70 -27.40
CA GLN D 163 49.92 -53.43 -26.97
C GLN D 163 49.19 -52.72 -28.08
N ALA D 164 49.65 -52.90 -29.32
CA ALA D 164 48.87 -52.47 -30.48
C ALA D 164 47.50 -53.13 -30.46
N THR D 165 47.47 -54.36 -29.98
CA THR D 165 46.22 -55.07 -29.82
C THR D 165 45.64 -54.88 -28.40
N THR D 166 45.02 -53.71 -28.19
CA THR D 166 44.29 -53.40 -26.96
C THR D 166 42.89 -52.82 -27.27
N VAL D 167 41.92 -53.26 -26.49
CA VAL D 167 40.53 -52.84 -26.66
C VAL D 167 40.33 -51.55 -25.87
N LYS D 168 39.39 -50.73 -26.32
CA LYS D 168 39.03 -49.49 -25.63
C LYS D 168 37.54 -49.34 -25.41
N ASN D 169 37.19 -48.66 -24.31
CA ASN D 169 35.82 -48.36 -23.89
C ASN D 169 34.96 -49.62 -23.67
N LYS D 170 35.54 -50.59 -22.99
CA LYS D 170 34.90 -51.88 -22.71
C LYS D 170 35.26 -52.42 -21.32
N ASP D 171 34.76 -53.62 -21.01
CA ASP D 171 35.35 -54.41 -19.94
C ASP D 171 36.45 -55.28 -20.45
N ILE D 172 37.70 -54.95 -20.12
CA ILE D 172 38.79 -55.84 -20.51
C ILE D 172 38.91 -57.05 -19.59
N ARG D 173 38.08 -57.12 -18.54
CA ARG D 173 37.74 -58.39 -17.90
C ARG D 173 37.02 -59.31 -18.87
N LYS D 174 36.05 -58.76 -19.58
CA LYS D 174 35.23 -59.53 -20.49
C LYS D 174 35.91 -59.66 -21.84
N PHE D 175 36.20 -58.53 -22.47
CA PHE D 175 36.79 -58.51 -23.80
C PHE D 175 38.27 -58.89 -23.70
N LEU D 176 38.49 -60.20 -23.65
CA LEU D 176 39.80 -60.77 -23.50
C LEU D 176 40.33 -61.15 -24.86
N ASP D 177 40.38 -60.19 -25.77
CA ASP D 177 40.87 -60.50 -27.11
C ASP D 177 42.12 -59.68 -27.37
N GLY D 178 42.88 -60.14 -28.36
CA GLY D 178 44.15 -59.55 -28.71
C GLY D 178 45.21 -60.63 -28.85
N ILE D 179 46.45 -60.18 -29.02
CA ILE D 179 47.60 -61.07 -29.15
C ILE D 179 48.46 -60.85 -27.94
N TYR D 180 48.91 -61.93 -27.32
CA TYR D 180 49.75 -61.81 -26.13
C TYR D 180 50.70 -62.97 -25.94
N VAL D 181 51.77 -62.68 -25.21
CA VAL D 181 52.90 -63.56 -25.02
C VAL D 181 52.54 -64.74 -24.15
N SER D 182 52.78 -65.96 -24.67
CA SER D 182 52.49 -67.23 -23.96
C SER D 182 53.70 -67.95 -23.42
N GLU D 183 54.87 -67.74 -24.03
CA GLU D 183 56.02 -68.55 -23.73
C GLU D 183 57.31 -67.88 -24.18
N LYS D 184 58.11 -67.44 -23.19
CA LYS D 184 59.45 -66.92 -23.44
C LYS D 184 60.39 -68.11 -23.35
N GLY D 185 61.12 -68.37 -24.42
CA GLY D 185 62.07 -69.49 -24.45
C GLY D 185 63.24 -69.21 -25.35
N THR D 186 63.78 -70.26 -25.94
CA THR D 186 64.94 -70.14 -26.82
C THR D 186 64.71 -70.94 -28.10
N VAL D 187 65.54 -70.65 -29.09
CA VAL D 187 65.49 -71.35 -30.38
C VAL D 187 66.05 -72.76 -30.21
N GLN D 188 67.29 -72.81 -29.75
CA GLN D 188 67.97 -74.04 -29.39
C GLN D 188 67.95 -74.11 -27.86
N GLN D 189 67.73 -75.30 -27.30
CA GLN D 189 67.58 -75.45 -25.84
C GLN D 189 68.80 -76.07 -25.13
N ALA D 190 69.39 -77.12 -25.73
CA ALA D 190 70.58 -77.80 -25.21
C ALA D 190 70.34 -78.54 -23.90
N GLU E 1 32.47 -54.06 95.95
CA GLU E 1 32.71 -52.86 96.82
C GLU E 1 33.15 -51.63 95.96
N ASN E 2 32.21 -50.70 95.76
CA ASN E 2 32.45 -49.43 95.05
C ASN E 2 32.36 -48.23 96.01
N PRO E 3 33.28 -47.26 95.90
CA PRO E 3 33.36 -46.18 96.90
C PRO E 3 32.15 -45.22 96.92
N MET E 4 32.07 -44.36 95.90
CA MET E 4 30.92 -43.49 95.65
C MET E 4 30.75 -43.31 94.15
N ARG E 5 30.36 -44.44 93.57
CA ARG E 5 29.71 -44.51 92.28
C ARG E 5 28.23 -44.86 92.53
N GLU E 6 27.63 -44.13 93.48
CA GLU E 6 26.22 -44.31 93.84
C GLU E 6 25.44 -43.74 92.69
N LEU E 7 25.19 -44.59 91.72
CA LEU E 7 24.26 -44.26 90.67
C LEU E 7 23.00 -43.72 91.32
N ARG E 8 22.69 -42.45 91.04
CA ARG E 8 21.60 -41.75 91.71
C ARG E 8 21.00 -40.66 90.84
N ILE E 9 19.76 -40.32 91.13
CA ILE E 9 18.99 -39.44 90.28
C ILE E 9 19.41 -37.98 90.44
N ARG E 10 19.97 -37.41 89.38
CA ARG E 10 20.30 -35.98 89.35
C ARG E 10 19.06 -35.16 89.19
N LYS E 11 18.18 -35.60 88.30
CA LYS E 11 16.96 -34.88 88.06
C LYS E 11 15.87 -35.64 87.39
N LEU E 12 14.67 -35.11 87.55
CA LEU E 12 13.45 -35.62 86.97
C LEU E 12 12.84 -34.46 86.19
N CYS E 13 12.56 -34.66 84.92
CA CYS E 13 12.06 -33.61 84.05
C CYS E 13 10.61 -33.91 83.72
N LEU E 14 9.73 -32.94 83.92
CA LEU E 14 8.31 -33.09 83.60
C LEU E 14 8.00 -32.11 82.51
N ASN E 15 7.62 -32.58 81.32
CA ASN E 15 7.14 -31.67 80.27
C ASN E 15 5.70 -32.04 79.90
N ILE E 16 4.91 -31.01 79.61
CA ILE E 16 3.51 -31.14 79.22
C ILE E 16 3.24 -30.33 77.95
N CYS E 17 3.48 -30.94 76.81
CA CYS E 17 3.30 -30.22 75.55
C CYS E 17 1.87 -30.21 75.12
N VAL E 18 1.47 -29.09 74.56
CA VAL E 18 0.08 -28.88 74.19
C VAL E 18 0.03 -27.69 73.23
N GLY E 19 0.20 -27.99 71.94
CA GLY E 19 0.45 -26.96 70.92
C GLY E 19 -0.70 -25.99 70.73
N GLU E 20 -0.90 -25.11 71.73
CA GLU E 20 -2.13 -24.29 71.84
C GLU E 20 -1.94 -22.86 72.31
N SER E 21 -1.34 -22.68 73.48
CA SER E 21 -1.20 -21.36 74.13
C SER E 21 -2.48 -20.86 74.78
N GLY E 22 -2.33 -19.99 75.78
CA GLY E 22 -3.45 -19.49 76.58
C GLY E 22 -3.97 -20.56 77.53
N ASP E 23 -5.30 -20.73 77.59
CA ASP E 23 -5.89 -21.89 78.30
C ASP E 23 -5.72 -23.14 77.49
N ARG E 24 -5.91 -24.27 78.17
CA ARG E 24 -5.43 -25.57 77.74
C ARG E 24 -3.89 -25.71 77.95
N LEU E 25 -3.17 -24.58 78.07
CA LEU E 25 -1.78 -24.55 78.55
C LEU E 25 -1.70 -24.05 80.00
N THR E 26 -2.29 -22.88 80.26
CA THR E 26 -2.24 -22.25 81.58
C THR E 26 -2.74 -23.13 82.70
N ARG E 27 -3.66 -24.02 82.35
CA ARG E 27 -4.22 -24.97 83.29
C ARG E 27 -3.22 -26.10 83.53
N ALA E 28 -2.59 -26.58 82.45
CA ALA E 28 -1.50 -27.59 82.53
C ALA E 28 -0.37 -27.20 83.46
N ALA E 29 -0.09 -25.92 83.56
CA ALA E 29 0.89 -25.42 84.52
C ALA E 29 0.49 -25.72 85.96
N LYS E 30 -0.81 -25.66 86.27
CA LYS E 30 -1.29 -25.97 87.63
C LYS E 30 -1.14 -27.43 88.00
N VAL E 31 -1.11 -28.32 87.01
CA VAL E 31 -0.88 -29.74 87.23
C VAL E 31 0.53 -30.00 87.75
N LEU E 32 1.53 -29.42 87.09
CA LEU E 32 2.93 -29.53 87.52
C LEU E 32 3.13 -28.82 88.86
N GLU E 33 2.54 -27.63 89.00
CA GLU E 33 2.53 -26.91 90.27
C GLU E 33 2.03 -27.82 91.38
N GLN E 34 0.86 -28.42 91.15
CA GLN E 34 0.22 -29.28 92.12
C GLN E 34 1.07 -30.52 92.43
N LEU E 35 1.53 -31.18 91.37
CA LEU E 35 2.26 -32.44 91.50
C LEU E 35 3.62 -32.25 92.16
N THR E 36 4.35 -31.22 91.75
CA THR E 36 5.71 -30.97 92.20
C THR E 36 5.77 -30.12 93.45
N GLY E 37 5.16 -28.96 93.35
CA GLY E 37 5.32 -27.89 94.34
C GLY E 37 6.47 -27.00 93.94
N GLN E 38 6.40 -26.45 92.72
CA GLN E 38 7.32 -25.41 92.23
C GLN E 38 6.83 -24.84 90.90
N THR E 39 6.84 -23.51 90.76
CA THR E 39 6.21 -22.84 89.60
C THR E 39 6.91 -23.18 88.28
N PRO E 40 6.20 -23.90 87.39
CA PRO E 40 6.86 -24.43 86.22
C PRO E 40 7.11 -23.36 85.18
N VAL E 41 8.15 -23.61 84.39
CA VAL E 41 8.56 -22.70 83.35
C VAL E 41 7.76 -23.01 82.11
N PHE E 42 7.16 -21.96 81.55
CA PHE E 42 6.60 -22.02 80.22
C PHE E 42 7.69 -22.09 79.16
N SER E 43 7.66 -23.14 78.33
CA SER E 43 8.45 -23.20 77.10
C SER E 43 7.73 -22.36 76.02
N LYS E 44 8.35 -22.21 74.85
CA LYS E 44 7.74 -21.53 73.69
C LYS E 44 8.27 -22.09 72.38
N ALA E 45 7.65 -21.69 71.27
CA ALA E 45 7.95 -22.25 69.95
C ALA E 45 9.31 -21.81 69.43
N ARG E 46 10.08 -22.79 68.99
CA ARG E 46 11.38 -22.58 68.39
C ARG E 46 11.09 -21.80 67.12
N TYR E 47 10.19 -22.34 66.31
CA TYR E 47 9.65 -21.61 65.15
C TYR E 47 8.31 -22.16 64.62
N THR E 48 7.64 -21.34 63.79
CA THR E 48 6.27 -21.59 63.29
C THR E 48 6.14 -22.88 62.51
N VAL E 49 5.01 -23.55 62.72
CA VAL E 49 4.67 -24.77 61.98
C VAL E 49 3.17 -24.76 61.67
N ARG E 50 2.86 -25.15 60.44
CA ARG E 50 1.59 -24.83 59.79
C ARG E 50 0.48 -25.85 60.02
N SER E 51 0.80 -27.13 59.79
CA SER E 51 -0.14 -28.26 60.07
C SER E 51 -0.55 -28.37 61.56
N PHE E 52 0.14 -27.62 62.42
CA PHE E 52 0.13 -27.78 63.88
C PHE E 52 -0.66 -26.70 64.59
N GLY E 53 -0.72 -25.52 63.99
CA GLY E 53 -1.32 -24.37 64.63
C GLY E 53 -0.44 -23.76 65.70
N ILE E 54 0.86 -23.66 65.41
CA ILE E 54 1.84 -23.02 66.30
C ILE E 54 2.73 -22.08 65.52
N ARG E 55 3.24 -21.09 66.23
CA ARG E 55 3.85 -19.91 65.62
C ARG E 55 5.11 -19.57 66.39
N ARG E 56 6.13 -19.07 65.72
CA ARG E 56 7.39 -18.73 66.39
C ARG E 56 7.13 -17.81 67.56
N ASN E 57 7.72 -18.16 68.70
CA ASN E 57 7.61 -17.42 69.95
C ASN E 57 6.23 -17.42 70.63
N GLU E 58 5.38 -18.35 70.20
CA GLU E 58 4.10 -18.66 70.85
C GLU E 58 4.38 -19.70 71.92
N LYS E 59 3.63 -19.65 73.03
CA LYS E 59 3.81 -20.62 74.12
C LYS E 59 3.12 -21.93 73.76
N ILE E 60 3.72 -23.03 74.17
CA ILE E 60 3.23 -24.34 73.77
C ILE E 60 3.17 -25.24 74.99
N ALA E 61 4.33 -25.55 75.57
CA ALA E 61 4.43 -26.52 76.65
C ALA E 61 4.67 -25.80 77.93
N VAL E 62 4.66 -26.57 79.00
CA VAL E 62 5.04 -26.09 80.30
C VAL E 62 5.76 -27.22 81.00
N HIS E 63 6.85 -26.88 81.67
CA HIS E 63 7.79 -27.91 82.05
C HIS E 63 8.50 -27.60 83.37
N CYS E 64 8.95 -28.66 84.03
CA CYS E 64 9.63 -28.56 85.31
C CYS E 64 10.80 -29.51 85.43
N THR E 65 11.66 -29.20 86.39
CA THR E 65 12.74 -30.08 86.78
C THR E 65 12.69 -30.22 88.30
N VAL E 66 12.59 -31.47 88.75
CA VAL E 66 12.40 -31.83 90.16
C VAL E 66 13.57 -32.72 90.56
N ARG E 67 14.05 -32.56 91.79
CA ARG E 67 15.39 -32.99 92.16
C ARG E 67 15.47 -33.18 93.67
N GLY E 68 16.53 -33.84 94.12
CA GLY E 68 16.62 -34.28 95.51
C GLY E 68 15.60 -35.37 95.78
N ALA E 69 15.14 -35.48 97.04
CA ALA E 69 14.20 -36.54 97.40
C ALA E 69 12.89 -36.44 96.65
N LYS E 70 12.42 -35.20 96.42
CA LYS E 70 11.12 -35.00 95.77
C LYS E 70 11.10 -35.47 94.32
N ALA E 71 12.27 -35.71 93.74
CA ALA E 71 12.37 -36.47 92.51
C ALA E 71 12.02 -37.93 92.75
N GLU E 72 12.67 -38.53 93.74
CA GLU E 72 12.41 -39.93 94.12
C GLU E 72 10.92 -40.13 94.41
N GLU E 73 10.33 -39.17 95.11
CA GLU E 73 8.92 -39.23 95.50
C GLU E 73 7.92 -38.92 94.37
N ILE E 74 8.39 -38.57 93.18
CA ILE E 74 7.53 -38.44 91.99
C ILE E 74 7.91 -39.42 90.87
N LEU E 75 9.12 -39.99 90.92
CA LEU E 75 9.44 -41.16 90.09
C LEU E 75 8.64 -42.31 90.68
N GLU E 76 8.81 -42.51 91.99
CA GLU E 76 7.92 -43.39 92.74
C GLU E 76 6.61 -42.66 92.96
N LYS E 77 5.50 -43.27 92.55
CA LYS E 77 4.21 -42.59 92.30
C LYS E 77 4.15 -42.06 90.85
N GLY E 78 5.13 -42.44 90.04
CA GLY E 78 5.13 -42.19 88.62
C GLY E 78 5.00 -43.57 88.03
N LEU E 79 6.10 -44.32 88.05
CA LEU E 79 6.04 -45.75 87.73
C LEU E 79 5.50 -46.47 88.96
N LYS E 80 4.47 -47.26 88.71
CA LYS E 80 3.36 -47.52 89.64
C LYS E 80 2.17 -47.56 88.69
N VAL E 81 1.98 -46.45 87.97
CA VAL E 81 1.04 -46.39 86.87
C VAL E 81 1.51 -47.31 85.76
N ARG E 82 2.83 -47.35 85.55
CA ARG E 82 3.49 -48.27 84.61
C ARG E 82 3.96 -49.51 85.39
N GLU E 83 3.17 -49.89 86.41
CA GLU E 83 3.48 -50.90 87.42
C GLU E 83 4.90 -51.47 87.50
N TYR E 84 5.89 -50.59 87.67
CA TYR E 84 7.28 -51.00 87.80
C TYR E 84 7.69 -51.91 86.63
N GLU E 85 7.46 -51.41 85.42
CA GLU E 85 7.90 -52.10 84.20
C GLU E 85 8.02 -51.13 83.05
N LEU E 86 9.13 -51.25 82.31
CA LEU E 86 9.44 -50.38 81.20
C LEU E 86 9.91 -51.25 80.05
N ARG E 87 10.50 -50.64 79.05
CA ARG E 87 10.93 -51.35 77.87
C ARG E 87 12.44 -51.21 77.65
N LYS E 88 12.98 -51.99 76.74
CA LYS E 88 14.44 -52.09 76.58
C LYS E 88 15.02 -50.79 76.00
N ASN E 89 14.39 -50.30 74.93
CA ASN E 89 14.79 -49.03 74.24
C ASN E 89 14.39 -47.71 74.91
N ASN E 90 14.08 -47.68 76.21
CA ASN E 90 14.07 -46.40 76.93
C ASN E 90 15.37 -46.21 77.72
N PHE E 91 16.02 -47.31 78.14
CA PHE E 91 17.38 -47.25 78.74
C PHE E 91 18.34 -46.82 77.59
N SER E 92 18.68 -45.54 77.64
CA SER E 92 19.26 -44.78 76.52
C SER E 92 20.78 -44.89 76.46
N ASP E 93 21.34 -44.40 75.36
CA ASP E 93 22.77 -44.56 75.10
C ASP E 93 23.70 -43.82 76.06
N THR E 94 23.17 -42.86 76.82
CA THR E 94 23.98 -42.11 77.79
C THR E 94 23.61 -42.42 79.24
N GLY E 95 22.92 -43.54 79.48
CA GLY E 95 22.44 -43.88 80.81
C GLY E 95 21.43 -42.90 81.39
N ASN E 96 20.44 -42.55 80.59
CA ASN E 96 19.21 -41.96 81.09
C ASN E 96 18.10 -42.85 80.63
N PHE E 97 16.91 -42.60 81.14
CA PHE E 97 15.76 -43.42 80.81
C PHE E 97 14.52 -42.54 80.73
N GLY E 98 13.47 -43.07 80.12
CA GLY E 98 12.23 -42.33 79.95
C GLY E 98 10.98 -43.17 79.82
N PHE E 99 9.95 -42.79 80.56
CA PHE E 99 8.73 -43.56 80.68
C PHE E 99 7.66 -42.41 80.62
N GLY E 100 6.73 -42.47 79.68
CA GLY E 100 5.63 -41.48 79.60
C GLY E 100 4.35 -42.00 80.19
N ILE E 101 3.53 -41.11 80.78
CA ILE E 101 2.16 -41.49 81.20
C ILE E 101 1.10 -40.80 80.35
N GLN E 102 -0.10 -41.35 80.43
CA GLN E 102 -1.22 -40.97 79.59
C GLN E 102 -2.18 -39.98 80.25
N GLU E 103 -2.29 -40.02 81.57
CA GLU E 103 -3.31 -39.24 82.28
C GLU E 103 -2.86 -38.83 83.69
N HIS E 104 -2.82 -37.52 83.90
CA HIS E 104 -2.26 -36.90 85.11
C HIS E 104 -2.98 -37.31 86.45
N ILE E 105 -4.25 -37.74 86.36
CA ILE E 105 -5.04 -38.13 87.57
C ILE E 105 -4.53 -39.36 88.28
N ASP E 106 -3.96 -40.28 87.51
CA ASP E 106 -3.50 -41.57 88.02
C ASP E 106 -2.36 -41.45 89.06
N LEU E 107 -1.79 -40.25 89.21
CA LEU E 107 -0.71 -39.98 90.16
C LEU E 107 -1.21 -39.35 91.47
N GLY E 108 -2.34 -39.83 91.99
CA GLY E 108 -2.94 -39.23 93.20
C GLY E 108 -3.31 -37.77 93.01
N ILE E 109 -4.12 -37.51 91.97
CA ILE E 109 -4.53 -36.16 91.59
C ILE E 109 -6.05 -36.09 91.35
N LYS E 110 -6.66 -34.97 91.75
CA LYS E 110 -8.09 -34.71 91.61
C LYS E 110 -8.43 -34.10 90.27
N TYR E 111 -9.41 -34.68 89.56
CA TYR E 111 -9.84 -34.10 88.28
C TYR E 111 -10.92 -33.07 88.60
N ASP E 112 -10.80 -31.94 87.93
CA ASP E 112 -11.84 -30.94 87.87
C ASP E 112 -12.41 -31.18 86.44
N PRO E 113 -13.74 -31.09 86.25
CA PRO E 113 -14.29 -31.16 84.86
C PRO E 113 -13.77 -30.07 83.89
N SER E 114 -13.32 -28.93 84.43
CA SER E 114 -12.58 -27.91 83.68
C SER E 114 -11.17 -28.42 83.32
N ILE E 115 -10.32 -28.56 84.34
CA ILE E 115 -8.93 -29.03 84.19
C ILE E 115 -8.94 -30.51 83.82
N GLY E 116 -8.87 -30.78 82.51
CA GLY E 116 -9.06 -32.14 81.98
C GLY E 116 -8.02 -33.18 82.38
N ILE E 117 -7.31 -33.70 81.37
CA ILE E 117 -6.41 -34.83 81.54
C ILE E 117 -5.27 -34.66 80.53
N TYR E 118 -4.17 -34.02 80.94
CA TYR E 118 -3.02 -33.90 80.04
C TYR E 118 -2.03 -34.74 80.80
N GLY E 119 -1.64 -35.87 80.21
CA GLY E 119 -0.56 -36.67 80.74
C GLY E 119 0.72 -35.86 80.77
N LEU E 120 1.85 -36.54 80.83
CA LEU E 120 3.09 -35.83 80.83
C LEU E 120 4.21 -36.76 80.48
N ASP E 121 5.34 -36.15 80.14
CA ASP E 121 6.54 -36.88 79.86
C ASP E 121 7.32 -36.85 81.17
N PHE E 122 7.63 -38.02 81.68
CA PHE E 122 8.63 -38.15 82.71
C PHE E 122 9.90 -38.69 82.07
N TYR E 123 11.02 -38.10 82.46
CA TYR E 123 12.34 -38.52 82.06
C TYR E 123 13.20 -38.24 83.23
N VAL E 124 14.29 -38.97 83.34
CA VAL E 124 15.17 -38.81 84.47
C VAL E 124 16.62 -38.95 84.07
N VAL E 125 17.42 -38.01 84.58
CA VAL E 125 18.82 -37.98 84.35
C VAL E 125 19.51 -38.67 85.51
N LEU E 126 19.97 -39.89 85.26
CA LEU E 126 20.80 -40.56 86.22
C LEU E 126 22.15 -39.88 86.21
N GLY E 127 22.73 -39.73 87.39
CA GLY E 127 24.07 -39.19 87.56
C GLY E 127 24.91 -40.07 88.47
N ARG E 128 25.69 -39.42 89.32
CA ARG E 128 26.75 -40.04 90.10
C ARG E 128 27.50 -38.89 90.74
N PRO E 129 28.13 -39.11 91.89
CA PRO E 129 28.97 -38.07 92.43
C PRO E 129 30.08 -37.66 91.46
N GLY E 130 30.21 -36.35 91.25
CA GLY E 130 31.19 -35.78 90.33
C GLY E 130 30.73 -35.73 88.89
N PHE E 131 29.43 -35.55 88.68
CA PHE E 131 28.89 -35.28 87.35
C PHE E 131 28.70 -33.80 87.13
N SER E 132 28.75 -33.01 88.19
CA SER E 132 28.69 -31.55 88.09
C SER E 132 30.00 -30.91 87.61
N ILE E 133 31.07 -31.71 87.55
CA ILE E 133 32.33 -31.30 86.92
C ILE E 133 32.13 -30.59 85.59
N ALA E 134 31.22 -31.09 84.76
CA ALA E 134 30.92 -30.46 83.48
C ALA E 134 30.19 -29.12 83.66
N ASP E 135 29.16 -29.12 84.47
CA ASP E 135 28.19 -28.01 84.50
C ASP E 135 28.75 -26.78 85.21
N LYS E 136 29.74 -26.94 86.07
CA LYS E 136 30.33 -25.81 86.79
C LYS E 136 31.03 -24.81 85.86
N LYS E 137 31.56 -23.72 86.44
CA LYS E 137 32.11 -22.60 85.68
C LYS E 137 33.64 -22.59 85.66
N ARG E 138 34.25 -22.62 86.84
CA ARG E 138 35.71 -22.70 86.99
C ARG E 138 36.14 -24.15 86.75
N ARG E 139 37.32 -24.35 86.15
CA ARG E 139 37.93 -25.67 86.04
C ARG E 139 36.86 -26.67 85.62
N THR E 140 36.24 -26.41 84.47
CA THR E 140 35.25 -27.33 83.96
C THR E 140 35.99 -28.52 83.41
N GLY E 141 35.26 -29.52 83.00
CA GLY E 141 35.87 -30.67 82.36
C GLY E 141 34.87 -31.67 81.85
N CYS E 142 35.37 -32.85 81.54
CA CYS E 142 34.56 -33.94 81.02
C CYS E 142 34.58 -35.09 82.02
N ILE E 143 33.60 -35.98 81.88
CA ILE E 143 33.37 -37.01 82.86
C ILE E 143 33.96 -38.32 82.35
N GLY E 144 35.27 -38.49 82.58
CA GLY E 144 36.01 -39.73 82.34
C GLY E 144 35.71 -40.54 81.09
N ALA E 145 35.91 -41.86 81.21
CA ALA E 145 35.49 -42.84 80.21
C ALA E 145 34.48 -43.74 80.91
N LYS E 146 34.93 -44.39 81.97
CA LYS E 146 34.04 -44.87 83.03
C LYS E 146 33.69 -43.64 83.87
N HIS E 147 32.72 -43.79 84.76
CA HIS E 147 31.99 -42.69 85.44
C HIS E 147 30.83 -42.23 84.58
N ARG E 148 30.77 -42.74 83.35
CA ARG E 148 29.67 -42.50 82.46
C ARG E 148 28.75 -43.69 82.57
N ILE E 149 27.48 -43.39 82.75
CA ILE E 149 26.50 -44.39 82.99
C ILE E 149 26.13 -44.95 81.62
N SER E 150 26.51 -46.20 81.38
CA SER E 150 26.13 -46.88 80.15
C SER E 150 24.67 -47.30 80.24
N LYS E 151 24.09 -47.56 79.08
CA LYS E 151 22.73 -48.12 78.95
C LYS E 151 22.47 -49.26 79.94
N GLU E 152 23.39 -50.20 79.99
CA GLU E 152 23.23 -51.46 80.73
C GLU E 152 23.46 -51.33 82.23
N GLU E 153 24.13 -50.27 82.64
CA GLU E 153 24.30 -49.95 84.05
C GLU E 153 23.04 -49.22 84.52
N ALA E 154 22.50 -48.37 83.64
CA ALA E 154 21.20 -47.70 83.86
C ALA E 154 20.01 -48.66 83.85
N MET E 155 20.18 -49.80 83.18
CA MET E 155 19.18 -50.86 83.18
C MET E 155 19.10 -51.50 84.55
N ARG E 156 20.16 -52.20 84.96
CA ARG E 156 20.15 -52.86 86.26
C ARG E 156 20.30 -51.85 87.42
N TRP E 157 20.38 -50.54 87.12
CA TRP E 157 19.92 -49.52 88.08
C TRP E 157 18.46 -49.82 88.29
N PHE E 158 17.66 -49.50 87.27
CA PHE E 158 16.20 -49.47 87.42
C PHE E 158 15.71 -50.88 87.90
N GLN E 159 16.47 -51.94 87.61
CA GLN E 159 16.10 -53.31 88.02
C GLN E 159 16.47 -53.74 89.47
N GLN E 160 17.01 -52.82 90.28
CA GLN E 160 17.49 -53.14 91.64
C GLN E 160 17.26 -51.92 92.52
N LYS E 161 15.98 -51.60 92.70
CA LYS E 161 15.48 -50.45 93.49
C LYS E 161 13.99 -50.26 93.23
N HIS E 162 13.61 -50.19 91.96
CA HIS E 162 12.21 -50.23 91.53
C HIS E 162 11.84 -51.61 90.92
N ASP E 163 12.85 -52.47 90.77
CA ASP E 163 12.71 -53.95 90.60
C ASP E 163 11.77 -54.35 89.46
N GLY E 164 11.77 -53.54 88.41
CA GLY E 164 10.87 -53.73 87.30
C GLY E 164 11.40 -54.78 86.37
N ILE E 165 10.50 -55.28 85.53
CA ILE E 165 10.85 -56.39 84.64
C ILE E 165 11.73 -55.92 83.46
N ILE E 166 11.42 -54.74 82.91
CA ILE E 166 12.06 -54.24 81.70
C ILE E 166 11.88 -55.26 80.56
N LEU E 167 10.67 -55.31 80.02
CA LEU E 167 10.30 -56.34 79.03
C LEU E 167 10.92 -56.07 77.65
N PRO E 168 11.54 -57.10 77.04
CA PRO E 168 12.21 -56.89 75.75
C PRO E 168 11.21 -56.86 74.58
N GLY E 169 11.74 -56.83 73.35
CA GLY E 169 10.93 -56.76 72.14
C GLY E 169 10.60 -55.30 71.86
N ASN E 170 11.41 -54.68 70.99
CA ASN E 170 11.46 -53.21 70.81
C ASN E 170 11.16 -52.47 72.12
N ALA F 1 43.28 32.25 30.41
CA ALA F 1 43.77 30.96 30.99
C ALA F 1 44.94 31.16 31.92
N PRO F 2 44.70 31.14 33.24
CA PRO F 2 45.81 31.44 34.09
C PRO F 2 46.75 30.25 34.16
N SER F 3 48.00 30.55 34.54
CA SER F 3 49.02 29.55 34.76
C SER F 3 49.82 29.93 35.99
N ARG F 4 49.67 29.13 37.04
CA ARG F 4 50.62 29.10 38.14
C ARG F 4 51.13 30.45 38.74
N ASN F 5 50.25 31.10 39.50
CA ASN F 5 50.56 32.22 40.40
C ASN F 5 50.75 33.52 39.69
N GLY F 6 49.72 34.33 39.84
CA GLY F 6 49.69 35.70 39.37
C GLY F 6 48.65 36.29 40.28
N MET F 7 48.03 37.34 39.81
CA MET F 7 46.88 37.90 40.46
C MET F 7 45.74 37.53 39.57
N ILE F 8 44.57 37.98 39.94
CA ILE F 8 43.41 37.72 39.13
C ILE F 8 43.36 38.66 37.95
N LEU F 9 43.40 39.96 38.22
CA LEU F 9 43.29 40.99 37.17
C LEU F 9 41.90 41.03 36.58
N LYS F 10 41.19 42.12 36.85
CA LYS F 10 40.02 42.50 36.09
C LYS F 10 40.43 43.75 35.36
N PRO F 11 41.27 43.61 34.33
CA PRO F 11 41.59 44.80 33.58
C PRO F 11 40.33 45.16 32.83
N HIS F 12 40.01 46.45 32.79
CA HIS F 12 38.75 46.88 32.20
C HIS F 12 39.03 47.47 30.84
N PHE F 13 39.17 46.56 29.90
CA PHE F 13 39.28 46.89 28.53
C PHE F 13 38.34 46.02 27.68
N HIS F 14 37.16 45.71 28.21
CA HIS F 14 36.16 44.92 27.46
C HIS F 14 35.21 45.84 26.71
N LYS F 15 35.33 47.14 26.97
CA LYS F 15 34.40 48.14 26.49
C LYS F 15 34.88 48.63 25.12
N ASP F 16 35.45 49.83 25.03
CA ASP F 16 36.20 50.24 23.85
C ASP F 16 37.15 51.40 24.20
N TRP F 17 38.16 51.11 25.02
CA TRP F 17 39.22 52.09 25.29
C TRP F 17 39.67 52.73 23.93
N GLN F 18 39.84 51.90 22.88
CA GLN F 18 40.49 52.30 21.61
C GLN F 18 40.04 53.59 20.97
N ARG F 19 38.74 53.72 20.82
CA ARG F 19 38.17 54.93 20.27
C ARG F 19 38.54 56.13 21.15
N ARG F 20 38.22 56.06 22.44
CA ARG F 20 38.33 57.22 23.34
C ARG F 20 39.59 57.16 24.17
N VAL F 21 40.72 57.31 23.49
CA VAL F 21 42.01 57.45 24.15
C VAL F 21 42.41 58.89 23.98
N ALA F 22 42.73 59.56 25.07
CA ALA F 22 43.37 60.87 24.96
C ALA F 22 44.86 60.69 25.21
N THR F 23 45.66 61.00 24.19
CA THR F 23 47.09 61.16 24.35
C THR F 23 47.34 62.60 24.64
N TRP F 24 48.52 62.88 25.17
CA TRP F 24 48.79 64.16 25.78
C TRP F 24 49.90 64.96 25.11
N PHE F 25 50.03 64.90 23.79
CA PHE F 25 51.08 65.68 23.10
C PHE F 25 50.66 67.16 22.97
N ASN F 26 49.59 67.54 23.66
CA ASN F 26 49.33 68.91 24.02
C ASN F 26 50.18 69.33 25.20
N GLN F 27 50.24 68.49 26.23
CA GLN F 27 50.86 68.78 27.52
C GLN F 27 51.82 70.00 27.50
N PRO F 28 52.91 69.94 26.72
CA PRO F 28 53.87 71.05 26.73
C PRO F 28 53.44 72.33 26.03
N ALA F 29 52.70 72.21 24.94
CA ALA F 29 52.14 73.39 24.25
C ALA F 29 51.05 74.02 25.10
N ARG F 30 50.39 73.19 25.89
CA ARG F 30 49.43 73.63 26.85
C ARG F 30 50.08 74.39 27.99
N LYS F 31 51.13 73.79 28.54
CA LYS F 31 52.00 74.46 29.51
C LYS F 31 52.22 75.92 29.10
N ILE F 32 52.49 76.12 27.81
CA ILE F 32 52.80 77.42 27.27
C ILE F 32 51.57 78.25 27.04
N ARG F 33 50.52 77.69 26.47
CA ARG F 33 49.19 78.35 26.39
C ARG F 33 48.79 78.99 27.71
N ARG F 34 48.96 78.19 28.76
CA ARG F 34 48.80 78.64 30.11
C ARG F 34 49.80 79.79 30.39
N ARG F 35 51.11 79.56 30.27
CA ARG F 35 52.14 80.60 30.54
C ARG F 35 51.67 81.97 30.10
N LYS F 36 51.26 82.04 28.84
CA LYS F 36 50.84 83.29 28.23
C LYS F 36 49.61 83.94 28.89
N ALA F 37 48.72 83.16 29.48
CA ALA F 37 47.68 83.76 30.34
C ALA F 37 48.27 84.35 31.64
N ARG F 38 48.75 83.52 32.58
CA ARG F 38 49.50 84.01 33.77
C ARG F 38 50.22 85.32 33.38
N GLN F 39 51.02 85.25 32.30
CA GLN F 39 51.78 86.38 31.77
C GLN F 39 50.87 87.57 31.46
N ALA F 40 49.95 87.38 30.52
CA ALA F 40 49.13 88.47 29.97
C ALA F 40 48.27 89.16 30.99
N LYS F 41 47.54 88.36 31.76
CA LYS F 41 46.68 88.86 32.82
C LYS F 41 47.44 89.86 33.71
N ALA F 42 48.67 89.51 34.11
CA ALA F 42 49.50 90.35 34.98
C ALA F 42 49.82 91.70 34.34
N ARG F 43 50.27 91.67 33.08
CA ARG F 43 50.62 92.90 32.34
C ARG F 43 49.40 93.76 32.08
N ARG F 44 48.23 93.15 31.99
CA ARG F 44 46.95 93.87 31.83
C ARG F 44 46.50 94.63 33.08
N ILE F 45 46.61 93.99 34.24
CA ILE F 45 46.10 94.56 35.52
C ILE F 45 47.23 95.22 36.33
N ALA F 46 48.09 95.93 35.61
CA ALA F 46 49.50 96.06 35.99
C ALA F 46 49.73 96.05 37.50
N PRO F 47 49.45 97.16 38.20
CA PRO F 47 49.69 97.06 39.62
C PRO F 47 48.45 96.37 40.17
N ARG F 48 48.57 95.08 40.46
CA ARG F 48 47.53 94.32 41.18
C ARG F 48 48.13 92.96 41.45
N PRO F 49 47.96 92.41 42.67
CA PRO F 49 48.61 91.13 42.96
C PRO F 49 48.31 90.07 41.90
N ALA F 50 49.35 89.67 41.17
CA ALA F 50 49.21 88.79 40.00
C ALA F 50 48.45 87.51 40.30
N SER F 51 48.78 86.92 41.44
CA SER F 51 48.15 85.70 41.92
C SER F 51 46.63 85.77 41.99
N GLY F 52 46.10 86.89 42.48
CA GLY F 52 44.65 87.05 42.63
C GLY F 52 44.35 87.76 43.94
N PRO F 53 43.06 87.89 44.31
CA PRO F 53 42.68 88.61 45.53
C PRO F 53 43.19 87.97 46.82
N LEU F 54 43.00 88.64 47.95
CA LEU F 54 43.34 88.05 49.24
C LEU F 54 42.28 87.09 49.69
N ARG F 55 42.71 85.96 50.24
CA ARG F 55 41.86 84.79 50.48
C ARG F 55 42.19 84.23 51.84
N PRO F 56 41.20 83.73 52.55
CA PRO F 56 41.33 83.50 53.97
C PRO F 56 42.05 82.22 54.40
N VAL F 57 42.67 82.27 55.58
CA VAL F 57 43.05 81.09 56.35
C VAL F 57 41.83 80.32 56.79
N VAL F 58 41.95 78.99 56.70
CA VAL F 58 40.82 78.07 56.73
C VAL F 58 41.30 76.67 57.05
N ARG F 59 40.51 75.90 57.81
CA ARG F 59 40.91 74.56 58.22
C ARG F 59 40.28 73.48 57.40
N CYS F 60 41.09 72.50 57.01
CA CYS F 60 40.62 71.35 56.25
C CYS F 60 39.64 70.55 57.08
N PRO F 61 38.66 69.90 56.43
CA PRO F 61 37.69 69.13 57.19
C PRO F 61 38.18 67.78 57.74
N THR F 62 37.97 66.69 57.03
CA THR F 62 37.71 65.41 57.68
C THR F 62 38.86 64.86 58.51
N VAL F 63 38.69 64.90 59.82
CA VAL F 63 39.49 64.21 60.88
C VAL F 63 40.97 63.85 60.67
N ARG F 64 41.34 63.35 59.49
CA ARG F 64 42.76 63.13 59.15
C ARG F 64 43.53 64.39 58.90
N TYR F 65 42.77 65.43 58.58
CA TYR F 65 43.25 66.52 57.81
C TYR F 65 43.07 67.88 58.50
N HIS F 66 42.15 67.93 59.46
CA HIS F 66 42.36 68.61 60.74
C HIS F 66 43.51 69.60 60.79
N THR F 67 44.73 69.08 60.94
CA THR F 67 45.87 69.87 61.36
C THR F 67 46.39 70.81 60.27
N LYS F 68 45.89 70.62 59.06
CA LYS F 68 46.22 71.47 57.94
C LYS F 68 45.35 72.73 57.87
N VAL F 69 45.71 73.59 56.93
CA VAL F 69 45.16 74.93 56.79
C VAL F 69 45.31 75.25 55.30
N ARG F 70 44.51 76.19 54.84
CA ARG F 70 44.41 76.46 53.43
C ARG F 70 44.13 77.91 53.13
N ALA F 71 44.31 78.24 51.86
CA ALA F 71 43.55 79.31 51.26
C ALA F 71 42.14 78.76 51.10
N GLY F 72 41.18 79.38 51.78
CA GLY F 72 39.77 79.04 51.61
C GLY F 72 39.21 79.75 50.39
N ARG F 73 37.90 79.68 50.22
CA ARG F 73 37.26 80.28 49.06
C ARG F 73 37.37 81.78 49.18
N GLY F 74 36.80 82.29 50.24
CA GLY F 74 36.76 83.71 50.50
C GLY F 74 36.44 83.90 51.95
N PHE F 75 36.70 85.11 52.42
CA PHE F 75 36.54 85.43 53.82
C PHE F 75 35.06 85.46 54.08
N SER F 76 34.65 85.10 55.28
CA SER F 76 33.21 85.10 55.60
C SER F 76 32.62 86.52 55.68
N LEU F 77 31.32 86.60 55.94
CA LEU F 77 30.65 87.89 56.14
C LEU F 77 30.81 88.38 57.55
N GLU F 78 30.43 87.53 58.50
CA GLU F 78 30.58 87.81 59.92
C GLU F 78 31.97 88.41 60.16
N GLU F 79 32.96 87.77 59.57
CA GLU F 79 34.34 88.24 59.50
C GLU F 79 34.54 89.75 59.17
N LEU F 80 33.78 90.28 58.23
CA LEU F 80 33.97 91.67 57.73
C LEU F 80 33.42 92.79 58.64
N ARG F 81 32.11 92.80 58.94
CA ARG F 81 31.59 93.63 60.08
C ARG F 81 32.29 93.09 61.34
N VAL F 82 33.39 93.76 61.68
CA VAL F 82 34.42 93.34 62.65
C VAL F 82 35.73 93.96 62.18
N ALA F 83 36.08 93.70 60.93
CA ALA F 83 37.19 94.37 60.25
C ALA F 83 36.79 95.74 59.70
N GLY F 84 35.48 95.95 59.56
CA GLY F 84 34.94 97.26 59.20
C GLY F 84 35.04 97.48 57.70
N ILE F 85 34.77 96.43 56.95
CA ILE F 85 34.87 96.45 55.50
C ILE F 85 33.51 96.07 54.96
N HIS F 86 32.96 96.90 54.07
CA HIS F 86 31.67 96.61 53.46
C HIS F 86 31.82 95.53 52.41
N LYS F 87 30.91 94.55 52.40
CA LYS F 87 31.09 93.35 51.57
C LYS F 87 31.19 93.64 50.09
N LYS F 88 30.40 94.58 49.59
CA LYS F 88 30.50 95.00 48.19
C LYS F 88 31.76 95.82 47.84
N VAL F 89 32.34 96.49 48.85
CA VAL F 89 33.61 97.22 48.69
C VAL F 89 34.76 96.23 48.61
N ALA F 90 34.77 95.28 49.55
CA ALA F 90 35.78 94.23 49.60
C ALA F 90 36.05 93.58 48.25
N ARG F 91 34.97 93.31 47.52
CA ARG F 91 35.06 92.67 46.22
C ARG F 91 35.83 93.55 45.21
N THR F 92 35.72 94.88 45.34
CA THR F 92 36.50 95.81 44.51
C THR F 92 37.91 96.01 45.00
N ILE F 93 38.16 95.74 46.29
CA ILE F 93 39.47 95.98 46.89
C ILE F 93 40.37 94.71 46.88
N GLY F 94 40.04 93.75 46.04
CA GLY F 94 40.82 92.52 45.96
C GLY F 94 40.73 91.69 47.24
N ILE F 95 39.56 91.74 47.90
CA ILE F 95 39.29 90.92 49.08
C ILE F 95 38.20 89.93 48.73
N SER F 96 38.54 88.64 48.83
CA SER F 96 37.68 87.55 48.37
C SER F 96 36.56 87.25 49.33
N VAL F 97 35.35 87.38 48.84
CA VAL F 97 34.18 87.19 49.65
C VAL F 97 33.52 85.90 49.21
N ASP F 98 33.61 84.88 50.06
CA ASP F 98 32.61 83.83 50.08
C ASP F 98 31.55 84.57 50.95
N PRO F 99 30.25 84.35 50.71
CA PRO F 99 29.24 84.78 51.67
C PRO F 99 28.39 83.60 52.15
N ARG F 100 29.05 82.48 52.43
CA ARG F 100 28.42 81.20 52.58
C ARG F 100 29.12 80.32 53.63
N ARG F 101 29.77 80.94 54.63
CA ARG F 101 30.50 80.23 55.67
C ARG F 101 29.94 80.41 57.08
N ARG F 102 29.54 79.31 57.71
CA ARG F 102 29.07 79.31 59.12
C ARG F 102 30.30 79.44 60.05
N ASN F 103 30.49 80.63 60.61
CA ASN F 103 31.61 80.89 61.55
C ASN F 103 31.28 80.46 62.96
N LYS F 104 32.03 79.47 63.47
CA LYS F 104 31.66 78.81 64.71
C LYS F 104 32.49 79.16 65.90
N CYS F 105 33.68 79.74 65.69
CA CYS F 105 34.63 79.94 66.77
C CYS F 105 35.36 81.27 66.70
N THR F 106 35.69 81.81 67.87
CA THR F 106 36.40 83.08 67.93
C THR F 106 37.87 82.93 67.54
N GLU F 107 38.41 81.72 67.70
CA GLU F 107 39.81 81.41 67.35
C GLU F 107 40.05 81.70 65.89
N SER F 108 39.37 80.95 65.03
CA SER F 108 39.56 81.09 63.59
C SER F 108 38.90 82.33 63.02
N LEU F 109 38.01 82.98 63.77
CA LEU F 109 37.47 84.27 63.36
C LEU F 109 38.57 85.33 63.46
N GLN F 110 39.07 85.62 64.66
CA GLN F 110 40.09 86.68 64.80
C GLN F 110 41.37 86.39 64.02
N ALA F 111 41.79 85.13 63.99
CA ALA F 111 42.90 84.70 63.12
C ALA F 111 42.76 85.23 61.71
N ASN F 112 41.55 85.06 61.19
CA ASN F 112 41.22 85.40 59.84
C ASN F 112 40.91 86.92 59.69
N VAL F 113 40.45 87.55 60.77
CA VAL F 113 40.28 89.02 60.82
C VAL F 113 41.62 89.70 60.71
N GLN F 114 42.61 89.18 61.45
CA GLN F 114 43.94 89.78 61.41
C GLN F 114 44.50 89.86 60.01
N ARG F 115 44.08 88.96 59.13
CA ARG F 115 44.55 89.03 57.74
C ARG F 115 44.03 90.25 57.01
N LEU F 116 42.77 90.61 57.26
CA LEU F 116 42.21 91.85 56.69
C LEU F 116 42.88 93.08 57.30
N LYS F 117 43.02 93.08 58.61
CA LYS F 117 43.69 94.17 59.31
C LYS F 117 45.10 94.33 58.78
N GLU F 118 45.76 93.21 58.53
CA GLU F 118 47.07 93.20 57.92
C GLU F 118 47.00 93.79 56.51
N TYR F 119 45.99 93.39 55.75
CA TYR F 119 45.86 93.76 54.34
C TYR F 119 45.68 95.26 54.15
N ARG F 120 44.64 95.82 54.76
CA ARG F 120 44.49 97.26 54.85
C ARG F 120 45.85 97.96 54.96
N SER F 121 46.63 97.58 55.97
CA SER F 121 47.85 98.31 56.34
C SER F 121 48.94 98.33 55.25
N LYS F 122 49.06 97.23 54.51
CA LYS F 122 50.04 97.12 53.41
C LYS F 122 49.34 97.04 52.06
N LEU F 123 48.44 98.00 51.84
CA LEU F 123 47.68 98.11 50.62
C LEU F 123 47.72 99.57 50.18
N ILE F 124 48.11 99.78 48.93
CA ILE F 124 48.21 101.10 48.37
C ILE F 124 47.02 101.26 47.46
N LEU F 125 46.00 101.93 47.97
CA LEU F 125 44.80 102.18 47.21
C LEU F 125 45.11 103.24 46.17
N PHE F 126 45.13 102.81 44.92
CA PHE F 126 45.54 103.65 43.81
C PHE F 126 44.30 104.44 43.41
N PRO F 127 44.37 105.78 43.51
CA PRO F 127 43.18 106.64 43.58
C PRO F 127 42.37 106.73 42.28
N ARG F 128 41.04 106.80 42.42
CA ARG F 128 40.08 106.89 41.30
C ARG F 128 40.65 107.69 40.12
N LYS F 129 40.90 108.98 40.36
CA LYS F 129 41.57 109.88 39.42
C LYS F 129 43.01 110.17 39.91
N PRO F 130 43.82 110.90 39.12
CA PRO F 130 45.10 111.43 39.64
C PRO F 130 44.94 112.54 40.69
N SER F 131 44.00 113.45 40.48
CA SER F 131 43.74 114.56 41.41
C SER F 131 42.61 114.21 42.39
N ALA F 132 42.84 113.19 43.21
CA ALA F 132 41.76 112.53 43.98
C ALA F 132 41.85 112.70 45.48
N PRO F 133 40.69 112.57 46.19
CA PRO F 133 40.65 112.96 47.58
C PRO F 133 41.01 111.82 48.55
N LYS F 134 40.08 111.37 49.40
CA LYS F 134 40.43 110.70 50.64
C LYS F 134 40.59 109.21 50.44
N LYS F 135 41.24 108.57 51.41
CA LYS F 135 41.44 107.11 51.48
C LYS F 135 42.47 106.50 50.49
N GLY F 136 42.79 107.21 49.40
CA GLY F 136 43.82 106.79 48.45
C GLY F 136 45.18 107.17 49.00
N ASP F 137 46.15 106.26 48.90
CA ASP F 137 47.40 106.41 49.64
C ASP F 137 48.43 107.24 48.88
N SER F 138 49.13 108.10 49.63
CA SER F 138 49.80 109.32 49.10
C SER F 138 50.82 109.09 48.00
N SER F 139 51.11 110.14 47.23
CA SER F 139 52.00 110.08 46.05
C SER F 139 53.44 109.55 46.32
N ALA F 140 53.89 109.61 47.58
CA ALA F 140 55.07 108.88 48.03
C ALA F 140 54.79 107.37 48.05
N GLU F 141 53.75 106.98 48.79
CA GLU F 141 53.34 105.57 48.91
C GLU F 141 52.57 105.15 47.66
N GLU F 142 53.23 105.17 46.52
CA GLU F 142 52.58 105.31 45.21
C GLU F 142 53.68 105.33 44.16
N LEU F 143 54.65 106.21 44.36
CA LEU F 143 55.88 106.22 43.57
C LEU F 143 56.68 104.94 43.89
N LYS F 144 56.91 104.70 45.18
CA LYS F 144 57.74 103.57 45.68
C LYS F 144 57.47 102.26 44.98
N LEU F 145 56.21 101.97 44.71
CA LEU F 145 55.80 100.69 44.18
C LEU F 145 55.33 100.80 42.74
N ALA F 146 55.61 99.75 41.98
CA ALA F 146 54.77 99.31 40.86
C ALA F 146 54.57 97.80 41.04
N THR F 147 54.69 97.36 42.29
CA THR F 147 55.08 95.99 42.57
C THR F 147 53.88 95.04 42.56
N GLN F 148 53.81 94.23 41.51
CA GLN F 148 52.97 93.05 41.52
C GLN F 148 53.49 92.10 42.60
N LEU F 149 52.61 91.56 43.43
CA LEU F 149 52.99 90.43 44.27
C LEU F 149 52.98 89.17 43.43
N THR F 150 54.17 88.67 43.12
CA THR F 150 54.33 87.35 42.51
C THR F 150 54.10 86.34 43.64
N GLY F 151 53.37 85.27 43.34
CA GLY F 151 53.03 84.26 44.33
C GLY F 151 51.84 84.69 45.16
N PRO F 152 51.28 83.77 45.96
CA PRO F 152 49.96 83.97 46.60
C PRO F 152 50.02 85.02 47.67
N VAL F 153 49.11 86.00 47.60
CA VAL F 153 49.15 87.13 48.53
C VAL F 153 49.15 86.64 49.97
N MET F 154 50.12 87.12 50.75
CA MET F 154 50.30 86.76 52.16
C MET F 154 50.17 85.24 52.38
N PRO F 155 51.10 84.46 51.81
CA PRO F 155 50.94 83.01 51.67
C PRO F 155 50.75 82.33 53.03
N ILE F 156 49.85 81.35 53.04
CA ILE F 156 49.41 80.72 54.27
C ILE F 156 50.29 79.54 54.54
N ARG F 157 51.22 79.68 55.48
CA ARG F 157 52.09 78.56 55.83
C ARG F 157 51.72 77.94 57.16
N ASN F 158 51.68 76.61 57.16
CA ASN F 158 51.26 75.84 58.32
C ASN F 158 52.35 75.94 59.34
N VAL F 159 52.12 76.79 60.33
CA VAL F 159 53.15 77.08 61.29
C VAL F 159 52.69 76.74 62.70
N TYR F 160 53.61 76.11 63.42
CA TYR F 160 53.40 75.57 64.74
C TYR F 160 54.33 76.29 65.67
N LYS F 161 54.04 76.13 66.96
CA LYS F 161 54.84 76.76 68.00
C LYS F 161 55.47 75.66 68.83
N ARG F 162 56.75 75.84 69.09
CA ARG F 162 57.53 74.89 69.83
C ARG F 162 57.09 74.94 71.29
N GLU F 163 57.01 73.77 71.93
CA GLU F 163 56.85 73.68 73.38
C GLU F 163 58.20 73.31 73.97
N LYS F 164 58.74 74.21 74.79
CA LYS F 164 59.98 73.96 75.55
C LYS F 164 59.83 72.72 76.43
N ALA F 165 60.94 72.04 76.70
CA ALA F 165 60.92 70.89 77.61
C ALA F 165 60.40 71.28 79.00
N ARG F 166 59.91 70.31 79.76
CA ARG F 166 59.16 70.58 81.00
C ARG F 166 59.82 69.87 82.19
N VAL F 167 59.08 69.63 83.27
CA VAL F 167 59.59 68.86 84.41
C VAL F 167 58.88 67.51 84.61
N ILE F 168 57.64 67.39 84.11
CA ILE F 168 56.77 66.23 84.33
C ILE F 168 56.46 66.09 85.81
N THR F 169 55.43 66.81 86.22
CA THR F 169 54.90 66.68 87.58
C THR F 169 54.39 65.26 87.82
N ASP F 170 54.49 64.81 89.06
CA ASP F 170 53.92 63.52 89.47
C ASP F 170 52.39 63.71 89.53
N GLU F 171 51.80 63.70 88.34
CA GLU F 171 50.37 63.91 88.11
C GLU F 171 50.07 63.70 86.62
N GLU F 172 50.91 64.27 85.75
CA GLU F 172 50.99 63.89 84.33
C GLU F 172 51.47 62.45 84.23
N LYS F 173 52.46 62.15 85.06
CA LYS F 173 53.06 60.82 85.18
C LYS F 173 52.18 59.76 85.87
N ASN F 174 51.05 60.14 86.48
CA ASN F 174 50.08 59.14 86.97
C ASN F 174 48.95 58.75 86.00
N PHE F 175 48.48 59.71 85.21
CA PHE F 175 47.40 59.50 84.22
C PHE F 175 47.62 58.30 83.29
N LYS F 176 46.81 57.26 83.47
CA LYS F 176 46.87 56.02 82.63
C LYS F 176 46.18 56.19 81.29
N ALA F 177 46.87 56.84 80.35
CA ALA F 177 46.23 57.33 79.10
C ALA F 177 45.55 56.27 78.25
N PHE F 178 45.97 55.02 78.38
CA PHE F 178 45.26 53.95 77.73
C PHE F 178 43.92 53.73 78.42
N ALA F 179 43.97 53.43 79.71
CA ALA F 179 42.75 53.17 80.46
C ALA F 179 41.70 54.22 80.17
N SER F 180 42.06 55.51 80.25
CA SER F 180 41.05 56.56 80.13
C SER F 180 40.42 56.61 78.75
N LEU F 181 41.11 56.10 77.72
CA LEU F 181 40.49 55.95 76.40
C LEU F 181 39.42 54.91 76.42
N ARG F 182 39.73 53.74 76.96
CA ARG F 182 38.74 52.67 77.07
C ARG F 182 37.51 53.05 77.88
N MET F 183 37.74 53.76 78.98
CA MET F 183 36.65 54.36 79.71
C MET F 183 35.84 55.20 78.71
N ALA F 184 36.48 56.20 78.12
CA ALA F 184 35.80 57.14 77.22
C ALA F 184 34.95 56.41 76.21
N ARG F 185 35.57 55.42 75.58
CA ARG F 185 34.95 54.72 74.48
C ARG F 185 33.84 53.79 74.90
N ALA F 186 33.77 53.47 76.20
CA ALA F 186 32.64 52.72 76.75
C ALA F 186 31.52 53.61 77.33
N ASN F 187 31.87 54.79 77.84
CA ASN F 187 30.84 55.71 78.35
C ASN F 187 30.09 56.29 77.17
N ALA F 188 30.81 56.61 76.11
CA ALA F 188 30.20 57.01 74.83
C ALA F 188 29.46 55.85 74.15
N ARG F 189 29.94 54.64 74.39
CA ARG F 189 29.25 53.46 73.92
C ARG F 189 27.86 53.38 74.49
N LEU F 190 27.81 53.36 75.81
CA LEU F 190 26.62 52.98 76.53
C LEU F 190 25.88 54.16 77.15
N PHE F 191 26.30 55.42 76.86
CA PHE F 191 25.64 56.56 77.52
C PHE F 191 24.12 56.38 77.42
N GLY F 192 23.64 56.10 76.20
CA GLY F 192 22.22 55.93 75.92
C GLY F 192 21.48 54.84 76.67
N ILE F 193 22.07 53.64 76.75
CA ILE F 193 21.42 52.54 77.45
C ILE F 193 21.29 52.89 78.91
N ARG F 194 22.42 53.14 79.56
CA ARG F 194 22.44 53.65 80.94
C ARG F 194 21.32 54.66 81.29
N ALA F 195 21.04 55.59 80.37
CA ALA F 195 19.96 56.57 80.53
C ALA F 195 18.54 55.97 80.54
N LYS F 196 18.31 54.91 79.77
CA LYS F 196 17.04 54.14 79.83
C LYS F 196 16.77 53.50 81.21
N ARG F 197 17.81 53.14 81.93
CA ARG F 197 17.68 52.53 83.26
C ARG F 197 17.39 53.52 84.35
N ALA F 198 18.00 54.70 84.26
CA ALA F 198 17.61 55.83 85.10
C ALA F 198 16.14 56.17 84.84
N LYS F 199 15.72 56.13 83.57
CA LYS F 199 14.32 56.37 83.18
C LYS F 199 13.35 55.27 83.64
N GLU F 200 13.81 54.02 83.70
CA GLU F 200 13.03 52.91 84.27
C GLU F 200 13.05 52.93 85.81
N ALA F 201 14.22 53.12 86.40
CA ALA F 201 14.38 53.17 87.87
C ALA F 201 13.66 54.37 88.50
N ALA F 202 13.64 55.51 87.80
CA ALA F 202 12.80 56.66 88.17
C ALA F 202 11.31 56.33 88.01
N GLU F 203 10.97 55.47 87.04
CA GLU F 203 9.60 54.94 86.89
C GLU F 203 9.21 54.00 88.05
N GLN F 204 10.14 53.18 88.54
CA GLN F 204 9.86 52.26 89.67
C GLN F 204 9.65 52.99 91.01
N ASP F 205 10.33 54.11 91.22
CA ASP F 205 10.11 54.94 92.43
C ASP F 205 8.70 55.59 92.48
N VAL F 206 8.12 55.85 91.30
CA VAL F 206 6.73 56.33 91.18
C VAL F 206 5.73 55.13 91.16
N GLU F 207 6.12 54.02 90.52
CA GLU F 207 5.29 52.79 90.44
C GLU F 207 5.24 51.98 91.75
N LYS F 208 6.27 52.10 92.59
CA LYS F 208 6.26 51.55 93.95
C LYS F 208 5.41 52.42 94.89
N LYS F 209 5.41 53.73 94.66
CA LYS F 209 4.63 54.69 95.45
C LYS F 209 3.10 54.52 95.28
N LYS F 210 2.65 54.35 94.04
CA LYS F 210 1.20 54.16 93.74
C LYS F 210 0.68 52.81 94.23
N VAL G 1 89.94 -50.07 -15.16
CA VAL G 1 90.72 -51.05 -14.32
C VAL G 1 91.87 -50.35 -13.65
N PHE G 2 92.03 -50.53 -12.34
CA PHE G 2 93.09 -49.83 -11.64
C PHE G 2 94.27 -50.74 -11.52
N ARG G 3 95.39 -50.12 -11.15
CA ARG G 3 96.61 -50.85 -10.88
C ARG G 3 97.26 -50.50 -9.56
N ARG G 4 96.64 -49.66 -8.72
CA ARG G 4 97.27 -49.23 -7.47
C ARG G 4 96.39 -49.45 -6.21
N PHE G 5 96.67 -50.58 -5.53
CA PHE G 5 95.69 -51.28 -4.65
C PHE G 5 95.96 -51.00 -3.18
N VAL G 6 95.66 -49.74 -2.81
CA VAL G 6 95.86 -49.18 -1.44
C VAL G 6 95.83 -50.29 -0.41
N GLU G 7 97.01 -50.83 -0.18
CA GLU G 7 97.16 -51.99 0.63
C GLU G 7 97.56 -51.50 2.01
N VAL G 8 97.96 -52.50 2.77
CA VAL G 8 98.89 -52.34 3.83
C VAL G 8 100.24 -52.33 3.13
N GLY G 9 100.74 -51.13 2.86
CA GLY G 9 102.08 -50.93 2.30
C GLY G 9 102.19 -50.47 0.87
N ARG G 10 101.22 -49.70 0.38
CA ARG G 10 101.48 -48.85 -0.80
C ARG G 10 102.34 -47.72 -0.24
N VAL G 11 103.48 -47.49 -0.88
CA VAL G 11 104.22 -46.26 -0.70
C VAL G 11 103.38 -45.20 -1.36
N ALA G 12 103.16 -44.09 -0.67
CA ALA G 12 102.42 -42.96 -1.22
C ALA G 12 103.24 -41.70 -1.06
N TYR G 13 103.30 -40.92 -2.11
CA TYR G 13 103.95 -39.63 -2.07
C TYR G 13 102.90 -38.69 -1.62
N VAL G 14 103.25 -37.87 -0.64
CA VAL G 14 102.34 -36.93 -0.05
C VAL G 14 102.32 -35.72 -0.96
N SER G 15 101.27 -35.64 -1.77
CA SER G 15 101.04 -34.51 -2.66
C SER G 15 101.27 -33.20 -1.96
N PHE G 16 100.70 -33.08 -0.76
CA PHE G 16 100.66 -31.80 -0.11
C PHE G 16 100.41 -31.78 1.41
N GLY G 17 100.29 -30.59 1.97
CA GLY G 17 99.95 -30.44 3.38
C GLY G 17 101.24 -30.28 4.15
N PRO G 18 101.24 -30.60 5.45
CA PRO G 18 102.42 -30.31 6.28
C PRO G 18 103.71 -31.06 5.88
N HIS G 19 103.55 -32.22 5.24
CA HIS G 19 104.65 -33.07 4.87
C HIS G 19 104.77 -33.23 3.36
N ALA G 20 104.47 -32.18 2.60
CA ALA G 20 104.45 -32.28 1.13
C ALA G 20 105.79 -32.76 0.52
N GLY G 21 105.68 -33.58 -0.52
CA GLY G 21 106.84 -34.05 -1.28
C GLY G 21 107.69 -35.09 -0.57
N LYS G 22 107.04 -35.95 0.23
CA LYS G 22 107.71 -37.01 0.96
C LYS G 22 106.98 -38.31 0.76
N LEU G 23 107.72 -39.41 0.77
CA LEU G 23 107.12 -40.73 0.59
C LEU G 23 106.70 -41.25 1.94
N VAL G 24 105.73 -42.14 1.91
CA VAL G 24 105.03 -42.54 3.12
C VAL G 24 104.46 -43.94 2.89
N ALA G 25 104.74 -44.86 3.78
CA ALA G 25 104.13 -46.19 3.72
C ALA G 25 102.81 -46.13 4.45
N ILE G 26 101.74 -46.50 3.76
CA ILE G 26 100.43 -46.64 4.37
C ILE G 26 100.48 -47.88 5.23
N VAL G 27 100.58 -47.69 6.55
CA VAL G 27 100.65 -48.83 7.46
C VAL G 27 99.30 -49.54 7.48
N ASP G 28 98.22 -48.78 7.66
CA ASP G 28 96.89 -49.38 7.89
C ASP G 28 95.79 -48.31 7.70
N VAL G 29 94.63 -48.79 7.24
CA VAL G 29 93.49 -47.94 6.88
C VAL G 29 92.53 -47.79 8.05
N ILE G 30 92.24 -46.55 8.42
CA ILE G 30 91.35 -46.27 9.54
C ILE G 30 89.90 -46.25 9.08
N ASP G 31 89.65 -45.63 7.94
CA ASP G 31 88.30 -45.21 7.59
C ASP G 31 88.13 -45.01 6.08
N GLN G 32 86.98 -44.48 5.65
CA GLN G 32 86.83 -44.19 4.23
C GLN G 32 87.39 -42.83 3.72
N ASN G 33 88.32 -42.26 4.46
CA ASN G 33 89.08 -41.11 3.96
C ASN G 33 90.40 -40.84 4.72
N ARG G 34 90.87 -41.81 5.51
CA ARG G 34 91.97 -41.59 6.45
C ARG G 34 92.77 -42.85 6.65
N ALA G 35 94.10 -42.74 6.58
CA ALA G 35 94.96 -43.89 6.84
C ALA G 35 95.84 -43.60 8.00
N LEU G 36 96.37 -44.70 8.52
CA LEU G 36 97.42 -44.69 9.49
C LEU G 36 98.70 -44.85 8.68
N VAL G 37 99.51 -43.79 8.72
CA VAL G 37 100.53 -43.53 7.72
C VAL G 37 101.85 -43.32 8.39
N ASP G 38 102.94 -43.69 7.73
CA ASP G 38 104.26 -43.53 8.32
C ASP G 38 105.36 -43.60 7.28
N GLY G 39 106.27 -42.63 7.36
CA GLY G 39 107.40 -42.46 6.46
C GLY G 39 108.69 -42.45 7.26
N PRO G 40 109.19 -43.65 7.62
CA PRO G 40 110.30 -43.76 8.55
C PRO G 40 111.53 -43.01 8.03
N CYS G 41 111.98 -43.39 6.83
CA CYS G 41 113.25 -42.93 6.25
C CYS G 41 113.13 -41.64 5.47
N THR G 42 111.89 -41.19 5.29
CA THR G 42 111.57 -39.91 4.71
C THR G 42 111.14 -38.87 5.76
N GLN G 43 111.15 -39.28 7.03
CA GLN G 43 111.02 -38.37 8.18
C GLN G 43 109.58 -37.89 8.39
N VAL G 44 108.68 -38.85 8.65
CA VAL G 44 107.25 -38.59 8.83
C VAL G 44 106.69 -39.54 9.89
N ARG G 45 106.22 -38.99 11.02
CA ARG G 45 105.86 -39.80 12.18
C ARG G 45 104.67 -40.70 11.84
N ARG G 46 104.49 -41.81 12.56
CA ARG G 46 103.24 -42.59 12.44
C ARG G 46 102.10 -41.63 12.84
N GLN G 47 101.30 -41.24 11.87
CA GLN G 47 100.10 -40.49 12.15
C GLN G 47 99.05 -40.73 11.10
N ALA G 48 97.86 -40.21 11.38
CA ALA G 48 96.73 -40.31 10.47
C ALA G 48 96.91 -39.34 9.32
N MET G 49 96.50 -39.74 8.12
CA MET G 49 96.69 -38.90 6.93
C MET G 49 95.72 -39.25 5.80
N PRO G 50 94.93 -38.27 5.34
CA PRO G 50 93.82 -38.54 4.39
C PRO G 50 94.18 -38.94 2.93
N PHE G 51 93.31 -39.72 2.25
CA PHE G 51 93.61 -40.18 0.85
C PHE G 51 93.53 -39.02 -0.15
N LYS G 52 92.91 -37.91 0.24
CA LYS G 52 92.83 -36.75 -0.65
C LYS G 52 94.16 -36.02 -0.81
N CYS G 53 94.97 -35.98 0.24
CA CYS G 53 96.28 -35.32 0.17
C CYS G 53 97.45 -36.24 -0.22
N MET G 54 97.17 -37.44 -0.71
CA MET G 54 98.22 -38.38 -1.07
C MET G 54 97.94 -39.10 -2.36
N GLN G 55 98.98 -39.27 -3.15
CA GLN G 55 98.92 -40.05 -4.37
C GLN G 55 99.94 -41.16 -4.21
N LEU G 56 99.73 -42.22 -4.97
CA LEU G 56 100.27 -43.53 -4.61
C LEU G 56 100.98 -44.19 -5.76
N THR G 57 101.92 -45.07 -5.42
CA THR G 57 102.97 -45.51 -6.34
C THR G 57 102.96 -47.02 -6.58
N ASP G 58 103.72 -47.47 -7.58
CA ASP G 58 103.59 -48.84 -8.15
C ASP G 58 104.28 -49.82 -7.20
N PHE G 59 105.40 -49.36 -6.65
CA PHE G 59 105.96 -49.85 -5.40
C PHE G 59 104.97 -50.39 -4.35
N ILE G 60 105.28 -51.55 -3.77
CA ILE G 60 104.69 -52.01 -2.50
C ILE G 60 105.84 -52.41 -1.59
N LEU G 61 105.54 -52.62 -0.32
CA LEU G 61 106.46 -53.33 0.54
C LEU G 61 105.66 -54.11 1.59
N LYS G 62 106.33 -54.91 2.41
CA LYS G 62 105.70 -56.03 3.11
C LYS G 62 106.04 -56.13 4.61
N PHE G 63 105.73 -55.06 5.37
CA PHE G 63 105.47 -55.12 6.84
C PHE G 63 104.03 -55.68 6.86
N PRO G 64 103.56 -56.18 8.00
CA PRO G 64 102.14 -56.49 8.19
C PRO G 64 101.42 -55.44 9.03
N HIS G 65 100.11 -55.60 9.17
CA HIS G 65 99.20 -54.46 9.21
C HIS G 65 99.01 -53.61 10.46
N SER G 66 99.86 -53.78 11.44
CA SER G 66 100.04 -52.73 12.43
C SER G 66 101.45 -52.84 13.02
N ALA G 67 102.40 -53.01 12.11
CA ALA G 67 103.79 -53.16 12.50
C ALA G 67 104.31 -51.84 13.01
N ARG G 68 105.37 -51.93 13.81
CA ARG G 68 105.70 -50.87 14.74
C ARG G 68 107.06 -50.22 14.47
N GLN G 69 107.12 -49.40 13.42
CA GLN G 69 108.25 -48.51 13.12
C GLN G 69 109.51 -49.31 12.76
N LYS G 70 110.13 -49.98 13.74
CA LYS G 70 111.34 -50.81 13.55
C LYS G 70 111.21 -51.77 12.38
N TYR G 71 109.99 -52.23 12.16
CA TYR G 71 109.70 -53.23 11.18
C TYR G 71 109.32 -52.65 9.82
N VAL G 72 108.86 -51.41 9.82
CA VAL G 72 108.69 -50.63 8.58
C VAL G 72 109.97 -49.78 8.27
N ARG G 73 110.88 -49.65 9.25
CA ARG G 73 112.26 -49.14 9.09
C ARG G 73 112.96 -50.05 8.12
N LYS G 74 112.93 -51.34 8.43
CA LYS G 74 113.24 -52.39 7.48
C LYS G 74 112.04 -52.55 6.58
N ALA G 75 112.20 -53.33 5.53
CA ALA G 75 111.20 -53.46 4.46
C ALA G 75 111.18 -52.21 3.57
N TRP G 76 111.41 -51.03 4.16
CA TRP G 76 111.78 -49.85 3.40
C TRP G 76 113.27 -49.88 3.08
N GLU G 77 114.07 -50.17 4.09
CA GLU G 77 115.53 -50.00 4.00
C GLU G 77 116.11 -50.98 2.97
N LYS G 78 115.81 -52.28 3.13
CA LYS G 78 115.95 -53.22 2.02
C LYS G 78 114.61 -53.21 1.32
N ALA G 79 114.60 -53.65 0.06
CA ALA G 79 113.64 -53.18 -0.97
C ALA G 79 114.17 -51.86 -1.51
N ASP G 80 114.54 -50.95 -0.61
CA ASP G 80 115.30 -49.74 -0.95
C ASP G 80 114.39 -48.88 -1.82
N ILE G 81 113.74 -47.93 -1.17
CA ILE G 81 112.82 -47.04 -1.85
C ILE G 81 113.61 -45.82 -2.28
N ASN G 82 114.39 -45.26 -1.36
CA ASN G 82 114.98 -43.94 -1.58
C ASN G 82 116.06 -43.92 -2.66
N ALA G 83 116.48 -45.09 -3.12
CA ALA G 83 117.29 -45.20 -4.34
C ALA G 83 116.43 -45.55 -5.56
N LYS G 84 115.43 -46.42 -5.39
CA LYS G 84 114.54 -46.81 -6.51
C LYS G 84 113.65 -45.66 -6.94
N TRP G 85 113.07 -44.98 -5.97
CA TRP G 85 112.66 -43.61 -6.17
C TRP G 85 113.96 -42.84 -6.37
N ALA G 86 114.00 -42.04 -7.43
CA ALA G 86 115.19 -41.29 -7.92
C ALA G 86 115.72 -41.95 -9.18
N ALA G 87 115.33 -43.19 -9.43
CA ALA G 87 115.41 -43.77 -10.77
C ALA G 87 114.06 -43.73 -11.48
N THR G 88 113.01 -43.32 -10.79
CA THR G 88 111.67 -43.16 -11.37
C THR G 88 111.56 -41.95 -12.29
N ARG G 89 110.49 -41.94 -13.08
CA ARG G 89 110.16 -40.76 -13.86
C ARG G 89 109.51 -39.68 -12.96
N TRP G 90 108.86 -40.03 -11.82
CA TRP G 90 108.44 -38.99 -10.83
C TRP G 90 109.60 -38.11 -10.47
N ALA G 91 110.58 -38.78 -9.87
CA ALA G 91 111.65 -38.13 -9.17
C ALA G 91 112.44 -37.20 -10.04
N LYS G 92 112.46 -37.51 -11.33
CA LYS G 92 113.26 -36.76 -12.27
C LYS G 92 112.50 -35.61 -12.91
N LYS G 93 111.18 -35.66 -12.89
CA LYS G 93 110.41 -34.48 -13.29
C LYS G 93 109.91 -33.66 -12.09
N ILE G 94 109.82 -34.25 -10.91
CA ILE G 94 110.08 -33.51 -9.67
C ILE G 94 111.60 -33.48 -9.69
N GLU G 95 112.24 -32.54 -9.02
CA GLU G 95 113.68 -32.35 -9.22
C GLU G 95 113.89 -31.96 -10.71
N ALA G 96 112.95 -31.17 -11.22
CA ALA G 96 113.11 -30.46 -12.47
C ALA G 96 112.31 -29.17 -12.31
N ARG G 97 111.01 -29.29 -12.02
CA ARG G 97 110.25 -28.19 -11.42
C ARG G 97 111.15 -27.49 -10.42
N GLU G 98 111.62 -28.27 -9.46
CA GLU G 98 112.54 -27.80 -8.42
C GLU G 98 113.60 -26.91 -9.02
N LYS G 99 114.28 -27.42 -10.04
CA LYS G 99 115.42 -26.72 -10.63
C LYS G 99 115.08 -25.53 -11.50
N LYS G 100 113.83 -25.39 -11.93
CA LYS G 100 113.42 -24.16 -12.62
C LYS G 100 113.16 -23.04 -11.64
N ALA G 101 112.35 -23.31 -10.63
CA ALA G 101 112.15 -22.32 -9.57
C ALA G 101 113.50 -21.92 -8.98
N LYS G 102 114.34 -22.92 -8.72
CA LYS G 102 115.69 -22.74 -8.20
C LYS G 102 116.62 -22.38 -9.37
N MET G 103 116.43 -21.21 -9.96
CA MET G 103 117.19 -20.82 -11.15
C MET G 103 117.44 -19.31 -11.16
N THR G 104 118.70 -18.92 -11.04
CA THR G 104 119.08 -17.52 -11.07
C THR G 104 118.90 -16.91 -12.48
N ASP G 105 118.69 -15.60 -12.52
CA ASP G 105 118.61 -14.83 -13.78
C ASP G 105 119.79 -15.15 -14.71
N PHE G 106 120.99 -15.37 -14.15
CA PHE G 106 122.13 -15.85 -14.94
C PHE G 106 121.80 -17.12 -15.66
N ASP G 107 121.42 -18.14 -14.90
CA ASP G 107 121.10 -19.45 -15.47
C ASP G 107 120.14 -19.29 -16.65
N ARG G 108 119.09 -18.54 -16.41
CA ARG G 108 118.06 -18.25 -17.41
C ARG G 108 118.61 -17.56 -18.67
N TYR G 109 119.53 -16.60 -18.50
CA TYR G 109 120.23 -16.02 -19.66
C TYR G 109 120.98 -17.11 -20.46
N LYS G 110 121.58 -18.06 -19.76
CA LYS G 110 122.35 -19.12 -20.43
C LYS G 110 121.42 -19.94 -21.25
N VAL G 111 120.32 -20.34 -20.65
CA VAL G 111 119.39 -21.23 -21.30
C VAL G 111 118.85 -20.56 -22.56
N MET G 112 118.35 -19.32 -22.43
CA MET G 112 117.97 -18.47 -23.57
C MET G 112 118.86 -18.67 -24.78
N LYS G 113 120.17 -18.60 -24.52
CA LYS G 113 121.17 -18.81 -25.54
C LYS G 113 121.25 -20.28 -25.96
N ALA G 114 121.43 -21.16 -24.98
CA ALA G 114 121.62 -22.59 -25.24
C ALA G 114 120.47 -23.19 -26.01
N ARG G 115 119.25 -22.83 -25.61
CA ARG G 115 118.09 -23.19 -26.38
C ARG G 115 118.23 -22.72 -27.82
N LYS G 116 118.38 -21.42 -28.03
CA LYS G 116 118.29 -20.83 -29.39
C LYS G 116 119.03 -21.67 -30.40
N MET G 117 120.31 -21.92 -30.11
CA MET G 117 121.17 -22.63 -31.04
C MET G 117 120.84 -24.12 -31.11
N ARG G 118 120.37 -24.69 -30.00
CA ARG G 118 119.81 -26.03 -30.04
C ARG G 118 118.69 -26.05 -31.06
N ASN G 119 117.73 -25.15 -30.86
CA ASN G 119 116.54 -25.09 -31.69
C ASN G 119 116.79 -24.75 -33.15
N ARG G 120 117.97 -24.24 -33.48
CA ARG G 120 118.36 -24.10 -34.87
C ARG G 120 119.00 -25.36 -35.41
N LEU G 121 119.94 -25.94 -34.65
CA LEU G 121 120.55 -27.20 -35.04
C LEU G 121 119.57 -28.36 -35.14
N ILE G 122 118.45 -28.25 -34.42
CA ILE G 122 117.36 -29.20 -34.55
C ILE G 122 116.50 -28.89 -35.78
N LYS G 123 116.39 -27.61 -36.12
CA LYS G 123 115.46 -27.16 -37.17
C LYS G 123 116.02 -27.46 -38.55
N LEU G 124 117.29 -27.10 -38.75
CA LEU G 124 117.96 -27.36 -40.01
C LEU G 124 117.94 -28.84 -40.39
N GLU G 125 118.00 -29.73 -39.41
CA GLU G 125 117.84 -31.16 -39.66
C GLU G 125 116.42 -31.52 -40.06
N VAL G 126 115.42 -30.89 -39.45
CA VAL G 126 114.02 -31.14 -39.82
C VAL G 126 113.73 -30.68 -41.26
N LYS G 127 114.27 -29.52 -41.62
CA LYS G 127 114.20 -29.01 -43.00
C LYS G 127 114.83 -29.99 -43.99
N LYS G 128 115.98 -30.53 -43.60
CA LYS G 128 116.73 -31.51 -44.40
C LYS G 128 116.02 -32.89 -44.50
N LEU G 129 115.30 -33.27 -43.45
CA LEU G 129 114.47 -34.50 -43.48
C LEU G 129 113.26 -34.41 -44.40
N GLN G 130 112.67 -33.23 -44.50
CA GLN G 130 111.59 -33.00 -45.47
C GLN G 130 112.09 -32.96 -46.92
N LYS G 131 113.29 -32.44 -47.13
CA LYS G 131 113.98 -32.53 -48.43
C LYS G 131 114.10 -34.01 -48.85
N ALA G 132 114.65 -34.84 -47.96
CA ALA G 132 114.79 -36.29 -48.20
C ALA G 132 113.44 -37.01 -48.32
N ALA G 133 112.44 -36.55 -47.56
CA ALA G 133 111.05 -37.08 -47.64
C ALA G 133 110.33 -36.67 -48.94
N LEU G 134 110.71 -35.52 -49.49
CA LEU G 134 110.19 -35.06 -50.78
C LEU G 134 110.89 -35.74 -51.97
N LEU G 135 112.21 -35.94 -51.85
CA LEU G 135 113.00 -36.69 -52.86
C LEU G 135 112.63 -38.19 -52.88
N LYS G 136 112.27 -38.74 -51.71
CA LYS G 136 111.64 -40.08 -51.61
C LYS G 136 110.28 -40.17 -52.30
N ALA G 137 109.46 -39.13 -52.12
CA ALA G 137 108.18 -39.01 -52.83
C ALA G 137 108.34 -38.92 -54.37
N SER G 138 109.43 -38.29 -54.84
CA SER G 138 109.75 -38.22 -56.28
C SER G 138 110.12 -39.59 -56.84
N GLY H 1 -1.85 91.40 48.52
CA GLY H 1 -1.95 91.46 47.04
C GLY H 1 -2.66 90.23 46.48
N ALA H 2 -3.75 90.50 45.78
CA ALA H 2 -4.54 89.53 45.01
C ALA H 2 -3.74 88.33 44.54
N TYR H 3 -2.59 88.65 43.98
CA TYR H 3 -1.68 87.69 43.41
C TYR H 3 -1.26 86.50 44.26
N LYS H 4 -1.26 86.67 45.59
CA LYS H 4 -1.15 85.54 46.51
C LYS H 4 -2.52 84.89 46.82
N TYR H 5 -3.56 85.74 46.83
CA TYR H 5 -4.95 85.30 47.01
C TYR H 5 -5.39 84.37 45.88
N ILE H 6 -4.60 84.34 44.78
CA ILE H 6 -4.76 83.42 43.65
C ILE H 6 -3.88 82.18 43.80
N GLN H 7 -2.61 82.36 44.19
CA GLN H 7 -1.65 81.24 44.30
C GLN H 7 -2.16 80.13 45.18
N GLU H 8 -2.65 80.51 46.35
CA GLU H 8 -3.09 79.49 47.30
C GLU H 8 -4.45 78.94 46.89
N LEU H 9 -5.24 79.74 46.17
CA LEU H 9 -6.51 79.28 45.60
C LEU H 9 -6.21 78.14 44.66
N TRP H 10 -5.34 78.41 43.70
CA TRP H 10 -4.86 77.37 42.78
C TRP H 10 -4.40 76.07 43.44
N ARG H 11 -3.84 76.17 44.65
CA ARG H 11 -3.38 74.99 45.39
C ARG H 11 -4.49 74.12 45.99
N LYS H 12 -5.73 74.58 45.99
CA LYS H 12 -6.83 73.75 46.45
C LYS H 12 -7.53 73.11 45.26
N LYS H 13 -6.75 72.42 44.42
CA LYS H 13 -7.21 71.78 43.17
C LYS H 13 -8.36 70.85 43.46
N GLN H 14 -8.20 70.19 44.60
CA GLN H 14 -9.17 69.24 45.10
C GLN H 14 -10.54 69.86 45.53
N SER H 15 -10.62 71.18 45.75
CA SER H 15 -11.87 71.83 46.20
C SER H 15 -13.01 71.83 45.18
N ASP H 16 -14.16 72.32 45.64
CA ASP H 16 -15.34 72.58 44.78
C ASP H 16 -15.07 73.62 43.71
N VAL H 17 -14.56 74.76 44.14
CA VAL H 17 -14.47 75.95 43.32
C VAL H 17 -13.54 75.65 42.16
N MET H 18 -12.35 75.15 42.50
CA MET H 18 -11.35 74.86 41.49
C MET H 18 -11.79 73.77 40.57
N ARG H 19 -12.45 72.77 41.11
CA ARG H 19 -12.90 71.68 40.29
C ARG H 19 -14.07 72.08 39.41
N PHE H 20 -15.01 72.93 39.87
CA PHE H 20 -16.01 73.45 38.90
C PHE H 20 -15.19 73.98 37.71
N LEU H 21 -14.13 74.75 37.99
CA LEU H 21 -13.39 75.44 36.93
C LEU H 21 -12.64 74.51 36.02
N LEU H 22 -11.76 73.70 36.59
CA LEU H 22 -10.84 72.89 35.78
C LEU H 22 -11.57 71.95 34.84
N ARG H 23 -12.60 71.30 35.38
CA ARG H 23 -13.64 70.60 34.61
C ARG H 23 -14.08 71.33 33.33
N VAL H 24 -14.55 72.56 33.49
CA VAL H 24 -15.15 73.33 32.40
C VAL H 24 -14.13 74.04 31.56
N ARG H 25 -13.00 74.39 32.17
CA ARG H 25 -11.88 74.85 31.38
C ARG H 25 -11.50 73.69 30.50
N CYS H 26 -11.00 72.61 31.10
CA CYS H 26 -10.65 71.38 30.37
C CYS H 26 -11.70 70.95 29.34
N TRP H 27 -12.97 71.27 29.58
CA TRP H 27 -13.97 71.19 28.53
C TRP H 27 -13.49 71.96 27.27
N GLN H 28 -13.59 73.29 27.24
CA GLN H 28 -13.48 74.02 25.93
C GLN H 28 -12.18 73.72 25.24
N TYR H 29 -11.11 74.14 25.87
CA TYR H 29 -9.87 73.42 25.91
C TYR H 29 -9.65 72.16 25.02
N ARG H 30 -10.50 71.16 25.14
CA ARG H 30 -10.47 69.97 24.25
C ARG H 30 -10.91 70.25 22.84
N GLN H 31 -12.12 70.80 22.71
CA GLN H 31 -12.78 71.05 21.44
C GLN H 31 -11.83 71.72 20.44
N LEU H 32 -11.04 72.68 20.93
CA LEU H 32 -10.07 73.40 20.11
C LEU H 32 -8.94 72.50 19.65
N SER H 33 -8.25 72.94 18.60
CA SER H 33 -7.09 72.21 18.04
C SER H 33 -5.92 72.04 19.04
N ALA H 34 -4.91 71.28 18.63
CA ALA H 34 -3.81 70.92 19.52
C ALA H 34 -2.79 72.02 19.66
N LEU H 35 -2.91 73.09 18.85
CA LEU H 35 -2.01 74.21 18.96
C LEU H 35 -2.56 75.52 18.34
N HIS H 36 -3.75 75.91 18.77
CA HIS H 36 -4.16 77.34 18.80
C HIS H 36 -3.11 78.10 19.63
N ARG H 37 -3.20 79.41 19.52
CA ARG H 37 -2.51 80.34 20.38
C ARG H 37 -3.46 80.72 21.50
N ALA H 38 -2.91 81.18 22.60
CA ALA H 38 -3.71 81.81 23.63
C ALA H 38 -3.57 83.32 23.57
N PRO H 39 -4.62 84.04 24.00
CA PRO H 39 -4.49 85.50 24.10
C PRO H 39 -3.74 85.91 25.36
N ARG H 40 -4.27 85.53 26.51
CA ARG H 40 -3.72 85.92 27.80
C ARG H 40 -3.66 84.67 28.66
N PRO H 41 -2.72 84.64 29.62
CA PRO H 41 -2.53 83.46 30.47
C PRO H 41 -3.73 83.09 31.30
N THR H 42 -4.12 81.84 31.16
CA THR H 42 -5.07 81.20 32.05
C THR H 42 -4.53 81.08 33.48
N ARG H 43 -3.21 81.21 33.63
CA ARG H 43 -2.59 81.37 34.94
C ARG H 43 -1.73 82.62 34.93
N PRO H 44 -2.32 83.79 35.12
CA PRO H 44 -1.49 84.99 35.12
C PRO H 44 -0.47 84.94 36.23
N ASP H 45 -0.81 84.27 37.32
CA ASP H 45 0.11 84.07 38.43
C ASP H 45 1.39 83.35 38.02
N LYS H 46 1.23 82.08 37.65
CA LYS H 46 2.34 81.21 37.31
C LYS H 46 3.17 81.90 36.25
N ALA H 47 2.49 82.26 35.17
CA ALA H 47 3.18 82.78 34.00
C ALA H 47 4.20 83.81 34.38
N ARG H 48 3.82 84.75 35.23
CA ARG H 48 4.76 85.80 35.60
C ARG H 48 5.87 85.35 36.52
N ARG H 49 5.60 84.33 37.32
CA ARG H 49 6.67 83.69 38.07
C ARG H 49 7.72 83.06 37.20
N LEU H 50 7.27 82.30 36.22
CA LEU H 50 8.18 81.62 35.33
C LEU H 50 8.85 82.61 34.37
N GLY H 51 8.16 83.71 34.06
CA GLY H 51 8.71 84.71 33.16
C GLY H 51 7.77 85.57 32.31
N TYR H 52 6.44 85.56 32.52
CA TYR H 52 5.62 86.64 31.93
C TYR H 52 6.15 87.94 32.43
N LYS H 53 6.23 88.88 31.52
CA LYS H 53 6.13 90.27 31.82
C LYS H 53 5.17 90.67 30.70
N ALA H 54 3.91 90.92 31.05
CA ALA H 54 2.87 91.10 30.03
C ALA H 54 3.13 92.36 29.18
N LYS H 55 4.05 92.21 28.23
CA LYS H 55 4.44 93.27 27.32
C LYS H 55 4.53 92.67 25.94
N GLN H 56 4.41 93.56 24.95
CA GLN H 56 4.33 93.15 23.57
C GLN H 56 5.65 92.50 23.25
N GLY H 57 5.57 91.23 22.86
CA GLY H 57 6.76 90.43 22.64
C GLY H 57 6.55 88.99 23.04
N TYR H 58 5.98 88.77 24.23
CA TYR H 58 5.85 87.41 24.71
C TYR H 58 4.45 86.97 24.37
N VAL H 59 4.33 85.67 24.27
CA VAL H 59 3.22 85.01 23.63
C VAL H 59 3.03 83.77 24.43
N ILE H 60 1.84 83.18 24.40
CA ILE H 60 1.62 81.91 25.09
C ILE H 60 0.73 80.96 24.29
N TYR H 61 1.10 79.69 24.29
CA TYR H 61 0.48 78.71 23.43
C TYR H 61 -0.04 77.59 24.30
N ARG H 62 -1.35 77.32 24.32
CA ARG H 62 -1.88 76.11 25.03
C ARG H 62 -1.61 74.99 24.07
N ILE H 63 -1.35 73.83 24.63
CA ILE H 63 -1.00 72.68 23.83
C ILE H 63 -1.33 71.36 24.53
N ARG H 64 -2.11 70.53 23.84
CA ARG H 64 -2.37 69.17 24.26
C ARG H 64 -1.17 68.29 24.13
N VAL H 65 -1.16 67.27 24.95
CA VAL H 65 -0.22 66.20 24.84
C VAL H 65 -1.00 64.96 25.13
N ARG H 66 -0.95 63.99 24.23
CA ARG H 66 -1.64 62.73 24.45
C ARG H 66 -1.02 61.98 25.64
N ARG H 67 -1.86 61.75 26.63
CA ARG H 67 -1.46 61.34 27.95
C ARG H 67 -1.22 59.88 27.93
N GLY H 68 -0.30 59.44 28.78
CA GLY H 68 0.04 58.04 28.91
C GLY H 68 1.46 57.77 28.47
N GLY H 69 1.86 56.51 28.63
CA GLY H 69 3.24 56.11 28.42
C GLY H 69 3.63 56.00 26.96
N ARG H 70 4.61 55.14 26.74
CA ARG H 70 5.29 54.98 25.46
C ARG H 70 5.30 53.50 25.13
N LYS H 71 5.41 53.22 23.85
CA LYS H 71 5.12 51.92 23.33
C LYS H 71 6.18 51.66 22.26
N ARG H 72 6.97 50.61 22.43
CA ARG H 72 8.07 50.31 21.53
C ARG H 72 7.53 50.15 20.10
N PRO H 73 7.96 51.01 19.16
CA PRO H 73 7.34 51.11 17.84
C PRO H 73 7.91 50.11 16.86
N VAL H 74 7.44 48.88 16.99
CA VAL H 74 8.00 47.77 16.25
C VAL H 74 6.89 46.92 15.68
N PRO H 75 7.10 46.31 14.51
CA PRO H 75 6.03 45.58 13.85
C PRO H 75 5.52 44.40 14.67
N LYS H 76 4.35 44.61 15.29
CA LYS H 76 3.74 43.64 16.20
C LYS H 76 4.56 43.61 17.52
N GLY H 77 4.78 42.44 18.10
CA GLY H 77 5.62 42.32 19.28
C GLY H 77 7.05 42.54 18.84
N ALA H 78 7.50 41.66 17.95
CA ALA H 78 8.81 41.68 17.27
C ALA H 78 9.85 42.68 17.76
N THR H 79 10.16 42.57 19.05
CA THR H 79 11.33 43.23 19.58
C THR H 79 12.35 42.14 19.55
N TYR H 80 12.85 41.95 18.35
CA TYR H 80 13.92 41.05 18.07
C TYR H 80 15.08 41.12 19.08
N GLY H 81 15.73 39.99 19.26
CA GLY H 81 16.82 39.89 20.22
C GLY H 81 16.38 39.35 21.57
N LYS H 82 17.21 39.59 22.56
CA LYS H 82 17.19 38.82 23.80
C LYS H 82 16.00 39.19 24.67
N PRO H 83 15.53 38.25 25.52
CA PRO H 83 14.34 38.47 26.34
C PRO H 83 14.41 39.56 27.44
N VAL H 84 15.55 40.21 27.66
CA VAL H 84 15.54 41.48 28.40
C VAL H 84 14.90 42.52 27.53
N HIS H 85 15.34 42.53 26.30
CA HIS H 85 15.10 43.64 25.43
C HIS H 85 13.80 43.45 24.72
N HIS H 86 12.87 42.87 25.47
CA HIS H 86 11.90 42.02 24.84
C HIS H 86 10.49 42.46 25.20
N GLY H 87 10.39 43.78 25.39
CA GLY H 87 9.20 44.43 25.93
C GLY H 87 8.63 45.41 24.95
N VAL H 88 7.52 46.05 25.33
CA VAL H 88 6.85 46.96 24.40
C VAL H 88 5.65 47.73 25.00
N ASN H 89 4.81 47.08 25.78
CA ASN H 89 3.65 47.77 26.35
C ASN H 89 3.98 48.79 27.39
N GLN H 90 4.84 48.40 28.31
CA GLN H 90 4.69 48.85 29.68
C GLN H 90 5.72 49.87 30.08
N LEU H 91 6.29 50.56 29.09
CA LEU H 91 7.56 51.22 29.28
C LEU H 91 7.52 52.66 28.90
N LYS H 92 8.36 53.44 29.55
CA LYS H 92 8.12 54.87 29.68
C LYS H 92 9.14 55.76 29.00
N PHE H 93 8.66 56.92 28.56
CA PHE H 93 9.54 57.89 27.97
C PHE H 93 10.53 58.42 29.03
N ALA H 94 11.77 58.72 28.66
CA ALA H 94 12.71 59.36 29.60
C ALA H 94 12.29 60.76 30.08
N ARG H 95 12.20 61.74 29.17
CA ARG H 95 11.52 63.04 29.41
C ARG H 95 10.11 63.00 30.08
N SER H 96 9.61 64.18 30.45
CA SER H 96 8.24 64.37 30.92
C SER H 96 7.32 64.87 29.80
N LEU H 97 6.02 64.77 30.02
CA LEU H 97 5.05 65.25 29.04
C LEU H 97 5.07 66.76 28.89
N GLN H 98 5.21 67.48 30.00
CA GLN H 98 5.32 68.93 29.95
C GLN H 98 6.41 69.32 28.96
N SER H 99 7.56 68.66 29.03
CA SER H 99 8.69 69.00 28.15
C SER H 99 8.42 68.67 26.70
N VAL H 100 7.55 67.70 26.44
CA VAL H 100 7.08 67.42 25.09
C VAL H 100 6.24 68.60 24.63
N ALA H 101 5.33 69.08 25.46
CA ALA H 101 4.53 70.27 25.11
C ALA H 101 5.44 71.41 24.71
N GLU H 102 6.42 71.71 25.57
CA GLU H 102 7.34 72.80 25.28
C GLU H 102 8.01 72.56 23.94
N GLU H 103 8.48 71.34 23.74
CA GLU H 103 9.08 70.90 22.47
C GLU H 103 8.24 71.38 21.29
N ARG H 104 6.99 70.95 21.28
CA ARG H 104 6.14 71.04 20.10
C ARG H 104 5.65 72.45 19.82
N ALA H 105 5.51 73.26 20.88
CA ALA H 105 5.15 74.68 20.73
C ALA H 105 6.31 75.49 20.21
N GLY H 106 7.49 75.24 20.78
CA GLY H 106 8.72 75.83 20.27
C GLY H 106 9.09 75.36 18.88
N ARG H 107 8.63 74.18 18.52
CA ARG H 107 8.82 73.65 17.20
C ARG H 107 7.80 74.17 16.16
N HIS H 108 6.63 74.68 16.61
CA HIS H 108 5.73 75.40 15.69
C HIS H 108 6.30 76.75 15.34
N CYS H 109 6.53 77.54 16.38
CA CYS H 109 6.93 78.91 16.23
C CYS H 109 8.47 78.94 16.27
N GLY H 110 9.08 78.39 15.22
CA GLY H 110 10.53 78.24 15.13
C GLY H 110 11.26 79.57 15.22
N ALA H 111 10.59 80.63 14.79
CA ALA H 111 11.04 81.99 15.04
C ALA H 111 11.19 82.23 16.53
N LEU H 112 10.09 81.98 17.25
CA LEU H 112 10.03 82.25 18.69
C LEU H 112 10.97 81.35 19.47
N ARG H 113 11.36 81.84 20.65
CA ARG H 113 12.26 81.10 21.51
C ARG H 113 11.52 80.77 22.81
N VAL H 114 11.46 79.47 23.14
CA VAL H 114 10.71 78.97 24.30
C VAL H 114 11.35 79.41 25.58
N LEU H 115 10.52 79.79 26.53
CA LEU H 115 10.97 80.13 27.84
C LEU H 115 10.74 78.95 28.78
N ASN H 116 9.46 78.61 29.03
CA ASN H 116 9.05 77.89 30.23
C ASN H 116 7.49 77.72 30.25
N SER H 117 6.92 76.84 31.09
CA SER H 117 5.46 76.51 31.08
C SER H 117 4.73 76.07 32.41
N TYR H 118 3.47 76.49 32.55
CA TYR H 118 2.54 76.19 33.73
C TYR H 118 1.86 74.91 33.28
N TRP H 119 0.94 74.46 34.12
CA TRP H 119 -0.14 73.60 33.75
C TRP H 119 -1.48 74.33 33.75
N VAL H 120 -2.28 74.15 32.71
CA VAL H 120 -3.68 74.55 32.79
C VAL H 120 -4.78 73.54 33.19
N GLY H 121 -4.94 72.40 32.49
CA GLY H 121 -5.96 71.37 32.87
C GLY H 121 -5.65 69.94 32.42
N GLU H 122 -6.27 68.92 33.03
CA GLU H 122 -6.11 67.54 32.54
C GLU H 122 -7.37 66.70 32.45
N ASP H 123 -7.20 65.65 31.65
CA ASP H 123 -8.20 64.68 31.28
C ASP H 123 -7.52 63.33 31.50
N SER H 124 -8.29 62.25 31.43
CA SER H 124 -7.74 60.88 31.39
C SER H 124 -6.91 60.52 30.20
N THR H 125 -7.07 61.29 29.14
CA THR H 125 -6.43 60.98 27.89
C THR H 125 -5.44 62.04 27.42
N TYR H 126 -5.44 63.23 28.01
CA TYR H 126 -4.48 64.27 27.60
C TYR H 126 -4.03 65.08 28.81
N LYS H 127 -3.10 66.00 28.56
CA LYS H 127 -2.73 67.04 29.51
C LYS H 127 -2.57 68.34 28.76
N PHE H 128 -3.02 69.45 29.34
CA PHE H 128 -3.02 70.72 28.63
C PHE H 128 -1.96 71.62 29.18
N PHE H 129 -0.86 71.74 28.46
CA PHE H 129 0.28 72.48 28.94
C PHE H 129 0.31 73.81 28.24
N GLU H 130 0.20 74.91 28.98
CA GLU H 130 0.27 76.20 28.30
C GLU H 130 1.68 76.80 28.45
N VAL H 131 2.23 77.33 27.35
CA VAL H 131 3.68 77.50 27.16
C VAL H 131 4.00 78.96 26.95
N ILE H 132 5.06 79.47 27.59
CA ILE H 132 5.47 80.87 27.39
C ILE H 132 6.57 80.95 26.34
N LEU H 133 6.32 81.74 25.30
CA LEU H 133 7.24 81.94 24.19
C LEU H 133 7.55 83.39 24.06
N ILE H 134 8.64 83.72 23.39
CA ILE H 134 9.03 85.11 23.21
C ILE H 134 9.47 85.34 21.76
N ASP H 135 9.25 86.55 21.25
CA ASP H 135 9.94 87.03 20.05
C ASP H 135 11.27 87.52 20.51
N PRO H 136 12.36 86.95 20.01
CA PRO H 136 13.63 87.59 20.33
C PRO H 136 13.81 88.99 19.73
N PHE H 137 12.97 89.36 18.77
CA PHE H 137 13.20 90.48 17.88
C PHE H 137 11.91 91.33 17.93
N HIS H 138 11.22 91.37 19.10
CA HIS H 138 10.62 92.64 19.47
C HIS H 138 11.60 93.52 20.14
N LYS H 139 11.82 94.66 19.51
CA LYS H 139 12.51 95.79 20.09
C LYS H 139 12.17 96.02 21.57
N ALA H 140 10.94 95.69 21.96
CA ALA H 140 10.55 95.56 23.37
C ALA H 140 11.32 94.49 24.17
N ILE H 141 12.18 93.73 23.50
CA ILE H 141 13.02 92.71 24.12
C ILE H 141 14.49 92.91 23.77
N ARG H 142 14.90 93.10 22.51
CA ARG H 142 16.31 93.47 22.26
C ARG H 142 16.67 94.64 23.22
N ARG H 143 15.88 95.72 23.23
CA ARG H 143 16.27 96.97 23.90
C ARG H 143 16.24 96.95 25.40
N ASN H 144 15.27 96.27 26.00
CA ASN H 144 15.33 96.09 27.45
C ASN H 144 16.37 95.00 27.77
N PRO H 145 17.34 95.27 28.68
CA PRO H 145 18.23 94.20 29.13
C PRO H 145 17.48 93.22 30.02
N ASP H 146 18.19 92.29 30.65
CA ASP H 146 17.57 91.12 31.31
C ASP H 146 16.89 90.21 30.29
N THR H 147 15.84 90.72 29.65
CA THR H 147 15.19 90.03 28.56
C THR H 147 16.11 89.78 27.37
N GLN H 148 17.13 90.62 27.13
CA GLN H 148 17.92 90.50 25.88
C GLN H 148 18.91 89.38 25.85
N TRP H 149 18.67 88.38 26.68
CA TRP H 149 19.55 87.27 26.74
C TRP H 149 19.02 86.05 25.97
N ILE H 150 17.79 86.16 25.43
CA ILE H 150 17.16 85.09 24.63
C ILE H 150 17.58 85.30 23.21
N THR H 151 17.64 86.57 22.87
CA THR H 151 18.09 87.02 21.56
C THR H 151 19.32 86.29 21.09
N LYS H 152 20.30 86.17 21.99
CA LYS H 152 21.60 85.57 21.70
C LYS H 152 21.48 84.17 21.11
N PRO H 153 22.33 83.85 20.11
CA PRO H 153 22.12 82.67 19.28
C PRO H 153 22.35 81.35 20.01
N VAL H 154 22.97 81.41 21.18
CA VAL H 154 23.20 80.22 22.00
C VAL H 154 21.88 79.57 22.32
N HIS H 155 20.89 80.38 22.68
CA HIS H 155 19.66 79.84 23.23
C HIS H 155 18.65 79.33 22.20
N LYS H 156 19.00 79.38 20.91
CA LYS H 156 18.18 78.76 19.85
C LYS H 156 17.57 77.40 20.24
N HIS H 157 16.23 77.40 20.26
CA HIS H 157 15.39 76.36 20.82
C HIS H 157 16.00 75.78 22.11
N ARG H 158 15.72 76.41 23.24
CA ARG H 158 16.19 75.87 24.52
C ARG H 158 15.56 74.50 24.80
N GLU H 159 14.29 74.35 24.44
CA GLU H 159 13.48 73.16 24.73
C GLU H 159 13.85 71.84 24.01
N MET H 160 14.65 71.93 22.95
CA MET H 160 15.09 70.76 22.17
C MET H 160 16.36 70.13 22.73
N ARG H 161 17.20 70.97 23.34
CA ARG H 161 18.40 70.54 24.05
C ARG H 161 18.12 70.06 25.48
N GLY H 162 17.05 70.57 26.08
CA GLY H 162 16.67 70.26 27.46
C GLY H 162 17.29 71.27 28.39
N LEU H 163 17.00 72.54 28.16
CA LEU H 163 17.40 73.61 29.06
C LEU H 163 16.24 74.24 29.79
N THR H 164 15.02 73.86 29.43
CA THR H 164 13.83 74.37 30.10
C THR H 164 13.69 73.76 31.50
N SER H 165 13.09 74.54 32.40
CA SER H 165 12.63 74.07 33.71
C SER H 165 12.25 72.58 33.74
N ALA H 166 11.28 72.23 32.91
CA ALA H 166 10.78 70.87 32.75
C ALA H 166 11.79 70.02 32.04
N GLY H 167 12.28 70.52 30.90
CA GLY H 167 13.24 69.82 30.06
C GLY H 167 14.52 69.35 30.74
N ARG H 168 14.94 70.08 31.78
CA ARG H 168 16.19 69.76 32.49
C ARG H 168 15.97 68.69 33.55
N LYS H 169 14.79 68.65 34.17
CA LYS H 169 14.50 67.64 35.18
C LYS H 169 14.82 66.22 34.68
N SER H 170 14.59 65.98 33.38
CA SER H 170 14.90 64.70 32.75
C SER H 170 16.39 64.33 32.73
N ARG H 171 17.25 65.35 32.58
CA ARG H 171 18.71 65.17 32.51
C ARG H 171 19.27 64.69 33.83
N GLY H 172 18.64 65.12 34.91
CA GLY H 172 18.91 64.59 36.24
C GLY H 172 20.16 65.19 36.81
N LEU H 173 20.15 66.52 36.88
CA LEU H 173 21.24 67.24 37.46
C LEU H 173 20.77 67.95 38.72
N GLY H 174 21.77 68.34 39.49
CA GLY H 174 21.63 69.00 40.77
C GLY H 174 23.02 68.97 41.35
N LYS H 175 23.12 69.28 42.63
CA LYS H 175 24.35 69.03 43.36
C LYS H 175 24.05 67.91 44.31
N GLY H 176 25.09 67.15 44.64
CA GLY H 176 25.03 66.29 45.81
C GLY H 176 25.21 64.83 45.58
N HIS H 177 24.75 64.03 46.53
CA HIS H 177 25.03 62.61 46.47
C HIS H 177 24.07 61.82 45.60
N LYS H 178 23.25 62.50 44.81
CA LYS H 178 22.46 61.84 43.81
C LYS H 178 22.73 62.33 42.38
N PHE H 179 23.30 63.52 42.23
CA PHE H 179 23.48 64.17 40.92
C PHE H 179 25.01 63.95 40.65
N HIS H 180 25.33 62.62 40.63
CA HIS H 180 26.69 62.02 40.64
C HIS H 180 27.09 61.52 39.28
N HIS H 181 26.20 60.79 38.64
CA HIS H 181 26.13 60.90 37.20
C HIS H 181 25.59 62.29 36.90
N THR H 182 26.04 62.87 35.79
CA THR H 182 25.93 64.31 35.48
C THR H 182 26.82 65.19 36.37
N ILE H 183 27.96 64.65 36.80
CA ILE H 183 28.91 65.42 37.60
C ILE H 183 30.05 66.03 36.77
N GLY H 184 30.12 65.68 35.48
CA GLY H 184 30.74 66.56 34.49
C GLY H 184 29.73 67.63 34.12
N GLY H 185 29.69 67.99 32.85
CA GLY H 185 28.63 68.88 32.37
C GLY H 185 27.24 68.27 32.49
N SER H 186 27.14 67.01 32.08
CA SER H 186 25.87 66.37 31.87
C SER H 186 26.03 64.87 31.75
N ARG H 187 24.91 64.18 31.87
CA ARG H 187 24.80 62.73 31.85
C ARG H 187 25.79 62.02 30.97
N ARG H 188 25.99 62.56 29.78
CA ARG H 188 26.90 61.99 28.82
C ARG H 188 28.33 62.35 29.20
N ALA H 189 28.59 63.64 29.39
CA ALA H 189 29.94 64.12 29.70
C ALA H 189 30.42 63.80 31.10
N ALA H 190 29.60 63.09 31.89
CA ALA H 190 30.15 62.25 32.93
C ALA H 190 30.98 61.19 32.23
N TRP H 191 30.36 60.20 31.59
CA TRP H 191 31.17 59.05 31.24
C TRP H 191 32.25 59.31 30.19
N ARG H 192 32.02 60.18 29.21
CA ARG H 192 33.13 60.61 28.32
C ARG H 192 34.44 60.71 29.08
N ARG H 193 34.37 61.19 30.33
CA ARG H 193 35.52 61.36 31.21
C ARG H 193 35.99 60.13 31.94
N ARG H 194 35.05 59.27 32.29
CA ARG H 194 35.30 58.09 33.11
C ARG H 194 35.71 56.93 32.22
N ASN H 195 35.06 56.78 31.05
CA ASN H 195 35.46 55.75 30.09
C ASN H 195 36.44 56.36 29.09
N THR H 196 37.54 56.89 29.62
CA THR H 196 38.71 57.23 28.84
C THR H 196 39.95 56.89 29.63
N LEU H 197 40.94 56.32 28.95
CA LEU H 197 42.28 56.28 29.50
C LEU H 197 42.87 57.67 29.34
N GLN H 198 43.26 58.27 30.46
CA GLN H 198 44.30 59.30 30.40
C GLN H 198 45.60 58.54 30.35
N LEU H 199 46.01 58.34 29.09
CA LEU H 199 47.31 57.88 28.71
C LEU H 199 48.18 59.10 28.55
N HIS H 200 49.02 59.36 29.55
CA HIS H 200 49.78 60.59 29.58
C HIS H 200 50.88 60.48 28.54
N ARG H 201 51.57 61.60 28.31
CA ARG H 201 52.76 61.63 27.44
C ARG H 201 53.79 60.65 27.99
N TYR H 202 53.95 60.78 29.28
CA TYR H 202 55.21 60.63 29.90
C TYR H 202 55.16 59.57 31.00
N ARG H 203 54.00 58.95 31.19
CA ARG H 203 53.81 57.57 31.70
C ARG H 203 54.38 57.25 33.07
N GLU I 1 95.67 -13.69 -17.03
CA GLU I 1 96.58 -13.58 -18.22
C GLU I 1 96.17 -12.39 -19.12
N GLY I 2 96.91 -12.17 -20.22
CA GLY I 2 96.64 -11.07 -21.15
C GLY I 2 95.65 -11.43 -22.26
N GLN I 3 95.78 -10.74 -23.41
CA GLN I 3 95.14 -11.04 -24.74
C GLN I 3 93.68 -11.61 -24.78
N VAL I 4 93.20 -11.95 -25.98
CA VAL I 4 91.86 -12.54 -26.15
C VAL I 4 91.80 -13.97 -25.59
N LEU I 5 90.73 -14.29 -24.88
CA LEU I 5 90.45 -15.66 -24.42
C LEU I 5 89.54 -16.39 -25.36
N VAL I 6 89.75 -17.68 -25.50
CA VAL I 6 88.81 -18.54 -26.20
C VAL I 6 88.51 -19.70 -25.29
N LEU I 7 87.24 -19.88 -24.93
CA LEU I 7 86.86 -20.98 -24.10
C LEU I 7 86.03 -21.92 -24.92
N ASP I 8 86.30 -23.20 -24.78
CA ASP I 8 85.54 -24.23 -25.47
C ASP I 8 84.44 -24.75 -24.54
N GLY I 9 83.21 -24.30 -24.81
CA GLY I 9 82.04 -24.58 -23.97
C GLY I 9 81.76 -26.02 -23.63
N ARG I 10 82.07 -26.97 -24.53
CA ARG I 10 81.74 -28.37 -24.26
C ARG I 10 82.25 -28.79 -22.89
N GLY I 11 81.46 -29.60 -22.22
CA GLY I 11 81.86 -30.19 -20.95
C GLY I 11 81.85 -29.23 -19.78
N HIS I 12 81.32 -28.02 -19.97
CA HIS I 12 81.25 -27.07 -18.88
C HIS I 12 79.84 -27.02 -18.30
N LEU I 13 79.72 -26.30 -17.19
CA LEU I 13 78.43 -26.11 -16.53
C LEU I 13 77.92 -24.70 -16.71
N LEU I 14 76.73 -24.66 -17.31
CA LEU I 14 76.19 -23.46 -17.87
C LEU I 14 76.47 -22.20 -17.06
N GLY I 15 76.08 -22.17 -15.79
CA GLY I 15 76.25 -20.99 -14.96
C GLY I 15 77.58 -20.90 -14.24
N ARG I 16 78.12 -22.06 -13.91
CA ARG I 16 79.40 -22.17 -13.22
C ARG I 16 80.51 -21.56 -14.06
N LEU I 17 80.42 -21.81 -15.36
CA LEU I 17 81.27 -21.19 -16.38
C LEU I 17 80.99 -19.71 -16.43
N ALA I 18 79.73 -19.37 -16.65
CA ALA I 18 79.32 -18.00 -16.88
C ALA I 18 79.71 -17.04 -15.77
N ALA I 19 79.75 -17.50 -14.51
CA ALA I 19 80.23 -16.67 -13.41
C ALA I 19 81.71 -16.34 -13.60
N ILE I 20 82.48 -17.33 -14.04
CA ILE I 20 83.91 -17.15 -14.29
C ILE I 20 84.18 -16.27 -15.50
N VAL I 21 83.43 -16.48 -16.57
CA VAL I 21 83.50 -15.59 -17.71
C VAL I 21 83.25 -14.17 -17.22
N ALA I 22 82.06 -13.96 -16.66
CA ALA I 22 81.60 -12.62 -16.23
C ALA I 22 82.52 -11.88 -15.28
N LYS I 23 83.30 -12.60 -14.46
CA LYS I 23 84.28 -11.94 -13.61
C LYS I 23 85.36 -11.30 -14.47
N GLN I 24 85.82 -12.03 -15.47
CA GLN I 24 86.92 -11.56 -16.31
C GLN I 24 86.55 -10.60 -17.41
N VAL I 25 85.29 -10.64 -17.79
CA VAL I 25 84.77 -9.61 -18.63
C VAL I 25 84.83 -8.27 -17.89
N LEU I 26 84.49 -8.24 -16.60
CA LEU I 26 84.54 -7.00 -15.79
C LEU I 26 85.93 -6.49 -15.46
N LEU I 27 86.93 -7.34 -15.64
CA LEU I 27 88.35 -6.96 -15.48
C LEU I 27 89.04 -6.61 -16.81
N GLY I 28 88.23 -6.35 -17.83
CA GLY I 28 88.74 -5.83 -19.11
C GLY I 28 89.24 -6.87 -20.08
N ARG I 29 89.19 -8.14 -19.68
CA ARG I 29 89.71 -9.23 -20.49
C ARG I 29 88.64 -9.64 -21.50
N LYS I 30 89.03 -9.79 -22.75
CA LYS I 30 88.10 -10.18 -23.81
C LYS I 30 87.96 -11.69 -23.89
N VAL I 31 86.73 -12.17 -23.69
CA VAL I 31 86.44 -13.59 -23.66
C VAL I 31 85.62 -13.93 -24.87
N VAL I 32 85.87 -15.10 -25.42
CA VAL I 32 85.07 -15.61 -26.50
C VAL I 32 84.73 -17.05 -26.25
N VAL I 33 83.49 -17.27 -25.83
CA VAL I 33 83.00 -18.60 -25.55
C VAL I 33 82.49 -19.17 -26.85
N VAL I 34 82.83 -20.41 -27.06
CA VAL I 34 82.61 -21.06 -28.32
C VAL I 34 81.90 -22.37 -28.02
N ARG I 35 81.13 -22.83 -28.99
CA ARG I 35 80.64 -24.20 -29.01
C ARG I 35 79.56 -24.43 -27.98
N CYS I 36 78.71 -23.43 -27.78
CA CYS I 36 77.80 -23.41 -26.63
C CYS I 36 76.73 -24.51 -26.60
N GLU I 37 76.37 -25.04 -27.75
CA GLU I 37 75.63 -26.30 -27.77
C GLU I 37 76.15 -27.35 -26.80
N GLY I 38 77.46 -27.53 -26.79
CA GLY I 38 78.10 -28.51 -25.91
C GLY I 38 77.95 -28.25 -24.43
N ILE I 39 77.77 -27.00 -24.06
CA ILE I 39 77.61 -26.60 -22.66
C ILE I 39 76.48 -27.39 -22.00
N ASN I 40 76.67 -27.81 -20.75
CA ASN I 40 75.72 -28.73 -20.11
C ASN I 40 75.36 -28.32 -18.69
N ILE I 41 74.24 -28.85 -18.21
CA ILE I 41 73.60 -28.37 -17.00
C ILE I 41 73.27 -29.50 -16.05
N SER I 42 73.45 -29.25 -14.76
CA SER I 42 73.06 -30.18 -13.69
C SER I 42 71.56 -30.17 -13.54
N GLY I 43 71.03 -31.25 -12.98
CA GLY I 43 69.60 -31.56 -13.02
C GLY I 43 69.36 -32.36 -14.29
N ASN I 44 68.27 -33.14 -14.32
CA ASN I 44 68.02 -34.05 -15.44
C ASN I 44 67.46 -33.32 -16.66
N PHE I 45 67.36 -34.00 -17.82
CA PHE I 45 67.07 -33.25 -19.05
C PHE I 45 65.85 -32.38 -18.84
N TYR I 46 64.75 -33.05 -18.58
CA TYR I 46 63.41 -32.47 -18.51
C TYR I 46 63.28 -31.37 -17.50
N ARG I 47 63.75 -31.64 -16.30
CA ARG I 47 63.79 -30.63 -15.23
C ARG I 47 64.03 -29.21 -15.77
N ASN I 48 65.11 -29.07 -16.54
CA ASN I 48 65.60 -27.79 -17.04
C ASN I 48 64.85 -27.37 -18.28
N LYS I 49 64.28 -28.33 -19.02
CA LYS I 49 63.32 -27.99 -20.06
C LYS I 49 62.09 -27.39 -19.43
N LEU I 50 61.52 -28.12 -18.49
CA LEU I 50 60.37 -27.65 -17.73
C LEU I 50 60.63 -26.27 -17.13
N LYS I 51 61.86 -26.08 -16.66
CA LYS I 51 62.31 -24.79 -16.13
C LYS I 51 62.47 -23.72 -17.18
N TYR I 52 62.86 -24.11 -18.40
CA TYR I 52 62.87 -23.19 -19.52
C TYR I 52 61.45 -22.85 -19.96
N LEU I 53 60.62 -23.87 -20.15
CA LEU I 53 59.26 -23.60 -20.56
C LEU I 53 58.57 -22.65 -19.59
N ALA I 54 58.92 -22.74 -18.30
CA ALA I 54 58.47 -21.75 -17.30
C ALA I 54 58.86 -20.33 -17.67
N PHE I 55 60.10 -20.14 -18.08
CA PHE I 55 60.56 -18.89 -18.69
C PHE I 55 59.63 -18.43 -19.82
N LEU I 56 59.39 -19.28 -20.81
CA LEU I 56 58.60 -18.89 -21.98
C LEU I 56 57.19 -18.37 -21.69
N ARG I 57 56.58 -18.85 -20.61
CA ARG I 57 55.26 -18.38 -20.16
C ARG I 57 55.34 -16.99 -19.54
N LYS I 58 56.48 -16.68 -18.91
CA LYS I 58 56.77 -15.32 -18.42
C LYS I 58 56.79 -14.40 -19.62
N ARG I 59 55.85 -13.48 -19.70
CA ARG I 59 55.67 -12.70 -20.93
C ARG I 59 54.72 -11.54 -20.71
N MET I 60 55.14 -10.36 -21.17
CA MET I 60 54.47 -9.08 -20.86
C MET I 60 53.14 -9.09 -21.56
N ASN I 61 52.09 -9.24 -20.76
CA ASN I 61 50.75 -9.50 -21.28
C ASN I 61 50.24 -8.41 -22.21
N THR I 62 50.31 -7.16 -21.75
CA THR I 62 49.68 -6.05 -22.46
C THR I 62 50.38 -5.62 -23.77
N ASN I 63 51.70 -5.77 -23.86
CA ASN I 63 52.31 -6.15 -25.14
C ASN I 63 53.56 -7.06 -24.89
N PRO I 64 53.65 -8.28 -25.50
CA PRO I 64 54.80 -9.19 -25.50
C PRO I 64 56.10 -8.85 -26.27
N SER I 65 56.01 -8.26 -27.46
CA SER I 65 57.21 -7.69 -28.14
C SER I 65 58.11 -6.73 -27.31
N ARG I 66 57.62 -6.22 -26.19
CA ARG I 66 58.41 -5.51 -25.20
C ARG I 66 59.01 -6.52 -24.26
N GLY I 67 58.12 -7.39 -23.77
CA GLY I 67 58.43 -8.37 -22.76
C GLY I 67 59.60 -9.25 -23.03
N PRO I 68 59.98 -10.05 -22.04
CA PRO I 68 61.28 -10.69 -22.04
C PRO I 68 61.58 -11.40 -23.36
N TYR I 69 62.81 -11.34 -23.82
CA TYR I 69 63.16 -12.03 -25.02
C TYR I 69 63.79 -13.38 -24.67
N HIS I 70 63.07 -14.47 -24.91
CA HIS I 70 63.52 -15.83 -24.56
C HIS I 70 64.20 -16.26 -25.85
N PHE I 71 65.49 -15.90 -25.98
CA PHE I 71 66.29 -16.31 -27.14
C PHE I 71 66.45 -17.81 -27.01
N ARG I 72 66.59 -18.48 -28.14
CA ARG I 72 66.59 -19.93 -28.21
C ARG I 72 67.95 -20.60 -28.46
N ALA I 73 68.85 -19.94 -29.20
CA ALA I 73 70.20 -20.48 -29.42
C ALA I 73 71.01 -20.51 -28.12
N PRO I 74 71.79 -21.58 -27.89
CA PRO I 74 72.60 -21.72 -26.68
C PRO I 74 73.56 -20.58 -26.42
N SER I 75 74.16 -20.04 -27.49
CA SER I 75 74.98 -18.84 -27.40
C SER I 75 74.19 -17.81 -26.63
N ARG I 76 73.02 -17.54 -27.17
CA ARG I 76 72.19 -16.52 -26.61
C ARG I 76 71.78 -16.90 -25.21
N ILE I 77 71.47 -18.17 -24.96
CA ILE I 77 71.01 -18.56 -23.63
C ILE I 77 72.04 -18.27 -22.57
N PHE I 78 73.24 -18.70 -22.84
CA PHE I 78 74.38 -18.46 -21.98
C PHE I 78 74.64 -16.99 -21.80
N TRP I 79 74.66 -16.24 -22.90
CA TRP I 79 74.83 -14.80 -22.81
C TRP I 79 73.93 -14.28 -21.72
N ARG I 80 72.67 -14.67 -21.80
CA ARG I 80 71.71 -14.25 -20.82
C ARG I 80 72.25 -14.54 -19.42
N THR I 81 72.69 -15.77 -19.19
CA THR I 81 73.14 -16.14 -17.85
C THR I 81 74.38 -15.36 -17.44
N VAL I 82 75.24 -15.01 -18.40
CA VAL I 82 76.39 -14.18 -18.07
C VAL I 82 75.91 -12.80 -17.71
N ARG I 83 75.03 -12.30 -18.56
CA ARG I 83 74.49 -10.95 -18.42
C ARG I 83 73.81 -10.71 -17.08
N GLY I 84 72.95 -11.62 -16.65
CA GLY I 84 72.41 -11.59 -15.28
C GLY I 84 73.44 -11.55 -14.14
N MET I 85 74.68 -11.93 -14.42
CA MET I 85 75.81 -11.79 -13.50
C MET I 85 76.72 -10.59 -13.78
N LEU I 86 76.25 -9.67 -14.64
CA LEU I 86 76.86 -8.35 -14.77
C LEU I 86 75.90 -7.27 -14.28
N PRO I 87 76.42 -6.09 -13.93
CA PRO I 87 75.57 -4.96 -13.55
C PRO I 87 75.16 -4.19 -14.80
N HIS I 88 74.32 -4.83 -15.60
CA HIS I 88 74.15 -4.40 -16.98
C HIS I 88 73.21 -3.27 -17.24
N LYS I 89 72.66 -2.74 -16.17
CA LYS I 89 71.97 -1.50 -16.27
C LYS I 89 73.02 -0.41 -16.57
N THR I 90 74.20 -0.52 -15.96
CA THR I 90 75.20 0.54 -15.98
C THR I 90 76.19 0.45 -17.16
N LYS I 91 76.94 1.54 -17.35
CA LYS I 91 77.83 1.66 -18.49
C LYS I 91 78.94 0.62 -18.50
N ARG I 92 79.53 0.34 -17.34
CA ARG I 92 80.60 -0.68 -17.25
C ARG I 92 80.05 -2.08 -17.55
N GLY I 93 78.77 -2.31 -17.25
CA GLY I 93 78.13 -3.60 -17.51
C GLY I 93 77.87 -3.84 -18.97
N GLN I 94 77.47 -2.81 -19.69
CA GLN I 94 77.26 -2.91 -21.14
C GLN I 94 78.60 -2.93 -21.86
N ALA I 95 79.53 -2.13 -21.37
CA ALA I 95 80.92 -2.16 -21.83
C ALA I 95 81.55 -3.52 -21.55
N ALA I 96 81.15 -4.14 -20.44
CA ALA I 96 81.54 -5.52 -20.15
C ALA I 96 80.99 -6.44 -21.23
N LEU I 97 79.68 -6.61 -21.33
CA LEU I 97 79.08 -7.53 -22.32
C LEU I 97 79.71 -7.45 -23.69
N ASP I 98 80.09 -6.25 -24.12
CA ASP I 98 80.82 -6.07 -25.39
C ASP I 98 82.17 -6.78 -25.45
N ARG I 99 82.85 -6.92 -24.31
CA ARG I 99 84.07 -7.72 -24.23
C ARG I 99 83.80 -9.22 -24.34
N LEU I 100 82.58 -9.65 -24.00
CA LEU I 100 82.15 -11.02 -24.26
C LEU I 100 81.82 -11.22 -25.73
N LYS I 101 81.86 -12.47 -26.18
CA LYS I 101 81.39 -12.83 -27.49
C LYS I 101 81.16 -14.33 -27.57
N VAL I 102 80.03 -14.76 -28.10
CA VAL I 102 79.56 -16.14 -27.90
C VAL I 102 78.98 -16.80 -29.16
N PHE I 103 79.44 -18.03 -29.49
CA PHE I 103 79.07 -18.69 -30.76
C PHE I 103 78.52 -20.09 -30.53
N ASP I 104 77.69 -20.55 -31.48
CA ASP I 104 77.17 -21.94 -31.52
C ASP I 104 77.89 -22.61 -32.65
N GLY I 105 78.56 -23.70 -32.31
CA GLY I 105 79.60 -24.26 -33.15
C GLY I 105 80.87 -23.49 -32.89
N ILE I 106 81.86 -23.67 -33.77
CA ILE I 106 83.14 -22.97 -33.64
C ILE I 106 83.67 -22.40 -35.00
N PRO I 107 83.56 -21.07 -35.19
CA PRO I 107 83.72 -20.33 -36.48
C PRO I 107 85.12 -20.06 -36.91
N PRO I 108 85.30 -19.55 -38.14
CA PRO I 108 86.42 -18.72 -38.54
C PRO I 108 86.91 -17.78 -37.43
N PRO I 109 88.17 -17.34 -37.53
CA PRO I 109 89.18 -17.24 -36.51
C PRO I 109 89.26 -18.38 -35.48
N TYR I 110 88.16 -18.76 -34.87
CA TYR I 110 88.21 -19.50 -33.61
C TYR I 110 88.39 -21.02 -33.78
N ASP I 111 88.01 -21.59 -34.92
CA ASP I 111 88.56 -22.92 -35.38
C ASP I 111 90.04 -22.89 -35.30
N LYS I 112 90.59 -21.80 -35.81
CA LYS I 112 92.00 -21.68 -36.01
C LYS I 112 92.79 -21.03 -34.86
N LYS I 113 92.42 -21.40 -33.64
CA LYS I 113 93.11 -21.00 -32.43
C LYS I 113 92.97 -22.08 -31.37
N LYS I 114 94.07 -22.34 -30.66
CA LYS I 114 94.09 -23.24 -29.50
C LYS I 114 93.28 -22.60 -28.42
N ARG I 115 92.71 -23.40 -27.54
CA ARG I 115 91.62 -22.91 -26.73
C ARG I 115 91.23 -23.72 -25.52
N MET I 116 90.82 -22.95 -24.53
CA MET I 116 91.04 -23.27 -23.17
C MET I 116 89.74 -23.71 -22.52
N VAL I 117 89.86 -24.04 -21.24
CA VAL I 117 88.93 -24.91 -20.54
C VAL I 117 89.02 -24.55 -19.07
N VAL I 118 87.90 -24.17 -18.50
CA VAL I 118 87.82 -23.84 -17.08
C VAL I 118 87.51 -25.07 -16.23
N PRO I 119 88.51 -25.69 -15.62
CA PRO I 119 88.23 -26.89 -14.85
C PRO I 119 87.20 -26.66 -13.75
N ALA I 120 87.22 -25.49 -13.12
CA ALA I 120 86.26 -25.20 -12.06
C ALA I 120 84.82 -24.98 -12.52
N ALA I 121 84.60 -24.97 -13.82
CA ALA I 121 83.26 -25.02 -14.35
C ALA I 121 83.02 -26.31 -15.11
N LEU I 122 84.00 -27.20 -15.07
CA LEU I 122 84.00 -28.37 -15.94
C LEU I 122 83.19 -29.47 -15.27
N LYS I 123 82.34 -30.09 -16.07
CA LYS I 123 81.29 -30.95 -15.53
C LYS I 123 81.82 -32.17 -14.78
N VAL I 124 82.81 -32.85 -15.39
CA VAL I 124 83.43 -34.03 -14.79
C VAL I 124 83.97 -33.79 -13.38
N VAL I 125 84.37 -32.56 -13.13
CA VAL I 125 84.94 -32.14 -11.88
C VAL I 125 83.83 -31.73 -10.93
N ARG I 126 83.02 -30.76 -11.35
CA ARG I 126 82.04 -30.17 -10.45
C ARG I 126 80.93 -31.12 -10.05
N LEU I 127 80.49 -31.99 -10.99
CA LEU I 127 79.40 -32.96 -10.71
C LEU I 127 79.85 -34.33 -10.21
N LYS I 128 78.90 -35.05 -9.66
CA LYS I 128 79.06 -36.45 -9.29
C LYS I 128 78.74 -37.24 -10.54
N PRO I 129 79.43 -38.38 -10.77
CA PRO I 129 79.19 -39.19 -11.97
C PRO I 129 77.84 -39.93 -12.04
N THR I 130 77.11 -40.01 -10.93
CA THR I 130 75.81 -40.71 -10.89
C THR I 130 74.61 -39.75 -10.98
N ARG I 131 74.79 -38.64 -11.68
CA ARG I 131 73.77 -37.61 -11.79
C ARG I 131 73.44 -37.28 -13.21
N LYS I 132 72.26 -36.71 -13.38
CA LYS I 132 71.61 -36.70 -14.67
C LYS I 132 71.87 -35.42 -15.43
N PHE I 133 71.88 -35.50 -16.77
CA PHE I 133 71.74 -34.28 -17.56
C PHE I 133 71.43 -33.94 -19.00
N ALA I 134 71.05 -32.65 -19.11
CA ALA I 134 70.86 -31.92 -20.35
C ALA I 134 72.15 -31.43 -20.99
N TYR I 135 72.13 -31.41 -22.33
CA TYR I 135 73.03 -30.59 -23.13
C TYR I 135 72.23 -29.40 -23.58
N LEU I 136 72.77 -28.19 -23.40
CA LEU I 136 72.06 -26.99 -23.80
C LEU I 136 71.70 -27.01 -25.27
N GLY I 137 72.46 -27.76 -26.05
CA GLY I 137 72.07 -28.09 -27.43
C GLY I 137 70.68 -28.69 -27.60
N ARG I 138 70.40 -29.76 -26.85
CA ARG I 138 69.13 -30.49 -26.97
C ARG I 138 68.01 -29.72 -26.31
N LEU I 139 68.33 -29.09 -25.19
CA LEU I 139 67.43 -28.15 -24.54
C LEU I 139 66.99 -27.06 -25.50
N ALA I 140 67.97 -26.41 -26.11
CA ALA I 140 67.75 -25.34 -27.07
C ALA I 140 66.89 -25.78 -28.24
N HIS I 141 67.06 -27.02 -28.66
CA HIS I 141 66.27 -27.57 -29.74
C HIS I 141 64.81 -27.62 -29.35
N GLU I 142 64.53 -28.33 -28.26
CA GLU I 142 63.13 -28.61 -27.88
C GLU I 142 62.37 -27.39 -27.44
N VAL I 143 63.08 -26.27 -27.33
CA VAL I 143 62.51 -24.98 -26.98
C VAL I 143 62.33 -24.05 -28.20
N GLY I 144 62.91 -24.40 -29.36
CA GLY I 144 62.74 -23.63 -30.59
C GLY I 144 64.00 -23.13 -31.27
N TRP I 145 65.07 -23.92 -31.28
CA TRP I 145 66.15 -23.70 -32.27
C TRP I 145 65.60 -24.11 -33.61
N LYS I 146 66.33 -23.72 -34.64
CA LYS I 146 66.16 -24.30 -35.95
C LYS I 146 67.44 -24.98 -36.46
N TYR I 147 68.50 -24.94 -35.66
CA TYR I 147 69.85 -25.07 -36.16
C TYR I 147 70.71 -25.96 -35.27
N GLN I 148 70.14 -27.11 -34.88
CA GLN I 148 70.92 -28.17 -34.26
C GLN I 148 71.50 -29.05 -35.36
N ALA I 149 70.67 -29.33 -36.37
CA ALA I 149 71.09 -30.12 -37.53
C ALA I 149 72.24 -29.49 -38.31
N VAL I 150 72.17 -28.19 -38.51
CA VAL I 150 73.16 -27.49 -39.34
C VAL I 150 74.48 -27.47 -38.59
N THR I 151 74.47 -26.90 -37.39
CA THR I 151 75.68 -26.84 -36.56
C THR I 151 76.25 -28.21 -36.20
N ALA I 152 75.48 -29.28 -36.42
CA ALA I 152 76.04 -30.64 -36.42
C ALA I 152 76.86 -30.87 -37.66
N THR I 153 76.23 -30.75 -38.82
CA THR I 153 76.86 -31.10 -40.10
C THR I 153 78.06 -30.24 -40.44
N LEU I 154 78.06 -29.01 -39.93
CA LEU I 154 79.21 -28.14 -40.12
C LEU I 154 80.35 -28.53 -39.21
N GLU I 155 80.05 -28.80 -37.94
CA GLU I 155 81.07 -29.25 -37.02
C GLU I 155 81.68 -30.60 -37.41
N GLU I 156 80.88 -31.51 -37.96
CA GLU I 156 81.45 -32.75 -38.50
C GLU I 156 82.42 -32.46 -39.64
N LYS I 157 82.07 -31.48 -40.46
CA LYS I 157 82.92 -31.02 -41.56
C LYS I 157 84.21 -30.34 -41.07
N ARG I 158 84.09 -29.59 -40.00
CA ARG I 158 85.23 -28.96 -39.34
C ARG I 158 86.11 -29.99 -38.64
N LYS I 159 85.50 -30.95 -37.95
CA LYS I 159 86.23 -32.00 -37.23
C LYS I 159 87.11 -32.81 -38.18
N GLU I 160 86.51 -33.25 -39.28
CA GLU I 160 87.26 -33.95 -40.32
C GLU I 160 88.44 -33.15 -40.80
N LYS I 161 88.25 -31.84 -40.94
CA LYS I 161 89.32 -30.95 -41.39
C LYS I 161 90.41 -30.83 -40.32
N ALA I 162 89.99 -30.44 -39.12
CA ALA I 162 90.90 -30.31 -38.00
C ALA I 162 91.72 -31.57 -37.77
N LYS I 163 91.10 -32.73 -37.98
CA LYS I 163 91.83 -33.99 -37.86
C LYS I 163 93.03 -34.07 -38.80
N ILE I 164 92.87 -33.57 -40.02
CA ILE I 164 93.97 -33.55 -40.99
C ILE I 164 95.15 -32.78 -40.39
N HIS I 165 94.90 -31.54 -39.99
CA HIS I 165 95.91 -30.71 -39.31
C HIS I 165 96.46 -31.47 -38.13
N TYR I 166 95.62 -31.98 -37.22
CA TYR I 166 96.21 -32.69 -36.08
C TYR I 166 97.18 -33.75 -36.63
N ARG I 167 96.78 -34.55 -37.62
CA ARG I 167 97.67 -35.60 -38.13
C ARG I 167 98.98 -35.09 -38.79
N LYS I 168 98.91 -34.00 -39.56
CA LYS I 168 100.12 -33.39 -40.12
C LYS I 168 101.05 -32.84 -39.04
N LYS I 169 100.47 -32.17 -38.04
CA LYS I 169 101.20 -31.74 -36.83
C LYS I 169 101.80 -32.90 -36.05
N LYS I 170 101.07 -34.01 -36.01
CA LYS I 170 101.58 -35.24 -35.44
C LYS I 170 102.81 -35.70 -36.21
N GLN I 171 102.77 -35.57 -37.53
CA GLN I 171 103.88 -35.98 -38.37
C GLN I 171 105.13 -35.08 -38.24
N LEU I 172 104.97 -33.79 -37.93
CA LEU I 172 106.13 -32.92 -37.67
C LEU I 172 106.83 -33.26 -36.38
N MET I 173 106.08 -33.65 -35.35
CA MET I 173 106.69 -34.02 -34.07
C MET I 173 107.55 -35.27 -34.16
N ARG I 174 107.09 -36.21 -34.98
CA ARG I 174 107.83 -37.43 -35.30
C ARG I 174 109.13 -37.14 -36.03
N LEU I 175 109.11 -36.11 -36.88
CA LEU I 175 110.33 -35.57 -37.46
C LEU I 175 111.20 -34.86 -36.42
N ARG I 176 110.62 -34.03 -35.55
CA ARG I 176 111.42 -33.40 -34.49
C ARG I 176 112.19 -34.47 -33.72
N LYS I 177 111.49 -35.49 -33.22
CA LYS I 177 112.11 -36.51 -32.36
C LYS I 177 113.16 -37.34 -33.06
N GLN I 178 112.92 -37.64 -34.33
CA GLN I 178 113.88 -38.40 -35.12
C GLN I 178 115.09 -37.55 -35.49
N ALA I 179 114.87 -36.26 -35.71
CA ALA I 179 115.96 -35.32 -35.97
C ALA I 179 116.75 -34.92 -34.72
N GLU I 180 116.18 -35.05 -33.51
CA GLU I 180 116.99 -34.91 -32.27
C GLU I 180 118.01 -36.02 -32.19
N LYS I 181 117.55 -37.24 -32.43
CA LYS I 181 118.41 -38.43 -32.44
C LYS I 181 119.36 -38.46 -33.63
N ASN I 182 118.92 -37.89 -34.77
CA ASN I 182 119.81 -37.76 -35.92
C ASN I 182 120.82 -36.58 -35.86
N VAL I 183 120.76 -35.78 -34.79
CA VAL I 183 121.76 -34.77 -34.47
C VAL I 183 121.82 -34.70 -32.94
N GLU I 184 122.52 -35.64 -32.27
CA GLU I 184 122.68 -35.57 -30.80
C GLU I 184 124.12 -35.66 -30.33
N LYS I 185 125.01 -35.06 -31.10
CA LYS I 185 126.37 -34.81 -30.62
C LYS I 185 126.95 -33.47 -31.09
N LYS I 186 126.13 -32.62 -31.71
CA LYS I 186 126.43 -31.20 -31.77
C LYS I 186 125.35 -30.37 -31.06
N ILE I 187 124.42 -31.03 -30.38
CA ILE I 187 123.56 -30.35 -29.40
C ILE I 187 123.58 -31.08 -28.06
N ASP I 188 124.65 -31.83 -27.84
CA ASP I 188 124.81 -32.69 -26.68
C ASP I 188 125.54 -31.98 -25.53
N ARG I 189 125.96 -30.74 -25.76
CA ARG I 189 126.40 -29.89 -24.66
C ARG I 189 125.64 -28.56 -24.65
N PHE I 190 124.46 -28.58 -25.24
CA PHE I 190 123.45 -27.56 -25.01
C PHE I 190 122.34 -28.25 -24.23
N THR I 191 121.81 -29.36 -24.76
CA THR I 191 120.81 -30.19 -24.06
C THR I 191 121.21 -30.52 -22.62
N GLU I 192 122.51 -30.68 -22.40
CA GLU I 192 123.09 -30.74 -21.06
C GLU I 192 122.63 -29.55 -20.21
N VAL I 193 122.94 -28.34 -20.68
CA VAL I 193 122.67 -27.13 -19.90
C VAL I 193 121.17 -26.87 -19.77
N LEU I 194 120.36 -27.41 -20.67
CA LEU I 194 118.93 -27.43 -20.48
C LEU I 194 118.60 -28.28 -19.26
N LYS I 195 118.89 -29.57 -19.31
CA LYS I 195 118.47 -30.47 -18.22
C LYS I 195 119.04 -30.20 -16.84
N THR I 196 120.12 -29.41 -16.76
CA THR I 196 120.70 -29.04 -15.48
C THR I 196 119.85 -28.08 -14.65
N HIS I 197 119.19 -27.08 -15.26
CA HIS I 197 118.31 -26.14 -14.49
C HIS I 197 116.93 -26.49 -15.05
N GLY I 198 116.62 -27.80 -15.02
CA GLY I 198 115.26 -28.31 -15.02
C GLY I 198 114.63 -28.57 -16.37
N PHE I 199 114.71 -27.57 -17.24
CA PHE I 199 114.26 -27.64 -18.62
C PHE I 199 114.58 -28.96 -19.32
N LEU I 200 113.56 -29.64 -19.80
CA LEU I 200 113.74 -30.79 -20.66
C LEU I 200 114.34 -32.00 -19.93
N VAL I 201 113.50 -32.68 -19.16
CA VAL I 201 113.86 -33.95 -18.51
C VAL I 201 112.64 -34.83 -18.39
N GLY J 1 80.27 6.28 21.94
CA GLY J 1 79.30 5.45 22.69
C GLY J 1 79.59 5.53 24.17
N VAL J 2 79.35 6.71 24.73
CA VAL J 2 79.54 6.97 26.15
C VAL J 2 78.18 7.45 26.69
N ASP J 3 77.89 7.13 27.95
CA ASP J 3 76.51 6.85 28.41
C ASP J 3 76.33 7.58 29.70
N ILE J 4 76.63 8.88 29.55
CA ILE J 4 76.50 9.86 30.58
C ILE J 4 75.28 10.63 30.13
N ARG J 5 74.60 11.20 31.10
CA ARG J 5 73.65 12.24 30.82
C ARG J 5 74.48 13.51 30.68
N HIS J 6 74.08 14.35 29.74
CA HIS J 6 74.74 15.60 29.44
C HIS J 6 73.91 16.76 29.94
N ASN J 7 73.12 16.46 30.95
CA ASN J 7 71.93 17.20 31.28
C ASN J 7 72.33 18.45 32.03
N LYS J 8 73.19 18.26 33.02
CA LYS J 8 73.69 19.36 33.82
C LYS J 8 75.16 19.13 34.14
N ASP J 9 75.92 18.88 33.07
CA ASP J 9 77.38 18.96 33.13
C ASP J 9 77.80 20.43 33.19
N ARG J 10 77.18 21.28 32.37
CA ARG J 10 77.46 22.71 32.41
C ARG J 10 77.00 23.26 33.74
N LYS J 11 77.93 23.81 34.51
CA LYS J 11 77.55 24.48 35.74
C LYS J 11 77.13 25.91 35.46
N VAL J 12 76.24 26.41 36.30
CA VAL J 12 75.65 27.74 36.09
C VAL J 12 75.94 28.65 37.28
N ARG J 13 77.19 29.12 37.31
CA ARG J 13 77.64 30.11 38.27
C ARG J 13 78.00 31.32 37.45
N ARG J 14 77.95 32.50 38.07
CA ARG J 14 78.39 33.70 37.36
C ARG J 14 79.91 33.78 37.45
N LYS J 15 80.52 34.07 36.31
CA LYS J 15 81.97 34.13 36.17
C LYS J 15 82.48 35.44 35.52
N GLU J 16 81.59 36.42 35.37
CA GLU J 16 81.96 37.83 35.32
C GLU J 16 80.76 38.54 35.90
N PRO J 17 80.94 39.74 36.50
CA PRO J 17 79.72 40.49 36.84
C PRO J 17 78.95 40.84 35.59
N LYS J 18 77.63 40.91 35.67
CA LYS J 18 76.83 41.12 34.47
C LYS J 18 76.76 42.61 34.10
N SER J 19 77.12 43.46 35.05
CA SER J 19 77.10 44.89 34.85
C SER J 19 78.25 45.41 34.00
N GLN J 20 78.08 46.64 33.52
CA GLN J 20 79.09 47.34 32.71
C GLN J 20 79.76 48.49 33.47
N ASP J 21 79.54 48.57 34.78
CA ASP J 21 80.10 49.67 35.58
C ASP J 21 81.58 49.57 35.80
N ILE J 22 82.32 50.40 35.08
CA ILE J 22 83.76 50.25 35.02
C ILE J 22 84.41 50.02 36.40
N TYR J 23 83.91 50.65 37.46
CA TYR J 23 84.57 50.49 38.78
C TYR J 23 84.41 49.12 39.36
N LEU J 24 83.23 48.53 39.26
CA LEU J 24 83.12 47.15 39.66
C LEU J 24 84.09 46.32 38.81
N ARG J 25 84.00 46.43 37.49
CA ARG J 25 84.89 45.65 36.59
C ARG J 25 86.38 45.83 37.00
N LEU J 26 86.78 47.00 37.50
CA LEU J 26 88.16 47.26 37.99
C LEU J 26 88.56 46.59 39.30
N LEU J 27 87.71 46.70 40.32
CA LEU J 27 88.03 46.04 41.57
C LEU J 27 87.71 44.58 41.46
N VAL J 28 87.02 44.18 40.39
CA VAL J 28 86.90 42.78 40.06
C VAL J 28 88.23 42.28 39.50
N LYS J 29 88.68 42.96 38.45
CA LYS J 29 90.05 42.82 37.91
C LYS J 29 91.15 42.73 38.98
N LEU J 30 91.01 43.56 40.01
CA LEU J 30 91.94 43.59 41.13
C LEU J 30 91.92 42.28 41.86
N TYR J 31 90.77 41.61 41.95
CA TYR J 31 90.84 40.28 42.50
C TYR J 31 90.24 39.09 41.72
N ARG J 32 90.31 39.17 40.38
CA ARG J 32 90.93 38.04 39.67
C ARG J 32 92.36 38.20 40.28
N PHE J 33 93.02 39.42 40.27
CA PHE J 33 94.46 39.50 40.76
C PHE J 33 94.57 38.63 42.02
N LEU J 34 94.10 39.10 43.16
CA LEU J 34 94.40 38.41 44.43
C LEU J 34 93.92 36.96 44.57
N ALA J 35 92.67 36.69 44.20
CA ALA J 35 92.05 35.38 44.45
C ALA J 35 92.73 34.20 43.77
N ARG J 36 93.32 34.44 42.58
CA ARG J 36 94.19 33.44 41.95
C ARG J 36 95.36 33.11 42.87
N ARG J 37 95.96 34.17 43.44
CA ARG J 37 97.28 34.09 44.06
C ARG J 37 97.23 33.59 45.44
N THR J 38 96.68 34.42 46.29
CA THR J 38 96.97 34.27 47.66
C THR J 38 96.07 33.18 48.25
N ASN J 39 96.64 32.46 49.21
CA ASN J 39 96.00 31.32 49.84
C ASN J 39 94.65 31.60 50.45
N SER J 40 94.47 32.84 50.91
CA SER J 40 93.26 33.25 51.61
C SER J 40 92.01 32.96 50.82
N THR J 41 91.06 32.34 51.49
CA THR J 41 89.79 32.01 50.90
C THR J 41 88.95 33.27 50.77
N PHE J 42 89.03 34.13 51.79
CA PHE J 42 88.30 35.42 51.86
C PHE J 42 88.04 36.03 50.49
N ASN J 43 89.12 36.28 49.78
CA ASN J 43 89.09 37.09 48.56
C ASN J 43 88.52 36.25 47.41
N GLN J 44 88.57 34.91 47.48
CA GLN J 44 87.70 34.08 46.64
C GLN J 44 86.25 34.47 46.90
N VAL J 45 85.84 34.47 48.16
CA VAL J 45 84.44 34.76 48.49
C VAL J 45 84.06 36.16 48.12
N VAL J 46 84.92 37.13 48.37
CA VAL J 46 84.62 38.50 47.97
C VAL J 46 84.57 38.60 46.47
N LEU J 47 85.53 38.00 45.80
CA LEU J 47 85.43 37.91 44.37
C LEU J 47 84.07 37.42 43.94
N LYS J 48 83.70 36.26 44.50
CA LYS J 48 82.46 35.54 44.17
C LYS J 48 81.18 36.31 44.47
N ARG J 49 81.31 37.41 45.20
CA ARG J 49 80.22 38.33 45.43
C ARG J 49 80.24 39.59 44.58
N LEU J 50 81.40 40.11 44.19
CA LEU J 50 81.42 41.36 43.42
C LEU J 50 80.55 41.19 42.17
N PHE J 51 80.98 40.23 41.37
CA PHE J 51 80.17 39.22 40.73
C PHE J 51 78.62 39.04 40.79
N MET J 52 78.03 38.97 41.99
CA MET J 52 76.59 38.64 42.14
C MET J 52 75.68 39.86 42.02
N SER J 53 74.38 39.61 41.94
CA SER J 53 73.41 40.63 41.59
C SER J 53 72.91 41.35 42.82
N ARG J 54 72.84 42.68 42.70
CA ARG J 54 71.90 43.53 43.44
C ARG J 54 70.94 42.81 44.40
N THR J 55 70.09 41.97 43.81
CA THR J 55 68.99 41.30 44.49
C THR J 55 69.47 40.25 45.47
N ASN J 56 70.69 39.80 45.22
CA ASN J 56 71.32 38.69 45.85
C ASN J 56 72.62 39.09 46.57
N ARG J 57 72.79 40.40 46.77
CA ARG J 57 73.77 40.97 47.69
C ARG J 57 73.02 42.02 48.51
N PRO J 58 72.05 41.58 49.28
CA PRO J 58 71.16 42.54 49.91
C PRO J 58 71.92 43.49 50.82
N PRO J 59 71.33 44.65 51.05
CA PRO J 59 72.00 45.62 51.89
C PRO J 59 71.99 45.24 53.36
N LEU J 60 73.11 45.55 54.01
CA LEU J 60 73.25 45.46 55.44
C LEU J 60 72.70 46.71 56.07
N SER J 61 72.03 46.51 57.18
CA SER J 61 71.64 47.61 58.01
C SER J 61 72.76 47.83 58.99
N LEU J 62 72.90 49.07 59.43
CA LEU J 62 73.90 49.43 60.39
C LEU J 62 73.67 48.64 61.69
N SER J 63 72.41 48.59 62.14
CA SER J 63 72.10 47.93 63.40
C SER J 63 72.53 46.48 63.43
N ARG J 64 72.37 45.79 62.32
CA ARG J 64 72.77 44.40 62.26
C ARG J 64 74.29 44.25 62.22
N MET J 65 74.97 45.24 61.65
CA MET J 65 76.42 45.29 61.71
C MET J 65 76.93 45.62 63.10
N ILE J 66 76.11 46.27 63.94
CA ILE J 66 76.48 46.43 65.34
C ILE J 66 76.49 45.07 66.03
N ARG J 67 75.36 44.35 66.04
CA ARG J 67 75.30 43.06 66.78
C ARG J 67 76.03 41.91 66.16
N LYS J 68 76.66 42.12 65.01
CA LYS J 68 77.63 41.17 64.49
C LYS J 68 79.08 41.53 64.80
N MET J 69 79.31 42.76 65.24
CA MET J 69 80.62 43.22 65.73
C MET J 69 80.69 43.40 67.24
N LYS J 70 79.55 43.39 67.93
CA LYS J 70 79.52 43.42 69.40
C LYS J 70 80.06 42.14 70.02
N LEU J 71 79.93 41.03 69.30
CA LEU J 71 80.16 39.69 69.84
C LEU J 71 81.59 39.48 70.36
N PRO J 72 81.79 38.49 71.25
CA PRO J 72 83.08 38.38 71.94
C PRO J 72 84.21 37.82 71.06
N GLY J 73 85.30 38.57 70.94
CA GLY J 73 86.41 38.22 70.04
C GLY J 73 86.48 39.18 68.86
N ARG J 74 85.32 39.59 68.32
CA ARG J 74 85.28 40.40 67.09
C ARG J 74 85.74 41.88 67.22
N GLU J 75 86.14 42.35 68.41
CA GLU J 75 86.65 43.72 68.54
C GLU J 75 87.96 43.92 67.78
N GLY J 76 88.16 45.13 67.26
CA GLY J 76 89.38 45.47 66.51
C GLY J 76 89.42 45.07 65.03
N LYS J 77 88.52 44.17 64.60
CA LYS J 77 88.43 43.73 63.20
C LYS J 77 87.80 44.78 62.30
N THR J 78 87.82 44.51 60.99
CA THR J 78 87.07 45.30 60.00
C THR J 78 85.81 44.53 59.59
N ALA J 79 84.66 45.20 59.65
CA ALA J 79 83.45 44.68 59.03
C ALA J 79 83.59 44.85 57.52
N VAL J 80 83.16 43.84 56.77
CA VAL J 80 83.33 43.82 55.32
C VAL J 80 82.05 43.32 54.70
N VAL J 81 81.60 44.03 53.67
CA VAL J 81 80.29 43.80 53.07
C VAL J 81 80.33 44.01 51.58
N VAL J 82 79.99 43.01 50.80
CA VAL J 82 79.98 43.19 49.36
C VAL J 82 78.58 43.67 49.01
N GLY J 83 78.33 44.95 49.24
CA GLY J 83 76.99 45.53 49.03
C GLY J 83 76.91 46.92 49.62
N THR J 84 75.83 47.22 50.32
CA THR J 84 75.65 48.56 50.91
C THR J 84 75.34 48.47 52.38
N ILE J 85 75.80 49.50 53.10
CA ILE J 85 75.44 49.72 54.48
C ILE J 85 74.36 50.77 54.44
N THR J 86 73.36 50.64 55.29
CA THR J 86 72.29 51.63 55.40
C THR J 86 72.11 52.02 56.84
N ASP J 87 71.34 53.07 57.12
CA ASP J 87 71.03 53.39 58.50
C ASP J 87 70.07 52.43 59.17
N ASP J 88 70.13 52.51 60.50
CA ASP J 88 69.01 52.19 61.35
C ASP J 88 68.64 53.39 62.20
N VAL J 89 67.67 54.14 61.71
CA VAL J 89 67.02 55.18 62.49
C VAL J 89 66.70 54.75 63.91
N ARG J 90 66.37 53.47 64.07
CA ARG J 90 66.17 52.86 65.40
C ARG J 90 67.44 52.24 65.97
N VAL J 91 68.51 53.03 66.02
CA VAL J 91 69.69 52.69 66.81
C VAL J 91 70.41 54.01 67.04
N GLN J 92 71.26 54.05 68.06
CA GLN J 92 71.74 55.32 68.56
C GLN J 92 73.17 55.33 69.10
N GLU J 93 73.49 54.41 70.01
CA GLU J 93 74.86 54.28 70.52
C GLU J 93 75.70 53.54 69.48
N VAL J 94 76.06 54.23 68.40
CA VAL J 94 76.91 53.64 67.36
C VAL J 94 78.30 53.53 67.93
N PRO J 95 78.85 52.32 67.98
CA PRO J 95 80.23 52.20 68.40
C PRO J 95 81.13 52.56 67.26
N LYS J 96 82.38 52.86 67.58
CA LYS J 96 83.34 53.24 66.55
C LYS J 96 83.76 51.99 65.77
N LEU J 97 83.54 52.03 64.46
CA LEU J 97 83.67 50.85 63.62
C LEU J 97 84.76 51.03 62.59
N LYS J 98 85.11 49.93 61.94
CA LYS J 98 85.84 49.98 60.69
C LYS J 98 85.11 49.10 59.68
N VAL J 99 84.72 49.69 58.56
CA VAL J 99 83.81 49.07 57.61
C VAL J 99 84.45 49.05 56.23
N CYS J 100 84.09 48.07 55.40
CA CYS J 100 84.24 48.19 53.94
C CYS J 100 82.92 47.88 53.32
N ALA J 101 82.61 48.61 52.27
CA ALA J 101 81.42 48.36 51.47
C ALA J 101 81.61 48.91 50.08
N LEU J 102 80.85 48.40 49.13
CA LEU J 102 80.81 49.02 47.82
C LEU J 102 80.19 50.41 47.95
N ARG J 103 79.02 50.49 48.60
CA ARG J 103 78.39 51.77 48.92
C ARG J 103 78.08 51.82 50.39
N VAL J 104 77.84 53.04 50.87
CA VAL J 104 77.30 53.26 52.19
C VAL J 104 76.35 54.43 52.03
N SER J 105 75.10 54.27 52.43
CA SER J 105 74.13 55.34 52.27
C SER J 105 74.59 56.57 53.07
N SER J 106 74.46 57.75 52.45
CA SER J 106 75.10 59.00 52.93
C SER J 106 74.83 59.36 54.38
N ARG J 107 73.71 58.90 54.91
CA ARG J 107 73.36 59.16 56.29
C ARG J 107 74.11 58.21 57.25
N ALA J 108 74.36 56.97 56.81
CA ALA J 108 75.22 56.02 57.54
C ALA J 108 76.66 56.48 57.55
N ARG J 109 77.08 57.06 56.43
CA ARG J 109 78.38 57.68 56.31
C ARG J 109 78.63 58.66 57.45
N SER J 110 77.75 59.64 57.60
CA SER J 110 77.93 60.65 58.64
C SER J 110 77.86 60.07 60.07
N ARG J 111 77.01 59.06 60.29
CA ARG J 111 76.86 58.40 61.61
C ARG J 111 78.10 57.67 62.06
N ILE J 112 78.71 56.93 61.13
CA ILE J 112 79.94 56.17 61.42
C ILE J 112 81.10 57.13 61.69
N LEU J 113 81.27 58.11 60.83
CA LEU J 113 82.39 59.03 60.93
C LEU J 113 82.31 59.93 62.16
N LYS J 114 81.11 60.38 62.50
CA LYS J 114 80.85 61.12 63.75
C LYS J 114 81.36 60.39 65.01
N ALA J 115 81.24 59.07 65.01
CA ALA J 115 81.71 58.21 66.10
C ALA J 115 83.23 57.96 66.10
N GLY J 116 83.94 58.53 65.13
CA GLY J 116 85.40 58.36 65.04
C GLY J 116 85.78 57.01 64.49
N GLY J 117 84.91 56.48 63.62
CA GLY J 117 85.19 55.26 62.90
C GLY J 117 85.89 55.57 61.59
N LYS J 118 86.03 54.54 60.78
CA LYS J 118 86.63 54.65 59.47
C LYS J 118 85.74 53.90 58.50
N ILE J 119 85.72 54.34 57.26
CA ILE J 119 85.13 53.54 56.17
C ILE J 119 86.16 53.37 55.07
N LEU J 120 86.24 52.14 54.59
CA LEU J 120 87.16 51.78 53.53
C LEU J 120 86.35 51.40 52.28
N THR J 121 87.07 51.20 51.19
CA THR J 121 86.49 50.78 49.92
C THR J 121 87.24 49.56 49.43
N PHE J 122 86.66 48.87 48.45
CA PHE J 122 87.18 47.53 48.05
C PHE J 122 88.56 47.51 47.38
N ASP J 123 89.20 48.69 47.26
CA ASP J 123 90.65 48.79 47.01
C ASP J 123 91.48 49.02 48.27
N GLN J 124 91.06 49.93 49.14
CA GLN J 124 91.86 50.27 50.33
C GLN J 124 91.95 49.06 51.22
N LEU J 125 90.86 48.28 51.26
CA LEU J 125 90.83 47.00 51.95
C LEU J 125 91.97 46.12 51.44
N ALA J 126 92.15 46.06 50.12
CA ALA J 126 93.22 45.25 49.50
C ALA J 126 94.65 45.61 49.92
N LEU J 127 94.87 46.86 50.30
CA LEU J 127 96.14 47.30 50.86
C LEU J 127 96.21 47.08 52.36
N ASP J 128 95.11 47.40 53.06
CA ASP J 128 94.98 47.18 54.51
C ASP J 128 95.29 45.73 54.85
N SER J 129 94.58 44.82 54.19
CA SER J 129 94.64 43.38 54.49
C SER J 129 94.32 42.53 53.24
N PRO J 130 95.29 42.38 52.32
CA PRO J 130 95.07 41.61 51.07
C PRO J 130 94.64 40.16 51.27
N LYS J 131 95.16 39.52 52.31
CA LYS J 131 94.78 38.17 52.70
C LYS J 131 93.42 38.12 53.42
N GLY J 132 92.84 39.27 53.77
CA GLY J 132 91.65 39.30 54.61
C GLY J 132 91.93 39.04 56.08
N CYS J 133 93.14 39.39 56.52
CA CYS J 133 93.51 39.21 57.91
C CYS J 133 92.77 40.24 58.76
N GLY J 134 92.15 39.78 59.84
CA GLY J 134 91.51 40.67 60.81
C GLY J 134 90.26 41.33 60.26
N THR J 135 89.36 40.50 59.73
CA THR J 135 88.16 40.96 59.03
C THR J 135 86.92 40.20 59.47
N VAL J 136 85.76 40.66 59.02
CA VAL J 136 84.48 39.99 59.24
C VAL J 136 83.58 40.15 58.01
N LEU J 137 83.34 39.06 57.28
CA LEU J 137 82.36 39.09 56.21
C LEU J 137 80.96 39.03 56.76
N LEU J 138 80.11 39.93 56.29
CA LEU J 138 78.71 39.98 56.68
C LEU J 138 77.87 40.19 55.44
N SER J 139 76.69 39.60 55.40
CA SER J 139 75.70 39.98 54.38
C SER J 139 74.39 40.30 55.03
N GLY J 140 73.56 41.00 54.26
CA GLY J 140 72.20 41.29 54.66
C GLY J 140 71.39 40.02 54.52
N PRO J 141 70.16 40.05 55.00
CA PRO J 141 69.34 38.86 54.93
C PRO J 141 68.83 38.63 53.51
N ARG J 142 69.31 37.57 52.87
CA ARG J 142 68.86 37.23 51.53
C ARG J 142 67.42 36.72 51.48
N LYS J 143 66.91 36.21 52.60
CA LYS J 143 65.48 35.90 52.73
C LYS J 143 64.84 37.11 53.41
N GLY J 144 64.93 38.26 52.74
CA GLY J 144 64.42 39.51 53.27
C GLY J 144 63.31 39.97 52.37
N ARG J 145 63.69 40.32 51.14
CA ARG J 145 62.78 40.72 50.06
C ARG J 145 61.34 40.20 50.19
N GLU J 146 60.36 41.10 50.09
CA GLU J 146 58.95 40.76 50.30
C GLU J 146 58.49 39.68 49.33
N VAL J 147 59.18 39.60 48.20
CA VAL J 147 59.12 38.49 47.26
C VAL J 147 59.16 37.14 47.99
N TYR J 148 60.18 36.93 48.82
CA TYR J 148 60.41 35.63 49.47
C TYR J 148 59.22 35.03 50.26
N ARG J 149 58.27 35.85 50.68
CA ARG J 149 57.02 35.36 51.33
C ARG J 149 56.06 34.64 50.37
N HIS J 150 56.06 35.07 49.11
CA HIS J 150 55.32 34.39 48.05
C HIS J 150 55.85 32.97 47.72
N PHE J 151 57.04 32.63 48.22
CA PHE J 151 57.75 31.42 47.82
C PHE J 151 57.45 30.31 48.79
N GLY J 152 57.42 29.08 48.27
CA GLY J 152 57.21 27.89 49.08
C GLY J 152 56.25 26.92 48.43
N LYS J 153 55.30 26.45 49.22
CA LYS J 153 54.42 25.38 48.78
C LYS J 153 53.26 25.92 47.95
N ALA J 154 52.41 26.77 48.54
CA ALA J 154 51.27 27.43 47.89
C ALA J 154 50.26 27.78 48.96
N PRO J 155 49.41 28.78 48.69
CA PRO J 155 48.30 29.08 49.59
C PRO J 155 47.09 28.30 49.12
N GLY J 156 46.54 27.44 49.96
CA GLY J 156 45.43 26.57 49.55
C GLY J 156 45.76 25.11 49.78
N THR J 157 47.05 24.84 49.86
CA THR J 157 47.56 23.58 50.38
C THR J 157 47.57 23.58 51.92
N PRO J 158 47.59 22.39 52.55
CA PRO J 158 47.45 22.27 53.99
C PRO J 158 48.52 22.93 54.84
N HIS J 159 48.04 23.78 55.75
CA HIS J 159 48.85 24.46 56.78
C HIS J 159 50.27 24.70 56.31
N SER J 160 50.32 25.44 55.20
CA SER J 160 51.53 25.92 54.61
C SER J 160 51.15 27.29 54.09
N HIS J 161 51.64 28.27 54.82
CA HIS J 161 50.96 29.54 54.95
C HIS J 161 51.97 30.52 54.35
N THR J 162 51.54 31.04 53.20
CA THR J 162 52.37 31.55 52.13
C THR J 162 51.55 32.66 51.49
N LYS J 163 52.13 33.84 51.28
CA LYS J 163 51.34 34.93 50.72
C LYS J 163 50.82 34.51 49.35
N PRO J 164 49.52 34.75 49.11
CA PRO J 164 48.98 34.79 47.77
C PRO J 164 49.07 36.21 47.28
N TYR J 165 49.07 36.40 45.97
CA TYR J 165 49.23 37.74 45.44
C TYR J 165 47.81 38.18 45.13
N VAL J 166 47.44 39.34 45.66
CA VAL J 166 46.10 39.85 45.61
C VAL J 166 46.14 41.33 45.29
N ARG J 167 45.39 41.73 44.27
CA ARG J 167 45.38 43.10 43.75
C ARG J 167 45.23 44.17 44.84
N SER J 168 44.41 43.89 45.85
CA SER J 168 44.25 44.78 47.01
C SER J 168 43.56 44.07 48.16
N LYS J 169 44.26 43.87 49.28
CA LYS J 169 43.69 43.15 50.42
C LYS J 169 42.69 44.02 51.20
N GLY J 170 41.83 43.31 51.91
CA GLY J 170 40.64 43.90 52.52
C GLY J 170 39.68 42.80 52.91
N ARG J 171 38.42 43.16 53.15
CA ARG J 171 37.43 42.23 53.68
C ARG J 171 37.02 41.17 52.68
N LYS J 172 36.68 41.62 51.48
CA LYS J 172 36.15 40.74 50.44
C LYS J 172 37.23 40.10 49.57
N PHE J 173 38.49 40.35 49.89
CA PHE J 173 39.56 40.14 48.95
C PHE J 173 40.44 38.95 49.32
N GLU J 174 39.81 37.79 49.08
CA GLU J 174 40.22 36.44 49.50
C GLU J 174 39.97 36.07 50.99
N ARG J 175 38.69 35.86 51.33
CA ARG J 175 38.23 35.33 52.64
C ARG J 175 36.93 34.46 52.39
N ALA J 176 37.00 33.26 51.79
CA ALA J 176 35.76 32.52 51.31
C ALA J 176 35.93 30.98 50.93
N ARG J 177 35.45 30.47 49.75
CA ARG J 177 35.73 29.06 49.25
C ARG J 177 37.19 28.82 49.64
N GLY J 178 37.41 28.38 50.88
CA GLY J 178 38.72 27.91 51.33
C GLY J 178 39.48 28.63 52.42
N ARG J 179 38.86 29.54 53.15
CA ARG J 179 39.50 30.11 54.35
C ARG J 179 38.62 30.11 55.62
N ARG J 180 37.36 30.55 55.53
CA ARG J 180 36.42 30.23 56.61
C ARG J 180 35.90 28.80 56.33
N ALA J 181 36.12 27.91 57.29
CA ALA J 181 35.56 26.55 57.29
C ALA J 181 34.03 26.50 57.13
N SER J 182 33.35 27.57 57.56
CA SER J 182 31.91 27.74 57.27
C SER J 182 31.60 27.83 55.76
N ARG J 183 32.53 28.40 54.98
CA ARG J 183 32.30 28.74 53.58
C ARG J 183 33.11 27.78 52.70
N GLY J 184 32.75 26.50 52.80
CA GLY J 184 33.26 25.43 51.92
C GLY J 184 34.18 24.46 52.62
N TYR J 185 35.33 24.97 53.05
CA TYR J 185 36.37 24.22 53.74
C TYR J 185 37.46 25.22 54.17
N LYS J 186 38.60 24.75 54.68
CA LYS J 186 39.75 25.64 54.94
C LYS J 186 41.12 24.97 55.03
N ASN J 187 42.15 25.74 54.64
CA ASN J 187 43.55 25.28 54.60
C ASN J 187 44.57 26.40 54.99
N SER K 1 34.12 54.41 -59.14
CA SER K 1 34.39 53.06 -58.53
C SER K 1 33.31 52.69 -57.50
N MET K 2 33.12 53.56 -56.53
CA MET K 2 32.07 53.39 -55.54
C MET K 2 30.80 54.05 -56.04
N LEU K 3 29.69 53.32 -56.02
CA LEU K 3 28.45 53.78 -56.64
C LEU K 3 27.19 53.67 -55.82
N ARG K 4 27.27 53.15 -54.59
CA ARG K 4 26.05 52.90 -53.83
C ARG K 4 25.26 54.16 -53.42
N LEU K 5 25.91 55.32 -53.44
CA LEU K 5 25.18 56.59 -53.35
C LEU K 5 24.31 56.81 -54.60
N GLN K 6 24.93 56.60 -55.77
CA GLN K 6 24.28 56.86 -57.05
C GLN K 6 23.13 55.90 -57.18
N LYS K 7 23.38 54.65 -56.86
CA LYS K 7 22.35 53.64 -56.91
C LYS K 7 21.17 53.99 -55.99
N ARG K 8 21.44 54.30 -54.71
CA ARG K 8 20.36 54.69 -53.80
C ARG K 8 19.55 55.78 -54.47
N LEU K 9 20.22 56.85 -54.88
CA LEU K 9 19.55 58.01 -55.47
C LEU K 9 18.73 57.66 -56.71
N ALA K 10 19.38 56.95 -57.60
CA ALA K 10 18.74 56.55 -58.83
C ALA K 10 17.50 55.70 -58.59
N SER K 11 17.47 54.93 -57.50
CA SER K 11 16.24 54.25 -57.08
C SER K 11 15.20 55.23 -56.54
N SER K 12 15.65 56.20 -55.74
CA SER K 12 14.76 57.16 -55.09
C SER K 12 14.09 58.08 -56.12
N VAL K 13 14.84 58.47 -57.15
CA VAL K 13 14.30 59.32 -58.21
C VAL K 13 13.35 58.56 -59.13
N LEU K 14 13.79 57.39 -59.55
CA LEU K 14 12.96 56.48 -60.33
C LEU K 14 11.72 55.98 -59.57
N ARG K 15 11.83 55.81 -58.26
CA ARG K 15 10.80 55.16 -57.44
C ARG K 15 10.69 53.70 -57.81
N CYS K 16 11.87 53.05 -57.85
CA CYS K 16 11.98 51.61 -58.05
C CYS K 16 12.74 51.03 -56.84
N GLY K 17 13.10 49.75 -56.95
CA GLY K 17 13.77 49.04 -55.88
C GLY K 17 15.25 49.25 -55.71
N LYS K 18 15.97 49.28 -56.82
CA LYS K 18 17.44 49.17 -56.86
C LYS K 18 17.89 47.73 -57.05
N LYS K 19 16.96 46.82 -57.29
CA LYS K 19 17.25 45.73 -58.20
C LYS K 19 17.14 46.31 -59.60
N LYS K 20 16.12 47.13 -59.79
CA LYS K 20 15.75 47.63 -61.12
C LYS K 20 16.69 48.63 -61.76
N VAL K 21 17.50 49.32 -60.98
CA VAL K 21 18.30 50.41 -61.53
C VAL K 21 19.59 49.89 -62.20
N TRP K 22 19.91 50.40 -63.41
CA TRP K 22 21.31 50.27 -63.92
C TRP K 22 22.19 51.28 -63.31
N LEU K 23 23.47 50.99 -63.43
CA LEU K 23 24.47 52.00 -63.59
C LEU K 23 25.35 51.45 -64.70
N ASP K 24 25.20 52.01 -65.92
CA ASP K 24 25.82 51.50 -67.16
C ASP K 24 27.35 51.30 -67.03
N PRO K 25 27.79 50.03 -66.91
CA PRO K 25 29.13 49.74 -66.38
C PRO K 25 30.27 50.40 -67.15
N ASN K 26 30.11 50.54 -68.46
CA ASN K 26 31.10 51.21 -69.31
C ASN K 26 31.35 52.65 -68.91
N GLU K 27 30.29 53.38 -68.61
CA GLU K 27 30.35 54.83 -68.49
C GLU K 27 30.31 55.29 -67.03
N THR K 28 31.10 54.60 -66.21
CA THR K 28 31.01 54.72 -64.76
C THR K 28 31.79 55.90 -64.14
N ASN K 29 32.31 56.81 -64.98
CA ASN K 29 33.06 58.01 -64.54
C ASN K 29 32.41 59.24 -65.14
N GLU K 30 31.13 59.07 -65.50
CA GLU K 30 30.16 60.17 -65.62
C GLU K 30 29.03 59.95 -64.58
N ILE K 31 28.66 58.70 -64.35
CA ILE K 31 28.15 58.29 -63.04
C ILE K 31 29.36 58.40 -62.12
N ALA K 32 29.13 58.47 -60.82
CA ALA K 32 30.20 58.39 -59.80
C ALA K 32 30.80 59.75 -59.49
N ASN K 33 30.52 60.72 -60.34
CA ASN K 33 30.69 62.12 -60.01
C ASN K 33 29.31 62.82 -60.14
N ALA K 34 28.25 62.06 -59.83
CA ALA K 34 26.86 62.51 -59.85
C ALA K 34 26.28 62.69 -58.45
N ASN K 35 27.14 62.71 -57.43
CA ASN K 35 26.81 63.00 -56.02
C ASN K 35 25.41 63.53 -55.64
N SER K 36 24.89 64.53 -56.35
CA SER K 36 23.56 65.08 -56.08
C SER K 36 22.50 64.54 -57.04
N ARG K 37 21.37 64.07 -56.53
CA ARG K 37 20.23 63.81 -57.41
C ARG K 37 19.99 65.12 -58.11
N GLN K 38 19.48 65.02 -59.34
CA GLN K 38 19.41 66.11 -60.34
C GLN K 38 20.63 66.11 -61.23
N GLN K 39 21.79 65.68 -60.71
CA GLN K 39 22.91 65.21 -61.55
C GLN K 39 22.59 63.79 -62.03
N ILE K 40 21.67 63.12 -61.34
CA ILE K 40 21.14 61.82 -61.77
C ILE K 40 19.95 61.99 -62.72
N ARG K 41 19.05 62.93 -62.43
CA ARG K 41 17.97 63.28 -63.37
C ARG K 41 18.52 63.77 -64.72
N LYS K 42 19.79 64.15 -64.75
CA LYS K 42 20.54 64.23 -66.00
C LYS K 42 20.74 62.83 -66.56
N LEU K 43 21.48 62.01 -65.82
CA LEU K 43 22.00 60.73 -66.32
C LEU K 43 20.90 59.72 -66.69
N ILE K 44 19.74 59.89 -66.05
CA ILE K 44 18.52 59.18 -66.40
C ILE K 44 18.19 59.40 -67.85
N LYS K 45 18.09 60.67 -68.25
CA LYS K 45 17.66 61.03 -69.61
C LYS K 45 18.81 61.13 -70.63
N ASP K 46 19.76 60.20 -70.54
CA ASP K 46 20.69 59.91 -71.63
C ASP K 46 21.26 58.50 -71.48
N GLY K 47 20.37 57.56 -71.21
CA GLY K 47 20.67 56.12 -71.25
C GLY K 47 21.86 55.61 -70.45
N LEU K 48 22.18 56.28 -69.35
CA LEU K 48 23.25 55.84 -68.47
C LEU K 48 22.71 55.08 -67.26
N ILE K 49 21.61 55.57 -66.65
CA ILE K 49 20.90 54.83 -65.60
C ILE K 49 19.45 54.57 -66.11
N ILE K 50 18.95 53.36 -65.89
CA ILE K 50 17.67 52.88 -66.50
C ILE K 50 16.85 52.00 -65.53
N ARG K 51 15.51 52.15 -65.50
CA ARG K 51 14.64 51.15 -64.84
C ARG K 51 14.67 49.92 -65.69
N LYS K 52 15.29 48.86 -65.20
CA LYS K 52 15.20 47.56 -65.82
C LYS K 52 13.75 47.16 -65.80
N PRO K 53 13.28 46.50 -66.85
CA PRO K 53 11.90 46.04 -66.78
C PRO K 53 11.66 45.01 -65.66
N VAL K 54 10.40 44.80 -65.34
CA VAL K 54 9.99 43.86 -64.29
C VAL K 54 10.18 42.44 -64.79
N THR K 55 10.67 41.56 -63.93
CA THR K 55 10.77 40.13 -64.26
C THR K 55 9.35 39.55 -64.33
N VAL K 56 9.13 38.63 -65.26
CA VAL K 56 7.74 38.28 -65.65
C VAL K 56 7.00 37.25 -64.77
N HIS K 57 5.68 37.42 -64.67
CA HIS K 57 4.75 36.32 -64.35
C HIS K 57 3.87 36.00 -65.52
N SER K 58 4.19 34.94 -66.22
CA SER K 58 3.18 34.36 -67.06
C SER K 58 2.06 33.96 -66.12
N ARG K 59 0.96 34.67 -66.21
CA ARG K 59 -0.29 34.21 -65.67
C ARG K 59 -0.94 33.29 -66.70
N ALA K 60 -0.33 33.16 -67.89
CA ALA K 60 -0.88 32.38 -69.00
C ALA K 60 -1.09 30.92 -68.66
N ARG K 61 -0.11 30.35 -67.98
CA ARG K 61 -0.18 28.95 -67.60
C ARG K 61 -1.33 28.68 -66.63
N CYS K 62 -1.56 29.60 -65.70
CA CYS K 62 -2.69 29.50 -64.80
C CYS K 62 -4.03 29.69 -65.52
N ARG K 63 -4.13 30.71 -66.37
CA ARG K 63 -5.34 30.92 -67.17
C ARG K 63 -5.70 29.68 -68.00
N LYS K 64 -4.70 29.07 -68.63
CA LYS K 64 -4.91 27.83 -69.39
C LYS K 64 -5.45 26.70 -68.54
N ASN K 65 -4.98 26.62 -67.30
CA ASN K 65 -5.54 25.68 -66.34
C ASN K 65 -6.98 26.03 -66.02
N THR K 66 -7.24 27.27 -65.61
CA THR K 66 -8.60 27.62 -65.16
C THR K 66 -9.65 27.53 -66.25
N LEU K 67 -9.24 27.64 -67.51
CA LEU K 67 -10.13 27.33 -68.64
C LEU K 67 -10.55 25.87 -68.67
N ALA K 68 -9.68 24.99 -68.21
CA ALA K 68 -10.05 23.60 -67.93
C ALA K 68 -10.97 23.52 -66.69
N ARG K 69 -10.59 24.20 -65.61
CA ARG K 69 -11.43 24.25 -64.41
C ARG K 69 -12.85 24.80 -64.64
N ARG K 70 -13.06 25.60 -65.70
CA ARG K 70 -14.42 25.93 -66.13
C ARG K 70 -15.12 24.62 -66.43
N LYS K 71 -14.56 23.88 -67.37
CA LYS K 71 -15.22 22.70 -67.89
C LYS K 71 -15.20 21.50 -66.94
N GLY K 72 -14.56 21.60 -65.78
CA GLY K 72 -14.57 20.52 -64.80
C GLY K 72 -13.48 19.51 -65.10
N ARG K 73 -12.24 20.03 -65.07
CA ARG K 73 -11.01 19.25 -65.24
C ARG K 73 -10.19 19.54 -64.01
N HIS K 74 -9.57 18.50 -63.46
CA HIS K 74 -8.73 18.61 -62.25
C HIS K 74 -9.56 18.85 -60.99
N MET K 75 -10.86 18.58 -61.06
CA MET K 75 -11.78 18.83 -59.96
C MET K 75 -12.37 17.53 -59.45
N GLY K 76 -11.72 16.41 -59.75
CA GLY K 76 -12.24 15.11 -59.36
C GLY K 76 -12.02 14.79 -57.89
N ILE K 77 -12.15 13.51 -57.55
CA ILE K 77 -12.18 13.07 -56.17
C ILE K 77 -10.77 13.10 -55.59
N GLY K 78 -9.77 12.94 -56.46
CA GLY K 78 -8.38 12.99 -56.09
C GLY K 78 -7.68 14.32 -56.25
N LYS K 79 -8.43 15.39 -56.49
CA LYS K 79 -7.90 16.74 -56.37
C LYS K 79 -8.75 17.60 -55.47
N ARG K 80 -9.58 16.97 -54.65
CA ARG K 80 -10.28 17.64 -53.58
C ARG K 80 -9.44 17.49 -52.32
N LYS K 81 -9.58 18.41 -51.39
CA LYS K 81 -8.84 18.35 -50.13
C LYS K 81 -9.72 18.76 -48.97
N GLY K 82 -10.34 19.93 -49.10
CA GLY K 82 -11.33 20.38 -48.13
C GLY K 82 -12.66 19.65 -48.28
N THR K 83 -13.44 19.66 -47.21
CA THR K 83 -14.74 19.02 -47.22
C THR K 83 -15.65 19.67 -48.22
N ALA K 84 -16.69 18.94 -48.59
CA ALA K 84 -17.77 19.46 -49.42
C ALA K 84 -18.29 20.81 -48.88
N ASN K 85 -18.58 20.87 -47.58
CA ASN K 85 -19.07 22.12 -46.97
C ASN K 85 -18.00 23.24 -47.00
N ALA K 86 -16.73 22.91 -46.80
CA ALA K 86 -15.66 23.92 -46.93
C ALA K 86 -15.50 24.46 -48.36
N ARG K 87 -15.69 23.57 -49.34
CA ARG K 87 -15.57 23.91 -50.76
C ARG K 87 -16.76 24.62 -51.33
N MET K 88 -17.94 24.36 -50.79
CA MET K 88 -19.13 25.17 -51.08
C MET K 88 -20.14 24.99 -49.94
N PRO K 89 -20.23 25.96 -49.02
CA PRO K 89 -21.01 25.73 -47.79
C PRO K 89 -22.49 25.53 -48.02
N GLU K 90 -23.08 24.69 -47.17
CA GLU K 90 -24.50 24.40 -47.22
C GLU K 90 -25.28 25.64 -46.81
N LYS K 91 -24.77 26.32 -45.78
CA LYS K 91 -25.33 27.62 -45.31
C LYS K 91 -25.59 28.55 -46.46
N VAL K 92 -24.61 28.67 -47.36
CA VAL K 92 -24.72 29.55 -48.52
C VAL K 92 -25.84 29.11 -49.44
N THR K 93 -26.23 27.85 -49.37
CA THR K 93 -27.19 27.30 -50.30
C THR K 93 -28.61 27.06 -49.72
N TRP K 94 -29.13 27.93 -48.84
CA TRP K 94 -30.48 28.48 -49.16
C TRP K 94 -30.01 29.71 -49.82
N MET K 95 -29.48 30.60 -49.01
CA MET K 95 -29.23 31.95 -49.44
C MET K 95 -29.28 32.00 -50.97
N ARG K 96 -28.31 31.36 -51.66
CA ARG K 96 -28.32 31.31 -53.13
C ARG K 96 -29.73 30.90 -53.55
N ARG K 97 -30.17 29.74 -53.06
CA ARG K 97 -31.53 29.21 -53.33
C ARG K 97 -32.75 29.98 -52.76
N MET K 98 -32.92 30.05 -51.44
CA MET K 98 -34.06 30.79 -50.87
C MET K 98 -34.24 32.14 -51.50
N ARG K 99 -33.15 32.90 -51.62
CA ARG K 99 -33.26 34.21 -52.27
C ARG K 99 -33.83 34.06 -53.68
N ILE K 100 -33.41 33.01 -54.38
CA ILE K 100 -33.99 32.67 -55.70
C ILE K 100 -35.48 32.32 -55.70
N LEU K 101 -35.90 31.46 -54.78
CA LEU K 101 -37.30 31.00 -54.80
C LEU K 101 -38.24 32.03 -54.24
N ARG K 102 -37.76 32.81 -53.28
CA ARG K 102 -38.52 33.95 -52.83
C ARG K 102 -38.63 35.02 -53.92
N ARG K 103 -37.49 35.48 -54.47
CA ARG K 103 -37.56 36.45 -55.57
C ARG K 103 -38.43 35.92 -56.70
N LEU K 104 -38.57 34.59 -56.83
CA LEU K 104 -39.62 34.07 -57.69
C LEU K 104 -40.95 34.52 -57.12
N LEU K 105 -41.39 33.94 -56.01
CA LEU K 105 -42.77 34.16 -55.55
C LEU K 105 -43.20 35.63 -55.55
N ARG K 106 -42.28 36.51 -55.19
CA ARG K 106 -42.50 37.95 -55.15
C ARG K 106 -42.64 38.60 -56.55
N ARG K 107 -41.78 38.24 -57.52
CA ARG K 107 -42.00 38.64 -58.96
C ARG K 107 -43.37 38.16 -59.36
N TYR K 108 -43.64 36.96 -58.88
CA TYR K 108 -44.60 36.07 -59.43
C TYR K 108 -45.95 36.23 -58.72
N ARG K 109 -45.98 37.11 -57.71
CA ARG K 109 -47.23 37.59 -57.09
C ARG K 109 -47.67 38.88 -57.74
N GLU K 110 -46.74 39.83 -57.81
CA GLU K 110 -46.98 41.16 -58.38
C GLU K 110 -47.35 41.15 -59.86
N SER K 111 -47.15 40.01 -60.54
CA SER K 111 -47.73 39.80 -61.87
C SER K 111 -49.16 39.23 -61.82
N LYS K 112 -49.83 39.33 -60.66
CA LYS K 112 -51.18 38.80 -60.43
C LYS K 112 -51.32 37.35 -60.84
N LYS K 113 -50.22 36.60 -60.68
CA LYS K 113 -50.19 35.22 -61.13
C LYS K 113 -50.83 34.37 -60.07
N ILE K 114 -50.34 34.52 -58.85
CA ILE K 114 -50.85 33.77 -57.72
C ILE K 114 -51.40 34.79 -56.74
N ASP K 115 -52.59 34.47 -56.20
CA ASP K 115 -53.22 35.26 -55.13
C ASP K 115 -52.28 35.33 -53.91
N ARG K 116 -52.77 35.89 -52.82
CA ARG K 116 -51.94 36.19 -51.68
C ARG K 116 -52.15 35.20 -50.48
N HIS K 117 -53.17 34.30 -50.57
CA HIS K 117 -53.44 33.15 -49.65
C HIS K 117 -52.86 31.93 -50.39
N MET K 118 -52.15 32.20 -51.50
CA MET K 118 -51.44 31.21 -52.31
C MET K 118 -49.96 31.31 -52.00
N TYR K 119 -49.32 32.44 -52.30
CA TYR K 119 -47.87 32.46 -52.05
C TYR K 119 -47.67 32.30 -50.55
N HIS K 120 -48.42 32.95 -49.67
CA HIS K 120 -48.06 32.81 -48.25
C HIS K 120 -47.78 31.33 -47.86
N SER K 121 -48.79 30.48 -48.03
CA SER K 121 -48.65 29.03 -47.77
C SER K 121 -47.48 28.43 -48.58
N LEU K 122 -47.29 28.93 -49.80
CA LEU K 122 -46.21 28.47 -50.66
C LEU K 122 -44.81 28.82 -50.17
N TYR K 123 -44.50 30.08 -49.85
CA TYR K 123 -43.11 30.35 -49.39
C TYR K 123 -42.87 29.83 -47.99
N LEU K 124 -43.88 29.72 -47.14
CA LEU K 124 -43.69 28.86 -45.96
C LEU K 124 -43.16 27.46 -46.36
N LYS K 125 -43.68 26.89 -47.44
CA LYS K 125 -43.17 25.60 -47.95
C LYS K 125 -41.78 25.66 -48.61
N VAL K 126 -41.50 26.73 -49.33
CA VAL K 126 -40.14 27.02 -49.84
C VAL K 126 -39.14 26.96 -48.69
N LYS K 127 -39.45 27.74 -47.63
CA LYS K 127 -38.65 27.79 -46.40
C LYS K 127 -38.39 26.42 -45.77
N GLY K 128 -39.38 25.54 -45.79
CA GLY K 128 -39.21 24.16 -45.39
C GLY K 128 -38.81 23.30 -46.56
N ASN K 129 -37.54 23.42 -46.96
CA ASN K 129 -37.01 22.97 -48.28
C ASN K 129 -37.84 21.91 -48.99
N VAL K 130 -38.45 22.27 -50.12
CA VAL K 130 -38.91 21.27 -51.12
C VAL K 130 -39.42 21.76 -52.55
N PHE K 131 -39.82 23.03 -52.71
CA PHE K 131 -40.36 23.63 -54.02
C PHE K 131 -39.00 24.37 -54.11
N LYS K 132 -38.03 23.55 -54.60
CA LYS K 132 -36.56 23.51 -54.26
C LYS K 132 -35.53 23.80 -55.40
N ASN K 133 -36.01 24.43 -56.47
CA ASN K 133 -35.21 25.13 -57.46
C ASN K 133 -36.19 25.73 -58.44
N LYS K 134 -35.96 26.97 -58.83
CA LYS K 134 -36.95 27.77 -59.55
C LYS K 134 -37.83 26.96 -60.51
N ARG K 135 -37.22 26.05 -61.26
CA ARG K 135 -37.90 25.23 -62.27
C ARG K 135 -38.96 24.27 -61.73
N ILE K 136 -38.65 23.54 -60.66
CA ILE K 136 -39.64 22.65 -60.02
C ILE K 136 -40.69 23.40 -59.17
N LEU K 137 -40.31 24.55 -58.61
CA LEU K 137 -41.28 25.39 -57.92
C LEU K 137 -42.36 25.79 -58.92
N MET K 138 -41.95 26.33 -60.07
CA MET K 138 -42.91 26.64 -61.13
C MET K 138 -43.83 25.45 -61.35
N GLU K 139 -43.26 24.27 -61.55
CA GLU K 139 -44.06 23.08 -61.84
C GLU K 139 -45.05 22.63 -60.73
N HIS K 140 -45.04 23.30 -59.56
CA HIS K 140 -46.23 23.28 -58.65
C HIS K 140 -47.28 24.26 -59.07
N ILE K 141 -46.89 25.52 -59.19
CA ILE K 141 -47.82 26.60 -59.47
C ILE K 141 -48.50 26.34 -60.82
N HIS K 142 -47.75 25.68 -61.69
CA HIS K 142 -48.22 25.18 -62.97
C HIS K 142 -49.28 24.08 -62.87
N LYS K 143 -49.25 23.31 -61.79
CA LYS K 143 -50.27 22.32 -61.47
C LYS K 143 -51.40 22.93 -60.65
N LEU K 144 -51.05 23.59 -59.55
CA LEU K 144 -52.04 24.17 -58.61
C LEU K 144 -53.10 25.06 -59.25
N LYS K 145 -52.71 25.80 -60.28
CA LYS K 145 -53.66 26.61 -61.04
C LYS K 145 -54.52 25.77 -61.97
N ALA K 146 -53.92 24.76 -62.59
CA ALA K 146 -54.66 23.81 -63.42
C ALA K 146 -55.69 23.00 -62.61
N ASP K 147 -55.43 22.85 -61.30
CA ASP K 147 -56.39 22.22 -60.37
C ASP K 147 -57.46 23.22 -59.88
N LYS K 148 -57.14 24.51 -59.86
CA LYS K 148 -58.17 25.55 -59.68
C LYS K 148 -59.08 25.70 -60.89
N ALA K 149 -58.29 25.29 -62.31
CA ALA K 149 -59.23 25.76 -63.34
C ALA K 149 -60.51 24.93 -63.33
N ARG K 150 -60.37 23.60 -63.40
CA ARG K 150 -61.52 22.68 -63.33
C ARG K 150 -62.27 22.84 -62.01
N LYS K 151 -61.55 22.81 -60.88
CA LYS K 151 -62.19 22.91 -59.55
C LYS K 151 -62.94 24.21 -59.34
N LYS K 152 -62.32 25.32 -59.72
CA LYS K 152 -62.89 26.64 -59.49
C LYS K 152 -63.97 27.03 -60.51
N LEU K 153 -63.82 26.61 -61.76
CA LEU K 153 -64.88 26.74 -62.78
C LEU K 153 -66.12 25.91 -62.37
N LEU K 154 -65.94 24.60 -62.13
CA LEU K 154 -67.06 23.71 -61.65
C LEU K 154 -67.52 24.03 -60.19
N ALA K 155 -66.80 24.91 -59.47
CA ALA K 155 -67.32 25.59 -58.25
C ALA K 155 -68.22 26.82 -58.52
N ASP K 156 -68.21 27.33 -59.76
CA ASP K 156 -69.14 28.38 -60.22
C ASP K 156 -70.17 27.96 -61.30
N GLN K 157 -69.98 26.80 -61.96
CA GLN K 157 -71.02 26.15 -62.78
C GLN K 157 -72.13 25.54 -61.89
N ALA K 158 -71.74 25.00 -60.74
CA ALA K 158 -72.68 24.53 -59.70
C ALA K 158 -73.28 25.68 -58.85
N GLU K 159 -72.52 26.77 -58.69
CA GLU K 159 -73.02 28.02 -58.10
C GLU K 159 -73.96 28.78 -59.07
N ALA K 160 -73.76 28.61 -60.38
CA ALA K 160 -74.69 29.08 -61.45
C ALA K 160 -75.93 28.19 -61.58
N ARG K 161 -75.76 26.88 -61.34
CA ARG K 161 -76.90 25.96 -61.12
C ARG K 161 -77.72 26.37 -59.90
N ARG K 162 -77.05 26.62 -58.77
CA ARG K 162 -77.73 26.97 -57.49
C ARG K 162 -78.06 28.47 -57.33
N SER K 163 -77.69 29.31 -58.32
CA SER K 163 -78.33 30.64 -58.51
C SER K 163 -79.60 30.51 -59.38
N LYS K 164 -79.53 29.70 -60.45
CA LYS K 164 -80.70 29.40 -61.32
C LYS K 164 -81.80 28.53 -60.63
N THR K 165 -81.43 27.74 -59.60
CA THR K 165 -82.40 27.03 -58.73
C THR K 165 -83.03 27.98 -57.69
N LYS K 166 -82.24 28.94 -57.18
CA LYS K 166 -82.69 29.91 -56.16
C LYS K 166 -83.64 31.00 -56.73
N GLU K 167 -83.14 31.89 -57.58
CA GLU K 167 -83.97 33.03 -58.08
C GLU K 167 -85.14 32.64 -59.02
N ALA K 168 -85.09 31.46 -59.62
CA ALA K 168 -86.21 30.94 -60.43
C ALA K 168 -87.42 30.46 -59.58
N ARG K 169 -87.18 30.08 -58.31
CA ARG K 169 -88.29 29.85 -57.35
C ARG K 169 -88.84 31.21 -56.89
N LYS K 170 -87.97 32.23 -56.80
CA LYS K 170 -88.37 33.64 -56.55
C LYS K 170 -89.07 34.31 -57.76
N ARG K 171 -88.99 33.68 -58.95
CA ARG K 171 -89.90 33.98 -60.07
C ARG K 171 -91.33 33.70 -59.58
N ARG K 172 -91.65 32.43 -59.31
CA ARG K 172 -93.01 32.01 -58.92
C ARG K 172 -93.47 32.36 -57.47
N GLU K 173 -92.52 32.49 -56.53
CA GLU K 173 -92.82 32.85 -55.12
C GLU K 173 -92.62 34.38 -54.81
N GLU K 174 -92.22 35.19 -55.79
CA GLU K 174 -92.63 36.61 -55.82
C GLU K 174 -94.06 36.62 -56.42
N ARG K 175 -94.31 35.82 -57.49
CA ARG K 175 -95.65 35.80 -58.17
C ARG K 175 -96.81 35.33 -57.29
N LEU K 176 -96.59 34.25 -56.53
CA LEU K 176 -97.62 33.69 -55.66
C LEU K 176 -97.75 34.54 -54.38
N GLN K 177 -96.62 34.99 -53.80
CA GLN K 177 -96.61 35.77 -52.54
C GLN K 177 -96.47 37.31 -52.72
N ALA K 178 -96.79 37.82 -53.91
CA ALA K 178 -97.07 39.26 -54.14
C ALA K 178 -98.48 39.53 -54.71
N LYS K 179 -98.93 38.70 -55.67
CA LYS K 179 -100.26 38.84 -56.31
C LYS K 179 -101.36 37.91 -55.71
N LYS K 180 -101.39 37.80 -54.38
CA LYS K 180 -102.45 37.12 -53.61
C LYS K 180 -102.68 35.66 -54.02
N LYS L 1 76.78 -25.81 24.69
CA LYS L 1 78.01 -26.39 24.08
C LYS L 1 78.08 -26.18 22.57
N ALA L 2 79.29 -25.93 22.06
CA ALA L 2 79.53 -25.97 20.62
C ALA L 2 80.56 -27.12 20.33
N SER L 3 81.64 -26.83 19.59
CA SER L 3 82.67 -27.82 19.26
C SER L 3 83.96 -27.13 18.71
N GLY L 4 84.89 -27.94 18.24
CA GLY L 4 86.12 -27.49 17.59
C GLY L 4 86.75 -28.78 17.13
N THR L 5 87.56 -29.35 18.02
CA THR L 5 87.84 -30.81 18.05
C THR L 5 87.98 -31.17 19.52
N LEU L 6 87.18 -32.11 19.98
CA LEU L 6 87.00 -32.29 21.40
C LEU L 6 88.21 -32.93 22.06
N ARG L 7 88.21 -32.87 23.38
CA ARG L 7 89.31 -33.25 24.23
C ARG L 7 88.69 -33.79 25.52
N GLU L 8 89.38 -34.69 26.22
CA GLU L 8 88.83 -35.35 27.43
C GLU L 8 88.98 -34.52 28.77
N TYR L 9 88.46 -33.25 28.85
CA TYR L 9 88.70 -32.39 30.07
C TYR L 9 88.06 -33.12 31.28
N LYS L 10 88.76 -34.16 31.79
CA LYS L 10 88.28 -35.02 32.91
C LYS L 10 88.24 -34.21 34.19
N VAL L 11 87.29 -34.50 35.06
CA VAL L 11 87.05 -33.63 36.20
C VAL L 11 86.52 -34.33 37.43
N VAL L 12 87.02 -33.94 38.60
CA VAL L 12 86.44 -34.39 39.89
C VAL L 12 86.04 -33.20 40.77
N GLY L 13 84.97 -33.40 41.53
CA GLY L 13 84.45 -32.33 42.36
C GLY L 13 83.55 -32.79 43.48
N ARG L 14 83.80 -32.21 44.65
CA ARG L 14 83.09 -32.53 45.87
C ARG L 14 82.01 -31.50 46.05
N CYS L 15 81.02 -31.84 46.87
CA CYS L 15 80.06 -30.87 47.37
C CYS L 15 80.62 -30.28 48.67
N LEU L 16 80.97 -29.00 48.68
CA LEU L 16 81.87 -28.47 49.71
C LEU L 16 81.34 -28.69 51.14
N PRO L 17 82.27 -28.85 52.11
CA PRO L 17 81.91 -29.51 53.36
C PRO L 17 81.16 -28.58 54.31
N THR L 18 80.04 -29.09 54.81
CA THR L 18 79.25 -28.44 55.87
C THR L 18 79.81 -28.83 57.24
N PRO L 19 79.33 -28.18 58.32
CA PRO L 19 79.67 -28.63 59.69
C PRO L 19 79.23 -30.07 60.00
N LYS L 20 78.08 -30.47 59.45
CA LYS L 20 77.56 -31.83 59.65
C LYS L 20 78.36 -32.92 58.92
N CYS L 21 78.72 -32.68 57.65
CA CYS L 21 79.49 -33.64 56.85
C CYS L 21 80.79 -32.98 56.41
N ARG L 22 81.89 -33.51 56.91
CA ARG L 22 83.19 -32.85 56.77
C ARG L 22 84.06 -33.38 55.64
N THR L 23 83.79 -34.60 55.19
CA THR L 23 84.58 -35.26 54.14
C THR L 23 83.62 -35.87 53.11
N PRO L 24 82.92 -35.02 52.36
CA PRO L 24 81.97 -35.51 51.37
C PRO L 24 82.69 -36.12 50.19
N PRO L 25 82.01 -37.01 49.43
CA PRO L 25 82.70 -37.81 48.41
C PRO L 25 83.24 -36.99 47.23
N LEU L 26 84.13 -37.58 46.43
CA LEU L 26 84.67 -36.93 45.22
C LEU L 26 84.24 -37.76 44.02
N TYR L 27 84.05 -37.15 42.83
CA TYR L 27 83.60 -37.93 41.63
C TYR L 27 84.13 -37.51 40.18
N ARG L 28 85.18 -38.21 39.69
CA ARG L 28 85.68 -38.14 38.25
C ARG L 28 84.50 -38.41 37.31
N MET L 29 84.18 -37.41 36.51
CA MET L 29 83.36 -37.58 35.31
C MET L 29 84.29 -37.41 34.13
N ARG L 30 84.04 -38.16 33.06
CA ARG L 30 84.80 -38.01 31.83
C ARG L 30 84.07 -37.00 31.01
N ILE L 31 84.21 -35.74 31.43
CA ILE L 31 83.59 -34.63 30.74
C ILE L 31 84.46 -34.34 29.59
N PHE L 32 83.81 -33.96 28.51
CA PHE L 32 84.34 -34.35 27.27
C PHE L 32 84.09 -33.30 26.16
N ALA L 33 84.98 -32.31 26.11
CA ALA L 33 84.65 -30.96 25.64
C ALA L 33 85.82 -30.26 24.91
N PRO L 34 85.65 -28.99 24.48
CA PRO L 34 86.68 -28.23 23.72
C PRO L 34 87.77 -27.45 24.47
N ASN L 35 87.63 -27.27 25.77
CA ASN L 35 88.61 -26.53 26.58
C ASN L 35 88.36 -26.84 28.07
N HIS L 36 88.85 -26.04 29.02
CA HIS L 36 88.54 -26.28 30.45
C HIS L 36 87.21 -25.65 30.80
N VAL L 37 87.12 -24.34 30.56
CA VAL L 37 86.06 -23.49 31.09
C VAL L 37 84.67 -24.05 30.86
N VAL L 38 84.48 -24.77 29.74
CA VAL L 38 83.20 -25.45 29.50
C VAL L 38 83.17 -26.83 30.17
N ALA L 39 84.26 -27.59 30.05
CA ALA L 39 84.34 -28.91 30.66
C ALA L 39 84.25 -28.87 32.16
N LYS L 40 84.63 -27.76 32.76
CA LYS L 40 84.22 -27.47 34.12
C LYS L 40 82.69 -27.41 34.08
N SER L 41 82.14 -26.39 33.41
CA SER L 41 80.69 -26.17 33.34
C SER L 41 79.89 -27.42 33.00
N ARG L 42 80.47 -28.31 32.21
CA ARG L 42 79.77 -29.51 31.80
C ARG L 42 79.74 -30.63 32.81
N PHE L 43 80.62 -30.70 33.83
CA PHE L 43 80.32 -31.70 34.87
C PHE L 43 79.15 -31.16 35.63
N TRP L 44 79.03 -29.86 35.83
CA TRP L 44 78.07 -29.43 36.81
C TRP L 44 76.68 -29.43 36.25
N TYR L 45 76.54 -29.24 34.95
CA TYR L 45 75.28 -29.57 34.30
C TYR L 45 74.95 -31.00 34.65
N PHE L 46 75.92 -31.86 34.39
CA PHE L 46 75.79 -33.30 34.51
C PHE L 46 75.68 -33.89 35.89
N VAL L 47 76.39 -33.32 36.85
CA VAL L 47 76.31 -33.79 38.22
C VAL L 47 75.01 -33.30 38.82
N SER L 48 74.61 -32.07 38.49
CA SER L 48 73.39 -31.50 39.03
C SER L 48 72.15 -32.27 38.63
N GLN L 49 72.20 -33.02 37.54
CA GLN L 49 71.15 -33.97 37.24
C GLN L 49 71.20 -35.16 38.18
N LEU L 50 72.39 -35.69 38.44
CA LEU L 50 72.54 -36.93 39.21
C LEU L 50 72.47 -36.70 40.70
N LYS L 51 73.42 -35.94 41.23
CA LYS L 51 73.42 -35.57 42.63
C LYS L 51 72.63 -34.31 42.83
N LYS L 52 72.53 -33.93 44.10
CA LYS L 52 71.80 -32.76 44.56
C LYS L 52 72.83 -31.64 44.77
N MET L 53 73.63 -31.40 43.74
CA MET L 53 74.88 -30.66 43.86
C MET L 53 74.89 -29.49 42.88
N LYS L 54 75.63 -28.44 43.23
CA LYS L 54 75.48 -27.14 42.58
C LYS L 54 76.70 -26.22 42.63
N LYS L 55 76.79 -25.28 41.68
CA LYS L 55 77.97 -24.40 41.54
C LYS L 55 78.31 -23.52 42.73
N SER L 56 77.28 -23.20 43.50
CA SER L 56 77.45 -22.55 44.79
C SER L 56 77.98 -23.55 45.78
N SER L 57 77.25 -24.64 45.94
CA SER L 57 77.50 -25.59 47.01
C SER L 57 78.67 -26.58 46.75
N GLY L 58 79.47 -26.35 45.71
CA GLY L 58 80.53 -27.31 45.34
C GLY L 58 81.91 -26.72 45.23
N GLU L 59 82.81 -27.55 44.70
CA GLU L 59 84.09 -27.10 44.15
C GLU L 59 84.59 -28.11 43.16
N ILE L 60 85.17 -27.64 42.05
CA ILE L 60 86.00 -28.52 41.28
C ILE L 60 87.26 -28.68 42.06
N VAL L 61 87.72 -29.91 42.19
CA VAL L 61 88.99 -30.16 42.82
C VAL L 61 90.07 -30.18 41.74
N TYR L 62 89.93 -31.12 40.83
CA TYR L 62 90.87 -31.35 39.77
C TYR L 62 90.08 -31.32 38.49
N CYS L 63 90.55 -30.51 37.55
CA CYS L 63 90.16 -30.61 36.15
C CYS L 63 91.44 -30.67 35.35
N GLY L 64 91.46 -31.55 34.37
CA GLY L 64 92.66 -31.74 33.58
C GLY L 64 92.44 -32.73 32.46
N GLN L 65 93.30 -32.63 31.46
CA GLN L 65 93.20 -33.42 30.25
C GLN L 65 93.44 -34.85 30.66
N VAL L 66 92.68 -35.77 30.10
CA VAL L 66 93.20 -37.13 29.99
C VAL L 66 93.42 -37.34 28.50
N PHE L 67 94.62 -37.78 28.17
CA PHE L 67 95.19 -37.56 26.84
C PHE L 67 95.84 -38.88 26.49
N GLU L 68 95.74 -39.22 25.22
CA GLU L 68 95.48 -40.61 24.85
C GLU L 68 96.65 -41.50 25.14
N LYS L 69 96.31 -42.66 25.68
CA LYS L 69 97.30 -43.65 26.04
C LYS L 69 97.81 -44.41 24.81
N SER L 70 96.98 -44.53 23.77
CA SER L 70 97.35 -45.27 22.56
C SER L 70 96.91 -44.55 21.27
N PRO L 71 97.55 -43.41 20.94
CA PRO L 71 97.19 -42.60 19.77
C PRO L 71 97.96 -42.87 18.46
N LEU L 72 98.61 -44.02 18.34
CA LEU L 72 99.18 -44.44 17.06
C LEU L 72 98.65 -45.78 16.65
N ARG L 73 97.48 -46.12 17.17
CA ARG L 73 97.00 -47.48 17.11
C ARG L 73 95.50 -47.43 16.94
N VAL L 74 95.03 -47.92 15.81
CA VAL L 74 93.62 -47.77 15.43
C VAL L 74 92.65 -48.66 16.26
N LYS L 75 91.46 -48.11 16.57
CA LYS L 75 90.62 -48.58 17.69
C LYS L 75 89.11 -48.37 17.48
N ASN L 76 88.28 -49.23 18.10
CA ASN L 76 86.86 -49.44 17.67
C ASN L 76 85.84 -48.85 18.69
N PHE L 77 85.76 -47.50 18.67
CA PHE L 77 85.09 -46.69 19.75
C PHE L 77 83.59 -46.79 19.72
N GLY L 78 83.07 -47.37 20.78
CA GLY L 78 81.64 -47.46 20.98
C GLY L 78 81.23 -46.43 22.00
N ILE L 79 79.93 -46.16 22.09
CA ILE L 79 79.44 -44.99 22.81
C ILE L 79 77.94 -45.06 23.25
N TRP L 80 77.66 -45.51 24.51
CA TRP L 80 76.24 -45.67 25.03
C TRP L 80 75.93 -44.13 25.10
N LEU L 81 75.03 -43.70 24.20
CA LEU L 81 74.71 -42.29 23.87
C LEU L 81 73.32 -41.97 24.38
N ARG L 82 72.99 -40.69 24.41
CA ARG L 82 71.63 -40.23 24.65
C ARG L 82 71.46 -38.90 23.98
N TYR L 83 70.33 -38.67 23.35
CA TYR L 83 70.11 -37.37 22.76
C TYR L 83 68.70 -36.86 22.98
N ASP L 84 68.41 -35.72 22.38
CA ASP L 84 67.07 -35.16 22.41
C ASP L 84 66.64 -34.81 20.97
N SER L 85 65.74 -35.63 20.41
CA SER L 85 65.14 -35.34 19.10
C SER L 85 64.06 -34.31 19.29
N ARG L 86 63.58 -33.79 18.16
CA ARG L 86 62.49 -32.83 18.14
C ARG L 86 61.24 -33.41 18.77
N SER L 87 61.13 -34.74 18.76
CA SER L 87 60.01 -35.46 19.34
C SER L 87 60.20 -35.86 20.81
N GLY L 88 61.20 -36.68 21.06
CA GLY L 88 61.44 -37.27 22.37
C GLY L 88 62.92 -37.23 22.64
N THR L 89 63.42 -38.23 23.35
CA THR L 89 64.83 -38.25 23.77
C THR L 89 65.30 -39.70 23.76
N HIS L 90 66.40 -39.96 23.06
CA HIS L 90 66.66 -41.28 22.48
C HIS L 90 68.08 -41.81 22.71
N ASN L 91 68.19 -43.08 23.10
CA ASN L 91 69.49 -43.74 23.39
C ASN L 91 70.12 -44.40 22.16
N MET L 92 71.45 -44.41 22.04
CA MET L 92 72.13 -45.06 20.89
C MET L 92 73.44 -45.76 21.22
N TYR L 93 73.64 -46.96 20.66
CA TYR L 93 74.98 -47.53 20.47
C TYR L 93 75.43 -46.89 19.13
N ARG L 94 76.67 -46.37 19.03
CA ARG L 94 77.27 -46.02 17.72
C ARG L 94 78.79 -46.28 17.69
N GLU L 95 79.33 -46.66 16.52
CA GLU L 95 80.78 -46.98 16.38
C GLU L 95 81.53 -46.02 15.49
N TYR L 96 82.66 -45.51 15.95
CA TYR L 96 83.57 -44.73 15.10
C TYR L 96 84.88 -45.46 15.19
N ARG L 97 85.59 -45.49 14.09
CA ARG L 97 86.81 -46.26 13.99
C ARG L 97 88.05 -45.34 14.02
N ASP L 98 87.98 -44.15 14.63
CA ASP L 98 89.22 -43.32 14.78
C ASP L 98 90.22 -44.07 15.75
N LEU L 99 91.47 -43.57 15.75
CA LEU L 99 92.55 -43.88 16.73
C LEU L 99 92.78 -42.92 17.98
N THR L 100 91.72 -42.58 18.73
CA THR L 100 91.80 -41.60 19.88
C THR L 100 90.43 -41.20 20.46
N THR L 101 90.11 -41.63 21.69
CA THR L 101 88.74 -41.48 22.22
C THR L 101 88.09 -40.17 21.84
N ALA L 102 88.81 -39.09 22.03
CA ALA L 102 88.25 -37.78 21.79
C ALA L 102 87.86 -37.58 20.33
N GLY L 103 88.82 -37.77 19.42
CA GLY L 103 88.58 -37.72 17.97
C GLY L 103 87.47 -38.65 17.53
N ALA L 104 87.30 -39.75 18.26
CA ALA L 104 86.21 -40.70 18.02
C ALA L 104 84.85 -40.13 18.28
N VAL L 105 84.73 -39.20 19.21
CA VAL L 105 83.43 -38.60 19.49
C VAL L 105 83.27 -37.28 18.78
N THR L 106 84.36 -36.55 18.67
CA THR L 106 84.46 -35.54 17.65
C THR L 106 83.72 -36.02 16.39
N GLN L 107 83.97 -37.25 15.90
CA GLN L 107 83.12 -37.82 14.82
C GLN L 107 81.65 -37.74 15.19
N CYS L 108 81.30 -38.45 16.27
CA CYS L 108 79.92 -38.69 16.69
C CYS L 108 79.12 -37.39 16.73
N TYR L 109 79.62 -36.41 17.45
CA TYR L 109 79.02 -35.09 17.45
C TYR L 109 78.79 -34.50 16.04
N ARG L 110 79.74 -34.71 15.11
CA ARG L 110 79.56 -34.27 13.71
C ARG L 110 78.50 -35.14 12.97
N ASP L 111 78.33 -36.42 13.30
CA ASP L 111 77.27 -37.24 12.65
C ASP L 111 75.91 -36.99 13.21
N MET L 112 75.80 -36.88 14.53
CA MET L 112 74.51 -36.55 15.14
C MET L 112 73.97 -35.24 14.57
N GLY L 113 74.88 -34.32 14.29
CA GLY L 113 74.58 -33.16 13.47
C GLY L 113 73.95 -33.61 12.18
N ALA L 114 74.70 -34.35 11.39
CA ALA L 114 74.26 -34.72 10.05
C ALA L 114 73.16 -35.80 9.92
N ARG L 115 73.36 -36.96 10.53
CA ARG L 115 72.36 -38.03 10.47
C ARG L 115 71.12 -37.74 11.28
N HIS L 116 71.08 -36.71 12.13
CA HIS L 116 69.86 -36.46 12.89
C HIS L 116 69.45 -35.00 13.14
N ARG L 117 70.23 -34.04 12.67
CA ARG L 117 70.04 -32.64 13.03
C ARG L 117 69.92 -32.44 14.53
N ALA L 118 70.81 -33.11 15.25
CA ALA L 118 70.94 -32.95 16.67
C ALA L 118 72.18 -32.12 16.92
N ARG L 119 72.01 -31.10 17.76
CA ARG L 119 73.06 -30.16 18.08
C ARG L 119 73.67 -30.67 19.39
N ALA L 120 74.88 -30.21 19.68
CA ALA L 120 75.61 -30.69 20.86
C ALA L 120 74.87 -30.43 22.17
N HIS L 121 74.34 -29.21 22.32
CA HIS L 121 73.56 -28.80 23.51
C HIS L 121 72.36 -29.76 23.81
N SER L 122 71.96 -30.59 22.83
CA SER L 122 70.99 -31.68 23.05
C SER L 122 71.56 -33.06 23.39
N ILE L 123 72.78 -33.33 22.93
CA ILE L 123 73.41 -34.64 23.14
C ILE L 123 74.00 -34.80 24.53
N GLN L 124 74.06 -36.07 24.94
CA GLN L 124 74.70 -36.52 26.16
C GLN L 124 75.43 -37.81 25.89
N ILE L 125 76.69 -37.85 26.25
CA ILE L 125 77.47 -39.06 26.13
C ILE L 125 77.31 -39.80 27.45
N MET L 126 76.83 -41.05 27.42
CA MET L 126 76.75 -41.86 28.65
C MET L 126 78.14 -42.32 28.94
N LYS L 127 78.76 -42.94 27.94
CA LYS L 127 80.11 -43.45 28.07
C LYS L 127 80.67 -44.03 26.80
N VAL L 128 81.90 -43.63 26.52
CA VAL L 128 82.68 -44.16 25.44
C VAL L 128 83.44 -45.32 26.02
N GLU L 129 83.77 -46.26 25.16
CA GLU L 129 84.61 -47.36 25.55
C GLU L 129 85.15 -47.96 24.26
N GLU L 130 86.46 -48.23 24.22
CA GLU L 130 87.04 -48.89 23.05
C GLU L 130 86.62 -50.34 23.08
N ILE L 131 86.41 -50.90 21.90
CA ILE L 131 85.96 -52.27 21.79
C ILE L 131 87.00 -53.07 20.99
N ALA L 132 87.05 -54.37 21.28
CA ALA L 132 87.86 -55.32 20.53
C ALA L 132 87.36 -55.49 19.10
N ALA L 133 87.97 -56.43 18.39
CA ALA L 133 87.58 -56.75 17.03
C ALA L 133 86.14 -57.23 17.00
N SER L 134 85.90 -58.44 17.46
CA SER L 134 84.55 -58.92 17.63
C SER L 134 83.83 -58.00 18.61
N LYS L 135 82.52 -58.19 18.70
CA LYS L 135 81.61 -57.34 19.50
C LYS L 135 81.46 -55.94 18.90
N CYS L 136 81.60 -55.86 17.58
CA CYS L 136 81.28 -54.68 16.80
C CYS L 136 80.12 -55.06 15.91
N ARG L 137 79.11 -54.20 15.90
CA ARG L 137 77.82 -54.47 15.29
C ARG L 137 77.65 -53.75 13.95
N ARG L 138 78.33 -52.62 13.81
CA ARG L 138 78.06 -51.70 12.72
C ARG L 138 78.90 -52.06 11.52
N PRO L 139 78.24 -52.50 10.44
CA PRO L 139 78.94 -52.98 9.26
C PRO L 139 79.82 -51.90 8.62
N ALA L 140 79.44 -50.65 8.79
CA ALA L 140 80.27 -49.51 8.37
C ALA L 140 81.69 -49.65 8.90
N VAL L 141 81.80 -49.90 10.20
CA VAL L 141 83.10 -50.14 10.85
C VAL L 141 83.61 -51.54 10.59
N LYS L 142 82.70 -52.51 10.66
CA LYS L 142 83.08 -53.92 10.63
C LYS L 142 83.73 -54.40 9.32
N GLN L 143 84.07 -53.50 8.41
CA GLN L 143 84.78 -53.86 7.19
C GLN L 143 86.24 -53.40 7.16
N PHE L 144 86.61 -52.29 7.84
CA PHE L 144 87.98 -51.69 7.72
C PHE L 144 88.98 -52.62 8.37
N HIS L 145 88.53 -53.10 9.50
CA HIS L 145 88.48 -54.50 9.89
C HIS L 145 88.75 -55.75 8.97
N ASP L 146 89.95 -55.86 8.41
CA ASP L 146 90.55 -57.14 7.94
C ASP L 146 92.08 -56.92 7.79
N SER L 147 92.79 -57.87 7.16
CA SER L 147 94.23 -57.76 6.97
C SER L 147 94.61 -57.37 5.54
N LYS L 148 94.09 -58.07 4.54
CA LYS L 148 94.44 -57.80 3.13
C LYS L 148 93.47 -56.78 2.54
N ILE L 149 93.40 -55.61 3.17
CA ILE L 149 92.32 -54.67 2.93
C ILE L 149 92.69 -53.81 1.74
N LYS L 150 91.75 -53.55 0.83
CA LYS L 150 92.14 -53.13 -0.52
C LYS L 150 91.23 -52.06 -1.28
N PHE L 151 91.89 -50.96 -1.71
CA PHE L 151 91.28 -49.74 -2.31
C PHE L 151 91.92 -49.41 -3.62
N PRO L 152 91.17 -48.75 -4.47
CA PRO L 152 91.66 -47.67 -5.29
C PRO L 152 90.81 -46.49 -5.02
N LEU L 153 91.28 -45.36 -5.49
CA LEU L 153 90.70 -44.12 -5.12
C LEU L 153 90.07 -43.61 -6.41
N PRO L 154 88.92 -44.22 -6.75
CA PRO L 154 88.52 -44.52 -8.11
C PRO L 154 88.39 -43.32 -9.03
N HIS L 155 87.46 -42.43 -8.70
CA HIS L 155 87.14 -41.29 -9.52
C HIS L 155 87.62 -40.10 -8.70
N ARG L 156 88.94 -39.96 -8.72
CA ARG L 156 89.62 -38.94 -7.95
C ARG L 156 89.51 -37.66 -8.73
N VAL L 157 88.74 -36.72 -8.20
CA VAL L 157 88.66 -35.39 -8.78
C VAL L 157 90.00 -34.67 -8.65
N LEU L 158 90.22 -33.70 -9.52
CA LEU L 158 91.19 -32.69 -9.19
C LEU L 158 90.52 -31.68 -8.26
N ARG L 159 91.24 -31.35 -7.21
CA ARG L 159 91.13 -30.04 -6.60
C ARG L 159 92.36 -29.33 -7.20
N ARG L 160 92.70 -28.11 -6.78
CA ARG L 160 93.55 -27.21 -7.60
C ARG L 160 92.87 -27.07 -8.94
N GLN L 161 91.64 -26.58 -8.89
CA GLN L 161 90.84 -26.35 -10.09
C GLN L 161 90.91 -24.88 -10.48
N HIS L 162 91.61 -24.11 -9.66
CA HIS L 162 91.87 -22.72 -9.89
C HIS L 162 93.33 -22.41 -10.16
N LYS L 163 94.27 -23.21 -9.66
CA LYS L 163 95.62 -23.21 -10.23
C LYS L 163 95.44 -23.84 -11.57
N PRO L 164 95.99 -23.21 -12.59
CA PRO L 164 95.31 -23.00 -13.83
C PRO L 164 93.81 -22.89 -13.62
N ARG L 165 93.31 -21.65 -13.51
CA ARG L 165 91.87 -21.40 -13.52
C ARG L 165 91.34 -21.73 -14.86
N PHE L 166 92.19 -21.55 -15.87
CA PHE L 166 91.98 -22.17 -17.15
C PHE L 166 93.24 -22.88 -17.58
N THR L 167 93.04 -23.76 -18.56
CA THR L 167 94.10 -24.49 -19.21
C THR L 167 93.60 -24.96 -20.56
N THR L 168 94.52 -25.50 -21.32
CA THR L 168 94.23 -26.13 -22.57
C THR L 168 93.91 -27.59 -22.30
N LYS L 169 94.77 -28.24 -21.53
CA LYS L 169 94.51 -29.61 -21.16
C LYS L 169 93.24 -29.67 -20.36
N ARG L 170 92.43 -30.63 -20.70
CA ARG L 170 91.31 -31.00 -19.86
C ARG L 170 91.94 -31.85 -18.78
N PRO L 171 91.31 -31.93 -17.59
CA PRO L 171 91.91 -32.63 -16.47
C PRO L 171 92.07 -34.11 -16.71
N ASN L 172 92.40 -34.81 -15.64
CA ASN L 172 92.28 -36.25 -15.59
C ASN L 172 91.78 -36.67 -14.23
N THR L 173 91.16 -37.84 -14.20
CA THR L 173 90.62 -38.43 -12.98
C THR L 173 90.79 -39.94 -12.85
N PHE L 174 91.34 -40.62 -13.86
CA PHE L 174 91.89 -41.94 -13.64
C PHE L 174 93.34 -41.82 -13.19
N PHE L 175 93.66 -42.39 -12.03
CA PHE L 175 95.06 -42.54 -11.58
C PHE L 175 95.22 -43.80 -10.73
N THR M 1 38.22 0.18 35.52
CA THR M 1 38.56 0.95 36.76
C THR M 1 37.98 0.31 38.02
N ASN M 2 38.76 0.37 39.09
CA ASN M 2 38.53 -0.40 40.28
C ASN M 2 37.99 0.49 41.39
N THR M 3 37.67 -0.12 42.52
CA THR M 3 37.15 0.59 43.68
C THR M 3 38.27 1.02 44.59
N LYS M 4 38.22 2.26 45.06
CA LYS M 4 39.24 2.79 45.95
C LYS M 4 39.22 2.29 47.40
N GLY M 5 38.16 1.60 47.80
CA GLY M 5 37.91 1.29 49.21
C GLY M 5 39.12 0.83 50.00
N LYS M 6 39.25 1.39 51.20
CA LYS M 6 40.45 1.23 52.01
C LYS M 6 40.93 -0.21 52.13
N ARG M 7 40.01 -1.17 52.12
CA ARG M 7 40.39 -2.56 52.31
C ARG M 7 40.05 -3.43 51.12
N ARG M 8 40.35 -2.95 49.92
CA ARG M 8 40.33 -3.85 48.76
C ARG M 8 41.59 -4.73 48.84
N GLY M 9 41.59 -5.87 48.16
CA GLY M 9 42.81 -6.67 47.98
C GLY M 9 43.46 -7.16 49.27
N THR M 10 42.75 -6.96 50.39
CA THR M 10 43.23 -7.32 51.70
C THR M 10 42.62 -8.64 52.12
N ARG M 11 41.77 -9.23 51.25
CA ARG M 11 41.10 -10.50 51.55
C ARG M 11 42.05 -11.51 52.20
N TYR M 12 43.29 -11.46 51.78
CA TYR M 12 44.20 -12.54 51.95
C TYR M 12 45.56 -12.00 52.44
N MET M 13 45.60 -10.73 52.87
CA MET M 13 46.69 -10.14 53.66
C MET M 13 46.35 -10.15 55.12
N PHE M 14 45.33 -9.34 55.45
CA PHE M 14 44.94 -9.05 56.82
C PHE M 14 44.42 -10.33 57.49
N SER M 15 43.91 -11.25 56.68
CA SER M 15 43.55 -12.60 57.11
C SER M 15 44.63 -13.20 58.00
N ARG M 16 44.20 -13.60 59.19
CA ARG M 16 45.07 -14.16 60.22
C ARG M 16 45.49 -15.58 59.72
N PRO M 17 46.74 -16.03 60.01
CA PRO M 17 47.38 -17.04 59.15
C PRO M 17 46.77 -18.47 59.17
N PHE M 18 47.04 -19.24 60.22
CA PHE M 18 46.20 -20.41 60.52
C PHE M 18 46.05 -20.50 61.96
N ARG M 19 45.00 -21.20 62.33
CA ARG M 19 44.93 -21.75 63.63
C ARG M 19 45.47 -20.77 64.66
N LYS M 20 45.22 -19.50 64.38
CA LYS M 20 45.53 -18.43 65.27
C LYS M 20 44.29 -17.56 65.36
N HIS M 21 43.15 -18.03 64.86
CA HIS M 21 41.95 -17.21 64.84
C HIS M 21 41.50 -17.17 66.28
N GLY M 22 41.73 -16.04 66.92
CA GLY M 22 41.20 -15.81 68.23
C GLY M 22 42.07 -14.92 69.06
N VAL M 23 42.07 -15.20 70.36
CA VAL M 23 42.51 -14.26 71.36
C VAL M 23 43.92 -13.83 71.05
N VAL M 24 44.12 -12.52 70.96
CA VAL M 24 45.39 -11.99 70.57
C VAL M 24 46.32 -12.23 71.75
N PRO M 25 47.43 -12.97 71.55
CA PRO M 25 48.31 -13.25 72.69
C PRO M 25 48.75 -11.97 73.35
N LEU M 26 48.67 -11.90 74.67
CA LEU M 26 48.76 -10.62 75.37
C LEU M 26 50.10 -9.91 75.30
N ALA M 27 51.18 -10.69 75.28
CA ALA M 27 52.54 -10.17 75.08
C ALA M 27 52.57 -9.04 74.07
N THR M 28 51.95 -9.28 72.91
CA THR M 28 51.96 -8.33 71.78
C THR M 28 51.40 -6.95 72.08
N TYR M 29 50.72 -6.78 73.22
CA TYR M 29 50.49 -5.45 73.82
C TYR M 29 50.77 -5.51 75.30
N MET M 30 52.03 -5.84 75.57
CA MET M 30 52.73 -5.49 76.81
C MET M 30 54.25 -5.56 76.56
N ARG M 31 54.67 -4.99 75.42
CA ARG M 31 56.07 -4.64 75.21
C ARG M 31 56.10 -3.22 74.77
N ILE M 32 57.14 -2.55 75.22
CA ILE M 32 57.15 -1.12 75.34
C ILE M 32 57.75 -0.54 74.09
N TYR M 33 57.12 0.51 73.60
CA TYR M 33 57.59 1.20 72.42
C TYR M 33 58.00 2.56 72.90
N LYS M 34 58.95 3.18 72.22
CA LYS M 34 59.37 4.53 72.59
C LYS M 34 60.12 5.22 71.46
N LYS M 35 60.00 6.54 71.44
CA LYS M 35 60.31 7.29 70.25
C LYS M 35 61.77 7.08 69.86
N GLY M 36 62.00 6.90 68.55
CA GLY M 36 63.29 6.46 68.03
C GLY M 36 63.28 4.99 67.63
N ASP M 37 62.49 4.17 68.33
CA ASP M 37 62.50 2.73 68.07
C ASP M 37 61.83 2.39 66.78
N ILE M 38 62.49 1.52 66.02
CA ILE M 38 62.07 1.15 64.67
C ILE M 38 61.22 -0.07 64.71
N VAL M 39 60.19 -0.02 63.89
CA VAL M 39 59.03 -0.82 64.06
C VAL M 39 58.54 -1.23 62.71
N ASP M 40 58.16 -2.50 62.57
CA ASP M 40 57.56 -3.01 61.31
C ASP M 40 56.06 -3.12 61.44
N ILE M 41 55.36 -2.52 60.47
CA ILE M 41 53.92 -2.55 60.44
C ILE M 41 53.54 -3.88 59.83
N LYS M 42 52.46 -4.45 60.35
CA LYS M 42 51.95 -5.72 59.90
C LYS M 42 50.50 -5.85 60.35
N GLY M 43 49.63 -5.17 59.61
CA GLY M 43 48.18 -5.33 59.67
C GLY M 43 47.65 -6.68 60.11
N MET M 44 46.48 -6.64 60.73
CA MET M 44 45.89 -7.77 61.44
C MET M 44 44.38 -7.65 61.38
N GLY M 45 43.71 -8.76 61.12
CA GLY M 45 42.27 -8.75 60.98
C GLY M 45 41.58 -8.51 62.32
N THR M 46 41.90 -9.36 63.30
CA THR M 46 41.12 -9.48 64.53
C THR M 46 40.69 -8.13 65.00
N VAL M 47 41.66 -7.29 65.32
CA VAL M 47 41.38 -5.94 65.76
C VAL M 47 41.34 -5.12 64.50
N GLN M 48 40.29 -4.32 64.37
CA GLN M 48 40.15 -3.40 63.23
C GLN M 48 40.36 -1.95 63.61
N LYS M 49 40.05 -1.59 64.84
CA LYS M 49 40.37 -0.27 65.33
C LYS M 49 41.88 -0.02 65.22
N GLY M 50 42.24 1.17 64.76
CA GLY M 50 43.63 1.57 64.62
C GLY M 50 44.42 0.71 63.65
N MET M 51 43.78 0.31 62.56
CA MET M 51 44.49 -0.42 61.53
C MET M 51 45.35 0.52 60.72
N PRO M 52 46.45 0.00 60.16
CA PRO M 52 47.20 0.71 59.14
C PRO M 52 46.41 0.58 57.86
N HIS M 53 47.03 0.70 56.70
CA HIS M 53 46.38 0.23 55.48
C HIS M 53 47.38 -0.31 54.45
N LYS M 54 46.90 -1.30 53.68
CA LYS M 54 47.68 -2.08 52.72
C LYS M 54 48.90 -1.43 52.08
N CYS M 55 48.81 -0.16 51.68
CA CYS M 55 49.95 0.50 51.03
C CYS M 55 51.15 0.67 51.97
N TYR M 56 50.95 0.33 53.25
CA TYR M 56 52.08 0.12 54.16
C TYR M 56 51.99 -1.18 54.98
N HIS M 57 51.13 -2.14 54.60
CA HIS M 57 51.27 -3.44 55.21
C HIS M 57 52.67 -3.93 54.86
N GLY M 58 53.52 -4.10 55.86
CA GLY M 58 54.84 -4.71 55.69
C GLY M 58 55.97 -3.75 55.42
N LYS M 59 55.86 -2.55 55.99
CA LYS M 59 56.88 -1.54 55.89
C LYS M 59 57.49 -1.35 57.28
N THR M 60 58.52 -0.52 57.38
CA THR M 60 59.11 -0.15 58.65
C THR M 60 59.29 1.32 58.75
N GLY M 61 59.20 1.80 59.98
CA GLY M 61 59.34 3.20 60.23
C GLY M 61 59.75 3.39 61.65
N ARG M 62 60.20 4.59 61.97
CA ARG M 62 60.54 4.89 63.33
C ARG M 62 59.29 5.47 64.01
N VAL M 63 59.25 5.31 65.32
CA VAL M 63 58.19 5.82 66.15
C VAL M 63 58.48 7.26 66.55
N TYR M 64 57.45 8.09 66.47
CA TYR M 64 57.54 9.50 66.88
C TYR M 64 56.54 9.88 68.00
N ASN M 65 55.47 9.10 68.16
CA ASN M 65 54.49 9.26 69.25
C ASN M 65 54.25 8.01 70.04
N VAL M 66 53.70 8.18 71.23
CA VAL M 66 53.16 7.06 71.96
C VAL M 66 51.93 7.51 72.68
N THR M 67 50.80 7.02 72.23
CA THR M 67 49.52 7.24 72.87
C THR M 67 49.15 6.01 73.66
N GLN M 68 47.99 6.05 74.33
CA GLN M 68 47.59 4.99 75.29
C GLN M 68 47.61 3.54 74.77
N HIS M 69 47.12 3.33 73.56
CA HIS M 69 47.19 2.02 72.91
C HIS M 69 47.64 2.06 71.45
N ALA M 70 48.17 3.20 71.01
CA ALA M 70 48.68 3.32 69.67
C ALA M 70 50.05 3.98 69.63
N VAL M 71 50.67 3.88 68.47
CA VAL M 71 52.00 4.37 68.25
C VAL M 71 52.04 5.12 66.94
N GLY M 72 52.21 6.43 67.04
CA GLY M 72 52.47 7.27 65.89
C GLY M 72 53.82 6.94 65.30
N ILE M 73 53.89 6.75 63.99
CA ILE M 73 55.03 6.09 63.36
C ILE M 73 55.28 6.63 61.95
N VAL M 74 56.53 7.05 61.70
CA VAL M 74 56.92 7.69 60.45
C VAL M 74 57.52 6.67 59.51
N VAL M 75 56.91 6.57 58.33
CA VAL M 75 57.24 5.56 57.31
C VAL M 75 57.39 6.24 55.98
N ASN M 76 58.20 5.67 55.12
CA ASN M 76 58.37 6.21 53.78
C ASN M 76 57.49 5.43 52.83
N LYS M 77 56.74 6.14 52.00
CA LYS M 77 55.80 5.54 51.06
C LYS M 77 56.04 6.11 49.69
N GLN M 78 56.28 5.26 48.69
CA GLN M 78 56.61 5.74 47.35
C GLN M 78 55.36 6.04 46.54
N VAL M 79 55.42 7.13 45.77
CA VAL M 79 54.24 7.68 45.11
C VAL M 79 54.63 8.38 43.82
N LYS M 80 54.61 7.65 42.71
CA LYS M 80 55.01 8.20 41.42
C LYS M 80 56.24 9.10 41.58
N GLY M 81 57.30 8.56 42.15
CA GLY M 81 58.57 9.26 42.25
C GLY M 81 58.84 9.75 43.63
N LYS M 82 58.44 10.98 43.91
CA LYS M 82 58.67 11.55 45.22
C LYS M 82 58.18 10.59 46.32
N ILE M 83 59.13 10.12 47.12
CA ILE M 83 58.86 9.35 48.32
C ILE M 83 58.48 10.35 49.39
N LEU M 84 57.52 9.96 50.21
CA LEU M 84 57.00 10.80 51.25
C LEU M 84 57.20 10.12 52.58
N ALA M 85 57.99 10.75 53.43
CA ALA M 85 58.12 10.36 54.82
C ALA M 85 56.87 10.86 55.52
N LYS M 86 56.04 9.93 55.98
CA LYS M 86 54.71 10.28 56.40
C LYS M 86 54.23 9.41 57.53
N ARG M 87 53.29 9.98 58.29
CA ARG M 87 53.09 9.59 59.66
C ARG M 87 51.71 9.08 59.84
N ILE M 88 51.62 7.93 60.52
CA ILE M 88 50.36 7.26 60.74
C ILE M 88 50.23 6.83 62.17
N ASN M 89 49.01 6.46 62.51
CA ASN M 89 48.62 6.28 63.88
C ASN M 89 48.02 4.90 64.06
N VAL M 90 48.92 3.96 64.24
CA VAL M 90 48.59 2.56 64.17
C VAL M 90 48.55 2.01 65.58
N ARG M 91 47.51 1.21 65.84
CA ARG M 91 47.31 0.55 67.13
C ARG M 91 48.37 -0.53 67.28
N ILE M 92 48.83 -0.69 68.51
CA ILE M 92 49.92 -1.59 68.81
C ILE M 92 49.85 -2.95 68.14
N GLU M 93 48.67 -3.57 68.20
CA GLU M 93 48.44 -4.93 67.70
C GLU M 93 49.10 -5.18 66.34
N HIS M 94 49.13 -4.17 65.49
CA HIS M 94 49.65 -4.30 64.14
C HIS M 94 51.13 -3.95 63.97
N ILE M 95 51.95 -4.16 65.00
CA ILE M 95 53.28 -3.58 65.02
C ILE M 95 54.21 -4.53 65.78
N LYS M 96 55.48 -4.55 65.37
CA LYS M 96 56.53 -5.30 66.09
C LYS M 96 57.80 -4.52 66.21
N HIS M 97 58.72 -5.00 67.04
CA HIS M 97 60.09 -4.55 66.94
C HIS M 97 60.80 -5.28 65.82
N SER M 98 61.12 -4.54 64.78
CA SER M 98 61.99 -5.05 63.72
C SER M 98 63.33 -5.37 64.34
N LYS M 99 63.84 -6.56 64.07
CA LYS M 99 65.20 -6.91 64.46
C LYS M 99 66.24 -6.40 63.44
N SER M 100 65.77 -5.68 62.42
CA SER M 100 66.62 -5.05 61.41
C SER M 100 67.83 -4.33 61.98
N ARG M 101 67.60 -3.38 62.88
CA ARG M 101 68.71 -2.71 63.56
C ARG M 101 69.56 -3.74 64.33
N ASP M 102 68.92 -4.71 64.98
CA ASP M 102 69.59 -5.55 66.00
C ASP M 102 70.75 -6.51 65.62
N SER M 103 71.19 -6.52 64.36
CA SER M 103 72.54 -7.04 64.05
C SER M 103 73.55 -5.99 64.48
N PHE M 104 73.37 -4.77 63.98
CA PHE M 104 74.10 -3.60 64.49
C PHE M 104 73.42 -3.29 65.85
N LEU M 105 74.23 -2.84 66.81
CA LEU M 105 73.96 -2.78 68.27
C LEU M 105 74.77 -3.90 68.89
N LYS M 106 74.59 -5.11 68.37
CA LYS M 106 75.42 -6.23 68.78
C LYS M 106 76.77 -6.16 68.10
N ARG M 107 76.80 -5.61 66.90
CA ARG M 107 78.06 -5.31 66.24
C ARG M 107 78.75 -4.09 66.89
N VAL M 108 77.97 -3.09 67.33
CA VAL M 108 78.57 -1.92 68.02
C VAL M 108 79.15 -2.35 69.35
N LYS M 109 78.31 -2.91 70.21
CA LYS M 109 78.74 -3.38 71.53
C LYS M 109 80.01 -4.21 71.47
N GLU M 110 80.18 -4.98 70.40
CA GLU M 110 81.41 -5.72 70.17
C GLU M 110 82.60 -4.83 69.75
N ASN M 111 82.39 -3.90 68.81
CA ASN M 111 83.49 -3.02 68.33
C ASN M 111 84.02 -2.06 69.39
N ASP M 112 83.13 -1.41 70.16
CA ASP M 112 83.58 -0.52 71.24
C ASP M 112 84.37 -1.34 72.26
N GLN M 113 83.84 -2.51 72.59
CA GLN M 113 84.48 -3.45 73.51
C GLN M 113 85.86 -3.93 73.01
N LYS M 114 85.93 -4.33 71.75
CA LYS M 114 87.19 -4.75 71.12
C LYS M 114 88.15 -3.60 70.77
N LYS M 115 87.67 -2.36 70.79
CA LYS M 115 88.54 -1.20 70.64
C LYS M 115 89.10 -0.75 72.00
N LYS M 116 88.27 -0.72 73.05
CA LYS M 116 88.76 -0.36 74.40
C LYS M 116 89.80 -1.36 74.87
N GLU M 117 89.48 -2.66 74.74
CA GLU M 117 90.50 -3.69 74.84
C GLU M 117 91.30 -3.69 73.53
N ALA M 118 92.50 -4.26 73.55
CA ALA M 118 93.49 -4.07 72.47
C ALA M 118 93.82 -2.58 72.17
N LYS M 119 93.62 -1.73 73.17
CA LYS M 119 94.18 -0.38 73.24
C LYS M 119 95.35 -0.37 74.24
N GLU M 120 95.16 -1.06 75.37
CA GLU M 120 96.25 -1.45 76.30
C GLU M 120 97.38 -2.32 75.67
N LYS M 121 97.10 -2.96 74.53
CA LYS M 121 98.12 -3.55 73.65
C LYS M 121 98.58 -2.52 72.61
N GLY M 122 97.62 -1.92 71.90
CA GLY M 122 97.88 -1.07 70.74
C GLY M 122 97.91 -1.83 69.42
N THR M 123 97.37 -3.06 69.42
CA THR M 123 97.31 -3.90 68.21
C THR M 123 96.02 -3.61 67.43
N TRP M 124 96.15 -3.45 66.11
CA TRP M 124 95.03 -3.03 65.27
C TRP M 124 94.14 -4.19 64.87
N VAL M 125 92.88 -4.11 65.29
CA VAL M 125 91.93 -5.20 65.16
C VAL M 125 90.98 -4.85 64.03
N GLN M 126 90.48 -5.89 63.35
CA GLN M 126 89.64 -5.71 62.17
C GLN M 126 88.18 -5.46 62.58
N LEU M 127 87.84 -4.17 62.62
CA LEU M 127 86.57 -3.67 63.16
C LEU M 127 85.47 -3.74 62.10
N LYS M 128 85.77 -3.24 60.90
CA LYS M 128 84.84 -3.28 59.78
C LYS M 128 84.44 -4.72 59.46
N ARG M 129 83.20 -4.88 59.01
CA ARG M 129 82.80 -6.10 58.31
C ARG M 129 83.56 -6.18 56.97
N GLN M 130 83.49 -7.32 56.31
CA GLN M 130 84.20 -7.51 55.07
C GLN M 130 83.46 -8.61 54.34
N PRO M 131 83.20 -8.43 53.04
CA PRO M 131 82.40 -9.45 52.32
C PRO M 131 83.12 -10.77 52.16
N ALA M 132 82.37 -11.82 51.85
CA ALA M 132 82.89 -13.19 51.86
C ALA M 132 84.06 -13.36 50.89
N PRO M 133 85.30 -13.51 51.42
CA PRO M 133 86.43 -13.55 50.52
C PRO M 133 86.44 -14.80 49.64
N PRO M 134 87.28 -14.82 48.59
CA PRO M 134 87.48 -16.05 47.83
C PRO M 134 88.17 -17.14 48.68
N ARG M 135 87.70 -18.38 48.56
CA ARG M 135 87.80 -19.39 49.63
C ARG M 135 89.17 -19.95 50.05
N GLU M 136 90.28 -19.34 49.62
CA GLU M 136 91.62 -19.77 50.04
C GLU M 136 92.02 -21.08 49.40
N ALA M 137 93.31 -21.20 49.11
CA ALA M 137 93.90 -22.47 48.72
C ALA M 137 93.77 -23.36 49.93
N HIS M 138 93.10 -24.49 49.73
CA HIS M 138 93.20 -25.59 50.68
C HIS M 138 93.62 -26.75 49.85
N PHE M 139 93.96 -27.83 50.51
CA PHE M 139 94.00 -29.09 49.85
C PHE M 139 92.65 -29.80 50.05
N VAL M 140 92.49 -30.92 49.34
CA VAL M 140 91.48 -31.96 49.59
C VAL M 140 92.27 -33.20 49.95
N ARG M 141 91.61 -34.24 50.46
CA ARG M 141 92.14 -35.59 50.30
C ARG M 141 91.13 -36.73 50.25
N THR M 142 91.20 -37.50 49.17
CA THR M 142 90.89 -38.92 49.23
C THR M 142 92.03 -39.61 49.95
N ASN M 143 91.70 -40.70 50.64
CA ASN M 143 92.72 -41.49 51.31
C ASN M 143 92.98 -42.67 50.40
N GLY M 144 92.09 -43.67 50.46
CA GLY M 144 92.35 -45.00 49.89
C GLY M 144 91.26 -45.41 48.94
N LYS M 145 90.68 -44.42 48.27
CA LYS M 145 89.69 -44.65 47.25
C LYS M 145 90.12 -43.78 46.10
N GLU M 146 89.82 -44.21 44.87
CA GLU M 146 89.67 -43.25 43.80
C GLU M 146 88.28 -42.67 44.02
N PRO M 147 87.96 -41.55 43.37
CA PRO M 147 86.61 -41.03 43.51
C PRO M 147 85.56 -41.90 42.76
N GLU M 148 84.27 -41.68 42.98
CA GLU M 148 83.23 -42.54 42.38
C GLU M 148 82.83 -42.09 40.97
N LEU M 149 82.73 -43.00 40.02
CA LEU M 149 82.42 -42.61 38.64
C LEU M 149 80.95 -42.40 38.40
N LEU M 150 80.60 -41.17 38.03
CA LEU M 150 79.28 -40.90 37.52
C LEU M 150 79.24 -41.06 36.03
N GLU M 151 78.10 -41.56 35.58
CA GLU M 151 77.76 -41.58 34.18
C GLU M 151 76.40 -40.93 34.17
N PRO M 152 76.09 -40.09 33.17
CA PRO M 152 74.68 -39.72 33.04
C PRO M 152 73.90 -40.97 32.71
N ILE M 153 72.71 -41.10 33.27
CA ILE M 153 71.96 -42.35 33.17
C ILE M 153 71.02 -42.34 31.97
N PRO M 154 70.84 -43.52 31.36
CA PRO M 154 70.07 -43.59 30.13
C PRO M 154 68.64 -43.24 30.37
N TYR M 155 68.11 -42.38 29.51
CA TYR M 155 66.71 -42.07 29.52
C TYR M 155 65.88 -43.28 29.19
N GLU M 156 64.92 -43.60 30.06
CA GLU M 156 63.74 -44.37 29.64
C GLU M 156 62.52 -43.58 30.06
N PHE M 157 61.44 -43.72 29.27
CA PHE M 157 60.22 -42.94 29.48
C PHE M 157 59.36 -43.56 30.58
N MET M 158 59.29 -42.86 31.70
CA MET M 158 58.61 -43.32 32.91
C MET M 158 57.08 -43.39 32.90
N ALA M 159 56.40 -42.24 32.77
CA ALA M 159 54.92 -42.13 32.96
C ALA M 159 54.41 -42.82 34.24
N GLN N 1 -18.01 51.19 -88.78
CA GLN N 1 -16.79 51.99 -88.46
C GLN N 1 -15.60 51.64 -89.34
N VAL N 2 -15.19 52.62 -90.15
CA VAL N 2 -14.03 52.49 -91.04
C VAL N 2 -12.78 52.84 -90.24
N LEU N 3 -12.03 51.81 -89.84
CA LEU N 3 -10.74 51.99 -89.18
C LEU N 3 -9.63 51.92 -90.23
N LYS N 4 -8.52 52.60 -89.97
CA LYS N 4 -7.45 52.76 -90.95
C LYS N 4 -6.11 52.98 -90.25
N PHE N 5 -5.34 51.92 -90.11
CA PHE N 5 -4.02 52.02 -89.48
C PHE N 5 -3.01 51.94 -90.60
N THR N 6 -2.12 52.93 -90.68
CA THR N 6 -1.25 53.02 -91.84
C THR N 6 -0.17 51.94 -91.79
N LEU N 7 0.77 52.08 -90.85
CA LEU N 7 1.97 51.26 -90.84
C LEU N 7 2.90 51.70 -91.99
N ASP N 8 3.56 52.86 -91.82
CA ASP N 8 4.52 53.35 -92.81
C ASP N 8 5.94 52.81 -92.57
N CYS N 9 6.71 52.80 -93.66
CA CYS N 9 8.09 52.37 -93.63
C CYS N 9 8.86 53.08 -94.74
N THR N 10 8.77 54.42 -94.73
CA THR N 10 9.46 55.29 -95.68
C THR N 10 10.94 54.99 -95.68
N HIS N 11 11.54 55.19 -94.52
CA HIS N 11 12.98 55.36 -94.41
C HIS N 11 13.81 54.06 -94.20
N PRO N 12 13.16 52.87 -94.07
CA PRO N 12 13.87 51.59 -94.31
C PRO N 12 13.73 51.01 -95.72
N VAL N 13 12.96 51.64 -96.60
CA VAL N 13 12.96 51.31 -98.03
C VAL N 13 14.14 52.02 -98.75
N GLU N 14 14.51 53.21 -98.27
CA GLU N 14 15.62 54.01 -98.84
C GLU N 14 16.95 53.27 -98.78
N ASP N 15 17.23 52.70 -97.61
CA ASP N 15 18.42 51.88 -97.39
C ASP N 15 18.40 50.61 -98.28
N GLY N 16 17.21 50.17 -98.70
CA GLY N 16 17.04 49.01 -99.57
C GLY N 16 17.19 47.73 -98.77
N ILE N 17 16.75 47.80 -97.51
CA ILE N 17 17.09 46.82 -96.46
C ILE N 17 15.91 45.87 -96.25
N MET N 18 14.72 46.43 -96.14
CA MET N 18 13.48 45.67 -96.22
C MET N 18 12.61 46.33 -97.27
N ASP N 19 12.59 45.74 -98.46
CA ASP N 19 11.69 46.19 -99.50
C ASP N 19 10.26 46.02 -98.99
N ALA N 20 9.48 47.09 -99.11
CA ALA N 20 8.11 47.13 -98.63
C ALA N 20 7.23 46.20 -99.44
N ALA N 21 7.62 45.98 -100.70
CA ALA N 21 7.12 44.86 -101.47
C ALA N 21 7.30 43.61 -100.63
N ASN N 22 6.18 42.99 -100.30
CA ASN N 22 6.08 41.73 -99.54
C ASN N 22 5.50 41.89 -98.13
N PHE N 23 5.61 43.07 -97.47
CA PHE N 23 4.80 43.33 -96.23
C PHE N 23 3.38 42.94 -96.55
N GLU N 24 2.87 43.57 -97.60
CA GLU N 24 1.52 43.32 -98.10
C GLU N 24 1.22 41.83 -98.15
N GLN N 25 2.15 41.06 -98.71
CA GLN N 25 2.02 39.61 -98.78
C GLN N 25 1.87 39.01 -97.38
N PHE N 26 2.84 39.30 -96.50
CA PHE N 26 2.81 38.85 -95.10
C PHE N 26 1.41 39.08 -94.55
N LEU N 27 1.01 40.35 -94.61
CA LEU N 27 -0.18 40.83 -93.92
C LEU N 27 -1.46 40.21 -94.48
N GLN N 28 -1.49 39.83 -95.75
CA GLN N 28 -2.61 39.02 -96.26
C GLN N 28 -2.56 37.57 -95.77
N GLU N 29 -1.37 36.95 -95.84
CA GLU N 29 -1.14 35.57 -95.36
C GLU N 29 -1.45 35.42 -93.86
N ARG N 30 -0.97 36.39 -93.09
CA ARG N 30 -0.92 36.33 -91.63
C ARG N 30 -2.12 36.97 -90.91
N ILE N 31 -2.73 38.03 -91.46
CA ILE N 31 -3.84 38.71 -90.74
C ILE N 31 -4.93 37.67 -90.46
N LYS N 32 -5.15 37.45 -89.16
CA LYS N 32 -6.16 36.52 -88.67
C LYS N 32 -7.37 37.37 -88.36
N VAL N 33 -8.49 37.08 -89.00
CA VAL N 33 -9.74 37.71 -88.64
C VAL N 33 -10.65 36.66 -88.04
N ASN N 34 -11.26 37.01 -86.92
CA ASN N 34 -12.28 36.20 -86.27
C ASN N 34 -11.72 34.88 -85.67
N GLY N 35 -11.30 33.96 -86.54
CA GLY N 35 -10.59 32.74 -86.16
C GLY N 35 -9.40 32.40 -87.04
N LYS N 36 -9.50 32.66 -88.35
CA LYS N 36 -8.50 32.20 -89.34
C LYS N 36 -7.86 33.31 -90.16
N ALA N 37 -6.75 32.95 -90.81
CA ALA N 37 -6.02 33.83 -91.73
C ALA N 37 -6.02 33.28 -93.16
N GLY N 38 -7.14 32.70 -93.55
CA GLY N 38 -7.37 32.25 -94.93
C GLY N 38 -8.02 33.34 -95.75
N ASN N 39 -7.30 34.47 -95.85
CA ASN N 39 -7.75 35.69 -96.53
C ASN N 39 -9.07 36.30 -96.02
N LEU N 40 -8.96 36.84 -94.81
CA LEU N 40 -9.76 37.98 -94.31
C LEU N 40 -11.28 37.80 -94.16
N GLY N 41 -11.77 36.56 -94.25
CA GLY N 41 -13.21 36.32 -94.26
C GLY N 41 -13.85 37.04 -95.44
N GLY N 42 -13.37 36.71 -96.64
CA GLY N 42 -13.79 37.39 -97.86
C GLY N 42 -12.93 38.61 -98.08
N GLY N 43 -13.43 39.76 -97.64
CA GLY N 43 -12.72 41.04 -97.79
C GLY N 43 -13.20 42.07 -96.78
N VAL N 44 -13.08 41.73 -95.50
CA VAL N 44 -13.41 42.64 -94.41
C VAL N 44 -12.39 43.76 -94.36
N VAL N 45 -11.12 43.37 -94.34
CA VAL N 45 -10.02 44.33 -94.35
C VAL N 45 -9.46 44.48 -95.75
N THR N 46 -8.65 45.52 -95.96
CA THR N 46 -8.07 45.83 -97.27
C THR N 46 -6.64 46.32 -97.10
N ILE N 47 -5.68 45.58 -97.66
CA ILE N 47 -4.26 45.89 -97.49
C ILE N 47 -3.76 46.57 -98.76
N GLU N 48 -3.43 47.86 -98.66
CA GLU N 48 -2.90 48.66 -99.79
C GLU N 48 -1.40 48.86 -99.67
N ARG N 49 -0.75 49.24 -100.77
CA ARG N 49 0.71 49.19 -100.84
C ARG N 49 1.25 50.41 -101.63
N SER N 50 1.17 51.57 -100.97
CA SER N 50 1.56 52.86 -101.58
C SER N 50 3.04 53.22 -101.32
N LYS N 51 3.92 52.62 -102.13
CA LYS N 51 5.38 52.92 -102.20
C LYS N 51 6.15 52.49 -100.94
N SER N 52 5.89 53.19 -99.83
CA SER N 52 6.34 52.77 -98.51
C SER N 52 5.19 52.64 -97.49
N LYS N 53 4.05 53.30 -97.75
CA LYS N 53 2.93 53.29 -96.82
C LYS N 53 2.04 52.08 -97.13
N ILE N 54 1.69 51.35 -96.08
CA ILE N 54 0.60 50.38 -96.13
C ILE N 54 -0.61 51.15 -95.62
N THR N 55 -1.81 50.61 -95.84
CA THR N 55 -3.00 51.13 -95.21
C THR N 55 -3.96 49.98 -94.97
N VAL N 56 -4.15 49.64 -93.70
CA VAL N 56 -5.03 48.56 -93.31
C VAL N 56 -6.37 49.16 -92.90
N THR N 57 -7.30 49.17 -93.85
CA THR N 57 -8.70 49.53 -93.59
C THR N 57 -9.41 48.32 -93.00
N SER N 58 -10.40 48.59 -92.15
CA SER N 58 -11.21 47.54 -91.54
C SER N 58 -12.63 48.01 -91.26
N GLU N 59 -13.60 47.12 -91.51
CA GLU N 59 -15.02 47.37 -91.25
C GLU N 59 -15.50 46.79 -89.91
N VAL N 60 -14.70 45.91 -89.30
CA VAL N 60 -15.03 45.28 -88.01
C VAL N 60 -14.00 45.75 -86.97
N PRO N 61 -14.23 45.41 -85.68
CA PRO N 61 -13.18 45.67 -84.67
C PRO N 61 -11.83 45.03 -85.02
N PHE N 62 -10.78 45.86 -84.98
CA PHE N 62 -9.43 45.44 -85.31
C PHE N 62 -8.45 46.16 -84.38
N SER N 63 -7.49 45.42 -83.81
CA SER N 63 -6.49 46.00 -82.91
C SER N 63 -5.39 46.63 -83.75
N LYS N 64 -4.94 47.79 -83.30
CA LYS N 64 -3.91 48.55 -84.00
C LYS N 64 -2.60 47.79 -83.86
N ARG N 65 -2.24 47.45 -82.63
CA ARG N 65 -0.96 46.80 -82.36
C ARG N 65 -0.86 45.35 -82.82
N TYR N 66 -1.96 44.76 -83.30
CA TYR N 66 -1.83 43.57 -84.12
C TYR N 66 -0.69 43.77 -85.09
N LEU N 67 -0.75 44.91 -85.76
CA LEU N 67 0.23 45.22 -86.75
C LEU N 67 1.64 45.23 -86.13
N LYS N 68 1.78 45.72 -84.88
CA LYS N 68 3.06 45.63 -84.14
C LYS N 68 3.58 44.20 -84.11
N TYR N 69 2.73 43.31 -83.61
CA TYR N 69 3.05 41.88 -83.55
C TYR N 69 3.54 41.40 -84.90
N LEU N 70 2.74 41.69 -85.92
CA LEU N 70 2.93 41.14 -87.25
C LEU N 70 4.09 41.80 -87.97
N THR N 71 4.28 43.10 -87.74
CA THR N 71 5.43 43.81 -88.30
C THR N 71 6.72 43.32 -87.61
N LYS N 72 6.69 43.26 -86.28
CA LYS N 72 7.81 42.70 -85.49
C LYS N 72 8.08 41.27 -85.96
N LYS N 73 7.04 40.58 -86.43
CA LYS N 73 7.20 39.24 -86.97
C LYS N 73 8.15 39.11 -88.21
N TYR N 74 8.26 40.13 -89.07
CA TYR N 74 9.37 40.10 -90.07
C TYR N 74 10.62 40.23 -89.29
N LEU N 75 10.65 41.27 -88.47
CA LEU N 75 11.88 41.83 -87.99
C LEU N 75 12.64 40.79 -87.15
N LYS N 76 11.98 39.66 -86.83
CA LYS N 76 12.68 38.41 -86.47
C LYS N 76 12.93 37.47 -87.65
N LYS N 77 11.90 37.17 -88.44
CA LYS N 77 12.04 36.34 -89.66
C LYS N 77 13.09 36.82 -90.66
N ASN N 78 13.21 38.13 -90.77
CA ASN N 78 14.08 38.77 -91.71
C ASN N 78 15.36 39.32 -91.06
N ASN N 79 15.53 39.08 -89.77
CA ASN N 79 16.70 39.51 -89.00
C ASN N 79 16.94 41.01 -89.14
N LEU N 80 15.92 41.76 -88.72
CA LEU N 80 15.92 43.21 -88.81
C LEU N 80 15.89 43.95 -87.46
N ARG N 81 15.45 43.28 -86.38
CA ARG N 81 15.56 43.88 -85.04
C ARG N 81 17.05 43.96 -84.69
N ASP N 82 17.36 44.57 -83.55
CA ASP N 82 18.76 44.82 -83.11
C ASP N 82 19.33 46.17 -83.65
N TRP N 83 19.07 46.45 -84.92
CA TRP N 83 19.52 47.67 -85.63
C TRP N 83 18.23 48.17 -86.45
N LEU N 84 16.99 47.81 -86.00
CA LEU N 84 15.67 48.34 -86.52
C LEU N 84 14.51 48.16 -85.50
N ARG N 85 13.63 49.17 -85.34
CA ARG N 85 12.59 49.22 -84.28
C ARG N 85 11.25 49.79 -84.77
N VAL N 86 10.15 49.49 -84.05
CA VAL N 86 8.79 49.99 -84.38
C VAL N 86 8.32 51.03 -83.38
N VAL N 87 7.58 52.05 -83.83
CA VAL N 87 7.06 53.10 -82.92
C VAL N 87 5.73 53.63 -83.40
N ALA N 88 4.84 53.97 -82.45
CA ALA N 88 3.60 54.68 -82.74
C ALA N 88 3.88 56.15 -82.90
N ASN N 89 4.06 56.60 -84.15
CA ASN N 89 4.38 57.99 -84.42
C ASN N 89 3.22 58.91 -83.99
N SER N 90 2.05 58.66 -84.56
CA SER N 90 0.79 59.24 -84.06
C SER N 90 -0.22 58.11 -83.97
N LYS N 91 -1.44 58.39 -83.53
CA LYS N 91 -2.48 57.35 -83.54
C LYS N 91 -2.98 57.20 -84.96
N GLU N 92 -3.52 56.02 -85.24
CA GLU N 92 -3.97 55.64 -86.58
C GLU N 92 -2.81 55.72 -87.59
N SER N 93 -1.62 55.32 -87.12
CA SER N 93 -0.38 55.50 -87.86
C SER N 93 0.74 54.89 -87.06
N TYR N 94 1.75 54.35 -87.73
CA TYR N 94 2.64 53.41 -87.06
C TYR N 94 3.91 53.16 -87.89
N GLU N 95 5.10 53.36 -87.31
CA GLU N 95 6.35 53.62 -88.08
C GLU N 95 7.52 52.69 -87.75
N LEU N 96 8.47 52.58 -88.68
CA LEU N 96 9.76 51.87 -88.46
C LEU N 96 10.97 52.83 -88.48
N ARG N 97 12.00 52.51 -87.67
CA ARG N 97 13.13 53.43 -87.41
C ARG N 97 14.31 52.74 -86.69
N TYR N 98 15.55 53.10 -87.03
CA TYR N 98 16.78 52.47 -86.43
C TYR N 98 16.92 53.14 -85.07
N PHE N 99 17.37 52.42 -84.04
CA PHE N 99 17.01 52.79 -82.65
C PHE N 99 17.29 54.29 -82.38
N SER O 1 23.07 -41.04 -46.37
CA SER O 1 24.07 -41.48 -47.40
C SER O 1 24.77 -40.30 -48.09
N GLY O 2 24.00 -39.53 -48.87
CA GLY O 2 24.45 -38.25 -49.44
C GLY O 2 23.86 -37.13 -48.60
N ALA O 3 24.70 -36.52 -47.76
CA ALA O 3 24.23 -35.56 -46.75
C ALA O 3 23.78 -34.24 -47.37
N LYS O 4 23.31 -33.32 -46.54
CA LYS O 4 22.33 -32.31 -46.95
C LYS O 4 22.84 -30.92 -46.76
N PHE O 5 23.90 -30.66 -47.51
CA PHE O 5 24.22 -29.37 -48.09
C PHE O 5 23.52 -28.10 -47.56
N ARG O 6 24.31 -27.09 -47.20
CA ARG O 6 23.82 -25.90 -46.50
C ARG O 6 22.92 -25.06 -47.39
N ILE O 7 22.17 -24.15 -46.75
CA ILE O 7 21.39 -23.13 -47.46
C ILE O 7 21.18 -21.90 -46.60
N SER O 8 21.05 -20.75 -47.26
CA SER O 8 20.76 -19.49 -46.57
C SER O 8 19.39 -19.63 -45.92
N LEU O 9 19.31 -19.21 -44.68
CA LEU O 9 18.18 -19.51 -43.82
C LEU O 9 17.58 -18.23 -43.32
N GLY O 10 16.30 -18.05 -43.65
CA GLY O 10 15.56 -16.86 -43.28
C GLY O 10 14.34 -17.20 -42.47
N LEU O 11 14.51 -18.13 -41.52
CA LEU O 11 13.46 -18.42 -40.57
C LEU O 11 14.05 -18.44 -39.20
N PRO O 12 14.32 -17.26 -38.66
CA PRO O 12 14.74 -17.22 -37.27
C PRO O 12 13.59 -17.44 -36.29
N VAL O 13 13.95 -17.96 -35.11
CA VAL O 13 13.05 -18.01 -33.96
C VAL O 13 12.32 -16.70 -33.91
N GLY O 14 11.01 -16.76 -33.69
CA GLY O 14 10.20 -15.56 -33.79
C GLY O 14 9.35 -15.57 -35.05
N ALA O 15 9.72 -16.38 -36.04
CA ALA O 15 8.99 -16.44 -37.30
C ALA O 15 7.71 -17.24 -37.19
N VAL O 16 6.65 -16.73 -37.82
CA VAL O 16 5.38 -17.45 -37.99
C VAL O 16 5.24 -17.91 -39.43
N ILE O 17 5.03 -19.19 -39.64
CA ILE O 17 4.95 -19.71 -40.98
C ILE O 17 3.63 -20.44 -41.08
N ASN O 18 3.01 -20.36 -42.25
CA ASN O 18 1.64 -20.87 -42.44
C ASN O 18 1.65 -22.38 -42.75
N CYS O 19 1.01 -23.14 -41.87
CA CYS O 19 1.00 -24.62 -41.90
C CYS O 19 0.35 -25.17 -43.17
N ALA O 20 1.07 -26.05 -43.84
CA ALA O 20 0.70 -26.53 -45.16
C ALA O 20 0.12 -27.93 -45.14
N ASP O 21 -0.82 -28.18 -44.23
CA ASP O 21 -1.47 -29.49 -44.15
C ASP O 21 -2.88 -29.46 -43.54
N ASN O 22 -3.57 -30.58 -43.71
CA ASN O 22 -4.94 -30.77 -43.20
C ASN O 22 -5.06 -31.04 -41.68
N THR O 23 -3.99 -30.84 -40.91
CA THR O 23 -4.02 -31.07 -39.46
C THR O 23 -5.10 -30.28 -38.74
N GLY O 24 -5.38 -29.07 -39.23
CA GLY O 24 -6.33 -28.16 -38.58
C GLY O 24 -5.65 -26.94 -38.00
N ALA O 25 -4.34 -27.03 -37.82
CA ALA O 25 -3.52 -25.86 -37.54
C ALA O 25 -3.52 -24.99 -38.77
N LYS O 26 -3.12 -23.75 -38.57
CA LYS O 26 -3.07 -22.78 -39.65
C LYS O 26 -1.84 -21.90 -39.61
N ASN O 27 -1.40 -21.49 -38.41
CA ASN O 27 -0.12 -20.81 -38.26
C ASN O 27 0.84 -21.36 -37.21
N LEU O 28 2.12 -21.49 -37.60
CA LEU O 28 3.20 -22.14 -36.80
C LEU O 28 4.27 -21.18 -36.24
N TYR O 29 4.01 -20.60 -35.06
CA TYR O 29 4.97 -19.68 -34.45
C TYR O 29 6.18 -20.53 -34.06
N ILE O 30 7.33 -20.25 -34.69
CA ILE O 30 8.59 -20.99 -34.44
C ILE O 30 9.26 -20.54 -33.16
N ILE O 31 9.73 -21.50 -32.37
CA ILE O 31 10.34 -21.21 -31.07
C ILE O 31 11.80 -21.59 -31.00
N SER O 32 12.17 -22.65 -31.70
CA SER O 32 13.56 -23.02 -31.81
C SER O 32 13.77 -23.91 -33.00
N VAL O 33 15.03 -24.24 -33.24
CA VAL O 33 15.44 -25.05 -34.35
C VAL O 33 16.33 -26.16 -33.82
N LYS O 34 16.16 -27.37 -34.34
CA LYS O 34 16.99 -28.49 -33.92
C LYS O 34 18.30 -28.50 -34.69
N GLY O 35 19.37 -28.93 -34.01
CA GLY O 35 20.72 -28.98 -34.57
C GLY O 35 21.49 -27.66 -34.51
N ILE O 36 21.12 -26.78 -33.57
CA ILE O 36 21.77 -25.48 -33.43
C ILE O 36 22.49 -25.32 -32.09
N LYS O 37 23.73 -24.85 -32.17
CA LYS O 37 24.56 -24.59 -31.01
C LYS O 37 24.38 -23.10 -30.66
N GLY O 38 24.76 -22.24 -31.63
CA GLY O 38 24.62 -20.78 -31.54
C GLY O 38 25.92 -20.02 -31.31
N ARG O 39 25.78 -18.74 -31.11
CA ARG O 39 26.76 -17.94 -30.38
C ARG O 39 25.92 -16.95 -29.56
N LEU O 40 26.60 -16.12 -28.80
CA LEU O 40 25.98 -14.98 -28.13
C LEU O 40 25.08 -14.09 -29.02
N ASN O 41 23.94 -13.66 -28.46
CA ASN O 41 22.92 -12.79 -29.10
C ASN O 41 22.52 -13.16 -30.52
N ARG O 42 22.85 -14.36 -30.99
CA ARG O 42 22.54 -14.79 -32.36
C ARG O 42 21.31 -15.66 -32.35
N LEU O 43 20.29 -15.26 -33.11
CA LEU O 43 19.03 -16.00 -33.17
C LEU O 43 19.13 -17.32 -33.93
N PRO O 44 18.64 -18.42 -33.31
CA PRO O 44 18.63 -19.68 -34.05
C PRO O 44 17.77 -19.55 -35.27
N ALA O 45 18.30 -19.99 -36.41
CA ALA O 45 17.59 -19.86 -37.66
C ALA O 45 17.52 -21.17 -38.45
N ALA O 46 16.35 -21.40 -39.04
CA ALA O 46 16.05 -22.60 -39.81
C ALA O 46 15.87 -22.22 -41.26
N GLY O 47 16.25 -23.11 -42.15
CA GLY O 47 15.93 -22.99 -43.58
C GLY O 47 15.00 -24.10 -43.96
N VAL O 48 14.96 -24.41 -45.25
CA VAL O 48 14.24 -25.58 -45.73
C VAL O 48 14.84 -26.87 -45.19
N GLY O 49 13.98 -27.83 -44.85
CA GLY O 49 14.42 -29.17 -44.47
C GLY O 49 14.82 -29.32 -43.01
N ASP O 50 14.83 -28.21 -42.28
CA ASP O 50 15.27 -28.19 -40.89
C ASP O 50 14.08 -28.47 -39.97
N MET O 51 14.29 -29.34 -38.97
CA MET O 51 13.31 -29.46 -37.90
C MET O 51 13.25 -28.20 -37.10
N VAL O 52 12.10 -28.00 -36.51
CA VAL O 52 11.77 -26.80 -35.82
C VAL O 52 10.89 -27.24 -34.66
N MET O 53 10.99 -26.57 -33.53
CA MET O 53 9.98 -26.67 -32.51
C MET O 53 9.08 -25.47 -32.69
N ALA O 54 7.83 -25.76 -33.02
CA ALA O 54 6.85 -24.75 -33.31
C ALA O 54 5.68 -24.88 -32.37
N THR O 55 4.85 -23.86 -32.44
CA THR O 55 3.69 -23.73 -31.61
C THR O 55 2.61 -23.18 -32.50
N VAL O 56 1.45 -23.81 -32.45
CA VAL O 56 0.34 -23.41 -33.27
C VAL O 56 -0.32 -22.18 -32.67
N LYS O 57 -0.39 -21.13 -33.50
CA LYS O 57 -0.87 -19.84 -33.08
C LYS O 57 -2.33 -19.60 -33.46
N LYS O 58 -2.85 -20.35 -34.43
CA LYS O 58 -4.30 -20.37 -34.68
C LYS O 58 -4.80 -21.58 -35.47
N GLY O 59 -5.86 -22.21 -34.96
CA GLY O 59 -6.38 -23.48 -35.48
C GLY O 59 -7.15 -24.19 -34.39
N LYS O 60 -7.40 -25.48 -34.58
CA LYS O 60 -8.19 -26.25 -33.62
C LYS O 60 -7.50 -26.30 -32.26
N PRO O 61 -8.24 -26.03 -31.17
CA PRO O 61 -7.74 -26.05 -29.79
C PRO O 61 -6.85 -27.24 -29.37
N GLU O 62 -7.04 -28.39 -30.00
CA GLU O 62 -6.21 -29.56 -29.73
C GLU O 62 -4.74 -29.43 -30.22
N LEU O 63 -4.45 -28.41 -31.02
CA LEU O 63 -3.07 -28.07 -31.40
C LEU O 63 -2.56 -26.81 -30.69
N ARG O 64 -3.47 -25.87 -30.40
CA ARG O 64 -3.18 -24.69 -29.58
C ARG O 64 -2.49 -25.07 -28.26
N LYS O 65 -1.56 -24.22 -27.84
CA LYS O 65 -0.89 -24.36 -26.55
C LYS O 65 -0.20 -25.71 -26.36
N LYS O 66 0.76 -25.98 -27.25
CA LYS O 66 1.84 -26.94 -26.99
C LYS O 66 3.04 -26.77 -27.93
N VAL O 67 4.24 -26.88 -27.34
CA VAL O 67 5.47 -27.03 -28.10
C VAL O 67 5.35 -28.38 -28.71
N HIS O 68 5.77 -28.50 -29.96
CA HIS O 68 5.23 -29.55 -30.78
C HIS O 68 5.94 -29.50 -32.16
N PRO O 69 6.67 -30.57 -32.57
CA PRO O 69 7.68 -30.38 -33.61
C PRO O 69 7.15 -30.30 -35.03
N ALA O 70 8.02 -29.79 -35.91
CA ALA O 70 7.64 -29.35 -37.26
C ALA O 70 8.82 -29.33 -38.19
N VAL O 71 8.54 -29.22 -39.48
CA VAL O 71 9.56 -29.23 -40.52
C VAL O 71 9.28 -28.13 -41.51
N VAL O 72 10.33 -27.42 -41.90
CA VAL O 72 10.19 -26.32 -42.83
C VAL O 72 10.21 -26.83 -44.25
N ILE O 73 9.22 -26.39 -45.00
CA ILE O 73 8.99 -26.88 -46.33
C ILE O 73 9.37 -25.85 -47.37
N ARG O 74 8.85 -24.64 -47.23
CA ARG O 74 9.15 -23.53 -48.14
C ARG O 74 9.71 -22.36 -47.36
N GLN O 75 10.63 -21.61 -47.98
CA GLN O 75 11.05 -20.35 -47.39
C GLN O 75 11.27 -19.24 -48.40
N ARG O 76 10.69 -18.06 -48.11
CA ARG O 76 10.74 -16.87 -48.98
C ARG O 76 12.15 -16.26 -49.09
N LYS O 77 13.03 -16.60 -48.17
CA LYS O 77 14.43 -16.27 -48.33
C LYS O 77 15.00 -17.19 -49.38
N SER O 78 15.84 -16.61 -50.23
CA SER O 78 16.31 -17.27 -51.43
C SER O 78 17.56 -18.12 -51.20
N TYR O 79 17.40 -19.45 -51.13
CA TYR O 79 18.60 -20.35 -51.08
C TYR O 79 19.24 -20.48 -52.44
N ARG O 80 20.51 -20.84 -52.43
CA ARG O 80 21.25 -21.11 -53.64
C ARG O 80 21.48 -22.60 -53.72
N ARG O 81 21.00 -23.17 -54.81
CA ARG O 81 21.13 -24.58 -55.12
C ARG O 81 22.47 -24.78 -55.78
N LYS O 82 23.04 -25.99 -55.69
CA LYS O 82 24.43 -26.20 -56.12
C LYS O 82 24.68 -26.17 -57.62
N ASP O 83 23.63 -26.39 -58.40
CA ASP O 83 23.66 -26.15 -59.85
C ASP O 83 23.51 -24.68 -60.25
N GLY O 84 23.49 -23.78 -59.26
CA GLY O 84 23.57 -22.35 -59.51
C GLY O 84 22.27 -21.77 -59.95
N VAL O 85 21.20 -22.16 -59.27
CA VAL O 85 19.90 -21.52 -59.40
C VAL O 85 19.55 -21.18 -57.98
N PHE O 86 18.87 -20.06 -57.76
CA PHE O 86 18.42 -19.76 -56.41
C PHE O 86 16.90 -19.91 -56.33
N LEU O 87 16.27 -19.51 -55.21
CA LEU O 87 14.85 -19.78 -54.99
C LEU O 87 14.18 -19.14 -53.70
N TYR O 88 13.73 -17.89 -53.75
CA TYR O 88 12.82 -17.45 -52.72
C TYR O 88 11.59 -18.32 -52.98
N PHE O 89 11.03 -18.90 -51.93
CA PHE O 89 9.94 -19.85 -52.12
C PHE O 89 8.59 -19.26 -51.69
N GLU O 90 7.90 -18.54 -52.60
CA GLU O 90 6.81 -17.55 -52.28
C GLU O 90 6.42 -17.28 -50.82
N ASP O 91 6.03 -18.32 -50.06
CA ASP O 91 5.77 -18.20 -48.60
C ASP O 91 6.42 -19.20 -47.71
N ASN O 92 6.60 -18.71 -46.50
CA ASN O 92 7.18 -19.44 -45.43
C ASN O 92 6.13 -20.41 -44.86
N ALA O 93 6.41 -21.71 -44.91
CA ALA O 93 5.41 -22.73 -44.54
C ALA O 93 6.05 -24.06 -44.15
N GLY O 94 5.41 -24.74 -43.20
CA GLY O 94 5.89 -26.03 -42.74
C GLY O 94 4.79 -27.05 -42.53
N VAL O 95 5.19 -28.21 -42.04
CA VAL O 95 4.25 -29.25 -41.66
C VAL O 95 4.52 -29.61 -40.23
N ILE O 96 3.66 -30.47 -39.68
CA ILE O 96 3.77 -30.94 -38.32
C ILE O 96 4.18 -32.42 -38.24
N VAL O 97 5.15 -32.70 -37.36
CA VAL O 97 5.93 -33.92 -37.44
C VAL O 97 6.38 -34.39 -36.04
N ASN O 98 6.35 -35.71 -35.82
CA ASN O 98 6.92 -36.35 -34.59
C ASN O 98 8.30 -36.90 -34.84
N ASN O 99 9.16 -36.71 -33.84
CA ASN O 99 10.61 -36.81 -34.01
C ASN O 99 11.14 -38.20 -34.36
N LYS O 100 10.82 -38.58 -35.59
CA LYS O 100 11.78 -39.25 -36.47
C LYS O 100 11.63 -38.66 -37.87
N GLY O 101 10.40 -38.52 -38.35
CA GLY O 101 10.10 -37.84 -39.60
C GLY O 101 8.75 -38.21 -40.18
N GLU O 102 7.75 -38.23 -39.32
CA GLU O 102 6.45 -38.78 -39.61
C GLU O 102 5.48 -37.63 -39.57
N MET O 103 4.71 -37.41 -40.63
CA MET O 103 3.65 -36.39 -40.55
C MET O 103 2.50 -36.90 -39.69
N LYS O 104 1.83 -35.98 -38.98
CA LYS O 104 0.57 -36.30 -38.32
C LYS O 104 -0.64 -35.99 -39.20
N GLY O 105 -0.50 -35.00 -40.09
CA GLY O 105 -1.47 -34.77 -41.16
C GLY O 105 -1.19 -35.72 -42.30
N SER O 106 -2.03 -35.68 -43.34
CA SER O 106 -1.95 -36.64 -44.45
C SER O 106 -2.00 -36.02 -45.85
N ALA O 107 -1.72 -34.73 -45.97
CA ALA O 107 -1.85 -34.05 -47.25
C ALA O 107 -1.15 -32.73 -47.20
N ILE O 108 -0.23 -32.51 -48.13
CA ILE O 108 0.52 -31.27 -48.17
C ILE O 108 -0.03 -30.33 -49.23
N THR O 109 -0.54 -29.18 -48.78
CA THR O 109 -1.05 -28.14 -49.69
C THR O 109 0.06 -27.34 -50.39
N GLY O 110 0.15 -27.50 -51.71
CA GLY O 110 1.10 -26.77 -52.52
C GLY O 110 2.47 -27.41 -52.52
N PRO O 111 3.45 -26.75 -53.17
CA PRO O 111 4.76 -27.35 -53.39
C PRO O 111 5.68 -27.44 -52.19
N VAL O 112 6.53 -28.47 -52.19
CA VAL O 112 7.54 -28.68 -51.17
C VAL O 112 8.86 -28.57 -51.88
N ALA O 113 9.84 -27.98 -51.21
CA ALA O 113 11.18 -27.82 -51.81
C ALA O 113 11.98 -29.10 -51.69
N LYS O 114 12.72 -29.43 -52.75
CA LYS O 114 13.35 -30.76 -52.86
C LYS O 114 14.38 -31.07 -51.80
N GLU O 115 14.90 -30.03 -51.18
CA GLU O 115 15.91 -30.18 -50.15
C GLU O 115 15.25 -30.75 -48.89
N CYS O 116 14.02 -30.33 -48.64
CA CYS O 116 13.15 -30.94 -47.61
C CYS O 116 12.72 -32.33 -48.05
N ALA O 117 12.35 -32.49 -49.31
CA ALA O 117 11.88 -33.78 -49.83
C ALA O 117 12.96 -34.87 -49.77
N ASP O 118 14.07 -34.68 -50.48
CA ASP O 118 15.20 -35.64 -50.47
C ASP O 118 15.52 -36.15 -49.07
N LEU O 119 15.52 -35.23 -48.13
CA LEU O 119 15.94 -35.47 -46.76
C LEU O 119 14.85 -36.12 -45.87
N TRP O 120 13.58 -35.79 -46.10
CA TRP O 120 12.43 -36.17 -45.24
C TRP O 120 11.43 -37.00 -46.05
N PRO O 121 11.67 -38.31 -46.18
CA PRO O 121 10.94 -39.13 -47.17
C PRO O 121 9.42 -39.13 -47.04
N ARG O 122 8.92 -39.03 -45.81
CA ARG O 122 7.49 -39.17 -45.54
C ARG O 122 6.77 -37.87 -45.90
N ILE O 123 7.50 -36.76 -45.85
CA ILE O 123 6.99 -35.50 -46.38
C ILE O 123 6.99 -35.59 -47.90
N ALA O 124 8.12 -35.99 -48.48
CA ALA O 124 8.24 -36.09 -49.95
C ALA O 124 7.12 -36.90 -50.56
N SER O 125 6.90 -38.08 -49.99
CA SER O 125 5.86 -39.01 -50.45
C SER O 125 4.46 -38.40 -50.42
N ASN O 126 4.16 -37.63 -49.38
CA ASN O 126 2.85 -36.97 -49.21
C ASN O 126 2.70 -35.69 -50.03
N ALA O 127 3.82 -35.18 -50.53
CA ALA O 127 3.85 -33.93 -51.31
C ALA O 127 3.09 -34.03 -52.62
N GLY O 128 2.52 -32.91 -53.04
CA GLY O 128 1.88 -32.81 -54.34
C GLY O 128 2.96 -32.56 -55.36
N SER O 129 3.62 -31.42 -55.22
CA SER O 129 4.63 -30.95 -56.18
C SER O 129 5.99 -30.70 -55.52
N ILE O 130 6.97 -31.54 -55.85
CA ILE O 130 8.35 -31.38 -55.38
C ILE O 130 9.06 -30.35 -56.27
N ALA O 131 9.61 -29.32 -55.63
CA ALA O 131 10.31 -28.20 -56.29
C ALA O 131 9.38 -27.39 -57.20
N LYS P 1 -31.82 91.77 12.52
CA LYS P 1 -32.80 91.05 11.66
C LYS P 1 -32.39 91.12 10.17
N LYS P 2 -31.25 90.50 9.87
CA LYS P 2 -30.91 90.12 8.50
C LYS P 2 -30.91 88.59 8.52
N ILE P 3 -32.07 88.01 8.18
CA ILE P 3 -32.34 86.57 8.35
C ILE P 3 -31.38 85.70 7.54
N ARG P 4 -31.12 84.48 8.04
CA ARG P 4 -30.30 83.49 7.31
C ARG P 4 -31.18 82.56 6.50
N THR P 5 -31.12 82.73 5.20
CA THR P 5 -31.83 81.90 4.26
C THR P 5 -31.16 80.52 4.17
N SER P 6 -29.84 80.49 4.13
CA SER P 6 -29.10 79.25 3.94
C SER P 6 -28.65 78.70 5.28
N PRO P 7 -28.54 77.36 5.39
CA PRO P 7 -28.10 76.76 6.64
C PRO P 7 -26.60 76.47 6.70
N THR P 8 -25.81 77.17 5.90
CA THR P 8 -24.38 77.16 6.07
C THR P 8 -23.96 78.49 6.63
N PHE P 9 -22.84 78.50 7.35
CA PHE P 9 -22.10 79.72 7.55
C PHE P 9 -20.95 79.65 6.56
N ARG P 10 -20.94 80.63 5.68
CA ARG P 10 -19.82 80.89 4.81
C ARG P 10 -19.12 82.08 5.41
N ARG P 11 -17.80 82.13 5.32
CA ARG P 11 -17.07 83.23 5.92
C ARG P 11 -17.50 84.54 5.29
N PRO P 12 -17.48 85.60 6.09
CA PRO P 12 -17.77 86.89 5.50
C PRO P 12 -16.60 87.29 4.62
N LYS P 13 -16.90 87.93 3.51
CA LYS P 13 -15.88 88.36 2.56
C LYS P 13 -15.33 89.69 3.04
N THR P 14 -14.08 89.70 3.47
CA THR P 14 -13.51 90.88 4.08
C THR P 14 -12.87 91.77 3.03
N LEU P 15 -12.54 93.00 3.45
CA LEU P 15 -11.68 93.91 2.70
C LEU P 15 -10.27 93.36 2.81
N ARG P 16 -9.53 93.45 1.72
CA ARG P 16 -8.14 93.07 1.77
C ARG P 16 -7.32 93.98 0.86
N LEU P 17 -6.28 94.59 1.44
CA LEU P 17 -5.61 95.75 0.86
C LEU P 17 -4.56 95.34 -0.16
N ARG P 18 -4.00 96.35 -0.82
CA ARG P 18 -3.01 96.21 -1.88
C ARG P 18 -1.63 96.52 -1.28
N ARG P 19 -0.56 95.80 -1.69
CA ARG P 19 0.81 96.10 -1.23
C ARG P 19 1.16 97.59 -1.39
N GLN P 20 1.52 98.25 -0.29
CA GLN P 20 2.04 99.63 -0.31
C GLN P 20 3.41 99.61 0.35
N PRO P 21 4.39 98.95 -0.31
CA PRO P 21 5.64 98.63 0.35
C PRO P 21 6.40 99.89 0.70
N LYS P 22 7.10 99.85 1.83
CA LYS P 22 7.76 101.02 2.38
C LYS P 22 9.09 101.28 1.67
N TYR P 23 9.72 100.21 1.20
CA TYR P 23 10.79 100.32 0.23
C TYR P 23 10.41 99.53 -0.99
N PRO P 24 11.16 99.70 -2.09
CA PRO P 24 11.24 98.61 -3.05
C PRO P 24 12.13 97.52 -2.45
N ARG P 25 11.91 96.28 -2.85
CA ARG P 25 12.46 95.14 -2.11
C ARG P 25 13.81 94.76 -2.72
N LYS P 26 14.01 95.08 -4.01
CA LYS P 26 15.35 95.17 -4.60
C LYS P 26 15.51 96.55 -5.20
N SER P 27 16.74 97.09 -5.10
CA SER P 27 17.03 98.49 -5.41
C SER P 27 16.58 98.85 -6.80
N ALA P 28 17.21 98.22 -7.79
CA ALA P 28 16.98 98.53 -9.19
C ALA P 28 16.28 97.37 -9.88
N PRO P 29 15.60 97.66 -11.01
CA PRO P 29 15.08 96.60 -11.88
C PRO P 29 16.17 96.03 -12.79
N ARG P 30 16.31 94.70 -12.76
CA ARG P 30 17.32 93.93 -13.50
C ARG P 30 17.43 94.34 -14.98
N ARG P 31 18.65 94.58 -15.47
CA ARG P 31 18.86 94.95 -16.90
C ARG P 31 18.51 93.73 -17.80
N ASN P 32 17.71 93.98 -18.85
CA ASN P 32 17.18 92.93 -19.75
C ASN P 32 18.26 92.22 -20.56
N LYS P 33 18.37 90.90 -20.43
CA LYS P 33 19.51 90.16 -21.00
C LYS P 33 19.27 89.46 -22.34
N LEU P 34 18.05 89.52 -22.86
CA LEU P 34 17.72 88.96 -24.18
C LEU P 34 17.50 90.10 -25.16
N ASP P 35 18.58 90.59 -25.76
CA ASP P 35 18.55 91.79 -26.59
C ASP P 35 18.68 91.48 -28.10
N HIS P 36 18.87 92.55 -28.88
CA HIS P 36 18.69 92.62 -30.34
C HIS P 36 20.18 92.58 -30.78
N TYR P 37 21.10 92.38 -29.82
CA TYR P 37 22.47 91.93 -30.07
C TYR P 37 22.80 90.58 -29.43
N ALA P 38 21.96 90.08 -28.52
CA ALA P 38 22.25 88.86 -27.75
C ALA P 38 21.41 87.63 -28.12
N ILE P 39 20.18 87.87 -28.58
CA ILE P 39 19.25 86.81 -28.97
C ILE P 39 19.63 86.12 -30.26
N ILE P 40 20.31 86.87 -31.12
CA ILE P 40 20.91 86.33 -32.32
C ILE P 40 22.39 86.25 -32.06
N LYS P 41 22.94 85.08 -32.27
CA LYS P 41 24.35 84.87 -32.09
C LYS P 41 24.97 85.02 -33.47
N PHE P 42 24.73 84.05 -34.36
CA PHE P 42 25.27 84.10 -35.72
C PHE P 42 24.45 83.49 -36.82
N PRO P 43 24.53 84.08 -38.01
CA PRO P 43 23.98 83.45 -39.18
C PRO P 43 24.87 82.32 -39.65
N LEU P 44 24.24 81.20 -40.01
CA LEU P 44 24.97 80.08 -40.61
C LEU P 44 25.38 80.41 -42.03
N THR P 45 26.41 79.73 -42.48
CA THR P 45 26.94 79.86 -43.83
C THR P 45 27.16 78.50 -44.46
N THR P 46 26.42 77.51 -43.98
CA THR P 46 26.56 76.15 -44.46
C THR P 46 25.99 76.08 -45.86
N GLU P 47 26.47 75.13 -46.66
CA GLU P 47 26.00 75.02 -48.05
C GLU P 47 24.46 74.83 -48.10
N SER P 48 23.93 74.03 -47.17
CA SER P 48 22.49 73.86 -46.99
C SER P 48 22.00 74.97 -46.05
N ALA P 49 21.92 76.16 -46.62
CA ALA P 49 21.71 77.42 -45.88
C ALA P 49 22.03 78.59 -46.82
N MET P 50 23.07 78.44 -47.62
CA MET P 50 23.25 79.28 -48.82
C MET P 50 22.19 78.88 -49.82
N LYS P 51 22.09 77.57 -50.05
CA LYS P 51 21.01 76.96 -50.82
C LYS P 51 19.62 77.38 -50.35
N LYS P 52 19.47 77.52 -49.05
CA LYS P 52 18.24 77.98 -48.43
C LYS P 52 18.03 79.51 -48.59
N ILE P 53 19.10 80.30 -48.57
CA ILE P 53 19.00 81.75 -48.78
C ILE P 53 18.58 82.06 -50.21
N GLU P 54 19.37 81.58 -51.15
CA GLU P 54 19.18 81.92 -52.55
C GLU P 54 17.84 81.41 -53.13
N ASP P 55 17.41 80.22 -52.70
CA ASP P 55 16.25 79.53 -53.29
C ASP P 55 14.89 79.80 -52.62
N ASN P 56 14.90 80.11 -51.33
CA ASN P 56 13.66 80.19 -50.55
C ASN P 56 13.39 81.54 -49.86
N ASN P 57 14.18 82.56 -50.18
CA ASN P 57 14.13 83.85 -49.48
C ASN P 57 14.19 83.74 -47.96
N THR P 58 15.13 82.94 -47.48
CA THR P 58 15.32 82.79 -46.03
C THR P 58 16.69 83.26 -45.59
N LEU P 59 16.86 83.30 -44.29
CA LEU P 59 18.17 83.43 -43.69
C LEU P 59 18.23 82.42 -42.58
N VAL P 60 19.37 81.74 -42.44
CA VAL P 60 19.53 80.76 -41.39
C VAL P 60 20.32 81.34 -40.24
N PHE P 61 19.71 81.34 -39.07
CA PHE P 61 20.29 81.92 -37.87
C PHE P 61 20.44 80.87 -36.77
N ILE P 62 21.54 80.96 -36.04
CA ILE P 62 21.66 80.38 -34.70
C ILE P 62 21.17 81.47 -33.78
N VAL P 63 20.50 81.04 -32.73
CA VAL P 63 19.72 81.94 -31.91
C VAL P 63 19.86 81.50 -30.45
N ASP P 64 19.70 82.43 -29.51
CA ASP P 64 19.80 82.08 -28.11
C ASP P 64 18.61 81.24 -27.69
N VAL P 65 18.93 80.14 -27.03
CA VAL P 65 18.00 79.03 -26.91
C VAL P 65 16.69 79.32 -26.15
N LYS P 66 16.67 80.38 -25.33
CA LYS P 66 15.43 80.83 -24.66
C LYS P 66 14.56 81.73 -25.54
N ALA P 67 14.92 81.88 -26.82
CA ALA P 67 14.21 82.78 -27.71
C ALA P 67 12.90 82.22 -28.25
N ASN P 68 11.88 83.07 -28.30
CA ASN P 68 10.61 82.76 -28.99
C ASN P 68 10.66 83.28 -30.39
N LYS P 69 9.66 82.92 -31.17
CA LYS P 69 9.57 83.43 -32.52
C LYS P 69 9.30 84.95 -32.56
N HIS P 70 8.42 85.48 -31.70
CA HIS P 70 8.12 86.95 -31.71
C HIS P 70 9.31 87.76 -31.16
N GLN P 71 10.22 87.08 -30.45
CA GLN P 71 11.50 87.70 -30.10
C GLN P 71 12.46 87.62 -31.26
N ILE P 72 12.54 86.47 -31.93
CA ILE P 72 13.43 86.34 -33.09
C ILE P 72 12.98 87.22 -34.25
N LYS P 73 11.68 87.44 -34.34
CA LYS P 73 11.10 88.26 -35.39
C LYS P 73 11.36 89.76 -35.13
N GLN P 74 11.10 90.23 -33.90
CA GLN P 74 11.44 91.62 -33.50
C GLN P 74 12.92 91.83 -33.19
N ALA P 75 13.71 90.77 -33.32
CA ALA P 75 15.14 90.93 -33.39
C ALA P 75 15.50 91.15 -34.83
N VAL P 76 15.31 90.15 -35.67
CA VAL P 76 15.84 90.20 -37.04
C VAL P 76 15.35 91.49 -37.74
N LYS P 77 14.12 91.89 -37.44
CA LYS P 77 13.56 93.16 -37.92
C LYS P 77 14.34 94.40 -37.43
N LYS P 78 14.56 94.47 -36.13
CA LYS P 78 15.24 95.60 -35.51
C LYS P 78 16.60 95.91 -36.11
N LEU P 79 17.27 94.89 -36.63
CA LEU P 79 18.69 94.99 -36.88
C LEU P 79 19.10 95.16 -38.32
N TYR P 80 18.83 94.14 -39.13
CA TYR P 80 19.01 94.20 -40.58
C TYR P 80 17.72 94.81 -41.09
N ASP P 81 17.54 96.07 -40.74
CA ASP P 81 16.30 96.84 -41.02
C ASP P 81 15.41 96.18 -42.02
N ILE P 82 15.03 94.96 -41.65
CA ILE P 82 14.40 94.04 -42.57
C ILE P 82 12.89 94.00 -42.23
N ASP P 83 12.17 93.04 -42.81
CA ASP P 83 10.91 92.58 -42.21
C ASP P 83 10.69 91.11 -42.54
N VAL P 84 9.96 90.45 -41.64
CA VAL P 84 9.96 89.00 -41.55
C VAL P 84 8.57 88.45 -41.78
N ALA P 85 8.45 87.52 -42.73
CA ALA P 85 7.17 86.86 -43.00
C ALA P 85 6.86 85.82 -41.91
N LYS P 86 7.80 84.92 -41.66
CA LYS P 86 7.66 83.92 -40.60
C LYS P 86 8.99 83.28 -40.14
N VAL P 87 9.00 82.87 -38.88
CA VAL P 87 10.16 82.27 -38.24
C VAL P 87 9.80 80.84 -37.95
N ASN P 88 10.81 79.99 -37.78
CA ASN P 88 10.61 78.57 -37.89
C ASN P 88 11.80 77.84 -37.27
N THR P 89 11.70 77.53 -35.98
CA THR P 89 12.85 77.18 -35.12
C THR P 89 13.00 75.71 -34.77
N LEU P 90 14.24 75.26 -34.66
CA LEU P 90 14.52 73.94 -34.16
C LEU P 90 15.68 74.01 -33.22
N ILE P 91 15.92 72.91 -32.54
CA ILE P 91 17.05 72.81 -31.68
C ILE P 91 18.00 71.75 -32.23
N ARG P 92 19.12 72.21 -32.80
CA ARG P 92 20.17 71.33 -33.30
C ARG P 92 20.59 70.38 -32.17
N PRO P 93 20.89 69.12 -32.51
CA PRO P 93 21.49 68.23 -31.52
C PRO P 93 22.91 68.68 -31.21
N ASP P 94 23.01 69.43 -30.10
CA ASP P 94 24.10 70.38 -29.72
C ASP P 94 23.56 71.52 -28.86
N GLY P 95 22.25 71.76 -28.91
CA GLY P 95 21.61 72.71 -28.02
C GLY P 95 21.48 74.08 -28.66
N GLU P 96 22.10 74.25 -29.83
CA GLU P 96 21.99 75.50 -30.55
C GLU P 96 20.63 75.52 -31.20
N LYS P 97 19.84 76.56 -30.91
CA LYS P 97 18.57 76.78 -31.58
C LYS P 97 18.80 77.43 -32.93
N LYS P 98 18.40 76.74 -33.99
CA LYS P 98 18.33 77.36 -35.32
C LYS P 98 17.01 78.04 -35.45
N ALA P 99 16.93 78.93 -36.43
CA ALA P 99 15.69 79.61 -36.72
C ALA P 99 15.83 80.11 -38.12
N TYR P 100 15.12 79.52 -39.08
CA TYR P 100 15.25 80.05 -40.44
C TYR P 100 14.04 80.89 -40.80
N VAL P 101 14.37 82.11 -41.23
CA VAL P 101 13.51 83.25 -41.21
C VAL P 101 13.19 83.61 -42.65
N ARG P 102 11.95 83.38 -43.05
CA ARG P 102 11.45 83.81 -44.36
C ARG P 102 11.25 85.32 -44.35
N LEU P 103 11.79 85.99 -45.37
CA LEU P 103 11.69 87.45 -45.49
C LEU P 103 10.63 87.78 -46.51
N ALA P 104 9.82 88.79 -46.21
CA ALA P 104 8.70 89.19 -47.09
C ALA P 104 9.10 89.42 -48.56
N PRO P 105 8.20 89.07 -49.50
CA PRO P 105 8.55 88.95 -50.94
C PRO P 105 9.13 90.21 -51.60
N ASP P 106 8.69 91.39 -51.15
CA ASP P 106 9.23 92.70 -51.62
C ASP P 106 10.77 92.83 -51.47
N TYR P 107 11.38 91.87 -50.80
CA TYR P 107 12.57 92.08 -50.01
C TYR P 107 13.46 90.85 -50.12
N ASP P 108 14.75 91.02 -50.44
CA ASP P 108 15.59 89.89 -50.84
C ASP P 108 16.61 89.44 -49.82
N ALA P 109 16.83 88.13 -49.80
CA ALA P 109 17.76 87.52 -48.89
C ALA P 109 19.16 87.62 -49.46
N LEU P 110 19.28 87.40 -50.77
CA LEU P 110 20.58 87.37 -51.41
C LEU P 110 21.30 88.72 -51.38
N ASP P 111 20.57 89.80 -51.16
CA ASP P 111 21.18 91.11 -50.96
C ASP P 111 21.57 91.23 -49.49
N VAL P 112 20.60 91.00 -48.59
CA VAL P 112 20.83 91.14 -47.14
C VAL P 112 21.80 90.12 -46.54
N ALA P 113 22.18 89.12 -47.32
CA ALA P 113 23.36 88.29 -47.00
C ALA P 113 24.65 89.13 -47.06
N ASN P 114 24.80 89.91 -48.12
CA ASN P 114 26.06 90.63 -48.37
C ASN P 114 26.20 91.82 -47.45
N LYS P 115 25.07 92.40 -47.06
CA LYS P 115 25.08 93.43 -46.03
C LYS P 115 25.62 92.86 -44.72
N ILE P 116 25.00 91.78 -44.21
CA ILE P 116 25.43 91.20 -42.91
C ILE P 116 26.77 90.48 -43.00
N GLY P 117 27.28 90.31 -44.23
CA GLY P 117 28.67 89.92 -44.44
C GLY P 117 28.84 88.48 -44.83
N ILE P 118 27.77 87.70 -44.69
CA ILE P 118 27.81 86.27 -45.01
C ILE P 118 27.80 86.14 -46.52
N ILE P 119 28.04 84.90 -46.95
CA ILE P 119 28.03 84.48 -48.37
C ILE P 119 29.27 83.60 -48.60
N MET Q 1 71.31 79.81 11.11
CA MET Q 1 69.96 79.21 11.30
C MET Q 1 68.85 80.20 11.04
N LYS Q 2 67.76 79.71 10.48
CA LYS Q 2 66.51 80.47 10.51
C LYS Q 2 65.94 80.37 11.89
N PHE Q 3 64.92 81.17 12.14
CA PHE Q 3 64.25 81.19 13.40
C PHE Q 3 62.77 81.34 13.24
N ASN Q 4 62.37 82.48 12.66
CA ASN Q 4 61.00 82.93 12.62
C ASN Q 4 60.09 81.78 12.18
N PRO Q 5 59.32 81.22 13.15
CA PRO Q 5 58.27 80.30 12.76
C PRO Q 5 57.21 81.21 12.22
N PHE Q 6 56.57 80.81 11.14
CA PHE Q 6 55.94 81.76 10.21
C PHE Q 6 56.89 81.94 8.98
N VAL Q 7 57.88 81.02 8.86
CA VAL Q 7 58.68 80.71 7.62
C VAL Q 7 58.95 79.19 7.60
N THR Q 8 59.26 78.62 6.42
CA THR Q 8 59.16 77.17 6.19
C THR Q 8 60.36 76.24 6.46
N SER Q 9 61.42 76.26 5.64
CA SER Q 9 62.58 75.36 5.80
C SER Q 9 62.31 73.88 5.51
N ASP Q 10 61.45 73.58 4.54
CA ASP Q 10 61.01 72.21 4.32
C ASP Q 10 61.34 71.74 2.92
N ARG Q 11 62.38 70.92 2.80
CA ARG Q 11 62.76 70.31 1.53
C ARG Q 11 61.62 70.49 0.50
N SER Q 12 60.46 69.93 0.81
CA SER Q 12 59.33 69.86 -0.13
C SER Q 12 58.52 71.14 -0.30
N LYS Q 13 58.17 71.79 0.81
CA LYS Q 13 57.21 72.92 0.76
C LYS Q 13 57.68 74.13 -0.04
N ASN Q 14 58.99 74.37 -0.08
CA ASN Q 14 59.52 75.45 -0.91
C ASN Q 14 60.17 74.97 -2.22
N ARG Q 15 60.33 73.66 -2.36
CA ARG Q 15 60.45 73.05 -3.66
C ARG Q 15 59.14 73.27 -4.40
N LYS Q 16 58.03 73.14 -3.67
CA LYS Q 16 56.67 73.34 -4.23
C LYS Q 16 56.44 74.80 -4.57
N ARG Q 17 56.64 75.65 -3.57
CA ARG Q 17 56.46 77.09 -3.76
C ARG Q 17 57.39 77.60 -4.88
N HIS Q 18 58.28 76.76 -5.45
CA HIS Q 18 58.83 77.06 -6.78
C HIS Q 18 57.91 76.93 -7.98
N PHE Q 19 57.77 75.74 -8.56
CA PHE Q 19 57.08 75.61 -9.89
C PHE Q 19 55.59 75.53 -9.58
N ASN Q 20 55.19 76.37 -8.62
CA ASN Q 20 53.86 76.88 -8.50
C ASN Q 20 53.76 78.37 -8.15
N ALA Q 21 54.87 79.12 -8.17
CA ALA Q 21 54.82 80.54 -7.85
C ALA Q 21 54.30 81.31 -9.04
N PRO Q 22 53.46 82.31 -8.78
CA PRO Q 22 52.89 83.10 -9.85
C PRO Q 22 53.90 84.06 -10.47
N SER Q 23 53.59 84.55 -11.67
CA SER Q 23 54.46 85.50 -12.40
C SER Q 23 54.74 86.75 -11.58
N HIS Q 24 53.81 87.12 -10.71
CA HIS Q 24 54.06 88.17 -9.76
C HIS Q 24 55.46 87.98 -9.18
N ILE Q 25 55.64 86.86 -8.51
CA ILE Q 25 56.81 86.63 -7.68
C ILE Q 25 58.03 86.32 -8.54
N ARG Q 26 57.83 85.52 -9.59
CA ARG Q 26 58.96 85.03 -10.41
C ARG Q 26 59.93 86.10 -10.85
N ARG Q 27 59.45 87.33 -11.02
CA ARG Q 27 60.32 88.50 -11.24
C ARG Q 27 61.46 88.51 -10.22
N LYS Q 28 61.10 88.62 -8.93
CA LYS Q 28 62.10 88.68 -7.85
C LYS Q 28 63.05 87.53 -7.94
N ILE Q 29 62.50 86.35 -8.22
CA ILE Q 29 63.29 85.16 -8.30
C ILE Q 29 64.25 85.25 -9.47
N MET Q 30 63.70 85.57 -10.63
CA MET Q 30 64.49 85.71 -11.83
C MET Q 30 65.24 87.02 -11.81
N SER Q 31 66.25 87.08 -10.94
CA SER Q 31 67.10 88.25 -10.81
C SER Q 31 68.52 87.78 -11.06
N SER Q 32 69.32 88.67 -11.64
CA SER Q 32 70.73 88.38 -11.83
C SER Q 32 71.57 89.53 -11.27
N PRO Q 33 72.86 89.26 -11.01
CA PRO Q 33 73.69 90.30 -10.45
C PRO Q 33 74.05 91.36 -11.48
N LEU Q 34 74.58 92.46 -10.98
CA LEU Q 34 75.07 93.53 -11.83
C LEU Q 34 76.59 93.38 -11.93
N SER Q 35 77.17 93.88 -13.00
CA SER Q 35 78.63 93.87 -13.16
C SER Q 35 79.27 94.91 -12.25
N LYS Q 36 80.54 94.70 -11.92
CA LYS Q 36 81.27 95.54 -10.95
C LYS Q 36 81.10 97.04 -11.20
N GLU Q 37 81.12 97.43 -12.46
CA GLU Q 37 80.94 98.83 -12.86
C GLU Q 37 79.63 99.41 -12.30
N LEU Q 38 78.52 98.68 -12.53
CA LEU Q 38 77.20 99.13 -12.07
C LEU Q 38 77.07 98.96 -10.56
N ARG Q 39 77.51 97.80 -10.08
CA ARG Q 39 77.54 97.49 -8.64
C ARG Q 39 78.28 98.56 -7.82
N GLN Q 40 79.27 99.19 -8.45
CA GLN Q 40 79.95 100.35 -7.89
C GLN Q 40 79.08 101.58 -8.04
N LYS Q 41 78.77 101.93 -9.30
CA LYS Q 41 78.07 103.17 -9.63
C LYS Q 41 76.80 103.39 -8.81
N TYR Q 42 76.05 102.31 -8.61
CA TYR Q 42 74.68 102.37 -8.18
C TYR Q 42 74.39 101.91 -6.75
N ASN Q 43 75.35 101.21 -6.13
CA ASN Q 43 75.19 100.56 -4.81
C ASN Q 43 74.06 99.53 -4.70
N VAL Q 44 73.93 98.72 -5.74
CA VAL Q 44 72.93 97.67 -5.76
C VAL Q 44 73.58 96.41 -6.25
N ARG Q 45 73.33 95.33 -5.50
CA ARG Q 45 73.94 94.05 -5.76
C ARG Q 45 73.34 93.35 -6.99
N SER Q 46 72.04 93.09 -6.91
CA SER Q 46 71.33 92.29 -7.91
C SER Q 46 69.97 92.88 -8.26
N MET Q 47 69.59 92.69 -9.52
CA MET Q 47 68.35 93.23 -10.07
C MET Q 47 67.54 92.16 -10.75
N PRO Q 48 66.20 92.27 -10.68
CA PRO Q 48 65.28 91.52 -11.53
C PRO Q 48 65.62 91.77 -12.99
N ILE Q 49 65.71 90.70 -13.77
CA ILE Q 49 66.06 90.84 -15.18
C ILE Q 49 64.84 91.32 -15.96
N ARG Q 50 65.10 92.05 -17.05
CA ARG Q 50 64.05 92.61 -17.88
C ARG Q 50 64.34 92.43 -19.36
N LYS Q 51 63.28 92.41 -20.17
CA LYS Q 51 63.32 92.03 -21.60
C LYS Q 51 64.49 92.51 -22.44
N ASP Q 52 64.90 93.75 -22.26
CA ASP Q 52 65.86 94.36 -23.18
C ASP Q 52 67.18 94.80 -22.50
N ASP Q 53 67.52 94.06 -21.45
CA ASP Q 53 68.66 94.35 -20.59
C ASP Q 53 69.88 93.66 -21.18
N GLU Q 54 71.04 94.31 -21.17
CA GLU Q 54 72.23 93.70 -21.77
C GLU Q 54 72.99 92.86 -20.77
N VAL Q 55 73.45 91.69 -21.22
CA VAL Q 55 73.81 90.61 -20.32
C VAL Q 55 75.01 89.81 -20.83
N GLN Q 56 75.85 89.38 -19.88
CA GLN Q 56 77.00 88.52 -20.15
C GLN Q 56 76.74 87.16 -19.54
N VAL Q 57 76.89 86.12 -20.33
CA VAL Q 57 76.81 84.75 -19.81
C VAL Q 57 78.07 84.51 -18.99
N VAL Q 58 77.94 83.83 -17.85
CA VAL Q 58 79.09 83.58 -16.98
C VAL Q 58 79.39 82.08 -16.81
N ARG Q 59 78.37 81.24 -16.72
CA ARG Q 59 78.54 79.81 -16.58
C ARG Q 59 77.96 79.19 -17.85
N GLY Q 60 77.76 77.88 -17.90
CA GLY Q 60 77.10 77.25 -19.06
C GLY Q 60 78.05 76.86 -20.19
N HIS Q 61 77.54 76.20 -21.24
CA HIS Q 61 78.41 75.67 -22.30
C HIS Q 61 79.19 76.88 -22.87
N TYR Q 62 78.49 77.98 -23.10
CA TYR Q 62 78.90 79.04 -24.03
C TYR Q 62 78.80 80.39 -23.29
N LYS Q 63 79.28 80.33 -22.05
CA LYS Q 63 80.04 81.39 -21.35
C LYS Q 63 80.88 82.24 -22.30
N GLY Q 64 81.10 83.49 -21.95
CA GLY Q 64 81.97 84.37 -22.75
C GLY Q 64 82.02 85.80 -22.26
N GLN Q 65 82.59 86.69 -23.07
CA GLN Q 65 82.61 88.15 -22.79
C GLN Q 65 81.67 88.93 -23.72
N GLN Q 66 80.91 88.22 -24.55
CA GLN Q 66 80.08 88.87 -25.58
C GLN Q 66 78.83 89.39 -24.90
N ILE Q 67 78.67 90.71 -24.90
CA ILE Q 67 77.50 91.32 -24.31
C ILE Q 67 76.35 91.22 -25.31
N GLY Q 68 75.46 90.25 -25.09
CA GLY Q 68 74.21 90.13 -25.82
C GLY Q 68 73.07 90.77 -25.06
N LYS Q 69 72.08 91.25 -25.77
CA LYS Q 69 70.88 91.81 -25.14
C LYS Q 69 69.86 90.70 -24.94
N VAL Q 70 69.11 90.76 -23.85
CA VAL Q 70 68.01 89.81 -23.59
C VAL Q 70 66.93 90.01 -24.63
N VAL Q 71 66.26 88.93 -25.02
CA VAL Q 71 65.22 88.98 -26.02
C VAL Q 71 63.85 88.75 -25.39
N GLN Q 72 63.53 87.55 -24.90
CA GLN Q 72 62.40 87.40 -23.96
C GLN Q 72 62.68 86.53 -22.75
N VAL Q 73 61.70 86.46 -21.85
CA VAL Q 73 61.78 85.81 -20.55
C VAL Q 73 60.68 84.71 -20.41
N TYR Q 74 61.01 83.41 -20.56
CA TYR Q 74 60.06 82.37 -20.07
C TYR Q 74 60.11 82.64 -18.62
N ARG Q 75 59.08 83.24 -18.08
CA ARG Q 75 58.87 83.10 -16.67
C ARG Q 75 58.08 81.80 -16.42
N LYS Q 76 57.60 81.14 -17.48
CA LYS Q 76 56.94 79.87 -17.29
C LYS Q 76 58.00 78.78 -17.12
N LYS Q 77 58.74 78.45 -18.19
CA LYS Q 77 59.96 77.62 -18.07
C LYS Q 77 60.95 78.27 -17.11
N TYR Q 78 60.77 79.57 -16.88
CA TYR Q 78 61.32 80.25 -15.73
C TYR Q 78 62.87 80.20 -16.03
N VAL Q 79 63.25 81.02 -17.03
CA VAL Q 79 64.50 80.99 -17.83
C VAL Q 79 64.54 82.06 -18.98
N ILE Q 80 65.68 82.71 -19.23
CA ILE Q 80 65.77 83.80 -20.25
C ILE Q 80 66.46 83.46 -21.55
N TYR Q 81 66.11 84.27 -22.55
CA TYR Q 81 66.28 83.98 -23.95
C TYR Q 81 67.03 85.15 -24.58
N ILE Q 82 68.33 84.95 -24.85
CA ILE Q 82 69.29 86.04 -25.16
C ILE Q 82 69.63 86.01 -26.67
N GLU Q 83 70.65 86.76 -27.12
CA GLU Q 83 70.76 87.19 -28.52
C GLU Q 83 71.59 86.24 -29.40
N ARG Q 84 72.92 86.28 -29.29
CA ARG Q 84 73.76 85.32 -30.01
C ARG Q 84 73.85 84.03 -29.23
N VAL Q 85 73.33 84.04 -28.01
CA VAL Q 85 72.98 82.82 -27.32
C VAL Q 85 71.98 82.04 -28.17
N GLN Q 86 72.46 81.07 -28.94
CA GLN Q 86 71.58 80.28 -29.81
C GLN Q 86 72.26 79.09 -30.38
N ARG Q 87 71.44 78.13 -30.81
CA ARG Q 87 71.93 76.91 -31.40
C ARG Q 87 71.21 76.68 -32.70
N GLU Q 88 71.91 76.01 -33.59
CA GLU Q 88 71.36 75.61 -34.87
C GLU Q 88 70.70 74.25 -34.71
N LYS Q 89 69.47 74.12 -35.18
CA LYS Q 89 68.73 72.86 -35.16
C LYS Q 89 69.07 72.07 -36.42
N ALA Q 90 68.52 70.86 -36.56
CA ALA Q 90 68.77 69.98 -37.74
C ALA Q 90 68.48 70.62 -39.11
N ASN Q 91 67.48 71.53 -39.17
CA ASN Q 91 67.01 72.16 -40.42
C ASN Q 91 67.70 73.49 -40.74
N GLY Q 92 68.60 73.95 -39.85
CA GLY Q 92 69.21 75.28 -39.94
C GLY Q 92 68.46 76.35 -39.14
N THR Q 93 67.21 76.07 -38.76
CA THR Q 93 66.38 77.02 -38.04
C THR Q 93 66.99 77.26 -36.68
N THR Q 94 67.61 78.43 -36.49
CA THR Q 94 68.24 78.72 -35.21
C THR Q 94 67.20 78.98 -34.12
N VAL Q 95 67.48 78.42 -32.95
CA VAL Q 95 66.63 78.47 -31.77
C VAL Q 95 67.52 79.00 -30.65
N HIS Q 96 67.00 79.87 -29.79
CA HIS Q 96 67.85 80.36 -28.69
C HIS Q 96 67.81 79.25 -27.64
N VAL Q 97 68.71 79.32 -26.67
CA VAL Q 97 68.80 78.33 -25.64
C VAL Q 97 68.58 79.02 -24.32
N GLY Q 98 67.99 78.30 -23.37
CA GLY Q 98 67.68 78.88 -22.08
C GLY Q 98 68.88 79.08 -21.19
N ILE Q 99 68.84 80.16 -20.41
CA ILE Q 99 69.83 80.43 -19.39
C ILE Q 99 69.10 81.07 -18.20
N HIS Q 100 69.52 80.83 -16.94
CA HIS Q 100 68.96 81.67 -15.86
C HIS Q 100 69.44 83.08 -15.85
N PRO Q 101 68.71 83.89 -15.11
CA PRO Q 101 69.27 85.08 -14.58
C PRO Q 101 70.49 84.71 -13.73
N SER Q 102 70.29 83.90 -12.70
CA SER Q 102 71.37 83.54 -11.77
C SER Q 102 72.72 83.15 -12.39
N LYS Q 103 72.70 82.67 -13.62
CA LYS Q 103 73.91 82.34 -14.37
C LYS Q 103 74.21 83.35 -15.47
N VAL Q 104 74.22 84.61 -15.09
CA VAL Q 104 74.33 85.70 -16.05
C VAL Q 104 74.62 86.96 -15.25
N VAL Q 105 75.20 87.97 -15.90
CA VAL Q 105 75.51 89.22 -15.23
C VAL Q 105 75.07 90.40 -16.09
N ILE Q 106 74.42 91.36 -15.45
CA ILE Q 106 73.93 92.53 -16.16
C ILE Q 106 75.04 93.53 -16.35
N THR Q 107 75.24 93.92 -17.60
CA THR Q 107 76.23 94.91 -17.98
C THR Q 107 75.66 96.25 -18.41
N ARG Q 108 74.37 96.29 -18.76
CA ARG Q 108 73.71 97.58 -18.95
C ARG Q 108 72.21 97.48 -18.70
N LEU Q 109 71.80 98.01 -17.55
CA LEU Q 109 70.40 98.08 -17.18
C LEU Q 109 69.66 98.99 -18.14
N LYS Q 110 68.43 98.61 -18.50
CA LYS Q 110 67.59 99.46 -19.31
C LYS Q 110 66.72 100.23 -18.37
N LEU Q 111 67.00 101.53 -18.29
CA LEU Q 111 66.46 102.37 -17.25
C LEU Q 111 65.11 102.93 -17.60
N ASP Q 112 64.43 103.39 -16.56
CA ASP Q 112 63.03 103.72 -16.64
C ASP Q 112 62.59 104.54 -15.44
N LYS Q 113 61.35 104.99 -15.48
CA LYS Q 113 60.74 105.62 -14.34
C LYS Q 113 60.68 104.59 -13.21
N ASP Q 114 60.08 103.42 -13.50
CA ASP Q 114 59.76 102.43 -12.46
C ASP Q 114 61.01 101.70 -11.96
N ARG Q 115 62.01 101.52 -12.83
CA ARG Q 115 63.20 100.76 -12.45
C ARG Q 115 64.20 101.63 -11.67
N LYS Q 116 64.27 102.92 -12.00
CA LYS Q 116 65.12 103.87 -11.25
C LYS Q 116 64.79 103.88 -9.77
N LYS Q 117 63.51 104.08 -9.47
CA LYS Q 117 63.04 104.15 -8.08
C LYS Q 117 63.36 102.90 -7.24
N ILE Q 118 63.44 101.73 -7.89
CA ILE Q 118 63.89 100.53 -7.20
C ILE Q 118 65.37 100.70 -6.86
N LEU Q 119 66.19 101.02 -7.87
CA LEU Q 119 67.63 101.28 -7.67
C LEU Q 119 67.95 102.31 -6.60
N GLU Q 120 67.12 103.33 -6.51
CA GLU Q 120 67.19 104.27 -5.40
C GLU Q 120 66.84 103.56 -4.10
N ARG Q 121 65.67 102.92 -4.08
CA ARG Q 121 65.14 102.36 -2.84
C ARG Q 121 65.94 101.14 -2.31
N LYS Q 122 66.56 100.35 -3.17
CA LYS Q 122 67.53 99.30 -2.75
C LYS Q 122 68.81 99.88 -2.19
N ALA Q 123 69.37 100.85 -2.90
CA ALA Q 123 70.56 101.56 -2.46
C ALA Q 123 70.33 102.37 -1.18
N LYS Q 124 69.11 102.88 -1.00
CA LYS Q 124 68.73 103.57 0.23
C LYS Q 124 68.58 102.58 1.38
N SER Q 125 68.07 101.39 1.11
CA SER Q 125 67.95 100.37 2.16
C SER Q 125 69.34 99.85 2.58
N ARG Q 126 70.18 99.50 1.61
CA ARG Q 126 71.61 99.15 1.85
C ARG Q 126 72.28 100.12 2.81
N GLN Q 127 72.26 101.40 2.45
CA GLN Q 127 72.94 102.42 3.23
C GLN Q 127 72.28 102.67 4.60
N VAL Q 128 70.96 102.46 4.69
CA VAL Q 128 70.25 102.57 5.99
C VAL Q 128 70.67 101.46 6.95
N GLY Q 129 70.91 100.27 6.42
CA GLY Q 129 71.46 99.16 7.21
C GLY Q 129 72.90 99.38 7.68
N LYS Q 130 73.71 100.00 6.83
CA LYS Q 130 75.10 100.34 7.15
C LYS Q 130 75.19 101.53 8.12
N GLU Q 131 74.29 102.50 7.95
CA GLU Q 131 74.11 103.64 8.91
C GLU Q 131 73.49 103.21 10.23
N LYS Q 132 72.63 102.19 10.20
CA LYS Q 132 72.07 101.58 11.42
C LYS Q 132 73.15 100.76 12.16
N GLY Q 133 73.92 99.96 11.41
CA GLY Q 133 75.10 99.24 11.96
C GLY Q 133 76.17 100.18 12.50
N LYS Q 134 76.33 101.33 11.86
CA LYS Q 134 77.15 102.44 12.35
C LYS Q 134 76.52 103.07 13.60
N GLY R 1 -72.89 63.74 -29.21
CA GLY R 1 -72.67 63.71 -30.68
C GLY R 1 -71.34 64.33 -31.08
N LYS R 2 -71.38 65.25 -32.04
CA LYS R 2 -70.17 65.85 -32.58
C LYS R 2 -69.71 67.09 -31.75
N PHE R 3 -68.45 67.51 -31.96
CA PHE R 3 -67.75 68.59 -31.18
C PHE R 3 -66.45 69.04 -31.81
N MET R 4 -66.49 69.24 -33.11
CA MET R 4 -65.41 69.87 -33.84
C MET R 4 -66.06 71.11 -34.44
N LYS R 5 -66.69 71.89 -33.56
CA LYS R 5 -67.52 73.02 -33.94
C LYS R 5 -66.69 74.28 -33.85
N PRO R 6 -67.04 75.31 -34.65
CA PRO R 6 -66.34 76.58 -34.56
C PRO R 6 -66.66 77.28 -33.24
N GLY R 7 -65.60 77.60 -32.50
CA GLY R 7 -65.69 78.20 -31.17
C GLY R 7 -65.29 77.26 -30.05
N LYS R 8 -64.46 76.26 -30.34
CA LYS R 8 -63.96 75.27 -29.37
C LYS R 8 -62.51 75.58 -29.16
N VAL R 9 -62.06 75.51 -27.91
CA VAL R 9 -60.64 75.64 -27.67
C VAL R 9 -60.00 74.27 -27.94
N VAL R 10 -58.80 74.33 -28.50
CA VAL R 10 -58.06 73.17 -28.96
C VAL R 10 -56.58 73.32 -28.64
N LEU R 11 -55.95 72.24 -28.18
CA LEU R 11 -54.50 72.19 -28.08
C LEU R 11 -53.93 71.70 -29.34
N VAL R 12 -52.91 72.38 -29.80
CA VAL R 12 -52.17 71.92 -30.94
C VAL R 12 -51.24 70.85 -30.45
N LEU R 13 -51.25 69.72 -31.16
CA LEU R 13 -50.64 68.49 -30.67
C LEU R 13 -49.40 68.09 -31.40
N ALA R 14 -49.07 68.81 -32.47
CA ALA R 14 -47.88 68.53 -33.26
C ALA R 14 -47.54 69.70 -34.17
N GLY R 15 -46.40 69.57 -34.84
CA GLY R 15 -45.96 70.59 -35.76
C GLY R 15 -45.47 71.80 -35.00
N ARG R 16 -44.87 72.72 -35.75
CA ARG R 16 -44.30 73.98 -35.26
C ARG R 16 -44.79 74.42 -33.89
N TYR R 17 -46.10 74.59 -33.80
CA TYR R 17 -46.71 75.25 -32.66
C TYR R 17 -47.24 74.22 -31.70
N SER R 18 -46.48 73.16 -31.45
CA SER R 18 -46.97 72.09 -30.62
C SER R 18 -47.18 72.62 -29.20
N GLY R 19 -48.33 72.25 -28.64
CA GLY R 19 -48.72 72.61 -27.29
C GLY R 19 -49.06 74.06 -27.10
N ARG R 20 -49.74 74.65 -28.08
CA ARG R 20 -50.27 75.99 -27.94
C ARG R 20 -51.76 75.96 -28.28
N LYS R 21 -52.53 76.85 -27.64
CA LYS R 21 -53.98 76.78 -27.65
C LYS R 21 -54.60 77.59 -28.77
N ALA R 22 -55.67 77.05 -29.36
CA ALA R 22 -56.28 77.65 -30.54
C ALA R 22 -57.77 77.42 -30.60
N VAL R 23 -58.48 78.42 -31.11
CA VAL R 23 -59.91 78.34 -31.36
C VAL R 23 -60.09 77.75 -32.76
N ILE R 24 -61.05 76.86 -32.90
CA ILE R 24 -61.49 76.42 -34.21
C ILE R 24 -62.35 77.53 -34.81
N VAL R 25 -61.99 78.01 -35.99
CA VAL R 25 -62.89 78.87 -36.76
C VAL R 25 -63.67 78.07 -37.81
N LYS R 26 -63.20 76.88 -38.16
CA LYS R 26 -63.91 76.05 -39.12
C LYS R 26 -63.68 74.55 -38.92
N ASN R 27 -64.73 73.84 -38.50
CA ASN R 27 -64.94 72.42 -38.78
C ASN R 27 -64.72 72.26 -40.33
N ILE R 28 -64.02 71.26 -40.84
CA ILE R 28 -64.31 70.76 -42.21
C ILE R 28 -64.67 69.26 -42.16
N ASP R 29 -64.59 68.64 -40.98
CA ASP R 29 -65.19 67.31 -40.65
C ASP R 29 -64.80 66.10 -41.51
N ASP R 30 -64.71 66.28 -42.83
CA ASP R 30 -64.67 65.15 -43.77
C ASP R 30 -63.74 65.34 -45.00
N GLY R 31 -64.22 66.03 -46.03
CA GLY R 31 -63.64 65.92 -47.38
C GLY R 31 -62.80 67.11 -47.78
N THR R 32 -63.06 67.63 -48.98
CA THR R 32 -62.29 68.69 -49.69
C THR R 32 -61.68 68.15 -50.99
N SER R 33 -61.14 66.93 -50.96
CA SER R 33 -60.45 66.27 -52.09
C SER R 33 -58.99 66.72 -52.28
N ASP R 34 -58.72 68.02 -52.11
CA ASP R 34 -57.35 68.54 -52.02
C ASP R 34 -56.69 68.06 -50.74
N ARG R 35 -57.40 68.22 -49.64
CA ARG R 35 -57.12 67.48 -48.43
C ARG R 35 -58.26 66.46 -48.25
N PRO R 36 -58.04 65.19 -48.66
CA PRO R 36 -59.07 64.15 -48.47
C PRO R 36 -59.22 63.76 -47.00
N TYR R 37 -58.41 64.41 -46.20
CA TYR R 37 -57.79 63.88 -45.05
C TYR R 37 -58.63 64.83 -44.10
N SER R 38 -59.28 64.38 -43.01
CA SER R 38 -60.27 65.28 -42.29
C SER R 38 -59.65 66.43 -41.43
N HIS R 39 -60.12 67.67 -41.57
CA HIS R 39 -59.38 68.84 -41.02
C HIS R 39 -60.11 70.10 -40.69
N ALA R 40 -59.54 70.91 -39.79
CA ALA R 40 -60.14 72.19 -39.36
C ALA R 40 -59.22 73.38 -39.56
N LEU R 41 -59.84 74.52 -39.83
CA LEU R 41 -59.14 75.80 -39.82
C LEU R 41 -59.19 76.32 -38.41
N VAL R 42 -58.02 76.56 -37.82
CA VAL R 42 -57.95 77.10 -36.47
C VAL R 42 -57.12 78.36 -36.42
N ALA R 43 -57.49 79.24 -35.49
CA ALA R 43 -56.75 80.45 -35.23
C ALA R 43 -56.39 80.42 -33.76
N GLY R 44 -55.08 80.40 -33.49
CA GLY R 44 -54.55 80.27 -32.14
C GLY R 44 -53.56 81.35 -31.83
N ILE R 45 -52.72 81.09 -30.82
CA ILE R 45 -51.75 82.08 -30.31
C ILE R 45 -50.33 81.53 -30.22
N ASP R 46 -49.36 82.36 -30.61
CA ASP R 46 -47.95 82.02 -30.46
C ASP R 46 -47.48 82.48 -29.11
N ARG R 47 -47.19 83.76 -29.04
CA ARG R 47 -46.44 84.31 -27.97
C ARG R 47 -47.55 84.73 -27.08
N TYR R 48 -47.84 83.90 -26.09
CA TYR R 48 -48.90 84.26 -25.20
C TYR R 48 -48.35 85.51 -24.54
N PRO R 49 -49.24 86.29 -23.98
CA PRO R 49 -48.91 87.53 -23.36
C PRO R 49 -48.44 87.26 -21.94
N ARG R 50 -47.38 87.94 -21.51
CA ARG R 50 -46.77 87.60 -20.24
C ARG R 50 -47.62 88.04 -19.06
N LYS R 51 -47.26 87.50 -17.90
CA LYS R 51 -47.87 87.86 -16.64
C LYS R 51 -47.69 89.38 -16.41
N VAL R 52 -48.57 89.99 -15.61
CA VAL R 52 -48.72 91.45 -15.63
C VAL R 52 -48.71 92.17 -14.26
N THR R 53 -49.13 91.50 -13.20
CA THR R 53 -48.70 91.80 -11.81
C THR R 53 -48.93 93.19 -11.15
N ALA R 54 -49.79 94.06 -11.68
CA ALA R 54 -50.27 95.26 -10.93
C ALA R 54 -49.28 96.39 -10.66
N ALA R 55 -48.01 96.08 -10.42
CA ALA R 55 -47.03 97.09 -10.03
C ALA R 55 -46.09 97.43 -11.20
N MET R 56 -46.55 97.18 -12.43
CA MET R 56 -45.74 97.42 -13.62
C MET R 56 -45.78 98.89 -14.00
N GLY R 57 -47.00 99.38 -14.17
CA GLY R 57 -47.26 100.70 -14.72
C GLY R 57 -48.40 100.58 -15.72
N LYS R 58 -48.45 101.53 -16.63
CA LYS R 58 -49.40 101.50 -17.72
C LYS R 58 -48.69 101.05 -19.00
N LYS R 59 -47.49 101.59 -19.22
CA LYS R 59 -46.77 101.42 -20.48
C LYS R 59 -46.14 100.05 -20.59
N LYS R 60 -45.62 99.55 -19.48
CA LYS R 60 -45.03 98.20 -19.43
C LYS R 60 -46.08 97.10 -19.57
N ILE R 61 -47.32 97.39 -19.14
CA ILE R 61 -48.43 96.47 -19.36
C ILE R 61 -48.77 96.33 -20.84
N ALA R 62 -48.90 97.47 -21.54
CA ALA R 62 -49.10 97.48 -23.00
C ALA R 62 -48.13 96.55 -23.73
N LYS R 63 -46.89 96.49 -23.26
CA LYS R 63 -45.90 95.57 -23.82
C LYS R 63 -46.18 94.09 -23.53
N ARG R 64 -46.52 93.74 -22.30
CA ARG R 64 -46.69 92.31 -21.94
C ARG R 64 -48.07 91.76 -22.29
N SER R 65 -49.11 92.59 -22.16
CA SER R 65 -50.45 92.23 -22.65
C SER R 65 -50.45 92.45 -24.16
N LYS R 66 -49.75 91.56 -24.84
CA LYS R 66 -49.48 91.67 -26.26
C LYS R 66 -49.41 90.29 -26.88
N ILE R 67 -50.49 89.91 -27.53
CA ILE R 67 -50.62 88.60 -28.12
C ILE R 67 -49.90 88.59 -29.47
N LYS R 68 -49.49 87.40 -29.91
CA LYS R 68 -49.10 87.21 -31.29
C LYS R 68 -49.80 85.95 -31.71
N SER R 69 -50.60 86.06 -32.74
CA SER R 69 -51.55 85.03 -33.11
C SER R 69 -51.02 84.13 -34.19
N PHE R 70 -51.88 83.19 -34.56
CA PHE R 70 -51.79 82.55 -35.85
C PHE R 70 -53.08 82.03 -36.43
N VAL R 71 -52.94 81.52 -37.65
CA VAL R 71 -54.00 80.88 -38.34
C VAL R 71 -53.38 79.76 -39.17
N LYS R 72 -54.00 78.58 -39.12
CA LYS R 72 -53.36 77.33 -39.53
C LYS R 72 -54.45 76.27 -39.71
N VAL R 73 -54.28 75.37 -40.67
CA VAL R 73 -55.22 74.27 -40.87
C VAL R 73 -54.52 73.00 -40.49
N TYR R 74 -55.21 72.06 -39.83
CA TYR R 74 -54.62 70.73 -39.50
C TYR R 74 -55.70 69.67 -39.35
N ASN R 75 -55.29 68.43 -39.07
CA ASN R 75 -56.22 67.37 -38.60
C ASN R 75 -56.92 67.64 -37.32
N TYR R 76 -57.74 66.69 -36.93
CA TYR R 76 -58.23 66.63 -35.56
C TYR R 76 -57.24 65.84 -34.72
N ASN R 77 -56.49 64.90 -35.30
CA ASN R 77 -55.43 64.19 -34.53
C ASN R 77 -54.04 64.88 -34.32
N HIS R 78 -53.78 66.04 -34.92
CA HIS R 78 -52.68 66.92 -34.40
C HIS R 78 -53.35 68.14 -33.76
N LEU R 79 -54.64 68.01 -33.50
CA LEU R 79 -55.34 68.82 -32.54
C LEU R 79 -55.70 67.94 -31.37
N MET R 80 -56.02 68.55 -30.24
CA MET R 80 -56.77 67.86 -29.19
C MET R 80 -57.69 68.85 -28.52
N PRO R 81 -58.99 68.55 -28.54
CA PRO R 81 -59.94 69.53 -28.12
C PRO R 81 -60.17 69.46 -26.64
N THR R 82 -61.06 70.33 -26.16
CA THR R 82 -61.37 70.42 -24.75
C THR R 82 -62.81 70.95 -24.53
N ARG R 83 -63.17 71.20 -23.27
CA ARG R 83 -64.52 71.70 -22.91
C ARG R 83 -64.65 73.16 -23.32
N TYR R 84 -63.54 73.87 -23.19
CA TYR R 84 -63.52 75.31 -23.07
C TYR R 84 -63.87 75.87 -24.44
N SER R 85 -64.70 76.92 -24.45
CA SER R 85 -65.23 77.47 -25.69
C SER R 85 -65.13 78.99 -25.70
N VAL R 86 -64.38 79.53 -26.64
CA VAL R 86 -64.26 80.96 -26.77
C VAL R 86 -65.34 81.44 -27.73
N ASP R 87 -66.16 82.34 -27.20
CA ASP R 87 -67.19 83.07 -27.95
C ASP R 87 -66.56 84.40 -28.36
N ILE R 88 -65.94 84.36 -29.53
CA ILE R 88 -65.34 85.53 -30.15
C ILE R 88 -65.89 85.56 -31.59
N PRO R 89 -66.18 86.75 -32.15
CA PRO R 89 -66.79 86.76 -33.49
C PRO R 89 -65.85 86.24 -34.58
N LEU R 90 -64.60 86.70 -34.55
CA LEU R 90 -63.51 86.28 -35.47
C LEU R 90 -63.98 86.08 -36.93
N ASP R 91 -63.90 87.15 -37.71
CA ASP R 91 -64.71 87.33 -38.93
C ASP R 91 -64.30 86.39 -40.07
N LYS R 92 -65.30 85.98 -40.85
CA LYS R 92 -65.17 84.87 -41.81
C LYS R 92 -64.75 85.28 -43.24
N THR R 93 -64.83 86.57 -43.56
CA THR R 93 -64.38 87.09 -44.87
C THR R 93 -62.85 87.11 -44.91
N VAL R 94 -62.27 87.66 -43.84
CA VAL R 94 -60.82 87.72 -43.67
C VAL R 94 -60.31 86.29 -43.45
N VAL R 95 -60.53 85.73 -42.25
CA VAL R 95 -60.02 84.40 -41.90
C VAL R 95 -60.88 83.34 -42.59
N ASN R 96 -60.24 82.46 -43.33
CA ASN R 96 -60.92 81.69 -44.36
C ASN R 96 -59.92 80.70 -44.97
N LYS R 97 -60.43 79.66 -45.61
CA LYS R 97 -59.59 78.65 -46.28
C LYS R 97 -58.58 79.29 -47.23
N ASP R 98 -59.09 80.04 -48.21
CA ASP R 98 -58.24 80.63 -49.27
C ASP R 98 -57.47 81.90 -48.87
N VAL R 99 -57.47 82.22 -47.57
CA VAL R 99 -56.42 83.06 -46.98
C VAL R 99 -55.07 82.45 -47.30
N PHE R 100 -55.01 81.14 -47.12
CA PHE R 100 -53.87 80.36 -47.50
C PHE R 100 -53.56 80.49 -48.99
N ARG R 101 -52.28 80.27 -49.32
CA ARG R 101 -51.78 80.34 -50.69
C ARG R 101 -51.56 81.78 -51.22
N ASP R 102 -51.60 82.77 -50.31
CA ASP R 102 -51.36 84.19 -50.68
C ASP R 102 -50.91 85.01 -49.44
N PRO R 103 -49.59 85.26 -49.31
CA PRO R 103 -48.97 85.90 -48.13
C PRO R 103 -49.68 87.15 -47.62
N ALA R 104 -50.05 88.02 -48.54
CA ALA R 104 -50.75 89.26 -48.23
C ALA R 104 -52.06 89.05 -47.46
N LEU R 105 -52.80 87.99 -47.80
CA LEU R 105 -54.05 87.68 -47.11
C LEU R 105 -53.79 87.04 -45.74
N LYS R 106 -52.88 86.06 -45.71
CA LYS R 106 -52.54 85.37 -44.47
C LYS R 106 -52.05 86.34 -43.40
N ARG R 107 -51.30 87.34 -43.85
CA ARG R 107 -50.85 88.40 -42.98
C ARG R 107 -52.04 89.20 -42.42
N LYS R 108 -53.02 89.48 -43.28
CA LYS R 108 -54.27 90.14 -42.88
C LYS R 108 -54.99 89.34 -41.79
N ALA R 109 -55.01 88.03 -41.95
CA ALA R 109 -55.67 87.09 -41.01
C ALA R 109 -54.99 87.04 -39.64
N ARG R 110 -53.68 86.77 -39.64
CA ARG R 110 -52.86 86.86 -38.42
C ARG R 110 -52.94 88.25 -37.77
N ARG R 111 -53.24 89.29 -38.55
CA ARG R 111 -53.55 90.63 -38.01
C ARG R 111 -54.95 90.65 -37.39
N GLU R 112 -55.97 90.24 -38.14
CA GLU R 112 -57.36 90.33 -37.66
C GLU R 112 -57.70 89.34 -36.55
N ALA R 113 -56.85 88.33 -36.38
CA ALA R 113 -56.88 87.53 -35.15
C ALA R 113 -56.35 88.37 -33.99
N LYS R 114 -55.06 88.66 -34.03
CA LYS R 114 -54.35 89.39 -32.95
C LYS R 114 -55.18 90.50 -32.29
N VAL R 115 -55.85 91.33 -33.09
CA VAL R 115 -56.67 92.45 -32.56
C VAL R 115 -57.73 91.93 -31.59
N LYS R 116 -58.51 90.98 -32.10
CA LYS R 116 -59.70 90.52 -31.41
C LYS R 116 -59.38 89.57 -30.27
N PHE R 117 -58.23 88.92 -30.35
CA PHE R 117 -57.68 88.25 -29.17
C PHE R 117 -57.22 89.27 -28.12
N GLU R 118 -56.56 90.36 -28.54
CA GLU R 118 -56.06 91.41 -27.60
C GLU R 118 -57.18 92.09 -26.80
N GLU R 119 -58.23 92.51 -27.48
CA GLU R 119 -59.42 93.07 -26.82
C GLU R 119 -60.21 92.04 -25.97
N ARG R 120 -60.10 90.75 -26.33
CA ARG R 120 -60.75 89.65 -25.56
C ARG R 120 -59.98 89.39 -24.29
N TYR R 121 -58.65 89.45 -24.36
CA TYR R 121 -57.80 89.37 -23.19
C TYR R 121 -58.23 90.47 -22.23
N LYS R 122 -58.01 91.73 -22.61
CA LYS R 122 -58.40 92.81 -21.73
C LYS R 122 -59.88 92.62 -21.49
N THR R 123 -60.25 92.52 -20.22
CA THR R 123 -61.57 92.04 -19.71
C THR R 123 -61.40 90.83 -18.78
N GLY R 124 -60.28 90.12 -18.90
CA GLY R 124 -59.97 88.98 -18.04
C GLY R 124 -60.94 87.83 -18.18
N LYS R 125 -61.38 87.57 -19.41
CA LYS R 125 -62.40 86.56 -19.69
C LYS R 125 -61.86 85.51 -20.67
N ASN R 126 -62.26 84.26 -20.43
CA ASN R 126 -61.70 83.07 -21.10
C ASN R 126 -60.20 83.05 -20.84
N LYS R 127 -59.83 83.27 -19.59
CA LYS R 127 -58.45 83.64 -19.25
C LYS R 127 -57.43 82.50 -19.35
N TRP R 128 -57.86 81.32 -18.92
CA TRP R 128 -57.12 80.04 -19.07
C TRP R 128 -56.48 79.85 -20.44
N PHE R 129 -57.23 80.20 -21.48
CA PHE R 129 -56.76 80.23 -22.86
C PHE R 129 -55.48 81.01 -23.03
N PHE R 130 -55.41 82.16 -22.36
CA PHE R 130 -54.25 83.03 -22.35
C PHE R 130 -53.21 82.68 -21.25
N GLN R 131 -53.04 81.39 -20.98
CA GLN R 131 -52.05 80.88 -20.03
C GLN R 131 -51.30 79.74 -20.68
N LYS R 132 -49.98 79.80 -20.67
CA LYS R 132 -49.18 78.80 -21.39
C LYS R 132 -49.37 77.41 -20.85
N LEU R 133 -49.84 76.50 -21.71
CA LEU R 133 -50.01 75.14 -21.30
C LEU R 133 -48.66 74.65 -20.86
N ARG R 134 -48.66 73.99 -19.72
CA ARG R 134 -47.47 73.74 -18.98
C ARG R 134 -46.97 72.31 -19.16
N PHE R 135 -45.71 72.18 -19.55
CA PHE R 135 -45.07 70.89 -19.85
C PHE R 135 -43.56 71.00 -20.08
N PRO S 1 63.12 46.79 23.29
CA PRO S 1 63.20 46.96 21.85
C PRO S 1 63.00 45.68 21.04
N SER S 2 62.65 45.87 19.78
CA SER S 2 62.41 44.78 18.84
C SER S 2 63.59 43.86 18.69
N ARG S 3 64.75 44.49 18.57
CA ARG S 3 66.01 43.82 18.36
C ARG S 3 66.33 42.71 19.35
N LEU S 4 65.99 42.92 20.63
CA LEU S 4 66.39 42.02 21.70
C LEU S 4 65.25 41.13 22.13
N ARG S 5 64.58 40.50 21.18
CA ARG S 5 63.39 39.68 21.46
C ARG S 5 63.63 38.27 20.96
N LYS S 6 62.86 37.32 21.49
CA LYS S 6 62.96 35.98 20.97
C LYS S 6 62.39 35.88 19.57
N THR S 7 61.36 36.66 19.26
CA THR S 7 60.74 36.59 17.92
C THR S 7 61.75 36.79 16.78
N ARG S 8 62.84 37.52 17.03
CA ARG S 8 63.93 37.57 16.06
C ARG S 8 64.54 36.20 15.87
N LYS S 9 64.91 35.55 16.96
CA LYS S 9 65.49 34.19 16.90
C LYS S 9 64.52 33.08 16.47
N LEU S 10 63.24 33.40 16.28
CA LEU S 10 62.30 32.42 15.80
C LEU S 10 61.89 32.66 14.36
N ARG S 11 62.82 33.01 13.48
CA ARG S 11 62.50 33.00 12.06
C ARG S 11 63.21 31.85 11.38
N GLY S 12 62.56 31.33 10.35
CA GLY S 12 62.84 30.00 9.82
C GLY S 12 62.28 28.92 10.74
N HIS S 13 61.82 29.35 11.92
CA HIS S 13 61.36 28.50 13.00
C HIS S 13 59.85 28.47 12.89
N VAL S 14 59.33 27.36 12.38
CA VAL S 14 58.01 27.32 11.76
C VAL S 14 56.87 27.68 12.72
N SER S 15 56.75 26.89 13.78
CA SER S 15 55.65 27.03 14.69
C SER S 15 55.81 28.21 15.65
N HIS S 16 57.04 28.67 15.86
CA HIS S 16 57.32 29.97 16.50
C HIS S 16 57.16 29.88 18.00
N GLY S 17 57.91 28.95 18.59
CA GLY S 17 57.98 28.80 20.05
C GLY S 17 56.62 28.50 20.66
N HIS S 18 55.86 27.71 19.91
CA HIS S 18 54.47 27.54 20.15
C HIS S 18 53.84 26.20 19.82
N GLY S 19 54.60 25.29 19.22
CA GLY S 19 54.19 23.90 19.12
C GLY S 19 53.29 23.62 17.95
N ARG S 20 53.68 22.63 17.14
CA ARG S 20 52.93 22.32 15.92
C ARG S 20 51.98 21.18 16.10
N ILE S 21 51.96 20.56 17.27
CA ILE S 21 50.92 19.59 17.55
C ILE S 21 49.65 20.35 17.86
N GLY S 22 49.56 20.91 19.05
CA GLY S 22 48.51 21.82 19.42
C GLY S 22 49.03 23.19 19.10
N LYS S 23 48.40 23.88 18.17
CA LYS S 23 48.96 25.10 17.60
C LYS S 23 48.86 26.23 18.62
N HIS S 24 49.15 27.48 18.22
CA HIS S 24 48.65 28.60 19.00
C HIS S 24 47.32 29.05 18.45
N ARG S 25 46.28 28.43 18.97
CA ARG S 25 44.95 28.79 18.62
C ARG S 25 44.56 29.97 19.45
N LYS S 26 43.40 30.53 19.17
CA LYS S 26 43.06 31.83 19.70
C LYS S 26 42.91 31.77 21.23
N HIS S 27 41.81 31.23 21.74
CA HIS S 27 41.50 31.33 23.16
C HIS S 27 41.02 30.00 23.71
N PRO S 28 41.95 29.07 23.94
CA PRO S 28 41.57 27.73 24.36
C PRO S 28 40.80 27.70 25.69
N GLY S 29 41.38 28.21 26.77
CA GLY S 29 40.70 28.19 28.06
C GLY S 29 39.34 28.86 28.01
N GLY S 30 39.37 30.19 27.91
CA GLY S 30 38.16 30.99 27.80
C GLY S 30 38.61 32.39 27.49
N ARG S 31 38.09 33.38 28.20
CA ARG S 31 38.58 34.72 28.09
C ARG S 31 38.72 35.31 29.48
N GLY S 32 39.95 35.50 29.90
CA GLY S 32 40.22 36.05 31.21
C GLY S 32 39.76 35.10 32.31
N ASN S 33 39.38 35.69 33.45
CA ASN S 33 39.28 34.92 34.67
C ASN S 33 37.98 34.15 34.77
N ALA S 34 37.99 33.09 33.93
CA ALA S 34 36.81 32.50 33.32
C ALA S 34 36.85 30.97 33.33
N GLY S 35 35.96 30.38 34.12
CA GLY S 35 36.05 28.98 34.53
C GLY S 35 36.65 28.83 35.92
N GLY S 36 36.39 29.76 36.81
CA GLY S 36 36.95 29.66 38.16
C GLY S 36 36.39 28.50 38.96
N MET S 37 35.07 28.31 38.86
CA MET S 37 34.39 27.18 39.47
C MET S 37 34.64 25.89 38.70
N HIS S 38 34.39 25.97 37.40
CA HIS S 38 34.53 24.86 36.50
C HIS S 38 35.90 24.90 35.96
N HIS S 39 36.74 23.90 36.24
CA HIS S 39 37.78 23.51 35.26
C HIS S 39 39.04 24.29 35.05
N HIS S 40 39.02 25.48 35.57
CA HIS S 40 40.19 26.20 35.85
C HIS S 40 40.31 26.10 37.38
N ARG S 41 39.54 25.20 38.00
CA ARG S 41 39.31 25.23 39.43
C ARG S 41 40.60 25.07 40.18
N ILE S 42 41.41 24.17 39.66
CA ILE S 42 42.56 23.75 40.39
C ILE S 42 43.52 24.87 40.68
N ASN S 43 43.71 25.82 39.76
CA ASN S 43 44.39 27.07 40.14
C ASN S 43 43.68 27.73 41.28
N PHE S 44 42.46 28.17 41.01
CA PHE S 44 41.82 29.14 41.87
C PHE S 44 41.74 28.57 43.27
N ASP S 45 41.48 27.27 43.37
CA ASP S 45 41.37 26.63 44.67
C ASP S 45 42.71 26.39 45.36
N LYS S 46 43.76 26.09 44.61
CA LYS S 46 45.05 25.79 45.21
C LYS S 46 45.99 27.00 45.28
N TYR S 47 45.76 28.01 44.45
CA TYR S 47 46.65 29.16 44.31
C TYR S 47 46.05 30.48 44.76
N HIS S 48 44.71 30.59 44.82
CA HIS S 48 44.04 31.79 45.33
C HIS S 48 42.92 31.34 46.26
N PRO S 49 43.27 30.66 47.35
CA PRO S 49 42.21 30.08 48.12
C PRO S 49 41.36 31.18 48.77
N GLY S 50 40.07 30.95 48.85
CA GLY S 50 39.19 31.93 49.42
C GLY S 50 38.75 33.04 48.49
N TYR S 51 38.77 32.80 47.18
CA TYR S 51 38.25 33.75 46.20
C TYR S 51 36.72 33.64 46.15
N PHE S 52 36.18 32.44 45.93
CA PHE S 52 34.75 32.29 45.60
C PHE S 52 33.84 32.39 46.79
N GLY S 53 33.21 33.54 46.96
CA GLY S 53 32.18 33.68 47.98
C GLY S 53 32.17 35.00 48.69
N LYS S 54 31.11 35.21 49.46
CA LYS S 54 30.97 36.38 50.31
C LYS S 54 31.62 36.11 51.64
N VAL S 55 31.68 37.17 52.43
CA VAL S 55 32.04 37.12 53.83
C VAL S 55 31.75 38.50 54.36
N GLY S 56 31.53 38.56 55.65
CA GLY S 56 31.51 39.82 56.32
C GLY S 56 30.33 40.70 55.96
N MET S 57 30.51 41.97 56.28
CA MET S 57 29.42 42.85 56.51
C MET S 57 29.69 44.10 55.70
N ARG S 58 28.65 44.64 55.07
CA ARG S 58 28.76 45.83 54.25
C ARG S 58 28.99 47.10 55.08
N HIS S 59 29.60 48.13 54.52
CA HIS S 59 29.73 49.39 55.24
C HIS S 59 29.56 50.48 54.21
N TYR S 60 28.35 50.60 53.70
CA TYR S 60 28.21 50.88 52.29
C TYR S 60 27.65 52.35 52.12
N HIS S 61 28.08 53.05 51.05
CA HIS S 61 28.99 54.26 51.11
C HIS S 61 30.08 54.00 52.23
N LEU S 62 31.40 54.02 51.90
CA LEU S 62 32.53 54.10 52.91
C LEU S 62 33.63 55.12 52.56
N LYS S 63 34.11 55.85 53.58
CA LYS S 63 35.12 56.93 53.42
C LYS S 63 36.33 56.70 54.36
N ARG S 64 37.56 56.64 53.82
CA ARG S 64 38.75 56.37 54.67
C ARG S 64 39.07 57.55 55.58
N ASN S 65 38.76 58.76 55.14
CA ASN S 65 39.07 59.96 55.94
C ASN S 65 38.47 59.78 57.33
N GLN S 66 37.26 59.25 57.40
CA GLN S 66 36.62 58.89 58.67
C GLN S 66 37.51 58.06 59.62
N SER S 67 38.24 57.09 59.08
CA SER S 67 39.06 56.21 59.90
C SER S 67 40.53 56.28 59.52
N PHE S 68 41.01 57.51 59.30
CA PHE S 68 42.44 57.73 59.09
C PHE S 68 43.15 57.68 60.43
N CYS S 69 44.16 56.82 60.52
CA CYS S 69 44.86 56.59 61.78
C CYS S 69 46.21 55.88 61.54
N PRO S 70 47.26 56.65 61.22
CA PRO S 70 48.61 56.16 61.12
C PRO S 70 49.21 55.80 62.43
N THR S 71 50.33 55.12 62.31
CA THR S 71 50.94 54.42 63.41
C THR S 71 52.39 54.85 63.49
N VAL S 72 52.92 54.91 64.71
CA VAL S 72 54.36 55.00 64.93
C VAL S 72 54.70 54.08 66.06
N ASN S 73 55.90 53.54 65.98
CA ASN S 73 56.42 52.69 67.01
C ASN S 73 57.43 53.44 67.86
N LEU S 74 57.41 53.19 69.17
CA LEU S 74 58.34 53.85 70.08
C LEU S 74 59.74 53.78 69.53
N ASP S 75 60.16 52.56 69.21
CA ASP S 75 61.18 52.27 68.22
C ASP S 75 61.82 53.53 67.61
N LYS S 76 61.01 54.36 66.94
CA LYS S 76 61.52 55.59 66.34
C LYS S 76 60.66 56.83 66.56
N LEU S 77 60.65 57.30 67.81
CA LEU S 77 60.32 58.70 68.12
C LEU S 77 61.61 59.53 68.14
N TRP S 78 62.72 58.85 68.46
CA TRP S 78 63.99 59.48 68.82
C TRP S 78 64.64 59.81 67.46
N THR S 79 63.80 59.64 66.40
CA THR S 79 63.87 60.25 65.08
C THR S 79 63.05 61.52 64.89
N LEU S 80 61.74 61.42 65.14
CA LEU S 80 60.80 62.49 64.80
C LEU S 80 61.38 63.84 65.13
N VAL S 81 61.89 63.96 66.35
CA VAL S 81 62.47 65.20 66.82
C VAL S 81 63.95 65.18 66.54
N SER S 82 64.46 66.31 66.02
CA SER S 82 65.88 66.51 65.70
C SER S 82 66.81 65.96 66.76
N GLU S 83 67.67 65.03 66.37
CA GLU S 83 68.54 64.26 67.31
C GLU S 83 69.28 65.09 68.37
N GLN S 84 69.58 66.35 68.04
CA GLN S 84 70.13 67.30 68.99
C GLN S 84 69.25 67.58 70.24
N THR S 85 67.93 67.43 70.11
CA THR S 85 67.00 67.60 71.24
C THR S 85 67.02 66.43 72.18
N ARG S 86 67.65 65.34 71.76
CA ARG S 86 67.92 64.25 72.64
C ARG S 86 69.30 64.39 73.29
N ILE S 87 70.31 64.75 72.50
CA ILE S 87 71.67 64.95 73.02
C ILE S 87 71.63 66.06 74.06
N ASN S 88 70.86 67.09 73.77
CA ASN S 88 70.37 68.00 74.80
C ASN S 88 69.28 67.28 75.61
N ALA S 89 69.42 67.29 76.93
CA ALA S 89 68.87 66.25 77.83
C ALA S 89 69.79 65.03 77.73
N ALA S 90 69.49 63.96 78.47
CA ALA S 90 70.43 62.83 78.62
C ALA S 90 71.70 63.36 79.27
N LYS S 91 71.48 64.29 80.19
CA LYS S 91 72.34 65.45 80.46
C LYS S 91 71.33 66.50 80.91
N ASN S 92 71.76 67.73 81.18
CA ASN S 92 70.87 68.87 81.48
C ASN S 92 70.47 68.95 82.95
N LYS S 93 70.24 67.79 83.57
CA LYS S 93 70.23 67.63 85.03
C LYS S 93 68.95 68.11 85.75
N THR S 94 67.96 68.59 84.98
CA THR S 94 66.70 69.12 85.54
C THR S 94 65.51 68.19 85.29
N GLY S 95 65.73 67.08 84.57
CA GLY S 95 64.65 66.26 84.06
C GLY S 95 63.74 67.05 83.14
N ALA S 96 64.34 67.60 82.07
CA ALA S 96 63.60 68.39 81.06
C ALA S 96 62.49 67.56 80.38
N ALA S 97 62.92 66.50 79.70
CA ALA S 97 62.07 65.68 78.86
C ALA S 97 61.42 66.49 77.75
N PRO S 98 61.92 66.34 76.53
CA PRO S 98 61.31 67.10 75.46
C PRO S 98 59.95 66.54 75.08
N ILE S 99 59.11 67.42 74.55
CA ILE S 99 57.76 67.08 74.12
C ILE S 99 57.80 66.64 72.66
N ILE S 100 56.99 65.62 72.33
CA ILE S 100 56.96 65.04 70.99
C ILE S 100 55.55 64.99 70.43
N ASP S 101 55.17 65.99 69.63
CA ASP S 101 53.86 65.96 69.00
C ASP S 101 53.89 65.06 67.79
N VAL S 102 53.49 63.81 68.08
CA VAL S 102 53.37 62.78 67.08
C VAL S 102 52.23 63.15 66.14
N VAL S 103 51.37 64.02 66.62
CA VAL S 103 50.52 64.83 65.77
C VAL S 103 51.32 65.57 64.68
N ARG S 104 52.17 66.49 65.11
CA ARG S 104 52.83 67.43 64.20
C ARG S 104 53.68 66.75 63.14
N SER S 105 54.20 65.55 63.41
CA SER S 105 54.93 64.77 62.40
C SER S 105 54.06 63.83 61.56
N GLY S 106 52.80 63.63 61.95
CA GLY S 106 51.77 63.08 61.07
C GLY S 106 51.32 61.66 61.38
N TYR S 107 50.84 61.42 62.61
CA TYR S 107 50.40 60.09 63.06
C TYR S 107 49.26 59.99 64.16
N TYR S 108 48.05 59.64 63.75
CA TYR S 108 46.91 59.55 64.65
C TYR S 108 46.94 58.21 65.35
N LYS S 109 47.92 58.10 66.24
CA LYS S 109 48.19 56.86 67.10
C LYS S 109 49.69 56.45 67.29
N VAL S 110 50.10 56.09 68.52
CA VAL S 110 51.50 55.66 68.86
C VAL S 110 51.51 54.31 69.52
N LEU S 111 52.43 53.43 69.09
CA LEU S 111 52.41 51.99 69.42
C LEU S 111 53.73 51.48 69.95
N GLY S 112 53.61 50.46 70.80
CA GLY S 112 54.73 50.03 71.62
C GLY S 112 55.56 48.95 70.98
N LYS S 113 56.27 49.31 69.92
CA LYS S 113 57.29 48.43 69.41
C LYS S 113 58.67 48.94 69.84
N GLY S 114 59.58 47.99 70.04
CA GLY S 114 60.96 48.28 70.23
C GLY S 114 61.34 48.69 71.63
N LYS S 115 62.64 48.85 71.77
CA LYS S 115 63.27 49.47 72.91
C LYS S 115 62.89 50.95 72.90
N LEU S 116 63.00 51.59 74.05
CA LEU S 116 63.01 53.04 74.12
C LEU S 116 64.22 53.43 74.96
N PRO S 117 65.00 54.44 74.52
CA PRO S 117 66.20 54.82 75.27
C PRO S 117 65.86 55.38 76.66
N LYS S 118 66.69 55.11 77.67
CA LYS S 118 66.43 55.55 79.06
C LYS S 118 66.65 57.06 79.19
N GLN S 119 65.51 57.76 79.17
CA GLN S 119 65.39 59.14 78.75
C GLN S 119 63.92 59.52 79.00
N PRO S 120 63.66 60.45 79.92
CA PRO S 120 62.24 60.81 80.16
C PRO S 120 61.64 61.64 79.00
N VAL S 121 60.37 61.38 78.66
CA VAL S 121 59.69 61.98 77.49
C VAL S 121 58.29 62.44 77.84
N ILE S 122 57.80 63.43 77.12
CA ILE S 122 56.38 63.72 77.07
C ILE S 122 55.92 63.47 75.64
N VAL S 123 55.18 62.39 75.43
CA VAL S 123 54.63 62.11 74.13
C VAL S 123 53.19 62.62 74.12
N LYS S 124 52.92 63.64 73.30
CA LYS S 124 51.55 64.06 73.01
C LYS S 124 51.14 63.35 71.73
N ALA S 125 50.10 62.53 71.82
CA ALA S 125 49.60 61.79 70.66
C ALA S 125 48.09 61.67 70.73
N LYS S 126 47.52 60.81 69.88
CA LYS S 126 46.09 60.57 69.88
C LYS S 126 45.87 59.23 70.61
N PHE S 127 45.66 58.16 69.84
CA PHE S 127 45.36 56.82 70.31
C PHE S 127 46.59 55.95 70.60
N PHE S 128 47.20 56.20 71.74
CA PHE S 128 48.13 55.30 72.39
C PHE S 128 47.78 53.82 72.55
N SER S 129 48.77 52.96 72.31
CA SER S 129 48.71 51.57 72.74
C SER S 129 48.90 51.49 74.25
N ARG S 130 48.55 50.34 74.83
CA ARG S 130 48.88 49.99 76.21
C ARG S 130 50.36 49.95 76.43
N ARG S 131 51.00 49.11 75.63
CA ARG S 131 52.40 48.79 75.81
C ARG S 131 53.19 50.07 75.63
N ALA S 132 52.77 50.87 74.65
CA ALA S 132 53.37 52.21 74.49
C ALA S 132 53.26 53.04 75.76
N GLU S 133 52.09 52.99 76.41
CA GLU S 133 51.91 53.55 77.72
C GLU S 133 53.03 53.02 78.64
N GLU S 134 52.97 51.72 78.90
CA GLU S 134 53.83 51.08 79.90
C GLU S 134 55.29 51.41 79.67
N LYS S 135 55.77 51.27 78.43
CA LYS S 135 57.19 51.50 78.14
C LYS S 135 57.58 52.92 78.49
N ILE S 136 56.77 53.89 78.04
CA ILE S 136 57.07 55.29 78.31
C ILE S 136 57.05 55.55 79.84
N LYS S 137 56.02 55.05 80.52
CA LYS S 137 55.91 55.18 81.97
C LYS S 137 57.16 54.59 82.62
N GLY S 138 57.40 53.32 82.34
CA GLY S 138 58.51 52.54 82.90
C GLY S 138 59.90 53.07 82.61
N VAL S 139 60.04 53.83 81.52
CA VAL S 139 61.25 54.62 81.26
C VAL S 139 61.28 55.82 82.18
N GLY S 140 60.15 56.52 82.23
CA GLY S 140 60.07 57.79 82.89
C GLY S 140 59.41 58.67 81.87
N GLY S 141 58.48 59.49 82.34
CA GLY S 141 57.77 60.38 81.48
C GLY S 141 56.46 59.83 81.06
N ALA S 142 55.73 60.65 80.32
CA ALA S 142 54.30 60.66 80.37
C ALA S 142 53.63 60.69 79.03
N CYS S 143 52.35 60.45 79.12
CA CYS S 143 51.53 60.15 78.01
C CYS S 143 50.36 61.12 78.04
N VAL S 144 50.44 62.12 77.18
CA VAL S 144 49.45 63.18 77.10
C VAL S 144 48.59 62.99 75.87
N LEU S 145 47.28 63.15 76.02
CA LEU S 145 46.34 62.96 74.93
C LEU S 145 46.06 64.26 74.20
N VAL S 146 45.70 64.13 72.94
CA VAL S 146 45.40 65.24 72.07
C VAL S 146 44.10 64.91 71.35
N ALA S 147 43.29 65.94 71.11
CA ALA S 147 42.09 65.82 70.28
C ALA S 147 42.31 66.57 68.95
N ALA T 1 35.83 7.55 18.30
CA ALA T 1 36.75 8.51 18.97
C ALA T 1 37.41 7.90 20.21
N LYS T 2 37.81 6.64 20.11
CA LYS T 2 38.37 5.88 21.25
C LYS T 2 39.87 6.00 21.31
N SER T 3 40.41 5.60 22.45
CA SER T 3 41.72 6.06 22.85
C SER T 3 42.31 5.14 23.92
N LYS T 4 43.44 5.54 24.48
CA LYS T 4 44.07 4.84 25.58
C LYS T 4 43.42 5.28 26.94
N ASN T 5 43.45 4.39 27.95
CA ASN T 5 42.56 4.37 29.16
C ASN T 5 43.49 4.16 30.39
N HIS T 6 44.74 4.59 30.19
CA HIS T 6 45.93 4.52 31.08
C HIS T 6 47.10 4.07 30.30
N THR T 7 48.23 4.37 30.91
CA THR T 7 49.34 3.46 30.95
C THR T 7 50.27 4.05 31.97
N THR T 8 51.16 3.20 32.44
CA THR T 8 52.24 3.62 33.28
C THR T 8 53.45 3.16 32.49
N HIS T 9 53.70 3.80 31.34
CA HIS T 9 54.74 3.33 30.45
C HIS T 9 56.18 3.89 30.61
N ASN T 10 56.61 4.96 29.87
CA ASN T 10 58.01 5.46 30.04
C ASN T 10 58.19 5.75 31.53
N GLN T 11 57.43 6.71 32.02
CA GLN T 11 57.19 6.90 33.44
C GLN T 11 58.34 6.49 34.34
N SER T 12 58.55 5.19 34.60
CA SER T 12 59.63 4.81 35.50
C SER T 12 60.68 5.86 35.18
N ARG T 13 61.04 5.93 33.88
CA ARG T 13 61.93 6.96 33.31
C ARG T 13 61.84 8.36 33.90
N LYS T 14 60.64 8.87 34.10
CA LYS T 14 60.47 10.23 34.59
C LYS T 14 60.60 10.42 36.11
N TRP T 15 59.72 9.80 36.89
CA TRP T 15 59.52 10.20 38.32
C TRP T 15 60.87 9.69 38.92
N HIS T 16 61.64 8.96 38.08
CA HIS T 16 63.07 8.60 38.28
C HIS T 16 64.26 9.40 37.68
N ARG T 17 64.13 10.05 36.52
CA ARG T 17 65.22 10.90 35.93
C ARG T 17 65.90 11.84 36.89
N ASN T 18 65.09 12.64 37.57
CA ASN T 18 65.61 13.60 38.54
C ASN T 18 65.92 12.93 39.87
N GLY T 19 65.31 11.78 40.15
CA GLY T 19 65.91 10.86 41.12
C GLY T 19 65.07 9.85 41.85
N ILE T 20 64.03 10.36 42.50
CA ILE T 20 63.51 9.78 43.75
C ILE T 20 64.47 10.08 44.93
N LYS T 21 64.15 11.16 45.62
CA LYS T 21 64.93 11.65 46.72
C LYS T 21 64.32 11.04 47.97
N LYS T 22 65.08 10.19 48.64
CA LYS T 22 64.71 9.72 49.96
C LYS T 22 64.74 10.94 50.87
N PRO T 23 63.59 11.35 51.42
CA PRO T 23 63.38 12.68 52.03
C PRO T 23 64.49 13.13 52.96
N ARG T 24 65.10 14.29 52.69
CA ARG T 24 66.23 14.76 53.49
C ARG T 24 65.77 15.03 54.92
N SER T 25 66.20 14.16 55.83
CA SER T 25 65.73 14.17 57.22
C SER T 25 66.73 14.89 58.11
N GLN T 26 66.30 16.02 58.65
CA GLN T 26 67.08 16.74 59.63
C GLN T 26 67.04 16.03 60.99
N ARG T 27 68.02 16.34 61.83
CA ARG T 27 67.88 16.19 63.28
C ARG T 27 66.93 17.27 63.68
N TYR T 28 66.28 17.12 64.82
CA TYR T 28 65.45 18.18 65.37
C TYR T 28 64.29 18.35 64.38
N GLU T 29 63.42 17.33 64.34
CA GLU T 29 62.18 17.38 63.56
C GLU T 29 61.06 17.87 64.46
N SER T 30 59.96 18.27 63.82
CA SER T 30 58.90 18.96 64.51
C SER T 30 58.11 18.05 65.45
N LEU T 31 57.75 18.64 66.59
CA LEU T 31 56.94 18.00 67.62
C LEU T 31 55.45 18.19 67.38
N LYS T 32 55.07 18.94 66.35
CA LYS T 32 53.70 18.95 65.87
C LYS T 32 53.34 17.52 65.41
N GLY T 33 52.15 17.09 65.81
CA GLY T 33 51.71 15.70 65.67
C GLY T 33 51.62 14.94 66.98
N VAL T 34 52.42 15.36 67.97
CA VAL T 34 52.50 14.68 69.26
C VAL T 34 51.31 15.01 70.16
N ASP T 35 50.89 14.04 71.00
CA ASP T 35 49.80 14.23 71.97
C ASP T 35 49.98 15.54 72.71
N PRO T 36 48.93 16.36 72.81
CA PRO T 36 49.14 17.64 73.47
C PRO T 36 49.59 17.51 74.91
N LYS T 37 49.12 16.49 75.62
CA LYS T 37 49.51 16.31 77.01
C LYS T 37 51.00 15.98 77.23
N PHE T 38 51.73 15.57 76.19
CA PHE T 38 53.20 15.61 76.23
C PHE T 38 53.65 17.05 76.31
N LEU T 39 53.25 17.82 75.32
CA LEU T 39 53.84 19.12 75.06
C LEU T 39 53.41 20.06 76.16
N ARG T 40 52.09 20.11 76.41
CA ARG T 40 51.53 20.76 77.60
C ARG T 40 52.56 20.58 78.69
N ASN T 41 52.97 19.33 78.97
CA ASN T 41 54.01 19.06 79.99
C ASN T 41 55.45 19.45 79.62
N MET T 42 56.02 18.90 78.55
CA MET T 42 57.45 19.13 78.28
C MET T 42 57.81 20.60 78.10
N ARG T 43 56.81 21.45 77.86
CA ARG T 43 57.00 22.90 77.95
C ARG T 43 57.13 23.43 79.40
N PHE T 44 56.42 22.85 80.37
CA PHE T 44 56.73 23.12 81.81
C PHE T 44 58.08 22.56 82.22
N ALA T 45 58.52 21.48 81.59
CA ALA T 45 59.88 21.01 81.77
C ALA T 45 60.90 21.97 81.18
N LYS T 46 60.60 22.45 79.98
CA LYS T 46 61.52 23.31 79.23
C LYS T 46 61.57 24.74 79.78
N LYS T 47 60.46 25.20 80.32
CA LYS T 47 60.34 26.56 80.81
C LYS T 47 61.04 26.72 82.16
N HIS T 48 60.92 25.73 83.06
CA HIS T 48 61.45 25.86 84.43
C HIS T 48 62.79 25.17 84.59
N ASN T 49 63.56 25.17 83.50
CA ASN T 49 64.91 24.63 83.48
C ASN T 49 65.88 25.55 84.20
N LYS T 50 65.88 26.82 83.80
CA LYS T 50 66.79 27.83 84.39
C LYS T 50 66.67 27.92 85.93
N LYS T 51 65.45 27.81 86.45
CA LYS T 51 65.25 27.57 87.87
C LYS T 51 65.88 26.21 88.14
N GLY T 52 67.05 26.22 88.80
CA GLY T 52 67.88 25.03 88.95
C GLY T 52 69.19 25.03 88.16
N LEU T 53 69.65 26.24 87.79
CA LEU T 53 70.93 26.46 87.11
C LEU T 53 72.10 26.70 88.09
N LYS T 54 71.79 27.19 89.28
CA LYS T 54 72.80 27.47 90.29
C LYS T 54 73.42 26.15 90.70
N LYS T 55 72.57 25.19 91.03
CA LYS T 55 72.98 23.80 91.23
C LYS T 55 73.82 23.37 90.05
N MET T 56 73.24 23.48 88.87
CA MET T 56 73.85 23.02 87.62
C MET T 56 75.28 23.49 87.41
N GLN T 57 75.52 24.78 87.65
CA GLN T 57 76.83 25.39 87.43
C GLN T 57 77.86 24.92 88.46
N ALA T 58 77.47 24.96 89.73
CA ALA T 58 78.34 24.54 90.83
C ALA T 58 78.66 23.07 90.70
N ASN T 59 77.60 22.27 90.57
CA ASN T 59 77.69 20.84 90.32
C ASN T 59 78.49 20.45 89.05
N ASN T 60 78.52 21.32 88.04
CA ASN T 60 79.45 21.18 86.91
C ASN T 60 80.89 21.39 87.33
N ALA T 61 81.17 22.53 87.95
CA ALA T 61 82.52 22.86 88.44
C ALA T 61 83.08 21.84 89.44
N LYS T 62 82.21 21.22 90.25
CA LYS T 62 82.58 20.09 91.13
C LYS T 62 83.14 18.91 90.33
N ALA T 63 82.38 18.49 89.32
CA ALA T 63 82.80 17.42 88.42
C ALA T 63 84.01 17.84 87.57
N MET T 64 84.07 19.11 87.18
CA MET T 64 85.21 19.63 86.38
C MET T 64 86.51 19.71 87.15
N SER T 65 86.45 20.14 88.41
CA SER T 65 87.64 20.15 89.29
C SER T 65 87.99 18.77 89.85
N ALA T 66 86.98 17.91 90.02
CA ALA T 66 87.21 16.48 90.35
C ALA T 66 87.83 15.72 89.18
N ARG T 67 87.51 16.11 87.94
CA ARG T 67 88.12 15.52 86.74
C ARG T 67 89.34 16.27 86.20
N ALA T 68 89.54 17.52 86.65
CA ALA T 68 90.84 18.17 86.57
C ALA T 68 91.80 17.49 87.55
N GLU T 69 91.28 17.10 88.72
CA GLU T 69 92.03 16.28 89.70
C GLU T 69 92.21 14.80 89.31
N ALA T 70 91.26 14.22 88.57
CA ALA T 70 91.40 12.84 88.06
C ALA T 70 92.47 12.73 86.97
N ILE T 71 92.44 13.65 86.00
CA ILE T 71 93.47 13.73 84.93
C ILE T 71 94.84 14.22 85.45
N LYS T 72 94.85 15.07 86.47
CA LYS T 72 96.10 15.52 87.12
C LYS T 72 96.68 14.46 88.08
N ALA T 73 95.80 13.69 88.75
CA ALA T 73 96.23 12.54 89.56
C ALA T 73 96.75 11.37 88.70
N LEU T 74 96.28 11.29 87.45
CA LEU T 74 96.91 10.40 86.45
C LEU T 74 98.32 10.90 86.11
N VAL T 75 98.46 12.23 85.94
CA VAL T 75 99.77 12.87 85.75
C VAL T 75 100.56 12.85 87.06
N SER U 1 -72.24 39.31 -17.75
CA SER U 1 -70.93 39.84 -18.22
C SER U 1 -70.95 40.24 -19.70
N ILE U 2 -69.89 40.92 -20.11
CA ILE U 2 -69.75 41.43 -21.47
C ILE U 2 -68.74 40.59 -22.21
N ASN U 3 -68.99 39.29 -22.21
CA ASN U 3 -68.47 38.38 -23.20
C ASN U 3 -69.63 38.10 -24.14
N SER U 4 -70.73 37.61 -23.56
CA SER U 4 -71.91 37.17 -24.29
C SER U 4 -72.56 38.24 -25.17
N ARG U 5 -72.74 39.43 -24.60
CA ARG U 5 -73.30 40.56 -25.34
C ARG U 5 -72.37 40.99 -26.45
N LEU U 6 -71.08 41.03 -26.14
CA LEU U 6 -70.08 41.57 -27.04
C LEU U 6 -70.00 40.66 -28.25
N GLN U 7 -69.80 39.37 -27.98
CA GLN U 7 -69.90 38.28 -28.99
C GLN U 7 -71.02 38.46 -30.00
N LEU U 8 -72.19 38.79 -29.49
CA LEU U 8 -73.37 39.02 -30.32
C LEU U 8 -73.24 40.28 -31.20
N VAL U 9 -72.65 41.33 -30.64
CA VAL U 9 -72.44 42.59 -31.38
C VAL U 9 -71.48 42.39 -32.54
N MET U 10 -70.50 41.52 -32.36
CA MET U 10 -69.48 41.30 -33.37
C MET U 10 -70.14 40.70 -34.60
N LYS U 11 -70.89 39.63 -34.38
CA LYS U 11 -71.59 38.94 -35.45
C LYS U 11 -72.58 39.84 -36.19
N SER U 12 -73.42 40.54 -35.44
CA SER U 12 -74.59 41.24 -35.99
C SER U 12 -74.39 42.75 -36.22
N GLY U 13 -73.90 43.45 -35.19
CA GLY U 13 -73.74 44.90 -35.25
C GLY U 13 -72.55 45.44 -36.05
N LYS U 14 -72.13 46.66 -35.69
CA LYS U 14 -71.00 47.36 -36.32
C LYS U 14 -69.98 47.82 -35.29
N TYR U 15 -68.73 47.91 -35.72
CA TYR U 15 -67.64 48.22 -34.81
C TYR U 15 -66.39 48.70 -35.45
N VAL U 16 -65.57 49.22 -34.58
CA VAL U 16 -64.28 49.66 -34.91
C VAL U 16 -63.38 49.20 -33.79
N LEU U 17 -62.28 48.52 -34.16
CA LEU U 17 -61.30 48.01 -33.20
C LEU U 17 -60.07 48.90 -33.06
N GLY U 18 -59.72 49.15 -31.80
CA GLY U 18 -58.39 49.61 -31.40
C GLY U 18 -58.27 51.07 -31.09
N TYR U 19 -57.66 51.79 -31.99
CA TYR U 19 -57.48 53.20 -31.82
C TYR U 19 -57.64 53.80 -33.19
N LYS U 20 -57.96 55.08 -33.16
CA LYS U 20 -57.63 56.03 -34.19
C LYS U 20 -58.84 55.98 -35.08
N GLN U 21 -59.21 54.78 -35.49
CA GLN U 21 -60.56 54.53 -35.92
C GLN U 21 -61.55 54.81 -34.76
N THR U 22 -61.28 54.28 -33.57
CA THR U 22 -62.20 54.47 -32.42
C THR U 22 -62.33 55.93 -32.08
N LEU U 23 -61.19 56.61 -32.10
CA LEU U 23 -61.15 58.00 -31.77
C LEU U 23 -61.80 58.81 -32.88
N LYS U 24 -61.63 58.40 -34.14
CA LYS U 24 -62.38 59.03 -35.26
C LYS U 24 -63.86 58.86 -35.09
N MET U 25 -64.28 57.68 -34.65
CA MET U 25 -65.70 57.41 -34.41
C MET U 25 -66.29 58.12 -33.21
N ILE U 26 -65.44 58.54 -32.29
CA ILE U 26 -65.87 59.47 -31.27
C ILE U 26 -65.92 60.89 -31.86
N ARG U 27 -64.88 61.28 -32.60
CA ARG U 27 -64.80 62.58 -33.32
C ARG U 27 -66.05 62.85 -34.13
N GLN U 28 -66.41 61.86 -34.95
CA GLN U 28 -67.61 61.88 -35.76
C GLN U 28 -68.88 61.86 -34.91
N GLY U 29 -68.80 61.19 -33.77
CA GLY U 29 -69.89 61.13 -32.79
C GLY U 29 -70.78 59.92 -32.95
N LYS U 30 -70.41 59.01 -33.86
CA LYS U 30 -71.27 57.90 -34.25
C LYS U 30 -70.95 56.62 -33.48
N ALA U 31 -70.32 56.74 -32.30
CA ALA U 31 -69.92 55.60 -31.50
C ALA U 31 -70.34 55.85 -30.08
N LYS U 32 -71.12 54.93 -29.52
CA LYS U 32 -71.77 55.17 -28.23
C LYS U 32 -71.60 54.03 -27.23
N LEU U 33 -70.53 53.27 -27.41
CA LEU U 33 -69.93 52.55 -26.32
C LEU U 33 -68.47 52.27 -26.65
N VAL U 34 -67.58 52.95 -25.92
CA VAL U 34 -66.14 52.72 -26.04
C VAL U 34 -65.72 51.72 -24.97
N ILE U 35 -65.28 50.55 -25.40
CA ILE U 35 -64.79 49.54 -24.49
C ILE U 35 -63.28 49.60 -24.43
N LEU U 36 -62.76 50.28 -23.42
CA LEU U 36 -61.36 50.17 -23.06
C LEU U 36 -61.18 48.86 -22.34
N ALA U 37 -59.95 48.38 -22.30
CA ALA U 37 -59.57 47.37 -21.33
C ALA U 37 -58.87 48.06 -20.16
N ASN U 38 -58.47 47.26 -19.18
CA ASN U 38 -57.30 47.56 -18.34
C ASN U 38 -56.09 47.32 -19.25
N ASN U 39 -54.88 47.67 -18.85
CA ASN U 39 -53.71 47.62 -19.77
C ASN U 39 -53.68 48.66 -20.88
N CYS U 40 -54.79 49.31 -21.19
CA CYS U 40 -54.66 50.54 -21.94
C CYS U 40 -53.89 51.46 -20.98
N PRO U 41 -52.72 51.95 -21.42
CA PRO U 41 -51.84 52.70 -20.54
C PRO U 41 -52.47 54.01 -20.19
N ALA U 42 -52.29 54.40 -18.94
CA ALA U 42 -53.23 55.26 -18.26
C ALA U 42 -53.38 56.67 -18.85
N LEU U 43 -52.48 57.09 -19.75
CA LEU U 43 -52.70 58.32 -20.50
C LEU U 43 -53.89 58.10 -21.43
N ARG U 44 -53.81 57.07 -22.24
CA ARG U 44 -54.81 56.80 -23.28
C ARG U 44 -56.18 56.55 -22.68
N LYS U 45 -56.20 55.87 -21.54
CA LYS U 45 -57.41 55.77 -20.74
C LYS U 45 -57.97 57.17 -20.57
N SER U 46 -57.22 58.05 -19.92
CA SER U 46 -57.77 59.35 -19.49
C SER U 46 -58.07 60.23 -20.67
N GLU U 47 -57.36 60.05 -21.78
CA GLU U 47 -57.59 60.87 -22.96
C GLU U 47 -58.69 60.32 -23.88
N ILE U 48 -59.02 59.03 -23.79
CA ILE U 48 -60.22 58.50 -24.44
C ILE U 48 -61.42 58.75 -23.54
N GLU U 49 -61.26 58.42 -22.27
CA GLU U 49 -62.30 58.60 -21.28
C GLU U 49 -62.76 60.05 -21.19
N TYR U 50 -61.81 61.00 -21.23
CA TYR U 50 -62.12 62.42 -21.42
C TYR U 50 -62.75 62.61 -22.81
N TYR U 51 -62.01 62.20 -23.84
CA TYR U 51 -62.38 62.54 -25.20
C TYR U 51 -63.75 61.91 -25.61
N ALA U 52 -64.28 60.97 -24.83
CA ALA U 52 -65.65 60.46 -24.99
C ALA U 52 -66.67 61.20 -24.12
N MET U 53 -66.35 61.42 -22.85
CA MET U 53 -67.20 62.23 -21.92
C MET U 53 -67.78 63.46 -22.60
N LEU U 54 -66.92 64.13 -23.36
CA LEU U 54 -67.28 65.36 -24.04
C LEU U 54 -68.33 65.08 -25.13
N ALA U 55 -68.18 63.97 -25.85
CA ALA U 55 -69.20 63.51 -26.83
C ALA U 55 -70.49 63.01 -26.22
N LYS U 56 -70.43 62.58 -24.96
CA LYS U 56 -71.53 61.94 -24.24
C LYS U 56 -71.71 60.53 -24.78
N THR U 57 -70.75 59.69 -24.40
CA THR U 57 -70.68 58.29 -24.79
C THR U 57 -70.34 57.48 -23.54
N GLY U 58 -70.96 56.31 -23.42
CA GLY U 58 -70.67 55.40 -22.32
C GLY U 58 -69.32 54.77 -22.52
N VAL U 59 -68.54 54.68 -21.45
CA VAL U 59 -67.25 54.04 -21.48
C VAL U 59 -67.34 52.75 -20.68
N HIS U 60 -66.53 51.75 -21.05
CA HIS U 60 -66.38 50.54 -20.27
C HIS U 60 -64.93 50.22 -19.98
N HIS U 61 -64.57 50.09 -18.71
CA HIS U 61 -63.26 49.54 -18.37
C HIS U 61 -63.58 48.08 -18.04
N TYR U 62 -63.66 47.32 -19.14
CA TYR U 62 -63.76 45.88 -19.14
C TYR U 62 -62.65 45.29 -18.27
N SER U 63 -63.00 44.37 -17.37
CA SER U 63 -62.00 43.65 -16.56
C SER U 63 -61.22 42.66 -17.44
N GLY U 64 -60.23 43.20 -18.17
CA GLY U 64 -59.69 42.57 -19.39
C GLY U 64 -58.18 42.46 -19.43
N ASN U 65 -57.55 42.83 -20.55
CA ASN U 65 -56.10 42.58 -20.72
C ASN U 65 -55.31 43.29 -21.84
N ASN U 66 -55.93 44.12 -22.67
CA ASN U 66 -55.69 44.15 -24.13
C ASN U 66 -56.39 42.79 -24.57
N ILE U 67 -55.87 41.60 -24.15
CA ILE U 67 -56.15 40.26 -24.79
C ILE U 67 -57.54 39.72 -24.55
N GLU U 68 -57.88 39.48 -23.29
CA GLU U 68 -59.24 39.18 -22.87
C GLU U 68 -60.11 40.35 -23.32
N LEU U 69 -60.43 40.34 -24.61
CA LEU U 69 -61.14 41.41 -25.28
C LEU U 69 -61.05 41.03 -26.72
N GLY U 70 -59.82 40.84 -27.16
CA GLY U 70 -59.54 40.22 -28.44
C GLY U 70 -60.20 38.88 -28.53
N THR U 71 -59.88 38.03 -27.58
CA THR U 71 -60.56 36.76 -27.46
C THR U 71 -62.08 36.92 -27.35
N ALA U 72 -62.52 37.87 -26.53
CA ALA U 72 -63.95 38.18 -26.37
C ALA U 72 -64.60 38.74 -27.64
N CYS U 73 -63.83 39.43 -28.47
CA CYS U 73 -64.34 39.94 -29.74
C CYS U 73 -64.46 38.91 -30.86
N GLY U 74 -64.18 37.64 -30.56
CA GLY U 74 -64.00 36.64 -31.62
C GLY U 74 -62.83 36.95 -32.54
N LYS U 75 -62.08 38.02 -32.23
CA LYS U 75 -60.81 38.29 -32.86
C LYS U 75 -59.88 37.37 -32.15
N TYR U 76 -58.71 37.27 -32.71
CA TYR U 76 -57.83 36.17 -32.45
C TYR U 76 -56.55 36.83 -31.96
N TYR U 77 -56.73 37.95 -31.24
CA TYR U 77 -55.72 39.01 -31.21
C TYR U 77 -55.86 40.27 -30.35
N ARG U 78 -54.79 41.01 -30.26
CA ARG U 78 -54.66 42.15 -29.36
C ARG U 78 -55.54 43.36 -29.69
N VAL U 79 -56.54 43.64 -28.85
CA VAL U 79 -57.35 44.85 -28.97
C VAL U 79 -57.51 45.53 -27.64
N CYS U 80 -56.87 46.68 -27.50
CA CYS U 80 -56.86 47.42 -26.24
C CYS U 80 -58.20 48.12 -26.04
N THR U 81 -58.57 48.89 -27.05
CA THR U 81 -59.77 49.69 -27.03
C THR U 81 -60.66 49.16 -28.14
N LEU U 82 -61.95 49.47 -28.05
CA LEU U 82 -62.85 49.37 -29.20
C LEU U 82 -64.06 50.28 -29.00
N ALA U 83 -64.71 50.60 -30.12
CA ALA U 83 -65.92 51.42 -30.11
C ALA U 83 -67.01 50.68 -30.85
N ILE U 84 -68.19 50.68 -30.25
CA ILE U 84 -69.38 50.06 -30.82
C ILE U 84 -70.21 51.16 -31.45
N ILE U 85 -70.47 51.01 -32.74
CA ILE U 85 -71.28 51.98 -33.47
C ILE U 85 -72.75 51.62 -33.34
N ASP U 86 -73.11 50.41 -33.78
CA ASP U 86 -74.51 49.94 -33.79
C ASP U 86 -74.59 48.51 -33.29
N PRO U 87 -75.42 48.24 -32.28
CA PRO U 87 -75.61 46.84 -31.88
C PRO U 87 -76.57 46.05 -32.80
N GLY U 88 -76.54 44.73 -32.68
CA GLY U 88 -77.52 43.83 -33.31
C GLY U 88 -78.79 43.75 -32.48
N ASP U 89 -79.26 42.54 -32.15
CA ASP U 89 -80.30 42.40 -31.10
C ASP U 89 -79.70 42.63 -29.69
N SER U 90 -78.38 42.47 -29.57
CA SER U 90 -77.66 42.68 -28.31
C SER U 90 -78.07 43.94 -27.57
N ASP U 91 -78.50 43.79 -26.31
CA ASP U 91 -78.60 44.93 -25.41
C ASP U 91 -77.30 45.08 -24.62
N ILE U 92 -76.25 45.45 -25.36
CA ILE U 92 -75.01 45.91 -24.77
C ILE U 92 -75.20 47.37 -24.35
N ILE U 93 -75.90 48.14 -25.19
CA ILE U 93 -76.21 49.54 -24.89
C ILE U 93 -77.41 49.61 -23.95
N ARG U 94 -77.34 50.56 -23.01
CA ARG U 94 -78.26 50.67 -21.89
C ARG U 94 -79.11 51.94 -22.04
N ASN V 1 53.04 32.16 -85.03
CA ASN V 1 53.05 30.69 -84.68
C ASN V 1 52.15 30.35 -83.47
N GLU V 2 52.19 31.19 -82.44
CA GLU V 2 51.51 30.93 -81.15
C GLU V 2 50.47 32.02 -80.78
N VAL V 3 49.51 32.21 -81.67
CA VAL V 3 48.33 33.04 -81.39
C VAL V 3 47.12 32.33 -82.00
N VAL V 4 47.01 31.06 -81.64
CA VAL V 4 46.16 30.13 -82.33
C VAL V 4 44.89 29.90 -81.56
N THR V 5 43.82 29.63 -82.29
CA THR V 5 42.53 29.33 -81.73
C THR V 5 42.15 27.92 -82.15
N ARG V 6 41.30 27.27 -81.36
CA ARG V 6 40.95 25.87 -81.61
C ARG V 6 39.64 25.43 -80.90
N GLU V 7 38.94 24.42 -81.43
CA GLU V 7 37.62 23.99 -80.91
C GLU V 7 37.69 23.02 -79.70
N TYR V 8 38.43 23.38 -78.65
CA TYR V 8 38.82 22.36 -77.67
C TYR V 8 37.57 21.84 -76.85
N THR V 9 36.90 20.77 -77.35
CA THR V 9 35.61 20.19 -76.76
C THR V 9 35.70 19.40 -75.43
N ILE V 10 35.21 20.05 -74.38
CA ILE V 10 35.39 19.61 -73.01
C ILE V 10 34.20 18.76 -72.66
N ASN V 11 34.40 17.46 -72.43
CA ASN V 11 33.41 16.67 -71.69
C ASN V 11 33.62 16.97 -70.20
N ILE V 12 32.58 17.60 -69.67
CA ILE V 12 32.53 18.09 -68.31
C ILE V 12 31.93 17.03 -67.40
N HIS V 13 30.99 16.27 -67.95
CA HIS V 13 30.35 15.19 -67.22
C HIS V 13 31.33 14.20 -66.56
N LYS V 14 32.54 14.06 -67.12
CA LYS V 14 33.59 13.24 -66.54
C LYS V 14 34.67 14.02 -65.80
N ARG V 15 34.56 15.33 -65.81
CA ARG V 15 35.46 16.15 -65.03
C ARG V 15 34.80 16.43 -63.69
N ILE V 16 33.50 16.65 -63.72
CA ILE V 16 32.68 16.82 -62.55
C ILE V 16 32.04 15.49 -62.33
N HIS V 17 32.44 14.75 -61.31
CA HIS V 17 31.72 13.54 -60.97
C HIS V 17 32.08 13.09 -59.59
N GLY V 18 31.07 13.04 -58.73
CA GLY V 18 31.21 12.64 -57.34
C GLY V 18 31.55 13.90 -56.60
N VAL V 19 30.74 14.93 -56.85
CA VAL V 19 31.05 16.27 -56.41
C VAL V 19 29.78 17.05 -56.15
N GLY V 20 29.54 17.28 -54.87
CA GLY V 20 28.55 18.24 -54.43
C GLY V 20 27.15 18.00 -54.93
N PHE V 21 26.74 18.92 -55.80
CA PHE V 21 25.36 19.37 -55.97
C PHE V 21 25.36 20.84 -55.62
N LYS V 22 26.30 21.28 -54.79
CA LYS V 22 26.51 22.71 -54.58
C LYS V 22 27.85 23.17 -55.13
N LYS V 23 28.63 22.25 -55.68
CA LYS V 23 29.92 22.58 -56.24
C LYS V 23 30.13 21.92 -57.59
N ARG V 24 29.06 21.69 -58.33
CA ARG V 24 29.20 21.15 -59.68
C ARG V 24 29.52 22.30 -60.62
N ALA V 25 28.55 23.16 -60.85
CA ALA V 25 28.74 24.26 -61.80
C ALA V 25 29.82 25.28 -61.44
N PRO V 26 30.26 25.31 -60.18
CA PRO V 26 31.54 25.93 -59.86
C PRO V 26 32.73 25.13 -60.36
N ARG V 27 32.85 23.86 -59.97
CA ARG V 27 34.02 23.07 -60.37
C ARG V 27 34.02 22.72 -61.86
N ALA V 28 32.90 22.93 -62.53
CA ALA V 28 32.89 22.96 -63.98
C ALA V 28 33.95 23.92 -64.47
N LEU V 29 33.89 25.16 -63.97
CA LEU V 29 34.74 26.24 -64.45
C LEU V 29 36.18 26.11 -64.01
N LYS V 30 36.43 25.61 -62.80
CA LYS V 30 37.80 25.31 -62.40
C LYS V 30 38.40 24.28 -63.34
N GLU V 31 37.60 23.32 -63.79
CA GLU V 31 38.11 22.31 -64.72
C GLU V 31 38.05 22.69 -66.18
N ILE V 32 37.22 23.64 -66.58
CA ILE V 32 37.35 24.27 -67.90
C ILE V 32 38.69 24.99 -67.97
N ARG V 33 38.97 25.69 -66.89
CA ARG V 33 40.17 26.52 -66.75
C ARG V 33 41.44 25.70 -66.65
N LYS V 34 41.42 24.64 -65.83
CA LYS V 34 42.53 23.66 -65.83
C LYS V 34 42.65 22.91 -67.16
N PHE V 35 41.55 22.68 -67.85
CA PHE V 35 41.60 22.12 -69.21
C PHE V 35 42.35 23.08 -70.16
N ALA V 36 42.09 24.37 -70.03
CA ALA V 36 42.78 25.41 -70.82
C ALA V 36 44.25 25.67 -70.43
N MET V 37 44.75 25.04 -69.37
CA MET V 37 46.17 25.09 -69.02
C MET V 37 46.93 24.07 -69.86
N LYS V 38 46.39 22.85 -69.91
CA LYS V 38 46.99 21.81 -70.71
C LYS V 38 47.05 22.21 -72.18
N GLU V 39 45.90 22.47 -72.77
CA GLU V 39 45.80 22.63 -74.22
C GLU V 39 46.61 23.83 -74.72
N MET V 40 46.57 24.92 -73.95
CA MET V 40 47.34 26.12 -74.22
C MET V 40 48.28 26.32 -73.05
N GLY V 41 49.58 26.17 -73.27
CA GLY V 41 50.56 26.37 -72.19
C GLY V 41 50.61 27.77 -71.62
N THR V 42 49.62 28.11 -70.80
CA THR V 42 49.50 29.42 -70.18
C THR V 42 48.82 29.30 -68.83
N PRO V 43 49.35 29.94 -67.79
CA PRO V 43 48.68 29.97 -66.49
C PRO V 43 47.55 31.01 -66.42
N ASP V 44 47.51 31.94 -67.37
CA ASP V 44 46.46 32.95 -67.45
C ASP V 44 45.37 32.38 -68.35
N VAL V 45 44.16 32.26 -67.81
CA VAL V 45 43.00 31.84 -68.59
C VAL V 45 41.86 32.74 -68.20
N ARG V 46 41.11 33.19 -69.19
CA ARG V 46 40.15 34.28 -69.04
C ARG V 46 38.86 33.86 -69.71
N ILE V 47 38.10 33.10 -68.94
CA ILE V 47 36.87 32.46 -69.37
C ILE V 47 35.72 33.43 -69.57
N ASP V 48 35.15 33.46 -70.77
CA ASP V 48 34.20 34.52 -71.12
C ASP V 48 32.87 34.39 -70.39
N THR V 49 32.23 35.53 -70.11
CA THR V 49 30.92 35.61 -69.42
C THR V 49 29.85 34.84 -70.16
N ARG V 50 29.89 34.95 -71.46
CA ARG V 50 29.03 34.18 -72.30
C ARG V 50 29.22 32.65 -72.16
N LEU V 51 30.43 32.19 -71.84
CA LEU V 51 30.66 30.77 -71.50
C LEU V 51 30.12 30.42 -70.13
N ASN V 52 30.65 31.13 -69.12
CA ASN V 52 30.09 31.13 -67.76
C ASN V 52 28.60 30.87 -67.77
N LYS V 53 27.84 31.81 -68.34
CA LYS V 53 26.39 31.75 -68.35
C LYS V 53 25.85 30.40 -68.78
N ALA V 54 26.50 29.77 -69.74
CA ALA V 54 26.00 28.52 -70.27
C ALA V 54 26.57 27.28 -69.61
N VAL V 55 27.67 27.40 -68.89
CA VAL V 55 28.12 26.29 -68.02
C VAL V 55 27.13 26.06 -66.89
N TRP V 56 26.35 27.10 -66.64
CA TRP V 56 25.81 27.40 -65.35
C TRP V 56 24.31 27.67 -65.57
N ALA V 57 23.76 27.08 -66.65
CA ALA V 57 22.47 27.45 -67.23
C ALA V 57 21.38 26.45 -66.94
N LYS V 58 21.73 25.38 -66.24
CA LYS V 58 20.75 24.49 -65.70
C LYS V 58 21.02 24.34 -64.22
N GLY V 59 21.22 25.46 -63.54
CA GLY V 59 21.46 25.50 -62.11
C GLY V 59 22.77 24.87 -61.73
N ILE V 60 23.02 24.78 -60.44
CA ILE V 60 24.24 24.16 -60.01
C ILE V 60 24.21 22.72 -60.47
N ARG V 61 23.25 21.94 -59.98
CA ARG V 61 23.35 20.48 -60.01
C ARG V 61 23.56 19.93 -61.39
N ASN V 62 22.71 20.36 -62.30
CA ASN V 62 22.66 19.77 -63.62
C ASN V 62 23.58 20.61 -64.50
N VAL V 63 24.85 20.22 -64.59
CA VAL V 63 25.76 20.92 -65.47
C VAL V 63 25.59 20.30 -66.85
N PRO V 64 25.74 21.10 -67.91
CA PRO V 64 25.75 20.47 -69.22
C PRO V 64 26.89 19.47 -69.38
N TYR V 65 26.62 18.45 -70.18
CA TYR V 65 27.44 17.26 -70.18
C TYR V 65 28.74 17.48 -70.93
N ARG V 66 28.62 18.05 -72.10
CA ARG V 66 29.75 18.50 -72.86
C ARG V 66 29.59 20.00 -73.14
N ILE V 67 30.68 20.63 -73.56
CA ILE V 67 30.72 22.03 -73.94
C ILE V 67 31.81 22.17 -74.99
N ARG V 68 31.55 22.84 -76.11
CA ARG V 68 32.60 23.13 -77.09
C ARG V 68 33.06 24.60 -77.12
N VAL V 69 34.38 24.81 -77.25
CA VAL V 69 34.98 26.05 -76.75
C VAL V 69 36.14 26.69 -77.60
N ARG V 70 36.12 28.04 -77.81
CA ARG V 70 37.02 28.77 -78.79
C ARG V 70 38.15 29.07 -77.85
N LEU V 71 38.99 28.05 -77.69
CA LEU V 71 40.12 28.12 -76.82
C LEU V 71 41.17 28.89 -77.63
N SER V 72 41.23 30.22 -77.39
CA SER V 72 42.00 31.15 -78.22
C SER V 72 43.06 31.87 -77.41
N ARG V 73 44.31 31.70 -77.83
CA ARG V 73 45.46 32.31 -77.17
C ARG V 73 45.81 33.55 -77.95
N LYS V 74 46.13 34.62 -77.22
CA LYS V 74 46.38 35.95 -77.79
C LYS V 74 47.61 36.59 -77.15
N ARG V 75 48.05 37.68 -77.76
CA ARG V 75 49.32 38.35 -77.43
C ARG V 75 49.45 38.72 -75.95
N ASN V 76 48.40 39.36 -75.43
CA ASN V 76 48.45 40.19 -74.22
C ASN V 76 48.96 41.59 -74.61
N GLU V 77 48.06 42.34 -75.27
CA GLU V 77 48.27 43.73 -75.72
C GLU V 77 48.87 44.72 -74.71
N ASP V 78 48.26 44.83 -73.53
CA ASP V 78 48.48 45.95 -72.61
C ASP V 78 49.53 45.62 -71.57
N GLU V 79 49.21 44.60 -70.79
CA GLU V 79 49.89 44.28 -69.53
C GLU V 79 51.42 44.24 -69.66
N ASP V 80 52.09 44.84 -68.67
CA ASP V 80 53.53 44.68 -68.45
C ASP V 80 53.82 43.47 -67.52
N SER V 81 52.74 42.89 -66.96
CA SER V 81 52.72 41.61 -66.23
C SER V 81 53.67 40.53 -66.80
N PRO V 82 54.21 39.64 -65.93
CA PRO V 82 55.09 38.53 -66.38
C PRO V 82 54.50 37.70 -67.53
N ASN V 83 53.20 37.46 -67.45
CA ASN V 83 52.49 36.72 -68.48
C ASN V 83 52.25 37.56 -69.72
N LYS V 84 53.11 37.34 -70.71
CA LYS V 84 52.72 37.54 -72.09
C LYS V 84 51.95 36.26 -72.44
N LEU V 85 51.13 36.31 -73.48
CA LEU V 85 50.25 35.19 -73.85
C LEU V 85 49.06 34.98 -72.87
N TYR V 86 47.85 35.05 -73.43
CA TYR V 86 46.59 35.12 -72.70
C TYR V 86 46.09 33.71 -72.42
N THR V 87 44.77 33.55 -72.42
CA THR V 87 44.05 32.47 -73.11
C THR V 87 42.55 32.67 -72.94
N LEU V 88 41.86 33.04 -74.01
CA LEU V 88 40.43 33.31 -73.94
C LEU V 88 39.66 32.05 -74.31
N VAL V 89 38.54 31.82 -73.63
CA VAL V 89 37.70 30.64 -73.79
C VAL V 89 36.29 31.18 -74.05
N THR V 90 35.53 30.61 -74.99
CA THR V 90 34.27 31.22 -75.50
C THR V 90 33.23 30.16 -75.97
N TYR V 91 31.97 30.52 -76.31
CA TYR V 91 31.08 29.51 -76.96
C TYR V 91 31.38 29.14 -78.38
N VAL V 92 31.04 27.89 -78.68
CA VAL V 92 30.26 27.61 -79.87
C VAL V 92 29.01 26.95 -79.40
N PRO V 93 27.87 27.63 -79.59
CA PRO V 93 26.65 26.91 -79.37
C PRO V 93 26.51 25.90 -80.50
N VAL V 94 26.19 24.66 -80.17
CA VAL V 94 26.13 23.57 -81.14
C VAL V 94 24.91 22.72 -80.84
N THR V 95 24.40 22.08 -81.89
CA THR V 95 23.23 21.20 -81.80
C THR V 95 23.56 19.83 -81.24
N THR V 96 24.54 19.17 -81.85
CA THR V 96 24.94 17.85 -81.45
C THR V 96 26.44 17.76 -81.38
N PHE V 97 26.91 16.92 -80.46
CA PHE V 97 28.31 16.67 -80.28
C PHE V 97 28.76 15.35 -80.89
N LYS V 98 27.94 14.76 -81.75
CA LYS V 98 28.25 13.47 -82.36
C LYS V 98 29.27 13.61 -83.48
N ASN V 99 30.16 12.64 -83.54
CA ASN V 99 31.18 12.55 -84.57
C ASN V 99 32.03 13.83 -84.76
N LEU V 100 32.08 14.67 -83.72
CA LEU V 100 32.83 15.93 -83.79
C LEU V 100 34.31 15.69 -83.69
N GLN V 101 35.09 16.75 -83.65
CA GLN V 101 36.51 16.63 -83.75
C GLN V 101 37.15 17.79 -82.99
N THR V 102 38.24 18.35 -83.51
CA THR V 102 39.26 18.95 -82.68
C THR V 102 40.05 19.98 -83.49
N VAL V 103 39.32 20.95 -84.01
CA VAL V 103 39.73 21.71 -85.20
C VAL V 103 40.47 23.03 -84.87
N ASN V 104 41.36 23.45 -85.78
CA ASN V 104 42.19 24.67 -85.62
C ASN V 104 41.50 25.72 -86.46
N VAL V 105 40.99 26.75 -85.80
CA VAL V 105 40.27 27.80 -86.49
C VAL V 105 41.28 28.67 -87.26
N ASP V 106 40.86 29.14 -88.44
CA ASP V 106 41.56 30.20 -89.19
C ASP V 106 40.73 31.48 -89.04
N GLU V 107 41.39 32.64 -89.17
CA GLU V 107 40.71 33.92 -89.03
C GLU V 107 39.96 34.28 -90.31
N ALA W 1 107.82 38.45 -7.40
CA ALA W 1 108.70 38.37 -6.18
C ALA W 1 108.29 39.45 -5.16
N ALA W 2 107.02 39.41 -4.74
CA ALA W 2 106.46 40.42 -3.84
C ALA W 2 106.52 39.96 -2.40
N LEU W 3 106.77 40.92 -1.51
CA LEU W 3 106.37 40.87 -0.09
C LEU W 3 105.97 39.47 0.43
N ARG W 4 106.99 38.67 0.75
CA ARG W 4 106.81 37.35 1.36
C ARG W 4 106.27 37.49 2.78
N PRO W 5 105.60 36.43 3.28
CA PRO W 5 105.13 36.46 4.68
C PRO W 5 106.18 36.28 5.73
N LEU W 6 105.78 36.55 6.96
CA LEU W 6 106.58 36.22 8.10
C LEU W 6 106.76 34.72 8.11
N VAL W 7 105.65 34.02 7.88
CA VAL W 7 105.63 32.58 8.00
C VAL W 7 104.54 32.03 7.08
N LYS W 8 104.90 31.05 6.27
CA LYS W 8 103.98 30.49 5.30
C LYS W 8 103.70 29.06 5.73
N PRO W 9 102.56 28.84 6.42
CA PRO W 9 102.24 27.49 6.87
C PRO W 9 101.45 26.77 5.80
N LYS W 10 101.25 25.48 6.02
CA LYS W 10 100.38 24.69 5.15
C LYS W 10 98.95 25.02 5.49
N ILE W 11 98.27 25.71 4.58
CA ILE W 11 96.84 25.99 4.74
C ILE W 11 96.10 24.75 4.31
N VAL W 12 95.23 24.27 5.20
CA VAL W 12 94.41 23.10 4.93
C VAL W 12 92.95 23.47 5.16
N LYS W 13 92.09 22.94 4.30
CA LYS W 13 90.68 23.25 4.30
C LYS W 13 89.87 21.96 4.26
N LYS W 14 89.11 21.73 5.31
CA LYS W 14 88.46 20.43 5.53
C LYS W 14 87.40 20.13 4.48
N ARG W 15 86.77 21.16 3.97
CA ARG W 15 85.96 21.03 2.79
C ARG W 15 86.06 22.33 2.08
N THR W 16 86.26 22.20 0.78
CA THR W 16 86.60 23.32 -0.06
C THR W 16 85.38 23.90 -0.76
N LYS W 17 84.26 23.17 -0.67
CA LYS W 17 83.08 23.42 -1.47
C LYS W 17 81.98 24.11 -0.70
N LYS W 18 81.07 24.70 -1.46
CA LYS W 18 79.99 25.52 -0.93
C LYS W 18 78.86 24.70 -0.36
N PHE W 19 78.02 25.37 0.38
CA PHE W 19 76.99 24.73 1.15
C PHE W 19 75.65 25.14 0.62
N ILE W 20 75.30 24.51 -0.49
CA ILE W 20 74.06 24.86 -1.17
C ILE W 20 72.83 24.46 -0.35
N ARG W 21 71.72 25.16 -0.60
CA ARG W 21 70.48 24.86 0.07
C ARG W 21 69.78 23.74 -0.67
N HIS W 22 69.11 22.89 0.10
CA HIS W 22 68.24 21.83 -0.40
C HIS W 22 67.30 22.31 -1.48
N GLN W 23 67.33 21.65 -2.62
CA GLN W 23 66.51 22.00 -3.78
C GLN W 23 66.77 23.39 -4.38
N SER W 24 67.92 24.02 -4.07
CA SER W 24 68.37 25.25 -4.77
C SER W 24 68.61 25.08 -6.28
N ASP W 25 68.48 23.83 -6.73
CA ASP W 25 68.87 23.35 -8.05
C ASP W 25 67.64 23.33 -8.94
N ARG W 26 66.59 22.70 -8.43
CA ARG W 26 65.30 22.66 -9.10
C ARG W 26 64.66 24.03 -9.24
N TYR W 27 64.54 24.74 -8.12
CA TYR W 27 63.81 25.98 -8.09
C TYR W 27 64.76 27.16 -8.26
N VAL W 28 64.27 28.17 -8.96
CA VAL W 28 65.04 29.37 -9.18
C VAL W 28 64.76 30.36 -8.06
N LYS W 29 63.59 30.23 -7.41
CA LYS W 29 63.22 31.07 -6.25
C LYS W 29 64.05 30.84 -4.98
N ILE W 30 64.91 29.83 -5.01
CA ILE W 30 65.82 29.54 -3.93
C ILE W 30 67.23 29.94 -4.31
N LYS W 31 67.81 30.74 -3.44
CA LYS W 31 69.21 31.10 -3.56
C LYS W 31 70.05 29.96 -2.97
N ARG W 32 71.26 29.81 -3.50
CA ARG W 32 72.17 28.76 -3.03
C ARG W 32 72.43 28.88 -1.54
N ASN W 33 72.61 30.12 -1.08
CA ASN W 33 72.58 30.49 0.35
C ASN W 33 71.96 29.47 1.31
N TRP W 34 72.72 29.01 2.29
CA TRP W 34 72.17 28.10 3.28
C TRP W 34 70.86 28.72 3.94
N ARG W 35 69.76 27.92 3.97
CA ARG W 35 68.61 28.01 4.94
C ARG W 35 68.24 26.68 5.59
N LYS W 36 68.45 26.55 6.92
CA LYS W 36 68.50 25.21 7.54
C LYS W 36 67.16 24.55 7.61
N PRO W 37 67.08 23.30 7.15
CA PRO W 37 65.81 22.77 6.81
C PRO W 37 65.11 22.08 7.97
N ARG W 38 63.91 22.58 8.26
CA ARG W 38 63.16 22.22 9.45
C ARG W 38 61.90 21.50 9.05
N GLY W 39 62.00 20.67 8.01
CA GLY W 39 60.89 19.87 7.56
C GLY W 39 60.71 18.76 8.54
N ILE W 40 59.48 18.30 8.73
CA ILE W 40 59.27 17.20 9.65
C ILE W 40 59.91 16.01 8.99
N ASP W 41 59.53 15.79 7.73
CA ASP W 41 59.93 14.60 7.00
C ASP W 41 61.30 14.75 6.34
N ASN W 42 61.87 15.95 6.31
CA ASN W 42 62.87 16.20 5.27
C ASN W 42 64.16 15.42 5.50
N ARG W 43 64.56 14.77 4.42
CA ARG W 43 65.63 13.81 4.40
C ARG W 43 67.00 14.40 4.72
N VAL W 44 67.38 15.52 4.13
CA VAL W 44 68.60 16.21 4.51
C VAL W 44 68.86 16.33 6.00
N ARG W 45 67.83 16.70 6.73
CA ARG W 45 68.01 17.26 8.04
C ARG W 45 68.17 16.12 9.01
N ARG W 46 67.44 15.04 8.76
CA ARG W 46 67.68 13.77 9.39
C ARG W 46 68.89 13.35 8.59
N ARG W 47 70.09 13.43 9.14
CA ARG W 47 71.28 13.31 8.29
C ARG W 47 71.29 11.95 7.64
N PHE W 48 70.76 11.95 6.44
CA PHE W 48 70.44 10.77 5.72
C PHE W 48 71.61 10.67 4.74
N LYS W 49 71.58 9.69 3.88
CA LYS W 49 72.78 9.27 3.18
C LYS W 49 72.79 9.77 1.76
N GLY W 50 73.98 10.11 1.28
CA GLY W 50 74.15 10.70 -0.04
C GLY W 50 73.20 11.83 -0.34
N GLN W 51 72.94 12.69 0.65
CA GLN W 51 72.13 13.89 0.50
C GLN W 51 73.08 15.04 0.78
N ILE W 52 72.61 16.28 0.62
CA ILE W 52 73.50 17.42 0.81
C ILE W 52 73.91 17.51 2.27
N LEU W 53 75.16 17.91 2.50
CA LEU W 53 75.71 17.90 3.83
C LEU W 53 75.39 19.21 4.50
N MET W 54 75.27 19.15 5.81
CA MET W 54 74.83 20.28 6.60
C MET W 54 75.98 21.00 7.24
N PRO W 55 75.93 22.34 7.28
CA PRO W 55 77.08 23.04 7.78
C PRO W 55 77.04 22.97 9.28
N ASN W 56 78.06 22.37 9.83
CA ASN W 56 78.06 22.15 11.23
C ASN W 56 79.41 22.77 11.65
N ILE W 57 79.67 22.81 12.94
CA ILE W 57 80.87 23.45 13.43
C ILE W 57 82.13 22.71 13.16
N GLY W 58 82.22 21.46 13.61
CA GLY W 58 83.53 20.81 13.76
C GLY W 58 84.11 20.41 12.44
N TYR W 59 83.74 21.20 11.47
CA TYR W 59 83.96 20.90 10.13
C TYR W 59 84.17 22.32 9.56
N GLY W 60 84.99 23.04 10.35
CA GLY W 60 85.40 24.42 10.20
C GLY W 60 86.90 24.43 10.43
N SER W 61 87.54 25.60 10.51
CA SER W 61 88.97 25.69 10.10
C SER W 61 89.98 26.06 11.16
N ASN W 62 91.21 25.59 10.92
CA ASN W 62 92.35 25.67 11.85
C ASN W 62 92.57 27.09 12.35
N LYS W 63 92.77 27.24 13.65
CA LYS W 63 92.86 28.55 14.23
C LYS W 63 93.91 29.41 13.56
N LYS W 64 95.11 28.86 13.39
CA LYS W 64 96.24 29.58 12.79
C LYS W 64 95.96 30.03 11.37
N THR W 65 95.58 29.06 10.54
CA THR W 65 95.40 29.29 9.12
C THR W 65 93.99 29.80 8.78
N LYS W 66 93.22 30.15 9.80
CA LYS W 66 91.90 30.67 9.58
C LYS W 66 92.03 31.97 8.85
N HIS W 67 91.11 32.18 7.93
CA HIS W 67 90.78 33.50 7.46
C HIS W 67 91.85 34.08 6.54
N MET W 68 92.71 33.19 6.03
CA MET W 68 94.07 33.51 5.59
C MET W 68 94.18 33.29 4.09
N LEU W 69 94.60 34.31 3.35
CA LEU W 69 94.66 34.21 1.90
C LEU W 69 95.71 33.20 1.43
N PRO W 70 95.57 32.65 0.20
CA PRO W 70 96.54 31.65 -0.31
C PRO W 70 98.02 32.02 -0.17
N SER W 71 98.35 33.30 -0.36
CA SER W 71 99.72 33.79 -0.16
C SER W 71 100.14 33.83 1.32
N GLY W 72 99.24 34.27 2.21
CA GLY W 72 99.52 34.39 3.67
C GLY W 72 98.95 35.62 4.38
N PHE W 73 98.79 36.74 3.66
CA PHE W 73 98.49 38.06 4.28
C PHE W 73 96.96 38.00 4.31
N ARG W 74 96.37 38.07 5.50
CA ARG W 74 94.91 38.22 5.66
C ARG W 74 94.58 39.66 5.24
N LYS W 75 93.38 39.91 4.74
CA LYS W 75 93.09 41.23 4.21
C LYS W 75 92.95 42.26 5.31
N PHE W 76 93.21 43.50 4.96
CA PHE W 76 92.61 44.63 5.62
C PHE W 76 91.87 45.27 4.49
N LEU W 77 90.64 45.73 4.72
CA LEU W 77 89.98 46.63 3.77
C LEU W 77 90.46 48.09 3.95
N VAL W 78 91.60 48.40 3.34
CA VAL W 78 92.14 49.75 3.29
C VAL W 78 91.27 50.59 2.39
N HIS W 79 91.01 51.80 2.83
CA HIS W 79 89.84 52.53 2.37
C HIS W 79 90.19 54.02 2.03
N ASN W 80 91.22 54.59 2.67
CA ASN W 80 92.00 55.75 2.15
C ASN W 80 93.51 55.60 2.48
N VAL W 81 94.33 56.64 2.35
CA VAL W 81 95.77 56.53 2.70
C VAL W 81 96.01 56.34 4.19
N LYS W 82 95.49 57.25 5.02
CA LYS W 82 95.68 57.22 6.49
C LYS W 82 95.47 55.85 7.17
N GLU W 83 94.48 55.11 6.68
CA GLU W 83 94.21 53.73 7.14
C GLU W 83 95.30 52.71 6.77
N LEU W 84 96.16 53.04 5.80
CA LEU W 84 97.25 52.15 5.40
C LEU W 84 98.38 52.13 6.43
N GLU W 85 98.70 53.30 7.00
CA GLU W 85 99.78 53.41 7.98
C GLU W 85 99.49 52.62 9.27
N VAL W 86 98.26 52.15 9.42
CA VAL W 86 97.91 51.23 10.52
C VAL W 86 98.71 49.95 10.44
N LEU W 87 98.87 49.42 9.23
CA LEU W 87 99.60 48.17 9.03
C LEU W 87 101.12 48.29 9.05
N LEU W 88 101.65 49.50 9.23
CA LEU W 88 103.09 49.74 9.13
C LEU W 88 103.95 48.77 9.94
N MET W 89 103.47 48.42 11.13
CA MET W 89 104.11 47.37 11.91
C MET W 89 103.59 46.00 11.51
N CYS W 90 102.28 45.80 11.53
CA CYS W 90 101.72 44.51 11.17
C CYS W 90 101.74 44.27 9.66
N ASN W 91 102.86 44.64 9.02
CA ASN W 91 103.01 44.61 7.57
C ASN W 91 103.16 43.15 7.12
N LYS W 92 103.93 42.38 7.88
CA LYS W 92 104.47 41.15 7.37
C LYS W 92 103.59 39.95 7.64
N SER W 93 102.58 40.12 8.48
CA SER W 93 101.59 39.07 8.69
C SER W 93 100.36 39.24 7.83
N TYR W 94 99.94 40.49 7.56
CA TYR W 94 98.69 40.71 6.81
C TYR W 94 98.63 42.03 6.03
N CYS W 95 97.88 42.01 4.91
CA CYS W 95 98.00 43.00 3.82
C CYS W 95 96.83 43.96 3.65
N ALA W 96 96.97 44.87 2.68
CA ALA W 96 95.93 45.80 2.29
C ALA W 96 95.07 45.31 1.14
N GLU W 97 93.77 45.51 1.29
CA GLU W 97 92.81 45.42 0.21
C GLU W 97 92.31 46.81 0.04
N ILE W 98 92.36 47.31 -1.19
CA ILE W 98 91.87 48.65 -1.43
C ILE W 98 90.42 48.57 -1.82
N ALA W 99 89.60 49.40 -1.17
CA ALA W 99 88.14 49.28 -1.27
C ALA W 99 87.67 49.45 -2.68
N HIS W 100 86.54 48.81 -3.00
CA HIS W 100 85.98 48.90 -4.33
C HIS W 100 85.81 50.34 -4.79
N ASN W 101 85.19 51.15 -3.96
CA ASN W 101 84.72 52.48 -4.35
C ASN W 101 85.66 53.64 -3.98
N VAL W 102 86.95 53.46 -4.26
CA VAL W 102 87.92 54.55 -4.18
C VAL W 102 88.19 54.96 -5.62
N SER W 103 88.38 56.25 -5.83
CA SER W 103 88.51 56.80 -7.18
C SER W 103 89.92 56.66 -7.75
N SER W 104 90.00 56.33 -9.04
CA SER W 104 91.24 55.97 -9.70
C SER W 104 92.46 56.83 -9.37
N LYS W 105 92.26 58.10 -9.07
CA LYS W 105 93.38 58.96 -8.67
C LYS W 105 94.00 58.57 -7.31
N ASN W 106 93.17 58.35 -6.30
CA ASN W 106 93.69 57.93 -4.97
C ASN W 106 93.86 56.43 -4.89
N ARG W 107 93.27 55.70 -5.81
CA ARG W 107 93.54 54.28 -5.91
C ARG W 107 95.04 54.19 -6.16
N LYS W 108 95.57 55.11 -6.96
CA LYS W 108 97.02 55.18 -7.19
C LYS W 108 97.80 55.65 -5.96
N ALA W 109 97.36 56.76 -5.37
CA ALA W 109 98.01 57.36 -4.18
C ALA W 109 98.33 56.34 -3.09
N ILE W 110 97.36 55.48 -2.80
CA ILE W 110 97.49 54.45 -1.78
C ILE W 110 98.54 53.44 -2.19
N VAL W 111 98.49 52.97 -3.43
CA VAL W 111 99.38 51.90 -3.89
C VAL W 111 100.84 52.26 -3.66
N GLU W 112 101.29 53.39 -4.21
CA GLU W 112 102.71 53.74 -4.13
C GLU W 112 103.15 54.13 -2.73
N ARG W 113 102.21 54.52 -1.86
CA ARG W 113 102.51 54.59 -0.42
C ARG W 113 102.79 53.20 0.14
N ALA W 114 101.97 52.23 -0.25
CA ALA W 114 102.13 50.87 0.25
C ALA W 114 103.52 50.38 -0.07
N ALA W 115 103.86 50.39 -1.36
CA ALA W 115 105.17 49.93 -1.83
C ALA W 115 106.34 50.67 -1.18
N GLN W 116 106.17 51.99 -0.99
CA GLN W 116 107.12 52.81 -0.23
C GLN W 116 107.42 52.07 1.07
N LEU W 117 106.40 51.82 1.88
CA LEU W 117 106.62 51.20 3.20
C LEU W 117 106.30 49.70 3.26
N ALA W 118 106.45 49.02 2.12
CA ALA W 118 106.45 47.55 2.06
C ALA W 118 105.26 46.90 2.75
N ILE W 119 104.06 47.20 2.23
CA ILE W 119 102.85 46.48 2.58
C ILE W 119 102.30 45.96 1.30
N ARG W 120 102.03 44.66 1.26
CA ARG W 120 101.42 44.07 0.09
C ARG W 120 100.02 44.66 -0.08
N VAL W 121 99.62 44.80 -1.33
CA VAL W 121 98.27 45.15 -1.70
C VAL W 121 97.82 44.10 -2.70
N THR W 122 96.64 43.54 -2.52
CA THR W 122 96.21 42.41 -3.38
C THR W 122 95.66 42.86 -4.74
N ASN W 123 95.18 44.10 -4.82
CA ASN W 123 94.66 44.71 -6.06
C ASN W 123 95.44 45.93 -6.44
N PRO W 124 96.77 45.82 -6.50
CA PRO W 124 97.56 47.02 -6.70
C PRO W 124 97.38 47.60 -8.12
N ASN W 125 96.98 46.74 -9.03
CA ASN W 125 97.12 46.94 -10.45
C ASN W 125 95.70 46.65 -10.91
N ALA W 126 94.83 47.63 -10.68
CA ALA W 126 93.39 47.45 -10.82
C ALA W 126 92.72 48.47 -11.75
N ARG W 127 92.56 49.71 -11.30
CA ARG W 127 91.67 50.68 -11.96
C ARG W 127 92.32 51.24 -13.23
N LEU W 128 93.50 51.83 -13.09
CA LEU W 128 94.36 52.23 -14.23
C LEU W 128 93.65 53.00 -15.36
N SER X 1 114.62 -3.35 -22.31
CA SER X 1 113.50 -2.84 -23.15
C SER X 1 112.26 -3.80 -23.07
N GLY X 2 111.48 -3.69 -21.98
CA GLY X 2 110.29 -4.55 -21.77
C GLY X 2 109.47 -4.12 -20.56
N ARG X 3 108.85 -5.07 -19.80
CA ARG X 3 107.86 -4.70 -18.74
C ARG X 3 108.60 -3.73 -17.80
N LEU X 4 109.17 -4.21 -16.69
CA LEU X 4 109.49 -3.35 -15.55
C LEU X 4 108.17 -2.96 -14.83
N TRP X 5 107.50 -1.85 -15.19
CA TRP X 5 106.04 -1.64 -14.95
C TRP X 5 105.46 -3.12 -15.13
N SER X 6 105.14 -3.83 -14.04
CA SER X 6 104.56 -5.20 -14.10
C SER X 6 103.03 -5.15 -14.05
N LYS X 7 102.41 -6.08 -14.77
CA LYS X 7 101.03 -5.92 -15.24
C LYS X 7 99.99 -6.09 -14.17
N ALA X 8 99.04 -5.16 -14.13
CA ALA X 8 97.99 -5.17 -13.12
C ALA X 8 96.76 -4.40 -13.54
N ILE X 9 95.62 -4.85 -13.05
CA ILE X 9 94.34 -4.24 -13.36
C ILE X 9 93.83 -3.58 -12.11
N PHE X 10 93.09 -2.49 -12.32
CA PHE X 10 92.45 -1.78 -11.26
C PHE X 10 90.96 -2.21 -11.25
N ALA X 11 90.55 -2.85 -10.16
CA ALA X 11 89.29 -3.63 -10.08
C ALA X 11 88.08 -2.87 -9.55
N GLY X 12 88.31 -2.05 -8.53
CA GLY X 12 87.26 -1.24 -7.88
C GLY X 12 87.97 -0.42 -6.84
N TYR X 13 87.33 0.56 -6.20
CA TYR X 13 87.99 1.13 -5.02
C TYR X 13 87.32 0.51 -3.85
N LYS X 14 88.12 0.26 -2.81
CA LYS X 14 87.73 -0.39 -1.55
C LYS X 14 86.36 0.05 -1.13
N ARG X 15 85.53 -0.93 -0.80
CA ARG X 15 84.12 -0.69 -0.66
C ARG X 15 83.46 -1.73 0.21
N GLY X 16 82.42 -1.27 0.91
CA GLY X 16 81.34 -2.13 1.39
C GLY X 16 80.36 -2.21 0.24
N LEU X 17 79.08 -2.42 0.51
CA LEU X 17 78.17 -2.79 -0.56
C LEU X 17 77.23 -1.68 -0.92
N ARG X 18 76.59 -1.08 0.08
CA ARG X 18 75.94 0.21 -0.14
C ARG X 18 76.88 1.41 0.22
N ASN X 19 78.22 1.19 0.30
CA ASN X 19 79.24 2.30 0.27
C ASN X 19 80.44 2.02 -0.62
N GLN X 20 81.17 3.09 -0.96
CA GLN X 20 82.51 2.95 -1.52
C GLN X 20 83.42 4.09 -1.13
N ARG X 21 84.70 3.73 -0.98
CA ARG X 21 85.71 4.56 -0.33
C ARG X 21 86.87 4.68 -1.31
N GLU X 22 87.02 5.88 -1.85
CA GLU X 22 87.75 6.10 -3.09
C GLU X 22 89.23 6.42 -2.87
N HIS X 23 89.71 6.31 -1.63
CA HIS X 23 91.11 6.59 -1.35
C HIS X 23 91.77 5.38 -1.95
N THR X 24 91.39 4.24 -1.38
CA THR X 24 92.12 3.04 -1.57
C THR X 24 91.51 2.33 -2.74
N ALA X 25 92.33 2.01 -3.73
CA ALA X 25 91.91 1.21 -4.86
C ALA X 25 92.30 -0.22 -4.65
N LEU X 26 91.65 -1.11 -5.37
CA LEU X 26 91.95 -2.53 -5.32
C LEU X 26 92.57 -2.93 -6.65
N LEU X 27 93.73 -3.57 -6.54
CA LEU X 27 94.65 -3.73 -7.64
C LEU X 27 94.75 -5.20 -7.84
N LYS X 28 94.45 -5.64 -9.05
CA LYS X 28 94.53 -7.06 -9.39
C LYS X 28 95.78 -7.35 -10.20
N ILE X 29 96.83 -7.78 -9.52
CA ILE X 29 98.10 -7.99 -10.16
C ILE X 29 98.05 -9.33 -10.86
N GLU X 30 98.68 -9.40 -12.03
CA GLU X 30 98.71 -10.63 -12.81
C GLU X 30 99.70 -11.63 -12.21
N GLY X 31 99.32 -12.91 -12.22
CA GLY X 31 100.14 -13.99 -11.67
C GLY X 31 100.39 -13.91 -10.17
N VAL X 32 99.32 -13.68 -9.42
CA VAL X 32 99.39 -13.63 -7.98
C VAL X 32 97.99 -13.91 -7.40
N TYR X 33 97.72 -15.19 -7.12
CA TYR X 33 96.43 -15.64 -6.59
C TYR X 33 96.65 -16.39 -5.26
N ALA X 34 97.14 -15.64 -4.28
CA ALA X 34 97.17 -16.02 -2.84
C ALA X 34 97.69 -14.84 -1.99
N ARG X 35 97.32 -14.80 -0.72
CA ARG X 35 97.80 -13.72 0.16
C ARG X 35 99.24 -13.98 0.65
N ASP X 36 99.69 -15.24 0.58
CA ASP X 36 101.10 -15.60 0.79
C ASP X 36 101.99 -15.01 -0.30
N GLU X 37 101.51 -15.19 -1.51
CA GLU X 37 102.15 -14.78 -2.76
C GLU X 37 102.61 -13.32 -2.76
N THR X 38 101.81 -12.45 -2.16
CA THR X 38 101.80 -11.04 -2.52
C THR X 38 102.73 -10.09 -1.78
N GLU X 39 103.58 -10.60 -0.88
CA GLU X 39 104.36 -9.74 0.00
C GLU X 39 105.49 -8.93 -0.72
N PHE X 40 105.81 -9.35 -1.95
CA PHE X 40 106.63 -8.59 -2.92
C PHE X 40 105.99 -7.29 -3.32
N TYR X 41 104.68 -7.35 -3.62
CA TYR X 41 103.97 -6.23 -4.24
C TYR X 41 103.73 -5.11 -3.25
N LEU X 42 104.03 -5.37 -1.98
CA LEU X 42 103.92 -4.37 -0.94
C LEU X 42 105.01 -3.32 -1.08
N GLY X 43 104.59 -2.08 -0.98
CA GLY X 43 105.51 -0.95 -1.03
C GLY X 43 105.81 -0.46 -2.41
N LYS X 44 105.52 -1.26 -3.43
CA LYS X 44 105.91 -0.93 -4.77
C LYS X 44 105.14 0.27 -5.35
N ARG X 45 105.82 1.07 -6.16
CA ARG X 45 105.18 2.16 -6.87
C ARG X 45 104.32 1.58 -7.94
N CYS X 46 103.30 2.34 -8.31
CA CYS X 46 102.43 1.99 -9.41
C CYS X 46 101.89 3.26 -10.00
N ALA X 47 101.31 3.11 -11.18
CA ALA X 47 101.01 4.23 -12.03
C ALA X 47 99.81 3.87 -12.85
N TYR X 48 98.75 4.64 -12.76
CA TYR X 48 97.76 4.54 -13.80
C TYR X 48 98.24 5.57 -14.79
N VAL X 49 98.52 5.11 -16.01
CA VAL X 49 99.07 5.91 -17.10
C VAL X 49 98.13 6.11 -18.27
N TYR X 50 98.06 7.36 -18.74
CA TYR X 50 97.25 7.75 -19.88
C TYR X 50 97.90 8.69 -20.82
N LYS X 51 97.18 8.88 -21.92
CA LYS X 51 97.25 10.09 -22.71
C LYS X 51 95.92 10.82 -22.62
N ALA X 52 96.01 12.14 -22.78
CA ALA X 52 94.83 12.96 -22.84
C ALA X 52 95.08 14.32 -23.50
N LYS X 53 94.87 14.38 -24.81
CA LYS X 53 94.47 15.61 -25.51
C LYS X 53 95.44 16.81 -25.51
N ASN X 54 95.68 17.46 -24.37
CA ASN X 54 96.71 18.52 -24.25
C ASN X 54 98.07 17.95 -23.93
N ASN X 55 99.13 18.59 -24.42
CA ASN X 55 100.50 18.17 -24.11
C ASN X 55 100.84 18.45 -22.65
N THR X 56 101.75 17.65 -22.08
CA THR X 56 102.27 17.84 -20.74
C THR X 56 103.72 17.42 -20.63
N VAL X 57 104.45 18.09 -19.75
CA VAL X 57 105.90 17.87 -19.58
C VAL X 57 106.25 16.42 -19.24
N THR X 58 107.50 16.08 -19.56
CA THR X 58 108.03 14.72 -19.37
C THR X 58 109.51 14.80 -18.99
N PRO X 59 109.85 14.52 -17.72
CA PRO X 59 111.21 14.42 -17.23
C PRO X 59 112.03 13.48 -18.09
N GLY X 60 113.19 13.96 -18.51
CA GLY X 60 113.97 13.27 -19.52
C GLY X 60 113.23 13.18 -20.83
N GLY X 61 112.65 14.29 -21.27
CA GLY X 61 111.91 14.29 -22.53
C GLY X 61 111.35 15.64 -22.91
N LYS X 62 110.76 15.68 -24.09
CA LYS X 62 110.00 16.83 -24.55
C LYS X 62 108.56 16.68 -24.07
N PRO X 63 107.78 17.77 -24.02
CA PRO X 63 106.36 17.67 -23.67
C PRO X 63 105.56 16.67 -24.53
N ASN X 64 105.02 15.66 -23.85
CA ASN X 64 104.27 14.53 -24.45
C ASN X 64 102.79 14.73 -24.24
N LYS X 65 102.00 13.82 -24.77
CA LYS X 65 100.56 13.83 -24.50
C LYS X 65 100.16 13.00 -23.27
N THR X 66 101.13 12.41 -22.55
CA THR X 66 100.85 11.41 -21.49
C THR X 66 100.94 11.96 -20.07
N ARG X 67 100.04 11.44 -19.23
CA ARG X 67 99.91 11.80 -17.81
C ARG X 67 99.70 10.56 -16.98
N VAL X 68 99.84 10.69 -15.67
CA VAL X 68 99.85 9.55 -14.75
C VAL X 68 99.46 10.02 -13.36
N ILE X 69 98.63 9.20 -12.74
CA ILE X 69 98.44 9.30 -11.33
C ILE X 69 99.30 8.19 -10.81
N TRP X 70 99.93 8.51 -9.72
CA TRP X 70 101.23 8.04 -9.38
C TRP X 70 101.05 7.65 -7.93
N GLY X 71 101.22 6.37 -7.64
CA GLY X 71 100.81 5.84 -6.34
C GLY X 71 101.69 4.78 -5.75
N LYS X 72 101.06 3.94 -4.93
CA LYS X 72 101.81 3.08 -4.05
C LYS X 72 100.90 2.00 -3.49
N VAL X 73 101.40 0.77 -3.49
CA VAL X 73 100.71 -0.37 -2.93
C VAL X 73 100.89 -0.43 -1.40
N THR X 74 99.78 -0.37 -0.65
CA THR X 74 99.86 -0.40 0.83
C THR X 74 99.93 -1.81 1.36
N ARG X 75 98.93 -2.62 1.03
CA ARG X 75 98.81 -3.97 1.59
C ARG X 75 97.90 -4.89 0.81
N ALA X 76 97.94 -6.16 1.17
CA ALA X 76 97.15 -7.20 0.52
C ALA X 76 95.68 -7.07 0.83
N HIS X 77 94.85 -7.76 0.04
CA HIS X 77 93.40 -7.63 0.12
C HIS X 77 92.68 -8.94 -0.05
N GLY X 78 92.59 -9.68 1.03
CA GLY X 78 91.86 -10.92 0.99
C GLY X 78 92.59 -12.05 0.33
N ASN X 79 92.29 -13.24 0.82
CA ASN X 79 92.90 -14.52 0.44
C ASN X 79 93.48 -14.68 -0.98
N SER X 80 92.81 -14.11 -1.98
CA SER X 80 93.07 -14.43 -3.40
C SER X 80 94.23 -13.69 -4.10
N GLY X 81 95.06 -12.95 -3.37
CA GLY X 81 96.17 -12.22 -4.00
C GLY X 81 95.76 -10.95 -4.72
N MET X 82 94.71 -10.32 -4.23
CA MET X 82 94.41 -8.97 -4.60
C MET X 82 95.25 -8.09 -3.67
N VAL X 83 95.38 -6.83 -4.04
CA VAL X 83 96.22 -5.87 -3.33
C VAL X 83 95.52 -4.54 -3.27
N ARG X 84 95.73 -3.81 -2.18
CA ARG X 84 95.20 -2.47 -2.01
C ARG X 84 96.28 -1.43 -2.20
N ALA X 85 95.96 -0.43 -3.00
CA ALA X 85 96.90 0.58 -3.41
C ALA X 85 96.24 1.90 -3.31
N LYS X 86 96.92 2.88 -2.72
CA LYS X 86 96.36 4.22 -2.70
C LYS X 86 97.28 5.17 -3.43
N PHE X 87 96.73 5.76 -4.49
CA PHE X 87 97.43 6.70 -5.32
C PHE X 87 97.30 8.09 -4.73
N ARG X 88 98.07 9.02 -5.26
CA ARG X 88 98.23 10.32 -4.61
C ARG X 88 96.97 11.15 -4.81
N SER X 89 96.56 11.29 -6.06
CA SER X 89 95.20 11.71 -6.35
C SER X 89 94.39 10.43 -6.33
N ASN X 90 93.08 10.55 -6.15
CA ASN X 90 92.17 9.40 -6.27
C ASN X 90 92.02 8.97 -7.73
N LEU X 91 91.79 7.68 -7.98
CA LEU X 91 91.61 7.20 -9.36
C LEU X 91 90.26 7.49 -9.96
N PRO X 92 90.24 7.69 -11.28
CA PRO X 92 89.11 8.33 -11.92
C PRO X 92 87.96 7.45 -12.44
N ALA X 93 87.90 6.17 -12.06
CA ALA X 93 86.70 5.37 -12.34
C ALA X 93 86.55 4.95 -13.79
N LYS X 94 86.86 5.88 -14.70
CA LYS X 94 87.15 5.59 -16.09
C LYS X 94 88.07 4.39 -16.17
N ALA X 95 89.11 4.40 -15.34
CA ALA X 95 90.12 3.33 -15.28
C ALA X 95 89.63 1.94 -14.81
N ILE X 96 88.43 1.85 -14.25
CA ILE X 96 87.93 0.57 -13.77
C ILE X 96 88.11 -0.44 -14.89
N GLY X 97 88.76 -1.56 -14.60
CA GLY X 97 89.01 -2.61 -15.60
C GLY X 97 89.91 -2.15 -16.74
N HIS X 98 90.96 -1.44 -16.37
CA HIS X 98 91.98 -0.99 -17.30
C HIS X 98 93.32 -1.44 -16.73
N ARG X 99 94.43 -0.95 -17.30
CA ARG X 99 95.76 -1.14 -16.70
C ARG X 99 96.04 -0.21 -15.56
N ILE X 100 96.83 -0.69 -14.62
CA ILE X 100 97.80 0.16 -13.95
C ILE X 100 99.11 -0.65 -13.93
N ARG X 101 100.19 0.03 -13.63
CA ARG X 101 101.52 -0.41 -14.01
C ARG X 101 102.36 -0.52 -12.77
N VAL X 102 102.31 -1.63 -12.04
CA VAL X 102 103.05 -1.69 -10.75
C VAL X 102 104.53 -2.05 -10.96
N MET X 103 105.41 -1.23 -10.42
CA MET X 103 106.82 -1.24 -10.80
C MET X 103 107.59 -2.20 -9.91
N LEU X 104 108.92 -2.11 -9.98
CA LEU X 104 109.81 -2.81 -9.06
C LEU X 104 110.66 -1.85 -8.18
N TYR X 105 110.78 -0.59 -8.59
CA TYR X 105 111.95 0.23 -8.19
C TYR X 105 111.95 0.74 -6.74
N PRO X 106 110.96 0.37 -5.92
CA PRO X 106 111.28 0.40 -4.49
C PRO X 106 111.36 -1.01 -4.01
N SER X 107 112.30 -1.76 -4.59
CA SER X 107 112.47 -3.17 -4.26
C SER X 107 113.06 -3.29 -2.87
N ARG X 108 112.88 -4.47 -2.30
CA ARG X 108 113.18 -4.76 -0.90
C ARG X 108 113.60 -6.23 -0.84
N ILE X 109 114.55 -6.56 -1.70
CA ILE X 109 115.07 -7.92 -1.83
C ILE X 109 116.41 -7.99 -1.08
N VAL Y 1 1.06 44.64 -55.87
CA VAL Y 1 0.36 45.42 -54.80
C VAL Y 1 1.37 46.20 -53.99
N GLN Y 2 1.27 47.53 -54.00
CA GLN Y 2 2.00 48.30 -53.01
C GLN Y 2 1.18 48.30 -51.73
N ARG Y 3 1.91 48.17 -50.63
CA ARG Y 3 1.37 48.26 -49.30
C ARG Y 3 1.68 49.64 -48.88
N LEU Y 4 1.03 50.05 -47.83
CA LEU Y 4 1.18 51.41 -47.34
C LEU Y 4 1.59 51.38 -45.90
N THR Y 5 1.97 52.54 -45.42
CA THR Y 5 2.23 52.73 -44.03
C THR Y 5 1.42 53.93 -43.65
N TYR Y 6 0.64 53.73 -42.62
CA TYR Y 6 0.54 54.63 -41.50
C TYR Y 6 1.48 55.86 -41.52
N ARG Y 7 0.98 57.01 -41.05
CA ARG Y 7 1.72 58.28 -41.13
C ARG Y 7 2.09 58.97 -39.80
N ARG Y 8 1.22 58.89 -38.79
CA ARG Y 8 1.59 59.40 -37.45
C ARG Y 8 2.63 58.53 -36.76
N ARG Y 9 3.23 59.09 -35.72
CA ARG Y 9 4.16 58.35 -34.86
C ARG Y 9 3.41 57.25 -34.06
N LEU Y 10 2.09 57.39 -33.92
CA LEU Y 10 1.23 56.30 -33.40
C LEU Y 10 1.20 55.16 -34.38
N SER Y 11 1.41 53.95 -33.88
CA SER Y 11 1.49 52.74 -34.74
C SER Y 11 0.52 51.57 -34.40
N TYR Y 12 -0.53 51.86 -33.63
CA TYR Y 12 -1.37 50.82 -32.98
C TYR Y 12 -2.80 51.06 -33.42
N ASN Y 13 -3.47 50.16 -34.20
CA ASN Y 13 -4.86 50.50 -34.58
C ASN Y 13 -5.32 50.78 -33.13
N THR Y 14 -6.03 51.89 -32.97
CA THR Y 14 -6.75 52.19 -31.77
C THR Y 14 -7.91 53.03 -32.25
N ALA Y 15 -8.85 53.35 -31.38
CA ALA Y 15 -9.89 54.31 -31.70
C ALA Y 15 -9.37 55.69 -32.20
N SER Y 16 -8.18 56.08 -31.77
CA SER Y 16 -7.51 57.28 -32.28
C SER Y 16 -7.06 57.13 -33.74
N ASN Y 17 -6.34 56.04 -34.03
CA ASN Y 17 -5.92 55.72 -35.40
C ASN Y 17 -6.91 54.90 -36.17
N LYS Y 18 -7.83 55.55 -36.84
CA LYS Y 18 -8.68 54.85 -37.77
C LYS Y 18 -8.54 55.51 -39.09
N THR Y 19 -8.44 54.67 -40.12
CA THR Y 19 -7.93 55.06 -41.40
C THR Y 19 -8.91 54.74 -42.51
N ARG Y 20 -8.52 55.13 -43.71
CA ARG Y 20 -9.07 54.56 -44.93
C ARG Y 20 -8.07 54.72 -46.06
N LEU Y 21 -8.40 54.13 -47.18
CA LEU Y 21 -7.59 54.28 -48.35
C LEU Y 21 -8.14 55.46 -49.12
N SER Y 22 -7.24 56.35 -49.53
CA SER Y 22 -7.52 57.35 -50.55
C SER Y 22 -6.50 57.20 -51.64
N ARG Y 23 -6.98 57.28 -52.87
CA ARG Y 23 -6.10 57.37 -54.01
C ARG Y 23 -5.92 58.83 -54.35
N THR Y 24 -4.66 59.21 -54.53
CA THR Y 24 -4.28 60.60 -54.73
C THR Y 24 -4.04 60.81 -56.23
N PRO Y 25 -3.91 62.07 -56.65
CA PRO Y 25 -3.59 62.34 -58.05
C PRO Y 25 -2.23 61.93 -58.52
N GLY Y 26 -1.33 61.57 -57.60
CA GLY Y 26 -0.11 60.88 -58.00
C GLY Y 26 -0.22 59.36 -58.03
N ASN Y 27 -1.41 58.83 -58.32
CA ASN Y 27 -1.62 57.37 -58.48
C ASN Y 27 -1.02 56.58 -57.33
N ARG Y 28 -1.54 56.85 -56.14
CA ARG Y 28 -0.79 56.60 -54.94
C ARG Y 28 -1.77 56.37 -53.81
N ILE Y 29 -1.94 55.11 -53.42
CA ILE Y 29 -2.85 54.73 -52.34
C ILE Y 29 -2.20 55.07 -51.03
N VAL Y 30 -2.92 55.86 -50.24
CA VAL Y 30 -2.34 56.42 -49.04
C VAL Y 30 -3.39 56.46 -47.94
N TYR Y 31 -2.91 56.42 -46.70
CA TYR Y 31 -3.80 56.43 -45.56
C TYR Y 31 -4.30 57.85 -45.23
N LEU Y 32 -5.63 57.95 -45.10
CA LEU Y 32 -6.29 59.14 -44.63
C LEU Y 32 -7.04 58.80 -43.40
N TYR Y 33 -6.81 59.57 -42.35
CA TYR Y 33 -7.38 59.23 -41.09
C TYR Y 33 -8.79 59.76 -40.98
N THR Y 34 -9.71 58.83 -40.73
CA THR Y 34 -11.13 59.14 -40.60
C THR Y 34 -11.37 59.80 -39.25
N LYS Y 35 -12.40 60.63 -39.19
CA LYS Y 35 -12.89 61.14 -37.93
C LYS Y 35 -13.92 60.15 -37.39
N LYS Y 36 -13.94 59.96 -36.07
CA LYS Y 36 -14.90 59.05 -35.43
C LYS Y 36 -16.35 59.42 -35.76
N VAL Y 37 -17.22 58.43 -35.67
CA VAL Y 37 -18.62 58.58 -36.05
C VAL Y 37 -19.42 59.25 -34.93
N GLY Y 38 -19.87 60.48 -35.19
CA GLY Y 38 -20.73 61.20 -34.25
C GLY Y 38 -22.19 60.76 -34.31
N LYS Y 39 -22.80 60.61 -33.14
CA LYS Y 39 -24.17 60.15 -33.04
C LYS Y 39 -25.11 61.32 -32.81
N ALA Y 40 -26.36 61.17 -33.26
CA ALA Y 40 -27.43 62.16 -33.02
C ALA Y 40 -27.91 62.07 -31.58
N PRO Y 41 -28.47 63.16 -31.04
CA PRO Y 41 -28.85 63.14 -29.61
C PRO Y 41 -30.01 62.19 -29.36
N LYS Y 42 -30.01 61.56 -28.18
CA LYS Y 42 -31.13 60.69 -27.77
C LYS Y 42 -32.17 61.49 -26.98
N SER Y 43 -33.43 61.09 -27.14
CA SER Y 43 -34.57 61.78 -26.56
C SER Y 43 -34.49 61.94 -25.06
N ALA Y 44 -34.79 63.14 -24.58
CA ALA Y 44 -34.76 63.45 -23.17
C ALA Y 44 -35.91 62.79 -22.42
N CYS Y 45 -36.94 62.36 -23.16
CA CYS Y 45 -38.05 61.59 -22.58
C CYS Y 45 -37.59 60.36 -21.82
N GLY Y 46 -36.50 59.74 -22.27
CA GLY Y 46 -35.92 58.60 -21.59
C GLY Y 46 -36.69 57.31 -21.81
N VAL Y 47 -37.28 57.13 -23.00
CA VAL Y 47 -37.91 55.86 -23.40
C VAL Y 47 -37.77 55.50 -24.87
N CYS Y 48 -37.95 56.48 -25.77
CA CYS Y 48 -37.75 56.26 -27.20
C CYS Y 48 -36.24 56.06 -27.45
N PRO Y 49 -35.82 54.85 -27.94
CA PRO Y 49 -34.41 54.46 -28.07
C PRO Y 49 -33.69 55.00 -29.31
N GLY Y 50 -34.45 55.32 -30.36
CA GLY Y 50 -33.90 55.87 -31.59
C GLY Y 50 -33.34 57.26 -31.33
N ARG Y 51 -32.31 57.61 -32.08
CA ARG Y 51 -31.67 58.89 -31.90
C ARG Y 51 -32.59 59.87 -32.65
N LEU Y 52 -32.54 61.15 -32.30
CA LEU Y 52 -33.49 62.17 -32.79
C LEU Y 52 -33.43 62.43 -34.30
N ARG Y 53 -34.24 63.35 -34.80
CA ARG Y 53 -34.19 63.75 -36.22
C ARG Y 53 -33.99 65.23 -36.46
N GLY Y 54 -33.62 65.55 -37.69
CA GLY Y 54 -33.37 66.92 -38.12
C GLY Y 54 -32.14 67.53 -37.48
N VAL Y 55 -31.26 66.68 -36.96
CA VAL Y 55 -30.09 67.10 -36.23
C VAL Y 55 -28.86 66.43 -36.82
N ARG Y 56 -27.94 67.24 -37.35
CA ARG Y 56 -26.58 66.80 -37.67
C ARG Y 56 -26.00 65.83 -36.62
N ALA Y 57 -25.84 64.57 -36.98
CA ALA Y 57 -25.16 63.61 -36.11
C ALA Y 57 -23.67 63.81 -36.28
N VAL Y 58 -23.03 64.39 -35.27
CA VAL Y 58 -21.61 64.73 -35.41
C VAL Y 58 -20.91 64.94 -34.05
N ARG Y 59 -19.70 64.39 -33.95
CA ARG Y 59 -18.77 64.54 -32.81
C ARG Y 59 -18.93 65.92 -32.10
N PRO Y 60 -19.17 65.93 -30.77
CA PRO Y 60 -19.92 67.04 -30.17
C PRO Y 60 -19.27 68.40 -30.26
N LYS Y 61 -17.95 68.49 -30.15
CA LYS Y 61 -17.30 69.79 -30.26
C LYS Y 61 -17.57 70.46 -31.61
N VAL Y 62 -17.85 69.66 -32.63
CA VAL Y 62 -18.23 70.16 -33.94
C VAL Y 62 -19.49 71.00 -33.90
N LEU Y 63 -20.36 70.76 -32.94
CA LEU Y 63 -21.61 71.51 -32.85
C LEU Y 63 -21.39 73.00 -32.67
N MET Y 64 -20.29 73.38 -32.03
CA MET Y 64 -19.88 74.78 -31.92
C MET Y 64 -19.73 75.51 -33.27
N ARG Y 65 -19.32 74.79 -34.33
CA ARG Y 65 -19.23 75.34 -35.71
C ARG Y 65 -20.61 75.51 -36.34
N LEU Y 66 -21.48 74.55 -36.07
CA LEU Y 66 -22.75 74.45 -36.78
C LEU Y 66 -23.72 75.55 -36.44
N SER Y 67 -24.69 75.75 -37.33
CA SER Y 67 -25.74 76.72 -37.14
C SER Y 67 -26.85 76.20 -36.23
N LYS Y 68 -27.46 77.12 -35.49
CA LYS Y 68 -28.64 76.85 -34.66
C LYS Y 68 -29.61 75.82 -35.26
N THR Y 69 -29.95 76.00 -36.53
CA THR Y 69 -31.00 75.21 -37.17
C THR Y 69 -30.64 73.78 -37.50
N LYS Y 70 -29.35 73.50 -37.57
CA LYS Y 70 -28.89 72.12 -37.70
C LYS Y 70 -29.04 71.32 -36.40
N LYS Y 71 -29.16 72.01 -35.27
CA LYS Y 71 -29.13 71.34 -33.97
C LYS Y 71 -30.52 71.16 -33.33
N HIS Y 72 -31.52 71.98 -33.70
CA HIS Y 72 -32.92 71.68 -33.33
C HIS Y 72 -33.81 71.42 -34.52
N VAL Y 73 -35.05 71.12 -34.19
CA VAL Y 73 -36.17 71.21 -35.07
C VAL Y 73 -37.10 72.22 -34.37
N SER Y 74 -37.84 72.98 -35.17
CA SER Y 74 -38.43 74.25 -34.71
C SER Y 74 -39.78 74.16 -33.94
N ARG Y 75 -39.70 73.87 -32.64
CA ARG Y 75 -40.88 73.52 -31.80
C ARG Y 75 -40.72 73.69 -30.29
N ALA Y 76 -41.74 73.26 -29.57
CA ALA Y 76 -41.60 72.96 -28.16
C ALA Y 76 -40.75 71.72 -28.02
N TYR Y 77 -39.84 71.75 -27.05
CA TYR Y 77 -38.91 70.66 -26.80
C TYR Y 77 -38.23 70.12 -28.04
N GLY Y 78 -37.96 71.03 -28.97
CA GLY Y 78 -37.41 70.68 -30.26
C GLY Y 78 -35.94 70.35 -30.09
N GLY Y 79 -35.52 69.22 -30.65
CA GLY Y 79 -34.12 68.81 -30.63
C GLY Y 79 -33.61 68.28 -29.31
N SER Y 80 -34.48 68.19 -28.31
CA SER Y 80 -34.23 67.40 -27.12
C SER Y 80 -35.22 66.26 -26.94
N MET Y 81 -36.42 66.39 -27.47
CA MET Y 81 -37.48 65.41 -27.24
C MET Y 81 -38.18 65.06 -28.55
N CYS Y 82 -38.79 63.89 -28.57
CA CYS Y 82 -38.99 63.17 -29.81
C CYS Y 82 -40.41 63.15 -30.36
N ALA Y 83 -41.06 64.30 -30.45
CA ALA Y 83 -42.44 64.38 -30.98
C ALA Y 83 -43.36 63.52 -30.16
N LYS Y 84 -43.35 62.24 -30.49
CA LYS Y 84 -44.15 61.22 -29.85
C LYS Y 84 -44.22 61.38 -28.34
N CYS Y 85 -43.18 61.90 -27.70
CA CYS Y 85 -43.22 62.14 -26.24
C CYS Y 85 -43.69 63.55 -25.87
N VAL Y 86 -43.42 64.53 -26.73
CA VAL Y 86 -43.97 65.86 -26.56
C VAL Y 86 -45.51 65.80 -26.65
N ARG Y 87 -46.02 65.25 -27.74
CA ARG Y 87 -47.49 65.11 -27.94
C ARG Y 87 -48.21 64.21 -26.93
N ASP Y 88 -47.46 63.53 -26.07
CA ASP Y 88 -48.04 62.92 -24.88
C ASP Y 88 -47.88 63.84 -23.71
N ARG Y 89 -46.72 64.48 -23.58
CA ARG Y 89 -46.55 65.54 -22.58
C ARG Y 89 -47.57 66.67 -22.69
N ILE Y 90 -48.09 66.92 -23.89
CA ILE Y 90 -49.18 67.87 -24.08
C ILE Y 90 -50.41 67.27 -23.44
N LYS Y 91 -50.88 66.17 -24.01
CA LYS Y 91 -52.16 65.63 -23.60
C LYS Y 91 -52.10 64.78 -22.34
N ARG Y 92 -50.97 64.79 -21.65
CA ARG Y 92 -50.91 64.46 -20.25
C ARG Y 92 -51.15 65.75 -19.49
N ALA Y 93 -50.47 66.81 -19.90
CA ALA Y 93 -50.62 68.12 -19.26
C ALA Y 93 -52.02 68.75 -19.36
N PHE Y 94 -52.95 68.20 -20.16
CA PHE Y 94 -54.36 68.48 -19.88
C PHE Y 94 -54.76 67.80 -18.65
N LEU Y 95 -54.70 66.49 -18.76
CA LEU Y 95 -55.62 65.68 -18.06
C LEU Y 95 -55.16 65.61 -16.63
N ILE Y 96 -53.89 65.91 -16.38
CA ILE Y 96 -53.44 66.26 -15.01
C ILE Y 96 -54.14 67.54 -14.58
N GLU Y 97 -53.97 68.59 -15.37
CA GLU Y 97 -54.60 69.86 -15.06
C GLU Y 97 -56.13 69.77 -14.88
N GLU Y 98 -56.85 69.15 -15.82
CA GLU Y 98 -58.34 69.14 -15.77
C GLU Y 98 -58.89 68.41 -14.56
N GLN Y 99 -58.20 67.37 -14.13
CA GLN Y 99 -58.72 66.48 -13.10
C GLN Y 99 -58.22 66.84 -11.73
N LYS Y 100 -57.42 67.90 -11.64
CA LYS Y 100 -57.35 68.69 -10.43
C LYS Y 100 -58.60 69.57 -10.32
N ILE Y 101 -59.12 70.10 -11.44
CA ILE Y 101 -60.39 70.87 -11.43
C ILE Y 101 -61.58 69.99 -11.06
N VAL Y 102 -61.61 68.75 -11.56
CA VAL Y 102 -62.70 67.82 -11.21
C VAL Y 102 -62.64 67.37 -9.74
N VAL Y 103 -61.45 67.17 -9.20
CA VAL Y 103 -61.30 66.95 -7.76
C VAL Y 103 -61.58 68.24 -6.98
N LYS Y 104 -61.21 69.40 -7.53
CA LYS Y 104 -61.48 70.72 -6.89
C LYS Y 104 -62.98 70.96 -6.65
N VAL Y 105 -63.79 70.64 -7.66
CA VAL Y 105 -65.24 70.83 -7.54
C VAL Y 105 -65.91 69.72 -6.70
N LEU Y 106 -65.45 68.47 -6.82
CA LEU Y 106 -65.94 67.38 -5.97
C LEU Y 106 -65.61 67.58 -4.50
N LYS Y 107 -64.44 68.15 -4.23
CA LYS Y 107 -64.05 68.56 -2.87
C LYS Y 107 -64.99 69.68 -2.41
N ALA Y 108 -65.20 70.68 -3.26
CA ALA Y 108 -66.12 71.80 -2.96
C ALA Y 108 -67.57 71.34 -2.72
N GLN Y 109 -68.00 70.31 -3.43
CA GLN Y 109 -69.34 69.69 -3.22
C GLN Y 109 -69.40 68.79 -1.99
N ALA Y 110 -68.30 68.14 -1.64
CA ALA Y 110 -68.22 67.37 -0.37
C ALA Y 110 -68.30 68.27 0.87
N GLN Y 111 -67.72 69.47 0.80
CA GLN Y 111 -67.77 70.45 1.90
C GLN Y 111 -69.06 71.32 1.87
N SER Y 112 -69.67 71.45 0.69
CA SER Y 112 -71.04 72.00 0.57
C SER Y 112 -72.12 71.04 1.11
N GLN Y 113 -71.91 69.73 0.91
CA GLN Y 113 -72.76 68.67 1.51
C GLN Y 113 -72.55 68.64 3.03
N LYS Y 114 -71.28 68.63 3.44
CA LYS Y 114 -70.87 68.59 4.85
C LYS Y 114 -70.74 70.02 5.40
N ALA Z 1 43.92 102.35 -27.40
CA ALA Z 1 42.47 102.60 -27.75
C ALA Z 1 41.51 101.89 -26.79
N LYS Z 2 42.00 101.41 -25.65
CA LYS Z 2 41.18 100.63 -24.73
C LYS Z 2 40.20 101.59 -24.09
N ILE Z 3 38.95 101.14 -23.96
CA ILE Z 3 37.89 101.98 -23.45
C ILE Z 3 37.98 101.93 -21.93
N LYS Z 4 38.97 102.63 -21.39
CA LYS Z 4 39.36 102.51 -19.98
C LYS Z 4 38.28 103.00 -19.03
N ALA Z 5 38.37 102.64 -17.76
CA ALA Z 5 37.48 103.19 -16.76
C ALA Z 5 37.88 104.62 -16.32
N ARG Z 6 39.06 105.10 -16.76
CA ARG Z 6 39.39 106.53 -16.77
C ARG Z 6 38.20 107.34 -17.26
N ASP Z 7 37.95 107.14 -18.55
CA ASP Z 7 37.32 108.13 -19.42
C ASP Z 7 35.81 108.01 -19.38
N LEU Z 8 35.31 106.89 -18.87
CA LEU Z 8 33.88 106.68 -18.71
C LEU Z 8 33.40 107.29 -17.41
N ARG Z 9 34.12 107.03 -16.33
CA ARG Z 9 33.63 107.35 -14.97
C ARG Z 9 32.79 108.61 -14.91
N GLY Z 10 33.39 109.71 -15.34
CA GLY Z 10 32.72 110.99 -15.41
C GLY Z 10 32.11 111.19 -16.78
N LYS Z 11 31.07 110.42 -17.09
CA LYS Z 11 30.27 110.66 -18.30
C LYS Z 11 28.80 110.40 -18.03
N LYS Z 12 27.97 110.95 -18.91
CA LYS Z 12 26.52 110.87 -18.78
C LYS Z 12 26.05 109.45 -19.04
N LYS Z 13 25.00 109.03 -18.34
CA LYS Z 13 24.51 107.64 -18.39
C LYS Z 13 24.09 107.26 -19.80
N GLU Z 14 23.25 108.09 -20.39
CA GLU Z 14 22.77 107.90 -21.77
C GLU Z 14 23.89 107.82 -22.82
N GLU Z 15 25.01 108.48 -22.59
CA GLU Z 15 26.17 108.41 -23.50
C GLU Z 15 26.82 107.04 -23.48
N LEU Z 16 26.93 106.46 -22.28
CA LEU Z 16 27.54 105.15 -22.12
C LEU Z 16 26.76 104.09 -22.89
N LEU Z 17 25.43 104.12 -22.74
CA LEU Z 17 24.54 103.20 -23.45
C LEU Z 17 24.72 103.23 -24.98
N LYS Z 18 25.01 104.40 -25.56
CA LYS Z 18 25.35 104.49 -26.99
C LYS Z 18 26.65 103.77 -27.28
N GLN Z 19 27.67 104.04 -26.47
CA GLN Z 19 28.99 103.43 -26.65
C GLN Z 19 28.96 101.92 -26.37
N LEU Z 20 28.11 101.50 -25.44
CA LEU Z 20 27.81 100.06 -25.24
C LEU Z 20 27.17 99.50 -26.51
N GLU Z 21 26.10 100.13 -26.96
CA GLU Z 21 25.37 99.68 -28.13
C GLU Z 21 26.19 99.79 -29.43
N ASP Z 22 27.22 100.64 -29.43
CA ASP Z 22 28.21 100.65 -30.50
C ASP Z 22 28.99 99.32 -30.47
N LEU Z 23 29.47 98.97 -29.27
CA LEU Z 23 30.26 97.76 -29.08
C LEU Z 23 29.48 96.48 -29.31
N LYS Z 24 28.25 96.45 -28.80
CA LYS Z 24 27.37 95.30 -28.98
C LYS Z 24 27.24 94.96 -30.46
N VAL Z 25 26.91 95.97 -31.26
CA VAL Z 25 26.80 95.82 -32.70
C VAL Z 25 28.10 95.22 -33.18
N GLU Z 26 29.18 95.94 -32.94
CA GLU Z 26 30.49 95.56 -33.40
C GLU Z 26 30.87 94.14 -33.04
N LEU Z 27 30.47 93.68 -31.84
CA LEU Z 27 30.72 92.31 -31.42
C LEU Z 27 30.01 91.32 -32.35
N SER Z 28 28.70 91.52 -32.51
CA SER Z 28 27.86 90.70 -33.42
C SER Z 28 28.46 90.46 -34.80
N GLN Z 29 29.14 91.47 -35.33
CA GLN Z 29 29.78 91.37 -36.63
C GLN Z 29 31.02 90.51 -36.53
N LEU Z 30 31.77 90.68 -35.45
CA LEU Z 30 32.98 89.88 -35.24
C LEU Z 30 32.68 88.38 -35.12
N ARG Z 31 31.51 88.02 -34.60
CA ARG Z 31 31.03 86.62 -34.64
C ARG Z 31 30.79 86.15 -36.07
N VAL Z 32 30.21 87.00 -36.89
CA VAL Z 32 30.00 86.69 -38.31
C VAL Z 32 31.35 86.41 -38.96
N ALA Z 33 32.27 87.36 -38.79
CA ALA Z 33 33.64 87.24 -39.32
C ALA Z 33 34.31 85.94 -38.92
N LYS Z 34 34.05 85.52 -37.68
CA LYS Z 34 34.54 84.22 -37.19
C LYS Z 34 34.11 83.06 -38.08
N VAL Z 35 32.85 83.06 -38.44
CA VAL Z 35 32.30 82.00 -39.27
C VAL Z 35 32.79 82.13 -40.71
N THR Z 36 32.87 83.36 -41.21
CA THR Z 36 33.26 83.61 -42.59
C THR Z 36 34.79 83.82 -42.75
N GLY Z 37 35.57 82.91 -42.16
CA GLY Z 37 37.03 82.99 -42.17
C GLY Z 37 37.56 84.16 -41.34
N GLY Z 38 37.38 85.36 -41.89
CA GLY Z 38 37.79 86.60 -41.24
C GLY Z 38 39.29 86.75 -41.32
N ALA Z 39 39.90 86.98 -40.17
CA ALA Z 39 41.34 87.10 -40.06
C ALA Z 39 41.72 87.05 -38.59
N ALA Z 40 42.92 86.53 -38.32
CA ALA Z 40 43.48 86.49 -36.98
C ALA Z 40 43.34 87.83 -36.27
N SER Z 41 43.59 88.91 -37.01
CA SER Z 41 43.41 90.27 -36.53
C SER Z 41 42.03 90.52 -35.93
N LYS Z 42 40.99 90.16 -36.67
CA LYS Z 42 39.62 90.22 -36.16
C LYS Z 42 39.32 89.22 -35.02
N LEU Z 43 39.82 88.00 -35.15
CA LEU Z 43 39.59 86.97 -34.13
C LEU Z 43 40.28 87.22 -32.79
N SER Z 44 41.19 88.18 -32.70
CA SER Z 44 41.61 88.67 -31.38
C SER Z 44 40.54 89.61 -30.83
N LYS Z 45 40.22 90.62 -31.63
CA LYS Z 45 39.38 91.73 -31.20
C LYS Z 45 38.16 91.31 -30.45
N ILE Z 46 37.53 90.25 -30.94
CA ILE Z 46 36.35 89.65 -30.33
C ILE Z 46 36.46 89.50 -28.79
N ARG Z 47 37.67 89.29 -28.27
CA ARG Z 47 37.90 89.31 -26.82
C ARG Z 47 37.93 90.72 -26.25
N VAL Z 48 38.72 91.58 -26.90
CA VAL Z 48 38.89 92.99 -26.48
C VAL Z 48 37.54 93.71 -26.39
N VAL Z 49 36.70 93.43 -27.38
CA VAL Z 49 35.37 94.02 -27.46
C VAL Z 49 34.47 93.46 -26.36
N ARG Z 50 34.36 92.14 -26.25
CA ARG Z 50 33.65 91.50 -25.14
C ARG Z 50 33.98 92.18 -23.84
N LYS Z 51 35.27 92.26 -23.55
CA LYS Z 51 35.69 92.77 -22.26
C LYS Z 51 35.39 94.24 -22.17
N SER Z 52 35.59 94.98 -23.26
CA SER Z 52 35.28 96.40 -23.25
C SER Z 52 33.80 96.67 -22.92
N ILE Z 53 32.93 95.74 -23.32
CA ILE Z 53 31.51 95.79 -22.92
C ILE Z 53 31.39 95.75 -21.41
N ALA Z 54 32.15 94.88 -20.77
CA ALA Z 54 32.23 94.90 -19.31
C ALA Z 54 32.73 96.27 -18.80
N ARG Z 55 33.93 96.66 -19.25
CA ARG Z 55 34.53 97.99 -18.91
C ARG Z 55 33.43 99.04 -18.92
N VAL Z 56 32.53 98.99 -19.91
CA VAL Z 56 31.39 99.93 -19.98
C VAL Z 56 30.35 99.63 -18.92
N LEU Z 57 29.75 98.45 -19.04
CA LEU Z 57 28.57 98.09 -18.25
C LEU Z 57 28.83 98.18 -16.76
N THR Z 58 30.06 97.85 -16.36
CA THR Z 58 30.53 98.09 -15.02
C THR Z 58 30.17 99.50 -14.65
N VAL Z 59 30.71 100.44 -15.39
CA VAL Z 59 30.61 101.83 -15.05
C VAL Z 59 29.14 102.24 -14.92
N ILE Z 60 28.27 101.66 -15.74
CA ILE Z 60 26.84 101.96 -15.65
C ILE Z 60 26.24 101.56 -14.30
N ASN Z 61 26.47 100.32 -13.89
CA ASN Z 61 25.89 99.81 -12.65
C ASN Z 61 26.62 100.37 -11.44
N GLN Z 62 27.92 100.62 -11.59
CA GLN Z 62 28.70 101.36 -10.60
C GLN Z 62 27.95 102.66 -10.31
N THR Z 63 27.86 103.51 -11.35
CA THR Z 63 27.42 104.88 -11.19
C THR Z 63 25.94 105.02 -10.88
N GLN Z 64 25.15 104.08 -11.37
CA GLN Z 64 23.78 103.91 -10.90
C GLN Z 64 23.78 103.72 -9.40
N LYS Z 65 24.43 102.65 -8.96
CA LYS Z 65 24.31 102.21 -7.57
C LYS Z 65 24.91 103.25 -6.60
N GLU Z 66 26.09 103.77 -6.91
CA GLU Z 66 26.64 104.96 -6.22
C GLU Z 66 25.52 105.98 -6.00
N ASN Z 67 24.84 106.32 -7.09
CA ASN Z 67 23.75 107.29 -7.05
C ASN Z 67 22.61 106.77 -6.17
N LEU Z 68 22.19 105.54 -6.43
CA LEU Z 68 20.98 104.96 -5.84
C LEU Z 68 21.07 104.79 -4.33
N ARG Z 69 22.25 104.38 -3.85
CA ARG Z 69 22.53 104.35 -2.41
C ARG Z 69 22.80 105.76 -1.84
N LYS Z 70 22.45 106.81 -2.57
CA LYS Z 70 22.49 108.16 -2.07
C LYS Z 70 21.10 108.76 -1.87
N PHE Z 71 20.04 108.20 -2.47
CA PHE Z 71 18.68 108.57 -2.04
C PHE Z 71 18.57 108.06 -0.62
N TYR Z 72 18.57 106.74 -0.47
CA TYR Z 72 18.03 106.12 0.74
C TYR Z 72 19.02 106.24 1.89
N LYS Z 73 20.27 106.60 1.59
CA LYS Z 73 21.20 107.05 2.62
C LYS Z 73 20.51 108.15 3.42
N GLY Z 74 20.24 107.88 4.68
CA GLY Z 74 19.46 108.79 5.54
C GLY Z 74 18.07 108.26 5.81
N LYS Z 75 17.38 107.80 4.76
CA LYS Z 75 16.07 107.13 4.92
C LYS Z 75 16.24 105.83 5.67
N LYS Z 76 15.24 105.50 6.47
CA LYS Z 76 15.29 104.30 7.30
C LYS Z 76 15.01 103.06 6.48
N TYR Z 77 13.89 103.11 5.77
CA TYR Z 77 13.29 101.93 5.20
C TYR Z 77 13.80 101.72 3.75
N LYS Z 78 14.94 101.00 3.65
CA LYS Z 78 15.76 100.84 2.41
C LYS Z 78 15.95 99.38 1.94
N PRO Z 79 16.20 99.16 0.62
CA PRO Z 79 15.96 97.88 0.00
C PRO Z 79 17.10 96.92 0.25
N LEU Z 80 16.93 95.67 -0.12
CA LEU Z 80 17.83 94.60 0.31
C LEU Z 80 19.22 94.72 -0.32
N ASP Z 81 19.24 94.88 -1.63
CA ASP Z 81 20.49 95.10 -2.36
C ASP Z 81 21.49 95.94 -1.57
N LEU Z 82 21.02 97.07 -1.04
CA LEU Z 82 21.88 98.07 -0.41
C LEU Z 82 22.10 97.83 1.08
N ARG Z 83 21.14 97.15 1.73
CA ARG Z 83 21.24 96.78 3.15
C ARG Z 83 22.58 95.99 3.29
N PRO Z 84 23.28 96.12 4.42
CA PRO Z 84 24.66 95.63 4.50
C PRO Z 84 24.78 94.13 4.69
N LYS Z 85 25.40 93.46 3.72
CA LYS Z 85 25.46 91.98 3.66
C LYS Z 85 26.76 91.42 4.26
N LYS Z 86 26.77 91.28 5.58
CA LYS Z 86 27.88 90.63 6.28
C LYS Z 86 27.68 89.10 6.32
N THR Z 87 26.90 88.59 7.27
CA THR Z 87 26.68 87.13 7.44
C THR Z 87 25.39 86.94 8.26
N ARG Z 88 24.59 85.90 8.05
CA ARG Z 88 23.25 85.88 8.70
C ARG Z 88 23.35 85.99 10.17
N ALA Z 89 24.18 85.17 10.78
CA ALA Z 89 24.48 85.33 12.19
C ALA Z 89 24.83 86.78 12.49
N MET Z 90 25.73 87.31 11.68
CA MET Z 90 26.27 88.65 11.88
C MET Z 90 25.25 89.80 11.76
N ARG Z 91 24.21 89.62 10.96
CA ARG Z 91 23.18 90.65 10.79
C ARG Z 91 22.06 90.48 11.82
N ARG Z 92 22.13 89.36 12.55
CA ARG Z 92 21.29 89.09 13.72
C ARG Z 92 22.07 89.12 15.05
N ARG Z 93 23.35 89.54 15.01
CA ARG Z 93 24.04 89.98 16.23
C ARG Z 93 23.22 91.16 16.75
N LEU Z 94 23.34 91.42 18.04
CA LEU Z 94 22.70 92.58 18.66
C LEU Z 94 23.28 93.89 18.11
N ASN Z 95 22.50 94.94 18.29
CA ASN Z 95 22.63 96.14 17.51
C ASN Z 95 23.92 96.98 17.63
N LYS Z 96 24.55 96.92 18.81
CA LYS Z 96 25.61 97.86 19.29
C LYS Z 96 25.05 99.02 20.12
N HIS Z 97 23.73 99.11 20.29
CA HIS Z 97 23.18 99.61 21.55
C HIS Z 97 22.80 98.52 22.49
N GLU Z 98 22.43 97.40 21.92
CA GLU Z 98 21.66 96.44 22.63
C GLU Z 98 22.60 95.36 23.19
N GLU Z 99 23.84 95.75 23.52
CA GLU Z 99 24.66 95.02 24.49
C GLU Z 99 25.37 95.95 25.48
N ASN Z 100 25.83 97.12 25.01
CA ASN Z 100 26.36 98.18 25.86
C ASN Z 100 25.27 98.98 26.60
N LEU Z 101 24.00 98.62 26.38
CA LEU Z 101 22.93 98.96 27.33
C LEU Z 101 23.18 98.23 28.63
N LYS Z 102 22.82 98.89 29.73
CA LYS Z 102 22.89 98.29 31.05
C LYS Z 102 21.60 98.64 31.78
N THR Z 103 21.14 97.74 32.63
CA THR Z 103 19.98 97.97 33.48
C THR Z 103 20.34 99.02 34.52
N LYS Z 104 19.39 99.88 34.85
CA LYS Z 104 19.68 101.00 35.73
C LYS Z 104 20.16 100.54 37.10
N LYS Z 105 19.63 99.41 37.57
CA LYS Z 105 20.14 98.74 38.78
C LYS Z 105 21.64 98.55 38.74
N GLN Z 106 22.11 98.08 37.60
CA GLN Z 106 23.50 97.72 37.43
C GLN Z 106 24.38 98.98 37.37
N GLN Z 107 23.89 100.04 36.70
CA GLN Z 107 24.64 101.30 36.60
C GLN Z 107 24.91 101.84 38.01
N ARG Z 108 23.84 101.85 38.81
CA ARG Z 108 23.88 102.24 40.21
C ARG Z 108 24.99 101.48 40.98
N LYS Z 109 25.25 100.22 40.61
CA LYS Z 109 26.37 99.44 41.19
C LYS Z 109 27.74 99.81 40.63
N GLU Z 110 27.79 100.05 39.32
CA GLU Z 110 29.02 100.50 38.69
C GLU Z 110 29.47 101.84 39.25
N ARG Z 111 28.54 102.69 39.68
CA ARG Z 111 28.92 103.96 40.29
C ARG Z 111 29.44 103.80 41.70
N LEU Z 112 28.71 103.12 42.56
CA LEU Z 112 29.07 103.06 43.98
C LEU Z 112 30.24 102.17 44.32
N TYR Z 113 30.51 101.21 43.45
CA TYR Z 113 31.51 100.19 43.73
C TYR Z 113 32.35 99.84 42.51
N PRO Z 114 33.07 100.83 41.98
CA PRO Z 114 34.00 100.56 40.90
C PRO Z 114 35.25 99.89 41.44
N LEU Z 115 36.06 99.36 40.54
CA LEU Z 115 37.25 98.61 40.91
C LEU Z 115 38.40 99.59 40.99
N ARG Z 116 39.02 99.73 42.17
CA ARG Z 116 40.25 100.53 42.23
C ARG Z 116 41.35 99.82 41.44
N LYS Z 117 42.46 100.54 41.33
CA LYS Z 117 43.75 100.01 40.97
C LYS Z 117 44.54 99.93 42.30
N PHE Z 118 45.56 99.07 42.37
CA PHE Z 118 46.40 98.79 43.59
C PHE Z 118 47.38 97.70 43.39
N ALA Z 119 48.63 98.01 43.66
CA ALA Z 119 49.54 96.98 44.10
C ALA Z 119 49.52 97.01 45.62
N VAL Z 120 50.11 95.97 46.21
CA VAL Z 120 50.09 95.76 47.65
C VAL Z 120 51.49 95.37 48.14
N LYS Z 121 51.56 94.93 49.40
CA LYS Z 121 52.81 94.87 50.19
C LYS Z 121 53.82 95.99 49.90
N ALA Z 122 53.50 97.14 50.50
CA ALA Z 122 54.43 98.26 50.62
C ALA Z 122 53.89 99.25 51.68
N ALA AA 1 40.84 65.70 87.59
CA ALA AA 1 42.32 65.57 87.78
C ALA AA 1 42.99 65.07 86.51
N LEU AA 2 43.46 66.02 85.70
CA LEU AA 2 44.09 65.75 84.42
C LEU AA 2 43.15 64.97 83.50
N ARG AA 3 42.32 65.72 82.79
CA ARG AA 3 41.45 65.17 81.76
C ARG AA 3 41.91 65.83 80.44
N TYR AA 4 42.81 65.17 79.72
CA TYR AA 4 43.28 65.72 78.44
C TYR AA 4 42.10 65.73 77.48
N PRO AA 5 42.10 66.67 76.51
CA PRO AA 5 41.06 66.63 75.48
C PRO AA 5 41.29 65.43 74.56
N MET AA 6 40.29 64.57 74.47
CA MET AA 6 40.41 63.30 73.76
C MET AA 6 39.58 63.35 72.51
N ALA AA 7 40.08 62.76 71.43
CA ALA AA 7 39.30 62.75 70.18
C ALA AA 7 38.42 61.50 70.06
N VAL AA 8 37.94 61.04 71.19
CA VAL AA 8 36.94 59.99 71.25
C VAL AA 8 36.33 60.03 72.68
N GLY AA 9 35.06 59.65 72.79
CA GLY AA 9 34.33 59.78 74.04
C GLY AA 9 33.13 60.65 73.80
N LEU AA 10 32.53 61.12 74.89
CA LEU AA 10 31.29 61.90 74.82
C LEU AA 10 31.57 63.32 74.33
N ASN AA 11 31.94 64.23 75.23
CA ASN AA 11 32.54 65.49 74.79
C ASN AA 11 33.95 65.26 74.24
N LYS AA 12 34.10 65.39 72.92
CA LYS AA 12 35.37 65.12 72.25
C LYS AA 12 35.74 66.23 71.28
N GLY AA 13 36.95 66.12 70.74
CA GLY AA 13 37.43 67.01 69.71
C GLY AA 13 38.09 68.23 70.29
N HIS AA 14 39.00 68.80 69.48
CA HIS AA 14 39.83 69.92 69.91
C HIS AA 14 38.93 70.95 70.53
N LYS AA 15 39.26 71.39 71.73
CA LYS AA 15 38.43 72.36 72.42
C LYS AA 15 38.63 73.73 71.80
N VAL AA 16 37.50 74.39 71.57
CA VAL AA 16 37.41 75.62 70.80
C VAL AA 16 36.26 76.44 71.38
N THR AA 17 36.55 77.69 71.74
CA THR AA 17 35.53 78.54 72.32
C THR AA 17 34.58 79.02 71.22
N LYS AA 18 33.28 78.94 71.51
CA LYS AA 18 32.22 79.10 70.53
C LYS AA 18 31.73 80.54 70.45
N ASN AA 19 31.87 81.18 69.28
CA ASN AA 19 31.10 82.41 69.01
C ASN AA 19 29.67 82.00 68.69
N VAL AA 20 28.77 82.94 68.90
CA VAL AA 20 27.38 82.78 68.54
C VAL AA 20 27.05 83.94 67.62
N SER AA 21 26.37 83.61 66.52
CA SER AA 21 25.98 84.59 65.53
C SER AA 21 24.49 84.47 65.27
N LYS AA 22 23.92 85.57 64.77
CA LYS AA 22 22.49 85.65 64.44
C LYS AA 22 22.24 84.61 63.35
N PRO AA 23 21.39 83.60 63.62
CA PRO AA 23 21.21 82.55 62.61
C PRO AA 23 20.75 83.17 61.30
N ARG AA 24 21.47 82.86 60.23
CA ARG AA 24 21.27 83.41 58.89
C ARG AA 24 19.86 83.75 58.56
N HIS AA 25 19.60 84.86 57.86
CA HIS AA 25 18.22 85.08 57.52
C HIS AA 25 17.66 83.82 56.73
N SER AA 26 18.50 83.07 56.02
CA SER AA 26 18.08 81.75 55.43
C SER AA 26 17.11 80.87 56.22
N ARG AA 27 17.53 80.39 57.39
CA ARG AA 27 16.87 79.22 58.02
C ARG AA 27 15.46 79.47 58.56
N ARG AA 28 15.03 80.73 58.62
CA ARG AA 28 13.60 80.97 58.68
C ARG AA 28 13.07 80.85 57.26
N ARG AA 29 12.37 79.75 57.03
CA ARG AA 29 11.57 79.61 55.86
C ARG AA 29 10.32 78.90 56.22
N GLY AA 30 9.27 79.27 55.52
CA GLY AA 30 7.97 78.85 55.89
C GLY AA 30 7.75 78.93 57.38
N ARG AA 31 8.06 80.08 57.98
CA ARG AA 31 7.55 80.38 59.30
C ARG AA 31 6.35 81.27 59.08
N LEU AA 32 5.24 80.84 59.63
CA LEU AA 32 3.94 81.38 59.30
C LEU AA 32 3.78 82.84 59.73
N THR AA 33 3.94 83.76 58.79
CA THR AA 33 3.80 85.18 59.09
C THR AA 33 2.34 85.57 59.22
N LYS AA 34 2.09 86.67 59.91
CA LYS AA 34 0.74 87.04 60.25
C LYS AA 34 -0.11 87.35 59.04
N HIS AA 35 0.45 87.97 58.00
CA HIS AA 35 -0.37 88.22 56.81
C HIS AA 35 -0.55 86.92 56.01
N THR AA 36 0.49 86.13 55.73
CA THR AA 36 0.26 84.82 55.06
C THR AA 36 -0.67 83.91 55.87
N LYS AA 37 -0.77 84.17 57.17
CA LYS AA 37 -1.88 83.65 57.95
C LYS AA 37 -3.17 84.33 57.56
N PHE AA 38 -3.32 85.68 57.68
CA PHE AA 38 -4.63 86.23 57.28
C PHE AA 38 -4.99 85.54 55.90
N VAL AA 39 -4.02 85.33 54.98
CA VAL AA 39 -4.29 84.63 53.68
C VAL AA 39 -4.91 83.26 53.83
N ARG AA 40 -4.15 82.37 54.42
CA ARG AA 40 -4.35 80.96 54.19
C ARG AA 40 -5.71 80.48 54.67
N ASP AA 41 -6.31 81.15 55.66
CA ASP AA 41 -7.66 80.78 56.15
C ASP AA 41 -8.77 81.19 55.17
N MET AA 42 -8.59 82.31 54.47
CA MET AA 42 -9.55 82.74 53.45
C MET AA 42 -9.87 81.62 52.51
N ILE AA 43 -8.82 81.11 51.93
CA ILE AA 43 -8.91 80.10 50.93
C ILE AA 43 -9.36 78.76 51.59
N ARG AA 44 -9.03 78.54 52.86
CA ARG AA 44 -9.58 77.41 53.64
C ARG AA 44 -11.10 77.57 53.97
N GLU AA 45 -11.70 78.75 53.71
CA GLU AA 45 -13.20 78.90 53.70
C GLU AA 45 -13.88 79.49 52.44
N VAL AA 46 -13.12 79.91 51.44
CA VAL AA 46 -13.70 80.26 50.14
C VAL AA 46 -13.89 78.96 49.38
N CYS AA 47 -12.78 78.24 49.20
CA CYS AA 47 -12.78 76.91 48.57
C CYS AA 47 -13.44 75.91 49.48
N GLY AA 48 -13.01 75.94 50.73
CA GLY AA 48 -13.40 74.97 51.72
C GLY AA 48 -12.42 73.82 51.65
N PHE AA 49 -12.98 72.62 51.57
CA PHE AA 49 -12.40 71.41 52.11
C PHE AA 49 -12.32 70.35 51.00
N ALA AA 50 -11.22 69.61 50.97
CA ALA AA 50 -11.05 68.55 49.96
C ALA AA 50 -11.80 67.28 50.34
N PRO AA 51 -12.22 66.47 49.35
CA PRO AA 51 -13.04 65.27 49.55
C PRO AA 51 -12.57 64.34 50.65
N TYR AA 52 -11.26 64.15 50.76
CA TYR AA 52 -10.71 63.31 51.82
C TYR AA 52 -10.54 64.05 53.14
N GLU AA 53 -10.22 65.34 53.08
CA GLU AA 53 -10.32 66.22 54.24
C GLU AA 53 -11.68 65.97 54.92
N ARG AA 54 -12.76 65.94 54.14
CA ARG AA 54 -14.12 65.72 54.68
C ARG AA 54 -14.29 64.31 55.21
N ARG AA 55 -13.81 63.32 54.47
CA ARG AA 55 -13.97 61.92 54.88
C ARG AA 55 -13.00 61.45 55.97
N ALA AA 56 -12.07 62.31 56.35
CA ALA AA 56 -11.34 62.14 57.61
C ALA AA 56 -12.02 62.86 58.77
N MET AA 57 -12.73 63.97 58.50
CA MET AA 57 -13.55 64.63 59.54
C MET AA 57 -14.53 63.64 60.12
N GLU AA 58 -15.30 62.99 59.24
CA GLU AA 58 -16.34 62.08 59.66
C GLU AA 58 -15.82 60.92 60.54
N LEU AA 59 -14.58 60.50 60.31
CA LEU AA 59 -13.92 59.49 61.16
C LEU AA 59 -13.50 60.04 62.52
N LEU AA 60 -13.20 61.34 62.57
CA LEU AA 60 -12.91 62.03 63.81
C LEU AA 60 -14.16 62.43 64.59
N LYS AA 61 -15.23 62.83 63.90
CA LYS AA 61 -16.53 63.10 64.54
C LYS AA 61 -17.00 61.93 65.40
N VAL AA 62 -16.81 60.73 64.88
CA VAL AA 62 -17.24 59.47 65.51
C VAL AA 62 -16.04 58.87 66.23
N SER AA 63 -15.34 59.70 67.00
CA SER AA 63 -14.01 59.41 67.55
C SER AA 63 -13.46 58.00 67.19
N LYS AA 64 -12.99 57.87 65.96
CA LYS AA 64 -12.41 56.64 65.43
C LYS AA 64 -11.04 56.97 64.85
N ASP AA 65 -10.20 57.54 65.71
CA ASP AA 65 -9.00 58.26 65.25
C ASP AA 65 -7.79 57.41 64.83
N LYS AA 66 -7.98 56.10 64.68
CA LYS AA 66 -6.95 55.29 64.07
C LYS AA 66 -7.17 55.19 62.57
N ARG AA 67 -8.37 54.79 62.14
CA ARG AA 67 -8.74 54.91 60.73
C ARG AA 67 -8.41 56.33 60.25
N ALA AA 68 -8.51 57.33 61.13
CA ALA AA 68 -8.22 58.71 60.76
C ALA AA 68 -6.83 58.91 60.17
N LEU AA 69 -5.78 58.68 60.95
CA LEU AA 69 -4.43 58.85 60.39
C LEU AA 69 -4.03 57.70 59.47
N LYS AA 70 -4.61 56.50 59.64
CA LYS AA 70 -4.43 55.45 58.63
C LYS AA 70 -5.16 55.72 57.32
N PHE AA 71 -6.25 56.51 57.38
CA PHE AA 71 -6.84 57.06 56.15
C PHE AA 71 -5.71 57.89 55.58
N ILE AA 72 -5.38 58.94 56.31
CA ILE AA 72 -4.61 60.04 55.79
C ILE AA 72 -3.19 59.60 55.40
N LYS AA 73 -2.65 58.58 56.08
CA LYS AA 73 -1.32 58.05 55.75
C LYS AA 73 -1.30 57.51 54.34
N LYS AA 74 -2.18 56.56 54.06
CA LYS AA 74 -2.32 56.02 52.71
C LYS AA 74 -2.56 57.14 51.71
N ARG AA 75 -3.30 58.16 52.13
CA ARG AA 75 -3.65 59.26 51.24
C ARG AA 75 -2.50 60.22 50.95
N VAL AA 76 -1.99 60.86 51.99
CA VAL AA 76 -1.05 61.94 51.84
C VAL AA 76 0.36 61.43 51.60
N GLY AA 77 0.81 60.48 52.40
CA GLY AA 77 2.09 59.83 52.12
C GLY AA 77 2.85 59.32 53.32
N THR AA 78 3.41 60.24 54.09
CA THR AA 78 4.24 59.88 55.22
C THR AA 78 3.46 59.92 56.51
N HIS AA 79 4.06 59.35 57.54
CA HIS AA 79 3.47 59.33 58.86
C HIS AA 79 3.55 60.68 59.55
N ILE AA 80 4.56 61.48 59.18
CA ILE AA 80 4.76 62.78 59.80
C ILE AA 80 3.75 63.76 59.20
N ARG AA 81 3.55 63.68 57.90
CA ARG AA 81 2.56 64.52 57.24
C ARG AA 81 1.13 64.16 57.60
N ALA AA 82 0.87 62.86 57.74
CA ALA AA 82 -0.47 62.42 58.11
C ALA AA 82 -0.86 62.86 59.52
N LYS AA 83 0.08 62.73 60.45
CA LYS AA 83 -0.11 63.14 61.83
C LYS AA 83 -0.39 64.62 61.90
N ARG AA 84 0.44 65.39 61.22
CA ARG AA 84 0.26 66.82 61.08
C ARG AA 84 -1.12 67.15 60.56
N LYS AA 85 -1.52 66.49 59.47
CA LYS AA 85 -2.80 66.76 58.82
C LYS AA 85 -4.01 66.41 59.68
N ARG AA 86 -3.88 65.39 60.54
CA ARG AA 86 -4.94 65.04 61.49
C ARG AA 86 -5.15 66.12 62.54
N GLU AA 87 -4.05 66.59 63.14
CA GLU AA 87 -4.11 67.61 64.17
C GLU AA 87 -4.45 68.99 63.63
N GLU AA 88 -4.30 69.19 62.32
CA GLU AA 88 -4.90 70.33 61.64
C GLU AA 88 -6.42 70.20 61.65
N LEU AA 89 -6.91 69.01 61.27
CA LEU AA 89 -8.35 68.79 61.12
C LEU AA 89 -9.09 68.74 62.43
N SER AA 90 -8.58 68.00 63.41
CA SER AA 90 -9.17 67.96 64.74
C SER AA 90 -9.33 69.36 65.36
N ASN AA 91 -8.41 70.26 65.04
CA ASN AA 91 -8.55 71.68 65.39
C ASN AA 91 -9.74 72.37 64.71
N VAL AA 92 -9.89 72.15 63.41
CA VAL AA 92 -11.02 72.72 62.66
C VAL AA 92 -12.35 72.17 63.16
N LEU AA 93 -12.35 70.89 63.54
CA LEU AA 93 -13.54 70.24 64.09
C LEU AA 93 -13.92 70.80 65.47
N ALA AA 94 -12.92 70.98 66.33
CA ALA AA 94 -13.12 71.60 67.65
C ALA AA 94 -13.61 73.05 67.55
N ALA AA 95 -13.07 73.82 66.61
CA ALA AA 95 -13.52 75.20 66.37
C ALA AA 95 -14.96 75.24 65.82
N MET AA 96 -15.29 74.33 64.89
CA MET AA 96 -16.67 74.16 64.42
C MET AA 96 -17.60 73.79 65.56
N ARG AA 97 -17.12 72.96 66.47
CA ARG AA 97 -17.87 72.58 67.68
C ARG AA 97 -18.15 73.79 68.58
N LYS AA 98 -17.10 74.54 68.91
CA LYS AA 98 -17.21 75.76 69.73
C LYS AA 98 -18.16 76.79 69.10
N ALA AA 99 -17.84 77.20 67.87
CA ALA AA 99 -18.61 78.23 67.17
C ALA AA 99 -20.07 77.80 66.93
N ALA AA 100 -20.29 76.56 66.47
CA ALA AA 100 -21.65 76.03 66.25
C ALA AA 100 -22.40 75.55 67.52
N ALA AA 101 -21.73 75.59 68.69
CA ALA AA 101 -22.40 75.48 70.01
C ALA AA 101 -22.43 76.84 70.72
N LYS AA 102 -23.17 77.77 70.13
CA LYS AA 102 -23.32 79.17 70.61
C LYS AA 102 -24.80 79.46 70.89
N PRO BA 1 -12.60 75.71 -52.56
CA PRO BA 1 -13.03 76.38 -53.80
C PRO BA 1 -14.51 76.20 -54.04
N ARG BA 2 -15.10 77.17 -54.75
CA ARG BA 2 -16.53 77.14 -55.07
C ARG BA 2 -16.71 77.32 -56.56
N LYS BA 3 -17.91 76.98 -57.02
CA LYS BA 3 -18.30 77.21 -58.38
C LYS BA 3 -19.42 78.20 -58.36
N ILE BA 4 -19.21 79.32 -59.03
CA ILE BA 4 -20.29 80.22 -59.34
C ILE BA 4 -21.04 79.69 -60.56
N GLU BA 5 -22.34 79.94 -60.59
CA GLU BA 5 -23.19 79.56 -61.74
C GLU BA 5 -23.51 80.75 -62.63
N GLU BA 6 -23.62 81.95 -62.07
CA GLU BA 6 -24.04 83.12 -62.82
C GLU BA 6 -22.89 84.04 -63.25
N ILE BA 7 -22.84 84.34 -64.55
CA ILE BA 7 -21.86 85.31 -65.13
C ILE BA 7 -21.79 86.63 -64.38
N LYS BA 8 -22.96 87.08 -63.92
CA LYS BA 8 -23.11 88.31 -63.14
C LYS BA 8 -22.38 88.28 -61.79
N ASP BA 9 -22.05 87.09 -61.29
CA ASP BA 9 -21.82 86.89 -59.86
C ASP BA 9 -20.32 86.87 -59.44
N PHE BA 10 -19.38 86.37 -60.25
CA PHE BA 10 -17.95 86.71 -59.97
C PHE BA 10 -17.74 88.18 -60.33
N LEU BA 11 -18.50 88.71 -61.30
CA LEU BA 11 -18.36 90.12 -61.70
C LEU BA 11 -18.54 91.07 -60.51
N LEU BA 12 -19.37 90.69 -59.55
CA LEU BA 12 -19.41 91.33 -58.24
C LEU BA 12 -18.18 90.92 -57.43
N THR BA 13 -17.96 89.60 -57.35
CA THR BA 13 -16.85 89.01 -56.57
C THR BA 13 -15.43 89.38 -57.06
N ALA BA 14 -15.29 89.74 -58.34
CA ALA BA 14 -14.02 90.16 -58.94
C ALA BA 14 -13.86 91.67 -58.88
N ARG BA 15 -14.82 92.35 -58.25
CA ARG BA 15 -14.77 93.78 -58.03
C ARG BA 15 -14.39 94.09 -56.56
N ARG BA 16 -14.04 93.04 -55.81
CA ARG BA 16 -13.79 93.20 -54.37
C ARG BA 16 -12.47 93.86 -54.07
N LYS BA 17 -12.40 94.41 -52.86
CA LYS BA 17 -11.15 94.80 -52.22
C LYS BA 17 -10.14 93.67 -52.21
N ASP BA 18 -10.59 92.52 -51.73
CA ASP BA 18 -9.72 91.39 -51.40
C ASP BA 18 -9.19 90.65 -52.65
N ALA BA 19 -9.93 90.75 -53.75
CA ALA BA 19 -9.73 89.88 -54.90
C ALA BA 19 -8.51 90.23 -55.71
N LYS BA 20 -8.04 89.24 -56.45
CA LYS BA 20 -6.94 89.43 -57.39
C LYS BA 20 -6.80 88.23 -58.34
N SER BA 21 -5.96 88.42 -59.35
CA SER BA 21 -5.39 87.35 -60.14
C SER BA 21 -6.37 86.51 -61.00
N VAL BA 22 -7.53 87.06 -61.32
CA VAL BA 22 -8.49 86.41 -62.24
C VAL BA 22 -7.83 85.53 -63.34
N LYS BA 23 -7.51 84.31 -62.96
CA LYS BA 23 -6.75 83.40 -63.79
C LYS BA 23 -7.70 82.73 -64.78
N ILE BA 24 -7.33 82.70 -66.07
CA ILE BA 24 -8.20 82.18 -67.14
C ILE BA 24 -7.58 80.99 -67.83
N LYS BA 25 -8.11 79.81 -67.54
CA LYS BA 25 -7.71 78.59 -68.22
C LYS BA 25 -8.66 78.40 -69.37
N LYS BA 26 -8.13 77.91 -70.49
CA LYS BA 26 -8.92 77.57 -71.66
C LYS BA 26 -8.77 76.07 -72.03
N ASN BA 27 -9.77 75.27 -71.64
CA ASN BA 27 -9.72 73.80 -71.73
C ASN BA 27 -10.03 73.22 -73.09
N LYS BA 28 -10.53 74.07 -74.00
CA LYS BA 28 -11.53 73.68 -75.01
C LYS BA 28 -12.89 73.52 -74.31
N ASP BA 29 -13.81 74.40 -74.69
CA ASP BA 29 -15.23 74.39 -74.31
C ASP BA 29 -15.56 75.01 -72.94
N ASN BA 30 -14.73 74.74 -71.93
CA ASN BA 30 -14.97 75.24 -70.60
C ASN BA 30 -14.54 76.69 -70.45
N VAL BA 31 -13.27 76.96 -70.69
CA VAL BA 31 -12.75 78.31 -70.56
C VAL BA 31 -13.07 78.87 -69.16
N LYS BA 32 -12.40 78.35 -68.13
CA LYS BA 32 -12.70 78.71 -66.73
C LYS BA 32 -12.09 80.03 -66.27
N PHE BA 33 -12.77 80.71 -65.35
CA PHE BA 33 -12.36 82.03 -64.85
C PHE BA 33 -12.17 82.00 -63.34
N LYS BA 34 -11.02 81.52 -62.88
CA LYS BA 34 -10.77 81.42 -61.43
C LYS BA 34 -10.36 82.76 -60.85
N VAL BA 35 -11.18 83.31 -59.94
CA VAL BA 35 -10.82 84.54 -59.21
C VAL BA 35 -10.50 84.23 -57.78
N ARG BA 36 -9.23 84.42 -57.46
CA ARG BA 36 -8.75 84.26 -56.11
C ARG BA 36 -9.40 85.32 -55.21
N CYS BA 37 -9.67 84.91 -53.98
CA CYS BA 37 -9.95 85.82 -52.89
C CYS BA 37 -9.19 85.33 -51.66
N SER BA 38 -9.26 86.07 -50.57
CA SER BA 38 -8.58 85.70 -49.33
C SER BA 38 -8.91 84.27 -48.92
N ARG BA 39 -10.19 83.98 -48.74
CA ARG BA 39 -10.64 82.62 -48.42
C ARG BA 39 -10.58 81.73 -49.66
N TYR BA 40 -11.57 81.90 -50.53
CA TYR BA 40 -11.99 80.85 -51.44
C TYR BA 40 -11.45 81.15 -52.86
N LEU BA 41 -11.88 80.35 -53.85
CA LEU BA 41 -11.50 80.51 -55.28
C LEU BA 41 -12.69 80.31 -56.23
N TYR BA 42 -13.51 81.34 -56.44
CA TYR BA 42 -14.82 81.15 -57.14
C TYR BA 42 -14.50 81.13 -58.64
N THR BA 43 -14.85 80.02 -59.30
CA THR BA 43 -14.64 79.88 -60.76
C THR BA 43 -15.98 79.80 -61.48
N LEU BA 44 -15.98 80.24 -62.74
CA LEU BA 44 -17.12 80.03 -63.62
C LEU BA 44 -16.72 79.20 -64.81
N VAL BA 45 -17.49 78.15 -65.04
CA VAL BA 45 -17.37 77.31 -66.22
C VAL BA 45 -18.32 77.93 -67.24
N ILE BA 46 -17.76 78.63 -68.23
CA ILE BA 46 -18.52 79.07 -69.39
C ILE BA 46 -18.56 77.89 -70.36
N THR BA 47 -19.67 77.68 -71.05
CA THR BA 47 -19.70 76.69 -72.14
C THR BA 47 -19.56 77.37 -73.52
N ASP BA 48 -20.18 78.55 -73.68
CA ASP BA 48 -20.17 79.30 -74.95
C ASP BA 48 -18.88 80.13 -75.14
N LYS BA 49 -18.00 79.68 -76.04
CA LYS BA 49 -16.67 80.29 -76.25
C LYS BA 49 -16.70 81.77 -76.69
N GLU BA 50 -17.81 82.20 -77.30
CA GLU BA 50 -18.03 83.62 -77.57
C GLU BA 50 -18.20 84.36 -76.24
N LYS BA 51 -19.15 83.88 -75.43
CA LYS BA 51 -19.55 84.54 -74.19
C LYS BA 51 -18.38 84.73 -73.23
N ALA BA 52 -17.38 83.85 -73.33
CA ALA BA 52 -16.11 83.98 -72.59
C ALA BA 52 -15.23 85.16 -73.07
N GLU BA 53 -14.90 85.19 -74.36
CA GLU BA 53 -14.00 86.23 -74.91
C GLU BA 53 -14.61 87.63 -74.82
N LYS BA 54 -15.94 87.68 -74.80
CA LYS BA 54 -16.71 88.86 -74.44
C LYS BA 54 -16.35 89.27 -72.99
N LEU BA 55 -16.50 88.30 -72.09
CA LEU BA 55 -16.27 88.46 -70.64
C LEU BA 55 -14.87 88.94 -70.29
N LYS BA 56 -13.86 88.34 -70.94
CA LYS BA 56 -12.47 88.82 -70.87
C LYS BA 56 -12.45 90.35 -70.73
N GLN BA 57 -13.23 91.00 -71.60
CA GLN BA 57 -13.41 92.43 -71.57
C GLN BA 57 -14.65 92.78 -70.72
N SER BA 58 -14.38 93.04 -69.45
CA SER BA 58 -15.39 93.37 -68.41
C SER BA 58 -14.68 93.54 -67.07
N LEU BA 59 -13.81 92.58 -66.76
CA LEU BA 59 -12.79 92.66 -65.71
C LEU BA 59 -12.33 94.09 -65.45
N PRO BA 60 -12.79 94.70 -64.33
CA PRO BA 60 -12.93 96.17 -64.35
C PRO BA 60 -11.66 97.04 -64.31
N PRO BA 61 -10.96 97.12 -63.15
CA PRO BA 61 -10.02 98.23 -62.99
C PRO BA 61 -8.64 98.04 -63.63
N GLY BA 62 -8.18 96.79 -63.72
CA GLY BA 62 -6.77 96.48 -63.81
C GLY BA 62 -6.44 95.44 -62.75
N LEU BA 63 -6.99 94.24 -62.95
CA LEU BA 63 -6.67 93.06 -62.15
C LEU BA 63 -5.59 92.32 -62.95
N ALA BA 64 -5.07 91.20 -62.44
CA ALA BA 64 -3.90 90.55 -63.05
C ALA BA 64 -4.16 89.97 -64.44
N VAL BA 65 -5.25 89.22 -64.57
CA VAL BA 65 -5.63 88.54 -65.82
C VAL BA 65 -4.44 87.76 -66.37
N LYS BA 66 -3.91 86.88 -65.54
CA LYS BA 66 -2.84 85.99 -65.94
C LYS BA 66 -3.49 84.87 -66.74
N GLU BA 67 -3.48 85.02 -68.07
CA GLU BA 67 -4.13 84.08 -68.98
C GLU BA 67 -3.35 82.78 -69.06
N LEU BA 68 -3.85 81.77 -68.36
CA LEU BA 68 -3.03 80.61 -67.99
C LEU BA 68 -2.72 79.73 -69.17
N LYS BA 69 -1.42 79.48 -69.37
CA LYS BA 69 -0.94 78.45 -70.29
C LYS BA 69 0.47 78.02 -69.85
N SER CA 1 15.23 58.02 -28.69
CA SER CA 1 13.79 57.75 -28.40
C SER CA 1 12.80 58.41 -29.36
N SER CA 2 13.20 59.51 -30.00
CA SER CA 2 12.36 60.26 -30.93
C SER CA 2 11.29 61.10 -30.20
N HIS CA 3 10.80 60.64 -29.05
CA HIS CA 3 10.14 61.52 -28.07
C HIS CA 3 11.09 61.73 -26.94
N LYS CA 4 11.79 62.84 -26.97
CA LYS CA 4 12.66 63.22 -25.89
C LYS CA 4 11.98 64.34 -25.14
N THR CA 5 12.48 64.63 -23.96
CA THR CA 5 12.23 65.90 -23.32
C THR CA 5 13.35 66.84 -23.75
N PHE CA 6 13.32 68.05 -23.24
CA PHE CA 6 14.39 69.02 -23.43
C PHE CA 6 15.55 68.68 -22.53
N ARG CA 7 15.24 68.32 -21.29
CA ARG CA 7 16.25 68.03 -20.27
C ARG CA 7 17.15 66.91 -20.71
N ILE CA 8 16.53 65.89 -21.30
CA ILE CA 8 17.27 64.78 -21.91
C ILE CA 8 18.04 65.25 -23.15
N LYS CA 9 17.46 66.13 -23.96
CA LYS CA 9 18.16 66.66 -25.14
C LYS CA 9 19.41 67.47 -24.77
N ARG CA 10 19.26 68.41 -23.84
CA ARG CA 10 20.39 69.15 -23.27
C ARG CA 10 21.51 68.25 -22.75
N PHE CA 11 21.19 67.06 -22.24
CA PHE CA 11 22.25 66.06 -21.86
C PHE CA 11 23.11 65.74 -23.04
N LEU CA 12 22.45 65.27 -24.08
CA LEU CA 12 23.14 64.52 -25.09
C LEU CA 12 23.94 65.48 -25.92
N ALA CA 13 23.34 66.62 -26.20
CA ALA CA 13 24.07 67.79 -26.68
C ALA CA 13 25.42 67.97 -26.01
N LYS CA 14 25.41 67.98 -24.67
CA LYS CA 14 26.62 68.14 -23.89
C LYS CA 14 27.52 66.96 -24.12
N LYS CA 15 27.01 65.77 -23.84
CA LYS CA 15 27.77 64.54 -24.00
C LYS CA 15 28.39 64.48 -25.38
N GLN CA 16 27.61 64.79 -26.41
CA GLN CA 16 28.08 64.79 -27.79
C GLN CA 16 29.33 65.65 -28.00
N LYS CA 17 29.33 66.86 -27.44
CA LYS CA 17 30.47 67.77 -27.55
C LYS CA 17 31.67 67.31 -26.75
N GLN CA 18 31.43 66.51 -25.71
CA GLN CA 18 32.53 65.97 -24.91
C GLN CA 18 33.32 64.84 -25.57
N ASN CA 19 32.89 64.32 -26.73
CA ASN CA 19 33.67 63.26 -27.38
C ASN CA 19 34.86 63.71 -28.20
N ARG CA 20 34.82 64.93 -28.76
CA ARG CA 20 35.86 65.35 -29.71
C ARG CA 20 37.28 65.15 -29.11
N PRO CA 21 38.28 64.74 -29.94
CA PRO CA 21 39.65 64.29 -29.59
C PRO CA 21 40.42 65.12 -28.53
N ILE CA 22 41.67 65.50 -28.82
CA ILE CA 22 42.34 66.62 -28.15
C ILE CA 22 42.95 67.49 -29.24
N PRO CA 23 42.80 68.82 -29.13
CA PRO CA 23 43.51 69.63 -30.11
C PRO CA 23 45.00 69.30 -30.09
N GLN CA 24 45.57 69.03 -31.25
CA GLN CA 24 46.97 68.61 -31.32
C GLN CA 24 47.85 69.58 -30.60
N TRP CA 25 47.56 70.87 -30.75
CA TRP CA 25 48.41 71.86 -30.14
C TRP CA 25 48.56 71.69 -28.64
N ILE CA 26 47.56 71.14 -27.96
CA ILE CA 26 47.71 70.88 -26.53
C ILE CA 26 49.02 70.19 -26.29
N ARG CA 27 49.32 69.16 -27.07
CA ARG CA 27 50.49 68.30 -26.78
C ARG CA 27 51.83 69.07 -26.77
N MET CA 28 51.87 70.29 -27.33
CA MET CA 28 53.04 71.21 -27.23
C MET CA 28 53.10 72.12 -25.97
N LYS CA 29 52.03 72.18 -25.18
CA LYS CA 29 52.01 72.98 -23.95
C LYS CA 29 53.20 72.67 -23.06
N THR CA 30 53.68 73.70 -22.38
CA THR CA 30 54.92 73.64 -21.66
C THR CA 30 55.07 72.42 -20.74
N GLY CA 31 54.06 72.17 -19.90
CA GLY CA 31 54.13 71.08 -18.93
C GLY CA 31 52.98 70.11 -19.07
N ASN CA 32 52.98 69.30 -20.13
CA ASN CA 32 51.92 68.30 -20.32
C ASN CA 32 52.13 66.96 -19.68
N LYS CA 33 51.01 66.30 -19.45
CA LYS CA 33 50.98 64.87 -19.17
C LYS CA 33 49.88 64.22 -20.01
N ILE CA 34 49.41 64.92 -21.04
CA ILE CA 34 48.17 64.63 -21.72
C ILE CA 34 48.52 64.23 -23.13
N ARG CA 35 48.05 63.06 -23.56
CA ARG CA 35 48.32 62.56 -24.91
C ARG CA 35 47.08 62.14 -25.72
N TYR CA 36 46.08 61.58 -25.05
CA TYR CA 36 44.83 61.19 -25.69
C TYR CA 36 43.72 61.38 -24.67
N ASN CA 37 42.50 61.65 -25.14
CA ASN CA 37 41.39 62.15 -24.29
C ASN CA 37 41.11 61.29 -23.05
N SER CA 38 40.84 60.00 -23.23
CA SER CA 38 40.74 59.05 -22.11
C SER CA 38 39.42 59.08 -21.29
N LYS CA 39 38.46 59.88 -21.75
CA LYS CA 39 37.10 59.85 -21.23
C LYS CA 39 36.15 59.75 -22.40
N ARG CA 40 36.57 59.08 -23.47
CA ARG CA 40 35.72 59.01 -24.65
C ARG CA 40 34.73 57.89 -24.47
N ARG CA 41 33.60 58.06 -25.13
CA ARG CA 41 32.48 57.14 -25.07
C ARG CA 41 32.23 56.69 -26.51
N HIS CA 42 31.50 55.61 -26.66
CA HIS CA 42 31.07 55.08 -27.95
C HIS CA 42 29.66 54.54 -27.76
N TRP CA 43 28.66 54.85 -28.59
CA TRP CA 43 27.29 54.39 -28.19
C TRP CA 43 27.25 52.94 -27.75
N ARG CA 44 28.06 52.06 -28.33
CA ARG CA 44 27.79 50.63 -28.19
C ARG CA 44 28.29 50.08 -26.87
N ARG CA 45 29.40 50.62 -26.39
CA ARG CA 45 30.03 50.09 -25.20
C ARG CA 45 30.32 51.22 -24.27
N THR CA 46 29.69 51.16 -23.09
CA THR CA 46 29.47 52.29 -22.19
C THR CA 46 28.21 53.02 -22.67
N LYS CA 47 27.18 53.01 -21.85
CA LYS CA 47 25.85 53.34 -22.30
C LYS CA 47 25.29 54.53 -21.56
N LEU CA 48 25.98 55.66 -21.71
CA LEU CA 48 25.53 56.94 -21.19
C LEU CA 48 25.32 56.88 -19.67
N GLY CA 49 24.86 57.98 -19.08
CA GLY CA 49 24.44 58.01 -17.68
C GLY CA 49 22.94 57.81 -17.54
N LEU CA 50 22.39 56.90 -18.36
CA LEU CA 50 20.98 56.60 -18.40
C LEU CA 50 20.83 55.10 -18.59
N ILE DA 1 34.05 -71.39 -27.36
CA ILE DA 1 34.04 -69.88 -27.39
C ILE DA 1 35.47 -69.30 -27.27
N ILE DA 2 36.16 -69.65 -26.20
CA ILE DA 2 37.52 -69.19 -25.92
C ILE DA 2 38.12 -70.20 -24.93
N GLU DA 3 39.04 -71.01 -25.42
CA GLU DA 3 39.52 -72.20 -24.70
C GLU DA 3 40.15 -71.83 -23.34
N PRO DA 4 39.80 -72.55 -22.25
CA PRO DA 4 40.28 -72.26 -20.88
C PRO DA 4 41.74 -71.81 -20.70
N SER DA 5 42.71 -72.60 -21.16
CA SER DA 5 44.14 -72.25 -21.04
C SER DA 5 44.46 -70.95 -21.80
N LEU DA 6 43.85 -70.79 -22.97
CA LEU DA 6 43.93 -69.55 -23.73
C LEU DA 6 43.37 -68.35 -22.95
N ARG DA 7 42.21 -68.54 -22.35
CA ARG DA 7 41.56 -67.48 -21.59
C ARG DA 7 42.42 -67.07 -20.42
N GLN DA 8 42.78 -68.05 -19.60
CA GLN DA 8 43.54 -67.76 -18.39
C GLN DA 8 44.99 -67.32 -18.67
N LEU DA 9 45.39 -67.28 -19.94
CA LEU DA 9 46.49 -66.45 -20.41
C LEU DA 9 46.09 -64.96 -20.36
N ALA DA 10 45.08 -64.58 -21.14
CA ALA DA 10 44.64 -63.19 -21.19
C ALA DA 10 44.27 -62.67 -19.82
N GLN DA 11 43.58 -63.49 -19.04
CA GLN DA 11 43.24 -63.13 -17.65
C GLN DA 11 44.50 -62.69 -16.88
N LYS DA 12 45.57 -63.48 -17.02
CA LYS DA 12 46.89 -63.20 -16.39
C LYS DA 12 47.42 -61.82 -16.70
N TYR DA 13 47.05 -61.31 -17.86
CA TYR DA 13 47.55 -60.06 -18.37
C TYR DA 13 46.57 -58.87 -18.23
N ASN DA 14 45.27 -59.12 -17.99
CA ASN DA 14 44.29 -58.02 -17.78
C ASN DA 14 43.47 -58.04 -16.47
N CYS DA 15 43.46 -59.15 -15.72
CA CYS DA 15 42.49 -59.31 -14.61
C CYS DA 15 43.08 -59.47 -13.23
N ASP DA 16 44.00 -60.41 -13.07
CA ASP DA 16 44.72 -60.57 -11.78
C ASP DA 16 45.73 -59.43 -11.70
N LYS DA 17 45.31 -58.38 -11.02
CA LYS DA 17 46.10 -57.20 -10.78
C LYS DA 17 45.71 -56.72 -9.42
N MET DA 18 46.68 -56.18 -8.68
CA MET DA 18 46.37 -55.31 -7.55
C MET DA 18 46.13 -53.93 -8.13
N ILE DA 19 45.47 -53.08 -7.33
CA ILE DA 19 45.18 -51.71 -7.73
C ILE DA 19 45.30 -50.74 -6.54
N CYS DA 20 45.87 -49.57 -6.79
CA CYS DA 20 46.04 -48.56 -5.75
C CYS DA 20 44.71 -47.94 -5.45
N ARG DA 21 44.41 -47.79 -4.17
CA ARG DA 21 43.14 -47.21 -3.75
C ARG DA 21 43.19 -45.69 -3.88
N LYS DA 22 44.36 -45.09 -3.63
CA LYS DA 22 44.57 -43.67 -3.93
C LYS DA 22 44.46 -43.39 -5.43
N CYS DA 23 45.44 -43.82 -6.23
CA CYS DA 23 45.57 -43.37 -7.63
C CYS DA 23 44.88 -44.22 -8.71
N TYR DA 24 44.27 -45.34 -8.32
CA TYR DA 24 43.67 -46.30 -9.27
C TYR DA 24 44.65 -46.92 -10.23
N ALA DA 25 45.95 -46.77 -9.96
CA ALA DA 25 46.96 -47.30 -10.85
C ALA DA 25 46.93 -48.79 -10.66
N ARG DA 26 47.21 -49.50 -11.75
CA ARG DA 26 47.04 -50.93 -11.86
C ARG DA 26 48.39 -51.61 -11.69
N LEU DA 27 48.44 -52.66 -10.88
CA LEU DA 27 49.68 -53.21 -10.37
C LEU DA 27 49.66 -54.71 -10.46
N HIS DA 28 50.82 -55.36 -10.47
CA HIS DA 28 50.87 -56.84 -10.45
C HIS DA 28 50.31 -57.45 -9.17
N PRO DA 29 49.95 -58.74 -9.20
CA PRO DA 29 49.42 -59.42 -8.01
C PRO DA 29 50.24 -59.30 -6.70
N ARG DA 30 51.56 -59.32 -6.76
CA ARG DA 30 52.39 -59.31 -5.54
C ARG DA 30 52.48 -57.97 -4.85
N ALA DA 31 52.11 -56.88 -5.54
CA ALA DA 31 52.39 -55.54 -5.03
C ALA DA 31 51.96 -55.38 -3.60
N VAL DA 32 52.89 -54.92 -2.76
CA VAL DA 32 52.54 -54.39 -1.45
C VAL DA 32 52.61 -52.87 -1.46
N ASN DA 33 53.12 -52.30 -2.55
CA ASN DA 33 53.35 -50.87 -2.69
C ASN DA 33 53.01 -50.43 -4.10
N CYS DA 34 52.56 -49.20 -4.25
CA CYS DA 34 52.34 -48.64 -5.58
C CYS DA 34 53.64 -48.23 -6.27
N ARG DA 35 53.54 -47.92 -7.55
CA ARG DA 35 54.64 -47.37 -8.34
C ARG DA 35 54.67 -45.86 -8.29
N LYS DA 36 53.48 -45.29 -8.20
CA LYS DA 36 53.31 -43.91 -8.56
C LYS DA 36 53.84 -42.99 -7.47
N LYS DA 37 54.43 -41.88 -7.92
CA LYS DA 37 54.91 -40.84 -7.02
C LYS DA 37 53.72 -40.02 -6.56
N LYS DA 38 52.69 -39.93 -7.41
CA LYS DA 38 51.56 -39.03 -7.14
C LYS DA 38 50.77 -39.37 -5.88
N CYS DA 39 50.51 -40.65 -5.66
CA CYS DA 39 49.72 -41.07 -4.50
C CYS DA 39 50.56 -41.00 -3.23
N GLY DA 40 51.88 -41.04 -3.40
CA GLY DA 40 52.80 -41.18 -2.30
C GLY DA 40 53.01 -42.65 -2.00
N HIS DA 41 53.14 -43.46 -3.04
CA HIS DA 41 53.74 -44.79 -2.93
C HIS DA 41 53.02 -45.71 -1.92
N THR DA 42 51.70 -45.78 -2.04
CA THR DA 42 50.80 -45.90 -0.88
C THR DA 42 50.84 -47.12 0.04
N ASN DA 43 50.65 -48.31 -0.52
CA ASN DA 43 50.37 -49.57 0.24
C ASN DA 43 48.88 -49.88 0.42
N ASN DA 44 48.03 -48.86 0.35
CA ASN DA 44 46.59 -49.06 0.23
C ASN DA 44 46.23 -49.68 -1.13
N LEU DA 45 46.36 -51.00 -1.21
CA LEU DA 45 46.09 -51.75 -2.43
C LEU DA 45 44.89 -52.65 -2.21
N ARG DA 46 44.24 -53.01 -3.31
CA ARG DA 46 43.16 -54.00 -3.30
C ARG DA 46 43.28 -54.86 -4.57
N PRO DA 47 42.69 -56.06 -4.58
CA PRO DA 47 42.64 -56.79 -5.84
C PRO DA 47 41.66 -56.13 -6.79
N LYS DA 48 41.96 -56.23 -8.08
CA LYS DA 48 41.05 -55.79 -9.12
C LYS DA 48 39.86 -56.70 -9.12
N LYS DA 49 38.70 -56.15 -9.40
CA LYS DA 49 37.45 -56.90 -9.25
C LYS DA 49 37.30 -58.00 -10.31
N LYS DA 50 37.05 -59.22 -9.86
CA LYS DA 50 36.87 -60.36 -10.75
C LYS DA 50 35.47 -60.24 -11.35
N VAL DA 51 35.37 -60.31 -12.67
CA VAL DA 51 34.06 -60.18 -13.35
C VAL DA 51 33.14 -61.36 -12.99
N LYS DA 52 31.89 -61.05 -12.64
CA LYS DA 52 30.89 -62.06 -12.34
C LYS DA 52 30.31 -62.63 -13.64
N VAL EA 1 13.34 5.17 60.77
CA VAL EA 1 13.81 4.95 62.18
C VAL EA 1 12.78 5.47 63.18
N ASN EA 2 13.17 5.42 64.45
CA ASN EA 2 12.38 5.90 65.53
C ASN EA 2 13.36 6.56 66.49
N VAL EA 3 12.87 7.50 67.29
CA VAL EA 3 13.62 8.06 68.42
C VAL EA 3 12.65 8.32 69.56
N PRO EA 4 13.14 8.44 70.79
CA PRO EA 4 12.23 8.78 71.85
C PRO EA 4 12.08 10.29 71.95
N LYS EA 5 11.16 10.70 72.80
CA LYS EA 5 10.77 12.11 72.95
C LYS EA 5 11.71 12.86 73.89
N THR EA 6 12.26 12.15 74.88
CA THR EA 6 13.20 12.72 75.83
C THR EA 6 14.57 12.13 75.60
N ARG EA 7 15.59 12.77 76.16
CA ARG EA 7 16.95 12.64 75.67
C ARG EA 7 17.83 13.44 76.61
N ARG EA 8 18.44 12.76 77.57
CA ARG EA 8 19.44 13.41 78.42
C ARG EA 8 20.69 13.59 77.57
N THR EA 9 21.14 14.83 77.39
CA THR EA 9 22.40 15.11 76.67
C THR EA 9 22.88 16.55 76.92
N PHE EA 10 24.03 16.91 76.35
CA PHE EA 10 24.72 18.17 76.72
C PHE EA 10 23.96 19.46 76.37
N CYS EA 11 23.55 20.22 77.39
CA CYS EA 11 23.05 21.60 77.24
C CYS EA 11 24.20 22.61 77.24
N LYS EA 12 24.55 23.09 76.06
CA LYS EA 12 25.67 24.04 75.88
C LYS EA 12 25.83 25.09 76.98
N LYS EA 13 24.73 25.77 77.29
CA LYS EA 13 24.76 26.89 78.25
C LYS EA 13 25.01 26.45 79.69
N CYS EA 14 24.48 25.29 80.05
CA CYS EA 14 24.66 24.74 81.40
C CYS EA 14 26.08 24.26 81.63
N GLY EA 15 26.72 23.74 80.58
CA GLY EA 15 28.01 23.09 80.72
C GLY EA 15 27.82 21.69 81.29
N LYS EA 16 26.67 21.07 81.01
CA LYS EA 16 26.23 19.85 81.70
C LYS EA 16 25.30 19.10 80.79
N HIS EA 17 25.15 17.79 80.98
CA HIS EA 17 24.01 17.11 80.33
C HIS EA 17 22.80 17.43 81.15
N GLN EA 18 21.66 17.52 80.46
CA GLN EA 18 20.36 17.63 81.08
C GLN EA 18 19.32 16.95 80.20
N PRO EA 19 18.11 16.69 80.75
CA PRO EA 19 17.03 16.17 79.92
C PRO EA 19 16.59 17.20 78.92
N HIS EA 20 16.64 16.82 77.64
CA HIS EA 20 16.06 17.62 76.57
C HIS EA 20 14.80 16.99 76.03
N LYS EA 21 14.06 17.85 75.35
CA LYS EA 21 12.81 17.51 74.76
C LYS EA 21 13.11 17.47 73.26
N VAL EA 22 12.96 16.29 72.67
CA VAL EA 22 13.20 16.09 71.24
C VAL EA 22 11.91 16.29 70.47
N THR EA 23 12.04 16.97 69.33
CA THR EA 23 10.94 17.23 68.42
C THR EA 23 11.58 17.60 67.10
N GLN EA 24 11.09 17.08 65.99
CA GLN EA 24 11.74 17.35 64.71
C GLN EA 24 11.45 18.74 64.17
N TYR EA 25 12.34 19.21 63.31
CA TYR EA 25 12.32 20.59 62.83
C TYR EA 25 11.57 20.68 61.51
N LYS EA 26 10.77 21.76 61.36
CA LYS EA 26 10.22 22.17 60.06
C LYS EA 26 10.76 23.57 59.69
N LYS EA 27 10.91 23.81 58.38
CA LYS EA 27 11.40 25.09 57.85
C LYS EA 27 10.52 26.29 58.22
N GLY EA 28 11.11 27.46 58.34
CA GLY EA 28 10.35 28.68 58.57
C GLY EA 28 9.55 29.09 57.35
N LYS EA 29 8.61 30.00 57.54
CA LYS EA 29 7.94 30.67 56.41
C LYS EA 29 8.92 31.67 55.85
N ASP EA 30 8.93 31.84 54.53
CA ASP EA 30 10.08 32.52 53.94
C ASP EA 30 10.05 34.02 53.62
N SER EA 31 11.06 34.67 54.19
CA SER EA 31 10.93 35.93 54.93
C SER EA 31 10.36 37.12 54.18
N LEU EA 32 10.90 37.35 52.98
CA LEU EA 32 10.46 38.41 52.08
C LEU EA 32 11.22 39.74 52.24
N TYR EA 33 11.58 40.16 53.47
CA TYR EA 33 12.52 41.32 53.63
C TYR EA 33 13.89 40.80 54.10
N ALA EA 34 14.20 39.57 53.71
CA ALA EA 34 15.56 39.03 53.82
C ALA EA 34 16.33 39.45 52.59
N GLN EA 35 17.58 39.83 52.78
CA GLN EA 35 18.38 40.42 51.70
C GLN EA 35 18.26 39.58 50.45
N GLY EA 36 18.57 38.31 50.57
CA GLY EA 36 18.52 37.41 49.42
C GLY EA 36 17.24 37.53 48.62
N LYS EA 37 16.12 37.49 49.31
CA LYS EA 37 14.84 37.53 48.64
C LYS EA 37 14.61 38.90 48.02
N ARG EA 38 14.77 39.96 48.82
CA ARG EA 38 14.63 41.37 48.35
C ARG EA 38 15.31 41.61 47.01
N ARG EA 39 16.47 40.99 46.86
CA ARG EA 39 17.25 41.08 45.66
C ARG EA 39 16.79 40.10 44.61
N TYR EA 40 16.50 38.85 45.00
CA TYR EA 40 15.93 37.93 44.00
C TYR EA 40 14.62 38.60 43.47
N ASP EA 41 13.72 39.17 44.30
CA ASP EA 41 12.48 39.74 43.72
C ASP EA 41 12.85 40.73 42.65
N ARG EA 42 13.56 41.80 43.05
CA ARG EA 42 13.73 42.96 42.17
C ARG EA 42 15.11 43.06 41.56
N LYS EA 43 15.60 41.88 41.20
CA LYS EA 43 16.26 41.66 39.92
C LYS EA 43 15.18 41.13 38.97
N GLN EA 44 14.43 40.13 39.43
CA GLN EA 44 13.39 39.44 38.65
C GLN EA 44 12.08 40.24 38.59
N SER EA 45 12.20 41.54 38.32
CA SER EA 45 11.05 42.44 38.20
C SER EA 45 11.46 43.46 37.18
N GLY EA 46 10.55 43.75 36.28
CA GLY EA 46 10.89 44.48 35.11
C GLY EA 46 11.08 43.53 33.97
N TYR EA 47 11.22 44.14 32.81
CA TYR EA 47 10.69 43.60 31.60
C TYR EA 47 11.77 42.75 30.92
N GLY EA 48 12.02 41.60 31.57
CA GLY EA 48 13.33 40.90 31.54
C GLY EA 48 13.43 39.38 31.34
N GLY EA 49 12.42 38.61 31.79
CA GLY EA 49 12.45 37.14 31.77
C GLY EA 49 13.03 36.61 33.08
N GLN EA 50 12.97 35.29 33.30
CA GLN EA 50 13.52 34.72 34.56
C GLN EA 50 15.05 34.70 34.57
N THR EA 51 15.60 35.12 35.70
CA THR EA 51 17.00 35.45 35.86
C THR EA 51 17.80 34.38 36.56
N LYS EA 52 17.36 34.03 37.76
CA LYS EA 52 18.11 33.11 38.61
C LYS EA 52 17.63 31.66 38.41
N PRO EA 53 18.50 30.69 38.77
CA PRO EA 53 18.16 29.27 38.74
C PRO EA 53 16.94 28.69 39.49
N ILE EA 54 16.55 27.49 39.03
CA ILE EA 54 15.51 26.62 39.62
C ILE EA 54 15.74 25.18 39.15
N PHE EA 55 15.86 24.15 40.01
CA PHE EA 55 16.02 22.77 39.46
C PHE EA 55 14.76 22.30 38.80
N ARG EA 56 14.97 21.49 37.77
CA ARG EA 56 14.00 20.50 37.37
C ARG EA 56 14.83 19.23 37.22
N LYS EA 57 15.43 18.82 38.34
CA LYS EA 57 16.37 17.71 38.36
C LYS EA 57 16.72 17.33 39.80
N LYS EA 58 15.70 16.87 40.54
CA LYS EA 58 15.94 16.26 41.86
C LYS EA 58 16.64 14.92 41.66
N ALA EA 59 17.04 14.31 42.76
CA ALA EA 59 17.76 13.06 42.70
C ALA EA 59 17.44 12.14 43.85
N LYS EA 60 17.74 12.62 45.06
CA LYS EA 60 17.49 11.86 46.26
C LYS EA 60 16.10 12.13 46.79
N THR EA 61 15.65 11.17 47.59
CA THR EA 61 14.25 10.92 47.85
C THR EA 61 13.97 10.98 49.36
N THR EA 62 14.76 11.80 50.06
CA THR EA 62 14.83 11.74 51.51
C THR EA 62 15.78 12.81 52.02
N LYS EA 63 15.37 13.48 53.09
CA LYS EA 63 16.23 14.47 53.72
C LYS EA 63 16.68 14.01 55.10
N LYS EA 64 17.87 14.47 55.46
CA LYS EA 64 18.40 14.29 56.80
C LYS EA 64 17.40 14.89 57.75
N ILE EA 65 16.87 14.06 58.63
CA ILE EA 65 15.99 14.54 59.67
C ILE EA 65 16.81 15.30 60.69
N VAL EA 66 16.21 16.35 61.22
CA VAL EA 66 16.84 17.19 62.21
C VAL EA 66 15.98 17.27 63.46
N LEU EA 67 16.58 16.88 64.58
CA LEU EA 67 15.95 17.02 65.86
C LEU EA 67 16.24 18.41 66.37
N ARG EA 68 15.25 18.96 67.05
CA ARG EA 68 15.27 20.29 67.61
C ARG EA 68 15.17 20.03 69.12
N LEU EA 69 16.32 19.84 69.75
CA LEU EA 69 16.38 19.55 71.18
C LEU EA 69 16.16 20.87 71.92
N GLU EA 70 15.58 20.80 73.11
CA GLU EA 70 15.51 21.97 73.99
C GLU EA 70 15.48 21.57 75.46
N CYS EA 71 16.12 22.40 76.28
CA CYS EA 71 16.42 22.06 77.68
C CYS EA 71 15.19 22.16 78.58
N VAL EA 72 14.97 21.09 79.33
CA VAL EA 72 13.78 20.98 80.17
C VAL EA 72 13.88 21.95 81.34
N GLU EA 73 15.02 21.95 82.03
CA GLU EA 73 15.20 22.85 83.19
C GLU EA 73 15.00 24.28 82.72
N PRO EA 74 14.12 25.04 83.40
CA PRO EA 74 13.84 26.39 82.91
C PRO EA 74 15.03 27.32 83.01
N ASN EA 75 14.93 28.45 82.30
CA ASN EA 75 15.96 29.50 82.19
C ASN EA 75 17.12 29.11 81.24
N CYS EA 76 17.42 27.81 81.11
CA CYS EA 76 18.21 27.32 79.98
C CYS EA 76 17.33 27.46 78.75
N ARG EA 77 16.44 26.49 78.51
CA ARG EA 77 15.59 26.45 77.32
C ARG EA 77 16.35 26.64 76.01
N SER EA 78 17.64 26.35 76.03
CA SER EA 78 18.55 26.73 74.94
C SER EA 78 18.51 25.61 73.93
N LYS EA 79 17.83 25.87 72.82
CA LYS EA 79 17.55 24.84 71.83
C LYS EA 79 18.78 24.61 70.98
N ARG EA 80 18.97 23.38 70.54
CA ARG EA 80 20.16 22.99 69.76
C ARG EA 80 19.80 21.89 68.77
N MET EA 81 20.51 21.91 67.65
CA MET EA 81 20.14 21.16 66.48
C MET EA 81 21.01 19.96 66.41
N LEU EA 82 20.42 18.84 66.00
CA LEU EA 82 21.14 17.58 66.04
C LEU EA 82 20.72 16.75 64.86
N ALA EA 83 21.51 16.87 63.79
CA ALA EA 83 21.19 16.20 62.55
C ALA EA 83 21.45 14.71 62.67
N ILE EA 84 20.71 13.97 61.86
CA ILE EA 84 20.69 12.53 61.90
C ILE EA 84 20.73 11.99 60.48
N LYS EA 85 21.22 10.75 60.33
CA LYS EA 85 21.25 10.08 59.04
C LYS EA 85 19.86 9.97 58.42
N ARG EA 86 19.85 9.65 57.13
CA ARG EA 86 18.63 9.68 56.33
C ARG EA 86 17.78 8.45 56.52
N CYS EA 87 16.50 8.63 56.34
CA CYS EA 87 15.51 7.60 56.58
C CYS EA 87 14.28 8.08 55.89
N LYS EA 88 13.53 7.18 55.31
CA LYS EA 88 12.34 7.58 54.55
C LYS EA 88 11.09 7.11 55.25
N HIS EA 89 10.99 7.55 56.51
CA HIS EA 89 10.07 7.02 57.50
C HIS EA 89 10.71 7.37 58.85
N PHE EA 90 10.09 8.29 59.59
CA PHE EA 90 10.65 8.79 60.84
C PHE EA 90 9.58 9.05 61.88
N GLU EA 91 9.80 8.55 63.09
CA GLU EA 91 8.83 8.66 64.16
C GLU EA 91 9.44 9.20 65.43
N LEU EA 92 8.58 9.73 66.29
CA LEU EA 92 8.93 9.99 67.67
C LEU EA 92 8.14 9.04 68.56
N GLY EA 93 8.71 8.74 69.73
CA GLY EA 93 8.19 7.76 70.69
C GLY EA 93 7.07 6.86 70.18
N GLY EA 94 7.41 5.92 69.29
CA GLY EA 94 6.45 4.95 68.76
C GLY EA 94 6.81 3.54 69.20
N ASP EA 95 6.49 3.20 70.45
CA ASP EA 95 6.73 1.86 71.03
C ASP EA 95 8.22 1.50 71.15
N LYS EA 96 8.49 0.33 71.73
CA LYS EA 96 9.87 -0.13 71.98
C LYS EA 96 10.19 -1.50 71.35
N LYS EA 97 9.50 -1.83 70.26
CA LYS EA 97 9.70 -3.06 69.47
C LYS EA 97 9.56 -4.47 70.11
N ARG EA 98 9.82 -4.62 71.42
CA ARG EA 98 9.71 -5.90 72.14
C ARG EA 98 10.68 -6.98 71.67
N LYS EA 99 10.78 -8.04 72.47
CA LYS EA 99 11.58 -9.22 72.12
C LYS EA 99 10.86 -10.48 72.59
N GLY EA 100 11.05 -11.57 71.87
CA GLY EA 100 10.51 -12.86 72.27
C GLY EA 100 9.01 -13.02 72.14
N GLN EA 101 8.35 -12.15 71.37
CA GLN EA 101 6.89 -12.08 71.35
C GLN EA 101 6.29 -12.69 70.10
N VAL EA 102 4.99 -12.95 70.16
CA VAL EA 102 4.26 -13.63 69.11
C VAL EA 102 3.93 -12.63 68.03
N ILE EA 103 4.16 -13.00 66.77
CA ILE EA 103 4.04 -12.07 65.66
C ILE EA 103 2.75 -12.33 64.87
N GLN EA 104 1.65 -11.80 65.39
CA GLN EA 104 0.29 -12.03 64.89
C GLN EA 104 -0.08 -11.06 63.76
N SER IA 1 34.91 -9.42 -11.89
CA SER IA 1 33.94 -10.51 -12.13
C SER IA 1 34.02 -11.02 -13.53
N HIS IA 2 33.71 -12.30 -13.67
CA HIS IA 2 33.78 -12.96 -14.95
C HIS IA 2 32.77 -12.39 -15.92
N ARG IA 3 33.03 -12.61 -17.20
CA ARG IA 3 32.02 -12.43 -18.23
C ARG IA 3 30.86 -13.37 -17.96
N LYS IA 4 29.64 -12.83 -17.97
CA LYS IA 4 28.47 -13.62 -17.62
C LYS IA 4 28.30 -14.74 -18.63
N PHE IA 5 28.38 -14.35 -19.89
CA PHE IA 5 27.83 -15.10 -21.00
C PHE IA 5 28.92 -15.24 -22.07
N SER IA 6 29.56 -16.40 -22.11
CA SER IA 6 30.85 -16.54 -22.82
C SER IA 6 30.71 -16.41 -24.33
N ALA IA 7 31.80 -16.07 -24.98
CA ALA IA 7 31.83 -15.93 -26.43
C ALA IA 7 33.26 -16.01 -26.94
N PRO IA 8 33.45 -16.40 -28.20
CA PRO IA 8 34.76 -16.36 -28.84
C PRO IA 8 35.29 -14.94 -29.02
N ARG IA 9 36.60 -14.83 -29.15
CA ARG IA 9 37.25 -13.56 -29.45
C ARG IA 9 36.75 -13.10 -30.81
N HIS IA 10 36.98 -11.83 -31.13
CA HIS IA 10 36.73 -11.30 -32.48
C HIS IA 10 38.00 -11.11 -33.34
N GLY IA 11 38.30 -12.09 -34.19
CA GLY IA 11 39.37 -11.93 -35.17
C GLY IA 11 40.79 -12.22 -34.67
N SER IA 12 41.46 -13.15 -35.35
CA SER IA 12 42.62 -13.86 -34.80
C SER IA 12 43.83 -12.95 -34.60
N LEU IA 13 44.56 -13.23 -33.53
CA LEU IA 13 45.82 -12.56 -33.26
C LEU IA 13 46.96 -13.13 -34.06
N GLY IA 14 46.86 -14.40 -34.44
CA GLY IA 14 47.93 -15.04 -35.17
C GLY IA 14 47.90 -14.53 -36.55
N PHE IA 15 48.15 -13.22 -36.67
CA PHE IA 15 47.73 -12.46 -37.83
C PHE IA 15 47.81 -10.95 -37.73
N LEU IA 16 48.34 -10.42 -36.64
CA LEU IA 16 47.79 -9.18 -36.16
C LEU IA 16 48.62 -7.91 -36.12
N PRO IA 17 49.84 -7.89 -36.64
CA PRO IA 17 50.33 -6.50 -36.87
C PRO IA 17 49.69 -6.10 -38.18
N ARG IA 18 48.46 -5.64 -38.05
CA ARG IA 18 47.55 -5.42 -39.13
C ARG IA 18 47.90 -4.08 -39.67
N LYS IA 19 48.96 -4.13 -40.47
CA LYS IA 19 49.55 -2.96 -41.00
C LYS IA 19 49.49 -3.05 -42.49
N ARG IA 20 49.61 -1.89 -43.08
CA ARG IA 20 49.80 -1.74 -44.48
C ARG IA 20 51.08 -2.52 -44.83
N SER IA 21 50.99 -3.45 -45.78
CA SER IA 21 52.12 -4.31 -46.14
C SER IA 21 53.29 -3.49 -46.64
N SER IA 22 54.49 -3.88 -46.23
CA SER IA 22 55.73 -3.24 -46.68
C SER IA 22 56.09 -3.53 -48.16
N ARG IA 23 55.64 -4.67 -48.68
CA ARG IA 23 55.89 -5.11 -50.07
C ARG IA 23 54.56 -5.11 -50.84
N HIS IA 24 54.53 -5.71 -52.05
CA HIS IA 24 53.29 -5.68 -52.88
C HIS IA 24 53.21 -6.82 -53.90
N ARG IA 25 54.33 -7.25 -54.49
CA ARG IA 25 54.39 -8.57 -55.14
C ARG IA 25 54.46 -9.50 -53.93
N GLY IA 26 53.43 -10.32 -53.74
CA GLY IA 26 53.39 -11.23 -52.60
C GLY IA 26 54.68 -12.01 -52.46
N LYS IA 27 55.38 -11.82 -51.35
CA LYS IA 27 56.63 -12.50 -51.12
C LYS IA 27 56.33 -13.91 -50.69
N VAL IA 28 56.96 -14.90 -51.31
CA VAL IA 28 56.81 -16.26 -50.83
C VAL IA 28 57.77 -16.34 -49.67
N LYS IA 29 57.28 -16.93 -48.58
CA LYS IA 29 58.02 -17.00 -47.33
C LYS IA 29 58.67 -18.35 -47.10
N SER IA 30 58.05 -19.42 -47.60
CA SER IA 30 58.63 -20.76 -47.50
C SER IA 30 58.50 -21.53 -48.83
N PHE IA 31 59.65 -21.99 -49.34
CA PHE IA 31 59.77 -22.71 -50.61
C PHE IA 31 59.75 -24.19 -50.24
N PRO IA 32 58.89 -25.00 -50.90
CA PRO IA 32 58.70 -26.43 -50.51
C PRO IA 32 60.00 -27.24 -50.40
N LYS IA 33 59.95 -28.37 -49.69
CA LYS IA 33 61.16 -29.12 -49.34
C LYS IA 33 61.71 -29.89 -50.52
N ASP IA 34 62.86 -29.46 -51.04
CA ASP IA 34 63.47 -30.12 -52.20
C ASP IA 34 64.01 -31.52 -51.93
N ASP IA 35 63.20 -32.51 -52.30
CA ASP IA 35 63.59 -33.92 -52.26
C ASP IA 35 64.50 -34.13 -53.48
N SER IA 36 65.76 -34.49 -53.20
CA SER IA 36 66.74 -34.67 -54.25
C SER IA 36 66.61 -36.08 -54.81
N SER IA 37 65.68 -36.22 -55.76
CA SER IA 37 65.48 -37.48 -56.48
C SER IA 37 64.68 -37.23 -57.74
N LYS IA 38 63.50 -36.63 -57.55
CA LYS IA 38 62.66 -36.13 -58.66
C LYS IA 38 63.33 -34.98 -59.44
N PRO IA 39 62.95 -34.77 -60.72
CA PRO IA 39 63.63 -33.81 -61.60
C PRO IA 39 63.63 -32.35 -61.14
N VAL IA 40 64.28 -31.50 -61.93
CA VAL IA 40 64.34 -30.07 -61.63
C VAL IA 40 63.05 -29.40 -62.06
N HIS IA 41 62.49 -28.57 -61.18
CA HIS IA 41 61.34 -27.72 -61.52
C HIS IA 41 61.44 -26.43 -60.76
N LEU IA 42 60.74 -25.43 -61.30
CA LEU IA 42 60.46 -24.22 -60.56
C LEU IA 42 59.22 -24.48 -59.70
N THR IA 43 59.18 -23.77 -58.57
CA THR IA 43 58.22 -24.02 -57.51
C THR IA 43 57.15 -22.95 -57.42
N ALA IA 44 57.36 -21.86 -58.14
CA ALA IA 44 56.53 -20.68 -58.01
C ALA IA 44 56.47 -19.96 -59.34
N PHE IA 45 55.62 -18.96 -59.40
CA PHE IA 45 55.44 -18.17 -60.59
C PHE IA 45 54.77 -16.90 -60.08
N LEU IA 46 53.92 -16.25 -60.85
CA LEU IA 46 53.78 -14.81 -60.77
C LEU IA 46 52.89 -14.40 -61.90
N GLY IA 47 51.60 -14.61 -61.68
CA GLY IA 47 50.58 -14.21 -62.63
C GLY IA 47 50.06 -12.87 -62.19
N TYR IA 48 48.85 -12.55 -62.63
CA TYR IA 48 48.11 -11.44 -62.05
C TYR IA 48 46.58 -11.56 -62.21
N LYS IA 49 45.86 -11.02 -61.24
CA LYS IA 49 44.40 -11.15 -61.16
C LYS IA 49 43.64 -10.37 -62.24
N ALA IA 50 42.75 -11.06 -62.95
CA ALA IA 50 41.88 -10.45 -63.97
C ALA IA 50 40.45 -10.08 -63.54
N GLY IA 51 39.68 -11.07 -63.15
CA GLY IA 51 38.25 -10.90 -62.92
C GLY IA 51 37.79 -12.26 -62.51
N MET IA 52 36.56 -12.64 -62.84
CA MET IA 52 36.06 -13.97 -62.45
C MET IA 52 34.93 -14.53 -63.36
N THR IA 53 34.47 -15.79 -63.12
CA THR IA 53 33.34 -16.43 -63.92
C THR IA 53 32.69 -17.81 -63.45
N HIS IA 54 31.56 -18.16 -64.11
CA HIS IA 54 30.67 -19.36 -63.89
C HIS IA 54 31.34 -20.40 -64.71
N ILE IA 55 31.77 -21.46 -64.04
CA ILE IA 55 32.29 -22.64 -64.68
C ILE IA 55 31.26 -23.68 -64.40
N VAL IA 56 31.04 -24.59 -65.33
CA VAL IA 56 30.09 -25.67 -65.10
C VAL IA 56 30.82 -26.98 -65.28
N ARG IA 57 31.03 -27.70 -64.18
CA ARG IA 57 31.68 -29.00 -64.22
C ARG IA 57 30.75 -30.13 -63.77
N GLU IA 58 30.99 -31.31 -64.33
CA GLU IA 58 30.36 -32.53 -63.89
C GLU IA 58 31.20 -33.00 -62.74
N VAL IA 59 30.55 -33.56 -61.74
CA VAL IA 59 31.23 -33.91 -60.50
C VAL IA 59 31.45 -35.41 -60.39
N ASP IA 60 32.51 -35.79 -59.66
CA ASP IA 60 32.82 -37.20 -59.41
C ASP IA 60 33.27 -37.39 -57.97
N ARG IA 61 32.34 -37.23 -57.03
CA ARG IA 61 32.59 -37.50 -55.61
C ARG IA 61 31.53 -38.55 -55.24
N PRO IA 62 31.84 -39.85 -55.52
CA PRO IA 62 30.92 -40.93 -55.14
C PRO IA 62 30.64 -40.90 -53.64
N GLY IA 63 29.35 -40.93 -53.29
CA GLY IA 63 28.93 -40.78 -51.90
C GLY IA 63 28.10 -39.54 -51.68
N SER IA 64 28.41 -38.47 -52.40
CA SER IA 64 27.74 -37.18 -52.18
C SER IA 64 26.45 -37.00 -52.91
N LYS IA 65 25.65 -36.07 -52.42
CA LYS IA 65 24.39 -35.67 -53.04
C LYS IA 65 24.60 -35.20 -54.47
N VAL IA 66 25.74 -34.57 -54.70
CA VAL IA 66 26.17 -34.17 -56.02
C VAL IA 66 27.26 -35.12 -56.47
N ASN IA 67 26.99 -36.43 -56.52
CA ASN IA 67 27.70 -37.24 -57.49
C ASN IA 67 26.98 -36.94 -58.84
N LYS IA 68 27.78 -36.78 -59.91
CA LYS IA 68 27.32 -36.78 -61.32
C LYS IA 68 26.27 -35.74 -61.65
N LYS IA 69 26.32 -34.59 -60.96
CA LYS IA 69 25.47 -33.48 -61.31
C LYS IA 69 26.33 -32.36 -61.88
N GLU IA 70 25.67 -31.41 -62.51
CA GLU IA 70 26.34 -30.21 -62.96
C GLU IA 70 26.37 -29.33 -61.73
N VAL IA 71 27.45 -28.57 -61.57
CA VAL IA 71 27.48 -27.52 -60.56
C VAL IA 71 28.13 -26.34 -61.21
N VAL IA 72 27.87 -25.15 -60.68
CA VAL IA 72 28.65 -23.99 -61.06
C VAL IA 72 29.60 -23.63 -59.92
N GLU IA 73 30.87 -23.45 -60.29
CA GLU IA 73 31.91 -23.03 -59.39
C GLU IA 73 32.31 -21.66 -59.88
N ALA IA 74 32.41 -20.69 -58.97
CA ALA IA 74 32.98 -19.39 -59.32
C ALA IA 74 34.48 -19.58 -59.44
N VAL IA 75 35.10 -18.96 -60.44
CA VAL IA 75 36.55 -19.04 -60.63
C VAL IA 75 37.16 -17.67 -60.90
N THR IA 76 38.40 -17.44 -60.45
CA THR IA 76 39.23 -16.34 -60.96
C THR IA 76 39.92 -16.78 -62.24
N ILE IA 77 40.54 -15.81 -62.91
CA ILE IA 77 41.41 -16.07 -64.06
C ILE IA 77 42.61 -15.17 -63.86
N VAL IA 78 43.78 -15.81 -63.81
CA VAL IA 78 44.99 -15.16 -63.43
C VAL IA 78 45.78 -15.06 -64.70
N GLU IA 79 45.92 -13.86 -65.25
CA GLU IA 79 46.75 -13.65 -66.45
C GLU IA 79 48.22 -13.89 -66.20
N THR IA 80 48.79 -14.88 -66.87
CA THR IA 80 50.10 -15.44 -66.53
C THR IA 80 50.97 -15.68 -67.78
N PRO IA 81 51.40 -14.59 -68.45
CA PRO IA 81 52.27 -14.79 -69.60
C PRO IA 81 53.59 -15.32 -69.11
N PRO IA 82 54.38 -15.92 -70.01
CA PRO IA 82 55.63 -16.55 -69.59
C PRO IA 82 56.62 -15.58 -68.92
N MET IA 83 57.39 -16.12 -67.99
CA MET IA 83 58.35 -15.35 -67.22
C MET IA 83 59.72 -15.63 -67.78
N ILE IA 84 60.55 -14.60 -67.85
CA ILE IA 84 61.93 -14.74 -68.32
C ILE IA 84 62.82 -14.90 -67.12
N VAL IA 85 63.75 -15.84 -67.24
CA VAL IA 85 64.77 -16.04 -66.24
C VAL IA 85 65.92 -15.14 -66.62
N VAL IA 86 66.34 -14.29 -65.70
CA VAL IA 86 67.51 -13.45 -65.95
C VAL IA 86 68.73 -13.95 -65.19
N GLY IA 87 68.58 -14.18 -63.90
CA GLY IA 87 69.72 -14.44 -63.02
C GLY IA 87 69.47 -15.57 -62.09
N ILE IA 88 70.55 -16.13 -61.55
CA ILE IA 88 70.46 -17.23 -60.59
C ILE IA 88 71.13 -16.75 -59.32
N VAL IA 89 70.84 -17.44 -58.22
CA VAL IA 89 71.32 -17.03 -56.89
C VAL IA 89 71.42 -18.21 -55.91
N GLY IA 90 72.51 -18.21 -55.16
CA GLY IA 90 72.88 -19.35 -54.35
C GLY IA 90 72.87 -19.01 -52.88
N TYR IA 91 72.22 -19.88 -52.12
CA TYR IA 91 72.06 -19.71 -50.69
C TYR IA 91 72.83 -20.81 -49.99
N VAL IA 92 73.62 -20.44 -48.99
CA VAL IA 92 74.29 -21.45 -48.15
C VAL IA 92 73.67 -21.46 -46.76
N GLU IA 93 73.59 -22.65 -46.16
CA GLU IA 93 73.04 -22.81 -44.83
C GLU IA 93 74.10 -22.42 -43.82
N THR IA 94 73.65 -21.79 -42.74
CA THR IA 94 74.52 -21.37 -41.67
C THR IA 94 73.80 -21.55 -40.34
N PRO IA 95 74.56 -21.55 -39.23
CA PRO IA 95 73.91 -21.47 -37.94
C PRO IA 95 73.07 -20.20 -37.82
N ARG IA 96 73.60 -19.06 -38.24
CA ARG IA 96 72.92 -17.77 -38.03
C ARG IA 96 71.66 -17.61 -38.92
N GLY IA 97 71.56 -18.42 -39.97
CA GLY IA 97 70.34 -18.48 -40.76
C GLY IA 97 70.48 -19.14 -42.12
N LEU IA 98 70.54 -18.31 -43.17
CA LEU IA 98 70.57 -18.78 -44.58
C LEU IA 98 71.11 -17.66 -45.52
N ARG IA 99 72.39 -17.32 -45.36
CA ARG IA 99 73.01 -16.18 -46.09
C ARG IA 99 73.10 -16.55 -47.61
N THR IA 100 73.37 -15.54 -48.47
CA THR IA 100 73.38 -15.67 -49.95
C THR IA 100 74.75 -15.39 -50.62
N PHE IA 101 75.32 -16.33 -51.42
CA PHE IA 101 76.69 -16.15 -51.95
C PHE IA 101 76.76 -15.12 -53.03
N LYS IA 102 76.08 -15.45 -54.13
CA LYS IA 102 76.59 -15.09 -55.44
C LYS IA 102 75.48 -15.02 -56.45
N THR IA 103 75.05 -13.79 -56.72
CA THR IA 103 74.01 -13.54 -57.67
C THR IA 103 74.69 -13.25 -58.99
N ILE IA 104 74.27 -13.97 -60.03
CA ILE IA 104 74.85 -13.79 -61.35
C ILE IA 104 73.69 -13.64 -62.31
N PHE IA 105 73.54 -12.47 -62.96
CA PHE IA 105 72.53 -12.35 -64.02
C PHE IA 105 73.21 -12.17 -65.38
N ALA IA 106 72.40 -12.37 -66.44
CA ALA IA 106 72.84 -12.65 -67.81
C ALA IA 106 73.60 -11.54 -68.53
N GLU IA 107 74.05 -11.82 -69.76
CA GLU IA 107 74.76 -10.86 -70.64
C GLU IA 107 73.92 -9.61 -70.84
N HIS IA 108 73.24 -9.55 -71.98
CA HIS IA 108 71.88 -9.09 -72.07
C HIS IA 108 71.11 -9.07 -70.74
N ILE IA 109 69.93 -8.46 -70.75
CA ILE IA 109 69.08 -8.42 -69.55
C ILE IA 109 67.60 -8.29 -69.85
N SER IA 110 67.24 -7.29 -70.65
CA SER IA 110 65.87 -6.88 -70.99
C SER IA 110 65.79 -5.35 -70.88
N ASP IA 111 64.64 -4.85 -70.44
CA ASP IA 111 64.36 -3.42 -70.45
C ASP IA 111 63.18 -3.15 -69.49
N GLU IA 112 62.15 -3.98 -69.58
CA GLU IA 112 61.17 -4.11 -68.50
C GLU IA 112 61.82 -4.47 -67.17
N CYS IA 113 62.86 -5.30 -67.20
CA CYS IA 113 63.55 -5.72 -65.98
C CYS IA 113 64.35 -4.59 -65.39
N LYS IA 114 64.89 -3.77 -66.27
CA LYS IA 114 65.63 -2.59 -65.86
C LYS IA 114 64.75 -1.72 -65.01
N ARG IA 115 63.55 -1.44 -65.53
CA ARG IA 115 62.50 -0.72 -64.79
C ARG IA 115 62.56 -0.99 -63.27
N ARG IA 116 62.54 -2.27 -62.83
CA ARG IA 116 62.46 -2.65 -61.39
C ARG IA 116 63.79 -2.37 -60.67
N PHE IA 117 64.48 -1.29 -61.07
CA PHE IA 117 65.64 -0.76 -60.37
C PHE IA 117 65.46 0.76 -60.10
N TYR IA 118 65.66 1.63 -61.09
CA TYR IA 118 65.96 3.07 -60.78
C TYR IA 118 64.55 3.70 -60.90
N LYS IA 119 63.98 3.99 -59.71
CA LYS IA 119 62.68 4.64 -59.48
C LYS IA 119 62.12 5.49 -60.62
N ASN IA 120 62.62 6.72 -60.76
CA ASN IA 120 62.23 7.56 -61.89
C ASN IA 120 63.31 7.32 -62.91
N TRP IA 121 62.89 6.94 -64.11
CA TRP IA 121 63.80 6.48 -65.14
C TRP IA 121 63.98 7.42 -66.28
N HIS IA 122 62.90 8.09 -66.70
CA HIS IA 122 63.05 8.98 -67.84
C HIS IA 122 64.09 10.07 -67.49
N LYS IA 123 64.21 10.36 -66.19
CA LYS IA 123 65.29 11.18 -65.67
C LYS IA 123 66.65 10.48 -65.81
N SER IA 124 66.71 9.21 -65.42
CA SER IA 124 67.97 8.43 -65.48
C SER IA 124 68.56 8.27 -66.87
N LYS IA 125 69.80 7.78 -66.88
CA LYS IA 125 70.56 7.51 -68.11
C LYS IA 125 70.58 6.03 -68.46
N LYS IA 126 69.88 5.21 -67.67
CA LYS IA 126 69.65 3.77 -67.95
C LYS IA 126 70.94 2.96 -67.92
N LYS IA 127 71.73 3.20 -66.88
CA LYS IA 127 73.07 2.67 -66.79
C LYS IA 127 73.16 1.36 -66.07
N ALA IA 128 72.07 0.92 -65.44
CA ALA IA 128 72.09 -0.33 -64.72
C ALA IA 128 72.57 -1.45 -65.63
N PHE IA 129 73.31 -2.39 -65.06
CA PHE IA 129 73.64 -3.63 -65.75
C PHE IA 129 74.42 -3.46 -67.05
N THR IA 130 75.21 -2.37 -67.11
CA THR IA 130 76.00 -1.99 -68.29
C THR IA 130 77.46 -2.37 -68.19
N LYS IA 131 77.98 -2.50 -66.98
CA LYS IA 131 79.30 -3.07 -66.77
C LYS IA 131 79.24 -4.48 -66.20
N TYR IA 132 78.06 -4.93 -65.74
CA TYR IA 132 77.90 -6.36 -65.50
C TYR IA 132 78.04 -7.04 -66.85
N CYS IA 133 77.14 -6.70 -67.77
CA CYS IA 133 77.08 -7.34 -69.08
C CYS IA 133 78.44 -7.48 -69.75
N LYS IA 134 79.29 -6.48 -69.58
CA LYS IA 134 80.61 -6.49 -70.20
C LYS IA 134 81.39 -7.77 -69.90
N LYS IA 135 81.15 -8.35 -68.72
CA LYS IA 135 81.73 -9.65 -68.38
C LYS IA 135 81.30 -10.83 -69.27
N TRP IA 136 80.09 -10.79 -69.85
CA TRP IA 136 79.58 -11.91 -70.69
C TRP IA 136 80.26 -11.87 -72.09
N GLN IA 137 81.61 -11.77 -72.07
CA GLN IA 137 82.53 -11.79 -73.26
C GLN IA 137 83.95 -11.18 -73.00
N ASP IA 138 84.77 -11.82 -72.17
CA ASP IA 138 86.27 -11.60 -72.16
C ASP IA 138 87.09 -12.64 -71.29
N ALA IA 139 88.35 -12.33 -70.95
CA ALA IA 139 89.19 -13.20 -70.10
C ALA IA 139 88.69 -13.29 -68.65
N ALA IA 140 88.19 -12.18 -68.12
CA ALA IA 140 87.41 -12.16 -66.85
C ALA IA 140 85.92 -12.50 -67.11
N GLY IA 141 85.68 -13.32 -68.14
CA GLY IA 141 84.37 -13.89 -68.46
C GLY IA 141 84.60 -15.38 -68.49
N ALA IA 142 84.98 -15.90 -67.33
CA ALA IA 142 85.79 -17.12 -67.17
C ALA IA 142 86.39 -17.14 -65.78
N ALA IA 143 86.71 -15.95 -65.26
CA ALA IA 143 86.95 -15.77 -63.83
C ALA IA 143 85.63 -15.66 -63.10
N ALA IA 144 85.11 -14.44 -62.96
CA ALA IA 144 84.00 -14.17 -62.06
C ALA IA 144 82.64 -14.73 -62.54
N LEU IA 145 82.63 -15.51 -63.63
CA LEU IA 145 81.50 -16.39 -63.94
C LEU IA 145 82.02 -17.63 -64.65
N ALA IA 146 82.38 -18.62 -63.84
CA ALA IA 146 82.88 -19.93 -64.25
C ALA IA 146 83.56 -20.53 -63.03
N ALA IA 147 84.57 -19.80 -62.51
CA ALA IA 147 85.11 -20.05 -61.16
C ALA IA 147 84.01 -19.84 -60.12
N ASP IA 148 83.18 -18.83 -60.38
CA ASP IA 148 81.95 -18.60 -59.62
C ASP IA 148 80.91 -19.74 -59.57
N PHE IA 149 80.42 -20.18 -60.72
CA PHE IA 149 79.48 -21.31 -60.74
C PHE IA 149 80.11 -22.55 -60.10
N SER IA 150 81.40 -22.78 -60.38
CA SER IA 150 82.15 -23.84 -59.69
C SER IA 150 82.05 -23.66 -58.17
N SER IA 151 82.17 -22.41 -57.72
CA SER IA 151 82.00 -22.07 -56.30
C SER IA 151 80.58 -22.37 -55.80
N MET IA 152 79.59 -21.91 -56.55
CA MET IA 152 78.17 -22.19 -56.23
C MET IA 152 77.80 -23.65 -56.35
N LYS IA 153 78.59 -24.42 -57.08
CA LYS IA 153 78.44 -25.86 -57.07
C LYS IA 153 79.01 -26.42 -55.76
N ALA IA 154 80.23 -25.98 -55.41
CA ALA IA 154 80.96 -26.56 -54.28
C ALA IA 154 80.23 -26.33 -52.97
N TYR IA 155 80.16 -25.08 -52.53
CA TYR IA 155 79.79 -24.81 -51.13
C TYR IA 155 78.28 -24.63 -50.96
N CYS IA 156 77.56 -24.38 -52.05
CA CYS IA 156 76.17 -23.93 -51.97
C CYS IA 156 75.20 -25.09 -51.86
N GLN IA 157 73.98 -24.77 -51.45
CA GLN IA 157 72.98 -25.79 -51.15
C GLN IA 157 71.66 -25.58 -51.88
N VAL IA 158 71.12 -24.36 -51.79
CA VAL IA 158 69.81 -24.02 -52.32
C VAL IA 158 69.95 -22.92 -53.35
N ILE IA 159 69.33 -23.14 -54.50
CA ILE IA 159 69.51 -22.27 -55.65
C ILE IA 159 68.17 -21.80 -56.18
N ARG IA 160 68.03 -20.48 -56.22
CA ARG IA 160 66.86 -19.86 -56.80
C ARG IA 160 67.27 -19.16 -58.09
N VAL IA 161 66.23 -18.82 -58.84
CA VAL IA 161 66.34 -18.32 -60.18
C VAL IA 161 65.56 -17.04 -60.25
N ILE IA 162 66.27 -15.94 -60.43
CA ILE IA 162 65.62 -14.65 -60.52
C ILE IA 162 64.99 -14.56 -61.89
N ALA IA 163 63.70 -14.21 -61.87
CA ALA IA 163 62.89 -14.15 -63.05
C ALA IA 163 61.95 -12.95 -62.99
N HIS IA 164 61.96 -12.19 -64.08
CA HIS IA 164 61.26 -10.93 -64.21
C HIS IA 164 60.03 -11.22 -65.10
N THR IA 165 58.89 -10.57 -64.83
CA THR IA 165 57.69 -10.75 -65.68
C THR IA 165 57.76 -9.94 -66.97
N GLN IA 166 56.95 -10.34 -67.94
CA GLN IA 166 56.85 -9.60 -69.18
C GLN IA 166 55.66 -8.67 -69.07
N MET IA 167 55.94 -7.43 -68.72
CA MET IA 167 54.91 -6.44 -68.43
C MET IA 167 54.26 -5.93 -69.72
N ARG IA 168 55.11 -5.60 -70.68
CA ARG IA 168 54.77 -5.31 -72.09
C ARG IA 168 53.59 -6.04 -72.73
N LEU IA 169 53.48 -7.33 -72.46
CA LEU IA 169 52.41 -8.16 -73.04
C LEU IA 169 51.02 -7.87 -72.48
N LEU IA 170 50.99 -7.26 -71.30
CA LEU IA 170 49.74 -7.04 -70.59
C LEU IA 170 49.06 -5.78 -71.04
N PRO IA 171 47.77 -5.67 -70.70
CA PRO IA 171 47.06 -4.42 -70.92
C PRO IA 171 47.30 -3.37 -69.83
N LEU IA 172 47.98 -3.73 -68.75
CA LEU IA 172 48.31 -2.78 -67.70
C LEU IA 172 49.09 -1.60 -68.24
N ARG IA 173 48.88 -0.47 -67.57
CA ARG IA 173 49.61 0.74 -67.85
C ARG IA 173 51.08 0.66 -67.35
N GLN IA 174 51.29 -0.14 -66.31
CA GLN IA 174 52.60 -0.59 -65.80
C GLN IA 174 53.56 -1.01 -66.91
N LYS IA 175 54.84 -0.66 -66.77
CA LYS IA 175 55.93 -1.19 -67.63
C LYS IA 175 57.04 -1.89 -66.83
N LYS IA 176 56.87 -1.92 -65.50
CA LYS IA 176 57.90 -2.26 -64.55
C LYS IA 176 57.77 -3.71 -64.21
N ALA IA 177 58.69 -4.56 -64.64
CA ALA IA 177 58.53 -6.01 -64.39
C ALA IA 177 58.56 -6.39 -62.92
N HIS IA 178 58.10 -7.60 -62.62
CA HIS IA 178 58.06 -8.13 -61.26
C HIS IA 178 59.08 -9.22 -61.09
N LEU IA 179 60.29 -8.82 -60.68
CA LEU IA 179 61.36 -9.77 -60.34
C LEU IA 179 61.03 -10.57 -59.13
N MET IA 180 61.40 -11.84 -59.18
CA MET IA 180 61.40 -12.67 -57.99
C MET IA 180 62.32 -13.86 -58.14
N GLU IA 181 62.95 -14.22 -57.04
CA GLU IA 181 63.65 -15.48 -56.95
C GLU IA 181 62.58 -16.55 -56.86
N ILE IA 182 62.68 -17.53 -57.72
CA ILE IA 182 61.85 -18.72 -57.63
C ILE IA 182 62.77 -19.89 -57.40
N GLN IA 183 62.57 -20.60 -56.29
CA GLN IA 183 63.46 -21.68 -55.91
C GLN IA 183 63.36 -22.81 -56.90
N VAL IA 184 64.48 -23.46 -57.14
CA VAL IA 184 64.49 -24.68 -57.93
C VAL IA 184 64.55 -25.84 -56.96
N ASN IA 185 63.50 -26.66 -56.94
CA ASN IA 185 63.45 -27.81 -56.04
C ASN IA 185 63.78 -29.09 -56.79
N GLY IA 186 64.98 -29.12 -57.34
CA GLY IA 186 65.40 -30.23 -58.17
C GLY IA 186 66.07 -31.36 -57.43
N GLY IA 187 66.85 -32.14 -58.18
CA GLY IA 187 67.65 -33.22 -57.65
C GLY IA 187 69.11 -32.86 -57.77
N THR IA 188 69.74 -32.55 -56.63
CA THR IA 188 71.20 -32.30 -56.52
C THR IA 188 71.66 -30.98 -57.19
N VAL IA 189 72.47 -30.23 -56.46
CA VAL IA 189 73.09 -29.03 -56.99
C VAL IA 189 74.09 -29.50 -58.03
N ALA IA 190 74.23 -28.70 -59.09
CA ALA IA 190 75.01 -29.02 -60.31
C ALA IA 190 74.03 -29.41 -61.40
N GLU IA 191 73.22 -30.43 -61.12
CA GLU IA 191 72.04 -30.73 -61.95
C GLU IA 191 71.02 -29.59 -61.82
N LYS IA 192 70.95 -29.03 -60.61
CA LYS IA 192 70.07 -27.91 -60.28
C LYS IA 192 70.74 -26.59 -60.62
N LEU IA 193 71.62 -26.59 -61.61
CA LEU IA 193 72.42 -25.41 -61.87
C LEU IA 193 72.87 -25.41 -63.31
N ASP IA 194 73.52 -26.48 -63.76
CA ASP IA 194 73.64 -26.73 -65.19
C ASP IA 194 72.24 -27.09 -65.71
N TRP IA 195 71.49 -26.02 -65.96
CA TRP IA 195 70.08 -26.01 -66.24
C TRP IA 195 69.65 -24.56 -66.14
N ALA IA 196 69.89 -23.96 -64.98
CA ALA IA 196 69.70 -22.53 -64.82
C ALA IA 196 70.74 -21.79 -65.70
N ARG IA 197 71.99 -22.26 -65.69
CA ARG IA 197 73.01 -21.98 -66.74
C ARG IA 197 72.37 -21.85 -68.14
N GLU IA 198 71.60 -22.88 -68.48
CA GLU IA 198 70.97 -23.02 -69.79
C GLU IA 198 69.69 -22.17 -70.00
N ARG IA 199 68.91 -21.93 -68.95
CA ARG IA 199 67.69 -21.12 -69.04
C ARG IA 199 67.90 -19.63 -68.82
N LEU IA 200 69.14 -19.17 -68.66
CA LEU IA 200 69.39 -17.73 -68.69
C LEU IA 200 68.87 -17.14 -70.01
N GLU IA 201 68.22 -15.98 -69.91
CA GLU IA 201 67.66 -15.26 -71.07
C GLU IA 201 66.41 -15.84 -71.68
N GLN IA 202 65.90 -16.91 -71.12
CA GLN IA 202 65.08 -17.83 -71.86
C GLN IA 202 63.62 -17.79 -71.34
N GLN IA 203 62.64 -17.90 -72.24
CA GLN IA 203 61.21 -17.92 -71.87
C GLN IA 203 60.94 -19.07 -70.88
N VAL IA 204 60.00 -18.87 -69.94
CA VAL IA 204 59.51 -19.96 -69.07
C VAL IA 204 58.00 -19.80 -68.89
N PRO IA 205 57.20 -20.68 -69.53
CA PRO IA 205 55.74 -20.58 -69.40
C PRO IA 205 55.12 -21.38 -68.24
N VAL IA 206 53.82 -21.21 -68.02
CA VAL IA 206 53.09 -21.85 -66.89
C VAL IA 206 53.00 -23.36 -66.92
N ASN IA 207 53.03 -23.93 -68.12
CA ASN IA 207 52.95 -25.38 -68.29
C ASN IA 207 54.25 -26.14 -67.98
N GLN IA 208 55.33 -25.41 -67.71
CA GLN IA 208 56.52 -26.04 -67.15
C GLN IA 208 56.35 -26.15 -65.65
N VAL IA 209 55.98 -25.03 -65.02
CA VAL IA 209 55.90 -24.94 -63.55
C VAL IA 209 54.76 -25.80 -63.02
N PHE IA 210 53.60 -25.68 -63.67
CA PHE IA 210 52.34 -26.14 -63.14
C PHE IA 210 51.66 -27.19 -64.03
N GLY IA 211 50.82 -28.01 -63.41
CA GLY IA 211 49.93 -28.93 -64.12
C GLY IA 211 48.49 -28.54 -63.86
N GLN IA 212 47.59 -28.85 -64.82
CA GLN IA 212 46.13 -28.63 -64.63
C GLN IA 212 45.77 -29.64 -63.48
N ASP IA 213 44.91 -29.19 -62.56
CA ASP IA 213 44.51 -29.89 -61.29
C ASP IA 213 45.61 -30.21 -60.27
N GLU IA 214 46.49 -29.25 -60.07
CA GLU IA 214 47.43 -29.27 -58.98
C GLU IA 214 46.83 -28.32 -57.98
N MET IA 215 46.87 -28.67 -56.70
CA MET IA 215 46.54 -27.72 -55.65
C MET IA 215 47.73 -26.78 -55.49
N ILE IA 216 47.46 -25.48 -55.43
CA ILE IA 216 48.51 -24.49 -55.33
C ILE IA 216 48.13 -23.54 -54.23
N ASP IA 217 49.06 -22.67 -53.86
CA ASP IA 217 48.79 -21.66 -52.82
C ASP IA 217 49.04 -20.32 -53.44
N VAL IA 218 48.10 -19.40 -53.26
CA VAL IA 218 48.23 -18.07 -53.83
C VAL IA 218 48.66 -17.12 -52.74
N ILE IA 219 49.60 -16.27 -53.10
CA ILE IA 219 50.30 -15.41 -52.17
C ILE IA 219 50.22 -14.03 -52.77
N GLY IA 220 49.51 -13.12 -52.11
CA GLY IA 220 49.34 -11.78 -52.64
C GLY IA 220 48.91 -10.87 -51.53
N VAL IA 221 48.62 -9.62 -51.86
CA VAL IA 221 48.28 -8.63 -50.85
C VAL IA 221 46.82 -8.26 -50.94
N THR IA 222 46.16 -8.22 -49.78
CA THR IA 222 44.75 -7.85 -49.64
C THR IA 222 44.40 -6.55 -50.32
N LYS IA 223 43.15 -6.48 -50.74
CA LYS IA 223 42.61 -5.33 -51.39
C LYS IA 223 42.43 -4.22 -50.36
N GLY IA 224 42.85 -3.02 -50.72
CA GLY IA 224 42.98 -1.89 -49.78
C GLY IA 224 41.66 -1.31 -49.37
N LYS IA 225 41.54 -0.94 -48.09
CA LYS IA 225 40.28 -0.37 -47.55
C LYS IA 225 40.38 0.87 -46.62
N GLY IA 226 41.60 1.32 -46.34
CA GLY IA 226 41.82 2.57 -45.62
C GLY IA 226 41.84 2.37 -44.13
N TYR IA 227 41.54 3.43 -43.41
CA TYR IA 227 41.31 3.37 -41.97
C TYR IA 227 39.90 2.89 -41.78
N LYS IA 228 39.71 2.02 -40.82
CA LYS IA 228 38.38 1.53 -40.52
C LYS IA 228 38.19 1.52 -39.04
N GLY IA 229 36.95 1.80 -38.65
CA GLY IA 229 36.55 1.73 -37.26
C GLY IA 229 36.54 0.31 -36.82
N VAL IA 230 36.39 0.13 -35.53
CA VAL IA 230 36.59 -1.19 -35.00
C VAL IA 230 35.58 -2.21 -35.52
N THR IA 231 34.39 -1.74 -35.83
CA THR IA 231 33.32 -2.62 -36.23
C THR IA 231 33.52 -3.12 -37.65
N SER IA 232 34.22 -2.37 -38.48
CA SER IA 232 34.56 -2.84 -39.83
C SER IA 232 35.90 -3.58 -39.88
N ARG IA 233 36.87 -3.06 -39.13
CA ARG IA 233 38.16 -3.69 -39.03
C ARG IA 233 38.03 -5.01 -38.33
N TRP IA 234 37.89 -4.95 -37.01
CA TRP IA 234 37.90 -6.14 -36.20
C TRP IA 234 36.54 -6.77 -36.09
N HIS IA 235 35.52 -6.16 -36.71
CA HIS IA 235 34.33 -6.91 -37.07
C HIS IA 235 33.44 -7.12 -35.85
N THR IA 236 33.61 -6.25 -34.87
CA THR IA 236 33.02 -6.33 -33.53
C THR IA 236 31.51 -6.16 -33.57
N LYS IA 237 30.89 -6.17 -32.39
CA LYS IA 237 29.51 -5.70 -32.20
C LYS IA 237 29.39 -4.21 -32.42
N LYS IA 238 28.18 -3.80 -32.79
CA LYS IA 238 27.75 -2.43 -32.61
C LYS IA 238 27.07 -2.29 -31.28
N LEU IA 239 27.23 -1.12 -30.68
CA LEU IA 239 26.50 -0.76 -29.49
C LEU IA 239 25.11 -0.32 -29.92
N PRO IA 240 24.17 -0.25 -28.97
CA PRO IA 240 22.79 0.11 -29.33
C PRO IA 240 22.57 1.54 -29.83
N ARG IA 241 21.37 1.78 -30.35
CA ARG IA 241 20.93 3.08 -30.92
C ARG IA 241 21.04 4.26 -29.93
N LYS IA 242 20.98 3.95 -28.63
CA LYS IA 242 21.00 4.96 -27.56
C LYS IA 242 22.31 5.72 -27.28
N THR IA 243 23.44 5.07 -27.53
CA THR IA 243 24.75 5.42 -26.90
C THR IA 243 25.30 6.81 -27.20
N HIS IA 244 25.65 7.55 -26.16
CA HIS IA 244 25.90 8.99 -26.27
C HIS IA 244 27.09 9.28 -27.16
N ARG IA 245 28.17 8.52 -27.03
CA ARG IA 245 29.36 8.80 -27.87
C ARG IA 245 29.77 7.62 -28.71
N GLY IA 246 29.04 7.46 -29.81
CA GLY IA 246 29.40 6.50 -30.84
C GLY IA 246 29.09 5.06 -30.55
N LEU IA 247 28.51 4.41 -31.55
CA LEU IA 247 27.99 3.08 -31.41
C LEU IA 247 28.69 2.06 -32.29
N ARG IA 248 29.78 2.47 -32.93
CA ARG IA 248 30.57 1.60 -33.78
C ARG IA 248 31.93 1.40 -33.11
N LYS IA 249 31.87 0.90 -31.89
CA LYS IA 249 32.99 0.95 -30.98
C LYS IA 249 33.08 -0.33 -30.20
N VAL IA 250 34.01 -0.33 -29.25
CA VAL IA 250 34.08 -1.31 -28.21
C VAL IA 250 33.89 -0.53 -26.92
N ALA IA 251 33.01 -1.01 -26.05
CA ALA IA 251 32.70 -0.28 -24.82
C ALA IA 251 33.91 -0.32 -23.89
N CYS IA 252 34.30 -1.53 -23.54
CA CYS IA 252 35.34 -1.74 -22.58
C CYS IA 252 36.58 -2.26 -23.29
N ILE IA 253 37.61 -1.44 -23.27
CA ILE IA 253 38.89 -1.82 -23.77
C ILE IA 253 39.60 -2.76 -22.80
N GLY IA 254 39.71 -2.35 -21.54
CA GLY IA 254 40.42 -3.12 -20.53
C GLY IA 254 39.82 -2.90 -19.17
N ALA IA 255 40.28 -3.70 -18.23
CA ALA IA 255 40.00 -3.55 -16.79
C ALA IA 255 40.82 -2.39 -16.22
N TRP IA 256 40.25 -1.45 -15.43
CA TRP IA 256 41.12 -0.41 -14.77
C TRP IA 256 42.04 -1.18 -13.74
N HIS IA 257 42.54 -2.40 -14.08
CA HIS IA 257 43.85 -2.76 -13.56
C HIS IA 257 45.06 -3.18 -14.45
N PRO IA 258 45.02 -4.28 -15.22
CA PRO IA 258 46.21 -4.28 -16.13
C PRO IA 258 46.17 -2.91 -16.82
N ALA IA 259 47.02 -1.98 -16.36
CA ALA IA 259 46.80 -0.54 -16.53
C ALA IA 259 47.26 -0.02 -17.89
N ARG IA 260 47.24 -0.90 -18.87
CA ARG IA 260 47.65 -0.66 -20.21
C ARG IA 260 46.48 -1.19 -20.93
N VAL IA 261 46.10 -0.65 -22.08
CA VAL IA 261 45.16 -1.40 -22.90
C VAL IA 261 46.03 -2.52 -23.40
N ALA IA 262 45.45 -3.68 -23.65
CA ALA IA 262 46.28 -4.79 -24.04
C ALA IA 262 46.58 -4.78 -25.54
N PHE IA 263 47.60 -5.58 -25.87
CA PHE IA 263 47.87 -6.26 -27.14
C PHE IA 263 46.71 -6.43 -28.09
N SER IA 264 45.67 -7.02 -27.50
CA SER IA 264 44.71 -7.90 -28.14
C SER IA 264 43.30 -7.40 -27.97
N VAL IA 265 43.16 -6.10 -27.89
CA VAL IA 265 41.88 -5.48 -27.74
C VAL IA 265 41.64 -4.79 -29.05
N ALA IA 266 40.38 -4.70 -29.39
CA ALA IA 266 39.99 -4.24 -30.68
C ALA IA 266 40.16 -2.74 -30.90
N ARG IA 267 40.57 -2.38 -32.12
CA ARG IA 267 41.05 -1.04 -32.37
C ARG IA 267 40.87 -0.60 -33.80
N ALA IA 268 40.86 0.72 -33.97
CA ALA IA 268 40.81 1.35 -35.29
C ALA IA 268 42.16 1.21 -35.93
N GLY IA 269 42.16 0.98 -37.24
CA GLY IA 269 43.40 0.74 -37.94
C GLY IA 269 43.27 0.44 -39.42
N GLN IA 270 44.41 0.49 -40.08
CA GLN IA 270 44.52 0.14 -41.47
C GLN IA 270 43.84 -1.21 -41.64
N LYS IA 271 42.92 -1.28 -42.59
CA LYS IA 271 42.25 -2.53 -43.01
C LYS IA 271 42.46 -2.70 -44.49
N GLY IA 272 42.71 -3.92 -44.91
CA GLY IA 272 43.20 -4.14 -46.26
C GLY IA 272 44.63 -3.65 -46.43
N TYR IA 273 45.13 -3.77 -47.66
CA TYR IA 273 46.55 -3.63 -48.01
C TYR IA 273 47.46 -4.47 -47.04
N HIS IA 274 47.03 -5.70 -46.71
CA HIS IA 274 47.81 -6.66 -45.87
C HIS IA 274 48.34 -7.83 -46.68
N HIS IA 275 49.53 -8.32 -46.36
CA HIS IA 275 50.09 -9.48 -47.08
C HIS IA 275 49.42 -10.75 -46.56
N ARG IA 276 49.11 -11.68 -47.46
CA ARG IA 276 48.37 -12.90 -47.12
C ARG IA 276 48.71 -14.09 -48.01
N THR IA 277 48.88 -15.23 -47.35
CA THR IA 277 49.17 -16.50 -48.02
C THR IA 277 47.93 -17.39 -47.90
N GLU IA 278 47.19 -17.45 -49.00
CA GLU IA 278 46.00 -18.27 -49.11
C GLU IA 278 46.47 -19.61 -49.67
N ILE IA 279 45.94 -20.71 -49.16
CA ILE IA 279 46.46 -22.04 -49.56
C ILE IA 279 45.45 -22.95 -50.21
N ASN IA 280 46.01 -23.93 -50.93
CA ASN IA 280 45.30 -25.10 -51.36
C ASN IA 280 44.05 -24.75 -52.24
N LYS IA 281 44.30 -23.89 -53.23
CA LYS IA 281 43.34 -23.56 -54.31
C LYS IA 281 43.62 -24.50 -55.46
N LYS IA 282 42.56 -24.93 -56.14
CA LYS IA 282 42.70 -25.82 -57.28
C LYS IA 282 42.85 -25.05 -58.58
N ILE IA 283 43.61 -25.62 -59.51
CA ILE IA 283 43.66 -25.12 -60.89
C ILE IA 283 42.60 -25.85 -61.72
N TYR IA 284 41.62 -25.12 -62.26
CA TYR IA 284 40.61 -25.72 -63.16
C TYR IA 284 41.09 -25.85 -64.60
N LYS IA 285 41.78 -24.81 -65.09
CA LYS IA 285 42.27 -24.78 -66.47
C LYS IA 285 43.56 -23.98 -66.59
N ILE IA 286 44.52 -24.51 -67.33
CA ILE IA 286 45.70 -23.77 -67.69
C ILE IA 286 45.47 -23.38 -69.14
N GLY IA 287 45.56 -22.08 -69.39
CA GLY IA 287 45.18 -21.53 -70.68
C GLY IA 287 46.23 -21.50 -71.75
N GLN IA 288 45.88 -20.80 -72.81
CA GLN IA 288 46.77 -20.62 -73.93
C GLN IA 288 46.39 -19.33 -74.62
N GLY IA 289 47.38 -18.49 -74.88
CA GLY IA 289 47.15 -17.19 -75.49
C GLY IA 289 46.71 -17.28 -76.94
N TYR IA 290 46.01 -16.25 -77.41
CA TYR IA 290 45.48 -16.30 -78.78
C TYR IA 290 46.66 -15.92 -79.66
N LEU IA 291 47.22 -16.96 -80.28
CA LEU IA 291 48.43 -16.92 -81.10
C LEU IA 291 48.06 -17.13 -82.57
N ILE IA 292 49.04 -16.89 -83.43
CA ILE IA 292 48.81 -16.85 -84.88
C ILE IA 292 49.47 -18.05 -85.55
N LYS IA 293 48.72 -18.70 -86.45
CA LYS IA 293 49.29 -19.57 -87.51
C LYS IA 293 48.75 -19.24 -88.92
N ASP IA 294 47.90 -18.22 -89.01
CA ASP IA 294 47.09 -17.91 -90.18
C ASP IA 294 46.23 -16.67 -89.87
N GLY IA 295 45.39 -16.79 -88.85
CA GLY IA 295 44.55 -15.68 -88.38
C GLY IA 295 43.90 -15.95 -87.02
N LYS IA 296 44.69 -15.79 -85.96
CA LYS IA 296 44.25 -15.92 -84.55
C LYS IA 296 43.79 -17.30 -84.12
N LEU IA 297 43.83 -17.52 -82.80
CA LEU IA 297 43.10 -18.62 -82.18
C LEU IA 297 42.50 -18.14 -80.85
N ILE IA 298 41.58 -17.19 -80.97
CA ILE IA 298 40.72 -16.77 -79.84
C ILE IA 298 39.99 -17.98 -79.25
N LYS IA 299 39.56 -18.89 -80.12
CA LYS IA 299 38.92 -20.15 -79.74
C LYS IA 299 39.60 -20.82 -78.56
N ASN IA 300 40.89 -21.10 -78.72
CA ASN IA 300 41.70 -21.85 -77.73
C ASN IA 300 41.87 -21.07 -76.41
N ASN IA 301 40.76 -20.97 -75.68
CA ASN IA 301 40.72 -20.25 -74.44
C ASN IA 301 39.56 -20.81 -73.64
N ALA IA 302 38.34 -20.42 -73.99
CA ALA IA 302 37.16 -20.78 -73.21
C ALA IA 302 36.31 -21.86 -73.88
N SER IA 303 36.81 -22.38 -74.99
CA SER IA 303 36.08 -23.37 -75.77
C SER IA 303 36.42 -24.74 -75.24
N THR IA 304 35.70 -25.13 -74.20
CA THR IA 304 35.70 -26.52 -73.74
C THR IA 304 35.06 -27.45 -74.79
N ASP IA 305 35.43 -28.74 -74.75
CA ASP IA 305 35.02 -29.73 -75.77
C ASP IA 305 33.51 -30.06 -75.75
N TYR IA 306 32.82 -29.59 -74.71
CA TYR IA 306 31.46 -29.96 -74.41
C TYR IA 306 30.47 -28.81 -74.70
N ASP IA 307 30.82 -28.01 -75.71
CA ASP IA 307 30.20 -26.70 -76.04
C ASP IA 307 30.77 -26.19 -77.39
N LEU IA 308 32.10 -26.26 -77.53
CA LEU IA 308 32.83 -26.02 -78.78
C LEU IA 308 32.32 -24.83 -79.59
N SER IA 309 32.25 -23.68 -78.90
CA SER IA 309 32.00 -22.39 -79.55
C SER IA 309 33.33 -21.90 -80.11
N ASP IA 310 33.63 -20.61 -80.01
CA ASP IA 310 34.98 -20.14 -80.28
C ASP IA 310 35.33 -18.93 -79.37
N LYS IA 311 34.99 -19.08 -78.10
CA LYS IA 311 35.13 -17.99 -77.14
C LYS IA 311 36.56 -17.81 -76.66
N SER IA 312 36.87 -16.57 -76.30
CA SER IA 312 37.95 -16.28 -75.36
C SER IA 312 37.31 -16.05 -74.02
N ILE IA 313 37.89 -16.63 -72.96
CA ILE IA 313 37.60 -16.19 -71.59
C ILE IA 313 37.28 -14.68 -71.46
N ASN IA 314 37.84 -13.82 -72.32
CA ASN IA 314 37.45 -12.39 -72.33
C ASN IA 314 35.95 -12.25 -72.56
N PRO IA 315 35.23 -11.74 -71.55
CA PRO IA 315 33.83 -11.51 -71.79
C PRO IA 315 33.64 -10.26 -72.63
N LEU IA 316 32.40 -9.97 -72.95
CA LEU IA 316 32.11 -8.88 -73.86
C LEU IA 316 32.42 -7.56 -73.17
N GLY IA 317 33.40 -6.84 -73.69
CA GLY IA 317 33.87 -5.61 -73.05
C GLY IA 317 34.85 -5.86 -71.92
N GLY IA 318 35.72 -6.87 -72.10
CA GLY IA 318 36.88 -7.10 -71.24
C GLY IA 318 36.55 -7.50 -69.82
N PHE IA 319 37.58 -7.95 -69.11
CA PHE IA 319 37.46 -8.18 -67.68
C PHE IA 319 37.40 -6.82 -67.10
N VAL IA 320 36.16 -6.42 -66.80
CA VAL IA 320 35.86 -5.08 -66.36
C VAL IA 320 36.98 -4.62 -65.49
N HIS IA 321 37.62 -3.52 -65.89
CA HIS IA 321 38.39 -2.75 -64.95
C HIS IA 321 39.85 -3.31 -64.83
N TYR IA 322 40.27 -4.18 -65.78
CA TYR IA 322 41.60 -4.01 -66.48
C TYR IA 322 41.57 -4.14 -68.01
N GLY IA 323 40.95 -5.17 -68.56
CA GLY IA 323 41.11 -5.41 -70.00
C GLY IA 323 41.12 -6.85 -70.44
N GLU IA 324 41.61 -7.09 -71.64
CA GLU IA 324 41.54 -8.41 -72.26
C GLU IA 324 42.73 -9.24 -71.89
N VAL IA 325 42.48 -10.49 -71.53
CA VAL IA 325 43.52 -11.42 -71.14
C VAL IA 325 44.01 -12.09 -72.42
N THR IA 326 45.21 -11.71 -72.84
CA THR IA 326 45.71 -12.04 -74.18
C THR IA 326 46.76 -13.14 -74.22
N ASN IA 327 47.09 -13.67 -73.06
CA ASN IA 327 48.01 -14.78 -72.97
C ASN IA 327 47.64 -15.72 -71.84
N ASP IA 328 48.34 -16.85 -71.83
CA ASP IA 328 48.24 -17.91 -70.82
C ASP IA 328 47.73 -17.39 -69.48
N PHE IA 329 46.54 -17.85 -69.10
CA PHE IA 329 45.89 -17.52 -67.81
C PHE IA 329 46.10 -18.82 -67.02
N VAL IA 330 45.84 -18.81 -65.72
CA VAL IA 330 45.41 -20.01 -65.00
C VAL IA 330 44.08 -19.69 -64.35
N MET IA 331 43.16 -20.64 -64.46
CA MET IA 331 41.83 -20.50 -63.93
C MET IA 331 41.83 -21.22 -62.61
N LEU IA 332 41.43 -20.49 -61.59
CA LEU IA 332 41.62 -20.94 -60.25
C LEU IA 332 40.25 -21.06 -59.64
N LYS IA 333 40.03 -22.06 -58.81
CA LYS IA 333 38.74 -22.19 -58.12
C LYS IA 333 38.56 -21.07 -57.13
N GLY IA 334 37.35 -20.52 -57.10
CA GLY IA 334 36.99 -19.51 -56.12
C GLY IA 334 37.71 -18.19 -56.31
N CYS IA 335 37.71 -17.42 -55.22
CA CYS IA 335 38.29 -16.10 -55.24
C CYS IA 335 39.68 -16.12 -54.63
N VAL IA 336 40.49 -15.18 -55.08
CA VAL IA 336 41.84 -15.00 -54.59
C VAL IA 336 41.97 -13.60 -54.02
N VAL IA 337 42.85 -13.50 -53.04
CA VAL IA 337 43.18 -12.24 -52.42
C VAL IA 337 43.54 -11.19 -53.46
N GLY IA 338 43.20 -9.95 -53.13
CA GLY IA 338 43.66 -8.80 -53.88
C GLY IA 338 42.67 -8.30 -54.91
N THR IA 339 42.86 -7.05 -55.30
CA THR IA 339 42.05 -6.40 -56.34
C THR IA 339 42.41 -6.88 -57.75
N LYS IA 340 41.77 -6.31 -58.78
CA LYS IA 340 42.15 -6.58 -60.17
C LYS IA 340 43.52 -6.03 -60.45
N LYS IA 341 44.11 -6.55 -61.52
CA LYS IA 341 45.41 -6.11 -61.99
C LYS IA 341 46.56 -6.37 -61.02
N ARG IA 342 46.34 -7.19 -60.00
CA ARG IA 342 47.28 -7.30 -58.89
C ARG IA 342 48.28 -8.40 -59.14
N VAL IA 343 49.55 -8.12 -58.85
CA VAL IA 343 50.60 -9.14 -58.97
C VAL IA 343 50.33 -10.22 -57.95
N LEU IA 344 50.32 -11.46 -58.43
CA LEU IA 344 49.84 -12.57 -57.65
C LEU IA 344 50.82 -13.71 -57.75
N THR IA 345 51.44 -14.02 -56.62
CA THR IA 345 52.47 -15.02 -56.58
C THR IA 345 51.80 -16.37 -56.35
N LEU IA 346 52.03 -17.32 -57.27
CA LEU IA 346 51.48 -18.67 -57.18
C LEU IA 346 52.58 -19.62 -56.80
N ARG IA 347 52.49 -20.20 -55.60
CA ARG IA 347 53.44 -21.19 -55.13
C ARG IA 347 52.82 -22.56 -55.29
N LYS IA 348 53.65 -23.56 -55.61
CA LYS IA 348 53.23 -24.94 -55.46
C LYS IA 348 52.97 -25.23 -54.00
N SER IA 349 52.15 -26.22 -53.71
CA SER IA 349 51.77 -26.49 -52.33
C SER IA 349 52.95 -27.05 -51.56
N LEU IA 350 53.02 -26.73 -50.27
CA LEU IA 350 54.01 -27.30 -49.39
C LEU IA 350 53.65 -28.72 -48.98
N LEU IA 351 52.36 -29.00 -49.04
CA LEU IA 351 51.77 -30.13 -48.39
C LEU IA 351 51.77 -31.32 -49.36
N VAL IA 352 51.82 -32.54 -48.81
CA VAL IA 352 51.54 -33.77 -49.59
C VAL IA 352 50.02 -34.02 -49.65
N GLN IA 353 49.41 -33.64 -50.77
CA GLN IA 353 47.96 -33.64 -50.91
C GLN IA 353 47.42 -35.00 -51.38
N THR IA 354 46.68 -35.67 -50.49
CA THR IA 354 46.17 -37.03 -50.72
C THR IA 354 44.69 -37.16 -50.33
N LYS IA 355 43.95 -36.05 -50.34
CA LYS IA 355 42.54 -36.08 -49.98
C LYS IA 355 41.71 -36.58 -51.14
N ARG IA 356 40.47 -36.92 -50.83
CA ARG IA 356 39.48 -37.31 -51.83
C ARG IA 356 39.11 -36.10 -52.72
N ARG IA 357 39.04 -34.90 -52.12
CA ARG IA 357 38.59 -33.70 -52.83
C ARG IA 357 39.65 -33.11 -53.75
N ALA IA 358 40.90 -33.09 -53.31
CA ALA IA 358 42.02 -32.90 -54.24
C ALA IA 358 42.19 -34.18 -55.03
N LEU IA 359 43.05 -34.17 -56.05
CA LEU IA 359 43.19 -35.30 -56.98
C LEU IA 359 41.95 -35.57 -57.87
N GLU IA 360 40.88 -34.77 -57.73
CA GLU IA 360 39.62 -34.99 -58.44
C GLU IA 360 39.84 -34.37 -59.80
N LYS IA 361 40.01 -35.21 -60.81
CA LYS IA 361 40.32 -34.77 -62.17
C LYS IA 361 39.11 -34.05 -62.75
N ILE IA 362 39.36 -33.08 -63.63
CA ILE IA 362 38.32 -32.13 -64.06
C ILE IA 362 38.04 -32.06 -65.56
N ASP IA 363 36.75 -32.22 -65.87
CA ASP IA 363 36.14 -31.87 -67.13
C ASP IA 363 35.37 -30.59 -66.86
N LEU IA 364 35.66 -29.51 -67.60
CA LEU IA 364 34.76 -28.35 -67.67
C LEU IA 364 33.75 -28.61 -68.77
N LYS IA 365 32.58 -28.01 -68.66
CA LYS IA 365 31.48 -28.31 -69.58
C LYS IA 365 30.82 -27.12 -70.24
N PHE IA 366 30.66 -26.03 -69.52
CA PHE IA 366 30.38 -24.74 -70.16
C PHE IA 366 31.15 -23.67 -69.27
N ILE IA 367 31.87 -22.69 -69.89
CA ILE IA 367 32.50 -21.50 -69.18
C ILE IA 367 31.88 -20.14 -69.56
N ASP IA 368 31.27 -19.38 -68.62
CA ASP IA 368 30.56 -18.12 -69.01
C ASP IA 368 31.47 -16.94 -69.25
N THR IA 369 31.16 -16.25 -70.34
CA THR IA 369 31.88 -15.10 -70.81
C THR IA 369 30.91 -13.97 -71.11
N THR IA 370 29.82 -13.92 -70.35
CA THR IA 370 28.81 -12.92 -70.56
C THR IA 370 29.31 -11.67 -69.86
N SER IA 371 28.96 -10.49 -70.39
CA SER IA 371 29.52 -9.24 -69.86
C SER IA 371 29.34 -9.06 -68.35
N LYS IA 372 30.40 -8.60 -67.71
CA LYS IA 372 30.39 -8.34 -66.28
C LYS IA 372 30.05 -6.90 -66.00
N PHE IA 373 29.95 -6.08 -67.06
CA PHE IA 373 29.61 -4.66 -66.91
C PHE IA 373 28.09 -4.49 -66.87
N GLY IA 374 27.49 -4.94 -65.77
CA GLY IA 374 26.04 -5.04 -65.67
C GLY IA 374 25.69 -6.51 -65.74
N HIS IA 375 24.49 -6.81 -66.23
CA HIS IA 375 24.03 -8.19 -66.35
C HIS IA 375 24.09 -8.54 -67.81
N GLY IA 376 25.15 -9.24 -68.19
CA GLY IA 376 25.17 -9.87 -69.48
C GLY IA 376 24.09 -10.92 -69.50
N ARG IA 377 23.44 -11.08 -70.65
CA ARG IA 377 22.41 -12.12 -70.79
C ARG IA 377 22.84 -13.24 -71.74
N PHE IA 378 23.81 -12.97 -72.59
CA PHE IA 378 23.90 -13.65 -73.87
C PHE IA 378 25.37 -13.34 -74.28
N GLN IA 379 26.10 -14.39 -74.69
CA GLN IA 379 27.55 -14.50 -74.42
C GLN IA 379 28.55 -13.93 -75.40
N THR IA 380 28.37 -14.21 -76.68
CA THR IA 380 29.33 -13.78 -77.70
C THR IA 380 28.64 -12.86 -78.72
N VAL IA 381 29.43 -12.00 -79.37
CA VAL IA 381 28.86 -10.90 -80.17
C VAL IA 381 28.19 -11.44 -81.43
N GLU IA 382 28.68 -12.56 -81.95
CA GLU IA 382 27.94 -13.26 -82.98
C GLU IA 382 26.54 -13.72 -82.48
N GLU IA 383 26.45 -14.22 -81.24
CA GLU IA 383 25.17 -14.64 -80.65
C GLU IA 383 24.22 -13.47 -80.51
N LYS IA 384 24.76 -12.29 -80.19
CA LYS IA 384 23.96 -11.06 -80.11
C LYS IA 384 23.14 -10.86 -81.36
N LYS IA 385 23.82 -10.84 -82.50
CA LYS IA 385 23.17 -10.63 -83.78
C LYS IA 385 22.72 -12.00 -84.26
N ALA IA 386 21.63 -12.44 -83.67
CA ALA IA 386 20.98 -13.68 -84.02
C ALA IA 386 19.56 -13.53 -83.50
N PHE IA 387 19.46 -13.39 -82.18
CA PHE IA 387 18.60 -12.43 -81.51
C PHE IA 387 18.38 -11.11 -82.24
N MET IA 388 18.05 -10.04 -81.50
CA MET IA 388 18.32 -8.64 -81.90
C MET IA 388 18.36 -8.35 -83.40
N GLY IA 389 19.30 -8.99 -84.10
CA GLY IA 389 19.30 -9.07 -85.56
C GLY IA 389 20.05 -7.90 -86.17
N PRO IA 390 19.37 -7.10 -87.01
CA PRO IA 390 19.92 -5.83 -87.48
C PRO IA 390 19.39 -4.64 -86.69
N LEU IA 391 20.29 -3.95 -85.99
CA LEU IA 391 19.97 -2.71 -85.30
C LEU IA 391 19.86 -1.59 -86.33
N LYS IA 392 19.58 -0.37 -85.86
CA LYS IA 392 19.49 0.80 -86.74
C LYS IA 392 20.84 1.14 -87.32
N LYS IA 393 21.85 1.25 -86.47
CA LYS IA 393 23.22 1.59 -86.91
C LYS IA 393 23.82 0.57 -87.94
N ASP IA 394 23.38 0.72 -89.20
CA ASP IA 394 23.75 -0.14 -90.34
C ASP IA 394 23.43 0.57 -91.67
N ALA JA 1 87.16 61.74 47.00
CA ALA JA 1 87.26 63.12 47.56
C ALA JA 1 88.72 63.63 47.42
N CYS JA 2 89.19 63.71 46.18
CA CYS JA 2 90.61 63.86 45.84
C CYS JA 2 91.11 65.31 45.86
N ALA JA 3 92.42 65.49 45.67
CA ALA JA 3 93.05 66.83 45.59
C ALA JA 3 92.69 67.52 44.28
N ARG JA 4 92.29 68.79 44.38
CA ARG JA 4 91.70 69.56 43.29
C ARG JA 4 92.64 70.70 42.89
N PRO JA 5 93.38 70.56 41.76
CA PRO JA 5 94.37 71.54 41.28
C PRO JA 5 93.87 72.94 40.99
N LEU JA 6 94.81 73.80 40.60
CA LEU JA 6 94.54 75.21 40.42
C LEU JA 6 94.54 75.47 38.90
N ILE JA 7 93.34 75.68 38.35
CA ILE JA 7 93.13 75.83 36.90
C ILE JA 7 93.17 77.28 36.46
N SER JA 8 93.99 77.58 35.44
CA SER JA 8 94.28 78.96 35.03
C SER JA 8 93.34 79.54 33.97
N VAL JA 9 92.77 80.70 34.28
CA VAL JA 9 91.82 81.39 33.41
C VAL JA 9 92.64 82.11 32.36
N TYR JA 10 92.31 81.90 31.08
CA TYR JA 10 93.04 82.55 30.01
C TYR JA 10 92.38 83.83 29.53
N SER JA 11 93.22 84.70 28.98
CA SER JA 11 92.76 85.96 28.41
C SER JA 11 92.05 85.70 27.11
N GLU JA 12 91.31 86.70 26.66
CA GLU JA 12 90.71 86.68 25.33
C GLU JA 12 91.70 86.42 24.18
N LYS JA 13 92.97 86.77 24.36
CA LYS JA 13 94.01 86.53 23.34
C LYS JA 13 95.06 85.53 23.82
N GLY JA 14 94.56 84.39 24.33
CA GLY JA 14 95.41 83.30 24.78
C GLY JA 14 96.17 83.66 26.03
N GLU JA 15 97.48 83.45 26.00
CA GLU JA 15 98.39 83.79 27.10
C GLU JA 15 97.86 83.21 28.43
N SER JA 16 98.07 83.89 29.55
CA SER JA 16 97.57 83.43 30.83
C SER JA 16 97.39 84.61 31.76
N SER JA 17 96.14 84.90 32.08
CA SER JA 17 95.81 85.84 33.14
C SER JA 17 96.28 85.22 34.46
N GLY JA 18 96.85 86.03 35.35
CA GLY JA 18 97.24 85.58 36.69
C GLY JA 18 96.09 84.97 37.48
N LYS JA 19 94.88 85.42 37.19
CA LYS JA 19 93.62 84.84 37.70
C LYS JA 19 93.63 83.33 37.54
N ASN JA 20 93.20 82.63 38.59
CA ASN JA 20 93.48 81.22 38.74
C ASN JA 20 92.53 80.59 39.75
N VAL JA 21 91.70 79.64 39.29
CA VAL JA 21 90.38 79.37 39.91
C VAL JA 21 90.33 78.37 41.06
N THR JA 22 90.93 77.20 40.88
CA THR JA 22 90.65 75.97 41.64
C THR JA 22 89.70 75.15 40.81
N LEU JA 23 89.91 73.84 40.82
CA LEU JA 23 89.11 72.88 40.06
C LEU JA 23 87.90 72.54 40.89
N PRO JA 24 86.69 72.75 40.33
CA PRO JA 24 85.55 72.41 41.14
C PRO JA 24 85.36 70.90 41.19
N ALA JA 25 84.92 70.44 42.35
CA ALA JA 25 84.91 69.03 42.68
C ALA JA 25 84.20 68.18 41.66
N VAL JA 26 83.21 68.76 41.01
CA VAL JA 26 82.57 68.06 39.93
C VAL JA 26 83.59 67.28 39.10
N PHE JA 27 84.70 67.90 38.68
CA PHE JA 27 85.62 67.22 37.76
C PHE JA 27 86.32 66.00 38.32
N LYS JA 28 86.18 65.79 39.63
CA LYS JA 28 86.63 64.57 40.27
C LYS JA 28 85.55 63.54 40.49
N ALA JA 29 84.31 63.84 40.12
CA ALA JA 29 83.23 62.87 40.24
C ALA JA 29 83.55 61.59 39.48
N PRO JA 30 82.84 60.50 39.79
CA PRO JA 30 83.00 59.27 39.05
C PRO JA 30 82.52 59.32 37.60
N ILE JA 31 83.35 58.79 36.70
CA ILE JA 31 83.01 58.61 35.30
C ILE JA 31 82.28 57.29 35.26
N ARG JA 32 81.13 57.26 34.59
CA ARG JA 32 80.40 56.01 34.30
C ARG JA 32 79.67 56.15 33.00
N PRO JA 33 80.37 55.84 31.91
CA PRO JA 33 79.74 55.82 30.60
C PRO JA 33 78.44 55.02 30.65
N ASP JA 34 78.50 53.89 31.35
CA ASP JA 34 77.36 53.01 31.62
C ASP JA 34 76.04 53.74 31.91
N ILE JA 35 76.14 54.89 32.59
CA ILE JA 35 74.98 55.70 32.94
C ILE JA 35 74.77 56.78 31.91
N VAL JA 36 75.82 57.53 31.63
CA VAL JA 36 75.71 58.58 30.63
C VAL JA 36 75.04 58.03 29.39
N ASN JA 37 75.32 56.78 29.03
CA ASN JA 37 74.60 56.12 27.95
C ASN JA 37 73.10 56.10 28.24
N PHE JA 38 72.70 55.25 29.17
CA PHE JA 38 71.31 55.04 29.58
C PHE JA 38 70.58 56.36 29.68
N VAL JA 39 71.11 57.24 30.50
CA VAL JA 39 70.47 58.51 30.69
C VAL JA 39 70.49 59.32 29.42
N HIS JA 40 71.59 59.31 28.64
CA HIS JA 40 71.48 59.99 27.33
C HIS JA 40 70.27 59.23 26.66
N THR JA 41 70.26 57.90 26.49
CA THR JA 41 69.23 57.29 25.56
C THR JA 41 67.76 57.53 25.93
N ASN JA 42 67.36 57.34 27.19
CA ASN JA 42 65.94 57.49 27.54
C ASN JA 42 65.58 58.96 27.71
N LEU JA 43 66.54 59.87 27.51
CA LEU JA 43 66.22 61.29 27.33
C LEU JA 43 66.17 61.73 25.90
N ARG JA 44 66.85 61.03 24.99
CA ARG JA 44 66.69 61.38 23.60
C ARG JA 44 65.35 60.92 23.07
N LYS JA 45 64.63 60.12 23.83
CA LYS JA 45 63.33 59.69 23.36
C LYS JA 45 62.25 60.79 23.43
N ASN JA 46 62.42 61.83 24.25
CA ASN JA 46 61.26 62.63 24.67
C ASN JA 46 61.05 63.88 23.77
N ASN JA 47 62.14 64.46 23.26
CA ASN JA 47 62.10 65.19 21.95
C ASN JA 47 61.64 64.10 21.02
N ARG JA 48 60.52 64.26 20.35
CA ARG JA 48 60.09 63.27 19.36
C ARG JA 48 58.58 63.36 19.16
N GLN JA 49 58.19 63.37 17.89
CA GLN JA 49 56.80 63.40 17.50
C GLN JA 49 56.28 62.00 17.29
N PRO JA 50 54.99 61.82 17.53
CA PRO JA 50 54.34 60.61 17.10
C PRO JA 50 54.36 60.44 15.62
N TYR JA 51 54.62 59.22 15.20
CA TYR JA 51 54.38 58.78 13.84
C TYR JA 51 53.43 57.62 13.97
N ALA JA 52 52.42 57.62 13.12
CA ALA JA 52 51.39 56.62 13.19
C ALA JA 52 50.65 56.57 11.87
N VAL JA 53 49.86 55.52 11.71
CA VAL JA 53 49.18 55.26 10.47
C VAL JA 53 47.71 55.44 10.71
N SER JA 54 47.01 55.95 9.69
CA SER JA 54 45.59 56.26 9.82
C SER JA 54 44.79 55.04 10.24
N GLU JA 55 43.70 55.29 10.93
CA GLU JA 55 42.90 54.21 11.50
C GLU JA 55 42.13 53.46 10.41
N LEU JA 56 41.96 54.12 9.28
CA LEU JA 56 41.17 53.63 8.18
C LEU JA 56 42.02 52.93 7.11
N ALA JA 57 43.34 52.98 7.24
CA ALA JA 57 44.27 52.29 6.32
C ALA JA 57 43.71 51.03 5.67
N GLY JA 58 43.43 51.08 4.37
CA GLY JA 58 42.95 49.92 3.55
C GLY JA 58 41.74 49.18 4.07
N HIS JA 59 40.91 49.93 4.77
CA HIS JA 59 39.95 49.39 5.68
C HIS JA 59 38.65 50.16 5.48
N GLN JA 60 38.38 50.47 4.21
CA GLN JA 60 37.29 51.34 3.75
C GLN JA 60 36.64 50.74 2.50
N THR JA 61 36.51 49.41 2.48
CA THR JA 61 36.37 48.63 1.23
C THR JA 61 35.04 47.90 1.05
N SER JA 62 34.52 47.28 2.11
CA SER JA 62 33.30 46.49 2.02
C SER JA 62 33.54 45.32 1.08
N ALA JA 63 34.23 44.33 1.65
CA ALA JA 63 34.60 43.11 0.98
C ALA JA 63 34.12 42.00 1.90
N GLU JA 64 33.41 41.03 1.34
CA GLU JA 64 32.80 39.99 2.14
C GLU JA 64 33.80 38.88 2.37
N SER JA 65 34.33 38.35 1.28
CA SER JA 65 35.03 37.08 1.18
C SER JA 65 34.02 36.12 0.67
N TRP JA 66 34.14 35.74 -0.59
CA TRP JA 66 33.40 34.59 -1.02
C TRP JA 66 34.23 33.35 -0.76
N GLY JA 67 34.06 32.82 0.45
CA GLY JA 67 34.82 31.68 0.90
C GLY JA 67 34.33 30.37 0.30
N THR JA 68 35.28 29.50 -0.02
CA THR JA 68 35.09 28.07 -0.31
C THR JA 68 34.04 27.76 -1.40
N GLY JA 69 34.33 26.72 -2.16
CA GLY JA 69 33.50 26.32 -3.30
C GLY JA 69 33.77 27.10 -4.60
N ARG JA 70 34.72 28.04 -4.58
CA ARG JA 70 34.95 28.94 -5.71
C ARG JA 70 36.42 29.00 -6.16
N ALA JA 71 37.24 28.01 -5.77
CA ALA JA 71 38.72 28.03 -5.88
C ALA JA 71 39.37 29.14 -5.03
N VAL JA 72 39.66 30.31 -5.64
CA VAL JA 72 39.98 31.58 -4.93
C VAL JA 72 40.93 31.45 -3.72
N ALA JA 73 40.64 32.06 -2.57
CA ALA JA 73 41.55 31.97 -1.41
C ALA JA 73 40.98 32.25 -0.01
N ARG JA 74 39.72 32.64 0.11
CA ARG JA 74 39.09 33.01 1.40
C ARG JA 74 39.58 34.32 2.03
N ILE JA 75 40.08 35.26 1.24
CA ILE JA 75 40.43 36.56 1.80
C ILE JA 75 39.13 37.32 1.73
N PRO JA 76 39.06 38.47 2.37
CA PRO JA 76 37.95 39.34 2.04
C PRO JA 76 38.19 40.05 0.73
N ARG JA 77 37.28 39.84 -0.21
CA ARG JA 77 37.50 40.20 -1.61
C ARG JA 77 36.40 41.17 -1.99
N VAL JA 78 36.78 42.14 -2.80
CA VAL JA 78 36.04 43.37 -3.00
C VAL JA 78 34.83 43.18 -3.90
N ARG JA 79 33.77 43.92 -3.61
CA ARG JA 79 32.47 43.62 -4.17
C ARG JA 79 32.20 44.20 -5.57
N GLY JA 80 31.43 43.43 -6.34
CA GLY JA 80 30.86 43.83 -7.62
C GLY JA 80 31.89 44.35 -8.60
N GLY JA 81 31.50 45.36 -9.37
CA GLY JA 81 32.44 46.14 -10.14
C GLY JA 81 32.83 45.60 -11.50
N GLY JA 82 33.10 46.55 -12.40
CA GLY JA 82 33.75 46.31 -13.68
C GLY JA 82 35.00 47.16 -13.73
N THR JA 83 35.74 47.13 -12.63
CA THR JA 83 37.03 47.79 -12.50
C THR JA 83 38.01 46.65 -12.58
N HIS JA 84 39.24 46.82 -12.11
CA HIS JA 84 40.04 45.62 -11.80
C HIS JA 84 39.96 45.36 -10.30
N ARG JA 85 39.72 46.42 -9.51
CA ARG JA 85 39.70 46.32 -8.06
C ARG JA 85 38.33 45.81 -7.67
N SER JA 86 38.17 44.50 -7.79
CA SER JA 86 36.89 43.84 -7.56
C SER JA 86 37.14 42.35 -7.57
N GLY JA 87 37.19 41.78 -6.39
CA GLY JA 87 37.74 40.45 -6.18
C GLY JA 87 39.23 40.54 -6.16
N GLN JA 88 39.77 41.42 -5.32
CA GLN JA 88 41.21 41.51 -5.13
C GLN JA 88 41.63 40.93 -3.81
N GLY JA 89 41.00 41.38 -2.73
CA GLY JA 89 41.55 41.16 -1.41
C GLY JA 89 41.69 42.50 -0.76
N ALA JA 90 41.23 42.56 0.48
CA ALA JA 90 41.32 43.77 1.25
C ALA JA 90 41.30 43.33 2.67
N PHE JA 91 41.69 44.20 3.57
CA PHE JA 91 41.94 43.78 4.94
C PHE JA 91 42.59 42.36 4.95
N GLY JA 92 43.75 42.25 4.30
CA GLY JA 92 44.79 41.27 4.65
C GLY JA 92 46.10 42.05 4.79
N ASN JA 93 46.91 41.78 5.82
CA ASN JA 93 48.33 42.28 5.80
C ASN JA 93 48.97 41.87 4.51
N MET JA 94 48.66 40.66 4.12
CA MET JA 94 49.18 40.09 2.95
C MET JA 94 48.87 40.81 1.64
N CYS JA 95 47.82 41.63 1.57
CA CYS JA 95 47.37 42.17 0.29
C CYS JA 95 47.50 43.67 0.02
N ARG JA 96 47.69 43.96 -1.26
CA ARG JA 96 47.53 45.29 -1.83
C ARG JA 96 46.34 46.01 -1.25
N GLY JA 97 46.46 47.33 -1.17
CA GLY JA 97 45.50 48.14 -0.44
C GLY JA 97 45.71 47.76 0.99
N GLY JA 98 44.80 46.93 1.51
CA GLY JA 98 44.89 46.32 2.85
C GLY JA 98 45.64 47.15 3.87
N ARG JA 99 46.25 46.50 4.85
CA ARG JA 99 46.97 47.23 5.90
C ARG JA 99 47.84 46.33 6.74
N MET JA 100 48.68 46.96 7.53
CA MET JA 100 49.83 46.34 8.13
C MET JA 100 49.51 45.45 9.32
N PHE JA 101 50.56 44.91 9.96
CA PHE JA 101 50.43 44.47 11.34
C PHE JA 101 50.15 45.67 12.22
N ALA JA 102 49.09 45.57 13.02
CA ALA JA 102 48.93 46.40 14.20
C ALA JA 102 49.31 47.81 13.86
N PRO JA 103 48.46 48.48 13.08
CA PRO JA 103 48.68 49.86 12.72
C PRO JA 103 49.51 50.55 13.76
N THR JA 104 50.60 51.17 13.35
CA THR JA 104 51.44 51.88 14.30
C THR JA 104 50.55 52.95 14.89
N LYS JA 105 50.26 52.81 16.18
CA LYS JA 105 49.34 53.71 16.87
C LYS JA 105 50.08 54.88 17.50
N THR JA 106 49.27 55.85 17.87
CA THR JA 106 49.71 57.11 18.40
C THR JA 106 50.05 57.01 19.86
N TRP JA 107 49.30 56.19 20.59
CA TRP JA 107 49.51 55.97 22.02
C TRP JA 107 50.60 54.90 22.29
N ARG JA 108 51.57 54.71 21.39
CA ARG JA 108 52.87 54.09 21.76
C ARG JA 108 53.50 54.95 22.82
N ARG JA 109 54.11 54.29 23.80
CA ARG JA 109 54.80 55.00 24.85
C ARG JA 109 56.06 55.65 24.28
N TRP JA 110 55.93 56.81 23.62
CA TRP JA 110 57.07 57.40 22.90
C TRP JA 110 58.18 57.83 23.83
N HIS JA 111 57.81 58.44 24.96
CA HIS JA 111 58.79 59.13 25.78
C HIS JA 111 59.00 58.34 27.04
N ARG JA 112 60.02 58.74 27.78
CA ARG JA 112 60.59 57.91 28.77
C ARG JA 112 61.03 58.75 29.94
N ARG JA 113 61.95 58.23 30.73
CA ARG JA 113 61.91 58.47 32.14
C ARG JA 113 63.23 58.29 32.82
N VAL JA 114 63.58 59.21 33.69
CA VAL JA 114 64.78 59.05 34.45
C VAL JA 114 64.59 59.70 35.77
N ASN JA 115 65.22 59.12 36.77
CA ASN JA 115 65.26 59.71 38.08
C ASN JA 115 66.16 60.94 38.06
N THR JA 116 65.73 61.97 38.77
CA THR JA 116 66.50 63.19 38.86
C THR JA 116 67.96 62.86 39.18
N THR JA 117 68.17 62.10 40.26
CA THR JA 117 69.52 61.77 40.72
C THR JA 117 70.36 61.04 39.67
N GLN JA 118 69.75 60.04 39.05
CA GLN JA 118 70.38 59.35 37.91
C GLN JA 118 70.91 60.34 36.90
N LYS JA 119 70.02 61.25 36.47
CA LYS JA 119 70.34 62.24 35.42
C LYS JA 119 70.99 63.54 35.90
N ARG JA 120 71.33 63.62 37.18
CA ARG JA 120 72.24 64.65 37.68
C ARG JA 120 73.63 64.09 37.63
N TYR JA 121 73.82 62.90 38.21
CA TYR JA 121 75.13 62.26 38.16
C TYR JA 121 75.38 61.53 36.80
N ALA JA 122 74.47 61.64 35.84
CA ALA JA 122 74.90 61.51 34.44
C ALA JA 122 75.68 62.74 34.00
N ILE JA 123 75.25 63.93 34.39
CA ILE JA 123 76.00 65.12 34.06
C ILE JA 123 77.36 65.09 34.73
N CYS JA 124 77.42 64.74 36.02
CA CYS JA 124 78.72 64.63 36.69
C CYS JA 124 79.72 63.89 35.82
N SER JA 125 79.36 62.65 35.48
CA SER JA 125 80.23 61.76 34.71
C SER JA 125 80.60 62.33 33.35
N ALA JA 126 79.71 63.10 32.74
CA ALA JA 126 80.02 63.79 31.48
C ALA JA 126 80.98 64.95 31.67
N LEU JA 127 80.79 65.67 32.78
CA LEU JA 127 81.64 66.81 33.10
C LEU JA 127 83.01 66.36 33.56
N ALA JA 128 83.06 65.37 34.43
CA ALA JA 128 84.34 64.87 34.93
C ALA JA 128 85.26 64.37 33.82
N ALA JA 129 84.65 63.84 32.77
CA ALA JA 129 85.37 63.41 31.59
C ALA JA 129 85.49 64.49 30.52
N SER JA 130 84.98 65.69 30.78
CA SER JA 130 85.29 66.85 29.96
C SER JA 130 86.67 67.39 30.32
N ALA JA 131 87.23 66.92 31.44
CA ALA JA 131 88.67 66.96 31.66
C ALA JA 131 89.19 65.65 31.11
N LEU JA 132 90.45 65.31 31.37
CA LEU JA 132 91.04 64.00 30.99
C LEU JA 132 91.21 63.90 29.48
N PRO JA 133 92.29 64.47 28.93
CA PRO JA 133 92.41 64.64 27.48
C PRO JA 133 92.30 63.34 26.72
N ALA JA 134 92.65 62.23 27.37
CA ALA JA 134 92.38 60.91 26.85
C ALA JA 134 90.98 60.82 26.23
N LEU JA 135 89.97 60.98 27.08
CA LEU JA 135 88.58 60.72 26.71
C LEU JA 135 88.11 61.74 25.71
N VAL JA 136 88.56 62.98 25.89
CA VAL JA 136 88.09 64.11 25.08
C VAL JA 136 88.70 64.01 23.72
N MET JA 137 90.02 63.85 23.66
CA MET JA 137 90.66 63.57 22.39
C MET JA 137 90.00 62.38 21.74
N SER JA 138 89.89 61.27 22.47
CA SER JA 138 89.31 60.02 21.92
C SER JA 138 87.83 60.08 21.48
N LYS JA 139 87.24 61.26 21.47
CA LYS JA 139 86.07 61.57 20.66
C LYS JA 139 86.39 62.25 19.32
N GLY JA 140 87.67 62.35 18.97
CA GLY JA 140 88.10 63.13 17.82
C GLY JA 140 87.78 64.57 18.05
N HIS JA 141 88.22 65.08 19.21
CA HIS JA 141 88.03 66.48 19.56
C HIS JA 141 89.32 67.31 19.48
N ARG JA 142 90.22 66.90 18.56
CA ARG JA 142 91.30 67.74 17.95
C ARG JA 142 91.93 68.81 18.88
N ILE JA 143 92.18 68.36 20.11
CA ILE JA 143 92.76 69.11 21.20
C ILE JA 143 94.17 68.59 21.26
N GLU JA 144 95.10 69.35 20.72
CA GLU JA 144 96.52 69.01 20.79
C GLU JA 144 97.37 70.23 21.03
N GLU JA 145 97.04 71.33 20.35
CA GLU JA 145 97.66 72.60 20.61
C GLU JA 145 96.86 73.45 21.63
N VAL JA 146 95.89 72.85 22.33
CA VAL JA 146 95.13 73.57 23.36
C VAL JA 146 95.97 73.70 24.63
N PRO JA 147 95.93 74.87 25.29
CA PRO JA 147 96.81 75.08 26.44
C PRO JA 147 96.50 74.24 27.69
N GLU JA 148 95.28 74.27 28.20
CA GLU JA 148 94.86 73.32 29.27
C GLU JA 148 93.42 72.92 29.09
N LEU JA 149 93.03 71.82 29.71
CA LEU JA 149 91.87 71.10 29.25
C LEU JA 149 90.54 71.54 29.87
N PRO JA 150 90.43 71.58 31.21
CA PRO JA 150 89.25 72.31 31.68
C PRO JA 150 89.61 73.76 31.34
N LEU JA 151 89.18 74.16 30.14
CA LEU JA 151 89.67 75.38 29.51
C LEU JA 151 88.80 76.52 29.96
N VAL JA 152 89.37 77.36 30.83
CA VAL JA 152 88.65 78.49 31.36
C VAL JA 152 89.10 79.74 30.61
N VAL JA 153 88.16 80.67 30.45
CA VAL JA 153 88.38 81.89 29.68
C VAL JA 153 87.84 83.09 30.45
N GLU JA 154 88.39 84.27 30.17
CA GLU JA 154 87.89 85.49 30.80
C GLU JA 154 86.39 85.66 30.55
N ASP JA 155 85.77 86.49 31.38
CA ASP JA 155 84.33 86.76 31.38
C ASP JA 155 84.06 88.02 30.50
N LYS JA 156 85.09 88.51 29.79
CA LYS JA 156 84.93 89.42 28.64
C LYS JA 156 84.12 88.76 27.52
N VAL JA 157 84.22 87.44 27.43
CA VAL JA 157 83.63 86.67 26.34
C VAL JA 157 82.12 86.74 26.31
N GLU JA 158 81.45 86.72 27.47
CA GLU JA 158 79.98 86.86 27.50
C GLU JA 158 79.54 88.08 26.68
N SER JA 159 80.42 89.08 26.56
CA SER JA 159 80.12 90.34 25.89
C SER JA 159 80.58 90.54 24.43
N TYR JA 160 81.15 89.55 23.74
CA TYR JA 160 81.33 89.71 22.28
C TYR JA 160 79.96 89.65 21.63
N LYS JA 161 79.80 90.45 20.59
CA LYS JA 161 78.56 90.53 19.87
C LYS JA 161 78.74 90.35 18.37
N LYS JA 162 79.92 89.91 17.93
CA LYS JA 162 80.23 89.72 16.51
C LYS JA 162 81.05 88.50 16.26
N THR JA 163 80.61 87.68 15.31
CA THR JA 163 81.19 86.37 15.04
C THR JA 163 82.68 86.43 14.74
N LYS JA 164 83.14 87.56 14.22
CA LYS JA 164 84.56 87.75 13.97
C LYS JA 164 85.39 87.74 15.27
N GLU JA 165 84.85 88.33 16.34
CA GLU JA 165 85.49 88.33 17.66
C GLU JA 165 85.63 86.90 18.16
N ALA JA 166 84.49 86.20 18.14
CA ALA JA 166 84.38 84.80 18.56
C ALA JA 166 85.40 83.95 17.88
N VAL JA 167 85.48 84.10 16.57
CA VAL JA 167 86.40 83.34 15.76
C VAL JA 167 87.85 83.64 16.16
N LEU JA 168 88.16 84.91 16.44
CA LEU JA 168 89.50 85.28 16.87
C LEU JA 168 89.88 84.71 18.25
N LEU JA 169 88.89 84.51 19.12
CA LEU JA 169 89.08 83.78 20.37
C LEU JA 169 89.48 82.32 20.09
N LEU JA 170 88.69 81.64 19.25
CA LEU JA 170 88.90 80.22 18.94
C LEU JA 170 90.21 79.91 18.20
N LYS JA 171 90.84 80.91 17.61
CA LYS JA 171 92.21 80.77 17.16
C LYS JA 171 93.15 80.83 18.32
N LYS JA 172 93.00 81.88 19.13
CA LYS JA 172 94.00 82.23 20.13
C LYS JA 172 93.98 81.23 21.30
N LEU JA 173 92.89 80.47 21.44
CA LEU JA 173 92.85 79.28 22.31
C LEU JA 173 93.20 77.97 21.56
N LYS JA 174 93.77 78.10 20.36
CA LYS JA 174 94.11 76.98 19.48
C LYS JA 174 93.01 75.92 19.32
N ALA JA 175 91.77 76.40 19.22
CA ALA JA 175 90.61 75.55 19.13
C ALA JA 175 89.93 75.65 17.79
N TRP JA 176 90.58 76.26 16.78
CA TRP JA 176 90.00 76.21 15.42
C TRP JA 176 89.77 74.79 15.03
N ASN JA 177 90.75 73.94 15.30
CA ASN JA 177 90.97 72.83 14.41
C ASN JA 177 89.91 71.74 14.71
N ASP JA 178 89.15 71.90 15.81
CA ASP JA 178 87.92 71.13 16.02
C ASP JA 178 86.83 71.66 15.08
N ILE JA 179 86.67 72.98 15.01
CA ILE JA 179 85.63 73.60 14.16
C ILE JA 179 86.00 73.36 12.72
N LYS JA 180 87.24 73.66 12.41
CA LYS JA 180 87.89 73.24 11.18
C LYS JA 180 87.48 71.82 10.76
N LYS JA 181 87.59 70.90 11.71
CA LYS JA 181 87.25 69.49 11.51
C LYS JA 181 85.79 69.31 11.22
N VAL JA 182 84.93 69.86 12.09
CA VAL JA 182 83.49 69.93 11.80
C VAL JA 182 83.28 70.34 10.37
N TYR JA 183 83.96 71.42 10.04
CA TYR JA 183 83.77 72.20 8.84
C TYR JA 183 84.14 71.38 7.58
N ALA JA 184 84.93 70.30 7.77
CA ALA JA 184 85.25 69.31 6.70
C ALA JA 184 84.33 68.13 6.65
N SER JA 185 83.58 67.92 7.73
CA SER JA 185 82.75 66.74 7.87
C SER JA 185 81.31 67.01 7.41
N GLN JA 186 81.13 67.95 6.50
CA GLN JA 186 79.80 68.35 6.09
C GLN JA 186 79.49 67.60 4.82
N ARG JA 187 78.44 66.79 4.86
CA ARG JA 187 78.06 66.00 3.71
C ARG JA 187 76.57 65.72 3.73
N MET JA 188 76.10 65.02 2.70
CA MET JA 188 74.72 64.59 2.62
C MET JA 188 74.55 63.29 3.40
N ARG JA 189 73.53 63.26 4.26
CA ARG JA 189 73.19 62.07 5.01
C ARG JA 189 72.94 60.94 4.04
N ALA JA 190 73.31 59.76 4.50
CA ALA JA 190 73.22 58.55 3.71
C ALA JA 190 71.85 58.36 3.08
N GLY JA 191 70.84 58.34 3.92
CA GLY JA 191 69.61 57.67 3.58
C GLY JA 191 68.43 58.51 3.14
N LYS JA 192 67.26 58.09 3.63
CA LYS JA 192 65.98 58.63 3.25
C LYS JA 192 65.70 59.94 3.97
N GLY JA 193 66.35 60.13 5.10
CA GLY JA 193 66.31 61.40 5.81
C GLY JA 193 66.60 62.62 4.96
N LYS JA 194 67.42 62.45 3.94
CA LYS JA 194 67.68 63.50 2.95
C LYS JA 194 66.45 64.19 2.45
N MET JA 195 65.43 63.40 2.12
CA MET JA 195 64.16 63.96 1.63
C MET JA 195 63.20 64.25 2.77
N ARG JA 196 63.78 64.53 3.93
CA ARG JA 196 63.05 64.96 5.07
C ARG JA 196 63.88 65.90 5.96
N ASN JA 197 64.17 67.14 5.54
CA ASN JA 197 64.56 68.23 6.49
C ASN JA 197 65.79 67.86 7.34
N ARG JA 198 66.50 66.80 6.92
CA ARG JA 198 67.61 66.19 7.63
C ARG JA 198 68.61 65.72 6.56
N ARG JA 199 68.88 66.60 5.58
CA ARG JA 199 69.81 66.29 4.48
C ARG JA 199 71.26 66.35 4.95
N ARG JA 200 71.75 67.52 5.32
CA ARG JA 200 73.16 67.66 5.70
C ARG JA 200 73.43 67.13 7.10
N ILE JA 201 74.69 66.85 7.36
CA ILE JA 201 75.16 66.53 8.71
C ILE JA 201 76.61 66.92 8.91
N GLN JA 202 77.04 66.93 10.16
CA GLN JA 202 78.38 67.38 10.48
C GLN JA 202 78.78 66.89 11.87
N ARG JA 203 80.02 67.14 12.26
CA ARG JA 203 80.47 66.81 13.61
C ARG JA 203 79.76 67.68 14.63
N ARG JA 204 80.13 67.45 15.88
CA ARG JA 204 79.98 68.41 16.93
C ARG JA 204 81.26 69.18 17.08
N GLY JA 205 81.12 70.43 17.50
CA GLY JA 205 82.22 71.32 17.76
C GLY JA 205 82.25 71.55 19.24
N PRO JA 206 83.18 72.38 19.71
CA PRO JA 206 83.34 72.58 21.13
C PRO JA 206 82.08 73.14 21.80
N CYS JA 207 81.76 72.63 22.98
CA CYS JA 207 80.69 73.21 23.80
C CYS JA 207 81.26 74.45 24.44
N ILE JA 208 80.43 75.50 24.53
CA ILE JA 208 80.82 76.72 25.26
C ILE JA 208 79.79 77.11 26.26
N ILE JA 209 80.25 77.52 27.43
CA ILE JA 209 79.40 77.67 28.58
C ILE JA 209 79.66 79.00 29.26
N TYR JA 210 78.61 79.54 29.88
CA TYR JA 210 78.52 80.94 30.25
C TYR JA 210 77.40 81.15 31.25
N ASN JA 211 77.67 81.80 32.38
CA ASN JA 211 76.60 81.94 33.36
C ASN JA 211 75.51 82.90 32.85
N GLU JA 212 75.86 83.86 31.99
CA GLU JA 212 74.89 84.85 31.45
C GLU JA 212 75.14 85.29 30.00
N ASP JA 213 74.12 85.12 29.15
CA ASP JA 213 74.08 85.67 27.79
C ASP JA 213 74.06 87.19 27.96
N ASN JA 214 75.23 87.79 27.77
CA ASN JA 214 75.39 89.22 27.72
C ASN JA 214 75.75 89.64 26.29
N GLY JA 215 75.19 88.93 25.31
CA GLY JA 215 75.55 89.08 23.89
C GLY JA 215 76.30 87.91 23.24
N ILE JA 216 76.81 86.98 24.06
CA ILE JA 216 77.69 85.91 23.55
C ILE JA 216 77.06 84.95 22.58
N ILE JA 217 75.83 84.53 22.86
CA ILE JA 217 75.25 83.42 22.12
C ILE JA 217 75.03 83.85 20.69
N LYS JA 218 74.81 85.15 20.49
CA LYS JA 218 74.76 85.75 19.17
C LYS JA 218 76.06 85.56 18.39
N ALA JA 219 77.15 85.84 19.07
CA ALA JA 219 78.46 85.79 18.46
C ALA JA 219 78.81 84.38 18.01
N PHE JA 220 78.69 83.42 18.92
CA PHE JA 220 79.04 82.02 18.63
C PHE JA 220 77.76 81.31 18.22
N ARG JA 221 77.41 81.41 16.94
CA ARG JA 221 76.14 80.88 16.50
C ARG JA 221 76.33 80.36 15.12
N ASN JA 222 76.69 81.25 14.22
CA ASN JA 222 77.00 80.86 12.88
C ASN JA 222 78.18 79.89 12.76
N ILE JA 223 79.05 79.86 13.77
CA ILE JA 223 80.23 79.00 13.72
C ILE JA 223 79.73 77.57 13.87
N PRO JA 224 79.97 76.70 12.86
CA PRO JA 224 79.37 75.35 12.90
C PRO JA 224 79.96 74.44 13.98
N GLY JA 225 79.10 73.67 14.64
CA GLY JA 225 79.53 72.77 15.71
C GLY JA 225 79.35 73.32 17.11
N ILE JA 226 79.48 74.65 17.26
CA ILE JA 226 79.38 75.24 18.59
C ILE JA 226 77.94 75.19 19.07
N THR JA 227 77.79 74.68 20.29
CA THR JA 227 76.56 74.83 21.04
C THR JA 227 76.89 75.58 22.32
N LEU JA 228 75.98 76.45 22.69
CA LEU JA 228 76.07 77.14 23.93
C LEU JA 228 75.25 76.35 24.92
N LEU JA 229 75.69 76.34 26.16
CA LEU JA 229 74.88 75.80 27.23
C LEU JA 229 75.03 76.73 28.39
N ASN JA 230 73.94 77.05 29.07
CA ASN JA 230 74.05 77.74 30.36
C ASN JA 230 74.62 76.76 31.35
N VAL JA 231 75.18 77.28 32.43
CA VAL JA 231 75.75 76.41 33.44
C VAL JA 231 74.59 75.96 34.27
N SER JA 232 73.76 76.92 34.67
CA SER JA 232 72.56 76.66 35.41
C SER JA 232 71.60 75.66 34.74
N LYS JA 233 71.77 75.39 33.45
CA LYS JA 233 70.86 74.52 32.69
C LYS JA 233 71.61 73.59 31.75
N LEU JA 234 72.54 72.81 32.29
CA LEU JA 234 73.32 71.86 31.48
C LEU JA 234 72.45 70.75 30.96
N ASN JA 235 72.98 70.02 29.99
CA ASN JA 235 72.19 69.08 29.24
C ASN JA 235 73.03 67.91 28.78
N ILE JA 236 72.58 66.69 29.06
CA ILE JA 236 73.38 65.49 28.86
C ILE JA 236 73.38 65.14 27.40
N LEU JA 237 72.27 65.44 26.72
CA LEU JA 237 72.21 65.28 25.28
C LEU JA 237 73.39 66.01 24.63
N LYS JA 238 73.68 67.24 25.08
CA LYS JA 238 74.67 68.09 24.41
C LYS JA 238 76.10 68.00 24.93
N LEU JA 239 76.29 67.74 26.22
CA LEU JA 239 77.64 67.49 26.76
C LEU JA 239 78.20 66.16 26.31
N ALA JA 240 77.34 65.16 26.29
CA ALA JA 240 77.73 63.79 25.98
C ALA JA 240 76.89 63.27 24.78
N PRO JA 241 77.14 63.84 23.58
CA PRO JA 241 76.31 63.43 22.46
C PRO JA 241 76.57 62.01 22.02
N GLY JA 242 75.48 61.35 21.65
CA GLY JA 242 75.49 59.97 21.26
C GLY JA 242 75.49 58.99 22.41
N GLY JA 243 75.42 59.48 23.65
CA GLY JA 243 75.67 58.63 24.81
C GLY JA 243 77.12 58.19 24.95
N HIS JA 244 78.01 58.92 24.30
CA HIS JA 244 79.42 58.74 24.51
C HIS JA 244 79.83 59.83 25.46
N VAL JA 245 80.93 59.61 26.14
CA VAL JA 245 81.40 60.55 27.14
C VAL JA 245 82.39 61.52 26.52
N GLY JA 246 82.48 62.71 27.10
CA GLY JA 246 83.67 63.54 26.97
C GLY JA 246 83.74 64.41 25.75
N ARG JA 247 83.07 65.56 25.83
CA ARG JA 247 83.19 66.61 24.83
C ARG JA 247 84.07 67.75 25.32
N PHE JA 248 84.72 68.41 24.37
CA PHE JA 248 85.55 69.59 24.62
C PHE JA 248 84.69 70.77 25.04
N CYS JA 249 84.98 71.31 26.22
CA CYS JA 249 84.18 72.38 26.80
C CYS JA 249 85.03 73.58 27.16
N ILE JA 250 84.39 74.74 27.11
CA ILE JA 250 85.07 76.01 27.35
C ILE JA 250 84.31 76.74 28.48
N TRP JA 251 84.74 76.53 29.74
CA TRP JA 251 84.12 77.25 30.86
C TRP JA 251 84.65 78.69 30.73
N THR JA 252 83.78 79.65 31.00
CA THR JA 252 84.16 81.02 31.20
C THR JA 252 84.19 81.23 32.70
N GLU JA 253 85.20 81.93 33.21
CA GLU JA 253 85.45 81.98 34.65
C GLU JA 253 84.16 82.13 35.46
N SER JA 254 83.30 83.04 35.03
CA SER JA 254 82.03 83.27 35.70
C SER JA 254 81.28 81.95 35.93
N ALA JA 255 81.15 81.19 34.85
CA ALA JA 255 80.57 79.83 34.88
C ALA JA 255 81.34 78.82 35.70
N PHE JA 256 82.65 78.79 35.48
CA PHE JA 256 83.52 77.80 36.11
C PHE JA 256 83.48 77.86 37.65
N ARG JA 257 83.41 79.07 38.23
CA ARG JA 257 83.16 79.22 39.67
C ARG JA 257 81.85 78.59 40.07
N LYS JA 258 80.82 78.90 39.30
CA LYS JA 258 79.46 78.49 39.63
C LYS JA 258 79.26 76.97 39.63
N LEU JA 259 80.19 76.19 39.08
CA LEU JA 259 80.06 74.73 39.09
C LEU JA 259 79.99 74.06 40.46
N ASP JA 260 80.84 74.47 41.42
CA ASP JA 260 80.74 73.91 42.78
C ASP JA 260 79.45 74.34 43.49
N GLU JA 261 79.05 75.60 43.32
CA GLU JA 261 77.78 76.07 43.89
C GLU JA 261 76.58 75.50 43.16
N LEU JA 262 76.75 75.12 41.89
CA LEU JA 262 75.63 74.57 41.14
C LEU JA 262 75.23 73.28 41.70
N TYR JA 263 76.14 72.33 41.62
CA TYR JA 263 75.80 70.99 42.00
C TYR JA 263 77.01 70.38 42.68
N GLY JA 264 77.42 71.14 43.71
CA GLY JA 264 78.14 70.66 44.85
C GLY JA 264 79.63 70.57 44.71
N THR JA 265 80.34 70.86 45.79
CA THR JA 265 81.51 70.07 46.14
C THR JA 265 80.90 68.85 46.83
N TRP JA 266 81.60 68.32 47.81
CA TRP JA 266 81.36 66.96 48.26
C TRP JA 266 81.11 66.98 49.76
N ARG JA 267 82.02 67.60 50.53
CA ARG JA 267 81.77 67.84 51.96
C ARG JA 267 81.11 69.20 52.12
N LYS JA 268 80.06 69.42 51.33
CA LYS JA 268 79.32 70.68 51.30
C LYS JA 268 78.15 70.47 50.33
N ALA JA 269 76.99 71.01 50.69
CA ALA JA 269 75.80 70.90 49.85
C ALA JA 269 75.98 71.56 48.48
N ALA JA 270 75.02 71.33 47.61
CA ALA JA 270 74.94 72.04 46.36
C ALA JA 270 74.73 73.56 46.56
N THR JA 271 73.78 73.92 47.44
CA THR JA 271 73.33 75.33 47.67
C THR JA 271 72.88 76.02 46.39
N LEU JA 272 72.00 75.34 45.68
CA LEU JA 272 71.42 75.79 44.42
C LEU JA 272 70.47 74.72 43.84
N LYS JA 273 70.76 73.46 44.13
CA LYS JA 273 69.77 72.39 44.17
C LYS JA 273 69.38 72.15 45.62
N SER JA 274 68.17 71.63 45.81
CA SER JA 274 67.54 71.57 47.13
C SER JA 274 68.36 70.71 48.10
N ASN JA 275 68.28 69.41 47.89
CA ASN JA 275 69.17 68.51 48.51
C ASN JA 275 69.82 67.77 47.33
N TYR JA 276 71.10 68.01 47.10
CA TYR JA 276 71.88 67.15 46.20
C TYR JA 276 73.37 67.21 46.55
N ASN JA 277 74.00 66.04 46.75
CA ASN JA 277 75.49 65.96 46.82
C ASN JA 277 76.08 64.95 45.91
N LEU JA 278 77.32 65.21 45.51
CA LEU JA 278 77.98 64.43 44.48
C LEU JA 278 77.93 62.96 44.81
N PRO JA 279 77.96 62.12 43.78
CA PRO JA 279 78.01 60.68 44.04
C PRO JA 279 79.33 60.32 44.69
N MET JA 280 79.27 59.35 45.58
CA MET JA 280 80.46 58.85 46.19
C MET JA 280 81.08 57.91 45.15
N HIS JA 281 82.38 57.61 45.26
CA HIS JA 281 82.96 56.57 44.40
C HIS JA 281 82.81 55.22 45.06
N LYS JA 282 82.82 54.20 44.21
CA LYS JA 282 82.90 52.81 44.65
C LYS JA 282 84.34 52.47 45.02
N MET JA 283 85.31 53.17 44.43
CA MET JA 283 86.71 53.04 44.80
C MET JA 283 87.54 54.29 44.51
N LEU JA 284 88.56 54.52 45.34
CA LEU JA 284 89.31 55.77 45.29
C LEU JA 284 90.56 55.68 44.40
N ASN JA 285 91.43 54.72 44.68
CA ASN JA 285 92.61 54.49 43.84
C ASN JA 285 92.14 53.79 42.58
N THR JA 286 91.83 54.57 41.55
CA THR JA 286 91.28 54.00 40.32
C THR JA 286 92.32 53.25 39.54
N ASP JA 287 93.55 53.79 39.42
CA ASP JA 287 94.65 52.99 38.90
C ASP JA 287 94.80 51.86 39.94
N LEU JA 288 94.81 50.62 39.46
CA LEU JA 288 95.27 49.44 40.21
C LEU JA 288 96.75 49.01 40.00
N SER JA 289 97.43 49.51 38.97
CA SER JA 289 98.80 49.05 38.64
C SER JA 289 99.80 49.40 39.75
N ARG JA 290 99.66 50.62 40.27
CA ARG JA 290 100.24 51.02 41.56
C ARG JA 290 99.86 50.03 42.68
N ILE JA 291 98.56 49.76 42.85
CA ILE JA 291 98.09 48.82 43.87
C ILE JA 291 98.82 47.49 43.76
N LEU JA 292 98.78 46.91 42.57
CA LEU JA 292 99.34 45.57 42.33
C LEU JA 292 100.84 45.45 42.49
N LYS JA 293 101.57 46.57 42.50
CA LYS JA 293 102.96 46.53 42.95
C LYS JA 293 103.22 47.51 44.07
N SER JA 294 102.35 47.45 45.08
CA SER JA 294 102.71 47.91 46.40
C SER JA 294 103.43 46.74 47.07
N PRO JA 295 104.36 47.03 47.97
CA PRO JA 295 104.98 45.96 48.76
C PRO JA 295 104.00 45.22 49.70
N GLU JA 296 102.96 45.91 50.18
CA GLU JA 296 101.92 45.30 51.00
C GLU JA 296 101.40 44.06 50.29
N ILE JA 297 100.96 44.25 49.05
CA ILE JA 297 100.39 43.18 48.22
C ILE JA 297 101.44 42.14 47.87
N GLN JA 298 102.45 42.55 47.12
CA GLN JA 298 103.48 41.65 46.59
C GLN JA 298 104.10 40.69 47.60
N ARG JA 299 104.34 41.18 48.81
CA ARG JA 299 104.82 40.35 49.91
C ARG JA 299 103.90 39.13 50.16
N ALA JA 300 102.59 39.36 50.14
CA ALA JA 300 101.59 38.35 50.54
C ALA JA 300 100.98 37.57 49.37
N LEU JA 301 101.82 37.19 48.41
CA LEU JA 301 101.37 36.52 47.20
C LEU JA 301 102.15 35.26 46.96
N ARG JA 302 101.46 34.20 46.56
CA ARG JA 302 102.15 32.98 46.20
C ARG JA 302 102.99 33.29 44.97
N ALA JA 303 104.13 32.62 44.86
CA ALA JA 303 105.01 32.78 43.70
C ALA JA 303 104.34 32.14 42.49
N PRO JA 304 104.57 32.68 41.28
CA PRO JA 304 103.91 32.25 40.04
C PRO JA 304 103.96 30.80 39.65
N ARG JA 305 103.39 30.51 38.49
CA ARG JA 305 103.48 29.20 37.91
C ARG JA 305 103.40 29.47 36.42
N LYS JA 306 104.54 29.49 35.76
CA LYS JA 306 104.55 29.80 34.35
C LYS JA 306 105.65 29.10 33.60
N LYS JA 307 105.82 27.83 33.91
CA LYS JA 307 106.59 26.99 33.04
C LYS JA 307 105.84 26.88 31.72
N ILE JA 308 104.50 26.89 31.80
CA ILE JA 308 103.63 26.30 30.80
C ILE JA 308 104.08 24.83 30.68
N HIS JA 309 103.45 24.07 29.81
CA HIS JA 309 103.37 22.66 30.06
C HIS JA 309 102.71 21.92 28.86
N ARG JA 310 103.27 22.15 27.66
CA ARG JA 310 103.03 21.37 26.43
C ARG JA 310 102.72 19.94 26.90
N ARG JA 311 101.61 19.30 26.49
CA ARG JA 311 101.37 17.92 26.97
C ARG JA 311 102.34 16.92 26.39
N VAL JA 312 102.48 15.83 27.14
CA VAL JA 312 103.49 14.82 26.88
C VAL JA 312 102.90 13.74 25.98
N LEU JA 313 103.50 13.55 24.81
CA LEU JA 313 103.18 12.39 23.99
C LEU JA 313 103.63 11.22 24.78
N LYS JA 314 102.75 10.24 24.90
CA LYS JA 314 103.10 8.98 25.48
C LYS JA 314 103.75 8.11 24.43
N LYS JA 315 104.86 7.52 24.82
CA LYS JA 315 105.47 6.43 24.11
C LYS JA 315 105.21 5.28 25.08
N ASN JA 316 104.71 4.13 24.60
CA ASN JA 316 104.56 2.97 25.53
C ASN JA 316 105.96 2.59 25.97
N PRO JA 317 106.08 1.89 27.08
CA PRO JA 317 107.28 1.15 27.44
C PRO JA 317 107.57 0.10 26.38
N LEU JA 318 107.67 -1.18 26.74
CA LEU JA 318 107.43 -2.29 25.78
C LEU JA 318 107.97 -2.20 24.34
N LYS JA 319 108.90 -1.27 24.09
CA LYS JA 319 109.29 -0.78 22.73
C LYS JA 319 110.35 0.28 22.95
N ASN JA 320 110.02 1.25 23.81
CA ASN JA 320 110.85 2.35 24.12
C ASN JA 320 111.52 2.18 25.50
N LEU JA 321 112.48 1.25 25.52
CA LEU JA 321 113.47 1.00 26.59
C LEU JA 321 113.76 2.08 27.63
N ARG JA 322 114.09 3.29 27.20
CA ARG JA 322 114.43 4.37 28.12
C ARG JA 322 113.22 4.92 28.81
N ILE JA 323 112.08 4.90 28.11
CA ILE JA 323 110.79 5.21 28.71
C ILE JA 323 110.45 4.15 29.74
N MET JA 324 110.81 2.91 29.43
CA MET JA 324 110.72 1.83 30.39
C MET JA 324 111.57 2.13 31.61
N LEU JA 325 112.84 2.38 31.39
CA LEU JA 325 113.73 2.62 32.51
C LEU JA 325 113.26 3.79 33.35
N LYS JA 326 112.83 4.85 32.69
CA LYS JA 326 112.32 6.01 33.36
C LYS JA 326 111.23 5.65 34.39
N LEU JA 327 110.43 4.63 34.10
CA LEU JA 327 109.39 4.18 35.03
C LEU JA 327 109.89 3.13 36.01
N ASN JA 328 110.48 2.08 35.48
CA ASN JA 328 111.00 0.97 36.25
C ASN JA 328 112.44 0.71 35.78
N PRO JA 329 113.43 1.21 36.53
CA PRO JA 329 114.81 1.03 36.11
C PRO JA 329 115.24 -0.43 36.09
N TYR JA 330 114.57 -1.25 36.88
CA TYR JA 330 114.94 -2.64 37.01
C TYR JA 330 114.91 -3.43 35.71
N ALA JA 331 114.16 -2.95 34.71
CA ALA JA 331 114.17 -3.59 33.39
C ALA JA 331 115.57 -3.78 32.82
N LYS JA 332 116.45 -2.79 32.99
CA LYS JA 332 117.81 -2.91 32.50
C LYS JA 332 118.36 -4.24 32.95
N THR JA 333 118.33 -4.50 34.24
CA THR JA 333 118.92 -5.72 34.78
C THR JA 333 118.21 -6.99 34.37
N MET JA 334 116.90 -6.87 34.19
CA MET JA 334 116.12 -7.97 33.67
C MET JA 334 116.37 -8.31 32.22
N ARG JA 335 116.74 -7.32 31.42
CA ARG JA 335 117.06 -7.52 30.02
C ARG JA 335 118.51 -7.89 29.83
N ARG JA 336 119.38 -7.59 30.80
CA ARG JA 336 120.77 -8.07 30.75
C ARG JA 336 120.71 -9.52 31.07
N ASN JA 337 120.09 -9.80 32.20
CA ASN JA 337 119.56 -11.12 32.40
C ASN JA 337 118.57 -11.37 31.28
N THR JA 338 118.25 -12.62 31.01
CA THR JA 338 117.37 -12.99 29.87
C THR JA 338 117.90 -12.63 28.49
N ILE JA 339 119.05 -11.98 28.39
CA ILE JA 339 119.86 -12.02 27.18
C ILE JA 339 121.03 -12.92 27.47
N LEU JA 340 121.67 -12.73 28.61
CA LEU JA 340 122.78 -13.58 28.98
C LEU JA 340 122.28 -15.00 29.14
N ARG JA 341 121.27 -15.12 30.00
CA ARG JA 341 120.49 -16.34 30.22
C ARG JA 341 120.32 -17.22 28.97
N GLN JA 342 120.08 -16.59 27.83
CA GLN JA 342 119.85 -17.29 26.58
C GLN JA 342 121.15 -17.69 25.92
N ALA JA 343 122.05 -16.71 25.81
CA ALA JA 343 123.38 -16.94 25.27
C ALA JA 343 124.09 -18.12 25.95
N ARG JA 344 123.77 -18.39 27.21
CA ARG JA 344 124.13 -19.67 27.82
C ARG JA 344 123.47 -20.83 27.08
N ASN JA 345 122.14 -20.88 27.16
CA ASN JA 345 121.42 -22.09 26.78
C ASN JA 345 121.40 -22.31 25.27
N HIS JA 346 121.68 -21.26 24.49
CA HIS JA 346 121.92 -21.48 23.08
C HIS JA 346 123.24 -22.20 22.90
N LYS JA 347 124.28 -21.82 23.64
CA LYS JA 347 125.56 -22.52 23.60
C LYS JA 347 125.47 -23.94 24.15
N ILE JA 348 124.66 -24.12 25.19
CA ILE JA 348 124.43 -25.47 25.76
C ILE JA 348 123.54 -26.37 24.86
N ARG JA 349 122.82 -25.79 23.90
CA ARG JA 349 122.26 -26.58 22.79
C ARG JA 349 123.38 -27.08 21.85
N MET JA 350 124.27 -26.17 21.42
CA MET JA 350 125.36 -26.50 20.49
C MET JA 350 126.40 -27.43 21.08
N ASP JA 351 126.44 -27.47 22.40
CA ASP JA 351 127.20 -28.49 23.13
C ASP JA 351 126.63 -29.90 22.85
N LYS JA 352 125.30 -30.06 22.95
CA LYS JA 352 124.62 -31.33 22.65
C LYS JA 352 124.53 -31.63 21.15
N ALA JA 353 124.41 -30.59 20.33
CA ALA JA 353 124.35 -30.76 18.88
C ALA JA 353 125.69 -31.24 18.30
N ALA JA 354 126.79 -30.73 18.85
CA ALA JA 354 128.13 -31.27 18.55
C ALA JA 354 128.33 -32.67 19.16
N ALA JA 355 127.83 -32.87 20.38
CA ALA JA 355 127.88 -34.19 21.06
C ALA JA 355 126.96 -35.26 20.43
N ALA JA 356 125.94 -34.84 19.68
CA ALA JA 356 125.06 -35.75 18.93
C ALA JA 356 125.68 -36.16 17.59
N ALA JA 357 126.38 -35.22 16.95
CA ALA JA 357 127.21 -35.53 15.77
C ALA JA 357 128.42 -36.38 16.15
N ALA JA 358 129.04 -36.09 17.31
CA ALA JA 358 130.13 -36.92 17.88
C ALA JA 358 129.64 -38.24 18.49
N ALA JA 359 128.35 -38.31 18.84
CA ALA JA 359 127.68 -39.59 19.20
C ALA JA 359 127.30 -40.40 17.95
N LEU JA 360 126.92 -39.72 16.87
CA LEU JA 360 126.62 -40.36 15.58
C LEU JA 360 127.88 -40.84 14.83
N LYS JA 361 128.99 -40.10 14.94
CA LYS JA 361 130.30 -40.55 14.41
C LYS JA 361 130.90 -41.70 15.25
N ALA JA 362 130.71 -41.64 16.57
CA ALA JA 362 131.07 -42.73 17.49
C ALA JA 362 130.19 -43.99 17.33
N LYS JA 363 128.93 -43.80 16.92
CA LYS JA 363 127.99 -44.91 16.64
C LYS JA 363 128.08 -45.43 15.18
N SER JA 364 128.39 -44.56 14.23
CA SER JA 364 128.65 -44.97 12.83
C SER JA 364 130.02 -45.63 12.69
N GLY JA 365 131.01 -45.12 13.42
CA GLY JA 365 132.33 -45.73 13.53
C GLY JA 365 132.37 -47.13 14.13
N GLU JA 366 131.35 -47.47 14.91
CA GLU JA 366 131.12 -48.85 15.39
C GLU JA 366 130.87 -49.81 14.21
N LYS JA 367 130.11 -49.34 13.21
CA LYS JA 367 129.87 -50.08 11.97
C LYS JA 367 130.98 -49.80 10.96
N PRO KA 1 145.10 10.12 26.89
CA PRO KA 1 144.77 8.75 27.24
C PRO KA 1 143.28 8.46 27.05
N HIS KA 2 142.92 7.28 26.53
CA HIS KA 2 141.51 6.88 26.38
C HIS KA 2 141.32 5.38 26.07
N CYS KA 3 140.61 4.67 26.95
CA CYS KA 3 140.35 3.22 26.79
C CYS KA 3 139.20 3.02 25.74
N SER KA 4 138.28 2.07 25.95
CA SER KA 4 137.11 1.90 25.05
C SER KA 4 135.83 1.29 25.72
N ARG KA 5 136.00 0.14 26.37
CA ARG KA 5 135.21 -0.41 27.53
C ARG KA 5 133.70 -0.63 27.55
N ASN KA 6 133.30 -1.57 28.43
CA ASN KA 6 132.08 -2.41 28.33
C ASN KA 6 131.53 -2.62 26.91
N PRO KA 7 131.45 -3.88 26.46
CA PRO KA 7 131.00 -4.16 25.11
C PRO KA 7 129.48 -3.99 24.96
N VAL KA 8 129.06 -3.70 23.75
CA VAL KA 8 127.64 -3.46 23.47
C VAL KA 8 126.98 -4.81 23.36
N LEU KA 9 126.04 -5.09 24.27
CA LEU KA 9 125.34 -6.37 24.24
C LEU KA 9 124.23 -6.29 23.18
N VAL KA 10 123.30 -5.37 23.42
CA VAL KA 10 122.20 -5.11 22.52
C VAL KA 10 122.00 -3.61 22.56
N ARG KA 11 121.96 -2.98 21.38
CA ARG KA 11 121.95 -1.53 21.30
C ARG KA 11 121.09 -0.99 22.43
N GLY KA 12 121.74 -0.25 23.34
CA GLY KA 12 121.13 0.33 24.53
C GLY KA 12 121.77 -0.18 25.80
N ILE KA 13 121.99 -1.50 25.83
CA ILE KA 13 122.40 -2.21 27.02
C ILE KA 13 123.79 -2.79 26.82
N GLY KA 14 124.68 -2.50 27.78
CA GLY KA 14 126.02 -3.08 27.79
C GLY KA 14 126.04 -4.34 28.63
N ARG KA 15 126.93 -5.28 28.30
CA ARG KA 15 127.06 -6.59 29.01
C ARG KA 15 127.30 -6.46 30.53
N TYR KA 16 127.90 -5.35 30.97
CA TYR KA 16 128.38 -5.23 32.34
C TYR KA 16 127.44 -4.36 33.12
N SER KA 17 127.28 -4.69 34.41
CA SER KA 17 126.33 -4.01 35.31
C SER KA 17 126.91 -2.98 36.28
N ARG KA 18 126.36 -1.77 36.23
CA ARG KA 18 126.74 -0.65 37.11
C ARG KA 18 127.89 -0.98 38.07
N SER KA 19 127.72 -1.89 39.04
CA SER KA 19 128.84 -2.25 39.95
C SER KA 19 129.97 -3.06 39.33
N ALA KA 20 129.61 -4.02 38.50
CA ALA KA 20 130.57 -4.81 37.74
C ALA KA 20 131.55 -3.87 37.11
N MET KA 21 131.05 -2.78 36.53
CA MET KA 21 131.91 -1.68 36.17
C MET KA 21 131.77 -0.45 37.08
N TYR KA 22 132.87 -0.25 37.77
CA TYR KA 22 133.02 0.44 39.04
C TYR KA 22 134.25 -0.34 39.42
N SER KA 23 134.09 -1.65 39.52
CA SER KA 23 135.21 -2.58 39.61
C SER KA 23 135.65 -2.95 38.18
N ARG KA 24 135.92 -1.94 37.37
CA ARG KA 24 136.36 -2.11 36.00
C ARG KA 24 136.87 -0.80 35.45
N MET KA 25 136.02 0.21 35.46
CA MET KA 25 136.46 1.60 35.33
C MET KA 25 137.42 1.93 36.48
N ALA KA 26 137.20 1.31 37.64
CA ALA KA 26 137.93 1.52 38.89
C ALA KA 26 137.62 2.94 39.31
N MET KA 27 136.33 3.17 39.55
CA MET KA 27 135.87 4.43 40.13
C MET KA 27 136.59 4.68 41.45
N TYR KA 28 136.90 3.60 42.15
CA TYR KA 28 137.84 3.63 43.25
C TYR KA 28 139.29 3.77 42.85
N LYS KA 29 140.13 4.07 43.85
CA LYS KA 29 141.53 4.44 43.62
C LYS KA 29 141.59 5.71 42.73
N ARG KA 30 140.45 6.38 42.57
CA ARG KA 30 140.25 7.34 41.50
C ARG KA 30 139.24 8.41 41.91
N LYS KA 31 139.40 8.87 43.14
CA LYS KA 31 138.51 9.87 43.71
C LYS KA 31 139.27 11.19 43.64
N TYR KA 32 138.62 12.20 43.04
CA TYR KA 32 139.25 13.49 42.70
C TYR KA 32 138.97 14.66 43.62
N SER KA 33 139.86 14.89 44.58
CA SER KA 33 139.61 15.87 45.64
C SER KA 33 140.03 17.30 45.27
N ALA KA 34 139.07 18.09 44.78
CA ALA KA 34 139.21 19.55 44.62
C ALA KA 34 138.37 20.21 45.69
N ALA KA 35 138.99 21.02 46.53
CA ALA KA 35 138.32 21.63 47.65
C ALA KA 35 137.48 22.81 47.18
N VAL KA 36 132.77 41.26 32.12
CA VAL KA 36 133.24 42.56 31.63
C VAL KA 36 133.17 43.65 32.71
N LEU KA 37 131.96 43.99 33.16
CA LEU KA 37 131.69 45.11 34.12
C LEU KA 37 132.14 46.49 33.60
N ALA KA 38 133.46 46.67 33.52
CA ALA KA 38 134.09 47.80 32.83
C ALA KA 38 135.16 47.38 31.79
N THR KA 39 135.77 46.20 31.98
CA THR KA 39 136.87 45.71 31.14
C THR KA 39 136.37 44.87 29.94
N VAL KA 40 136.38 45.46 28.76
CA VAL KA 40 135.88 44.81 27.53
C VAL KA 40 136.59 43.48 27.19
N THR KA 41 135.85 42.51 26.63
CA THR KA 41 136.43 41.21 26.22
C THR KA 41 136.99 41.23 24.79
N LYS KA 42 136.09 41.18 23.80
CA LYS KA 42 136.48 40.96 22.39
C LYS KA 42 136.24 42.14 21.39
N PRO KA 43 136.27 43.38 21.89
CA PRO KA 43 136.63 44.58 21.13
C PRO KA 43 138.14 44.78 20.78
N VAL KA 44 138.70 45.97 21.05
CA VAL KA 44 140.15 46.29 20.99
C VAL KA 44 140.75 46.52 19.59
N GLY KA 45 141.37 47.70 19.40
CA GLY KA 45 142.12 48.06 18.19
C GLY KA 45 142.99 49.31 18.40
N GLY KA 46 143.63 49.79 17.32
CA GLY KA 46 144.48 51.02 17.35
C GLY KA 46 143.99 52.04 16.33
N ASP KA 47 144.61 53.24 16.28
CA ASP KA 47 144.28 54.36 15.32
C ASP KA 47 144.88 55.71 15.74
N LYS KA 48 145.11 56.56 14.72
CA LYS KA 48 145.81 57.86 14.83
C LYS KA 48 145.30 58.91 15.90
N ASN KA 49 144.66 60.03 15.49
CA ASN KA 49 144.53 61.25 16.36
C ASN KA 49 143.31 61.29 17.29
N GLY KA 50 143.59 61.56 18.57
CA GLY KA 50 142.75 61.18 19.68
C GLY KA 50 143.28 59.86 20.25
N GLY KA 51 142.86 59.52 21.47
CA GLY KA 51 143.23 58.24 22.09
C GLY KA 51 142.81 57.09 21.21
N THR KA 52 143.76 56.20 20.89
CA THR KA 52 143.55 55.14 19.88
C THR KA 52 142.17 54.52 20.03
N ARG KA 53 141.44 54.47 18.91
CA ARG KA 53 140.05 54.01 18.89
C ARG KA 53 139.93 52.65 19.54
N VAL KA 54 138.83 52.44 20.24
CA VAL KA 54 138.73 51.37 21.21
C VAL KA 54 138.26 50.02 20.65
N VAL KA 55 137.13 50.01 19.95
CA VAL KA 55 136.29 48.82 19.96
C VAL KA 55 135.65 48.32 18.67
N LYS KA 56 135.00 47.18 18.88
CA LYS KA 56 133.78 46.71 18.23
C LYS KA 56 134.03 45.66 17.18
N LEU KA 57 134.07 44.41 17.64
CA LEU KA 57 134.00 43.26 16.76
C LEU KA 57 132.62 42.65 16.95
N ARG KA 58 131.91 42.50 15.83
CA ARG KA 58 130.52 42.05 15.77
C ARG KA 58 129.62 43.02 16.55
N LYS KA 59 129.15 44.04 15.84
CA LYS KA 59 128.33 45.12 16.39
C LYS KA 59 126.87 44.88 16.02
N MET KA 60 125.98 45.49 16.79
CA MET KA 60 124.55 45.19 16.72
C MET KA 60 123.88 45.87 15.53
N PRO KA 61 122.63 45.50 15.21
CA PRO KA 61 122.16 45.64 13.83
C PRO KA 61 121.59 47.02 13.42
N ARG KA 62 121.02 47.07 12.21
CA ARG KA 62 120.30 48.25 11.73
C ARG KA 62 118.87 48.02 11.18
N TYR KA 63 118.54 46.86 10.58
CA TYR KA 63 117.12 46.46 10.58
C TYR KA 63 116.90 45.84 11.90
N TYR KA 64 115.72 46.11 12.40
CA TYR KA 64 115.03 45.20 13.23
C TYR KA 64 113.73 44.96 12.46
N PRO KA 65 113.52 43.73 11.92
CA PRO KA 65 112.29 43.53 11.16
C PRO KA 65 111.09 43.71 12.07
N THR KA 66 109.94 43.97 11.48
CA THR KA 66 108.74 44.08 12.27
C THR KA 66 108.09 42.71 12.29
N GLU KA 67 107.71 42.25 13.49
CA GLU KA 67 107.34 40.84 13.76
C GLU KA 67 108.53 39.91 13.55
N ASP KA 68 108.63 38.87 14.39
CA ASP KA 68 109.64 37.84 14.18
C ASP KA 68 109.24 36.49 14.82
N VAL KA 69 109.63 35.40 14.16
CA VAL KA 69 109.29 34.04 14.59
C VAL KA 69 110.04 33.58 15.83
N PRO KA 70 109.41 32.75 16.70
CA PRO KA 70 109.93 32.60 18.05
C PRO KA 70 110.55 31.23 18.34
N ARG KA 71 111.77 31.00 17.86
CA ARG KA 71 112.57 29.82 18.28
C ARG KA 71 111.95 28.47 17.94
N LYS KA 72 112.51 27.42 18.54
CA LYS KA 72 111.96 26.08 18.46
C LYS KA 72 112.09 25.39 19.81
N LEU KA 73 111.63 24.14 19.91
CA LEU KA 73 111.67 23.36 21.17
C LEU KA 73 112.73 22.22 21.29
N LEU KA 74 113.88 22.44 20.68
CA LEU KA 74 115.08 21.58 20.78
C LEU KA 74 114.99 20.20 20.15
N SER KA 75 114.20 19.32 20.74
CA SER KA 75 113.95 17.99 20.19
C SER KA 75 115.18 17.12 19.84
N HIS KA 76 115.86 16.67 20.88
CA HIS KA 76 116.25 15.27 20.97
C HIS KA 76 117.09 14.79 19.75
N GLY KA 77 116.78 13.65 19.14
CA GLY KA 77 117.72 12.91 18.32
C GLY KA 77 117.17 12.81 16.93
N LYS KA 78 117.18 13.94 16.23
CA LYS KA 78 116.72 14.02 14.83
C LYS KA 78 117.90 13.91 13.90
N LYS KA 79 118.74 14.95 13.94
CA LYS KA 79 120.11 14.92 13.43
C LYS KA 79 120.25 14.87 11.90
N PRO KA 80 121.35 15.44 11.38
CA PRO KA 80 121.45 15.65 9.97
C PRO KA 80 121.94 14.42 9.23
N PHE KA 81 121.94 14.48 7.91
CA PHE KA 81 122.26 13.34 7.03
C PHE KA 81 123.76 13.06 7.03
N SER KA 82 124.63 14.06 6.85
CA SER KA 82 126.08 13.80 6.90
C SER KA 82 126.44 12.87 8.06
N LYS KA 83 125.77 13.05 9.21
CA LYS KA 83 125.88 12.13 10.35
C LYS KA 83 125.25 10.80 9.96
N HIS KA 84 124.07 10.47 10.49
CA HIS KA 84 123.25 9.34 10.01
C HIS KA 84 123.91 7.98 10.11
N VAL KA 85 123.23 6.95 9.64
CA VAL KA 85 123.86 5.65 9.55
C VAL KA 85 123.59 5.04 8.18
N ARG KA 86 124.68 4.66 7.53
CA ARG KA 86 124.64 4.18 6.17
C ARG KA 86 124.30 2.69 6.30
N LYS KA 87 123.34 2.21 5.49
CA LYS KA 87 122.90 0.81 5.50
C LYS KA 87 123.24 0.07 4.21
N LEU KA 88 123.00 -1.24 4.23
CA LEU KA 88 122.99 -2.08 3.03
C LEU KA 88 122.04 -3.22 3.26
N ARG KA 89 121.67 -3.93 2.19
CA ARG KA 89 120.94 -5.20 2.32
C ARG KA 89 121.92 -6.35 2.36
N ALA KA 90 121.41 -7.53 2.69
CA ALA KA 90 122.22 -8.73 2.74
C ALA KA 90 122.66 -9.23 1.37
N SER KA 91 121.76 -9.13 0.39
CA SER KA 91 122.04 -9.62 -0.97
C SER KA 91 123.15 -8.82 -1.70
N ILE KA 92 123.25 -7.52 -1.42
CA ILE KA 92 124.32 -6.69 -1.97
C ILE KA 92 125.65 -7.02 -1.26
N THR KA 93 126.74 -6.91 -2.02
CA THR KA 93 128.10 -7.08 -1.51
C THR KA 93 129.09 -6.64 -2.61
N PRO KA 94 130.33 -6.25 -2.23
CA PRO KA 94 131.36 -6.07 -3.27
C PRO KA 94 131.53 -7.33 -4.10
N GLY KA 95 131.15 -7.22 -5.37
CA GLY KA 95 131.29 -8.31 -6.32
C GLY KA 95 129.99 -8.78 -6.92
N THR KA 96 128.87 -8.52 -6.26
CA THR KA 96 127.58 -8.93 -6.80
C THR KA 96 127.27 -8.21 -8.09
N ILE KA 97 126.22 -8.66 -8.74
CA ILE KA 97 125.75 -8.06 -9.95
C ILE KA 97 124.33 -7.54 -9.69
N LEU KA 98 124.03 -6.38 -10.26
CA LEU KA 98 122.79 -5.68 -9.98
C LEU KA 98 121.96 -5.64 -11.25
N ILE KA 99 120.83 -4.92 -11.20
CA ILE KA 99 120.03 -4.62 -12.37
C ILE KA 99 119.49 -3.22 -12.19
N ILE KA 100 120.24 -2.23 -12.67
CA ILE KA 100 119.80 -0.84 -12.53
C ILE KA 100 118.41 -0.66 -13.14
N LEU KA 101 117.47 -0.08 -12.39
CA LEU KA 101 116.07 0.06 -12.82
C LEU KA 101 115.70 1.41 -13.37
N THR KA 102 116.06 2.44 -12.63
CA THR KA 102 115.45 3.74 -12.78
C THR KA 102 116.05 4.69 -13.86
N GLY KA 103 117.37 4.62 -14.11
CA GLY KA 103 118.06 5.62 -14.99
C GLY KA 103 117.69 5.58 -16.46
N ARG KA 104 118.35 6.39 -17.31
CA ARG KA 104 118.07 6.32 -18.78
C ARG KA 104 118.42 4.92 -19.24
N HIS KA 105 119.68 4.58 -19.09
CA HIS KA 105 120.13 3.50 -18.23
C HIS KA 105 119.14 2.64 -17.40
N ARG KA 106 118.55 1.64 -18.04
CA ARG KA 106 117.33 1.01 -17.54
C ARG KA 106 117.44 -0.49 -17.74
N GLY KA 107 117.27 -1.27 -16.68
CA GLY KA 107 117.38 -2.72 -16.78
C GLY KA 107 118.63 -3.21 -17.47
N LYS KA 108 119.79 -2.75 -17.00
CA LYS KA 108 121.12 -3.20 -17.46
C LYS KA 108 121.85 -3.84 -16.30
N ARG KA 109 122.52 -4.98 -16.53
CA ARG KA 109 123.24 -5.67 -15.44
C ARG KA 109 124.52 -4.91 -15.25
N VAL KA 110 124.97 -4.88 -14.01
CA VAL KA 110 125.94 -3.90 -13.59
C VAL KA 110 126.71 -4.58 -12.49
N ILE KA 111 128.01 -4.34 -12.43
CA ILE KA 111 128.79 -4.87 -11.32
C ILE KA 111 128.86 -3.84 -10.20
N PHE KA 112 128.68 -4.33 -8.98
CA PHE KA 112 128.75 -3.52 -7.78
C PHE KA 112 130.20 -3.44 -7.34
N LEU KA 113 130.61 -2.26 -6.87
CA LEU KA 113 131.95 -2.06 -6.35
C LEU KA 113 131.95 -1.74 -4.84
N LYS KA 114 131.22 -0.70 -4.44
CA LYS KA 114 131.38 -0.08 -3.13
C LYS KA 114 130.10 0.56 -2.59
N GLN KA 115 130.07 0.80 -1.29
CA GLN KA 115 129.04 1.62 -0.63
C GLN KA 115 129.68 2.98 -0.27
N LEU KA 116 129.24 4.08 -0.90
CA LEU KA 116 129.84 5.41 -0.65
C LEU KA 116 129.47 6.01 0.72
N SER KA 117 130.11 7.11 1.06
CA SER KA 117 129.79 7.87 2.27
C SER KA 117 128.45 8.64 2.21
N SER KA 118 127.87 8.78 1.02
CA SER KA 118 126.46 9.24 0.87
C SER KA 118 125.47 8.14 1.23
N GLY KA 119 125.79 6.91 0.86
CA GLY KA 119 124.93 5.76 1.04
C GLY KA 119 124.46 5.16 -0.24
N LEU KA 120 125.27 5.29 -1.28
CA LEU KA 120 124.89 4.90 -2.60
C LEU KA 120 125.86 3.85 -3.07
N LEU KA 121 125.44 3.13 -4.10
CA LEU KA 121 126.24 2.05 -4.64
C LEU KA 121 127.06 2.63 -5.77
N LEU KA 122 128.38 2.62 -5.60
CA LEU KA 122 129.27 2.80 -6.73
C LEU KA 122 129.25 1.52 -7.51
N VAL KA 123 129.29 1.67 -8.82
CA VAL KA 123 128.90 0.64 -9.72
C VAL KA 123 129.89 0.65 -10.89
N THR KA 124 129.87 -0.36 -11.74
CA THR KA 124 130.53 -0.28 -13.05
C THR KA 124 130.14 -1.49 -13.86
N GLY KA 125 129.06 -1.36 -14.62
CA GLY KA 125 128.82 -2.27 -15.73
C GLY KA 125 129.87 -1.89 -16.75
N PRO KA 126 131.00 -2.61 -16.81
CA PRO KA 126 132.20 -2.10 -17.48
C PRO KA 126 131.94 -1.47 -18.86
N LEU KA 127 131.88 -0.14 -18.87
CA LEU KA 127 131.70 0.70 -20.07
C LEU KA 127 131.68 -0.05 -21.38
N VAL KA 128 132.74 -0.83 -21.59
CA VAL KA 128 132.99 -1.63 -22.77
C VAL KA 128 131.80 -2.48 -23.19
N LEU KA 129 131.17 -3.15 -22.22
CA LEU KA 129 130.12 -4.14 -22.49
C LEU KA 129 128.71 -3.53 -22.64
N ASN KA 130 128.52 -2.44 -21.95
CA ASN KA 130 127.31 -2.17 -21.26
C ASN KA 130 126.99 -0.68 -21.20
N ARG KA 131 128.02 0.17 -21.14
CA ARG KA 131 127.93 1.64 -21.16
C ARG KA 131 127.55 2.28 -19.85
N VAL KA 132 127.80 1.54 -18.79
CA VAL KA 132 127.70 2.10 -17.47
C VAL KA 132 129.08 2.57 -17.14
N PRO KA 133 129.21 3.86 -16.78
CA PRO KA 133 130.52 4.36 -16.37
C PRO KA 133 130.90 3.88 -14.94
N LEU KA 134 131.32 4.76 -14.05
CA LEU KA 134 131.43 4.39 -12.64
C LEU KA 134 130.11 4.62 -11.93
N ARG KA 135 129.51 5.80 -12.08
CA ARG KA 135 128.07 5.96 -11.80
C ARG KA 135 127.61 5.56 -10.38
N ARG KA 136 126.91 6.46 -9.70
CA ARG KA 136 126.32 6.14 -8.39
C ARG KA 136 124.92 5.64 -8.64
N THR KA 137 124.42 4.73 -7.81
CA THR KA 137 122.99 4.36 -7.83
C THR KA 137 122.49 4.21 -6.41
N HIS KA 138 121.18 4.10 -6.27
CA HIS KA 138 120.60 3.73 -5.00
C HIS KA 138 120.55 2.24 -4.83
N GLN KA 139 120.46 1.80 -3.59
CA GLN KA 139 120.27 0.39 -3.30
C GLN KA 139 118.82 -0.01 -3.51
N LYS KA 140 117.93 0.97 -3.35
CA LYS KA 140 116.49 0.78 -3.46
C LYS KA 140 116.06 0.58 -4.92
N PHE KA 141 116.58 1.40 -5.81
CA PHE KA 141 116.16 1.44 -7.22
C PHE KA 141 117.00 0.50 -8.06
N VAL KA 142 117.25 -0.67 -7.51
CA VAL KA 142 118.25 -1.58 -8.00
C VAL KA 142 117.90 -2.93 -7.46
N ILE KA 143 117.94 -3.94 -8.32
CA ILE KA 143 117.70 -5.30 -7.88
C ILE KA 143 119.06 -5.94 -7.69
N ALA KA 144 119.18 -6.74 -6.63
CA ALA KA 144 120.34 -7.62 -6.44
C ALA KA 144 120.23 -8.75 -7.43
N THR KA 145 121.24 -9.60 -7.46
CA THR KA 145 121.20 -10.83 -8.24
C THR KA 145 122.25 -11.79 -7.69
N SER KA 146 121.89 -13.06 -7.57
CA SER KA 146 122.80 -14.03 -6.97
C SER KA 146 123.83 -14.51 -7.97
N THR KA 147 124.71 -13.60 -8.36
CA THR KA 147 125.73 -13.86 -9.38
C THR KA 147 126.89 -12.97 -9.04
N LYS KA 148 127.75 -13.45 -8.14
CA LYS KA 148 128.88 -12.68 -7.68
C LYS KA 148 130.11 -13.02 -8.48
N ILE KA 149 130.71 -12.00 -9.06
CA ILE KA 149 132.08 -12.08 -9.56
C ILE KA 149 132.98 -11.96 -8.32
N ASP KA 150 134.25 -12.33 -8.43
CA ASP KA 150 135.22 -12.07 -7.35
C ASP KA 150 135.88 -10.73 -7.59
N ILE KA 151 135.70 -9.80 -6.67
CA ILE KA 151 136.26 -8.47 -6.81
C ILE KA 151 137.06 -8.15 -5.54
N SER KA 152 137.69 -9.19 -5.01
CA SER KA 152 138.24 -9.17 -3.65
C SER KA 152 139.34 -8.13 -3.49
N GLY KA 153 140.32 -8.17 -4.39
CA GLY KA 153 141.48 -7.29 -4.31
C GLY KA 153 141.83 -6.73 -5.67
N VAL KA 154 140.85 -6.08 -6.30
CA VAL KA 154 141.11 -5.31 -7.52
C VAL KA 154 140.88 -3.84 -7.25
N LYS KA 155 141.49 -3.34 -6.17
CA LYS KA 155 141.74 -1.92 -6.00
C LYS KA 155 140.48 -1.06 -5.97
N ILE KA 156 140.67 0.20 -5.64
CA ILE KA 156 139.77 1.26 -6.03
C ILE KA 156 140.53 2.56 -5.75
N PRO KA 157 140.61 3.49 -6.74
CA PRO KA 157 141.24 4.77 -6.44
C PRO KA 157 140.61 5.48 -5.21
N LYS KA 158 141.35 5.50 -4.11
CA LYS KA 158 141.05 6.31 -2.91
C LYS KA 158 140.11 7.47 -3.21
N HIS KA 159 140.51 8.29 -4.18
CA HIS KA 159 139.77 9.51 -4.53
C HIS KA 159 138.36 9.32 -5.10
N LEU KA 160 138.03 8.14 -5.60
CA LEU KA 160 136.63 7.82 -6.03
C LEU KA 160 135.69 7.86 -4.84
N THR KA 161 135.29 9.07 -4.49
CA THR KA 161 134.49 9.34 -3.32
C THR KA 161 133.27 10.10 -3.74
N ASP KA 162 132.42 10.38 -2.78
CA ASP KA 162 131.14 10.99 -3.03
C ASP KA 162 131.28 12.35 -3.74
N ALA KA 163 132.17 13.19 -3.23
CA ALA KA 163 132.39 14.55 -3.76
C ALA KA 163 132.76 14.59 -5.24
N TYR KA 164 133.46 13.55 -5.68
CA TYR KA 164 133.81 13.37 -7.08
C TYR KA 164 132.52 13.14 -7.91
N PHE KA 165 131.68 12.20 -7.47
CA PHE KA 165 130.44 11.85 -8.19
C PHE KA 165 129.31 12.74 -7.75
N LYS KA 166 129.37 13.98 -8.21
CA LYS KA 166 128.51 15.00 -7.69
C LYS KA 166 128.14 15.91 -8.83
N LYS KA 167 126.87 16.28 -8.80
CA LYS KA 167 126.33 17.25 -9.72
C LYS KA 167 127.12 18.58 -9.58
N LYS KA 168 126.97 19.52 -10.52
CA LYS KA 168 128.03 20.48 -10.79
C LYS KA 168 127.65 21.95 -10.67
N LYS KA 169 126.98 22.49 -11.70
CA LYS KA 169 127.32 23.82 -12.19
C LYS KA 169 126.40 25.04 -11.95
N LEU KA 170 127.03 26.20 -12.18
CA LEU KA 170 126.41 27.50 -12.55
C LEU KA 170 126.02 28.47 -11.42
N ARG KA 171 126.24 29.76 -11.70
CA ARG KA 171 125.95 30.85 -10.76
C ARG KA 171 124.50 31.36 -10.91
N LYS KA 172 124.31 32.62 -11.33
CA LYS KA 172 123.04 33.36 -11.13
C LYS KA 172 122.84 34.55 -12.11
N PRO KA 173 123.67 35.63 -11.99
CA PRO KA 173 123.29 36.93 -12.55
C PRO KA 173 123.59 37.11 -14.06
N ARG KA 174 124.70 37.74 -14.44
CA ARG KA 174 125.11 37.93 -15.87
C ARG KA 174 124.12 38.68 -16.79
N HIS KA 175 124.43 38.73 -18.10
CA HIS KA 175 123.59 39.42 -19.08
C HIS KA 175 122.15 38.86 -19.24
N GLN KA 176 121.96 37.55 -19.00
CA GLN KA 176 120.62 36.93 -18.86
C GLN KA 176 119.65 36.97 -20.05
N GLU KA 177 118.75 37.94 -20.04
CA GLU KA 177 117.35 37.72 -20.44
C GLU KA 177 117.05 38.17 -21.86
N GLY KA 178 115.97 37.60 -22.41
CA GLY KA 178 115.53 37.86 -23.78
C GLY KA 178 115.10 36.55 -24.41
N GLU KA 179 116.05 35.88 -25.08
CA GLU KA 179 115.92 34.48 -25.50
C GLU KA 179 117.24 33.72 -25.28
N ILE KA 180 117.99 34.08 -24.22
CA ILE KA 180 119.38 33.60 -24.01
C ILE KA 180 119.72 33.41 -22.50
N PHE KA 181 121.00 33.18 -22.19
CA PHE KA 181 121.54 32.62 -20.90
C PHE KA 181 121.55 31.10 -21.04
N ASP KA 182 122.73 30.51 -20.76
CA ASP KA 182 123.02 29.08 -21.07
C ASP KA 182 121.85 28.06 -21.04
N THR KA 183 121.15 28.02 -22.17
CA THR KA 183 120.72 26.75 -22.78
C THR KA 183 121.99 26.21 -23.48
N GLU KA 184 122.93 27.13 -23.78
CA GLU KA 184 124.38 26.85 -23.91
C GLU KA 184 124.95 26.08 -22.68
N LYS KA 185 126.28 25.87 -22.63
CA LYS KA 185 126.97 24.88 -21.74
C LYS KA 185 126.62 23.46 -22.13
N GLU KA 186 125.36 23.24 -22.51
CA GLU KA 186 124.97 22.23 -23.49
C GLU KA 186 125.07 20.83 -22.91
N LYS KA 187 126.30 20.37 -22.69
CA LYS KA 187 126.59 19.00 -22.37
C LYS KA 187 127.30 18.91 -21.05
N TYR KA 188 127.14 17.76 -20.39
CA TYR KA 188 128.18 17.27 -19.54
C TYR KA 188 129.35 17.00 -20.48
N GLU KA 189 130.48 17.67 -20.26
CA GLU KA 189 131.70 17.42 -21.05
C GLU KA 189 132.57 16.45 -20.25
N ILE KA 190 132.91 15.31 -20.85
CA ILE KA 190 133.27 14.08 -20.09
C ILE KA 190 134.36 14.20 -19.01
N SER KA 191 135.35 15.09 -19.20
CA SER KA 191 136.56 15.16 -18.33
C SER KA 191 137.52 14.02 -18.67
N GLU KA 192 138.82 14.26 -18.54
CA GLU KA 192 139.85 13.28 -18.92
C GLU KA 192 140.76 12.83 -17.78
N GLN KA 193 140.37 13.13 -16.55
CA GLN KA 193 140.82 12.38 -15.37
C GLN KA 193 139.79 11.26 -15.08
N ARG KA 194 138.65 11.33 -15.76
CA ARG KA 194 137.57 10.35 -15.65
C ARG KA 194 137.76 9.21 -16.63
N LYS KA 195 138.03 9.57 -17.89
CA LYS KA 195 138.46 8.63 -18.94
C LYS KA 195 139.59 7.79 -18.36
N VAL KA 196 140.55 8.49 -17.76
CA VAL KA 196 141.73 7.87 -17.16
C VAL KA 196 141.37 7.55 -15.70
N ASP KA 197 140.43 6.63 -15.55
CA ASP KA 197 139.89 6.26 -14.23
C ASP KA 197 139.10 4.99 -14.36
N GLN KA 198 138.16 4.98 -15.31
CA GLN KA 198 137.56 3.74 -15.77
C GLN KA 198 138.67 2.85 -16.28
N LYS KA 199 139.47 3.38 -17.22
CA LYS KA 199 140.64 2.69 -17.73
C LYS KA 199 141.39 1.96 -16.63
N ALA KA 200 141.55 2.62 -15.48
CA ALA KA 200 142.19 2.01 -14.31
C ALA KA 200 141.31 1.00 -13.59
N VAL KA 201 140.08 1.40 -13.27
CA VAL KA 201 139.18 0.62 -12.41
C VAL KA 201 138.63 -0.58 -13.14
N ASP KA 202 137.95 -0.31 -14.24
CA ASP KA 202 137.51 -1.36 -15.14
C ASP KA 202 138.80 -1.73 -15.91
N SER KA 203 138.78 -2.75 -16.75
CA SER KA 203 139.99 -3.36 -17.38
C SER KA 203 140.60 -4.44 -16.51
N GLN KA 204 140.83 -4.12 -15.23
CA GLN KA 204 141.19 -5.12 -14.21
C GLN KA 204 139.99 -5.78 -13.52
N ILE KA 205 138.77 -5.26 -13.71
CA ILE KA 205 137.55 -6.03 -13.48
C ILE KA 205 137.29 -6.81 -14.75
N LEU KA 206 137.21 -6.08 -15.87
CA LEU KA 206 136.97 -6.66 -17.21
C LEU KA 206 138.09 -7.62 -17.55
N ARG KA 207 138.03 -8.78 -16.92
CA ARG KA 207 139.17 -9.66 -16.80
C ARG KA 207 138.80 -10.91 -16.01
N ARG KA 208 138.09 -10.71 -14.90
CA ARG KA 208 137.41 -11.78 -14.20
C ARG KA 208 136.13 -12.20 -14.92
N ILE KA 209 135.32 -11.23 -15.35
CA ILE KA 209 134.13 -11.55 -16.15
C ILE KA 209 134.45 -12.26 -17.46
N LYS KA 210 135.64 -12.01 -18.00
CA LYS KA 210 136.17 -12.81 -19.12
C LYS KA 210 136.50 -14.24 -18.66
N ALA KA 211 137.01 -14.37 -17.44
CA ALA KA 211 137.31 -15.67 -16.84
C ALA KA 211 136.07 -16.51 -16.52
N VAL KA 212 135.08 -15.95 -15.83
CA VAL KA 212 133.82 -16.68 -15.57
C VAL KA 212 133.11 -16.86 -16.90
N PRO KA 213 132.94 -18.12 -17.35
CA PRO KA 213 132.49 -18.31 -18.73
C PRO KA 213 131.08 -17.82 -18.95
N GLN KA 214 130.85 -17.25 -20.12
CA GLN KA 214 129.52 -17.09 -20.70
C GLN KA 214 128.78 -15.89 -20.05
N LEU KA 215 129.51 -15.08 -19.27
CA LEU KA 215 128.95 -13.98 -18.46
C LEU KA 215 129.11 -12.62 -19.12
N GLN KA 216 130.26 -12.40 -19.74
CA GLN KA 216 130.50 -11.27 -20.64
C GLN KA 216 129.25 -10.83 -21.43
N GLY KA 217 128.53 -11.80 -22.01
CA GLY KA 217 127.28 -11.55 -22.74
C GLY KA 217 126.08 -11.19 -21.87
N TYR KA 218 126.05 -11.71 -20.65
CA TYR KA 218 125.03 -11.36 -19.67
C TYR KA 218 125.00 -9.87 -19.46
N LEU KA 219 126.08 -9.32 -18.94
CA LEU KA 219 126.15 -7.90 -18.62
C LEU KA 219 125.73 -7.08 -19.84
N ARG KA 220 126.13 -7.56 -21.00
CA ARG KA 220 125.73 -7.01 -22.28
C ARG KA 220 124.21 -7.01 -22.54
N SER KA 221 123.55 -8.12 -22.25
CA SER KA 221 122.09 -8.22 -22.43
C SER KA 221 121.35 -7.26 -21.50
N VAL KA 222 120.33 -6.63 -22.05
CA VAL KA 222 119.42 -5.78 -21.28
C VAL KA 222 118.34 -6.71 -20.73
N PHE KA 223 117.60 -6.22 -19.74
CA PHE KA 223 116.57 -7.01 -19.04
C PHE KA 223 115.23 -6.46 -19.30
N ALA KA 224 114.26 -7.32 -19.05
CA ALA KA 224 112.95 -6.92 -18.68
C ALA KA 224 112.15 -8.20 -18.59
N LEU KA 225 110.89 -8.04 -18.25
CA LEU KA 225 109.99 -9.16 -18.19
C LEU KA 225 109.45 -9.32 -19.60
N THR KA 226 108.61 -10.32 -19.81
CA THR KA 226 108.13 -10.69 -21.13
C THR KA 226 106.67 -11.08 -20.95
N ASN KA 227 106.05 -11.80 -21.89
CA ASN KA 227 105.03 -12.73 -21.42
C ASN KA 227 105.52 -14.13 -21.07
N GLY KA 228 105.37 -14.46 -19.79
CA GLY KA 228 105.89 -15.68 -19.20
C GLY KA 228 106.40 -15.62 -17.76
N ILE KA 229 106.71 -14.43 -17.24
CA ILE KA 229 107.27 -14.31 -15.88
C ILE KA 229 106.58 -13.30 -14.88
N TYR KA 230 105.93 -13.82 -13.83
CA TYR KA 230 104.99 -13.06 -12.91
C TYR KA 230 105.96 -12.96 -11.69
N PRO KA 231 106.88 -11.92 -11.70
CA PRO KA 231 108.15 -11.86 -10.93
C PRO KA 231 107.95 -11.78 -9.45
N HIS KA 232 106.70 -11.52 -9.06
CA HIS KA 232 106.05 -12.13 -7.89
C HIS KA 232 106.94 -13.36 -7.40
N LYS KA 233 107.48 -14.14 -8.36
CA LYS KA 233 108.12 -15.44 -8.18
C LYS KA 233 109.62 -15.36 -8.15
N LEU KA 234 110.16 -14.94 -9.28
CA LEU KA 234 111.42 -15.47 -9.80
C LEU KA 234 112.58 -15.14 -8.87
N VAL KA 235 113.46 -16.11 -8.64
CA VAL KA 235 114.63 -15.84 -7.81
C VAL KA 235 115.70 -15.19 -8.67
N PHE KA 236 116.20 -14.07 -8.17
CA PHE KA 236 117.19 -13.24 -8.84
C PHE KA 236 117.53 -12.08 -7.93
N ASN LA 1 127.39 37.58 50.80
CA ASN LA 1 126.03 37.49 50.18
C ASN LA 1 125.96 36.60 48.94
N PHE LA 2 126.53 37.05 47.81
CA PHE LA 2 126.61 36.25 46.58
C PHE LA 2 127.09 34.82 46.86
N ALA LA 3 128.30 34.68 47.41
CA ALA LA 3 128.92 33.39 47.61
C ALA LA 3 128.64 32.79 49.00
N GLU LA 4 127.70 33.37 49.74
CA GLU LA 4 127.00 32.64 50.81
C GLU LA 4 125.68 32.10 50.23
N LEU LA 5 125.15 32.77 49.20
CA LEU LA 5 123.99 32.28 48.44
C LEU LA 5 124.33 31.18 47.44
N LYS LA 6 125.16 31.52 46.46
CA LYS LA 6 125.71 30.59 45.45
C LYS LA 6 125.83 29.14 45.95
N ILE LA 7 126.30 29.00 47.18
CA ILE LA 7 126.53 27.72 47.82
C ILE LA 7 125.20 27.22 48.32
N LYS LA 8 124.54 28.07 49.08
CA LYS LA 8 123.26 27.79 49.70
C LYS LA 8 122.25 27.21 48.69
N ARG LA 9 122.25 27.70 47.45
CA ARG LA 9 121.30 27.19 46.44
C ARG LA 9 121.88 25.97 45.71
N LEU LA 10 123.19 25.92 45.51
CA LEU LA 10 123.84 24.72 44.99
C LEU LA 10 123.63 23.52 45.92
N ARG LA 11 123.69 23.74 47.23
CA ARG LA 11 123.37 22.68 48.18
C ARG LA 11 122.02 22.08 47.85
N LYS LA 12 120.99 22.92 47.83
CA LYS LA 12 119.63 22.47 47.56
C LYS LA 12 119.61 21.62 46.30
N LYS LA 13 120.22 22.18 45.27
CA LYS LA 13 120.48 21.48 44.03
C LYS LA 13 121.05 20.08 44.26
N PHE LA 14 122.14 19.95 45.02
CA PHE LA 14 122.72 18.63 45.24
C PHE LA 14 121.92 17.78 46.23
N ALA LA 15 121.44 18.38 47.31
CA ALA LA 15 120.54 17.69 48.23
C ALA LA 15 119.42 16.98 47.47
N GLN LA 16 119.22 17.40 46.22
CA GLN LA 16 118.40 16.67 45.27
C GLN LA 16 118.98 15.55 44.48
N LYS LA 17 120.14 15.77 43.95
CA LYS LA 17 120.84 14.68 43.33
C LYS LA 17 121.17 13.57 44.39
N MET LA 18 121.13 13.86 45.70
CA MET LA 18 120.90 12.81 46.70
C MET LA 18 119.57 12.20 46.33
N LEU LA 19 118.52 13.01 46.52
CA LEU LA 19 117.19 12.50 46.75
C LEU LA 19 116.59 11.74 45.57
N ARG LA 20 116.62 12.38 44.42
CA ARG LA 20 116.17 11.75 43.20
C ARG LA 20 117.12 10.62 42.75
N LYS LA 21 118.30 10.45 43.39
CA LYS LA 21 119.00 9.16 43.33
C LYS LA 21 118.34 8.21 44.32
N ALA LA 22 118.32 8.60 45.59
CA ALA LA 22 117.81 7.72 46.65
C ALA LA 22 116.53 7.01 46.26
N ARG LA 23 115.56 7.78 45.79
CA ARG LA 23 114.26 7.25 45.41
C ARG LA 23 114.41 6.33 44.22
N ARG LA 24 115.08 6.84 43.19
CA ARG LA 24 115.42 6.02 42.02
C ARG LA 24 115.94 4.64 42.45
N LYS LA 25 116.84 4.62 43.45
CA LYS LA 25 117.37 3.38 44.00
C LYS LA 25 116.28 2.58 44.70
N LEU LA 26 115.52 3.24 45.56
CA LEU LA 26 114.41 2.60 46.24
C LEU LA 26 113.53 1.84 45.27
N ILE LA 27 113.02 2.54 44.26
CA ILE LA 27 112.20 1.92 43.22
C ILE LA 27 112.88 0.66 42.65
N TYR LA 28 114.14 0.78 42.26
CA TYR LA 28 114.87 -0.33 41.68
C TYR LA 28 114.94 -1.57 42.58
N GLU LA 29 115.09 -1.37 43.88
CA GLU LA 29 115.14 -2.51 44.81
C GLU LA 29 113.77 -2.95 45.24
N LYS LA 30 112.78 -2.06 45.23
CA LYS LA 30 111.38 -2.50 45.33
C LYS LA 30 111.12 -3.47 44.20
N ALA LA 31 111.27 -2.99 42.96
CA ALA LA 31 111.21 -3.86 41.78
C ALA LA 31 111.91 -5.23 41.98
N LYS LA 32 112.90 -5.29 42.85
CA LYS LA 32 113.53 -6.56 43.21
C LYS LA 32 112.77 -7.54 44.18
N HIS LA 33 111.87 -7.12 45.11
CA HIS LA 33 110.86 -8.12 45.63
C HIS LA 33 110.07 -8.51 44.44
N TYR LA 34 109.69 -7.46 43.71
CA TYR LA 34 108.62 -7.52 42.78
C TYR LA 34 109.02 -8.48 41.63
N HIS LA 35 110.27 -8.99 41.68
CA HIS LA 35 110.71 -10.23 41.03
C HIS LA 35 110.50 -11.38 41.95
N LYS LA 36 111.12 -11.30 43.13
CA LYS LA 36 111.27 -12.42 44.02
C LYS LA 36 109.94 -12.97 44.50
N GLU LA 37 109.06 -12.12 45.01
CA GLU LA 37 107.67 -12.53 45.28
C GLU LA 37 107.00 -13.07 44.02
N TYR LA 38 107.22 -12.33 42.95
CA TYR LA 38 106.57 -12.58 41.67
C TYR LA 38 106.93 -13.93 41.04
N ARG LA 39 108.02 -14.52 41.52
CA ARG LA 39 108.48 -15.86 41.14
C ARG LA 39 108.06 -16.85 42.21
N GLN LA 40 108.37 -16.50 43.45
CA GLN LA 40 108.07 -17.34 44.58
C GLN LA 40 106.56 -17.67 44.66
N MET LA 41 105.69 -16.76 44.24
CA MET LA 41 104.25 -17.07 44.14
C MET LA 41 103.93 -18.16 43.10
N TYR LA 42 104.63 -18.18 41.97
CA TYR LA 42 104.50 -19.25 40.95
C TYR LA 42 104.90 -20.56 41.56
N ARG LA 43 106.17 -20.66 41.94
CA ARG LA 43 106.75 -21.94 42.28
C ARG LA 43 106.00 -22.51 43.44
N THR LA 44 105.79 -21.72 44.49
CA THR LA 44 105.07 -22.19 45.67
C THR LA 44 103.62 -22.66 45.42
N GLU LA 45 103.03 -22.41 44.25
CA GLU LA 45 101.80 -23.09 43.86
C GLU LA 45 102.06 -24.40 43.13
N ILE LA 46 103.13 -24.45 42.35
CA ILE LA 46 103.49 -25.67 41.66
C ILE LA 46 104.03 -26.57 42.76
N ARG LA 47 105.14 -26.15 43.40
CA ARG LA 47 105.71 -26.73 44.66
C ARG LA 47 104.79 -27.66 45.38
N MET LA 48 103.57 -27.15 45.57
CA MET LA 48 102.57 -27.75 46.41
C MET LA 48 101.70 -28.75 45.64
N ALA LA 49 101.27 -28.43 44.44
CA ALA LA 49 100.56 -29.43 43.62
C ALA LA 49 101.46 -30.64 43.37
N ARG LA 50 102.74 -30.35 43.18
CA ARG LA 50 103.82 -31.35 43.08
C ARG LA 50 103.90 -32.21 44.37
N MET LA 51 103.76 -31.53 45.50
CA MET LA 51 103.65 -32.13 46.85
C MET LA 51 102.44 -33.00 47.03
N ALA LA 52 101.31 -32.51 46.54
CA ALA LA 52 100.04 -33.21 46.66
C ALA LA 52 100.09 -34.48 45.83
N ARG LA 53 100.31 -34.31 44.52
CA ARG LA 53 100.42 -35.42 43.60
C ARG LA 53 101.31 -36.56 44.10
N LYS LA 54 102.33 -36.27 44.92
CA LYS LA 54 103.17 -37.33 45.48
C LYS LA 54 102.38 -38.24 46.39
N ALA LA 55 101.58 -37.66 47.29
CA ALA LA 55 100.54 -38.45 47.98
C ALA LA 55 99.46 -38.78 46.95
N GLY LA 56 98.44 -39.56 47.33
CA GLY LA 56 97.32 -39.86 46.39
C GLY LA 56 96.32 -38.73 46.40
N ASN LA 57 96.82 -37.54 46.07
CA ASN LA 57 96.37 -36.36 46.77
C ASN LA 57 96.57 -35.03 46.03
N PHE LA 58 96.00 -33.94 46.56
CA PHE LA 58 95.07 -33.17 45.74
C PHE LA 58 94.92 -31.64 46.00
N TYR LA 59 95.37 -30.75 45.08
CA TYR LA 59 95.10 -29.26 45.23
C TYR LA 59 93.73 -28.80 44.87
N VAL LA 60 93.38 -27.68 45.46
CA VAL LA 60 92.47 -26.74 44.85
C VAL LA 60 93.14 -25.38 45.08
N PRO LA 61 93.73 -24.78 44.02
CA PRO LA 61 94.44 -23.51 44.20
C PRO LA 61 93.52 -22.44 44.68
N ALA LA 62 94.11 -21.40 45.28
CA ALA LA 62 93.33 -20.30 45.82
C ALA LA 62 92.38 -19.80 44.73
N GLU LA 63 91.13 -19.55 45.12
CA GLU LA 63 90.22 -18.88 44.21
C GLU LA 63 90.80 -17.55 43.82
N PRO LA 64 90.59 -17.13 42.57
CA PRO LA 64 91.14 -15.87 42.07
C PRO LA 64 90.56 -14.66 42.79
N LYS LA 65 91.39 -13.66 43.08
CA LYS LA 65 90.93 -12.44 43.72
C LYS LA 65 90.73 -11.31 42.74
N LEU LA 66 91.35 -11.41 41.58
CA LEU LA 66 91.43 -10.32 40.65
C LEU LA 66 90.86 -10.81 39.36
N ALA LA 67 90.04 -10.00 38.70
CA ALA LA 67 89.51 -10.38 37.40
C ALA LA 67 89.17 -9.17 36.58
N PHE LA 68 90.03 -8.78 35.65
CA PHE LA 68 89.68 -7.60 34.89
C PHE LA 68 88.58 -8.05 33.91
N VAL LA 69 87.54 -7.20 33.89
CA VAL LA 69 86.28 -7.32 33.16
C VAL LA 69 86.26 -6.41 31.95
N ILE LA 70 86.06 -6.96 30.77
CA ILE LA 70 85.89 -6.18 29.55
C ILE LA 70 84.41 -6.08 29.30
N ARG LA 71 83.91 -4.88 29.05
CA ARG LA 71 82.55 -4.75 28.53
C ARG LA 71 82.60 -5.12 27.06
N ILE LA 72 81.63 -5.83 26.52
CA ILE LA 72 81.70 -6.18 25.10
C ILE LA 72 80.53 -5.79 24.28
N ARG LA 73 79.51 -5.17 24.87
CA ARG LA 73 78.44 -4.67 24.03
C ARG LA 73 77.87 -3.36 24.46
N GLY LA 74 77.32 -2.70 23.46
CA GLY LA 74 77.19 -1.29 23.37
C GLY LA 74 76.11 -0.79 24.26
N ILE LA 75 75.62 0.39 23.92
CA ILE LA 75 74.94 1.14 24.93
C ILE LA 75 73.65 1.78 24.46
N ASN LA 76 72.70 0.90 24.16
CA ASN LA 76 71.41 1.30 23.68
C ASN LA 76 70.68 0.02 23.42
N GLY LA 77 69.50 -0.11 24.03
CA GLY LA 77 68.84 -1.40 24.18
C GLY LA 77 69.51 -2.06 25.35
N VAL LA 78 69.41 -1.40 26.50
CA VAL LA 78 70.10 -1.82 27.72
C VAL LA 78 69.14 -1.64 28.90
N SER LA 79 69.00 -2.70 29.71
CA SER LA 79 68.14 -2.65 30.90
C SER LA 79 68.76 -1.78 31.99
N PRO LA 80 67.96 -1.41 33.00
CA PRO LA 80 68.42 -0.52 34.05
C PRO LA 80 69.38 -1.11 35.03
N LYS LA 81 68.95 -2.20 35.65
CA LYS LA 81 69.66 -2.76 36.78
C LYS LA 81 71.04 -3.13 36.30
N VAL LA 82 71.12 -3.47 35.01
CA VAL LA 82 72.40 -3.57 34.32
C VAL LA 82 73.14 -2.25 34.25
N ARG LA 83 72.58 -1.30 33.52
CA ARG LA 83 73.30 -0.08 33.18
C ARG LA 83 73.88 0.62 34.40
N LYS LA 84 73.21 0.49 35.53
CA LYS LA 84 73.73 1.00 36.79
C LYS LA 84 75.02 0.26 37.21
N VAL LA 85 74.99 -1.08 37.26
CA VAL LA 85 76.20 -1.86 37.56
C VAL LA 85 77.32 -1.51 36.59
N LEU LA 86 77.01 -1.52 35.30
CA LEU LA 86 78.04 -1.21 34.31
C LEU LA 86 78.64 0.19 34.48
N GLN LA 87 77.93 1.12 35.14
CA GLN LA 87 78.54 2.39 35.54
C GLN LA 87 78.88 2.51 37.03
N LEU LA 88 78.84 1.39 37.72
CA LEU LA 88 79.61 1.21 38.95
C LEU LA 88 80.92 0.52 38.67
N LEU LA 89 81.00 -0.23 37.58
CA LEU LA 89 82.26 -0.82 37.16
C LEU LA 89 83.05 0.12 36.26
N ARG LA 90 82.50 1.32 36.03
CA ARG LA 90 83.10 2.32 35.15
C ARG LA 90 83.27 1.83 33.71
N LEU LA 91 82.43 0.90 33.28
CA LEU LA 91 82.46 0.39 31.91
C LEU LA 91 81.42 1.09 31.09
N ARG LA 92 81.45 2.42 31.14
CA ARG LA 92 80.41 3.17 30.51
C ARG LA 92 80.53 2.85 29.04
N GLN LA 93 81.64 3.26 28.43
CA GLN LA 93 81.87 3.14 26.97
C GLN LA 93 81.76 1.69 26.56
N ILE LA 94 81.52 1.41 25.28
CA ILE LA 94 81.62 0.03 24.85
C ILE LA 94 83.07 -0.40 24.87
N PHE LA 95 83.28 -1.45 25.61
CA PHE LA 95 84.36 -2.35 25.32
C PHE LA 95 85.71 -1.68 25.67
N ASN LA 96 85.70 -1.30 26.96
CA ASN LA 96 86.82 -0.94 27.82
C ASN LA 96 86.80 -1.96 28.96
N GLY LA 97 87.72 -1.80 29.91
CA GLY LA 97 87.84 -2.76 30.98
C GLY LA 97 88.57 -2.27 32.21
N THR LA 98 88.21 -2.88 33.33
CA THR LA 98 88.68 -2.47 34.64
C THR LA 98 89.02 -3.64 35.47
N PHE LA 99 89.89 -3.37 36.41
CA PHE LA 99 90.50 -4.36 37.23
C PHE LA 99 89.63 -4.44 38.46
N VAL LA 100 88.90 -5.54 38.58
CA VAL LA 100 87.90 -5.70 39.62
C VAL LA 100 88.30 -6.75 40.62
N LYS LA 101 88.03 -6.43 41.88
CA LYS LA 101 88.38 -7.24 43.02
C LYS LA 101 87.24 -8.21 43.35
N LEU LA 102 87.42 -9.49 42.99
CA LEU LA 102 86.44 -10.54 43.28
C LEU LA 102 86.36 -10.79 44.77
N ASN LA 103 85.21 -11.29 45.18
CA ASN LA 103 84.55 -10.77 46.37
C ASN LA 103 83.09 -11.10 46.21
N LYS LA 104 82.49 -11.71 47.22
CA LYS LA 104 81.09 -12.14 47.12
C LYS LA 104 80.13 -11.09 46.55
N ALA LA 105 80.34 -9.84 46.94
CA ALA LA 105 79.56 -8.71 46.43
C ALA LA 105 79.83 -8.45 44.96
N SER LA 106 81.11 -8.36 44.59
CA SER LA 106 81.49 -8.06 43.22
C SER LA 106 81.14 -9.20 42.28
N ILE LA 107 81.46 -10.43 42.67
CA ILE LA 107 81.14 -11.61 41.83
C ILE LA 107 79.67 -11.58 41.47
N ASN LA 108 78.85 -11.37 42.48
CA ASN LA 108 77.43 -11.36 42.31
C ASN LA 108 76.88 -10.08 41.59
N MET LA 109 77.65 -8.99 41.49
CA MET LA 109 77.35 -7.90 40.54
C MET LA 109 77.60 -8.29 39.09
N LEU LA 110 78.43 -9.29 38.85
CA LEU LA 110 78.79 -9.65 37.49
C LEU LA 110 77.83 -10.69 36.91
N ARG LA 111 77.28 -11.55 37.76
CA ARG LA 111 76.12 -12.43 37.41
C ARG LA 111 75.04 -11.65 36.68
N ILE LA 112 74.75 -10.47 37.22
CA ILE LA 112 73.60 -9.69 36.80
C ILE LA 112 73.87 -8.94 35.48
N VAL LA 113 75.12 -8.63 35.16
CA VAL LA 113 75.44 -8.03 33.84
C VAL LA 113 76.11 -9.00 32.86
N GLU LA 114 76.29 -10.24 33.29
CA GLU LA 114 76.96 -11.28 32.51
C GLU LA 114 76.83 -11.16 31.00
N PRO LA 115 75.60 -11.10 30.47
CA PRO LA 115 75.45 -11.14 29.02
C PRO LA 115 76.11 -10.03 28.24
N TYR LA 116 76.56 -8.97 28.92
CA TYR LA 116 77.29 -7.95 28.21
C TYR LA 116 78.81 -7.88 28.40
N ILE LA 117 79.38 -8.64 29.32
CA ILE LA 117 80.81 -8.45 29.62
C ILE LA 117 81.62 -9.67 29.30
N ALA LA 118 82.91 -9.62 29.58
CA ALA LA 118 83.77 -10.77 29.45
C ALA LA 118 84.89 -10.64 30.47
N TRP LA 119 84.80 -11.38 31.57
CA TRP LA 119 85.88 -11.33 32.56
C TRP LA 119 86.61 -12.64 32.68
N GLY LA 120 87.76 -12.59 33.35
CA GLY LA 120 88.63 -13.76 33.59
C GLY LA 120 89.74 -13.34 34.53
N TYR LA 121 90.47 -14.31 35.06
CA TYR LA 121 91.50 -14.03 36.08
C TYR LA 121 92.75 -13.79 35.26
N PRO LA 122 93.18 -12.52 35.15
CA PRO LA 122 94.28 -12.22 34.25
C PRO LA 122 95.62 -12.47 34.91
N ASN LA 123 96.65 -12.39 34.11
CA ASN LA 123 97.97 -12.89 34.43
C ASN LA 123 98.89 -11.70 34.32
N LEU LA 124 99.98 -11.74 35.05
CA LEU LA 124 101.01 -10.71 35.07
C LEU LA 124 101.25 -9.91 33.83
N LYS LA 125 101.50 -10.64 32.74
CA LYS LA 125 101.88 -10.02 31.51
C LYS LA 125 100.66 -9.25 31.00
N SER LA 126 99.47 -9.76 31.30
CA SER LA 126 98.24 -9.00 31.08
C SER LA 126 98.19 -7.69 31.89
N VAL LA 127 98.46 -7.77 33.19
CA VAL LA 127 98.46 -6.58 34.04
C VAL LA 127 99.50 -5.61 33.56
N ASN LA 128 100.73 -6.08 33.40
CA ASN LA 128 101.77 -5.29 32.78
C ASN LA 128 101.27 -4.58 31.55
N GLU LA 129 100.99 -5.35 30.50
CA GLU LA 129 100.72 -4.75 29.19
C GLU LA 129 99.69 -3.67 29.35
N LEU LA 130 98.67 -3.95 30.12
CA LEU LA 130 97.63 -2.99 30.38
C LEU LA 130 98.07 -1.74 31.13
N ILE LA 131 98.71 -1.88 32.28
CA ILE LA 131 99.11 -0.71 33.06
C ILE LA 131 100.13 0.11 32.29
N TYR LA 132 101.05 -0.59 31.62
CA TYR LA 132 102.11 0.04 30.88
C TYR LA 132 101.57 0.76 29.66
N LYS LA 133 100.95 0.00 28.77
CA LYS LA 133 100.54 0.54 27.48
C LYS LA 133 99.31 1.38 27.52
N ARG LA 134 98.32 0.94 28.29
CA ARG LA 134 97.03 1.61 28.33
C ARG LA 134 96.61 1.95 29.76
N GLY LA 135 97.51 2.62 30.46
CA GLY LA 135 97.27 3.02 31.83
C GLY LA 135 97.48 4.48 31.95
N TYR LA 136 96.41 5.25 31.79
CA TYR LA 136 96.44 6.63 32.24
C TYR LA 136 95.76 6.69 33.59
N GLY LA 137 96.08 7.74 34.33
CA GLY LA 137 95.57 7.95 35.68
C GLY LA 137 94.59 9.08 35.74
N LYS LA 138 93.81 9.11 36.81
CA LYS LA 138 92.85 10.16 37.10
C LYS LA 138 93.45 11.18 38.10
N ILE LA 139 93.94 12.30 37.56
CA ILE LA 139 94.66 13.31 38.34
C ILE LA 139 93.94 14.64 38.15
N ASN LA 140 93.43 15.19 39.24
CA ASN LA 140 92.46 16.30 39.21
C ASN LA 140 91.29 15.93 38.30
N LYS LA 141 90.87 14.69 38.37
CA LYS LA 141 89.77 14.24 37.54
C LYS LA 141 90.06 14.49 36.03
N LYS LA 142 91.10 13.81 35.53
CA LYS LA 142 91.56 13.93 34.14
C LYS LA 142 92.23 12.65 33.65
N ARG LA 143 91.82 12.07 32.53
CA ARG LA 143 92.59 10.96 31.90
C ARG LA 143 93.97 11.53 31.49
N ILE LA 144 94.96 11.41 32.39
CA ILE LA 144 96.34 11.86 32.16
C ILE LA 144 97.31 10.69 32.07
N ALA LA 145 98.17 10.71 31.04
CA ALA LA 145 99.08 9.60 30.74
C ALA LA 145 100.17 9.36 31.77
N LEU LA 146 100.39 8.09 32.11
CA LEU LA 146 101.42 7.71 33.07
C LEU LA 146 102.73 7.55 32.35
N THR LA 147 103.48 8.64 32.24
CA THR LA 147 104.71 8.69 31.48
C THR LA 147 105.92 8.75 32.37
N ASP LA 148 105.86 9.60 33.39
CA ASP LA 148 106.81 9.52 34.49
C ASP LA 148 106.03 9.13 35.74
N ASN LA 149 106.73 8.50 36.67
CA ASN LA 149 106.09 8.04 37.89
C ASN LA 149 106.15 8.96 39.09
N ALA LA 150 106.54 10.21 38.84
CA ALA LA 150 106.18 11.30 39.71
C ALA LA 150 104.69 11.61 39.60
N LEU LA 151 103.98 11.00 38.64
CA LEU LA 151 102.49 11.10 38.58
C LEU LA 151 101.77 10.10 39.44
N ILE LA 152 102.37 8.94 39.66
CA ILE LA 152 101.77 7.94 40.52
C ILE LA 152 102.04 8.33 41.94
N ALA LA 153 103.32 8.54 42.23
CA ALA LA 153 103.71 8.97 43.56
C ALA LA 153 102.88 10.19 43.98
N ARG LA 154 102.65 11.11 43.05
CA ARG LA 154 101.89 12.33 43.31
C ARG LA 154 100.44 12.11 43.81
N SER LA 155 99.81 10.99 43.43
CA SER LA 155 98.47 10.67 43.96
C SER LA 155 98.52 9.66 45.09
N LEU LA 156 99.43 8.68 44.99
CA LEU LA 156 99.39 7.46 45.82
C LEU LA 156 100.56 7.26 46.80
N GLY LA 157 101.49 8.22 46.85
CA GLY LA 157 102.65 8.17 47.74
C GLY LA 157 102.35 8.01 49.21
N LYS LA 158 101.14 8.38 49.60
CA LYS LA 158 100.65 8.14 50.95
C LYS LA 158 100.21 6.69 51.23
N TYR LA 159 100.24 5.80 50.24
CA TYR LA 159 100.06 4.36 50.50
C TYR LA 159 101.31 3.54 50.27
N GLY LA 160 102.48 4.16 50.40
CA GLY LA 160 103.73 3.51 50.05
C GLY LA 160 103.79 3.12 48.58
N ILE LA 161 102.92 3.70 47.72
CA ILE LA 161 102.95 3.43 46.28
C ILE LA 161 103.57 4.62 45.57
N ILE LA 162 104.72 4.38 44.96
CA ILE LA 162 105.56 5.44 44.40
C ILE LA 162 105.95 5.30 42.94
N CYS LA 163 105.62 4.19 42.31
CA CYS LA 163 106.09 3.93 40.96
C CYS LA 163 105.23 2.96 40.24
N MET LA 164 105.39 2.94 38.93
CA MET LA 164 104.60 2.08 38.08
C MET LA 164 104.66 0.61 38.50
N GLU LA 165 105.79 0.16 39.03
CA GLU LA 165 105.88 -1.21 39.54
C GLU LA 165 105.17 -1.40 40.89
N ASP LA 166 105.19 -0.40 41.77
CA ASP LA 166 104.42 -0.48 43.07
C ASP LA 166 102.93 -0.54 42.88
N LEU LA 167 102.44 0.06 41.80
CA LEU LA 167 101.05 -0.10 41.42
C LEU LA 167 100.78 -1.58 41.23
N ILE LA 168 101.68 -2.23 40.50
CA ILE LA 168 101.47 -3.59 40.03
C ILE LA 168 101.54 -4.73 41.08
N HIS LA 169 102.01 -4.52 42.33
CA HIS LA 169 101.54 -5.46 43.40
C HIS LA 169 100.10 -5.21 43.57
N GLU LA 170 99.78 -3.95 43.90
CA GLU LA 170 98.48 -3.61 44.42
C GLU LA 170 97.39 -3.96 43.44
N ILE LA 171 97.79 -4.49 42.30
CA ILE LA 171 96.90 -4.91 41.29
C ILE LA 171 96.93 -6.43 41.00
N TYR LA 172 97.98 -7.22 41.31
CA TYR LA 172 97.64 -8.65 41.58
C TYR LA 172 97.14 -8.63 42.97
N THR LA 173 98.09 -8.45 43.87
CA THR LA 173 98.02 -9.05 45.17
C THR LA 173 96.85 -8.50 45.92
N VAL LA 174 96.12 -7.58 45.27
CA VAL LA 174 94.97 -6.93 45.81
C VAL LA 174 95.51 -5.93 46.80
N GLY LA 175 96.07 -6.41 47.90
CA GLY LA 175 96.75 -5.55 48.83
C GLY LA 175 95.72 -4.76 49.57
N LYS LA 176 96.21 -3.86 50.40
CA LYS LA 176 95.34 -3.09 51.26
C LYS LA 176 94.65 -2.00 50.49
N ARG LA 177 95.35 -1.46 49.51
CA ARG LA 177 94.90 -0.29 48.79
C ARG LA 177 94.55 -0.72 47.37
N PHE LA 178 93.81 -1.81 47.21
CA PHE LA 178 93.33 -2.11 45.87
C PHE LA 178 92.47 -0.92 45.46
N LYS LA 179 91.46 -0.64 46.27
CA LYS LA 179 90.51 0.48 46.08
C LYS LA 179 91.14 1.69 45.39
N GLU LA 180 92.12 2.29 46.06
CA GLU LA 180 92.68 3.57 45.65
C GLU LA 180 93.75 3.44 44.58
N ALA LA 181 94.38 2.28 44.48
CA ALA LA 181 95.21 1.97 43.32
C ALA LA 181 94.32 1.89 42.11
N ASN LA 182 93.31 1.01 42.17
CA ASN LA 182 92.33 0.93 41.10
C ASN LA 182 91.25 1.99 41.09
N ASN LA 183 91.54 3.18 41.59
CA ASN LA 183 90.70 4.32 41.30
C ASN LA 183 91.45 5.64 41.10
N PHE LA 184 92.80 5.70 41.13
CA PHE LA 184 93.42 6.71 40.24
C PHE LA 184 93.35 6.00 38.89
N LEU LA 185 93.57 4.68 38.83
CA LEU LA 185 93.56 4.02 37.51
C LEU LA 185 92.25 4.14 36.74
N TRP LA 186 92.36 4.71 35.55
CA TRP LA 186 91.24 5.24 34.80
C TRP LA 186 90.97 4.20 33.74
N PRO LA 187 89.69 3.86 33.51
CA PRO LA 187 89.34 2.60 32.83
C PRO LA 187 89.97 2.50 31.47
N PHE LA 188 90.41 1.29 31.12
CA PHE LA 188 91.43 1.10 30.13
C PHE LA 188 90.63 0.93 28.87
N LYS LA 189 90.90 1.76 27.86
CA LYS LA 189 90.10 1.80 26.65
C LYS LA 189 90.88 0.96 25.66
N LEU LA 190 90.29 -0.17 25.27
CA LEU LA 190 90.97 -1.25 24.54
C LEU LA 190 90.48 -1.32 23.11
N SER LA 191 91.38 -1.49 22.15
CA SER LA 191 90.97 -1.46 20.73
C SER LA 191 90.23 -2.73 20.38
N SER LA 192 89.59 -2.73 19.22
CA SER LA 192 88.80 -3.88 18.73
C SER LA 192 89.60 -5.17 18.74
N PRO LA 193 88.99 -6.30 19.15
CA PRO LA 193 89.75 -7.55 19.19
C PRO LA 193 90.20 -8.02 17.81
N ARG LA 194 91.49 -7.78 17.54
CA ARG LA 194 92.18 -8.13 16.29
C ARG LA 194 92.08 -9.60 15.98
N GLY LA 195 91.29 -9.95 14.96
CA GLY LA 195 91.06 -11.33 14.57
C GLY LA 195 89.66 -11.74 14.99
N GLY LA 196 89.06 -10.94 15.87
CA GLY LA 196 87.62 -10.88 15.96
C GLY LA 196 87.09 -11.80 17.02
N MET LA 197 85.87 -11.53 17.44
CA MET LA 197 85.21 -12.32 18.46
C MET LA 197 84.70 -13.64 17.88
N LYS LA 198 84.14 -14.46 18.77
CA LYS LA 198 83.42 -15.66 18.38
C LYS LA 198 81.95 -15.36 18.20
N LYS LA 199 81.36 -14.77 19.24
CA LYS LA 199 79.93 -14.42 19.24
C LYS LA 199 79.61 -13.51 20.41
N LYS LA 200 79.49 -12.21 20.13
CA LYS LA 200 79.21 -11.20 21.16
C LYS LA 200 78.04 -11.54 22.09
N THR LA 201 77.15 -12.41 21.64
CA THR LA 201 75.83 -12.58 22.22
C THR LA 201 75.71 -13.57 23.39
N THR LA 202 76.46 -14.66 23.32
CA THR LA 202 76.21 -15.87 24.11
C THR LA 202 77.25 -16.13 25.19
N HIS LA 203 76.99 -17.07 26.12
CA HIS LA 203 78.07 -17.44 27.03
C HIS LA 203 79.22 -18.04 26.27
N PHE LA 204 80.45 -17.59 26.54
CA PHE LA 204 81.66 -18.34 26.19
C PHE LA 204 81.34 -19.83 26.18
N VAL LA 205 80.84 -20.31 27.33
CA VAL LA 205 80.53 -21.72 27.56
C VAL LA 205 79.79 -22.40 26.40
N GLU LA 206 78.84 -21.69 25.79
CA GLU LA 206 78.17 -22.17 24.57
C GLU LA 206 78.74 -21.49 23.32
N GLY LA 207 80.07 -21.41 23.25
CA GLY LA 207 80.79 -20.88 22.08
C GLY LA 207 80.85 -19.37 21.87
N GLY LA 208 80.27 -18.61 22.78
CA GLY LA 208 80.12 -17.18 22.59
C GLY LA 208 81.31 -16.33 23.00
N ASP LA 209 81.01 -15.19 23.65
CA ASP LA 209 82.04 -14.25 24.18
C ASP LA 209 81.82 -13.67 25.57
N ALA LA 210 80.70 -13.99 26.22
CA ALA LA 210 80.26 -13.25 27.39
C ALA LA 210 80.92 -13.69 28.71
N GLY LA 211 80.44 -13.09 29.81
CA GLY LA 211 80.75 -13.41 31.23
C GLY LA 211 82.06 -14.08 31.62
N ASN LA 212 82.03 -15.08 32.52
CA ASN LA 212 83.32 -15.73 32.82
C ASN LA 212 83.98 -16.38 31.55
N ARG LA 213 85.27 -16.07 31.32
CA ARG LA 213 86.25 -17.01 30.69
C ARG LA 213 87.46 -17.21 31.63
N GLU LA 214 87.50 -18.31 32.38
CA GLU LA 214 88.60 -18.49 33.33
C GLU LA 214 89.87 -18.30 32.56
N ASP LA 215 90.85 -17.54 33.05
CA ASP LA 215 92.21 -17.69 32.53
C ASP LA 215 92.33 -17.26 31.05
N GLN LA 216 91.48 -17.87 30.22
CA GLN LA 216 91.32 -17.60 28.79
C GLN LA 216 91.01 -16.17 28.40
N ILE LA 217 90.84 -15.24 29.35
CA ILE LA 217 90.77 -13.81 29.01
C ILE LA 217 92.08 -13.23 28.50
N ASN LA 218 93.15 -13.95 28.72
CA ASN LA 218 94.45 -13.52 28.34
C ASN LA 218 94.77 -13.72 26.87
N ARG LA 219 94.07 -14.64 26.22
CA ARG LA 219 94.06 -14.65 24.76
C ARG LA 219 93.43 -13.30 24.40
N LEU LA 220 92.26 -13.03 24.98
CA LEU LA 220 91.44 -11.83 24.67
C LEU LA 220 92.15 -10.50 24.85
N ILE LA 221 93.06 -10.43 25.78
CA ILE LA 221 93.70 -9.17 26.07
C ILE LA 221 94.82 -8.91 25.09
N ARG LA 222 95.55 -9.95 24.69
CA ARG LA 222 96.57 -9.78 23.62
C ARG LA 222 95.92 -9.12 22.42
N ARG LA 223 94.78 -9.69 22.00
CA ARG LA 223 94.07 -9.24 20.82
C ARG LA 223 93.50 -7.80 20.91
N MET LA 224 93.39 -7.25 22.12
CA MET LA 224 92.76 -5.95 22.34
C MET LA 224 93.61 -4.83 22.90
N ASN LA 225 94.76 -5.15 23.48
CA ASN LA 225 95.82 -4.15 23.57
C ASN LA 225 96.30 -3.95 22.12
N GLY MA 1 26.24 -26.43 15.16
CA GLY MA 1 26.88 -27.46 16.05
C GLY MA 1 27.99 -26.88 16.93
N ARG MA 2 29.11 -26.55 16.28
CA ARG MA 2 30.30 -26.01 16.97
C ARG MA 2 31.41 -25.70 15.96
N ARG MA 3 32.28 -24.73 16.27
CA ARG MA 3 33.43 -24.47 15.38
C ARG MA 3 34.28 -25.73 15.42
N PRO MA 4 35.13 -25.93 14.40
CA PRO MA 4 36.06 -27.05 14.46
C PRO MA 4 37.05 -26.94 15.60
N ALA MA 5 37.46 -28.07 16.14
CA ALA MA 5 38.30 -28.07 17.32
C ALA MA 5 39.45 -27.06 17.23
N ARG MA 6 40.05 -26.90 16.04
CA ARG MA 6 41.07 -25.87 15.80
C ARG MA 6 41.02 -24.70 16.74
N CYS MA 7 39.88 -24.03 16.74
CA CYS MA 7 39.77 -22.71 17.32
C CYS MA 7 39.78 -22.76 18.85
N TYR MA 8 39.57 -23.95 19.42
CA TYR MA 8 39.65 -24.14 20.85
C TYR MA 8 40.61 -25.29 21.09
N ARG MA 9 41.68 -25.36 20.29
CA ARG MA 9 42.66 -26.44 20.43
C ARG MA 9 43.63 -26.14 21.55
N TYR MA 10 43.89 -24.88 21.74
CA TYR MA 10 45.05 -24.43 22.47
C TYR MA 10 44.60 -23.80 23.78
N CYS MA 11 45.31 -24.05 24.88
CA CYS MA 11 44.93 -23.38 26.14
C CYS MA 11 45.52 -22.02 26.10
N LYS MA 12 44.64 -21.05 25.98
CA LYS MA 12 45.02 -19.65 26.16
C LYS MA 12 44.56 -19.18 27.51
N ASN MA 13 43.32 -19.51 27.86
CA ASN MA 13 42.71 -18.84 28.98
C ASN MA 13 42.90 -19.64 30.25
N LYS MA 14 42.59 -18.97 31.36
CA LYS MA 14 42.63 -19.61 32.65
C LYS MA 14 41.43 -20.52 32.75
N PRO MA 15 41.58 -21.67 33.42
CA PRO MA 15 40.43 -22.57 33.57
C PRO MA 15 39.10 -21.90 33.96
N TYR MA 16 38.06 -22.22 33.20
CA TYR MA 16 36.70 -21.82 33.51
C TYR MA 16 35.93 -23.01 34.09
N PRO MA 17 36.04 -23.28 35.39
CA PRO MA 17 35.27 -24.41 35.85
C PRO MA 17 33.78 -24.06 35.91
N LYS MA 18 32.92 -25.01 35.53
CA LYS MA 18 31.47 -24.84 35.70
C LYS MA 18 31.21 -24.71 37.19
N SER MA 19 30.60 -23.59 37.57
CA SER MA 19 30.52 -23.22 38.97
C SER MA 19 29.33 -22.29 39.17
N ARG MA 20 29.40 -21.43 40.18
CA ARG MA 20 28.43 -20.36 40.31
C ARG MA 20 28.69 -19.34 39.22
N PHE MA 21 29.97 -19.12 38.90
CA PHE MA 21 30.41 -17.89 38.23
C PHE MA 21 30.04 -17.94 36.77
N CYS MA 22 30.24 -19.08 36.11
CA CYS MA 22 29.56 -19.33 34.85
C CYS MA 22 28.52 -20.39 35.11
N ARG MA 23 27.37 -20.23 34.44
CA ARG MA 23 26.27 -21.16 34.54
C ARG MA 23 25.48 -21.17 33.24
N GLY MA 24 24.69 -22.22 33.07
CA GLY MA 24 24.05 -22.52 31.80
C GLY MA 24 24.98 -23.30 30.90
N VAL MA 25 25.78 -24.17 31.51
CA VAL MA 25 26.75 -24.95 30.78
C VAL MA 25 26.03 -26.15 30.22
N PRO MA 26 26.18 -26.41 28.92
CA PRO MA 26 25.59 -27.63 28.36
C PRO MA 26 26.37 -28.81 28.87
N ASP MA 27 25.65 -29.87 29.23
CA ASP MA 27 26.26 -30.97 29.96
C ASP MA 27 27.34 -31.63 29.08
N ALA MA 28 28.45 -31.99 29.70
CA ALA MA 28 29.59 -32.56 29.00
C ALA MA 28 29.13 -33.72 28.14
N LYS MA 29 29.57 -33.73 26.89
CA LYS MA 29 29.30 -34.82 25.96
C LYS MA 29 29.59 -36.19 26.58
N ILE MA 30 30.84 -36.38 27.02
CA ILE MA 30 31.28 -37.65 27.60
C ILE MA 30 30.67 -37.88 29.00
N ARG MA 31 30.43 -39.13 29.34
CA ARG MA 31 29.93 -39.47 30.65
C ARG MA 31 30.51 -40.68 31.37
N ILE MA 32 31.21 -41.57 30.67
CA ILE MA 32 31.69 -42.79 31.29
C ILE MA 32 33.20 -42.91 31.05
N PHE MA 33 33.97 -42.57 32.09
CA PHE MA 33 35.44 -42.55 31.98
C PHE MA 33 35.92 -43.91 32.51
N ASP MA 34 35.02 -44.91 32.57
CA ASP MA 34 35.42 -46.34 32.51
C ASP MA 34 34.36 -47.44 32.19
N LEU MA 35 34.81 -48.44 31.41
CA LEU MA 35 33.96 -49.52 30.84
C LEU MA 35 34.69 -50.84 30.68
N GLY MA 36 33.92 -51.90 30.45
CA GLY MA 36 34.41 -53.28 30.47
C GLY MA 36 34.08 -53.94 31.80
N ARG MA 37 35.00 -54.75 32.31
CA ARG MA 37 34.82 -55.38 33.62
C ARG MA 37 35.49 -54.54 34.71
N LYS MA 38 34.87 -53.41 35.00
CA LYS MA 38 35.23 -52.63 36.20
C LYS MA 38 34.93 -53.38 37.50
N LYS MA 39 34.35 -54.58 37.40
CA LYS MA 39 34.20 -55.49 38.53
C LYS MA 39 35.40 -56.44 38.68
N ALA MA 40 36.53 -56.11 38.08
CA ALA MA 40 37.72 -56.98 38.10
C ALA MA 40 38.44 -57.00 39.45
N LYS MA 41 39.48 -57.84 39.51
CA LYS MA 41 40.42 -57.85 40.61
C LYS MA 41 41.78 -57.47 40.13
N VAL MA 42 42.61 -57.09 41.08
CA VAL MA 42 43.97 -56.69 40.77
C VAL MA 42 44.74 -57.92 40.28
N ASP MA 43 44.42 -59.08 40.86
CA ASP MA 43 45.28 -60.28 40.75
C ASP MA 43 45.09 -61.11 39.48
N GLU MA 44 44.20 -60.69 38.58
CA GLU MA 44 43.79 -61.50 37.45
C GLU MA 44 43.84 -60.72 36.14
N PHE MA 45 44.58 -59.60 36.13
CA PHE MA 45 44.33 -58.59 35.12
C PHE MA 45 45.49 -57.56 34.95
N PRO MA 46 46.63 -58.05 34.46
CA PRO MA 46 47.93 -57.45 34.66
C PRO MA 46 48.62 -56.61 33.57
N LEU MA 47 47.97 -55.63 32.97
CA LEU MA 47 48.61 -54.94 31.86
C LEU MA 47 48.15 -53.50 31.68
N GLY MA 48 48.74 -52.59 32.45
CA GLY MA 48 48.41 -51.17 32.43
C GLY MA 48 48.94 -50.47 31.19
N GLY MA 49 48.25 -50.68 30.07
CA GLY MA 49 48.57 -50.01 28.81
C GLY MA 49 47.96 -48.61 28.87
N HIS MA 50 48.70 -47.65 28.35
CA HIS MA 50 48.47 -46.24 28.60
C HIS MA 50 48.46 -45.47 27.27
N MET MA 51 47.77 -44.32 27.23
CA MET MA 51 47.90 -43.35 26.13
C MET MA 51 48.25 -41.99 26.74
N VAL MA 52 49.34 -41.39 26.27
CA VAL MA 52 49.96 -40.26 26.93
C VAL MA 52 50.17 -39.11 25.96
N SER MA 53 49.79 -37.90 26.37
CA SER MA 53 49.95 -36.72 25.54
C SER MA 53 51.40 -36.27 25.47
N ASP MA 54 51.81 -35.73 24.32
CA ASP MA 54 53.14 -35.17 24.15
C ASP MA 54 53.15 -33.66 24.01
N GLU MA 55 51.99 -33.01 24.18
CA GLU MA 55 51.84 -31.56 23.90
C GLU MA 55 50.93 -30.85 24.90
N TYR MA 56 51.27 -29.60 25.23
CA TYR MA 56 50.42 -28.77 26.08
C TYR MA 56 49.18 -28.36 25.23
N GLU MA 57 48.08 -29.15 25.26
CA GLU MA 57 46.83 -28.76 24.52
C GLU MA 57 45.52 -29.00 25.24
N GLN MA 58 44.46 -28.48 24.63
CA GLN MA 58 43.09 -28.74 25.03
C GLN MA 58 42.48 -29.88 24.22
N LEU MA 59 41.73 -30.77 24.87
CA LEU MA 59 40.97 -31.84 24.18
C LEU MA 59 39.52 -31.64 24.42
N SER MA 60 38.74 -31.67 23.34
CA SER MA 60 37.29 -31.52 23.46
C SER MA 60 36.68 -32.72 24.17
N SER MA 61 35.51 -32.50 24.75
CA SER MA 61 34.71 -33.58 25.35
C SER MA 61 34.29 -34.60 24.31
N GLU MA 62 34.06 -34.14 23.10
CA GLU MA 62 33.46 -34.97 22.07
C GLU MA 62 34.49 -35.83 21.38
N ALA MA 63 35.74 -35.39 21.41
CA ALA MA 63 36.85 -36.22 21.04
C ALA MA 63 37.02 -37.38 22.02
N LEU MA 64 36.96 -37.10 23.32
CA LEU MA 64 37.12 -38.13 24.33
C LEU MA 64 36.11 -39.22 24.13
N GLU MA 65 34.87 -38.84 23.82
CA GLU MA 65 33.83 -39.81 23.54
C GLU MA 65 34.29 -40.78 22.48
N ALA MA 66 34.60 -40.23 21.31
CA ALA MA 66 35.00 -41.03 20.16
C ALA MA 66 36.20 -41.90 20.48
N ALA MA 67 37.20 -41.27 21.08
CA ALA MA 67 38.43 -41.91 21.52
C ALA MA 67 38.12 -43.14 22.35
N ARG MA 68 37.24 -42.99 23.33
CA ARG MA 68 36.80 -44.14 24.10
C ARG MA 68 36.16 -45.19 23.17
N ILE MA 69 35.08 -44.80 22.51
CA ILE MA 69 34.22 -45.76 21.82
C ILE MA 69 35.04 -46.65 20.91
N CYS MA 70 35.89 -46.03 20.08
CA CYS MA 70 36.69 -46.77 19.11
C CYS MA 70 37.69 -47.74 19.76
N ALA MA 71 38.05 -47.51 21.01
CA ALA MA 71 38.83 -48.49 21.78
C ALA MA 71 37.94 -49.61 22.41
N ASN MA 72 36.69 -49.30 22.77
CA ASN MA 72 35.71 -50.37 23.14
C ASN MA 72 35.35 -51.28 22.00
N LYS MA 73 35.54 -50.82 20.77
CA LYS MA 73 35.17 -51.58 19.61
C LYS MA 73 36.24 -52.57 19.19
N TYR MA 74 37.51 -52.18 19.29
CA TYR MA 74 38.61 -53.04 18.84
C TYR MA 74 38.98 -54.07 19.87
N MET MA 75 39.12 -53.59 21.11
CA MET MA 75 39.08 -54.49 22.25
C MET MA 75 37.59 -54.76 22.32
N VAL MA 76 37.20 -56.00 22.62
CA VAL MA 76 35.93 -56.60 22.15
C VAL MA 76 36.22 -56.80 20.68
N LYS MA 77 36.12 -58.04 20.23
CA LYS MA 77 36.97 -58.62 19.19
C LYS MA 77 38.14 -59.06 20.06
N SER MA 78 39.37 -59.00 19.58
CA SER MA 78 40.57 -59.09 20.43
C SER MA 78 40.46 -59.95 21.70
N CYS MA 79 39.84 -59.41 22.75
CA CYS MA 79 39.80 -60.03 24.08
C CYS MA 79 38.46 -60.63 24.46
N GLY MA 80 37.37 -60.16 23.83
CA GLY MA 80 36.03 -60.42 24.32
C GLY MA 80 35.57 -59.35 25.29
N ARG MA 81 34.31 -59.43 25.66
CA ARG MA 81 33.59 -58.40 26.40
C ARG MA 81 33.98 -58.25 27.89
N ASP MA 82 34.55 -59.33 28.43
CA ASP MA 82 34.88 -59.51 29.83
C ASP MA 82 36.35 -59.19 30.04
N GLY MA 83 37.12 -59.19 28.93
CA GLY MA 83 38.56 -59.36 28.98
C GLY MA 83 39.36 -58.08 28.98
N PHE MA 84 38.75 -56.97 29.39
CA PHE MA 84 39.50 -55.75 29.68
C PHE MA 84 38.82 -54.78 30.66
N HIS MA 85 39.57 -53.73 31.00
CA HIS MA 85 39.04 -52.52 31.59
C HIS MA 85 39.56 -51.38 30.73
N MET MA 86 38.72 -50.38 30.42
CA MET MA 86 39.21 -49.10 29.90
C MET MA 86 38.84 -47.93 30.78
N ARG MA 87 39.79 -47.04 31.02
CA ARG MA 87 39.63 -45.88 31.90
C ARG MA 87 40.06 -44.65 31.08
N VAL MA 88 39.23 -43.62 31.07
CA VAL MA 88 39.60 -42.32 30.54
C VAL MA 88 39.89 -41.44 31.75
N ARG MA 89 40.92 -40.60 31.64
CA ARG MA 89 41.44 -39.89 32.80
C ARG MA 89 41.54 -38.41 32.52
N LEU MA 90 40.51 -37.88 31.87
CA LEU MA 90 40.43 -36.45 31.57
C LEU MA 90 38.97 -36.06 31.44
N HIS MA 91 38.33 -35.70 32.54
CA HIS MA 91 36.88 -35.48 32.47
C HIS MA 91 36.84 -34.01 32.16
N PRO MA 92 36.16 -33.61 31.06
CA PRO MA 92 36.27 -32.27 30.49
C PRO MA 92 35.40 -31.32 31.26
N PHE MA 93 35.92 -30.13 31.53
CA PHE MA 93 35.82 -29.72 32.89
C PHE MA 93 36.25 -28.27 33.14
N HIS MA 94 37.25 -27.74 32.43
CA HIS MA 94 37.22 -26.29 32.20
C HIS MA 94 36.20 -26.20 30.98
N VAL MA 95 35.32 -25.18 31.06
CA VAL MA 95 34.27 -24.80 30.09
C VAL MA 95 34.73 -23.84 29.00
N ILE MA 96 34.36 -24.14 27.77
CA ILE MA 96 34.82 -23.37 26.63
C ILE MA 96 33.76 -22.39 26.16
N ARG MA 97 34.18 -21.26 25.60
CA ARG MA 97 33.26 -20.17 25.27
C ARG MA 97 33.16 -19.85 23.78
N ILE MA 98 32.10 -19.11 23.48
CA ILE MA 98 31.69 -18.77 22.11
C ILE MA 98 31.06 -17.42 22.21
N ASN MA 99 31.57 -16.44 21.47
CA ASN MA 99 30.81 -15.22 21.27
C ASN MA 99 29.60 -15.70 20.51
N LYS MA 100 28.44 -15.08 20.71
CA LYS MA 100 27.21 -15.72 20.25
C LYS MA 100 26.98 -15.52 18.76
N MET MA 101 27.98 -15.95 17.99
CA MET MA 101 27.89 -16.26 16.56
C MET MA 101 27.68 -15.04 15.66
N LEU MA 102 27.77 -13.84 16.22
CA LEU MA 102 27.64 -12.64 15.42
C LEU MA 102 26.35 -12.73 14.61
N SER MA 103 25.27 -13.14 15.26
CA SER MA 103 24.02 -13.41 14.54
C SER MA 103 23.46 -12.18 13.84
N CYS MA 104 23.04 -12.36 12.60
CA CYS MA 104 22.43 -11.30 11.80
C CYS MA 104 21.48 -11.91 10.78
N ALA MA 105 20.55 -11.10 10.27
CA ALA MA 105 19.57 -11.58 9.30
C ALA MA 105 19.79 -10.97 7.92
N GLY MA 106 19.92 -11.83 6.92
CA GLY MA 106 20.11 -11.38 5.54
C GLY MA 106 21.33 -10.50 5.39
N ALA MA 107 21.14 -9.37 4.72
CA ALA MA 107 22.19 -8.36 4.58
C ALA MA 107 22.55 -7.84 5.96
N ASP MA 108 21.52 -7.65 6.78
CA ASP MA 108 21.67 -7.19 8.16
C ASP MA 108 21.76 -5.67 8.24
N ARG MA 109 21.91 -5.16 9.45
CA ARG MA 109 21.99 -3.72 9.69
C ARG MA 109 22.84 -3.39 10.92
N LEU MA 110 22.62 -4.11 12.00
CA LEU MA 110 23.39 -3.90 13.22
C LEU MA 110 23.78 -5.20 13.92
N GLN MA 111 25.05 -5.35 14.26
CA GLN MA 111 25.50 -6.44 15.12
C GLN MA 111 26.06 -5.89 16.43
N THR MA 112 26.49 -4.63 16.37
CA THR MA 112 27.14 -3.93 17.48
C THR MA 112 28.64 -4.25 17.49
N GLY MA 113 29.01 -5.19 16.63
CA GLY MA 113 30.40 -5.55 16.34
C GLY MA 113 31.21 -6.20 17.43
N MET MA 114 31.52 -5.45 18.50
CA MET MA 114 32.34 -6.01 19.57
C MET MA 114 31.83 -5.83 21.00
N ARG MA 115 30.77 -5.03 21.18
CA ARG MA 115 30.34 -4.68 22.55
C ARG MA 115 29.79 -5.87 23.31
N GLY MA 116 30.27 -6.05 24.53
CA GLY MA 116 29.88 -7.21 25.33
C GLY MA 116 30.45 -8.45 24.70
N ALA MA 117 31.69 -8.31 24.22
CA ALA MA 117 32.39 -9.36 23.48
C ALA MA 117 32.24 -10.71 24.15
N PHE MA 118 32.31 -10.71 25.48
CA PHE MA 118 32.22 -11.92 26.28
C PHE MA 118 31.10 -12.82 25.79
N GLY MA 119 31.48 -14.03 25.42
CA GLY MA 119 30.54 -15.04 25.01
C GLY MA 119 29.72 -15.76 26.07
N LYS MA 120 29.31 -16.97 25.68
CA LYS MA 120 28.48 -17.85 26.48
C LYS MA 120 29.20 -19.17 26.59
N PRO MA 121 28.66 -20.08 27.41
CA PRO MA 121 29.13 -21.45 27.38
C PRO MA 121 28.74 -22.13 26.08
N GLN MA 122 29.72 -22.80 25.47
CA GLN MA 122 29.48 -23.64 24.31
C GLN MA 122 29.55 -25.13 24.65
N GLY MA 123 30.59 -25.51 25.41
CA GLY MA 123 30.86 -26.92 25.68
C GLY MA 123 31.87 -27.08 26.79
N THR MA 124 32.67 -28.12 26.67
CA THR MA 124 33.62 -28.45 27.70
C THR MA 124 34.81 -29.16 27.08
N VAL MA 125 35.94 -29.06 27.75
CA VAL MA 125 37.21 -29.46 27.22
C VAL MA 125 38.07 -29.88 28.40
N ALA MA 126 39.15 -30.63 28.14
CA ALA MA 126 40.15 -30.92 29.16
C ALA MA 126 41.41 -30.06 28.97
N ARG MA 127 42.04 -29.66 30.07
CA ARG MA 127 43.46 -29.30 30.06
C ARG MA 127 44.29 -30.61 29.97
N VAL MA 128 45.37 -30.61 29.20
CA VAL MA 128 46.27 -31.78 29.08
C VAL MA 128 47.73 -31.33 29.03
N HIS MA 129 48.55 -31.78 29.97
CA HIS MA 129 49.97 -31.39 29.92
C HIS MA 129 50.74 -32.51 29.26
N ILE MA 130 52.01 -32.26 29.01
CA ILE MA 130 52.87 -33.24 28.34
C ILE MA 130 53.15 -34.38 29.32
N GLY MA 131 53.31 -35.58 28.79
CA GLY MA 131 53.61 -36.75 29.62
C GLY MA 131 52.47 -37.12 30.57
N GLN MA 132 51.27 -36.60 30.31
CA GLN MA 132 50.13 -36.83 31.17
C GLN MA 132 49.22 -37.80 30.47
N VAL MA 133 48.64 -38.70 31.24
CA VAL MA 133 47.84 -39.78 30.70
C VAL MA 133 46.45 -39.28 30.35
N ILE MA 134 45.90 -39.84 29.28
CA ILE MA 134 44.55 -39.55 28.83
C ILE MA 134 43.71 -40.79 29.09
N MET MA 135 44.03 -41.88 28.40
CA MET MA 135 43.30 -43.14 28.55
C MET MA 135 44.23 -44.20 29.08
N SER MA 136 43.69 -45.12 29.84
CA SER MA 136 44.43 -46.30 30.20
C SER MA 136 43.50 -47.50 30.09
N ILE MA 137 44.10 -48.68 30.02
CA ILE MA 137 43.41 -49.94 29.81
C ILE MA 137 44.14 -51.00 30.62
N ARG MA 138 43.42 -52.01 31.11
CA ARG MA 138 44.10 -53.24 31.52
C ARG MA 138 43.49 -54.48 30.92
N THR MA 139 44.34 -55.48 30.71
CA THR MA 139 43.90 -56.79 30.22
C THR MA 139 44.72 -57.88 30.90
N LYS MA 140 44.89 -59.01 30.21
CA LYS MA 140 45.87 -60.04 30.56
C LYS MA 140 47.22 -59.75 29.89
N LEU MA 141 48.27 -60.31 30.46
CA LEU MA 141 49.65 -60.03 30.02
C LEU MA 141 49.85 -60.58 28.62
N GLN MA 142 49.29 -61.78 28.42
CA GLN MA 142 48.84 -62.31 27.12
C GLN MA 142 48.61 -61.30 26.01
N ASN MA 143 47.73 -60.35 26.30
CA ASN MA 143 46.97 -59.63 25.30
C ASN MA 143 47.43 -58.18 25.09
N GLU MA 144 48.74 -58.00 25.06
CA GLU MA 144 49.40 -56.68 24.95
C GLU MA 144 49.03 -56.00 23.64
N GLU MA 145 49.31 -56.68 22.52
CA GLU MA 145 49.02 -56.20 21.15
C GLU MA 145 47.63 -55.60 21.00
N HIS MA 146 46.69 -56.19 21.74
CA HIS MA 146 45.28 -55.90 21.60
C HIS MA 146 44.88 -54.68 22.44
N VAL MA 147 45.74 -54.29 23.38
CA VAL MA 147 45.70 -52.94 23.96
C VAL MA 147 46.36 -51.95 23.02
N ILE MA 148 47.63 -52.22 22.68
CA ILE MA 148 48.44 -51.34 21.81
C ILE MA 148 47.57 -50.72 20.74
N GLU MA 149 47.01 -51.58 19.89
CA GLU MA 149 46.30 -51.10 18.71
C GLU MA 149 44.98 -50.37 19.03
N ALA MA 150 44.34 -50.72 20.13
CA ALA MA 150 43.09 -50.06 20.53
C ALA MA 150 43.29 -48.61 20.88
N LEU MA 151 44.37 -48.34 21.60
CA LEU MA 151 44.77 -46.96 21.86
C LEU MA 151 45.32 -46.33 20.59
N ARG MA 152 45.97 -47.14 19.77
CA ARG MA 152 46.47 -46.67 18.47
C ARG MA 152 45.35 -46.08 17.60
N ARG MA 153 44.20 -46.74 17.53
CA ARG MA 153 43.03 -46.20 16.80
C ARG MA 153 42.42 -44.98 17.45
N ALA MA 154 42.46 -44.95 18.78
CA ALA MA 154 41.95 -43.83 19.54
C ALA MA 154 42.73 -42.53 19.28
N LYS MA 155 44.03 -42.64 19.00
CA LYS MA 155 44.86 -41.47 18.66
C LYS MA 155 44.36 -40.63 17.48
N PHE MA 156 43.46 -41.20 16.69
CA PHE MA 156 43.07 -40.63 15.43
C PHE MA 156 41.70 -39.98 15.53
N LYS MA 157 41.19 -39.85 16.76
CA LYS MA 157 39.99 -39.07 17.06
C LYS MA 157 40.37 -37.77 17.78
N PHE MA 158 41.61 -37.32 17.60
CA PHE MA 158 42.34 -36.81 18.73
C PHE MA 158 43.53 -35.99 18.22
N PRO MA 159 43.54 -34.67 18.48
CA PRO MA 159 44.50 -33.78 17.86
C PRO MA 159 45.91 -33.88 18.44
N GLY MA 160 46.81 -33.12 17.82
CA GLY MA 160 48.18 -33.09 18.23
C GLY MA 160 48.84 -34.44 18.06
N ARG MA 161 49.48 -34.90 19.14
CA ARG MA 161 50.30 -36.11 19.07
C ARG MA 161 50.60 -36.62 20.47
N GLN MA 162 50.81 -37.93 20.53
CA GLN MA 162 50.69 -38.67 21.78
C GLN MA 162 51.18 -40.11 21.63
N LYS MA 163 51.99 -40.54 22.59
CA LYS MA 163 52.59 -41.85 22.54
C LYS MA 163 51.73 -42.86 23.29
N ILE MA 164 51.86 -44.10 22.87
CA ILE MA 164 51.28 -45.24 23.55
C ILE MA 164 52.40 -45.93 24.27
N HIS MA 165 52.13 -46.25 25.52
CA HIS MA 165 53.16 -46.65 26.43
C HIS MA 165 52.61 -47.73 27.31
N ILE MA 166 53.46 -48.68 27.70
CA ILE MA 166 53.01 -49.74 28.57
C ILE MA 166 53.69 -49.59 29.92
N SER MA 167 52.90 -49.71 30.97
CA SER MA 167 53.33 -49.32 32.29
C SER MA 167 54.05 -50.45 33.00
N LYS MA 168 54.70 -50.06 34.09
CA LYS MA 168 55.47 -50.95 34.90
C LYS MA 168 54.75 -51.27 36.22
N LYS MA 169 53.45 -50.96 36.32
CA LYS MA 169 52.70 -51.01 37.60
C LYS MA 169 51.69 -52.17 37.57
N TRP MA 170 51.19 -52.71 38.71
CA TRP MA 170 50.08 -53.71 38.55
C TRP MA 170 48.84 -53.01 38.05
N GLY MA 171 48.68 -53.09 36.74
CA GLY MA 171 47.51 -52.65 36.06
C GLY MA 171 47.27 -51.18 36.33
N PHE MA 172 46.48 -50.93 37.37
CA PHE MA 172 45.97 -49.59 37.66
C PHE MA 172 46.44 -49.05 39.00
N THR MA 173 47.34 -49.76 39.66
CA THR MA 173 47.89 -49.30 40.92
C THR MA 173 49.05 -48.36 40.61
N LYS MA 174 49.75 -47.93 41.65
CA LYS MA 174 51.02 -47.24 41.45
C LYS MA 174 52.22 -48.16 41.74
N PHE MA 175 51.98 -49.46 41.92
CA PHE MA 175 52.97 -50.35 42.52
C PHE MA 175 53.69 -51.15 41.47
N ASN MA 176 55.01 -51.03 41.46
CA ASN MA 176 55.80 -51.44 40.32
C ASN MA 176 55.79 -52.99 40.15
N ALA MA 177 55.05 -53.44 39.13
CA ALA MA 177 54.80 -54.84 38.72
C ALA MA 177 55.85 -55.90 39.05
N ASP MA 178 57.13 -55.58 38.97
CA ASP MA 178 58.17 -56.56 39.34
C ASP MA 178 58.02 -57.10 40.80
N GLU MA 179 57.01 -56.61 41.53
CA GLU MA 179 57.05 -56.48 43.00
C GLU MA 179 55.77 -56.90 43.77
N PHE MA 180 54.59 -56.84 43.16
CA PHE MA 180 53.34 -57.32 43.81
C PHE MA 180 53.43 -58.67 44.50
N GLU MA 181 53.75 -59.72 43.73
CA GLU MA 181 53.54 -61.09 44.21
C GLU MA 181 54.15 -61.17 45.61
N ASN MA 182 55.36 -60.65 45.72
CA ASN MA 182 56.03 -60.44 46.99
C ASN MA 182 55.20 -59.58 47.93
N MET MA 183 55.00 -58.31 47.58
CA MET MA 183 54.29 -57.35 48.47
C MET MA 183 52.89 -57.76 48.92
N VAL MA 184 52.21 -58.58 48.13
CA VAL MA 184 50.94 -59.19 48.54
C VAL MA 184 51.23 -60.36 49.49
N ALA MA 185 52.10 -61.28 49.08
CA ALA MA 185 52.49 -62.42 49.93
C ALA MA 185 53.43 -61.97 51.06
N LYS MA 186 52.81 -61.42 52.10
CA LYS MA 186 53.43 -60.74 53.27
C LYS MA 186 52.65 -59.49 53.66
N LYS MA 187 51.80 -59.02 52.75
CA LYS MA 187 50.74 -58.07 53.06
C LYS MA 187 51.28 -56.68 53.39
N CYS MA 188 52.20 -56.19 52.56
CA CYS MA 188 52.38 -54.74 52.42
C CYS MA 188 51.16 -54.20 51.64
N LEU MA 189 50.61 -55.02 50.73
CA LEU MA 189 49.46 -54.67 49.88
C LEU MA 189 48.31 -55.67 50.01
N ILE MA 190 47.10 -55.16 50.24
CA ILE MA 190 45.91 -56.01 50.41
C ILE MA 190 44.85 -55.69 49.36
N PRO MA 191 44.33 -56.73 48.66
CA PRO MA 191 43.33 -56.59 47.58
C PRO MA 191 42.05 -55.88 47.96
N ASP MA 192 41.56 -55.07 47.03
CA ASP MA 192 40.51 -54.08 47.30
C ASP MA 192 39.78 -53.79 45.97
N GLY MA 193 39.14 -54.81 45.43
CA GLY MA 193 38.50 -54.69 44.10
C GLY MA 193 39.48 -54.35 42.97
N CYS MA 194 39.27 -53.20 42.33
CA CYS MA 194 40.18 -52.72 41.30
C CYS MA 194 41.54 -52.50 41.90
N GLY MA 195 41.59 -51.55 42.82
CA GLY MA 195 42.84 -51.12 43.43
C GLY MA 195 43.29 -52.01 44.56
N VAL MA 196 44.11 -51.43 45.42
CA VAL MA 196 44.78 -52.19 46.44
C VAL MA 196 45.15 -51.21 47.55
N LYS MA 197 45.09 -51.64 48.81
CA LYS MA 197 45.54 -50.79 49.92
C LYS MA 197 46.97 -51.08 50.30
N TYR MA 198 47.82 -50.05 50.27
CA TYR MA 198 49.16 -50.15 50.88
C TYR MA 198 48.93 -50.05 52.39
N VAL MA 199 49.38 -51.06 53.13
CA VAL MA 199 49.26 -51.08 54.59
C VAL MA 199 50.63 -50.98 55.23
N PRO MA 200 50.87 -49.90 56.00
CA PRO MA 200 52.20 -49.67 56.54
C PRO MA 200 52.37 -50.12 57.99
N ASN MA 201 53.63 -50.11 58.41
CA ASN MA 201 54.00 -50.41 59.78
C ASN MA 201 53.78 -49.15 60.63
N HIS MA 202 52.50 -48.80 60.78
CA HIS MA 202 52.09 -47.51 61.35
C HIS MA 202 51.03 -47.66 62.44
N GLY MA 203 49.82 -48.09 62.06
CA GLY MA 203 48.64 -47.96 62.89
C GLY MA 203 48.63 -48.83 64.13
N PRO MA 204 47.48 -48.93 64.82
CA PRO MA 204 47.42 -49.74 66.03
C PRO MA 204 47.65 -51.23 65.75
N LEU MA 205 48.24 -51.93 66.71
CA LEU MA 205 48.68 -53.32 66.50
C LEU MA 205 47.53 -54.31 66.26
N ASP MA 206 46.34 -53.97 66.75
CA ASP MA 206 45.13 -54.81 66.58
C ASP MA 206 44.61 -54.72 65.13
N LYS MA 207 45.01 -53.66 64.42
CA LYS MA 207 44.80 -53.59 62.97
C LYS MA 207 45.60 -54.68 62.29
N TRP MA 208 46.86 -54.83 62.71
CA TRP MA 208 47.68 -55.91 62.18
C TRP MA 208 47.09 -57.24 62.62
N ARG MA 209 46.91 -57.45 63.92
CA ARG MA 209 46.34 -58.71 64.46
C ARG MA 209 45.32 -59.44 63.57
N VAL MA 210 44.53 -58.67 62.82
CA VAL MA 210 43.58 -59.19 61.82
C VAL MA 210 44.26 -59.94 60.67
N LEU MA 211 45.32 -59.37 60.12
CA LEU MA 211 46.16 -60.07 59.16
C LEU MA 211 47.12 -60.95 59.93
N HIS MA 212 47.83 -61.83 59.20
CA HIS MA 212 48.80 -62.75 59.77
C HIS MA 212 48.19 -63.41 61.01
N SER MA 213 46.98 -63.91 60.81
CA SER MA 213 46.07 -64.30 61.87
C SER MA 213 45.54 -65.72 61.65
N VAL NA 1 70.09 50.78 -34.10
CA VAL NA 1 70.29 50.12 -32.77
C VAL NA 1 71.30 48.97 -32.87
N ARG NA 2 71.57 48.33 -31.73
CA ARG NA 2 72.44 47.16 -31.68
C ARG NA 2 71.66 45.94 -32.17
N TYR NA 3 72.36 45.00 -32.81
CA TYR NA 3 71.83 43.65 -32.91
C TYR NA 3 72.66 42.72 -32.07
N SER NA 4 72.19 41.49 -32.02
CA SER NA 4 73.00 40.37 -31.65
C SER NA 4 74.04 40.24 -32.74
N LEU NA 5 75.24 39.82 -32.35
CA LEU NA 5 76.21 39.26 -33.30
C LEU NA 5 76.67 40.26 -34.37
N ASP NA 6 77.58 41.16 -34.01
CA ASP NA 6 77.89 42.27 -34.93
C ASP NA 6 79.09 41.98 -35.81
N PRO NA 7 78.84 42.08 -37.14
CA PRO NA 7 79.36 41.24 -38.23
C PRO NA 7 80.87 41.21 -38.35
N GLU NA 8 81.36 40.22 -39.10
CA GLU NA 8 82.79 39.93 -39.16
C GLU NA 8 83.56 41.14 -39.71
N ASN NA 9 83.10 41.67 -40.85
CA ASN NA 9 83.51 42.99 -41.35
C ASN NA 9 82.30 43.89 -41.54
N PRO NA 10 82.23 45.02 -40.81
CA PRO NA 10 81.13 45.95 -41.05
C PRO NA 10 81.30 46.77 -42.35
N THR NA 11 82.39 46.55 -43.08
CA THR NA 11 82.60 47.16 -44.39
C THR NA 11 81.62 46.61 -45.42
N LYS NA 12 81.59 45.29 -45.55
CA LYS NA 12 80.79 44.62 -46.60
C LYS NA 12 79.63 43.79 -46.04
N SER NA 13 78.85 44.42 -45.18
CA SER NA 13 77.78 43.74 -44.48
C SER NA 13 76.65 44.68 -44.20
N CYS NA 14 75.51 44.39 -44.82
CA CYS NA 14 74.33 45.21 -44.71
C CYS NA 14 73.40 44.56 -43.72
N LYS NA 15 72.57 45.41 -43.11
CA LYS NA 15 71.68 45.04 -42.03
C LYS NA 15 70.26 45.43 -42.40
N SER NA 16 69.30 44.80 -41.72
CA SER NA 16 67.93 45.25 -41.78
C SER NA 16 67.13 44.62 -40.66
N ARG NA 17 66.17 45.39 -40.15
CA ARG NA 17 65.31 44.94 -39.09
C ARG NA 17 63.93 45.48 -39.27
N GLY NA 18 62.98 44.75 -38.70
CA GLY NA 18 61.60 45.20 -38.64
C GLY NA 18 61.14 44.98 -37.23
N SER NA 19 60.41 45.95 -36.71
CA SER NA 19 60.03 45.96 -35.32
C SER NA 19 58.53 45.97 -35.15
N ASN NA 20 58.02 44.88 -34.57
CA ASN NA 20 56.70 44.81 -34.01
C ASN NA 20 55.67 44.50 -35.11
N LEU NA 21 55.99 43.47 -35.91
CA LEU NA 21 55.25 43.15 -37.14
C LEU NA 21 54.19 42.12 -36.84
N ARG NA 22 52.97 42.39 -37.30
CA ARG NA 22 51.87 41.43 -37.16
C ARG NA 22 52.07 40.20 -38.03
N VAL NA 23 52.91 39.30 -37.55
CA VAL NA 23 53.07 37.95 -38.07
C VAL NA 23 53.23 37.06 -36.89
N HIS NA 24 53.43 35.77 -37.14
CA HIS NA 24 53.25 34.79 -36.13
C HIS NA 24 54.58 34.22 -35.72
N PHE NA 25 55.04 34.72 -34.56
CA PHE NA 25 56.44 34.58 -34.15
C PHE NA 25 56.91 33.14 -34.45
N LYS NA 26 56.06 32.16 -34.17
CA LYS NA 26 56.41 30.75 -34.39
C LYS NA 26 56.62 30.22 -35.83
N ASN NA 27 56.04 30.84 -36.85
CA ASN NA 27 56.25 30.41 -38.26
C ASN NA 27 57.25 31.37 -38.89
N THR NA 28 57.25 32.64 -38.47
CA THR NA 28 58.32 33.57 -38.91
C THR NA 28 59.67 33.20 -38.38
N ARG NA 29 59.72 32.50 -37.27
CA ARG NA 29 60.95 31.90 -36.82
C ARG NA 29 61.37 30.79 -37.79
N GLU NA 30 60.47 29.85 -38.01
CA GLU NA 30 60.81 28.59 -38.66
C GLU NA 30 61.14 28.76 -40.15
N THR NA 31 60.43 29.66 -40.81
CA THR NA 31 60.85 30.12 -42.13
C THR NA 31 62.22 30.79 -42.06
N ALA NA 32 62.46 31.54 -40.99
CA ALA NA 32 63.71 32.27 -40.87
C ALA NA 32 64.91 31.43 -40.53
N GLN NA 33 64.72 30.16 -40.23
CA GLN NA 33 65.87 29.29 -40.05
C GLN NA 33 66.20 28.37 -41.20
N ALA NA 34 65.23 28.11 -42.06
CA ALA NA 34 65.54 27.48 -43.33
C ALA NA 34 66.36 28.44 -44.18
N ILE NA 35 65.85 29.67 -44.31
CA ILE NA 35 66.44 30.72 -45.14
C ILE NA 35 67.89 31.04 -44.77
N LYS NA 36 68.25 30.84 -43.50
CA LYS NA 36 69.59 31.13 -42.99
C LYS NA 36 70.67 30.31 -43.68
N GLY NA 37 71.82 30.93 -43.94
CA GLY NA 37 72.92 30.28 -44.65
C GLY NA 37 72.65 30.03 -46.13
N MET NA 38 71.68 30.75 -46.70
CA MET NA 38 71.49 30.77 -48.14
C MET NA 38 72.09 32.04 -48.70
N HIS NA 39 72.24 32.05 -50.01
CA HIS NA 39 72.72 33.20 -50.74
C HIS NA 39 71.45 33.84 -51.33
N ILE NA 40 71.18 35.07 -50.89
CA ILE NA 40 69.96 35.85 -51.25
C ILE NA 40 69.17 35.33 -52.43
N ARG NA 41 69.80 35.31 -53.59
CA ARG NA 41 69.09 35.07 -54.83
C ARG NA 41 68.41 33.68 -54.89
N LYS NA 42 68.95 32.75 -54.11
CA LYS NA 42 68.30 31.45 -53.81
C LYS NA 42 67.13 31.62 -52.83
N ALA NA 43 67.38 32.34 -51.74
CA ALA NA 43 66.36 32.64 -50.73
C ALA NA 43 65.11 33.32 -51.29
N THR NA 44 65.31 34.28 -52.18
CA THR NA 44 64.20 34.98 -52.82
C THR NA 44 63.33 34.06 -53.69
N LYS NA 45 63.91 33.03 -54.29
CA LYS NA 45 63.11 32.07 -55.03
C LYS NA 45 62.23 31.30 -54.08
N TYR NA 46 62.88 30.61 -53.14
CA TYR NA 46 62.21 29.81 -52.11
C TYR NA 46 61.02 30.50 -51.51
N LEU NA 47 61.21 31.73 -51.04
CA LEU NA 47 60.12 32.43 -50.36
C LEU NA 47 58.96 32.73 -51.31
N LYS NA 48 59.23 32.83 -52.61
CA LYS NA 48 58.16 32.81 -53.61
C LYS NA 48 57.60 31.41 -53.72
N ASP NA 49 58.48 30.42 -53.82
CA ASP NA 49 58.07 29.00 -53.82
C ASP NA 49 57.27 28.57 -52.58
N VAL NA 50 57.54 29.17 -51.42
CA VAL NA 50 56.76 28.93 -50.22
C VAL NA 50 55.41 29.55 -50.40
N THR NA 51 55.35 30.72 -51.00
CA THR NA 51 54.09 31.34 -51.28
C THR NA 51 53.29 30.50 -52.30
N LEU NA 52 53.91 30.15 -53.42
CA LEU NA 52 53.27 29.34 -54.47
C LEU NA 52 53.06 27.83 -54.17
N GLN NA 53 53.62 27.38 -53.06
CA GLN NA 53 53.62 25.97 -52.61
C GLN NA 53 54.44 24.92 -53.37
N LYS NA 54 55.64 25.30 -53.78
CA LYS NA 54 56.57 24.37 -54.46
C LYS NA 54 57.71 23.90 -53.57
N GLN NA 55 57.98 24.62 -52.49
CA GLN NA 55 58.91 24.15 -51.45
C GLN NA 55 58.29 24.44 -50.10
N CYS NA 56 58.51 23.58 -49.12
CA CYS NA 56 58.00 23.80 -47.78
C CYS NA 56 59.01 24.53 -46.91
N VAL NA 57 58.52 24.98 -45.77
CA VAL NA 57 59.35 25.34 -44.65
C VAL NA 57 59.17 24.17 -43.70
N PRO NA 58 60.26 23.63 -43.19
CA PRO NA 58 60.28 22.49 -42.31
C PRO NA 58 60.17 22.89 -40.85
N PHE NA 59 59.21 22.30 -40.15
CA PHE NA 59 58.87 22.76 -38.81
C PHE NA 59 59.55 21.90 -37.76
N ARG NA 60 60.61 22.45 -37.17
CA ARG NA 60 61.47 21.73 -36.25
C ARG NA 60 61.06 21.96 -34.78
N ARG NA 61 61.37 23.12 -34.21
CA ARG NA 61 61.12 23.36 -32.79
C ARG NA 61 59.61 23.37 -32.53
N TYR NA 62 58.89 24.23 -33.25
CA TYR NA 62 57.44 24.44 -33.06
C TYR NA 62 56.65 23.64 -34.06
N ASN NA 63 56.38 22.40 -33.69
CA ASN NA 63 55.77 21.41 -34.58
C ASN NA 63 54.59 20.60 -34.02
N GLY NA 64 54.18 20.92 -32.80
CA GLY NA 64 52.97 20.35 -32.20
C GLY NA 64 51.76 20.53 -33.09
N GLY NA 65 51.26 19.40 -33.60
CA GLY NA 65 50.07 19.35 -34.43
C GLY NA 65 50.30 19.65 -35.89
N VAL NA 66 51.55 19.97 -36.24
CA VAL NA 66 51.85 20.37 -37.60
C VAL NA 66 51.77 19.15 -38.48
N GLY NA 67 51.10 19.31 -39.60
CA GLY NA 67 50.89 18.21 -40.52
C GLY NA 67 52.19 17.78 -41.17
N ARG NA 68 52.26 16.49 -41.47
CA ARG NA 68 53.39 15.94 -42.17
C ARG NA 68 53.16 16.22 -43.63
N CYS NA 69 54.23 16.35 -44.40
CA CYS NA 69 54.10 16.72 -45.83
C CYS NA 69 55.23 16.19 -46.66
N ALA NA 70 55.02 16.14 -47.97
CA ALA NA 70 56.00 15.55 -48.87
C ALA NA 70 57.31 16.34 -48.93
N GLN NA 71 57.18 17.66 -49.00
CA GLN NA 71 58.31 18.51 -49.33
C GLN NA 71 59.32 18.64 -48.21
N ALA NA 72 58.99 18.15 -47.01
CA ALA NA 72 59.92 18.23 -45.89
C ALA NA 72 61.10 17.27 -45.99
N LYS NA 73 60.96 16.19 -46.77
CA LYS NA 73 62.04 15.20 -46.96
C LYS NA 73 63.35 15.84 -47.40
N GLN NA 74 63.26 16.88 -48.23
CA GLN NA 74 64.41 17.68 -48.62
C GLN NA 74 65.16 18.21 -47.42
N TRP NA 75 64.46 18.75 -46.40
CA TRP NA 75 65.12 19.24 -45.18
C TRP NA 75 65.44 18.13 -44.15
N GLY NA 76 65.15 16.87 -44.46
CA GLY NA 76 65.31 15.76 -43.52
C GLY NA 76 64.25 15.73 -42.44
N TRP NA 77 63.03 16.16 -42.77
CA TRP NA 77 61.88 16.02 -41.87
C TRP NA 77 60.75 15.20 -42.42
N THR NA 78 59.76 15.10 -41.56
CA THR NA 78 58.44 14.72 -41.89
C THR NA 78 57.52 15.95 -41.97
N GLN NA 79 57.62 16.85 -40.99
CA GLN NA 79 56.68 17.99 -40.86
C GLN NA 79 57.18 19.26 -41.53
N GLY NA 80 56.34 19.84 -42.37
CA GLY NA 80 56.59 21.15 -42.94
C GLY NA 80 55.30 21.94 -43.14
N ARG NA 81 55.40 23.26 -43.15
CA ARG NA 81 54.28 24.11 -43.51
C ARG NA 81 54.64 25.20 -44.54
N TRP NA 82 53.63 25.95 -44.99
CA TRP NA 82 53.68 26.72 -46.22
C TRP NA 82 53.52 28.21 -45.94
N PRO NA 83 54.07 28.70 -44.81
CA PRO NA 83 53.60 29.94 -44.21
C PRO NA 83 53.75 31.17 -45.08
N LYS NA 84 52.64 31.61 -45.65
CA LYS NA 84 52.64 32.68 -46.64
C LYS NA 84 53.12 34.00 -46.07
N LYS NA 85 52.42 34.54 -45.07
CA LYS NA 85 52.79 35.83 -44.50
C LYS NA 85 54.21 35.85 -43.97
N SER NA 86 54.59 34.75 -43.33
CA SER NA 86 55.93 34.63 -42.81
C SER NA 86 56.99 34.74 -43.90
N ALA NA 87 56.71 34.15 -45.07
CA ALA NA 87 57.56 34.35 -46.24
C ALA NA 87 57.47 35.81 -46.71
N GLU NA 88 56.26 36.26 -47.03
CA GLU NA 88 56.03 37.57 -47.63
C GLU NA 88 56.52 38.75 -46.82
N PHE NA 89 56.62 38.61 -45.50
CA PHE NA 89 57.21 39.67 -44.68
C PHE NA 89 58.71 39.68 -44.75
N LEU NA 90 59.36 38.53 -44.54
CA LEU NA 90 60.83 38.49 -44.69
C LEU NA 90 61.29 38.24 -46.13
N LEU NA 91 60.40 38.52 -47.07
CA LEU NA 91 60.77 38.82 -48.43
C LEU NA 91 60.83 40.35 -48.66
N HIS NA 92 60.07 41.14 -47.90
CA HIS NA 92 60.29 42.61 -47.84
C HIS NA 92 61.59 42.92 -47.12
N MET NA 93 61.78 42.30 -45.97
CA MET NA 93 62.98 42.52 -45.17
C MET NA 93 64.26 42.11 -45.91
N LEU NA 94 64.16 41.03 -46.68
CA LEU NA 94 65.26 40.60 -47.54
C LEU NA 94 65.45 41.54 -48.75
N LYS NA 95 64.42 42.32 -49.05
CA LYS NA 95 64.48 43.37 -50.05
C LYS NA 95 64.97 44.75 -49.53
N ASN NA 96 64.85 45.05 -48.23
CA ASN NA 96 65.57 46.22 -47.67
C ASN NA 96 67.04 45.98 -47.69
N ALA NA 97 67.44 44.84 -47.12
CA ALA NA 97 68.83 44.49 -47.05
C ALA NA 97 69.44 44.67 -48.43
N GLU NA 98 68.82 44.03 -49.43
CA GLU NA 98 69.27 44.13 -50.83
C GLU NA 98 69.49 45.57 -51.32
N SER NA 99 68.65 46.51 -50.88
CA SER NA 99 68.86 47.92 -51.20
C SER NA 99 69.94 48.55 -50.35
N ASN NA 100 69.98 48.19 -49.07
CA ASN NA 100 71.01 48.73 -48.21
C ASN NA 100 72.38 48.36 -48.73
N ALA NA 101 72.54 47.14 -49.22
CA ALA NA 101 73.78 46.76 -49.89
C ALA NA 101 74.08 47.62 -51.14
N GLU NA 102 73.03 47.91 -51.90
CA GLU NA 102 73.15 48.73 -53.11
C GLU NA 102 73.56 50.18 -52.82
N LEU NA 103 73.01 50.74 -51.75
CA LEU NA 103 73.38 52.07 -51.25
C LEU NA 103 74.80 52.07 -50.63
N LYS NA 104 75.13 51.03 -49.89
CA LYS NA 104 76.45 50.88 -49.27
C LYS NA 104 77.54 50.61 -50.30
N GLY NA 105 77.15 50.12 -51.47
CA GLY NA 105 78.06 49.89 -52.57
C GLY NA 105 78.70 48.53 -52.41
N LEU NA 106 77.88 47.48 -52.57
CA LEU NA 106 78.31 46.07 -52.48
C LEU NA 106 77.86 45.26 -53.69
N ASP NA 107 78.59 44.19 -53.97
CA ASP NA 107 78.11 43.14 -54.90
C ASP NA 107 76.86 42.54 -54.30
N VAL NA 108 75.72 42.90 -54.85
CA VAL NA 108 74.44 42.34 -54.40
C VAL NA 108 74.41 40.82 -54.59
N ASP NA 109 75.04 40.33 -55.66
CA ASP NA 109 74.86 38.96 -56.11
C ASP NA 109 75.89 38.00 -55.51
N SER NA 110 76.68 38.49 -54.53
CA SER NA 110 77.50 37.61 -53.70
C SER NA 110 77.12 37.73 -52.22
N LEU NA 111 75.87 38.14 -51.95
CA LEU NA 111 75.39 38.37 -50.58
C LEU NA 111 74.80 37.10 -49.96
N VAL NA 112 75.25 36.78 -48.75
CA VAL NA 112 74.82 35.59 -48.02
C VAL NA 112 74.18 36.04 -46.74
N ILE NA 113 72.97 35.54 -46.49
CA ILE NA 113 72.28 35.74 -45.22
C ILE NA 113 72.95 34.91 -44.11
N GLU NA 114 73.47 35.63 -43.11
CA GLU NA 114 74.40 35.10 -42.13
C GLU NA 114 73.77 35.22 -40.76
N HIS NA 115 73.62 36.44 -40.24
CA HIS NA 115 72.91 36.57 -38.98
C HIS NA 115 71.39 36.69 -39.30
N ILE NA 116 70.52 35.92 -38.61
CA ILE NA 116 69.04 36.19 -38.57
C ILE NA 116 68.27 35.79 -37.25
N GLN NA 117 67.41 36.69 -36.78
CA GLN NA 117 66.89 36.71 -35.40
C GLN NA 117 65.40 36.87 -35.48
N VAL NA 118 64.67 36.29 -34.55
CA VAL NA 118 63.23 36.53 -34.47
C VAL NA 118 62.82 36.56 -33.01
N ASN NA 119 62.53 37.74 -32.46
CA ASN NA 119 62.18 37.91 -31.02
C ASN NA 119 60.68 37.95 -30.90
N LYS NA 120 60.15 37.54 -29.75
CA LYS NA 120 58.75 37.79 -29.44
C LYS NA 120 58.52 39.27 -29.28
N ALA NA 121 57.26 39.70 -29.43
CA ALA NA 121 56.87 41.10 -29.34
C ALA NA 121 55.85 41.38 -28.28
N PRO NA 122 55.69 42.66 -27.90
CA PRO NA 122 54.63 42.96 -26.97
C PRO NA 122 53.31 42.64 -27.65
N LYS NA 123 52.50 41.81 -27.01
CA LYS NA 123 51.39 41.18 -27.67
C LYS NA 123 50.21 42.12 -27.76
N MET NA 124 49.37 41.91 -28.76
CA MET NA 124 48.15 42.69 -28.90
C MET NA 124 47.07 41.97 -28.11
N ARG NA 125 45.94 42.64 -27.89
CA ARG NA 125 44.79 42.06 -27.16
C ARG NA 125 43.50 42.04 -27.95
N ARG NA 126 42.86 40.88 -28.03
CA ARG NA 126 41.42 40.85 -28.22
C ARG NA 126 40.80 39.90 -27.22
N ARG NA 127 39.47 39.87 -27.25
CA ARG NA 127 38.68 39.14 -26.29
C ARG NA 127 37.81 38.27 -27.17
N THR NA 128 37.84 36.96 -26.93
CA THR NA 128 36.76 36.11 -27.45
C THR NA 128 35.92 35.83 -26.26
N TYR NA 129 34.65 35.58 -26.56
CA TYR NA 129 33.65 35.44 -25.56
C TYR NA 129 33.19 34.03 -25.64
N ARG NA 130 33.09 33.43 -24.47
CA ARG NA 130 33.01 31.99 -24.34
C ARG NA 130 32.00 31.56 -23.32
N ALA NA 131 31.59 30.31 -23.47
CA ALA NA 131 30.35 29.81 -22.90
C ALA NA 131 30.29 30.04 -21.40
N HIS NA 132 29.07 30.32 -20.93
CA HIS NA 132 28.79 30.73 -19.57
C HIS NA 132 29.46 32.07 -19.20
N GLY NA 133 29.42 33.04 -20.09
CA GLY NA 133 29.92 34.38 -19.79
C GLY NA 133 31.41 34.50 -19.49
N ARG NA 134 32.17 33.47 -19.82
CA ARG NA 134 33.63 33.51 -19.71
C ARG NA 134 34.14 34.42 -20.81
N ILE NA 135 35.17 35.21 -20.50
CA ILE NA 135 35.83 35.97 -21.53
C ILE NA 135 37.31 35.74 -21.48
N ASN NA 136 37.81 35.22 -22.59
CA ASN NA 136 39.17 34.77 -22.69
C ASN NA 136 39.88 35.67 -23.62
N PRO NA 137 41.21 35.75 -23.47
CA PRO NA 137 41.99 36.55 -24.38
C PRO NA 137 42.09 35.85 -25.75
N TYR NA 138 41.35 36.39 -26.73
CA TYR NA 138 41.53 35.99 -28.14
C TYR NA 138 42.77 36.91 -28.60
N MET NA 139 44.02 36.47 -28.30
CA MET NA 139 45.30 37.31 -28.44
C MET NA 139 46.28 36.92 -29.58
N SER NA 140 47.25 37.81 -29.87
CA SER NA 140 48.19 37.68 -31.02
C SER NA 140 49.68 37.62 -30.60
N SER NA 141 50.60 37.39 -31.55
CA SER NA 141 52.06 37.19 -31.23
C SER NA 141 53.06 37.62 -32.34
N PRO NA 142 53.43 38.90 -32.36
CA PRO NA 142 54.33 39.51 -33.36
C PRO NA 142 55.86 39.42 -33.09
N CYS NA 143 56.71 40.06 -33.93
CA CYS NA 143 58.21 39.88 -33.94
C CYS NA 143 59.14 41.13 -34.03
N HIS NA 144 60.40 41.03 -33.57
CA HIS NA 144 61.50 42.02 -33.92
C HIS NA 144 62.47 41.24 -34.77
N ILE NA 145 62.03 40.99 -36.00
CA ILE NA 145 62.84 40.25 -36.96
C ILE NA 145 63.98 41.15 -37.33
N GLU NA 146 65.18 40.58 -37.35
CA GLU NA 146 66.34 41.32 -37.79
C GLU NA 146 67.37 40.39 -38.42
N MET NA 147 68.09 40.92 -39.42
CA MET NA 147 69.02 40.11 -40.22
C MET NA 147 70.21 40.89 -40.73
N ILE NA 148 71.32 40.18 -40.94
CA ILE NA 148 72.59 40.74 -41.42
C ILE NA 148 73.14 39.92 -42.56
N LEU NA 149 73.22 40.53 -43.73
CA LEU NA 149 73.80 39.86 -44.89
C LEU NA 149 75.25 40.24 -45.01
N THR NA 150 76.06 39.30 -45.47
CA THR NA 150 77.50 39.46 -45.62
C THR NA 150 77.82 39.26 -47.10
N GLU NA 151 79.00 39.71 -47.53
CA GLU NA 151 79.58 39.33 -48.83
C GLU NA 151 80.51 38.14 -48.67
N LYS NA 152 80.07 36.97 -49.12
CA LYS NA 152 80.85 35.75 -48.95
C LYS NA 152 80.94 35.06 -50.30
N GLU NA 153 82.12 35.11 -50.92
CA GLU NA 153 82.41 34.36 -52.13
C GLU NA 153 83.93 34.28 -52.39
N MET OA 1 24.02 -28.97 -69.11
CA MET OA 1 23.45 -27.66 -68.67
C MET OA 1 22.16 -27.34 -69.43
N LYS OA 2 21.13 -26.91 -68.69
CA LYS OA 2 19.85 -26.56 -69.29
C LYS OA 2 19.79 -25.04 -69.49
N VAL OA 3 19.58 -24.62 -70.73
CA VAL OA 3 19.37 -23.21 -71.05
C VAL OA 3 17.88 -23.02 -71.12
N GLU OA 4 17.40 -22.15 -70.24
CA GLU OA 4 15.99 -22.04 -70.00
C GLU OA 4 15.54 -20.60 -70.26
N LEU OA 5 14.27 -20.43 -70.63
CA LEU OA 5 13.71 -19.12 -70.98
C LEU OA 5 13.20 -18.37 -69.76
N CYS OA 6 13.41 -17.05 -69.77
CA CYS OA 6 12.92 -16.16 -68.73
C CYS OA 6 11.43 -15.99 -68.91
N SER OA 7 10.73 -16.12 -67.80
CA SER OA 7 9.32 -16.36 -67.85
C SER OA 7 8.57 -15.25 -68.48
N PHE OA 8 8.98 -14.00 -68.26
CA PHE OA 8 8.29 -12.93 -68.97
C PHE OA 8 9.15 -12.23 -70.04
N SER OA 9 10.43 -11.98 -69.80
CA SER OA 9 11.23 -11.38 -70.89
C SER OA 9 11.34 -12.23 -72.17
N GLY OA 10 11.32 -13.56 -72.02
CA GLY OA 10 11.46 -14.49 -73.15
C GLY OA 10 12.91 -14.71 -73.57
N TYR OA 11 13.81 -14.18 -72.77
CA TYR OA 11 15.24 -14.13 -73.02
C TYR OA 11 15.90 -15.43 -72.49
N LYS OA 12 17.16 -15.73 -72.87
CA LYS OA 12 17.84 -16.98 -72.41
C LYS OA 12 18.47 -16.85 -71.04
N ILE OA 13 17.86 -17.43 -70.02
CA ILE OA 13 18.54 -17.59 -68.74
C ILE OA 13 19.57 -18.67 -68.92
N TYR OA 14 20.79 -18.37 -68.48
CA TYR OA 14 21.93 -19.24 -68.64
C TYR OA 14 22.31 -19.81 -67.26
N PRO OA 15 23.16 -20.86 -67.21
CA PRO OA 15 23.38 -21.60 -65.95
C PRO OA 15 23.78 -20.76 -64.74
N GLY OA 16 24.73 -19.85 -64.92
CA GLY OA 16 25.28 -19.10 -63.81
C GLY OA 16 24.28 -18.31 -62.98
N HIS OA 17 23.20 -17.83 -63.62
CA HIS OA 17 22.55 -16.60 -63.19
C HIS OA 17 21.07 -16.59 -63.35
N GLY OA 18 20.47 -15.54 -62.81
CA GLY OA 18 19.03 -15.42 -62.75
C GLY OA 18 18.51 -16.02 -61.45
N ARG OA 19 17.23 -16.33 -61.47
CA ARG OA 19 16.48 -16.61 -60.26
C ARG OA 19 15.15 -17.22 -60.66
N ARG OA 20 14.43 -17.82 -59.71
CA ARG OA 20 13.43 -18.83 -60.06
C ARG OA 20 12.10 -18.76 -59.24
N TYR OA 21 11.12 -17.99 -59.73
CA TYR OA 21 9.83 -17.75 -58.98
C TYR OA 21 9.04 -19.05 -58.98
N ALA OA 22 8.52 -19.45 -57.81
CA ALA OA 22 7.66 -20.65 -57.71
C ALA OA 22 6.49 -20.49 -56.71
N ARG OA 23 5.30 -20.30 -57.27
CA ARG OA 23 4.14 -19.81 -56.53
C ARG OA 23 3.47 -21.02 -55.82
N THR OA 24 2.65 -20.74 -54.81
CA THR OA 24 1.98 -21.77 -54.00
C THR OA 24 1.04 -22.69 -54.74
N ASP OA 25 0.45 -22.21 -55.83
CA ASP OA 25 -0.36 -23.07 -56.69
C ASP OA 25 0.44 -24.28 -57.20
N GLY OA 26 1.76 -24.07 -57.33
CA GLY OA 26 2.68 -25.12 -57.69
C GLY OA 26 3.07 -25.04 -59.15
N LYS OA 27 3.62 -23.89 -59.55
CA LYS OA 27 4.37 -23.81 -60.81
C LYS OA 27 5.34 -22.63 -60.83
N VAL OA 28 6.32 -22.73 -61.74
CA VAL OA 28 7.63 -22.08 -61.58
C VAL OA 28 8.02 -21.19 -62.79
N PHE OA 29 8.25 -19.90 -62.52
CA PHE OA 29 8.57 -18.85 -63.53
C PHE OA 29 9.97 -18.39 -63.20
N GLN OA 30 10.90 -18.49 -64.15
CA GLN OA 30 12.30 -18.11 -63.90
C GLN OA 30 12.55 -16.76 -64.47
N PHE OA 31 13.11 -15.82 -63.71
CA PHE OA 31 13.47 -14.54 -64.33
C PHE OA 31 14.95 -14.36 -64.29
N LEU OA 32 15.40 -13.51 -65.19
CA LEU OA 32 16.78 -13.34 -65.54
C LEU OA 32 17.45 -12.20 -64.74
N ASN OA 33 16.64 -11.23 -64.30
CA ASN OA 33 17.09 -10.05 -63.55
C ASN OA 33 16.08 -9.75 -62.46
N ALA OA 34 16.45 -8.84 -61.57
CA ALA OA 34 15.48 -8.26 -60.64
C ALA OA 34 14.53 -7.28 -61.36
N LYS OA 35 14.93 -6.81 -62.53
CA LYS OA 35 14.06 -6.07 -63.46
C LYS OA 35 12.78 -6.82 -63.85
N CYS OA 36 12.95 -8.06 -64.27
CA CYS OA 36 11.82 -8.94 -64.59
C CYS OA 36 11.19 -9.51 -63.32
N GLU OA 37 12.00 -9.81 -62.30
CA GLU OA 37 11.49 -10.30 -61.01
C GLU OA 37 10.66 -9.24 -60.25
N SER OA 38 10.91 -7.96 -60.51
CA SER OA 38 10.06 -6.87 -59.99
C SER OA 38 8.83 -6.74 -60.85
N ALA OA 39 9.04 -6.71 -62.15
CA ALA OA 39 7.95 -6.48 -63.10
C ALA OA 39 6.99 -7.68 -63.24
N PHE OA 40 7.45 -8.89 -62.90
CA PHE OA 40 6.55 -10.05 -62.83
C PHE OA 40 5.64 -9.89 -61.62
N LEU OA 41 6.27 -9.76 -60.45
CA LEU OA 41 5.58 -9.61 -59.16
C LEU OA 41 4.64 -8.42 -59.10
N SER OA 42 5.06 -7.31 -59.69
CA SER OA 42 4.23 -6.13 -59.81
C SER OA 42 3.19 -6.23 -60.93
N LYS OA 43 3.13 -7.40 -61.58
CA LYS OA 43 1.93 -7.87 -62.27
C LYS OA 43 1.73 -7.22 -63.64
N ARG OA 44 2.78 -6.61 -64.19
CA ARG OA 44 2.71 -6.06 -65.53
C ARG OA 44 2.62 -7.15 -66.57
N ASN OA 45 2.01 -6.79 -67.69
CA ASN OA 45 1.79 -7.71 -68.77
C ASN OA 45 3.00 -7.62 -69.66
N PRO OA 46 3.59 -8.77 -70.03
CA PRO OA 46 4.79 -8.67 -70.84
C PRO OA 46 4.56 -8.08 -72.23
N ARG OA 47 3.32 -8.10 -72.71
CA ARG OA 47 3.05 -7.71 -74.08
C ARG OA 47 2.69 -6.22 -74.23
N GLN OA 48 2.81 -5.46 -73.16
CA GLN OA 48 2.85 -4.01 -73.26
C GLN OA 48 4.26 -3.50 -73.02
N ILE OA 49 5.00 -4.14 -72.12
CA ILE OA 49 6.42 -3.84 -71.93
C ILE OA 49 7.16 -4.27 -73.18
N ASN OA 50 8.12 -3.46 -73.57
CA ASN OA 50 8.49 -3.32 -74.95
C ASN OA 50 9.93 -3.81 -75.29
N TRP OA 51 10.75 -4.23 -74.30
CA TRP OA 51 11.85 -5.19 -74.61
C TRP OA 51 11.35 -6.54 -74.95
N THR OA 52 10.34 -6.98 -74.22
CA THR OA 52 9.99 -8.39 -74.16
C THR OA 52 9.98 -9.03 -75.53
N VAL OA 53 10.65 -10.17 -75.64
CA VAL OA 53 10.52 -11.01 -76.81
C VAL OA 53 9.04 -11.14 -77.11
N LEU OA 54 8.25 -11.38 -76.06
CA LEU OA 54 6.83 -11.61 -76.20
C LEU OA 54 6.06 -10.54 -76.96
N TYR OA 55 6.27 -9.23 -76.71
CA TYR OA 55 5.63 -8.24 -77.60
C TYR OA 55 6.40 -8.01 -78.87
N ARG OA 56 7.72 -7.90 -78.81
CA ARG OA 56 8.46 -7.75 -80.06
C ARG OA 56 7.94 -8.79 -81.12
N ARG OA 57 7.44 -9.94 -80.65
CA ARG OA 57 6.63 -10.88 -81.47
C ARG OA 57 5.21 -10.41 -81.77
N LYS OA 58 4.47 -10.02 -80.74
CA LYS OA 58 3.11 -9.46 -80.87
C LYS OA 58 2.95 -8.46 -82.00
N HIS OA 59 3.70 -7.35 -82.00
CA HIS OA 59 3.59 -6.37 -83.10
C HIS OA 59 4.63 -6.63 -84.21
N LYS OA 60 4.99 -7.90 -84.41
CA LYS OA 60 5.67 -8.39 -85.62
C LYS OA 60 6.96 -7.64 -85.97
N LYS OA 61 7.68 -7.20 -84.94
CA LYS OA 61 8.90 -6.42 -85.14
C LYS OA 61 10.09 -7.31 -85.46
N GLY OA 62 11.16 -6.66 -85.92
CA GLY OA 62 12.36 -7.37 -86.32
C GLY OA 62 12.15 -8.22 -87.56
N GLN OA 63 13.14 -9.08 -87.81
CA GLN OA 63 13.16 -10.00 -88.95
C GLN OA 63 13.14 -9.25 -90.29
N THR PA 1 14.57 30.35 -17.73
CA THR PA 1 14.47 31.60 -18.56
C THR PA 1 14.55 32.91 -17.77
N LYS PA 2 15.36 32.94 -16.71
CA LYS PA 2 15.40 34.09 -15.80
C LYS PA 2 16.71 34.76 -15.94
N GLY PA 3 17.24 34.71 -17.15
CA GLY PA 3 18.63 35.04 -17.40
C GLY PA 3 18.89 34.84 -18.87
N THR PA 4 19.50 35.84 -19.49
CA THR PA 4 19.60 35.93 -20.92
C THR PA 4 18.20 36.09 -21.54
N SER PA 5 17.35 35.09 -21.49
CA SER PA 5 16.00 35.25 -22.01
C SER PA 5 15.13 36.30 -21.30
N SER PA 6 15.50 36.70 -20.09
CA SER PA 6 14.87 37.84 -19.41
C SER PA 6 15.74 39.08 -19.38
N PHE PA 7 17.07 38.93 -19.53
CA PHE PA 7 17.96 40.11 -19.73
C PHE PA 7 17.71 40.55 -21.16
N GLY PA 8 16.44 40.85 -21.42
CA GLY PA 8 15.90 40.92 -22.74
C GLY PA 8 14.82 41.95 -22.78
N LYS PA 9 13.72 41.68 -22.08
CA LYS PA 9 12.60 42.63 -22.01
C LYS PA 9 12.79 43.67 -20.92
N ARG PA 10 13.77 44.55 -21.12
CA ARG PA 10 14.18 45.50 -20.12
C ARG PA 10 14.03 46.91 -20.71
N ARG PA 11 12.81 47.21 -21.18
CA ARG PA 11 12.57 48.43 -21.94
C ARG PA 11 12.35 49.65 -21.04
N ASN PA 12 11.72 49.48 -19.89
CA ASN PA 12 11.01 50.58 -19.25
C ASN PA 12 11.65 51.01 -17.97
N LYS PA 13 11.64 52.31 -17.71
CA LYS PA 13 12.49 52.92 -16.69
C LYS PA 13 11.91 53.14 -15.30
N THR PA 14 12.70 52.79 -14.28
CA THR PA 14 12.40 53.14 -12.91
C THR PA 14 13.02 54.46 -12.56
N HIS PA 15 14.32 54.55 -12.79
CA HIS PA 15 15.07 55.70 -12.34
C HIS PA 15 15.21 56.70 -13.46
N THR PA 16 15.34 57.96 -13.08
CA THR PA 16 15.68 59.04 -14.00
C THR PA 16 16.45 60.12 -13.23
N LEU PA 17 16.60 61.30 -13.81
CA LEU PA 17 17.49 62.30 -13.24
C LEU PA 17 16.79 63.17 -12.21
N CYS PA 18 17.40 63.22 -11.03
CA CYS PA 18 16.95 64.03 -9.93
C CYS PA 18 17.30 65.48 -10.19
N ARG PA 19 16.38 66.37 -9.86
CA ARG PA 19 16.59 67.79 -10.06
C ARG PA 19 17.29 68.50 -8.88
N ARG PA 20 17.53 67.78 -7.79
CA ARG PA 20 18.32 68.29 -6.67
C ARG PA 20 19.71 67.64 -6.65
N CYS PA 21 19.74 66.29 -6.65
CA CYS PA 21 20.98 65.52 -6.58
C CYS PA 21 21.82 65.76 -7.80
N GLY PA 22 21.22 65.51 -8.96
CA GLY PA 22 21.96 65.35 -10.22
C GLY PA 22 22.02 63.90 -10.66
N SER PA 23 22.10 63.00 -9.69
CA SER PA 23 22.10 61.55 -9.92
C SER PA 23 20.90 61.06 -10.70
N LYS PA 24 21.05 59.83 -11.16
CA LYS PA 24 20.06 59.11 -11.92
C LYS PA 24 19.35 58.22 -10.91
N ALA PA 25 18.48 58.82 -10.11
CA ALA PA 25 17.68 58.08 -9.13
C ALA PA 25 16.25 58.61 -8.85
N TYR PA 26 15.66 59.48 -9.70
CA TYR PA 26 14.22 59.70 -9.53
C TYR PA 26 13.54 58.36 -9.73
N HIS PA 27 12.91 57.85 -8.68
CA HIS PA 27 11.86 56.87 -8.89
C HIS PA 27 10.65 57.53 -9.52
N LEU PA 28 10.30 57.13 -10.74
CA LEU PA 28 9.17 57.73 -11.40
C LEU PA 28 7.86 57.33 -10.74
N GLN PA 29 7.79 56.09 -10.25
CA GLN PA 29 6.59 55.60 -9.57
C GLN PA 29 6.42 56.25 -8.20
N LYS PA 30 7.40 56.07 -7.32
CA LYS PA 30 7.29 56.61 -5.96
C LYS PA 30 7.41 58.11 -5.91
N SER PA 31 8.06 58.71 -6.90
CA SER PA 31 8.37 60.13 -6.88
C SER PA 31 9.08 60.56 -5.57
N THR PA 32 9.94 59.68 -5.08
CA THR PA 32 10.97 59.99 -4.09
C THR PA 32 12.28 59.60 -4.75
N CYS PA 33 13.34 60.37 -4.55
CA CYS PA 33 14.56 60.14 -5.29
C CYS PA 33 15.28 58.89 -4.79
N GLY PA 34 15.62 58.87 -3.51
CA GLY PA 34 16.41 57.76 -2.96
C GLY PA 34 17.90 57.85 -3.22
N LYS PA 35 18.42 59.03 -3.52
CA LYS PA 35 19.82 59.37 -3.20
C LYS PA 35 19.84 60.49 -2.18
N CYS PA 36 19.16 61.60 -2.49
CA CYS PA 36 18.84 62.63 -1.50
C CYS PA 36 17.44 62.46 -0.90
N GLY PA 37 16.48 61.95 -1.69
CA GLY PA 37 15.05 61.94 -1.31
C GLY PA 37 14.44 63.32 -1.46
N TYR PA 38 13.61 63.53 -2.48
CA TYR PA 38 13.27 64.88 -2.89
C TYR PA 38 12.18 65.56 -2.16
N PRO PA 39 10.95 65.04 -2.27
CA PRO PA 39 9.92 65.86 -1.65
C PRO PA 39 10.30 66.14 -0.19
N ALA PA 40 10.91 65.14 0.47
CA ALA PA 40 11.60 65.33 1.73
C ALA PA 40 12.48 66.59 1.66
N LYS PA 41 12.06 67.59 2.42
CA LYS PA 41 12.75 68.88 2.48
C LYS PA 41 14.24 68.72 2.73
N ARG PA 42 14.57 67.84 3.67
CA ARG PA 42 15.94 67.59 4.09
C ARG PA 42 16.65 66.53 3.25
N LYS PA 43 17.95 66.74 3.00
CA LYS PA 43 18.81 65.76 2.33
C LYS PA 43 18.82 64.48 3.14
N ARG PA 44 18.87 63.34 2.45
CA ARG PA 44 19.21 62.10 3.10
C ARG PA 44 20.70 61.91 3.04
N LYS PA 45 21.38 62.60 3.95
CA LYS PA 45 22.71 62.19 4.37
C LYS PA 45 22.47 61.31 5.54
N TYR PA 46 23.52 60.67 5.99
CA TYR PA 46 23.33 59.38 6.57
C TYR PA 46 24.66 58.87 7.19
N ASN PA 47 24.73 58.85 8.54
CA ASN PA 47 25.98 58.74 9.40
C ASN PA 47 26.59 57.36 9.34
N TRP PA 48 26.40 56.78 8.20
CA TRP PA 48 25.80 55.50 8.10
C TRP PA 48 26.71 54.62 7.22
N SER PA 49 27.11 55.24 6.09
CA SER PA 49 28.30 54.94 5.30
C SER PA 49 29.00 56.29 5.14
N ALA PA 50 30.11 56.46 5.84
CA ALA PA 50 30.86 57.73 5.78
C ALA PA 50 31.47 57.93 4.41
N LYS PA 51 31.59 56.84 3.66
CA LYS PA 51 32.03 56.89 2.28
C LYS PA 51 31.11 57.72 1.39
N ALA PA 52 29.81 57.43 1.45
CA ALA PA 52 28.81 58.13 0.64
C ALA PA 52 28.50 59.54 1.11
N LYS PA 53 28.91 59.84 2.34
CA LYS PA 53 28.87 61.19 2.84
C LYS PA 53 29.97 61.99 2.15
N ARG PA 54 31.21 61.51 2.19
CA ARG PA 54 32.36 62.27 1.64
C ARG PA 54 32.41 62.31 0.10
N ARG PA 55 31.38 61.78 -0.56
CA ARG PA 55 31.15 62.02 -1.98
C ARG PA 55 30.36 63.30 -2.33
N ASN PA 56 29.66 63.87 -1.35
CA ASN PA 56 28.94 65.14 -1.58
C ASN PA 56 28.72 65.91 -0.30
N THR PA 57 29.77 66.62 0.10
CA THR PA 57 29.73 67.54 1.23
C THR PA 57 30.44 68.82 0.86
N THR PA 58 30.05 69.89 1.53
CA THR PA 58 30.80 71.13 1.53
C THR PA 58 32.27 70.81 1.26
N GLY PA 59 32.74 71.17 0.08
CA GLY PA 59 34.10 70.86 -0.33
C GLY PA 59 34.10 70.33 -1.73
N THR PA 60 33.32 69.28 -1.97
CA THR PA 60 33.32 68.58 -3.25
C THR PA 60 32.86 69.45 -4.42
N GLY PA 61 31.92 70.36 -4.16
CA GLY PA 61 31.32 71.18 -5.20
C GLY PA 61 32.20 72.32 -5.65
N ARG PA 62 31.58 73.48 -5.85
CA ARG PA 62 32.29 74.72 -6.15
C ARG PA 62 32.51 75.55 -4.92
N MET PA 63 31.49 75.64 -4.08
CA MET PA 63 31.49 76.50 -2.93
C MET PA 63 31.52 77.97 -3.38
N ARG PA 64 30.69 78.30 -4.35
CA ARG PA 64 30.69 79.64 -4.94
C ARG PA 64 30.04 80.76 -4.10
N HIS PA 65 29.01 80.51 -3.24
CA HIS PA 65 28.92 81.46 -2.11
C HIS PA 65 30.19 81.19 -1.29
N LEU PA 66 30.28 80.00 -0.70
CA LEU PA 66 31.14 79.77 0.47
C LEU PA 66 32.61 80.18 0.32
N LYS PA 67 33.32 79.69 -0.69
CA LYS PA 67 34.79 79.95 -0.83
C LYS PA 67 35.19 81.42 -0.72
N ILE PA 68 34.31 82.35 -1.08
CA ILE PA 68 34.60 83.77 -0.88
C ILE PA 68 34.07 84.34 0.45
N VAL PA 69 33.46 83.51 1.28
CA VAL PA 69 33.18 83.91 2.66
C VAL PA 69 34.51 83.98 3.35
N TYR PA 70 35.20 82.85 3.34
CA TYR PA 70 36.34 82.66 4.20
C TYR PA 70 37.42 83.63 3.75
N ARG PA 71 37.39 84.02 2.49
CA ARG PA 71 38.16 85.15 2.04
C ARG PA 71 37.86 86.38 2.87
N ARG PA 72 36.60 86.77 2.84
CA ARG PA 72 36.14 88.01 3.43
C ARG PA 72 36.47 88.07 4.92
N PHE PA 73 36.25 86.96 5.64
CA PHE PA 73 36.63 86.92 7.05
C PHE PA 73 38.09 87.22 7.27
N ARG PA 74 38.96 86.37 6.67
CA ARG PA 74 40.43 86.41 6.86
C ARG PA 74 40.87 87.83 7.13
N HIS PA 75 40.38 88.67 6.25
CA HIS PA 75 40.81 90.00 6.11
C HIS PA 75 39.87 90.93 6.91
N GLY PA 76 38.63 90.52 7.20
CA GLY PA 76 37.83 91.16 8.28
C GLY PA 76 36.34 91.53 8.11
N PHE PA 77 35.72 91.14 6.99
CA PHE PA 77 34.29 91.34 6.69
C PHE PA 77 33.76 92.77 6.42
N ARG PA 78 34.64 93.76 6.21
CA ARG PA 78 34.23 95.15 5.91
C ARG PA 78 33.46 95.23 4.60
N GLU PA 79 32.74 96.34 4.43
CA GLU PA 79 32.08 96.66 3.15
C GLU PA 79 31.83 98.14 2.94
N GLY PA 80 31.44 98.49 1.71
CA GLY PA 80 31.13 99.86 1.34
C GLY PA 80 32.29 100.81 1.56
N ILE PA 81 33.50 100.31 1.32
CA ILE PA 81 34.71 101.10 1.42
C ILE PA 81 35.67 100.58 0.35
N THR PA 82 36.37 101.52 -0.28
CA THR PA 82 37.18 101.22 -1.44
C THR PA 82 38.60 101.70 -1.12
N PRO PA 83 39.64 100.95 -1.52
CA PRO PA 83 41.01 101.38 -1.15
C PRO PA 83 41.35 102.79 -1.64
N LYS PA 84 42.19 103.48 -0.88
CA LYS PA 84 42.53 104.87 -1.16
C LYS PA 84 43.02 105.00 -2.61
N PRO PA 85 42.41 105.89 -3.41
CA PRO PA 85 42.74 105.99 -4.84
C PRO PA 85 44.04 106.74 -5.18
N LYS PA 86 44.34 106.82 -6.48
CA LYS PA 86 45.56 107.46 -6.99
C LYS PA 86 45.25 108.86 -7.54
N ARG QA 1 -43.65 -15.14 6.31
CA ARG QA 1 -44.68 -14.20 5.75
C ARG QA 1 -44.43 -14.04 4.22
N ALA QA 2 -45.47 -13.58 3.51
CA ALA QA 2 -45.35 -13.10 2.13
C ALA QA 2 -44.51 -11.82 2.04
N LYS QA 3 -44.99 -10.72 2.66
CA LYS QA 3 -44.33 -9.39 2.63
C LYS QA 3 -42.81 -9.49 2.86
N TRP QA 4 -42.35 -10.38 3.78
CA TRP QA 4 -40.90 -10.54 4.10
C TRP QA 4 -40.15 -11.61 3.28
N ARG QA 5 -40.74 -12.12 2.19
CA ARG QA 5 -39.95 -12.85 1.18
C ARG QA 5 -39.89 -12.12 -0.18
N LYS QA 6 -40.98 -11.44 -0.56
CA LYS QA 6 -40.97 -10.44 -1.66
C LYS QA 6 -39.88 -9.39 -1.33
N LYS QA 7 -39.68 -9.10 -0.04
CA LYS QA 7 -38.61 -8.19 0.44
C LYS QA 7 -37.24 -8.86 0.57
N ARG QA 8 -37.21 -10.18 0.72
CA ARG QA 8 -35.98 -10.97 0.56
C ARG QA 8 -35.40 -10.89 -0.85
N MET QA 9 -36.20 -11.28 -1.83
CA MET QA 9 -35.82 -11.26 -3.25
C MET QA 9 -35.48 -9.86 -3.79
N ARG QA 10 -36.26 -8.85 -3.43
CA ARG QA 10 -35.97 -7.45 -3.83
C ARG QA 10 -34.70 -6.87 -3.13
N ARG QA 11 -34.14 -7.59 -2.13
CA ARG QA 11 -32.74 -7.37 -1.60
C ARG QA 11 -31.70 -8.25 -2.30
N LEU QA 12 -32.08 -9.50 -2.58
CA LEU QA 12 -31.20 -10.48 -3.21
C LEU QA 12 -30.89 -10.18 -4.69
N LYS QA 13 -31.90 -9.81 -5.46
CA LYS QA 13 -31.72 -9.43 -6.87
C LYS QA 13 -30.82 -8.21 -6.97
N ARG QA 14 -31.04 -7.25 -6.08
CA ARG QA 14 -30.23 -6.05 -6.00
C ARG QA 14 -28.74 -6.38 -5.77
N LYS QA 15 -28.44 -7.51 -5.12
CA LYS QA 15 -27.07 -8.06 -5.06
C LYS QA 15 -26.54 -8.67 -6.35
N ARG QA 16 -27.41 -9.24 -7.18
CA ARG QA 16 -27.02 -9.73 -8.52
C ARG QA 16 -26.83 -8.63 -9.55
N ARG QA 17 -27.61 -7.54 -9.48
CA ARG QA 17 -27.29 -6.30 -10.23
C ARG QA 17 -25.84 -5.90 -9.91
N LYS QA 18 -25.59 -5.69 -8.62
CA LYS QA 18 -24.28 -5.24 -8.11
C LYS QA 18 -23.15 -6.20 -8.50
N MET QA 19 -23.37 -7.50 -8.29
CA MET QA 19 -22.40 -8.54 -8.69
C MET QA 19 -22.14 -8.55 -10.19
N ARG QA 20 -23.21 -8.47 -10.97
CA ARG QA 20 -23.13 -8.51 -12.43
C ARG QA 20 -22.41 -7.31 -13.00
N GLN QA 21 -22.83 -6.13 -12.57
CA GLN QA 21 -22.37 -4.86 -13.15
C GLN QA 21 -20.86 -4.68 -13.07
N ARG QA 22 -20.21 -5.27 -12.05
CA ARG QA 22 -18.72 -5.37 -12.00
C ARG QA 22 -18.13 -5.89 -13.31
N SER QA 23 -18.81 -6.87 -13.90
CA SER QA 23 -18.40 -7.50 -15.16
C SER QA 23 -19.51 -7.41 -16.23
N ALA RA 1 -38.42 15.32 -29.00
CA ALA RA 1 -37.45 14.18 -28.97
C ALA RA 1 -36.58 14.04 -30.25
N LYS RA 2 -36.92 14.75 -31.34
CA LYS RA 2 -36.02 14.85 -32.49
C LYS RA 2 -34.85 15.72 -32.08
N ARG RA 3 -33.69 15.47 -32.70
CA ARG RA 3 -32.41 16.06 -32.30
C ARG RA 3 -31.88 15.30 -31.09
N THR RA 4 -32.48 15.51 -29.92
CA THR RA 4 -32.03 14.86 -28.67
C THR RA 4 -33.21 14.26 -27.93
N LYS RA 5 -32.95 13.20 -27.18
CA LYS RA 5 -33.96 12.62 -26.30
C LYS RA 5 -34.32 13.48 -25.12
N LYS RA 6 -33.34 13.81 -24.27
CA LYS RA 6 -33.62 14.52 -23.03
C LYS RA 6 -32.41 15.29 -22.53
N VAL RA 7 -32.04 16.29 -23.32
CA VAL RA 7 -31.09 17.31 -22.86
C VAL RA 7 -31.57 18.73 -23.16
N GLY RA 8 -32.21 18.93 -24.32
CA GLY RA 8 -32.72 20.23 -24.70
C GLY RA 8 -31.64 21.28 -24.60
N ILE RA 9 -31.98 22.42 -24.01
CA ILE RA 9 -31.03 23.52 -23.81
C ILE RA 9 -29.63 23.07 -23.36
N VAL RA 10 -29.51 22.09 -22.47
CA VAL RA 10 -28.18 21.67 -21.94
C VAL RA 10 -27.46 20.57 -22.74
N GLY RA 11 -27.69 20.53 -24.04
CA GLY RA 11 -26.85 19.74 -24.94
C GLY RA 11 -25.56 20.48 -25.23
N LYS RA 12 -25.55 21.80 -25.02
CA LYS RA 12 -24.30 22.56 -25.06
C LYS RA 12 -23.34 22.17 -23.96
N TYR RA 13 -23.91 21.87 -22.82
CA TYR RA 13 -23.17 21.60 -21.61
C TYR RA 13 -22.52 20.22 -21.78
N GLY RA 14 -22.99 19.47 -22.78
CA GLY RA 14 -22.20 18.45 -23.46
C GLY RA 14 -22.09 17.17 -22.67
N THR RA 15 -20.93 16.52 -22.79
CA THR RA 15 -20.62 15.33 -22.01
C THR RA 15 -20.45 15.66 -20.55
N ARG RA 16 -19.97 16.86 -20.30
CA ARG RA 16 -19.35 17.20 -19.05
C ARG RA 16 -20.25 17.05 -17.85
N TYR RA 17 -19.62 17.30 -16.69
CA TYR RA 17 -20.20 18.16 -15.68
C TYR RA 17 -21.18 17.56 -14.66
N GLY RA 18 -21.91 16.53 -15.08
CA GLY RA 18 -22.75 15.72 -14.21
C GLY RA 18 -24.17 15.69 -14.71
N ALA RA 19 -24.78 14.51 -14.70
CA ALA RA 19 -26.20 14.34 -15.04
C ALA RA 19 -27.13 15.22 -14.19
N SER RA 20 -26.90 15.18 -12.88
CA SER RA 20 -27.78 15.82 -11.92
C SER RA 20 -27.57 17.32 -11.78
N LEU RA 21 -26.51 17.87 -12.39
CA LEU RA 21 -26.37 19.32 -12.46
C LEU RA 21 -26.84 19.86 -13.79
N ARG RA 22 -26.53 19.15 -14.89
CA ARG RA 22 -27.10 19.46 -16.20
C ARG RA 22 -28.61 19.46 -16.19
N LYS RA 23 -29.20 18.48 -15.49
CA LYS RA 23 -30.65 18.37 -15.39
C LYS RA 23 -31.24 19.47 -14.53
N MET RA 24 -30.63 19.73 -13.37
CA MET RA 24 -31.06 20.85 -12.50
C MET RA 24 -30.96 22.22 -13.21
N VAL RA 25 -29.91 22.41 -13.99
CA VAL RA 25 -29.70 23.62 -14.76
C VAL RA 25 -30.60 23.71 -15.97
N LYS RA 26 -31.15 22.60 -16.46
CA LYS RA 26 -32.06 22.70 -17.60
C LYS RA 26 -33.20 23.64 -17.26
N LYS RA 27 -33.99 23.28 -16.26
CA LYS RA 27 -35.20 24.05 -15.91
C LYS RA 27 -34.96 25.57 -15.90
N ILE RA 28 -33.91 25.93 -15.21
CA ILE RA 28 -33.32 27.25 -15.19
C ILE RA 28 -33.01 27.79 -16.59
N GLU RA 29 -32.11 27.12 -17.30
CA GLU RA 29 -31.59 27.60 -18.60
C GLU RA 29 -32.78 27.77 -19.58
N ILE RA 30 -33.89 27.04 -19.36
CA ILE RA 30 -35.14 27.30 -20.10
C ILE RA 30 -35.78 28.61 -19.64
N SER RA 31 -35.98 28.74 -18.33
CA SER RA 31 -36.70 29.89 -17.79
C SER RA 31 -35.96 31.23 -17.88
N GLN RA 32 -34.85 31.34 -18.62
CA GLN RA 32 -34.24 32.67 -18.80
C GLN RA 32 -33.90 33.17 -20.22
N HIS RA 33 -33.72 32.28 -21.18
CA HIS RA 33 -33.63 32.67 -22.63
C HIS RA 33 -35.08 32.41 -23.15
N ALA RA 34 -36.02 32.35 -22.19
CA ALA RA 34 -37.47 32.46 -22.41
C ALA RA 34 -37.89 33.87 -22.63
N LYS RA 35 -39.00 34.02 -23.39
CA LYS RA 35 -39.61 35.31 -23.71
C LYS RA 35 -41.04 35.34 -23.20
N TYR RA 36 -41.27 36.10 -22.14
CA TYR RA 36 -42.55 36.14 -21.43
C TYR RA 36 -43.49 37.21 -21.96
N THR RA 37 -44.76 37.12 -21.55
CA THR RA 37 -45.78 38.11 -21.94
C THR RA 37 -45.84 39.26 -20.96
N CYS RA 38 -45.64 40.45 -21.52
CA CYS RA 38 -45.67 41.71 -20.79
C CYS RA 38 -47.09 41.94 -20.27
N SER RA 39 -47.22 42.19 -18.97
CA SER RA 39 -48.50 42.48 -18.36
C SER RA 39 -48.94 43.95 -18.56
N PHE RA 40 -48.35 44.65 -19.53
CA PHE RA 40 -48.63 46.05 -19.81
C PHE RA 40 -49.12 46.11 -21.25
N CYS RA 41 -48.20 45.99 -22.21
CA CYS RA 41 -48.53 46.07 -23.63
C CYS RA 41 -49.24 44.82 -24.10
N GLY RA 42 -48.96 43.69 -23.43
CA GLY RA 42 -49.52 42.39 -23.80
C GLY RA 42 -48.58 41.51 -24.60
N LYS RA 43 -47.58 42.15 -25.22
CA LYS RA 43 -46.74 41.47 -26.20
C LYS RA 43 -45.77 40.49 -25.56
N THR RA 44 -45.34 39.51 -26.35
CA THR RA 44 -44.45 38.47 -25.88
C THR RA 44 -43.01 38.94 -26.07
N LYS RA 45 -42.64 39.86 -25.20
CA LYS RA 45 -41.38 40.60 -25.31
C LYS RA 45 -40.61 40.77 -24.00
N MET RA 46 -41.17 40.36 -22.86
CA MET RA 46 -40.39 40.39 -21.63
C MET RA 46 -39.21 39.46 -21.78
N LYS RA 47 -38.02 40.02 -21.74
CA LYS RA 47 -36.79 39.25 -21.85
C LYS RA 47 -35.91 39.68 -20.72
N ARG RA 48 -35.04 38.79 -20.28
CA ARG RA 48 -34.11 39.10 -19.19
C ARG RA 48 -32.85 39.85 -19.70
N ARG RA 49 -32.58 41.03 -19.16
CA ARG RA 49 -31.35 41.75 -19.46
C ARG RA 49 -30.18 41.13 -18.72
N ALA RA 50 -30.30 41.16 -17.40
CA ALA RA 50 -29.28 40.68 -16.49
C ALA RA 50 -30.01 40.31 -15.19
N VAL RA 51 -29.30 39.91 -14.14
CA VAL RA 51 -29.99 39.27 -13.01
C VAL RA 51 -31.04 40.15 -12.37
N GLY RA 52 -32.25 39.60 -12.27
CA GLY RA 52 -33.35 40.24 -11.61
C GLY RA 52 -33.95 41.41 -12.36
N ILE RA 53 -33.56 41.63 -13.62
CA ILE RA 53 -33.95 42.85 -14.33
C ILE RA 53 -34.37 42.52 -15.76
N TRP RA 54 -35.63 42.80 -16.07
CA TRP RA 54 -36.30 42.27 -17.24
C TRP RA 54 -36.90 43.36 -18.09
N HIS RA 55 -36.47 43.45 -19.34
CA HIS RA 55 -36.89 44.51 -20.23
C HIS RA 55 -37.95 43.99 -21.21
N CYS RA 56 -38.91 44.84 -21.58
CA CYS RA 56 -39.83 44.56 -22.71
C CYS RA 56 -39.48 45.44 -23.89
N GLY RA 57 -39.08 44.81 -24.99
CA GLY RA 57 -38.67 45.53 -26.20
C GLY RA 57 -39.66 46.61 -26.62
N SER RA 58 -40.93 46.20 -26.73
CA SER RA 58 -42.00 47.06 -27.25
C SER RA 58 -42.23 48.31 -26.39
N CYS RA 59 -42.91 48.13 -25.25
CA CYS RA 59 -43.33 49.25 -24.41
C CYS RA 59 -42.21 49.87 -23.58
N MET RA 60 -41.00 49.31 -23.64
CA MET RA 60 -39.85 49.85 -22.95
C MET RA 60 -40.00 49.92 -21.43
N LYS RA 61 -40.66 48.93 -20.87
CA LYS RA 61 -40.72 48.76 -19.43
C LYS RA 61 -39.60 47.81 -19.01
N THR RA 62 -38.80 48.27 -18.06
CA THR RA 62 -37.81 47.46 -17.38
C THR RA 62 -38.39 47.16 -16.01
N VAL RA 63 -38.31 45.89 -15.58
CA VAL RA 63 -38.97 45.45 -14.37
C VAL RA 63 -38.04 44.63 -13.51
N ALA RA 64 -37.96 44.97 -12.24
CA ALA RA 64 -37.16 44.22 -11.30
C ALA RA 64 -37.94 43.01 -10.89
N GLY RA 65 -37.84 42.00 -11.73
CA GLY RA 65 -38.45 40.73 -11.44
C GLY RA 65 -37.51 39.85 -10.62
N GLY RA 66 -37.74 38.55 -10.74
CA GLY RA 66 -37.00 37.56 -10.02
C GLY RA 66 -35.75 37.30 -10.79
N ALA RA 67 -34.92 36.41 -10.25
CA ALA RA 67 -33.56 36.27 -10.71
C ALA RA 67 -33.46 35.64 -12.10
N TRP RA 68 -33.97 34.42 -12.28
CA TRP RA 68 -34.18 33.89 -13.63
C TRP RA 68 -35.60 33.32 -13.79
N THR RA 69 -36.58 34.07 -13.27
CA THR RA 69 -38.00 34.10 -13.74
C THR RA 69 -38.56 35.51 -13.52
N TYR RA 70 -39.78 35.76 -14.02
CA TYR RA 70 -40.42 37.07 -13.85
C TYR RA 70 -40.67 37.25 -12.37
N ASN RA 71 -41.36 36.26 -11.82
CA ASN RA 71 -41.88 36.36 -10.50
C ASN RA 71 -41.43 35.17 -9.71
N THR RA 72 -40.63 35.42 -8.69
CA THR RA 72 -40.38 34.42 -7.67
C THR RA 72 -41.68 34.23 -6.93
N THR RA 73 -42.02 32.98 -6.64
CA THR RA 73 -43.23 32.68 -5.89
C THR RA 73 -43.33 33.57 -4.64
N SER RA 74 -42.21 33.75 -3.92
CA SER RA 74 -42.19 34.58 -2.70
C SER RA 74 -42.66 36.00 -2.95
N ALA RA 75 -42.33 36.57 -4.10
CA ALA RA 75 -42.80 37.91 -4.47
C ALA RA 75 -44.31 38.00 -4.55
N VAL RA 76 -44.93 37.03 -5.22
CA VAL RA 76 -46.37 36.99 -5.44
C VAL RA 76 -47.12 36.78 -4.13
N THR RA 77 -46.68 35.79 -3.36
CA THR RA 77 -47.29 35.50 -2.07
C THR RA 77 -47.13 36.67 -1.10
N VAL RA 78 -46.05 37.45 -1.23
CA VAL RA 78 -45.90 38.67 -0.45
C VAL RA 78 -46.85 39.76 -0.93
N LYS RA 79 -46.82 40.03 -2.24
CA LYS RA 79 -47.70 41.03 -2.83
C LYS RA 79 -49.12 40.91 -2.33
N SER RA 80 -49.65 39.70 -2.39
CA SER RA 80 -51.02 39.44 -1.94
C SER RA 80 -51.23 39.72 -0.45
N ALA RA 81 -50.25 39.38 0.40
CA ALA RA 81 -50.35 39.64 1.84
C ALA RA 81 -50.24 41.13 2.16
N ILE RA 82 -49.27 41.78 1.50
CA ILE RA 82 -49.12 43.23 1.59
C ILE RA 82 -50.41 43.95 1.23
N ARG RA 83 -50.99 43.54 0.11
CA ARG RA 83 -52.22 44.12 -0.37
C ARG RA 83 -53.39 43.86 0.55
N ARG RA 84 -53.41 42.69 1.19
CA ARG RA 84 -54.42 42.41 2.19
C ARG RA 84 -54.23 43.33 3.41
N LEU RA 85 -53.02 43.33 3.96
CA LEU RA 85 -52.71 44.10 5.18
C LEU RA 85 -53.14 45.58 5.14
N LYS RA 86 -52.91 46.24 4.00
CA LYS RA 86 -53.31 47.65 3.86
C LYS RA 86 -54.83 47.84 3.81
N GLU RA 87 -55.54 46.88 3.24
CA GLU RA 87 -57.01 46.93 3.18
C GLU RA 87 -57.61 46.66 4.55
N LEU RA 88 -57.02 45.72 5.28
CA LEU RA 88 -57.38 45.47 6.69
C LEU RA 88 -57.20 46.69 7.61
N LYS RA 89 -56.11 47.42 7.41
CA LYS RA 89 -55.79 48.61 8.23
C LYS RA 89 -56.80 49.73 8.02
N ASP RA 90 -56.90 50.20 6.78
CA ASP RA 90 -57.64 51.42 6.43
C ASP RA 90 -59.12 51.17 6.06
N GLN RA 91 -59.39 50.04 5.40
CA GLN RA 91 -60.74 49.68 4.88
C GLN RA 91 -61.19 50.63 3.76
N SER SA 1 92.93 58.22 36.34
CA SER SA 1 94.03 57.22 36.15
C SER SA 1 94.00 56.63 34.78
N ALA SA 2 95.07 55.94 34.43
CA ALA SA 2 95.14 55.20 33.18
C ALA SA 2 94.09 54.09 33.14
N HIS SA 3 94.29 53.06 33.95
CA HIS SA 3 93.42 51.90 33.99
C HIS SA 3 91.93 52.15 33.89
N LEU SA 4 91.49 53.31 34.36
CA LEU SA 4 90.11 53.74 34.25
C LEU SA 4 89.74 54.27 32.87
N GLN SA 5 90.53 55.23 32.35
CA GLN SA 5 90.25 55.81 31.02
C GLN SA 5 90.00 54.66 30.07
N TRP SA 6 90.95 53.74 30.02
CA TRP SA 6 90.87 52.51 29.23
C TRP SA 6 89.46 51.99 29.15
N MET SA 7 88.88 51.73 30.30
CA MET SA 7 87.60 51.06 30.35
C MET SA 7 86.48 51.89 29.71
N VAL SA 8 86.66 53.19 29.62
CA VAL SA 8 85.77 54.07 28.84
C VAL SA 8 86.06 53.93 27.34
N VAL SA 9 87.34 53.90 27.03
CA VAL SA 9 87.87 54.01 25.68
C VAL SA 9 88.16 52.64 25.02
N ARG SA 10 87.64 51.56 25.61
CA ARG SA 10 88.00 50.23 25.13
C ARG SA 10 87.35 50.00 23.80
N ASN SA 11 86.03 49.92 23.82
CA ASN SA 11 85.21 50.19 22.67
C ASN SA 11 84.69 51.60 22.86
N CYS SA 12 84.22 52.21 21.79
CA CYS SA 12 83.87 53.63 21.76
C CYS SA 12 85.17 54.42 21.81
N SER SA 13 85.64 54.80 20.63
CA SER SA 13 86.86 55.57 20.45
C SER SA 13 86.94 55.96 18.99
N SER SA 14 87.19 57.22 18.72
CA SER SA 14 87.24 57.69 17.34
C SER SA 14 88.47 57.25 16.57
N PHE SA 15 89.58 56.92 17.26
CA PHE SA 15 90.78 56.47 16.53
C PHE SA 15 90.80 54.95 16.56
N LEU SA 16 89.83 54.33 17.23
CA LEU SA 16 89.59 52.88 17.09
C LEU SA 16 88.90 52.56 15.78
N ILE SA 17 89.16 51.35 15.29
CA ILE SA 17 88.76 50.92 13.94
C ILE SA 17 88.79 49.38 13.88
N LYS SA 18 87.62 48.78 13.67
CA LYS SA 18 87.50 47.33 13.62
C LYS SA 18 86.75 46.96 12.34
N ARG SA 19 87.47 46.50 11.33
CA ARG SA 19 86.84 45.79 10.24
C ARG SA 19 87.60 44.51 10.03
N ASN SA 20 86.93 43.50 9.49
CA ASN SA 20 87.62 42.45 8.76
C ASN SA 20 88.45 41.58 9.74
N LYS SA 21 87.95 41.51 10.97
CA LYS SA 21 88.48 40.70 12.10
C LYS SA 21 89.65 41.25 12.90
N GLN SA 22 90.31 42.29 12.43
CA GLN SA 22 91.27 42.98 13.27
C GLN SA 22 90.54 43.99 14.09
N THR SA 23 91.28 44.55 15.03
CA THR SA 23 90.94 45.82 15.62
C THR SA 23 92.21 46.60 15.65
N TYR SA 24 92.08 47.91 15.71
CA TYR SA 24 93.21 48.79 15.55
C TYR SA 24 92.96 50.16 16.09
N SER SA 25 94.02 50.95 16.23
CA SER SA 25 93.93 52.25 16.91
C SER SA 25 94.80 53.24 16.19
N THR SA 26 94.21 54.23 15.55
CA THR SA 26 94.95 55.18 14.73
C THR SA 26 95.44 56.39 15.52
N GLU SA 27 95.31 56.37 16.85
CA GLU SA 27 95.75 57.52 17.67
C GLU SA 27 97.18 57.95 17.41
N PRO SA 28 97.50 59.21 17.73
CA PRO SA 28 98.89 59.60 17.68
C PRO SA 28 99.62 58.94 18.85
N ASN SA 29 100.88 58.62 18.60
CA ASN SA 29 101.69 57.79 19.47
C ASN SA 29 101.03 56.73 20.33
N ASN SA 30 100.39 55.75 19.68
CA ASN SA 30 100.71 54.39 20.07
C ASN SA 30 101.79 54.00 18.98
N LEU SA 31 102.64 53.01 19.31
CA LEU SA 31 103.54 52.29 18.36
C LEU SA 31 103.01 50.92 17.91
N LYS SA 32 102.66 50.78 16.63
CA LYS SA 32 102.08 49.54 16.04
C LYS SA 32 100.53 49.42 16.05
N ALA SA 33 99.88 50.56 15.88
CA ALA SA 33 98.42 50.72 15.87
C ALA SA 33 97.54 49.78 16.73
N ARG SA 34 98.05 49.25 17.84
CA ARG SA 34 97.31 48.23 18.59
C ARG SA 34 96.19 48.82 19.46
N ASN SA 35 95.15 48.02 19.72
CA ASN SA 35 94.20 48.31 20.79
C ASN SA 35 94.66 47.59 22.02
N SER SA 36 95.01 48.37 23.03
CA SER SA 36 95.81 47.87 24.13
C SER SA 36 95.82 48.78 25.34
N PHE SA 37 96.45 48.29 26.40
CA PHE SA 37 96.82 49.08 27.54
C PHE SA 37 98.21 49.62 27.34
N ARG SA 38 99.13 48.69 27.08
CA ARG SA 38 100.52 49.00 26.97
C ARG SA 38 100.70 49.95 25.81
N TYR SA 39 100.21 49.55 24.65
CA TYR SA 39 100.49 50.27 23.43
C TYR SA 39 99.29 51.14 23.13
N ASN SA 40 99.10 52.14 23.97
CA ASN SA 40 98.12 53.15 23.67
C ASN SA 40 98.72 54.46 24.12
N GLY SA 41 98.33 55.54 23.45
CA GLY SA 41 98.99 56.82 23.60
C GLY SA 41 98.50 57.62 24.78
N LEU SA 42 97.20 57.79 24.82
CA LEU SA 42 96.64 58.87 25.57
C LEU SA 42 96.46 58.45 27.02
N ILE SA 43 95.78 57.32 27.18
CA ILE SA 43 95.23 56.84 28.46
C ILE SA 43 96.15 57.12 29.65
N HIS SA 44 97.15 56.27 29.77
CA HIS SA 44 98.43 56.43 30.44
C HIS SA 44 99.04 57.81 30.76
N HIS SA 45 100.18 57.82 31.47
CA HIS SA 45 100.93 59.07 31.79
C HIS SA 45 102.37 59.21 31.27
N LYS SA 46 102.95 58.15 30.73
CA LYS SA 46 104.25 58.24 30.06
C LYS SA 46 104.18 57.44 28.78
N THR SA 47 104.57 58.06 27.67
CA THR SA 47 104.28 57.50 26.37
C THR SA 47 105.41 57.76 25.42
N VAL SA 48 105.82 56.74 24.68
CA VAL SA 48 106.77 56.91 23.61
C VAL SA 48 106.02 56.81 22.34
N GLY SA 49 106.32 57.72 21.44
CA GLY SA 49 105.85 57.70 20.06
C GLY SA 49 107.02 57.77 19.12
N VAL SA 50 106.86 57.15 17.96
CA VAL SA 50 107.86 57.23 16.91
C VAL SA 50 107.09 57.46 15.63
N GLU SA 51 107.49 58.49 14.90
CA GLU SA 51 106.82 58.85 13.66
C GLU SA 51 107.79 59.57 12.73
N PRO SA 52 107.47 59.60 11.43
CA PRO SA 52 108.44 60.11 10.48
C PRO SA 52 108.61 61.62 10.58
N ALA SA 53 109.82 62.08 10.27
CA ALA SA 53 110.14 63.51 10.32
C ALA SA 53 109.54 64.24 9.12
N ALA SA 54 109.04 65.45 9.37
CA ALA SA 54 108.32 66.26 8.36
C ALA SA 54 109.11 66.55 7.08
N ASP SA 55 110.45 66.53 7.17
CA ASP SA 55 111.33 66.89 6.06
C ASP SA 55 111.39 65.83 4.96
N GLY SA 56 111.12 64.58 5.31
CA GLY SA 56 111.28 63.46 4.39
C GLY SA 56 112.29 62.47 4.91
N LYS SA 57 113.36 62.97 5.54
CA LYS SA 57 114.38 62.11 6.14
C LYS SA 57 114.37 62.21 7.65
N GLY SA 58 114.66 61.09 8.30
CA GLY SA 58 114.82 61.01 9.76
C GLY SA 58 113.64 60.41 10.51
N VAL SA 59 113.65 60.59 11.82
CA VAL SA 59 112.65 60.04 12.73
C VAL SA 59 112.46 61.00 13.89
N VAL SA 60 111.22 61.39 14.21
CA VAL SA 60 110.99 62.12 15.48
C VAL SA 60 110.52 61.15 16.56
N VAL SA 61 111.01 61.39 17.77
CA VAL SA 61 110.72 60.51 18.91
C VAL SA 61 109.96 61.34 19.93
N VAL SA 62 108.69 61.02 20.09
CA VAL SA 62 107.81 61.83 20.90
C VAL SA 62 107.76 61.21 22.29
N ILE SA 63 108.03 62.04 23.30
CA ILE SA 63 108.07 61.61 24.68
C ILE SA 63 107.07 62.48 25.47
N LYS SA 64 106.14 61.85 26.20
CA LYS SA 64 105.23 62.61 27.07
C LYS SA 64 105.98 63.04 28.32
N ARG SA 65 105.74 64.27 28.73
CA ARG SA 65 106.55 64.92 29.75
C ARG SA 65 106.24 64.41 31.15
N ARG SA 66 104.97 64.50 31.55
CA ARG SA 66 104.51 64.12 32.90
C ARG SA 66 104.91 65.14 33.99
N SER SA 67 105.44 66.29 33.58
CA SER SA 67 105.64 67.38 34.51
C SER SA 67 104.24 67.81 34.92
N GLY SA 68 103.45 68.20 33.94
CA GLY SA 68 102.07 68.61 34.15
C GLY SA 68 101.27 68.27 32.91
N GLN SA 69 100.53 67.17 32.98
CA GLN SA 69 99.54 66.83 31.96
C GLN SA 69 98.16 67.39 32.36
N ARG SA 70 97.10 67.04 31.64
CA ARG SA 70 95.98 67.99 31.36
C ARG SA 70 96.49 69.38 30.94
N LYS SA 71 97.50 69.39 30.08
CA LYS SA 71 98.14 70.60 29.54
C LYS SA 71 98.61 70.37 28.10
N PRO SA 72 97.71 69.80 27.26
CA PRO SA 72 98.07 69.18 25.97
C PRO SA 72 99.19 69.85 25.16
N ALA SA 73 99.16 71.18 25.08
CA ALA SA 73 100.14 71.95 24.31
C ALA SA 73 101.56 71.56 24.66
N THR SA 74 101.90 71.74 25.93
CA THR SA 74 103.26 71.61 26.38
C THR SA 74 103.48 70.30 27.11
N SER SA 75 102.45 69.45 27.18
CA SER SA 75 102.49 68.29 28.07
C SER SA 75 103.44 67.18 27.61
N TYR SA 76 104.16 67.44 26.52
CA TYR SA 76 104.26 66.41 25.52
C TYR SA 76 105.26 66.87 24.43
N VAL SA 77 106.47 66.29 24.46
CA VAL SA 77 107.71 66.87 23.86
C VAL SA 77 108.41 65.97 22.83
N ARG SA 78 108.97 66.61 21.80
CA ARG SA 78 109.48 65.96 20.58
C ARG SA 78 110.99 66.09 20.44
N THR SA 79 111.55 65.36 19.48
CA THR SA 79 112.96 65.54 19.06
C THR SA 79 113.23 64.82 17.76
N THR SA 80 113.91 65.50 16.84
CA THR SA 80 114.29 64.92 15.56
C THR SA 80 115.49 64.02 15.73
N ILE SA 81 115.65 63.04 14.85
CA ILE SA 81 116.87 62.23 14.79
C ILE SA 81 117.20 61.88 13.34
N ASN SA 82 118.09 62.68 12.72
CA ASN SA 82 118.67 62.36 11.42
C ASN SA 82 120.09 61.86 11.57
N LYS SA 83 120.24 60.56 11.69
CA LYS SA 83 121.56 59.95 11.75
C LYS SA 83 121.58 58.81 10.77
N ASN SA 84 122.21 57.69 11.12
CA ASN SA 84 122.66 56.70 10.14
C ASN SA 84 122.17 55.31 10.50
N ALA SA 85 120.86 55.19 10.71
CA ALA SA 85 120.25 53.90 11.08
C ALA SA 85 120.70 53.34 12.45
N ARG SA 86 121.93 52.86 12.54
CA ARG SA 86 122.39 52.23 13.78
C ARG SA 86 122.36 53.18 14.98
N ALA SA 87 122.96 54.36 14.81
CA ALA SA 87 122.97 55.37 15.86
C ALA SA 87 121.57 55.90 16.12
N THR SA 88 120.77 56.00 15.06
CA THR SA 88 119.35 56.37 15.15
C THR SA 88 118.58 55.48 16.15
N LEU SA 89 118.80 54.17 16.06
CA LEU SA 89 118.19 53.20 16.97
C LEU SA 89 118.82 53.25 18.34
N SER SA 90 120.16 53.22 18.39
CA SER SA 90 120.88 53.36 19.65
C SER SA 90 120.47 54.61 20.45
N SER SA 91 120.11 55.68 19.74
CA SER SA 91 119.55 56.87 20.36
C SER SA 91 118.19 56.61 21.02
N ILE SA 92 117.30 55.94 20.30
CA ILE SA 92 115.95 55.60 20.80
C ILE SA 92 116.06 54.64 21.95
N ARG SA 93 116.92 53.65 21.78
CA ARG SA 93 117.21 52.67 22.82
C ARG SA 93 117.70 53.31 24.11
N HIS SA 94 118.65 54.24 23.96
CA HIS SA 94 119.23 54.96 25.09
C HIS SA 94 118.29 56.01 25.69
N MET SA 95 117.36 56.47 24.86
CA MET SA 95 116.33 57.42 25.27
C MET SA 95 115.26 56.77 26.13
N ILE SA 96 114.82 55.58 25.72
CA ILE SA 96 113.80 54.83 26.45
C ILE SA 96 114.43 54.16 27.65
N ARG SA 97 115.35 53.25 27.38
CA ARG SA 97 116.03 52.54 28.45
C ARG SA 97 117.23 53.35 28.89
N LYS SA 98 117.64 53.12 30.13
CA LYS SA 98 118.56 54.00 30.87
C LYS SA 98 118.04 55.41 31.03
N ASN SA 99 116.74 55.50 30.86
CA ASN SA 99 115.98 56.61 31.27
C ASN SA 99 114.70 56.11 31.97
N LYS SA 100 114.73 54.85 32.44
CA LYS SA 100 113.53 54.07 32.88
C LYS SA 100 112.19 54.73 32.56
N TYR SA 101 111.87 54.76 31.28
CA TYR SA 101 110.68 55.43 30.79
C TYR SA 101 109.96 54.43 29.93
N ARG SA 102 109.01 53.75 30.55
CA ARG SA 102 108.22 52.73 29.90
C ARG SA 102 109.07 51.73 29.13
N PRO SA 103 109.91 50.94 29.84
CA PRO SA 103 110.70 49.90 29.19
C PRO SA 103 109.85 48.68 28.80
N ASP SA 104 108.76 48.97 28.10
CA ASP SA 104 107.89 47.99 27.49
C ASP SA 104 108.02 48.26 26.00
N LEU SA 105 107.69 49.50 25.59
CA LEU SA 105 107.84 49.93 24.22
C LEU SA 105 109.19 49.69 23.67
N ARG SA 106 110.19 50.05 24.45
CA ARG SA 106 111.54 49.60 24.24
C ARG SA 106 111.74 49.11 22.79
N MET SA 107 111.29 47.89 22.50
CA MET SA 107 111.59 47.21 21.25
C MET SA 107 110.68 47.70 20.14
N ALA SA 108 109.39 47.74 20.43
CA ALA SA 108 108.40 48.27 19.51
C ALA SA 108 108.84 49.61 18.95
N ALA SA 109 109.36 50.49 19.81
CA ALA SA 109 109.86 51.81 19.38
C ALA SA 109 111.00 51.68 18.40
N ILE SA 110 111.86 50.70 18.63
CA ILE SA 110 112.92 50.40 17.71
C ILE SA 110 112.35 49.87 16.41
N ARG SA 111 111.50 48.85 16.51
CA ARG SA 111 110.88 48.27 15.33
C ARG SA 111 110.14 49.28 14.48
N ARG SA 112 109.51 50.26 15.13
CA ARG SA 112 108.89 51.35 14.42
C ARG SA 112 109.94 52.12 13.70
N ALA SA 113 110.90 52.65 14.47
CA ALA SA 113 111.95 53.50 13.91
C ALA SA 113 112.63 52.83 12.72
N SER SA 114 113.00 51.57 12.91
CA SER SA 114 113.58 50.76 11.85
C SER SA 114 112.67 50.72 10.62
N ALA SA 115 111.37 50.49 10.85
CA ALA SA 115 110.37 50.47 9.77
C ALA SA 115 110.16 51.83 9.13
N ILE SA 116 110.27 52.90 9.91
CA ILE SA 116 110.19 54.24 9.34
C ILE SA 116 111.36 54.40 8.36
N LEU SA 117 112.56 54.10 8.83
CA LEU SA 117 113.76 54.33 8.02
C LEU SA 117 113.68 53.67 6.64
N ARG SA 118 113.23 52.42 6.60
CA ARG SA 118 113.14 51.72 5.31
C ARG SA 118 112.10 52.33 4.35
N SER SA 119 111.10 53.01 4.89
CA SER SA 119 110.13 53.74 4.05
C SER SA 119 110.71 54.98 3.33
N GLN SA 120 111.96 55.35 3.65
CA GLN SA 120 112.57 56.54 3.10
C GLN SA 120 113.99 56.24 2.62
N LYS SA 121 114.05 55.80 1.37
CA LYS SA 121 115.29 55.54 0.64
C LYS SA 121 114.91 55.11 -0.78
N PRO SA 122 115.88 55.01 -1.73
CA PRO SA 122 115.60 54.50 -3.08
C PRO SA 122 114.58 53.37 -3.12
N VAL SA 123 113.34 53.74 -3.48
CA VAL SA 123 112.15 52.93 -3.25
C VAL SA 123 112.13 51.57 -3.95
N MET SA 124 112.49 51.54 -5.24
CA MET SA 124 112.25 50.37 -6.08
C MET SA 124 113.01 50.42 -7.40
N VAL SA 125 113.25 49.23 -7.96
CA VAL SA 125 113.81 49.09 -9.32
C VAL SA 125 112.73 49.37 -10.37
N MET TA 1 28.09 -101.20 -15.93
CA MET TA 1 28.24 -99.76 -16.23
C MET TA 1 29.36 -99.39 -17.25
N PRO TA 2 29.64 -100.22 -18.31
CA PRO TA 2 30.94 -99.72 -18.73
C PRO TA 2 31.27 -99.27 -20.28
N PRO TA 3 31.34 -100.13 -21.39
CA PRO TA 3 31.52 -99.33 -22.65
C PRO TA 3 30.25 -98.64 -23.03
N LYS TA 4 29.18 -99.42 -23.03
CA LYS TA 4 28.01 -99.18 -23.85
C LYS TA 4 26.73 -98.94 -23.06
N PHE TA 5 26.76 -98.97 -21.72
CA PHE TA 5 25.55 -98.94 -20.88
C PHE TA 5 25.27 -100.41 -20.59
N ASP TA 6 25.94 -100.90 -19.55
CA ASP TA 6 25.74 -102.25 -19.04
C ASP TA 6 25.53 -102.11 -17.54
N PRO TA 7 25.25 -103.22 -16.82
CA PRO TA 7 25.28 -103.14 -15.37
C PRO TA 7 25.92 -104.41 -14.75
N ASN TA 8 25.09 -105.36 -14.32
CA ASN TA 8 25.39 -106.80 -14.15
C ASN TA 8 25.19 -107.29 -12.70
N GLU TA 9 23.96 -107.06 -12.20
CA GLU TA 9 23.48 -107.31 -10.82
C GLU TA 9 22.71 -106.10 -10.30
N ILE TA 10 23.04 -105.05 -10.13
CA ILE TA 10 22.94 -103.99 -9.13
C ILE TA 10 23.44 -104.40 -7.71
N LYS TA 11 24.67 -104.01 -7.39
CA LYS TA 11 25.15 -103.89 -6.00
C LYS TA 11 25.98 -102.60 -5.91
N VAL TA 12 25.27 -101.48 -5.95
CA VAL TA 12 25.85 -100.13 -5.99
C VAL TA 12 25.43 -99.36 -4.73
N VAL TA 13 26.35 -98.56 -4.19
CA VAL TA 13 26.18 -97.88 -2.89
C VAL TA 13 25.82 -96.40 -3.08
N TYR TA 14 24.90 -95.91 -2.25
CA TYR TA 14 24.61 -94.48 -2.09
C TYR TA 14 24.38 -94.19 -0.60
N LEU TA 15 24.95 -93.08 -0.10
CA LEU TA 15 24.82 -92.64 1.30
C LEU TA 15 24.06 -91.30 1.40
N ARG TA 16 23.23 -91.19 2.43
CA ARG TA 16 22.41 -90.00 2.73
C ARG TA 16 22.51 -89.67 4.23
N CYS TA 17 22.26 -88.41 4.59
CA CYS TA 17 22.07 -88.01 5.99
C CYS TA 17 20.71 -87.35 6.22
N THR TA 18 20.42 -87.06 7.48
CA THR TA 18 19.18 -86.35 7.93
C THR TA 18 17.95 -87.27 7.95
N GLY TA 19 17.06 -86.99 8.90
CA GLY TA 19 15.86 -87.78 9.09
C GLY TA 19 14.96 -87.29 10.21
N GLY TA 20 13.83 -86.69 9.83
CA GLY TA 20 12.68 -86.56 10.71
C GLY TA 20 11.97 -87.89 10.64
N GLU TA 21 10.76 -87.89 10.09
CA GLU TA 21 10.09 -89.15 9.76
C GLU TA 21 10.83 -89.75 8.53
N VAL TA 22 10.68 -89.18 7.33
CA VAL TA 22 11.37 -89.69 6.13
C VAL TA 22 11.80 -88.61 5.13
N GLY TA 23 10.82 -87.86 4.62
CA GLY TA 23 11.03 -86.92 3.52
C GLY TA 23 9.67 -86.47 2.97
N ALA TA 24 9.45 -86.67 1.67
CA ALA TA 24 8.11 -86.58 1.03
C ALA TA 24 7.61 -85.20 0.54
N THR TA 25 8.36 -84.12 0.76
CA THR TA 25 7.98 -82.78 0.28
C THR TA 25 8.41 -82.56 -1.19
N SER TA 26 7.79 -83.30 -2.11
CA SER TA 26 8.25 -83.46 -3.51
C SER TA 26 9.76 -83.72 -3.57
N ALA TA 27 10.22 -84.65 -2.73
CA ALA TA 27 11.65 -84.82 -2.43
C ALA TA 27 12.00 -86.16 -1.76
N LEU TA 28 13.19 -86.63 -2.12
CA LEU TA 28 13.94 -87.67 -1.37
C LEU TA 28 15.38 -87.55 -1.90
N ALA TA 29 15.88 -88.54 -2.67
CA ALA TA 29 17.20 -88.43 -3.28
C ALA TA 29 17.12 -87.61 -4.57
N PRO TA 30 16.17 -87.94 -5.49
CA PRO TA 30 16.37 -87.63 -6.89
C PRO TA 30 17.83 -87.68 -7.38
N LYS TA 31 18.18 -86.95 -8.45
CA LYS TA 31 19.52 -87.04 -9.11
C LYS TA 31 20.15 -88.45 -9.24
N ILE TA 32 20.54 -89.04 -8.10
CA ILE TA 32 21.07 -90.43 -8.01
C ILE TA 32 19.94 -91.48 -8.03
N GLY TA 33 18.86 -91.23 -7.28
CA GLY TA 33 17.69 -92.11 -7.22
C GLY TA 33 16.86 -92.41 -8.48
N PRO TA 34 16.57 -91.39 -9.33
CA PRO TA 34 15.59 -91.58 -10.39
C PRO TA 34 16.14 -92.44 -11.56
N LEU TA 35 17.18 -91.97 -12.25
CA LEU TA 35 17.95 -92.86 -13.14
C LEU TA 35 18.77 -93.82 -12.27
N GLY TA 36 18.28 -95.06 -12.25
CA GLY TA 36 18.65 -96.08 -11.29
C GLY TA 36 17.50 -97.05 -11.02
N LEU TA 37 16.29 -96.68 -11.47
CA LEU TA 37 15.09 -97.52 -11.47
C LEU TA 37 14.44 -97.60 -10.10
N SER TA 38 14.84 -96.72 -9.18
CA SER TA 38 14.30 -96.73 -7.83
C SER TA 38 12.93 -96.00 -7.90
N PRO TA 39 12.62 -95.08 -6.96
CA PRO TA 39 11.46 -94.25 -7.23
C PRO TA 39 11.66 -92.84 -6.65
N LYS TA 40 10.62 -92.29 -6.03
CA LYS TA 40 10.74 -91.24 -5.03
C LYS TA 40 9.80 -91.42 -3.81
N LYS TA 41 8.94 -92.46 -3.80
CA LYS TA 41 7.87 -92.61 -2.81
C LYS TA 41 7.82 -93.98 -2.07
N VAL TA 42 7.79 -95.12 -2.77
CA VAL TA 42 7.71 -96.44 -2.09
C VAL TA 42 9.05 -96.79 -1.38
N GLY TA 43 10.15 -96.69 -2.13
CA GLY TA 43 11.52 -96.74 -1.58
C GLY TA 43 11.94 -95.55 -0.72
N ASP TA 44 11.11 -94.50 -0.70
CA ASP TA 44 11.12 -93.48 0.36
C ASP TA 44 10.43 -94.03 1.64
N ASP TA 45 9.15 -94.44 1.58
CA ASP TA 45 8.37 -94.83 2.81
C ASP TA 45 8.76 -96.19 3.43
N ILE TA 46 9.44 -97.06 2.67
CA ILE TA 46 10.07 -98.27 3.24
C ILE TA 46 11.41 -97.89 3.95
N ALA TA 47 11.98 -96.71 3.63
CA ALA TA 47 13.09 -96.10 4.42
C ALA TA 47 12.64 -95.61 5.81
N LYS TA 48 11.33 -95.38 5.97
CA LYS TA 48 10.71 -95.20 7.29
C LYS TA 48 10.98 -96.48 8.11
N ALA TA 49 10.25 -97.56 7.82
CA ALA TA 49 10.20 -98.79 8.66
C ALA TA 49 11.53 -99.29 9.29
N THR TA 50 12.63 -99.15 8.54
CA THR TA 50 13.97 -99.56 9.02
C THR TA 50 14.70 -98.43 9.77
N GLY TA 51 14.63 -97.20 9.24
CA GLY TA 51 15.13 -96.00 9.94
C GLY TA 51 14.05 -95.43 10.85
N ASP TA 52 13.63 -96.23 11.84
CA ASP TA 52 12.42 -95.98 12.65
C ASP TA 52 12.41 -96.84 13.91
N TRP TA 53 11.28 -96.82 14.64
CA TRP TA 53 11.16 -97.39 15.98
C TRP TA 53 12.29 -96.80 16.85
N LYS TA 54 12.51 -95.48 16.65
CA LYS TA 54 13.65 -94.65 17.16
C LYS TA 54 14.89 -94.48 16.26
N GLY TA 55 14.71 -93.63 15.26
CA GLY TA 55 15.71 -92.60 14.92
C GLY TA 55 14.78 -91.44 14.62
N LEU TA 56 14.94 -90.29 15.28
CA LEU TA 56 14.19 -89.06 14.92
C LEU TA 56 15.00 -87.78 15.30
N ARG TA 57 16.33 -87.85 15.14
CA ARG TA 57 17.25 -86.78 15.55
C ARG TA 57 18.46 -86.72 14.60
N ILE TA 58 18.16 -86.65 13.30
CA ILE TA 58 19.15 -86.79 12.20
C ILE TA 58 19.79 -88.20 12.20
N THR TA 59 20.06 -88.71 11.00
CA THR TA 59 20.72 -90.00 10.82
C THR TA 59 21.77 -89.90 9.70
N VAL TA 60 22.58 -90.95 9.58
CA VAL TA 60 23.36 -91.24 8.37
C VAL TA 60 22.60 -92.46 7.83
N LYS TA 61 22.66 -92.71 6.52
CA LYS TA 61 21.74 -93.67 5.88
C LYS TA 61 22.29 -94.23 4.55
N LEU TA 62 22.88 -95.43 4.60
CA LEU TA 62 23.36 -96.14 3.40
C LEU TA 62 22.18 -96.89 2.80
N THR TA 63 21.91 -96.62 1.51
CA THR TA 63 20.88 -97.34 0.77
C THR TA 63 21.53 -98.15 -0.37
N ILE TA 64 21.51 -99.47 -0.22
CA ILE TA 64 22.10 -100.39 -1.22
C ILE TA 64 21.08 -100.67 -2.31
N GLN TA 65 21.48 -100.49 -3.57
CA GLN TA 65 20.63 -100.75 -4.73
C GLN TA 65 20.75 -102.25 -5.10
N ASN TA 66 19.62 -102.93 -5.34
CA ASN TA 66 19.56 -104.26 -6.03
C ASN TA 66 18.34 -104.30 -7.00
N ARG TA 67 18.58 -104.45 -8.31
CA ARG TA 67 17.64 -104.06 -9.39
C ARG TA 67 16.87 -102.74 -9.14
N GLN TA 68 15.78 -102.81 -8.36
CA GLN TA 68 15.04 -101.62 -7.89
C GLN TA 68 14.73 -101.71 -6.39
N ALA TA 69 15.62 -102.36 -5.63
CA ALA TA 69 15.48 -102.58 -4.19
C ALA TA 69 16.48 -101.67 -3.51
N GLN TA 70 15.99 -100.90 -2.53
CA GLN TA 70 16.78 -99.87 -1.86
C GLN TA 70 16.84 -100.30 -0.39
N ILE TA 71 17.99 -100.83 0.05
CA ILE TA 71 18.12 -101.37 1.42
C ILE TA 71 18.45 -100.23 2.39
N GLU TA 72 17.57 -100.02 3.35
CA GLU TA 72 17.60 -98.83 4.20
C GLU TA 72 18.19 -99.12 5.59
N VAL TA 73 19.52 -99.24 5.63
CA VAL TA 73 20.29 -99.47 6.87
C VAL TA 73 20.63 -98.11 7.52
N VAL TA 74 20.69 -98.07 8.86
CA VAL TA 74 21.12 -96.88 9.62
C VAL TA 74 22.55 -97.11 10.16
N PRO TA 75 23.60 -96.72 9.38
CA PRO TA 75 24.98 -96.94 9.81
C PRO TA 75 25.38 -95.88 10.83
N SER TA 76 25.78 -96.33 12.01
CA SER TA 76 25.94 -95.44 13.14
C SER TA 76 27.12 -94.46 12.96
N ALA TA 77 26.85 -93.18 13.23
CA ALA TA 77 27.85 -92.10 13.20
C ALA TA 77 28.25 -91.74 14.63
N SER TA 78 29.53 -91.41 14.84
CA SER TA 78 30.13 -91.28 16.20
C SER TA 78 29.46 -90.24 17.09
N ALA TA 79 29.09 -89.11 16.52
CA ALA TA 79 28.35 -88.09 17.24
C ALA TA 79 26.84 -88.39 17.34
N LEU TA 80 26.26 -89.06 16.32
CA LEU TA 80 24.82 -89.47 16.35
C LEU TA 80 24.46 -90.42 17.49
N ILE TA 81 25.29 -91.45 17.69
CA ILE TA 81 25.16 -92.35 18.84
C ILE TA 81 25.39 -91.60 20.17
N ILE TA 82 26.37 -90.69 20.23
CA ILE TA 82 26.64 -89.84 21.44
C ILE TA 82 25.52 -88.80 21.72
N LYS TA 83 24.75 -88.44 20.68
CA LYS TA 83 23.46 -87.71 20.85
C LYS TA 83 22.32 -88.66 21.29
N ALA TA 84 22.36 -89.92 20.83
CA ALA TA 84 21.42 -90.97 21.28
C ALA TA 84 21.86 -91.77 22.54
N LEU TA 85 23.09 -91.53 23.02
CA LEU TA 85 23.52 -91.96 24.36
C LEU TA 85 22.97 -91.02 25.44
N LYS TA 86 22.32 -89.91 25.03
CA LYS TA 86 21.69 -88.91 25.93
C LYS TA 86 20.73 -89.45 27.00
N GLU TA 87 20.23 -88.55 27.86
CA GLU TA 87 19.04 -88.80 28.68
C GLU TA 87 17.88 -88.61 27.69
N PRO TA 88 17.57 -89.64 26.88
CA PRO TA 88 17.08 -89.33 25.54
C PRO TA 88 15.57 -88.98 25.39
N PRO TA 89 14.86 -89.67 24.48
CA PRO TA 89 14.23 -88.85 23.45
C PRO TA 89 12.99 -87.99 23.81
N ARG TA 90 13.24 -86.69 23.92
CA ARG TA 90 12.28 -85.63 23.54
C ARG TA 90 12.55 -85.54 22.03
N ASP TA 91 11.61 -85.04 21.23
CA ASP TA 91 11.75 -85.30 19.78
C ASP TA 91 11.48 -84.18 18.76
N ARG TA 92 10.26 -83.65 18.68
CA ARG TA 92 9.95 -82.46 17.86
C ARG TA 92 8.61 -81.86 18.29
N LYS TA 93 8.45 -80.55 18.05
CA LYS TA 93 7.46 -79.71 18.73
C LYS TA 93 7.83 -79.69 20.22
N LYS TA 94 8.96 -79.06 20.49
CA LYS TA 94 9.60 -79.03 21.81
C LYS TA 94 10.55 -80.22 21.97
N GLN TA 95 11.67 -79.90 22.59
CA GLN TA 95 12.99 -79.86 21.93
C GLN TA 95 13.26 -78.40 22.37
N LYS TA 96 12.91 -77.35 21.59
CA LYS TA 96 12.86 -75.89 22.00
C LYS TA 96 13.81 -75.31 23.06
N ASN TA 97 14.17 -76.11 24.07
CA ASN TA 97 15.29 -75.88 25.00
C ASN TA 97 16.25 -76.98 24.57
N ILE TA 98 17.27 -76.53 23.86
CA ILE TA 98 17.33 -76.78 22.41
C ILE TA 98 17.94 -78.16 22.05
N LYS TA 99 19.13 -78.25 21.45
CA LYS TA 99 19.97 -79.48 21.53
C LYS TA 99 21.42 -79.15 21.90
N HIS TA 100 21.57 -78.25 22.89
CA HIS TA 100 22.83 -78.01 23.59
C HIS TA 100 22.61 -78.45 25.06
N SER TA 101 21.75 -79.47 25.26
CA SER TA 101 21.16 -79.81 26.58
C SER TA 101 22.22 -80.28 27.59
N GLY TA 102 22.81 -81.44 27.33
CA GLY TA 102 24.14 -81.77 27.81
C GLY TA 102 24.47 -82.29 29.21
N ASN TA 103 24.06 -83.51 29.55
CA ASN TA 103 24.45 -84.21 30.81
C ASN TA 103 24.23 -85.73 30.72
N ILE TA 104 25.23 -86.54 30.31
CA ILE TA 104 24.96 -88.01 30.13
C ILE TA 104 26.05 -89.11 30.23
N THR TA 105 26.74 -89.21 31.36
CA THR TA 105 27.39 -90.48 31.77
C THR TA 105 28.22 -91.26 30.70
N PHE TA 106 27.56 -92.10 29.88
CA PHE TA 106 28.18 -93.03 28.88
C PHE TA 106 29.55 -93.60 29.32
N ASP TA 107 29.58 -94.13 30.55
CA ASP TA 107 30.82 -94.48 31.29
C ASP TA 107 31.54 -95.64 30.63
N GLU TA 108 30.75 -96.68 30.35
CA GLU TA 108 31.17 -97.81 29.54
C GLU TA 108 30.32 -97.92 28.25
N ILE TA 109 29.33 -97.05 28.07
CA ILE TA 109 28.55 -96.96 26.84
C ILE TA 109 29.36 -96.21 25.76
N VAL TA 110 30.30 -95.35 26.16
CA VAL TA 110 31.31 -94.86 25.21
C VAL TA 110 32.29 -96.02 24.88
N ASN TA 111 32.58 -96.99 25.79
CA ASN TA 111 33.28 -98.26 25.38
C ASN TA 111 32.50 -98.98 24.30
N ILE TA 112 31.19 -99.11 24.51
CA ILE TA 112 30.30 -99.75 23.54
C ILE TA 112 30.19 -98.89 22.26
N ALA TA 113 30.28 -97.55 22.39
CA ALA TA 113 30.42 -96.63 21.24
C ALA TA 113 31.73 -96.84 20.47
N ARG TA 114 32.87 -96.76 21.16
CA ARG TA 114 34.20 -97.06 20.57
C ARG TA 114 34.41 -98.55 20.17
N GLN TA 115 33.51 -99.45 20.61
CA GLN TA 115 33.41 -100.82 20.07
C GLN TA 115 32.70 -100.84 18.72
N MET TA 116 31.49 -100.28 18.70
CA MET TA 116 30.71 -100.19 17.44
C MET TA 116 31.30 -99.21 16.41
N ARG TA 117 32.34 -98.43 16.75
CA ARG TA 117 33.13 -97.68 15.74
C ARG TA 117 33.87 -98.71 14.89
N HIS TA 118 33.07 -99.24 13.96
CA HIS TA 118 33.38 -100.38 13.12
C HIS TA 118 34.44 -99.96 12.08
N ARG TA 119 35.64 -100.52 12.16
CA ARG TA 119 36.77 -100.21 11.22
C ARG TA 119 37.23 -98.73 11.19
N SER TA 120 36.40 -97.83 10.66
CA SER TA 120 36.63 -96.37 10.49
C SER TA 120 37.95 -95.73 10.99
N LEU TA 121 38.29 -95.97 12.25
CA LEU TA 121 39.29 -95.19 12.98
C LEU TA 121 40.77 -95.51 12.63
N ALA TA 122 41.04 -96.72 12.11
CA ALA TA 122 42.42 -97.23 11.90
C ALA TA 122 43.21 -97.14 13.21
N ARG TA 123 42.82 -98.00 14.14
CA ARG TA 123 42.92 -97.71 15.57
C ARG TA 123 44.14 -98.19 16.38
N GLU TA 124 44.73 -97.27 17.16
CA GLU TA 124 45.36 -97.63 18.44
C GLU TA 124 44.19 -98.06 19.30
N LEU TA 125 44.41 -99.07 20.12
CA LEU TA 125 43.36 -99.95 20.59
C LEU TA 125 42.70 -99.35 21.82
N SER TA 126 41.47 -98.85 21.64
CA SER TA 126 40.70 -98.17 22.69
C SER TA 126 41.38 -96.96 23.32
N GLY TA 127 42.33 -97.16 24.25
CA GLY TA 127 42.94 -96.09 25.07
C GLY TA 127 43.34 -94.76 24.42
N THR TA 128 43.21 -94.70 23.09
CA THR TA 128 43.42 -93.50 22.29
C THR TA 128 42.11 -93.01 21.63
N ILE TA 129 41.33 -93.93 21.06
CA ILE TA 129 39.96 -93.67 20.57
C ILE TA 129 38.98 -93.32 21.68
N LYS TA 130 39.12 -94.00 22.82
CA LYS TA 130 38.40 -93.63 24.05
C LYS TA 130 38.51 -92.14 24.31
N GLU TA 131 39.70 -91.63 24.02
CA GLU TA 131 40.00 -90.22 24.10
C GLU TA 131 39.56 -89.45 22.83
N ILE TA 132 39.66 -90.03 21.62
CA ILE TA 132 39.18 -89.36 20.37
C ILE TA 132 37.67 -89.06 20.40
N LEU TA 133 36.87 -90.08 20.75
CA LEU TA 133 35.41 -89.98 20.80
C LEU TA 133 34.90 -89.51 22.16
N GLY TA 134 35.76 -89.55 23.18
CA GLY TA 134 35.56 -88.79 24.41
C GLY TA 134 35.78 -87.30 24.21
N THR TA 135 36.81 -86.93 23.44
CA THR TA 135 37.13 -85.51 23.15
C THR TA 135 36.15 -84.77 22.21
N ALA TA 136 35.29 -85.50 21.47
CA ALA TA 136 34.34 -84.91 20.51
C ALA TA 136 32.99 -84.45 21.13
N GLN TA 137 33.01 -84.05 22.39
CA GLN TA 137 31.78 -83.73 23.12
C GLN TA 137 31.40 -82.25 23.10
N SER TA 138 30.16 -82.00 23.48
CA SER TA 138 29.58 -80.65 23.57
C SER TA 138 28.28 -80.69 24.37
N VAL TA 139 27.43 -81.69 24.04
CA VAL TA 139 26.29 -82.10 24.87
C VAL TA 139 26.81 -82.66 26.22
N GLY TA 140 26.94 -83.99 26.34
CA GLY TA 140 27.01 -84.68 27.65
C GLY TA 140 27.92 -84.11 28.73
N CYS TA 141 29.21 -84.32 28.53
CA CYS TA 141 30.30 -83.97 29.46
C CYS TA 141 30.63 -85.12 30.43
N ASN TA 142 31.10 -86.22 29.84
CA ASN TA 142 31.76 -87.34 30.53
C ASN TA 142 30.85 -88.13 31.57
N VAL TA 143 31.43 -88.72 32.62
CA VAL TA 143 30.90 -89.85 33.41
C VAL TA 143 30.28 -89.31 34.72
N ASP TA 144 29.08 -89.79 35.05
CA ASP TA 144 28.20 -89.26 36.15
C ASP TA 144 28.55 -87.88 36.75
N GLY TA 145 29.66 -87.82 37.49
CA GLY TA 145 30.12 -86.60 38.18
C GLY TA 145 31.53 -86.20 37.79
N ARG TA 146 31.76 -86.03 36.48
CA ARG TA 146 33.05 -85.59 35.94
C ARG TA 146 32.84 -84.75 34.65
N HIS TA 147 33.96 -84.34 34.01
CA HIS TA 147 33.99 -83.55 32.77
C HIS TA 147 34.95 -84.30 31.78
N PRO TA 148 34.78 -84.20 30.42
CA PRO TA 148 35.74 -84.90 29.51
C PRO TA 148 37.20 -84.45 29.71
N HIS TA 149 37.39 -83.13 29.66
CA HIS TA 149 38.43 -82.38 30.40
C HIS TA 149 39.55 -83.22 31.07
N ASP TA 150 39.20 -84.05 32.06
CA ASP TA 150 40.18 -84.84 32.86
C ASP TA 150 40.19 -86.38 32.66
N ILE TA 151 39.38 -86.93 31.74
CA ILE TA 151 39.58 -88.32 31.23
C ILE TA 151 40.70 -88.35 30.19
N ILE TA 152 40.78 -87.28 29.40
CA ILE TA 152 41.82 -87.08 28.35
C ILE TA 152 43.25 -87.28 28.87
N ASP TA 153 43.54 -86.75 30.06
CA ASP TA 153 44.87 -86.89 30.70
C ASP TA 153 45.26 -88.34 30.97
N ASP TA 154 44.34 -89.10 31.57
CA ASP TA 154 44.56 -90.51 31.87
C ASP TA 154 44.33 -91.34 30.60
N ILE TA 155 42.43 -93.35 31.74
CA ILE TA 155 41.60 -94.45 31.33
C ILE TA 155 42.29 -95.72 31.80
N ASN TA 156 41.88 -96.19 32.98
CA ASN TA 156 42.45 -97.38 33.63
C ASN TA 156 41.60 -98.62 33.34
N SER TA 157 41.27 -98.81 32.07
CA SER TA 157 40.37 -99.89 31.63
C SER TA 157 40.43 -100.03 30.11
N GLY TA 158 39.86 -101.13 29.62
CA GLY TA 158 39.73 -101.35 28.18
C GLY TA 158 41.01 -101.82 27.50
N ALA TA 159 41.99 -100.91 27.41
CA ALA TA 159 43.33 -101.14 26.80
C ALA TA 159 43.67 -102.57 26.31
N VAL TA 160 43.94 -103.48 27.26
CA VAL TA 160 44.44 -104.86 26.96
C VAL TA 160 43.31 -105.92 26.82
N GLU TA 161 42.04 -105.50 26.91
CA GLU TA 161 40.87 -106.37 26.60
C GLU TA 161 40.37 -106.25 25.14
N CYS TA 162 40.53 -105.07 24.54
CA CYS TA 162 40.23 -104.83 23.12
C CYS TA 162 41.22 -105.33 22.03
N PRO TA 163 42.51 -105.66 22.36
CA PRO TA 163 43.46 -106.10 21.33
C PRO TA 163 43.16 -107.50 20.79
N ASP UA 1 56.61 -74.61 20.72
CA ASP UA 1 57.40 -75.42 19.73
C ASP UA 1 58.84 -74.91 19.58
N ARG UA 2 59.79 -75.76 19.94
CA ARG UA 2 61.06 -75.93 19.21
C ARG UA 2 62.39 -75.33 19.75
N ALA UA 3 62.67 -75.69 21.00
CA ALA UA 3 64.04 -75.98 21.47
C ALA UA 3 63.96 -77.28 22.30
N THR UA 4 62.91 -77.36 23.14
CA THR UA 4 62.44 -78.61 23.75
C THR UA 4 61.86 -79.64 22.75
N TRP UA 5 60.79 -79.31 22.01
CA TRP UA 5 60.19 -80.32 21.09
C TRP UA 5 61.22 -80.86 20.07
N LYS UA 6 62.07 -79.99 19.54
CA LYS UA 6 63.23 -80.46 18.77
C LYS UA 6 63.99 -81.48 19.63
N SER UA 7 64.64 -81.03 20.70
CA SER UA 7 65.46 -81.92 21.58
C SER UA 7 64.74 -83.21 22.03
N ASN UA 8 63.41 -83.21 21.97
CA ASN UA 8 62.59 -84.42 22.06
C ASN UA 8 62.76 -85.42 20.89
N TYR UA 9 62.48 -85.02 19.63
CA TYR UA 9 62.71 -85.89 18.44
C TYR UA 9 64.04 -86.65 18.44
N PHE UA 10 65.03 -85.98 19.01
CA PHE UA 10 66.42 -86.39 19.01
C PHE UA 10 66.54 -87.68 19.83
N LEU UA 11 65.82 -87.72 20.96
CA LEU UA 11 65.77 -88.88 21.86
C LEU UA 11 64.99 -90.10 21.31
N LYS UA 12 64.11 -89.89 20.32
CA LYS UA 12 63.35 -91.00 19.69
C LYS UA 12 64.06 -91.61 18.47
N ILE UA 13 64.83 -90.79 17.74
CA ILE UA 13 65.71 -91.32 16.66
C ILE UA 13 66.90 -92.10 17.26
N ILE UA 14 67.59 -91.53 18.25
CA ILE UA 14 68.72 -92.20 18.95
C ILE UA 14 68.28 -93.55 19.59
N GLN UA 15 67.01 -93.65 20.01
CA GLN UA 15 66.44 -94.90 20.54
C GLN UA 15 66.41 -96.04 19.51
N LEU UA 16 65.76 -95.78 18.36
CA LEU UA 16 65.57 -96.79 17.31
C LEU UA 16 66.84 -97.10 16.48
N LEU UA 17 67.87 -96.27 16.58
CA LEU UA 17 69.20 -96.60 16.02
C LEU UA 17 69.96 -97.63 16.88
N ASP UA 18 69.64 -97.69 18.19
CA ASP UA 18 70.24 -98.67 19.12
C ASP UA 18 69.43 -99.95 19.18
N ASP UA 19 68.17 -99.78 19.54
CA ASP UA 19 67.25 -100.88 19.82
C ASP UA 19 66.97 -101.70 18.54
N TYR UA 20 66.89 -101.02 17.39
CA TYR UA 20 66.44 -101.60 16.13
C TYR UA 20 67.59 -101.69 15.09
N PRO UA 21 68.30 -102.85 15.02
CA PRO UA 21 69.48 -102.96 14.17
C PRO UA 21 69.17 -103.14 12.67
N LYS UA 22 67.91 -103.42 12.33
CA LYS UA 22 67.47 -103.55 10.93
C LYS UA 22 66.77 -102.27 10.43
N CYS UA 23 67.37 -101.64 9.42
CA CYS UA 23 66.95 -100.33 8.93
C CYS UA 23 66.55 -100.41 7.46
N PHE UA 24 65.33 -99.98 7.16
CA PHE UA 24 64.83 -99.91 5.79
C PHE UA 24 64.65 -98.46 5.36
N ILE UA 25 65.48 -98.00 4.41
CA ILE UA 25 65.45 -96.63 3.90
C ILE UA 25 64.37 -96.54 2.79
N VAL UA 26 63.28 -95.80 3.06
CA VAL UA 26 62.10 -95.71 2.16
C VAL UA 26 61.95 -94.34 1.45
N GLY UA 27 61.69 -94.39 0.13
CA GLY UA 27 61.40 -93.20 -0.69
C GLY UA 27 59.91 -93.01 -0.92
N ALA UA 28 59.35 -91.97 -0.28
CA ALA UA 28 57.92 -91.62 -0.37
C ALA UA 28 57.64 -90.34 -1.19
N ASP UA 29 58.22 -90.25 -2.40
CA ASP UA 29 58.10 -89.04 -3.26
C ASP UA 29 56.66 -88.61 -3.54
N ASN UA 30 55.83 -89.58 -3.91
CA ASN UA 30 54.38 -89.37 -4.01
C ASN UA 30 53.69 -90.13 -2.89
N VAL UA 31 52.88 -89.40 -2.12
CA VAL UA 31 52.24 -89.96 -0.93
C VAL UA 31 51.05 -89.12 -0.50
N GLY UA 32 50.09 -89.76 0.18
CA GLY UA 32 48.95 -89.09 0.81
C GLY UA 32 48.99 -89.33 2.30
N SER UA 33 48.32 -88.46 3.05
CA SER UA 33 48.23 -88.60 4.51
C SER UA 33 47.31 -89.76 4.92
N LYS UA 34 46.25 -90.03 4.14
CA LYS UA 34 45.40 -91.23 4.31
C LYS UA 34 46.12 -92.52 3.86
N GLN UA 35 47.09 -92.38 2.94
CA GLN UA 35 47.94 -93.51 2.52
C GLN UA 35 48.80 -94.11 3.60
N MET UA 36 49.49 -93.23 4.34
CA MET UA 36 50.40 -93.67 5.39
C MET UA 36 49.62 -94.26 6.57
N GLN UA 37 48.56 -93.57 7.02
CA GLN UA 37 47.56 -94.13 7.97
C GLN UA 37 47.21 -95.61 7.74
N GLN UA 38 47.08 -95.98 6.46
CA GLN UA 38 46.73 -97.35 6.02
C GLN UA 38 47.95 -98.29 5.96
N ILE UA 39 49.10 -97.78 5.50
CA ILE UA 39 50.36 -98.56 5.44
C ILE UA 39 50.87 -98.94 6.84
N ARG UA 40 50.67 -98.06 7.83
CA ARG UA 40 51.11 -98.32 9.21
C ARG UA 40 50.20 -99.36 9.90
N MET UA 41 48.90 -99.33 9.57
CA MET UA 41 47.93 -100.33 10.07
C MET UA 41 47.99 -101.67 9.31
N SER UA 42 48.34 -101.63 8.03
CA SER UA 42 48.62 -102.86 7.25
C SER UA 42 49.93 -103.55 7.66
N LEU UA 43 50.86 -102.80 8.27
CA LEU UA 43 52.13 -103.34 8.80
C LEU UA 43 52.27 -103.18 10.33
N ARG UA 44 51.14 -103.09 11.05
CA ARG UA 44 51.15 -102.86 12.52
C ARG UA 44 51.75 -104.03 13.29
N GLY UA 45 51.48 -105.26 12.84
CA GLY UA 45 52.14 -106.45 13.37
C GLY UA 45 53.66 -106.38 13.29
N LYS UA 46 54.17 -105.75 12.23
CA LYS UA 46 55.60 -105.72 11.92
C LYS UA 46 56.28 -104.39 12.25
N ALA UA 47 56.27 -103.46 11.28
CA ALA UA 47 57.30 -102.44 11.17
C ALA UA 47 56.95 -101.14 11.88
N VAL UA 48 57.95 -100.25 11.96
CA VAL UA 48 57.82 -98.94 12.58
C VAL UA 48 58.38 -97.88 11.62
N VAL UA 49 57.51 -97.20 10.87
CA VAL UA 49 57.90 -96.13 9.92
C VAL UA 49 58.18 -94.84 10.69
N LEU UA 50 59.34 -94.22 10.43
CA LEU UA 50 59.81 -93.02 11.14
C LEU UA 50 60.12 -91.90 10.16
N MET UA 51 59.29 -90.85 10.18
CA MET UA 51 59.41 -89.70 9.26
C MET UA 51 59.91 -88.42 9.92
N GLY UA 52 61.03 -87.93 9.41
CA GLY UA 52 61.67 -86.70 9.89
C GLY UA 52 61.99 -85.80 8.72
N LYS UA 53 63.03 -84.97 8.90
CA LYS UA 53 63.37 -83.92 7.94
C LYS UA 53 64.89 -83.91 7.65
N ASN UA 54 65.50 -82.75 7.42
CA ASN UA 54 66.98 -82.60 7.33
C ASN UA 54 67.76 -83.28 8.45
N THR UA 55 67.26 -83.09 9.68
CA THR UA 55 67.93 -83.51 10.93
C THR UA 55 68.39 -84.96 10.96
N MET UA 56 67.71 -85.83 10.20
CA MET UA 56 68.14 -87.23 10.01
C MET UA 56 69.67 -87.39 9.86
N MET UA 57 70.36 -86.36 9.36
CA MET UA 57 71.85 -86.25 9.45
C MET UA 57 72.39 -86.01 10.88
N ARG UA 58 71.74 -86.66 11.84
CA ARG UA 58 72.11 -86.66 13.23
C ARG UA 58 72.48 -88.12 13.65
N LYS UA 59 72.64 -89.01 12.66
CA LYS UA 59 73.33 -90.30 12.84
C LYS UA 59 74.76 -90.06 13.33
N ALA UA 60 75.34 -88.92 12.92
CA ALA UA 60 76.57 -88.41 13.48
C ALA UA 60 76.54 -88.37 15.02
N ILE UA 61 75.47 -87.83 15.61
CA ILE UA 61 75.42 -87.60 17.09
C ILE UA 61 75.12 -88.87 17.91
N ARG UA 62 74.52 -89.90 17.30
CA ARG UA 62 74.53 -91.25 17.88
C ARG UA 62 75.88 -91.96 17.62
N GLY UA 63 76.49 -91.69 16.47
CA GLY UA 63 77.86 -92.16 16.18
C GLY UA 63 78.94 -91.47 17.01
N HIS UA 64 78.66 -90.25 17.48
CA HIS UA 64 79.55 -89.51 18.40
C HIS UA 64 79.64 -90.15 19.79
N LEU UA 65 78.63 -90.94 20.19
CA LEU UA 65 78.54 -91.59 21.54
C LEU UA 65 79.79 -92.36 22.07
N GLU UA 66 80.99 -91.88 21.75
CA GLU UA 66 82.26 -92.60 21.91
C GLU UA 66 82.09 -94.12 21.59
N ASN UA 67 81.16 -94.43 20.66
CA ASN UA 67 80.56 -95.78 20.54
C ASN UA 67 80.58 -96.35 19.09
N ASN UA 68 79.55 -96.06 18.27
CA ASN UA 68 79.36 -96.80 17.01
C ASN UA 68 80.14 -96.24 15.80
N PRO UA 69 80.62 -97.14 14.89
CA PRO UA 69 81.44 -96.75 13.72
C PRO UA 69 80.77 -96.84 12.33
N ALA UA 70 80.45 -98.06 11.85
CA ALA UA 70 79.85 -98.33 10.51
C ALA UA 70 78.65 -97.46 10.07
N LEU UA 71 78.10 -96.68 11.01
CA LEU UA 71 77.16 -95.57 10.71
C LEU UA 71 77.73 -94.44 9.82
N GLU UA 72 79.04 -94.48 9.53
CA GLU UA 72 79.62 -93.67 8.43
C GLU UA 72 79.09 -94.06 7.03
N LYS UA 73 78.76 -95.34 6.82
CA LYS UA 73 78.23 -95.80 5.52
C LYS UA 73 76.75 -95.44 5.33
N LEU UA 74 76.09 -95.03 6.42
CA LEU UA 74 74.75 -94.44 6.37
C LEU UA 74 74.72 -92.95 5.94
N LEU UA 75 75.90 -92.32 5.84
CA LEU UA 75 76.02 -90.89 5.49
C LEU UA 75 75.63 -90.45 4.06
N PRO UA 76 75.98 -91.24 3.02
CA PRO UA 76 75.69 -90.75 1.67
C PRO UA 76 74.20 -90.76 1.29
N HIS UA 77 73.36 -91.44 2.08
CA HIS UA 77 71.96 -91.73 1.74
C HIS UA 77 70.91 -90.89 2.50
N ILE UA 78 71.36 -90.08 3.49
CA ILE UA 78 70.47 -89.08 4.13
C ILE UA 78 70.44 -87.85 3.23
N ARG UA 79 69.61 -87.92 2.19
CA ARG UA 79 69.49 -86.88 1.16
C ARG UA 79 68.17 -87.07 0.41
N GLY UA 80 67.68 -85.98 -0.20
CA GLY UA 80 66.52 -86.01 -1.12
C GLY UA 80 65.31 -86.88 -0.78
N ASN UA 81 64.50 -86.39 0.16
CA ASN UA 81 63.38 -87.14 0.82
C ASN UA 81 63.67 -88.62 1.14
N VAL UA 82 63.77 -88.92 2.45
CA VAL UA 82 64.00 -90.28 2.94
C VAL UA 82 63.44 -90.40 4.38
N GLY UA 83 62.93 -91.59 4.71
CA GLY UA 83 62.62 -91.98 6.10
C GLY UA 83 63.08 -93.42 6.32
N PHE UA 84 63.20 -93.87 7.59
CA PHE UA 84 63.57 -95.28 7.86
C PHE UA 84 62.43 -96.00 8.56
N VAL UA 85 62.36 -97.31 8.34
CA VAL UA 85 61.30 -98.16 8.86
C VAL UA 85 61.94 -99.30 9.70
N PHE UA 86 62.00 -99.09 11.02
CA PHE UA 86 62.68 -100.02 11.96
C PHE UA 86 61.75 -101.17 12.35
N THR UA 87 62.28 -102.39 12.28
CA THR UA 87 61.48 -103.62 12.46
C THR UA 87 62.28 -104.66 13.26
N LYS UA 88 61.59 -105.34 14.18
CA LYS UA 88 62.19 -106.36 15.04
C LYS UA 88 62.18 -107.65 14.26
N GLU UA 89 60.97 -108.02 13.82
CA GLU UA 89 60.75 -109.37 13.33
C GLU UA 89 61.48 -109.69 12.01
N ASP UA 90 62.04 -108.73 11.24
CA ASP UA 90 62.75 -109.14 9.99
C ASP UA 90 63.73 -110.31 10.21
N LEU UA 91 64.17 -110.85 9.09
CA LEU UA 91 63.79 -112.19 8.62
C LEU UA 91 64.00 -112.22 7.09
N THR UA 92 64.52 -111.12 6.53
CA THR UA 92 65.05 -111.01 5.17
C THR UA 92 63.90 -110.44 4.32
N GLU UA 93 64.07 -110.50 3.00
CA GLU UA 93 63.05 -110.19 1.99
C GLU UA 93 61.56 -110.48 2.24
N ILE UA 94 61.22 -111.62 2.84
CA ILE UA 94 59.84 -112.17 2.76
C ILE UA 94 58.70 -111.27 3.30
N ARG UA 95 59.01 -110.41 4.26
CA ARG UA 95 58.08 -109.33 4.63
C ARG UA 95 58.27 -108.13 3.66
N ASP UA 96 59.52 -107.85 3.22
CA ASP UA 96 59.85 -106.82 2.16
C ASP UA 96 59.15 -106.99 0.79
N MET UA 97 58.89 -108.22 0.38
CA MET UA 97 58.20 -108.52 -0.90
C MET UA 97 56.69 -108.23 -0.86
N LEU UA 98 56.04 -108.62 0.23
CA LEU UA 98 54.60 -108.38 0.44
C LEU UA 98 54.21 -106.88 0.64
N ARG UA 99 55.22 -106.02 0.85
CA ARG UA 99 55.01 -104.58 1.04
C ARG UA 99 54.70 -103.90 -0.30
N ALA UA 100 55.40 -104.32 -1.36
CA ALA UA 100 55.26 -103.73 -2.71
C ALA UA 100 53.80 -103.77 -3.20
N ASN UA 101 53.13 -102.63 -3.12
CA ASN UA 101 51.74 -102.53 -3.54
C ASN UA 101 51.60 -101.83 -4.89
N LYS UA 102 50.36 -101.52 -5.26
CA LYS UA 102 50.09 -100.85 -6.52
C LYS UA 102 50.61 -99.42 -6.51
N VAL UA 103 51.07 -98.95 -7.67
CA VAL UA 103 51.64 -97.61 -7.80
C VAL UA 103 52.31 -97.46 -9.16
N PRO UA 104 53.26 -96.53 -9.25
CA PRO UA 104 53.97 -96.28 -10.51
C PRO UA 104 54.65 -97.55 -11.04
N ALA UA 105 54.38 -97.93 -12.29
CA ALA UA 105 53.47 -97.19 -13.16
C ALA UA 105 53.94 -95.75 -13.37
N ALA UA 106 52.99 -94.86 -13.62
CA ALA UA 106 53.30 -93.44 -13.83
C ALA UA 106 53.87 -93.22 -15.23
N ALA UA 107 55.19 -93.20 -15.33
CA ALA UA 107 55.85 -93.00 -16.60
C ALA UA 107 55.83 -91.53 -17.01
N ARG UA 108 57.01 -90.94 -17.21
CA ARG UA 108 57.11 -89.54 -17.61
C ARG UA 108 58.22 -89.37 -18.66
N ALA UA 109 58.09 -88.31 -19.46
CA ALA UA 109 59.14 -87.92 -20.40
C ALA UA 109 60.34 -87.33 -19.67
N GLY UA 110 61.54 -87.69 -20.12
CA GLY UA 110 62.80 -87.32 -19.47
C GLY UA 110 63.37 -88.36 -18.52
N ALA UA 111 62.67 -89.48 -18.34
CA ALA UA 111 63.12 -90.59 -17.48
C ALA UA 111 64.06 -91.57 -18.24
N ILE UA 112 64.59 -92.56 -17.52
CA ILE UA 112 65.65 -93.48 -18.04
C ILE UA 112 65.42 -95.00 -17.87
N ALA UA 113 64.83 -95.40 -16.75
CA ALA UA 113 65.14 -96.71 -16.09
C ALA UA 113 64.80 -98.07 -16.77
N PRO UA 114 63.92 -98.87 -16.13
CA PRO UA 114 64.39 -100.20 -15.70
C PRO UA 114 64.94 -101.15 -16.77
N CYS UA 115 64.09 -101.95 -17.42
CA CYS UA 115 64.52 -102.95 -18.40
C CYS UA 115 63.93 -102.59 -19.77
N GLU UA 116 64.14 -103.47 -20.74
CA GLU UA 116 63.68 -103.25 -22.12
C GLU UA 116 62.14 -103.33 -22.21
N VAL UA 117 61.50 -102.20 -22.51
CA VAL UA 117 60.03 -102.07 -22.49
C VAL UA 117 59.40 -102.62 -23.78
N THR UA 118 58.45 -103.54 -23.63
CA THR UA 118 57.79 -104.23 -24.75
C THR UA 118 56.26 -104.05 -24.69
N VAL UA 119 55.61 -104.14 -25.86
CA VAL UA 119 54.15 -103.97 -26.00
C VAL UA 119 53.61 -105.14 -26.85
N PRO UA 120 53.51 -106.36 -26.25
CA PRO UA 120 53.08 -107.60 -26.97
C PRO UA 120 51.97 -107.35 -28.00
N ALA UA 121 52.19 -107.80 -29.23
CA ALA UA 121 51.29 -107.50 -30.38
C ALA UA 121 49.86 -107.84 -30.05
N GLN UA 122 49.24 -106.97 -29.25
CA GLN UA 122 47.90 -107.16 -28.81
C GLN UA 122 47.07 -106.01 -29.30
N ASN UA 123 45.84 -106.39 -29.50
CA ASN UA 123 44.81 -105.57 -30.00
C ASN UA 123 44.43 -104.48 -28.93
N THR UA 124 44.57 -103.19 -29.29
CA THR UA 124 44.52 -102.09 -28.29
C THR UA 124 43.14 -101.83 -27.63
N GLY UA 125 42.10 -101.62 -28.44
CA GLY UA 125 40.74 -101.33 -27.94
C GLY UA 125 40.35 -99.88 -27.76
N LEU UA 126 41.19 -98.99 -28.28
CA LEU UA 126 40.94 -97.58 -28.22
C LEU UA 126 39.96 -97.25 -29.35
N GLY UA 127 39.40 -96.03 -29.32
CA GLY UA 127 38.50 -95.53 -30.37
C GLY UA 127 39.09 -95.62 -31.77
N PRO UA 128 38.25 -95.79 -32.84
CA PRO UA 128 38.88 -95.86 -34.16
C PRO UA 128 39.66 -94.60 -34.63
N GLU UA 129 40.10 -94.68 -35.87
CA GLU UA 129 41.52 -94.46 -36.23
C GLU UA 129 42.60 -94.36 -35.10
N LYS UA 130 42.61 -93.36 -34.21
CA LYS UA 130 43.64 -93.26 -33.11
C LYS UA 130 45.04 -93.90 -33.42
N THR UA 131 45.45 -93.83 -34.69
CA THR UA 131 46.70 -94.44 -35.17
C THR UA 131 47.85 -93.43 -35.15
N SER UA 132 47.55 -92.16 -34.85
CA SER UA 132 48.53 -91.06 -34.97
C SER UA 132 49.74 -91.11 -34.02
N PHE UA 133 49.61 -91.79 -32.86
CA PHE UA 133 50.75 -92.02 -31.94
C PHE UA 133 51.59 -93.25 -32.37
N PHE UA 134 51.02 -94.09 -33.24
CA PHE UA 134 51.75 -95.20 -33.89
C PHE UA 134 52.38 -94.68 -35.20
N GLN UA 135 51.57 -93.99 -36.02
CA GLN UA 135 52.00 -93.38 -37.31
C GLN UA 135 53.14 -92.36 -37.16
N ALA UA 136 53.14 -91.62 -36.05
CA ALA UA 136 54.23 -90.68 -35.72
C ALA UA 136 55.59 -91.37 -35.56
N LEU UA 137 55.58 -92.58 -35.02
CA LEU UA 137 56.81 -93.39 -34.81
C LEU UA 137 57.03 -94.40 -35.97
N GLY UA 138 56.26 -95.49 -35.98
CA GLY UA 138 56.33 -96.49 -37.07
C GLY UA 138 56.13 -97.94 -36.64
N ILE UA 139 54.87 -98.37 -36.57
CA ILE UA 139 54.51 -99.79 -36.29
C ILE UA 139 53.35 -100.20 -37.22
N THR UA 140 53.39 -101.43 -37.74
CA THR UA 140 52.38 -101.92 -38.69
C THR UA 140 51.04 -102.26 -38.00
N THR UA 141 50.02 -101.45 -38.27
CA THR UA 141 48.70 -101.55 -37.62
C THR UA 141 47.56 -101.75 -38.64
N LYS UA 142 46.44 -102.31 -38.17
CA LYS UA 142 45.24 -102.55 -39.02
C LYS UA 142 43.94 -102.41 -38.23
N ILE UA 143 42.93 -101.78 -38.85
CA ILE UA 143 41.54 -101.91 -38.38
C ILE UA 143 41.04 -103.25 -38.88
N SER UA 144 41.14 -104.25 -38.02
CA SER UA 144 40.19 -105.35 -38.05
C SER UA 144 38.94 -104.77 -37.34
N ARG UA 145 37.77 -105.37 -37.58
CA ARG UA 145 36.46 -104.77 -37.22
C ARG UA 145 36.43 -103.75 -36.02
N GLY UA 146 36.31 -102.45 -36.33
CA GLY UA 146 36.19 -101.40 -35.31
C GLY UA 146 37.49 -101.00 -34.60
N THR UA 147 37.94 -101.86 -33.68
CA THR UA 147 39.07 -101.57 -32.78
C THR UA 147 40.44 -101.81 -33.47
N ILE UA 148 41.53 -101.29 -32.89
CA ILE UA 148 42.86 -101.27 -33.56
C ILE UA 148 43.82 -102.35 -33.05
N GLU UA 149 44.68 -102.82 -33.96
CA GLU UA 149 45.75 -103.78 -33.65
C GLU UA 149 47.13 -103.32 -34.04
N ILE UA 150 48.11 -103.96 -33.41
CA ILE UA 150 49.47 -104.02 -33.91
C ILE UA 150 49.64 -105.44 -34.47
N LEU UA 151 49.99 -105.56 -35.75
CA LEU UA 151 50.18 -106.88 -36.42
C LEU UA 151 51.70 -107.18 -36.64
N SER UA 152 52.47 -106.94 -35.57
CA SER UA 152 53.94 -107.11 -35.50
C SER UA 152 54.37 -106.64 -34.11
N ASP UA 153 55.65 -106.70 -33.79
CA ASP UA 153 56.14 -106.13 -32.52
C ASP UA 153 57.64 -105.96 -32.43
N VAL UA 154 58.04 -105.04 -31.55
CA VAL UA 154 59.43 -104.91 -31.08
C VAL UA 154 59.51 -104.07 -29.79
N GLN UA 155 60.70 -104.05 -29.19
CA GLN UA 155 61.02 -103.15 -28.08
C GLN UA 155 60.96 -101.70 -28.58
N LEU UA 156 60.18 -100.87 -27.91
CA LEU UA 156 60.04 -99.46 -28.30
C LEU UA 156 61.30 -98.66 -27.92
N ILE UA 157 61.69 -98.74 -26.64
CA ILE UA 157 62.84 -98.00 -26.10
C ILE UA 157 63.69 -98.92 -25.20
N LYS UA 158 65.02 -98.84 -25.37
CA LYS UA 158 65.98 -99.74 -24.70
C LYS UA 158 66.59 -99.09 -23.46
N THR UA 159 67.34 -99.89 -22.69
CA THR UA 159 67.87 -99.47 -21.39
C THR UA 159 68.99 -98.43 -21.53
N GLY UA 160 68.81 -97.29 -20.85
CA GLY UA 160 69.73 -96.15 -20.93
C GLY UA 160 69.31 -95.04 -21.87
N ASP UA 161 68.35 -95.32 -22.78
CA ASP UA 161 67.86 -94.33 -23.75
C ASP UA 161 66.69 -93.54 -23.15
N LYS UA 162 66.57 -92.27 -23.54
CA LYS UA 162 65.52 -91.38 -23.05
C LYS UA 162 64.18 -91.69 -23.73
N VAL UA 163 63.10 -91.59 -22.97
CA VAL UA 163 61.74 -91.75 -23.49
C VAL UA 163 61.16 -90.39 -23.87
N GLY UA 164 60.84 -90.22 -25.14
CA GLY UA 164 60.17 -89.01 -25.64
C GLY UA 164 58.79 -88.79 -25.05
N ALA UA 165 58.24 -87.59 -25.26
CA ALA UA 165 56.93 -87.21 -24.72
C ALA UA 165 55.77 -87.94 -25.41
N SER UA 166 55.83 -88.08 -26.75
CA SER UA 166 54.79 -88.80 -27.51
C SER UA 166 54.82 -90.33 -27.29
N GLU UA 167 56.03 -90.89 -27.17
CA GLU UA 167 56.20 -92.33 -26.79
C GLU UA 167 55.94 -92.64 -25.29
N ALA UA 168 55.98 -91.61 -24.43
CA ALA UA 168 55.52 -91.74 -23.04
C ALA UA 168 53.98 -91.71 -22.99
N THR UA 169 53.37 -90.69 -23.60
CA THR UA 169 51.89 -90.53 -23.57
C THR UA 169 51.13 -91.71 -24.24
N LEU UA 170 51.67 -92.28 -25.33
CA LEU UA 170 51.08 -93.48 -25.97
C LEU UA 170 51.12 -94.73 -25.07
N LEU UA 171 52.22 -94.91 -24.32
CA LEU UA 171 52.37 -96.04 -23.38
C LEU UA 171 51.37 -96.01 -22.20
N ASN UA 172 51.07 -94.81 -21.67
CA ASN UA 172 50.10 -94.67 -20.56
C ASN UA 172 48.64 -94.61 -21.09
N MET UA 173 48.45 -94.34 -22.39
CA MET UA 173 47.15 -94.56 -23.07
C MET UA 173 46.83 -96.05 -23.27
N LEU UA 174 47.86 -96.84 -23.63
CA LEU UA 174 47.73 -98.31 -23.77
C LEU UA 174 47.48 -99.06 -22.44
N ASN UA 175 47.72 -98.40 -21.30
CA ASN UA 175 47.70 -98.97 -19.93
C ASN UA 175 49.02 -99.65 -19.50
N ILE UA 176 49.94 -99.87 -20.44
CA ILE UA 176 51.29 -100.35 -20.12
C ILE UA 176 51.95 -99.33 -19.18
N SER UA 177 52.22 -99.80 -17.97
CA SER UA 177 52.63 -98.98 -16.86
C SER UA 177 53.97 -99.54 -16.31
N PRO UA 178 55.13 -99.08 -16.85
CA PRO UA 178 56.48 -99.33 -16.33
C PRO UA 178 57.19 -98.05 -15.78
N PHE UA 179 58.53 -97.95 -15.87
CA PHE UA 179 59.36 -96.83 -15.31
C PHE UA 179 58.89 -96.24 -13.96
N SER UA 180 59.24 -96.90 -12.87
CA SER UA 180 58.86 -96.44 -11.55
C SER UA 180 59.52 -97.29 -10.45
N PHE UA 181 59.56 -96.75 -9.24
CA PHE UA 181 60.16 -97.45 -8.11
C PHE UA 181 60.34 -96.53 -6.92
N GLY UA 182 59.48 -95.52 -6.82
CA GLY UA 182 59.55 -94.56 -5.73
C GLY UA 182 59.16 -95.17 -4.39
N LEU UA 183 58.05 -94.69 -3.83
CA LEU UA 183 57.56 -95.18 -2.56
C LEU UA 183 57.60 -96.71 -2.50
N VAL UA 184 58.77 -97.25 -2.16
CA VAL UA 184 58.94 -98.70 -2.06
C VAL UA 184 60.17 -99.05 -1.23
N ILE UA 185 61.35 -98.81 -1.78
CA ILE UA 185 62.61 -99.11 -1.08
C ILE UA 185 63.82 -98.55 -1.86
N GLN UA 186 64.74 -97.89 -1.16
CA GLN UA 186 65.93 -97.27 -1.79
C GLN UA 186 67.24 -98.01 -1.46
N GLN UA 187 67.51 -98.22 -0.18
CA GLN UA 187 68.75 -98.88 0.29
C GLN UA 187 68.64 -99.47 1.72
N VAL UA 188 68.80 -100.79 1.86
CA VAL UA 188 68.69 -101.43 3.17
C VAL UA 188 70.01 -101.30 3.95
N PHE UA 189 69.89 -101.28 5.27
CA PHE UA 189 71.02 -101.44 6.18
C PHE UA 189 70.65 -102.59 7.15
N ASP UA 190 71.53 -103.58 7.25
CA ASP UA 190 71.40 -104.69 8.22
C ASP UA 190 72.81 -105.09 8.68
N ASN UA 191 73.22 -104.60 9.86
CA ASN UA 191 74.53 -104.91 10.45
C ASN UA 191 75.75 -104.43 9.62
N GLY UA 192 75.93 -103.12 9.54
CA GLY UA 192 77.00 -102.49 8.75
C GLY UA 192 77.11 -102.85 7.26
N SER UA 193 76.05 -103.44 6.72
CA SER UA 193 76.06 -104.02 5.37
C SER UA 193 75.60 -102.98 4.35
N ILE UA 194 75.95 -103.24 3.09
CA ILE UA 194 75.60 -102.35 1.98
C ILE UA 194 74.95 -103.19 0.89
N TYR UA 195 73.63 -103.35 1.02
CA TYR UA 195 72.81 -103.92 -0.03
C TYR UA 195 72.76 -102.92 -1.24
N ASN UA 196 72.17 -103.35 -2.35
CA ASN UA 196 72.10 -102.60 -3.61
C ASN UA 196 70.96 -103.20 -4.48
N PRO UA 197 69.79 -102.50 -4.62
CA PRO UA 197 68.68 -102.99 -5.49
C PRO UA 197 68.99 -103.10 -7.01
N GLU UA 198 69.99 -103.90 -7.33
CA GLU UA 198 70.40 -104.32 -8.68
C GLU UA 198 71.07 -105.66 -8.37
N VAL UA 199 70.47 -106.70 -8.93
CA VAL UA 199 69.61 -107.58 -8.09
C VAL UA 199 70.23 -108.85 -7.46
N LEU UA 200 70.61 -108.73 -6.19
CA LEU UA 200 70.70 -109.86 -5.25
C LEU UA 200 69.83 -109.59 -4.00
N ASP UA 201 69.25 -108.41 -3.91
CA ASP UA 201 69.05 -107.77 -2.63
C ASP UA 201 67.62 -107.77 -2.12
N ILE UA 202 67.32 -108.92 -1.51
CA ILE UA 202 66.01 -109.53 -1.40
C ILE UA 202 66.22 -111.05 -1.53
N ALA VA 1 50.56 101.61 -58.77
CA ALA VA 1 50.92 100.60 -57.72
C ALA VA 1 50.97 101.21 -56.32
N ASP VA 2 51.79 102.24 -56.17
CA ASP VA 2 51.92 102.99 -54.91
C ASP VA 2 50.61 103.75 -54.57
N LEU VA 3 49.93 104.30 -55.58
CA LEU VA 3 48.64 104.99 -55.40
C LEU VA 3 47.61 104.21 -54.59
N GLY VA 4 47.44 102.95 -54.98
CA GLY VA 4 46.56 102.04 -54.28
C GLY VA 4 47.07 101.65 -52.91
N ARG VA 5 48.39 101.49 -52.79
CA ARG VA 5 49.05 101.24 -51.49
C ARG VA 5 48.82 102.32 -50.43
N LYS VA 6 48.67 103.56 -50.89
CA LYS VA 6 48.34 104.69 -50.01
C LYS VA 6 46.88 104.58 -49.53
N ILE VA 7 45.98 104.20 -50.44
CA ILE VA 7 44.56 104.03 -50.12
C ILE VA 7 44.32 102.72 -49.36
N THR VA 8 44.94 101.63 -49.81
CA THR VA 8 44.85 100.30 -49.17
C THR VA 8 45.03 100.41 -47.67
N SER VA 9 46.14 101.01 -47.25
CA SER VA 9 46.40 101.25 -45.83
C SER VA 9 45.24 102.02 -45.13
N ALA VA 10 44.68 103.02 -45.81
CA ALA VA 10 43.53 103.81 -45.29
C ALA VA 10 42.25 103.00 -45.12
N LEU VA 11 41.89 102.21 -46.13
CA LEU VA 11 40.75 101.28 -46.03
C LEU VA 11 41.02 100.10 -45.08
N ARG VA 12 42.29 99.72 -44.94
CA ARG VA 12 42.72 98.69 -43.95
C ARG VA 12 43.12 99.32 -42.61
N SER VA 13 42.75 100.60 -42.42
CA SER VA 13 42.58 101.21 -41.10
C SER VA 13 41.11 101.15 -40.64
N LEU VA 14 40.16 100.85 -41.54
CA LEU VA 14 38.77 100.50 -41.17
C LEU VA 14 38.70 99.05 -40.66
N SER VA 15 39.17 98.12 -41.50
CA SER VA 15 39.51 96.78 -41.02
C SER VA 15 40.63 96.96 -39.99
N ASN VA 16 40.46 96.35 -38.81
CA ASN VA 16 41.30 96.57 -37.62
C ASN VA 16 40.79 97.69 -36.66
N ALA VA 17 40.12 98.71 -37.18
CA ALA VA 17 39.54 99.75 -36.31
C ALA VA 17 38.32 99.23 -35.59
N THR VA 18 38.01 99.87 -34.47
CA THR VA 18 36.90 99.49 -33.60
C THR VA 18 35.62 100.28 -33.93
N ILE VA 19 35.60 101.54 -33.50
CA ILE VA 19 34.36 102.28 -33.28
C ILE VA 19 33.41 102.26 -34.49
N ILE VA 20 33.95 102.45 -35.70
CA ILE VA 20 33.17 102.62 -36.95
C ILE VA 20 32.15 103.75 -36.82
N ASN VA 21 32.48 104.89 -37.39
CA ASN VA 21 31.75 106.12 -37.11
C ASN VA 21 32.01 107.23 -38.14
N GLU VA 22 31.30 108.36 -38.01
CA GLU VA 22 31.45 109.49 -38.94
C GLU VA 22 32.91 109.98 -38.97
N GLU VA 23 33.46 110.21 -37.78
CA GLU VA 23 34.87 110.62 -37.56
C GLU VA 23 35.92 109.70 -38.20
N VAL VA 24 35.63 108.40 -38.25
CA VAL VA 24 36.55 107.41 -38.85
C VAL VA 24 36.56 107.54 -40.37
N LEU VA 25 35.40 107.43 -41.02
CA LEU VA 25 35.28 107.72 -42.46
C LEU VA 25 35.82 109.13 -42.79
N ASN VA 26 35.55 110.10 -41.91
CA ASN VA 26 36.16 111.45 -41.98
C ASN VA 26 37.68 111.38 -42.05
N ALA VA 27 38.28 110.72 -41.06
CA ALA VA 27 39.74 110.70 -40.88
C ALA VA 27 40.42 109.81 -41.92
N MET VA 28 39.82 108.64 -42.17
CA MET VA 28 40.23 107.74 -43.25
C MET VA 28 40.19 108.41 -44.62
N LEU VA 29 39.12 109.16 -44.90
CA LEU VA 29 39.02 109.89 -46.18
C LEU VA 29 40.13 110.92 -46.38
N LYS VA 30 40.66 111.48 -45.29
CA LYS VA 30 41.85 112.34 -45.37
C LYS VA 30 43.10 111.58 -45.86
N GLU VA 31 43.14 110.27 -45.63
CA GLU VA 31 44.21 109.37 -46.14
C GLU VA 31 43.93 108.83 -47.56
N VAL VA 32 42.66 108.69 -47.92
CA VAL VA 32 42.27 108.27 -49.27
C VAL VA 32 42.36 109.46 -50.22
N CYS VA 33 41.57 110.50 -49.95
CA CYS VA 33 41.54 111.74 -50.77
C CYS VA 33 42.96 112.29 -51.05
N THR VA 34 43.86 112.18 -50.07
CA THR VA 34 45.31 112.46 -50.24
C THR VA 34 45.92 111.76 -51.46
N ALA VA 35 45.82 110.43 -51.49
CA ALA VA 35 46.31 109.63 -52.64
C ALA VA 35 45.71 110.03 -53.99
N LEU VA 36 44.53 110.68 -53.98
CA LEU VA 36 43.95 111.30 -55.18
C LEU VA 36 44.54 112.69 -55.46
N LEU VA 37 44.82 113.48 -54.42
CA LEU VA 37 45.57 114.76 -54.58
C LEU VA 37 47.06 114.59 -54.97
N GLU VA 38 47.67 113.47 -54.55
CA GLU VA 38 49.05 113.11 -54.95
C GLU VA 38 49.11 112.56 -56.38
N ALA VA 39 48.13 111.72 -56.73
CA ALA VA 39 47.90 111.30 -58.12
C ALA VA 39 47.69 112.50 -59.02
N ASP VA 40 46.94 113.48 -58.50
CA ASP VA 40 46.66 114.80 -59.10
C ASP VA 40 45.24 115.22 -58.77
N VAL VA 41 44.28 114.36 -59.13
CA VAL VA 41 42.81 114.65 -59.13
C VAL VA 41 42.37 115.95 -58.46
N ASN VA 42 41.62 116.76 -59.22
CA ASN VA 42 41.44 118.17 -58.92
C ASN VA 42 40.81 118.30 -57.55
N ILE VA 43 41.33 119.18 -56.71
CA ILE VA 43 40.74 119.41 -55.38
C ILE VA 43 39.20 119.60 -55.46
N LYS VA 44 38.72 120.18 -56.55
CA LYS VA 44 37.27 120.30 -56.83
C LYS VA 44 36.61 118.93 -57.13
N LEU VA 45 37.35 118.04 -57.80
CA LEU VA 45 36.93 116.64 -58.04
C LEU VA 45 37.16 115.67 -56.85
N VAL VA 46 38.14 115.96 -55.99
CA VAL VA 46 38.35 115.21 -54.75
C VAL VA 46 37.25 115.51 -53.73
N LYS VA 47 36.81 116.77 -53.63
CA LYS VA 47 35.59 117.11 -52.88
C LYS VA 47 34.36 116.37 -53.44
N GLN VA 48 34.31 116.24 -54.77
CA GLN VA 48 33.25 115.51 -55.47
C GLN VA 48 33.31 113.96 -55.32
N LEU VA 49 34.52 113.40 -55.19
CA LEU VA 49 34.70 111.99 -54.81
C LEU VA 49 34.20 111.79 -53.37
N ARG VA 50 34.66 112.68 -52.50
CA ARG VA 50 34.36 112.64 -51.08
C ARG VA 50 32.86 112.76 -50.79
N GLU VA 51 32.19 113.70 -51.45
CA GLU VA 51 30.71 113.83 -51.36
C GLU VA 51 30.01 112.56 -51.88
N ASN VA 52 30.56 111.97 -52.93
CA ASN VA 52 30.03 110.72 -53.51
C ASN VA 52 30.07 109.54 -52.51
N VAL VA 53 31.20 109.35 -51.82
CA VAL VA 53 31.35 108.22 -50.85
C VAL VA 53 30.39 108.38 -49.68
N LYS VA 54 30.27 109.62 -49.17
CA LYS VA 54 29.34 109.92 -48.08
C LYS VA 54 27.87 109.85 -48.54
N SER VA 55 27.61 110.10 -49.82
CA SER VA 55 26.27 109.96 -50.41
C SER VA 55 25.84 108.49 -50.52
N ALA VA 56 26.76 107.62 -50.94
CA ALA VA 56 26.48 106.18 -51.06
C ALA VA 56 26.26 105.51 -49.69
N ILE VA 57 27.17 105.79 -48.74
CA ILE VA 57 27.10 105.26 -47.37
C ILE VA 57 26.88 106.40 -46.37
N ASP VA 58 25.69 106.43 -45.75
CA ASP VA 58 25.38 107.37 -44.67
C ASP VA 58 25.14 106.52 -43.42
N LEU VA 59 25.89 106.79 -42.34
CA LEU VA 59 25.74 106.04 -41.08
C LEU VA 59 24.49 106.44 -40.27
N GLU VA 60 24.07 107.70 -40.43
CA GLU VA 60 22.85 108.24 -39.80
C GLU VA 60 21.66 107.27 -39.87
N GLU VA 61 21.35 106.82 -41.08
CA GLU VA 61 20.33 105.80 -41.33
C GLU VA 61 21.11 104.60 -41.80
N MET VA 62 21.25 103.59 -40.96
CA MET VA 62 21.80 102.33 -41.41
C MET VA 62 21.35 101.16 -40.56
N ALA VA 63 21.19 100.04 -41.25
CA ALA VA 63 20.83 98.78 -40.62
C ALA VA 63 22.06 98.27 -39.87
N SER VA 64 21.88 97.90 -38.60
CA SER VA 64 22.97 97.37 -37.78
C SER VA 64 23.31 95.93 -38.19
N GLY VA 65 24.29 95.35 -37.53
CA GLY VA 65 24.73 93.99 -37.85
C GLY VA 65 25.38 93.89 -39.21
N LEU VA 66 25.87 95.03 -39.72
CA LEU VA 66 26.39 95.11 -41.08
C LEU VA 66 27.82 95.63 -41.13
N ASN VA 67 28.74 94.71 -41.41
CA ASN VA 67 29.67 94.81 -42.50
C ASN VA 67 29.36 95.95 -43.50
N LYS VA 68 29.03 97.11 -42.93
CA LYS VA 68 29.73 98.36 -43.15
C LYS VA 68 31.13 98.14 -43.75
N ARG VA 69 32.12 97.96 -42.87
CA ARG VA 69 33.51 97.73 -43.27
C ARG VA 69 33.71 97.16 -44.66
N LYS VA 70 32.99 96.08 -44.96
CA LYS VA 70 33.00 95.47 -46.30
C LYS VA 70 32.42 96.36 -47.40
N MET VA 71 31.34 97.05 -47.09
CA MET VA 71 30.65 97.91 -48.06
C MET VA 71 31.23 99.32 -48.17
N ILE VA 72 31.87 99.80 -47.11
CA ILE VA 72 32.65 101.03 -47.22
C ILE VA 72 33.92 100.76 -48.05
N GLN VA 73 34.66 99.70 -47.72
CA GLN VA 73 35.78 99.21 -48.59
C GLN VA 73 35.31 98.97 -50.04
N HIS VA 74 34.10 98.42 -50.19
CA HIS VA 74 33.50 98.16 -51.49
C HIS VA 74 32.84 99.42 -52.13
N ALA VA 75 32.36 100.36 -51.32
CA ALA VA 75 31.78 101.63 -51.84
C ALA VA 75 32.90 102.54 -52.34
N VAL VA 76 33.96 102.68 -51.53
CA VAL VA 76 35.15 103.44 -51.95
C VAL VA 76 35.78 102.78 -53.18
N PHE VA 77 35.75 101.45 -53.26
CA PHE VA 77 36.12 100.75 -54.51
C PHE VA 77 35.29 101.28 -55.67
N LYS VA 78 33.98 101.26 -55.52
CA LYS VA 78 33.09 101.72 -56.57
C LYS VA 78 33.31 103.20 -56.95
N GLU VA 79 33.62 104.08 -55.99
CA GLU VA 79 33.81 105.54 -56.30
C GLU VA 79 35.08 105.87 -57.06
N LEU VA 80 36.16 105.14 -56.78
CA LEU VA 80 37.36 105.23 -57.61
C LEU VA 80 37.09 104.78 -59.05
N VAL VA 81 36.19 103.79 -59.24
CA VAL VA 81 35.79 103.32 -60.59
C VAL VA 81 35.09 104.40 -61.40
N LYS VA 82 34.22 105.15 -60.75
CA LYS VA 82 33.43 106.18 -61.45
C LYS VA 82 34.30 107.34 -61.94
N LEU VA 83 35.34 107.68 -61.18
CA LEU VA 83 36.26 108.76 -61.56
C LEU VA 83 37.30 108.35 -62.57
N VAL VA 84 37.99 107.24 -62.31
CA VAL VA 84 39.05 106.79 -63.20
C VAL VA 84 38.50 106.56 -64.61
N ASP VA 85 37.37 105.85 -64.74
CA ASP VA 85 36.89 105.40 -66.05
C ASP VA 85 35.34 105.49 -66.25
N PRO VA 86 34.85 105.49 -67.53
CA PRO VA 86 33.41 105.61 -67.83
C PRO VA 86 32.65 104.35 -68.35
N GLY VA 87 33.28 103.17 -68.38
CA GLY VA 87 32.57 101.94 -68.85
C GLY VA 87 33.24 100.62 -68.48
N VAL VA 88 32.69 99.53 -69.02
CA VAL VA 88 33.37 98.22 -69.01
C VAL VA 88 34.36 98.25 -70.18
N LYS VA 89 35.52 97.58 -70.01
CA LYS VA 89 36.62 97.56 -70.99
C LYS VA 89 36.26 98.06 -72.39
N ALA VA 90 36.72 99.28 -72.73
CA ALA VA 90 36.45 99.89 -74.05
C ALA VA 90 36.85 98.91 -75.14
N TRP VA 91 35.91 98.58 -76.02
CA TRP VA 91 36.15 97.60 -77.05
C TRP VA 91 37.40 97.99 -77.88
N THR VA 92 38.51 97.31 -77.58
CA THR VA 92 39.75 97.38 -78.38
C THR VA 92 39.72 96.54 -79.68
N PRO VA 93 38.86 95.48 -79.77
CA PRO VA 93 39.00 94.64 -80.94
C PRO VA 93 38.37 95.24 -82.19
N THR VA 94 38.87 94.79 -83.32
CA THR VA 94 38.53 95.32 -84.62
C THR VA 94 37.12 94.94 -85.10
N LYS VA 95 36.36 95.92 -85.57
CA LYS VA 95 34.98 95.73 -86.06
C LYS VA 95 34.92 95.25 -87.53
N GLY VA 96 34.87 96.18 -88.50
CA GLY VA 96 34.76 95.83 -89.93
C GLY VA 96 36.12 95.96 -90.58
N LYS VA 97 36.51 94.95 -91.36
CA LYS VA 97 37.93 94.77 -91.73
C LYS VA 97 38.55 95.83 -92.66
N GLN VA 98 39.83 95.62 -92.95
CA GLN VA 98 40.86 96.66 -92.80
C GLN VA 98 40.50 97.90 -91.96
N ASN VA 99 40.93 97.85 -90.69
CA ASN VA 99 40.71 98.94 -89.75
C ASN VA 99 41.95 99.81 -89.62
N VAL VA 100 41.72 101.11 -89.69
CA VAL VA 100 42.79 102.09 -89.71
C VAL VA 100 42.76 102.90 -88.42
N ILE VA 101 43.92 103.02 -87.76
CA ILE VA 101 44.06 103.75 -86.50
C ILE VA 101 45.13 104.86 -86.69
N MET VA 102 44.89 106.04 -86.12
CA MET VA 102 45.75 107.24 -86.29
C MET VA 102 46.43 107.63 -84.97
N PHE VA 103 47.72 108.02 -85.00
CA PHE VA 103 48.49 108.32 -83.74
C PHE VA 103 49.06 109.74 -83.60
N VAL VA 104 48.20 110.58 -83.00
CA VAL VA 104 48.44 111.99 -82.78
C VAL VA 104 48.84 112.18 -81.32
N GLY VA 105 50.06 111.77 -80.98
CA GLY VA 105 50.61 112.04 -79.64
C GLY VA 105 50.96 113.51 -79.48
N LEU VA 106 51.64 113.86 -78.38
CA LEU VA 106 52.27 115.21 -78.23
C LEU VA 106 53.80 115.19 -78.05
N GLN VA 107 54.50 116.08 -78.77
CA GLN VA 107 55.98 116.08 -78.83
C GLN VA 107 56.64 115.75 -77.48
N GLY VA 108 57.23 114.55 -77.40
CA GLY VA 108 57.81 114.01 -76.17
C GLY VA 108 57.00 112.86 -75.59
N SER VA 109 55.81 112.61 -76.13
CA SER VA 109 54.87 111.63 -75.55
C SER VA 109 55.14 110.16 -75.91
N GLY VA 110 56.21 109.92 -76.64
CA GLY VA 110 56.50 108.60 -77.16
C GLY VA 110 55.51 108.20 -78.24
N LYS VA 111 55.01 109.19 -79.01
CA LYS VA 111 54.10 108.94 -80.15
C LYS VA 111 54.55 107.72 -80.92
N THR VA 112 55.84 107.75 -81.27
CA THR VA 112 56.47 106.77 -82.14
C THR VA 112 56.74 105.46 -81.39
N THR VA 113 57.23 105.56 -80.15
CA THR VA 113 57.50 104.39 -79.31
C THR VA 113 56.20 103.61 -79.05
N THR VA 114 55.12 104.32 -78.71
CA THR VA 114 53.79 103.71 -78.57
C THR VA 114 53.37 103.05 -79.86
N CYS VA 115 53.38 103.84 -80.93
CA CYS VA 115 52.95 103.40 -82.25
C CYS VA 115 53.62 102.12 -82.69
N SER VA 116 54.93 102.01 -82.46
CA SER VA 116 55.62 100.74 -82.59
C SER VA 116 54.92 99.78 -81.63
N LYS VA 117 55.15 99.97 -80.33
CA LYS VA 117 54.69 99.06 -79.28
C LYS VA 117 53.24 98.54 -79.49
N LEU VA 118 52.31 99.43 -79.84
CA LEU VA 118 50.87 99.12 -80.06
C LEU VA 118 50.56 98.14 -81.19
N ALA VA 119 51.37 98.14 -82.25
CA ALA VA 119 51.24 97.15 -83.34
C ALA VA 119 51.67 95.74 -82.93
N TYR VA 120 52.48 95.64 -81.88
CA TYR VA 120 52.93 94.35 -81.33
C TYR VA 120 51.79 93.67 -80.58
N TYR VA 121 50.88 94.48 -80.02
CA TYR VA 121 49.75 93.98 -79.24
C TYR VA 121 48.76 93.26 -80.11
N TYR VA 122 48.36 93.93 -81.18
CA TYR VA 122 47.49 93.34 -82.17
C TYR VA 122 48.13 92.12 -82.88
N GLN VA 123 49.44 92.19 -83.15
CA GLN VA 123 50.17 91.07 -83.79
C GLN VA 123 50.29 89.83 -82.91
N ARG VA 124 50.71 90.05 -81.66
CA ARG VA 124 50.77 88.96 -80.67
C ARG VA 124 49.36 88.45 -80.31
N LYS VA 125 48.32 89.25 -80.59
CA LYS VA 125 46.90 88.82 -80.56
C LYS VA 125 46.37 88.26 -81.90
N GLY VA 126 47.25 88.04 -82.89
CA GLY VA 126 46.88 87.39 -84.15
C GLY VA 126 46.26 88.29 -85.20
N TRP VA 127 46.83 89.49 -85.38
CA TRP VA 127 46.35 90.46 -86.40
C TRP VA 127 47.51 90.90 -87.31
N LYS VA 128 47.27 90.91 -88.63
CA LYS VA 128 48.26 91.37 -89.61
C LYS VA 128 48.30 92.90 -89.57
N THR VA 129 49.18 93.44 -88.72
CA THR VA 129 49.23 94.90 -88.43
C THR VA 129 50.26 95.61 -89.28
N CYS VA 130 50.07 96.92 -89.41
CA CYS VA 130 50.82 97.71 -90.38
C CYS VA 130 50.99 99.17 -90.01
N LEU VA 131 52.24 99.55 -89.76
CA LEU VA 131 52.57 100.91 -89.38
C LEU VA 131 52.94 101.70 -90.62
N ILE VA 132 52.30 102.86 -90.78
CA ILE VA 132 52.63 103.78 -91.86
C ILE VA 132 53.47 104.90 -91.26
N CYS VA 133 54.73 105.00 -91.69
CA CYS VA 133 55.63 106.05 -91.25
C CYS VA 133 55.26 107.37 -91.93
N ALA VA 134 54.24 108.04 -91.39
CA ALA VA 134 53.88 109.41 -91.77
C ALA VA 134 54.25 110.34 -90.60
N ASP VA 135 55.46 110.18 -90.04
CA ASP VA 135 56.05 111.09 -89.03
C ASP VA 135 57.07 112.02 -89.70
N THR VA 136 56.56 112.82 -90.63
CA THR VA 136 57.33 113.76 -91.47
C THR VA 136 58.30 114.72 -90.75
N PHE VA 137 58.01 115.05 -89.49
CA PHE VA 137 58.74 116.10 -88.75
C PHE VA 137 60.00 115.64 -88.07
N ARG VA 138 60.03 114.35 -87.77
CA ARG VA 138 61.08 113.75 -87.00
C ARG VA 138 61.76 112.76 -87.93
N ALA VA 139 62.88 113.21 -88.51
CA ALA VA 139 63.71 112.38 -89.40
C ALA VA 139 64.40 111.25 -88.62
N GLY VA 140 64.78 111.54 -87.39
CA GLY VA 140 65.30 110.53 -86.45
C GLY VA 140 64.25 109.52 -85.98
N ALA VA 141 62.99 109.97 -85.82
CA ALA VA 141 61.88 109.09 -85.47
C ALA VA 141 61.73 107.94 -86.47
N PHE VA 142 61.72 108.25 -87.77
CA PHE VA 142 61.66 107.25 -88.85
C PHE VA 142 62.70 106.13 -88.70
N ASP VA 143 63.94 106.55 -88.44
CA ASP VA 143 65.07 105.63 -88.24
C ASP VA 143 64.82 104.72 -87.01
N GLN VA 144 64.46 105.33 -85.87
CA GLN VA 144 64.04 104.57 -84.67
C GLN VA 144 62.80 103.67 -84.92
N LEU VA 145 61.84 104.14 -85.72
CA LEU VA 145 60.65 103.34 -86.07
C LEU VA 145 61.07 102.07 -86.80
N LYS VA 146 61.73 102.22 -87.96
CA LYS VA 146 62.19 101.09 -88.81
C LYS VA 146 63.24 100.16 -88.16
N GLN VA 147 63.84 100.57 -87.04
CA GLN VA 147 64.75 99.70 -86.24
C GLN VA 147 64.02 98.69 -85.33
N ASN VA 148 63.02 99.13 -84.56
CA ASN VA 148 62.27 98.25 -83.62
C ASN VA 148 61.17 97.52 -84.38
N ALA VA 149 60.61 98.23 -85.35
CA ALA VA 149 59.98 97.67 -86.57
C ALA VA 149 60.50 96.30 -87.06
N THR VA 150 61.71 96.29 -87.65
CA THR VA 150 62.30 95.10 -88.27
C THR VA 150 62.67 94.00 -87.25
N LYS VA 151 62.77 94.38 -85.97
CA LYS VA 151 62.90 93.42 -84.86
C LYS VA 151 61.61 92.65 -84.53
N ALA VA 152 60.52 92.82 -85.29
CA ALA VA 152 59.30 92.01 -85.12
C ALA VA 152 58.40 91.77 -86.35
N ARG VA 153 58.98 91.81 -87.55
CA ARG VA 153 58.33 91.28 -88.76
C ARG VA 153 57.05 92.04 -89.18
N ILE VA 154 57.23 93.33 -89.42
CA ILE VA 154 56.16 94.24 -89.80
C ILE VA 154 56.70 95.13 -90.97
N PRO VA 155 55.82 95.77 -91.80
CA PRO VA 155 56.27 96.69 -92.88
C PRO VA 155 56.00 98.21 -92.66
N PHE VA 156 56.98 99.07 -93.05
CA PHE VA 156 56.96 100.55 -92.76
C PHE VA 156 57.13 101.42 -94.02
N TYR VA 157 56.00 101.61 -94.72
CA TYR VA 157 55.92 102.49 -95.91
C TYR VA 157 56.00 103.94 -95.44
N GLY VA 158 56.99 104.67 -95.95
CA GLY VA 158 57.22 106.07 -95.55
C GLY VA 158 58.50 106.64 -96.10
N SER VA 159 58.42 107.27 -97.28
CA SER VA 159 59.58 107.87 -97.94
C SER VA 159 59.95 109.22 -97.32
N TYR VA 160 61.26 109.53 -97.35
CA TYR VA 160 61.83 110.65 -96.58
C TYR VA 160 61.74 111.98 -97.33
N THR VA 161 61.44 113.03 -96.58
CA THR VA 161 61.37 114.42 -97.07
C THR VA 161 60.30 114.67 -98.15
N GLU VA 162 59.15 113.99 -98.04
CA GLU VA 162 57.95 114.32 -98.82
C GLU VA 162 57.23 115.55 -98.23
N MET VA 163 57.36 115.76 -96.91
CA MET VA 163 56.77 116.88 -96.17
C MET VA 163 55.22 116.91 -96.18
N ASP VA 164 54.59 115.85 -96.67
CA ASP VA 164 53.15 115.76 -96.86
C ASP VA 164 52.68 114.41 -96.29
N PRO VA 165 52.18 114.39 -95.02
CA PRO VA 165 51.72 113.11 -94.42
C PRO VA 165 50.36 112.61 -94.95
N VAL VA 166 49.57 113.54 -95.50
CA VAL VA 166 48.28 113.24 -96.14
C VAL VA 166 48.47 112.39 -97.40
N ILE VA 167 49.59 112.61 -98.11
CA ILE VA 167 49.96 111.85 -99.30
C ILE VA 167 50.63 110.50 -98.96
N ILE VA 168 51.49 110.49 -97.94
CA ILE VA 168 52.15 109.24 -97.44
C ILE VA 168 51.12 108.24 -96.93
N ALA VA 169 50.16 108.71 -96.15
CA ALA VA 169 49.17 107.82 -95.52
C ALA VA 169 48.05 107.34 -96.47
N SER VA 170 47.68 108.13 -97.49
CA SER VA 170 46.78 107.63 -98.55
C SER VA 170 47.50 106.56 -99.36
N GLU VA 171 48.67 106.93 -99.90
CA GLU VA 171 49.55 105.99 -100.62
C GLU VA 171 49.95 104.79 -99.76
N GLY VA 172 50.14 105.03 -98.46
CA GLY VA 172 50.35 103.97 -97.48
C GLY VA 172 49.12 103.09 -97.39
N VAL VA 173 48.06 103.56 -96.73
CA VAL VA 173 46.84 102.77 -96.41
C VAL VA 173 46.30 101.95 -97.60
N GLU VA 174 46.25 102.57 -98.79
CA GLU VA 174 45.84 101.87 -100.03
C GLU VA 174 46.79 100.71 -100.45
N LYS VA 175 48.06 100.78 -100.03
CA LYS VA 175 49.01 99.64 -100.11
C LYS VA 175 48.90 98.65 -98.92
N PHE VA 176 48.42 99.10 -97.76
CA PHE VA 176 48.11 98.17 -96.62
C PHE VA 176 46.76 97.45 -96.85
N LYS VA 177 46.12 97.69 -98.00
CA LYS VA 177 45.09 96.81 -98.61
C LYS VA 177 45.60 95.76 -99.64
N ASN VA 178 46.92 95.64 -99.83
CA ASN VA 178 47.51 94.71 -100.83
C ASN VA 178 47.69 93.28 -100.34
N GLU VA 179 48.31 93.13 -99.17
CA GLU VA 179 48.52 91.80 -98.58
C GLU VA 179 47.24 91.22 -97.93
N ASN VA 180 46.12 91.95 -98.00
CA ASN VA 180 44.95 91.74 -97.14
C ASN VA 180 45.38 91.54 -95.68
N PHE VA 181 46.22 92.48 -95.25
CA PHE VA 181 46.51 92.75 -93.87
C PHE VA 181 45.15 93.06 -93.17
N GLU VA 182 45.10 93.10 -91.83
CA GLU VA 182 43.83 93.36 -91.11
C GLU VA 182 43.77 94.70 -90.38
N ILE VA 183 44.90 95.13 -89.82
CA ILE VA 183 44.98 96.39 -89.07
C ILE VA 183 46.03 97.29 -89.71
N ILE VA 184 45.77 98.60 -89.67
CA ILE VA 184 46.68 99.61 -90.19
C ILE VA 184 46.82 100.77 -89.18
N ILE VA 185 48.00 100.87 -88.59
CA ILE VA 185 48.34 101.87 -87.61
C ILE VA 185 49.06 103.02 -88.34
N VAL VA 186 48.34 104.11 -88.61
CA VAL VA 186 48.91 105.30 -89.26
C VAL VA 186 49.51 106.24 -88.22
N ASP VA 187 50.85 106.25 -88.15
CA ASP VA 187 51.57 107.20 -87.31
C ASP VA 187 51.55 108.53 -88.05
N THR VA 188 50.67 109.44 -87.63
CA THR VA 188 50.69 110.80 -88.15
C THR VA 188 51.71 111.62 -87.41
N SER VA 189 52.13 112.67 -88.09
CA SER VA 189 53.33 113.40 -87.76
C SER VA 189 53.14 114.41 -86.61
N GLY VA 190 54.23 114.72 -85.91
CA GLY VA 190 54.25 115.64 -84.74
C GLY VA 190 55.08 116.93 -84.77
N ARG VA 191 54.41 118.07 -84.54
CA ARG VA 191 54.99 119.44 -84.57
C ARG VA 191 54.54 120.25 -83.31
N HIS VA 192 55.06 121.48 -83.24
CA HIS VA 192 54.49 122.65 -82.49
C HIS VA 192 54.65 122.68 -80.97
N LYS VA 193 54.88 121.53 -80.32
CA LYS VA 193 54.74 121.41 -78.85
C LYS VA 193 53.31 121.91 -78.62
N GLN VA 194 52.40 120.99 -78.94
CA GLN VA 194 51.47 121.17 -80.08
C GLN VA 194 50.65 122.42 -80.38
N GLU VA 195 50.48 123.35 -79.44
CA GLU VA 195 49.67 124.54 -79.72
C GLU VA 195 48.27 124.04 -80.20
N ASP VA 196 47.86 124.35 -81.44
CA ASP VA 196 46.63 123.79 -82.04
C ASP VA 196 46.81 123.51 -83.54
N SER VA 197 48.00 123.06 -83.93
CA SER VA 197 48.44 123.04 -85.33
C SER VA 197 48.71 121.65 -85.96
N LEU VA 198 48.92 120.62 -85.14
CA LEU VA 198 48.85 119.22 -85.63
C LEU VA 198 47.42 118.86 -85.95
N PHE VA 199 46.55 119.17 -85.00
CA PHE VA 199 45.08 119.07 -85.13
C PHE VA 199 44.60 119.53 -86.52
N GLU VA 200 45.20 120.61 -87.02
CA GLU VA 200 44.94 121.12 -88.38
C GLU VA 200 45.37 120.09 -89.44
N GLU VA 201 46.60 119.57 -89.30
CA GLU VA 201 47.14 118.53 -90.20
C GLU VA 201 46.43 117.19 -90.07
N MET VA 202 45.81 116.95 -88.91
CA MET VA 202 45.01 115.75 -88.66
C MET VA 202 43.62 115.84 -89.30
N LEU VA 203 42.91 116.95 -89.05
CA LEU VA 203 41.62 117.21 -89.70
C LEU VA 203 41.73 117.24 -91.24
N GLN VA 204 42.95 117.49 -91.74
CA GLN VA 204 43.29 117.23 -93.16
C GLN VA 204 43.46 115.73 -93.46
N VAL VA 205 44.35 115.04 -92.72
CA VAL VA 205 44.65 113.60 -92.95
C VAL VA 205 43.37 112.73 -92.88
N ALA VA 206 42.52 113.02 -91.89
CA ALA VA 206 41.22 112.36 -91.73
C ALA VA 206 40.22 112.72 -92.84
N ASN VA 207 40.28 113.95 -93.35
CA ASN VA 207 39.44 114.37 -94.48
C ASN VA 207 39.84 113.73 -95.82
N ALA VA 208 41.14 113.69 -96.11
CA ALA VA 208 41.65 113.11 -97.35
C ALA VA 208 41.58 111.58 -97.37
N ILE VA 209 41.99 110.93 -96.26
CA ILE VA 209 42.11 109.46 -96.20
C ILE VA 209 40.88 108.77 -95.56
N GLN VA 210 40.35 109.34 -94.49
CA GLN VA 210 39.14 108.83 -93.78
C GLN VA 210 39.35 107.43 -93.14
N PRO VA 211 39.74 107.38 -91.84
CA PRO VA 211 39.97 106.12 -91.14
C PRO VA 211 38.80 105.67 -90.25
N ASP VA 212 38.97 104.53 -89.58
CA ASP VA 212 37.94 103.97 -88.67
C ASP VA 212 38.10 104.43 -87.21
N ASN VA 213 39.35 104.48 -86.73
CA ASN VA 213 39.67 104.95 -85.37
C ASN VA 213 40.76 106.01 -85.37
N ILE VA 214 40.73 106.89 -84.37
CA ILE VA 214 41.78 107.88 -84.12
C ILE VA 214 42.15 107.74 -82.64
N VAL VA 215 43.42 107.48 -82.36
CA VAL VA 215 43.89 107.32 -80.97
C VAL VA 215 45.03 108.27 -80.67
N TYR VA 216 44.73 109.27 -79.86
CA TYR VA 216 45.72 110.28 -79.52
C TYR VA 216 46.51 109.85 -78.26
N VAL VA 217 47.83 109.99 -78.30
CA VAL VA 217 48.69 109.67 -77.15
C VAL VA 217 48.90 110.88 -76.20
N MET VA 218 48.99 110.61 -74.89
CA MET VA 218 49.29 111.62 -73.85
C MET VA 218 50.32 111.01 -72.87
N ASP VA 219 51.06 111.84 -72.12
CA ASP VA 219 51.90 111.34 -71.02
C ASP VA 219 51.20 111.45 -69.67
N ALA VA 220 51.66 110.61 -68.75
CA ALA VA 220 51.23 110.65 -67.35
C ALA VA 220 52.00 111.71 -66.54
N SER VA 221 53.09 112.22 -67.12
CA SER VA 221 53.83 113.38 -66.58
C SER VA 221 53.00 114.65 -66.51
N ILE VA 222 52.23 114.87 -67.57
CA ILE VA 222 51.46 116.10 -67.78
C ILE VA 222 50.52 116.37 -66.59
N GLY VA 223 49.91 115.32 -66.06
CA GLY VA 223 49.00 115.45 -64.94
C GLY VA 223 47.64 115.95 -65.40
N GLN VA 224 47.01 116.79 -64.56
CA GLN VA 224 45.71 117.41 -64.89
C GLN VA 224 45.71 118.34 -66.07
N ALA VA 225 46.87 118.90 -66.40
CA ALA VA 225 47.03 119.68 -67.63
C ALA VA 225 46.69 118.88 -68.90
N CYS VA 226 46.53 117.55 -68.79
CA CYS VA 226 45.90 116.73 -69.84
C CYS VA 226 44.46 117.18 -70.15
N GLU VA 227 43.68 117.62 -69.14
CA GLU VA 227 42.28 118.10 -69.33
C GLU VA 227 42.13 119.14 -70.44
N ALA VA 228 42.82 120.27 -70.31
CA ALA VA 228 42.75 121.38 -71.30
C ALA VA 228 43.02 120.90 -72.72
N GLN VA 229 44.07 120.09 -72.84
CA GLN VA 229 44.40 119.39 -74.08
C GLN VA 229 43.26 118.41 -74.44
N ALA VA 230 43.12 117.34 -73.64
CA ALA VA 230 42.09 116.27 -73.83
C ALA VA 230 40.66 116.71 -74.19
N LYS VA 231 40.23 117.86 -73.67
CA LYS VA 231 38.92 118.45 -74.05
C LYS VA 231 38.87 118.76 -75.56
N ALA VA 232 39.94 119.38 -76.07
CA ALA VA 232 40.11 119.59 -77.52
C ALA VA 232 40.27 118.28 -78.32
N PHE VA 233 40.83 117.23 -77.70
CA PHE VA 233 40.92 115.87 -78.30
C PHE VA 233 39.55 115.18 -78.48
N LYS VA 234 38.57 115.61 -77.67
CA LYS VA 234 37.16 115.15 -77.77
C LYS VA 234 36.25 116.02 -78.63
N ASP VA 235 36.32 117.34 -78.43
CA ASP VA 235 35.45 118.28 -79.16
C ASP VA 235 35.75 118.27 -80.67
N LYS VA 236 37.01 118.05 -81.04
CA LYS VA 236 37.41 117.90 -82.45
C LYS VA 236 37.01 116.55 -83.04
N VAL VA 237 37.40 115.47 -82.36
CA VAL VA 237 37.04 114.11 -82.75
C VAL VA 237 36.38 113.39 -81.56
N ASP VA 238 35.05 113.37 -81.54
CA ASP VA 238 34.26 112.65 -80.51
C ASP VA 238 34.46 111.13 -80.63
N VAL VA 239 34.62 110.65 -81.87
CA VAL VA 239 34.85 109.22 -82.17
C VAL VA 239 36.36 108.96 -82.19
N ALA VA 240 36.94 108.89 -80.99
CA ALA VA 240 38.38 108.70 -80.80
C ALA VA 240 38.66 108.25 -79.36
N SER VA 241 39.93 107.90 -79.08
CA SER VA 241 40.34 107.45 -77.75
C SER VA 241 41.71 108.01 -77.34
N VAL VA 242 42.08 107.76 -76.09
CA VAL VA 242 43.37 108.20 -75.54
C VAL VA 242 44.24 107.00 -75.15
N ILE VA 243 45.57 107.19 -75.23
CA ILE VA 243 46.58 106.24 -74.76
C ILE VA 243 47.53 107.01 -73.85
N VAL VA 244 47.50 106.71 -72.55
CA VAL VA 244 48.33 107.42 -71.57
C VAL VA 244 49.63 106.65 -71.33
N THR VA 245 50.77 107.29 -71.56
CA THR VA 245 52.08 106.64 -71.56
C THR VA 245 52.96 107.06 -70.39
N LYS VA 246 54.05 106.31 -70.22
CA LYS VA 246 55.09 106.59 -69.21
C LYS VA 246 54.63 106.52 -67.73
N LEU VA 247 53.45 105.95 -67.46
CA LEU VA 247 52.88 105.94 -66.09
C LEU VA 247 53.88 105.71 -64.98
N ASP VA 248 54.68 104.66 -65.17
CA ASP VA 248 55.62 104.17 -64.16
C ASP VA 248 56.77 105.13 -63.84
N GLY VA 249 57.00 106.13 -64.70
CA GLY VA 249 57.95 107.21 -64.41
C GLY VA 249 57.40 108.40 -63.63
N HIS VA 250 56.11 108.39 -63.25
CA HIS VA 250 55.45 109.57 -62.63
C HIS VA 250 54.51 109.21 -61.49
N ALA VA 251 54.58 110.00 -60.42
CA ALA VA 251 53.65 109.91 -59.31
C ALA VA 251 52.34 110.67 -59.58
N LYS VA 252 52.23 111.31 -60.76
CA LYS VA 252 51.03 112.06 -61.16
C LYS VA 252 50.24 111.38 -62.30
N GLY VA 253 50.15 110.05 -62.27
CA GLY VA 253 49.50 109.28 -63.33
C GLY VA 253 47.98 109.25 -63.24
N GLY VA 254 47.47 108.98 -62.05
CA GLY VA 254 46.02 108.90 -61.80
C GLY VA 254 45.24 110.17 -62.08
N GLY VA 255 45.92 111.32 -61.95
CA GLY VA 255 45.36 112.58 -62.40
C GLY VA 255 45.15 112.66 -63.89
N ALA VA 256 46.09 112.10 -64.66
CA ALA VA 256 45.95 112.01 -66.12
C ALA VA 256 44.75 111.15 -66.49
N LEU VA 257 44.52 110.08 -65.72
CA LEU VA 257 43.38 109.19 -65.95
C LEU VA 257 42.05 109.82 -65.57
N SER VA 258 42.01 110.44 -64.38
CA SER VA 258 40.84 111.18 -63.89
C SER VA 258 40.53 112.41 -64.76
N ALA VA 259 41.59 113.10 -65.18
CA ALA VA 259 41.51 114.21 -66.13
C ALA VA 259 40.90 113.78 -67.46
N VAL VA 260 41.55 112.78 -68.06
CA VAL VA 260 41.16 112.27 -69.38
C VAL VA 260 39.77 111.59 -69.36
N ALA VA 261 39.33 111.10 -68.19
CA ALA VA 261 37.95 110.61 -68.04
C ALA VA 261 36.93 111.72 -67.71
N ALA VA 262 37.34 112.70 -66.90
CA ALA VA 262 36.47 113.85 -66.52
C ALA VA 262 35.83 114.53 -67.73
N THR VA 263 36.59 114.60 -68.81
CA THR VA 263 36.21 115.32 -70.02
C THR VA 263 35.35 114.47 -71.01
N LYS VA 264 35.26 113.15 -70.79
CA LYS VA 264 34.48 112.15 -71.60
C LYS VA 264 35.22 111.45 -72.80
N SER VA 265 36.31 110.71 -72.53
CA SER VA 265 36.94 109.82 -73.54
C SER VA 265 36.90 108.37 -73.09
N PRO VA 266 37.12 107.45 -74.04
CA PRO VA 266 37.59 106.12 -73.74
C PRO VA 266 39.11 106.14 -73.76
N ILE VA 267 39.71 105.57 -72.74
CA ILE VA 267 41.15 105.41 -72.66
C ILE VA 267 41.36 103.91 -73.02
N ILE VA 268 42.28 103.60 -73.97
CA ILE VA 268 42.37 102.22 -74.59
C ILE VA 268 43.64 101.30 -74.30
N PHE VA 269 44.88 101.80 -74.40
CA PHE VA 269 46.14 101.07 -73.87
C PHE VA 269 47.10 101.94 -73.00
N ILE VA 270 47.33 101.61 -71.71
CA ILE VA 270 48.20 102.43 -70.80
C ILE VA 270 49.66 102.01 -71.01
N GLY VA 271 50.56 103.00 -71.05
CA GLY VA 271 52.00 102.78 -71.22
C GLY VA 271 52.77 102.78 -69.92
N THR VA 272 53.50 101.69 -69.69
CA THR VA 272 54.10 101.39 -68.39
C THR VA 272 55.62 101.13 -68.51
N GLY VA 273 56.29 101.91 -69.37
CA GLY VA 273 57.75 101.79 -69.55
C GLY VA 273 58.29 102.10 -70.93
N GLU VA 274 59.52 101.64 -71.18
CA GLU VA 274 60.24 101.79 -72.47
C GLU VA 274 60.27 100.52 -73.35
N HIS VA 275 59.89 99.37 -72.77
CA HIS VA 275 59.91 98.07 -73.45
C HIS VA 275 58.73 97.92 -74.43
N ILE VA 276 58.86 96.97 -75.35
CA ILE VA 276 57.82 96.71 -76.35
C ILE VA 276 56.59 96.01 -75.71
N ASP VA 277 56.83 95.24 -74.65
CA ASP VA 277 55.76 94.54 -73.90
C ASP VA 277 54.92 95.44 -72.97
N ASP VA 278 55.37 96.66 -72.70
CA ASP VA 278 54.84 97.47 -71.57
C ASP VA 278 53.67 98.43 -71.89
N PHE VA 279 52.59 97.85 -72.40
CA PHE VA 279 51.23 98.44 -72.37
C PHE VA 279 50.27 97.32 -72.02
N GLU VA 280 49.04 97.70 -71.72
CA GLU VA 280 47.97 96.75 -71.39
C GLU VA 280 46.63 97.45 -71.58
N PRO VA 281 45.56 96.68 -71.88
CA PRO VA 281 44.27 97.29 -72.20
C PRO VA 281 43.63 97.91 -70.96
N PHE VA 282 42.93 99.04 -71.11
CA PHE VA 282 42.32 99.70 -69.94
C PHE VA 282 41.10 98.96 -69.45
N LYS VA 283 41.38 98.08 -68.49
CA LYS VA 283 40.38 97.38 -67.73
C LYS VA 283 39.97 98.25 -66.54
N THR VA 284 39.02 99.15 -66.82
CA THR VA 284 38.53 100.18 -65.88
C THR VA 284 38.46 99.78 -64.40
N GLN VA 285 37.65 98.78 -64.11
CA GLN VA 285 37.41 98.32 -62.74
C GLN VA 285 38.62 97.64 -62.07
N PRO VA 286 39.25 96.63 -62.71
CA PRO VA 286 40.36 95.96 -62.04
C PRO VA 286 41.66 96.78 -61.83
N PHE VA 287 41.84 97.95 -62.46
CA PHE VA 287 42.91 98.92 -62.03
C PHE VA 287 42.69 99.22 -60.57
N ILE VA 288 41.46 99.63 -60.28
CA ILE VA 288 41.08 100.08 -58.97
C ILE VA 288 41.04 98.92 -57.96
N SER VA 289 40.77 97.69 -58.41
CA SER VA 289 40.92 96.51 -57.55
C SER VA 289 42.40 96.22 -57.24
N LYS VA 290 43.23 96.20 -58.29
CA LYS VA 290 44.69 96.07 -58.15
C LYS VA 290 45.23 97.08 -57.13
N LEU VA 291 44.76 98.33 -57.27
CA LEU VA 291 45.15 99.40 -56.36
C LEU VA 291 44.61 99.17 -54.94
N LEU VA 292 43.29 99.20 -54.79
CA LEU VA 292 42.64 99.18 -53.45
C LEU VA 292 42.82 97.90 -52.67
N GLY VA 293 42.45 96.79 -53.30
CA GLY VA 293 42.36 95.50 -52.61
C GLY VA 293 42.58 94.35 -53.59
N MET VA 294 43.79 93.78 -53.53
CA MET VA 294 44.28 92.77 -54.46
C MET VA 294 43.18 91.86 -55.03
N GLN VA 295 53.01 61.16 -62.24
CA GLN VA 295 54.45 61.22 -62.63
C GLN VA 295 54.82 62.54 -63.29
N PHE VA 296 55.75 63.27 -62.67
CA PHE VA 296 56.21 64.57 -63.16
C PHE VA 296 57.63 64.48 -63.71
N THR VA 297 57.76 64.50 -65.04
CA THR VA 297 59.07 64.41 -65.69
C THR VA 297 59.70 65.79 -65.86
N LEU VA 298 60.90 65.83 -66.43
CA LEU VA 298 61.59 67.10 -66.65
C LEU VA 298 61.01 67.80 -67.88
N ARG VA 299 60.44 67.02 -68.79
CA ARG VA 299 59.80 67.57 -69.98
C ARG VA 299 58.50 68.21 -69.51
N ASP VA 300 57.84 67.57 -68.54
CA ASP VA 300 56.60 68.08 -67.96
C ASP VA 300 56.87 69.42 -67.30
N MET VA 301 58.01 69.55 -66.64
CA MET VA 301 58.38 70.80 -65.99
C MET VA 301 58.67 71.83 -67.07
N TYR VA 302 59.29 71.38 -68.16
CA TYR VA 302 59.63 72.27 -69.28
C TYR VA 302 58.36 72.90 -69.85
N GLU VA 303 57.36 72.05 -70.04
CA GLU VA 303 56.06 72.46 -70.59
C GLU VA 303 55.28 73.40 -69.69
N GLN VA 304 55.30 73.15 -68.38
CA GLN VA 304 54.63 74.02 -67.44
C GLN VA 304 55.28 75.40 -67.48
N PHE VA 305 56.60 75.43 -67.64
CA PHE VA 305 57.31 76.69 -67.73
C PHE VA 305 56.90 77.47 -68.98
N GLN VA 306 56.61 76.75 -70.07
CA GLN VA 306 56.20 77.41 -71.30
C GLN VA 306 54.83 78.06 -71.12
N ASN VA 307 53.91 77.33 -70.51
CA ASN VA 307 52.56 77.82 -70.25
C ASN VA 307 52.51 79.00 -69.29
N ILE VA 308 53.40 78.99 -68.30
CA ILE VA 308 53.46 80.07 -67.33
C ILE VA 308 54.02 81.36 -67.96
N MET VA 309 55.02 81.21 -68.83
CA MET VA 309 55.61 82.36 -69.51
C MET VA 309 54.62 82.98 -70.48
N LYS VA 310 54.58 81.23 -71.14
CA LYS VA 310 53.49 81.91 -71.82
C LYS VA 310 52.69 82.82 -70.89
N MET VA 311 52.35 82.31 -69.70
CA MET VA 311 51.58 83.07 -68.73
C MET VA 311 52.43 84.05 -67.93
N GLY VA 312 53.72 84.12 -68.25
CA GLY VA 312 54.63 85.02 -67.56
C GLY VA 312 54.27 86.50 -67.70
N PRO VA 313 54.20 87.03 -68.94
CA PRO VA 313 53.86 88.44 -69.19
C PRO VA 313 52.56 88.83 -68.49
N PHE VA 314 51.41 88.63 -69.31
CA PHE VA 314 50.21 88.24 -68.56
C PHE VA 314 50.33 88.73 -67.13
N SER VA 315 51.10 88.62 -66.68
CA SER VA 315 51.88 88.70 -65.44
C SER VA 315 51.45 89.95 -64.66
N GLN VA 316 51.00 90.95 -65.41
CA GLN VA 316 50.54 92.20 -64.82
C GLN VA 316 49.21 91.94 -64.11
N ILE VA 317 48.31 91.27 -64.82
CA ILE VA 317 46.98 90.92 -64.30
C ILE VA 317 47.09 90.07 -63.04
N LEU VA 318 48.01 89.12 -63.04
CA LEU VA 318 48.23 88.23 -61.90
C LEU VA 318 48.61 89.02 -60.65
N GLY VA 319 49.35 90.14 -60.84
CA GLY VA 319 49.75 90.95 -59.71
C GLY VA 319 48.61 91.82 -59.19
N MET VA 320 47.50 91.82 -59.91
CA MET VA 320 46.31 92.61 -59.54
C MET VA 320 45.20 91.75 -58.93
N ILE VA 321 45.56 90.60 -58.38
CA ILE VA 321 44.61 89.66 -57.76
C ILE VA 321 45.06 89.31 -56.34
N PRO VA 322 44.13 89.42 -55.40
CA PRO VA 322 44.40 89.25 -53.97
C PRO VA 322 44.82 87.82 -53.64
N GLY VA 323 45.59 87.68 -52.57
CA GLY VA 323 46.25 86.42 -52.26
C GLY VA 323 47.63 86.39 -52.90
N PHE VA 324 47.99 87.49 -53.54
CA PHE VA 324 49.33 87.68 -54.08
C PHE VA 324 50.32 87.67 -52.93
N GLY VA 325 49.92 88.28 -51.82
CA GLY VA 325 50.72 88.29 -50.60
C GLY VA 325 51.53 89.55 -50.37
N THR VA 326 51.89 89.77 -49.10
CA THR VA 326 52.61 90.96 -48.68
C THR VA 326 54.04 91.00 -49.22
N ASP VA 327 54.51 92.20 -49.54
CA ASP VA 327 55.87 92.40 -50.01
C ASP VA 327 56.16 91.56 -51.25
N PHE VA 328 55.17 91.47 -52.13
CA PHE VA 328 55.33 90.70 -53.36
C PHE VA 328 56.41 91.32 -54.23
N MET VA 329 57.20 90.47 -54.89
CA MET VA 329 58.28 90.95 -55.74
C MET VA 329 59.29 91.79 -54.97
N SER VA 330 59.53 91.41 -53.72
CA SER VA 330 60.46 92.15 -52.87
C SER VA 330 61.88 92.10 -53.41
N LYS VA 331 62.55 93.25 -53.39
CA LYS VA 331 63.94 93.36 -53.84
C LYS VA 331 64.01 93.44 -55.36
N GLY VA 332 62.84 93.45 -56.00
CA GLY VA 332 62.75 93.51 -57.45
C GLY VA 332 62.98 92.14 -58.07
N ASN VA 333 63.13 91.13 -57.23
CA ASN VA 333 63.39 89.76 -57.68
C ASN VA 333 62.27 89.19 -58.53
N GLU VA 334 61.03 89.48 -58.13
CA GLU VA 334 59.86 88.95 -58.83
C GLU VA 334 59.81 89.45 -60.27
N GLN VA 335 60.45 90.56 -60.58
CA GLN VA 335 60.79 90.74 -61.99
C GLN VA 335 61.77 89.61 -62.43
N GLU VA 336 62.75 89.35 -61.57
CA GLU VA 336 63.81 88.38 -61.82
C GLU VA 336 63.33 86.92 -61.95
N SER VA 337 62.37 86.54 -61.11
CA SER VA 337 61.80 85.20 -61.17
C SER VA 337 61.10 85.03 -62.51
N MET VA 338 60.39 86.08 -62.94
CA MET VA 338 59.68 86.04 -64.20
C MET VA 338 60.71 85.83 -65.31
N ALA VA 339 61.85 86.51 -65.17
CA ALA VA 339 62.95 86.32 -66.12
C ALA VA 339 63.58 84.92 -66.19
N ARG VA 340 63.78 84.26 -65.04
CA ARG VA 340 64.63 83.05 -64.98
C ARG VA 340 64.22 81.76 -65.76
N LEU VA 341 62.93 81.43 -65.74
CA LEU VA 341 62.35 80.21 -66.29
C LEU VA 341 62.95 79.92 -67.65
N LYS VA 342 63.19 80.96 -68.44
CA LYS VA 342 63.76 80.81 -69.78
C LYS VA 342 65.17 80.25 -69.73
N LYS VA 343 65.94 80.66 -68.73
CA LYS VA 343 67.31 80.17 -68.60
C LYS VA 343 67.32 78.70 -68.18
N LEU VA 344 66.33 78.30 -67.39
CA LEU VA 344 66.22 76.92 -66.96
C LEU VA 344 65.81 76.06 -68.15
N MET VA 345 65.04 76.66 -69.05
CA MET VA 345 64.57 76.00 -70.25
C MET VA 345 65.75 75.77 -71.18
N THR VA 346 66.66 76.74 -71.24
CA THR VA 346 67.82 76.61 -72.11
C THR VA 346 68.75 75.50 -71.59
N ILE VA 347 68.72 75.26 -70.28
CA ILE VA 347 69.54 74.22 -69.69
C ILE VA 347 68.94 72.86 -70.05
N MET VA 348 67.61 72.76 -70.00
CA MET VA 348 66.93 71.53 -70.37
C MET VA 348 66.98 71.29 -71.88
N ASP VA 349 67.36 72.31 -72.64
CA ASP VA 349 67.49 72.21 -74.10
C ASP VA 349 68.76 71.41 -74.42
N SER VA 350 69.66 71.33 -73.43
CA SER VA 350 70.91 70.60 -73.54
C SER VA 350 70.76 69.14 -73.11
N MET VA 351 69.60 68.81 -72.56
CA MET VA 351 69.33 67.45 -72.12
C MET VA 351 68.78 66.66 -73.30
N ASN VA 352 68.71 65.33 -73.18
CA ASN VA 352 68.19 64.51 -74.27
C ASN VA 352 66.89 63.85 -73.87
N ASP VA 353 66.27 63.16 -74.81
CA ASP VA 353 64.98 62.52 -74.58
C ASP VA 353 64.94 61.56 -73.39
N GLN VA 354 66.01 60.79 -73.19
CA GLN VA 354 66.07 59.84 -72.09
C GLN VA 354 65.95 60.57 -70.76
N GLU VA 355 66.76 61.61 -70.63
CA GLU VA 355 66.77 62.43 -69.43
C GLU VA 355 65.47 63.23 -69.24
N LEU VA 356 64.88 63.71 -70.33
CA LEU VA 356 63.65 64.48 -70.29
C LEU VA 356 62.38 63.70 -70.00
N ASP VA 357 62.27 62.48 -70.52
CA ASP VA 357 61.09 61.65 -70.31
C ASP VA 357 61.23 60.61 -69.21
N SER VA 358 62.36 60.67 -68.52
CA SER VA 358 62.64 59.74 -67.42
C SER VA 358 61.67 60.01 -66.25
N THR VA 359 61.18 58.94 -65.63
CA THR VA 359 60.27 59.04 -64.49
C THR VA 359 60.90 59.92 -63.39
N ASP VA 360 62.23 59.83 -63.29
CA ASP VA 360 62.99 60.62 -62.32
C ASP VA 360 64.27 61.10 -63.00
N GLY VA 361 64.17 62.24 -63.67
CA GLY VA 361 65.31 62.81 -64.37
C GLY VA 361 66.49 63.13 -63.49
N ALA VA 362 66.25 63.42 -62.21
CA ALA VA 362 67.33 63.73 -61.28
C ALA VA 362 68.18 62.50 -61.03
N LYS VA 363 67.51 61.33 -61.04
CA LYS VA 363 68.16 60.06 -60.80
C LYS VA 363 69.11 59.67 -61.94
N VAL VA 364 68.72 60.00 -63.17
CA VAL VA 364 69.53 59.68 -64.35
C VAL VA 364 70.88 60.38 -64.30
N PHE VA 365 70.84 61.61 -63.82
CA PHE VA 365 72.02 62.44 -63.52
C PHE VA 365 72.85 61.97 -62.33
N SER VA 366 72.16 61.59 -61.25
CA SER VA 366 72.81 61.33 -59.98
C SER VA 366 73.77 60.15 -60.09
N LYS VA 367 73.33 59.13 -60.80
CA LYS VA 367 74.18 57.99 -61.11
C LYS VA 367 75.32 58.46 -62.00
N GLN VA 368 75.01 59.38 -62.91
CA GLN VA 368 75.94 59.74 -63.99
C GLN VA 368 76.32 61.22 -63.91
N PRO VA 369 77.09 61.61 -62.87
CA PRO VA 369 77.52 63.00 -62.71
C PRO VA 369 78.29 63.61 -63.88
N GLY VA 370 78.64 62.78 -64.86
CA GLY VA 370 79.34 63.28 -66.03
C GLY VA 370 78.38 64.13 -66.84
N ARG VA 371 77.11 63.73 -66.83
CA ARG VA 371 76.02 64.44 -67.54
C ARG VA 371 75.85 65.89 -67.07
N ILE VA 372 76.08 66.13 -65.78
CA ILE VA 372 75.97 67.46 -65.20
C ILE VA 372 76.96 68.40 -65.88
N GLN VA 373 78.18 67.92 -66.08
CA GLN VA 373 79.26 68.68 -66.71
C GLN VA 373 78.91 69.14 -68.14
N ARG VA 374 78.29 68.24 -68.91
CA ARG VA 374 77.89 68.52 -70.30
C ARG VA 374 76.82 69.63 -70.40
N VAL VA 375 75.75 69.46 -69.63
CA VAL VA 375 74.63 70.40 -69.56
C VAL VA 375 75.14 71.80 -69.26
N ALA VA 376 76.06 71.88 -68.30
CA ALA VA 376 76.66 73.15 -67.88
C ALA VA 376 77.49 73.77 -68.99
N ARG VA 377 78.21 72.94 -69.74
CA ARG VA 377 79.03 73.42 -70.85
C ARG VA 377 78.18 74.04 -71.94
N GLY VA 378 77.21 73.27 -72.43
CA GLY VA 378 76.42 73.64 -73.58
C GLY VA 378 75.54 74.86 -73.45
N SER VA 379 74.90 75.00 -72.29
CA SER VA 379 73.97 76.10 -72.05
C SER VA 379 74.70 77.31 -71.48
N GLY VA 380 76.01 77.17 -71.27
CA GLY VA 380 76.79 78.23 -70.67
C GLY VA 380 76.55 78.27 -69.18
N VAL VA 381 75.95 77.21 -68.65
CA VAL VA 381 75.65 77.12 -67.23
C VAL VA 381 76.60 76.17 -66.51
N SER VA 382 77.21 76.68 -65.46
CA SER VA 382 78.17 75.92 -64.65
C SER VA 382 77.58 74.60 -64.16
N THR VA 383 78.46 73.72 -63.69
CA THR VA 383 78.05 72.42 -63.17
C THR VA 383 77.05 72.60 -62.03
N ARG VA 384 77.32 73.56 -61.15
CA ARG VA 384 76.41 73.80 -60.01
C ARG VA 384 75.01 74.22 -60.48
N ASP VA 385 74.94 75.05 -61.52
CA ASP VA 385 73.66 75.52 -62.06
C ASP VA 385 72.76 74.37 -62.50
N VAL VA 386 73.35 73.32 -63.07
CA VAL VA 386 72.59 72.15 -63.51
C VAL VA 386 72.10 71.32 -62.32
N GLN VA 387 72.92 71.23 -61.27
CA GLN VA 387 72.55 70.47 -60.09
C GLN VA 387 71.43 71.23 -59.37
N GLU VA 388 71.47 72.56 -59.46
CA GLU VA 388 70.46 73.43 -58.86
C GLU VA 388 69.13 73.19 -59.53
N LEU VA 389 69.14 73.21 -60.87
CA LEU VA 389 67.94 72.94 -61.65
C LEU VA 389 67.39 71.58 -61.24
N LEU VA 390 68.29 70.60 -61.13
CA LEU VA 390 67.89 69.24 -60.76
C LEU VA 390 67.26 69.17 -59.37
N THR VA 391 67.81 69.96 -58.44
CA THR VA 391 67.28 69.97 -57.07
C THR VA 391 65.90 70.63 -57.10
N GLN VA 392 65.78 71.75 -57.83
CA GLN VA 392 64.51 72.47 -57.96
C GLN VA 392 63.47 71.56 -58.59
N TYR VA 393 63.86 70.82 -59.63
CA TYR VA 393 62.95 69.89 -60.29
C TYR VA 393 62.45 68.85 -59.30
N THR VA 394 63.35 68.43 -58.40
CA THR VA 394 63.04 67.43 -57.39
C THR VA 394 61.93 67.94 -56.48
N LYS VA 395 62.11 69.16 -55.98
CA LYS VA 395 61.15 69.81 -55.07
C LYS VA 395 59.82 70.07 -55.78
N PHE VA 396 59.90 70.39 -57.08
CA PHE VA 396 58.73 70.68 -57.91
C PHE VA 396 57.89 69.41 -58.07
N ALA VA 397 58.56 68.34 -58.47
CA ALA VA 397 57.92 67.04 -58.68
C ALA VA 397 57.34 66.43 -57.40
N GLN VA 398 57.99 66.72 -56.26
CA GLN VA 398 57.51 66.21 -54.99
C GLN VA 398 56.11 66.74 -54.73
N MET VA 399 55.99 68.07 -54.73
CA MET VA 399 54.71 68.74 -54.50
C MET VA 399 53.63 68.47 -55.54
N VAL VA 400 54.02 68.17 -56.79
CA VAL VA 400 53.06 67.86 -57.84
C VAL VA 400 52.33 66.54 -57.54
N LYS VA 401 53.02 65.60 -56.90
CA LYS VA 401 52.38 64.32 -56.54
C LYS VA 401 51.64 64.52 -55.22
N LYS VA 402 52.03 65.57 -54.50
CA LYS VA 402 51.41 65.94 -53.22
C LYS VA 402 50.19 66.83 -53.54
N MET VA 403 50.01 67.12 -54.83
CA MET VA 403 48.92 67.95 -55.36
C MET VA 403 47.71 67.07 -55.70
N UNK VA 404 33.97 80.18 -63.73
CA UNK VA 404 33.39 81.08 -62.75
C UNK VA 404 33.47 80.50 -61.33
N UNK VA 405 33.09 79.24 -61.21
CA UNK VA 405 33.11 78.56 -59.92
C UNK VA 405 34.51 78.57 -59.32
N UNK VA 406 35.50 78.22 -60.14
CA UNK VA 406 36.88 78.18 -59.69
C UNK VA 406 37.33 79.54 -59.16
N UNK VA 407 37.02 80.59 -59.91
CA UNK VA 407 37.39 81.95 -59.51
C UNK VA 407 36.79 82.28 -58.14
N UNK VA 408 35.52 81.96 -58.02
CA UNK VA 408 34.74 82.19 -56.80
C UNK VA 408 35.41 81.46 -55.63
N UNK VA 409 35.75 80.21 -55.89
CA UNK VA 409 36.39 79.34 -54.90
C UNK VA 409 37.70 79.97 -54.41
N UNK VA 410 38.46 80.44 -55.38
CA UNK VA 410 39.77 81.08 -55.14
C UNK VA 410 39.58 82.30 -54.23
N UNK VA 411 38.58 83.08 -54.57
CA UNK VA 411 38.23 84.30 -53.83
C UNK VA 411 37.92 83.96 -52.37
N UNK VA 412 37.12 82.92 -52.22
CA UNK VA 412 36.68 82.42 -50.91
C UNK VA 412 37.91 82.03 -50.07
N UNK VA 413 38.80 81.31 -50.72
CA UNK VA 413 40.05 80.83 -50.11
C UNK VA 413 40.86 82.02 -49.60
N UNK VA 414 40.98 83.01 -50.46
CA UNK VA 414 41.72 84.25 -50.17
C UNK VA 414 41.15 84.92 -48.93
N UNK VA 415 51.29 74.50 -47.79
CA UNK VA 415 50.98 73.68 -48.98
C UNK VA 415 49.86 72.68 -48.65
N UNK VA 416 50.04 72.03 -47.52
CA UNK VA 416 49.10 71.03 -47.02
C UNK VA 416 47.71 71.65 -46.86
N UNK VA 417 47.71 72.82 -46.24
CA UNK VA 417 46.49 73.59 -45.99
C UNK VA 417 45.76 73.88 -47.30
N UNK VA 418 46.56 74.33 -48.25
CA UNK VA 418 46.07 74.68 -49.60
C UNK VA 418 45.39 73.46 -50.24
N UNK VA 419 46.09 72.35 -50.13
CA UNK VA 419 45.62 71.05 -50.67
C UNK VA 419 44.27 70.70 -50.08
N UNK VA 420 44.20 70.83 -48.76
CA UNK VA 420 42.99 70.55 -47.98
C UNK VA 420 42.38 71.42 -48.46
N UNK VA 421 42.12 72.67 -48.66
CA UNK VA 421 41.15 73.66 -49.14
C UNK VA 421 40.60 73.24 -50.51
N UNK VA 422 41.52 72.85 -51.36
CA UNK VA 422 41.21 72.41 -52.73
C UNK VA 422 40.26 71.22 -52.69
N UNK VA 423 40.60 70.28 -51.82
CA UNK VA 423 39.83 69.05 -51.62
C UNK VA 423 38.39 69.40 -51.22
N UNK VA 424 38.32 70.31 -50.26
CA UNK VA 424 37.03 70.79 -49.72
C UNK VA 424 36.18 71.37 -50.84
N UNK VA 425 36.83 72.20 -51.65
CA UNK VA 425 36.19 72.87 -52.78
C UNK VA 425 35.60 71.83 -53.75
N UNK VA 426 36.43 70.84 -54.03
CA UNK VA 426 36.07 69.72 -54.92
C UNK VA 426 34.82 69.02 -54.41
N LEU WA 1 44.52 75.26 -61.76
CA LEU WA 1 45.85 75.09 -62.35
C LEU WA 1 46.73 76.35 -62.20
N LEU WA 2 46.21 77.48 -62.65
CA LEU WA 2 46.93 78.74 -62.60
C LEU WA 2 47.41 79.11 -61.22
N LEU WA 3 46.70 78.67 -60.19
CA LEU WA 3 47.12 79.00 -58.85
C LEU WA 3 48.43 78.28 -58.44
N LEU WA 4 48.40 76.94 -58.23
CA LEU WA 4 49.59 76.20 -57.84
C LEU WA 4 50.75 76.41 -58.81
N LEU WA 5 50.55 76.07 -60.07
CA LEU WA 5 51.58 76.22 -61.09
C LEU WA 5 52.25 77.57 -60.98
N LEU WA 6 51.46 78.63 -60.84
CA LEU WA 6 52.00 79.97 -60.72
C LEU WA 6 52.56 80.24 -59.34
N LEU WA 7 51.93 79.68 -58.32
CA LEU WA 7 52.41 79.86 -56.96
C LEU WA 7 53.67 79.05 -56.61
N LEU WA 8 53.81 77.86 -57.19
CA LEU WA 8 54.97 77.02 -56.98
C LEU WA 8 56.13 77.67 -57.71
N LEU WA 9 55.85 78.14 -58.92
CA LEU WA 9 56.83 78.81 -59.74
C LEU WA 9 57.36 80.00 -58.95
N LEU WA 10 56.43 80.70 -58.30
CA LEU WA 10 56.76 81.86 -57.49
C LEU WA 10 57.56 81.47 -56.24
N LEU WA 11 57.02 80.54 -55.46
CA LEU WA 11 57.66 80.08 -54.24
C LEU WA 11 59.06 79.50 -54.51
N LEU WA 12 42.77 47.49 -22.23
CA LEU WA 12 41.38 46.94 -22.11
C LEU WA 12 41.41 45.60 -21.38
N LYS WA 13 40.56 45.43 -20.38
CA LYS WA 13 40.51 44.18 -19.63
C LYS WA 13 39.08 43.78 -19.19
N VAL WA 14 38.67 44.28 -18.03
CA VAL WA 14 37.74 43.54 -17.16
C VAL WA 14 36.28 43.66 -17.59
N GLY WA 15 35.55 42.58 -17.33
CA GLY WA 15 34.09 42.55 -17.40
C GLY WA 15 33.64 41.42 -16.48
N PRO WA 16 32.84 41.71 -15.43
CA PRO WA 16 32.65 40.90 -14.22
C PRO WA 16 33.22 39.48 -14.28
N VAL WA 17 34.56 39.40 -14.20
CA VAL WA 17 35.31 38.17 -14.52
C VAL WA 17 34.89 36.87 -13.78
N PRO WA 18 34.59 36.95 -12.46
CA PRO WA 18 34.22 35.72 -11.77
C PRO WA 18 32.71 35.52 -11.90
N VAL WA 19 32.27 35.05 -13.06
CA VAL WA 19 30.84 34.93 -13.34
C VAL WA 19 30.15 33.91 -12.42
N LEU WA 20 30.88 32.85 -12.10
CA LEU WA 20 30.33 31.65 -11.46
C LEU WA 20 29.45 30.88 -12.44
N VAL WA 21 29.48 29.55 -12.32
CA VAL WA 21 28.66 28.65 -13.13
C VAL WA 21 27.76 27.87 -12.19
N MET WA 22 26.56 27.54 -12.67
CA MET WA 22 25.62 26.72 -11.91
C MET WA 22 26.31 25.46 -11.41
N SER WA 23 26.85 24.67 -12.33
CA SER WA 23 27.56 23.39 -12.08
C SER WA 23 26.90 22.16 -12.75
N LEU WA 24 25.72 22.36 -13.35
CA LEU WA 24 24.80 21.29 -13.76
C LEU WA 24 24.38 20.41 -12.57
N LEU WA 25 25.03 19.28 -12.33
CA LEU WA 25 24.56 18.34 -11.29
C LEU WA 25 25.60 18.17 -10.18
N PHE WA 26 26.66 17.43 -10.51
CA PHE WA 26 27.55 16.78 -9.54
C PHE WA 26 26.84 15.93 -8.45
N ILE WA 27 25.63 15.38 -8.63
CA ILE WA 27 25.13 14.42 -7.61
C ILE WA 27 25.88 13.11 -7.90
N ALA WA 28 27.18 13.17 -7.56
CA ALA WA 28 28.11 12.06 -7.63
C ALA WA 28 28.28 11.57 -6.19
N SER WA 29 27.39 12.05 -5.33
CA SER WA 29 27.40 11.75 -3.92
C SER WA 29 26.26 10.79 -3.68
N MET WA 30 26.62 9.57 -3.27
CA MET WA 30 25.63 8.66 -2.71
C MET WA 30 25.26 9.18 -1.31
N VAL WA 31 24.85 8.28 -0.40
CA VAL WA 31 24.47 8.62 0.98
C VAL WA 31 24.81 7.39 1.86
N ASP ZA 1 95.10 99.37 -69.03
CA ASP ZA 1 94.23 98.46 -69.76
C ASP ZA 1 94.99 97.66 -70.82
N ARG ZA 2 96.22 98.08 -71.13
CA ARG ZA 2 97.08 97.35 -72.05
C ARG ZA 2 98.00 96.44 -71.25
N PHE ZA 3 97.40 95.45 -70.58
CA PHE ZA 3 98.14 94.46 -69.81
C PHE ZA 3 97.88 93.04 -70.35
N ILE ZA 4 98.89 92.19 -70.29
CA ILE ZA 4 98.72 90.80 -70.72
C ILE ZA 4 97.82 90.03 -69.76
N CYS ZA 5 97.02 89.11 -70.31
CA CYS ZA 5 96.15 88.26 -69.50
C CYS ZA 5 96.93 87.05 -69.07
N ILE ZA 6 96.48 86.41 -67.99
CA ILE ZA 6 97.04 85.13 -67.55
C ILE ZA 6 95.98 84.32 -66.81
N TYR ZA 7 95.64 83.16 -67.38
CA TYR ZA 7 94.74 82.22 -66.74
C TYR ZA 7 95.54 81.18 -65.98
N PRO ZA 8 94.96 80.58 -64.94
CA PRO ZA 8 95.65 79.56 -64.14
C PRO ZA 8 95.75 78.25 -64.92
N ALA ZA 9 94.85 78.07 -65.88
CA ALA ZA 9 94.90 76.95 -66.79
C ALA ZA 9 96.26 76.86 -67.46
N TYR ZA 10 96.85 78.01 -67.76
CA TYR ZA 10 98.14 78.08 -68.43
C TYR ZA 10 99.24 77.33 -67.68
N LEU ZA 11 99.04 77.10 -66.39
CA LEU ZA 11 100.13 76.56 -65.56
C LEU ZA 11 99.78 75.22 -64.94
N ASN ZA 12 98.55 74.79 -65.17
CA ASN ZA 12 98.05 73.57 -64.55
C ASN ZA 12 98.57 72.29 -65.16
N ASN ZA 13 99.34 71.52 -64.40
CA ASN ZA 13 99.94 70.31 -64.93
C ASN ZA 13 98.97 69.15 -65.21
N LYS ZA 14 97.74 69.27 -64.69
CA LYS ZA 14 96.71 68.27 -64.95
C LYS ZA 14 95.80 68.66 -66.12
N LYS ZA 15 96.33 69.47 -67.02
CA LYS ZA 15 95.59 69.90 -68.20
C LYS ZA 15 96.46 69.76 -69.44
N THR ZA 16 95.85 69.38 -70.55
CA THR ZA 16 96.59 69.25 -71.80
C THR ZA 16 96.73 70.59 -72.48
N ILE ZA 17 97.73 70.69 -73.34
CA ILE ZA 17 97.92 71.85 -74.18
C ILE ZA 17 96.61 72.27 -74.85
N ALA ZA 18 95.79 71.30 -75.21
CA ALA ZA 18 94.50 71.61 -75.82
C ALA ZA 18 93.50 72.10 -74.79
N GLU ZA 19 93.80 71.88 -73.52
CA GLU ZA 19 92.93 72.31 -72.44
C GLU ZA 19 93.34 73.69 -71.93
N GLY ZA 20 94.39 74.25 -72.53
CA GLY ZA 20 94.83 75.57 -72.17
C GLY ZA 20 96.32 75.75 -71.92
N ARG ZA 21 96.92 74.82 -71.19
CA ARG ZA 21 98.28 74.95 -70.67
C ARG ZA 21 99.28 75.56 -71.65
N ARG ZA 22 100.14 76.45 -71.17
CA ARG ZA 22 101.06 77.21 -72.03
C ARG ZA 22 102.53 76.84 -71.81
N ILE ZA 23 102.81 76.08 -70.75
CA ILE ZA 23 104.18 75.70 -70.43
C ILE ZA 23 104.35 74.19 -70.33
N PRO ZA 24 105.56 73.68 -70.60
CA PRO ZA 24 105.88 72.26 -70.46
C PRO ZA 24 105.47 71.70 -69.10
N ILE ZA 25 104.97 70.48 -69.09
CA ILE ZA 25 104.48 69.84 -67.85
C ILE ZA 25 105.55 69.80 -66.76
N SER ZA 26 106.79 69.53 -67.18
CA SER ZA 26 107.92 69.45 -66.27
C SER ZA 26 108.06 70.69 -65.40
N LYS ZA 27 107.78 71.85 -65.99
CA LYS ZA 27 107.90 73.11 -65.29
C LYS ZA 27 106.57 73.56 -64.67
N ALA ZA 28 105.48 72.91 -65.07
CA ALA ZA 28 104.14 73.31 -64.63
C ALA ZA 28 103.85 72.83 -63.21
N VAL ZA 29 102.67 73.19 -62.70
CA VAL ZA 29 102.30 72.82 -61.34
C VAL ZA 29 100.87 72.31 -61.27
N GLU ZA 30 100.50 71.77 -60.11
CA GLU ZA 30 99.16 71.22 -59.90
C GLU ZA 30 98.20 72.26 -59.35
N ASN ZA 31 97.07 72.39 -60.04
CA ASN ZA 31 95.97 73.27 -59.63
C ASN ZA 31 96.39 74.65 -59.15
N PRO ZA 32 97.09 75.41 -59.99
CA PRO ZA 32 97.44 76.76 -59.54
C PRO ZA 32 96.18 77.60 -59.49
N THR ZA 33 96.09 78.49 -58.51
CA THR ZA 33 94.95 79.38 -58.38
C THR ZA 33 95.35 80.81 -58.71
N ALA ZA 34 94.41 81.55 -59.29
CA ALA ZA 34 94.63 82.93 -59.68
C ALA ZA 34 95.21 83.70 -58.50
N THR ZA 35 94.70 83.38 -57.32
CA THR ZA 35 95.21 83.94 -56.08
C THR ZA 35 96.69 83.64 -55.91
N GLU ZA 36 97.03 82.35 -55.95
CA GLU ZA 36 98.43 81.90 -55.86
C GLU ZA 36 99.28 82.62 -56.89
N ILE ZA 37 98.77 82.68 -58.10
CA ILE ZA 37 99.46 83.37 -59.19
C ILE ZA 37 99.71 84.84 -58.89
N GLN ZA 38 98.66 85.57 -58.50
CA GLN ZA 38 98.81 86.98 -58.17
C GLN ZA 38 99.85 87.16 -57.07
N ASP ZA 39 99.77 86.32 -56.07
CA ASP ZA 39 100.64 86.45 -54.89
C ASP ZA 39 102.12 86.26 -55.20
N VAL ZA 40 102.45 85.30 -56.05
CA VAL ZA 40 103.86 85.05 -56.34
C VAL ZA 40 104.40 86.06 -57.34
N CYS ZA 41 103.52 86.64 -58.16
CA CYS ZA 41 103.93 87.66 -59.12
C CYS ZA 41 104.16 88.98 -58.41
N SER ZA 42 103.16 89.40 -57.65
CA SER ZA 42 103.23 90.62 -56.88
C SER ZA 42 104.46 90.61 -55.98
N ALA ZA 43 104.66 89.50 -55.27
CA ALA ZA 43 105.74 89.38 -54.30
C ALA ZA 43 107.13 89.56 -54.90
N VAL ZA 44 107.25 89.42 -56.21
CA VAL ZA 44 108.54 89.67 -56.84
C VAL ZA 44 108.64 91.14 -57.24
N GLY ZA 45 107.53 91.87 -57.08
CA GLY ZA 45 107.53 93.29 -57.39
C GLY ZA 45 106.91 93.60 -58.74
N LEU ZA 46 106.11 92.68 -59.24
CA LEU ZA 46 105.38 92.92 -60.47
C LEU ZA 46 104.11 93.66 -60.13
N ASN ZA 47 103.69 94.52 -61.04
CA ASN ZA 47 102.39 95.14 -60.91
C ASN ZA 47 101.36 94.16 -61.42
N VAL ZA 48 100.56 93.62 -60.50
CA VAL ZA 48 99.51 92.69 -60.90
C VAL ZA 48 98.18 93.03 -60.24
N PHE ZA 49 97.09 92.80 -60.96
CA PHE ZA 49 95.77 92.92 -60.36
C PHE ZA 49 94.89 91.74 -60.73
N LEU ZA 50 94.09 91.31 -59.76
CA LEU ZA 50 93.39 90.04 -59.82
C LEU ZA 50 91.91 90.21 -60.16
N GLU ZA 51 91.47 89.51 -61.21
CA GLU ZA 51 90.06 89.51 -61.58
C GLU ZA 51 89.37 88.21 -61.11
N LYS ZA 52 88.93 88.23 -59.86
CA LYS ZA 52 88.31 87.07 -59.20
C LYS ZA 52 87.18 86.40 -59.96
N ASN ZA 53 86.54 87.13 -60.87
CA ASN ZA 53 85.33 86.62 -61.51
C ASN ZA 53 85.41 86.43 -63.02
N LYS ZA 54 86.62 86.35 -63.56
CA LYS ZA 54 86.77 85.98 -64.95
C LYS ZA 54 87.02 84.49 -65.00
N MET ZA 55 86.38 83.80 -65.94
CA MET ZA 55 86.60 82.36 -66.13
C MET ZA 55 87.35 82.11 -67.43
N TYR ZA 56 88.09 81.01 -67.48
CA TYR ZA 56 88.73 80.66 -68.74
C TYR ZA 56 87.65 80.14 -69.67
N SER ZA 57 87.71 80.54 -70.93
CA SER ZA 57 86.75 80.07 -71.92
C SER ZA 57 86.77 78.53 -72.03
N ARG ZA 58 87.99 77.99 -72.03
CA ARG ZA 58 88.20 76.55 -72.13
C ARG ZA 58 87.99 75.87 -70.78
N GLU ZA 59 87.75 76.66 -69.74
CA GLU ZA 59 87.54 76.05 -68.45
C GLU ZA 59 86.07 75.72 -68.32
N TRP ZA 60 85.82 74.55 -67.76
CA TRP ZA 60 84.50 73.91 -67.76
C TRP ZA 60 84.00 73.70 -66.32
N ASN ZA 61 84.92 73.62 -65.38
CA ASN ZA 61 84.62 73.35 -63.98
C ASN ZA 61 84.05 74.57 -63.25
N ARG ZA 62 82.73 74.64 -63.12
CA ARG ZA 62 82.07 75.83 -62.57
C ARG ZA 62 82.33 76.15 -61.11
N ASP ZA 63 83.16 75.36 -60.43
CA ASP ZA 63 83.41 75.67 -59.01
C ASP ZA 63 84.66 76.53 -58.80
N VAL ZA 64 84.58 77.36 -57.76
CA VAL ZA 64 85.50 78.47 -57.49
C VAL ZA 64 87.01 78.20 -57.61
N GLN ZA 65 87.48 77.00 -57.32
CA GLN ZA 65 88.93 76.79 -57.29
C GLN ZA 65 89.59 76.89 -58.66
N TYR ZA 66 88.79 77.00 -59.72
CA TYR ZA 66 89.33 77.11 -61.08
C TYR ZA 66 88.92 78.40 -61.77
N ARG ZA 67 88.15 79.25 -61.10
CA ARG ZA 67 87.77 80.55 -61.66
C ARG ZA 67 88.93 81.50 -61.44
N GLY ZA 68 88.93 82.61 -62.16
CA GLY ZA 68 89.93 83.64 -61.94
C GLY ZA 68 90.89 83.89 -63.08
N ARG ZA 69 91.29 85.14 -63.22
CA ARG ZA 69 92.24 85.55 -64.24
C ARG ZA 69 93.19 86.55 -63.60
N VAL ZA 70 94.46 86.47 -63.92
CA VAL ZA 70 95.42 87.45 -63.41
C VAL ZA 70 95.99 88.32 -64.51
N ARG ZA 71 95.76 89.62 -64.42
CA ARG ZA 71 96.30 90.54 -65.40
C ARG ZA 71 97.64 91.03 -64.89
N VAL ZA 72 98.63 91.12 -65.78
CA VAL ZA 72 99.95 91.59 -65.38
C VAL ZA 72 100.43 92.69 -66.33
N GLN ZA 73 101.09 93.70 -65.77
CA GLN ZA 73 101.70 94.75 -66.58
C GLN ZA 73 103.16 94.41 -66.89
N LEU ZA 74 103.54 94.57 -68.17
CA LEU ZA 74 104.93 94.42 -68.57
C LEU ZA 74 105.54 95.77 -68.89
N LYS ZA 75 104.67 96.73 -69.20
CA LYS ZA 75 105.12 98.00 -69.77
C LYS ZA 75 104.54 99.25 -69.12
N GLN ZA 76 105.42 100.26 -69.01
CA GLN ZA 76 105.12 101.54 -68.38
C GLN ZA 76 104.32 102.47 -69.30
N GLU ZA 77 103.97 101.96 -70.48
CA GLU ZA 77 103.26 102.71 -71.53
C GLU ZA 77 104.10 103.82 -72.18
N ASP ZA 78 105.41 103.72 -72.05
CA ASP ZA 78 106.31 104.39 -72.98
C ASP ZA 78 106.93 103.32 -73.88
N GLY ZA 79 106.46 102.09 -73.70
CA GLY ZA 79 106.90 100.95 -74.49
C GLY ZA 79 107.99 100.15 -73.82
N SER ZA 80 108.61 100.71 -72.79
CA SER ZA 80 109.71 100.05 -72.11
C SER ZA 80 109.22 98.96 -71.17
N LEU ZA 81 110.09 98.00 -70.90
CA LEU ZA 81 109.72 96.89 -70.03
C LEU ZA 81 109.75 97.39 -68.60
N CYS ZA 82 108.65 97.19 -67.87
CA CYS ZA 82 108.59 97.53 -66.46
C CYS ZA 82 109.81 96.95 -65.77
N LEU ZA 83 110.07 95.68 -66.06
CA LEU ZA 83 111.26 95.03 -65.57
C LEU ZA 83 111.94 94.36 -66.74
N VAL ZA 84 113.27 94.26 -66.66
CA VAL ZA 84 114.06 93.61 -67.69
C VAL ZA 84 114.01 92.10 -67.52
N GLN ZA 85 113.72 91.65 -66.30
CA GLN ZA 85 113.60 90.22 -66.04
C GLN ZA 85 112.38 89.60 -66.71
N PHE ZA 86 111.38 90.43 -67.00
CA PHE ZA 86 110.15 89.91 -67.58
C PHE ZA 86 109.75 90.56 -68.90
N PRO ZA 87 110.46 90.20 -69.99
CA PRO ZA 87 110.10 90.70 -71.32
C PRO ZA 87 108.85 90.04 -71.92
N SER ZA 88 108.60 88.76 -71.62
CA SER ZA 88 107.53 88.03 -72.29
C SER ZA 88 106.56 87.33 -71.33
N ARG ZA 89 105.36 87.08 -71.83
CA ARG ZA 89 104.33 86.36 -71.10
C ARG ZA 89 104.87 85.04 -70.59
N LYS ZA 90 105.58 84.35 -71.47
CA LYS ZA 90 106.19 83.07 -71.15
C LYS ZA 90 107.13 83.20 -69.96
N SER ZA 91 107.90 84.29 -69.94
CA SER ZA 91 108.85 84.53 -68.86
C SER ZA 91 108.14 84.73 -67.56
N VAL ZA 92 106.96 85.32 -67.63
CA VAL ZA 92 106.13 85.47 -66.44
C VAL ZA 92 105.72 84.09 -65.96
N MET ZA 93 104.96 83.39 -66.80
CA MET ZA 93 104.36 82.09 -66.46
C MET ZA 93 105.35 81.12 -65.85
N LEU ZA 94 106.49 80.97 -66.49
CA LEU ZA 94 107.52 80.03 -66.02
C LEU ZA 94 107.98 80.37 -64.62
N TYR ZA 95 108.01 81.67 -64.31
CA TYR ZA 95 108.44 82.11 -63.00
C TYR ZA 95 107.38 81.79 -61.96
N ALA ZA 96 106.15 82.21 -62.23
CA ALA ZA 96 105.03 81.94 -61.33
C ALA ZA 96 105.01 80.46 -61.00
N ALA ZA 97 105.13 79.65 -62.05
CA ALA ZA 97 105.23 78.21 -61.91
C ALA ZA 97 106.35 77.86 -60.95
N GLU ZA 98 107.51 78.48 -61.13
CA GLU ZA 98 108.66 78.21 -60.28
C GLU ZA 98 108.43 78.64 -58.83
N MET ZA 99 107.58 79.64 -58.61
CA MET ZA 99 107.46 80.23 -57.27
C MET ZA 99 106.26 79.79 -56.42
N ILE ZA 100 105.11 79.56 -57.06
CA ILE ZA 100 103.93 79.04 -56.37
C ILE ZA 100 104.18 77.88 -55.38
N PRO ZA 101 105.01 76.89 -55.75
CA PRO ZA 101 105.23 75.75 -54.85
C PRO ZA 101 105.90 76.03 -53.51
N LYS ZA 102 106.62 77.13 -53.37
CA LYS ZA 102 107.29 77.43 -52.10
C LYS ZA 102 106.32 77.96 -51.05
N LEU ZA 103 105.10 78.26 -51.46
CA LEU ZA 103 104.07 78.76 -50.55
C LEU ZA 103 103.58 77.69 -49.57
N LYS ZA 104 102.73 76.79 -50.05
CA LYS ZA 104 102.01 75.86 -49.19
C LYS ZA 104 102.90 74.70 -48.76
N THR ZA 105 103.82 74.30 -49.62
CA THR ZA 105 104.68 73.16 -49.31
C THR ZA 105 106.11 73.59 -49.00
N LEU AB 1 97.54 -0.22 -101.94
CA LEU AB 1 96.63 0.93 -101.91
C LEU AB 1 96.60 1.64 -103.25
N SER AB 2 95.45 2.20 -103.61
CA SER AB 2 95.25 2.77 -104.93
C SER AB 2 94.50 4.10 -104.87
N LEU AB 3 94.77 4.99 -105.82
CA LEU AB 3 94.04 6.24 -105.94
C LEU AB 3 94.14 6.83 -107.36
N GLU AB 4 93.01 6.91 -108.05
CA GLU AB 4 92.97 7.39 -109.43
C GLU AB 4 92.63 8.88 -109.50
N ILE AB 5 93.63 9.73 -109.32
CA ILE AB 5 93.43 11.17 -109.14
C ILE AB 5 92.63 11.88 -110.24
N LEU AB 6 93.13 11.85 -111.47
CA LEU AB 6 92.48 12.56 -112.57
C LEU AB 6 91.00 12.21 -112.74
N GLN AB 7 90.67 10.93 -112.58
CA GLN AB 7 89.29 10.46 -112.73
C GLN AB 7 88.42 10.98 -111.60
N ILE AB 8 88.94 10.95 -110.38
CA ILE AB 8 88.23 11.45 -109.21
C ILE AB 8 87.87 12.92 -109.36
N ILE AB 9 88.90 13.73 -109.61
CA ILE AB 9 88.69 15.15 -109.69
C ILE AB 9 87.72 15.46 -110.84
N LYS AB 10 87.89 14.81 -111.99
CA LYS AB 10 87.05 15.10 -113.14
C LYS AB 10 85.59 14.78 -112.89
N GLU AB 11 85.30 13.82 -112.01
CA GLU AB 11 83.92 13.43 -111.77
C GLU AB 11 83.31 14.17 -110.59
N SER AB 12 84.13 14.48 -109.58
CA SER AB 12 83.67 15.33 -108.50
C SER AB 12 83.34 16.69 -109.10
N GLN AB 13 84.28 17.23 -109.87
CA GLN AB 13 84.15 18.57 -110.44
C GLN AB 13 82.88 18.75 -111.25
N GLN AB 14 82.59 17.79 -112.11
CA GLN AB 14 81.46 17.93 -113.01
C GLN AB 14 80.12 17.78 -112.30
N GLN AB 15 80.09 17.02 -111.21
CA GLN AB 15 78.83 16.77 -110.52
C GLN AB 15 78.38 17.89 -109.57
N HIS AB 16 79.33 18.65 -109.05
CA HIS AB 16 78.99 19.66 -108.04
C HIS AB 16 79.40 21.07 -108.42
N GLY AB 17 79.08 21.50 -109.64
CA GLY AB 17 79.29 22.88 -110.01
C GLY AB 17 80.00 23.17 -111.31
N LEU AB 18 81.21 22.64 -111.47
CA LEU AB 18 82.08 23.06 -112.57
C LEU AB 18 81.52 22.80 -113.97
N ARG AB 19 80.35 22.18 -114.02
CA ARG AB 19 79.58 22.06 -115.25
C ARG AB 19 79.22 23.46 -115.69
N HIS AB 20 78.97 24.33 -114.71
CA HIS AB 20 78.61 25.71 -114.98
C HIS AB 20 79.67 26.66 -114.44
N GLY AB 21 80.67 26.11 -113.77
CA GLY AB 21 81.80 26.88 -113.29
C GLY AB 21 81.62 27.39 -111.88
N ASP AB 22 80.65 26.84 -111.16
CA ASP AB 22 80.35 27.31 -109.81
C ASP AB 22 81.36 26.75 -108.80
N PHE AB 23 82.52 27.39 -108.71
CA PHE AB 23 83.59 26.93 -107.82
C PHE AB 23 83.24 27.04 -106.34
N GLN AB 24 82.26 27.87 -106.02
CA GLN AB 24 81.79 27.95 -104.64
C GLN AB 24 81.21 26.62 -104.19
N ARG AB 25 80.21 26.15 -104.92
CA ARG AB 25 79.52 24.91 -104.59
C ARG AB 25 80.50 23.75 -104.53
N TYR AB 26 81.32 23.63 -105.56
CA TYR AB 26 82.26 22.51 -105.63
C TYR AB 26 83.26 22.56 -104.49
N ARG AB 27 83.71 23.76 -104.15
CA ARG AB 27 84.65 23.88 -103.05
C ARG AB 27 83.98 23.45 -101.76
N GLY AB 28 82.71 23.84 -101.63
CA GLY AB 28 81.92 23.45 -100.49
C GLY AB 28 81.81 21.95 -100.44
N TYR AB 29 81.59 21.36 -101.61
CA TYR AB 29 81.49 19.91 -101.74
C TYR AB 29 82.79 19.26 -101.28
N CYS AB 30 83.91 19.87 -101.63
CA CYS AB 30 85.19 19.37 -101.22
C CYS AB 30 85.34 19.45 -99.70
N SER AB 31 84.86 20.55 -99.13
CA SER AB 31 84.94 20.77 -97.68
C SER AB 31 84.13 19.74 -96.89
N ARG AB 32 82.89 19.55 -97.31
CA ARG AB 32 81.98 18.60 -96.65
C ARG AB 32 82.49 17.18 -96.79
N ARG AB 33 82.97 16.83 -97.98
CA ARG AB 33 83.53 15.52 -98.24
C ARG AB 33 84.70 15.30 -97.30
N GLN AB 34 85.49 16.35 -97.10
CA GLN AB 34 86.65 16.27 -96.22
C GLN AB 34 86.19 16.06 -94.78
N ARG AB 35 84.99 16.54 -94.48
CA ARG AB 35 84.40 16.34 -93.16
C ARG AB 35 84.08 14.88 -92.97
N ARG AB 36 83.29 14.32 -93.90
CA ARG AB 36 82.94 12.91 -93.88
C ARG AB 36 84.18 12.04 -93.75
N LEU AB 37 85.15 12.30 -94.60
CA LEU AB 37 86.37 11.51 -94.65
C LEU AB 37 87.08 11.49 -93.30
N ARG AB 38 87.37 12.68 -92.76
CA ARG AB 38 88.05 12.74 -91.47
C ARG AB 38 87.22 12.11 -90.37
N LYS AB 39 85.91 12.30 -90.43
CA LYS AB 39 85.03 11.73 -89.41
C LYS AB 39 85.09 10.22 -89.42
N THR AB 40 84.95 9.61 -90.60
CA THR AB 40 85.08 8.17 -90.71
C THR AB 40 86.44 7.73 -90.21
N LEU AB 41 87.49 8.42 -90.66
CA LEU AB 41 88.87 8.06 -90.34
C LEU AB 41 89.23 8.28 -88.87
N ASN AB 42 88.63 9.29 -88.24
CA ASN AB 42 88.99 9.60 -86.87
C ASN AB 42 88.38 8.63 -85.87
N ASP AB 43 100.61 7.12 -89.59
CA ASP AB 43 101.78 6.26 -89.55
C ASP AB 43 102.11 5.83 -90.96
N LEU AB 44 102.48 6.82 -91.77
CA LEU AB 44 102.23 6.73 -93.20
C LEU AB 44 100.76 6.32 -93.31
N LEU AB 45 100.46 5.17 -93.91
CA LEU AB 45 99.04 4.89 -94.18
C LEU AB 45 98.51 3.53 -93.73
N THR AB 46 97.18 3.40 -93.81
CA THR AB 46 96.50 2.13 -93.64
C THR AB 46 95.51 1.96 -94.81
N ASP AB 47 94.53 2.86 -94.86
CA ASP AB 47 93.54 2.92 -95.94
C ASP AB 47 93.96 3.88 -97.08
N ASN AB 48 93.14 3.97 -98.12
CA ASN AB 48 93.43 4.90 -99.22
C ASN AB 48 92.62 6.19 -99.09
N ARG AB 49 91.88 6.32 -97.99
CA ARG AB 49 91.10 7.52 -97.73
C ARG AB 49 91.95 8.73 -97.40
N TYR AB 50 93.02 8.50 -96.65
CA TYR AB 50 94.04 9.52 -96.39
C TYR AB 50 94.45 10.26 -97.67
N LEU AB 51 94.72 9.48 -98.72
CA LEU AB 51 95.09 10.04 -100.02
C LEU AB 51 93.95 10.85 -100.61
N LEU AB 52 92.72 10.37 -100.44
CA LEU AB 52 91.56 11.08 -100.92
C LEU AB 52 91.38 12.39 -100.18
N LEU AB 53 91.69 12.36 -98.88
CA LEU AB 53 91.52 13.50 -97.99
C LEU AB 53 92.45 14.66 -98.34
N VAL AB 54 93.74 14.38 -98.46
CA VAL AB 54 94.72 15.39 -98.82
C VAL AB 54 94.44 16.01 -100.18
N LEU AB 55 93.94 15.18 -101.10
CA LEU AB 55 93.57 15.67 -102.42
C LEU AB 55 92.43 16.68 -102.30
N MET AB 56 91.46 16.36 -101.46
CA MET AB 56 90.36 17.28 -101.19
C MET AB 56 90.88 18.59 -100.61
N ASP AB 57 91.96 18.50 -99.84
CA ASP AB 57 92.58 19.69 -99.29
C ASP AB 57 93.18 20.54 -100.41
N ALA AB 58 93.84 19.88 -101.35
CA ALA AB 58 94.40 20.55 -102.51
C ALA AB 58 93.30 21.03 -103.45
N GLU AB 59 92.20 20.28 -103.51
CA GLU AB 59 91.07 20.66 -104.35
C GLU AB 59 90.37 21.92 -103.83
N ARG AB 60 90.14 21.97 -102.52
CA ARG AB 60 89.48 23.11 -101.88
C ARG AB 60 90.19 24.41 -102.22
N ALA AB 61 91.47 24.47 -101.87
CA ALA AB 61 92.30 25.62 -102.18
C ALA AB 61 92.24 25.96 -103.66
N TRP AB 62 92.48 24.97 -104.52
CA TRP AB 62 92.44 25.17 -105.96
C TRP AB 62 91.14 25.81 -106.44
N SER AB 63 90.02 25.26 -105.99
CA SER AB 63 88.73 25.76 -106.43
C SER AB 63 88.52 27.18 -105.96
N TYR AB 64 88.97 27.46 -104.74
CA TYR AB 64 88.84 28.77 -104.14
C TYR AB 64 89.56 29.79 -105.00
N ALA AB 65 90.86 29.55 -105.21
CA ALA AB 65 91.69 30.40 -106.04
C ALA AB 65 91.00 30.67 -107.37
N MET AB 66 90.27 29.69 -107.87
CA MET AB 66 89.55 29.86 -109.12
C MET AB 66 88.31 30.71 -108.99
N GLN AB 67 87.62 30.59 -107.86
CA GLN AB 67 86.49 31.45 -107.56
C GLN AB 67 87.04 32.85 -107.48
N LEU AB 68 88.16 32.98 -106.77
CA LEU AB 68 88.81 34.26 -106.59
C LEU AB 68 89.15 34.94 -107.90
N LYS AB 69 89.66 34.20 -108.88
CA LYS AB 69 90.04 34.86 -110.12
C LYS AB 69 88.84 35.38 -110.89
N GLN AB 70 87.70 34.75 -110.72
CA GLN AB 70 86.49 35.27 -111.36
C GLN AB 70 86.12 36.57 -110.69
N GLU AB 71 86.50 36.67 -109.41
CA GLU AB 71 86.12 37.84 -108.62
C GLU AB 71 87.15 38.96 -108.77
N ALA AB 72 88.43 38.60 -108.76
CA ALA AB 72 89.53 39.56 -108.86
C ALA AB 72 89.56 40.22 -110.25
N ASN AB 73 88.70 39.68 -111.11
CA ASN AB 73 88.37 40.26 -112.41
C ASN AB 73 88.07 41.76 -112.26
N THR AB 74 87.48 42.10 -111.12
CA THR AB 74 87.14 43.47 -110.79
C THR AB 74 87.71 43.94 -109.45
N GLU AB 75 88.17 43.00 -108.64
CA GLU AB 75 88.61 43.29 -107.27
C GLU AB 75 90.05 42.89 -106.99
N PRO AB 76 91.01 43.60 -107.60
CA PRO AB 76 92.43 43.23 -107.58
C PRO AB 76 93.02 42.92 -106.20
N ARG AB 77 92.38 43.39 -105.13
CA ARG AB 77 92.80 43.02 -103.79
C ARG AB 77 92.64 41.51 -103.56
N LYS AB 78 91.71 40.91 -104.29
CA LYS AB 78 91.48 39.48 -104.18
C LYS AB 78 92.58 38.72 -104.88
N ARG AB 79 93.14 39.30 -105.94
CA ARG AB 79 94.18 38.63 -106.70
C ARG AB 79 95.36 38.24 -105.80
N PHE AB 80 95.54 39.00 -104.73
CA PHE AB 80 96.58 38.69 -103.75
C PHE AB 80 96.25 37.39 -103.05
N HIS AB 81 94.98 37.24 -102.68
CA HIS AB 81 94.48 36.04 -102.00
C HIS AB 81 94.48 34.81 -102.91
N LEU AB 82 94.06 35.03 -104.15
CA LEU AB 82 94.11 34.04 -105.22
C LEU AB 82 95.45 33.34 -105.20
N LEU AB 83 96.50 34.12 -105.39
CA LEU AB 83 97.85 33.60 -105.39
C LEU AB 83 98.23 32.89 -104.08
N SER AB 84 97.56 33.25 -102.98
CA SER AB 84 97.86 32.58 -101.72
C SER AB 84 97.23 31.19 -101.71
N ARG AB 85 95.95 31.13 -102.04
CA ARG AB 85 95.23 29.87 -102.18
C ARG AB 85 95.99 28.94 -103.12
N LEU AB 86 96.40 29.47 -104.26
CA LEU AB 86 97.10 28.67 -105.25
C LEU AB 86 98.41 28.14 -104.68
N ARG AB 87 99.14 28.98 -103.95
CA ARG AB 87 100.37 28.51 -103.32
C ARG AB 87 100.07 27.49 -102.24
N LYS AB 88 98.88 27.60 -101.63
CA LYS AB 88 98.49 26.60 -100.64
C LYS AB 88 98.08 25.30 -101.32
N ALA AB 89 97.37 25.42 -102.44
CA ALA AB 89 96.95 24.28 -103.24
C ALA AB 89 98.13 23.42 -103.60
N VAL AB 90 99.24 24.06 -103.94
CA VAL AB 90 100.45 23.33 -104.27
C VAL AB 90 101.07 22.68 -103.04
N LYS AB 91 101.02 23.37 -101.91
CA LYS AB 91 101.54 22.82 -100.66
C LYS AB 91 100.88 21.48 -100.32
N HIS AB 92 99.56 21.42 -100.45
CA HIS AB 92 98.82 20.20 -100.21
C HIS AB 92 99.05 19.17 -101.30
N ALA AB 93 99.32 19.65 -102.51
CA ALA AB 93 99.63 18.75 -103.62
C ALA AB 93 101.02 18.13 -103.48
N GLU AB 94 101.98 18.92 -103.00
CA GLU AB 94 103.31 18.41 -102.71
C GLU AB 94 103.23 17.39 -101.59
N GLU AB 95 102.52 17.77 -100.55
CA GLU AB 95 102.28 16.93 -99.39
C GLU AB 95 101.59 15.63 -99.79
N LEU AB 96 100.81 15.71 -100.87
CA LEU AB 96 100.16 14.55 -101.46
C LEU AB 96 101.15 13.69 -102.22
N GLU AB 97 101.94 14.32 -103.09
CA GLU AB 97 103.00 13.64 -103.83
C GLU AB 97 104.00 13.06 -102.85
N ARG AB 98 103.96 13.55 -101.61
CA ARG AB 98 104.80 13.02 -100.54
C ARG AB 98 104.24 11.72 -99.99
N LEU AB 99 102.92 11.66 -99.82
CA LEU AB 99 102.28 10.46 -99.29
C LEU AB 99 102.29 9.30 -100.27
N CYS AB 100 102.15 9.59 -101.56
CA CYS AB 100 102.04 8.53 -102.56
C CYS AB 100 103.37 7.90 -102.97
N GLU AB 101 104.45 8.33 -102.32
CA GLU AB 101 105.77 7.73 -102.54
C GLU AB 101 106.05 6.67 -101.49
N SER AB 102 105.09 6.48 -100.59
CA SER AB 102 105.14 5.35 -99.67
C SER AB 102 104.92 4.09 -100.48
N ASN AB 103 105.64 3.03 -100.10
CA ASN AB 103 105.76 1.86 -100.95
C ASN AB 103 104.60 0.87 -100.84
N ARG AB 104 103.50 1.30 -100.22
CA ARG AB 104 102.26 0.51 -100.25
C ARG AB 104 101.23 1.13 -101.18
N VAL AB 105 101.70 2.03 -102.04
CA VAL AB 105 100.85 2.62 -103.08
C VAL AB 105 101.48 2.40 -104.46
N ASP AB 106 100.67 1.92 -105.40
CA ASP AB 106 101.15 1.58 -106.74
C ASP AB 106 101.72 2.77 -107.51
N ALA AB 107 102.43 2.48 -108.59
CA ALA AB 107 103.15 3.48 -109.36
C ALA AB 107 102.23 4.30 -110.29
N LYS AB 108 101.07 3.74 -110.62
CA LYS AB 108 100.07 4.48 -111.40
C LYS AB 108 99.63 5.70 -110.62
N THR AB 109 99.44 5.52 -109.32
CA THR AB 109 99.03 6.59 -108.43
C THR AB 109 100.18 7.58 -108.21
N LYS AB 110 101.41 7.07 -108.22
CA LYS AB 110 102.59 7.92 -108.14
C LYS AB 110 102.58 8.88 -109.33
N LEU AB 111 102.24 8.35 -110.50
CA LEU AB 111 102.19 9.15 -111.73
C LEU AB 111 101.15 10.27 -111.64
N GLU AB 112 99.94 9.92 -111.23
CA GLU AB 112 98.85 10.87 -111.08
C GLU AB 112 99.24 12.04 -110.18
N ALA AB 113 99.84 11.72 -109.04
CA ALA AB 113 100.18 12.73 -108.04
C ALA AB 113 101.22 13.71 -108.55
N GLN AB 114 102.21 13.21 -109.25
CA GLN AB 114 103.26 14.09 -109.78
C GLN AB 114 102.74 14.84 -111.00
N ALA AB 115 101.67 14.32 -111.62
CA ALA AB 115 101.06 14.98 -112.77
C ALA AB 115 100.12 16.06 -112.30
N TYR AB 116 99.45 15.79 -111.18
CA TYR AB 116 98.57 16.75 -110.52
C TYR AB 116 99.40 17.89 -109.94
N THR AB 117 100.44 17.52 -109.20
CA THR AB 117 101.34 18.50 -108.61
C THR AB 117 101.90 19.40 -109.68
N ALA AB 118 102.17 18.83 -110.84
CA ALA AB 118 102.65 19.60 -111.97
C ALA AB 118 101.57 20.54 -112.50
N TYR AB 119 100.33 20.07 -112.53
CA TYR AB 119 99.22 20.86 -113.02
C TYR AB 119 99.09 22.13 -112.21
N LEU AB 120 98.97 21.97 -110.89
CA LEU AB 120 98.84 23.11 -109.99
C LEU AB 120 100.07 24.00 -110.04
N SER AB 121 101.26 23.40 -109.95
CA SER AB 121 102.51 24.10 -110.08
C SER AB 121 102.51 24.95 -111.36
N GLY AB 122 102.02 24.35 -112.43
CA GLY AB 122 101.83 25.06 -113.67
C GLY AB 122 100.93 26.25 -113.47
N MET AB 123 99.85 26.05 -112.73
CA MET AB 123 98.88 27.12 -112.52
C MET AB 123 99.45 28.28 -111.71
N LEU AB 124 100.16 27.99 -110.62
CA LEU AB 124 100.70 29.06 -109.79
C LEU AB 124 101.64 29.93 -110.60
N ARG AB 125 102.64 29.30 -111.20
CA ARG AB 125 103.63 30.00 -111.99
C ARG AB 125 102.98 30.75 -113.15
N PHE AB 126 101.89 30.21 -113.68
CA PHE AB 126 101.17 30.85 -114.78
C PHE AB 126 100.46 32.10 -114.30
N GLU AB 127 100.08 32.11 -113.03
CA GLU AB 127 99.42 33.28 -112.47
C GLU AB 127 100.44 34.34 -112.04
N HIS AB 128 101.60 33.90 -111.57
CA HIS AB 128 102.71 34.80 -111.31
C HIS AB 128 103.31 35.29 -112.60
N GLN AB 129 102.82 34.74 -113.71
CA GLN AB 129 103.27 35.10 -115.05
C GLN AB 129 104.74 34.74 -115.28
N GLU AB 130 105.19 33.71 -114.57
CA GLU AB 130 106.53 33.15 -114.71
C GLU AB 130 106.57 32.17 -115.89
N TRP AB 131 106.58 32.71 -117.10
CA TRP AB 131 106.28 31.94 -118.31
C TRP AB 131 107.17 30.74 -118.60
N LYS AB 132 108.45 30.80 -118.24
CA LYS AB 132 109.32 29.65 -118.49
C LYS AB 132 109.12 28.57 -117.45
N ALA AB 133 109.11 28.96 -116.19
CA ALA AB 133 108.85 28.04 -115.10
C ALA AB 133 107.49 27.38 -115.25
N ALA AB 134 106.50 28.19 -115.63
CA ALA AB 134 105.13 27.70 -115.83
C ALA AB 134 105.05 26.70 -116.98
N ILE AB 135 105.70 27.03 -118.08
CA ILE AB 135 105.66 26.15 -119.25
C ILE AB 135 106.42 24.84 -118.98
N GLU AB 136 107.44 24.90 -118.13
CA GLU AB 136 108.16 23.70 -117.69
C GLU AB 136 107.16 22.77 -117.02
N ALA AB 137 106.38 23.34 -116.12
CA ALA AB 137 105.41 22.57 -115.35
C ALA AB 137 104.29 22.05 -116.23
N PHE AB 138 103.90 22.83 -117.23
CA PHE AB 138 102.83 22.43 -118.13
C PHE AB 138 103.26 21.30 -119.06
N ASN AB 139 104.52 21.32 -119.47
CA ASN AB 139 105.05 20.24 -120.29
C ASN AB 139 105.32 18.99 -119.46
N LYS AB 140 105.86 19.19 -118.26
CA LYS AB 140 106.03 18.10 -117.30
C LYS AB 140 104.70 17.39 -117.11
N CYS AB 141 103.65 18.19 -116.88
CA CYS AB 141 102.30 17.68 -116.77
C CYS AB 141 101.86 16.95 -118.03
N LYS AB 142 102.12 17.57 -119.18
CA LYS AB 142 101.74 16.99 -120.47
C LYS AB 142 102.47 15.67 -120.71
N THR AB 143 103.77 15.65 -120.37
CA THR AB 143 104.60 14.47 -120.58
C THR AB 143 104.11 13.28 -119.77
N ILE AB 144 103.85 13.51 -118.49
CA ILE AB 144 103.40 12.45 -117.61
C ILE AB 144 102.01 11.92 -117.99
N TYR AB 145 101.10 12.82 -118.33
CA TYR AB 145 99.76 12.44 -118.75
C TYR AB 145 99.78 11.64 -120.05
N GLU AB 146 100.74 11.95 -120.92
CA GLU AB 146 100.91 11.19 -122.16
C GLU AB 146 101.46 9.79 -121.85
N LYS AB 147 102.31 9.70 -120.84
CA LYS AB 147 102.86 8.44 -120.39
C LYS AB 147 101.77 7.53 -119.82
N LEU AB 148 100.84 8.12 -119.08
CA LEU AB 148 99.71 7.37 -118.53
C LEU AB 148 98.79 6.87 -119.63
N ALA AB 149 98.63 7.69 -120.67
CA ALA AB 149 97.65 7.41 -121.72
C ALA AB 149 98.06 6.26 -122.62
N SER AB 150 99.36 6.09 -122.84
CA SER AB 150 99.84 5.02 -123.71
C SER AB 150 99.66 3.63 -123.07
N ALA AB 151 99.80 3.57 -121.75
CA ALA AB 151 99.77 2.31 -121.03
C ALA AB 151 98.36 1.73 -120.89
N PHE AB 152 97.37 2.46 -121.39
CA PHE AB 152 95.99 2.02 -121.37
C PHE AB 152 95.40 2.04 -122.76
N THR AB 153 94.25 1.40 -122.92
CA THR AB 153 93.55 1.40 -124.21
C THR AB 153 93.14 2.84 -124.54
N GLU AB 154 92.74 3.07 -125.77
CA GLU AB 154 92.33 4.41 -126.18
C GLU AB 154 91.12 4.92 -125.40
N GLU AB 155 90.26 4.00 -124.99
CA GLU AB 155 89.09 4.36 -124.19
C GLU AB 155 89.47 4.90 -122.81
N GLN AB 156 90.36 4.18 -122.13
CA GLN AB 156 90.86 4.63 -120.83
C GLN AB 156 91.67 5.92 -120.99
N ALA AB 157 92.32 6.06 -122.14
CA ALA AB 157 93.22 7.19 -122.39
C ALA AB 157 92.47 8.47 -122.79
N VAL AB 158 91.17 8.34 -123.05
CA VAL AB 158 90.35 9.47 -123.45
C VAL AB 158 90.43 10.62 -122.44
N LEU AB 159 90.28 10.26 -121.17
CA LEU AB 159 90.31 11.25 -120.09
C LEU AB 159 91.64 11.99 -120.07
N TYR AB 160 92.72 11.23 -120.13
CA TYR AB 160 94.06 11.82 -120.15
C TYR AB 160 94.25 12.75 -121.33
N ASN AB 161 93.77 12.31 -122.50
CA ASN AB 161 93.92 13.09 -123.73
C ASN AB 161 93.16 14.41 -123.70
N GLN AB 162 91.97 14.41 -123.13
CA GLN AB 162 91.17 15.62 -123.05
C GLN AB 162 91.74 16.60 -122.05
N ARG AB 163 92.53 16.09 -121.09
CA ARG AB 163 93.18 16.94 -120.10
C ARG AB 163 94.39 17.64 -120.69
N VAL AB 164 95.11 16.94 -121.57
CA VAL AB 164 96.23 17.55 -122.26
C VAL AB 164 95.69 18.52 -123.32
N GLU AB 165 94.54 18.19 -123.91
CA GLU AB 165 93.83 19.13 -124.77
C GLU AB 165 93.45 20.33 -123.93
N GLU AB 166 93.08 20.06 -122.69
CA GLU AB 166 92.62 21.08 -121.77
C GLU AB 166 93.70 22.09 -121.40
N ILE AB 167 94.93 21.61 -121.18
CA ILE AB 167 96.02 22.48 -120.77
C ILE AB 167 96.83 23.04 -121.95
N SER AB 168 96.55 22.54 -123.14
CA SER AB 168 97.23 23.00 -124.35
C SER AB 168 97.09 24.51 -124.63
N PRO AB 169 95.91 25.10 -124.36
CA PRO AB 169 95.84 26.56 -124.48
C PRO AB 169 96.80 27.29 -123.53
N ASN AB 170 96.88 26.79 -122.31
CA ASN AB 170 97.80 27.35 -121.32
C ASN AB 170 99.24 27.29 -121.79
N ILE AB 171 99.63 26.13 -122.33
CA ILE AB 171 100.96 25.93 -122.89
C ILE AB 171 101.24 26.97 -123.98
N ARG AB 172 100.22 27.22 -124.81
CA ARG AB 172 100.34 28.13 -125.94
C ARG AB 172 100.60 29.57 -125.51
N TYR AB 173 99.93 29.98 -124.44
CA TYR AB 173 100.03 31.35 -123.96
C TYR AB 173 101.43 31.67 -123.47
N CYS AB 174 101.99 30.75 -122.68
CA CYS AB 174 103.34 30.91 -122.14
C CYS AB 174 104.35 31.12 -123.25
N ALA AB 175 104.20 30.36 -124.33
CA ALA AB 175 105.12 30.38 -125.44
C ALA AB 175 105.25 31.78 -126.05
N TYR AB 176 104.11 32.40 -126.36
CA TYR AB 176 104.12 33.70 -127.05
C TYR AB 176 104.64 34.84 -126.18
N ASN AB 177 104.96 34.54 -124.93
CA ASN AB 177 105.58 35.52 -124.06
C ASN AB 177 107.09 35.32 -123.90
N ILE AB 178 107.58 34.15 -124.30
CA ILE AB 178 109.03 33.89 -124.26
C ILE AB 178 109.60 33.95 -125.68
N GLY AB 179 108.81 34.43 -126.62
CA GLY AB 179 109.20 34.47 -128.02
C GLY AB 179 110.42 35.35 -128.27
N SER CB 1 -120.70 -19.13 -2.74
CA SER CB 1 -120.22 -18.34 -1.56
C SER CB 1 -120.53 -16.87 -1.76
N GLY CB 2 -119.90 -16.27 -2.78
CA GLY CB 2 -120.49 -15.16 -3.52
C GLY CB 2 -121.98 -15.36 -3.51
N ALA CB 3 -122.57 -14.85 -2.44
CA ALA CB 3 -123.96 -15.09 -2.12
C ALA CB 3 -124.80 -14.30 -3.09
N LEU CB 4 -125.15 -14.96 -4.18
CA LEU CB 4 -125.87 -14.32 -5.26
C LEU CB 4 -127.29 -13.92 -4.85
N ASP CB 5 -127.86 -14.58 -3.83
CA ASP CB 5 -129.22 -14.25 -3.35
C ASP CB 5 -129.52 -14.50 -1.87
N VAL CB 6 -129.56 -15.77 -1.50
CA VAL CB 6 -130.16 -16.22 -0.25
C VAL CB 6 -129.20 -16.12 0.91
N LEU CB 7 -128.03 -16.71 0.75
CA LEU CB 7 -127.03 -16.76 1.83
C LEU CB 7 -126.20 -15.46 1.90
N GLN CB 8 -126.87 -14.34 1.60
CA GLN CB 8 -126.34 -12.98 1.61
C GLN CB 8 -125.82 -12.55 2.97
N MET CB 9 -125.34 -11.32 3.07
CA MET CB 9 -124.75 -10.82 4.32
C MET CB 9 -125.71 -10.45 5.51
N LYS CB 10 -126.97 -10.08 5.27
CA LYS CB 10 -127.91 -9.77 6.39
C LYS CB 10 -127.45 -8.55 7.24
N GLU CB 11 -128.25 -8.19 8.25
CA GLU CB 11 -127.97 -7.02 9.10
C GLU CB 11 -127.60 -7.35 10.54
N GLU CB 12 -128.35 -8.25 11.16
CA GLU CB 12 -128.04 -8.77 12.51
C GLU CB 12 -126.59 -9.30 12.57
N ASP CB 13 -126.13 -9.92 11.47
CA ASP CB 13 -124.77 -10.43 11.34
C ASP CB 13 -123.77 -9.28 11.41
N VAL CB 14 -123.96 -8.27 10.54
CA VAL CB 14 -122.99 -7.17 10.38
C VAL CB 14 -122.68 -6.50 11.71
N LEU CB 15 -123.72 -6.21 12.49
CA LEU CB 15 -123.56 -5.60 13.82
C LEU CB 15 -122.64 -6.38 14.75
N LYS CB 16 -122.65 -7.70 14.66
CA LYS CB 16 -121.69 -8.53 15.39
C LYS CB 16 -120.27 -8.18 14.96
N PHE CB 17 -120.04 -8.22 13.64
CA PHE CB 17 -118.72 -7.97 13.06
C PHE CB 17 -118.18 -6.62 13.52
N LEU CB 18 -119.02 -5.60 13.47
CA LEU CB 18 -118.61 -4.29 13.95
C LEU CB 18 -118.36 -4.29 15.45
N ALA CB 19 -119.27 -4.90 16.21
CA ALA CB 19 -119.22 -4.86 17.67
C ALA CB 19 -117.93 -5.44 18.24
N ALA CB 20 -117.57 -6.63 17.78
CA ALA CB 20 -116.33 -7.30 18.17
C ALA CB 20 -115.07 -6.61 17.61
N GLY CB 21 -115.22 -5.96 16.45
CA GLY CB 21 -114.13 -5.25 15.76
C GLY CB 21 -113.34 -6.13 14.80
N THR CB 22 -114.01 -7.13 14.21
CA THR CB 22 -113.35 -8.12 13.34
C THR CB 22 -112.82 -7.53 12.06
N HIS CB 23 -113.33 -6.36 11.70
CA HIS CB 23 -112.80 -5.63 10.58
C HIS CB 23 -111.58 -4.74 10.85
N LEU CB 24 -111.37 -4.36 12.12
CA LEU CB 24 -110.23 -3.52 12.50
C LEU CB 24 -108.95 -4.36 12.45
N GLY CB 25 -108.16 -4.22 11.39
CA GLY CB 25 -106.95 -5.01 11.21
C GLY CB 25 -105.79 -4.54 12.07
N GLY CB 26 -104.59 -4.99 11.70
CA GLY CB 26 -103.35 -4.55 12.34
C GLY CB 26 -102.81 -3.33 11.61
N THR CB 27 -101.83 -2.69 12.22
CA THR CB 27 -101.19 -1.50 11.64
C THR CB 27 -100.52 -1.79 10.30
N ASN CB 28 -99.99 -3.00 10.19
CA ASN CB 28 -99.19 -3.38 9.04
C ASN CB 28 -99.90 -4.41 8.18
N LEU CB 29 -99.34 -4.60 7.00
CA LEU CB 29 -100.04 -5.22 5.92
C LEU CB 29 -99.16 -6.11 5.06
N ASP CB 30 -99.29 -7.42 5.21
CA ASP CB 30 -98.67 -8.38 4.30
C ASP CB 30 -99.43 -8.33 2.98
N PHE CB 31 -98.71 -8.02 1.91
CA PHE CB 31 -99.35 -7.72 0.63
C PHE CB 31 -100.36 -8.75 0.17
N GLN CB 32 -100.14 -10.04 0.45
CA GLN CB 32 -101.09 -11.07 -0.02
C GLN CB 32 -102.54 -10.67 0.37
N MET CB 33 -102.66 -9.87 1.44
CA MET CB 33 -103.92 -9.36 1.95
C MET CB 33 -104.41 -7.99 1.42
N GLU CB 34 -103.85 -7.45 0.34
CA GLU CB 34 -104.40 -6.22 -0.26
C GLU CB 34 -105.63 -6.50 -1.13
N GLN CB 35 -106.01 -7.77 -1.35
CA GLN CB 35 -107.34 -8.07 -1.92
C GLN CB 35 -108.49 -7.87 -0.93
N TYR CB 36 -108.19 -7.89 0.35
CA TYR CB 36 -109.19 -8.04 1.38
C TYR CB 36 -109.25 -6.80 2.26
N ILE CB 37 -108.83 -5.64 1.74
CA ILE CB 37 -108.79 -4.38 2.51
C ILE CB 37 -109.31 -3.23 1.66
N TYR CB 38 -109.87 -2.20 2.29
CA TYR CB 38 -110.31 -1.01 1.54
C TYR CB 38 -109.52 0.26 1.87
N LYS CB 39 -109.43 0.64 3.14
CA LYS CB 39 -108.57 1.77 3.54
C LYS CB 39 -107.70 1.37 4.71
N ARG CB 40 -106.74 2.23 5.03
CA ARG CB 40 -106.32 2.43 6.40
C ARG CB 40 -106.86 3.80 6.80
N LYS CB 41 -107.18 3.93 8.08
CA LYS CB 41 -107.67 5.20 8.62
C LYS CB 41 -106.46 6.14 8.74
N SER CB 42 -106.57 7.14 9.62
CA SER CB 42 -105.39 7.68 10.27
C SER CB 42 -104.92 6.65 11.33
N ASP CB 43 -104.22 7.11 12.39
CA ASP CB 43 -103.36 6.26 13.28
C ASP CB 43 -102.46 5.36 12.43
N GLY CB 44 -103.15 4.42 11.77
CA GLY CB 44 -102.61 3.51 10.79
C GLY CB 44 -103.20 2.16 11.11
N ILE CB 45 -104.51 2.01 10.93
CA ILE CB 45 -105.18 0.74 11.19
C ILE CB 45 -106.01 0.41 9.97
N TYR CB 46 -105.85 -0.82 9.50
CA TYR CB 46 -106.37 -1.21 8.22
C TYR CB 46 -107.78 -1.74 8.43
N ILE CB 47 -108.60 -1.66 7.37
CA ILE CB 47 -110.02 -1.99 7.44
C ILE CB 47 -110.39 -3.05 6.42
N ILE CB 48 -110.85 -4.17 6.94
CA ILE CB 48 -111.12 -5.32 6.14
C ILE CB 48 -112.53 -5.17 5.56
N ASN CB 49 -112.76 -5.66 4.34
CA ASN CB 49 -114.11 -5.56 3.71
C ASN CB 49 -114.95 -6.74 4.03
N LEU CB 50 -115.91 -6.45 4.90
CA LEU CB 50 -116.71 -7.43 5.56
C LEU CB 50 -117.42 -8.30 4.54
N LYS CB 51 -117.71 -7.72 3.38
CA LYS CB 51 -118.20 -8.48 2.25
C LYS CB 51 -117.20 -9.59 1.88
N ARG CB 52 -115.96 -9.25 1.50
CA ARG CB 52 -114.96 -10.29 1.15
C ARG CB 52 -114.78 -11.22 2.36
N THR CB 53 -114.63 -10.62 3.55
CA THR CB 53 -114.50 -11.38 4.81
C THR CB 53 -115.48 -12.50 4.88
N TRP CB 54 -116.74 -12.21 4.57
CA TRP CB 54 -117.74 -13.25 4.55
C TRP CB 54 -117.52 -14.16 3.32
N GLU CB 55 -117.60 -13.66 2.08
CA GLU CB 55 -117.54 -14.58 0.91
C GLU CB 55 -116.60 -15.72 1.25
N LYS CB 56 -115.40 -15.35 1.68
CA LYS CB 56 -114.35 -16.29 2.07
C LYS CB 56 -114.81 -17.28 3.14
N LEU CB 57 -115.41 -16.73 4.19
CA LEU CB 57 -116.04 -17.51 5.26
C LEU CB 57 -116.93 -18.66 4.75
N LEU CB 58 -117.75 -18.35 3.76
CA LEU CB 58 -118.56 -19.39 3.09
C LEU CB 58 -117.67 -20.31 2.27
N LEU CB 59 -116.67 -19.72 1.61
CA LEU CB 59 -115.75 -20.51 0.82
C LEU CB 59 -115.13 -21.65 1.66
N ALA CB 60 -114.75 -21.34 2.91
CA ALA CB 60 -114.30 -22.38 3.85
C ALA CB 60 -115.42 -23.35 4.19
N ALA CB 61 -116.62 -22.81 4.41
CA ALA CB 61 -117.80 -23.63 4.64
C ALA CB 61 -117.96 -24.65 3.55
N ARG CB 62 -118.09 -24.16 2.30
CA ARG CB 62 -118.24 -25.04 1.13
C ARG CB 62 -117.23 -26.17 1.18
N ALA CB 63 -116.01 -25.83 1.56
CA ALA CB 63 -114.88 -26.77 1.62
C ALA CB 63 -114.89 -27.74 2.79
N ILE CB 64 -115.37 -27.31 3.95
CA ILE CB 64 -115.48 -28.19 5.11
C ILE CB 64 -116.63 -29.15 4.88
N VAL CB 65 -117.74 -28.59 4.44
CA VAL CB 65 -118.95 -29.35 4.12
C VAL CB 65 -118.60 -30.46 3.14
N ALA CB 66 -117.92 -30.07 2.06
CA ALA CB 66 -117.35 -30.98 1.07
C ALA CB 66 -116.82 -32.27 1.69
N ILE CB 67 -116.17 -32.12 2.84
CA ILE CB 67 -115.63 -33.25 3.56
C ILE CB 67 -116.80 -34.15 3.97
N GLU CB 68 -116.88 -35.34 3.35
CA GLU CB 68 -117.92 -36.33 3.66
C GLU CB 68 -117.89 -36.71 5.16
N ASN CB 69 -116.77 -37.22 5.67
CA ASN CB 69 -116.65 -37.51 7.12
C ASN CB 69 -116.22 -36.27 7.94
N PRO CB 70 -117.16 -35.64 8.71
CA PRO CB 70 -116.91 -34.34 9.37
C PRO CB 70 -115.86 -34.37 10.47
N ALA CB 71 -115.61 -35.54 11.05
CA ALA CB 71 -114.52 -35.74 12.01
C ALA CB 71 -113.09 -35.95 11.44
N ASP CB 72 -112.88 -35.69 10.14
CA ASP CB 72 -111.51 -35.53 9.58
C ASP CB 72 -111.33 -34.12 9.03
N VAL CB 73 -111.50 -33.18 9.95
CA VAL CB 73 -111.15 -31.80 9.77
C VAL CB 73 -110.41 -31.44 11.05
N SER CB 74 -109.10 -31.23 10.94
CA SER CB 74 -108.33 -30.74 12.09
C SER CB 74 -108.60 -29.25 12.27
N VAL CB 75 -108.63 -28.87 13.53
CA VAL CB 75 -109.00 -27.54 13.93
C VAL CB 75 -108.03 -27.14 15.00
N ILE CB 76 -107.18 -26.19 14.67
CA ILE CB 76 -106.04 -25.91 15.50
C ILE CB 76 -106.17 -24.55 16.13
N SER CB 77 -105.70 -24.46 17.36
CA SER CB 77 -105.32 -23.18 17.91
C SER CB 77 -104.20 -23.39 18.90
N SER CB 78 -103.21 -22.50 18.86
CA SER CB 78 -102.06 -22.59 19.75
C SER CB 78 -102.08 -21.40 20.69
N ARG CB 79 -102.29 -20.21 20.12
CA ARG CB 79 -102.67 -19.05 20.90
C ARG CB 79 -103.97 -19.39 21.62
N ASN CB 80 -104.14 -18.85 22.82
CA ASN CB 80 -105.26 -19.24 23.69
C ASN CB 80 -106.61 -18.72 23.23
N THR CB 81 -106.63 -17.59 22.53
CA THR CB 81 -107.93 -16.97 22.20
C THR CB 81 -108.83 -17.93 21.42
N GLY CB 82 -108.24 -18.81 20.61
CA GLY CB 82 -109.01 -19.85 19.94
C GLY CB 82 -109.28 -21.09 20.78
N GLN CB 83 -108.39 -21.42 21.72
CA GLN CB 83 -108.51 -22.62 22.58
C GLN CB 83 -109.96 -23.05 22.81
N ARG CB 84 -110.76 -22.15 23.36
CA ARG CB 84 -112.17 -22.41 23.67
C ARG CB 84 -112.96 -22.57 22.39
N ALA CB 85 -112.82 -21.56 21.52
CA ALA CB 85 -113.47 -21.50 20.22
C ALA CB 85 -113.44 -22.85 19.49
N VAL CB 86 -112.22 -23.29 19.17
CA VAL CB 86 -112.02 -24.49 18.36
C VAL CB 86 -112.73 -25.71 18.95
N LEU CB 87 -112.64 -25.88 20.27
CA LEU CB 87 -113.35 -26.96 20.94
C LEU CB 87 -114.84 -26.87 20.60
N LYS CB 88 -115.35 -25.65 20.65
CA LYS CB 88 -116.77 -25.45 20.47
C LYS CB 88 -117.28 -25.57 19.02
N PHE CB 89 -116.57 -25.10 17.97
CA PHE CB 89 -117.05 -25.47 16.60
C PHE CB 89 -116.85 -27.02 16.59
N ALA CB 90 -115.65 -27.51 16.96
CA ALA CB 90 -115.36 -28.96 16.86
C ALA CB 90 -116.48 -29.84 17.42
N ALA CB 91 -117.02 -29.43 18.57
CA ALA CB 91 -118.19 -30.09 19.17
C ALA CB 91 -119.47 -29.88 18.36
N ALA CB 92 -119.67 -28.66 17.83
CA ALA CB 92 -120.81 -28.35 16.95
C ALA CB 92 -120.84 -29.15 15.64
N THR CB 93 -119.74 -29.13 14.88
CA THR CB 93 -119.67 -29.89 13.63
C THR CB 93 -119.50 -31.37 13.85
N GLY CB 94 -118.66 -31.71 14.82
CA GLY CB 94 -118.15 -33.07 14.96
C GLY CB 94 -116.87 -33.20 14.15
N ALA CB 95 -115.99 -32.21 14.35
CA ALA CB 95 -114.65 -32.17 13.77
C ALA CB 95 -113.64 -32.40 14.89
N THR CB 96 -112.35 -32.48 14.55
CA THR CB 96 -111.35 -32.92 15.53
C THR CB 96 -110.41 -31.78 15.93
N PRO CB 97 -110.26 -31.51 17.25
CA PRO CB 97 -109.60 -30.30 17.72
C PRO CB 97 -108.17 -30.51 18.22
N ILE CB 98 -107.34 -29.48 18.08
CA ILE CB 98 -106.00 -29.43 18.71
C ILE CB 98 -105.77 -28.04 19.28
N ALA CB 99 -105.81 -27.97 20.61
CA ALA CB 99 -105.63 -26.74 21.33
C ALA CB 99 -104.34 -26.81 22.14
N GLY CB 100 -103.39 -25.91 21.84
CA GLY CB 100 -102.29 -25.59 22.78
C GLY CB 100 -100.91 -25.69 22.17
N ARG CB 101 -100.41 -26.92 22.12
CA ARG CB 101 -99.21 -27.22 21.40
C ARG CB 101 -99.67 -27.94 20.13
N PHE CB 102 -99.36 -27.42 18.92
CA PHE CB 102 -99.39 -28.35 17.79
C PHE CB 102 -98.25 -29.38 18.07
N THR CB 103 -98.62 -30.56 18.55
CA THR CB 103 -97.66 -31.61 18.93
C THR CB 103 -96.95 -32.18 17.72
N PRO CB 104 -95.64 -32.42 17.81
CA PRO CB 104 -94.82 -33.16 16.87
C PRO CB 104 -95.39 -34.18 15.92
N GLY CB 105 -95.44 -33.79 14.64
CA GLY CB 105 -95.89 -34.64 13.57
C GLY CB 105 -97.00 -35.52 14.07
N THR CB 106 -98.16 -34.91 14.23
CA THR CB 106 -99.39 -35.66 14.31
C THR CB 106 -99.86 -35.90 12.89
N PHE CB 107 -99.18 -35.29 11.94
CA PHE CB 107 -99.47 -35.51 10.55
C PHE CB 107 -98.51 -36.52 9.94
N THR CB 108 -97.25 -36.43 10.36
CA THR CB 108 -96.20 -37.41 10.08
C THR CB 108 -96.08 -38.31 11.30
N ASN CB 109 -95.48 -39.49 11.19
CA ASN CB 109 -95.40 -40.54 12.26
C ASN CB 109 -96.42 -41.58 12.38
N GLN CB 110 -96.02 -42.79 12.08
CA GLN CB 110 -96.92 -43.90 12.20
C GLN CB 110 -96.67 -44.58 13.57
N ILE CB 111 -96.00 -43.88 14.49
CA ILE CB 111 -95.68 -44.41 15.82
C ILE CB 111 -96.19 -43.56 16.98
N GLN CB 112 -96.08 -42.24 16.91
CA GLN CB 112 -96.63 -41.39 17.97
C GLN CB 112 -98.12 -41.61 18.15
N ALA CB 113 -98.57 -41.52 19.40
CA ALA CB 113 -99.97 -41.72 19.77
C ALA CB 113 -100.86 -40.95 18.80
N ALA CB 114 -100.64 -39.64 18.75
CA ALA CB 114 -101.29 -38.81 17.77
C ALA CB 114 -100.54 -38.90 16.46
N PHE CB 115 -101.07 -39.62 15.49
CA PHE CB 115 -101.18 -39.07 14.13
C PHE CB 115 -102.62 -39.08 13.73
N ARG CB 116 -102.83 -38.42 12.60
CA ARG CB 116 -104.12 -38.11 12.10
C ARG CB 116 -103.75 -37.81 10.67
N GLU CB 117 -104.54 -38.29 9.72
CA GLU CB 117 -104.34 -37.93 8.34
C GLU CB 117 -105.53 -37.09 7.93
N PRO CB 118 -105.72 -35.94 8.61
CA PRO CB 118 -106.94 -35.21 8.35
C PRO CB 118 -106.89 -34.59 6.98
N ARG CB 119 -108.07 -34.26 6.47
CA ARG CB 119 -108.21 -33.87 5.09
C ARG CB 119 -108.42 -32.38 4.90
N LEU CB 120 -108.36 -31.63 6.01
CA LEU CB 120 -108.42 -30.18 5.97
C LEU CB 120 -108.00 -29.60 7.33
N LEU CB 121 -107.12 -28.61 7.32
CA LEU CB 121 -106.83 -27.86 8.54
C LEU CB 121 -107.70 -26.67 8.60
N VAL CB 122 -107.90 -26.20 9.81
CA VAL CB 122 -108.42 -24.88 10.05
C VAL CB 122 -107.51 -24.32 11.13
N VAL CB 123 -107.14 -23.05 11.02
CA VAL CB 123 -106.18 -22.48 11.95
C VAL CB 123 -106.52 -21.04 12.34
N THR CB 124 -106.25 -20.70 13.60
CA THR CB 124 -106.54 -19.36 14.11
C THR CB 124 -105.63 -18.32 13.51
N ASP CB 125 -104.33 -18.49 13.73
CA ASP CB 125 -103.31 -17.61 13.13
C ASP CB 125 -102.38 -18.49 12.34
N PRO CB 126 -102.16 -18.17 11.06
CA PRO CB 126 -101.03 -18.84 10.42
C PRO CB 126 -99.71 -18.44 11.08
N ARG CB 127 -99.65 -17.19 11.55
CA ARG CB 127 -98.46 -16.63 12.19
C ARG CB 127 -97.96 -17.46 13.37
N ALA CB 128 -98.88 -17.84 14.25
CA ALA CB 128 -98.53 -18.50 15.50
C ALA CB 128 -98.43 -20.01 15.32
N ASP CB 129 -99.55 -20.66 14.97
CA ASP CB 129 -99.61 -22.13 14.91
C ASP CB 129 -99.09 -22.48 13.54
N HIS CB 130 -97.77 -22.49 13.42
CA HIS CB 130 -97.19 -22.50 12.11
C HIS CB 130 -96.38 -23.70 11.74
N GLN CB 131 -96.33 -24.65 12.66
CA GLN CB 131 -96.02 -26.01 12.35
C GLN CB 131 -97.07 -26.65 11.50
N PRO CB 132 -98.29 -26.80 12.04
CA PRO CB 132 -99.20 -27.66 11.33
C PRO CB 132 -99.30 -27.30 9.85
N LEU CB 133 -99.25 -26.00 9.55
CA LEU CB 133 -99.21 -25.54 8.18
C LEU CB 133 -98.04 -26.18 7.45
N THR CB 134 -96.85 -26.07 8.05
CA THR CB 134 -95.65 -26.66 7.46
C THR CB 134 -95.74 -28.21 7.37
N GLU CB 135 -96.28 -28.90 8.39
CA GLU CB 135 -96.48 -30.37 8.28
C GLU CB 135 -97.50 -30.67 7.18
N ALA CB 136 -98.45 -29.76 7.04
CA ALA CB 136 -99.39 -29.81 5.94
C ALA CB 136 -98.73 -29.59 4.56
N SER CB 137 -97.41 -29.44 4.50
CA SER CB 137 -96.70 -29.57 3.24
C SER CB 137 -96.33 -31.02 2.90
N TYR CB 138 -96.24 -31.89 3.91
CA TYR CB 138 -95.72 -33.25 3.73
C TYR CB 138 -96.85 -34.24 3.56
N VAL CB 139 -98.06 -33.81 3.86
CA VAL CB 139 -99.28 -34.51 3.50
C VAL CB 139 -100.10 -33.55 2.65
N ASN CB 140 -101.03 -34.08 1.86
CA ASN CB 140 -101.67 -33.26 0.83
C ASN CB 140 -102.84 -32.52 1.44
N LEU CB 141 -102.52 -31.65 2.39
CA LEU CB 141 -103.48 -31.05 3.32
C LEU CB 141 -103.89 -29.68 2.86
N PRO CB 142 -105.14 -29.53 2.43
CA PRO CB 142 -105.61 -28.16 2.33
C PRO CB 142 -105.70 -27.54 3.71
N THR CB 143 -106.06 -26.27 3.75
CA THR CB 143 -105.75 -25.45 4.90
C THR CB 143 -106.53 -24.11 4.91
N ILE CB 144 -107.51 -24.01 5.80
CA ILE CB 144 -108.22 -22.76 6.04
C ILE CB 144 -107.48 -22.04 7.14
N ALA CB 145 -107.42 -20.72 7.03
CA ALA CB 145 -106.79 -19.92 8.06
C ALA CB 145 -107.61 -18.67 8.38
N LEU CB 146 -107.39 -18.14 9.58
CA LEU CB 146 -108.09 -16.94 10.08
C LEU CB 146 -107.16 -15.73 10.08
N CYS CB 147 -106.63 -15.42 8.90
CA CYS CB 147 -105.56 -14.44 8.75
C CYS CB 147 -105.93 -13.02 9.21
N ASN CB 148 -104.90 -12.25 9.54
CA ASN CB 148 -105.01 -10.81 9.73
C ASN CB 148 -104.50 -10.13 8.48
N THR CB 149 -104.40 -8.82 8.53
CA THR CB 149 -103.62 -8.07 7.56
C THR CB 149 -102.15 -8.47 7.65
N ASP CB 150 -101.59 -8.50 8.86
CA ASP CB 150 -100.22 -8.99 9.08
C ASP CB 150 -100.25 -10.48 9.25
N SER CB 151 -100.28 -11.19 8.12
CA SER CB 151 -100.16 -12.64 8.17
C SER CB 151 -99.70 -13.24 6.85
N PRO CB 152 -98.61 -14.02 6.91
CA PRO CB 152 -98.13 -14.70 5.72
C PRO CB 152 -99.06 -15.83 5.28
N LEU CB 153 -99.12 -16.03 3.97
CA LEU CB 153 -100.01 -16.99 3.36
C LEU CB 153 -99.24 -18.12 2.69
N ARG CB 154 -98.06 -18.44 3.21
CA ARG CB 154 -97.44 -19.73 2.93
C ARG CB 154 -98.43 -20.77 3.34
N TYR CB 155 -98.71 -21.69 2.43
CA TYR CB 155 -99.53 -22.84 2.75
C TYR CB 155 -100.86 -22.46 3.38
N VAL CB 156 -101.74 -21.91 2.57
CA VAL CB 156 -103.14 -21.81 2.91
C VAL CB 156 -103.91 -22.10 1.63
N ASP CB 157 -104.78 -23.13 1.63
CA ASP CB 157 -105.83 -23.13 0.64
C ASP CB 157 -106.41 -21.68 0.65
N ILE CB 158 -107.10 -21.32 1.75
CA ILE CB 158 -107.99 -20.13 1.84
C ILE CB 158 -107.83 -19.36 3.15
N ALA CB 159 -107.85 -18.04 3.01
CA ALA CB 159 -107.63 -17.11 4.09
C ALA CB 159 -108.91 -16.39 4.37
N ILE CB 160 -109.32 -16.41 5.62
CA ILE CB 160 -110.43 -15.62 6.05
C ILE CB 160 -109.82 -14.40 6.73
N PRO CB 161 -110.03 -13.19 6.16
CA PRO CB 161 -109.43 -11.95 6.65
C PRO CB 161 -110.23 -11.32 7.78
N CYS CB 162 -109.59 -11.15 8.92
CA CYS CB 162 -110.31 -10.84 10.16
C CYS CB 162 -109.42 -10.03 11.09
N ASN CB 163 -109.89 -9.80 12.31
CA ASN CB 163 -108.96 -9.71 13.42
C ASN CB 163 -108.84 -11.14 13.85
N ASN CB 164 -107.66 -11.47 14.34
CA ASN CB 164 -107.47 -12.73 15.00
C ASN CB 164 -106.57 -12.47 16.21
N LYS CB 165 -106.92 -11.36 16.87
CA LYS CB 165 -106.09 -10.70 17.87
C LYS CB 165 -106.85 -10.55 19.19
N GLY CB 166 -107.94 -9.79 19.19
CA GLY CB 166 -108.77 -9.65 20.37
C GLY CB 166 -109.68 -10.85 20.43
N ALA CB 167 -109.58 -11.63 21.51
CA ALA CB 167 -110.36 -12.89 21.66
C ALA CB 167 -111.76 -12.73 21.11
N HIS CB 168 -112.38 -11.62 21.51
CA HIS CB 168 -113.73 -11.25 21.13
C HIS CB 168 -114.08 -11.49 19.67
N SER CB 169 -113.20 -10.98 18.80
CA SER CB 169 -113.37 -11.12 17.36
C SER CB 169 -113.13 -12.54 16.89
N VAL CB 170 -112.12 -13.21 17.45
CA VAL CB 170 -111.76 -14.58 17.04
C VAL CB 170 -112.99 -15.46 17.11
N GLY CB 171 -113.57 -15.55 18.30
CA GLY CB 171 -114.75 -16.39 18.53
C GLY CB 171 -115.76 -16.27 17.42
N LEU CB 172 -116.18 -15.04 17.14
CA LEU CB 172 -117.13 -14.76 16.05
C LEU CB 172 -116.89 -15.59 14.81
N MET CB 173 -115.63 -15.68 14.40
CA MET CB 173 -115.28 -16.33 13.16
C MET CB 173 -115.46 -17.83 13.31
N TRP CB 174 -115.05 -18.32 14.47
CA TRP CB 174 -115.22 -19.72 14.82
C TRP CB 174 -116.68 -20.07 15.00
N TRP CB 175 -117.49 -19.06 15.35
CA TRP CB 175 -118.93 -19.17 15.23
C TRP CB 175 -119.30 -19.39 13.81
N MET CB 176 -119.08 -18.35 13.03
CA MET CB 176 -119.79 -18.18 11.79
C MET CB 176 -119.47 -19.34 10.90
N LEU CB 177 -118.22 -19.81 11.01
CA LEU CB 177 -117.82 -21.04 10.34
C LEU CB 177 -118.73 -22.17 10.84
N ALA CB 178 -118.67 -22.44 12.15
CA ALA CB 178 -119.57 -23.41 12.81
C ALA CB 178 -121.02 -23.26 12.37
N ARG CB 179 -121.49 -22.02 12.32
CA ARG CB 179 -122.85 -21.74 11.94
C ARG CB 179 -123.10 -22.16 10.51
N GLU CB 180 -122.29 -21.65 9.60
CA GLU CB 180 -122.50 -21.90 8.20
C GLU CB 180 -122.38 -23.39 7.93
N VAL CB 181 -121.35 -24.04 8.47
CA VAL CB 181 -121.18 -25.48 8.25
C VAL CB 181 -122.32 -26.38 8.72
N LEU CB 182 -123.17 -25.87 9.60
CA LEU CB 182 -124.38 -26.59 10.00
C LEU CB 182 -125.62 -26.09 9.23
N ARG CB 183 -125.64 -24.80 8.87
CA ARG CB 183 -126.65 -24.30 7.93
C ARG CB 183 -126.56 -25.01 6.59
N MET CB 184 -125.34 -25.20 6.11
CA MET CB 184 -125.10 -25.92 4.87
C MET CB 184 -125.25 -27.36 5.33
N ARG CB 185 -126.35 -27.98 4.91
CA ARG CB 185 -126.63 -29.41 5.07
C ARG CB 185 -127.33 -29.65 6.41
N GLY CB 186 -126.64 -29.31 7.48
CA GLY CB 186 -126.89 -29.88 8.80
C GLY CB 186 -128.28 -29.79 9.36
N THR CB 187 -128.49 -28.77 10.16
CA THR CB 187 -129.59 -28.81 11.10
C THR CB 187 -129.84 -27.42 11.65
N ILE CB 188 -130.08 -26.50 10.71
CA ILE CB 188 -130.53 -25.15 11.02
C ILE CB 188 -131.40 -24.70 9.83
N SER CB 189 -132.37 -23.85 10.13
CA SER CB 189 -133.36 -23.43 9.13
C SER CB 189 -132.80 -22.54 8.00
N ARG CB 190 -131.87 -21.64 8.33
CA ARG CB 190 -131.52 -20.40 7.55
C ARG CB 190 -132.36 -19.19 7.98
N GLU CB 191 -133.65 -19.42 8.25
CA GLU CB 191 -134.63 -18.36 8.54
C GLU CB 191 -134.56 -17.92 10.01
N HIS CB 192 -134.48 -18.91 10.89
CA HIS CB 192 -134.37 -18.73 12.33
C HIS CB 192 -132.88 -18.64 12.77
N PRO CB 193 -132.57 -17.83 13.84
CA PRO CB 193 -131.22 -17.80 14.44
C PRO CB 193 -130.94 -19.00 15.36
N TRP CB 194 -129.74 -19.12 15.94
CA TRP CB 194 -129.42 -20.31 16.75
C TRP CB 194 -130.01 -20.28 18.14
N GLU CB 195 -130.07 -21.48 18.70
CA GLU CB 195 -130.03 -21.70 20.13
C GLU CB 195 -128.70 -21.13 20.68
N VAL CB 196 -127.59 -21.55 20.07
CA VAL CB 196 -126.22 -21.13 20.44
C VAL CB 196 -125.95 -19.61 20.29
N MET CB 197 -125.47 -18.99 21.36
CA MET CB 197 -125.08 -17.57 21.43
C MET CB 197 -123.62 -17.42 20.87
N PRO CB 198 -123.07 -16.18 20.76
CA PRO CB 198 -121.60 -16.16 20.57
C PRO CB 198 -120.92 -16.48 21.88
N ASP CB 199 -121.27 -15.71 22.93
CA ASP CB 199 -120.73 -15.80 24.31
C ASP CB 199 -119.94 -17.09 24.67
N LEU CB 200 -120.44 -18.23 24.17
CA LEU CB 200 -119.75 -19.52 24.22
C LEU CB 200 -118.35 -19.61 23.57
N TYR CB 201 -117.99 -18.70 22.66
CA TYR CB 201 -116.88 -18.92 21.69
C TYR CB 201 -115.51 -18.22 21.87
N PHE CB 202 -115.40 -17.24 22.75
CA PHE CB 202 -114.26 -16.27 22.73
C PHE CB 202 -113.85 -16.23 24.20
N TYR CB 203 -112.57 -16.47 24.49
CA TYR CB 203 -112.17 -16.92 25.84
C TYR CB 203 -112.42 -15.93 26.95
N ARG CB 204 -112.19 -16.43 28.16
CA ARG CB 204 -112.34 -15.67 29.37
C ARG CB 204 -110.95 -15.52 29.99
N ASP CB 205 -110.66 -14.33 30.50
CA ASP CB 205 -109.45 -14.09 31.29
C ASP CB 205 -109.80 -14.48 32.74
N PRO CB 206 -108.79 -14.77 33.61
CA PRO CB 206 -109.09 -15.06 35.03
C PRO CB 206 -110.08 -14.07 35.70
N GLU CB 207 -111.34 -14.50 35.76
CA GLU CB 207 -112.47 -13.65 36.17
C GLU CB 207 -113.48 -14.39 37.10
N GLU CB 208 -113.15 -14.42 38.40
CA GLU CB 208 -114.07 -14.66 39.58
C GLU CB 208 -113.27 -15.26 40.74
N VAL DB 1 -35.05 27.34 58.23
CA VAL DB 1 -34.84 28.78 57.85
C VAL DB 1 -35.92 29.25 56.87
N VAL DB 2 -36.22 30.55 56.91
CA VAL DB 2 -37.22 31.20 56.04
C VAL DB 2 -38.63 30.61 56.28
N ASP DB 3 -39.34 31.14 57.28
CA ASP DB 3 -40.69 30.67 57.64
C ASP DB 3 -41.69 31.14 56.58
N PRO DB 4 -42.56 30.25 56.07
CA PRO DB 4 -43.23 30.57 54.82
C PRO DB 4 -44.40 31.53 54.94
N PHE DB 5 -45.52 31.10 55.55
CA PHE DB 5 -46.76 31.90 55.52
C PHE DB 5 -46.91 32.68 56.81
N SER DB 6 -45.84 33.39 57.16
CA SER DB 6 -45.88 34.46 58.14
C SER DB 6 -45.85 35.81 57.45
N LYS DB 7 -45.38 35.85 56.20
CA LYS DB 7 -45.26 37.11 55.46
C LYS DB 7 -46.34 37.22 54.38
N ARG DB 8 -47.56 36.77 54.70
CA ARG DB 8 -48.68 36.85 53.76
C ARG DB 8 -49.86 37.68 54.27
N ASP DB 9 -50.00 38.89 53.76
CA ASP DB 9 -51.19 39.72 54.03
C ASP DB 9 -52.36 39.34 53.15
N TRP DB 10 -53.19 38.46 53.69
CA TRP DB 10 -54.54 38.18 53.19
C TRP DB 10 -55.29 39.42 52.66
N TYR DB 11 -55.47 39.48 51.35
CA TYR DB 11 -55.89 40.67 50.63
C TYR DB 11 -57.25 40.34 49.95
N ASP DB 12 -58.29 41.11 50.29
CA ASP DB 12 -59.67 40.85 49.84
C ASP DB 12 -59.96 41.10 48.36
N VAL DB 13 -61.12 40.59 47.91
CA VAL DB 13 -61.54 40.63 46.52
C VAL DB 13 -62.95 41.19 46.38
N LYS DB 14 -63.16 42.01 45.36
CA LYS DB 14 -64.47 42.61 45.08
C LYS DB 14 -64.82 42.42 43.62
N ALA DB 15 -65.89 41.68 43.35
CA ALA DB 15 -66.45 41.62 42.01
C ALA DB 15 -67.04 42.99 41.62
N PRO DB 16 -67.32 43.23 40.33
CA PRO DB 16 -67.96 44.48 39.87
C PRO DB 16 -69.32 44.81 40.48
N ALA DB 17 -69.81 46.01 40.18
CA ALA DB 17 -71.14 46.46 40.59
C ALA DB 17 -72.30 45.68 39.96
N MET DB 18 -72.07 45.12 38.77
CA MET DB 18 -73.11 44.42 37.99
C MET DB 18 -73.36 42.95 38.34
N PHE DB 19 -72.57 42.41 39.26
CA PHE DB 19 -72.89 41.15 39.90
C PHE DB 19 -73.39 41.52 41.30
N ASN DB 20 -74.36 40.76 41.80
CA ASN DB 20 -75.02 41.08 43.07
C ASN DB 20 -74.73 40.17 44.27
N ILE DB 21 -73.46 39.75 44.36
CA ILE DB 21 -72.73 39.57 45.62
C ILE DB 21 -71.30 40.06 45.37
N ARG DB 22 -70.92 41.18 45.97
CA ARG DB 22 -69.58 41.74 45.79
C ARG DB 22 -68.57 41.25 46.85
N ASN DB 23 -68.31 39.95 46.84
CA ASN DB 23 -67.08 39.40 47.40
C ASN DB 23 -66.96 37.98 46.88
N ILE DB 24 -65.73 37.60 46.55
CA ILE DB 24 -65.46 36.29 45.96
C ILE DB 24 -64.79 35.39 47.01
N GLY DB 25 -63.69 35.87 47.57
CA GLY DB 25 -62.96 35.14 48.60
C GLY DB 25 -61.71 35.88 49.04
N LYS DB 26 -60.61 35.14 49.21
CA LYS DB 26 -59.35 35.72 49.66
C LYS DB 26 -58.19 35.33 48.77
N THR DB 27 -57.15 36.15 48.82
CA THR DB 27 -55.95 35.95 48.04
C THR DB 27 -54.77 36.36 48.92
N LEU DB 28 -53.66 35.59 48.93
CA LEU DB 28 -52.43 36.05 49.61
C LEU DB 28 -51.35 36.50 48.64
N VAL DB 29 -50.37 37.18 49.22
CA VAL DB 29 -49.28 37.80 48.52
C VAL DB 29 -48.11 37.78 49.50
N THR DB 30 -46.86 37.76 49.02
CA THR DB 30 -45.70 38.06 49.86
C THR DB 30 -45.76 39.55 50.12
N ARG DB 31 -45.82 39.94 51.38
CA ARG DB 31 -45.93 41.35 51.73
C ARG DB 31 -44.79 42.11 51.11
N THR DB 32 -45.03 43.36 50.78
CA THR DB 32 -44.03 44.14 50.09
C THR DB 32 -42.71 44.07 50.81
N GLN DB 33 -41.66 44.54 50.15
CA GLN DB 33 -40.37 44.67 50.78
C GLN DB 33 -39.26 45.13 49.82
N GLY DB 34 -39.30 46.39 49.42
CA GLY DB 34 -38.28 46.93 48.56
C GLY DB 34 -38.10 46.15 47.28
N THR DB 35 -38.74 46.63 46.20
CA THR DB 35 -38.81 45.94 44.93
C THR DB 35 -39.85 44.87 45.05
N LYS DB 36 -40.05 44.10 43.99
CA LYS DB 36 -41.05 43.04 44.02
C LYS DB 36 -42.37 43.49 44.60
N ILE DB 37 -42.35 44.08 45.79
CA ILE DB 37 -43.56 44.53 46.46
C ILE DB 37 -44.60 43.42 46.39
N ALA DB 38 -45.86 43.80 46.43
CA ALA DB 38 -46.93 42.83 46.38
C ALA DB 38 -48.10 43.48 45.68
N SER DB 39 -48.62 44.54 46.30
CA SER DB 39 -49.77 45.30 45.85
C SER DB 39 -49.90 45.32 44.34
N ASP DB 40 -48.78 45.18 43.65
CA ASP DB 40 -48.80 45.00 42.23
C ASP DB 40 -48.29 43.61 41.87
N GLY DB 41 -47.79 42.89 42.86
CA GLY DB 41 -47.49 41.49 42.63
C GLY DB 41 -48.80 40.74 42.67
N LEU DB 42 -49.87 41.43 42.27
CA LEU DB 42 -51.22 40.98 42.52
C LEU DB 42 -52.25 41.58 41.57
N LYS DB 43 -51.79 42.25 40.51
CA LYS DB 43 -52.68 42.82 39.49
C LYS DB 43 -53.14 41.78 38.44
N GLY DB 44 -52.20 41.20 37.70
CA GLY DB 44 -52.56 40.18 36.70
C GLY DB 44 -52.88 38.83 37.31
N ARG DB 45 -54.03 38.71 37.99
CA ARG DB 45 -54.43 37.44 38.64
C ARG DB 45 -55.84 37.01 38.21
N VAL DB 46 -55.89 35.98 37.34
CA VAL DB 46 -57.13 35.42 36.77
C VAL DB 46 -57.55 34.31 37.70
N PHE DB 47 -58.86 34.03 37.73
CA PHE DB 47 -59.52 33.99 39.02
C PHE DB 47 -61.00 33.54 38.89
N GLU DB 48 -61.21 32.26 38.59
CA GLU DB 48 -62.49 31.70 38.06
C GLU DB 48 -63.61 31.74 39.07
N VAL DB 49 -64.81 32.11 38.61
CA VAL DB 49 -65.97 32.29 39.49
C VAL DB 49 -67.27 32.04 38.72
N SER DB 50 -68.16 31.26 39.31
CA SER DB 50 -69.49 31.02 38.72
C SER DB 50 -70.49 32.09 39.17
N PRO DB 51 -71.45 32.48 38.27
CA PRO DB 51 -72.46 33.46 38.68
C PRO DB 51 -73.51 32.86 39.60
N ALA DB 52 -73.57 31.52 39.67
CA ALA DB 52 -74.35 30.81 40.69
C ALA DB 52 -74.28 31.50 42.05
N ASP DB 53 -73.09 31.51 42.65
CA ASP DB 53 -72.90 32.11 43.99
C ASP DB 53 -72.81 33.63 43.93
N LEU DB 54 -72.30 34.17 42.83
CA LEU DB 54 -72.16 35.63 42.69
C LEU DB 54 -73.47 36.38 42.57
N GLN DB 55 -74.13 36.21 41.43
CA GLN DB 55 -75.30 37.01 41.12
C GLN DB 55 -76.51 36.59 41.97
N ASN DB 56 -76.55 35.30 42.34
CA ASN DB 56 -77.61 34.73 43.19
C ASN DB 56 -78.95 34.65 42.42
N ASP DB 57 -79.84 33.73 42.81
CA ASP DB 57 -80.98 33.24 41.97
C ASP DB 57 -80.54 32.82 40.57
N GLU DB 58 -79.37 32.18 40.50
CA GLU DB 58 -78.79 31.84 39.23
C GLU DB 58 -78.06 30.49 39.24
N VAL DB 59 -77.89 30.04 38.03
CA VAL DB 59 -77.33 28.76 37.59
C VAL DB 59 -75.77 28.50 37.54
N ALA DB 60 -75.37 27.29 37.12
CA ALA DB 60 -73.97 26.83 37.12
C ALA DB 60 -73.51 25.90 35.94
N PHE DB 61 -73.77 26.32 34.70
CA PHE DB 61 -73.20 25.70 33.45
C PHE DB 61 -72.39 26.87 32.91
N ARG DB 62 -71.84 27.73 33.77
CA ARG DB 62 -71.68 29.11 33.31
C ARG DB 62 -70.44 30.01 33.58
N LYS DB 63 -69.86 30.05 34.79
CA LYS DB 63 -68.55 30.75 35.04
C LYS DB 63 -68.30 32.23 34.56
N SER DB 64 -67.20 32.81 35.02
CA SER DB 64 -66.70 34.14 34.59
C SER DB 64 -65.29 34.28 35.22
N LYS DB 65 -64.38 35.03 34.60
CA LYS DB 65 -62.95 34.98 34.98
C LYS DB 65 -62.47 35.97 36.06
N LEU DB 66 -62.66 37.28 35.82
CA LEU DB 66 -62.19 38.36 36.71
C LEU DB 66 -60.65 38.43 36.90
N ILE DB 67 -59.99 39.31 36.14
CA ILE DB 67 -58.61 39.74 36.42
C ILE DB 67 -58.75 40.77 37.52
N THR DB 68 -57.64 41.21 38.12
CA THR DB 68 -57.72 42.27 39.15
C THR DB 68 -57.00 43.58 38.76
N GLU DB 69 -57.78 44.51 38.19
CA GLU DB 69 -57.31 45.82 37.70
C GLU DB 69 -56.46 46.56 38.76
N ASP DB 70 -57.10 46.91 39.88
CA ASP DB 70 -56.53 47.73 40.94
C ASP DB 70 -56.34 46.92 42.20
N VAL DB 71 -55.68 47.53 43.18
CA VAL DB 71 -55.54 46.97 44.52
C VAL DB 71 -55.67 48.08 45.57
N GLN DB 72 -56.90 48.36 46.00
CA GLN DB 72 -57.16 49.52 46.86
C GLN DB 72 -57.22 49.17 48.35
N GLY DB 73 -56.05 48.83 48.91
CA GLY DB 73 -55.88 48.71 50.35
C GLY DB 73 -56.80 47.68 51.01
N LYS DB 74 -56.30 46.46 51.13
CA LYS DB 74 -57.07 45.28 51.56
C LYS DB 74 -58.19 44.89 50.61
N ASN DB 75 -58.12 45.37 49.38
CA ASN DB 75 -59.15 45.11 48.38
C ASN DB 75 -58.53 44.93 47.00
N CYS DB 76 -59.28 44.24 46.14
CA CYS DB 76 -58.88 44.03 44.77
C CYS DB 76 -60.09 44.23 43.91
N LEU DB 77 -59.96 45.10 42.92
CA LEU DB 77 -61.06 45.40 42.01
C LEU DB 77 -60.83 44.65 40.71
N THR DB 78 -61.94 44.26 40.07
CA THR DB 78 -61.93 43.31 38.95
C THR DB 78 -62.92 43.73 37.82
N ASN DB 79 -62.61 43.38 36.57
CA ASN DB 79 -63.52 43.60 35.42
C ASN DB 79 -64.03 42.30 34.83
N PHE DB 80 -65.18 42.33 34.12
CA PHE DB 80 -65.55 41.14 33.33
C PHE DB 80 -64.16 40.86 32.67
N HIS DB 81 -63.54 39.69 32.87
CA HIS DB 81 -62.35 39.24 32.05
C HIS DB 81 -62.62 38.08 31.04
N GLY DB 82 -63.45 37.10 31.40
CA GLY DB 82 -63.80 36.01 30.47
C GLY DB 82 -65.01 35.20 30.92
N MET DB 83 -65.33 34.16 30.16
CA MET DB 83 -66.47 33.30 30.45
C MET DB 83 -66.18 31.86 30.01
N ASP DB 84 -66.94 30.90 30.52
CA ASP DB 84 -66.80 29.51 30.11
C ASP DB 84 -68.14 28.79 30.27
N LEU DB 85 -68.17 27.47 30.09
CA LEU DB 85 -69.37 26.66 30.31
C LEU DB 85 -69.14 25.35 31.10
N THR DB 86 -68.04 25.28 31.84
CA THR DB 86 -67.89 24.34 32.97
C THR DB 86 -67.71 22.85 32.69
N ARG DB 87 -67.33 22.49 31.46
CA ARG DB 87 -66.85 21.13 31.16
C ARG DB 87 -67.79 20.02 31.58
N ASP DB 88 -69.08 20.31 31.56
CA ASP DB 88 -70.08 19.36 32.10
C ASP DB 88 -71.46 19.69 31.63
N LYS DB 89 -71.74 20.96 31.39
CA LYS DB 89 -72.81 21.30 30.50
C LYS DB 89 -72.33 21.07 29.10
N MET DB 90 -71.19 21.68 28.78
CA MET DB 90 -70.73 21.74 27.41
C MET DB 90 -70.77 20.35 26.78
N CYS DB 91 -70.29 19.33 27.49
CA CYS DB 91 -70.34 17.98 26.96
C CYS DB 91 -71.68 17.24 27.19
N SER DB 92 -72.44 17.57 28.23
CA SER DB 92 -73.78 16.96 28.40
C SER DB 92 -74.63 17.27 27.20
N MET DB 93 -74.56 18.53 26.76
CA MET DB 93 -75.37 19.00 25.63
C MET DB 93 -75.08 18.23 24.39
N VAL DB 94 -73.80 18.02 24.07
CA VAL DB 94 -73.44 17.43 22.78
C VAL DB 94 -73.78 15.96 22.72
N LYS DB 95 -74.99 15.71 22.24
CA LYS DB 95 -75.54 14.40 22.18
C LYS DB 95 -75.57 14.03 20.75
N LYS DB 96 -75.49 12.72 20.54
CA LYS DB 96 -75.46 12.11 19.22
C LYS DB 96 -76.79 12.33 18.54
N TRP DB 97 -76.79 12.24 17.23
CA TRP DB 97 -78.00 12.44 16.45
C TRP DB 97 -78.50 13.89 16.47
N GLN DB 98 -77.60 14.84 16.22
CA GLN DB 98 -77.96 16.22 15.92
C GLN DB 98 -76.81 17.09 15.46
N THR DB 99 -77.14 18.20 14.81
CA THR DB 99 -76.15 19.15 14.36
C THR DB 99 -75.76 20.12 15.46
N VAL DB 100 -74.46 20.28 15.65
CA VAL DB 100 -73.90 21.40 16.41
C VAL DB 100 -73.86 22.51 15.40
N ILE DB 101 -73.80 23.73 15.90
CA ILE DB 101 -73.63 24.85 15.04
C ILE DB 101 -72.73 25.80 15.80
N GLU DB 102 -71.45 25.52 15.76
CA GLU DB 102 -70.48 26.45 16.34
C GLU DB 102 -70.27 27.61 15.35
N ALA DB 103 -70.44 28.83 15.86
CA ALA DB 103 -70.10 30.06 15.16
C ALA DB 103 -69.33 30.96 16.10
N HIS DB 104 -68.66 31.97 15.55
CA HIS DB 104 -67.90 32.89 16.37
C HIS DB 104 -67.61 34.23 15.77
N VAL DB 105 -67.39 35.20 16.64
CA VAL DB 105 -67.31 36.59 16.22
C VAL DB 105 -66.25 37.27 17.03
N ASP DB 106 -65.35 37.95 16.35
CA ASP DB 106 -64.35 38.82 16.97
C ASP DB 106 -64.93 40.21 16.77
N VAL DB 107 -65.46 40.78 17.85
CA VAL DB 107 -66.24 42.00 17.78
C VAL DB 107 -65.89 42.95 18.91
N LYS DB 108 -65.96 44.25 18.62
CA LYS DB 108 -65.55 45.30 19.55
C LYS DB 108 -66.73 45.89 20.30
N THR DB 109 -66.43 46.44 21.47
CA THR DB 109 -67.40 47.19 22.27
C THR DB 109 -67.47 48.64 21.77
N THR DB 110 -68.33 49.44 22.39
CA THR DB 110 -68.39 50.88 22.12
C THR DB 110 -67.16 51.55 22.74
N ASP DB 111 -66.88 51.17 23.98
CA ASP DB 111 -65.56 51.39 24.56
C ASP DB 111 -64.54 50.43 23.93
N GLY DB 112 -63.25 50.70 24.12
CA GLY DB 112 -62.22 49.98 23.40
C GLY DB 112 -61.72 48.70 24.06
N TYR DB 113 -62.54 47.65 24.12
CA TYR DB 113 -62.02 46.27 24.28
C TYR DB 113 -62.73 45.23 23.39
N LEU DB 114 -61.90 44.49 22.64
CA LEU DB 114 -62.35 43.45 21.73
C LEU DB 114 -62.75 42.18 22.46
N LEU DB 115 -63.79 41.55 21.95
CA LEU DB 115 -64.35 40.35 22.53
C LEU DB 115 -64.53 39.31 21.46
N ARG DB 116 -64.04 38.11 21.72
CA ARG DB 116 -64.17 36.99 20.80
C ARG DB 116 -65.32 36.16 21.32
N LEU DB 117 -66.53 36.58 20.96
CA LEU DB 117 -67.75 35.88 21.37
C LEU DB 117 -67.90 34.54 20.66
N PHE DB 118 -68.24 33.54 21.46
CA PHE DB 118 -68.04 32.16 21.11
C PHE DB 118 -69.33 31.40 21.35
N CYS DB 119 -69.92 30.89 20.26
CA CYS DB 119 -71.30 30.39 20.27
C CYS DB 119 -71.49 28.89 20.23
N VAL DB 120 -72.74 28.49 20.41
CA VAL DB 120 -73.16 27.15 20.12
C VAL DB 120 -74.66 27.16 20.03
N GLY DB 121 -75.16 26.60 18.94
CA GLY DB 121 -76.57 26.38 18.74
C GLY DB 121 -76.69 24.91 18.47
N PHE DB 122 -77.76 24.33 18.97
CA PHE DB 122 -77.78 22.91 19.07
C PHE DB 122 -79.20 22.35 18.72
N THR DB 123 -79.34 21.65 17.57
CA THR DB 123 -80.68 21.42 16.91
C THR DB 123 -81.55 20.41 17.61
N LYS DB 124 -82.87 20.62 17.53
CA LYS DB 124 -83.79 19.90 18.42
C LYS DB 124 -84.71 18.92 17.72
N LYS DB 125 -84.69 17.70 18.27
CA LYS DB 125 -85.62 16.66 17.94
C LYS DB 125 -86.99 17.18 18.40
N ARG DB 126 -87.78 17.68 17.45
CA ARG DB 126 -88.97 18.46 17.77
C ARG DB 126 -90.12 17.62 18.31
N ASN DB 127 -90.67 18.02 19.46
CA ASN DB 127 -91.66 17.24 20.25
C ASN DB 127 -92.25 16.02 19.57
N ASN DB 128 -92.85 16.30 18.42
CA ASN DB 128 -93.64 15.35 17.69
C ASN DB 128 -92.89 14.58 16.57
N GLN DB 129 -91.74 14.00 16.87
CA GLN DB 129 -90.87 13.49 15.79
C GLN DB 129 -90.69 11.98 15.85
N ILE DB 130 -91.07 11.30 14.77
CA ILE DB 130 -90.87 9.86 14.63
C ILE DB 130 -89.40 9.56 14.37
N ARG DB 131 -88.79 10.44 13.60
CA ARG DB 131 -87.52 10.24 12.90
C ARG DB 131 -86.39 9.57 13.70
N LYS DB 132 -85.67 10.35 14.51
CA LYS DB 132 -84.36 10.01 15.12
C LYS DB 132 -83.46 11.19 14.98
N THR DB 133 -83.23 11.53 13.73
CA THR DB 133 -82.04 12.22 13.35
C THR DB 133 -82.19 13.70 13.63
N SER DB 134 -82.87 14.41 12.73
CA SER DB 134 -83.04 15.86 12.81
C SER DB 134 -81.74 16.68 12.71
N TYR DB 135 -80.81 16.25 11.85
CA TYR DB 135 -79.65 17.10 11.54
C TYR DB 135 -79.99 17.79 10.21
N ALA DB 136 -79.51 19.03 10.08
CA ALA DB 136 -79.96 19.99 9.06
C ALA DB 136 -79.17 19.93 7.74
N GLN DB 137 -79.82 20.33 6.64
CA GLN DB 137 -79.14 20.72 5.39
C GLN DB 137 -78.00 21.65 5.80
N HIS DB 138 -76.80 21.52 5.22
CA HIS DB 138 -75.70 22.37 5.72
C HIS DB 138 -75.96 23.83 5.39
N GLN DB 139 -76.62 24.12 4.28
CA GLN DB 139 -77.03 25.49 4.00
C GLN DB 139 -77.98 26.08 5.03
N GLN DB 140 -78.83 25.24 5.60
CA GLN DB 140 -79.63 25.62 6.75
C GLN DB 140 -78.69 26.00 7.89
N VAL DB 141 -77.60 25.25 8.05
CA VAL DB 141 -76.57 25.60 9.04
C VAL DB 141 -75.99 26.97 8.76
N ARG DB 142 -75.40 27.17 7.59
CA ARG DB 142 -74.75 28.47 7.29
C ARG DB 142 -75.72 29.64 7.37
N GLN DB 143 -77.00 29.36 7.17
CA GLN DB 143 -78.05 30.33 7.45
C GLN DB 143 -78.04 30.71 8.95
N ILE DB 144 -78.17 29.69 9.78
CA ILE DB 144 -78.17 29.83 11.22
C ILE DB 144 -76.91 30.54 11.65
N ARG DB 145 -75.78 29.93 11.35
CA ARG DB 145 -74.47 30.47 11.69
C ARG DB 145 -74.30 31.94 11.33
N LYS DB 146 -74.92 32.39 10.23
CA LYS DB 146 -74.87 33.82 9.88
C LYS DB 146 -75.77 34.65 10.78
N LYS DB 147 -76.97 34.17 11.08
CA LYS DB 147 -77.84 34.86 12.06
C LYS DB 147 -77.17 34.93 13.40
N MET DB 148 -76.84 33.76 13.92
CA MET DB 148 -76.10 33.59 15.17
C MET DB 148 -74.92 34.56 15.28
N MET DB 149 -74.23 34.78 14.16
CA MET DB 149 -73.09 35.72 14.08
C MET DB 149 -73.51 37.20 13.82
N GLU DB 150 -74.61 37.39 13.08
CA GLU DB 150 -75.23 38.71 12.89
C GLU DB 150 -75.67 39.30 14.22
N ILE DB 151 -76.31 38.46 15.03
CA ILE DB 151 -76.86 38.84 16.33
C ILE DB 151 -75.70 39.20 17.21
N MET DB 152 -74.83 38.23 17.48
CA MET DB 152 -73.70 38.45 18.36
C MET DB 152 -73.00 39.80 18.16
N THR DB 153 -72.91 40.30 16.92
CA THR DB 153 -72.42 41.68 16.69
C THR DB 153 -73.44 42.71 17.14
N ARG DB 154 -74.63 42.66 16.54
CA ARG DB 154 -75.65 43.70 16.73
C ARG DB 154 -75.81 44.18 18.18
N GLU DB 155 -75.73 43.27 19.16
CA GLU DB 155 -75.87 43.65 20.58
C GLU DB 155 -74.58 43.67 21.39
N VAL DB 156 -73.44 43.72 20.71
CA VAL DB 156 -72.13 44.02 21.32
C VAL DB 156 -71.37 45.16 20.62
N GLN DB 157 -71.60 45.33 19.32
CA GLN DB 157 -71.08 46.46 18.55
C GLN DB 157 -71.64 47.81 19.04
N THR DB 158 -72.92 47.84 19.42
CA THR DB 158 -73.50 48.97 20.15
C THR DB 158 -73.15 48.77 21.62
N ASN DB 159 -73.73 49.57 22.51
CA ASN DB 159 -73.67 49.40 23.99
C ASN DB 159 -72.33 48.94 24.63
N ASP DB 160 -71.87 49.69 25.64
CA ASP DB 160 -70.58 49.45 26.28
C ASP DB 160 -70.50 48.15 27.09
N LEU DB 161 -69.34 47.89 27.69
CA LEU DB 161 -69.06 46.60 28.34
C LEU DB 161 -69.97 46.28 29.53
N LYS DB 162 -70.13 47.25 30.43
CA LYS DB 162 -71.08 47.15 31.56
C LYS DB 162 -72.46 46.57 31.18
N GLU DB 163 -72.93 46.85 29.96
CA GLU DB 163 -74.21 46.34 29.42
C GLU DB 163 -74.10 45.01 28.65
N VAL DB 164 -72.93 44.73 28.06
CA VAL DB 164 -72.67 43.43 27.42
C VAL DB 164 -72.73 42.31 28.44
N VAL DB 165 -72.07 42.54 29.57
CA VAL DB 165 -72.03 41.57 30.66
C VAL DB 165 -73.40 41.38 31.25
N ASN DB 166 -74.05 42.51 31.51
CA ASN DB 166 -75.41 42.54 32.03
C ASN DB 166 -76.40 41.82 31.10
N LYS DB 167 -76.14 41.83 29.78
CA LYS DB 167 -76.88 41.01 28.82
C LYS DB 167 -76.50 39.54 28.93
N LEU DB 168 -75.21 39.27 29.09
CA LEU DB 168 -74.74 37.89 29.24
C LEU DB 168 -75.44 37.20 30.41
N ILE DB 169 -75.44 37.83 31.57
CA ILE DB 169 -75.85 37.17 32.83
C ILE DB 169 -77.17 36.37 32.78
N PRO DB 170 -78.26 36.93 32.23
CA PRO DB 170 -79.45 36.13 31.89
C PRO DB 170 -79.51 35.82 30.38
N ASP DB 171 -78.48 35.11 29.89
CA ASP DB 171 -78.24 34.81 28.44
C ASP DB 171 -79.17 35.52 27.43
N SER DB 172 -79.06 36.85 27.41
CA SER DB 172 -79.85 37.71 26.51
C SER DB 172 -79.48 37.51 25.03
N ILE DB 173 -78.22 37.16 24.78
CA ILE DB 173 -77.72 36.91 23.42
C ILE DB 173 -78.27 35.57 22.93
N GLY DB 174 -77.95 34.49 23.66
CA GLY DB 174 -78.41 33.15 23.31
C GLY DB 174 -79.92 33.04 23.14
N LYS DB 175 -80.65 33.45 24.17
CA LYS DB 175 -82.11 33.45 24.18
C LYS DB 175 -82.69 33.96 22.86
N ASP DB 176 -82.19 35.12 22.42
CA ASP DB 176 -82.73 35.80 21.25
C ASP DB 176 -82.26 35.13 19.92
N ILE DB 177 -81.13 34.41 19.92
CA ILE DB 177 -80.75 33.59 18.75
C ILE DB 177 -81.80 32.51 18.54
N GLU DB 178 -82.06 31.74 19.59
CA GLU DB 178 -83.09 30.70 19.57
C GLU DB 178 -84.38 31.15 18.86
N LYS DB 179 -84.82 32.37 19.16
CA LYS DB 179 -86.04 32.97 18.57
C LYS DB 179 -85.89 33.25 17.08
N ALA DB 180 -84.75 33.82 16.69
CA ALA DB 180 -84.48 34.21 15.31
C ALA DB 180 -84.27 33.01 14.40
N CYS DB 181 -83.58 31.99 14.92
CA CYS DB 181 -83.30 30.77 14.17
C CYS DB 181 -84.26 29.62 14.45
N GLN DB 182 -85.37 29.88 15.13
CA GLN DB 182 -86.45 28.89 15.27
C GLN DB 182 -87.05 28.40 13.94
N PRO DB 183 -87.15 29.28 12.91
CA PRO DB 183 -87.57 28.76 11.61
C PRO DB 183 -86.67 27.66 11.12
N ILE DB 184 -85.38 27.90 11.10
CA ILE DB 184 -84.48 27.10 10.27
C ILE DB 184 -84.26 25.65 10.84
N TYR DB 185 -83.37 25.44 11.82
CA TYR DB 185 -83.49 24.28 12.76
C TYR DB 185 -83.92 24.86 14.13
N PRO DB 186 -85.07 24.43 14.69
CA PRO DB 186 -85.53 24.99 15.98
C PRO DB 186 -84.51 25.26 17.11
N LEU DB 187 -83.47 24.44 17.24
CA LEU DB 187 -82.34 24.69 18.13
C LEU DB 187 -82.72 24.85 19.60
N HIS DB 188 -82.69 23.79 20.40
CA HIS DB 188 -82.87 24.00 21.86
C HIS DB 188 -81.72 24.68 22.58
N ASP DB 189 -80.56 24.04 22.63
CA ASP DB 189 -79.65 24.28 23.74
C ASP DB 189 -78.72 25.47 23.50
N VAL DB 190 -79.25 26.58 22.98
CA VAL DB 190 -78.40 27.67 22.48
C VAL DB 190 -77.75 28.38 23.65
N PHE DB 191 -76.52 28.87 23.44
CA PHE DB 191 -75.77 29.64 24.43
C PHE DB 191 -74.70 30.47 23.71
N VAL DB 192 -73.94 31.24 24.48
CA VAL DB 192 -72.55 31.53 24.11
C VAL DB 192 -71.73 30.76 25.12
N ARG DB 193 -70.80 29.95 24.63
CA ARG DB 193 -70.05 29.04 25.48
C ARG DB 193 -68.79 29.68 26.10
N LYS DB 194 -68.35 30.79 25.53
CA LYS DB 194 -67.11 31.38 25.94
C LYS DB 194 -67.15 32.83 25.55
N VAL DB 195 -66.35 33.62 26.24
CA VAL DB 195 -66.04 34.99 25.83
C VAL DB 195 -64.56 35.16 26.17
N LYS DB 196 -63.85 35.90 25.32
CA LYS DB 196 -62.41 35.97 25.44
C LYS DB 196 -61.93 37.38 25.10
N MET DB 197 -61.01 37.88 25.90
CA MET DB 197 -60.57 39.27 25.81
C MET DB 197 -59.27 39.36 25.06
N LEU DB 198 -59.21 40.26 24.09
CA LEU DB 198 -58.07 40.36 23.18
C LEU DB 198 -57.28 41.62 23.40
N LYS DB 199 -57.98 42.75 23.36
CA LYS DB 199 -57.39 44.05 23.63
C LYS DB 199 -58.08 44.65 24.84
N LYS DB 200 -57.48 45.73 25.33
CA LYS DB 200 -58.04 46.57 26.38
C LYS DB 200 -57.66 48.03 26.15
N PRO DB 201 -58.43 48.96 26.75
CA PRO DB 201 -57.98 50.33 26.72
C PRO DB 201 -56.88 50.51 27.77
N LYS DB 202 -55.96 51.44 27.51
CA LYS DB 202 -54.78 51.62 28.35
C LYS DB 202 -55.18 52.22 29.69
N PHE DB 203 -55.51 51.33 30.63
CA PHE DB 203 -55.95 51.63 32.00
C PHE DB 203 -56.55 52.99 32.39
N GLU DB 204 -57.81 52.97 32.80
CA GLU DB 204 -58.47 54.12 33.42
C GLU DB 204 -58.95 53.67 34.82
N LEU DB 205 -58.59 54.42 35.86
CA LEU DB 205 -59.27 54.28 37.16
C LEU DB 205 -60.69 54.82 37.11
N GLY DB 206 -60.87 55.93 36.39
CA GLY DB 206 -62.17 56.58 36.23
C GLY DB 206 -63.23 55.60 35.76
N LYS DB 207 -62.93 54.89 34.67
CA LYS DB 207 -63.83 53.86 34.13
C LYS DB 207 -63.98 52.70 35.12
N LEU DB 208 -62.91 52.35 35.82
CA LEU DB 208 -62.93 51.28 36.83
C LEU DB 208 -63.81 51.62 38.06
N MET DB 209 -63.67 52.84 38.54
CA MET DB 209 -64.43 53.31 39.71
C MET DB 209 -65.85 53.79 39.35
N GLU DB 210 -66.06 54.22 38.11
CA GLU DB 210 -67.42 54.36 37.54
C GLU DB 210 -68.09 52.97 37.44
N LEU DB 211 -67.27 51.95 37.19
CA LEU DB 211 -67.72 50.56 37.19
C LEU DB 211 -68.00 49.97 38.59
N HIS DB 212 -67.28 50.41 39.63
CA HIS DB 212 -67.57 49.97 41.03
C HIS DB 212 -68.52 50.89 41.81
N GLY DB 213 -68.29 52.20 41.78
CA GLY DB 213 -69.20 53.17 42.40
C GLY DB 213 -69.14 53.19 43.92
N GLU EB 1 -97.52 -60.63 8.71
CA GLU EB 1 -98.89 -60.04 8.67
C GLU EB 1 -98.85 -58.53 8.85
N TRP EB 2 -99.76 -57.81 8.19
CA TRP EB 2 -99.88 -56.34 8.35
C TRP EB 2 -100.40 -55.97 9.72
N MET EB 3 -100.21 -54.70 10.04
CA MET EB 3 -101.18 -53.95 10.81
C MET EB 3 -101.16 -52.52 10.25
N PRO EB 4 -101.83 -52.30 9.11
CA PRO EB 4 -101.62 -51.01 8.45
C PRO EB 4 -102.19 -49.90 9.31
N VAL EB 5 -101.32 -49.03 9.79
CA VAL EB 5 -101.75 -47.93 10.64
C VAL EB 5 -102.20 -46.72 9.81
N THR EB 6 -101.51 -46.47 8.71
CA THR EB 6 -101.89 -45.40 7.78
C THR EB 6 -103.15 -45.80 7.03
N LYS EB 7 -104.02 -44.83 6.76
CA LYS EB 7 -105.27 -45.08 6.05
C LYS EB 7 -104.99 -45.54 4.65
N LEU EB 8 -104.05 -44.86 4.00
CA LEU EB 8 -103.61 -45.25 2.70
C LEU EB 8 -103.13 -46.71 2.78
N GLY EB 9 -102.51 -47.06 3.90
CA GLY EB 9 -102.16 -48.44 4.21
C GLY EB 9 -103.34 -49.38 4.27
N ARG EB 10 -104.35 -49.02 5.05
CA ARG EB 10 -105.57 -49.84 5.18
C ARG EB 10 -106.21 -50.11 3.82
N LEU EB 11 -106.44 -49.05 3.07
CA LEU EB 11 -107.06 -49.19 1.75
C LEU EB 11 -106.31 -50.16 0.83
N VAL EB 12 -104.99 -50.24 0.94
CA VAL EB 12 -104.24 -51.11 0.06
C VAL EB 12 -104.55 -52.60 0.29
N LYS EB 13 -104.52 -53.05 1.54
CA LYS EB 13 -104.64 -54.48 1.84
C LYS EB 13 -106.02 -55.13 1.67
N ASP EB 14 -107.08 -54.34 1.44
CA ASP EB 14 -108.44 -54.88 1.24
C ASP EB 14 -108.89 -54.76 -0.23
N MET EB 15 -107.95 -54.95 -1.15
CA MET EB 15 -108.21 -54.87 -2.60
C MET EB 15 -109.09 -53.66 -2.94
N LYS EB 16 -108.76 -52.53 -2.31
CA LYS EB 16 -109.58 -51.34 -2.37
C LYS EB 16 -109.02 -50.40 -3.44
N ILE EB 17 -107.71 -50.16 -3.41
CA ILE EB 17 -107.03 -49.42 -4.46
C ILE EB 17 -106.42 -50.41 -5.47
N LYS EB 18 -106.69 -50.19 -6.75
CA LYS EB 18 -106.46 -51.20 -7.77
C LYS EB 18 -105.03 -51.22 -8.31
N SER EB 19 -104.46 -50.04 -8.56
CA SER EB 19 -103.08 -49.90 -9.06
C SER EB 19 -102.45 -48.64 -8.50
N LEU EB 20 -101.17 -48.68 -8.14
CA LEU EB 20 -100.53 -47.52 -7.45
C LEU EB 20 -100.50 -46.26 -8.24
N GLU EB 21 -100.72 -46.36 -9.55
CA GLU EB 21 -101.03 -45.21 -10.37
C GLU EB 21 -102.13 -44.34 -9.74
N GLU EB 22 -103.06 -44.98 -9.03
CA GLU EB 22 -104.11 -44.30 -8.27
C GLU EB 22 -103.60 -43.55 -7.03
N ILE EB 23 -102.43 -43.93 -6.51
CA ILE EB 23 -101.74 -43.17 -5.45
C ILE EB 23 -100.92 -42.02 -6.01
N TYR EB 24 -99.97 -42.35 -6.88
CA TYR EB 24 -99.12 -41.35 -7.56
C TYR EB 24 -99.94 -40.22 -8.13
N LEU EB 25 -101.07 -40.58 -8.76
CA LEU EB 25 -101.97 -39.60 -9.29
C LEU EB 25 -102.17 -38.48 -8.29
N PHE EB 26 -102.54 -38.81 -7.03
CA PHE EB 26 -102.86 -37.78 -6.01
C PHE EB 26 -101.70 -37.35 -5.11
N SER EB 27 -100.52 -37.87 -5.40
CA SER EB 27 -99.27 -37.38 -4.83
C SER EB 27 -99.15 -37.71 -3.34
N LEU EB 28 -99.66 -38.87 -2.97
CA LEU EB 28 -99.78 -39.27 -1.57
C LEU EB 28 -98.52 -39.94 -1.06
N PRO EB 29 -98.12 -39.61 0.18
CA PRO EB 29 -96.93 -40.23 0.73
C PRO EB 29 -97.17 -41.66 1.10
N ILE EB 30 -96.49 -42.55 0.39
CA ILE EB 30 -96.35 -43.92 0.85
C ILE EB 30 -95.47 -43.85 2.11
N LYS EB 31 -95.89 -44.55 3.16
CA LYS EB 31 -95.10 -44.66 4.39
C LYS EB 31 -95.08 -46.05 5.03
N GLU EB 32 -95.31 -47.08 4.22
CA GLU EB 32 -95.20 -48.44 4.69
C GLU EB 32 -94.70 -49.25 3.52
N SER EB 33 -93.47 -49.71 3.63
CA SER EB 33 -92.80 -50.47 2.57
C SER EB 33 -93.57 -51.68 2.11
N GLU EB 34 -94.44 -52.19 2.97
CA GLU EB 34 -95.21 -53.34 2.65
C GLU EB 34 -96.23 -52.98 1.55
N ILE EB 35 -96.70 -51.72 1.50
CA ILE EB 35 -97.61 -51.26 0.44
C ILE EB 35 -97.08 -51.66 -0.91
N ILE EB 36 -95.89 -51.18 -1.21
CA ILE EB 36 -95.25 -51.47 -2.48
C ILE EB 36 -94.99 -52.99 -2.63
N ASP EB 37 -94.82 -53.67 -1.51
CA ASP EB 37 -94.78 -55.14 -1.48
C ASP EB 37 -96.15 -55.78 -1.85
N PHE EB 38 -97.31 -55.16 -1.51
CA PHE EB 38 -98.59 -55.68 -2.07
C PHE EB 38 -98.44 -55.64 -3.56
N PHE EB 39 -98.17 -54.43 -3.95
CA PHE EB 39 -98.66 -53.90 -5.16
C PHE EB 39 -97.67 -54.20 -6.28
N LEU EB 40 -96.41 -54.52 -5.92
CA LEU EB 40 -95.46 -55.20 -6.79
C LEU EB 40 -94.88 -56.42 -6.08
N GLY EB 41 -95.72 -57.43 -5.95
CA GLY EB 41 -95.32 -58.77 -5.52
C GLY EB 41 -94.56 -59.42 -6.67
N ALA EB 42 -93.50 -60.16 -6.33
CA ALA EB 42 -92.47 -60.56 -7.29
C ALA EB 42 -91.98 -59.29 -7.97
N SER EB 43 -91.36 -59.43 -9.15
CA SER EB 43 -90.80 -58.28 -9.84
C SER EB 43 -89.73 -57.66 -8.92
N LEU EB 44 -89.48 -56.37 -9.08
CA LEU EB 44 -88.96 -55.55 -7.98
C LEU EB 44 -87.69 -56.15 -7.38
N LYS EB 45 -86.72 -56.40 -8.26
CA LYS EB 45 -85.48 -57.08 -7.91
C LYS EB 45 -84.44 -56.06 -7.44
N ASP EB 46 -83.73 -56.40 -6.35
CA ASP EB 46 -82.99 -55.37 -5.61
C ASP EB 46 -81.50 -55.49 -5.49
N GLU EB 47 -80.85 -54.54 -6.15
CA GLU EB 47 -79.42 -54.52 -6.37
C GLU EB 47 -78.81 -53.50 -5.44
N VAL EB 48 -77.83 -53.96 -4.67
CA VAL EB 48 -77.01 -53.08 -3.86
C VAL EB 48 -76.07 -52.35 -4.81
N LEU EB 49 -75.78 -51.09 -4.50
CA LEU EB 49 -74.81 -50.32 -5.27
C LEU EB 49 -73.46 -50.24 -4.57
N LYS EB 50 -73.45 -49.85 -3.30
CA LYS EB 50 -72.20 -49.69 -2.57
C LYS EB 50 -72.38 -49.69 -1.07
N ILE EB 51 -71.35 -50.19 -0.41
CA ILE EB 51 -71.30 -50.26 1.02
C ILE EB 51 -70.12 -49.40 1.42
N MET EB 52 -70.31 -48.08 1.49
CA MET EB 52 -69.19 -47.18 1.82
C MET EB 52 -69.14 -46.84 3.30
N PRO EB 53 -68.03 -47.17 3.95
CA PRO EB 53 -67.92 -46.93 5.38
C PRO EB 53 -67.56 -45.49 5.72
N VAL EB 54 -68.55 -44.75 6.21
CA VAL EB 54 -68.28 -43.47 6.85
C VAL EB 54 -67.79 -43.72 8.25
N GLN EB 55 -67.23 -42.68 8.89
CA GLN EB 55 -66.78 -42.84 10.26
C GLN EB 55 -66.46 -41.55 10.95
N LYS EB 56 -67.12 -41.31 12.10
CA LYS EB 56 -66.93 -40.08 12.88
C LYS EB 56 -66.07 -40.28 14.13
N GLN EB 57 -65.43 -39.19 14.50
CA GLN EB 57 -64.21 -39.22 15.30
C GLN EB 57 -64.59 -38.72 16.69
N THR EB 58 -63.95 -39.30 17.68
CA THR EB 58 -64.36 -39.18 19.07
C THR EB 58 -63.19 -39.45 20.00
N ARG EB 59 -63.37 -39.16 21.28
CA ARG EB 59 -62.24 -39.14 22.22
C ARG EB 59 -61.43 -40.43 22.15
N ALA EB 60 -62.11 -41.54 21.88
CA ALA EB 60 -61.49 -42.84 21.79
C ALA EB 60 -61.81 -43.48 20.45
N GLY EB 61 -60.85 -43.40 19.53
CA GLY EB 61 -60.98 -44.00 18.20
C GLY EB 61 -62.04 -43.33 17.33
N GLN EB 62 -62.55 -44.08 16.37
CA GLN EB 62 -63.58 -43.58 15.46
C GLN EB 62 -64.79 -44.51 15.44
N ARG EB 63 -65.96 -43.95 15.80
CA ARG EB 63 -67.25 -44.53 15.42
C ARG EB 63 -67.14 -44.84 13.94
N THR EB 64 -67.31 -46.10 13.55
CA THR EB 64 -67.43 -46.44 12.12
C THR EB 64 -68.75 -47.09 11.86
N ARG EB 65 -69.43 -46.55 10.87
CA ARG EB 65 -70.78 -46.97 10.57
C ARG EB 65 -70.96 -46.91 9.08
N PHE EB 66 -71.72 -47.88 8.60
CA PHE EB 66 -71.78 -48.18 7.21
C PHE EB 66 -72.93 -47.46 6.56
N LYS EB 67 -72.78 -47.22 5.26
CA LYS EB 67 -73.79 -46.57 4.47
C LYS EB 67 -74.03 -47.50 3.31
N ALA EB 68 -75.26 -48.01 3.23
CA ALA EB 68 -75.67 -48.79 2.08
C ALA EB 68 -76.62 -47.97 1.23
N PHE EB 69 -76.37 -48.07 -0.07
CA PHE EB 69 -77.28 -47.64 -1.10
C PHE EB 69 -77.88 -48.88 -1.71
N VAL EB 70 -79.16 -48.81 -2.03
CA VAL EB 70 -79.79 -49.87 -2.78
C VAL EB 70 -80.66 -49.25 -3.84
N ALA EB 71 -80.62 -49.86 -5.02
CA ALA EB 71 -81.53 -49.56 -6.11
C ALA EB 71 -82.55 -50.68 -6.23
N ILE EB 72 -83.74 -50.27 -6.67
CA ILE EB 72 -84.90 -51.14 -6.75
C ILE EB 72 -85.63 -50.79 -8.02
N GLY EB 73 -86.14 -51.81 -8.70
CA GLY EB 73 -86.97 -51.56 -9.86
C GLY EB 73 -87.51 -52.83 -10.46
N ASP EB 74 -88.52 -52.69 -11.30
CA ASP EB 74 -89.16 -53.85 -11.89
C ASP EB 74 -88.98 -53.93 -13.38
N TYR EB 75 -87.87 -53.44 -13.90
CA TYR EB 75 -87.63 -53.49 -15.34
C TYR EB 75 -88.87 -53.08 -16.16
N ASN EB 76 -89.71 -52.24 -15.56
CA ASN EB 76 -91.01 -51.93 -16.10
C ASN EB 76 -91.66 -50.79 -15.32
N GLY EB 77 -91.17 -49.59 -15.54
CA GLY EB 77 -91.84 -48.38 -15.06
C GLY EB 77 -91.33 -47.84 -13.74
N HIS EB 78 -91.25 -48.68 -12.71
CA HIS EB 78 -91.01 -48.18 -11.34
C HIS EB 78 -89.61 -48.49 -10.91
N VAL EB 79 -88.98 -47.52 -10.24
CA VAL EB 79 -87.63 -47.67 -9.70
C VAL EB 79 -87.50 -46.80 -8.51
N GLY EB 80 -86.52 -47.13 -7.68
CA GLY EB 80 -86.28 -46.43 -6.42
C GLY EB 80 -84.83 -46.51 -5.99
N LEU EB 81 -84.48 -45.61 -5.07
CA LEU EB 81 -83.15 -45.54 -4.53
C LEU EB 81 -83.30 -45.37 -3.05
N GLY EB 82 -82.58 -46.20 -2.30
CA GLY EB 82 -82.62 -46.14 -0.85
C GLY EB 82 -81.23 -46.02 -0.27
N VAL EB 83 -81.01 -45.02 0.59
CA VAL EB 83 -79.74 -44.82 1.26
C VAL EB 83 -79.92 -44.83 2.77
N LYS EB 84 -79.38 -45.87 3.41
CA LYS EB 84 -79.52 -46.05 4.84
C LYS EB 84 -78.14 -46.25 5.42
N CYS EB 85 -77.88 -45.55 6.50
CA CYS EB 85 -76.64 -45.65 7.24
C CYS EB 85 -76.95 -46.39 8.53
N SER EB 86 -76.07 -47.29 8.93
CA SER EB 86 -76.24 -47.99 10.20
C SER EB 86 -74.91 -48.49 10.76
N LYS EB 87 -74.96 -49.12 11.93
CA LYS EB 87 -73.76 -49.71 12.59
C LYS EB 87 -73.24 -50.95 11.92
N GLU EB 88 -74.11 -51.61 11.15
CA GLU EB 88 -73.81 -52.90 10.62
C GLU EB 88 -74.30 -53.01 9.19
N VAL EB 89 -73.55 -53.75 8.39
CA VAL EB 89 -73.80 -53.90 6.95
C VAL EB 89 -75.18 -54.48 6.65
N ALA EB 90 -75.56 -55.57 7.33
CA ALA EB 90 -76.82 -56.26 7.06
C ALA EB 90 -78.03 -55.47 7.52
N THR EB 91 -77.84 -54.58 8.48
CA THR EB 91 -78.90 -53.75 8.99
C THR EB 91 -79.11 -52.66 7.98
N ALA EB 92 -78.01 -52.00 7.62
CA ALA EB 92 -78.05 -50.98 6.61
C ALA EB 92 -78.80 -51.48 5.37
N ILE EB 93 -78.27 -52.51 4.73
CA ILE EB 93 -78.85 -53.02 3.49
C ILE EB 93 -80.34 -53.28 3.66
N ARG EB 94 -80.66 -54.14 4.62
CA ARG EB 94 -82.03 -54.56 4.88
C ARG EB 94 -82.95 -53.34 5.02
N GLY EB 95 -82.51 -52.39 5.84
CA GLY EB 95 -83.25 -51.16 6.09
C GLY EB 95 -83.11 -50.02 5.08
N ALA EB 96 -82.24 -50.20 4.07
CA ALA EB 96 -82.19 -49.29 2.90
C ALA EB 96 -83.17 -49.74 1.85
N ILE EB 97 -83.26 -51.06 1.69
CA ILE EB 97 -84.28 -51.61 0.80
C ILE EB 97 -85.62 -51.04 1.23
N ILE EB 98 -85.89 -51.01 2.54
CA ILE EB 98 -87.14 -50.46 3.05
C ILE EB 98 -87.42 -49.00 2.61
N LEU EB 99 -86.38 -48.19 2.49
CA LEU EB 99 -86.53 -46.83 1.96
C LEU EB 99 -86.67 -46.82 0.45
N ALA EB 100 -85.80 -47.54 -0.24
CA ALA EB 100 -85.86 -47.59 -1.70
C ALA EB 100 -87.27 -47.96 -2.09
N LYS EB 101 -87.78 -49.04 -1.51
CA LYS EB 101 -89.17 -49.49 -1.64
C LYS EB 101 -90.15 -48.32 -1.54
N LEU EB 102 -90.00 -47.51 -0.48
CA LEU EB 102 -90.84 -46.32 -0.28
C LEU EB 102 -90.71 -45.31 -1.39
N SER EB 103 -89.47 -44.91 -1.65
CA SER EB 103 -89.17 -43.86 -2.60
C SER EB 103 -88.98 -44.40 -4.01
N ILE EB 104 -89.91 -45.24 -4.46
CA ILE EB 104 -89.96 -45.62 -5.86
C ILE EB 104 -90.87 -44.64 -6.54
N VAL EB 105 -90.57 -44.32 -7.79
CA VAL EB 105 -91.49 -43.52 -8.60
C VAL EB 105 -91.67 -44.18 -9.96
N PRO EB 106 -92.69 -43.74 -10.72
CA PRO EB 106 -92.83 -44.20 -12.08
C PRO EB 106 -91.97 -43.35 -12.98
N VAL EB 107 -91.48 -43.95 -14.05
CA VAL EB 107 -90.79 -43.19 -15.07
C VAL EB 107 -91.67 -43.21 -16.32
N ARG EB 108 -91.89 -42.03 -16.85
CA ARG EB 108 -92.57 -41.88 -18.09
C ARG EB 108 -91.52 -42.23 -19.08
N ARG EB 109 -91.84 -43.13 -20.00
CA ARG EB 109 -90.96 -43.36 -21.13
C ARG EB 109 -91.70 -42.97 -22.38
N GLY EB 110 -90.94 -42.42 -23.31
CA GLY EB 110 -91.42 -42.09 -24.64
C GLY EB 110 -90.67 -42.84 -25.72
N TYR EB 111 -90.37 -42.11 -26.80
CA TYR EB 111 -90.32 -42.65 -28.14
C TYR EB 111 -89.25 -41.96 -28.99
N TRP EB 112 -88.55 -42.68 -29.87
CA TRP EB 112 -87.33 -42.12 -30.48
C TRP EB 112 -87.84 -40.95 -31.29
N GLY EB 113 -88.66 -41.28 -32.27
CA GLY EB 113 -89.15 -40.33 -33.25
C GLY EB 113 -90.30 -40.93 -34.03
N ASN EB 114 -90.04 -42.05 -34.73
CA ASN EB 114 -91.14 -42.80 -35.32
C ASN EB 114 -91.97 -43.42 -34.22
N LYS EB 115 -93.28 -43.22 -34.32
CA LYS EB 115 -94.21 -43.42 -33.22
C LYS EB 115 -94.91 -44.79 -33.37
N ILE EB 116 -94.19 -45.85 -33.00
CA ILE EB 116 -94.57 -47.23 -33.33
C ILE EB 116 -94.18 -48.19 -32.19
N GLY EB 117 -95.02 -49.19 -31.93
CA GLY EB 117 -94.70 -50.28 -31.00
C GLY EB 117 -94.85 -49.93 -29.51
N LYS EB 118 -93.78 -50.15 -28.73
CA LYS EB 118 -93.76 -49.88 -27.28
C LYS EB 118 -92.60 -48.94 -26.88
N PRO EB 119 -92.78 -48.16 -25.79
CA PRO EB 119 -91.84 -47.11 -25.34
C PRO EB 119 -90.49 -47.56 -24.71
N HIS EB 120 -89.42 -47.21 -25.39
CA HIS EB 120 -88.08 -47.80 -25.20
C HIS EB 120 -87.13 -46.80 -24.58
N THR EB 121 -87.53 -45.53 -24.48
CA THR EB 121 -86.63 -44.49 -23.99
C THR EB 121 -87.36 -43.34 -23.36
N VAL EB 122 -86.62 -42.27 -23.13
CA VAL EB 122 -87.05 -41.17 -22.30
C VAL EB 122 -87.76 -40.19 -23.22
N PRO EB 123 -88.79 -39.46 -22.72
CA PRO EB 123 -89.53 -38.56 -23.62
C PRO EB 123 -88.70 -37.40 -24.12
N CYS EB 124 -88.13 -36.68 -23.16
CA CYS EB 124 -87.34 -35.49 -23.40
C CYS EB 124 -85.94 -35.75 -22.96
N LYS EB 125 -85.09 -34.76 -23.13
CA LYS EB 125 -83.80 -34.80 -22.49
C LYS EB 125 -83.95 -34.09 -21.18
N VAL EB 126 -84.30 -34.91 -20.20
CA VAL EB 126 -84.27 -34.53 -18.81
C VAL EB 126 -82.86 -34.47 -18.28
N THR EB 127 -82.71 -33.67 -17.24
CA THR EB 127 -81.50 -33.64 -16.44
C THR EB 127 -81.91 -33.84 -15.00
N GLY EB 128 -80.97 -34.32 -14.20
CA GLY EB 128 -81.13 -34.36 -12.73
C GLY EB 128 -79.77 -34.17 -12.10
N ARG EB 129 -79.71 -33.46 -10.97
CA ARG EB 129 -78.40 -33.09 -10.37
C ARG EB 129 -78.39 -33.04 -8.86
N CYS EB 130 -77.36 -33.67 -8.29
CA CYS EB 130 -77.18 -33.77 -6.85
C CYS EB 130 -75.80 -33.28 -6.46
N GLY EB 131 -75.75 -32.05 -5.94
CA GLY EB 131 -74.54 -31.44 -5.36
C GLY EB 131 -73.28 -31.58 -6.18
N SER EB 132 -73.07 -30.64 -7.09
CA SER EB 132 -72.11 -30.77 -8.18
C SER EB 132 -72.71 -31.65 -9.27
N VAL EB 133 -72.64 -32.98 -9.08
CA VAL EB 133 -72.86 -33.94 -10.17
C VAL EB 133 -74.17 -33.73 -10.88
N LEU EB 134 -74.14 -33.95 -12.21
CA LEU EB 134 -75.34 -33.85 -13.03
C LEU EB 134 -75.35 -34.77 -14.20
N VAL EB 135 -76.53 -35.31 -14.46
CA VAL EB 135 -76.73 -36.37 -15.40
C VAL EB 135 -77.86 -35.95 -16.31
N ARG EB 136 -77.62 -36.06 -17.61
CA ARG EB 136 -78.58 -35.72 -18.63
C ARG EB 136 -78.97 -37.01 -19.29
N LEU EB 137 -80.28 -37.20 -19.53
CA LEU EB 137 -80.75 -38.40 -20.23
C LEU EB 137 -81.32 -38.04 -21.59
N ILE EB 138 -80.61 -38.43 -22.65
CA ILE EB 138 -80.99 -38.14 -24.01
C ILE EB 138 -81.81 -39.33 -24.57
N PRO EB 139 -82.93 -39.05 -25.26
CA PRO EB 139 -83.65 -40.05 -26.02
C PRO EB 139 -82.76 -40.83 -26.97
N ALA EB 140 -83.30 -41.96 -27.46
CA ALA EB 140 -82.48 -43.05 -28.00
C ALA EB 140 -83.13 -44.05 -28.99
N PRO EB 141 -82.64 -44.19 -30.27
CA PRO EB 141 -83.40 -45.10 -31.13
C PRO EB 141 -83.08 -46.55 -30.86
N ARG EB 142 -84.08 -47.38 -31.06
CA ARG EB 142 -84.05 -48.74 -30.55
C ARG EB 142 -82.79 -49.50 -30.91
N GLY EB 143 -82.48 -50.47 -30.07
CA GLY EB 143 -81.29 -51.28 -30.25
C GLY EB 143 -80.07 -50.71 -29.57
N THR EB 144 -80.02 -49.39 -29.39
CA THR EB 144 -78.82 -48.78 -28.85
C THR EB 144 -78.47 -49.18 -27.41
N GLY EB 145 -79.43 -49.66 -26.64
CA GLY EB 145 -79.18 -50.07 -25.26
C GLY EB 145 -78.93 -48.83 -24.43
N ILE EB 146 -78.36 -48.99 -23.24
CA ILE EB 146 -77.98 -47.83 -22.43
C ILE EB 146 -76.52 -47.52 -22.69
N VAL EB 147 -76.24 -46.22 -22.75
CA VAL EB 147 -74.93 -45.73 -23.07
C VAL EB 147 -74.54 -44.77 -21.95
N SER EB 148 -74.06 -45.36 -20.86
CA SER EB 148 -73.59 -44.60 -19.71
C SER EB 148 -72.58 -45.38 -18.90
N ALA EB 149 -72.12 -44.72 -17.85
CA ALA EB 149 -71.40 -45.37 -16.75
C ALA EB 149 -72.19 -46.58 -16.16
N PRO EB 150 -71.52 -47.45 -15.39
CA PRO EB 150 -72.18 -48.59 -14.73
C PRO EB 150 -73.39 -48.23 -13.89
N VAL EB 151 -73.24 -47.19 -13.10
CA VAL EB 151 -74.19 -46.90 -12.04
C VAL EB 151 -75.52 -46.36 -12.51
N PRO EB 152 -75.51 -45.36 -13.40
CA PRO EB 152 -76.78 -44.98 -14.00
C PRO EB 152 -77.36 -46.07 -14.88
N LYS EB 153 -76.52 -46.88 -15.54
CA LYS EB 153 -77.02 -48.04 -16.26
C LYS EB 153 -77.82 -48.97 -15.33
N LYS EB 154 -77.30 -49.22 -14.13
CA LYS EB 154 -77.98 -50.10 -13.19
C LYS EB 154 -79.29 -49.55 -12.61
N LEU EB 155 -79.49 -48.22 -12.68
CA LEU EB 155 -80.80 -47.61 -12.35
C LEU EB 155 -81.74 -47.49 -13.54
N LEU EB 156 -81.18 -47.20 -14.71
CA LEU EB 156 -81.99 -47.09 -15.91
C LEU EB 156 -82.44 -48.45 -16.42
N MET EB 157 -81.58 -49.46 -16.36
CA MET EB 157 -81.98 -50.82 -16.75
C MET EB 157 -83.16 -51.23 -15.90
N MET EB 158 -83.12 -50.86 -14.63
CA MET EB 158 -84.23 -51.15 -13.72
C MET EB 158 -85.52 -50.44 -14.03
N ALA EB 159 -85.44 -49.17 -14.44
CA ALA EB 159 -86.64 -48.38 -14.71
C ALA EB 159 -87.44 -48.91 -15.88
N GLY EB 160 -86.81 -49.72 -16.73
CA GLY EB 160 -87.41 -50.19 -17.98
C GLY EB 160 -87.26 -49.15 -19.08
N ILE EB 161 -86.20 -48.36 -18.96
CA ILE EB 161 -85.63 -47.67 -20.08
C ILE EB 161 -84.83 -48.76 -20.77
N ASP EB 162 -85.04 -48.90 -22.08
CA ASP EB 162 -84.26 -49.84 -22.87
C ASP EB 162 -83.07 -49.13 -23.54
N ASP EB 163 -83.24 -47.86 -23.94
CA ASP EB 163 -82.23 -47.10 -24.69
C ASP EB 163 -82.02 -45.73 -24.09
N CYS EB 164 -80.76 -45.30 -23.93
CA CYS EB 164 -80.47 -43.89 -23.54
C CYS EB 164 -78.98 -43.54 -23.64
N TYR EB 165 -78.65 -42.37 -24.23
CA TYR EB 165 -77.25 -41.85 -24.21
C TYR EB 165 -77.36 -40.80 -23.15
N THR EB 166 -76.34 -40.75 -22.30
CA THR EB 166 -76.27 -39.83 -21.21
C THR EB 166 -75.08 -38.94 -21.34
N SER EB 167 -75.09 -37.90 -20.52
CA SER EB 167 -74.02 -36.94 -20.49
C SER EB 167 -73.97 -36.48 -19.04
N ALA EB 168 -72.87 -36.79 -18.38
CA ALA EB 168 -72.78 -36.59 -16.97
C ALA EB 168 -71.48 -35.95 -16.63
N ARG EB 169 -71.47 -35.14 -15.58
CA ARG EB 169 -70.23 -34.62 -15.04
C ARG EB 169 -70.37 -34.06 -13.63
N GLY EB 170 -69.24 -33.65 -13.06
CA GLY EB 170 -69.15 -33.17 -11.69
C GLY EB 170 -68.05 -33.98 -11.04
N CYS EB 171 -68.34 -34.58 -9.89
CA CYS EB 171 -67.48 -35.63 -9.32
C CYS EB 171 -68.20 -36.98 -9.34
N THR EB 172 -68.25 -37.52 -10.56
CA THR EB 172 -68.91 -38.78 -10.87
C THR EB 172 -68.44 -39.99 -10.04
N ALA EB 173 -67.24 -39.90 -9.45
CA ALA EB 173 -66.76 -40.93 -8.51
C ALA EB 173 -67.70 -41.11 -7.33
N THR EB 174 -68.15 -39.99 -6.76
CA THR EB 174 -68.89 -40.02 -5.50
C THR EB 174 -70.23 -40.69 -5.64
N LEU EB 175 -70.18 -42.01 -5.60
CA LEU EB 175 -71.26 -42.84 -6.09
C LEU EB 175 -72.62 -42.38 -5.65
N GLY EB 176 -72.74 -42.02 -4.38
CA GLY EB 176 -74.03 -41.66 -3.84
C GLY EB 176 -74.74 -40.69 -4.71
N ASN EB 177 -74.05 -39.61 -5.01
CA ASN EB 177 -74.62 -38.63 -5.88
C ASN EB 177 -74.03 -38.77 -7.31
N PHE EB 178 -73.53 -39.98 -7.68
CA PHE EB 178 -73.80 -40.49 -9.05
C PHE EB 178 -75.27 -40.96 -9.10
N ALA EB 179 -75.64 -41.84 -8.18
CA ALA EB 179 -76.98 -42.44 -8.14
C ALA EB 179 -78.14 -41.50 -7.79
N LYS EB 180 -77.92 -40.53 -6.92
CA LYS EB 180 -79.00 -39.63 -6.51
C LYS EB 180 -79.29 -38.54 -7.50
N ALA EB 181 -78.30 -38.12 -8.27
CA ALA EB 181 -78.55 -37.22 -9.39
C ALA EB 181 -79.43 -37.93 -10.43
N THR EB 182 -79.02 -39.15 -10.81
CA THR EB 182 -79.84 -40.02 -11.67
C THR EB 182 -80.93 -40.82 -10.91
N PHE EB 183 -81.23 -40.49 -9.65
CA PHE EB 183 -82.61 -40.62 -9.21
C PHE EB 183 -83.39 -39.46 -9.85
N ASP EB 184 -83.01 -38.23 -9.54
CA ASP EB 184 -83.86 -37.07 -9.91
C ASP EB 184 -83.95 -36.85 -11.40
N ALA EB 185 -83.06 -37.50 -12.17
CA ALA EB 185 -83.24 -37.57 -13.62
C ALA EB 185 -84.53 -38.31 -13.89
N ILE EB 186 -84.59 -39.58 -13.51
CA ILE EB 186 -85.78 -40.38 -13.86
C ILE EB 186 -87.03 -40.06 -13.06
N SER EB 187 -86.96 -39.25 -12.01
CA SER EB 187 -88.17 -38.68 -11.42
C SER EB 187 -88.79 -37.68 -12.37
N LYS EB 188 -87.92 -36.86 -12.95
CA LYS EB 188 -88.35 -35.72 -13.74
C LYS EB 188 -88.74 -36.06 -15.17
N THR EB 189 -88.92 -37.34 -15.49
CA THR EB 189 -89.54 -37.71 -16.75
C THR EB 189 -91.03 -37.33 -16.68
N TYR EB 190 -91.66 -37.72 -15.58
CA TYR EB 190 -93.09 -37.47 -15.41
C TYR EB 190 -93.42 -36.04 -15.09
N SER EB 191 -92.43 -35.25 -14.72
CA SER EB 191 -92.58 -33.79 -14.62
C SER EB 191 -92.37 -33.05 -15.96
N TYR EB 192 -92.05 -33.75 -17.05
CA TYR EB 192 -91.85 -33.04 -18.32
C TYR EB 192 -93.18 -32.72 -19.04
N LEU EB 193 -93.44 -31.42 -19.21
CA LEU EB 193 -94.72 -30.92 -19.71
C LEU EB 193 -94.76 -30.80 -21.25
N THR EB 194 -95.27 -31.85 -21.89
CA THR EB 194 -95.29 -31.96 -23.34
C THR EB 194 -96.72 -31.76 -23.88
N PRO EB 195 -96.87 -31.33 -25.14
CA PRO EB 195 -98.13 -31.34 -25.91
C PRO EB 195 -98.98 -32.58 -25.74
N ASP EB 196 -98.39 -33.75 -25.98
CA ASP EB 196 -98.98 -35.02 -25.58
C ASP EB 196 -99.83 -35.02 -24.27
N LEU EB 197 -99.38 -34.32 -23.23
CA LEU EB 197 -100.21 -34.03 -22.02
C LEU EB 197 -101.23 -32.92 -22.36
N TRP EB 198 -101.04 -31.67 -21.93
CA TRP EB 198 -101.71 -30.53 -22.57
C TRP EB 198 -103.25 -30.46 -22.65
N LYS EB 199 -103.94 -31.53 -22.28
CA LYS EB 199 -105.40 -31.57 -22.20
C LYS EB 199 -105.75 -31.30 -20.76
N GLU EB 200 -106.69 -30.38 -20.53
CA GLU EB 200 -107.19 -30.13 -19.18
C GLU EB 200 -107.60 -31.44 -18.51
N THR EB 201 -107.24 -31.59 -17.24
CA THR EB 201 -107.51 -32.82 -16.51
C THR EB 201 -109.00 -33.00 -16.25
N VAL EB 202 -109.51 -34.20 -16.51
CA VAL EB 202 -110.91 -34.53 -16.23
C VAL EB 202 -111.14 -34.41 -14.73
N PHE EB 203 -110.19 -34.92 -13.94
CA PHE EB 203 -110.28 -34.96 -12.48
C PHE EB 203 -111.15 -36.11 -11.99
N THR EB 204 -110.74 -36.65 -10.84
CA THR EB 204 -111.37 -37.83 -10.25
C THR EB 204 -111.38 -37.64 -8.74
N LYS EB 205 -112.10 -38.52 -8.06
CA LYS EB 205 -112.44 -38.36 -6.66
C LYS EB 205 -111.25 -38.20 -5.70
N SER EB 206 -110.51 -39.30 -5.50
CA SER EB 206 -109.45 -39.50 -4.46
C SER EB 206 -109.74 -40.83 -3.74
N PRO EB 207 -108.70 -41.55 -3.30
CA PRO EB 207 -108.92 -42.75 -2.48
C PRO EB 207 -109.52 -42.45 -1.12
N TYR EB 208 -109.00 -41.42 -0.45
CA TYR EB 208 -109.54 -41.02 0.85
C TYR EB 208 -111.01 -40.64 0.73
N GLN EB 209 -111.38 -40.05 -0.41
CA GLN EB 209 -112.73 -39.48 -0.61
C GLN EB 209 -113.79 -40.45 -1.15
N GLU EB 210 -113.43 -41.27 -2.13
CA GLU EB 210 -114.32 -42.33 -2.62
C GLU EB 210 -114.64 -43.27 -1.47
N PHE EB 211 -113.58 -43.83 -0.89
CA PHE EB 211 -113.69 -44.94 0.03
C PHE EB 211 -113.72 -44.47 1.49
N THR EB 212 -114.01 -43.19 1.73
CA THR EB 212 -114.18 -42.65 3.09
C THR EB 212 -115.18 -43.46 3.98
N ASP EB 213 -116.11 -44.18 3.33
CA ASP EB 213 -117.00 -45.14 4.02
C ASP EB 213 -116.25 -46.29 4.68
N HIS EB 214 -115.27 -46.87 3.98
CA HIS EB 214 -114.53 -48.03 4.50
C HIS EB 214 -113.43 -47.68 5.50
N LEU EB 215 -113.03 -46.41 5.53
CA LEU EB 215 -111.98 -45.97 6.47
C LEU EB 215 -112.55 -45.81 7.87
N VAL EB 216 -113.73 -45.20 7.96
CA VAL EB 216 -114.58 -45.32 9.15
C VAL EB 216 -115.20 -46.73 9.15
N LYS EB 217 -114.36 -47.72 9.50
CA LYS EB 217 -114.51 -49.11 9.05
C LYS EB 217 -115.77 -49.85 9.49
N THR EB 218 -116.26 -50.72 8.60
CA THR EB 218 -117.44 -51.57 8.81
C THR EB 218 -117.13 -53.01 8.42
N ALA FB 1 -41.58 -31.91 -64.37
CA ALA FB 1 -41.53 -32.00 -65.86
C ALA FB 1 -40.33 -31.28 -66.46
N ARG FB 2 -39.92 -31.76 -67.64
CA ARG FB 2 -39.13 -30.97 -68.56
C ARG FB 2 -39.89 -30.87 -69.86
N GLY FB 3 -39.96 -31.97 -70.59
CA GLY FB 3 -40.64 -31.97 -71.86
C GLY FB 3 -42.12 -32.18 -71.70
N PRO FB 4 -42.77 -32.71 -72.75
CA PRO FB 4 -44.12 -33.23 -72.66
C PRO FB 4 -44.11 -34.68 -72.20
N LYS FB 5 -45.22 -35.07 -71.59
CA LYS FB 5 -45.34 -36.31 -70.83
C LYS FB 5 -45.97 -37.40 -71.69
N LYS FB 6 -45.25 -38.50 -71.87
CA LYS FB 6 -45.56 -39.50 -72.89
C LYS FB 6 -46.03 -40.79 -72.24
N HIS FB 7 -46.96 -40.64 -71.31
CA HIS FB 7 -47.25 -41.69 -70.35
C HIS FB 7 -48.49 -41.36 -69.49
N LEU FB 8 -49.13 -42.40 -68.96
CA LEU FB 8 -50.42 -42.25 -68.30
C LEU FB 8 -50.55 -43.34 -67.27
N LYS FB 9 -50.80 -42.98 -66.02
CA LYS FB 9 -50.99 -44.00 -65.00
C LYS FB 9 -52.41 -44.47 -65.05
N ARG FB 10 -52.61 -45.77 -64.93
CA ARG FB 10 -53.95 -46.34 -64.69
C ARG FB 10 -54.45 -45.66 -63.42
N VAL FB 11 -55.75 -45.48 -63.30
CA VAL FB 11 -56.34 -44.71 -62.19
C VAL FB 11 -56.50 -43.30 -62.68
N ALA FB 12 -55.39 -42.64 -62.99
CA ALA FB 12 -55.46 -41.28 -63.50
C ALA FB 12 -56.25 -41.25 -64.81
N ALA FB 13 -55.95 -42.21 -65.66
CA ALA FB 13 -56.80 -42.65 -66.75
C ALA FB 13 -58.25 -42.33 -66.48
N PRO FB 14 -58.88 -41.46 -67.29
CA PRO FB 14 -60.31 -41.29 -67.20
C PRO FB 14 -61.21 -42.49 -67.03
N LYS FB 15 -62.40 -42.18 -66.56
CA LYS FB 15 -63.36 -43.11 -66.01
C LYS FB 15 -63.93 -44.05 -67.08
N HIS FB 16 -63.56 -43.84 -68.35
CA HIS FB 16 -64.18 -44.51 -69.46
C HIS FB 16 -63.33 -44.78 -70.66
N TRP FB 17 -62.17 -45.39 -70.44
CA TRP FB 17 -61.77 -46.56 -71.25
C TRP FB 17 -61.94 -47.69 -70.13
N MET FB 18 -62.65 -47.36 -69.02
CA MET FB 18 -63.36 -48.28 -68.06
C MET FB 18 -62.47 -49.32 -67.42
N LEU FB 19 -61.24 -48.89 -67.18
CA LEU FB 19 -60.17 -49.78 -66.84
C LEU FB 19 -60.24 -50.18 -65.39
N ASP FB 20 -59.59 -51.28 -65.05
CA ASP FB 20 -59.64 -51.77 -63.68
C ASP FB 20 -58.30 -51.56 -62.97
N LYS FB 21 -58.35 -51.49 -61.64
CA LYS FB 21 -57.19 -51.18 -60.79
C LYS FB 21 -56.05 -52.20 -60.90
N LEU FB 22 -56.40 -53.49 -60.96
CA LEU FB 22 -55.40 -54.56 -61.14
C LEU FB 22 -55.08 -54.72 -62.61
N THR FB 23 -54.21 -55.68 -62.92
CA THR FB 23 -53.81 -56.00 -64.31
C THR FB 23 -52.66 -55.13 -64.83
N GLY FB 24 -52.54 -53.90 -64.33
CA GLY FB 24 -51.46 -53.01 -64.74
C GLY FB 24 -51.24 -51.77 -63.90
N VAL FB 25 -50.17 -51.09 -64.26
CA VAL FB 25 -49.81 -49.81 -63.69
C VAL FB 25 -50.25 -48.70 -64.60
N PHE FB 26 -49.97 -48.87 -65.88
CA PHE FB 26 -50.25 -47.84 -66.84
C PHE FB 26 -51.54 -48.09 -67.60
N ALA FB 27 -52.06 -47.00 -68.12
CA ALA FB 27 -53.16 -46.99 -69.06
C ALA FB 27 -52.60 -46.50 -70.40
N PRO FB 28 -53.39 -46.56 -71.47
CA PRO FB 28 -52.74 -46.55 -72.76
C PRO FB 28 -52.25 -45.21 -73.29
N ARG FB 29 -52.78 -44.10 -72.80
CA ARG FB 29 -52.48 -42.79 -73.36
C ARG FB 29 -52.76 -42.65 -74.82
N PRO FB 30 -53.89 -42.01 -75.13
CA PRO FB 30 -54.09 -41.47 -76.43
C PRO FB 30 -52.82 -40.87 -76.96
N SER FB 31 -52.33 -41.40 -78.07
CA SER FB 31 -51.39 -40.63 -78.87
C SER FB 31 -52.15 -39.38 -79.30
N THR FB 32 -51.43 -38.30 -79.51
CA THR FB 32 -52.04 -37.05 -79.90
C THR FB 32 -52.90 -37.30 -81.11
N GLY FB 33 -53.94 -36.51 -81.27
CA GLY FB 33 -54.91 -36.77 -82.34
C GLY FB 33 -55.80 -35.58 -82.61
N PRO FB 34 -56.97 -35.84 -83.20
CA PRO FB 34 -57.97 -34.80 -83.33
C PRO FB 34 -58.74 -34.59 -82.03
N HIS FB 35 -59.01 -35.64 -81.27
CA HIS FB 35 -59.82 -35.52 -80.04
C HIS FB 35 -58.97 -35.36 -78.79
N LYS FB 36 -59.49 -34.58 -77.85
CA LYS FB 36 -58.77 -34.31 -76.61
C LYS FB 36 -58.66 -35.55 -75.73
N LEU FB 37 -57.45 -35.88 -75.31
CA LEU FB 37 -57.12 -37.02 -74.43
C LEU FB 37 -58.21 -37.47 -73.45
N ARG FB 38 -58.85 -36.51 -72.82
CA ARG FB 38 -59.82 -36.78 -71.80
C ARG FB 38 -61.19 -37.24 -72.35
N GLU FB 39 -61.43 -37.06 -73.65
CA GLU FB 39 -62.72 -37.39 -74.30
C GLU FB 39 -62.54 -38.35 -75.47
N CYS FB 40 -61.83 -39.45 -75.19
CA CYS FB 40 -61.34 -40.37 -76.21
C CYS FB 40 -61.89 -41.76 -76.09
N LEU FB 41 -61.50 -42.54 -77.09
CA LEU FB 41 -61.32 -43.96 -76.96
C LEU FB 41 -60.13 -44.35 -77.82
N PRO FB 42 -58.96 -44.58 -77.20
CA PRO FB 42 -57.87 -45.17 -77.96
C PRO FB 42 -58.34 -46.47 -78.48
N LEU FB 43 -58.27 -46.60 -79.80
CA LEU FB 43 -58.68 -47.79 -80.47
C LEU FB 43 -58.49 -49.02 -79.58
N ILE FB 44 -57.28 -49.21 -79.03
CA ILE FB 44 -56.93 -50.42 -78.24
C ILE FB 44 -58.03 -50.91 -77.30
N ILE FB 45 -58.73 -49.98 -76.65
CA ILE FB 45 -59.77 -50.35 -75.70
C ILE FB 45 -60.99 -51.01 -76.33
N PHE FB 46 -61.41 -50.59 -77.52
CA PHE FB 46 -62.44 -51.36 -78.23
C PHE FB 46 -62.07 -52.82 -78.20
N LEU FB 47 -60.90 -53.08 -78.76
CA LEU FB 47 -60.61 -54.38 -79.28
C LEU FB 47 -60.53 -55.40 -78.16
N ARG FB 48 -59.63 -55.17 -77.21
CA ARG FB 48 -59.49 -56.12 -76.08
C ARG FB 48 -60.52 -55.89 -74.99
N ASN FB 49 -60.81 -54.63 -74.67
CA ASN FB 49 -61.65 -54.32 -73.50
C ASN FB 49 -63.15 -54.19 -73.73
N ARG FB 50 -63.57 -53.75 -74.91
CA ARG FB 50 -64.99 -53.52 -75.21
C ARG FB 50 -65.68 -54.67 -75.93
N LEU FB 51 -65.03 -55.14 -77.00
CA LEU FB 51 -65.57 -56.20 -77.85
C LEU FB 51 -65.11 -57.56 -77.44
N LYS FB 52 -64.01 -57.63 -76.69
CA LYS FB 52 -63.33 -58.88 -76.38
C LYS FB 52 -62.91 -59.55 -77.68
N TYR FB 53 -62.47 -58.73 -78.63
CA TYR FB 53 -62.11 -59.13 -79.99
C TYR FB 53 -60.71 -59.71 -79.95
N ALA FB 54 -59.80 -58.93 -79.38
CA ALA FB 54 -58.49 -59.40 -79.02
C ALA FB 54 -58.55 -59.87 -77.56
N LEU FB 55 -57.40 -60.09 -76.94
CA LEU FB 55 -57.32 -60.28 -75.47
C LEU FB 55 -56.36 -59.29 -74.82
N THR FB 56 -55.13 -59.25 -75.32
CA THR FB 56 -54.04 -58.45 -74.78
C THR FB 56 -53.78 -57.18 -75.61
N GLY FB 57 -52.62 -56.54 -75.42
CA GLY FB 57 -52.17 -55.48 -76.31
C GLY FB 57 -51.56 -56.00 -77.60
N ASP FB 58 -50.78 -57.08 -77.52
CA ASP FB 58 -50.13 -57.67 -78.71
C ASP FB 58 -51.12 -58.28 -79.69
N GLU FB 59 -52.20 -58.84 -79.16
CA GLU FB 59 -53.27 -59.33 -79.99
C GLU FB 59 -53.82 -58.20 -80.86
N VAL FB 60 -53.99 -57.00 -80.26
CA VAL FB 60 -54.45 -55.81 -81.00
C VAL FB 60 -53.45 -55.29 -82.00
N LYS FB 61 -52.17 -55.34 -81.64
CA LYS FB 61 -51.07 -54.99 -82.56
C LYS FB 61 -51.24 -55.77 -83.85
N LYS FB 62 -51.40 -57.09 -83.70
CA LYS FB 62 -51.58 -57.98 -84.84
C LYS FB 62 -52.85 -57.72 -85.64
N ILE FB 63 -53.90 -57.20 -84.99
CA ILE FB 63 -55.10 -56.76 -85.72
C ILE FB 63 -54.78 -55.57 -86.62
N CYS FB 64 -54.57 -54.38 -86.04
CA CYS FB 64 -54.55 -53.14 -86.82
C CYS FB 64 -53.48 -53.09 -87.91
N MET FB 65 -52.39 -53.86 -87.77
CA MET FB 65 -51.37 -53.95 -88.82
C MET FB 65 -51.55 -55.10 -89.82
N GLN FB 66 -52.71 -55.76 -89.80
CA GLN FB 66 -53.24 -56.40 -91.01
C GLN FB 66 -53.90 -55.31 -91.85
N ARG FB 67 -54.33 -54.23 -91.18
CA ARG FB 67 -54.92 -53.03 -91.78
C ARG FB 67 -56.44 -53.22 -91.98
N PHE FB 68 -57.10 -53.87 -91.02
CA PHE FB 68 -58.56 -54.06 -91.09
C PHE FB 68 -59.27 -52.81 -90.60
N ILE FB 69 -58.80 -52.24 -89.50
CA ILE FB 69 -59.54 -51.15 -88.84
C ILE FB 69 -59.39 -49.81 -89.52
N LYS FB 70 -60.52 -49.17 -89.78
CA LYS FB 70 -60.58 -47.92 -90.52
C LYS FB 70 -61.36 -46.90 -89.72
N ILE FB 71 -60.65 -45.98 -89.07
CA ILE FB 71 -61.30 -44.93 -88.31
C ILE FB 71 -61.60 -43.79 -89.27
N ASP FB 72 -62.88 -43.46 -89.38
CA ASP FB 72 -63.48 -42.76 -90.53
C ASP FB 72 -62.82 -43.06 -91.89
N GLY FB 73 -63.04 -44.28 -92.35
CA GLY FB 73 -62.66 -44.76 -93.69
C GLY FB 73 -61.27 -44.37 -94.17
N LYS FB 74 -60.28 -44.41 -93.28
CA LYS FB 74 -58.90 -44.04 -93.62
C LYS FB 74 -57.77 -44.86 -92.98
N VAL FB 75 -58.08 -46.04 -92.45
CA VAL FB 75 -57.08 -47.03 -91.98
C VAL FB 75 -56.03 -46.51 -90.97
N ARG FB 76 -56.07 -47.02 -89.75
CA ARG FB 76 -55.09 -46.67 -88.74
C ARG FB 76 -54.32 -47.88 -88.22
N THR FB 77 -52.99 -47.75 -88.19
CA THR FB 77 -52.09 -48.74 -87.59
C THR FB 77 -51.69 -48.39 -86.15
N ASP FB 78 -52.12 -47.23 -85.63
CA ASP FB 78 -51.83 -46.83 -84.24
C ASP FB 78 -52.84 -47.44 -83.31
N ILE FB 79 -52.37 -48.32 -82.45
CA ILE FB 79 -53.23 -48.89 -81.43
C ILE FB 79 -53.83 -47.81 -80.55
N THR FB 80 -53.11 -46.70 -80.36
CA THR FB 80 -53.55 -45.63 -79.48
C THR FB 80 -54.03 -44.36 -80.20
N TYR FB 81 -54.41 -44.50 -81.47
CA TYR FB 81 -54.97 -43.37 -82.19
C TYR FB 81 -56.36 -43.06 -81.60
N PRO FB 82 -56.55 -41.84 -81.05
CA PRO FB 82 -57.79 -41.49 -80.35
C PRO FB 82 -59.02 -41.30 -81.24
N ALA FB 83 -60.06 -42.02 -80.88
CA ALA FB 83 -61.40 -41.77 -81.36
C ALA FB 83 -62.14 -40.99 -80.26
N GLY FB 84 -63.39 -40.59 -80.51
CA GLY FB 84 -64.10 -39.61 -79.66
C GLY FB 84 -65.49 -39.25 -80.19
N PHE FB 85 -66.15 -38.16 -79.73
CA PHE FB 85 -67.55 -38.01 -80.19
C PHE FB 85 -67.55 -38.07 -81.75
N MET FB 86 -68.46 -38.88 -82.31
CA MET FB 86 -68.83 -38.90 -83.76
C MET FB 86 -67.74 -39.44 -84.67
N ASP FB 87 -67.42 -40.70 -84.51
CA ASP FB 87 -66.44 -41.32 -85.40
C ASP FB 87 -67.09 -42.50 -86.07
N VAL FB 88 -66.36 -43.33 -86.81
CA VAL FB 88 -66.99 -44.44 -87.51
C VAL FB 88 -66.41 -45.76 -87.03
N ILE FB 89 -65.18 -46.05 -87.41
CA ILE FB 89 -64.51 -47.28 -87.01
C ILE FB 89 -65.17 -48.44 -87.74
N SER FB 90 -64.80 -48.54 -89.01
CA SER FB 90 -65.21 -49.65 -89.86
C SER FB 90 -64.17 -50.77 -89.73
N ILE FB 91 -64.65 -52.00 -89.63
CA ILE FB 91 -63.80 -53.18 -89.53
C ILE FB 91 -63.60 -53.81 -90.92
N ASP FB 92 -64.65 -53.75 -91.74
CA ASP FB 92 -64.62 -54.19 -93.17
C ASP FB 92 -64.52 -55.70 -93.48
N LYS FB 93 -63.54 -56.41 -92.91
CA LYS FB 93 -63.58 -57.88 -92.97
C LYS FB 93 -64.43 -58.35 -91.79
N THR FB 94 -65.74 -58.21 -91.97
CA THR FB 94 -66.80 -58.40 -90.94
C THR FB 94 -68.06 -57.62 -91.31
N GLY FB 95 -67.87 -56.41 -91.81
CA GLY FB 95 -68.94 -55.55 -92.28
C GLY FB 95 -69.77 -54.91 -91.17
N GLU FB 96 -69.19 -54.80 -89.97
CA GLU FB 96 -69.94 -54.33 -88.80
C GLU FB 96 -70.05 -52.81 -88.80
N ASN FB 97 -68.90 -52.11 -88.78
CA ASN FB 97 -68.82 -50.64 -88.67
C ASN FB 97 -69.69 -50.05 -87.54
N PHE FB 98 -69.06 -49.51 -86.50
CA PHE FB 98 -69.82 -48.98 -85.35
C PHE FB 98 -69.87 -47.45 -85.47
N ARG FB 99 -70.33 -46.77 -84.41
CA ARG FB 99 -69.99 -45.37 -84.25
C ARG FB 99 -68.93 -45.22 -83.16
N LEU FB 100 -69.40 -45.04 -81.93
CA LEU FB 100 -68.82 -44.22 -80.83
C LEU FB 100 -69.74 -43.11 -80.38
N ILE FB 101 -70.99 -43.48 -80.11
CA ILE FB 101 -71.93 -42.60 -79.46
C ILE FB 101 -71.80 -42.90 -78.00
N TYR FB 102 -71.96 -41.91 -77.14
CA TYR FB 102 -71.90 -42.24 -75.72
C TYR FB 102 -73.31 -42.62 -75.24
N ASP FB 103 -73.31 -43.52 -74.26
CA ASP FB 103 -74.51 -43.96 -73.57
C ASP FB 103 -75.08 -42.84 -72.72
N THR FB 104 -76.24 -43.09 -72.13
CA THR FB 104 -76.84 -42.15 -71.21
C THR FB 104 -75.96 -41.83 -69.97
N LYS FB 105 -75.08 -42.76 -69.58
CA LYS FB 105 -74.13 -42.52 -68.47
C LYS FB 105 -72.80 -41.88 -68.88
N GLY FB 106 -72.58 -41.72 -70.18
CA GLY FB 106 -71.37 -41.07 -70.70
C GLY FB 106 -70.19 -42.01 -70.71
N ARG FB 107 -70.26 -43.06 -71.52
CA ARG FB 107 -69.19 -44.06 -71.54
C ARG FB 107 -69.12 -44.91 -72.82
N PHE FB 108 -69.20 -44.24 -73.95
CA PHE FB 108 -68.95 -44.78 -75.29
C PHE FB 108 -69.41 -46.22 -75.59
N ALA FB 109 -70.39 -46.31 -76.50
CA ALA FB 109 -71.12 -47.54 -76.77
C ALA FB 109 -70.43 -48.48 -77.77
N VAL FB 110 -71.01 -49.67 -77.86
CA VAL FB 110 -70.63 -50.69 -78.81
C VAL FB 110 -71.79 -50.76 -79.79
N HIS FB 111 -72.14 -49.61 -80.36
CA HIS FB 111 -73.40 -49.45 -81.08
C HIS FB 111 -73.15 -49.59 -82.59
N ARG FB 112 -73.60 -50.75 -83.12
CA ARG FB 112 -73.45 -51.11 -84.53
C ARG FB 112 -74.47 -50.40 -85.42
N ILE FB 113 -74.04 -50.05 -86.63
CA ILE FB 113 -74.86 -49.34 -87.61
C ILE FB 113 -74.81 -50.09 -88.93
N THR FB 114 -75.55 -49.61 -89.94
CA THR FB 114 -75.60 -50.25 -91.25
C THR FB 114 -74.26 -50.13 -92.03
N PRO FB 115 -74.18 -50.74 -93.23
CA PRO FB 115 -73.14 -50.35 -94.18
C PRO FB 115 -73.37 -48.93 -94.69
N GLU FB 116 -74.64 -48.61 -94.99
CA GLU FB 116 -75.04 -47.22 -95.13
C GLU FB 116 -75.01 -46.64 -93.74
N GLU FB 117 -75.11 -45.31 -93.63
CA GLU FB 117 -74.84 -44.64 -92.35
C GLU FB 117 -73.35 -44.78 -91.94
N ALA FB 118 -72.47 -45.17 -92.86
CA ALA FB 118 -71.01 -45.15 -92.64
C ALA FB 118 -70.40 -44.21 -93.65
N LYS FB 119 -71.17 -43.20 -94.05
CA LYS FB 119 -70.79 -42.27 -95.09
C LYS FB 119 -71.11 -40.88 -94.56
N TYR FB 120 -72.41 -40.54 -94.46
CA TYR FB 120 -72.87 -39.36 -93.72
C TYR FB 120 -71.93 -39.45 -92.40
N LYS FB 121 -71.52 -38.32 -91.80
CA LYS FB 121 -71.07 -38.29 -90.35
C LYS FB 121 -71.31 -36.87 -89.80
N LEU FB 122 -71.42 -36.73 -88.48
CA LEU FB 122 -71.66 -35.40 -87.92
C LEU FB 122 -70.43 -34.76 -87.35
N CYS FB 123 -70.43 -33.44 -87.27
CA CYS FB 123 -69.33 -32.68 -86.71
C CYS FB 123 -69.81 -31.30 -86.33
N LYS FB 124 -69.58 -30.92 -85.09
CA LYS FB 124 -69.81 -29.57 -84.62
C LYS FB 124 -68.72 -28.64 -85.15
N VAL FB 125 -69.02 -27.34 -85.28
CA VAL FB 125 -68.01 -26.35 -85.71
C VAL FB 125 -67.55 -25.35 -84.63
N ARG FB 126 -66.24 -25.17 -84.61
CA ARG FB 126 -65.56 -24.40 -83.58
C ARG FB 126 -65.26 -22.97 -84.00
N LYS FB 127 -64.92 -22.74 -85.26
CA LYS FB 127 -64.82 -21.38 -85.77
C LYS FB 127 -64.92 -21.22 -87.29
N ILE FB 128 -65.28 -20.01 -87.67
CA ILE FB 128 -65.14 -19.52 -89.03
C ILE FB 128 -63.80 -18.81 -89.03
N PHE FB 129 -63.11 -18.92 -90.16
CA PHE FB 129 -61.71 -18.50 -90.26
C PHE FB 129 -61.50 -17.23 -91.12
N VAL FB 130 -61.99 -17.25 -92.36
CA VAL FB 130 -61.58 -16.32 -93.44
C VAL FB 130 -60.07 -16.34 -93.63
N GLY FB 131 -59.60 -17.35 -94.36
CA GLY FB 131 -58.21 -17.80 -94.33
C GLY FB 131 -57.21 -16.87 -94.97
N THR FB 132 -57.29 -16.74 -96.29
CA THR FB 132 -56.51 -15.74 -97.02
C THR FB 132 -57.08 -15.67 -98.44
N LYS FB 133 -57.08 -14.47 -99.00
CA LYS FB 133 -57.82 -14.16 -100.22
C LYS FB 133 -59.34 -14.37 -100.08
N GLY FB 134 -59.85 -14.28 -98.84
CA GLY FB 134 -61.26 -14.50 -98.56
C GLY FB 134 -61.77 -15.92 -98.70
N ILE FB 135 -60.88 -16.92 -98.68
CA ILE FB 135 -61.28 -18.31 -98.70
C ILE FB 135 -61.66 -18.65 -97.27
N PRO FB 136 -62.94 -18.91 -97.00
CA PRO FB 136 -63.35 -19.14 -95.63
C PRO FB 136 -63.14 -20.57 -95.17
N HIS FB 137 -62.79 -20.75 -93.89
CA HIS FB 137 -62.50 -22.07 -93.31
C HIS FB 137 -63.42 -22.40 -92.12
N LEU FB 138 -63.83 -23.68 -92.03
CA LEU FB 138 -64.44 -24.25 -90.82
C LEU FB 138 -63.37 -24.82 -89.97
N VAL FB 139 -63.72 -25.12 -88.74
CA VAL FB 139 -62.90 -25.99 -87.91
C VAL FB 139 -63.88 -26.89 -87.21
N THR FB 140 -63.95 -28.14 -87.64
CA THR FB 140 -64.80 -29.12 -86.98
C THR FB 140 -64.21 -29.54 -85.63
N HIS FB 141 -65.09 -30.00 -84.75
CA HIS FB 141 -64.68 -30.47 -83.44
C HIS FB 141 -63.67 -31.62 -83.50
N ASP FB 142 -63.66 -32.38 -84.61
CA ASP FB 142 -62.66 -33.45 -84.84
C ASP FB 142 -61.42 -32.98 -85.59
N ALA FB 143 -61.12 -31.67 -85.47
CA ALA FB 143 -60.01 -31.03 -86.14
C ALA FB 143 -59.89 -31.42 -87.60
N ARG FB 144 -60.98 -31.25 -88.32
CA ARG FB 144 -60.91 -31.04 -89.74
C ARG FB 144 -61.09 -29.56 -89.84
N THR FB 145 -60.29 -28.94 -90.69
CA THR FB 145 -60.73 -27.73 -91.33
C THR FB 145 -61.30 -28.13 -92.70
N ILE FB 146 -62.33 -27.41 -93.11
CA ILE FB 146 -62.98 -27.62 -94.38
C ILE FB 146 -63.09 -26.25 -94.99
N ARG FB 147 -62.40 -26.05 -96.11
CA ARG FB 147 -62.53 -24.77 -96.78
C ARG FB 147 -63.82 -24.71 -97.53
N TYR FB 148 -64.18 -23.50 -97.94
CA TYR FB 148 -65.33 -23.28 -98.79
C TYR FB 148 -66.65 -23.87 -98.23
N PRO FB 149 -67.12 -23.36 -97.08
CA PRO FB 149 -68.42 -23.71 -96.53
C PRO FB 149 -69.51 -22.71 -96.92
N ASP FB 150 -70.78 -23.10 -96.77
CA ASP FB 150 -71.91 -22.20 -97.06
C ASP FB 150 -71.85 -21.12 -96.00
N PRO FB 151 -72.00 -19.86 -96.43
CA PRO FB 151 -71.77 -18.74 -95.52
C PRO FB 151 -72.74 -18.69 -94.33
N LEU FB 152 -73.87 -19.40 -94.43
CA LEU FB 152 -74.84 -19.45 -93.34
C LEU FB 152 -74.45 -20.41 -92.22
N ILE FB 153 -73.41 -21.23 -92.42
CA ILE FB 153 -72.86 -21.98 -91.29
C ILE FB 153 -72.16 -20.99 -90.39
N LYS FB 154 -72.56 -21.01 -89.13
CA LYS FB 154 -72.04 -20.10 -88.12
C LYS FB 154 -71.32 -20.96 -87.08
N VAL FB 155 -71.19 -20.50 -85.84
CA VAL FB 155 -70.44 -21.26 -84.82
C VAL FB 155 -71.36 -22.11 -83.92
N ASN FB 156 -70.91 -23.34 -83.60
CA ASN FB 156 -71.64 -24.34 -82.75
C ASN FB 156 -72.69 -25.20 -83.46
N ASP FB 157 -72.81 -25.02 -84.77
CA ASP FB 157 -73.78 -25.75 -85.58
C ASP FB 157 -73.13 -27.03 -86.01
N THR FB 158 -73.86 -27.90 -86.70
CA THR FB 158 -73.30 -29.18 -87.12
C THR FB 158 -73.44 -29.48 -88.58
N ILE FB 159 -72.54 -30.34 -89.02
CA ILE FB 159 -72.34 -30.58 -90.41
C ILE FB 159 -72.45 -32.08 -90.67
N GLN FB 160 -73.03 -32.38 -91.82
CA GLN FB 160 -73.44 -33.71 -92.23
C GLN FB 160 -72.40 -34.16 -93.24
N ILE FB 161 -71.14 -34.18 -92.79
CA ILE FB 161 -69.96 -34.46 -93.65
C ILE FB 161 -70.09 -35.82 -94.33
N ASP FB 162 -69.59 -35.95 -95.57
CA ASP FB 162 -69.49 -37.25 -96.24
C ASP FB 162 -68.30 -37.98 -95.58
N LEU FB 163 -67.30 -38.44 -96.33
CA LEU FB 163 -66.24 -39.28 -95.74
C LEU FB 163 -65.17 -39.58 -96.80
N GLU FB 164 -65.56 -40.27 -97.86
CA GLU FB 164 -64.66 -40.59 -98.99
C GLU FB 164 -64.19 -39.31 -99.68
N THR FB 165 -65.09 -38.32 -99.75
CA THR FB 165 -64.77 -37.00 -100.30
C THR FB 165 -64.19 -36.03 -99.26
N GLY FB 166 -64.66 -36.13 -98.01
CA GLY FB 166 -64.51 -35.04 -97.03
C GLY FB 166 -65.77 -34.23 -97.18
N LYS FB 167 -65.66 -32.96 -97.59
CA LYS FB 167 -66.81 -32.16 -98.05
C LYS FB 167 -67.91 -31.97 -97.00
N ILE FB 168 -68.96 -31.25 -97.37
CA ILE FB 168 -70.14 -31.06 -96.50
C ILE FB 168 -71.36 -31.38 -97.33
N THR FB 169 -72.43 -31.78 -96.66
CA THR FB 169 -73.72 -32.00 -97.32
C THR FB 169 -74.82 -31.59 -96.35
N ASP FB 170 -75.41 -30.42 -96.53
CA ASP FB 170 -76.55 -29.91 -95.69
C ASP FB 170 -76.30 -29.83 -94.18
N PHE FB 171 -77.11 -29.01 -93.49
CA PHE FB 171 -76.79 -28.64 -92.12
C PHE FB 171 -77.77 -27.91 -91.23
N ILE FB 172 -77.42 -27.93 -89.94
CA ILE FB 172 -78.30 -27.63 -88.85
C ILE FB 172 -77.72 -26.47 -88.10
N LYS FB 173 -78.33 -25.30 -88.23
CA LYS FB 173 -77.99 -24.19 -87.34
C LYS FB 173 -78.47 -24.49 -85.93
N PHE FB 174 -77.90 -23.76 -84.99
CA PHE FB 174 -78.14 -23.93 -83.56
C PHE FB 174 -79.18 -22.94 -83.09
N ASP FB 175 -80.44 -23.29 -83.29
CA ASP FB 175 -81.59 -22.47 -82.91
C ASP FB 175 -82.17 -23.05 -81.63
N THR FB 176 -83.37 -22.62 -81.27
CA THR FB 176 -84.20 -23.37 -80.34
C THR FB 176 -84.91 -24.45 -81.12
N GLY FB 177 -85.38 -25.46 -80.41
CA GLY FB 177 -86.22 -26.49 -80.99
C GLY FB 177 -85.51 -27.66 -81.63
N ASN FB 178 -84.21 -27.55 -81.90
CA ASN FB 178 -83.50 -28.68 -82.50
C ASN FB 178 -83.00 -29.63 -81.42
N LEU FB 179 -82.44 -30.77 -81.86
CA LEU FB 179 -82.10 -31.90 -81.01
C LEU FB 179 -80.62 -31.89 -80.59
N CYS FB 180 -80.31 -32.06 -79.29
CA CYS FB 180 -78.92 -32.03 -78.72
C CYS FB 180 -78.49 -33.23 -77.91
N MET FB 181 -77.39 -33.86 -78.30
CA MET FB 181 -76.65 -34.72 -77.39
C MET FB 181 -75.63 -33.85 -76.72
N VAL FB 182 -75.30 -34.19 -75.48
CA VAL FB 182 -74.39 -33.40 -74.69
C VAL FB 182 -73.07 -34.10 -74.58
N THR FB 183 -72.00 -33.42 -74.96
CA THR FB 183 -70.67 -34.00 -75.05
C THR FB 183 -69.67 -33.57 -73.96
N GLY FB 184 -70.17 -33.15 -72.80
CA GLY FB 184 -69.28 -32.77 -71.71
C GLY FB 184 -69.97 -32.71 -70.38
N GLY FB 185 -69.29 -33.21 -69.35
CA GLY FB 185 -69.64 -32.93 -67.96
C GLY FB 185 -70.37 -34.01 -67.20
N ALA FB 186 -71.67 -33.81 -67.04
CA ALA FB 186 -72.50 -34.70 -66.22
C ALA FB 186 -73.76 -35.26 -66.94
N ASN FB 187 -74.29 -34.51 -67.91
CA ASN FB 187 -75.65 -34.71 -68.47
C ASN FB 187 -75.26 -35.28 -69.82
N LEU FB 188 -74.34 -36.25 -69.73
CA LEU FB 188 -73.37 -36.55 -70.76
C LEU FB 188 -73.82 -37.75 -71.55
N GLY FB 189 -74.00 -37.54 -72.85
CA GLY FB 189 -74.66 -38.53 -73.70
C GLY FB 189 -76.15 -38.58 -73.43
N ARG FB 190 -76.66 -37.49 -72.84
CA ARG FB 190 -78.05 -37.32 -72.58
C ARG FB 190 -78.55 -36.38 -73.68
N ILE FB 191 -79.79 -36.60 -74.11
CA ILE FB 191 -80.31 -36.09 -75.36
C ILE FB 191 -81.63 -35.40 -75.14
N GLY FB 192 -81.85 -34.29 -75.85
CA GLY FB 192 -83.12 -33.58 -75.83
C GLY FB 192 -83.13 -32.34 -76.69
N VAL FB 193 -84.31 -31.79 -76.94
CA VAL FB 193 -84.45 -30.53 -77.69
C VAL FB 193 -84.06 -29.37 -76.80
N ILE FB 194 -83.74 -28.23 -77.38
CA ILE FB 194 -83.17 -27.15 -76.58
C ILE FB 194 -84.21 -26.53 -75.65
N THR FB 195 -84.97 -25.54 -76.14
CA THR FB 195 -85.79 -24.66 -75.29
C THR FB 195 -85.21 -23.28 -75.44
N ASN FB 196 -84.09 -23.06 -74.76
CA ASN FB 196 -83.55 -21.72 -74.62
C ASN FB 196 -82.13 -21.74 -74.08
N ARG FB 197 -81.30 -20.88 -74.66
CA ARG FB 197 -79.93 -20.69 -74.25
C ARG FB 197 -79.80 -19.30 -73.61
N GLU FB 198 -78.86 -19.17 -72.68
CA GLU FB 198 -78.66 -17.94 -71.91
C GLU FB 198 -77.33 -17.31 -72.27
N ARG FB 199 -77.36 -16.35 -73.19
CA ARG FB 199 -76.16 -15.62 -73.55
C ARG FB 199 -75.64 -14.87 -72.33
N HIS FB 200 -74.38 -15.10 -72.00
CA HIS FB 200 -73.65 -14.22 -71.07
C HIS FB 200 -72.41 -13.70 -71.79
N PRO FB 201 -72.08 -12.41 -71.59
CA PRO FB 201 -70.78 -11.95 -72.02
C PRO FB 201 -69.68 -12.40 -71.07
N GLY FB 202 -68.51 -12.72 -71.62
CA GLY FB 202 -67.37 -13.18 -70.83
C GLY FB 202 -67.43 -14.67 -70.58
N SER FB 203 -68.08 -15.04 -69.48
CA SER FB 203 -68.21 -16.45 -69.07
C SER FB 203 -69.07 -17.19 -70.05
N PHE FB 204 -68.73 -18.45 -70.32
CA PHE FB 204 -69.40 -19.11 -71.42
C PHE FB 204 -70.79 -19.61 -71.05
N ASP FB 205 -71.58 -19.76 -72.11
CA ASP FB 205 -73.04 -19.58 -72.11
C ASP FB 205 -73.76 -20.86 -71.74
N VAL FB 206 -74.92 -20.71 -71.12
CA VAL FB 206 -75.67 -21.83 -70.59
C VAL FB 206 -76.77 -22.20 -71.57
N VAL FB 207 -77.10 -23.48 -71.64
CA VAL FB 207 -78.11 -23.98 -72.55
C VAL FB 207 -79.07 -24.93 -71.86
N HIS FB 208 -80.34 -24.52 -71.78
CA HIS FB 208 -81.40 -25.31 -71.14
C HIS FB 208 -81.94 -26.29 -72.15
N VAL FB 209 -82.10 -27.54 -71.72
CA VAL FB 209 -82.45 -28.62 -72.62
C VAL FB 209 -83.55 -29.47 -72.02
N LYS FB 210 -84.59 -29.69 -72.82
CA LYS FB 210 -85.77 -30.45 -72.45
C LYS FB 210 -85.62 -31.78 -73.16
N ASP FB 211 -86.02 -32.88 -72.53
CA ASP FB 211 -86.05 -34.17 -73.25
C ASP FB 211 -87.45 -34.81 -73.33
N ALA FB 212 -87.53 -35.89 -74.12
CA ALA FB 212 -88.77 -36.66 -74.35
C ALA FB 212 -89.68 -36.71 -73.14
N ASN FB 213 -89.14 -37.19 -72.04
CA ASN FB 213 -89.92 -37.40 -70.84
C ASN FB 213 -90.23 -36.12 -70.09
N GLY FB 214 -89.40 -35.10 -70.26
CA GLY FB 214 -89.64 -33.76 -69.72
C GLY FB 214 -88.77 -33.47 -68.50
N ASN FB 215 -87.46 -33.62 -68.66
CA ASN FB 215 -86.49 -33.41 -67.59
C ASN FB 215 -85.49 -32.37 -68.06
N SER FB 216 -85.54 -31.19 -67.46
CA SER FB 216 -84.68 -30.07 -67.85
C SER FB 216 -83.34 -30.06 -67.09
N PHE FB 217 -82.29 -30.57 -67.73
CA PHE FB 217 -80.90 -30.33 -67.31
C PHE FB 217 -80.55 -29.02 -68.04
N ALA FB 218 -79.47 -28.37 -67.62
CA ALA FB 218 -78.85 -27.31 -68.40
C ALA FB 218 -77.40 -27.68 -68.61
N THR FB 219 -76.70 -26.96 -69.47
CA THR FB 219 -75.27 -27.22 -69.71
C THR FB 219 -74.58 -25.95 -70.15
N ARG FB 220 -73.26 -25.99 -70.17
CA ARG FB 220 -72.48 -24.93 -70.77
C ARG FB 220 -72.55 -25.22 -72.27
N LEU FB 221 -72.46 -24.17 -73.08
CA LEU FB 221 -72.64 -24.29 -74.55
C LEU FB 221 -71.64 -25.26 -75.16
N SER FB 222 -70.38 -25.08 -74.79
CA SER FB 222 -69.27 -25.83 -75.36
C SER FB 222 -69.33 -27.35 -75.16
N ASN FB 223 -70.34 -27.85 -74.44
CA ASN FB 223 -70.60 -29.29 -74.38
C ASN FB 223 -71.67 -29.72 -75.36
N ILE FB 224 -72.62 -28.83 -75.69
CA ILE FB 224 -73.70 -29.17 -76.64
C ILE FB 224 -73.25 -29.21 -78.09
N PHE FB 225 -73.37 -30.39 -78.68
CA PHE FB 225 -73.20 -30.59 -80.11
C PHE FB 225 -74.54 -31.16 -80.58
N VAL FB 226 -75.18 -30.52 -81.57
CA VAL FB 226 -76.56 -30.89 -82.01
C VAL FB 226 -76.63 -32.05 -82.99
N ILE FB 227 -77.83 -32.63 -83.16
CA ILE FB 227 -77.99 -33.84 -83.95
C ILE FB 227 -79.28 -33.94 -84.78
N GLY FB 228 -79.99 -32.84 -85.00
CA GLY FB 228 -81.20 -32.89 -85.83
C GLY FB 228 -81.98 -31.59 -85.89
N LYS FB 229 -82.99 -31.53 -86.77
CA LYS FB 229 -83.81 -30.32 -86.90
C LYS FB 229 -84.85 -30.14 -85.80
N GLY FB 230 -85.30 -31.24 -85.23
CA GLY FB 230 -86.28 -31.21 -84.14
C GLY FB 230 -87.04 -32.52 -84.06
N ASN FB 231 -86.64 -33.38 -83.11
CA ASN FB 231 -87.33 -34.65 -82.83
C ASN FB 231 -87.22 -35.57 -84.03
N LYS FB 232 -86.02 -35.54 -84.62
CA LYS FB 232 -85.71 -36.25 -85.84
C LYS FB 232 -84.17 -36.23 -85.96
N PRO FB 233 -83.50 -37.10 -85.20
CA PRO FB 233 -82.04 -37.16 -85.26
C PRO FB 233 -81.65 -37.86 -86.51
N TRP FB 234 -80.70 -37.31 -87.26
CA TRP FB 234 -80.40 -37.90 -88.56
C TRP FB 234 -79.68 -39.23 -88.37
N ILE FB 235 -78.96 -39.35 -87.26
CA ILE FB 235 -78.25 -40.58 -86.91
C ILE FB 235 -79.13 -41.55 -86.13
N SER FB 236 -78.71 -42.81 -86.11
CA SER FB 236 -79.30 -43.81 -85.22
C SER FB 236 -78.84 -43.50 -83.81
N LEU FB 237 -79.74 -43.64 -82.84
CA LEU FB 237 -79.41 -43.40 -81.43
C LEU FB 237 -79.07 -44.69 -80.71
N PRO FB 238 -78.44 -44.59 -79.52
CA PRO FB 238 -78.23 -45.79 -78.71
C PRO FB 238 -79.52 -46.19 -78.01
N ARG FB 239 -79.67 -47.47 -77.72
CA ARG FB 239 -80.85 -47.97 -77.03
C ARG FB 239 -80.84 -47.33 -75.62
N GLY FB 240 -81.97 -46.72 -75.24
CA GLY FB 240 -82.04 -45.78 -74.12
C GLY FB 240 -82.30 -44.36 -74.62
N LYS FB 241 -81.63 -44.00 -75.70
CA LYS FB 241 -81.83 -42.73 -76.42
C LYS FB 241 -81.60 -41.51 -75.52
N GLY FB 242 -80.52 -41.55 -74.74
CA GLY FB 242 -80.13 -40.45 -73.87
C GLY FB 242 -81.30 -39.82 -73.12
N ILE FB 243 -82.16 -40.66 -72.56
CA ILE FB 243 -83.30 -40.23 -71.77
C ILE FB 243 -82.85 -40.07 -70.33
N ARG FB 244 -82.15 -41.10 -69.84
CA ARG FB 244 -81.58 -41.15 -68.48
C ARG FB 244 -82.67 -41.39 -67.44
N LEU FB 245 -82.58 -42.56 -66.82
CA LEU FB 245 -83.55 -43.03 -65.86
C LEU FB 245 -82.92 -42.85 -64.48
N THR FB 246 -83.67 -42.26 -63.53
CA THR FB 246 -83.16 -42.15 -62.15
C THR FB 246 -82.80 -43.53 -61.66
N ILE FB 247 -81.67 -43.65 -60.97
CA ILE FB 247 -81.25 -44.91 -60.34
C ILE FB 247 -82.42 -45.69 -59.75
N ALA FB 248 -83.35 -45.00 -59.11
CA ALA FB 248 -84.60 -45.59 -58.61
C ALA FB 248 -85.38 -46.34 -59.69
N GLU FB 249 -85.67 -45.62 -60.76
CA GLU FB 249 -86.44 -46.11 -61.89
C GLU FB 249 -85.66 -47.19 -62.62
N GLU FB 250 -84.45 -46.86 -63.07
CA GLU FB 250 -83.55 -47.80 -63.74
C GLU FB 250 -83.46 -49.13 -63.01
N ARG FB 251 -83.27 -49.05 -61.69
CA ARG FB 251 -83.21 -50.23 -60.85
C ARG FB 251 -84.45 -51.07 -61.03
N ASP FB 252 -85.61 -50.42 -60.85
CA ASP FB 252 -86.88 -51.14 -60.87
C ASP FB 252 -87.21 -51.62 -62.29
N LYS FB 253 -87.01 -50.75 -63.30
CA LYS FB 253 -87.31 -51.10 -64.70
C LYS FB 253 -86.45 -52.24 -65.22
N ARG FB 254 -85.17 -52.27 -64.83
CA ARG FB 254 -84.32 -53.42 -65.10
C ARG FB 254 -84.85 -54.65 -64.39
N LEU FB 255 -85.20 -54.50 -63.12
CA LEU FB 255 -85.72 -55.60 -62.32
C LEU FB 255 -87.14 -56.03 -62.71
N ALA FB 256 -87.92 -55.10 -63.27
CA ALA FB 256 -89.30 -55.37 -63.72
C ALA FB 256 -89.33 -56.05 -65.08
N ALA FB 257 -88.36 -55.72 -65.92
CA ALA FB 257 -88.10 -56.50 -67.13
C ALA FB 257 -87.76 -57.94 -66.76
N LYS FB 258 -86.94 -58.10 -65.72
CA LYS FB 258 -86.65 -59.41 -65.13
C LYS FB 258 -87.94 -59.99 -64.47
N GLN FB 259 -88.04 -61.32 -64.48
CA GLN FB 259 -89.24 -62.11 -64.08
C GLN FB 259 -90.27 -62.23 -65.22
N SER FB 260 -90.79 -61.10 -65.69
CA SER FB 260 -91.69 -61.06 -66.85
C SER FB 260 -90.98 -61.51 -68.14
N SER FB 261 -89.68 -61.24 -68.26
CA SER FB 261 -88.87 -61.72 -69.39
C SER FB 261 -88.52 -63.20 -69.25
N GLY FB 262 -88.77 -63.96 -70.32
CA GLY FB 262 -88.47 -65.39 -70.37
C GLY FB 262 -88.45 -65.94 -71.78
N MET GB 1 12.45 -40.43 -82.92
CA MET GB 1 11.08 -40.48 -83.56
C MET GB 1 10.75 -41.90 -83.97
N LYS GB 2 9.49 -42.10 -84.29
CA LYS GB 2 9.06 -43.31 -84.97
C LYS GB 2 8.25 -42.78 -86.13
N LEU GB 3 8.95 -42.44 -87.20
CA LEU GB 3 8.35 -41.75 -88.34
C LEU GB 3 7.41 -42.62 -89.17
N ASN GB 4 6.11 -42.26 -89.23
CA ASN GB 4 5.20 -42.81 -90.23
C ASN GB 4 5.54 -42.14 -91.55
N ILE GB 5 5.53 -42.91 -92.63
CA ILE GB 5 5.90 -42.36 -93.94
C ILE GB 5 4.96 -42.96 -94.96
N SER GB 6 4.27 -42.07 -95.68
CA SER GB 6 3.13 -42.47 -96.47
C SER GB 6 3.15 -41.90 -97.88
N PHE GB 7 2.79 -42.75 -98.83
CA PHE GB 7 2.88 -42.43 -100.26
C PHE GB 7 1.49 -42.38 -100.85
N PRO GB 8 0.97 -41.17 -101.05
CA PRO GB 8 -0.37 -41.02 -101.56
C PRO GB 8 -0.49 -41.34 -103.04
N ALA GB 9 0.63 -41.27 -103.77
CA ALA GB 9 0.64 -41.55 -105.19
C ALA GB 9 0.29 -43.01 -105.50
N THR GB 10 0.94 -43.95 -104.80
CA THR GB 10 0.72 -45.40 -104.99
C THR GB 10 -0.32 -45.95 -104.02
N GLY GB 11 -0.11 -45.65 -102.74
CA GLY GB 11 -0.88 -46.20 -101.63
C GLY GB 11 -0.11 -47.23 -100.86
N CYS GB 12 1.09 -46.85 -100.42
CA CYS GB 12 1.89 -47.66 -99.51
C CYS GB 12 2.52 -46.77 -98.47
N GLN GB 13 2.73 -47.31 -97.27
CA GLN GB 13 3.18 -46.49 -96.14
C GLN GB 13 3.77 -47.36 -95.02
N LYS GB 14 4.88 -46.90 -94.42
CA LYS GB 14 5.66 -47.70 -93.46
C LYS GB 14 6.34 -46.88 -92.37
N LEU GB 15 6.58 -47.53 -91.23
CA LEU GB 15 7.41 -46.96 -90.17
C LEU GB 15 8.88 -47.13 -90.47
N ILE GB 16 9.65 -46.14 -90.05
CA ILE GB 16 11.11 -46.22 -90.08
C ILE GB 16 11.56 -45.52 -88.82
N GLU GB 17 12.12 -46.29 -87.88
CA GLU GB 17 12.52 -45.77 -86.58
C GLU GB 17 13.91 -45.15 -86.63
N VAL GB 18 13.98 -43.86 -86.30
CA VAL GB 18 15.17 -43.04 -86.52
C VAL GB 18 15.53 -42.27 -85.25
N ASP GB 19 16.80 -41.85 -85.15
CA ASP GB 19 17.26 -40.96 -84.07
C ASP GB 19 18.38 -39.96 -84.57
N ASP GB 20 19.31 -39.54 -83.70
CA ASP GB 20 20.43 -38.60 -84.02
C ASP GB 20 19.91 -37.21 -84.40
N GLU GB 21 20.35 -36.22 -83.63
CA GLU GB 21 19.72 -34.90 -83.62
C GLU GB 21 19.93 -34.09 -84.91
N ARG GB 22 21.12 -34.11 -85.49
CA ARG GB 22 21.37 -33.41 -86.78
C ARG GB 22 20.76 -34.14 -88.00
N LYS GB 23 20.19 -35.34 -87.81
CA LYS GB 23 19.24 -35.89 -88.79
C LYS GB 23 17.92 -35.14 -88.76
N LEU GB 24 17.44 -34.88 -87.55
CA LEU GB 24 16.09 -34.38 -87.33
C LEU GB 24 16.00 -32.87 -87.06
N ARG GB 25 17.14 -32.15 -87.02
CA ARG GB 25 17.15 -30.64 -86.95
C ARG GB 25 16.46 -29.96 -88.13
N THR GB 26 16.07 -30.75 -89.12
CA THR GB 26 15.17 -30.33 -90.16
C THR GB 26 13.69 -30.12 -89.70
N PHE GB 27 13.13 -31.00 -88.85
CA PHE GB 27 11.66 -30.93 -88.51
C PHE GB 27 11.34 -30.29 -87.15
N TYR GB 28 12.36 -29.89 -86.38
CA TYR GB 28 12.09 -29.11 -85.15
C TYR GB 28 11.70 -27.69 -85.57
N GLU GB 29 10.99 -26.99 -84.68
CA GLU GB 29 10.37 -25.65 -84.96
C GLU GB 29 9.78 -25.49 -86.37
N LYS GB 30 8.92 -26.46 -86.73
CA LYS GB 30 8.11 -26.45 -87.95
C LYS GB 30 6.63 -26.61 -87.59
N ARG GB 31 5.75 -25.94 -88.33
CA ARG GB 31 4.29 -26.22 -88.26
C ARG GB 31 3.94 -27.47 -89.06
N MET GB 32 2.70 -27.94 -88.92
CA MET GB 32 2.14 -28.98 -89.81
C MET GB 32 1.88 -28.43 -91.20
N ALA GB 33 1.70 -29.36 -92.15
CA ALA GB 33 1.42 -29.03 -93.56
C ALA GB 33 2.49 -28.13 -94.19
N THR GB 34 3.74 -28.31 -93.74
CA THR GB 34 4.92 -27.61 -94.28
C THR GB 34 5.85 -28.66 -94.87
N GLU GB 35 6.37 -28.37 -96.05
CA GLU GB 35 7.26 -29.30 -96.75
C GLU GB 35 8.69 -29.15 -96.25
N VAL GB 36 9.42 -30.27 -96.22
CA VAL GB 36 10.84 -30.30 -95.89
C VAL GB 36 11.50 -31.42 -96.72
N ALA GB 37 12.77 -31.21 -97.12
CA ALA GB 37 13.53 -32.20 -97.89
C ALA GB 37 14.09 -33.29 -96.97
N ALA GB 38 14.09 -34.53 -97.47
CA ALA GB 38 14.51 -35.72 -96.71
C ALA GB 38 15.98 -36.14 -96.89
N ASP GB 39 16.65 -35.50 -97.85
CA ASP GB 39 18.09 -35.68 -98.08
C ASP GB 39 18.91 -35.51 -96.79
N ALA GB 40 18.58 -34.50 -96.00
CA ALA GB 40 19.23 -34.27 -94.70
C ALA GB 40 19.07 -35.48 -93.76
N LEU GB 41 17.89 -36.13 -93.82
CA LEU GB 41 17.58 -37.28 -92.97
C LEU GB 41 18.36 -38.52 -93.39
N GLY GB 42 18.38 -38.81 -94.68
CA GLY GB 42 19.12 -39.97 -95.17
C GLY GB 42 19.50 -39.92 -96.64
N GLU GB 43 20.56 -40.66 -96.99
CA GLU GB 43 21.05 -40.81 -98.38
C GLU GB 43 20.13 -41.76 -99.16
N GLU GB 44 19.54 -42.69 -98.43
CA GLU GB 44 18.31 -43.39 -98.81
C GLU GB 44 17.42 -42.46 -99.64
N TRP GB 45 17.09 -41.32 -99.02
CA TRP GB 45 16.08 -40.39 -99.47
C TRP GB 45 16.67 -39.14 -100.09
N LYS GB 46 17.35 -39.30 -101.22
CA LYS GB 46 17.99 -38.17 -101.87
C LYS GB 46 17.03 -37.51 -102.86
N GLY GB 47 16.71 -36.24 -102.62
CA GLY GB 47 15.84 -35.45 -103.50
C GLY GB 47 14.34 -35.49 -103.19
N TYR GB 48 13.94 -36.32 -102.21
CA TYR GB 48 12.54 -36.39 -101.77
C TYR GB 48 12.12 -35.11 -101.03
N VAL GB 49 10.82 -34.81 -101.08
CA VAL GB 49 10.25 -33.69 -100.32
C VAL GB 49 8.98 -34.16 -99.59
N VAL GB 50 8.93 -33.84 -98.31
CA VAL GB 50 8.06 -34.48 -97.35
C VAL GB 50 7.26 -33.43 -96.59
N ARG GB 51 5.94 -33.64 -96.54
CA ARG GB 51 5.02 -32.75 -95.82
C ARG GB 51 4.71 -33.30 -94.44
N ILE GB 52 5.08 -32.54 -93.42
CA ILE GB 52 4.91 -32.94 -92.03
C ILE GB 52 3.42 -32.87 -91.64
N SER GB 53 2.76 -34.00 -91.73
CA SER GB 53 1.30 -34.09 -91.52
C SER GB 53 0.86 -34.02 -90.06
N GLY GB 54 1.80 -34.26 -89.13
CA GLY GB 54 1.52 -34.25 -87.68
C GLY GB 54 1.75 -35.64 -87.12
N GLY GB 55 1.41 -35.83 -85.85
CA GLY GB 55 1.58 -37.13 -85.21
C GLY GB 55 1.19 -37.20 -83.77
N ASN GB 56 2.13 -37.62 -82.92
CA ASN GB 56 1.78 -38.00 -81.56
C ASN GB 56 2.97 -37.88 -80.60
N ASP GB 57 2.72 -37.46 -79.35
CA ASP GB 57 3.78 -37.41 -78.34
C ASP GB 57 4.18 -38.79 -77.85
N LYS GB 58 5.26 -38.84 -77.06
CA LYS GB 58 5.36 -39.84 -76.00
C LYS GB 58 4.27 -39.43 -75.00
N GLN GB 59 3.65 -40.42 -74.35
CA GLN GB 59 2.37 -40.25 -73.63
C GLN GB 59 1.16 -40.25 -74.58
N GLY GB 60 1.38 -39.92 -75.85
CA GLY GB 60 0.48 -40.28 -76.95
C GLY GB 60 -0.64 -39.31 -77.22
N PHE GB 61 -0.45 -38.06 -76.82
CA PHE GB 61 -1.53 -37.09 -76.80
C PHE GB 61 -1.48 -36.15 -78.02
N PRO GB 62 -2.27 -36.48 -79.08
CA PRO GB 62 -2.05 -36.05 -80.45
C PRO GB 62 -1.85 -34.57 -80.70
N MET GB 63 -1.04 -34.29 -81.71
CA MET GB 63 -0.84 -32.95 -82.18
C MET GB 63 -2.11 -32.52 -82.84
N LYS GB 64 -2.32 -31.22 -82.94
CA LYS GB 64 -3.42 -30.74 -83.77
C LYS GB 64 -3.11 -29.43 -84.45
N GLN GB 65 -3.55 -29.33 -85.70
CA GLN GB 65 -3.12 -28.29 -86.59
C GLN GB 65 -3.92 -27.05 -86.28
N GLY GB 66 -3.28 -26.09 -85.64
CA GLY GB 66 -3.97 -24.96 -85.08
C GLY GB 66 -3.17 -24.38 -83.95
N VAL GB 67 -2.95 -25.19 -82.92
CA VAL GB 67 -2.64 -24.66 -81.59
C VAL GB 67 -1.39 -23.79 -81.40
N LEU GB 68 -0.34 -23.97 -82.21
CA LEU GB 68 1.02 -23.47 -81.89
C LEU GB 68 1.57 -24.17 -80.62
N THR GB 69 2.74 -23.77 -80.15
CA THR GB 69 3.35 -24.27 -78.89
C THR GB 69 3.87 -25.70 -78.91
N HIS GB 70 4.59 -26.02 -77.84
CA HIS GB 70 5.08 -27.35 -77.52
C HIS GB 70 4.64 -27.63 -76.09
N GLY GB 71 3.33 -27.70 -75.94
CA GLY GB 71 2.72 -28.03 -74.66
C GLY GB 71 1.45 -28.75 -74.97
N ARG GB 72 1.02 -29.61 -74.07
CA ARG GB 72 -0.16 -30.41 -74.32
C ARG GB 72 -1.37 -29.61 -73.90
N VAL GB 73 -1.61 -28.50 -74.58
CA VAL GB 73 -2.61 -27.54 -74.15
C VAL GB 73 -3.99 -28.12 -74.34
N ARG GB 74 -4.72 -28.24 -73.24
CA ARG GB 74 -6.05 -28.87 -73.26
C ARG GB 74 -7.11 -27.90 -73.75
N LEU GB 75 -7.96 -28.42 -74.65
CA LEU GB 75 -8.94 -27.63 -75.39
C LEU GB 75 -10.33 -28.17 -75.21
N LEU GB 76 -11.29 -27.27 -75.22
CA LEU GB 76 -12.70 -27.61 -75.15
C LEU GB 76 -13.19 -27.88 -76.58
N LEU GB 77 -12.88 -29.07 -77.06
CA LEU GB 77 -13.16 -29.44 -78.45
C LEU GB 77 -14.63 -29.71 -78.63
N SER GB 78 -15.14 -29.50 -79.85
CA SER GB 78 -16.57 -29.58 -80.15
C SER GB 78 -16.83 -30.65 -81.20
N LYS GB 79 -17.89 -30.47 -81.99
CA LYS GB 79 -18.17 -31.31 -83.15
C LYS GB 79 -17.35 -30.83 -84.35
N GLY GB 80 -16.66 -31.78 -84.99
CA GLY GB 80 -15.97 -31.54 -86.25
C GLY GB 80 -14.55 -31.02 -86.02
N HIS GB 81 -13.95 -31.36 -84.88
CA HIS GB 81 -12.59 -30.97 -84.56
C HIS GB 81 -11.68 -32.18 -84.73
N SER GB 82 -10.39 -31.91 -84.68
CA SER GB 82 -9.39 -32.96 -84.59
C SER GB 82 -9.44 -33.58 -83.22
N CYS GB 83 -9.04 -34.83 -83.12
CA CYS GB 83 -8.79 -35.45 -81.84
C CYS GB 83 -10.02 -35.47 -80.92
N TYR GB 84 -11.21 -35.65 -81.48
CA TYR GB 84 -12.41 -35.82 -80.67
C TYR GB 84 -13.60 -36.27 -81.53
N ARG GB 85 -14.11 -37.44 -81.17
CA ARG GB 85 -15.34 -38.00 -81.67
C ARG GB 85 -16.46 -37.78 -80.64
N PRO GB 86 -17.49 -36.97 -80.97
CA PRO GB 86 -18.62 -36.80 -80.03
C PRO GB 86 -19.46 -38.04 -79.82
N ARG GB 87 -19.89 -38.27 -78.57
CA ARG GB 87 -20.68 -39.46 -78.23
C ARG GB 87 -22.19 -39.18 -78.31
N ARG GB 88 -22.66 -38.21 -77.55
CA ARG GB 88 -24.08 -37.77 -77.59
C ARG GB 88 -24.06 -36.52 -78.48
N THR GB 89 -25.16 -36.17 -79.17
CA THR GB 89 -25.18 -34.94 -80.02
C THR GB 89 -24.93 -33.71 -79.18
N GLY GB 90 -24.15 -32.79 -79.73
CA GLY GB 90 -23.75 -31.59 -79.00
C GLY GB 90 -22.83 -31.76 -77.82
N GLU GB 91 -22.44 -33.00 -77.53
CA GLU GB 91 -21.48 -33.23 -76.48
C GLU GB 91 -20.28 -32.48 -76.93
N ARG GB 92 -19.67 -31.87 -75.95
CA ARG GB 92 -18.55 -31.05 -76.16
C ARG GB 92 -17.66 -31.41 -74.96
N LYS GB 93 -16.37 -31.65 -75.25
CA LYS GB 93 -15.49 -32.30 -74.30
C LYS GB 93 -14.07 -31.72 -74.29
N ARG GB 94 -13.46 -31.71 -73.11
CA ARG GB 94 -12.15 -31.11 -72.90
C ARG GB 94 -11.16 -32.22 -73.01
N LYS GB 95 -10.26 -32.12 -73.97
CA LYS GB 95 -9.24 -33.15 -74.15
C LYS GB 95 -7.91 -32.47 -74.24
N SER GB 96 -6.88 -33.19 -73.81
CA SER GB 96 -5.51 -32.67 -73.88
C SER GB 96 -4.98 -32.90 -75.30
N VAL GB 97 -4.34 -31.86 -75.82
CA VAL GB 97 -3.98 -31.77 -77.21
C VAL GB 97 -2.68 -31.00 -77.40
N ARG GB 98 -1.76 -31.61 -78.14
CA ARG GB 98 -0.41 -31.11 -78.28
C ARG GB 98 -0.19 -30.21 -79.49
N GLY GB 99 0.73 -29.27 -79.31
CA GLY GB 99 1.29 -28.41 -80.34
C GLY GB 99 1.33 -28.80 -81.81
N CYS GB 100 1.37 -27.76 -82.65
CA CYS GB 100 1.79 -27.89 -84.04
C CYS GB 100 3.31 -28.03 -84.05
N ILE GB 101 3.95 -27.11 -83.32
CA ILE GB 101 5.41 -26.94 -83.33
C ILE GB 101 6.12 -28.22 -82.88
N VAL GB 102 6.77 -28.89 -83.83
CA VAL GB 102 7.45 -30.15 -83.56
C VAL GB 102 8.76 -29.95 -82.80
N ASP GB 103 9.02 -30.85 -81.85
CA ASP GB 103 10.28 -30.91 -81.08
C ASP GB 103 10.59 -32.33 -80.64
N ALA GB 104 11.81 -32.52 -80.12
CA ALA GB 104 12.32 -33.85 -79.75
C ALA GB 104 11.31 -34.65 -78.92
N ASN GB 105 10.65 -33.95 -78.00
CA ASN GB 105 9.55 -34.47 -77.20
C ASN GB 105 8.41 -35.00 -78.08
N LEU GB 106 8.64 -36.17 -78.69
CA LEU GB 106 7.62 -36.93 -79.41
C LEU GB 106 7.99 -38.39 -79.42
N SER GB 107 7.00 -39.23 -79.69
CA SER GB 107 7.22 -40.64 -79.97
C SER GB 107 7.11 -40.79 -81.47
N VAL GB 108 5.97 -40.38 -82.00
CA VAL GB 108 5.64 -40.53 -83.39
C VAL GB 108 5.56 -39.17 -84.08
N LEU GB 109 6.08 -39.14 -85.30
CA LEU GB 109 5.73 -38.18 -86.32
C LEU GB 109 5.19 -38.97 -87.49
N ASN GB 110 4.31 -38.38 -88.28
CA ASN GB 110 4.08 -38.91 -89.62
C ASN GB 110 4.66 -37.96 -90.64
N LEU GB 111 4.81 -38.51 -91.84
CA LEU GB 111 5.40 -37.83 -92.95
C LEU GB 111 4.67 -38.35 -94.18
N VAL GB 112 4.23 -37.43 -95.02
CA VAL GB 112 3.63 -37.77 -96.30
C VAL GB 112 4.61 -37.33 -97.35
N ILE GB 113 4.82 -38.16 -98.35
CA ILE GB 113 5.75 -37.81 -99.40
C ILE GB 113 5.01 -37.09 -100.51
N VAL GB 114 5.42 -35.85 -100.73
CA VAL GB 114 4.82 -34.99 -101.76
C VAL GB 114 5.46 -35.29 -103.12
N LYS GB 115 6.78 -35.14 -103.18
CA LYS GB 115 7.57 -35.37 -104.39
C LYS GB 115 8.63 -36.41 -104.03
N LYS GB 116 8.72 -37.47 -104.81
CA LYS GB 116 9.79 -38.45 -104.60
C LYS GB 116 11.07 -37.95 -105.26
N GLY GB 117 12.17 -38.61 -104.93
CA GLY GB 117 13.49 -38.23 -105.41
C GLY GB 117 13.96 -39.04 -106.60
N GLU GB 118 15.27 -39.00 -106.82
CA GLU GB 118 15.94 -39.82 -107.83
C GLU GB 118 15.87 -41.32 -107.49
N LYS GB 119 16.01 -41.64 -106.20
CA LYS GB 119 15.99 -43.03 -105.73
C LYS GB 119 14.55 -43.52 -105.66
N ASP GB 120 14.39 -44.82 -105.45
CA ASP GB 120 13.15 -45.40 -104.94
C ASP GB 120 13.52 -46.04 -103.61
N ILE GB 121 12.52 -46.49 -102.86
CA ILE GB 121 12.73 -47.15 -101.56
C ILE GB 121 12.04 -48.51 -101.63
N PRO GB 122 12.38 -49.45 -100.71
CA PRO GB 122 11.80 -50.79 -100.87
C PRO GB 122 10.28 -50.82 -100.63
N GLY GB 123 9.85 -50.71 -99.38
CA GLY GB 123 8.44 -50.81 -99.03
C GLY GB 123 7.76 -49.45 -99.03
N LEU GB 124 7.54 -48.90 -100.23
CA LEU GB 124 6.88 -47.59 -100.38
C LEU GB 124 6.64 -47.20 -101.85
N THR GB 125 7.74 -47.05 -102.60
CA THR GB 125 7.73 -46.53 -103.97
C THR GB 125 7.76 -47.64 -105.02
N ASP GB 126 8.38 -48.78 -104.70
CA ASP GB 126 8.23 -49.98 -105.53
C ASP GB 126 6.75 -50.37 -105.56
N THR GB 127 6.24 -50.76 -104.39
CA THR GB 127 4.94 -51.44 -104.24
C THR GB 127 3.81 -50.50 -104.66
N THR GB 128 2.72 -51.08 -105.22
CA THR GB 128 1.57 -50.29 -105.70
C THR GB 128 0.22 -50.95 -105.40
N VAL GB 129 -0.46 -50.47 -104.36
CA VAL GB 129 -1.77 -50.99 -103.97
C VAL GB 129 -2.81 -50.26 -104.81
N PRO GB 130 -3.87 -50.95 -105.27
CA PRO GB 130 -4.90 -50.25 -106.04
C PRO GB 130 -5.86 -49.48 -105.12
N ARG GB 131 -6.66 -48.59 -105.71
CA ARG GB 131 -7.76 -47.95 -104.98
C ARG GB 131 -8.71 -49.04 -104.62
N ARG GB 132 -8.97 -49.16 -103.33
CA ARG GB 132 -9.53 -50.35 -102.74
C ARG GB 132 -10.83 -50.71 -103.46
N LEU GB 133 -11.69 -49.71 -103.62
CA LEU GB 133 -12.95 -49.89 -104.33
C LEU GB 133 -13.33 -48.60 -105.07
N GLY GB 134 -13.78 -48.74 -106.31
CA GLY GB 134 -14.00 -47.61 -107.23
C GLY GB 134 -15.42 -47.05 -107.37
N PRO GB 135 -15.57 -45.90 -108.04
CA PRO GB 135 -16.75 -45.02 -108.11
C PRO GB 135 -18.14 -45.65 -108.13
N LYS GB 136 -19.08 -44.98 -107.46
CA LYS GB 136 -20.47 -45.44 -107.29
C LYS GB 136 -21.52 -44.54 -107.96
N ARG GB 137 -21.58 -43.25 -107.61
CA ARG GB 137 -22.57 -42.35 -108.23
C ARG GB 137 -22.16 -42.03 -109.66
N ALA GB 138 -23.14 -41.93 -110.56
CA ALA GB 138 -22.92 -41.85 -112.01
C ALA GB 138 -21.88 -40.82 -112.41
N SER GB 139 -22.10 -39.58 -111.99
CA SER GB 139 -21.17 -38.48 -112.29
C SER GB 139 -19.74 -38.81 -111.90
N ARG GB 140 -19.57 -39.41 -110.73
CA ARG GB 140 -18.24 -39.71 -110.21
C ARG GB 140 -17.65 -40.95 -110.92
N ILE GB 141 -18.51 -41.73 -111.59
CA ILE GB 141 -18.07 -42.71 -112.60
C ILE GB 141 -17.62 -42.03 -113.90
N ARG GB 142 -18.43 -41.11 -114.42
CA ARG GB 142 -18.10 -40.43 -115.68
C ARG GB 142 -16.71 -39.78 -115.64
N LYS GB 143 -16.46 -39.00 -114.59
CA LYS GB 143 -15.18 -38.30 -114.40
C LYS GB 143 -13.96 -39.24 -114.27
N LEU GB 144 -14.19 -40.51 -113.96
CA LEU GB 144 -13.09 -41.49 -113.93
C LEU GB 144 -12.58 -41.83 -115.32
N PHE GB 145 -13.42 -42.34 -116.21
CA PHE GB 145 -12.92 -42.81 -117.50
C PHE GB 145 -12.86 -41.57 -118.41
N ASN GB 146 -13.98 -40.80 -118.39
CA ASN GB 146 -14.33 -39.66 -119.29
C ASN GB 146 -15.31 -40.13 -120.37
N LEU GB 147 -16.60 -40.07 -120.02
CA LEU GB 147 -17.67 -40.63 -120.85
C LEU GB 147 -18.59 -39.59 -121.51
N SER GB 148 -19.18 -38.72 -120.69
CA SER GB 148 -20.25 -37.77 -121.09
C SER GB 148 -21.60 -38.49 -121.24
N LYS GB 149 -22.65 -37.81 -120.76
CA LYS GB 149 -23.98 -38.41 -120.47
C LYS GB 149 -24.53 -39.43 -121.48
N GLU GB 150 -24.31 -39.17 -122.77
CA GLU GB 150 -24.87 -40.01 -123.83
C GLU GB 150 -24.21 -41.38 -124.04
N ASP GB 151 -23.16 -41.68 -123.27
CA ASP GB 151 -22.41 -42.93 -123.45
C ASP GB 151 -22.94 -44.14 -122.62
N ASP GB 152 -23.94 -43.92 -121.75
CA ASP GB 152 -24.50 -44.97 -120.83
C ASP GB 152 -23.54 -45.49 -119.75
N VAL GB 153 -23.87 -45.21 -118.49
CA VAL GB 153 -22.98 -45.51 -117.37
C VAL GB 153 -23.09 -46.97 -116.98
N ARG GB 154 -24.29 -47.53 -117.09
CA ARG GB 154 -24.57 -48.91 -116.69
C ARG GB 154 -23.37 -49.85 -116.87
N GLN GB 155 -22.97 -50.09 -118.13
CA GLN GB 155 -21.88 -51.04 -118.40
C GLN GB 155 -20.54 -50.42 -118.05
N TYR GB 156 -20.42 -49.10 -118.26
CA TYR GB 156 -19.15 -48.41 -118.15
C TYR GB 156 -18.97 -48.03 -116.67
N VAL GB 157 -18.54 -49.07 -115.91
CA VAL GB 157 -18.52 -49.11 -114.44
C VAL GB 157 -17.22 -49.78 -113.93
N VAL GB 158 -16.84 -49.49 -112.69
CA VAL GB 158 -15.76 -50.20 -112.00
C VAL GB 158 -16.42 -51.33 -111.23
N ARG GB 159 -15.64 -52.37 -110.95
CA ARG GB 159 -16.17 -53.64 -110.49
C ARG GB 159 -15.05 -54.42 -109.80
N LYS GB 160 -15.39 -55.42 -108.98
CA LYS GB 160 -14.39 -56.20 -108.23
C LYS GB 160 -14.67 -57.71 -108.30
N PRO GB 161 -13.63 -58.53 -108.61
CA PRO GB 161 -13.86 -59.96 -108.66
C PRO GB 161 -13.59 -60.52 -107.29
N LEU GB 162 -14.64 -60.66 -106.48
CA LEU GB 162 -14.48 -61.23 -105.15
C LEU GB 162 -14.24 -62.74 -105.34
N ASN GB 163 -12.96 -63.11 -105.29
CA ASN GB 163 -12.55 -64.50 -105.29
C ASN GB 163 -12.15 -64.92 -103.88
N LYS GB 164 -11.77 -66.19 -103.72
CA LYS GB 164 -11.48 -66.81 -102.41
C LYS GB 164 -12.77 -67.24 -101.66
N GLU GB 165 -13.89 -67.35 -102.37
CA GLU GB 165 -15.12 -67.94 -101.80
C GLU GB 165 -15.02 -69.48 -101.80
N GLY GB 166 -14.29 -70.02 -102.79
CA GLY GB 166 -14.22 -71.45 -103.01
C GLY GB 166 -15.09 -71.88 -104.18
N LYS GB 167 -16.28 -71.28 -104.31
CA LYS GB 167 -17.31 -71.75 -105.25
C LYS GB 167 -17.17 -71.18 -106.66
N LYS GB 168 -17.12 -69.86 -106.74
CA LYS GB 168 -16.93 -69.16 -108.01
C LYS GB 168 -16.61 -67.70 -107.71
N PRO GB 169 -16.01 -66.99 -108.68
CA PRO GB 169 -15.76 -65.57 -108.44
C PRO GB 169 -17.05 -64.76 -108.57
N ARG GB 170 -17.34 -63.95 -107.55
CA ARG GB 170 -18.39 -62.94 -107.66
C ARG GB 170 -17.71 -61.75 -108.34
N THR GB 171 -18.48 -61.01 -109.14
CA THR GB 171 -17.92 -59.97 -110.02
C THR GB 171 -18.78 -58.70 -109.87
N LYS GB 172 -18.51 -57.99 -108.78
CA LYS GB 172 -19.40 -56.96 -108.22
C LYS GB 172 -19.70 -55.73 -109.04
N ALA GB 173 -20.61 -54.91 -108.49
CA ALA GB 173 -20.67 -53.48 -108.76
C ALA GB 173 -21.53 -52.70 -107.76
N PRO GB 174 -21.27 -51.38 -107.65
CA PRO GB 174 -21.67 -50.62 -106.46
C PRO GB 174 -23.12 -50.16 -106.32
N LYS GB 175 -23.99 -50.41 -107.30
CA LYS GB 175 -25.36 -49.83 -107.28
C LYS GB 175 -25.28 -48.32 -107.41
N ILE GB 176 -25.41 -47.83 -108.64
CA ILE GB 176 -25.27 -46.41 -108.89
C ILE GB 176 -26.44 -45.68 -108.24
N GLN GB 177 -26.15 -44.54 -107.61
CA GLN GB 177 -27.21 -43.57 -107.36
C GLN GB 177 -26.87 -42.22 -107.97
N ARG GB 178 -27.87 -41.34 -108.00
CA ARG GB 178 -27.96 -40.25 -108.99
C ARG GB 178 -27.78 -40.89 -110.35
N LEU GB 179 -28.74 -41.75 -110.64
CA LEU GB 179 -28.85 -42.48 -111.88
C LEU GB 179 -30.24 -42.26 -112.44
N VAL GB 180 -30.34 -41.94 -113.72
CA VAL GB 180 -31.63 -41.80 -114.37
C VAL GB 180 -32.17 -43.19 -114.69
N THR GB 181 -33.42 -43.44 -114.30
CA THR GB 181 -34.03 -44.77 -114.41
C THR GB 181 -35.54 -44.65 -114.13
N PRO GB 182 -36.39 -45.43 -114.84
CA PRO GB 182 -37.87 -45.36 -114.72
C PRO GB 182 -38.50 -45.04 -113.35
N ARG GB 183 -37.87 -45.51 -112.27
CA ARG GB 183 -38.32 -45.15 -110.91
C ARG GB 183 -38.27 -43.65 -110.66
N VAL GB 184 -37.17 -43.03 -111.09
CA VAL GB 184 -36.98 -41.60 -110.90
C VAL GB 184 -37.75 -40.88 -111.99
N LEU GB 185 -37.56 -41.33 -113.24
CA LEU GB 185 -38.34 -40.82 -114.38
C LEU GB 185 -39.77 -40.55 -113.98
N GLN GB 186 -40.36 -41.56 -113.35
CA GLN GB 186 -41.73 -41.51 -112.87
C GLN GB 186 -42.03 -40.32 -112.02
N HIS GB 187 -41.26 -40.17 -110.94
CA HIS GB 187 -41.69 -39.27 -109.89
C HIS GB 187 -41.85 -37.88 -110.47
N LYS GB 188 -40.91 -37.46 -111.30
CA LYS GB 188 -41.06 -36.19 -112.01
C LYS GB 188 -42.44 -36.09 -112.66
N ARG GB 189 -42.88 -37.14 -113.36
CA ARG GB 189 -44.25 -37.16 -113.91
C ARG GB 189 -45.32 -37.19 -112.82
N ARG GB 190 -45.10 -37.90 -111.72
CA ARG GB 190 -46.05 -37.93 -110.59
C ARG GB 190 -46.40 -36.57 -110.08
N ARG GB 191 -45.38 -35.90 -109.57
CA ARG GB 191 -45.57 -34.73 -108.74
C ARG GB 191 -46.02 -33.52 -109.55
N ILE GB 192 -45.69 -33.48 -110.83
CA ILE GB 192 -46.30 -32.50 -111.73
C ILE GB 192 -47.76 -32.89 -112.06
N ALA GB 193 -48.09 -34.16 -111.94
CA ALA GB 193 -49.49 -34.62 -112.05
C ALA GB 193 -50.32 -34.25 -110.82
N LEU GB 194 -49.80 -34.54 -109.64
CA LEU GB 194 -50.45 -34.14 -108.39
C LEU GB 194 -50.64 -32.63 -108.35
N LYS GB 195 -49.69 -31.89 -108.91
CA LYS GB 195 -49.80 -30.43 -109.05
C LYS GB 195 -50.83 -30.00 -110.08
N LYS GB 196 -50.78 -30.62 -111.26
CA LYS GB 196 -51.86 -30.47 -112.26
C LYS GB 196 -53.21 -30.64 -111.54
N GLN GB 197 -53.31 -31.78 -110.87
CA GLN GB 197 -54.51 -32.20 -110.16
C GLN GB 197 -54.89 -31.20 -109.11
N ARG GB 198 -53.92 -30.78 -108.31
CA ARG GB 198 -54.20 -29.87 -107.21
C ARG GB 198 -54.72 -28.52 -107.73
N THR GB 199 -53.99 -27.90 -108.68
CA THR GB 199 -54.45 -26.63 -109.29
C THR GB 199 -55.84 -26.71 -109.85
N LYS GB 200 -56.14 -27.85 -110.46
CA LYS GB 200 -57.48 -28.17 -110.93
C LYS GB 200 -58.48 -28.16 -109.78
N LYS GB 201 -58.17 -28.92 -108.72
CA LYS GB 201 -59.09 -29.11 -107.61
C LYS GB 201 -59.15 -27.94 -106.62
N ASN GB 202 -58.35 -26.87 -106.81
CA ASN GB 202 -58.66 -25.58 -106.15
C ASN GB 202 -59.60 -24.81 -107.02
N LYS GB 203 -59.40 -24.89 -108.34
CA LYS GB 203 -60.24 -24.16 -109.28
C LYS GB 203 -61.67 -24.71 -109.42
N GLU GB 204 -61.84 -26.03 -109.27
CA GLU GB 204 -63.19 -26.61 -109.28
C GLU GB 204 -63.96 -26.30 -108.01
N GLU GB 205 -63.31 -26.44 -106.84
CA GLU GB 205 -63.94 -26.09 -105.56
C GLU GB 205 -64.23 -24.59 -105.46
N ALA GB 206 -63.26 -23.77 -105.87
CA ALA GB 206 -63.39 -22.30 -105.86
C ALA GB 206 -64.43 -21.80 -106.84
N ALA GB 207 -64.42 -22.33 -108.06
CA ALA GB 207 -65.43 -21.98 -109.04
C ALA GB 207 -66.80 -22.59 -108.68
N GLU GB 208 -66.81 -23.69 -107.92
CA GLU GB 208 -68.08 -24.20 -107.35
C GLU GB 208 -68.56 -23.39 -106.17
N TYR GB 209 -67.64 -22.71 -105.50
CA TYR GB 209 -68.03 -21.65 -104.58
C TYR GB 209 -68.47 -20.42 -105.39
N ALA GB 210 -67.72 -20.08 -106.44
CA ALA GB 210 -68.12 -19.01 -107.37
C ALA GB 210 -69.30 -19.43 -108.26
N LYS GB 211 -69.78 -20.67 -108.11
CA LYS GB 211 -71.15 -21.05 -108.45
C LYS GB 211 -71.99 -21.00 -107.20
N LEU GB 212 -71.56 -21.61 -106.09
CA LEU GB 212 -72.35 -21.61 -104.84
C LEU GB 212 -72.52 -20.20 -104.27
N LEU GB 213 -71.48 -19.62 -103.64
CA LEU GB 213 -71.59 -18.23 -103.15
C LEU GB 213 -72.12 -17.29 -104.19
N ALA GB 214 -71.76 -17.50 -105.46
CA ALA GB 214 -72.15 -16.59 -106.53
C ALA GB 214 -73.57 -16.88 -107.01
N LYS GB 215 -73.99 -18.15 -107.02
CA LYS GB 215 -75.41 -18.48 -107.22
C LYS GB 215 -76.18 -18.23 -105.92
N ARG GB 216 -75.49 -18.21 -104.77
CA ARG GB 216 -76.07 -17.81 -103.47
C ARG GB 216 -75.94 -16.32 -103.19
N MET GB 217 -75.15 -15.62 -103.99
CA MET GB 217 -75.29 -14.18 -104.15
C MET GB 217 -76.39 -13.94 -105.19
N LYS GB 218 -76.51 -14.81 -106.21
CA LYS GB 218 -77.68 -14.82 -107.13
C LYS GB 218 -78.98 -15.32 -106.48
N GLU GB 219 -78.85 -16.27 -105.55
CA GLU GB 219 -80.00 -16.76 -104.75
C GLU GB 219 -80.22 -15.81 -103.59
N ALA GB 220 -79.16 -15.19 -103.09
CA ALA GB 220 -79.31 -14.05 -102.21
C ALA GB 220 -79.43 -12.71 -102.97
N LYS GB 221 -79.39 -12.73 -104.32
CA LYS GB 221 -79.93 -11.64 -105.22
C LYS GB 221 -81.42 -11.87 -105.48
N GLU GB 222 -81.81 -13.15 -105.49
CA GLU GB 222 -83.21 -13.53 -105.35
C GLU GB 222 -83.73 -13.30 -103.91
N LYS GB 223 -82.79 -13.21 -102.95
CA LYS GB 223 -83.05 -12.67 -101.59
C LYS GB 223 -82.66 -11.20 -101.36
N ARG GB 224 -81.86 -10.57 -102.23
CA ARG GB 224 -81.76 -9.08 -102.35
C ARG GB 224 -82.83 -8.57 -103.34
N GLN GB 225 -83.67 -9.49 -103.85
CA GLN GB 225 -85.06 -9.17 -104.26
C GLN GB 225 -85.92 -9.10 -102.99
N GLU GB 226 -85.76 -10.10 -102.12
CA GLU GB 226 -86.42 -10.16 -100.79
C GLU GB 226 -85.71 -9.39 -99.66
N GLN GB 227 -84.50 -8.87 -99.91
CA GLN GB 227 -83.77 -7.95 -99.00
C GLN GB 227 -84.01 -6.50 -99.44
N ILE GB 228 -84.18 -6.27 -100.75
CA ILE GB 228 -84.82 -5.04 -101.28
C ILE GB 228 -86.32 -5.04 -100.91
N ALA GB 229 -86.93 -6.23 -100.77
CA ALA GB 229 -88.28 -6.36 -100.19
C ALA GB 229 -88.30 -6.25 -98.65
N LYS GB 230 -87.20 -6.61 -97.98
CA LYS GB 230 -87.00 -6.28 -96.56
C LYS GB 230 -86.71 -4.79 -96.37
N ARG GB 231 -85.93 -4.19 -97.28
CA ARG GB 231 -85.68 -2.73 -97.30
C ARG GB 231 -86.71 -1.94 -98.16
N ARG GB 232 -87.78 -2.62 -98.62
CA ARG GB 232 -89.07 -1.96 -98.97
C ARG GB 232 -90.02 -2.10 -97.77
N ARG GB 233 -90.12 -3.29 -97.19
CA ARG GB 233 -90.86 -3.46 -95.92
C ARG GB 233 -90.03 -3.07 -94.65
N LEU GB 234 -88.97 -2.25 -94.83
CA LEU GB 234 -88.38 -1.41 -93.76
C LEU GB 234 -88.29 0.08 -94.13
N SER GB 235 -87.92 0.40 -95.38
CA SER GB 235 -88.04 1.77 -95.91
C SER GB 235 -89.53 2.08 -96.15
N SER GB 236 -90.13 1.41 -97.12
CA SER GB 236 -91.58 1.59 -97.41
C SER GB 236 -92.50 1.14 -96.25
N LEU GB 237 -92.02 0.36 -95.26
CA LEU GB 237 -92.78 0.16 -94.00
C LEU GB 237 -92.53 1.33 -93.03
N SER HB 1 -123.68 22.89 -60.86
CA SER HB 1 -124.71 21.81 -60.78
C SER HB 1 -124.15 20.46 -60.31
N ALA HB 2 -122.91 20.15 -60.69
CA ALA HB 2 -122.31 18.85 -60.40
C ALA HB 2 -120.78 18.84 -60.54
N LYS HB 3 -120.33 19.12 -61.77
CA LYS HB 3 -118.93 18.94 -62.16
C LYS HB 3 -117.95 19.99 -61.59
N ILE HB 4 -118.46 21.15 -61.17
CA ILE HB 4 -117.63 22.30 -60.79
C ILE HB 4 -116.84 22.14 -59.46
N VAL HB 5 -117.35 21.32 -58.54
CA VAL HB 5 -116.63 21.02 -57.28
C VAL HB 5 -116.33 19.50 -57.11
N LYS HB 6 -115.71 18.91 -58.14
CA LYS HB 6 -115.24 17.51 -58.10
C LYS HB 6 -114.12 17.16 -59.13
N PRO HB 7 -113.19 18.09 -59.41
CA PRO HB 7 -112.34 17.96 -60.58
C PRO HB 7 -111.07 17.15 -60.32
N ASN HB 8 -110.94 15.99 -60.96
CA ASN HB 8 -109.75 15.13 -60.79
C ASN HB 8 -109.49 14.03 -61.83
N GLY HB 9 -110.18 14.06 -62.98
CA GLY HB 9 -110.20 12.92 -63.92
C GLY HB 9 -111.42 12.05 -63.76
N GLU HB 10 -111.86 11.86 -62.50
CA GLU HB 10 -113.09 11.13 -62.15
C GLU HB 10 -114.36 12.01 -62.20
N LYS HB 11 -115.18 11.80 -63.23
CA LYS HB 11 -116.57 12.30 -63.27
C LYS HB 11 -117.65 11.37 -62.63
N PRO HB 12 -117.85 10.15 -63.18
CA PRO HB 12 -119.04 9.32 -62.97
C PRO HB 12 -120.20 9.91 -62.14
N ASP HB 13 -120.83 10.91 -62.74
CA ASP HB 13 -122.13 11.47 -62.36
C ASP HB 13 -122.71 11.02 -61.01
N GLU HB 14 -123.25 9.80 -60.99
CA GLU HB 14 -124.31 9.39 -60.06
C GLU HB 14 -124.42 10.21 -58.77
N PHE HB 15 -123.71 9.80 -57.73
CA PHE HB 15 -123.74 10.53 -56.48
C PHE HB 15 -122.96 11.82 -56.58
N GLU HB 16 -121.77 11.71 -57.16
CA GLU HB 16 -120.78 12.77 -57.12
C GLU HB 16 -121.41 14.10 -57.53
N SER HB 17 -122.25 14.04 -58.57
CA SER HB 17 -123.11 15.15 -58.97
C SER HB 17 -124.03 15.59 -57.83
N GLY HB 18 -124.88 14.67 -57.39
CA GLY HB 18 -125.87 14.95 -56.34
C GLY HB 18 -125.29 15.51 -55.06
N ILE HB 19 -124.14 14.99 -54.64
CA ILE HB 19 -123.47 15.42 -53.42
C ILE HB 19 -122.82 16.80 -53.64
N SER HB 20 -122.12 16.98 -54.77
CA SER HB 20 -121.55 18.29 -55.13
C SER HB 20 -122.61 19.38 -55.37
N GLN HB 21 -123.79 18.96 -55.80
CA GLN HB 21 -124.94 19.84 -55.93
C GLN HB 21 -125.44 20.28 -54.54
N ALA HB 22 -125.35 19.37 -53.56
CA ALA HB 22 -125.65 19.72 -52.15
C ALA HB 22 -124.60 20.66 -51.55
N LEU HB 23 -123.32 20.51 -51.95
CA LEU HB 23 -122.29 21.51 -51.61
C LEU HB 23 -122.66 22.88 -52.19
N LEU HB 24 -122.93 22.88 -53.49
CA LEU HB 24 -123.41 24.07 -54.21
C LEU HB 24 -124.67 24.70 -53.59
N GLU HB 25 -125.57 23.85 -53.09
CA GLU HB 25 -126.75 24.28 -52.35
C GLU HB 25 -126.37 24.96 -51.01
N LEU HB 26 -125.34 24.43 -50.33
CA LEU HB 26 -124.83 25.04 -49.08
C LEU HB 26 -124.09 26.37 -49.27
N GLU HB 27 -123.82 26.77 -50.52
CA GLU HB 27 -123.29 28.11 -50.83
C GLU HB 27 -124.41 29.18 -50.84
N MET HB 28 -125.64 28.78 -51.18
CA MET HB 28 -126.81 29.68 -51.07
C MET HB 28 -127.19 29.76 -49.58
N ASN HB 29 -126.33 30.45 -48.83
CA ASN HB 29 -126.29 30.35 -47.37
C ASN HB 29 -125.34 31.40 -46.81
N SER HB 30 -125.78 32.15 -45.80
CA SER HB 30 -124.96 33.20 -45.19
C SER HB 30 -123.87 32.61 -44.29
N ASP HB 31 -122.67 33.18 -44.37
CA ASP HB 31 -121.48 32.78 -43.60
C ASP HB 31 -120.88 31.41 -44.02
N LEU HB 32 -121.73 30.40 -44.21
CA LEU HB 32 -121.32 29.12 -44.80
C LEU HB 32 -121.14 29.34 -46.32
N LYS HB 33 -120.06 30.03 -46.67
CA LYS HB 33 -119.84 30.59 -48.02
C LYS HB 33 -118.47 31.26 -48.06
N ALA HB 34 -117.91 31.38 -49.27
CA ALA HB 34 -116.59 32.00 -49.52
C ALA HB 34 -115.45 31.08 -49.09
N GLN HB 35 -115.42 30.74 -47.79
CA GLN HB 35 -114.61 29.62 -47.31
C GLN HB 35 -114.94 28.28 -48.00
N LEU HB 36 -116.18 28.12 -48.49
CA LEU HB 36 -116.56 26.93 -49.28
C LEU HB 36 -116.22 27.05 -50.78
N ARG HB 37 -115.96 28.27 -51.27
CA ARG HB 37 -115.56 28.46 -52.67
C ARG HB 37 -114.17 27.86 -52.95
N GLU HB 38 -113.21 28.21 -52.10
CA GLU HB 38 -111.84 27.67 -52.14
C GLU HB 38 -111.79 26.13 -52.11
N LEU HB 39 -112.67 25.52 -51.32
CA LEU HB 39 -112.71 24.07 -51.15
C LEU HB 39 -113.23 23.34 -52.38
N ASN HB 40 -113.10 22.02 -52.35
CA ASN HB 40 -113.22 21.18 -53.52
C ASN HB 40 -113.03 19.70 -53.17
N ILE HB 41 -113.96 18.82 -53.56
CA ILE HB 41 -113.74 17.38 -53.37
C ILE HB 41 -113.10 16.78 -54.62
N THR HB 42 -112.89 15.47 -54.59
CA THR HB 42 -112.32 14.72 -55.70
C THR HB 42 -113.28 13.62 -56.12
N ALA HB 43 -113.50 12.64 -55.24
CA ALA HB 43 -114.38 11.50 -55.48
C ALA HB 43 -115.27 11.24 -54.25
N ALA HB 44 -116.22 10.32 -54.41
CA ALA HB 44 -117.13 9.92 -53.33
C ALA HB 44 -117.79 8.57 -53.62
N LYS HB 45 -118.09 7.84 -52.56
CA LYS HB 45 -118.64 6.51 -52.65
C LYS HB 45 -119.77 6.35 -51.65
N GLU HB 46 -120.75 5.55 -52.04
CA GLU HB 46 -121.74 5.01 -51.11
C GLU HB 46 -121.21 3.67 -50.64
N ILE HB 47 -121.31 3.43 -49.34
CA ILE HB 47 -120.89 2.15 -48.79
C ILE HB 47 -121.86 1.70 -47.72
N GLU HB 48 -122.32 0.45 -47.82
CA GLU HB 48 -123.22 -0.12 -46.81
C GLU HB 48 -122.42 -0.57 -45.60
N VAL HB 49 -123.14 -0.93 -44.54
CA VAL HB 49 -122.53 -1.46 -43.32
C VAL HB 49 -123.35 -2.67 -42.87
N GLY HB 50 -122.87 -3.33 -41.80
CA GLY HB 50 -123.53 -4.53 -41.27
C GLY HB 50 -124.97 -4.31 -40.80
N GLY HB 51 -125.19 -3.20 -40.10
CA GLY HB 51 -126.54 -2.82 -39.65
C GLY HB 51 -127.55 -2.67 -40.78
N GLY HB 52 -127.10 -2.11 -41.91
CA GLY HB 52 -127.95 -1.89 -43.08
C GLY HB 52 -127.86 -0.45 -43.55
N ARG HB 53 -127.94 0.50 -42.60
CA ARG HB 53 -127.98 1.93 -42.94
C ARG HB 53 -126.64 2.48 -43.42
N LYS HB 54 -126.44 2.34 -44.73
CA LYS HB 54 -125.28 2.82 -45.50
C LYS HB 54 -124.80 4.24 -45.18
N ALA HB 55 -123.52 4.48 -45.48
CA ALA HB 55 -122.85 5.76 -45.22
C ALA HB 55 -122.18 6.27 -46.48
N ILE HB 56 -122.15 7.59 -46.61
CA ILE HB 56 -121.48 8.25 -47.72
C ILE HB 56 -120.10 8.72 -47.25
N ILE HB 57 -119.07 8.22 -47.94
CA ILE HB 57 -117.70 8.64 -47.71
C ILE HB 57 -117.32 9.66 -48.77
N ILE HB 58 -116.75 10.78 -48.33
CA ILE HB 58 -116.33 11.82 -49.25
C ILE HB 58 -114.82 11.93 -49.18
N PHE HB 59 -114.17 11.96 -50.33
CA PHE HB 59 -112.73 12.18 -50.39
C PHE HB 59 -112.43 13.69 -50.59
N VAL HB 60 -111.19 14.07 -50.33
CA VAL HB 60 -110.73 15.48 -50.38
C VAL HB 60 -109.30 15.45 -50.97
N PRO HB 61 -108.86 16.50 -51.70
CA PRO HB 61 -107.48 16.56 -52.24
C PRO HB 61 -106.34 16.23 -51.27
N VAL HB 62 -106.28 16.94 -50.13
CA VAL HB 62 -105.36 16.71 -48.97
C VAL HB 62 -104.94 18.02 -48.32
N PRO HB 63 -104.40 18.98 -49.11
CA PRO HB 63 -104.06 20.26 -48.48
C PRO HB 63 -105.31 21.00 -48.01
N GLN HB 64 -106.44 20.69 -48.66
CA GLN HB 64 -107.73 21.26 -48.35
C GLN HB 64 -108.32 20.64 -47.10
N LEU HB 65 -107.94 19.40 -46.80
CA LEU HB 65 -108.44 18.70 -45.60
C LEU HB 65 -108.34 19.60 -44.37
N LYS HB 66 -107.20 20.24 -44.15
CA LYS HB 66 -107.02 21.10 -42.96
C LYS HB 66 -107.93 22.34 -42.99
N SER HB 67 -108.46 22.69 -44.16
CA SER HB 67 -109.57 23.66 -44.28
C SER HB 67 -110.96 23.00 -44.16
N PHE HB 68 -111.13 21.77 -44.68
CA PHE HB 68 -112.40 21.03 -44.46
C PHE HB 68 -112.68 20.81 -42.98
N GLN HB 69 -111.62 20.62 -42.19
CA GLN HB 69 -111.79 20.45 -40.76
C GLN HB 69 -112.48 21.68 -40.11
N LYS HB 70 -112.18 22.90 -40.58
CA LYS HB 70 -112.87 24.08 -40.02
C LYS HB 70 -114.37 24.04 -40.25
N ILE HB 71 -114.76 23.53 -41.41
CA ILE HB 71 -116.18 23.49 -41.80
C ILE HB 71 -116.91 22.19 -41.41
N GLN HB 72 -116.20 21.07 -41.41
CA GLN HB 72 -116.75 19.71 -41.25
C GLN HB 72 -118.00 19.53 -40.38
N VAL HB 73 -117.96 20.02 -39.13
CA VAL HB 73 -119.07 19.80 -38.17
C VAL HB 73 -120.31 20.52 -38.67
N ARG HB 74 -120.14 21.79 -39.05
CA ARG HB 74 -121.21 22.60 -39.65
C ARG HB 74 -121.66 22.06 -41.02
N LEU HB 75 -120.72 21.50 -41.77
CA LEU HB 75 -120.98 20.91 -43.09
C LEU HB 75 -121.83 19.66 -42.95
N VAL HB 76 -121.31 18.69 -42.21
CA VAL HB 76 -121.97 17.39 -42.07
C VAL HB 76 -123.39 17.59 -41.53
N ARG HB 77 -123.53 18.32 -40.43
CA ARG HB 77 -124.85 18.66 -39.85
C ARG HB 77 -125.89 19.03 -40.88
N GLU HB 78 -125.49 19.86 -41.86
CA GLU HB 78 -126.42 20.36 -42.86
C GLU HB 78 -126.66 19.36 -44.00
N LEU HB 79 -125.61 18.81 -44.61
CA LEU HB 79 -125.83 17.85 -45.72
C LEU HB 79 -126.24 16.43 -45.30
N GLU HB 80 -126.02 16.08 -44.03
CA GLU HB 80 -126.54 14.82 -43.46
C GLU HB 80 -128.07 14.91 -43.33
N LYS HB 81 -128.54 16.06 -42.85
CA LYS HB 81 -129.96 16.38 -42.75
C LYS HB 81 -130.65 16.49 -44.12
N LYS HB 82 -129.94 17.04 -45.10
CA LYS HB 82 -130.43 17.12 -46.50
C LYS HB 82 -130.52 15.73 -47.15
N PHE HB 83 -129.37 15.10 -47.24
CA PHE HB 83 -129.16 13.86 -47.98
C PHE HB 83 -129.36 12.79 -46.92
N SER HB 84 -130.63 12.54 -46.61
CA SER HB 84 -131.04 11.91 -45.37
C SER HB 84 -131.00 10.38 -45.38
N GLY HB 85 -131.20 9.82 -44.20
CA GLY HB 85 -131.13 8.38 -43.97
C GLY HB 85 -129.72 7.82 -44.02
N LYS HB 86 -128.72 8.69 -43.89
CA LYS HB 86 -127.32 8.33 -44.18
C LYS HB 86 -126.36 9.11 -43.28
N HIS HB 87 -125.21 8.49 -43.02
CA HIS HB 87 -124.08 9.15 -42.36
C HIS HB 87 -123.10 9.71 -43.37
N VAL HB 88 -122.42 10.78 -42.99
CA VAL HB 88 -121.42 11.41 -43.87
C VAL HB 88 -120.12 11.67 -43.13
N VAL HB 89 -119.00 11.46 -43.82
CA VAL HB 89 -117.68 11.67 -43.24
C VAL HB 89 -116.62 11.92 -44.32
N PHE HB 90 -115.62 12.74 -43.98
CA PHE HB 90 -114.59 13.15 -44.91
C PHE HB 90 -113.26 12.43 -44.67
N ILE HB 91 -112.57 12.16 -45.78
CA ILE HB 91 -111.25 11.53 -45.82
C ILE HB 91 -110.38 12.28 -46.82
N ALA HB 92 -109.08 12.31 -46.57
CA ALA HB 92 -108.15 12.88 -47.53
C ALA HB 92 -107.71 11.81 -48.55
N GLN HB 93 -107.64 12.21 -49.82
CA GLN HB 93 -107.31 11.32 -50.95
C GLN HB 93 -105.81 11.13 -50.98
N ARG HB 94 -105.31 10.21 -50.16
CA ARG HB 94 -103.85 9.94 -50.13
C ARG HB 94 -103.43 8.87 -51.13
N ARG HB 95 -102.17 8.95 -51.55
CA ARG HB 95 -101.67 8.25 -52.73
C ARG HB 95 -101.30 6.78 -52.47
N ILE HB 96 -100.54 6.52 -51.40
CA ILE HB 96 -99.97 5.19 -51.08
C ILE HB 96 -99.05 4.69 -52.19
N LEU HB 97 -97.76 5.02 -52.11
CA LEU HB 97 -96.80 4.49 -53.08
C LEU HB 97 -96.49 3.06 -52.74
N PRO HB 98 -96.10 2.27 -53.76
CA PRO HB 98 -95.70 0.90 -53.51
C PRO HB 98 -94.30 0.83 -52.96
N LYS HB 99 -93.97 -0.25 -52.25
CA LYS HB 99 -92.65 -0.37 -51.65
C LYS HB 99 -91.63 -0.71 -52.71
N PRO HB 100 -90.45 -0.08 -52.63
CA PRO HB 100 -89.42 -0.44 -53.56
C PRO HB 100 -88.79 -1.71 -53.04
N THR HB 101 -89.13 -2.82 -53.68
CA THR HB 101 -88.36 -4.05 -53.53
C THR HB 101 -87.09 -3.86 -54.36
N ARG HB 102 -86.25 -4.87 -54.41
CA ARG HB 102 -85.13 -4.86 -55.35
C ARG HB 102 -85.72 -5.28 -56.69
N LYS HB 103 -86.62 -6.25 -56.61
CA LYS HB 103 -87.50 -6.62 -57.71
C LYS HB 103 -88.08 -5.34 -58.37
N SER HB 104 -89.05 -4.69 -57.72
CA SER HB 104 -89.53 -3.37 -58.14
C SER HB 104 -88.56 -2.33 -57.60
N ARG HB 105 -87.64 -1.93 -58.46
CA ARG HB 105 -86.28 -1.58 -58.05
C ARG HB 105 -86.00 -0.10 -57.76
N THR HB 106 -84.76 0.34 -58.01
CA THR HB 106 -84.45 1.76 -57.95
C THR HB 106 -83.75 2.21 -59.23
N LYS HB 107 -84.49 2.20 -60.34
CA LYS HB 107 -84.03 2.73 -61.62
C LYS HB 107 -83.78 4.22 -61.51
N ASN HB 108 -84.70 4.91 -60.85
CA ASN HB 108 -84.60 6.34 -60.56
C ASN HB 108 -85.54 6.62 -59.39
N LYS HB 109 -86.72 7.14 -59.70
CA LYS HB 109 -87.80 7.24 -58.72
C LYS HB 109 -87.44 8.07 -57.50
N GLN HB 110 -88.02 9.25 -57.40
CA GLN HB 110 -87.75 10.11 -56.26
C GLN HB 110 -88.22 9.38 -55.00
N LYS HB 111 -87.40 9.48 -53.97
CA LYS HB 111 -87.66 8.83 -52.67
C LYS HB 111 -88.92 7.97 -52.54
N ARG HB 112 -89.87 8.47 -51.76
CA ARG HB 112 -91.01 7.71 -51.26
C ARG HB 112 -91.09 8.02 -49.80
N PRO HB 113 -91.63 9.19 -49.47
CA PRO HB 113 -91.64 9.55 -48.07
C PRO HB 113 -92.50 8.64 -47.19
N ARG HB 114 -92.33 8.87 -45.89
CA ARG HB 114 -92.99 8.11 -44.86
C ARG HB 114 -94.45 8.54 -44.84
N SER HB 115 -94.68 9.85 -44.99
CA SER HB 115 -96.02 10.43 -45.18
C SER HB 115 -96.85 9.69 -46.22
N ARG HB 116 -96.18 9.28 -47.28
CA ARG HB 116 -96.76 8.65 -48.46
C ARG HB 116 -96.58 7.13 -48.50
N THR HB 117 -95.92 6.58 -47.49
CA THR HB 117 -95.74 5.13 -47.36
C THR HB 117 -97.07 4.49 -46.99
N LEU HB 118 -97.08 3.19 -46.69
CA LEU HB 118 -98.32 2.53 -46.37
C LEU HB 118 -98.89 2.86 -45.01
N THR HB 119 -98.22 2.42 -43.96
CA THR HB 119 -98.82 2.40 -42.62
C THR HB 119 -99.13 3.80 -42.07
N ALA HB 120 -98.46 4.85 -42.59
CA ALA HB 120 -98.83 6.24 -42.33
C ALA HB 120 -100.24 6.53 -42.87
N VAL HB 121 -100.50 6.11 -44.10
CA VAL HB 121 -101.78 6.37 -44.75
C VAL HB 121 -102.95 5.87 -43.96
N HIS HB 122 -103.04 4.56 -43.70
CA HIS HB 122 -104.30 4.09 -43.11
C HIS HB 122 -104.40 4.70 -41.69
N ASP HB 123 -103.26 5.01 -41.07
CA ASP HB 123 -103.23 5.74 -39.79
C ASP HB 123 -103.70 7.18 -39.85
N ALA HB 124 -103.36 7.90 -40.92
CA ALA HB 124 -103.90 9.24 -41.11
C ALA HB 124 -105.39 9.18 -41.49
N ILE HB 125 -105.77 8.16 -42.27
CA ILE HB 125 -107.19 7.81 -42.54
C ILE HB 125 -108.03 7.75 -41.25
N LEU HB 126 -107.46 7.20 -40.18
CA LEU HB 126 -108.08 7.22 -38.87
C LEU HB 126 -108.38 8.63 -38.37
N GLU HB 127 -107.35 9.49 -38.42
CA GLU HB 127 -107.51 10.89 -37.99
C GLU HB 127 -108.51 11.67 -38.85
N ASP HB 128 -108.75 11.25 -40.09
CA ASP HB 128 -109.76 11.89 -40.96
C ASP HB 128 -111.19 11.45 -40.63
N LEU HB 129 -111.37 10.16 -40.35
CA LEU HB 129 -112.69 9.63 -39.97
C LEU HB 129 -113.27 10.33 -38.76
N VAL HB 130 -112.58 10.17 -37.63
CA VAL HB 130 -113.12 10.58 -36.33
C VAL HB 130 -112.58 11.94 -35.89
N PHE HB 131 -112.73 12.90 -36.81
CA PHE HB 131 -112.28 14.29 -36.62
C PHE HB 131 -112.70 14.84 -35.28
N PRO HB 132 -113.99 14.65 -34.92
CA PRO HB 132 -114.43 15.34 -33.71
C PRO HB 132 -113.91 14.65 -32.47
N SER HB 133 -113.74 13.32 -32.52
CA SER HB 133 -113.38 12.57 -31.34
C SER HB 133 -111.89 12.68 -31.05
N GLU HB 134 -111.06 12.42 -32.07
CA GLU HB 134 -109.58 12.47 -31.97
C GLU HB 134 -109.07 11.27 -31.19
N ILE HB 135 -108.01 10.65 -31.68
CA ILE HB 135 -107.51 9.44 -31.05
C ILE HB 135 -106.69 9.75 -29.79
N VAL HB 136 -106.93 8.97 -28.74
CA VAL HB 136 -106.17 9.01 -27.50
C VAL HB 136 -105.16 7.88 -27.43
N GLY HB 137 -105.46 6.72 -28.01
CA GLY HB 137 -104.51 5.60 -28.02
C GLY HB 137 -105.08 4.39 -28.70
N LYS HB 138 -104.22 3.61 -29.33
CA LYS HB 138 -104.63 2.37 -29.96
C LYS HB 138 -104.11 1.20 -29.13
N ARG HB 139 -104.85 0.10 -29.11
CA ARG HB 139 -104.27 -1.22 -28.83
C ARG HB 139 -104.52 -2.01 -30.07
N ILE HB 140 -103.88 -3.18 -30.15
CA ILE HB 140 -103.99 -4.00 -31.34
C ILE HB 140 -103.97 -5.48 -30.98
N ARG HB 141 -105.13 -6.12 -31.11
CA ARG HB 141 -105.28 -7.52 -30.74
C ARG HB 141 -104.72 -8.42 -31.78
N VAL HB 142 -104.29 -9.58 -31.32
CA VAL HB 142 -104.06 -10.73 -32.18
C VAL HB 142 -104.89 -11.84 -31.56
N LYS HB 143 -105.88 -12.30 -32.31
CA LYS HB 143 -106.67 -13.45 -31.89
C LYS HB 143 -105.90 -14.71 -32.18
N LEU HB 144 -106.35 -15.80 -31.56
CA LEU HB 144 -105.63 -17.07 -31.61
C LEU HB 144 -105.55 -17.66 -33.04
N ASP HB 145 -106.46 -17.25 -33.93
CA ASP HB 145 -106.35 -17.55 -35.36
C ASP HB 145 -105.18 -16.79 -36.01
N GLY HB 146 -104.96 -15.53 -35.60
CA GLY HB 146 -103.97 -14.64 -36.23
C GLY HB 146 -104.56 -13.37 -36.80
N SER HB 147 -105.91 -13.28 -36.84
CA SER HB 147 -106.63 -12.09 -37.30
C SER HB 147 -106.37 -10.89 -36.40
N ARG HB 148 -105.82 -9.83 -36.99
CA ARG HB 148 -105.33 -8.69 -36.24
C ARG HB 148 -106.44 -7.64 -36.10
N LEU HB 149 -107.12 -7.59 -34.94
CA LEU HB 149 -108.22 -6.61 -34.67
C LEU HB 149 -107.75 -5.41 -33.90
N ILE HB 150 -107.84 -4.23 -34.49
CA ILE HB 150 -107.38 -3.01 -33.82
C ILE HB 150 -108.46 -2.59 -32.82
N LYS HB 151 -108.08 -1.80 -31.82
CA LYS HB 151 -109.03 -1.13 -30.90
C LYS HB 151 -108.59 0.30 -30.75
N VAL HB 152 -109.46 1.24 -31.09
CA VAL HB 152 -109.09 2.65 -31.06
C VAL HB 152 -109.80 3.40 -29.92
N HIS HB 153 -109.00 3.89 -28.98
CA HIS HB 153 -109.48 4.75 -27.89
C HIS HB 153 -109.59 6.16 -28.43
N LEU HB 154 -110.82 6.68 -28.48
CA LEU HB 154 -111.05 8.09 -28.80
C LEU HB 154 -111.40 8.81 -27.52
N ASP HB 155 -111.41 10.14 -27.59
CA ASP HB 155 -111.45 10.94 -26.35
C ASP HB 155 -112.89 10.98 -25.74
N LYS HB 156 -113.70 11.99 -26.04
CA LYS HB 156 -114.90 12.32 -25.23
C LYS HB 156 -115.49 13.64 -25.73
N ALA HB 157 -114.64 14.66 -25.85
CA ALA HB 157 -115.01 15.92 -26.52
C ALA HB 157 -115.51 15.61 -27.92
N GLN HB 158 -116.78 15.94 -28.17
CA GLN HB 158 -117.51 15.50 -29.36
C GLN HB 158 -117.54 13.97 -29.47
N GLN HB 159 -117.84 13.31 -28.35
CA GLN HB 159 -118.24 11.90 -28.38
C GLN HB 159 -119.67 11.79 -28.90
N ASN HB 160 -120.53 12.69 -28.43
CA ASN HB 160 -121.95 12.67 -28.75
C ASN HB 160 -122.25 12.65 -30.26
N ASN HB 161 -121.47 13.42 -31.01
CA ASN HB 161 -121.52 13.40 -32.47
C ASN HB 161 -121.12 12.05 -33.03
N VAL HB 162 -120.08 11.47 -32.47
CA VAL HB 162 -119.42 10.28 -33.02
C VAL HB 162 -119.99 8.94 -32.48
N GLU HB 163 -120.48 8.94 -31.25
CA GLU HB 163 -120.93 7.70 -30.57
C GLU HB 163 -121.98 6.95 -31.35
N HIS HB 164 -122.87 7.67 -32.00
CA HIS HB 164 -123.87 7.02 -32.84
C HIS HB 164 -123.27 6.40 -34.11
N LYS HB 165 -122.17 6.96 -34.59
CA LYS HB 165 -121.54 6.52 -35.84
C LYS HB 165 -120.80 5.18 -35.68
N VAL HB 166 -119.70 5.20 -34.95
CA VAL HB 166 -118.90 4.01 -34.61
C VAL HB 166 -118.85 2.90 -35.68
N GLU HB 167 -119.92 2.12 -35.79
CA GLU HB 167 -119.97 0.96 -36.71
C GLU HB 167 -120.07 1.36 -38.18
N THR HB 168 -120.27 2.65 -38.47
CA THR HB 168 -119.93 3.17 -39.79
C THR HB 168 -118.39 3.10 -40.01
N PHE HB 169 -117.61 3.58 -39.03
CA PHE HB 169 -116.12 3.60 -39.16
C PHE HB 169 -115.60 2.18 -39.29
N SER HB 170 -116.10 1.30 -38.43
CA SER HB 170 -115.89 -0.15 -38.53
C SER HB 170 -116.12 -0.65 -39.96
N GLY HB 171 -117.23 -0.23 -40.57
CA GLY HB 171 -117.52 -0.55 -41.97
C GLY HB 171 -116.61 0.17 -42.95
N VAL HB 172 -116.26 1.41 -42.63
CA VAL HB 172 -115.47 2.26 -43.52
C VAL HB 172 -114.12 1.66 -43.91
N TYR HB 173 -113.09 1.61 -43.02
CA TYR HB 173 -111.79 1.19 -43.60
C TYR HB 173 -111.95 -0.21 -44.20
N LYS HB 174 -112.80 -1.06 -43.63
CA LYS HB 174 -112.91 -2.40 -44.17
C LYS HB 174 -113.23 -2.45 -45.67
N LYS HB 175 -113.81 -1.36 -46.21
CA LYS HB 175 -113.82 -1.15 -47.67
C LYS HB 175 -112.49 -0.58 -48.16
N LEU HB 176 -112.06 0.52 -47.53
CA LEU HB 176 -110.86 1.26 -47.94
C LEU HB 176 -109.54 0.47 -47.81
N THR HB 177 -109.22 0.06 -46.58
CA THR HB 177 -107.96 -0.64 -46.24
C THR HB 177 -108.14 -2.16 -46.24
N GLY HB 178 -108.96 -2.64 -45.31
CA GLY HB 178 -109.19 -4.08 -45.10
C GLY HB 178 -108.85 -4.54 -43.70
N LYS HB 179 -109.31 -3.79 -42.71
CA LYS HB 179 -108.95 -4.01 -41.32
C LYS HB 179 -110.17 -3.79 -40.41
N ASP HB 180 -110.27 -4.59 -39.36
CA ASP HB 180 -111.53 -4.79 -38.61
C ASP HB 180 -111.37 -4.15 -37.23
N VAL HB 181 -112.16 -3.12 -36.93
CA VAL HB 181 -111.87 -2.27 -35.77
C VAL HB 181 -113.09 -1.71 -35.02
N ASN HB 182 -113.03 -1.80 -33.69
CA ASN HB 182 -114.14 -1.38 -32.81
C ASN HB 182 -113.63 -0.40 -31.73
N PHE HB 183 -114.45 0.61 -31.45
CA PHE HB 183 -114.02 1.87 -30.82
C PHE HB 183 -114.51 1.99 -29.36
N GLU HB 184 -113.63 2.42 -28.45
CA GLU HB 184 -113.90 2.33 -26.98
C GLU HB 184 -113.72 3.64 -26.25
N PHE HB 185 -114.62 3.90 -25.31
CA PHE HB 185 -114.89 5.27 -24.83
C PHE HB 185 -114.59 5.45 -23.32
N PRO HB 186 -113.30 5.76 -23.00
CA PRO HB 186 -112.64 5.27 -21.79
C PRO HB 186 -112.40 6.32 -20.67
N GLU HB 187 -111.40 6.09 -19.80
CA GLU HB 187 -111.04 7.00 -18.69
C GLU HB 187 -110.19 8.17 -19.17
N PHE HB 188 -109.84 9.04 -18.22
CA PHE HB 188 -108.98 10.19 -18.46
C PHE HB 188 -107.76 10.15 -17.55
N GLN HB 189 -106.86 11.11 -17.76
CA GLN HB 189 -105.58 11.18 -17.07
C GLN HB 189 -105.43 12.55 -16.42
N GLY IB 1 -27.43 -17.82 -66.71
CA GLY IB 1 -27.03 -16.54 -67.33
C GLY IB 1 -27.84 -15.43 -66.76
N ILE IB 2 -28.30 -14.55 -67.64
CA ILE IB 2 -28.78 -13.23 -67.25
C ILE IB 2 -30.29 -13.26 -67.36
N SER IB 3 -30.92 -13.67 -66.27
CA SER IB 3 -32.31 -14.09 -66.31
C SER IB 3 -33.33 -12.95 -66.36
N ARG IB 4 -34.60 -13.32 -66.58
CA ARG IB 4 -35.73 -12.39 -66.66
C ARG IB 4 -36.89 -12.82 -65.79
N ASP IB 5 -36.73 -12.79 -64.49
CA ASP IB 5 -37.71 -13.47 -63.65
C ASP IB 5 -38.25 -12.60 -62.53
N ASN IB 6 -39.56 -12.73 -62.30
CA ASN IB 6 -40.18 -12.25 -61.07
C ASN IB 6 -39.70 -13.02 -59.83
N TRP IB 7 -39.22 -14.24 -60.06
CA TRP IB 7 -38.66 -15.13 -59.04
C TRP IB 7 -37.70 -14.52 -57.97
N HIS IB 8 -36.96 -13.43 -58.27
CA HIS IB 8 -35.86 -12.94 -57.37
C HIS IB 8 -36.13 -11.67 -56.61
N LYS IB 9 -36.87 -10.77 -57.21
CA LYS IB 9 -37.01 -9.47 -56.63
C LYS IB 9 -38.14 -9.45 -55.60
N ARG IB 10 -38.07 -8.48 -54.69
CA ARG IB 10 -39.00 -8.33 -53.56
C ARG IB 10 -40.46 -8.43 -53.96
N ARG IB 11 -41.33 -8.72 -53.01
CA ARG IB 11 -42.77 -8.65 -53.25
C ARG IB 11 -43.25 -7.24 -52.98
N LYS IB 12 -44.44 -6.96 -53.49
CA LYS IB 12 -45.10 -5.66 -53.35
C LYS IB 12 -44.84 -4.99 -52.00
N THR IB 13 -45.03 -5.75 -50.92
CA THR IB 13 -44.85 -5.25 -49.55
C THR IB 13 -43.41 -4.89 -49.26
N GLY IB 14 -42.48 -5.75 -49.68
CA GLY IB 14 -41.07 -5.54 -49.42
C GLY IB 14 -40.36 -6.67 -48.75
N GLY IB 15 -41.05 -7.78 -48.52
CA GLY IB 15 -40.38 -9.02 -48.16
C GLY IB 15 -39.51 -9.54 -49.29
N LYS IB 16 -38.49 -10.32 -48.93
CA LYS IB 16 -37.57 -10.87 -49.91
C LYS IB 16 -38.01 -12.29 -50.23
N ARG IB 17 -38.35 -12.55 -51.49
CA ARG IB 17 -38.65 -13.90 -51.93
C ARG IB 17 -37.44 -14.74 -51.73
N LYS IB 18 -37.66 -15.97 -51.28
CA LYS IB 18 -36.60 -16.96 -51.34
C LYS IB 18 -36.52 -17.48 -52.74
N PRO IB 19 -35.42 -18.14 -53.09
CA PRO IB 19 -35.40 -18.88 -54.35
C PRO IB 19 -36.47 -19.95 -54.35
N TYR IB 20 -36.34 -20.88 -55.26
CA TYR IB 20 -37.42 -21.79 -55.56
C TYR IB 20 -36.81 -22.95 -56.33
N HIS IB 21 -36.33 -22.62 -57.53
CA HIS IB 21 -35.68 -23.56 -58.43
C HIS IB 21 -34.23 -23.08 -58.69
N LYS IB 22 -33.63 -23.52 -59.79
CA LYS IB 22 -32.49 -22.86 -60.41
C LYS IB 22 -33.04 -21.90 -61.45
N LYS IB 23 -32.18 -21.22 -62.20
CA LYS IB 23 -32.64 -20.47 -63.34
C LYS IB 23 -32.92 -21.51 -64.43
N ARG IB 24 -34.02 -21.35 -65.16
CA ARG IB 24 -34.41 -22.33 -66.19
C ARG IB 24 -34.39 -21.64 -67.58
N LYS IB 25 -34.43 -22.43 -68.66
CA LYS IB 25 -34.10 -21.95 -70.00
C LYS IB 25 -35.39 -21.43 -70.54
N TYR IB 26 -35.63 -20.18 -70.21
CA TYR IB 26 -36.95 -19.82 -69.80
C TYR IB 26 -37.04 -18.36 -69.59
N GLU IB 27 -36.30 -17.97 -68.55
CA GLU IB 27 -36.24 -16.65 -68.03
C GLU IB 27 -34.85 -16.32 -68.52
N LEU IB 28 -34.69 -16.33 -69.82
CA LEU IB 28 -33.40 -16.33 -70.44
C LEU IB 28 -33.22 -14.95 -70.96
N GLY IB 29 -32.05 -14.40 -70.75
CA GLY IB 29 -31.72 -13.10 -71.32
C GLY IB 29 -30.45 -13.30 -72.06
N ARG IB 30 -30.41 -12.78 -73.28
CA ARG IB 30 -29.17 -12.68 -74.02
C ARG IB 30 -28.66 -11.25 -73.80
N PRO IB 31 -27.36 -11.03 -74.01
CA PRO IB 31 -26.86 -9.67 -74.04
C PRO IB 31 -27.33 -8.88 -75.25
N ALA IB 32 -27.21 -7.56 -75.12
CA ALA IB 32 -27.80 -6.61 -76.08
C ALA IB 32 -27.14 -6.62 -77.44
N ALA IB 33 -27.86 -6.08 -78.40
CA ALA IB 33 -27.32 -5.83 -79.73
C ALA IB 33 -26.54 -4.55 -79.70
N ASN IB 34 -27.17 -3.54 -79.09
CA ASN IB 34 -26.74 -2.13 -79.16
C ASN IB 34 -26.09 -1.88 -80.53
N THR IB 35 -26.95 -1.93 -81.54
CA THR IB 35 -26.53 -1.92 -82.91
C THR IB 35 -25.99 -0.54 -83.32
N LYS IB 36 -24.98 -0.53 -84.18
CA LYS IB 36 -24.30 0.69 -84.62
C LYS IB 36 -24.70 1.08 -86.03
N ILE IB 37 -24.01 2.07 -86.57
CA ILE IB 37 -24.08 2.42 -87.98
C ILE IB 37 -22.75 2.07 -88.68
N GLY IB 38 -22.72 0.98 -89.45
CA GLY IB 38 -21.56 0.61 -90.25
C GLY IB 38 -22.01 -0.21 -91.45
N PRO IB 39 -21.08 -0.81 -92.20
CA PRO IB 39 -21.47 -1.77 -93.25
C PRO IB 39 -22.17 -2.96 -92.61
N ARG IB 40 -23.21 -3.47 -93.25
CA ARG IB 40 -24.14 -4.42 -92.62
C ARG IB 40 -23.48 -5.56 -91.90
N ARG IB 41 -23.95 -5.85 -90.70
CA ARG IB 41 -23.48 -7.03 -89.99
C ARG IB 41 -24.51 -7.53 -89.02
N ILE IB 42 -25.03 -8.71 -89.32
CA ILE IB 42 -26.14 -9.28 -88.60
C ILE IB 42 -25.80 -10.71 -88.31
N HIS IB 43 -25.91 -11.10 -87.05
CA HIS IB 43 -25.89 -12.52 -86.74
C HIS IB 43 -27.31 -12.99 -86.44
N THR IB 44 -27.59 -14.19 -86.93
CA THR IB 44 -28.74 -14.94 -86.50
C THR IB 44 -28.53 -15.44 -85.11
N VAL IB 45 -29.64 -15.81 -84.50
CA VAL IB 45 -29.66 -16.45 -83.23
C VAL IB 45 -30.74 -17.49 -83.28
N ARG IB 46 -30.47 -18.61 -82.65
CA ARG IB 46 -31.46 -19.64 -82.45
C ARG IB 46 -32.08 -19.36 -81.09
N VAL IB 47 -33.39 -19.48 -81.06
CA VAL IB 47 -34.20 -19.02 -79.93
C VAL IB 47 -35.14 -20.15 -79.50
N ARG IB 48 -36.09 -19.80 -78.64
CA ARG IB 48 -37.17 -20.68 -78.23
C ARG IB 48 -38.11 -20.95 -79.40
N GLY IB 49 -38.65 -22.15 -79.45
CA GLY IB 49 -39.56 -22.58 -80.52
C GLY IB 49 -38.90 -23.45 -81.59
N GLY IB 50 -37.58 -23.32 -81.73
CA GLY IB 50 -36.92 -23.47 -83.00
C GLY IB 50 -36.77 -22.01 -83.34
N ASN IB 51 -37.37 -21.58 -84.45
CA ASN IB 51 -37.41 -20.15 -84.87
C ASN IB 51 -36.06 -19.45 -84.75
N LYS IB 52 -35.98 -18.22 -85.24
CA LYS IB 52 -34.72 -17.49 -85.24
C LYS IB 52 -34.91 -16.01 -85.05
N LYS IB 53 -33.82 -15.29 -84.85
CA LYS IB 53 -33.91 -13.87 -84.54
C LYS IB 53 -32.72 -13.06 -85.06
N TYR IB 54 -32.99 -11.99 -85.81
CA TYR IB 54 -31.98 -11.32 -86.64
C TYR IB 54 -31.54 -10.10 -85.83
N ARG IB 55 -30.46 -10.35 -85.05
CA ARG IB 55 -29.79 -9.35 -84.21
C ARG IB 55 -28.76 -8.61 -85.03
N ALA IB 56 -29.06 -7.34 -85.33
CA ALA IB 56 -28.19 -6.46 -86.12
C ALA IB 56 -27.18 -5.88 -85.20
N LEU IB 57 -25.91 -5.92 -85.57
CA LEU IB 57 -24.87 -5.22 -84.80
C LEU IB 57 -24.23 -4.06 -85.57
N ARG IB 58 -24.21 -4.15 -86.89
CA ARG IB 58 -23.88 -3.01 -87.72
C ARG IB 58 -25.03 -2.90 -88.71
N LEU IB 59 -25.47 -1.67 -88.95
CA LEU IB 59 -26.63 -1.46 -89.80
C LEU IB 59 -26.58 -0.11 -90.47
N ASP IB 60 -26.74 -0.10 -91.78
CA ASP IB 60 -26.45 1.09 -92.61
C ASP IB 60 -27.71 1.74 -93.22
N VAL IB 61 -28.70 0.93 -93.61
CA VAL IB 61 -29.84 1.35 -94.43
C VAL IB 61 -31.19 0.91 -93.84
N GLY IB 62 -32.26 1.63 -94.18
CA GLY IB 62 -33.61 1.35 -93.65
C GLY IB 62 -34.71 1.46 -94.71
N ASN IB 63 -35.79 0.73 -94.48
CA ASN IB 63 -36.90 0.57 -95.44
C ASN IB 63 -38.08 1.30 -94.87
N PHE IB 64 -38.10 2.59 -95.03
CA PHE IB 64 -38.72 3.44 -94.03
C PHE IB 64 -39.12 4.78 -94.73
N SER IB 65 -40.23 5.41 -94.32
CA SER IB 65 -41.24 6.02 -95.28
C SER IB 65 -41.71 7.52 -95.16
N TRP IB 66 -42.33 8.13 -96.21
CA TRP IB 66 -43.26 9.29 -95.95
C TRP IB 66 -44.42 8.74 -95.19
N GLY IB 67 -45.00 9.56 -94.34
CA GLY IB 67 -46.36 9.31 -93.94
C GLY IB 67 -47.26 9.65 -95.11
N SER IB 68 -47.21 10.94 -95.47
CA SER IB 68 -48.26 11.58 -96.24
C SER IB 68 -48.24 11.15 -97.68
N GLU IB 69 -47.10 11.35 -98.31
CA GLU IB 69 -46.93 11.01 -99.72
C GLU IB 69 -47.20 9.53 -100.00
N CYS IB 70 -47.03 8.66 -99.00
CA CYS IB 70 -47.33 7.22 -99.10
C CYS IB 70 -46.29 6.47 -99.95
N CYS IB 71 -45.02 6.75 -99.68
CA CYS IB 71 -43.96 5.95 -100.24
C CYS IB 71 -42.95 5.57 -99.18
N THR IB 72 -41.96 4.82 -99.61
CA THR IB 72 -40.90 4.34 -98.75
C THR IB 72 -39.78 3.72 -99.58
N ARG IB 73 -38.98 4.61 -100.13
CA ARG IB 73 -37.72 4.22 -100.70
C ARG IB 73 -36.83 3.64 -99.57
N LYS IB 74 -35.99 2.67 -99.94
CA LYS IB 74 -34.92 2.17 -99.08
C LYS IB 74 -33.74 3.12 -99.14
N THR IB 75 -33.26 3.52 -97.96
CA THR IB 75 -32.37 4.68 -97.86
C THR IB 75 -31.29 4.45 -96.81
N ARG IB 76 -30.12 5.06 -97.05
CA ARG IB 76 -29.05 5.08 -96.06
C ARG IB 76 -29.45 5.87 -94.83
N ILE IB 77 -29.09 5.33 -93.66
CA ILE IB 77 -29.24 6.00 -92.37
C ILE IB 77 -27.92 6.67 -92.12
N ILE IB 78 -27.89 7.98 -92.19
CA ILE IB 78 -26.63 8.66 -92.07
C ILE IB 78 -26.15 8.71 -90.59
N ASP IB 79 -27.03 9.05 -89.63
CA ASP IB 79 -26.56 9.51 -88.29
C ASP IB 79 -27.70 9.67 -87.25
N VAL IB 80 -27.44 9.26 -85.99
CA VAL IB 80 -28.41 9.36 -84.86
C VAL IB 80 -28.43 10.73 -84.18
N VAL IB 81 -29.63 11.16 -83.78
CA VAL IB 81 -29.87 12.52 -83.39
C VAL IB 81 -30.19 12.71 -81.92
N TYR IB 82 -31.42 12.49 -81.43
CA TYR IB 82 -31.55 12.15 -79.99
C TYR IB 82 -32.46 10.93 -79.93
N ASN IB 83 -32.26 10.16 -78.85
CA ASN IB 83 -33.05 9.01 -78.44
C ASN IB 83 -33.60 9.24 -77.07
N ALA IB 84 -34.93 9.25 -76.94
CA ALA IB 84 -35.59 9.77 -75.72
C ALA IB 84 -35.16 9.10 -74.41
N SER IB 85 -34.87 7.82 -74.50
CA SER IB 85 -34.43 7.00 -73.37
C SER IB 85 -33.23 7.62 -72.69
N ASN IB 86 -32.14 7.75 -73.44
CA ASN IB 86 -30.82 7.87 -72.84
C ASN IB 86 -29.80 8.41 -73.85
N ASN IB 87 -28.81 9.13 -73.31
CA ASN IB 87 -27.95 10.03 -74.06
C ASN IB 87 -26.54 9.52 -74.25
N GLU IB 88 -26.32 8.26 -73.95
CA GLU IB 88 -25.20 7.51 -74.50
C GLU IB 88 -25.56 6.97 -75.89
N LEU IB 89 -26.82 6.57 -76.06
CA LEU IB 89 -27.26 5.88 -77.29
C LEU IB 89 -27.29 6.81 -78.49
N VAL IB 90 -27.32 8.10 -78.20
CA VAL IB 90 -27.10 9.12 -79.18
C VAL IB 90 -25.63 9.14 -79.57
N ARG IB 91 -24.76 9.33 -78.58
CA ARG IB 91 -23.36 9.59 -78.79
C ARG IB 91 -22.70 8.40 -79.46
N THR IB 92 -22.94 7.23 -78.91
CA THR IB 92 -22.41 5.99 -79.46
C THR IB 92 -23.01 5.62 -80.83
N LYS IB 93 -24.11 6.28 -81.20
CA LYS IB 93 -24.81 6.06 -82.47
C LYS IB 93 -25.32 4.65 -82.47
N THR IB 94 -26.23 4.43 -81.51
CA THR IB 94 -26.86 3.15 -81.34
C THR IB 94 -28.32 3.29 -81.80
N LEU IB 95 -28.67 2.59 -82.88
CA LEU IB 95 -30.02 2.58 -83.43
C LEU IB 95 -30.92 1.66 -82.63
N VAL IB 96 -31.99 2.20 -82.07
CA VAL IB 96 -32.99 1.37 -81.40
C VAL IB 96 -34.34 1.98 -81.64
N LYS IB 97 -35.37 1.22 -81.31
CA LYS IB 97 -36.73 1.63 -81.58
C LYS IB 97 -37.03 2.99 -80.95
N ASN IB 98 -37.47 3.90 -81.81
CA ASN IB 98 -37.61 5.31 -81.49
C ASN IB 98 -36.28 5.97 -81.21
N CYS IB 99 -35.32 5.74 -82.10
CA CYS IB 99 -34.19 6.65 -82.27
C CYS IB 99 -34.65 7.63 -83.30
N ILE IB 100 -34.21 8.87 -83.18
CA ILE IB 100 -34.39 9.80 -84.27
C ILE IB 100 -33.13 9.82 -85.08
N VAL IB 101 -33.26 9.65 -86.39
CA VAL IB 101 -32.11 9.48 -87.25
C VAL IB 101 -32.18 10.39 -88.47
N LEU IB 102 -31.02 10.87 -88.90
CA LEU IB 102 -30.90 11.51 -90.20
C LEU IB 102 -30.68 10.43 -91.24
N ILE IB 103 -31.17 10.69 -92.44
CA ILE IB 103 -31.21 9.69 -93.52
C ILE IB 103 -30.95 10.37 -94.84
N ASP IB 104 -30.88 9.63 -95.94
CA ASP IB 104 -30.70 10.29 -97.23
C ASP IB 104 -32.06 10.78 -97.73
N SER IB 105 -32.09 12.02 -98.18
CA SER IB 105 -33.28 12.59 -98.76
C SER IB 105 -33.42 12.07 -100.17
N THR IB 106 -32.29 11.84 -100.81
CA THR IB 106 -32.22 11.70 -102.25
C THR IB 106 -33.29 10.81 -102.92
N PRO IB 107 -33.57 9.63 -102.36
CA PRO IB 107 -34.56 8.79 -103.01
C PRO IB 107 -36.01 9.30 -102.89
N TYR IB 108 -36.27 10.19 -101.94
CA TYR IB 108 -37.57 10.84 -101.83
C TYR IB 108 -37.70 12.05 -102.76
N ARG IB 109 -36.66 12.86 -102.84
CA ARG IB 109 -36.57 13.89 -103.86
C ARG IB 109 -37.01 13.23 -105.16
N GLN IB 110 -36.25 12.22 -105.58
CA GLN IB 110 -36.42 11.66 -106.92
C GLN IB 110 -37.60 10.68 -107.07
N TRP IB 111 -38.74 11.00 -106.43
CA TRP IB 111 -40.01 10.82 -107.15
C TRP IB 111 -41.12 11.88 -106.97
N TYR IB 112 -40.87 13.03 -106.35
CA TYR IB 112 -41.66 14.20 -106.74
C TYR IB 112 -41.23 14.41 -108.15
N GLU IB 113 -39.90 14.48 -108.30
CA GLU IB 113 -39.29 14.98 -109.50
C GLU IB 113 -39.61 14.04 -110.68
N SER IB 114 -40.07 12.82 -110.40
CA SER IB 114 -40.90 12.03 -111.35
C SER IB 114 -42.35 12.50 -111.32
N HIS IB 115 -42.98 12.35 -110.16
CA HIS IB 115 -44.44 12.43 -110.05
C HIS IB 115 -45.03 13.80 -110.37
N TYR IB 116 -44.76 14.79 -109.53
CA TYR IB 116 -45.36 16.13 -109.68
C TYR IB 116 -44.47 17.13 -110.42
N ALA IB 117 -43.19 16.80 -110.47
CA ALA IB 117 -42.24 17.44 -111.34
C ALA IB 117 -41.93 18.88 -110.93
N LEU IB 118 -41.68 19.06 -109.64
CA LEU IB 118 -41.37 20.36 -109.09
C LEU IB 118 -40.21 20.16 -108.12
N PRO IB 119 -39.22 21.07 -108.15
CA PRO IB 119 -37.98 20.83 -107.38
C PRO IB 119 -38.04 20.93 -105.85
N LEU IB 120 -36.90 20.58 -105.22
CA LEU IB 120 -36.63 20.81 -103.80
C LEU IB 120 -35.32 21.55 -103.53
N GLY IB 121 -35.23 22.08 -102.31
CA GLY IB 121 -34.19 23.03 -101.92
C GLY IB 121 -34.45 24.32 -102.69
N ARG IB 122 -33.39 24.93 -103.19
CA ARG IB 122 -33.50 25.94 -104.26
C ARG IB 122 -32.13 26.03 -104.91
N LYS IB 123 -32.14 26.15 -106.24
CA LYS IB 123 -30.90 26.20 -107.00
C LYS IB 123 -31.02 27.19 -108.16
N LYS IB 124 -29.86 27.56 -108.71
CA LYS IB 124 -29.77 28.59 -109.75
C LYS IB 124 -30.21 28.04 -111.09
N GLY IB 125 -29.57 26.96 -111.52
CA GLY IB 125 -29.90 26.27 -112.78
C GLY IB 125 -28.77 25.40 -113.30
N ALA IB 126 -28.32 24.47 -112.46
CA ALA IB 126 -27.16 23.62 -112.77
C ALA IB 126 -27.59 22.16 -112.96
N LYS IB 127 -28.24 21.59 -111.94
CA LYS IB 127 -28.88 20.26 -112.03
C LYS IB 127 -30.28 20.40 -112.63
N LEU IB 128 -30.99 21.45 -112.21
CA LEU IB 128 -32.41 21.61 -112.52
C LEU IB 128 -32.65 21.67 -114.02
N THR IB 129 -31.95 22.59 -114.69
CA THR IB 129 -32.16 22.83 -116.13
C THR IB 129 -31.82 21.65 -117.08
N PRO IB 130 -30.73 20.88 -116.83
CA PRO IB 130 -30.51 19.68 -117.69
C PRO IB 130 -31.40 18.47 -117.41
N GLU IB 131 -31.81 18.26 -116.15
CA GLU IB 131 -32.46 17.01 -115.74
C GLU IB 131 -33.96 17.11 -115.40
N GLU IB 132 -34.42 18.14 -114.68
CA GLU IB 132 -35.87 18.28 -114.37
C GLU IB 132 -36.69 18.38 -115.65
N GLU IB 133 -36.29 19.30 -116.53
CA GLU IB 133 -36.93 19.46 -117.84
C GLU IB 133 -36.72 18.22 -118.74
N GLU IB 134 -35.64 17.47 -118.49
CA GLU IB 134 -35.46 16.11 -119.04
C GLU IB 134 -36.50 15.14 -118.45
N ILE IB 135 -36.94 15.38 -117.22
CA ILE IB 135 -38.13 14.72 -116.67
C ILE IB 135 -39.43 15.36 -117.22
N LEU IB 136 -39.47 16.69 -117.33
CA LEU IB 136 -40.59 17.41 -117.96
C LEU IB 136 -40.54 17.30 -119.51
N ASN IB 137 -40.31 18.42 -120.20
CA ASN IB 137 -40.49 18.58 -121.66
C ASN IB 137 -41.22 17.43 -122.38
N LYS IB 138 -42.52 17.57 -122.53
CA LYS IB 138 -43.36 16.49 -123.05
C LYS IB 138 -43.42 16.51 -124.56
N LYS IB 139 -43.46 15.31 -125.15
CA LYS IB 139 -43.92 15.08 -126.53
C LYS IB 139 -45.11 14.08 -126.57
N ARG IB 140 -45.72 13.83 -125.41
CA ARG IB 140 -46.97 13.06 -125.29
C ARG IB 140 -48.12 14.06 -124.97
N SER IB 141 -47.94 14.85 -123.92
CA SER IB 141 -48.85 15.96 -123.52
C SER IB 141 -50.32 15.53 -123.34
N LYS IB 142 -51.24 16.50 -123.34
CA LYS IB 142 -52.70 16.27 -123.35
C LYS IB 142 -53.20 15.43 -122.16
N LYS IB 143 -52.96 14.11 -122.22
CA LYS IB 143 -53.27 13.20 -121.12
C LYS IB 143 -52.42 13.49 -119.90
N ILE IB 144 -51.11 13.56 -120.10
CA ILE IB 144 -50.19 13.74 -118.96
C ILE IB 144 -50.20 15.11 -118.33
N GLN IB 145 -50.23 16.15 -119.15
CA GLN IB 145 -50.25 17.51 -118.63
C GLN IB 145 -51.47 17.71 -117.75
N LYS IB 146 -52.63 17.31 -118.25
CA LYS IB 146 -53.84 17.15 -117.43
C LYS IB 146 -53.55 16.30 -116.16
N LYS IB 147 -52.83 15.18 -116.31
CA LYS IB 147 -52.50 14.28 -115.16
C LYS IB 147 -51.66 14.88 -114.03
N TYR IB 148 -50.50 15.52 -114.30
CA TYR IB 148 -49.76 16.18 -113.17
C TYR IB 148 -49.94 17.74 -113.21
N ASP IB 149 -51.09 18.14 -113.74
CA ASP IB 149 -51.85 19.31 -113.27
C ASP IB 149 -53.09 18.88 -112.47
N GLU IB 150 -53.53 17.62 -112.59
CA GLU IB 150 -54.46 17.00 -111.62
C GLU IB 150 -53.69 16.59 -110.35
N ARG IB 151 -52.44 16.14 -110.50
CA ARG IB 151 -51.46 16.20 -109.41
C ARG IB 151 -51.12 17.68 -109.26
N LYS IB 152 -51.99 18.32 -108.50
CA LYS IB 152 -52.28 19.73 -108.57
C LYS IB 152 -51.30 20.48 -107.68
N LYS IB 153 -51.71 21.67 -107.29
CA LYS IB 153 -51.47 22.19 -105.94
C LYS IB 153 -51.79 21.08 -104.94
N ASN IB 154 -50.80 20.72 -104.13
CA ASN IB 154 -50.71 19.48 -103.30
C ASN IB 154 -49.62 18.52 -103.82
N ALA IB 155 -48.82 19.03 -104.75
CA ALA IB 155 -47.42 18.66 -104.85
C ALA IB 155 -46.66 19.57 -103.88
N LYS IB 156 -47.15 19.60 -102.64
CA LYS IB 156 -46.81 20.61 -101.65
C LYS IB 156 -46.16 19.91 -100.49
N ILE IB 157 -45.36 20.67 -99.77
CA ILE IB 157 -44.62 20.14 -98.66
C ILE IB 157 -44.69 21.21 -97.57
N SER IB 158 -44.60 20.77 -96.33
CA SER IB 158 -44.44 21.68 -95.21
C SER IB 158 -43.04 22.30 -95.29
N SER IB 159 -42.95 23.60 -94.96
CA SER IB 159 -41.68 24.33 -94.91
C SER IB 159 -40.58 23.55 -94.20
N LEU IB 160 -40.98 22.93 -93.08
CA LEU IB 160 -40.08 22.14 -92.21
C LEU IB 160 -39.36 21.01 -92.94
N LEU IB 161 -40.10 20.31 -93.80
CA LEU IB 161 -39.47 19.31 -94.65
C LEU IB 161 -38.70 20.00 -95.76
N GLU IB 162 -39.40 20.87 -96.49
CA GLU IB 162 -38.83 21.61 -97.62
C GLU IB 162 -37.40 22.03 -97.32
N GLU IB 163 -37.24 22.62 -96.14
CA GLU IB 163 -35.94 22.93 -95.56
C GLU IB 163 -34.97 21.77 -95.72
N GLN IB 164 -35.20 20.70 -94.96
CA GLN IB 164 -34.27 19.56 -94.86
C GLN IB 164 -33.72 19.03 -96.18
N PHE IB 165 -34.57 19.07 -97.21
CA PHE IB 165 -34.16 18.61 -98.52
C PHE IB 165 -33.06 19.46 -99.17
N GLN IB 166 -32.93 20.73 -98.80
CA GLN IB 166 -31.71 21.49 -99.13
C GLN IB 166 -30.49 20.63 -98.75
N GLN IB 167 -30.57 20.08 -97.54
CA GLN IB 167 -29.44 19.46 -96.88
C GLN IB 167 -29.23 18.04 -97.35
N GLY IB 168 -30.29 17.42 -97.89
CA GLY IB 168 -30.19 16.05 -98.39
C GLY IB 168 -30.14 15.06 -97.24
N LYS IB 169 -30.81 15.41 -96.14
CA LYS IB 169 -30.94 14.56 -94.96
C LYS IB 169 -32.32 14.76 -94.38
N LEU IB 170 -33.03 13.68 -94.09
CA LEU IB 170 -34.33 13.79 -93.43
C LEU IB 170 -34.34 13.24 -92.01
N LEU IB 171 -35.25 13.80 -91.18
CA LEU IB 171 -35.46 13.31 -89.83
C LEU IB 171 -36.48 12.22 -89.91
N ALA IB 172 -36.16 11.12 -89.29
CA ALA IB 172 -37.02 9.98 -89.28
C ALA IB 172 -36.83 9.29 -87.96
N CYS IB 173 -37.70 8.34 -87.68
CA CYS IB 173 -37.67 7.64 -86.43
C CYS IB 173 -37.82 6.15 -86.65
N ILE IB 174 -37.00 5.39 -85.95
CA ILE IB 174 -37.00 3.94 -86.09
C ILE IB 174 -38.27 3.40 -85.44
N ALA IB 175 -38.96 2.49 -86.13
CA ALA IB 175 -40.12 1.77 -85.57
C ALA IB 175 -39.98 0.23 -85.52
N SER IB 176 -38.96 -0.34 -86.18
CA SER IB 176 -38.58 -1.73 -85.95
C SER IB 176 -37.63 -1.86 -84.74
N ARG IB 177 -37.33 -3.09 -84.33
CA ARG IB 177 -36.27 -3.38 -83.35
C ARG IB 177 -35.04 -3.92 -84.08
N PRO IB 178 -34.04 -3.09 -84.29
CA PRO IB 178 -32.85 -3.59 -84.93
C PRO IB 178 -32.30 -4.88 -84.32
N GLY IB 179 -32.36 -4.99 -83.00
CA GLY IB 179 -31.83 -6.17 -82.31
C GLY IB 179 -32.67 -7.42 -82.42
N GLN IB 180 -33.98 -7.23 -82.56
CA GLN IB 180 -34.95 -8.33 -82.65
C GLN IB 180 -35.22 -8.69 -84.14
N CYS IB 181 -35.62 -7.67 -84.88
CA CYS IB 181 -36.03 -7.74 -86.27
C CYS IB 181 -34.90 -8.10 -87.21
N GLY IB 182 -33.88 -7.24 -87.26
CA GLY IB 182 -32.82 -7.31 -88.29
C GLY IB 182 -32.76 -6.12 -89.23
N ARG IB 183 -33.63 -5.14 -89.04
CA ARG IB 183 -33.74 -3.98 -89.93
C ARG IB 183 -33.93 -2.74 -89.11
N ALA IB 184 -33.75 -1.59 -89.77
CA ALA IB 184 -33.94 -0.29 -89.12
C ALA IB 184 -35.03 0.51 -89.85
N ASP IB 185 -36.25 -0.01 -89.72
CA ASP IB 185 -37.41 0.47 -90.43
C ASP IB 185 -38.12 1.53 -89.58
N GLY IB 186 -38.96 2.37 -90.20
CA GLY IB 186 -39.39 3.68 -89.64
C GLY IB 186 -40.32 4.54 -90.51
N TYR IB 187 -40.65 5.74 -90.02
CA TYR IB 187 -41.43 6.76 -90.78
C TYR IB 187 -40.57 8.00 -90.82
N VAL IB 188 -40.93 8.95 -91.69
CA VAL IB 188 -40.31 10.27 -91.70
C VAL IB 188 -41.06 11.11 -90.70
N LEU IB 189 -40.31 11.88 -89.90
CA LEU IB 189 -40.90 12.81 -88.95
C LEU IB 189 -41.48 13.96 -89.74
N GLU IB 190 -42.79 14.12 -89.61
CA GLU IB 190 -43.58 14.83 -90.57
C GLU IB 190 -44.65 15.59 -89.82
N GLY IB 191 -44.55 16.91 -89.85
CA GLY IB 191 -45.56 17.79 -89.24
C GLY IB 191 -45.39 18.05 -87.75
N LYS IB 192 -46.28 17.46 -86.97
CA LYS IB 192 -46.28 17.71 -85.55
C LYS IB 192 -45.08 17.00 -84.93
N GLU IB 193 -44.99 15.68 -85.06
CA GLU IB 193 -43.78 14.92 -84.66
C GLU IB 193 -42.58 15.83 -84.85
N LEU IB 194 -42.36 16.21 -86.11
CA LEU IB 194 -41.15 16.88 -86.53
C LEU IB 194 -40.83 18.14 -85.73
N GLU IB 195 -41.82 18.73 -85.06
CA GLU IB 195 -41.56 19.96 -84.34
C GLU IB 195 -41.05 19.88 -82.88
N PHE IB 196 -41.22 18.80 -82.07
CA PHE IB 196 -40.42 18.88 -80.79
C PHE IB 196 -39.08 18.70 -81.40
N TYR IB 197 -38.92 17.54 -82.03
CA TYR IB 197 -37.66 16.87 -82.07
C TYR IB 197 -36.55 17.83 -82.53
N LEU IB 198 -36.91 18.71 -83.45
CA LEU IB 198 -36.13 19.91 -83.73
C LEU IB 198 -35.91 20.76 -82.46
N ARG IB 199 -37.00 21.22 -81.86
CA ARG IB 199 -36.96 21.97 -80.59
C ARG IB 199 -36.28 21.25 -79.42
N LYS IB 200 -36.28 19.92 -79.41
CA LYS IB 200 -35.44 19.16 -78.48
C LYS IB 200 -34.00 19.33 -78.85
N ILE IB 201 -33.68 19.09 -80.11
CA ILE IB 201 -32.30 19.21 -80.58
C ILE IB 201 -31.75 20.62 -80.30
N LYS IB 202 -32.52 21.63 -80.69
CA LYS IB 202 -32.18 23.03 -80.45
C LYS IB 202 -31.96 23.35 -78.96
N ALA IB 203 -32.91 22.97 -78.11
CA ALA IB 203 -32.81 23.22 -76.66
C ALA IB 203 -31.66 22.41 -76.03
N ARG IB 204 -31.38 21.24 -76.58
CA ARG IB 204 -30.32 20.36 -76.06
C ARG IB 204 -28.93 20.97 -76.24
N LYS IB 205 -28.59 21.28 -77.48
CA LYS IB 205 -27.32 21.94 -77.79
C LYS IB 205 -27.22 23.37 -77.19
N GLY IB 206 -28.37 24.03 -76.97
CA GLY IB 206 -28.43 25.32 -76.26
C GLY IB 206 -28.69 26.48 -77.19
N PRO JB 1 -44.80 -47.67 -57.68
CA PRO JB 1 -46.13 -47.50 -58.27
C PRO JB 1 -47.02 -48.75 -58.25
N VAL JB 2 -46.54 -49.85 -58.83
CA VAL JB 2 -47.18 -51.20 -58.79
C VAL JB 2 -48.72 -51.34 -59.01
N ALA JB 3 -49.18 -52.56 -59.28
CA ALA JB 3 -50.61 -52.84 -59.45
C ALA JB 3 -51.28 -52.94 -58.06
N ARG JB 4 -51.68 -54.14 -57.60
CA ARG JB 4 -52.10 -54.39 -56.20
C ARG JB 4 -53.35 -53.61 -55.69
N SER JB 5 -53.75 -53.84 -54.43
CA SER JB 5 -55.12 -53.63 -53.97
C SER JB 5 -55.34 -52.56 -52.87
N TRP JB 6 -54.70 -52.76 -51.70
CA TRP JB 6 -54.92 -52.00 -50.42
C TRP JB 6 -56.37 -52.10 -49.96
N VAL JB 7 -57.03 -50.99 -49.68
CA VAL JB 7 -58.42 -51.02 -49.17
C VAL JB 7 -58.73 -52.14 -48.17
N CYS JB 8 -57.77 -52.48 -47.32
CA CYS JB 8 -57.95 -53.50 -46.30
C CYS JB 8 -58.41 -52.76 -45.05
N ARG JB 9 -59.51 -53.23 -44.47
CA ARG JB 9 -60.12 -52.59 -43.30
C ARG JB 9 -60.72 -53.64 -42.40
N LYS JB 10 -60.75 -53.36 -41.11
CA LYS JB 10 -61.14 -54.35 -40.11
C LYS JB 10 -62.60 -54.72 -40.20
N THR JB 11 -62.87 -55.91 -39.69
CA THR JB 11 -64.19 -56.50 -39.70
C THR JB 11 -64.83 -56.40 -38.34
N TYR JB 12 -64.18 -55.68 -37.43
CA TYR JB 12 -64.59 -55.77 -36.04
C TYR JB 12 -64.17 -54.59 -35.18
N VAL JB 13 -64.74 -54.54 -33.98
CA VAL JB 13 -64.32 -53.59 -32.96
C VAL JB 13 -64.20 -54.31 -31.64
N THR JB 14 -63.15 -53.99 -30.90
CA THR JB 14 -62.97 -54.48 -29.54
C THR JB 14 -63.77 -53.58 -28.59
N PRO JB 15 -64.22 -54.11 -27.45
CA PRO JB 15 -65.02 -53.30 -26.49
C PRO JB 15 -64.19 -52.26 -25.74
N ARG JB 16 -64.79 -51.13 -25.33
CA ARG JB 16 -64.04 -50.12 -24.57
C ARG JB 16 -63.85 -50.52 -23.10
N ARG JB 17 -64.96 -50.64 -22.38
CA ARG JB 17 -64.97 -50.92 -20.94
C ARG JB 17 -64.57 -52.43 -20.85
N PRO JB 18 -63.24 -52.72 -20.75
CA PRO JB 18 -62.57 -53.91 -21.32
C PRO JB 18 -62.96 -55.23 -20.74
N PHE JB 19 -63.42 -55.20 -19.49
CA PHE JB 19 -64.03 -56.38 -18.89
C PHE JB 19 -64.99 -56.00 -17.76
N GLU JB 20 -66.22 -55.78 -18.21
CA GLU JB 20 -67.34 -55.36 -17.39
C GLU JB 20 -67.76 -56.48 -16.45
N LYS JB 21 -67.73 -57.73 -16.96
CA LYS JB 21 -68.37 -58.94 -16.38
C LYS JB 21 -69.69 -59.20 -17.09
N SER JB 22 -70.64 -58.27 -16.93
CA SER JB 22 -71.95 -58.35 -17.57
C SER JB 22 -71.81 -58.59 -19.07
N ARG JB 23 -70.93 -57.81 -19.69
CA ARG JB 23 -70.61 -57.95 -21.12
C ARG JB 23 -69.98 -59.29 -21.42
N LEU JB 24 -69.06 -59.73 -20.57
CA LEU JB 24 -68.46 -61.05 -20.73
C LEU JB 24 -69.50 -62.13 -20.56
N ASP JB 25 -70.35 -61.96 -19.55
CA ASP JB 25 -71.32 -62.96 -19.24
C ASP JB 25 -72.46 -63.05 -20.28
N GLN JB 26 -72.67 -62.01 -21.09
CA GLN JB 26 -73.46 -62.15 -22.31
C GLN JB 26 -72.66 -62.88 -23.37
N GLU JB 27 -71.53 -62.28 -23.74
CA GLU JB 27 -70.76 -62.72 -24.90
C GLU JB 27 -70.26 -64.15 -24.79
N LEU JB 28 -70.29 -64.74 -23.59
CA LEU JB 28 -69.99 -66.15 -23.46
C LEU JB 28 -71.16 -67.01 -23.88
N LYS JB 29 -72.34 -66.71 -23.34
CA LYS JB 29 -73.55 -67.42 -23.78
C LYS JB 29 -73.51 -67.62 -25.28
N LEU JB 30 -73.35 -66.51 -25.99
CA LEU JB 30 -73.38 -66.50 -27.44
C LEU JB 30 -72.38 -67.49 -28.05
N ILE JB 31 -71.22 -67.61 -27.43
CA ILE JB 31 -70.23 -68.55 -27.90
C ILE JB 31 -70.67 -69.99 -27.70
N GLY JB 32 -71.30 -70.30 -26.58
CA GLY JB 32 -71.75 -71.67 -26.35
C GLY JB 32 -73.04 -71.94 -27.10
N GLU JB 33 -74.05 -71.11 -26.82
CA GLU JB 33 -75.40 -71.20 -27.41
C GLU JB 33 -75.28 -71.66 -28.83
N TYR JB 34 -74.41 -70.96 -29.54
CA TYR JB 34 -73.99 -71.41 -30.85
C TYR JB 34 -72.49 -71.53 -30.86
N GLY JB 35 -71.97 -72.69 -31.26
CA GLY JB 35 -70.58 -73.08 -31.03
C GLY JB 35 -69.57 -72.24 -31.77
N LEU JB 36 -69.23 -71.09 -31.19
CA LEU JB 36 -68.45 -70.07 -31.88
C LEU JB 36 -66.97 -70.30 -31.64
N ARG JB 37 -66.16 -69.82 -32.57
CA ARG JB 37 -64.73 -70.20 -32.71
C ARG JB 37 -63.81 -69.64 -31.61
N ASN JB 38 -64.34 -68.71 -30.83
CA ASN JB 38 -63.57 -67.62 -30.32
C ASN JB 38 -64.55 -66.48 -29.87
N LYS JB 39 -64.06 -65.51 -29.10
CA LYS JB 39 -64.85 -64.31 -28.75
C LYS JB 39 -65.03 -63.25 -29.87
N ARG JB 40 -63.94 -62.81 -30.49
CA ARG JB 40 -63.92 -61.91 -31.69
C ARG JB 40 -65.11 -62.14 -32.60
N GLU JB 41 -65.29 -63.40 -32.97
CA GLU JB 41 -66.39 -63.82 -33.86
C GLU JB 41 -67.77 -63.26 -33.48
N VAL JB 42 -67.98 -62.98 -32.19
CA VAL JB 42 -69.13 -62.19 -31.78
C VAL JB 42 -68.92 -60.80 -32.30
N TRP JB 43 -67.83 -60.12 -31.88
CA TRP JB 43 -67.70 -58.67 -32.15
C TRP JB 43 -67.41 -58.40 -33.63
N ARG JB 44 -67.36 -59.46 -34.43
CA ARG JB 44 -67.55 -59.35 -35.88
C ARG JB 44 -68.97 -59.00 -36.20
N VAL JB 45 -69.87 -59.82 -35.69
CA VAL JB 45 -71.28 -59.68 -35.95
C VAL JB 45 -71.80 -58.44 -35.23
N LYS JB 46 -71.31 -58.23 -34.02
CA LYS JB 46 -71.50 -57.00 -33.30
C LYS JB 46 -71.11 -55.80 -34.17
N PHE JB 47 -69.87 -55.76 -34.70
CA PHE JB 47 -69.49 -54.64 -35.58
C PHE JB 47 -70.45 -54.63 -36.81
N THR JB 48 -70.73 -55.76 -37.46
CA THR JB 48 -71.55 -55.72 -38.72
C THR JB 48 -72.94 -55.15 -38.47
N LEU JB 49 -73.56 -55.56 -37.37
CA LEU JB 49 -74.89 -55.05 -37.07
C LEU JB 49 -74.83 -53.53 -36.83
N ALA JB 50 -73.88 -53.08 -36.01
CA ALA JB 50 -73.75 -51.65 -35.72
C ALA JB 50 -73.61 -50.83 -37.01
N LYS JB 51 -72.95 -51.36 -38.04
CA LYS JB 51 -72.99 -50.71 -39.35
C LYS JB 51 -74.45 -50.47 -39.75
N ILE JB 52 -75.19 -51.58 -39.88
CA ILE JB 52 -76.55 -51.58 -40.41
C ILE JB 52 -77.34 -50.56 -39.65
N ARG JB 53 -77.37 -50.72 -38.33
CA ARG JB 53 -78.14 -49.83 -37.47
C ARG JB 53 -77.78 -48.35 -37.61
N LYS JB 54 -76.51 -48.05 -37.90
CA LYS JB 54 -76.09 -46.67 -38.15
C LYS JB 54 -76.42 -46.22 -39.60
N ALA JB 55 -76.42 -47.17 -40.54
CA ALA JB 55 -76.91 -46.91 -41.90
C ALA JB 55 -78.39 -46.57 -41.85
N ALA JB 56 -79.15 -47.42 -41.17
CA ALA JB 56 -80.57 -47.16 -40.97
C ALA JB 56 -80.77 -45.80 -40.30
N ARG JB 57 -80.15 -45.61 -39.14
CA ARG JB 57 -80.28 -44.34 -38.39
C ARG JB 57 -79.88 -43.10 -39.20
N GLU JB 58 -78.88 -43.24 -40.06
CA GLU JB 58 -78.53 -42.22 -41.07
C GLU JB 58 -79.76 -41.79 -41.91
N LEU JB 59 -80.57 -42.78 -42.31
CA LEU JB 59 -81.77 -42.53 -43.11
C LEU JB 59 -82.90 -41.91 -42.30
N LEU JB 60 -83.10 -42.32 -41.05
CA LEU JB 60 -84.19 -41.79 -40.20
C LEU JB 60 -84.13 -40.27 -39.89
N THR JB 61 -82.98 -39.66 -40.13
CA THR JB 61 -82.82 -38.21 -40.06
C THR JB 61 -83.33 -37.48 -41.32
N LEU JB 62 -83.33 -38.16 -42.46
CA LEU JB 62 -83.81 -37.57 -43.70
C LEU JB 62 -85.33 -37.40 -43.69
N ASP JB 63 -85.79 -36.35 -44.38
CA ASP JB 63 -87.21 -36.22 -44.74
C ASP JB 63 -87.63 -37.43 -45.62
N GLU JB 64 -88.92 -37.81 -45.56
CA GLU JB 64 -89.47 -38.92 -46.36
C GLU JB 64 -89.55 -38.53 -47.84
N LYS JB 65 -90.02 -39.44 -48.70
CA LYS JB 65 -90.22 -39.12 -50.13
C LYS JB 65 -89.00 -38.44 -50.78
N ASP JB 66 -87.80 -38.81 -50.32
CA ASP JB 66 -86.55 -38.20 -50.76
C ASP JB 66 -85.73 -39.33 -51.43
N PRO JB 67 -85.25 -39.10 -52.67
CA PRO JB 67 -84.74 -40.16 -53.55
C PRO JB 67 -83.84 -41.18 -52.89
N ARG JB 68 -82.96 -40.72 -52.00
CA ARG JB 68 -82.05 -41.60 -51.27
C ARG JB 68 -82.79 -42.59 -50.36
N ARG JB 69 -83.50 -42.04 -49.34
CA ARG JB 69 -84.21 -42.84 -48.33
C ARG JB 69 -84.88 -44.06 -48.97
N LEU JB 70 -85.68 -43.79 -50.00
CA LEU JB 70 -86.53 -44.78 -50.66
C LEU JB 70 -85.67 -45.85 -51.31
N PHE JB 71 -84.63 -45.40 -51.99
CA PHE JB 71 -83.73 -46.29 -52.70
C PHE JB 71 -82.83 -47.09 -51.77
N GLU JB 72 -82.01 -46.38 -51.01
CA GLU JB 72 -81.05 -47.01 -50.10
C GLU JB 72 -81.77 -47.90 -49.11
N GLY JB 73 -82.96 -47.45 -48.70
CA GLY JB 73 -83.82 -48.19 -47.79
C GLY JB 73 -84.21 -49.54 -48.32
N ASN JB 74 -84.89 -49.55 -49.47
CA ASN JB 74 -85.28 -50.82 -50.09
C ASN JB 74 -84.08 -51.71 -50.25
N ALA JB 75 -83.08 -51.22 -50.99
CA ALA JB 75 -81.82 -51.95 -51.14
C ALA JB 75 -81.38 -52.59 -49.81
N LEU JB 76 -81.33 -51.79 -48.73
CA LEU JB 76 -80.88 -52.27 -47.41
C LEU JB 76 -81.78 -53.33 -46.79
N LEU JB 77 -83.08 -53.12 -46.93
CA LEU JB 77 -84.05 -54.05 -46.40
C LEU JB 77 -84.00 -55.35 -47.16
N ARG JB 78 -84.11 -55.25 -48.48
CA ARG JB 78 -83.97 -56.42 -49.33
C ARG JB 78 -82.78 -57.21 -48.87
N ARG JB 79 -81.61 -56.56 -48.74
CA ARG JB 79 -80.36 -57.26 -48.32
C ARG JB 79 -80.49 -58.08 -47.04
N LEU JB 80 -81.36 -57.65 -46.13
CA LEU JB 80 -81.65 -58.38 -44.89
C LEU JB 80 -82.62 -59.56 -45.07
N VAL JB 81 -83.66 -59.37 -45.89
CA VAL JB 81 -84.68 -60.42 -46.14
C VAL JB 81 -84.02 -61.53 -46.93
N ARG JB 82 -83.39 -61.11 -48.01
CA ARG JB 82 -82.44 -61.86 -48.79
C ARG JB 82 -81.63 -62.89 -47.98
N ILE JB 83 -81.09 -62.51 -46.82
CA ILE JB 83 -80.38 -63.45 -45.90
C ILE JB 83 -81.23 -64.01 -44.75
N GLY JB 84 -82.46 -63.52 -44.63
CA GLY JB 84 -83.50 -64.20 -43.88
C GLY JB 84 -83.60 -63.72 -42.46
N VAL JB 85 -83.70 -62.40 -42.30
CA VAL JB 85 -83.72 -61.77 -40.98
C VAL JB 85 -85.03 -61.00 -40.75
N LEU JB 86 -85.26 -59.97 -41.55
CA LEU JB 86 -86.58 -59.37 -41.64
C LEU JB 86 -87.39 -60.33 -42.51
N ASP JB 87 -88.70 -60.36 -42.29
CA ASP JB 87 -89.52 -61.43 -42.83
C ASP JB 87 -90.65 -60.86 -43.69
N GLU JB 88 -91.19 -61.70 -44.55
CA GLU JB 88 -92.47 -61.48 -45.26
C GLU JB 88 -92.70 -60.16 -46.00
N GLY JB 89 -91.70 -59.28 -46.02
CA GLY JB 89 -91.96 -57.87 -46.27
C GLY JB 89 -92.39 -57.20 -44.99
N LYS JB 90 -91.47 -57.18 -44.04
CA LYS JB 90 -91.54 -56.34 -42.86
C LYS JB 90 -91.07 -54.95 -43.30
N MET JB 91 -90.00 -54.98 -44.10
CA MET JB 91 -89.60 -53.93 -45.04
C MET JB 91 -90.27 -52.57 -44.88
N LYS JB 92 -89.99 -51.94 -43.75
CA LYS JB 92 -90.06 -50.48 -43.66
C LYS JB 92 -89.18 -49.92 -42.53
N LEU JB 93 -87.93 -50.37 -42.52
CA LEU JB 93 -86.79 -49.57 -42.07
C LEU JB 93 -86.67 -49.31 -40.57
N ASP JB 94 -87.63 -48.62 -39.99
CA ASP JB 94 -87.58 -48.25 -38.55
C ASP JB 94 -87.32 -49.53 -37.76
N TYR JB 95 -88.20 -50.49 -37.98
CA TYR JB 95 -88.01 -51.89 -37.62
C TYR JB 95 -86.60 -52.48 -37.60
N ILE JB 96 -85.76 -52.14 -38.59
CA ILE JB 96 -84.36 -52.61 -38.62
C ILE JB 96 -83.73 -52.41 -37.27
N LEU JB 97 -83.94 -51.22 -36.69
CA LEU JB 97 -83.36 -50.86 -35.40
C LEU JB 97 -83.65 -51.90 -34.33
N GLY JB 98 -84.91 -52.32 -34.23
CA GLY JB 98 -85.31 -53.39 -33.30
C GLY JB 98 -84.87 -54.73 -33.85
N LEU JB 99 -83.66 -55.15 -33.49
CA LEU JB 99 -83.03 -56.31 -34.11
C LEU JB 99 -81.72 -56.56 -33.39
N LYS JB 100 -81.42 -57.80 -33.04
CA LYS JB 100 -80.25 -58.09 -32.21
C LYS JB 100 -79.34 -59.17 -32.82
N ILE JB 101 -78.19 -59.38 -32.17
CA ILE JB 101 -77.13 -60.24 -32.68
C ILE JB 101 -77.62 -61.62 -33.03
N GLU JB 102 -78.34 -62.22 -32.09
CA GLU JB 102 -78.90 -63.58 -32.22
C GLU JB 102 -79.22 -63.91 -33.69
N ASP JB 103 -79.84 -62.96 -34.38
CA ASP JB 103 -80.23 -63.10 -35.80
C ASP JB 103 -79.09 -63.43 -36.81
N PHE JB 104 -78.06 -62.57 -36.94
CA PHE JB 104 -76.95 -62.81 -37.94
C PHE JB 104 -76.05 -63.95 -37.44
N LEU JB 105 -76.33 -64.47 -36.25
CA LEU JB 105 -75.81 -65.77 -35.82
C LEU JB 105 -76.68 -66.92 -36.32
N GLU JB 106 -77.99 -66.82 -36.13
CA GLU JB 106 -78.94 -67.89 -36.53
C GLU JB 106 -78.90 -68.24 -38.00
N ARG JB 107 -78.42 -67.30 -38.82
CA ARG JB 107 -78.30 -67.49 -40.24
C ARG JB 107 -76.88 -67.75 -40.70
N ARG JB 108 -75.95 -67.98 -39.78
CA ARG JB 108 -74.65 -68.56 -40.14
C ARG JB 108 -74.86 -70.01 -40.57
N LEU JB 109 -73.95 -70.50 -41.40
CA LEU JB 109 -74.06 -71.86 -41.93
C LEU JB 109 -74.10 -72.86 -40.76
N GLN JB 110 -73.08 -72.79 -39.91
CA GLN JB 110 -72.95 -73.64 -38.71
C GLN JB 110 -74.26 -73.96 -38.03
N THR JB 111 -75.04 -72.92 -37.73
CA THR JB 111 -76.30 -73.11 -37.02
C THR JB 111 -77.25 -73.94 -37.91
N GLN JB 112 -77.38 -73.50 -39.16
CA GLN JB 112 -78.24 -74.18 -40.15
C GLN JB 112 -77.70 -75.49 -40.68
N VAL JB 113 -76.64 -76.01 -40.08
CA VAL JB 113 -76.36 -77.43 -40.21
C VAL JB 113 -77.27 -78.20 -39.26
N PHE JB 114 -77.18 -78.03 -37.93
CA PHE JB 114 -78.11 -78.84 -37.09
C PHE JB 114 -79.55 -78.36 -37.06
N LYS JB 115 -79.79 -77.09 -37.41
CA LYS JB 115 -81.18 -76.60 -37.54
C LYS JB 115 -81.92 -77.46 -38.59
N LEU JB 116 -81.19 -77.91 -39.60
CA LEU JB 116 -81.69 -78.86 -40.57
C LEU JB 116 -81.11 -80.25 -40.33
N GLY JB 117 -81.19 -80.71 -39.08
CA GLY JB 117 -80.83 -82.10 -38.69
C GLY JB 117 -79.39 -82.53 -38.92
N LEU JB 118 -79.08 -82.73 -40.19
CA LEU JB 118 -77.73 -82.83 -40.78
C LEU JB 118 -76.54 -83.12 -39.87
N ALA JB 119 -76.24 -82.22 -38.94
CA ALA JB 119 -75.09 -82.38 -38.05
C ALA JB 119 -75.34 -83.44 -36.98
N LYS JB 120 -75.93 -83.03 -35.84
CA LYS JB 120 -75.98 -83.79 -34.57
C LYS JB 120 -75.02 -83.12 -33.59
N SER JB 121 -75.54 -82.10 -32.89
CA SER JB 121 -74.78 -81.24 -31.95
C SER JB 121 -74.02 -80.14 -32.67
N ILE JB 122 -74.07 -78.94 -32.09
CA ILE JB 122 -73.58 -77.71 -32.76
C ILE JB 122 -72.14 -77.74 -33.23
N HIS JB 123 -71.30 -78.53 -32.59
CA HIS JB 123 -69.87 -78.48 -32.88
C HIS JB 123 -69.52 -79.41 -34.05
N HIS JB 124 -70.22 -80.54 -34.15
CA HIS JB 124 -70.23 -81.30 -35.41
C HIS JB 124 -70.31 -80.31 -36.56
N ALA JB 125 -71.34 -79.48 -36.53
CA ALA JB 125 -71.59 -78.52 -37.58
C ALA JB 125 -70.30 -77.81 -37.97
N ARG JB 126 -69.65 -77.15 -37.01
CA ARG JB 126 -68.43 -76.40 -37.32
C ARG JB 126 -67.29 -77.32 -37.76
N VAL JB 127 -67.24 -78.53 -37.20
CA VAL JB 127 -66.30 -79.52 -37.70
C VAL JB 127 -66.73 -79.85 -39.12
N LEU JB 128 -67.88 -80.53 -39.25
CA LEU JB 128 -68.43 -80.92 -40.56
C LEU JB 128 -68.28 -79.90 -41.70
N ILE JB 129 -68.46 -78.63 -41.37
CA ILE JB 129 -68.32 -77.60 -42.38
C ILE JB 129 -66.85 -77.44 -42.75
N ARG JB 130 -65.98 -77.35 -41.75
CA ARG JB 130 -64.54 -77.31 -42.03
C ARG JB 130 -64.04 -78.58 -42.73
N GLN JB 131 -64.53 -79.73 -42.30
CA GLN JB 131 -64.05 -81.01 -42.79
C GLN JB 131 -64.38 -81.27 -44.31
N ARG JB 132 -65.01 -80.29 -44.98
CA ARG JB 132 -65.45 -80.40 -46.36
C ARG JB 132 -66.34 -81.61 -46.49
N HIS JB 133 -67.36 -81.65 -45.63
CA HIS JB 133 -68.40 -82.65 -45.74
C HIS JB 133 -69.63 -82.06 -46.37
N ILE JB 134 -70.06 -80.89 -45.90
CA ILE JB 134 -71.28 -80.31 -46.44
C ILE JB 134 -70.99 -79.38 -47.59
N ARG JB 135 -71.98 -79.26 -48.46
CA ARG JB 135 -71.94 -78.43 -49.66
C ARG JB 135 -73.11 -77.48 -49.58
N VAL JB 136 -73.09 -76.46 -50.42
CA VAL JB 136 -74.28 -75.68 -50.70
C VAL JB 136 -74.43 -75.69 -52.19
N ARG JB 137 -75.68 -75.88 -52.64
CA ARG JB 137 -76.01 -75.80 -54.04
C ARG JB 137 -75.08 -76.81 -54.72
N LYS JB 138 -74.00 -76.36 -55.38
CA LYS JB 138 -72.94 -77.26 -55.89
C LYS JB 138 -71.56 -77.08 -55.23
N GLN JB 139 -71.23 -75.89 -54.71
CA GLN JB 139 -69.90 -75.65 -54.10
C GLN JB 139 -69.82 -76.34 -52.77
N VAL JB 140 -68.66 -76.93 -52.51
CA VAL JB 140 -68.37 -77.51 -51.22
C VAL JB 140 -67.86 -76.38 -50.36
N VAL JB 141 -68.51 -76.15 -49.22
CA VAL JB 141 -68.21 -74.98 -48.40
C VAL JB 141 -67.36 -75.39 -47.21
N ASN JB 142 -66.35 -74.59 -46.97
CA ASN JB 142 -65.36 -74.84 -45.93
C ASN JB 142 -65.68 -74.04 -44.68
N ILE JB 143 -66.47 -72.95 -44.85
CA ILE JB 143 -66.63 -71.90 -43.85
C ILE JB 143 -67.87 -71.92 -42.98
N PRO JB 144 -67.67 -71.97 -41.66
CA PRO JB 144 -68.75 -71.89 -40.68
C PRO JB 144 -69.59 -70.65 -40.81
N SER JB 145 -68.94 -69.50 -40.84
CA SER JB 145 -69.63 -68.23 -40.70
C SER JB 145 -70.05 -67.58 -42.04
N PHE JB 146 -70.47 -68.43 -42.97
CA PHE JB 146 -70.99 -68.01 -44.27
C PHE JB 146 -72.48 -67.79 -43.94
N ILE JB 147 -72.92 -66.53 -44.00
CA ILE JB 147 -74.33 -66.20 -43.79
C ILE JB 147 -75.12 -66.72 -44.97
N VAL JB 148 -76.11 -67.55 -44.70
CA VAL JB 148 -76.85 -68.29 -45.73
C VAL JB 148 -78.02 -67.49 -46.34
N ARG JB 149 -77.96 -67.18 -47.64
CA ARG JB 149 -79.07 -66.50 -48.35
C ARG JB 149 -80.31 -67.38 -48.12
N LEU JB 150 -81.45 -66.75 -47.83
CA LEU JB 150 -82.70 -67.46 -47.53
C LEU JB 150 -83.09 -68.46 -48.65
N ASP JB 151 -82.97 -68.03 -49.91
CA ASP JB 151 -83.11 -68.91 -51.07
C ASP JB 151 -82.32 -70.21 -50.93
N SER JB 152 -81.06 -70.09 -50.55
CA SER JB 152 -80.11 -71.20 -50.51
C SER JB 152 -80.10 -71.89 -49.16
N GLN JB 153 -81.29 -72.14 -48.62
CA GLN JB 153 -81.45 -72.84 -47.38
C GLN JB 153 -81.72 -74.31 -47.62
N LYS JB 154 -82.66 -74.59 -48.53
CA LYS JB 154 -83.00 -75.95 -48.89
C LYS JB 154 -81.90 -76.75 -49.65
N HIS JB 155 -80.85 -76.07 -50.13
CA HIS JB 155 -79.76 -76.73 -50.89
C HIS JB 155 -78.49 -77.01 -50.09
N ILE JB 156 -78.62 -77.12 -48.78
CA ILE JB 156 -77.52 -77.49 -47.89
C ILE JB 156 -77.71 -78.95 -47.64
N ASP JB 157 -76.66 -79.72 -47.90
CA ASP JB 157 -76.81 -81.16 -48.08
C ASP JB 157 -75.43 -81.79 -48.06
N PHE JB 158 -75.38 -83.06 -47.63
CA PHE JB 158 -74.12 -83.82 -47.56
C PHE JB 158 -73.46 -84.00 -48.93
N SER JB 159 -72.19 -83.58 -49.02
CA SER JB 159 -71.55 -83.48 -50.33
C SER JB 159 -71.58 -84.80 -51.09
N LEU JB 160 -71.60 -84.69 -52.40
CA LEU JB 160 -71.68 -85.87 -53.26
C LEU JB 160 -70.41 -86.72 -53.12
N ARG JB 161 -69.31 -86.04 -52.79
CA ARG JB 161 -67.96 -86.64 -52.80
C ARG JB 161 -67.46 -87.03 -51.39
N SER JB 162 -68.33 -86.97 -50.36
CA SER JB 162 -67.96 -87.28 -48.95
C SER JB 162 -68.54 -88.62 -48.44
N PRO JB 163 -67.92 -89.20 -47.39
CA PRO JB 163 -68.29 -90.53 -46.90
C PRO JB 163 -69.75 -90.71 -46.55
N TYR JB 164 -70.35 -89.77 -45.83
CA TYR JB 164 -71.80 -89.83 -45.63
C TYR JB 164 -72.37 -88.85 -46.62
N GLY JB 165 -73.20 -89.36 -47.54
CA GLY JB 165 -73.50 -88.71 -48.82
C GLY JB 165 -73.17 -89.69 -49.96
N GLY JB 166 -71.99 -90.31 -49.86
CA GLY JB 166 -71.61 -91.43 -50.71
C GLY JB 166 -70.24 -91.30 -51.34
N GLY JB 167 -69.58 -92.45 -51.55
CA GLY JB 167 -68.34 -92.52 -52.29
C GLY JB 167 -67.13 -92.39 -51.40
N ARG JB 168 -66.16 -93.28 -51.60
CA ARG JB 168 -64.90 -93.31 -50.86
C ARG JB 168 -65.19 -93.20 -49.37
N PRO JB 169 -65.31 -94.35 -48.69
CA PRO JB 169 -65.26 -94.29 -47.23
C PRO JB 169 -63.89 -93.75 -46.76
N GLY JB 170 -63.91 -92.78 -45.84
CA GLY JB 170 -62.71 -92.10 -45.33
C GLY JB 170 -61.64 -93.02 -44.81
N ARG JB 171 -60.42 -92.48 -44.68
CA ARG JB 171 -59.25 -93.34 -44.51
C ARG JB 171 -59.24 -94.17 -43.23
N VAL JB 172 -59.94 -93.71 -42.20
CA VAL JB 172 -60.09 -94.49 -40.98
C VAL JB 172 -60.84 -95.80 -41.28
N LYS JB 173 -62.00 -95.73 -41.95
CA LYS JB 173 -62.76 -96.96 -42.28
C LYS JB 173 -62.11 -97.80 -43.37
N ARG JB 174 -61.39 -97.13 -44.27
CA ARG JB 174 -60.59 -97.81 -45.27
C ARG JB 174 -59.43 -98.59 -44.64
N LYS JB 175 -58.81 -98.05 -43.59
CA LYS JB 175 -57.70 -98.75 -42.92
C LYS JB 175 -58.18 -99.91 -42.02
N ASN JB 176 -59.26 -99.69 -41.25
CA ASN JB 176 -59.87 -100.76 -40.42
C ASN JB 176 -60.72 -101.76 -41.24
N ALA JB 177 -60.96 -101.46 -42.52
CA ALA JB 177 -61.42 -102.47 -43.49
C ALA JB 177 -60.23 -103.31 -43.98
N LYS JB 178 -59.14 -102.64 -44.40
CA LYS JB 178 -57.92 -103.32 -44.86
C LYS JB 178 -57.19 -104.10 -43.77
N LYS JB 179 -57.48 -103.80 -42.49
CA LYS JB 179 -57.07 -104.66 -41.38
C LYS JB 179 -57.83 -106.01 -41.36
N GLY JB 180 -59.11 -105.98 -41.77
CA GLY JB 180 -59.93 -107.19 -41.91
C GLY JB 180 -59.66 -108.03 -43.16
N GLN JB 181 -59.34 -107.36 -44.27
CA GLN JB 181 -58.96 -108.06 -45.52
C GLN JB 181 -57.49 -108.54 -45.49
N GLY JB 182 -56.58 -107.61 -45.23
CA GLY JB 182 -55.13 -107.89 -45.25
C GLY JB 182 -54.60 -108.49 -43.96
N GLY JB 183 -54.95 -107.88 -42.82
CA GLY JB 183 -54.47 -108.31 -41.51
C GLY JB 183 -55.11 -109.58 -40.97
N ALA JB 184 -56.44 -109.70 -41.14
CA ALA JB 184 -57.20 -110.86 -40.67
C ALA JB 184 -57.38 -111.92 -41.76
N GLY JB 185 -57.87 -111.50 -42.93
CA GLY JB 185 -58.09 -112.40 -44.06
C GLY JB 185 -56.80 -112.84 -44.74
N ALA KB 1 -49.19 22.78 -74.82
CA ALA KB 1 -49.49 22.59 -73.36
C ALA KB 1 -49.91 21.17 -73.06
N ASP KB 2 -49.71 20.74 -71.83
CA ASP KB 2 -50.39 19.58 -71.26
C ASP KB 2 -49.95 18.23 -71.85
N ILE KB 3 -50.21 18.00 -73.13
CA ILE KB 3 -50.16 16.64 -73.69
C ILE KB 3 -48.71 16.19 -73.84
N GLN KB 4 -47.98 16.82 -74.76
CA GLN KB 4 -46.60 16.45 -75.05
C GLN KB 4 -45.73 17.17 -74.03
N THR KB 5 -45.50 16.46 -72.94
CA THR KB 5 -44.74 16.96 -71.79
C THR KB 5 -43.49 16.16 -71.45
N GLU KB 6 -43.39 14.90 -71.91
CA GLU KB 6 -42.52 13.94 -71.22
C GLU KB 6 -41.10 13.86 -71.76
N ARG KB 7 -40.93 13.31 -72.95
CA ARG KB 7 -39.65 13.40 -73.65
C ARG KB 7 -39.86 12.90 -75.06
N ALA KB 8 -40.21 11.62 -75.18
CA ALA KB 8 -40.65 11.07 -76.46
C ALA KB 8 -42.04 11.60 -76.76
N TYR KB 9 -42.37 11.64 -78.05
CA TYR KB 9 -43.68 12.12 -78.49
C TYR KB 9 -44.71 11.06 -78.18
N GLN KB 10 -45.81 11.50 -77.57
CA GLN KB 10 -46.91 10.62 -77.19
C GLN KB 10 -48.04 10.77 -78.23
N LYS KB 11 -48.39 9.67 -78.91
CA LYS KB 11 -49.42 9.67 -79.96
C LYS KB 11 -50.24 8.38 -80.04
N GLN KB 12 -51.53 8.52 -80.39
CA GLN KB 12 -52.46 7.41 -80.52
C GLN KB 12 -51.92 6.78 -81.80
N PRO KB 13 -51.41 5.55 -81.72
CA PRO KB 13 -51.14 4.97 -83.03
C PRO KB 13 -52.44 4.41 -83.68
N THR KB 14 -52.37 4.14 -84.97
CA THR KB 14 -53.56 4.01 -85.84
C THR KB 14 -54.44 5.28 -85.83
N ILE KB 15 -53.78 6.43 -85.74
CA ILE KB 15 -54.16 7.57 -86.57
C ILE KB 15 -52.85 8.18 -87.08
N PHE KB 16 -52.58 8.07 -88.39
CA PHE KB 16 -51.52 8.89 -88.95
C PHE KB 16 -52.14 10.30 -89.04
N GLN KB 17 -51.46 11.32 -88.49
CA GLN KB 17 -51.94 12.71 -88.59
C GLN KB 17 -51.00 13.67 -89.34
N ASN KB 18 -51.47 14.14 -90.49
CA ASN KB 18 -50.95 15.33 -91.18
C ASN KB 18 -51.92 15.74 -92.34
N LYS KB 19 -51.99 14.89 -93.38
CA LYS KB 19 -52.32 15.31 -94.78
C LYS KB 19 -53.27 16.47 -94.94
N LYS KB 20 -52.76 17.58 -95.49
CA LYS KB 20 -53.55 18.79 -95.60
C LYS KB 20 -52.99 19.71 -96.68
N ARG KB 21 -53.72 19.83 -97.78
CA ARG KB 21 -53.54 20.92 -98.72
C ARG KB 21 -54.92 21.32 -99.23
N VAL KB 22 -55.69 21.88 -98.30
CA VAL KB 22 -57.02 22.42 -98.57
C VAL KB 22 -57.26 23.60 -97.61
N LEU KB 23 -58.36 24.33 -97.84
CA LEU KB 23 -58.71 25.51 -97.03
C LEU KB 23 -59.40 25.05 -95.70
N LEU KB 24 -60.25 25.89 -95.11
CA LEU KB 24 -60.93 25.60 -93.82
C LEU KB 24 -59.92 25.65 -92.66
N GLY KB 25 -59.21 26.77 -92.56
CA GLY KB 25 -58.16 26.98 -91.55
C GLY KB 25 -56.94 26.13 -91.84
N GLU KB 26 -56.33 25.60 -90.78
CA GLU KB 26 -55.34 24.53 -90.90
C GLU KB 26 -55.83 23.34 -90.07
N THR KB 27 -55.56 22.13 -90.56
CA THR KB 27 -56.16 20.84 -90.08
C THR KB 27 -57.70 20.87 -89.94
N GLY KB 28 -58.30 19.85 -89.32
CA GLY KB 28 -59.74 19.82 -89.08
C GLY KB 28 -60.17 20.72 -87.94
N LYS KB 29 -61.33 20.43 -87.36
CA LYS KB 29 -61.84 21.13 -86.18
C LYS KB 29 -61.59 20.31 -84.91
N GLU KB 30 -61.86 19.00 -84.99
CA GLU KB 30 -61.30 17.99 -84.06
C GLU KB 30 -59.76 18.00 -84.11
N LYS KB 31 -59.24 18.38 -85.28
CA LYS KB 31 -57.82 18.51 -85.55
C LYS KB 31 -57.19 17.13 -85.62
N LEU KB 32 -56.98 16.51 -84.46
CA LEU KB 32 -56.51 15.16 -84.41
C LEU KB 32 -57.76 14.31 -84.35
N PRO KB 33 -57.92 13.37 -85.30
CA PRO KB 33 -58.98 12.39 -85.11
C PRO KB 33 -58.51 11.43 -84.03
N ARG KB 34 -59.32 11.23 -82.99
CA ARG KB 34 -58.88 10.51 -81.80
C ARG KB 34 -59.31 9.05 -81.86
N TYR KB 35 -58.36 8.13 -81.71
CA TYR KB 35 -58.68 6.72 -81.55
C TYR KB 35 -59.16 6.49 -80.14
N TYR KB 36 -60.40 6.04 -80.07
CA TYR KB 36 -60.98 5.48 -78.88
C TYR KB 36 -61.67 4.18 -79.24
N LYS KB 37 -62.08 3.45 -78.21
CA LYS KB 37 -62.90 2.25 -78.39
C LYS KB 37 -64.05 2.21 -77.39
N ASN KB 38 -65.07 1.46 -77.76
CA ASN KB 38 -66.02 0.90 -76.81
C ASN KB 38 -65.30 -0.30 -76.22
N ILE KB 39 -65.53 -0.54 -74.93
CA ILE KB 39 -64.84 -1.58 -74.22
C ILE KB 39 -65.63 -2.88 -74.24
N GLY KB 40 -66.93 -2.82 -73.99
CA GLY KB 40 -67.73 -4.03 -73.75
C GLY KB 40 -68.46 -4.02 -72.41
N LEU KB 41 -69.09 -5.17 -72.10
CA LEU KB 41 -69.93 -5.35 -70.90
C LEU KB 41 -70.88 -4.18 -70.62
N GLY KB 42 -71.19 -3.43 -71.66
CA GLY KB 42 -72.02 -2.26 -71.58
C GLY KB 42 -71.48 -1.04 -70.88
N PHE KB 43 -70.23 -0.98 -70.42
CA PHE KB 43 -69.84 0.24 -69.65
C PHE KB 43 -69.57 1.35 -70.65
N LYS KB 44 -70.25 2.47 -70.42
CA LYS KB 44 -70.26 3.58 -71.37
C LYS KB 44 -68.85 4.11 -71.45
N THR KB 45 -68.23 3.98 -72.62
CA THR KB 45 -66.98 4.70 -72.88
C THR KB 45 -67.18 6.20 -72.66
N PRO KB 46 -66.67 6.74 -71.52
CA PRO KB 46 -67.10 8.05 -71.03
C PRO KB 46 -66.71 9.21 -71.92
N LYS KB 47 -67.23 10.39 -71.59
CA LYS KB 47 -67.20 11.53 -72.50
C LYS KB 47 -65.78 11.98 -72.66
N GLU KB 48 -65.10 12.10 -71.53
CA GLU KB 48 -63.74 12.59 -71.50
C GLU KB 48 -62.72 11.71 -72.20
N ALA KB 49 -63.05 10.43 -72.40
CA ALA KB 49 -62.25 9.57 -73.28
C ALA KB 49 -62.26 10.12 -74.69
N ILE KB 50 -63.46 10.39 -75.20
CA ILE KB 50 -63.70 10.71 -76.60
C ILE KB 50 -63.37 12.18 -76.86
N GLU KB 51 -63.90 13.03 -76.02
CA GLU KB 51 -63.56 14.45 -76.00
C GLU KB 51 -62.05 14.61 -75.86
N GLY KB 52 -61.48 13.94 -74.85
CA GLY KB 52 -60.15 14.25 -74.30
C GLY KB 52 -59.01 14.47 -75.27
N THR KB 53 -58.15 15.43 -74.94
CA THR KB 53 -56.92 15.70 -75.69
C THR KB 53 -55.82 14.70 -75.38
N TYR KB 54 -56.09 13.80 -74.45
CA TYR KB 54 -55.06 13.19 -73.66
C TYR KB 54 -54.64 11.87 -74.22
N ILE KB 55 -53.64 11.30 -73.56
CA ILE KB 55 -53.01 10.12 -74.06
C ILE KB 55 -52.43 9.28 -72.93
N ASP KB 56 -52.93 8.06 -72.84
CA ASP KB 56 -52.32 7.04 -71.99
C ASP KB 56 -52.59 5.70 -72.68
N LYS KB 57 -51.52 5.00 -73.03
CA LYS KB 57 -51.59 3.67 -73.66
C LYS KB 57 -52.43 2.64 -72.86
N LYS KB 58 -52.30 2.72 -71.54
CA LYS KB 58 -52.91 1.78 -70.60
C LYS KB 58 -54.36 2.05 -70.25
N CYS KB 59 -54.92 3.12 -70.81
CA CYS KB 59 -56.35 3.40 -70.68
C CYS KB 59 -57.09 2.58 -71.73
N PRO KB 60 -58.20 1.93 -71.35
CA PRO KB 60 -59.00 1.19 -72.34
C PRO KB 60 -60.00 2.05 -73.13
N PHE KB 61 -60.10 3.30 -72.73
CA PHE KB 61 -61.06 4.22 -73.28
C PHE KB 61 -60.33 5.02 -74.35
N THR KB 62 -59.00 4.86 -74.43
CA THR KB 62 -58.18 5.55 -75.41
C THR KB 62 -56.86 4.85 -75.69
N GLY KB 63 -56.86 3.53 -75.80
CA GLY KB 63 -55.59 2.87 -76.06
C GLY KB 63 -55.63 1.38 -76.00
N ASN KB 64 -54.48 0.79 -76.32
CA ASN KB 64 -54.33 -0.67 -76.38
C ASN KB 64 -54.26 -1.27 -74.96
N VAL KB 65 -55.41 -1.77 -74.50
CA VAL KB 65 -55.54 -2.80 -73.45
C VAL KB 65 -56.85 -3.54 -73.70
N SER KB 66 -56.86 -4.84 -73.41
CA SER KB 66 -58.07 -5.64 -73.48
C SER KB 66 -58.51 -5.95 -72.06
N ILE KB 67 -59.80 -5.75 -71.77
CA ILE KB 67 -60.42 -6.20 -70.52
C ILE KB 67 -61.07 -7.54 -70.76
N ARG KB 68 -60.75 -8.49 -69.90
CA ARG KB 68 -60.93 -9.89 -70.27
C ARG KB 68 -60.69 -10.85 -69.16
N GLY KB 69 -61.64 -10.85 -68.25
CA GLY KB 69 -61.72 -11.89 -67.24
C GLY KB 69 -62.62 -11.47 -66.11
N ARG KB 70 -61.99 -11.23 -64.98
CA ARG KB 70 -62.65 -11.09 -63.71
C ARG KB 70 -62.96 -9.62 -63.34
N ILE KB 71 -64.24 -9.29 -63.27
CA ILE KB 71 -64.67 -7.92 -62.92
C ILE KB 71 -64.94 -7.87 -61.41
N LEU KB 72 -64.36 -6.88 -60.74
CA LEU KB 72 -64.51 -6.70 -59.28
C LEU KB 72 -64.79 -5.27 -58.97
N SER KB 73 -65.06 -5.00 -57.70
CA SER KB 73 -65.13 -3.61 -57.19
C SER KB 73 -64.30 -3.49 -55.90
N GLY KB 74 -63.91 -2.26 -55.59
CA GLY KB 74 -63.27 -1.96 -54.32
C GLY KB 74 -63.51 -0.52 -53.95
N VAL KB 75 -62.73 -0.01 -53.00
CA VAL KB 75 -62.75 1.42 -52.65
C VAL KB 75 -61.40 2.08 -52.78
N VAL KB 76 -61.42 3.33 -53.22
CA VAL KB 76 -60.21 4.10 -53.44
C VAL KB 76 -59.71 4.57 -52.11
N THR KB 77 -58.44 4.26 -51.84
CA THR KB 77 -57.81 4.62 -50.56
C THR KB 77 -56.63 5.61 -50.68
N LYS KB 78 -55.86 5.54 -51.77
CA LYS KB 78 -54.72 6.45 -51.98
C LYS KB 78 -54.56 6.77 -53.45
N MET KB 79 -54.33 8.04 -53.74
CA MET KB 79 -54.10 8.48 -55.09
C MET KB 79 -52.80 9.27 -55.11
N LYS KB 80 -51.72 8.61 -54.73
CA LYS KB 80 -50.43 9.28 -54.65
C LYS KB 80 -49.44 8.83 -55.71
N MET KB 81 -49.92 8.06 -56.67
CA MET KB 81 -49.13 7.63 -57.79
C MET KB 81 -49.76 8.33 -58.96
N GLN KB 82 -49.16 8.17 -60.12
CA GLN KB 82 -49.57 8.91 -61.29
C GLN KB 82 -50.06 7.90 -62.30
N ARG KB 83 -51.31 8.07 -62.72
CA ARG KB 83 -52.05 7.07 -63.51
C ARG KB 83 -52.17 5.70 -62.81
N THR KB 84 -52.33 5.71 -61.49
CA THR KB 84 -52.61 4.49 -60.70
C THR KB 84 -53.06 4.87 -59.30
N ILE KB 85 -54.01 4.11 -58.78
CA ILE KB 85 -54.50 4.33 -57.44
C ILE KB 85 -54.44 3.01 -56.75
N VAL KB 86 -54.78 3.03 -55.47
CA VAL KB 86 -54.85 1.84 -54.69
C VAL KB 86 -56.27 1.68 -54.22
N ILE KB 87 -56.82 0.49 -54.41
CA ILE KB 87 -58.14 0.19 -53.92
C ILE KB 87 -58.01 -0.88 -52.86
N ARG KB 88 -59.06 -1.03 -52.07
CA ARG KB 88 -59.04 -1.88 -50.88
C ARG KB 88 -60.33 -2.66 -50.85
N ARG KB 89 -60.19 -3.97 -50.99
CA ARG KB 89 -61.33 -4.85 -51.11
C ARG KB 89 -61.58 -5.48 -49.76
N ASP KB 90 -62.76 -5.29 -49.17
CA ASP KB 90 -63.05 -5.87 -47.82
C ASP KB 90 -63.91 -7.12 -47.91
N TYR KB 91 -63.84 -7.93 -46.86
CA TYR KB 91 -64.63 -9.16 -46.77
C TYR KB 91 -64.67 -9.90 -45.47
N LEU KB 92 -65.46 -10.96 -45.51
CA LEU KB 92 -65.50 -11.96 -44.48
C LEU KB 92 -64.90 -13.26 -45.01
N HIS KB 93 -63.70 -13.63 -44.53
CA HIS KB 93 -63.23 -15.01 -44.68
C HIS KB 93 -63.89 -15.81 -43.53
N TYR KB 94 -64.46 -16.98 -43.85
CA TYR KB 94 -65.17 -17.84 -42.88
C TYR KB 94 -64.33 -18.93 -42.26
N ILE KB 95 -64.31 -19.03 -40.95
CA ILE KB 95 -63.79 -20.26 -40.34
C ILE KB 95 -64.99 -21.14 -40.12
N ARG KB 96 -64.82 -22.43 -40.31
CA ARG KB 96 -65.92 -23.32 -40.05
C ARG KB 96 -65.92 -23.63 -38.56
N LYS KB 97 -64.77 -23.97 -37.96
CA LYS KB 97 -64.74 -24.36 -36.53
C LYS KB 97 -65.60 -23.45 -35.69
N TYR KB 98 -65.30 -22.18 -35.86
CA TYR KB 98 -65.59 -21.10 -34.95
C TYR KB 98 -66.82 -20.39 -35.48
N ASN KB 99 -67.77 -21.17 -36.00
CA ASN KB 99 -68.77 -20.76 -36.99
C ASN KB 99 -69.00 -19.28 -37.35
N ARG KB 100 -67.93 -18.51 -37.46
CA ARG KB 100 -68.02 -17.09 -37.69
C ARG KB 100 -66.99 -16.67 -38.75
N PHE KB 101 -66.93 -15.37 -39.01
CA PHE KB 101 -66.11 -14.78 -40.06
C PHE KB 101 -65.08 -13.85 -39.43
N GLU KB 102 -64.04 -13.45 -40.17
CA GLU KB 102 -63.28 -12.26 -39.78
C GLU KB 102 -63.04 -11.37 -40.96
N LYS KB 103 -62.97 -10.08 -40.69
CA LYS KB 103 -62.77 -9.11 -41.75
C LYS KB 103 -61.39 -9.29 -42.30
N ARG KB 104 -61.26 -9.13 -43.61
CA ARG KB 104 -59.98 -9.21 -44.30
C ARG KB 104 -59.88 -8.12 -45.33
N HIS KB 105 -58.70 -7.99 -45.93
CA HIS KB 105 -58.51 -7.19 -47.13
C HIS KB 105 -57.21 -7.39 -47.84
N LYS KB 106 -57.34 -7.24 -49.13
CA LYS KB 106 -56.26 -7.35 -50.01
C LYS KB 106 -56.39 -6.10 -50.84
N ASN KB 107 -55.66 -5.07 -50.45
CA ASN KB 107 -55.55 -3.90 -51.32
C ASN KB 107 -54.70 -4.25 -52.54
N MET KB 108 -54.99 -3.51 -53.60
CA MET KB 108 -54.72 -3.92 -54.96
C MET KB 108 -54.47 -2.64 -55.73
N SER KB 109 -53.25 -2.49 -56.23
CA SER KB 109 -52.93 -1.35 -57.07
C SER KB 109 -53.60 -1.59 -58.42
N VAL KB 110 -53.93 -0.51 -59.11
CA VAL KB 110 -54.85 -0.57 -60.23
C VAL KB 110 -54.75 0.65 -61.13
N HIS KB 111 -54.70 0.44 -62.44
CA HIS KB 111 -54.54 1.58 -63.36
C HIS KB 111 -55.75 2.51 -63.30
N LEU KB 112 -55.51 3.83 -63.33
CA LEU KB 112 -56.59 4.82 -63.34
C LEU KB 112 -56.41 5.86 -64.44
N SER KB 113 -57.13 5.65 -65.55
CA SER KB 113 -57.03 6.53 -66.72
C SER KB 113 -57.47 7.94 -66.42
N PRO KB 114 -56.68 8.95 -66.82
CA PRO KB 114 -57.02 10.33 -66.47
C PRO KB 114 -58.17 10.93 -67.30
N CYS KB 115 -58.81 10.14 -68.16
CA CYS KB 115 -60.18 10.47 -68.61
C CYS KB 115 -61.11 10.57 -67.42
N PHE KB 116 -60.80 9.75 -66.44
CA PHE KB 116 -61.72 9.39 -65.42
C PHE KB 116 -61.48 10.30 -64.23
N ARG KB 117 -61.91 11.55 -64.42
CA ARG KB 117 -61.66 12.68 -63.51
C ARG KB 117 -62.61 12.82 -62.30
N ASP KB 118 -62.18 13.65 -61.35
CA ASP KB 118 -62.93 13.89 -60.10
C ASP KB 118 -63.09 12.63 -59.24
N VAL KB 119 -62.08 11.79 -59.23
CA VAL KB 119 -62.06 10.65 -58.32
C VAL KB 119 -61.53 11.24 -57.04
N GLN KB 120 -61.81 10.56 -55.94
CA GLN KB 120 -61.33 10.92 -54.62
C GLN KB 120 -61.06 9.65 -53.81
N ILE KB 121 -60.73 9.78 -52.54
CA ILE KB 121 -60.69 8.62 -51.65
C ILE KB 121 -62.08 8.37 -51.09
N GLY KB 122 -62.29 7.16 -50.57
CA GLY KB 122 -63.61 6.73 -50.13
C GLY KB 122 -64.56 6.79 -51.30
N ASP KB 123 -64.25 6.01 -52.32
CA ASP KB 123 -64.87 6.13 -53.63
C ASP KB 123 -65.07 4.76 -54.19
N ILE KB 124 -66.30 4.38 -54.46
CA ILE KB 124 -66.55 3.03 -54.95
C ILE KB 124 -66.14 3.00 -56.42
N VAL KB 125 -65.33 2.00 -56.75
CA VAL KB 125 -64.77 1.91 -58.07
C VAL KB 125 -64.73 0.47 -58.53
N THR KB 126 -65.12 0.28 -59.78
CA THR KB 126 -65.25 -1.01 -60.41
C THR KB 126 -64.06 -1.20 -61.36
N VAL KB 127 -63.56 -2.42 -61.39
CA VAL KB 127 -62.32 -2.71 -62.09
C VAL KB 127 -62.43 -3.97 -62.94
N GLY KB 128 -61.68 -3.96 -64.03
CA GLY KB 128 -61.56 -5.11 -64.91
C GLY KB 128 -60.17 -5.68 -64.78
N GLU KB 129 -60.09 -7.01 -64.77
CA GLU KB 129 -58.85 -7.71 -64.96
C GLU KB 129 -58.34 -7.46 -66.36
N CYS KB 130 -57.08 -7.08 -66.42
CA CYS KB 130 -56.44 -6.60 -67.63
C CYS KB 130 -55.24 -7.49 -67.92
N ARG KB 131 -54.53 -7.14 -68.97
CA ARG KB 131 -53.14 -7.54 -69.15
C ARG KB 131 -52.27 -7.19 -67.92
N PRO KB 132 -51.28 -8.05 -67.56
CA PRO KB 132 -50.33 -7.68 -66.48
C PRO KB 132 -49.51 -6.45 -66.83
N LEU KB 133 -49.98 -5.34 -66.32
CA LEU KB 133 -49.77 -4.05 -66.90
C LEU KB 133 -48.49 -3.40 -66.35
N SER KB 134 -48.26 -3.52 -65.04
CA SER KB 134 -46.96 -3.19 -64.41
C SER KB 134 -46.52 -4.33 -63.48
N LYS KB 135 -45.69 -4.09 -62.46
CA LYS KB 135 -45.27 -5.20 -61.61
C LYS KB 135 -46.40 -5.78 -60.76
N THR KB 136 -47.12 -4.90 -60.10
CA THR KB 136 -48.23 -5.29 -59.25
C THR KB 136 -49.53 -5.22 -59.99
N VAL KB 137 -49.65 -4.25 -60.90
CA VAL KB 137 -50.93 -3.82 -61.40
C VAL KB 137 -51.35 -4.68 -62.55
N ARG KB 138 -52.38 -5.48 -62.33
CA ARG KB 138 -53.06 -6.20 -63.40
C ARG KB 138 -54.43 -5.64 -63.71
N PHE KB 139 -54.94 -4.73 -62.89
CA PHE KB 139 -56.31 -4.27 -63.01
C PHE KB 139 -56.42 -2.85 -63.51
N ASN KB 140 -57.52 -2.55 -64.17
CA ASN KB 140 -57.72 -1.25 -64.72
C ASN KB 140 -59.09 -0.78 -64.33
N VAL KB 141 -59.20 0.48 -63.92
CA VAL KB 141 -60.45 1.06 -63.46
C VAL KB 141 -61.38 1.25 -64.65
N LEU KB 142 -62.64 0.83 -64.52
CA LEU KB 142 -63.61 0.91 -65.64
C LEU KB 142 -64.79 1.88 -65.43
N LYS KB 143 -65.38 1.86 -64.24
CA LYS KB 143 -66.42 2.82 -63.86
C LYS KB 143 -66.37 3.20 -62.40
N VAL KB 144 -66.01 4.45 -62.17
CA VAL KB 144 -66.07 5.09 -60.88
C VAL KB 144 -67.50 5.53 -60.69
N THR KB 145 -68.03 5.28 -59.49
CA THR KB 145 -69.40 5.64 -59.16
C THR KB 145 -69.56 6.61 -58.00
N LYS KB 146 -68.47 6.94 -57.29
CA LYS KB 146 -68.46 7.90 -56.16
C LYS KB 146 -69.62 7.87 -55.18
N ALA KB 147 -70.36 6.77 -55.23
CA ALA KB 147 -71.78 6.77 -54.91
C ALA KB 147 -72.00 6.85 -53.40
N ALA KB 148 -71.80 5.72 -52.71
CA ALA KB 148 -72.18 5.58 -51.30
C ALA KB 148 -71.57 6.72 -50.47
N GLY KB 149 -72.42 7.39 -49.69
CA GLY KB 149 -71.98 8.41 -48.75
C GLY KB 149 -72.43 9.81 -49.11
N THR KB 150 -71.60 10.51 -49.88
CA THR KB 150 -71.55 11.97 -49.85
C THR KB 150 -71.57 12.70 -51.19
N LYS KB 151 -72.69 13.38 -51.44
CA LYS KB 151 -72.76 14.64 -52.22
C LYS KB 151 -72.36 14.60 -53.70
N LYS KB 152 -72.87 15.58 -54.43
CA LYS KB 152 -72.51 15.84 -55.82
C LYS KB 152 -71.68 17.14 -55.92
N GLY LB 1 -76.04 3.88 -18.92
CA GLY LB 1 -76.11 4.69 -17.67
C GLY LB 1 -75.22 5.93 -17.69
N ARG LB 2 -75.57 6.85 -18.58
CA ARG LB 2 -74.71 8.00 -18.91
C ARG LB 2 -73.37 7.63 -19.56
N MET LB 3 -72.81 8.61 -20.24
CA MET LB 3 -71.59 8.43 -21.00
C MET LB 3 -70.41 8.30 -20.06
N HIS LB 4 -70.35 9.23 -19.11
CA HIS LB 4 -69.11 9.56 -18.42
C HIS LB 4 -69.21 9.67 -16.90
N ALA LB 5 -70.21 9.02 -16.33
CA ALA LB 5 -70.42 9.09 -14.91
C ALA LB 5 -71.08 7.82 -14.43
N PRO LB 6 -70.92 7.50 -13.15
CA PRO LB 6 -71.60 6.35 -12.60
C PRO LB 6 -73.14 6.48 -12.61
N GLY LB 7 -73.66 7.65 -12.25
CA GLY LB 7 -75.10 7.87 -12.08
C GLY LB 7 -75.91 7.32 -13.24
N LYS LB 8 -76.76 6.34 -12.95
CA LYS LB 8 -77.49 5.60 -13.96
C LYS LB 8 -78.91 6.15 -14.06
N GLY LB 9 -79.08 7.44 -13.80
CA GLY LB 9 -80.39 8.04 -13.64
C GLY LB 9 -81.30 8.09 -14.86
N LEU LB 10 -82.58 8.41 -14.63
CA LEU LB 10 -83.53 8.75 -15.70
C LEU LB 10 -84.43 9.88 -15.25
N SER LB 11 -84.40 10.96 -16.00
CA SER LB 11 -85.29 12.06 -15.80
C SER LB 11 -85.31 12.66 -17.18
N GLN LB 12 -86.46 12.55 -17.83
CA GLN LB 12 -86.57 13.00 -19.19
C GLN LB 12 -87.95 13.54 -19.45
N SER LB 13 -88.10 14.17 -20.59
CA SER LB 13 -89.41 14.61 -21.04
C SER LB 13 -90.17 13.45 -21.68
N ALA LB 14 -91.48 13.62 -21.78
CA ALA LB 14 -92.39 12.58 -22.20
C ALA LB 14 -93.65 13.19 -22.79
N LEU LB 15 -93.88 13.02 -24.09
CA LEU LB 15 -95.07 13.58 -24.78
C LEU LB 15 -96.23 12.58 -24.69
N PRO LB 16 -97.47 13.00 -25.03
CA PRO LB 16 -98.69 12.14 -24.90
C PRO LB 16 -98.94 11.16 -26.09
N TYR LB 17 -100.10 10.47 -26.22
CA TYR LB 17 -100.43 10.00 -27.60
C TYR LB 17 -100.45 11.33 -28.34
N ARG LB 18 -101.44 12.14 -28.00
CA ARG LB 18 -101.95 13.15 -28.93
C ARG LB 18 -100.90 14.13 -29.40
N ARG LB 19 -101.05 14.52 -30.66
CA ARG LB 19 -100.12 15.44 -31.30
C ARG LB 19 -100.82 16.70 -31.82
N SER LB 20 -101.99 16.51 -32.43
CA SER LB 20 -102.84 17.61 -32.87
C SER LB 20 -102.84 18.73 -31.84
N VAL LB 21 -102.77 19.96 -32.33
CA VAL LB 21 -102.65 21.13 -31.45
C VAL LB 21 -103.79 21.22 -30.43
N PRO LB 22 -103.53 21.88 -29.30
CA PRO LB 22 -104.47 21.82 -28.19
C PRO LB 22 -105.46 23.00 -28.06
N THR LB 23 -105.85 23.65 -29.16
CA THR LB 23 -107.07 24.49 -29.18
C THR LB 23 -107.08 25.81 -28.33
N TRP LB 24 -106.38 25.88 -27.16
CA TRP LB 24 -106.00 27.21 -26.54
C TRP LB 24 -105.51 28.00 -27.70
N LEU LB 25 -104.53 27.39 -28.37
CA LEU LB 25 -103.58 28.11 -29.17
C LEU LB 25 -104.23 28.83 -30.30
N LYS LB 26 -103.85 30.09 -30.39
CA LYS LB 26 -104.19 30.92 -31.49
C LYS LB 26 -102.93 30.83 -32.37
N LEU LB 27 -102.30 31.95 -32.73
CA LEU LB 27 -100.98 31.93 -33.38
C LEU LB 27 -101.00 31.32 -34.80
N THR LB 28 -101.02 29.99 -34.90
CA THR LB 28 -100.87 29.25 -36.17
C THR LB 28 -99.42 29.17 -36.64
N SER LB 29 -99.15 28.14 -37.44
CA SER LB 29 -97.80 27.84 -37.96
C SER LB 29 -97.01 29.08 -38.35
N ASP LB 30 -97.67 30.09 -38.88
CA ASP LB 30 -97.00 31.36 -39.18
C ASP LB 30 -96.55 32.10 -37.92
N ASP LB 31 -97.49 32.51 -37.07
CA ASP LB 31 -97.15 33.36 -35.89
C ASP LB 31 -96.15 32.76 -34.91
N VAL LB 32 -96.00 31.44 -34.93
CA VAL LB 32 -94.92 30.79 -34.19
C VAL LB 32 -93.62 31.03 -34.93
N LYS LB 33 -93.60 30.74 -36.23
CA LYS LB 33 -92.43 31.02 -37.09
C LYS LB 33 -92.07 32.50 -37.20
N GLU LB 34 -92.99 33.37 -36.82
CA GLU LB 34 -92.74 34.79 -36.65
C GLU LB 34 -92.05 35.07 -35.34
N GLN LB 35 -92.28 34.23 -34.34
CA GLN LB 35 -91.78 34.44 -33.00
C GLN LB 35 -90.44 33.76 -32.75
N ILE LB 36 -90.30 32.50 -33.16
CA ILE LB 36 -88.99 31.80 -33.12
C ILE LB 36 -87.99 32.74 -33.75
N TYR LB 37 -88.31 33.08 -34.98
CA TYR LB 37 -87.74 34.14 -35.75
C TYR LB 37 -87.16 35.35 -34.98
N LYS LB 38 -88.01 36.06 -34.21
CA LYS LB 38 -87.60 37.27 -33.48
C LYS LB 38 -86.70 36.97 -32.27
N LEU LB 39 -86.84 35.78 -31.67
CA LEU LB 39 -86.01 35.37 -30.53
C LEU LB 39 -84.60 34.98 -30.94
N ALA LB 40 -84.50 34.25 -32.05
CA ALA LB 40 -83.21 33.85 -32.61
C ALA LB 40 -82.42 35.07 -33.08
N LYS LB 41 -83.11 35.93 -33.82
CA LYS LB 41 -82.66 37.29 -34.14
C LYS LB 41 -82.00 37.96 -32.91
N LYS LB 42 -82.72 38.00 -31.79
CA LYS LB 42 -82.24 38.66 -30.55
C LYS LB 42 -81.01 37.97 -29.96
N GLY LB 43 -80.90 36.66 -30.18
CA GLY LB 43 -79.70 35.91 -29.82
C GLY LB 43 -79.98 34.88 -28.76
N LEU LB 44 -80.58 33.77 -29.17
CA LEU LB 44 -80.86 32.64 -28.29
C LEU LB 44 -80.69 31.33 -29.02
N THR LB 45 -80.36 30.31 -28.24
CA THR LB 45 -80.11 28.98 -28.76
C THR LB 45 -81.42 28.27 -29.13
N PRO LB 46 -81.38 27.33 -30.10
CA PRO LB 46 -82.54 26.53 -30.47
C PRO LB 46 -83.26 25.84 -29.31
N SER LB 47 -82.51 25.42 -28.29
CA SER LB 47 -83.11 24.96 -27.04
C SER LB 47 -83.83 26.12 -26.37
N GLN LB 48 -83.09 27.20 -26.14
CA GLN LB 48 -83.62 28.35 -25.44
C GLN LB 48 -84.88 28.94 -26.03
N ILE LB 49 -85.08 28.78 -27.33
CA ILE LB 49 -86.29 29.28 -27.94
C ILE LB 49 -87.44 28.38 -27.51
N GLY LB 50 -87.29 27.08 -27.77
CA GLY LB 50 -88.28 26.07 -27.35
C GLY LB 50 -88.80 26.33 -25.96
N VAL LB 51 -87.86 26.71 -25.07
CA VAL LB 51 -88.16 27.15 -23.69
C VAL LB 51 -89.13 28.33 -23.72
N ILE LB 52 -88.65 29.50 -24.11
CA ILE LB 52 -89.46 30.71 -23.98
C ILE LB 52 -90.87 30.45 -24.47
N LEU LB 53 -90.97 29.70 -25.57
CA LEU LB 53 -92.24 29.42 -26.22
C LEU LB 53 -93.27 28.57 -25.44
N ARG LB 54 -92.84 27.87 -24.40
CA ARG LB 54 -93.72 26.96 -23.67
C ARG LB 54 -94.24 27.53 -22.32
N ASP LB 55 -93.39 28.27 -21.61
CA ASP LB 55 -93.58 28.63 -20.19
C ASP LB 55 -94.48 29.83 -20.20
N SER LB 56 -93.96 30.88 -20.82
CA SER LB 56 -94.64 32.14 -20.93
C SER LB 56 -95.77 32.06 -21.94
N HIS LB 57 -95.51 31.32 -23.02
CA HIS LB 57 -96.07 31.69 -24.29
C HIS LB 57 -97.24 30.85 -24.78
N GLY LB 58 -97.03 29.56 -25.03
CA GLY LB 58 -98.13 28.75 -25.50
C GLY LB 58 -97.79 27.44 -26.14
N VAL LB 59 -96.75 27.40 -26.97
CA VAL LB 59 -96.50 26.18 -27.75
C VAL LB 59 -95.82 25.08 -26.94
N ALA LB 60 -96.61 24.04 -26.68
CA ALA LB 60 -96.12 22.78 -26.16
C ALA LB 60 -94.88 22.41 -26.94
N GLN LB 61 -95.06 22.24 -28.25
CA GLN LB 61 -94.00 21.86 -29.15
C GLN LB 61 -94.18 22.56 -30.48
N VAL LB 62 -93.16 23.30 -30.88
CA VAL LB 62 -93.12 23.96 -32.17
C VAL LB 62 -93.42 22.97 -33.28
N ARG LB 63 -92.69 21.86 -33.23
CA ARG LB 63 -92.74 20.74 -34.21
C ARG LB 63 -94.13 20.32 -34.69
N PHE LB 64 -95.05 20.30 -33.72
CA PHE LB 64 -96.43 19.95 -33.93
C PHE LB 64 -97.21 21.10 -34.55
N VAL LB 65 -96.96 22.32 -34.09
CA VAL LB 65 -97.67 23.51 -34.58
C VAL LB 65 -97.33 23.79 -36.02
N THR LB 66 -96.05 23.97 -36.29
CA THR LB 66 -95.56 24.14 -37.64
C THR LB 66 -95.31 22.74 -38.19
N GLY LB 67 -94.79 22.64 -39.41
CA GLY LB 67 -94.44 21.35 -40.00
C GLY LB 67 -93.19 20.68 -39.42
N ASN LB 68 -92.17 21.49 -39.16
CA ASN LB 68 -90.78 21.03 -38.91
C ASN LB 68 -90.32 21.47 -37.53
N LYS LB 69 -89.11 21.05 -37.14
CA LYS LB 69 -88.56 21.40 -35.81
C LYS LB 69 -87.62 22.60 -35.84
N ILE LB 70 -87.54 23.30 -34.70
CA ILE LB 70 -87.01 24.68 -34.62
C ILE LB 70 -85.79 24.89 -35.50
N LEU LB 71 -84.78 24.04 -35.34
CA LEU LB 71 -83.54 24.20 -36.08
C LEU LB 71 -83.79 24.39 -37.57
N ARG LB 72 -84.67 23.57 -38.15
CA ARG LB 72 -84.99 23.67 -39.58
C ARG LB 72 -85.62 25.03 -39.95
N ILE LB 73 -86.43 25.59 -39.05
CA ILE LB 73 -87.04 26.90 -39.26
C ILE LB 73 -85.96 28.00 -39.31
N LEU LB 74 -84.96 27.92 -38.42
CA LEU LB 74 -83.85 28.88 -38.42
C LEU LB 74 -82.93 28.64 -39.59
N LYS LB 75 -82.66 27.36 -39.87
CA LYS LB 75 -81.67 26.95 -40.86
C LYS LB 75 -82.16 27.28 -42.27
N SER LB 76 -83.42 26.97 -42.58
CA SER LB 76 -83.99 27.27 -43.89
C SER LB 76 -84.17 28.78 -44.17
N LYS LB 77 -84.02 29.61 -43.14
CA LYS LB 77 -83.98 31.06 -43.29
C LYS LB 77 -82.61 31.69 -43.08
N GLY LB 78 -81.68 30.96 -42.45
CA GLY LB 78 -80.29 31.41 -42.31
C GLY LB 78 -80.03 32.25 -41.06
N LEU LB 79 -80.71 31.90 -39.96
CA LEU LB 79 -80.42 32.44 -38.64
C LEU LB 79 -79.68 31.41 -37.78
N ALA LB 80 -79.43 30.23 -38.34
CA ALA LB 80 -78.80 29.13 -37.62
C ALA LB 80 -77.38 29.50 -37.26
N PRO LB 81 -76.87 28.99 -36.12
CA PRO LB 81 -75.50 29.37 -35.77
C PRO LB 81 -74.45 28.71 -36.68
N ASP LB 82 -73.20 29.05 -36.41
CA ASP LB 82 -72.06 28.62 -37.23
C ASP LB 82 -71.88 27.11 -37.09
N LEU LB 83 -71.72 26.70 -35.82
CA LEU LB 83 -71.59 25.29 -35.41
C LEU LB 83 -72.82 24.92 -34.59
N PRO LB 84 -72.97 23.63 -34.24
CA PRO LB 84 -74.12 23.26 -33.44
C PRO LB 84 -74.04 23.82 -32.04
N GLU LB 85 -75.07 24.56 -31.65
CA GLU LB 85 -75.36 24.95 -30.27
C GLU LB 85 -74.96 23.88 -29.24
N ASP LB 86 -75.32 22.63 -29.53
CA ASP LB 86 -75.04 21.48 -28.64
C ASP LB 86 -73.53 21.29 -28.37
N LEU LB 87 -72.74 21.56 -29.40
CA LEU LB 87 -71.30 21.40 -29.33
C LEU LB 87 -70.63 22.57 -28.63
N TYR LB 88 -70.90 23.82 -29.03
CA TYR LB 88 -70.15 24.93 -28.41
C TYR LB 88 -70.53 25.15 -26.99
N HIS LB 89 -71.62 24.53 -26.55
CA HIS LB 89 -71.82 24.48 -25.14
C HIS LB 89 -70.68 23.69 -24.48
N LEU LB 90 -70.25 22.57 -25.08
CA LEU LB 90 -69.04 21.86 -24.60
C LEU LB 90 -67.76 22.60 -24.78
N ILE LB 91 -67.60 23.26 -25.91
CA ILE LB 91 -66.40 24.02 -26.17
C ILE LB 91 -66.26 25.20 -25.19
N LYS LB 92 -67.32 25.97 -25.04
CA LYS LB 92 -67.38 27.05 -24.05
C LYS LB 92 -67.08 26.57 -22.65
N LYS LB 93 -67.55 25.38 -22.33
CA LYS LB 93 -67.31 24.75 -21.05
C LYS LB 93 -65.84 24.39 -20.90
N ALA LB 94 -65.29 23.76 -21.93
CA ALA LB 94 -63.88 23.40 -21.94
C ALA LB 94 -63.02 24.62 -21.69
N VAL LB 95 -63.25 25.67 -22.46
CA VAL LB 95 -62.45 26.88 -22.32
C VAL LB 95 -62.56 27.44 -20.90
N ALA LB 96 -63.73 27.33 -20.28
CA ALA LB 96 -63.85 27.75 -18.89
C ALA LB 96 -63.00 26.88 -17.95
N VAL LB 97 -62.89 25.58 -18.20
CA VAL LB 97 -62.06 24.70 -17.35
C VAL LB 97 -60.60 24.98 -17.58
N ARG LB 98 -60.26 25.14 -18.85
CA ARG LB 98 -58.94 25.56 -19.24
C ARG LB 98 -58.49 26.73 -18.36
N LYS LB 99 -59.29 27.80 -18.36
CA LYS LB 99 -58.90 29.05 -17.69
C LYS LB 99 -58.43 28.88 -16.28
N HIS LB 100 -59.26 28.30 -15.43
CA HIS LB 100 -58.84 28.18 -14.05
C HIS LB 100 -57.78 27.10 -13.83
N LEU LB 101 -57.65 26.15 -14.76
CA LEU LB 101 -56.54 25.21 -14.69
C LEU LB 101 -55.25 26.00 -14.91
N GLU LB 102 -55.28 26.94 -15.85
CA GLU LB 102 -54.13 27.82 -16.15
C GLU LB 102 -53.70 28.79 -15.02
N ARG LB 103 -54.58 29.05 -14.06
CA ARG LB 103 -54.20 29.74 -12.81
C ARG LB 103 -53.89 28.76 -11.66
N ASN LB 104 -54.64 27.65 -11.58
CA ASN LB 104 -54.55 26.67 -10.49
C ASN LB 104 -54.06 25.31 -10.97
N ARG LB 105 -52.75 25.14 -11.08
CA ARG LB 105 -52.21 23.92 -11.65
C ARG LB 105 -52.20 22.73 -10.70
N LYS LB 106 -53.06 22.74 -9.69
CA LYS LB 106 -53.16 21.63 -8.73
C LYS LB 106 -54.42 20.82 -8.96
N ASP LB 107 -55.56 21.50 -9.13
CA ASP LB 107 -56.83 20.88 -9.48
C ASP LB 107 -56.67 19.60 -10.31
N LYS LB 108 -56.58 18.48 -9.60
CA LYS LB 108 -56.60 17.20 -10.26
C LYS LB 108 -58.01 16.95 -10.78
N ASP LB 109 -59.04 17.35 -10.03
CA ASP LB 109 -60.40 17.11 -10.51
C ASP LB 109 -60.64 17.76 -11.84
N ALA LB 110 -60.34 19.05 -11.96
CA ALA LB 110 -60.49 19.74 -13.24
C ALA LB 110 -59.78 18.99 -14.39
N LYS LB 111 -58.69 18.30 -14.09
CA LYS LB 111 -58.01 17.49 -15.10
C LYS LB 111 -58.61 16.06 -15.41
N PHE LB 112 -59.81 15.69 -14.93
CA PHE LB 112 -60.70 14.93 -15.86
C PHE LB 112 -61.37 15.99 -16.60
N ARG LB 113 -62.07 16.79 -15.83
CA ARG LB 113 -63.35 17.29 -16.27
C ARG LB 113 -63.08 18.02 -17.56
N LEU LB 114 -61.84 18.49 -17.70
CA LEU LB 114 -61.26 18.82 -18.99
C LEU LB 114 -61.20 17.59 -19.92
N ILE LB 115 -60.34 16.61 -19.64
CA ILE LB 115 -60.18 15.36 -20.46
C ILE LB 115 -61.51 14.75 -20.90
N LEU LB 116 -62.43 14.59 -19.96
CA LEU LB 116 -63.77 14.15 -20.30
C LEU LB 116 -64.38 15.12 -21.28
N ILE LB 117 -64.53 16.37 -20.89
CA ILE LB 117 -65.10 17.37 -21.77
C ILE LB 117 -64.45 17.40 -23.16
N GLU LB 118 -63.13 17.37 -23.23
CA GLU LB 118 -62.42 17.23 -24.51
C GLU LB 118 -62.98 16.02 -25.24
N SER LB 119 -63.02 14.88 -24.56
CA SER LB 119 -63.50 13.65 -25.20
C SER LB 119 -64.96 13.69 -25.64
N ARG LB 120 -65.85 14.30 -24.85
CA ARG LB 120 -67.23 14.53 -25.29
C ARG LB 120 -67.31 15.53 -26.43
N ILE LB 121 -66.27 16.34 -26.63
CA ILE LB 121 -66.19 17.18 -27.83
C ILE LB 121 -65.85 16.36 -29.05
N HIS LB 122 -64.65 15.78 -29.04
CA HIS LB 122 -64.18 14.98 -30.18
C HIS LB 122 -65.28 14.02 -30.58
N ARG LB 123 -65.77 13.25 -29.61
CA ARG LB 123 -66.84 12.30 -29.91
C ARG LB 123 -67.94 12.94 -30.69
N LEU LB 124 -68.46 14.06 -30.20
CA LEU LB 124 -69.51 14.75 -30.95
C LEU LB 124 -69.03 15.09 -32.35
N ALA LB 125 -67.92 15.81 -32.39
CA ALA LB 125 -67.37 16.28 -33.64
C ALA LB 125 -67.49 15.23 -34.70
N ARG LB 126 -66.96 14.03 -34.44
CA ARG LB 126 -66.82 13.05 -35.52
C ARG LB 126 -68.08 12.32 -35.93
N TYR LB 127 -69.25 12.73 -35.46
CA TYR LB 127 -70.40 12.54 -36.34
C TYR LB 127 -70.65 13.79 -37.16
N TYR LB 128 -70.58 14.97 -36.55
CA TYR LB 128 -70.82 16.20 -37.32
C TYR LB 128 -69.94 16.29 -38.60
N LYS LB 129 -68.90 15.46 -38.66
CA LYS LB 129 -68.06 15.20 -39.83
C LYS LB 129 -68.63 14.16 -40.79
N THR LB 130 -69.42 13.20 -40.29
CA THR LB 130 -70.12 12.22 -41.14
C THR LB 130 -71.54 12.61 -41.54
N LYS LB 131 -72.19 13.36 -40.67
CA LYS LB 131 -73.48 13.99 -40.93
C LYS LB 131 -73.23 15.33 -41.67
N ARG LB 132 -71.96 15.74 -41.72
CA ARG LB 132 -71.44 16.72 -42.68
C ARG LB 132 -71.94 18.13 -42.45
N VAL LB 133 -72.27 18.46 -41.20
CA VAL LB 133 -72.63 19.83 -40.87
C VAL LB 133 -71.34 20.63 -40.64
N LEU LB 134 -70.28 19.94 -40.20
CA LEU LB 134 -68.94 20.52 -40.14
C LEU LB 134 -68.09 20.03 -41.31
N PRO LB 135 -67.18 20.89 -41.80
CA PRO LB 135 -66.31 20.50 -42.89
C PRO LB 135 -65.23 19.58 -42.37
N PRO LB 136 -64.75 18.66 -43.21
CA PRO LB 136 -63.95 17.53 -42.74
C PRO LB 136 -62.50 17.89 -42.41
N ASN LB 137 -62.32 18.84 -41.50
CA ASN LB 137 -61.06 19.54 -41.35
C ASN LB 137 -60.93 20.12 -39.97
N TRP LB 138 -61.90 20.95 -39.61
CA TRP LB 138 -62.08 21.50 -38.26
C TRP LB 138 -61.82 20.45 -37.23
N LYS LB 139 -61.24 20.93 -36.16
CA LYS LB 139 -60.50 20.13 -35.24
C LYS LB 139 -60.48 21.00 -34.01
N TYR LB 140 -60.30 20.41 -32.85
CA TYR LB 140 -60.06 21.25 -31.70
C TYR LB 140 -58.67 21.79 -31.77
N GLU LB 141 -58.49 22.97 -31.22
CA GLU LB 141 -57.17 23.32 -30.74
C GLU LB 141 -57.36 24.32 -29.61
N SER LB 142 -57.26 23.81 -28.38
CA SER LB 142 -56.87 24.59 -27.20
C SER LB 142 -56.71 26.10 -27.40
N SER LB 143 -55.75 26.46 -28.28
CA SER LB 143 -55.42 27.83 -28.60
C SER LB 143 -56.55 28.51 -29.36
N THR LB 144 -56.95 27.92 -30.48
CA THR LB 144 -58.00 28.45 -31.33
C THR LB 144 -59.41 28.29 -30.76
N ALA LB 145 -59.55 27.52 -29.69
CA ALA LB 145 -60.85 27.28 -29.07
C ALA LB 145 -61.46 28.53 -28.45
N SER LB 146 -60.67 29.22 -27.62
CA SER LB 146 -61.17 30.38 -26.88
C SER LB 146 -61.78 31.41 -27.80
N ALA LB 147 -61.13 31.62 -28.94
CA ALA LB 147 -61.67 32.43 -30.01
C ALA LB 147 -63.04 31.93 -30.50
N LEU LB 148 -63.13 30.64 -30.77
CA LEU LB 148 -64.31 30.05 -31.43
C LEU LB 148 -65.63 30.28 -30.68
N VAL LB 149 -65.57 30.42 -29.35
CA VAL LB 149 -66.69 30.97 -28.58
C VAL LB 149 -66.78 32.45 -28.87
N SER MB 1 -51.13 36.61 62.25
CA SER MB 1 -51.78 37.55 61.29
C SER MB 1 -52.29 36.81 60.05
N LEU MB 2 -53.08 35.75 60.25
CA LEU MB 2 -53.65 34.98 59.12
C LEU MB 2 -55.04 34.36 59.37
N GLY MB 3 -55.94 34.61 58.42
CA GLY MB 3 -57.36 34.27 58.47
C GLY MB 3 -58.26 35.29 59.16
N PRO MB 4 -58.09 36.61 58.88
CA PRO MB 4 -58.74 37.62 59.71
C PRO MB 4 -60.24 37.76 59.46
N GLN MB 5 -60.70 37.60 58.22
CA GLN MB 5 -62.13 37.62 57.92
C GLN MB 5 -62.72 36.34 58.47
N VAL MB 6 -63.05 36.39 59.74
CA VAL MB 6 -63.67 35.29 60.45
C VAL MB 6 -64.89 35.90 61.16
N ALA MB 7 -66.00 35.95 60.43
CA ALA MB 7 -67.28 36.39 60.98
C ALA MB 7 -68.04 35.25 61.68
N GLU MB 8 -67.33 34.18 62.06
CA GLU MB 8 -67.90 33.01 62.75
C GLU MB 8 -69.09 32.38 62.00
N GLY MB 9 -68.86 32.10 60.72
CA GLY MB 9 -69.89 31.51 59.87
C GLY MB 9 -69.33 31.07 58.54
N GLU MB 10 -69.01 32.05 57.71
CA GLU MB 10 -68.55 31.78 56.35
C GLU MB 10 -67.14 31.18 56.32
N ASN MB 11 -66.90 30.40 55.27
CA ASN MB 11 -65.64 29.73 55.06
C ASN MB 11 -64.81 30.43 53.99
N VAL MB 12 -63.51 30.20 54.06
CA VAL MB 12 -62.59 30.66 53.04
C VAL MB 12 -62.32 29.49 52.12
N PHE MB 13 -62.66 29.64 50.84
CA PHE MB 13 -62.44 28.58 49.83
C PHE MB 13 -61.03 28.79 49.32
N GLY MB 14 -60.35 27.68 49.07
CA GLY MB 14 -59.25 27.63 48.12
C GLY MB 14 -59.85 26.81 47.01
N VAL MB 15 -59.00 26.27 46.15
CA VAL MB 15 -59.39 25.14 45.32
C VAL MB 15 -58.48 24.01 45.69
N CYS MB 16 -58.69 22.85 45.08
CA CYS MB 16 -57.88 21.65 45.31
C CYS MB 16 -57.10 21.11 44.07
N HIS MB 17 -57.54 21.56 42.89
CA HIS MB 17 -57.25 20.93 41.60
C HIS MB 17 -57.41 19.37 41.73
N ILE MB 18 -56.34 18.64 42.07
CA ILE MB 18 -56.25 17.13 41.98
C ILE MB 18 -56.03 16.62 40.55
N PHE MB 19 -54.76 16.44 40.21
CA PHE MB 19 -54.31 15.76 38.99
C PHE MB 19 -54.11 14.38 39.54
N ALA MB 20 -55.22 13.65 39.51
CA ALA MB 20 -55.22 12.24 39.75
C ALA MB 20 -54.91 11.61 38.44
N SER MB 21 -54.09 10.58 38.47
CA SER MB 21 -53.83 9.81 37.28
C SER MB 21 -53.45 8.42 37.65
N PHE MB 22 -53.22 7.66 36.60
CA PHE MB 22 -52.34 6.53 36.63
C PHE MB 22 -50.95 6.96 37.08
N ASN MB 23 -50.24 6.08 37.78
CA ASN MB 23 -48.87 6.35 38.24
C ASN MB 23 -48.62 7.41 39.35
N ASP MB 24 -49.64 8.18 39.76
CA ASP MB 24 -49.55 9.13 40.89
C ASP MB 24 -50.87 9.86 41.12
N THR MB 25 -50.99 10.55 42.25
CA THR MB 25 -52.09 11.51 42.52
C THR MB 25 -51.58 12.65 43.36
N PHE MB 26 -51.54 13.84 42.77
CA PHE MB 26 -51.14 15.01 43.54
C PHE MB 26 -52.46 15.62 44.05
N VAL MB 27 -52.42 16.27 45.20
CA VAL MB 27 -53.52 17.09 45.71
C VAL MB 27 -52.93 18.48 45.88
N HIS MB 28 -53.53 19.52 45.33
CA HIS MB 28 -52.85 20.81 45.25
C HIS MB 28 -53.78 21.90 45.69
N VAL MB 29 -53.88 22.10 46.99
CA VAL MB 29 -54.69 23.20 47.45
C VAL MB 29 -53.95 24.49 47.14
N THR MB 30 -54.69 25.43 46.55
CA THR MB 30 -54.16 26.72 46.20
C THR MB 30 -55.17 27.78 46.62
N ASP MB 31 -54.93 28.99 46.16
CA ASP MB 31 -55.87 30.08 46.36
C ASP MB 31 -56.77 30.22 45.14
N LEU MB 32 -57.74 31.13 45.23
CA LEU MB 32 -58.72 31.31 44.17
C LEU MB 32 -58.15 31.73 42.84
N SER MB 33 -57.08 32.52 42.88
CA SER MB 33 -56.34 32.83 41.69
C SER MB 33 -55.81 31.53 41.10
N GLY MB 34 -55.12 30.78 41.94
CA GLY MB 34 -54.28 29.68 41.50
C GLY MB 34 -52.83 30.07 41.70
N LYS MB 35 -52.48 31.29 41.29
CA LYS MB 35 -51.11 31.82 41.43
C LYS MB 35 -50.49 31.33 42.72
N GLU MB 36 -51.08 31.75 43.83
CA GLU MB 36 -50.48 31.57 45.13
C GLU MB 36 -51.02 30.27 45.69
N THR MB 37 -50.13 29.44 46.22
CA THR MB 37 -50.45 28.05 46.54
C THR MB 37 -49.95 27.60 47.90
N ILE MB 38 -50.63 26.59 48.42
CA ILE MB 38 -50.64 26.23 49.84
C ILE MB 38 -50.85 24.74 50.01
N CYS MB 39 -49.74 24.01 50.13
CA CYS MB 39 -49.74 22.56 50.39
C CYS MB 39 -50.15 21.74 49.18
N ARG MB 40 -49.21 20.92 48.72
CA ARG MB 40 -49.35 20.11 47.52
C ARG MB 40 -49.34 18.69 48.01
N VAL MB 41 -48.16 18.20 48.40
CA VAL MB 41 -47.94 16.79 48.79
C VAL MB 41 -48.68 15.71 47.97
N THR MB 42 -47.90 15.03 47.14
CA THR MB 42 -48.42 14.00 46.25
C THR MB 42 -48.53 12.70 46.99
N GLY MB 43 -49.14 11.73 46.32
CA GLY MB 43 -49.27 10.38 46.85
C GLY MB 43 -47.95 9.67 47.00
N GLY MB 44 -47.14 9.73 45.94
CA GLY MB 44 -45.79 9.17 45.94
C GLY MB 44 -44.87 9.74 46.99
N MET MB 45 -45.21 10.93 47.52
CA MET MB 45 -44.52 11.49 48.68
C MET MB 45 -44.64 10.61 49.91
N LYS MB 46 -45.82 10.02 50.12
CA LYS MB 46 -46.17 9.35 51.38
C LYS MB 46 -46.00 7.85 51.47
N VAL MB 47 -45.72 7.19 50.34
CA VAL MB 47 -45.41 5.77 50.35
C VAL MB 47 -44.26 5.45 49.42
N LYS MB 48 -43.10 5.11 49.98
CA LYS MB 48 -41.88 4.93 49.18
C LYS MB 48 -41.84 3.46 48.73
N ALA MB 49 -42.51 3.21 47.60
CA ALA MB 49 -42.51 1.90 46.91
C ALA MB 49 -43.13 1.99 45.47
N ASP MB 50 -42.69 2.98 44.69
CA ASP MB 50 -43.22 3.37 43.33
C ASP MB 50 -44.56 2.79 42.80
N ARG MB 51 -44.78 1.47 42.88
CA ARG MB 51 -45.99 0.82 42.28
C ARG MB 51 -47.34 1.18 42.87
N ASP MB 52 -47.31 1.88 44.00
CA ASP MB 52 -48.48 2.30 44.71
C ASP MB 52 -48.45 3.84 44.88
N GLU MB 53 -47.75 4.52 43.97
CA GLU MB 53 -47.85 5.97 43.85
C GLU MB 53 -49.28 6.28 43.44
N SER MB 54 -49.83 5.46 42.53
CA SER MB 54 -51.24 5.50 42.15
C SER MB 54 -52.18 5.33 43.34
N SER MB 55 -52.03 4.17 43.99
CA SER MB 55 -53.08 3.51 44.81
C SER MB 55 -53.83 4.38 45.82
N PRO MB 56 -55.06 3.99 46.17
CA PRO MB 56 -55.97 4.87 46.94
C PRO MB 56 -55.47 5.30 48.33
N TYR MB 57 -55.10 4.34 49.16
CA TYR MB 57 -54.42 4.59 50.44
C TYR MB 57 -53.26 5.57 50.33
N ALA MB 58 -52.61 5.66 49.16
CA ALA MB 58 -51.65 6.74 48.95
C ALA MB 58 -52.38 8.09 48.97
N ALA MB 59 -53.31 8.25 48.05
CA ALA MB 59 -54.07 9.50 47.89
C ALA MB 59 -54.82 9.90 49.14
N MET MB 60 -55.26 8.92 49.91
CA MET MB 60 -55.71 9.16 51.27
C MET MB 60 -54.80 10.12 51.96
N LEU MB 61 -53.56 9.67 52.18
CA LEU MB 61 -52.67 10.34 53.08
C LEU MB 61 -52.34 11.71 52.53
N ALA MB 62 -51.92 11.74 51.27
CA ALA MB 62 -51.67 13.01 50.57
C ALA MB 62 -52.87 13.96 50.63
N ALA MB 63 -54.10 13.44 50.68
CA ALA MB 63 -55.27 14.29 50.88
C ALA MB 63 -55.36 14.82 52.29
N GLN MB 64 -55.04 13.97 53.26
CA GLN MB 64 -55.15 14.33 54.68
C GLN MB 64 -54.14 15.40 55.03
N ASP MB 65 -52.88 15.11 54.75
CA ASP MB 65 -51.80 16.01 55.16
C ASP MB 65 -51.71 17.29 54.32
N VAL MB 66 -52.59 17.42 53.33
CA VAL MB 66 -53.00 18.73 52.83
C VAL MB 66 -54.05 19.26 53.77
N ALA MB 67 -55.16 18.54 53.87
CA ALA MB 67 -56.31 18.98 54.69
C ALA MB 67 -55.89 19.54 56.03
N GLN MB 68 -54.98 18.79 56.66
CA GLN MB 68 -54.40 19.14 57.93
C GLN MB 68 -53.72 20.50 57.93
N ARG MB 69 -52.84 20.73 56.96
CA ARG MB 69 -52.09 21.97 56.90
C ARG MB 69 -52.98 23.12 56.42
N CYS MB 70 -53.87 22.84 55.46
CA CYS MB 70 -54.71 23.90 54.87
C CYS MB 70 -55.72 24.49 55.82
N LYS MB 71 -56.21 23.69 56.76
CA LYS MB 71 -57.09 24.23 57.79
C LYS MB 71 -56.35 25.08 58.83
N GLU MB 72 -55.03 24.88 59.00
CA GLU MB 72 -54.23 25.72 59.90
C GLU MB 72 -54.16 27.17 59.44
N LEU MB 73 -54.05 27.36 58.14
CA LEU MB 73 -54.02 28.71 57.59
C LEU MB 73 -55.36 29.46 57.74
N GLY MB 74 -56.46 28.71 57.88
CA GLY MB 74 -57.82 29.27 57.94
C GLY MB 74 -58.62 28.92 56.71
N ILE MB 75 -57.96 28.29 55.71
CA ILE MB 75 -58.62 27.86 54.49
C ILE MB 75 -59.45 26.65 54.89
N THR MB 76 -60.74 26.90 55.06
CA THR MB 76 -61.66 25.94 55.66
C THR MB 76 -62.49 25.15 54.65
N ALA MB 77 -62.51 25.60 53.39
CA ALA MB 77 -63.33 25.00 52.34
C ALA MB 77 -62.63 25.00 50.97
N LEU MB 78 -63.10 24.15 50.05
CA LEU MB 78 -62.35 23.83 48.83
C LEU MB 78 -63.26 23.48 47.66
N HIS MB 79 -63.22 24.24 46.56
CA HIS MB 79 -63.81 23.71 45.32
C HIS MB 79 -62.75 22.83 44.74
N ILE MB 80 -63.19 21.82 44.01
CA ILE MB 80 -62.30 20.82 43.49
C ILE MB 80 -62.34 20.89 41.97
N LYS MB 81 -61.15 20.92 41.38
CA LYS MB 81 -61.01 20.98 39.94
C LYS MB 81 -60.29 19.71 39.45
N LEU MB 82 -61.02 18.61 39.51
CA LEU MB 82 -60.53 17.27 39.17
C LEU MB 82 -60.05 17.13 37.72
N ARG MB 83 -58.98 16.38 37.56
CA ARG MB 83 -58.25 16.29 36.30
C ARG MB 83 -57.97 14.83 36.00
N ALA MB 84 -57.44 14.58 34.80
CA ALA MB 84 -56.77 13.34 34.49
C ALA MB 84 -55.67 13.69 33.50
N THR MB 85 -54.81 12.73 33.14
CA THR MB 85 -53.59 13.07 32.38
C THR MB 85 -53.86 13.70 31.01
N GLY MB 86 -55.05 13.46 30.46
CA GLY MB 86 -55.61 14.31 29.42
C GLY MB 86 -54.80 14.31 28.14
N GLY MB 87 -54.89 15.41 27.38
CA GLY MB 87 -54.23 15.52 26.09
C GLY MB 87 -54.58 14.30 25.24
N ASN MB 88 -53.55 13.59 24.83
CA ASN MB 88 -53.75 12.37 24.08
C ASN MB 88 -54.03 11.19 25.00
N ARG MB 89 -53.44 11.22 26.19
CA ARG MB 89 -53.60 10.16 27.19
C ARG MB 89 -55.02 10.08 27.80
N THR MB 90 -55.28 8.91 28.38
CA THR MB 90 -56.58 8.42 28.88
C THR MB 90 -57.82 9.33 29.08
N LYS MB 91 -57.69 10.41 29.83
CA LYS MB 91 -58.82 11.21 30.37
C LYS MB 91 -60.00 10.49 31.06
N THR MB 92 -59.70 9.42 31.79
CA THR MB 92 -60.61 8.82 32.76
C THR MB 92 -59.82 8.74 34.05
N PRO MB 93 -60.16 9.55 35.06
CA PRO MB 93 -59.21 9.67 36.17
C PRO MB 93 -58.78 8.32 36.74
N GLY MB 94 -57.53 8.26 37.21
CA GLY MB 94 -57.02 7.07 37.88
C GLY MB 94 -57.76 6.74 39.16
N PRO MB 95 -57.39 5.62 39.80
CA PRO MB 95 -58.15 5.17 40.97
C PRO MB 95 -58.10 6.16 42.13
N GLY MB 96 -56.92 6.73 42.38
CA GLY MB 96 -56.73 7.63 43.52
C GLY MB 96 -57.57 8.89 43.54
N ALA MB 97 -58.25 9.18 42.43
CA ALA MB 97 -59.17 10.31 42.35
C ALA MB 97 -60.30 10.38 43.40
N GLN MB 98 -60.72 9.23 43.95
CA GLN MB 98 -61.83 9.22 44.91
C GLN MB 98 -61.35 9.32 46.32
N SER MB 99 -60.45 8.40 46.67
CA SER MB 99 -59.87 8.33 48.00
C SER MB 99 -59.07 9.60 48.36
N ALA MB 100 -58.79 10.46 47.36
CA ALA MB 100 -58.43 11.87 47.63
C ALA MB 100 -59.66 12.62 48.11
N LEU MB 101 -60.68 12.65 47.27
CA LEU MB 101 -61.87 13.47 47.51
C LEU MB 101 -62.52 13.10 48.84
N ARG MB 102 -63.04 11.88 48.91
CA ARG MB 102 -63.33 11.19 50.13
C ARG MB 102 -62.59 11.73 51.35
N ALA MB 103 -61.27 11.59 51.38
CA ALA MB 103 -60.46 11.80 52.60
C ALA MB 103 -60.49 13.23 53.11
N LEU MB 104 -60.42 14.19 52.19
CA LEU MB 104 -60.48 15.60 52.59
C LEU MB 104 -61.91 16.04 52.95
N ALA MB 105 -62.92 15.27 52.53
CA ALA MB 105 -64.27 15.44 53.07
C ALA MB 105 -64.42 14.79 54.47
N ARG MB 106 -63.72 13.67 54.66
CA ARG MB 106 -63.55 13.02 55.96
C ARG MB 106 -62.97 13.96 57.02
N SER MB 107 -61.75 14.43 56.77
CA SER MB 107 -60.98 15.22 57.74
C SER MB 107 -61.60 16.59 57.99
N GLY MB 108 -62.61 16.92 57.20
CA GLY MB 108 -63.51 17.99 57.52
C GLY MB 108 -63.07 19.28 56.87
N MET MB 109 -62.76 19.21 55.58
CA MET MB 109 -62.76 20.39 54.74
C MET MB 109 -64.12 20.37 54.10
N LYS MB 110 -64.59 21.55 53.73
CA LYS MB 110 -65.86 21.69 53.05
C LYS MB 110 -65.63 21.67 51.54
N ILE MB 111 -66.71 21.39 50.81
CA ILE MB 111 -66.65 21.05 49.39
C ILE MB 111 -67.62 21.87 48.54
N GLY MB 112 -67.09 22.68 47.62
CA GLY MB 112 -67.90 23.48 46.70
C GLY MB 112 -67.63 23.06 45.26
N ARG MB 113 -68.57 23.35 44.38
CA ARG MB 113 -68.41 23.15 42.92
C ARG MB 113 -68.17 21.73 42.41
N ILE MB 114 -66.95 21.22 42.52
CA ILE MB 114 -66.50 20.02 41.79
C ILE MB 114 -66.61 20.24 40.28
N GLU MB 115 -65.49 20.23 39.58
CA GLU MB 115 -65.55 20.36 38.13
C GLU MB 115 -64.32 19.66 37.51
N ASP MB 116 -64.35 19.44 36.19
CA ASP MB 116 -63.52 18.44 35.52
C ASP MB 116 -62.60 19.00 34.46
N VAL MB 117 -61.45 19.51 34.86
CA VAL MB 117 -60.60 20.25 33.93
C VAL MB 117 -59.57 19.38 33.24
N THR MB 118 -59.91 18.13 32.95
CA THR MB 118 -58.99 17.25 32.23
C THR MB 118 -58.74 18.01 30.94
N PRO MB 119 -57.47 18.23 30.59
CA PRO MB 119 -57.23 18.91 29.33
C PRO MB 119 -57.64 17.97 28.20
N ILE MB 120 -58.76 18.27 27.53
CA ILE MB 120 -59.15 17.52 26.34
C ILE MB 120 -58.75 18.36 25.16
N PRO MB 121 -57.98 17.75 24.26
CA PRO MB 121 -57.51 18.45 23.12
C PRO MB 121 -58.56 18.41 22.03
N SER MB 122 -58.48 19.40 21.14
CA SER MB 122 -58.98 19.24 19.81
C SER MB 122 -57.91 18.51 19.00
N ASP MB 123 -58.05 17.19 18.92
CA ASP MB 123 -57.44 16.30 17.89
C ASP MB 123 -55.90 16.37 17.72
N SER MB 124 -55.22 16.88 18.73
CA SER MB 124 -53.82 17.26 18.60
C SER MB 124 -52.91 16.06 18.61
N THR MB 125 -51.65 16.33 18.26
CA THR MB 125 -50.53 15.39 18.29
C THR MB 125 -50.84 13.90 18.08
N ARG MB 126 -49.87 13.21 17.51
CA ARG MB 126 -50.00 11.81 17.20
C ARG MB 126 -49.49 11.07 18.43
N ARG MB 127 -50.42 10.56 19.23
CA ARG MB 127 -50.13 9.88 20.50
C ARG MB 127 -49.12 8.76 20.41
N LYS MB 128 -48.42 8.56 21.51
CA LYS MB 128 -47.33 7.61 21.56
C LYS MB 128 -47.87 6.20 21.51
N GLY MB 129 -47.11 5.31 20.89
CA GLY MB 129 -47.44 3.88 20.86
C GLY MB 129 -47.02 3.27 19.55
N GLY MB 130 -47.39 3.94 18.48
CA GLY MB 130 -46.99 3.52 17.15
C GLY MB 130 -47.84 2.39 16.63
N ARG MB 131 -49.13 2.66 16.46
CA ARG MB 131 -49.91 1.95 15.45
C ARG MB 131 -50.28 0.47 15.73
N ARG MB 132 -49.65 -0.55 15.13
CA ARG MB 132 -49.80 -1.99 15.55
C ARG MB 132 -49.82 -1.83 17.11
N GLY MB 133 -49.20 -0.77 17.64
CA GLY MB 133 -49.64 -0.17 18.91
C GLY MB 133 -48.89 -0.76 20.06
N ARG MB 134 -49.17 -0.34 21.30
CA ARG MB 134 -48.43 -0.82 22.49
C ARG MB 134 -48.78 -2.28 22.83
N ARG MB 135 -48.23 -3.15 22.01
CA ARG MB 135 -48.54 -4.56 22.00
C ARG MB 135 -47.80 -5.22 23.17
N LEU MB 136 -48.57 -5.57 24.20
CA LEU MB 136 -48.03 -6.20 25.39
C LEU MB 136 -49.04 -7.20 25.94
N MET NB 1 -100.57 -40.13 -25.25
CA MET NB 1 -99.47 -40.84 -25.97
C MET NB 1 -100.12 -42.00 -26.69
N GLN NB 2 -100.40 -41.77 -27.95
CA GLN NB 2 -100.92 -42.80 -28.81
C GLN NB 2 -99.68 -43.32 -29.56
N ASN NB 3 -99.88 -43.98 -30.69
CA ASN NB 3 -98.75 -44.38 -31.52
C ASN NB 3 -99.19 -44.64 -32.97
N ASP NB 4 -98.90 -45.81 -33.57
CA ASP NB 4 -99.66 -46.24 -34.74
C ASP NB 4 -101.13 -46.35 -34.29
N ALA NB 5 -101.44 -47.34 -33.44
CA ALA NB 5 -102.82 -47.81 -33.22
C ALA NB 5 -103.58 -47.04 -32.14
N GLY NB 6 -103.56 -45.70 -32.20
CA GLY NB 6 -104.27 -44.83 -31.23
C GLY NB 6 -104.07 -45.23 -29.77
N GLU NB 7 -103.00 -45.97 -29.51
CA GLU NB 7 -102.86 -46.86 -28.35
C GLU NB 7 -102.39 -46.06 -27.14
N PHE NB 8 -103.26 -45.83 -26.16
CA PHE NB 8 -102.90 -44.99 -25.00
C PHE NB 8 -101.92 -45.65 -24.06
N VAL NB 9 -100.64 -45.31 -24.28
CA VAL NB 9 -99.52 -45.84 -23.49
C VAL NB 9 -99.41 -44.92 -22.26
N ASP NB 10 -98.45 -45.19 -21.37
CA ASP NB 10 -98.15 -44.37 -20.19
C ASP NB 10 -99.10 -44.75 -19.09
N LEU NB 11 -98.51 -45.23 -18.00
CA LEU NB 11 -99.27 -45.92 -16.99
C LEU NB 11 -100.23 -45.00 -16.22
N TYR NB 12 -100.01 -43.69 -16.23
CA TYR NB 12 -101.08 -42.77 -15.83
C TYR NB 12 -100.91 -41.41 -16.48
N VAL NB 13 -101.98 -40.61 -16.42
CA VAL NB 13 -101.98 -39.23 -16.85
C VAL NB 13 -102.02 -38.45 -15.58
N PRO NB 14 -100.98 -37.66 -15.30
CA PRO NB 14 -100.95 -36.91 -14.03
C PRO NB 14 -102.03 -35.85 -13.90
N ARG NB 15 -102.27 -35.42 -12.67
CA ARG NB 15 -103.10 -34.25 -12.42
C ARG NB 15 -102.29 -33.06 -12.87
N LYS NB 16 -102.90 -31.90 -12.84
CA LYS NB 16 -102.30 -30.71 -13.41
C LYS NB 16 -102.89 -29.52 -12.70
N CYS NB 17 -102.05 -28.74 -12.02
CA CYS NB 17 -102.54 -27.59 -11.26
C CYS NB 17 -103.56 -26.78 -12.05
N SER NB 18 -104.55 -26.26 -11.35
CA SER NB 18 -105.58 -25.49 -11.97
C SER NB 18 -105.10 -24.07 -12.23
N ALA NB 19 -104.25 -23.56 -11.33
CA ALA NB 19 -103.78 -22.17 -11.38
C ALA NB 19 -102.62 -21.87 -12.35
N SER NB 20 -101.71 -22.84 -12.55
CA SER NB 20 -100.55 -22.65 -13.46
C SER NB 20 -100.53 -23.57 -14.69
N ASN NB 21 -101.49 -24.49 -14.79
CA ASN NB 21 -101.44 -25.57 -15.78
C ASN NB 21 -100.19 -26.45 -15.70
N ARG NB 22 -99.50 -26.43 -14.57
CA ARG NB 22 -98.19 -27.05 -14.45
C ARG NB 22 -98.31 -28.39 -13.76
N ILE NB 23 -97.68 -29.41 -14.34
CA ILE NB 23 -97.98 -30.78 -13.94
C ILE NB 23 -97.42 -31.15 -12.59
N ILE NB 24 -98.32 -31.76 -11.83
CA ILE NB 24 -98.22 -31.85 -10.40
C ILE NB 24 -97.56 -33.17 -10.09
N GLY NB 25 -96.57 -33.13 -9.20
CA GLY NB 25 -95.61 -34.21 -9.04
C GLY NB 25 -96.20 -35.54 -8.64
N ALA NB 26 -95.45 -36.60 -8.94
CA ALA NB 26 -95.75 -37.91 -8.39
C ALA NB 26 -95.53 -37.84 -6.88
N LYS NB 27 -94.38 -37.31 -6.49
CA LYS NB 27 -94.08 -37.10 -5.09
C LYS NB 27 -93.90 -35.62 -4.84
N ASP NB 28 -94.98 -34.89 -5.06
CA ASP NB 28 -95.09 -33.48 -4.68
C ASP NB 28 -96.11 -33.49 -3.57
N HIS NB 29 -95.63 -33.50 -2.36
CA HIS NB 29 -96.50 -33.73 -1.23
C HIS NB 29 -97.21 -32.48 -0.72
N ALA NB 30 -96.71 -31.29 -1.10
CA ALA NB 30 -97.42 -30.03 -0.85
C ALA NB 30 -98.49 -29.73 -1.89
N SER NB 31 -98.89 -30.74 -2.67
CA SER NB 31 -100.11 -30.68 -3.46
C SER NB 31 -101.35 -30.56 -2.60
N ILE NB 32 -102.43 -30.26 -3.29
CA ILE NB 32 -103.73 -30.12 -2.71
C ILE NB 32 -104.65 -30.78 -3.73
N GLN NB 33 -105.87 -31.09 -3.30
CA GLN NB 33 -106.98 -31.00 -4.23
C GLN NB 33 -108.23 -30.69 -3.43
N MET NB 34 -108.54 -29.40 -3.45
CA MET NB 34 -109.66 -28.87 -2.71
C MET NB 34 -110.93 -29.24 -3.39
N ASN NB 35 -111.76 -29.94 -2.66
CA ASN NB 35 -113.14 -30.12 -3.04
C ASN NB 35 -113.97 -29.00 -2.35
N VAL NB 36 -114.81 -28.34 -3.15
CA VAL NB 36 -115.67 -27.23 -2.72
C VAL NB 36 -117.10 -27.54 -3.19
N ALA NB 37 -118.07 -27.50 -2.28
CA ALA NB 37 -119.45 -27.87 -2.58
C ALA NB 37 -120.22 -26.70 -3.21
N GLU NB 38 -121.28 -27.01 -3.96
CA GLU NB 38 -122.29 -26.01 -4.35
C GLU NB 38 -123.52 -26.24 -3.49
N VAL NB 39 -124.54 -25.41 -3.70
CA VAL NB 39 -125.78 -25.47 -2.92
C VAL NB 39 -126.97 -25.84 -3.82
N ASP NB 40 -128.17 -25.84 -3.24
CA ASP NB 40 -129.40 -26.10 -3.98
C ASP NB 40 -129.84 -24.97 -4.96
N LYS NB 41 -129.33 -23.75 -4.76
CA LYS NB 41 -129.65 -22.52 -5.52
C LYS NB 41 -130.61 -21.62 -4.74
N VAL NB 42 -131.67 -22.22 -4.19
CA VAL NB 42 -132.61 -21.51 -3.34
C VAL NB 42 -132.09 -21.47 -1.90
N THR NB 43 -132.46 -22.45 -1.06
CA THR NB 43 -132.33 -22.36 0.42
C THR NB 43 -130.91 -22.25 1.00
N GLY NB 44 -130.02 -23.09 0.50
CA GLY NB 44 -128.71 -23.32 1.11
C GLY NB 44 -128.40 -24.76 0.83
N ARG NB 45 -127.84 -25.46 1.82
CA ARG NB 45 -127.73 -26.93 1.78
C ARG NB 45 -126.79 -27.48 0.69
N PHE NB 46 -125.59 -27.97 1.05
CA PHE NB 46 -124.84 -28.78 0.09
C PHE NB 46 -125.77 -29.95 -0.17
N ASN NB 47 -126.39 -29.91 -1.34
CA ASN NB 47 -126.90 -31.10 -1.98
C ASN NB 47 -126.55 -30.98 -3.46
N GLY NB 48 -125.93 -32.05 -3.94
CA GLY NB 48 -125.63 -32.22 -5.34
C GLY NB 48 -124.19 -32.65 -5.46
N GLN NB 49 -123.36 -31.68 -5.82
CA GLN NB 49 -122.09 -32.00 -6.44
C GLN NB 49 -121.00 -31.01 -6.02
N PHE NB 50 -120.04 -30.74 -6.90
CA PHE NB 50 -118.65 -30.60 -6.48
C PHE NB 50 -117.70 -29.86 -7.41
N LYS NB 51 -117.08 -28.81 -6.89
CA LYS NB 51 -116.06 -28.08 -7.62
C LYS NB 51 -114.71 -28.53 -7.10
N THR NB 52 -114.19 -29.57 -7.76
CA THR NB 52 -112.81 -30.05 -7.55
C THR NB 52 -111.83 -29.10 -8.26
N TYR NB 53 -110.60 -29.10 -7.77
CA TYR NB 53 -109.80 -27.88 -7.78
C TYR NB 53 -108.41 -28.10 -7.21
N ALA NB 54 -107.38 -28.26 -8.06
CA ALA NB 54 -106.04 -28.65 -7.59
C ALA NB 54 -105.01 -27.55 -7.68
N ILE NB 55 -104.01 -27.64 -6.82
CA ILE NB 55 -102.93 -26.68 -6.77
C ILE NB 55 -101.63 -27.37 -6.39
N CYS NB 56 -100.56 -27.00 -7.10
CA CYS NB 56 -99.23 -27.56 -6.89
C CYS NB 56 -98.63 -27.11 -5.58
N GLY NB 57 -97.45 -27.64 -5.30
CA GLY NB 57 -96.67 -27.17 -4.18
C GLY NB 57 -96.14 -25.76 -4.38
N ALA NB 58 -95.47 -25.53 -5.50
CA ALA NB 58 -94.74 -24.28 -5.74
C ALA NB 58 -95.61 -23.05 -5.49
N ILE NB 59 -96.83 -23.09 -5.99
CA ILE NB 59 -97.77 -22.01 -5.81
C ILE NB 59 -98.14 -21.82 -4.34
N ARG NB 60 -98.24 -22.91 -3.58
CA ARG NB 60 -98.45 -22.81 -2.13
C ARG NB 60 -97.27 -22.14 -1.46
N ARG NB 61 -96.07 -22.65 -1.66
CA ARG NB 61 -94.90 -22.09 -0.97
C ARG NB 61 -94.57 -20.66 -1.43
N MET NB 62 -95.03 -20.28 -2.61
CA MET NB 62 -94.96 -18.89 -3.06
C MET NB 62 -95.82 -17.98 -2.20
N GLY NB 63 -96.93 -18.50 -1.68
CA GLY NB 63 -97.82 -17.74 -0.84
C GLY NB 63 -99.17 -17.51 -1.49
N GLU NB 64 -99.30 -17.82 -2.78
CA GLU NB 64 -100.52 -17.47 -3.53
C GLU NB 64 -101.75 -18.31 -3.18
N SER NB 65 -101.75 -19.58 -3.57
CA SER NB 65 -102.92 -20.48 -3.47
C SER NB 65 -104.30 -19.81 -3.33
N ASP NB 66 -104.52 -19.01 -2.27
CA ASP NB 66 -105.82 -18.31 -2.05
C ASP NB 66 -106.19 -17.18 -3.03
N ASP NB 67 -105.19 -16.45 -3.52
CA ASP NB 67 -105.37 -15.57 -4.67
C ASP NB 67 -105.88 -16.41 -5.82
N SER NB 68 -105.15 -17.50 -6.06
CA SER NB 68 -105.42 -18.39 -7.17
C SER NB 68 -106.57 -19.38 -6.93
N ILE NB 69 -107.09 -19.46 -5.71
CA ILE NB 69 -108.35 -20.15 -5.46
C ILE NB 69 -109.49 -19.23 -5.85
N LEU NB 70 -109.58 -18.07 -5.21
CA LEU NB 70 -110.61 -17.09 -5.54
C LEU NB 70 -110.85 -16.97 -7.01
N ARG NB 71 -109.81 -16.58 -7.75
CA ARG NB 71 -109.94 -16.24 -9.17
C ARG NB 71 -110.58 -17.37 -9.95
N LEU NB 72 -110.25 -18.61 -9.59
CA LEU NB 72 -110.89 -19.77 -10.22
C LEU NB 72 -112.34 -19.89 -9.77
N ALA NB 73 -112.54 -19.85 -8.44
CA ALA NB 73 -113.85 -20.01 -7.82
C ALA NB 73 -114.90 -19.05 -8.39
N LYS NB 74 -114.50 -17.79 -8.56
CA LYS NB 74 -115.38 -16.74 -9.10
C LYS NB 74 -115.53 -16.78 -10.62
N ALA NB 75 -114.61 -17.46 -11.31
CA ALA NB 75 -114.86 -17.88 -12.70
C ALA NB 75 -115.93 -18.98 -12.74
N ASP NB 76 -115.82 -19.93 -11.83
CA ASP NB 76 -116.75 -21.06 -11.74
C ASP NB 76 -118.13 -20.74 -11.12
N GLY NB 77 -118.41 -19.45 -10.90
CA GLY NB 77 -119.71 -19.02 -10.41
C GLY NB 77 -120.00 -19.30 -8.95
N ILE NB 78 -118.98 -19.77 -8.19
CA ILE NB 78 -119.13 -20.04 -6.76
C ILE NB 78 -119.12 -18.71 -6.02
N VAL NB 79 -118.01 -17.97 -6.18
CA VAL NB 79 -117.88 -16.61 -5.69
C VAL NB 79 -118.45 -15.68 -6.79
N SER NB 80 -118.75 -14.42 -6.45
CA SER NB 80 -119.27 -13.47 -7.45
C SER NB 80 -119.11 -12.02 -7.02
N LYS NB 81 -118.35 -11.27 -7.82
CA LYS NB 81 -118.42 -9.80 -7.91
C LYS NB 81 -118.44 -9.07 -6.56
N ASN NB 82 -117.25 -8.97 -5.98
CA ASN NB 82 -117.06 -8.49 -4.62
C ASN NB 82 -117.11 -6.96 -4.63
N VAL OB 1 -75.94 -2.25 -24.11
CA VAL OB 1 -77.32 -1.64 -24.14
C VAL OB 1 -78.33 -2.59 -24.81
N ARG OB 2 -79.52 -2.14 -25.20
CA ARG OB 2 -80.43 -2.99 -25.98
C ARG OB 2 -79.70 -3.27 -27.28
N MET OB 3 -79.12 -4.47 -27.37
CA MET OB 3 -78.54 -4.93 -28.62
C MET OB 3 -79.58 -5.74 -29.37
N ASN OB 4 -80.11 -6.76 -28.71
CA ASN OB 4 -81.01 -7.68 -29.34
C ASN OB 4 -82.34 -7.72 -28.62
N VAL OB 5 -83.38 -7.35 -29.32
CA VAL OB 5 -84.65 -7.01 -28.69
C VAL OB 5 -85.48 -8.26 -28.46
N LEU OB 6 -85.14 -9.34 -29.15
CA LEU OB 6 -85.67 -10.65 -28.78
C LEU OB 6 -85.20 -11.03 -27.39
N ALA OB 7 -83.88 -11.16 -27.21
CA ALA OB 7 -83.30 -11.70 -25.98
C ALA OB 7 -83.87 -10.99 -24.76
N ASP OB 8 -83.84 -9.67 -24.85
CA ASP OB 8 -84.65 -8.78 -24.05
C ASP OB 8 -86.04 -9.34 -23.69
N ALA OB 9 -86.90 -9.48 -24.71
CA ALA OB 9 -88.28 -9.93 -24.55
C ALA OB 9 -88.43 -11.40 -24.11
N LEU OB 10 -87.82 -12.30 -24.85
CA LEU OB 10 -87.92 -13.72 -24.54
C LEU OB 10 -87.42 -14.14 -23.17
N LYS OB 11 -86.39 -13.47 -22.67
CA LYS OB 11 -85.99 -13.71 -21.29
C LYS OB 11 -87.22 -13.43 -20.44
N SER OB 12 -87.82 -12.26 -20.61
CA SER OB 12 -88.94 -11.82 -19.77
C SER OB 12 -90.28 -12.56 -19.96
N ILE OB 13 -90.40 -13.37 -21.01
CA ILE OB 13 -91.55 -14.29 -21.14
C ILE OB 13 -91.21 -15.76 -20.94
N ASN OB 14 -89.93 -16.15 -20.94
CA ASN OB 14 -89.61 -17.37 -20.23
C ASN OB 14 -89.80 -17.02 -18.76
N ASN OB 15 -89.16 -15.92 -18.36
CA ASN OB 15 -88.85 -15.64 -16.96
C ASN OB 15 -90.05 -15.17 -16.11
N ALA OB 16 -91.21 -15.10 -16.76
CA ALA OB 16 -92.48 -15.02 -16.08
C ALA OB 16 -93.05 -16.41 -15.89
N GLU OB 17 -93.20 -17.14 -17.00
CA GLU OB 17 -93.81 -18.47 -16.96
C GLU OB 17 -93.21 -19.46 -15.95
N LYS OB 18 -91.97 -19.21 -15.50
CA LYS OB 18 -91.40 -19.94 -14.34
C LYS OB 18 -92.14 -19.60 -13.05
N ARG OB 19 -92.27 -18.31 -12.80
CA ARG OB 19 -93.06 -17.83 -11.68
C ARG OB 19 -94.56 -18.11 -11.80
N GLY OB 20 -95.02 -18.58 -12.95
CA GLY OB 20 -96.43 -18.91 -13.16
C GLY OB 20 -97.28 -17.69 -13.45
N LYS OB 21 -96.61 -16.56 -13.68
CA LYS OB 21 -97.25 -15.29 -13.97
C LYS OB 21 -98.32 -15.49 -15.06
N ARG OB 22 -99.45 -14.81 -14.89
CA ARG OB 22 -100.57 -14.99 -15.82
C ARG OB 22 -100.36 -14.29 -17.13
N GLN OB 23 -99.74 -13.13 -17.07
CA GLN OB 23 -99.48 -12.36 -18.27
C GLN OB 23 -98.37 -11.34 -18.03
N VAL OB 24 -97.66 -10.96 -19.10
CA VAL OB 24 -96.52 -10.04 -19.01
C VAL OB 24 -96.48 -9.08 -20.14
N LEU OB 25 -95.92 -7.90 -19.89
CA LEU OB 25 -95.66 -6.94 -20.97
C LEU OB 25 -94.19 -6.92 -21.30
N ILE OB 26 -93.90 -6.56 -22.55
CA ILE OB 26 -92.53 -6.55 -23.05
C ILE OB 26 -92.23 -5.17 -23.63
N ARG OB 27 -91.22 -4.57 -23.01
CA ARG OB 27 -91.01 -3.12 -22.98
C ARG OB 27 -90.66 -2.46 -24.30
N PRO OB 28 -89.78 -3.08 -25.09
CA PRO OB 28 -89.32 -2.41 -26.30
C PRO OB 28 -90.21 -2.64 -27.51
N CYS OB 29 -90.65 -3.88 -27.71
CA CYS OB 29 -91.44 -4.31 -28.89
C CYS OB 29 -90.71 -4.13 -30.21
N SER OB 30 -91.26 -4.77 -31.24
CA SER OB 30 -90.67 -4.83 -32.57
C SER OB 30 -91.61 -5.57 -33.50
N LYS OB 31 -91.23 -5.57 -34.78
CA LYS OB 31 -91.89 -6.37 -35.80
C LYS OB 31 -91.50 -7.80 -35.60
N VAL OB 32 -90.21 -8.02 -35.43
CA VAL OB 32 -89.66 -9.36 -35.30
C VAL OB 32 -90.26 -10.07 -34.10
N ILE OB 33 -90.49 -9.30 -33.03
CA ILE OB 33 -91.16 -9.83 -31.83
C ILE OB 33 -92.52 -10.38 -32.21
N VAL OB 34 -93.38 -9.49 -32.69
CA VAL OB 34 -94.72 -9.87 -33.14
C VAL OB 34 -94.64 -11.13 -34.01
N ARG OB 35 -93.83 -11.04 -35.05
CA ARG OB 35 -93.77 -12.09 -36.07
C ARG OB 35 -93.27 -13.41 -35.53
N PHE OB 36 -92.41 -13.38 -34.51
CA PHE OB 36 -92.00 -14.62 -33.87
C PHE OB 36 -93.00 -15.02 -32.77
N LEU OB 37 -93.61 -14.08 -32.04
CA LEU OB 37 -94.69 -14.51 -31.11
C LEU OB 37 -95.88 -15.19 -31.80
N THR OB 38 -96.34 -14.65 -32.94
CA THR OB 38 -97.46 -15.27 -33.71
C THR OB 38 -97.17 -16.70 -34.14
N VAL OB 39 -95.90 -17.03 -34.30
CA VAL OB 39 -95.49 -18.41 -34.48
C VAL OB 39 -95.82 -19.18 -33.21
N MET OB 40 -95.35 -18.70 -32.06
CA MET OB 40 -95.69 -19.35 -30.77
C MET OB 40 -97.18 -19.52 -30.51
N MET OB 41 -97.98 -18.60 -31.04
CA MET OB 41 -99.42 -18.71 -30.92
C MET OB 41 -100.02 -19.95 -31.58
N LYS OB 42 -99.47 -20.37 -32.71
CA LYS OB 42 -100.06 -21.46 -33.49
C LYS OB 42 -99.90 -22.83 -32.83
N HIS OB 43 -98.74 -23.11 -32.23
CA HIS OB 43 -98.40 -24.47 -31.71
C HIS OB 43 -98.88 -24.48 -30.24
N GLY OB 44 -99.40 -23.32 -29.78
CA GLY OB 44 -100.09 -23.16 -28.48
C GLY OB 44 -99.26 -22.51 -27.38
N TYR OB 45 -97.99 -22.23 -27.70
CA TYR OB 45 -96.94 -21.99 -26.70
C TYR OB 45 -97.27 -20.76 -25.86
N ILE OB 46 -98.12 -19.89 -26.40
CA ILE OB 46 -98.76 -18.82 -25.63
C ILE OB 46 -100.20 -18.65 -26.09
N GLY OB 47 -100.93 -17.76 -25.42
CA GLY OB 47 -102.25 -17.28 -25.83
C GLY OB 47 -102.17 -15.97 -26.58
N GLU OB 48 -103.32 -15.34 -26.77
CA GLU OB 48 -103.42 -14.02 -27.46
C GLU OB 48 -102.73 -12.82 -26.77
N PHE OB 49 -101.81 -12.19 -27.51
CA PHE OB 49 -101.05 -11.02 -27.04
C PHE OB 49 -101.63 -9.79 -27.75
N GLU OB 50 -101.62 -8.67 -27.06
CA GLU OB 50 -102.36 -7.46 -27.46
C GLU OB 50 -101.41 -6.28 -27.38
N ILE OB 51 -100.93 -5.82 -28.54
CA ILE OB 51 -99.80 -4.88 -28.59
C ILE OB 51 -100.30 -3.47 -28.36
N ILE OB 52 -99.74 -2.82 -27.37
CA ILE OB 52 -100.03 -1.42 -27.12
C ILE OB 52 -99.23 -0.65 -28.14
N ASP OB 53 -99.73 0.53 -28.47
CA ASP OB 53 -99.10 1.43 -29.41
C ASP OB 53 -98.88 2.68 -28.62
N ASP OB 54 -97.89 2.62 -27.74
CA ASP OB 54 -97.18 3.83 -27.37
C ASP OB 54 -96.59 4.29 -28.69
N HIS OB 55 -96.62 5.59 -28.87
CA HIS OB 55 -96.41 6.19 -30.17
C HIS OB 55 -95.04 5.82 -30.68
N ARG OB 56 -94.09 5.59 -29.77
CA ARG OB 56 -92.72 5.37 -30.16
C ARG OB 56 -92.57 3.90 -30.51
N ALA OB 57 -92.13 3.07 -29.58
CA ALA OB 57 -91.55 1.79 -29.92
C ALA OB 57 -92.63 0.72 -30.08
N GLY OB 58 -93.44 0.60 -29.03
CA GLY OB 58 -94.45 -0.44 -28.87
C GLY OB 58 -94.25 -1.06 -27.49
N LYS OB 59 -95.35 -1.48 -26.88
CA LYS OB 59 -95.34 -2.46 -25.79
C LYS OB 59 -96.23 -3.60 -26.25
N ILE OB 60 -96.06 -4.78 -25.68
CA ILE OB 60 -96.95 -5.91 -25.96
C ILE OB 60 -97.43 -6.37 -24.62
N VAL OB 61 -98.55 -7.10 -24.58
CA VAL OB 61 -98.95 -7.78 -23.35
C VAL OB 61 -99.43 -9.21 -23.63
N VAL OB 62 -98.60 -10.17 -23.21
CA VAL OB 62 -98.71 -11.55 -23.64
C VAL OB 62 -99.53 -12.37 -22.65
N ASN OB 63 -100.66 -12.93 -23.10
CA ASN OB 63 -101.38 -13.95 -22.34
C ASN OB 63 -100.65 -15.28 -22.42
N LEU OB 64 -100.32 -15.85 -21.27
CA LEU OB 64 -99.25 -16.86 -21.20
C LEU OB 64 -99.63 -18.36 -21.26
N THR OB 65 -100.68 -18.78 -20.54
CA THR OB 65 -101.00 -20.23 -20.29
C THR OB 65 -99.87 -20.90 -19.52
N GLY OB 66 -99.99 -22.19 -19.21
CA GLY OB 66 -98.94 -22.87 -18.46
C GLY OB 66 -97.83 -23.46 -19.31
N ARG OB 67 -97.99 -23.40 -20.62
CA ARG OB 67 -97.50 -24.44 -21.50
C ARG OB 67 -96.04 -24.31 -21.94
N LEU OB 68 -95.49 -23.10 -21.80
CA LEU OB 68 -94.14 -22.78 -22.27
C LEU OB 68 -93.11 -23.13 -21.20
N ASN OB 69 -92.24 -24.09 -21.50
CA ASN OB 69 -91.19 -24.51 -20.54
C ASN OB 69 -90.06 -23.52 -20.60
N LYS OB 70 -89.61 -23.26 -21.81
CA LYS OB 70 -88.64 -22.21 -22.08
C LYS OB 70 -88.73 -21.77 -23.51
N CYS OB 71 -88.48 -20.48 -23.73
CA CYS OB 71 -88.09 -19.95 -25.03
C CYS OB 71 -86.81 -19.16 -24.85
N GLY OB 72 -85.92 -19.33 -25.83
CA GLY OB 72 -84.59 -18.72 -25.84
C GLY OB 72 -84.22 -18.23 -27.23
N VAL OB 73 -83.01 -17.71 -27.34
CA VAL OB 73 -82.59 -16.96 -28.53
C VAL OB 73 -81.11 -17.12 -28.79
N ILE OB 74 -80.82 -17.40 -30.05
CA ILE OB 74 -79.51 -17.78 -30.50
C ILE OB 74 -78.92 -16.50 -31.01
N SER OB 75 -77.91 -16.01 -30.31
CA SER OB 75 -77.55 -14.63 -30.47
C SER OB 75 -76.17 -14.38 -31.01
N PRO OB 76 -75.85 -15.10 -32.08
CA PRO OB 76 -75.80 -14.44 -33.37
C PRO OB 76 -76.70 -15.25 -34.28
N ARG OB 77 -77.45 -14.56 -35.13
CA ARG OB 77 -78.34 -15.26 -36.05
C ARG OB 77 -77.52 -16.03 -37.08
N PHE OB 78 -77.07 -17.23 -36.74
CA PHE OB 78 -76.28 -17.99 -37.71
C PHE OB 78 -77.15 -18.40 -38.86
N ASP OB 79 -76.49 -18.69 -39.96
CA ASP OB 79 -77.12 -18.89 -41.21
C ASP OB 79 -77.23 -20.40 -41.27
N VAL OB 80 -78.44 -20.91 -41.39
CA VAL OB 80 -78.71 -22.33 -41.34
C VAL OB 80 -79.00 -22.88 -42.74
N GLN OB 81 -78.19 -23.84 -43.17
CA GLN OB 81 -78.12 -24.25 -44.58
C GLN OB 81 -78.91 -25.54 -44.91
N LEU OB 82 -79.90 -25.87 -44.08
CA LEU OB 82 -80.86 -26.96 -44.35
C LEU OB 82 -80.33 -28.36 -44.12
N LYS OB 83 -79.10 -28.61 -44.56
CA LYS OB 83 -78.39 -29.82 -44.12
C LYS OB 83 -78.06 -29.73 -42.61
N ASP OB 84 -77.75 -28.52 -42.12
CA ASP OB 84 -77.42 -28.31 -40.69
C ASP OB 84 -78.69 -28.34 -39.85
N LEU OB 85 -79.82 -27.98 -40.44
CA LEU OB 85 -81.05 -27.86 -39.69
C LEU OB 85 -81.31 -29.03 -38.76
N GLU OB 86 -81.00 -30.23 -39.22
CA GLU OB 86 -81.05 -31.40 -38.34
C GLU OB 86 -80.09 -31.23 -37.18
N LYS OB 87 -78.80 -31.11 -37.46
CA LYS OB 87 -77.77 -31.06 -36.41
C LYS OB 87 -78.05 -30.03 -35.32
N TRP OB 88 -78.64 -28.91 -35.72
CA TRP OB 88 -79.22 -27.96 -34.76
C TRP OB 88 -80.37 -28.54 -33.93
N GLN OB 89 -81.44 -28.95 -34.61
CA GLN OB 89 -82.64 -29.46 -33.93
C GLN OB 89 -82.38 -30.76 -33.17
N ASN OB 90 -81.26 -31.44 -33.44
CA ASN OB 90 -80.76 -32.39 -32.48
C ASN OB 90 -80.45 -31.58 -31.21
N ASN OB 91 -79.35 -30.83 -31.22
CA ASN OB 91 -78.74 -30.30 -29.98
C ASN OB 91 -79.33 -28.98 -29.41
N LEU OB 92 -80.53 -28.61 -29.84
CA LEU OB 92 -81.16 -27.41 -29.36
C LEU OB 92 -82.63 -27.60 -28.93
N LEU OB 93 -83.16 -28.82 -29.05
CA LEU OB 93 -84.55 -29.13 -28.68
C LEU OB 93 -84.59 -30.46 -27.94
N PRO OB 94 -85.47 -30.60 -26.95
CA PRO OB 94 -85.49 -31.75 -26.06
C PRO OB 94 -85.80 -33.10 -26.70
N SER OB 95 -86.48 -33.11 -27.85
CA SER OB 95 -86.78 -34.35 -28.54
C SER OB 95 -87.14 -34.08 -29.98
N ARG OB 96 -87.27 -35.15 -30.75
CA ARG OB 96 -87.73 -35.04 -32.11
C ARG OB 96 -89.25 -35.01 -32.20
N GLN OB 97 -89.92 -34.97 -31.06
CA GLN OB 97 -91.35 -35.17 -30.97
C GLN OB 97 -92.13 -33.89 -30.75
N PHE OB 98 -91.44 -32.86 -30.27
CA PHE OB 98 -91.96 -31.51 -30.27
C PHE OB 98 -90.77 -30.58 -30.25
N GLY OB 99 -91.00 -29.27 -30.10
CA GLY OB 99 -89.91 -28.28 -30.01
C GLY OB 99 -89.66 -27.59 -31.34
N PHE OB 100 -89.55 -26.27 -31.28
CA PHE OB 100 -89.71 -25.46 -32.46
C PHE OB 100 -88.60 -24.42 -32.52
N ILE OB 101 -87.73 -24.54 -33.53
CA ILE OB 101 -86.71 -23.56 -33.81
C ILE OB 101 -87.31 -22.57 -34.75
N VAL OB 102 -87.65 -21.43 -34.23
CA VAL OB 102 -88.13 -20.32 -35.03
C VAL OB 102 -86.94 -19.70 -35.78
N LEU OB 103 -87.07 -19.55 -37.10
CA LEU OB 103 -86.04 -18.93 -37.92
C LEU OB 103 -86.66 -18.08 -39.05
N THR OB 104 -85.84 -17.49 -39.91
CA THR OB 104 -86.30 -16.39 -40.72
C THR OB 104 -85.76 -16.43 -42.12
N THR OB 105 -86.58 -16.95 -43.04
CA THR OB 105 -86.12 -17.26 -44.39
C THR OB 105 -86.84 -16.45 -45.45
N SER OB 106 -86.16 -16.27 -46.58
CA SER OB 106 -86.78 -15.94 -47.88
C SER OB 106 -88.31 -15.80 -47.89
N ALA OB 107 -89.00 -16.83 -47.39
CA ALA OB 107 -90.46 -16.84 -47.24
C ALA OB 107 -90.97 -16.64 -45.80
N GLY OB 108 -90.50 -15.57 -45.15
CA GLY OB 108 -91.04 -15.13 -43.86
C GLY OB 108 -90.38 -15.73 -42.63
N ILE OB 109 -90.90 -15.33 -41.45
CA ILE OB 109 -90.53 -15.95 -40.16
C ILE OB 109 -91.44 -17.13 -39.84
N MET OB 110 -90.83 -18.22 -39.41
CA MET OB 110 -91.56 -19.46 -39.20
C MET OB 110 -90.73 -20.47 -38.47
N ASP OB 111 -91.41 -21.49 -37.99
CA ASP OB 111 -90.75 -22.63 -37.34
C ASP OB 111 -89.96 -23.43 -38.34
N HIS OB 112 -89.20 -24.39 -37.82
CA HIS OB 112 -88.35 -25.20 -38.67
C HIS OB 112 -89.12 -26.20 -39.52
N GLU OB 113 -90.30 -26.60 -39.05
CA GLU OB 113 -91.11 -27.55 -39.79
C GLU OB 113 -91.54 -26.89 -41.11
N GLU OB 114 -91.94 -25.62 -41.04
CA GLU OB 114 -92.48 -24.88 -42.19
C GLU OB 114 -91.42 -24.43 -43.20
N ALA OB 115 -90.21 -24.19 -42.73
CA ALA OB 115 -89.07 -24.05 -43.62
C ALA OB 115 -88.73 -25.37 -44.30
N ARG OB 116 -88.97 -26.49 -43.64
CA ARG OB 116 -88.72 -27.80 -44.25
C ARG OB 116 -89.77 -28.20 -45.30
N ARG OB 117 -91.05 -27.85 -45.08
CA ARG OB 117 -92.12 -28.12 -46.07
C ARG OB 117 -91.83 -27.33 -47.36
N LYS OB 118 -91.51 -26.04 -47.21
CA LYS OB 118 -91.15 -25.16 -48.34
C LYS OB 118 -89.74 -25.38 -48.89
N HIS OB 119 -88.94 -26.14 -48.13
CA HIS OB 119 -87.56 -26.45 -48.47
C HIS OB 119 -86.79 -25.10 -48.74
N THR OB 120 -86.58 -24.37 -47.64
CA THR OB 120 -85.71 -23.18 -47.55
C THR OB 120 -84.85 -23.25 -46.28
N GLY OB 121 -83.67 -22.68 -46.33
CA GLY OB 121 -82.90 -22.39 -45.12
C GLY OB 121 -83.01 -20.91 -44.78
N GLY OB 122 -82.19 -20.48 -43.83
CA GLY OB 122 -82.16 -19.07 -43.43
C GLY OB 122 -81.61 -18.93 -42.04
N LYS OB 123 -81.89 -17.78 -41.40
CA LYS OB 123 -81.17 -17.40 -40.19
C LYS OB 123 -81.95 -17.77 -38.94
N ILE OB 124 -81.31 -18.57 -38.09
CA ILE OB 124 -81.85 -18.96 -36.79
C ILE OB 124 -82.08 -17.70 -35.93
N LEU OB 125 -83.22 -17.67 -35.24
CA LEU OB 125 -83.54 -16.62 -34.27
C LEU OB 125 -83.43 -17.19 -32.88
N GLY OB 126 -84.26 -18.22 -32.61
CA GLY OB 126 -84.41 -18.78 -31.29
C GLY OB 126 -85.07 -20.12 -31.30
N PHE OB 127 -85.72 -20.47 -30.21
CA PHE OB 127 -86.36 -21.77 -30.07
C PHE OB 127 -87.30 -21.68 -28.86
N PHE OB 128 -88.49 -22.26 -28.97
CA PHE OB 128 -89.40 -22.51 -27.82
C PHE OB 128 -89.81 -23.98 -27.89
N PHE OB 129 -90.14 -24.57 -26.76
CA PHE OB 129 -90.45 -25.99 -26.74
C PHE OB 129 -91.11 -26.30 -25.39
N GLY PB 1 -67.48 -12.24 -19.80
CA GLY PB 1 -67.72 -13.55 -20.48
C GLY PB 1 -66.98 -13.69 -21.80
N LYS PB 2 -67.52 -14.53 -22.67
CA LYS PB 2 -66.91 -14.83 -23.95
C LYS PB 2 -67.33 -13.75 -24.92
N CYS PB 3 -66.69 -13.68 -26.07
CA CYS PB 3 -66.93 -12.60 -27.04
C CYS PB 3 -68.18 -12.77 -27.89
N ARG PB 4 -68.54 -14.00 -28.22
CA ARG PB 4 -69.90 -14.35 -28.71
C ARG PB 4 -70.39 -13.81 -30.06
N GLY PB 5 -69.74 -12.78 -30.60
CA GLY PB 5 -70.21 -12.14 -31.80
C GLY PB 5 -70.00 -12.96 -33.06
N LEU PB 6 -70.35 -12.33 -34.19
CA LEU PB 6 -70.51 -13.00 -35.47
C LEU PB 6 -69.39 -12.75 -36.48
N ARG PB 7 -68.65 -11.66 -36.30
CA ARG PB 7 -67.41 -11.43 -37.06
C ARG PB 7 -66.27 -11.39 -36.07
N THR PB 8 -66.25 -12.43 -35.23
CA THR PB 8 -65.38 -12.52 -34.09
C THR PB 8 -64.63 -13.84 -34.16
N ALA PB 9 -64.35 -14.29 -35.38
CA ALA PB 9 -63.79 -15.60 -35.59
C ALA PB 9 -62.33 -15.59 -35.32
N ARG PB 10 -61.77 -14.41 -35.24
CA ARG PB 10 -60.39 -14.31 -35.00
C ARG PB 10 -60.14 -14.09 -33.55
N LYS PB 11 -60.76 -13.06 -32.98
CA LYS PB 11 -60.60 -12.79 -31.55
C LYS PB 11 -60.79 -14.08 -30.80
N LEU PB 12 -61.71 -14.92 -31.26
CA LEU PB 12 -61.83 -16.26 -30.74
C LEU PB 12 -60.63 -17.14 -31.08
N ARG PB 13 -60.27 -17.32 -32.35
CA ARG PB 13 -59.18 -18.24 -32.73
C ARG PB 13 -57.93 -17.82 -31.98
N SER PB 14 -57.54 -16.57 -32.17
CA SER PB 14 -56.41 -16.04 -31.48
C SER PB 14 -56.61 -16.06 -29.96
N HIS PB 15 -57.84 -15.96 -29.41
CA HIS PB 15 -57.96 -16.23 -27.94
C HIS PB 15 -57.52 -17.71 -27.65
N ARG PB 16 -58.16 -18.69 -28.29
CA ARG PB 16 -57.92 -20.14 -27.98
C ARG PB 16 -56.57 -20.61 -28.44
N ARG PB 17 -55.84 -19.75 -29.13
CA ARG PB 17 -54.47 -20.02 -29.51
C ARG PB 17 -53.51 -19.83 -28.36
N ASP PB 18 -53.42 -18.60 -27.83
CA ASP PB 18 -52.39 -18.30 -26.81
C ASP PB 18 -52.73 -19.01 -25.53
N HIS PB 19 -54.03 -19.22 -25.26
CA HIS PB 19 -54.41 -19.86 -24.00
C HIS PB 19 -54.24 -21.37 -24.04
N LYS PB 20 -53.41 -21.79 -24.99
CA LYS PB 20 -52.67 -23.02 -24.91
C LYS PB 20 -51.20 -22.93 -24.44
N TRP PB 21 -50.44 -21.82 -24.58
CA TRP PB 21 -49.06 -21.75 -23.91
C TRP PB 21 -49.26 -21.73 -22.35
N HIS PB 22 -50.52 -21.83 -21.86
CA HIS PB 22 -50.82 -22.15 -20.45
C HIS PB 22 -51.26 -23.59 -20.19
N ASP PB 23 -51.48 -24.37 -21.24
CA ASP PB 23 -51.56 -25.82 -21.10
C ASP PB 23 -50.15 -26.30 -20.78
N LYS PB 24 -50.08 -27.37 -19.99
CA LYS PB 24 -48.81 -28.00 -19.66
C LYS PB 24 -48.44 -29.07 -20.74
N GLN PB 25 -49.44 -29.87 -21.17
CA GLN PB 25 -49.24 -31.08 -22.00
C GLN PB 25 -48.86 -30.79 -23.44
N TYR PB 26 -49.04 -29.55 -23.86
CA TYR PB 26 -48.71 -29.05 -25.24
C TYR PB 26 -47.38 -28.32 -25.23
N LYS PB 27 -47.12 -27.59 -24.14
CA LYS PB 27 -45.85 -26.89 -23.99
C LYS PB 27 -44.65 -27.85 -23.80
N LYS PB 28 -44.91 -29.12 -23.48
CA LYS PB 28 -43.94 -30.20 -23.72
C LYS PB 28 -43.81 -30.41 -25.22
N ALA PB 29 -44.95 -30.68 -25.84
CA ALA PB 29 -45.04 -31.19 -27.20
C ALA PB 29 -44.70 -30.21 -28.33
N HIS PB 30 -45.10 -28.96 -28.19
CA HIS PB 30 -45.00 -27.99 -29.28
C HIS PB 30 -43.93 -26.92 -29.09
N LEU PB 31 -43.29 -26.87 -27.92
CA LEU PB 31 -42.33 -25.80 -27.63
C LEU PB 31 -40.95 -26.11 -28.25
N GLY PB 32 -40.24 -27.12 -27.75
CA GLY PB 32 -38.88 -27.41 -28.21
C GLY PB 32 -38.11 -28.23 -27.18
N THR PB 33 -37.73 -27.57 -26.10
CA THR PB 33 -37.30 -28.20 -24.82
C THR PB 33 -37.27 -29.74 -24.78
N ALA PB 34 -38.44 -30.37 -24.85
CA ALA PB 34 -38.57 -31.83 -24.79
C ALA PB 34 -37.58 -32.53 -25.72
N LEU PB 35 -37.70 -32.28 -27.02
CA LEU PB 35 -36.77 -32.84 -28.01
C LEU PB 35 -35.30 -32.51 -27.67
N LYS PB 36 -35.08 -31.31 -27.14
CA LYS PB 36 -33.74 -30.84 -26.77
C LYS PB 36 -33.22 -31.49 -25.47
N ALA PB 37 -34.11 -31.75 -24.53
CA ALA PB 37 -33.74 -32.17 -23.17
C ALA PB 37 -33.65 -33.68 -22.96
N ASN PB 38 -34.62 -34.43 -23.48
CA ASN PB 38 -34.70 -35.88 -23.18
C ASN PB 38 -33.58 -36.56 -23.89
N PRO PB 39 -32.77 -37.33 -23.17
CA PRO PB 39 -31.65 -37.99 -23.80
C PRO PB 39 -32.14 -38.85 -24.95
N PHE PB 40 -33.30 -39.44 -24.75
CA PHE PB 40 -34.02 -40.11 -25.78
C PHE PB 40 -34.52 -39.02 -26.71
N GLY PB 41 -33.79 -38.76 -27.78
CA GLY PB 41 -34.14 -37.68 -28.72
C GLY PB 41 -35.44 -37.96 -29.46
N GLY PB 42 -36.56 -37.75 -28.78
CA GLY PB 42 -37.90 -38.07 -29.30
C GLY PB 42 -38.13 -39.53 -29.65
N ALA PB 43 -37.22 -40.41 -29.21
CA ALA PB 43 -37.10 -41.76 -29.73
C ALA PB 43 -37.58 -42.73 -28.66
N SER PB 44 -38.29 -43.77 -29.07
CA SER PB 44 -38.93 -44.69 -28.12
C SER PB 44 -37.92 -45.32 -27.17
N HIS PB 45 -36.93 -46.00 -27.72
CA HIS PB 45 -35.85 -46.53 -26.92
C HIS PB 45 -34.55 -45.96 -27.48
N ALA PB 46 -33.42 -46.45 -26.94
CA ALA PB 46 -32.09 -46.02 -27.35
C ALA PB 46 -31.03 -46.97 -26.81
N LYS PB 47 -29.92 -47.06 -27.53
CA LYS PB 47 -28.83 -47.92 -27.14
C LYS PB 47 -27.75 -47.13 -26.47
N GLY PB 48 -27.11 -47.77 -25.50
CA GLY PB 48 -26.04 -47.15 -24.74
C GLY PB 48 -25.22 -48.16 -23.99
N ILE PB 49 -24.03 -47.73 -23.57
CA ILE PB 49 -23.03 -48.59 -22.98
C ILE PB 49 -23.10 -48.49 -21.46
N VAL PB 50 -23.10 -49.65 -20.81
CA VAL PB 50 -23.14 -49.72 -19.37
C VAL PB 50 -21.78 -49.27 -18.83
N LEU PB 51 -21.73 -48.12 -18.17
CA LEU PB 51 -20.45 -47.65 -17.64
C LEU PB 51 -20.23 -47.96 -16.16
N GLU PB 52 -21.30 -48.19 -15.38
CA GLU PB 52 -21.21 -48.84 -14.05
C GLU PB 52 -22.58 -49.22 -13.48
N LYS PB 53 -22.57 -50.05 -12.45
CA LYS PB 53 -23.79 -50.52 -11.80
C LYS PB 53 -23.97 -49.79 -10.49
N VAL PB 54 -25.13 -49.17 -10.29
CA VAL PB 54 -25.39 -48.32 -9.12
C VAL PB 54 -26.69 -48.66 -8.44
N GLY PB 55 -26.62 -48.93 -7.14
CA GLY PB 55 -27.79 -49.10 -6.32
C GLY PB 55 -28.37 -47.76 -5.92
N VAL PB 56 -29.67 -47.60 -6.08
CA VAL PB 56 -30.38 -46.40 -5.67
C VAL PB 56 -31.29 -46.69 -4.48
N GLU PB 57 -31.37 -45.73 -3.56
CA GLU PB 57 -32.11 -45.88 -2.31
C GLU PB 57 -33.50 -45.35 -2.53
N ALA PB 58 -34.51 -46.19 -2.29
CA ALA PB 58 -35.90 -45.84 -2.58
C ALA PB 58 -36.47 -44.81 -1.63
N LYS PB 59 -37.57 -44.18 -2.06
CA LYS PB 59 -38.14 -43.03 -1.34
C LYS PB 59 -38.85 -43.42 -0.05
N GLN PB 60 -38.61 -42.61 1.00
CA GLN PB 60 -38.67 -43.08 2.41
C GLN PB 60 -39.69 -44.21 2.64
N PRO PB 61 -41.01 -43.95 2.51
CA PRO PB 61 -41.97 -44.96 2.99
C PRO PB 61 -41.63 -46.41 2.67
N ASN PB 62 -40.87 -46.64 1.58
CA ASN PB 62 -40.41 -47.99 1.16
C ASN PB 62 -38.90 -48.14 1.08
N SER PB 63 -38.30 -48.76 2.08
CA SER PB 63 -36.86 -48.92 2.12
C SER PB 63 -36.45 -50.10 1.26
N ALA PB 64 -35.42 -49.90 0.45
CA ALA PB 64 -34.83 -50.95 -0.41
C ALA PB 64 -33.83 -50.33 -1.36
N ILE PB 65 -32.96 -51.18 -1.91
CA ILE PB 65 -31.95 -50.75 -2.90
C ILE PB 65 -32.33 -51.28 -4.30
N ARG PB 66 -32.33 -50.39 -5.28
CA ARG PB 66 -33.10 -50.59 -6.53
C ARG PB 66 -32.39 -51.22 -7.72
N LYS PB 67 -31.07 -51.09 -7.77
CA LYS PB 67 -30.23 -51.86 -8.68
C LYS PB 67 -30.40 -51.41 -10.14
N CYS PB 68 -29.67 -50.36 -10.45
CA CYS PB 68 -29.76 -49.67 -11.73
C CYS PB 68 -28.39 -49.61 -12.37
N VAL PB 69 -28.37 -49.00 -13.54
CA VAL PB 69 -27.18 -48.95 -14.36
C VAL PB 69 -26.99 -47.49 -14.82
N ARG PB 70 -25.78 -46.95 -14.62
CA ARG PB 70 -25.38 -45.71 -15.30
C ARG PB 70 -25.10 -46.07 -16.75
N VAL PB 71 -25.82 -45.44 -17.66
CA VAL PB 71 -25.64 -45.68 -19.09
C VAL PB 71 -25.08 -44.41 -19.71
N GLN PB 72 -24.36 -44.57 -20.82
CA GLN PB 72 -24.05 -43.46 -21.72
C GLN PB 72 -24.60 -43.84 -23.09
N LEU PB 73 -25.49 -43.00 -23.60
CA LEU PB 73 -26.16 -43.25 -24.86
C LEU PB 73 -25.22 -42.99 -26.01
N ILE PB 74 -25.40 -43.75 -27.08
CA ILE PB 74 -24.52 -43.67 -28.24
C ILE PB 74 -24.74 -42.34 -28.97
N LYS PB 75 -25.97 -42.15 -29.45
CA LYS PB 75 -26.35 -40.99 -30.27
C LYS PB 75 -25.99 -39.60 -29.71
N ASN PB 76 -26.11 -39.44 -28.38
CA ASN PB 76 -25.84 -38.19 -27.69
C ASN PB 76 -24.51 -38.15 -26.98
N GLY PB 77 -24.15 -39.27 -26.36
CA GLY PB 77 -23.18 -39.25 -25.29
C GLY PB 77 -23.80 -38.57 -24.07
N LYS PB 78 -25.08 -38.87 -23.82
CA LYS PB 78 -25.78 -38.35 -22.66
C LYS PB 78 -25.95 -39.47 -21.70
N LYS PB 79 -25.75 -39.17 -20.42
CA LYS PB 79 -25.74 -40.20 -19.41
C LYS PB 79 -27.11 -40.36 -18.76
N ILE PB 80 -27.24 -41.45 -18.01
CA ILE PB 80 -28.53 -42.03 -17.64
C ILE PB 80 -28.36 -42.94 -16.43
N THR PB 81 -29.42 -43.08 -15.65
CA THR PB 81 -29.59 -44.21 -14.76
C THR PB 81 -30.77 -44.96 -15.33
N ALA PB 82 -30.66 -46.27 -15.42
CA ALA PB 82 -31.79 -47.08 -15.84
C ALA PB 82 -31.97 -48.23 -14.87
N PHE PB 83 -33.15 -48.37 -14.28
CA PHE PB 83 -33.35 -49.43 -13.29
C PHE PB 83 -33.60 -50.72 -14.03
N VAL PB 84 -32.73 -51.69 -13.76
CA VAL PB 84 -32.74 -53.01 -14.37
C VAL PB 84 -33.87 -53.81 -13.75
N PRO PB 85 -34.99 -53.95 -14.47
CA PRO PB 85 -36.15 -54.56 -13.83
C PRO PB 85 -36.05 -56.07 -13.62
N ASN PB 86 -36.76 -56.51 -12.59
CA ASN PB 86 -36.90 -57.91 -12.19
C ASN PB 86 -35.72 -58.55 -11.49
N ASP PB 87 -36.04 -59.47 -10.57
CA ASP PB 87 -35.13 -59.82 -9.47
C ASP PB 87 -33.88 -60.54 -9.97
N GLY PB 88 -32.74 -60.11 -9.43
CA GLY PB 88 -31.44 -60.72 -9.69
C GLY PB 88 -30.92 -60.57 -11.11
N CYS PB 89 -31.40 -59.56 -11.84
CA CYS PB 89 -30.99 -59.36 -13.24
C CYS PB 89 -29.76 -58.47 -13.37
N LEU PB 90 -29.50 -57.63 -12.37
CA LEU PB 90 -28.25 -56.85 -12.30
C LEU PB 90 -27.05 -57.78 -12.30
N ASN PB 91 -27.23 -58.91 -11.62
CA ASN PB 91 -26.34 -60.04 -11.70
C ASN PB 91 -25.94 -60.43 -13.13
N PHE PB 92 -26.89 -60.39 -14.08
CA PHE PB 92 -26.57 -60.64 -15.51
C PHE PB 92 -25.63 -59.60 -16.08
N ILE PB 93 -26.05 -58.33 -16.02
CA ILE PB 93 -25.38 -57.25 -16.72
C ILE PB 93 -24.01 -57.02 -16.12
N GLU PB 94 -23.00 -56.99 -16.98
CA GLU PB 94 -21.65 -56.65 -16.60
C GLU PB 94 -21.34 -55.29 -17.18
N GLU PB 95 -20.21 -54.72 -16.78
CA GLU PB 95 -19.78 -53.43 -17.31
C GLU PB 95 -19.49 -53.52 -18.80
N ASN PB 96 -19.64 -52.38 -19.47
CA ASN PB 96 -19.24 -52.22 -20.87
C ASN PB 96 -19.83 -53.28 -21.82
N ASP PB 97 -21.16 -53.27 -21.95
CA ASP PB 97 -21.89 -54.40 -22.53
C ASP PB 97 -23.02 -54.10 -23.53
N GLU PB 98 -23.32 -52.83 -23.83
CA GLU PB 98 -24.38 -52.44 -24.81
C GLU PB 98 -25.78 -52.92 -24.40
N VAL PB 99 -26.60 -51.96 -23.98
CA VAL PB 99 -27.96 -52.25 -23.54
C VAL PB 99 -28.93 -51.38 -24.29
N LEU PB 100 -30.09 -51.97 -24.55
CA LEU PB 100 -31.22 -51.27 -25.13
C LEU PB 100 -32.10 -50.88 -23.95
N VAL PB 101 -32.14 -49.59 -23.71
CA VAL PB 101 -32.86 -49.00 -22.61
C VAL PB 101 -34.12 -48.42 -23.20
N ALA PB 102 -35.28 -48.74 -22.62
CA ALA PB 102 -36.54 -48.12 -23.01
C ALA PB 102 -37.03 -47.24 -21.85
N GLY PB 103 -38.18 -46.59 -22.01
CA GLY PB 103 -38.73 -45.73 -20.96
C GLY PB 103 -39.26 -46.46 -19.73
N PHE PB 104 -40.00 -45.75 -18.86
CA PHE PB 104 -40.74 -46.41 -17.77
C PHE PB 104 -42.25 -46.51 -17.89
N GLY PB 105 -42.88 -45.63 -18.67
CA GLY PB 105 -44.35 -45.65 -18.86
C GLY PB 105 -44.97 -44.34 -18.47
N ARG PB 106 -44.24 -43.60 -17.65
CA ARG PB 106 -44.60 -42.24 -17.25
C ARG PB 106 -43.98 -41.14 -18.14
N LYS PB 107 -43.13 -41.53 -19.09
CA LYS PB 107 -42.72 -40.67 -20.21
C LYS PB 107 -41.83 -39.51 -19.81
N GLY PB 108 -41.24 -39.55 -18.63
CA GLY PB 108 -40.62 -38.36 -18.05
C GLY PB 108 -40.75 -38.33 -16.55
N HIS PB 109 -41.92 -38.68 -16.02
CA HIS PB 109 -42.02 -38.90 -14.58
C HIS PB 109 -41.11 -40.09 -14.25
N ALA PB 110 -40.42 -39.99 -13.13
CA ALA PB 110 -39.84 -41.16 -12.51
C ALA PB 110 -40.95 -41.99 -11.88
N VAL PB 111 -40.79 -43.30 -11.97
CA VAL PB 111 -41.81 -44.23 -11.53
C VAL PB 111 -41.71 -44.47 -10.03
N GLY PB 112 -42.82 -44.24 -9.32
CA GLY PB 112 -43.04 -44.73 -7.96
C GLY PB 112 -41.96 -44.53 -6.92
N ASP PB 113 -41.03 -45.49 -6.82
CA ASP PB 113 -39.88 -45.39 -5.92
C ASP PB 113 -38.73 -44.83 -6.77
N ILE PB 114 -37.56 -45.49 -6.85
CA ILE PB 114 -36.52 -45.18 -7.86
C ILE PB 114 -36.38 -43.69 -8.16
N PRO PB 115 -36.13 -42.86 -7.13
CA PRO PB 115 -36.24 -41.41 -7.27
C PRO PB 115 -35.33 -40.84 -8.35
N GLY PB 116 -35.96 -40.39 -9.42
CA GLY PB 116 -35.26 -39.79 -10.55
C GLY PB 116 -34.62 -40.80 -11.46
N VAL PB 117 -35.41 -41.78 -11.89
CA VAL PB 117 -34.98 -42.78 -12.86
C VAL PB 117 -36.09 -43.03 -13.85
N ARG PB 118 -35.94 -42.42 -15.01
CA ARG PB 118 -36.93 -42.57 -16.07
C ARG PB 118 -36.82 -43.84 -16.86
N PHE PB 119 -35.65 -44.46 -16.90
CA PHE PB 119 -35.38 -45.47 -17.90
C PHE PB 119 -35.16 -46.85 -17.35
N LYS PB 120 -35.59 -47.86 -18.13
CA LYS PB 120 -35.45 -49.24 -17.74
C LYS PB 120 -34.73 -49.97 -18.82
N VAL PB 121 -33.90 -50.91 -18.40
CA VAL PB 121 -33.14 -51.70 -19.32
C VAL PB 121 -34.08 -52.74 -19.91
N VAL PB 122 -33.88 -53.09 -21.18
CA VAL PB 122 -34.60 -54.19 -21.83
C VAL PB 122 -33.59 -55.23 -22.27
N LYS PB 123 -32.76 -54.90 -23.26
CA LYS PB 123 -31.80 -55.85 -23.83
C LYS PB 123 -30.41 -55.65 -23.33
N VAL PB 124 -29.60 -56.68 -23.52
CA VAL PB 124 -28.25 -56.75 -23.00
C VAL PB 124 -27.48 -57.63 -23.98
N ALA PB 125 -26.62 -57.03 -24.80
CA ALA PB 125 -25.79 -57.77 -25.77
C ALA PB 125 -26.62 -58.57 -26.80
N ASN PB 126 -27.70 -57.96 -27.27
CA ASN PB 126 -28.72 -58.60 -28.10
C ASN PB 126 -29.25 -59.90 -27.54
N VAL PB 127 -29.99 -59.73 -26.45
CA VAL PB 127 -30.58 -60.85 -25.75
C VAL PB 127 -32.03 -60.57 -25.33
N SER PB 128 -32.20 -59.65 -24.39
CA SER PB 128 -33.48 -59.29 -23.73
C SER PB 128 -33.60 -59.96 -22.38
N LEU PB 129 -33.60 -59.13 -21.33
CA LEU PB 129 -33.72 -59.60 -19.96
C LEU PB 129 -34.84 -60.60 -19.77
N LEU PB 130 -35.96 -60.39 -20.47
CA LEU PB 130 -37.09 -61.31 -20.35
C LEU PB 130 -36.71 -62.73 -20.70
N ALA PB 131 -35.83 -62.92 -21.67
CA ALA PB 131 -35.32 -64.23 -22.02
C ALA PB 131 -34.30 -64.76 -21.02
N LEU PB 132 -33.43 -63.88 -20.53
CA LEU PB 132 -32.44 -64.29 -19.54
C LEU PB 132 -33.08 -64.67 -18.21
N TYR PB 133 -33.80 -63.74 -17.58
CA TYR PB 133 -34.40 -64.01 -16.25
C TYR PB 133 -35.42 -65.22 -16.36
N LYS PB 134 -35.99 -65.53 -17.54
CA LYS PB 134 -36.69 -66.84 -17.73
C LYS PB 134 -35.77 -68.06 -17.98
N GLY PB 135 -34.54 -67.81 -18.40
CA GLY PB 135 -33.57 -68.88 -18.65
C GLY PB 135 -33.77 -69.58 -19.98
N LYS PB 136 -34.19 -68.82 -20.99
CA LYS PB 136 -34.50 -69.35 -22.31
C LYS PB 136 -33.29 -69.19 -23.20
N LYS PB 137 -32.84 -67.94 -23.34
CA LYS PB 137 -31.57 -67.64 -24.01
C LYS PB 137 -30.53 -67.35 -22.94
N GLU PB 138 -29.39 -68.01 -23.08
CA GLU PB 138 -28.26 -67.79 -22.18
C GLU PB 138 -27.49 -66.54 -22.58
N ARG PB 139 -26.58 -66.17 -21.70
CA ARG PB 139 -25.63 -65.10 -21.94
C ARG PB 139 -24.75 -65.47 -23.15
N PRO PB 140 -24.52 -64.51 -24.09
CA PRO PB 140 -23.56 -64.77 -25.18
C PRO PB 140 -22.10 -64.67 -24.71
N ARG PB 141 -21.20 -65.34 -25.43
CA ARG PB 141 -19.76 -65.38 -25.08
C ARG PB 141 -18.87 -65.57 -26.30
N ASP QB 1 -65.16 -90.84 -69.63
CA ASP QB 1 -66.59 -91.23 -69.43
C ASP QB 1 -67.35 -90.05 -68.84
N THR QB 2 -66.87 -89.59 -67.69
CA THR QB 2 -67.36 -88.38 -67.04
C THR QB 2 -66.29 -87.29 -67.22
N VAL QB 3 -66.44 -86.49 -68.28
CA VAL QB 3 -65.74 -85.20 -68.38
C VAL QB 3 -66.69 -84.08 -68.88
N THR QB 4 -67.35 -84.28 -70.02
CA THR QB 4 -68.36 -83.34 -70.53
C THR QB 4 -67.85 -81.87 -70.61
N ILE QB 5 -67.19 -81.58 -71.72
CA ILE QB 5 -66.59 -80.27 -71.97
C ILE QB 5 -67.62 -79.37 -72.62
N ARG QB 6 -68.19 -78.45 -71.84
CA ARG QB 6 -69.17 -77.51 -72.37
C ARG QB 6 -68.52 -76.15 -72.46
N THR QB 7 -68.78 -75.44 -73.56
CA THR QB 7 -68.13 -74.15 -73.82
C THR QB 7 -69.09 -72.99 -73.62
N ARG QB 8 -68.51 -71.82 -73.39
CA ARG QB 8 -69.25 -70.56 -73.26
C ARG QB 8 -68.59 -69.48 -74.09
N LYS QB 9 -69.40 -68.58 -74.62
CA LYS QB 9 -68.93 -67.30 -75.11
C LYS QB 9 -68.01 -67.49 -76.30
N PHE QB 10 -68.59 -68.06 -77.34
CA PHE QB 10 -67.88 -68.34 -78.58
C PHE QB 10 -67.95 -67.11 -79.43
N MET QB 11 -66.84 -66.77 -80.04
CA MET QB 11 -66.78 -65.64 -80.94
C MET QB 11 -66.00 -66.04 -82.18
N THR QB 12 -66.52 -65.63 -83.32
CA THR QB 12 -65.88 -65.89 -84.59
C THR QB 12 -65.04 -64.66 -84.94
N ASN QB 13 -63.80 -64.68 -84.47
CA ASN QB 13 -62.87 -63.58 -84.72
C ASN QB 13 -62.34 -63.62 -86.14
N ARG QB 14 -63.17 -63.10 -87.04
CA ARG QB 14 -62.79 -62.93 -88.44
C ARG QB 14 -61.39 -62.39 -88.55
N LEU QB 15 -61.07 -61.36 -87.75
CA LEU QB 15 -59.89 -60.51 -87.97
C LEU QB 15 -58.64 -60.93 -87.21
N LEU QB 16 -58.75 -61.90 -86.32
CA LEU QB 16 -57.58 -62.65 -85.87
C LEU QB 16 -57.56 -64.07 -86.47
N GLN QB 17 -58.54 -64.37 -87.32
CA GLN QB 17 -58.59 -65.61 -88.12
C GLN QB 17 -58.84 -66.79 -87.16
N ARG QB 18 -59.83 -66.62 -86.27
CA ARG QB 18 -60.04 -67.54 -85.13
C ARG QB 18 -61.46 -67.75 -84.59
N LYS QB 19 -61.59 -68.86 -83.86
CA LYS QB 19 -62.76 -69.18 -83.04
C LYS QB 19 -62.26 -69.24 -81.61
N GLN QB 20 -62.95 -68.58 -80.69
CA GLN QB 20 -62.45 -68.51 -79.29
C GLN QB 20 -63.53 -68.44 -78.21
N MET QB 21 -63.38 -69.31 -77.21
CA MET QB 21 -64.38 -69.49 -76.16
C MET QB 21 -63.87 -70.04 -74.84
N VAL QB 22 -64.69 -69.82 -73.81
CA VAL QB 22 -64.42 -70.28 -72.47
C VAL QB 22 -64.71 -71.77 -72.43
N ILE QB 23 -63.69 -72.55 -72.08
CA ILE QB 23 -63.86 -73.97 -71.84
C ILE QB 23 -64.40 -74.13 -70.42
N ASP QB 24 -65.48 -74.92 -70.28
CA ASP QB 24 -66.01 -75.30 -68.96
C ASP QB 24 -65.96 -76.82 -68.80
N VAL QB 25 -64.90 -77.27 -68.16
CA VAL QB 25 -64.66 -78.68 -67.95
C VAL QB 25 -65.36 -79.08 -66.67
N LEU QB 26 -66.32 -80.00 -66.78
CA LEU QB 26 -66.77 -80.72 -65.60
C LEU QB 26 -65.81 -81.86 -65.38
N HIS QB 27 -65.76 -82.36 -64.16
CA HIS QB 27 -64.93 -83.49 -63.82
C HIS QB 27 -65.34 -83.84 -62.38
N PRO QB 28 -65.54 -85.12 -62.08
CA PRO QB 28 -65.98 -85.48 -60.73
C PRO QB 28 -64.75 -85.64 -59.82
N GLY QB 29 -64.71 -86.66 -58.96
CA GLY QB 29 -63.56 -86.96 -58.10
C GLY QB 29 -62.21 -87.11 -58.80
N LYS QB 30 -62.22 -87.42 -60.09
CA LYS QB 30 -60.97 -87.47 -60.84
C LYS QB 30 -60.44 -86.06 -61.06
N ALA QB 31 -59.12 -85.98 -61.05
CA ALA QB 31 -58.40 -84.78 -60.67
C ALA QB 31 -57.88 -83.91 -61.83
N THR QB 32 -58.42 -82.68 -61.94
CA THR QB 32 -58.15 -81.72 -63.03
C THR QB 32 -58.54 -82.33 -64.39
N VAL QB 33 -58.09 -81.75 -65.50
CA VAL QB 33 -57.74 -82.50 -66.72
C VAL QB 33 -56.46 -81.91 -67.31
N PRO QB 34 -55.61 -82.76 -67.91
CA PRO QB 34 -54.48 -82.19 -68.65
C PRO QB 34 -54.91 -81.56 -69.96
N LYS QB 35 -54.14 -80.57 -70.42
CA LYS QB 35 -54.43 -79.84 -71.66
C LYS QB 35 -54.28 -80.69 -72.94
N THR QB 36 -53.60 -81.85 -72.88
CA THR QB 36 -53.46 -82.71 -74.05
C THR QB 36 -54.82 -83.33 -74.36
N GLU QB 37 -55.34 -84.08 -73.38
CA GLU QB 37 -56.68 -84.69 -73.47
C GLU QB 37 -57.74 -83.69 -73.89
N ILE QB 38 -57.74 -82.53 -73.23
CA ILE QB 38 -58.74 -81.49 -73.51
C ILE QB 38 -58.66 -80.99 -74.97
N ARG QB 39 -57.44 -80.92 -75.51
CA ARG QB 39 -57.25 -80.52 -76.90
C ARG QB 39 -57.86 -81.60 -77.80
N GLU QB 40 -57.48 -82.85 -77.61
CA GLU QB 40 -58.01 -83.96 -78.44
C GLU QB 40 -59.50 -84.17 -78.29
N LYS QB 41 -60.03 -83.90 -77.10
CA LYS QB 41 -61.47 -84.03 -76.88
C LYS QB 41 -62.24 -82.82 -77.35
N LEU QB 42 -61.58 -81.66 -77.43
CA LEU QB 42 -62.11 -80.45 -78.08
C LEU QB 42 -61.86 -80.43 -79.61
N ALA QB 43 -61.06 -81.39 -80.10
CA ALA QB 43 -60.72 -81.47 -81.53
C ALA QB 43 -61.84 -82.10 -82.32
N LYS QB 44 -62.27 -83.28 -81.86
CA LYS QB 44 -63.41 -83.99 -82.46
C LYS QB 44 -64.70 -83.24 -82.25
N MET QB 45 -64.74 -82.49 -81.16
CA MET QB 45 -65.77 -81.51 -80.89
C MET QB 45 -66.09 -80.66 -82.14
N TYR QB 46 -65.17 -79.77 -82.51
CA TYR QB 46 -65.42 -78.85 -83.63
C TYR QB 46 -64.83 -79.34 -84.97
N LYS QB 47 -64.11 -80.46 -84.93
CA LYS QB 47 -63.63 -81.21 -86.09
C LYS QB 47 -62.46 -80.54 -86.82
N THR QB 48 -61.51 -80.03 -86.05
CA THR QB 48 -60.41 -79.22 -86.60
C THR QB 48 -59.03 -79.83 -86.38
N THR QB 49 -58.97 -81.11 -85.97
CA THR QB 49 -57.75 -81.75 -85.51
C THR QB 49 -57.31 -81.15 -84.17
N PRO QB 50 -56.58 -81.93 -83.35
CA PRO QB 50 -56.03 -81.35 -82.14
C PRO QB 50 -55.00 -80.26 -82.42
N ASP QB 51 -54.24 -80.43 -83.50
CA ASP QB 51 -53.14 -79.53 -83.84
C ASP QB 51 -53.45 -78.04 -83.64
N VAL QB 52 -54.66 -77.61 -83.99
CA VAL QB 52 -54.95 -76.18 -84.11
C VAL QB 52 -55.87 -75.66 -83.00
N ILE QB 53 -55.50 -76.01 -81.76
CA ILE QB 53 -56.23 -75.62 -80.55
C ILE QB 53 -55.23 -75.27 -79.43
N PHE QB 54 -55.33 -74.06 -78.84
CA PHE QB 54 -54.34 -73.57 -77.86
C PHE QB 54 -55.10 -73.20 -76.59
N VAL QB 55 -54.64 -73.77 -75.46
CA VAL QB 55 -55.35 -73.71 -74.17
C VAL QB 55 -54.42 -73.38 -72.97
N PHE QB 56 -54.92 -72.46 -72.16
CA PHE QB 56 -54.19 -71.79 -71.05
C PHE QB 56 -55.34 -71.58 -70.04
N GLY QB 57 -55.14 -70.73 -69.03
CA GLY QB 57 -56.23 -70.31 -68.15
C GLY QB 57 -56.57 -71.30 -67.05
N PHE QB 58 -57.27 -72.37 -67.45
CA PHE QB 58 -57.72 -73.45 -66.55
C PHE QB 58 -57.55 -73.32 -65.05
N ARG QB 59 -58.63 -72.92 -64.38
CA ARG QB 59 -58.62 -72.74 -62.94
C ARG QB 59 -59.78 -73.48 -62.28
N THR QB 60 -59.42 -74.52 -61.54
CA THR QB 60 -60.35 -75.30 -60.75
C THR QB 60 -60.79 -74.52 -59.49
N HIS QB 61 -61.88 -74.95 -58.85
CA HIS QB 61 -62.49 -74.26 -57.69
C HIS QB 61 -63.09 -75.34 -56.70
N PHE QB 62 -63.43 -75.07 -55.41
CA PHE QB 62 -63.63 -76.22 -54.43
C PHE QB 62 -64.51 -77.35 -54.88
N GLY QB 63 -64.27 -78.49 -54.25
CA GLY QB 63 -65.06 -79.68 -54.45
C GLY QB 63 -64.48 -80.50 -55.57
N GLY QB 64 -63.80 -79.85 -56.52
CA GLY QB 64 -63.24 -80.53 -57.68
C GLY QB 64 -64.29 -80.99 -58.65
N GLY QB 65 -65.47 -80.35 -58.62
CA GLY QB 65 -66.56 -80.69 -59.51
C GLY QB 65 -66.43 -80.04 -60.87
N LYS QB 66 -65.65 -78.96 -60.95
CA LYS QB 66 -65.67 -78.09 -62.11
C LYS QB 66 -64.38 -77.30 -62.23
N THR QB 67 -63.97 -77.05 -63.47
CA THR QB 67 -62.79 -76.20 -63.76
C THR QB 67 -63.01 -75.41 -65.05
N THR QB 68 -62.99 -74.10 -64.92
CA THR QB 68 -63.16 -73.17 -66.03
C THR QB 68 -61.82 -73.03 -66.77
N GLY QB 69 -61.86 -72.36 -67.92
CA GLY QB 69 -60.67 -71.75 -68.54
C GLY QB 69 -60.85 -71.32 -69.97
N PHE QB 70 -59.78 -70.83 -70.58
CA PHE QB 70 -59.85 -70.35 -71.96
C PHE QB 70 -59.03 -71.20 -72.94
N GLY QB 71 -59.69 -71.65 -74.01
CA GLY QB 71 -59.05 -72.31 -75.16
C GLY QB 71 -59.53 -71.69 -76.46
N MET QB 72 -58.83 -71.93 -77.58
CA MET QB 72 -59.16 -71.28 -78.88
C MET QB 72 -58.51 -71.90 -80.10
N ILE QB 73 -59.07 -71.57 -81.28
CA ILE QB 73 -58.94 -72.36 -82.53
C ILE QB 73 -58.73 -71.55 -83.84
N TYR QB 74 -57.52 -71.64 -84.44
CA TYR QB 74 -57.20 -70.94 -85.73
C TYR QB 74 -57.57 -71.92 -86.84
N ASP QB 75 -57.72 -71.39 -88.06
CA ASP QB 75 -58.23 -72.17 -89.19
C ASP QB 75 -57.10 -72.81 -89.98
N SER QB 76 -55.86 -72.52 -89.59
CA SER QB 76 -54.70 -73.25 -90.05
C SER QB 76 -53.50 -73.02 -89.13
N LEU QB 77 -52.69 -74.05 -88.96
CA LEU QB 77 -51.43 -73.96 -88.21
C LEU QB 77 -50.52 -72.85 -88.72
N ASP QB 78 -50.56 -72.63 -90.02
CA ASP QB 78 -49.86 -71.50 -90.64
C ASP QB 78 -50.19 -70.13 -90.00
N TYR QB 79 -51.44 -69.93 -89.61
CA TYR QB 79 -51.85 -68.67 -89.00
C TYR QB 79 -51.47 -68.71 -87.52
N ALA QB 80 -51.75 -69.85 -86.88
CA ALA QB 80 -51.36 -70.04 -85.48
C ALA QB 80 -49.87 -69.75 -85.23
N LYS QB 81 -49.01 -70.06 -86.19
CA LYS QB 81 -47.59 -69.67 -86.09
C LYS QB 81 -47.43 -68.24 -86.61
N LYS QB 82 -48.25 -67.33 -86.10
CA LYS QB 82 -48.33 -65.97 -86.61
C LYS QB 82 -49.15 -65.11 -85.65
N ASN QB 83 -50.43 -65.44 -85.48
CA ASN QB 83 -51.29 -64.72 -84.52
C ASN QB 83 -50.99 -65.08 -83.07
N GLU QB 84 -50.62 -66.33 -82.82
CA GLU QB 84 -50.43 -66.82 -81.47
C GLU QB 84 -49.11 -66.38 -80.85
N PRO QB 85 -49.08 -66.14 -79.51
CA PRO QB 85 -47.78 -65.89 -78.87
C PRO QB 85 -46.92 -67.12 -78.71
N LYS QB 86 -45.66 -66.86 -78.42
CA LYS QB 86 -44.61 -67.86 -78.39
C LYS QB 86 -44.93 -68.97 -77.39
N HIS QB 87 -45.16 -68.59 -76.14
CA HIS QB 87 -45.36 -69.57 -75.05
C HIS QB 87 -46.36 -70.68 -75.34
N ARG QB 88 -47.36 -70.39 -76.17
CA ARG QB 88 -48.44 -71.35 -76.41
C ARG QB 88 -48.07 -72.35 -77.53
N LEU QB 89 -47.17 -71.93 -78.43
CA LEU QB 89 -46.59 -72.82 -79.44
C LEU QB 89 -45.46 -73.63 -78.82
N ALA QB 90 -44.61 -72.97 -78.03
CA ALA QB 90 -43.55 -73.63 -77.25
C ALA QB 90 -44.07 -74.55 -76.13
N ARG QB 91 -45.33 -74.36 -75.72
CA ARG QB 91 -45.99 -75.25 -74.77
C ARG QB 91 -45.93 -76.70 -75.26
N HIS QB 92 -46.09 -76.89 -76.59
CA HIS QB 92 -45.91 -78.21 -77.21
C HIS QB 92 -45.08 -78.21 -78.50
N GLY QB 93 -44.15 -79.15 -78.55
CA GLY QB 93 -42.96 -79.12 -79.41
C GLY QB 93 -43.18 -78.72 -80.83
N LEU QB 94 -43.33 -77.41 -81.04
CA LEU QB 94 -43.43 -76.83 -82.38
C LEU QB 94 -42.59 -75.55 -82.57
N TYR QB 95 -42.39 -74.74 -81.52
CA TYR QB 95 -41.48 -73.57 -81.61
C TYR QB 95 -40.86 -73.11 -80.27
N GLU QB 96 -39.54 -73.31 -80.16
CA GLU QB 96 -38.70 -72.92 -79.02
C GLU QB 96 -37.79 -71.72 -79.32
N LYS QB 97 -37.22 -71.15 -78.25
CA LYS QB 97 -36.34 -69.97 -78.35
C LYS QB 97 -34.97 -70.20 -77.68
N LYS QB 98 -34.04 -69.27 -77.95
CA LYS QB 98 -32.67 -69.35 -77.41
C LYS QB 98 -32.62 -69.35 -75.88
N LYS QB 99 -31.60 -69.98 -75.34
CA LYS QB 99 -31.30 -69.90 -73.92
C LYS QB 99 -29.94 -69.23 -73.73
N THR QB 100 -29.95 -67.91 -73.89
CA THR QB 100 -28.82 -67.05 -73.53
C THR QB 100 -28.95 -66.61 -72.08
N SER QB 101 -30.18 -66.30 -71.66
CA SER QB 101 -30.56 -66.07 -70.27
C SER QB 101 -30.17 -64.68 -69.73
N ARG QB 102 -30.72 -63.63 -70.38
CA ARG QB 102 -30.95 -62.33 -69.74
C ARG QB 102 -29.71 -61.52 -69.29
N LYS QB 103 -28.99 -62.01 -68.28
CA LYS QB 103 -27.77 -61.33 -67.81
C LYS QB 103 -26.54 -61.64 -68.69
N GLN QB 104 -26.59 -62.70 -69.51
CA GLN QB 104 -25.59 -62.93 -70.58
C GLN QB 104 -25.74 -61.91 -71.71
N ARG QB 105 -27.00 -61.58 -72.02
CA ARG QB 105 -27.35 -60.55 -73.02
C ARG QB 105 -26.78 -59.22 -72.53
N LYS QB 106 -27.19 -58.84 -71.33
CA LYS QB 106 -26.90 -57.55 -70.73
C LYS QB 106 -25.41 -57.28 -70.56
N GLU QB 107 -24.68 -58.31 -70.12
CA GLU QB 107 -23.25 -58.19 -69.92
C GLU QB 107 -22.56 -58.02 -71.28
N ARG QB 108 -23.06 -58.72 -72.29
CA ARG QB 108 -22.55 -58.62 -73.65
C ARG QB 108 -22.84 -57.25 -74.22
N LYS QB 109 -24.11 -56.89 -74.28
CA LYS QB 109 -24.53 -55.65 -74.96
C LYS QB 109 -24.08 -54.38 -74.27
N ASN QB 110 -23.70 -54.46 -72.99
CA ASN QB 110 -22.95 -53.35 -72.40
C ASN QB 110 -21.44 -53.37 -72.69
N ARG QB 111 -20.92 -54.48 -73.21
CA ARG QB 111 -19.73 -54.44 -74.08
C ARG QB 111 -20.25 -54.24 -75.50
N MET QB 112 -19.40 -54.32 -76.52
CA MET QB 112 -19.79 -53.99 -77.91
C MET QB 112 -20.15 -52.50 -78.13
N LYS QB 113 -20.32 -51.76 -77.03
CA LYS QB 113 -20.20 -50.32 -77.03
C LYS QB 113 -18.75 -49.93 -76.75
N LYS QB 114 -18.08 -50.69 -75.90
CA LYS QB 114 -16.67 -50.42 -75.55
C LYS QB 114 -15.78 -50.45 -76.78
N VAL QB 115 -15.90 -51.54 -77.52
CA VAL QB 115 -15.34 -51.67 -78.85
C VAL QB 115 -16.06 -50.70 -79.80
N ARG QB 116 -15.34 -50.23 -80.82
CA ARG QB 116 -15.89 -49.25 -81.76
C ARG QB 116 -16.82 -49.88 -82.82
N GLY QB 117 -16.35 -50.08 -84.05
CA GLY QB 117 -17.13 -50.72 -85.10
C GLY QB 117 -16.40 -51.84 -85.83
N THR QB 118 -15.30 -52.32 -85.25
CA THR QB 118 -14.55 -53.45 -85.82
C THR QB 118 -15.36 -54.69 -85.53
N ALA QB 119 -16.24 -55.02 -86.47
CA ALA QB 119 -17.10 -56.20 -86.36
C ALA QB 119 -16.42 -57.39 -85.67
N LYS QB 120 -15.18 -57.70 -86.09
CA LYS QB 120 -14.36 -58.80 -85.51
C LYS QB 120 -14.39 -58.87 -83.98
N ALA QB 121 -14.29 -57.71 -83.34
CA ALA QB 121 -14.33 -57.60 -81.88
C ALA QB 121 -15.76 -57.67 -81.33
N ASN QB 122 -16.72 -57.13 -82.07
CA ASN QB 122 -18.15 -57.23 -81.69
C ASN QB 122 -18.61 -58.69 -81.80
N VAL QB 123 -18.10 -59.39 -82.81
CA VAL QB 123 -18.25 -60.83 -82.96
C VAL QB 123 -17.44 -61.58 -81.87
N GLY QB 124 -16.29 -61.01 -81.49
CA GLY QB 124 -15.56 -61.43 -80.28
C GLY QB 124 -16.49 -61.66 -79.11
N ALA QB 125 -17.32 -60.65 -78.83
CA ALA QB 125 -18.53 -60.82 -78.00
C ALA QB 125 -18.23 -61.41 -76.60
N GLY QB 126 -19.12 -62.27 -76.09
CA GLY QB 126 -18.84 -63.10 -74.91
C GLY QB 126 -18.91 -64.57 -75.27
N THR RB 1 -63.96 -17.46 3.76
CA THR RB 1 -65.08 -17.66 4.74
C THR RB 1 -65.39 -16.31 5.37
N LYS RB 2 -66.13 -15.47 4.66
CA LYS RB 2 -66.50 -14.17 5.22
C LYS RB 2 -67.28 -14.39 6.48
N LYS RB 3 -66.70 -13.98 7.60
CA LYS RB 3 -67.29 -14.21 8.88
C LYS RB 3 -68.46 -13.25 9.07
N ARG RB 4 -68.16 -11.96 9.01
CA ARG RB 4 -69.15 -10.93 9.13
C ARG RB 4 -69.40 -10.40 7.73
N ARG RB 5 -70.58 -10.62 7.16
CA ARG RB 5 -71.00 -9.96 5.91
C ARG RB 5 -70.54 -8.52 5.83
N ASN RB 6 -70.87 -7.78 6.87
CA ASN RB 6 -70.45 -6.41 7.07
C ASN RB 6 -68.95 -6.15 6.98
N ASN RB 7 -68.16 -7.16 7.38
CA ASN RB 7 -66.78 -7.04 7.87
C ASN RB 7 -66.92 -6.19 9.11
N GLY RB 8 -66.35 -6.66 10.23
CA GLY RB 8 -66.46 -5.93 11.50
C GLY RB 8 -65.68 -4.65 11.32
N ARG RB 9 -66.44 -3.62 11.03
CA ARG RB 9 -66.07 -2.57 10.10
C ARG RB 9 -67.51 -2.10 9.94
N ALA RB 10 -67.78 -0.92 9.43
CA ALA RB 10 -69.17 -0.58 9.16
C ALA RB 10 -69.13 0.47 8.14
N LYS RB 11 -68.42 0.14 7.08
CA LYS RB 11 -68.09 1.10 6.08
C LYS RB 11 -69.25 1.14 5.06
N LYS RB 12 -69.09 0.64 3.84
CA LYS RB 12 -70.13 0.70 2.82
C LYS RB 12 -70.31 2.09 2.23
N GLY RB 13 -69.94 2.20 0.96
CA GLY RB 13 -70.16 3.41 0.16
C GLY RB 13 -69.04 4.42 0.18
N ARG RB 14 -67.79 3.96 0.41
CA ARG RB 14 -66.65 4.85 0.68
C ARG RB 14 -65.28 4.22 0.34
N GLY RB 15 -64.32 4.28 1.24
CA GLY RB 15 -62.89 4.18 0.92
C GLY RB 15 -62.14 4.59 2.17
N HIS RB 16 -60.88 5.07 2.09
CA HIS RB 16 -60.13 5.30 3.35
C HIS RB 16 -61.04 6.25 4.22
N VAL RB 17 -61.34 5.84 5.47
CA VAL RB 17 -62.14 6.60 6.47
C VAL RB 17 -61.46 6.80 7.84
N GLN RB 18 -61.48 8.02 8.36
CA GLN RB 18 -60.63 8.44 9.51
C GLN RB 18 -60.15 7.32 10.42
N PRO RB 19 -58.82 7.18 10.61
CA PRO RB 19 -58.35 6.21 11.59
C PRO RB 19 -58.27 6.86 12.97
N ILE RB 20 -58.43 6.07 14.02
CA ILE RB 20 -58.36 6.53 15.41
C ILE RB 20 -57.62 5.54 16.25
N ARG RB 21 -56.66 6.07 16.99
CA ARG RB 21 -55.83 5.25 17.83
C ARG RB 21 -56.55 5.04 19.19
N CYS RB 22 -56.58 3.78 19.66
CA CYS RB 22 -57.31 3.30 20.86
C CYS RB 22 -56.94 3.99 22.16
N THR RB 23 -57.84 3.85 23.16
CA THR RB 23 -57.66 4.43 24.50
C THR RB 23 -57.11 3.42 25.50
N ASN RB 24 -56.24 2.52 25.03
CA ASN RB 24 -55.66 1.50 25.89
C ASN RB 24 -54.33 1.01 25.35
N CYS RB 25 -54.37 0.40 24.18
CA CYS RB 25 -53.16 -0.08 23.54
C CYS RB 25 -52.50 1.02 22.76
N ALA RB 26 -53.26 2.09 22.48
CA ALA RB 26 -52.79 3.19 21.65
C ALA RB 26 -52.68 2.73 20.19
N ARG RB 27 -53.47 1.72 19.86
CA ARG RB 27 -53.39 1.04 18.59
C ARG RB 27 -54.35 1.63 17.60
N CYS RB 28 -53.92 1.74 16.34
CA CYS RB 28 -54.70 2.43 15.34
C CYS RB 28 -55.82 1.59 14.76
N VAL RB 29 -56.98 2.21 14.59
CA VAL RB 29 -58.19 1.55 14.11
C VAL RB 29 -59.10 2.54 13.35
N PRO RB 30 -59.91 2.06 12.40
CA PRO RB 30 -60.95 2.91 11.80
C PRO RB 30 -62.04 3.34 12.76
N LYS RB 31 -62.75 4.39 12.37
CA LYS RB 31 -63.81 4.96 13.19
C LYS RB 31 -65.08 4.13 13.16
N ASP RB 32 -65.42 3.66 11.96
CA ASP RB 32 -66.56 2.74 11.75
C ASP RB 32 -66.36 1.36 12.39
N LYS RB 33 -65.12 0.87 12.36
CA LYS RB 33 -64.71 -0.26 13.14
C LYS RB 33 -64.60 0.23 14.56
N ALA RB 34 -64.23 -0.65 15.48
CA ALA RB 34 -63.86 -0.23 16.82
C ALA RB 34 -65.11 -0.07 17.65
N ILE RB 35 -64.98 -0.45 18.90
CA ILE RB 35 -66.08 -0.44 19.83
C ILE RB 35 -66.04 0.94 20.44
N LYS RB 36 -67.22 1.51 20.67
CA LYS RB 36 -67.29 2.90 21.13
C LYS RB 36 -68.25 3.02 22.31
N LYS RB 37 -67.74 2.70 23.49
CA LYS RB 37 -68.41 3.03 24.74
C LYS RB 37 -68.32 4.52 25.00
N PHE RB 38 -69.25 5.01 25.78
CA PHE RB 38 -69.31 6.39 26.11
C PHE RB 38 -69.89 6.31 27.48
N VAL RB 39 -69.04 6.60 28.45
CA VAL RB 39 -69.39 6.40 29.83
C VAL RB 39 -69.83 7.75 30.35
N ILE RB 40 -70.96 7.74 31.05
CA ILE RB 40 -71.33 8.87 31.88
C ILE RB 40 -71.27 8.47 33.35
N ARG RB 41 -70.05 8.48 33.85
CA ARG RB 41 -69.75 8.11 35.21
C ARG RB 41 -69.95 9.35 36.08
N ASN RB 42 -70.50 9.15 37.26
CA ASN RB 42 -70.57 10.20 38.27
C ASN RB 42 -69.14 10.45 38.77
N ILE RB 43 -68.84 11.68 39.18
CA ILE RB 43 -67.48 11.99 39.64
C ILE RB 43 -67.21 11.32 40.96
N VAL RB 44 -68.09 11.57 41.91
CA VAL RB 44 -67.88 11.15 43.29
C VAL RB 44 -68.03 9.64 43.52
N GLU RB 45 -68.80 8.98 42.67
CA GLU RB 45 -69.14 7.54 42.76
C GLU RB 45 -70.28 7.28 43.76
N ALA RB 46 -70.56 6.00 44.00
CA ALA RB 46 -71.66 5.58 44.86
C ALA RB 46 -71.39 5.83 46.34
N ALA RB 47 -70.15 5.58 46.76
CA ALA RB 47 -69.80 5.66 48.17
C ALA RB 47 -69.78 7.11 48.67
N ALA RB 48 -68.92 7.92 48.05
CA ALA RB 48 -68.62 9.26 48.55
C ALA RB 48 -69.77 10.24 48.42
N VAL RB 49 -70.75 9.91 47.58
CA VAL RB 49 -71.93 10.77 47.35
C VAL RB 49 -72.46 11.42 48.63
N ARG RB 50 -72.49 10.64 49.71
CA ARG RB 50 -73.05 11.11 50.96
C ARG RB 50 -72.02 11.67 51.96
N ASP RB 51 -70.73 11.39 51.77
CA ASP RB 51 -69.65 12.13 52.46
C ASP RB 51 -69.70 13.56 51.98
N ILE RB 52 -69.66 13.68 50.65
CA ILE RB 52 -69.55 14.98 50.01
C ILE RB 52 -70.84 15.78 50.19
N SER RB 53 -71.99 15.12 50.12
CA SER RB 53 -73.27 15.84 50.37
C SER RB 53 -73.46 16.32 51.82
N GLU RB 54 -72.71 15.77 52.78
CA GLU RB 54 -72.63 16.36 54.12
C GLU RB 54 -71.75 17.59 54.07
N ALA RB 55 -70.49 17.38 53.69
CA ALA RB 55 -69.45 18.41 53.76
C ALA RB 55 -69.70 19.61 52.84
N SER RB 56 -70.57 19.45 51.85
CA SER RB 56 -70.95 20.54 50.95
C SER RB 56 -71.27 21.82 51.70
N VAL RB 57 -70.65 22.91 51.26
CA VAL RB 57 -70.96 24.24 51.75
C VAL RB 57 -72.35 24.57 51.23
N PHE RB 58 -72.55 24.30 49.94
CA PHE RB 58 -73.84 24.49 49.32
C PHE RB 58 -74.91 23.51 49.82
N ASP RB 59 -76.15 23.80 49.44
CA ASP RB 59 -77.31 22.97 49.74
C ASP RB 59 -77.75 22.14 48.54
N ALA RB 60 -78.26 20.93 48.81
CA ALA RB 60 -78.64 19.95 47.78
C ALA RB 60 -77.47 19.58 46.83
N TYR RB 61 -77.33 20.30 45.71
CA TYR RB 61 -76.26 20.09 44.71
C TYR RB 61 -76.27 18.77 43.94
N VAL RB 62 -76.39 18.90 42.61
CA VAL RB 62 -76.53 17.75 41.73
C VAL RB 62 -75.26 16.92 41.55
N LEU RB 63 -74.09 17.57 41.63
CA LEU RB 63 -72.79 16.99 41.21
C LEU RB 63 -72.70 16.79 39.70
N PRO RB 64 -71.50 16.92 39.14
CA PRO RB 64 -71.35 16.84 37.70
C PRO RB 64 -71.19 15.39 37.23
N LYS RB 65 -70.85 15.22 35.96
CA LYS RB 65 -70.49 13.91 35.41
C LYS RB 65 -69.35 14.02 34.38
N LEU RB 66 -68.47 13.02 34.35
CA LEU RB 66 -67.45 12.92 33.32
C LEU RB 66 -68.13 12.38 32.10
N TYR RB 67 -68.00 13.03 30.94
CA TYR RB 67 -68.48 12.43 29.69
C TYR RB 67 -67.34 11.99 28.82
N VAL RB 68 -66.88 10.76 29.06
CA VAL RB 68 -65.77 10.22 28.32
C VAL RB 68 -66.32 9.39 27.19
N LYS RB 69 -65.77 9.60 26.01
CA LYS RB 69 -66.01 8.72 24.89
C LYS RB 69 -64.86 7.72 24.82
N LEU RB 70 -65.06 6.57 25.47
CA LEU RB 70 -64.17 5.43 25.31
C LEU RB 70 -64.46 4.82 23.96
N HIS RB 71 -63.62 3.91 23.52
CA HIS RB 71 -63.18 4.01 22.15
C HIS RB 71 -62.05 3.00 21.88
N TYR RB 72 -62.38 1.70 22.01
CA TYR RB 72 -61.38 0.63 22.10
C TYR RB 72 -61.13 -0.01 20.76
N CYS RB 73 -59.89 -0.43 20.56
CA CYS RB 73 -59.51 -1.34 19.47
C CYS RB 73 -60.06 -2.67 19.84
N VAL RB 74 -60.25 -3.52 18.86
CA VAL RB 74 -61.00 -4.72 19.12
C VAL RB 74 -60.22 -5.63 20.05
N SER RB 75 -58.91 -5.64 19.90
CA SER RB 75 -58.03 -6.41 20.77
C SER RB 75 -58.30 -6.23 22.24
N CYS RB 76 -58.27 -4.97 22.65
CA CYS RB 76 -58.51 -4.61 24.03
C CYS RB 76 -60.00 -4.72 24.38
N ALA RB 77 -60.86 -4.58 23.37
CA ALA RB 77 -62.30 -4.78 23.54
C ALA RB 77 -62.61 -6.18 23.98
N ILE RB 78 -61.97 -7.15 23.34
CA ILE RB 78 -62.11 -8.53 23.73
C ILE RB 78 -61.29 -8.81 24.97
N HIS RB 79 -59.99 -8.48 24.97
CA HIS RB 79 -59.17 -8.84 26.15
C HIS RB 79 -59.85 -8.29 27.41
N SER RB 80 -60.19 -6.99 27.42
CA SER RB 80 -60.84 -6.35 28.59
C SER RB 80 -62.39 -6.37 28.56
N LYS RB 81 -62.95 -7.44 27.99
CA LYS RB 81 -64.33 -7.84 28.24
C LYS RB 81 -65.36 -6.73 28.07
N VAL RB 82 -65.30 -6.07 26.92
CA VAL RB 82 -66.33 -5.13 26.53
C VAL RB 82 -67.38 -5.87 25.75
N VAL RB 83 -66.94 -6.57 24.72
CA VAL RB 83 -67.79 -7.51 23.98
C VAL RB 83 -67.32 -8.89 24.38
N ARG RB 84 -67.90 -9.92 23.77
CA ARG RB 84 -67.39 -11.27 23.98
C ARG RB 84 -67.14 -11.98 22.65
N ASN RB 85 -67.76 -13.13 22.42
CA ASN RB 85 -67.45 -13.93 21.24
C ASN RB 85 -68.59 -14.94 21.06
N ARG RB 86 -69.46 -14.72 20.08
CA ARG RB 86 -70.78 -15.39 20.07
C ARG RB 86 -70.90 -16.56 19.12
N SER RB 87 -72.05 -17.23 19.16
CA SER RB 87 -72.41 -18.31 18.24
C SER RB 87 -72.74 -17.80 16.83
N ARG RB 88 -72.75 -18.70 15.84
CA ARG RB 88 -72.91 -18.31 14.42
C ARG RB 88 -74.22 -17.61 14.15
N GLU RB 89 -75.28 -18.07 14.80
CA GLU RB 89 -76.60 -17.48 14.67
C GLU RB 89 -76.63 -16.17 15.42
N ALA RB 90 -75.98 -16.17 16.58
CA ALA RB 90 -75.92 -15.01 17.44
C ALA RB 90 -75.08 -13.90 16.87
N ARG RB 91 -73.98 -14.21 16.17
CA ARG RB 91 -73.11 -13.12 15.69
C ARG RB 91 -73.96 -11.97 15.09
N LYS RB 92 -75.01 -12.31 14.34
CA LYS RB 92 -75.89 -11.33 13.67
C LYS RB 92 -76.68 -10.36 14.55
N ASP RB 93 -77.16 -10.80 15.71
CA ASP RB 93 -78.26 -10.12 16.43
C ASP RB 93 -77.80 -8.80 17.05
N ARG RB 94 -77.89 -7.74 16.27
CA ARG RB 94 -77.14 -6.52 16.55
C ARG RB 94 -77.74 -5.62 17.65
N THR RB 95 -78.90 -5.96 18.18
CA THR RB 95 -79.46 -5.18 19.29
C THR RB 95 -78.49 -5.04 20.47
N PRO RB 96 -78.70 -4.02 21.32
CA PRO RB 96 -77.89 -3.77 22.51
C PRO RB 96 -78.62 -3.98 23.90
N PRO RB 97 -78.64 -5.24 24.44
CA PRO RB 97 -79.59 -5.67 25.52
C PRO RB 97 -79.21 -5.68 27.03
N PRO RB 98 -79.75 -4.74 27.85
CA PRO RB 98 -79.44 -4.73 29.29
C PRO RB 98 -80.36 -5.66 30.07
N PRO SB 1 -99.60 -10.21 -8.31
CA PRO SB 1 -99.34 -11.65 -8.17
C PRO SB 1 -100.32 -12.52 -8.96
N LEU SB 2 -99.79 -13.19 -10.00
CA LEU SB 2 -100.50 -14.26 -10.74
C LEU SB 2 -101.79 -13.84 -11.47
N ALA SB 3 -102.01 -12.53 -11.63
CA ALA SB 3 -103.23 -11.97 -12.25
C ALA SB 3 -103.27 -10.49 -12.00
N LYS SB 4 -102.58 -9.73 -12.84
CA LYS SB 4 -102.65 -8.28 -12.81
C LYS SB 4 -103.04 -7.87 -14.22
N ASP SB 5 -104.29 -7.44 -14.42
CA ASP SB 5 -104.79 -7.11 -15.76
C ASP SB 5 -104.12 -5.84 -16.31
N LEU SB 6 -102.89 -6.03 -16.76
CA LEU SB 6 -101.98 -4.93 -17.09
C LEU SB 6 -102.57 -3.94 -18.08
N LEU SB 7 -103.29 -4.47 -19.08
CA LEU SB 7 -103.88 -3.65 -20.15
C LEU SB 7 -105.01 -2.69 -19.71
N HIS SB 8 -105.65 -3.00 -18.59
CA HIS SB 8 -106.78 -2.22 -18.07
C HIS SB 8 -106.48 -1.84 -16.62
N PRO SB 9 -105.40 -1.08 -16.43
CA PRO SB 9 -104.98 -0.74 -15.08
C PRO SB 9 -105.84 0.40 -14.55
N SER SB 10 -106.36 0.23 -13.34
CA SER SB 10 -107.31 1.20 -12.76
C SER SB 10 -106.65 2.58 -12.63
N PRO SB 11 -107.42 3.66 -12.86
CA PRO SB 11 -106.85 5.01 -13.07
C PRO SB 11 -105.89 5.47 -11.99
N GLU SB 12 -106.19 5.12 -10.74
CA GLU SB 12 -105.32 5.46 -9.61
C GLU SB 12 -103.90 4.95 -9.85
N GLU SB 13 -103.74 3.67 -10.18
CA GLU SB 13 -102.41 3.06 -10.14
C GLU SB 13 -101.55 3.29 -11.39
N GLU SB 14 -101.93 4.25 -12.23
CA GLU SB 14 -100.99 4.88 -13.14
C GLU SB 14 -100.43 6.19 -12.58
N LYS SB 15 -101.18 6.87 -11.73
CA LYS SB 15 -100.74 8.17 -11.20
C LYS SB 15 -99.71 8.00 -10.08
N ARG SB 16 -99.70 6.82 -9.48
CA ARG SB 16 -98.59 6.37 -8.63
C ARG SB 16 -97.58 5.52 -9.44
N LYS SB 17 -97.22 5.99 -10.65
CA LYS SB 17 -96.17 5.34 -11.47
C LYS SB 17 -95.38 6.41 -12.22
N HIS SB 18 -94.05 6.26 -12.27
CA HIS SB 18 -93.22 7.26 -12.93
C HIS SB 18 -93.64 7.43 -14.39
N LYS SB 19 -93.70 8.67 -14.87
CA LYS SB 19 -94.33 9.01 -16.15
C LYS SB 19 -94.06 8.01 -17.30
N LYS SB 20 -92.81 7.60 -17.46
CA LYS SB 20 -92.41 6.73 -18.58
C LYS SB 20 -92.70 5.25 -18.28
N LYS SB 21 -92.97 4.92 -17.03
CA LYS SB 21 -93.18 3.53 -16.63
C LYS SB 21 -94.60 3.08 -16.93
N ARG SB 22 -95.53 4.04 -17.04
CA ARG SB 22 -96.94 3.77 -17.32
C ARG SB 22 -97.17 2.90 -18.56
N LEU SB 23 -98.40 2.40 -18.69
CA LEU SB 23 -98.80 1.57 -19.84
C LEU SB 23 -98.60 2.25 -21.18
N VAL SB 24 -99.01 3.50 -21.24
CA VAL SB 24 -98.60 4.40 -22.28
C VAL SB 24 -97.91 5.55 -21.57
N GLN SB 25 -96.82 5.99 -22.16
CA GLN SB 25 -96.09 7.11 -21.64
C GLN SB 25 -96.89 8.38 -21.90
N SER SB 26 -97.30 9.03 -20.81
CA SER SB 26 -97.90 10.36 -20.85
C SER SB 26 -97.15 11.23 -19.83
N PRO SB 27 -97.28 12.56 -19.94
CA PRO SB 27 -96.61 13.48 -19.02
C PRO SB 27 -97.35 13.62 -17.71
N ASN SB 28 -96.67 14.21 -16.74
CA ASN SB 28 -97.29 14.60 -15.51
C ASN SB 28 -97.04 16.09 -15.37
N SER SB 29 -97.63 16.84 -16.27
CA SER SB 29 -97.46 18.30 -16.32
C SER SB 29 -98.62 18.95 -17.00
N TYR SB 30 -98.64 20.27 -16.98
CA TYR SB 30 -99.81 20.99 -17.44
C TYR SB 30 -99.68 22.46 -17.68
N PHE SB 31 -100.49 23.02 -18.58
CA PHE SB 31 -100.60 24.47 -18.67
C PHE SB 31 -101.82 24.94 -17.93
N MET SB 32 -101.72 26.19 -17.50
CA MET SB 32 -102.72 26.84 -16.68
C MET SB 32 -102.93 28.22 -17.24
N ASP SB 33 -104.20 28.59 -17.42
CA ASP SB 33 -104.56 29.89 -17.95
C ASP SB 33 -104.85 30.91 -16.84
N VAL SB 34 -103.87 31.82 -16.65
CA VAL SB 34 -103.65 32.57 -15.39
C VAL SB 34 -104.17 34.01 -15.39
N LYS SB 35 -104.90 34.36 -14.32
CA LYS SB 35 -105.57 35.65 -14.19
C LYS SB 35 -104.63 36.80 -13.79
N CYS SB 36 -104.20 36.78 -12.52
CA CYS SB 36 -103.48 37.89 -11.85
C CYS SB 36 -104.35 39.16 -11.63
N PRO SB 37 -104.13 39.89 -10.50
CA PRO SB 37 -105.13 40.87 -10.04
C PRO SB 37 -105.30 42.15 -10.86
N GLY SB 38 -104.20 42.76 -11.30
CA GLY SB 38 -104.26 44.04 -12.02
C GLY SB 38 -104.93 43.96 -13.38
N CYS SB 39 -104.22 43.40 -14.36
CA CYS SB 39 -104.76 43.19 -15.70
C CYS SB 39 -105.78 42.06 -15.71
N TYR SB 40 -106.75 42.15 -16.61
CA TYR SB 40 -107.66 41.05 -16.88
C TYR SB 40 -107.03 40.00 -17.83
N LYS SB 41 -105.97 40.40 -18.55
CA LYS SB 41 -105.29 39.54 -19.54
C LYS SB 41 -104.89 38.19 -18.95
N ILE SB 42 -105.07 37.14 -19.75
CA ILE SB 42 -104.76 35.78 -19.34
C ILE SB 42 -103.57 35.28 -20.17
N THR SB 43 -102.50 34.91 -19.45
CA THR SB 43 -101.32 34.27 -20.05
C THR SB 43 -101.45 32.76 -19.95
N THR SB 44 -100.79 32.06 -20.86
CA THR SB 44 -100.86 30.60 -20.97
C THR SB 44 -99.60 29.96 -20.37
N VAL SB 45 -99.53 29.94 -19.04
CA VAL SB 45 -98.32 29.52 -18.33
C VAL SB 45 -98.24 28.01 -18.23
N PHE SB 46 -97.06 27.45 -18.46
CA PHE SB 46 -96.82 26.01 -18.26
C PHE SB 46 -96.20 25.75 -16.89
N SER SB 47 -97.00 25.10 -16.02
CA SER SB 47 -96.67 24.74 -14.64
C SER SB 47 -95.20 24.63 -14.36
N HIS SB 48 -94.58 23.69 -15.04
CA HIS SB 48 -93.14 23.53 -14.99
C HIS SB 48 -92.54 24.53 -15.96
N ALA SB 49 -92.07 25.64 -15.38
CA ALA SB 49 -91.87 26.88 -16.13
C ALA SB 49 -90.46 27.06 -16.63
N GLN SB 50 -89.45 26.78 -15.79
CA GLN SB 50 -88.04 27.13 -16.09
C GLN SB 50 -87.79 28.65 -16.01
N THR SB 51 -88.39 29.43 -16.90
CA THR SB 51 -88.19 30.89 -16.94
C THR SB 51 -89.20 31.64 -16.08
N VAL SB 52 -88.94 32.93 -15.85
CA VAL SB 52 -89.90 33.84 -15.21
C VAL SB 52 -90.93 34.33 -16.23
N VAL SB 53 -92.19 34.10 -15.91
CA VAL SB 53 -93.30 34.43 -16.80
C VAL SB 53 -93.72 35.85 -16.47
N LEU SB 54 -93.54 36.77 -17.40
CA LEU SB 54 -93.94 38.17 -17.20
C LEU SB 54 -95.31 38.44 -17.79
N CYS SB 55 -95.96 39.49 -17.30
CA CYS SB 55 -97.31 39.83 -17.73
C CYS SB 55 -97.29 40.40 -19.13
N VAL SB 56 -98.31 40.07 -19.93
CA VAL SB 56 -98.46 40.61 -21.31
C VAL SB 56 -98.57 42.13 -21.24
N GLY SB 57 -99.23 42.60 -20.18
CA GLY SB 57 -99.19 44.01 -19.78
C GLY SB 57 -97.77 44.47 -19.58
N CYS SB 58 -97.28 44.43 -18.34
CA CYS SB 58 -95.88 44.74 -18.06
C CYS SB 58 -95.43 44.44 -16.63
N SER SB 59 -95.87 45.29 -15.70
CA SER SB 59 -95.23 45.46 -14.39
C SER SB 59 -95.07 44.19 -13.58
N THR SB 60 -96.18 43.49 -13.38
CA THR SB 60 -96.21 42.31 -12.53
C THR SB 60 -95.43 41.14 -13.14
N VAL SB 61 -95.01 40.23 -12.26
CA VAL SB 61 -94.26 39.03 -12.62
C VAL SB 61 -95.02 37.83 -12.05
N LEU SB 62 -95.33 36.85 -12.90
CA LEU SB 62 -96.28 35.81 -12.52
C LEU SB 62 -95.62 34.68 -11.76
N CYS SB 63 -94.60 34.08 -12.37
CA CYS SB 63 -94.09 32.80 -11.91
C CYS SB 63 -92.60 32.77 -11.71
N GLN SB 64 -92.18 32.92 -10.46
CA GLN SB 64 -90.86 32.46 -10.05
C GLN SB 64 -90.81 30.95 -10.36
N PRO SB 65 -89.73 30.48 -10.98
CA PRO SB 65 -89.53 29.04 -11.17
C PRO SB 65 -88.76 28.42 -9.99
N THR SB 66 -89.13 27.19 -9.62
CA THR SB 66 -88.44 26.41 -8.59
C THR SB 66 -88.12 25.05 -9.18
N GLY SB 67 -87.76 24.09 -8.33
CA GLY SB 67 -87.46 22.75 -8.75
C GLY SB 67 -88.49 22.14 -9.68
N GLY SB 68 -89.65 21.80 -9.14
CA GLY SB 68 -90.74 21.25 -9.92
C GLY SB 68 -91.63 22.35 -10.48
N LYS SB 69 -92.85 22.45 -9.95
CA LYS SB 69 -93.82 23.43 -10.45
C LYS SB 69 -93.38 24.82 -10.19
N ALA SB 70 -93.99 25.74 -10.90
CA ALA SB 70 -93.68 27.14 -10.74
C ALA SB 70 -94.43 27.76 -9.54
N ARG SB 71 -93.75 28.72 -8.92
CA ARG SB 71 -94.23 29.45 -7.78
C ARG SB 71 -95.06 30.58 -8.39
N LEU SB 72 -96.38 30.52 -8.30
CA LEU SB 72 -97.23 31.69 -8.64
C LEU SB 72 -97.05 32.81 -7.62
N THR SB 73 -97.18 34.05 -8.07
CA THR SB 73 -96.92 35.21 -7.21
C THR SB 73 -98.15 35.71 -6.45
N GLU SB 74 -98.18 35.40 -5.16
CA GLU SB 74 -99.02 36.09 -4.18
C GLU SB 74 -100.53 35.80 -4.29
N GLY SB 75 -101.18 36.31 -5.33
CA GLY SB 75 -102.65 36.17 -5.46
C GLY SB 75 -103.11 36.12 -6.90
N CYS SB 76 -102.97 34.95 -7.53
CA CYS SB 76 -103.33 34.73 -8.92
C CYS SB 76 -103.85 33.32 -9.15
N SER SB 77 -104.87 33.19 -10.01
CA SER SB 77 -105.56 31.91 -10.25
C SER SB 77 -104.99 31.14 -11.46
N PHE SB 78 -105.60 30.00 -11.78
CA PHE SB 78 -105.15 29.13 -12.86
C PHE SB 78 -106.31 28.22 -13.33
N ARG SB 79 -106.17 27.62 -14.51
CA ARG SB 79 -107.16 26.70 -15.10
C ARG SB 79 -106.52 25.55 -15.89
N ARG SB 80 -106.45 24.41 -15.22
CA ARG SB 80 -106.08 23.12 -15.81
C ARG SB 80 -106.84 22.83 -17.10
N LYS SB 81 -108.17 22.72 -16.90
CA LYS SB 81 -109.01 21.65 -17.47
C LYS SB 81 -109.17 21.71 -18.97
N GLN SB 82 -108.60 20.70 -19.64
CA GLN SB 82 -108.54 20.69 -21.07
C GLN SB 82 -107.96 19.39 -21.60
N HIS SB 83 -108.18 19.16 -22.90
CA HIS SB 83 -107.60 18.04 -23.65
C HIS SB 83 -108.28 16.72 -23.25
N HIS TB 1 -24.50 -45.44 -1.26
CA HIS TB 1 -24.09 -46.64 -0.46
C HIS TB 1 -24.72 -47.90 -1.06
N GLY TB 2 -24.73 -48.99 -0.29
CA GLY TB 2 -25.54 -50.16 -0.62
C GLY TB 2 -24.71 -51.26 -1.23
N SER TB 3 -24.90 -52.46 -0.71
CA SER TB 3 -24.19 -53.64 -1.19
C SER TB 3 -25.02 -54.27 -2.31
N LEU TB 4 -24.39 -54.41 -3.46
CA LEU TB 4 -25.01 -55.03 -4.61
C LEU TB 4 -24.80 -56.53 -4.60
N ALA TB 5 -24.31 -57.06 -3.48
CA ALA TB 5 -24.18 -58.49 -3.28
C ALA TB 5 -25.53 -59.18 -3.31
N ARG TB 6 -26.56 -58.50 -2.82
CA ARG TB 6 -27.86 -59.14 -2.60
C ARG TB 6 -28.77 -59.24 -3.83
N ALA TB 7 -28.28 -58.80 -4.99
CA ALA TB 7 -28.95 -59.05 -6.26
C ALA TB 7 -29.19 -60.55 -6.45
N GLY TB 8 -30.46 -60.92 -6.54
CA GLY TB 8 -30.83 -62.30 -6.77
C GLY TB 8 -30.60 -63.17 -5.55
N LYS TB 9 -30.97 -62.65 -4.39
CA LYS TB 9 -30.95 -63.42 -3.16
C LYS TB 9 -32.06 -64.46 -3.22
N VAL TB 10 -33.26 -63.99 -3.58
CA VAL TB 10 -34.48 -64.77 -3.38
C VAL TB 10 -34.73 -65.86 -4.44
N ARG TB 11 -34.71 -65.56 -5.74
CA ARG TB 11 -34.78 -66.65 -6.74
C ARG TB 11 -33.67 -67.64 -6.43
N GLY TB 12 -32.50 -67.10 -6.02
CA GLY TB 12 -31.35 -67.91 -5.60
C GLY TB 12 -31.64 -69.03 -4.64
N GLN TB 13 -32.26 -68.73 -3.50
CA GLN TB 13 -32.46 -69.75 -2.47
C GLN TB 13 -33.88 -70.35 -2.38
N THR TB 14 -34.83 -69.91 -3.21
CA THR TB 14 -36.12 -70.58 -3.23
C THR TB 14 -35.98 -71.97 -3.84
N PRO TB 15 -36.40 -73.02 -3.12
CA PRO TB 15 -36.23 -74.38 -3.65
C PRO TB 15 -37.11 -74.66 -4.87
N LYS TB 16 -36.50 -74.99 -6.00
CA LYS TB 16 -37.25 -75.20 -7.23
C LYS TB 16 -38.10 -76.47 -7.10
N VAL TB 17 -39.12 -76.57 -7.95
CA VAL TB 17 -40.04 -77.71 -7.96
C VAL TB 17 -40.29 -78.11 -9.41
N ALA TB 18 -40.74 -79.34 -9.62
CA ALA TB 18 -41.15 -79.78 -10.96
C ALA TB 18 -42.50 -79.19 -11.33
N LYS TB 19 -42.68 -78.92 -12.61
CA LYS TB 19 -43.94 -78.37 -13.12
C LYS TB 19 -45.00 -79.47 -13.42
N GLN TB 20 -44.72 -80.73 -13.08
CA GLN TB 20 -45.60 -81.89 -13.34
C GLN TB 20 -45.89 -82.10 -14.82
N GLU TB 21 -46.73 -83.08 -15.11
CA GLU TB 21 -47.47 -83.10 -16.35
C GLU TB 21 -48.66 -83.99 -16.21
N LYS TB 22 -49.85 -83.41 -16.41
CA LYS TB 22 -51.01 -84.19 -16.84
C LYS TB 22 -51.52 -83.61 -18.15
N LYS TB 23 -52.62 -82.90 -18.12
CA LYS TB 23 -53.46 -82.86 -19.29
C LYS TB 23 -53.03 -81.73 -20.21
N LYS TB 24 -52.62 -82.12 -21.42
CA LYS TB 24 -52.61 -81.23 -22.58
C LYS TB 24 -54.00 -80.59 -22.63
N LYS TB 25 -54.07 -79.32 -22.21
CA LYS TB 25 -55.35 -78.64 -22.05
C LYS TB 25 -56.00 -78.40 -23.40
N LYS TB 26 -57.32 -78.60 -23.46
CA LYS TB 26 -58.09 -78.39 -24.68
C LYS TB 26 -58.14 -76.91 -24.99
N THR TB 27 -58.07 -76.56 -26.28
CA THR TB 27 -57.85 -75.19 -26.71
C THR TB 27 -58.77 -74.77 -27.84
N GLY TB 28 -58.69 -73.47 -28.12
CA GLY TB 28 -59.33 -72.89 -29.29
C GLY TB 28 -60.79 -72.62 -29.03
N ARG TB 29 -61.63 -73.45 -29.63
CA ARG TB 29 -63.07 -73.32 -29.51
C ARG TB 29 -63.67 -74.32 -28.52
N ALA TB 30 -62.98 -75.45 -28.33
CA ALA TB 30 -63.41 -76.47 -27.38
C ALA TB 30 -63.21 -76.01 -25.93
N LYS TB 31 -62.11 -75.31 -25.70
CA LYS TB 31 -61.88 -74.58 -24.46
C LYS TB 31 -63.12 -73.81 -24.08
N ARG TB 32 -63.59 -72.98 -25.02
CA ARG TB 32 -64.71 -72.08 -24.77
C ARG TB 32 -66.04 -72.82 -24.56
N ARG TB 33 -66.19 -73.98 -25.18
CA ARG TB 33 -67.28 -74.90 -24.89
C ARG TB 33 -67.21 -75.37 -23.44
N MET TB 34 -66.07 -75.97 -23.09
CA MET TB 34 -65.81 -76.44 -21.73
C MET TB 34 -66.08 -75.32 -20.71
N GLN TB 35 -65.68 -74.10 -21.06
CA GLN TB 35 -65.87 -72.92 -20.21
C GLN TB 35 -67.35 -72.62 -19.91
N TYR TB 36 -68.10 -72.17 -20.90
CA TYR TB 36 -69.58 -72.01 -20.79
C TYR TB 36 -70.20 -73.17 -20.08
N ASN TB 37 -69.97 -74.36 -20.61
CA ASN TB 37 -70.61 -75.55 -20.09
C ASN TB 37 -70.41 -75.62 -18.57
N ARG TB 38 -69.17 -75.48 -18.13
CA ARG TB 38 -68.84 -75.62 -16.72
C ARG TB 38 -69.23 -74.43 -15.80
N ARG TB 39 -69.79 -73.35 -16.34
CA ARG TB 39 -70.33 -72.28 -15.49
C ARG TB 39 -71.59 -71.56 -16.01
N PHE TB 40 -72.37 -72.26 -16.81
CA PHE TB 40 -73.64 -71.74 -17.34
C PHE TB 40 -74.75 -72.77 -17.25
N VAL TB 41 -74.65 -73.80 -18.07
CA VAL TB 41 -75.76 -74.73 -18.29
C VAL TB 41 -75.77 -75.91 -17.33
N ASN TB 42 -74.59 -76.33 -16.91
CA ASN TB 42 -74.40 -77.61 -16.27
C ASN TB 42 -74.79 -77.56 -14.83
N VAL TB 43 -73.93 -76.90 -14.06
CA VAL TB 43 -73.84 -77.12 -12.63
C VAL TB 43 -74.95 -76.29 -12.03
N VAL TB 44 -74.90 -74.97 -12.31
CA VAL TB 44 -75.96 -74.00 -11.96
C VAL TB 44 -76.84 -74.48 -10.80
N PRO TB 45 -76.21 -74.83 -9.66
CA PRO TB 45 -76.93 -75.57 -8.63
C PRO TB 45 -77.77 -74.63 -7.76
N THR TB 46 -78.26 -75.14 -6.62
CA THR TB 46 -78.83 -74.27 -5.60
C THR TB 46 -77.71 -73.36 -5.10
N PHE TB 47 -77.95 -72.05 -5.19
CA PHE TB 47 -76.97 -71.03 -4.81
C PHE TB 47 -76.44 -71.24 -3.38
N GLY TB 48 -75.14 -71.05 -3.19
CA GLY TB 48 -74.47 -71.18 -1.88
C GLY TB 48 -73.81 -69.89 -1.45
N LYS TB 49 -74.57 -68.79 -1.52
CA LYS TB 49 -74.08 -67.42 -1.27
C LYS TB 49 -72.90 -67.01 -2.15
N LYS TB 50 -73.21 -66.69 -3.42
CA LYS TB 50 -72.21 -66.39 -4.46
C LYS TB 50 -71.23 -67.54 -4.72
N LYS TB 51 -70.47 -67.42 -5.80
CA LYS TB 51 -69.64 -68.50 -6.28
C LYS TB 51 -68.25 -68.41 -5.60
N GLY TB 52 -67.26 -68.94 -6.29
CA GLY TB 52 -65.86 -68.63 -6.03
C GLY TB 52 -65.05 -69.39 -7.08
N PRO TB 53 -65.06 -68.91 -8.34
CA PRO TB 53 -64.61 -69.71 -9.51
C PRO TB 53 -63.22 -70.29 -9.39
N ASN TB 54 -62.37 -69.61 -8.65
CA ASN TB 54 -61.04 -70.12 -8.31
C ASN TB 54 -60.78 -70.17 -6.81
N ALA TB 55 -61.84 -70.00 -6.01
CA ALA TB 55 -61.74 -69.93 -4.56
C ALA TB 55 -61.57 -71.31 -3.99
N ASN TB 56 -61.46 -71.38 -2.68
CA ASN TB 56 -61.38 -72.65 -1.98
C ASN TB 56 -62.75 -73.18 -1.56
N SER TB 57 -62.75 -74.38 -0.96
CA SER TB 57 -63.94 -74.95 -0.32
C SER TB 57 -64.07 -74.46 1.12
N MET UB 1 -64.42 -89.40 60.15
CA MET UB 1 -65.55 -90.20 60.75
C MET UB 1 -66.11 -89.55 62.03
N ALA UB 2 -65.24 -89.36 63.04
CA ALA UB 2 -65.53 -88.54 64.23
C ALA UB 2 -64.84 -87.17 64.13
N VAL UB 3 -64.76 -86.64 62.90
CA VAL UB 3 -64.12 -85.36 62.61
C VAL UB 3 -65.12 -84.25 62.90
N GLN UB 4 -66.35 -84.41 62.39
CA GLN UB 4 -67.41 -83.43 62.51
C GLN UB 4 -67.08 -82.08 61.80
N ILE UB 5 -66.24 -82.11 60.75
CA ILE UB 5 -65.71 -80.89 59.99
C ILE UB 5 -66.55 -79.58 60.09
N SER UB 6 -65.89 -78.42 60.14
CA SER UB 6 -66.51 -77.19 60.74
C SER UB 6 -67.51 -76.47 59.89
N LYS UB 7 -68.52 -75.90 60.55
CA LYS UB 7 -69.55 -75.16 59.86
C LYS UB 7 -68.93 -73.98 59.10
N LYS UB 8 -67.70 -73.62 59.46
CA LYS UB 8 -66.84 -72.80 58.64
C LYS UB 8 -66.17 -73.62 57.53
N ARG UB 9 -65.41 -74.64 57.91
CA ARG UB 9 -64.60 -75.45 56.99
C ARG UB 9 -65.34 -76.54 56.19
N LYS UB 10 -66.63 -76.74 56.49
CA LYS UB 10 -67.46 -77.78 55.90
C LYS UB 10 -68.25 -77.20 54.74
N PHE UB 11 -68.91 -76.06 54.94
CA PHE UB 11 -69.70 -75.45 53.87
C PHE UB 11 -68.79 -74.97 52.77
N VAL UB 12 -67.58 -74.59 53.15
CA VAL UB 12 -66.50 -74.38 52.20
C VAL UB 12 -66.30 -75.66 51.37
N ALA UB 13 -66.07 -76.79 52.04
CA ALA UB 13 -65.85 -78.07 51.35
C ALA UB 13 -66.96 -78.44 50.37
N ASP UB 14 -68.22 -78.25 50.78
CA ASP UB 14 -69.37 -78.58 49.91
C ASP UB 14 -69.58 -77.54 48.82
N GLY UB 15 -69.13 -76.32 49.07
CA GLY UB 15 -68.99 -75.33 48.00
C GLY UB 15 -67.95 -75.78 46.98
N ILE UB 16 -66.84 -76.30 47.48
CA ILE UB 16 -65.76 -76.80 46.65
C ILE UB 16 -66.18 -77.99 45.80
N PHE UB 17 -66.65 -79.04 46.47
CA PHE UB 17 -67.21 -80.23 45.80
C PHE UB 17 -68.20 -79.75 44.73
N LYS UB 18 -69.17 -78.91 45.10
CA LYS UB 18 -70.05 -78.26 44.11
C LYS UB 18 -69.27 -77.76 42.87
N ALA UB 19 -68.25 -76.92 43.09
CA ALA UB 19 -67.43 -76.36 42.00
C ALA UB 19 -66.72 -77.41 41.16
N GLU UB 20 -66.04 -78.34 41.83
CA GLU UB 20 -65.31 -79.45 41.18
C GLU UB 20 -66.21 -80.24 40.21
N LEU UB 21 -67.46 -80.46 40.61
CA LEU UB 21 -68.45 -81.08 39.74
C LEU UB 21 -68.72 -80.19 38.57
N ASN UB 22 -69.35 -79.06 38.85
CA ASN UB 22 -69.83 -78.12 37.85
C ASN UB 22 -68.73 -77.84 36.81
N GLU UB 23 -67.45 -77.94 37.15
CA GLU UB 23 -66.44 -78.00 36.08
C GLU UB 23 -66.40 -79.31 35.29
N PHE UB 24 -65.97 -80.47 35.85
CA PHE UB 24 -65.86 -81.69 34.98
C PHE UB 24 -67.21 -81.80 34.21
N LEU UB 25 -68.35 -81.68 34.91
CA LEU UB 25 -69.69 -81.77 34.28
C LEU UB 25 -69.81 -80.86 33.06
N THR UB 26 -69.45 -79.59 33.23
CA THR UB 26 -69.40 -78.61 32.13
C THR UB 26 -68.50 -79.10 31.01
N ARG UB 27 -67.32 -79.51 31.41
CA ARG UB 27 -66.27 -79.85 30.47
C ARG UB 27 -66.46 -81.22 29.80
N GLU UB 28 -67.36 -82.07 30.33
CA GLU UB 28 -67.69 -83.35 29.69
C GLU UB 28 -69.10 -83.40 29.04
N LEU UB 29 -70.10 -82.83 29.70
CA LEU UB 29 -71.43 -82.67 29.09
C LEU UB 29 -71.57 -81.29 28.43
N ALA UB 30 -70.59 -80.94 27.59
CA ALA UB 30 -70.52 -79.64 26.94
C ALA UB 30 -71.40 -79.69 25.69
N GLU UB 31 -71.07 -80.59 24.77
CA GLU UB 31 -71.84 -80.80 23.51
C GLU UB 31 -73.33 -81.10 23.73
N ASP UB 32 -73.69 -81.44 24.95
CA ASP UB 32 -75.06 -81.70 25.31
C ASP UB 32 -75.75 -80.59 26.13
N GLY UB 33 -75.12 -79.43 26.25
CA GLY UB 33 -75.73 -78.26 26.86
C GLY UB 33 -76.07 -78.41 28.34
N TYR UB 34 -75.06 -78.73 29.15
CA TYR UB 34 -75.17 -78.68 30.60
C TYR UB 34 -75.50 -77.28 31.02
N SER UB 35 -76.61 -77.14 31.73
CA SER UB 35 -77.01 -75.87 32.30
C SER UB 35 -76.51 -75.79 33.73
N GLY UB 36 -76.69 -76.86 34.50
CA GLY UB 36 -76.20 -76.83 35.88
C GLY UB 36 -76.72 -77.95 36.75
N VAL UB 37 -75.88 -78.42 37.65
CA VAL UB 37 -76.32 -79.31 38.72
C VAL UB 37 -77.03 -78.51 39.80
N GLU UB 38 -77.90 -79.17 40.54
CA GLU UB 38 -78.27 -78.69 41.86
C GLU UB 38 -78.13 -79.89 42.79
N VAL UB 39 -77.10 -79.84 43.63
CA VAL UB 39 -76.69 -80.99 44.43
C VAL UB 39 -77.69 -81.24 45.57
N ARG UB 40 -78.15 -82.49 45.67
CA ARG UB 40 -79.42 -82.87 46.32
C ARG UB 40 -79.06 -83.94 47.38
N VAL UB 41 -78.42 -83.52 48.48
CA VAL UB 41 -78.02 -84.45 49.56
C VAL UB 41 -79.22 -84.93 50.39
N THR UB 42 -79.22 -86.22 50.75
CA THR UB 42 -80.37 -86.89 51.40
C THR UB 42 -79.93 -87.91 52.46
N PRO UB 43 -80.89 -88.59 53.12
CA PRO UB 43 -80.59 -89.78 53.91
C PRO UB 43 -79.96 -90.95 53.09
N THR UB 44 -78.83 -91.48 53.58
CA THR UB 44 -78.09 -92.61 52.97
C THR UB 44 -77.56 -92.38 51.55
N ARG UB 45 -77.68 -91.17 51.03
CA ARG UB 45 -77.69 -90.94 49.59
C ARG UB 45 -77.33 -89.49 49.26
N THR UB 46 -76.80 -89.28 48.06
CA THR UB 46 -76.54 -87.93 47.54
C THR UB 46 -77.05 -87.83 46.09
N GLU UB 47 -78.32 -87.42 45.94
CA GLU UB 47 -78.86 -87.09 44.60
C GLU UB 47 -78.09 -85.89 44.06
N ILE UB 48 -78.14 -85.74 42.75
CA ILE UB 48 -77.39 -84.70 42.06
C ILE UB 48 -78.04 -84.54 40.69
N ILE UB 49 -78.93 -83.55 40.60
CA ILE UB 49 -79.76 -83.36 39.41
C ILE UB 49 -78.99 -82.64 38.30
N ILE UB 50 -78.58 -83.40 37.27
CA ILE UB 50 -77.83 -82.87 36.12
C ILE UB 50 -78.80 -82.19 35.18
N LEU UB 51 -78.97 -80.87 35.33
CA LEU UB 51 -79.90 -80.13 34.49
C LEU UB 51 -79.17 -79.74 33.20
N ALA UB 52 -79.33 -80.56 32.16
CA ALA UB 52 -78.74 -80.35 30.82
C ALA UB 52 -79.87 -80.38 29.78
N THR UB 53 -79.56 -80.42 28.47
CA THR UB 53 -80.62 -80.46 27.42
C THR UB 53 -80.78 -81.83 26.73
N ARG UB 54 -79.95 -82.15 25.75
CA ARG UB 54 -80.20 -83.28 24.84
C ARG UB 54 -79.93 -84.68 25.46
N THR UB 55 -80.85 -85.10 26.34
CA THR UB 55 -80.71 -86.33 27.17
C THR UB 55 -80.50 -87.66 26.45
N GLN UB 56 -80.63 -87.67 25.11
CA GLN UB 56 -80.26 -88.85 24.29
C GLN UB 56 -78.77 -89.15 24.33
N ASN UB 57 -77.95 -88.13 24.61
CA ASN UB 57 -76.49 -88.29 24.74
C ASN UB 57 -75.97 -88.55 26.16
N VAL UB 58 -76.64 -88.01 27.19
CA VAL UB 58 -76.27 -88.31 28.58
C VAL UB 58 -76.57 -89.77 28.98
N LEU UB 59 -77.61 -90.36 28.38
CA LEU UB 59 -77.88 -91.81 28.52
C LEU UB 59 -76.91 -92.66 27.67
N GLY UB 60 -76.89 -92.42 26.36
CA GLY UB 60 -76.02 -93.14 25.42
C GLY UB 60 -76.53 -94.53 25.05
N GLU UB 61 -75.62 -95.51 25.08
CA GLU UB 61 -75.96 -96.90 24.80
C GLU UB 61 -76.81 -97.44 25.97
N LYS UB 62 -78.14 -97.34 25.81
CA LYS UB 62 -79.13 -97.90 26.76
C LYS UB 62 -79.04 -97.31 28.18
N GLY UB 63 -78.33 -96.20 28.35
CA GLY UB 63 -77.94 -95.71 29.68
C GLY UB 63 -76.62 -96.29 30.13
N ARG UB 64 -75.54 -95.93 29.42
CA ARG UB 64 -74.15 -96.23 29.85
C ARG UB 64 -73.53 -94.97 30.48
N ARG UB 65 -73.55 -93.86 29.74
CA ARG UB 65 -72.90 -92.61 30.17
C ARG UB 65 -73.30 -92.16 31.59
N ILE UB 66 -74.61 -92.12 31.85
CA ILE UB 66 -75.10 -91.84 33.21
C ILE UB 66 -74.41 -92.74 34.25
N ARG UB 67 -74.24 -94.02 33.91
CA ARG UB 67 -73.62 -94.98 34.83
C ARG UB 67 -72.10 -94.78 34.98
N GLU UB 68 -71.45 -94.18 33.99
CA GLU UB 68 -70.02 -93.84 34.11
C GLU UB 68 -69.82 -92.70 35.07
N LEU UB 69 -70.62 -91.66 34.87
CA LEU UB 69 -70.56 -90.45 35.67
C LEU UB 69 -70.91 -90.74 37.13
N THR UB 70 -71.88 -91.62 37.36
CA THR UB 70 -72.19 -92.09 38.72
C THR UB 70 -71.00 -92.78 39.36
N ALA UB 71 -70.35 -93.64 38.59
CA ALA UB 71 -69.17 -94.35 39.08
C ALA UB 71 -68.02 -93.37 39.36
N VAL UB 72 -67.76 -92.48 38.41
CA VAL UB 72 -66.79 -91.40 38.57
C VAL UB 72 -66.92 -90.64 39.89
N VAL UB 73 -68.13 -90.11 40.14
CA VAL UB 73 -68.43 -89.34 41.37
C VAL UB 73 -68.35 -90.23 42.63
N GLN UB 74 -68.64 -91.51 42.48
CA GLN UB 74 -68.36 -92.53 43.51
C GLN UB 74 -66.87 -92.63 43.83
N LYS UB 75 -66.08 -92.72 42.77
CA LYS UB 75 -64.64 -92.94 42.88
C LYS UB 75 -63.84 -91.67 43.27
N ARG UB 76 -64.44 -90.49 43.11
CA ARG UB 76 -63.75 -89.22 43.39
C ARG UB 76 -64.05 -88.65 44.80
N PHE UB 77 -65.25 -88.10 45.01
CA PHE UB 77 -65.54 -87.28 46.21
C PHE UB 77 -65.93 -88.16 47.42
N GLY UB 78 -65.86 -89.49 47.25
CA GLY UB 78 -66.01 -90.46 48.33
C GLY UB 78 -67.45 -90.82 48.62
N PHE UB 79 -68.17 -91.32 47.60
CA PHE UB 79 -69.59 -91.74 47.76
C PHE UB 79 -69.77 -93.25 47.50
N PRO UB 80 -69.83 -94.05 48.61
CA PRO UB 80 -69.96 -95.51 48.59
C PRO UB 80 -71.04 -96.09 47.65
N GLU UB 81 -70.89 -97.38 47.33
CA GLU UB 81 -71.81 -98.09 46.42
C GLU UB 81 -73.28 -97.90 46.83
N GLY UB 82 -74.04 -97.23 45.95
CA GLY UB 82 -75.45 -96.91 46.21
C GLY UB 82 -75.66 -95.71 47.13
N SER UB 83 -74.69 -94.79 47.16
CA SER UB 83 -74.81 -93.54 47.92
C SER UB 83 -74.80 -92.29 47.03
N VAL UB 84 -74.91 -92.47 45.71
CA VAL UB 84 -74.94 -91.35 44.74
C VAL UB 84 -75.70 -91.73 43.46
N GLU UB 85 -76.82 -91.05 43.21
CA GLU UB 85 -77.59 -91.25 41.96
C GLU UB 85 -77.70 -89.97 41.17
N LEU UB 86 -77.09 -89.98 39.99
CA LEU UB 86 -77.21 -88.88 39.07
C LEU UB 86 -78.60 -88.97 38.49
N TYR UB 87 -79.10 -87.83 38.04
CA TYR UB 87 -80.47 -87.73 37.57
C TYR UB 87 -80.56 -86.67 36.47
N ALA UB 88 -80.26 -87.09 35.24
CA ALA UB 88 -80.24 -86.19 34.11
C ALA UB 88 -81.66 -85.72 33.79
N GLU UB 89 -81.86 -84.41 33.74
CA GLU UB 89 -83.14 -83.81 33.35
C GLU UB 89 -82.95 -82.74 32.28
N LYS UB 90 -83.97 -82.57 31.45
CA LYS UB 90 -83.95 -81.61 30.37
C LYS UB 90 -84.27 -80.23 30.92
N VAL UB 91 -83.56 -79.22 30.41
CA VAL UB 91 -83.73 -77.84 30.85
C VAL UB 91 -85.02 -77.28 30.25
N ALA UB 92 -85.81 -76.61 31.10
CA ALA UB 92 -86.97 -75.85 30.65
C ALA UB 92 -86.52 -74.60 29.91
N THR UB 93 -87.15 -74.32 28.76
CA THR UB 93 -86.86 -73.14 27.91
C THR UB 93 -85.37 -72.79 27.78
N ARG UB 94 -84.65 -73.58 26.99
CA ARG UB 94 -83.17 -73.50 26.94
C ARG UB 94 -82.64 -72.18 26.39
N GLY UB 95 -83.48 -71.45 25.65
CA GLY UB 95 -83.16 -70.10 25.25
C GLY UB 95 -82.77 -69.18 26.40
N LEU UB 96 -83.43 -69.32 27.55
CA LEU UB 96 -83.22 -68.38 28.68
C LEU UB 96 -82.04 -68.72 29.58
N CYS UB 97 -81.44 -69.91 29.43
CA CYS UB 97 -80.17 -70.17 30.09
C CYS UB 97 -79.01 -69.69 29.23
N ALA UB 98 -77.97 -69.22 29.92
CA ALA UB 98 -76.86 -68.56 29.27
C ALA UB 98 -75.87 -69.57 28.75
N ILE UB 99 -75.32 -70.38 29.66
CA ILE UB 99 -74.23 -71.32 29.30
C ILE UB 99 -74.66 -72.37 28.27
N ALA UB 100 -75.95 -72.69 28.28
CA ALA UB 100 -76.54 -73.52 27.22
C ALA UB 100 -76.30 -72.88 25.86
N GLN UB 101 -76.71 -71.61 25.73
CA GLN UB 101 -76.57 -70.86 24.48
C GLN UB 101 -75.13 -70.47 24.15
N ALA UB 102 -74.37 -70.18 25.19
CA ALA UB 102 -72.96 -69.84 25.06
C ALA UB 102 -72.15 -71.03 24.61
N GLU UB 103 -72.45 -72.19 25.17
CA GLU UB 103 -71.89 -73.41 24.63
C GLU UB 103 -72.47 -73.57 23.20
N SER UB 104 -73.78 -73.52 23.00
CA SER UB 104 -74.31 -73.66 21.62
C SER UB 104 -73.58 -72.78 20.61
N LEU UB 105 -72.99 -71.69 21.07
CA LEU UB 105 -72.10 -70.89 20.25
C LEU UB 105 -70.61 -71.30 20.21
N ARG UB 106 -70.04 -71.92 21.25
CA ARG UB 106 -68.68 -72.58 21.12
C ARG UB 106 -68.74 -73.60 19.95
N TYR UB 107 -69.81 -74.41 19.92
CA TYR UB 107 -69.91 -75.54 18.99
C TYR UB 107 -70.47 -75.14 17.61
N LYS UB 108 -71.29 -74.08 17.54
CA LYS UB 108 -71.70 -73.53 16.21
C LYS UB 108 -70.55 -72.92 15.42
N LEU UB 109 -69.60 -72.29 16.11
CA LEU UB 109 -68.37 -71.78 15.46
C LEU UB 109 -67.44 -72.95 15.17
N LEU UB 110 -67.10 -73.71 16.22
CA LEU UB 110 -66.26 -74.92 16.12
C LEU UB 110 -66.66 -75.76 14.90
N GLY UB 111 -67.97 -75.97 14.74
CA GLY UB 111 -68.55 -76.67 13.59
C GLY UB 111 -68.06 -76.17 12.24
N GLY UB 112 -67.94 -74.85 12.11
CA GLY UB 112 -67.41 -74.20 10.92
C GLY UB 112 -68.44 -73.24 10.37
N LEU UB 113 -68.27 -71.96 10.70
CA LEU UB 113 -69.26 -70.94 10.39
C LEU UB 113 -68.64 -69.57 10.65
N ALA UB 114 -69.15 -68.54 9.98
CA ALA UB 114 -68.82 -67.15 10.31
C ALA UB 114 -69.26 -66.81 11.72
N VAL UB 115 -68.70 -65.73 12.26
CA VAL UB 115 -69.20 -65.17 13.50
C VAL UB 115 -70.62 -64.69 13.23
N ARG UB 116 -70.69 -63.74 12.30
CA ARG UB 116 -71.88 -62.98 12.03
C ARG UB 116 -73.16 -63.79 12.03
N ARG UB 117 -73.28 -64.71 11.06
CA ARG UB 117 -74.53 -65.44 10.86
C ARG UB 117 -74.85 -66.31 12.08
N ALA UB 118 -73.81 -66.79 12.77
CA ALA UB 118 -74.00 -67.69 13.91
C ALA UB 118 -74.63 -66.98 15.09
N CYS UB 119 -73.96 -65.94 15.54
CA CYS UB 119 -74.31 -65.27 16.80
C CYS UB 119 -75.63 -64.53 16.73
N TYR UB 120 -75.96 -64.06 15.53
CA TYR UB 120 -77.31 -63.66 15.24
C TYR UB 120 -78.26 -64.82 15.45
N GLY UB 121 -77.97 -65.97 14.82
CA GLY UB 121 -78.74 -67.20 15.02
C GLY UB 121 -79.00 -67.54 16.49
N VAL UB 122 -78.01 -67.27 17.35
CA VAL UB 122 -78.15 -67.33 18.81
C VAL UB 122 -79.03 -66.21 19.34
N LEU UB 123 -78.61 -64.98 19.06
CA LEU UB 123 -79.23 -63.76 19.58
C LEU UB 123 -80.70 -63.64 19.17
N ARG UB 124 -80.97 -63.91 17.89
CA ARG UB 124 -82.31 -64.12 17.39
C ARG UB 124 -83.05 -65.07 18.32
N PHE UB 125 -82.49 -66.28 18.49
CA PHE UB 125 -83.18 -67.33 19.24
C PHE UB 125 -83.53 -66.87 20.66
N ILE UB 126 -82.51 -66.50 21.43
CA ILE UB 126 -82.68 -66.15 22.86
C ILE UB 126 -83.69 -65.05 23.15
N MET UB 127 -83.85 -64.13 22.20
CA MET UB 127 -84.89 -63.12 22.27
C MET UB 127 -86.24 -63.74 21.95
N GLU UB 128 -86.31 -64.44 20.81
CA GLU UB 128 -87.52 -65.10 20.38
C GLU UB 128 -88.05 -66.10 21.40
N SER UB 129 -87.13 -66.76 22.10
CA SER UB 129 -87.44 -67.65 23.21
C SER UB 129 -88.34 -66.98 24.21
N GLY UB 130 -87.95 -65.78 24.63
CA GLY UB 130 -88.70 -65.01 25.58
C GLY UB 130 -87.77 -64.34 26.57
N ALA UB 131 -87.02 -63.37 26.08
CA ALA UB 131 -86.07 -62.60 26.87
C ALA UB 131 -86.42 -61.12 26.88
N LYS UB 132 -86.14 -60.48 28.01
CA LYS UB 132 -86.29 -59.04 28.15
C LYS UB 132 -85.26 -58.35 27.27
N GLY UB 133 -84.09 -58.98 27.17
CA GLY UB 133 -83.03 -58.52 26.29
C GLY UB 133 -81.82 -59.40 26.45
N CYS UB 134 -80.77 -59.10 25.70
CA CYS UB 134 -79.60 -59.99 25.64
C CYS UB 134 -78.46 -59.34 24.92
N GLU UB 135 -77.27 -59.87 25.15
CA GLU UB 135 -76.13 -59.50 24.36
C GLU UB 135 -75.11 -60.61 24.29
N VAL UB 136 -74.31 -60.52 23.24
CA VAL UB 136 -73.29 -61.49 22.94
C VAL UB 136 -72.06 -60.70 22.55
N VAL UB 137 -70.90 -61.14 23.03
CA VAL UB 137 -69.62 -60.53 22.68
C VAL UB 137 -68.71 -61.62 22.18
N VAL UB 138 -68.09 -61.41 21.02
CA VAL UB 138 -67.12 -62.36 20.50
C VAL UB 138 -65.77 -61.68 20.33
N SER UB 139 -65.10 -61.47 21.46
CA SER UB 139 -63.73 -60.98 21.48
C SER UB 139 -62.79 -62.01 20.87
N GLY UB 140 -61.63 -61.51 20.43
CA GLY UB 140 -60.55 -62.34 19.91
C GLY UB 140 -60.28 -62.13 18.43
N LYS UB 141 -59.11 -62.61 17.98
CA LYS UB 141 -58.68 -62.51 16.58
C LYS UB 141 -59.67 -63.14 15.60
N LEU UB 142 -59.95 -62.40 14.52
CA LEU UB 142 -61.11 -62.64 13.71
C LEU UB 142 -60.79 -62.29 12.25
N ARG UB 143 -60.19 -63.27 11.56
CA ARG UB 143 -59.71 -63.16 10.17
C ARG UB 143 -58.77 -61.96 9.98
N GLY UB 144 -57.75 -61.94 10.82
CA GLY UB 144 -56.75 -60.89 10.83
C GLY UB 144 -55.78 -61.13 11.97
N GLN UB 145 -54.50 -60.88 11.72
CA GLN UB 145 -53.45 -60.97 12.76
C GLN UB 145 -53.71 -60.14 14.02
N ARG UB 146 -54.59 -59.15 13.92
CA ARG UB 146 -54.98 -58.30 15.05
C ARG UB 146 -56.27 -58.80 15.71
N ALA UB 147 -56.41 -58.53 17.01
CA ALA UB 147 -57.64 -58.85 17.77
C ALA UB 147 -58.70 -57.77 17.67
N LYS UB 148 -59.89 -58.18 17.24
CA LYS UB 148 -61.06 -57.31 17.25
C LYS UB 148 -61.88 -57.66 18.48
N SER UB 149 -63.01 -57.00 18.62
CA SER UB 149 -64.00 -57.34 19.63
C SER UB 149 -65.37 -56.90 19.13
N MET UB 150 -66.25 -57.87 19.01
CA MET UB 150 -67.52 -57.72 18.33
C MET UB 150 -68.64 -57.82 19.37
N LYS UB 151 -69.69 -57.00 19.27
CA LYS UB 151 -70.76 -56.97 20.27
C LYS UB 151 -72.14 -56.65 19.69
N PHE UB 152 -73.01 -57.66 19.60
CA PHE UB 152 -74.33 -57.56 18.88
C PHE UB 152 -75.30 -57.75 20.04
N VAL UB 153 -76.23 -56.80 20.13
CA VAL UB 153 -76.99 -56.50 21.33
C VAL UB 153 -78.43 -56.35 20.92
N ASP UB 154 -79.34 -56.65 21.84
CA ASP UB 154 -80.76 -56.53 21.55
C ASP UB 154 -81.64 -56.50 22.82
N GLY UB 155 -82.62 -55.60 22.81
CA GLY UB 155 -83.61 -55.49 23.88
C GLY UB 155 -83.10 -54.67 25.03
N LEU UB 156 -83.55 -55.03 26.23
CA LEU UB 156 -83.18 -54.32 27.46
C LEU UB 156 -82.07 -55.03 28.25
N MET UB 157 -81.32 -54.28 29.06
CA MET UB 157 -80.25 -54.85 29.88
C MET UB 157 -79.84 -53.90 31.01
N ILE UB 158 -79.88 -54.35 32.27
CA ILE UB 158 -79.37 -53.52 33.39
C ILE UB 158 -77.93 -53.86 33.67
N HIS UB 159 -77.15 -52.82 33.91
CA HIS UB 159 -75.72 -52.94 33.91
C HIS UB 159 -75.00 -52.50 35.20
N SER UB 160 -75.74 -52.63 36.32
CA SER UB 160 -75.34 -52.18 37.67
C SER UB 160 -76.38 -52.56 38.71
N GLY UB 161 -75.99 -52.47 39.98
CA GLY UB 161 -76.87 -52.77 41.13
C GLY UB 161 -76.69 -54.14 41.72
N ASP UB 162 -77.34 -54.42 42.86
CA ASP UB 162 -77.60 -55.82 43.21
C ASP UB 162 -78.47 -56.44 42.11
N PRO UB 163 -79.59 -55.80 41.72
CA PRO UB 163 -80.50 -56.35 40.71
C PRO UB 163 -79.88 -57.27 39.69
N VAL UB 164 -78.77 -56.84 39.11
CA VAL UB 164 -78.00 -57.63 38.15
C VAL UB 164 -77.80 -59.08 38.58
N ASN UB 165 -77.50 -59.26 39.87
CA ASN UB 165 -77.09 -60.53 40.45
C ASN UB 165 -78.07 -61.71 40.28
N TYR UB 166 -79.38 -61.40 40.19
CA TYR UB 166 -80.44 -62.43 40.18
C TYR UB 166 -81.37 -62.26 38.99
N TYR UB 167 -80.84 -61.68 37.92
CA TYR UB 167 -81.64 -61.23 36.79
C TYR UB 167 -80.95 -61.50 35.49
N VAL UB 168 -79.70 -61.06 35.40
CA VAL UB 168 -78.90 -61.43 34.25
C VAL UB 168 -78.36 -62.84 34.46
N ASP UB 169 -78.01 -63.45 33.34
CA ASP UB 169 -77.58 -64.82 33.28
C ASP UB 169 -76.31 -64.72 32.48
N THR UB 170 -75.23 -64.45 33.19
CA THR UB 170 -73.95 -64.25 32.55
C THR UB 170 -73.35 -65.62 32.29
N ALA UB 171 -72.49 -65.66 31.28
CA ALA UB 171 -71.87 -66.90 30.88
C ALA UB 171 -70.72 -66.62 29.96
N VAL UB 172 -69.53 -66.96 30.42
CA VAL UB 172 -68.34 -66.90 29.60
C VAL UB 172 -67.98 -68.32 29.24
N ARG UB 173 -67.58 -68.48 27.99
CA ARG UB 173 -67.03 -69.73 27.48
C ARG UB 173 -65.99 -69.30 26.50
N HIS UB 174 -64.85 -69.98 26.49
CA HIS UB 174 -63.86 -69.73 25.46
C HIS UB 174 -64.36 -70.27 24.12
N VAL UB 175 -63.48 -70.36 23.12
CA VAL UB 175 -63.58 -71.37 22.05
C VAL UB 175 -62.21 -71.56 21.40
N LEU UB 176 -61.74 -72.80 21.36
CA LEU UB 176 -60.41 -73.11 20.85
C LEU UB 176 -60.51 -73.50 19.39
N LEU UB 177 -60.00 -72.67 18.48
CA LEU UB 177 -60.11 -72.95 17.05
C LEU UB 177 -58.77 -73.24 16.35
N ARG UB 178 -58.87 -73.92 15.19
CA ARG UB 178 -57.75 -74.19 14.22
C ARG UB 178 -56.75 -73.05 14.03
N GLN UB 179 -57.19 -71.82 14.26
CA GLN UB 179 -56.31 -70.73 14.53
C GLN UB 179 -56.00 -70.68 16.04
N GLY UB 180 -56.79 -69.92 16.81
CA GLY UB 180 -56.45 -69.49 18.17
C GLY UB 180 -57.66 -69.50 19.07
N VAL UB 181 -57.82 -68.48 19.92
CA VAL UB 181 -58.90 -68.48 20.92
C VAL UB 181 -59.75 -67.23 20.93
N LEU UB 182 -61.07 -67.41 20.75
CA LEU UB 182 -62.06 -66.37 20.95
C LEU UB 182 -62.70 -66.54 22.31
N GLY UB 183 -63.35 -65.48 22.75
CA GLY UB 183 -64.24 -65.52 23.90
C GLY UB 183 -65.65 -65.35 23.42
N ILE UB 184 -66.54 -66.18 23.95
CA ILE UB 184 -67.94 -65.89 23.91
C ILE UB 184 -68.20 -65.19 25.23
N LYS UB 185 -69.16 -64.27 25.23
CA LYS UB 185 -69.82 -63.88 26.47
C LYS UB 185 -71.27 -63.78 26.12
N VAL UB 186 -72.09 -64.68 26.62
CA VAL UB 186 -73.51 -64.48 26.53
C VAL UB 186 -73.94 -63.88 27.84
N LYS UB 187 -74.80 -62.88 27.74
CA LYS UB 187 -75.35 -62.22 28.89
C LYS UB 187 -76.82 -61.95 28.56
N ILE UB 188 -77.70 -62.78 29.10
CA ILE UB 188 -79.15 -62.67 28.85
C ILE UB 188 -79.78 -61.93 30.02
N MET UB 189 -80.85 -61.22 29.73
CA MET UB 189 -81.68 -60.57 30.74
C MET UB 189 -82.94 -61.38 30.85
N LEU UB 190 -83.29 -61.77 32.07
CA LEU UB 190 -84.49 -62.58 32.28
C LEU UB 190 -85.74 -61.69 32.49
N PRO UB 191 -86.83 -61.95 31.73
CA PRO UB 191 -88.08 -61.23 31.90
C PRO UB 191 -89.01 -62.01 32.83
N TRP UB 192 -88.45 -62.56 33.91
CA TRP UB 192 -89.23 -63.19 34.95
C TRP UB 192 -89.77 -62.06 35.88
N ASP UB 193 -89.24 -60.84 35.69
CA ASP UB 193 -89.84 -59.57 36.13
C ASP UB 193 -91.36 -59.51 35.82
N PRO UB 194 -91.75 -59.73 34.54
CA PRO UB 194 -93.18 -59.94 34.30
C PRO UB 194 -93.81 -61.05 35.17
N THR UB 195 -93.37 -62.29 35.00
CA THR UB 195 -93.99 -63.44 35.67
C THR UB 195 -93.00 -64.59 35.77
N GLY UB 196 -92.20 -64.59 36.84
CA GLY UB 196 -91.46 -65.78 37.28
C GLY UB 196 -92.41 -66.94 37.31
N LYS UB 197 -92.94 -67.14 38.50
CA LYS UB 197 -94.34 -67.38 38.69
C LYS UB 197 -94.66 -66.32 39.72
N ILE UB 198 -93.95 -66.38 40.84
CA ILE UB 198 -93.60 -65.22 41.65
C ILE UB 198 -92.12 -64.85 41.37
N GLY UB 199 -91.90 -64.19 40.23
CA GLY UB 199 -90.58 -63.65 39.84
C GLY UB 199 -89.83 -63.01 40.99
N PRO UB 200 -88.56 -63.42 41.22
CA PRO UB 200 -87.93 -63.00 42.48
C PRO UB 200 -87.87 -61.47 42.58
N LYS UB 201 -88.45 -60.90 43.63
CA LYS UB 201 -88.79 -59.46 43.72
C LYS UB 201 -89.78 -59.02 42.64
N LYS UB 202 -89.55 -59.45 41.40
CA LYS UB 202 -90.25 -59.05 40.18
C LYS UB 202 -89.84 -57.64 39.85
N PRO UB 203 -90.44 -56.62 40.49
CA PRO UB 203 -89.81 -55.35 40.18
C PRO UB 203 -88.27 -55.32 40.25
N LEU UB 204 -87.68 -54.94 39.13
CA LEU UB 204 -86.54 -54.07 39.14
C LEU UB 204 -86.98 -52.93 40.03
N PRO UB 205 -86.31 -52.72 41.15
CA PRO UB 205 -86.76 -51.73 42.12
C PRO UB 205 -87.18 -50.34 41.60
N ASP UB 206 -86.61 -49.90 40.47
CA ASP UB 206 -87.05 -48.65 39.80
C ASP UB 206 -88.56 -48.69 39.55
N HIS UB 207 -89.00 -49.84 39.04
CA HIS UB 207 -90.32 -50.06 38.46
C HIS UB 207 -91.42 -50.29 39.52
N VAL UB 208 -92.38 -49.37 39.54
CA VAL UB 208 -93.58 -49.39 40.37
C VAL UB 208 -94.78 -49.66 39.45
N SER UB 209 -95.74 -50.48 39.90
CA SER UB 209 -97.00 -50.74 39.15
C SER UB 209 -98.23 -50.30 39.93
N ILE UB 210 -98.76 -49.13 39.56
CA ILE UB 210 -99.89 -48.51 40.22
C ILE UB 210 -101.14 -49.18 39.62
N VAL UB 211 -101.85 -49.97 40.44
CA VAL UB 211 -103.17 -50.52 40.04
C VAL UB 211 -104.23 -49.40 40.02
N GLU UB 212 -105.09 -49.43 39.00
CA GLU UB 212 -105.85 -48.21 38.59
C GLU UB 212 -107.24 -48.13 39.24
N PRO UB 213 -107.86 -46.92 39.28
CA PRO UB 213 -109.09 -46.64 40.03
C PRO UB 213 -110.12 -47.76 40.02
N LYS UB 214 -110.24 -48.46 38.89
CA LYS UB 214 -111.01 -49.70 38.75
C LYS UB 214 -112.53 -49.45 38.79
N ASP UB 215 -113.03 -48.96 39.92
CA ASP UB 215 -114.44 -48.62 40.07
C ASP UB 215 -114.67 -47.12 40.27
N GLU UB 216 -114.71 -46.65 41.53
CA GLU UB 216 -114.96 -45.23 41.92
C GLU UB 216 -116.02 -44.50 41.06
N ILE UB 217 -117.16 -45.16 40.87
CA ILE UB 217 -118.32 -44.58 40.16
C ILE UB 217 -119.29 -44.01 41.21
N LEU UB 218 -120.12 -43.06 40.77
CA LEU UB 218 -121.28 -42.57 41.53
C LEU UB 218 -120.93 -41.57 42.66
N PRO UB 219 -121.32 -40.29 42.48
CA PRO UB 219 -121.59 -39.41 43.63
C PRO UB 219 -123.05 -39.58 44.09
N THR UB 220 -124.01 -39.19 43.22
CA THR UB 220 -125.48 -39.34 43.42
C THR UB 220 -126.08 -38.67 44.67
N THR UB 221 -127.42 -38.67 44.73
CA THR UB 221 -128.15 -38.38 45.96
C THR UB 221 -127.93 -39.55 46.94
N PRO UB 222 -128.18 -39.32 48.25
CA PRO UB 222 -127.80 -40.32 49.28
C PRO UB 222 -128.33 -41.77 49.16
N ILE UB 223 -129.64 -41.99 49.33
CA ILE UB 223 -130.25 -43.35 49.36
C ILE UB 223 -129.73 -44.21 50.54
N SER UB 224 -130.44 -45.30 50.85
CA SER UB 224 -129.92 -46.39 51.68
C SER UB 224 -130.40 -47.76 51.17
N GLU UB 225 -130.06 -48.83 51.91
CA GLU UB 225 -130.47 -50.20 51.58
C GLU UB 225 -130.48 -51.07 52.86
N GLN UB 226 -131.04 -52.28 52.79
CA GLN UB 226 -131.18 -53.20 53.93
C GLN UB 226 -131.05 -54.67 53.51
N LYS UB 227 -130.35 -55.48 54.32
CA LYS UB 227 -130.04 -56.88 53.99
C LYS UB 227 -129.91 -57.76 55.24
N THR VB 1 -73.33 -26.95 95.22
CA THR VB 1 -73.27 -27.12 93.73
C THR VB 1 -74.60 -27.49 93.01
N PRO VB 2 -75.59 -28.11 93.70
CA PRO VB 2 -76.97 -28.07 93.15
C PRO VB 2 -77.58 -26.66 93.06
N ASP VB 3 -77.19 -25.78 93.99
CA ASP VB 3 -77.55 -24.35 93.94
C ASP VB 3 -77.10 -23.71 92.62
N ILE VB 4 -75.87 -24.00 92.22
CA ILE VB 4 -75.23 -23.38 91.06
C ILE VB 4 -74.12 -24.28 90.48
N LYS VB 5 -74.07 -24.38 89.15
CA LYS VB 5 -73.13 -25.28 88.45
C LYS VB 5 -71.72 -24.67 88.33
N LEU VB 6 -70.87 -25.01 89.28
CA LEU VB 6 -69.48 -24.53 89.34
C LEU VB 6 -68.59 -25.48 88.51
N PHE VB 7 -67.32 -25.70 88.90
CA PHE VB 7 -66.24 -26.12 87.95
C PHE VB 7 -65.04 -26.79 88.62
N GLY VB 8 -65.23 -28.02 89.05
CA GLY VB 8 -64.37 -28.63 90.05
C GLY VB 8 -64.44 -27.84 91.33
N LYS VB 9 -63.77 -26.67 91.35
CA LYS VB 9 -63.71 -25.80 92.52
C LYS VB 9 -64.13 -24.36 92.28
N TRP VB 10 -64.58 -24.06 91.07
CA TRP VB 10 -64.41 -22.74 90.46
C TRP VB 10 -65.72 -22.02 90.11
N SER VB 11 -65.75 -20.72 90.35
CA SER VB 11 -66.88 -19.88 89.95
C SER VB 11 -66.76 -19.59 88.46
N THR VB 12 -67.84 -19.89 87.73
CA THR VB 12 -68.04 -19.41 86.38
C THR VB 12 -69.03 -18.23 86.35
N ASP VB 13 -69.88 -18.09 87.38
CA ASP VB 13 -70.63 -16.85 87.61
C ASP VB 13 -69.67 -15.77 88.08
N ASP VB 14 -70.11 -14.53 87.96
CA ASP VB 14 -69.26 -13.34 88.10
C ASP VB 14 -68.13 -13.36 87.05
N VAL VB 15 -68.49 -13.82 85.85
CA VAL VB 15 -67.62 -13.79 84.68
C VAL VB 15 -68.36 -13.12 83.53
N GLN VB 16 -67.70 -12.13 82.93
CA GLN VB 16 -68.31 -11.25 81.92
C GLN VB 16 -67.38 -11.17 80.70
N ILE VB 17 -67.98 -11.16 79.51
CA ILE VB 17 -67.23 -11.10 78.25
C ILE VB 17 -66.95 -9.62 77.97
N ASN VB 18 -65.70 -9.21 78.21
CA ASN VB 18 -65.34 -7.78 78.27
C ASN VB 18 -65.05 -7.04 76.94
N ASP VB 19 -65.61 -7.53 75.83
CA ASP VB 19 -65.61 -6.83 74.53
C ASP VB 19 -66.67 -7.45 73.63
N ILE VB 20 -67.70 -6.69 73.30
CA ILE VB 20 -68.78 -7.17 72.44
C ILE VB 20 -68.25 -7.44 71.02
N SER VB 21 -68.73 -8.53 70.43
CA SER VB 21 -68.22 -9.18 69.19
C SER VB 21 -67.84 -10.61 69.56
N LEU VB 22 -66.93 -10.72 70.52
CA LEU VB 22 -66.52 -12.00 71.08
C LEU VB 22 -67.63 -12.62 71.94
N GLN VB 23 -68.34 -11.75 72.66
CA GLN VB 23 -69.62 -12.09 73.28
C GLN VB 23 -70.51 -12.82 72.25
N ASP VB 24 -71.25 -13.83 72.73
CA ASP VB 24 -72.01 -14.79 71.89
C ASP VB 24 -71.12 -15.84 71.18
N TYR VB 25 -69.82 -15.58 71.02
CA TYR VB 25 -68.85 -16.59 70.55
C TYR VB 25 -68.00 -17.26 71.61
N ILE VB 26 -67.75 -16.54 72.71
CA ILE VB 26 -67.13 -17.14 73.88
C ILE VB 26 -68.22 -17.68 74.82
N ALA VB 27 -68.36 -19.01 74.86
CA ALA VB 27 -69.40 -19.70 75.63
C ALA VB 27 -68.86 -20.15 76.97
N VAL VB 28 -68.36 -19.17 77.74
CA VAL VB 28 -68.01 -19.36 79.14
C VAL VB 28 -69.23 -19.85 79.97
N LYS VB 29 -70.41 -19.26 79.73
CA LYS VB 29 -71.70 -19.75 80.27
C LYS VB 29 -72.90 -19.06 79.60
N GLU VB 30 -73.58 -19.79 78.71
CA GLU VB 30 -74.90 -19.39 78.16
C GLU VB 30 -75.79 -19.17 79.40
N LYS VB 31 -76.33 -20.27 79.92
CA LYS VB 31 -76.36 -20.54 81.36
C LYS VB 31 -75.27 -21.61 81.60
N TYR VB 32 -74.69 -22.13 80.50
CA TYR VB 32 -73.97 -23.40 80.46
C TYR VB 32 -72.47 -23.23 80.71
N ALA VB 33 -72.16 -23.09 81.99
CA ALA VB 33 -70.82 -23.27 82.52
C ALA VB 33 -70.63 -24.75 82.79
N LYS VB 34 -69.97 -25.46 81.89
CA LYS VB 34 -69.68 -26.88 82.12
C LYS VB 34 -68.72 -26.98 83.27
N TYR VB 35 -68.80 -28.07 84.03
CA TYR VB 35 -67.86 -28.32 85.13
C TYR VB 35 -66.45 -28.68 84.64
N LEU VB 36 -66.40 -29.61 83.69
CA LEU VB 36 -65.18 -30.19 83.19
C LEU VB 36 -64.80 -29.66 81.81
N PRO VB 37 -63.53 -29.83 81.42
CA PRO VB 37 -63.22 -29.70 80.02
C PRO VB 37 -63.16 -31.00 79.23
N HIS VB 38 -63.30 -32.22 79.80
CA HIS VB 38 -63.70 -33.32 78.88
C HIS VB 38 -65.22 -33.08 78.52
N SER VB 39 -65.58 -33.29 77.25
CA SER VB 39 -67.01 -33.42 76.81
C SER VB 39 -67.13 -34.27 75.55
N ALA VB 40 -68.18 -35.09 75.47
CA ALA VB 40 -68.46 -35.89 74.28
C ALA VB 40 -68.07 -35.11 73.04
N GLY VB 41 -68.68 -33.94 72.87
CA GLY VB 41 -68.32 -33.02 71.80
C GLY VB 41 -68.86 -33.46 70.45
N ARG VB 42 -69.48 -32.53 69.74
CA ARG VB 42 -69.67 -32.66 68.30
C ARG VB 42 -69.99 -31.29 67.76
N TYR VB 43 -69.06 -30.38 68.04
CA TYR VB 43 -69.15 -28.97 67.66
C TYR VB 43 -68.38 -28.75 66.34
N ALA VB 44 -67.81 -29.84 65.82
CA ALA VB 44 -67.19 -29.90 64.48
C ALA VB 44 -68.15 -30.44 63.40
N ALA VB 45 -69.44 -30.55 63.69
CA ALA VB 45 -70.42 -31.06 62.74
C ALA VB 45 -70.97 -29.95 61.82
N LYS VB 46 -71.64 -28.96 62.41
CA LYS VB 46 -72.05 -27.76 61.68
C LYS VB 46 -71.02 -26.67 61.94
N ARG VB 47 -71.24 -25.49 61.35
CA ARG VB 47 -70.21 -24.44 61.27
C ARG VB 47 -70.14 -23.43 62.43
N PHE VB 48 -71.26 -22.87 62.86
CA PHE VB 48 -71.25 -21.85 63.92
C PHE VB 48 -71.73 -22.41 65.26
N ARG VB 49 -71.95 -23.73 65.29
CA ARG VB 49 -72.01 -24.48 66.54
C ARG VB 49 -70.61 -24.55 67.18
N LYS VB 50 -69.54 -24.38 66.38
CA LYS VB 50 -68.15 -24.42 66.91
C LYS VB 50 -67.85 -23.44 68.04
N ALA VB 51 -68.50 -22.28 67.98
CA ALA VB 51 -68.38 -21.26 69.02
C ALA VB 51 -69.03 -21.65 70.35
N GLN VB 52 -70.23 -22.25 70.27
CA GLN VB 52 -71.02 -22.65 71.46
C GLN VB 52 -70.31 -23.67 72.38
N CYS VB 53 -69.27 -24.32 71.87
CA CYS VB 53 -68.32 -25.10 72.67
C CYS VB 53 -67.48 -24.20 73.60
N PRO VB 54 -67.41 -24.54 74.90
CA PRO VB 54 -66.76 -23.64 75.88
C PRO VB 54 -65.27 -23.44 75.68
N ILE VB 55 -64.90 -22.18 75.38
CA ILE VB 55 -63.52 -21.65 75.39
C ILE VB 55 -62.47 -22.36 76.25
N VAL VB 56 -62.90 -22.96 77.35
CA VAL VB 56 -62.02 -23.72 78.23
C VAL VB 56 -61.63 -25.06 77.61
N GLU VB 57 -62.65 -25.86 77.27
CA GLU VB 57 -62.47 -27.18 76.67
C GLU VB 57 -61.90 -27.05 75.27
N ARG VB 58 -62.50 -26.15 74.53
CA ARG VB 58 -61.96 -25.70 73.25
C ARG VB 58 -60.44 -25.41 73.30
N LEU VB 59 -59.92 -25.01 74.47
CA LEU VB 59 -58.47 -24.84 74.70
C LEU VB 59 -57.72 -26.10 75.06
N THR VB 60 -58.36 -26.99 75.84
CA THR VB 60 -57.77 -28.31 76.10
C THR VB 60 -57.51 -29.02 74.78
N ASN VB 61 -58.53 -29.09 73.90
CA ASN VB 61 -58.37 -29.71 72.56
C ASN VB 61 -57.25 -29.08 71.77
N SER VB 62 -57.23 -27.75 71.78
CA SER VB 62 -56.18 -26.95 71.14
C SER VB 62 -54.82 -27.13 71.79
N MET VB 63 -54.77 -27.83 72.91
CA MET VB 63 -53.53 -28.08 73.62
C MET VB 63 -53.03 -29.51 73.38
N MET VB 64 -53.92 -30.50 73.22
CA MET VB 64 -53.47 -31.89 73.00
C MET VB 64 -53.00 -32.15 71.57
N MET VB 65 -52.30 -31.18 71.01
CA MET VB 65 -51.87 -31.28 69.64
C MET VB 65 -50.43 -31.68 69.68
N HIS VB 66 -49.82 -31.67 68.51
CA HIS VB 66 -48.45 -32.08 68.25
C HIS VB 66 -48.24 -33.60 68.26
N GLY VB 67 -47.51 -34.07 67.25
CA GLY VB 67 -47.49 -35.47 66.82
C GLY VB 67 -47.57 -36.63 67.80
N ARG VB 68 -46.89 -36.50 68.93
CA ARG VB 68 -46.76 -37.59 69.93
C ARG VB 68 -47.88 -37.60 70.99
N ASN VB 69 -48.87 -36.71 70.85
CA ASN VB 69 -49.85 -36.47 71.91
C ASN VB 69 -51.29 -36.23 71.42
N ASN VB 70 -51.63 -36.67 70.21
CA ASN VB 70 -52.96 -36.33 69.68
C ASN VB 70 -53.98 -37.23 70.36
N GLY VB 71 -55.12 -36.65 70.73
CA GLY VB 71 -56.14 -37.40 71.41
C GLY VB 71 -55.84 -37.87 72.82
N LYS VB 72 -55.03 -37.09 73.53
CA LYS VB 72 -54.78 -37.29 74.93
C LYS VB 72 -55.44 -36.15 75.70
N LYS VB 73 -56.76 -36.13 75.65
CA LYS VB 73 -57.52 -35.08 76.32
C LYS VB 73 -57.58 -35.34 77.81
N LEU VB 74 -57.68 -36.61 78.23
CA LEU VB 74 -57.48 -36.97 79.63
C LEU VB 74 -56.26 -36.25 80.17
N MET VB 75 -55.16 -36.35 79.41
CA MET VB 75 -53.89 -35.76 79.78
C MET VB 75 -54.03 -34.26 79.93
N THR VB 76 -54.33 -33.57 78.85
CA THR VB 76 -54.32 -32.12 78.86
C THR VB 76 -55.42 -31.51 79.76
N VAL VB 77 -56.55 -32.22 79.92
CA VAL VB 77 -57.59 -31.77 80.85
C VAL VB 77 -56.99 -31.58 82.22
N ARG VB 78 -55.97 -32.37 82.56
CA ARG VB 78 -55.23 -32.04 83.75
C ARG VB 78 -54.59 -30.70 83.57
N ILE VB 79 -53.63 -30.61 82.65
CA ILE VB 79 -52.92 -29.35 82.43
C ILE VB 79 -53.78 -28.12 82.69
N VAL VB 80 -54.98 -28.07 82.09
CA VAL VB 80 -55.80 -26.86 82.11
C VAL VB 80 -56.64 -26.68 83.41
N LYS VB 81 -57.25 -27.75 83.94
CA LYS VB 81 -57.81 -27.69 85.33
C LYS VB 81 -56.66 -27.72 86.36
N HIS VB 82 -55.43 -27.94 85.87
CA HIS VB 82 -54.21 -27.79 86.65
C HIS VB 82 -53.52 -26.39 86.53
N ALA VB 83 -53.66 -25.75 85.37
CA ALA VB 83 -53.10 -24.42 85.14
C ALA VB 83 -53.86 -23.38 85.91
N PHE VB 84 -55.18 -23.39 85.81
CA PHE VB 84 -55.98 -22.32 86.38
C PHE VB 84 -55.72 -22.16 87.87
N GLU VB 85 -55.51 -23.28 88.56
CA GLU VB 85 -55.16 -23.26 89.99
C GLU VB 85 -53.85 -22.53 90.32
N ILE VB 86 -53.05 -22.19 89.31
CA ILE VB 86 -51.91 -21.26 89.42
C ILE VB 86 -52.30 -19.78 89.32
N ILE VB 87 -53.10 -19.45 88.31
CA ILE VB 87 -53.47 -18.06 88.02
C ILE VB 87 -54.07 -17.36 89.27
N HIS VB 88 -55.19 -17.92 89.77
CA HIS VB 88 -55.89 -17.49 91.01
C HIS VB 88 -54.95 -17.24 92.19
N LEU VB 89 -53.82 -17.97 92.23
CA LEU VB 89 -52.77 -17.68 93.21
C LEU VB 89 -52.05 -16.37 92.92
N LEU VB 90 -51.68 -16.14 91.66
CA LEU VB 90 -51.07 -14.87 91.27
C LEU VB 90 -52.08 -13.69 91.26
N THR VB 91 -53.03 -13.72 90.33
CA THR VB 91 -54.01 -12.63 90.19
C THR VB 91 -54.99 -12.60 91.36
N GLY VB 92 -55.64 -13.73 91.60
CA GLY VB 92 -56.86 -13.77 92.40
C GLY VB 92 -58.04 -13.68 91.45
N GLU VB 93 -59.25 -13.69 92.03
CA GLU VB 93 -60.50 -13.67 91.27
C GLU VB 93 -60.60 -14.93 90.39
N ASN VB 94 -61.69 -15.05 89.64
CA ASN VB 94 -61.85 -16.14 88.69
C ASN VB 94 -60.70 -16.08 87.66
N PRO VB 95 -59.85 -17.11 87.59
CA PRO VB 95 -58.84 -17.17 86.53
C PRO VB 95 -59.46 -17.46 85.17
N LEU VB 96 -60.74 -17.85 85.16
CA LEU VB 96 -61.58 -17.76 83.99
C LEU VB 96 -61.68 -16.32 83.42
N GLN VB 97 -61.67 -15.27 84.26
CA GLN VB 97 -61.51 -13.87 83.74
C GLN VB 97 -60.12 -13.75 83.07
N VAL VB 98 -59.10 -14.35 83.66
CA VAL VB 98 -57.77 -14.32 83.06
C VAL VB 98 -57.71 -15.10 81.75
N LEU VB 99 -58.48 -16.17 81.64
CA LEU VB 99 -58.62 -16.86 80.35
C LEU VB 99 -59.40 -16.00 79.34
N VAL VB 100 -60.61 -15.60 79.70
CA VAL VB 100 -61.50 -14.88 78.77
C VAL VB 100 -60.96 -13.49 78.41
N ASN VB 101 -60.36 -12.77 79.35
CA ASN VB 101 -59.80 -11.44 79.04
C ASN VB 101 -58.36 -11.61 78.58
N ALA VB 102 -57.91 -12.87 78.41
CA ALA VB 102 -56.81 -13.17 77.48
C ALA VB 102 -57.30 -13.26 76.05
N ILE VB 103 -58.03 -14.33 75.71
CA ILE VB 103 -58.50 -14.56 74.32
C ILE VB 103 -58.97 -13.26 73.63
N ILE VB 104 -59.69 -12.39 74.36
CA ILE VB 104 -60.18 -11.10 73.84
C ILE VB 104 -59.03 -10.22 73.34
N ASN VB 105 -58.01 -10.05 74.17
CA ASN VB 105 -56.87 -9.16 73.90
C ASN VB 105 -55.58 -9.97 73.71
N SER VB 106 -55.75 -11.28 73.48
CA SER VB 106 -54.73 -12.18 72.93
C SER VB 106 -54.89 -12.20 71.43
N GLY VB 107 -56.14 -12.31 71.00
CA GLY VB 107 -56.52 -12.20 69.59
C GLY VB 107 -56.70 -10.74 69.20
N PRO VB 108 -56.36 -10.38 67.94
CA PRO VB 108 -56.38 -8.98 67.42
C PRO VB 108 -57.70 -8.17 67.48
N ARG VB 109 -57.81 -7.21 66.55
CA ARG VB 109 -59.09 -6.66 66.11
C ARG VB 109 -59.32 -6.81 64.59
N GLU VB 110 -58.24 -6.82 63.80
CA GLU VB 110 -58.33 -7.08 62.35
C GLU VB 110 -57.02 -7.67 61.81
N ASP VB 111 -57.07 -8.16 60.58
CA ASP VB 111 -56.03 -9.07 60.05
C ASP VB 111 -55.64 -8.85 58.59
N SER VB 112 -54.61 -9.60 58.17
CA SER VB 112 -54.02 -9.48 56.83
C SER VB 112 -54.26 -10.71 55.95
N THR VB 113 -55.30 -10.66 55.10
CA THR VB 113 -55.65 -11.79 54.19
C THR VB 113 -54.87 -11.73 52.90
N ARG VB 114 -54.50 -12.90 52.39
CA ARG VB 114 -53.79 -12.99 51.12
C ARG VB 114 -54.79 -13.06 49.98
N ILE VB 115 -54.79 -12.00 49.18
CA ILE VB 115 -55.42 -11.98 47.86
C ILE VB 115 -54.36 -12.48 46.86
N GLY VB 116 -54.77 -12.78 45.62
CA GLY VB 116 -53.84 -13.22 44.57
C GLY VB 116 -52.97 -12.10 44.06
N ARG VB 117 -53.61 -10.96 43.77
CA ARG VB 117 -52.94 -9.67 43.46
C ARG VB 117 -51.93 -9.78 42.28
N ALA VB 118 -52.31 -10.53 41.24
CA ALA VB 118 -51.51 -10.74 40.01
C ALA VB 118 -50.26 -11.62 40.19
N GLY VB 119 -49.27 -11.14 40.93
CA GLY VB 119 -47.99 -11.85 41.15
C GLY VB 119 -47.32 -11.50 42.48
N THR VB 120 -47.01 -10.22 42.66
CA THR VB 120 -46.55 -9.68 43.96
C THR VB 120 -47.74 -9.59 44.90
N VAL VB 121 -47.72 -10.41 45.95
CA VAL VB 121 -48.92 -10.70 46.74
C VAL VB 121 -49.15 -9.68 47.85
N ARG VB 122 -49.80 -8.56 47.49
CA ARG VB 122 -50.14 -7.54 48.47
C ARG VB 122 -51.37 -7.97 49.22
N ARG VB 123 -51.13 -8.50 50.41
CA ARG VB 123 -52.18 -8.83 51.34
C ARG VB 123 -53.06 -7.61 51.57
N GLN VB 124 -54.30 -7.88 51.93
CA GLN VB 124 -55.31 -6.86 52.08
C GLN VB 124 -55.72 -6.83 53.53
N ALA VB 125 -55.94 -5.63 54.05
CA ALA VB 125 -56.56 -5.47 55.35
C ALA VB 125 -57.97 -6.00 55.24
N VAL VB 126 -58.29 -6.97 56.08
CA VAL VB 126 -59.69 -7.29 56.32
C VAL VB 126 -59.90 -7.47 57.80
N ASP VB 127 -61.10 -7.13 58.23
CA ASP VB 127 -61.55 -7.48 59.58
C ASP VB 127 -61.68 -9.01 59.58
N VAL VB 128 -62.02 -9.58 60.72
CA VAL VB 128 -62.29 -11.01 60.80
C VAL VB 128 -63.54 -11.27 61.58
N SER VB 129 -64.20 -12.37 61.24
CA SER VB 129 -65.15 -12.95 62.15
C SER VB 129 -64.29 -13.43 63.29
N PRO VB 130 -64.71 -13.13 64.52
CA PRO VB 130 -64.01 -13.70 65.65
C PRO VB 130 -63.88 -15.21 65.49
N LEU VB 131 -62.79 -15.56 64.85
CA LEU VB 131 -62.50 -16.94 64.57
C LEU VB 131 -61.02 -16.98 64.26
N ARG VB 132 -60.56 -16.43 63.13
CA ARG VB 132 -59.12 -16.47 62.82
C ARG VB 132 -58.33 -15.73 63.94
N ARG VB 133 -58.88 -14.66 64.50
CA ARG VB 133 -58.30 -14.07 65.72
C ARG VB 133 -58.34 -15.07 66.88
N VAL VB 134 -59.54 -15.60 67.15
CA VAL VB 134 -59.77 -16.48 68.32
C VAL VB 134 -58.88 -17.69 68.28
N ASN VB 135 -58.94 -18.37 67.15
CA ASN VB 135 -58.15 -19.57 66.89
C ASN VB 135 -56.64 -19.32 66.87
N GLN VB 136 -56.17 -18.39 66.04
CA GLN VB 136 -54.75 -18.06 66.01
C GLN VB 136 -54.28 -17.75 67.43
N ALA VB 137 -54.96 -16.81 68.09
CA ALA VB 137 -54.69 -16.52 69.49
C ALA VB 137 -54.56 -17.80 70.28
N ILE VB 138 -55.55 -18.69 70.13
CA ILE VB 138 -55.55 -19.95 70.85
C ILE VB 138 -54.29 -20.81 70.62
N TRP VB 139 -53.83 -21.01 69.38
CA TRP VB 139 -52.57 -21.78 69.24
C TRP VB 139 -51.44 -20.93 69.72
N LEU VB 140 -51.40 -19.70 69.24
CA LEU VB 140 -50.26 -18.86 69.48
C LEU VB 140 -49.86 -18.92 70.95
N LEU VB 141 -50.84 -18.91 71.87
CA LEU VB 141 -50.53 -19.12 73.30
C LEU VB 141 -50.28 -20.59 73.64
N CYS VB 142 -51.01 -21.53 73.05
CA CYS VB 142 -50.68 -22.97 73.15
C CYS VB 142 -49.25 -23.25 72.65
N THR VB 143 -49.04 -23.02 71.35
CA THR VB 143 -47.70 -23.00 70.73
C THR VB 143 -46.63 -22.26 71.54
N GLY VB 144 -46.99 -21.10 72.10
CA GLY VB 144 -46.08 -20.31 72.92
C GLY VB 144 -45.69 -21.04 74.19
N ALA VB 145 -46.68 -21.38 75.00
CA ALA VB 145 -46.48 -22.19 76.21
C ALA VB 145 -45.80 -23.53 75.90
N ARG VB 146 -46.13 -24.07 74.72
CA ARG VB 146 -45.52 -25.30 74.24
C ARG VB 146 -44.05 -25.11 73.93
N GLU VB 147 -43.75 -24.11 73.12
CA GLU VB 147 -42.39 -23.81 72.67
C GLU VB 147 -41.46 -23.39 73.80
N ALA VB 148 -41.99 -22.60 74.73
CA ALA VB 148 -41.25 -22.26 75.94
C ALA VB 148 -40.93 -23.50 76.79
N ALA VB 149 -41.78 -24.53 76.69
CA ALA VB 149 -41.65 -25.72 77.52
C ALA VB 149 -41.09 -26.99 76.84
N PHE VB 150 -40.23 -26.85 75.83
CA PHE VB 150 -39.35 -27.99 75.53
C PHE VB 150 -38.36 -27.97 76.67
N ARG VB 151 -37.28 -27.18 76.54
CA ARG VB 151 -36.04 -27.47 77.25
C ARG VB 151 -35.76 -26.67 78.52
N ASN VB 152 -36.68 -25.80 78.98
CA ASN VB 152 -36.89 -25.79 80.42
C ASN VB 152 -37.94 -26.87 80.76
N ILE VB 153 -37.80 -27.41 81.96
CA ILE VB 153 -38.77 -28.25 82.65
C ILE VB 153 -40.04 -27.50 83.12
N LYS VB 154 -40.46 -26.45 82.42
CA LYS VB 154 -41.54 -25.61 82.94
C LYS VB 154 -42.79 -26.44 82.78
N THR VB 155 -43.68 -26.36 83.77
CA THR VB 155 -44.90 -27.15 83.73
C THR VB 155 -45.76 -26.48 82.71
N ILE VB 156 -46.40 -27.28 81.88
CA ILE VB 156 -47.23 -26.74 80.83
C ILE VB 156 -48.35 -25.92 81.49
N ALA VB 157 -48.84 -26.39 82.66
CA ALA VB 157 -49.78 -25.64 83.51
C ALA VB 157 -49.21 -24.26 83.92
N GLU VB 158 -47.93 -24.23 84.29
CA GLU VB 158 -47.22 -22.99 84.60
C GLU VB 158 -47.00 -22.16 83.33
N CYS VB 159 -46.50 -22.82 82.30
CA CYS VB 159 -46.10 -22.16 81.07
C CYS VB 159 -47.29 -21.51 80.39
N LEU VB 160 -48.41 -22.23 80.36
CA LEU VB 160 -49.66 -21.72 79.88
C LEU VB 160 -50.19 -20.59 80.82
N ALA VB 161 -50.10 -20.79 82.14
CA ALA VB 161 -50.55 -19.77 83.13
C ALA VB 161 -49.67 -18.51 83.19
N ASP VB 162 -48.49 -18.55 82.58
CA ASP VB 162 -47.77 -17.33 82.21
C ASP VB 162 -48.59 -16.65 81.11
N GLU VB 163 -48.68 -17.35 79.98
CA GLU VB 163 -49.26 -16.81 78.75
C GLU VB 163 -50.65 -16.24 78.95
N LEU VB 164 -51.50 -16.98 79.65
CA LEU VB 164 -52.87 -16.49 79.90
C LEU VB 164 -52.93 -15.20 80.75
N ILE VB 165 -51.94 -14.96 81.63
CA ILE VB 165 -51.83 -13.68 82.38
C ILE VB 165 -51.15 -12.61 81.53
N ASN VB 166 -50.10 -13.03 80.84
CA ASN VB 166 -49.34 -12.18 79.92
C ASN VB 166 -50.12 -11.78 78.67
N ALA VB 167 -51.24 -12.44 78.43
CA ALA VB 167 -52.19 -12.05 77.40
C ALA VB 167 -53.52 -11.51 77.96
N ALA VB 168 -53.91 -11.90 79.19
CA ALA VB 168 -55.09 -11.29 79.86
C ALA VB 168 -54.85 -9.83 80.13
N LYS VB 169 -53.66 -9.55 80.64
CA LYS VB 169 -53.12 -8.21 80.65
C LYS VB 169 -52.49 -8.02 79.28
N GLY VB 170 -52.70 -6.85 78.68
CA GLY VB 170 -51.98 -6.46 77.44
C GLY VB 170 -50.52 -6.28 77.80
N SER VB 171 -49.90 -7.39 78.16
CA SER VB 171 -48.66 -7.41 78.93
C SER VB 171 -47.45 -7.39 78.00
N SER VB 172 -47.65 -7.70 76.72
CA SER VB 172 -46.59 -7.73 75.70
C SER VB 172 -45.39 -8.55 76.14
N ASN VB 173 -45.68 -9.68 76.78
CA ASN VB 173 -44.69 -10.51 77.45
C ASN VB 173 -44.90 -12.03 77.22
N SER VB 174 -45.70 -12.39 76.22
CA SER VB 174 -46.17 -13.76 75.96
C SER VB 174 -45.71 -14.17 74.56
N TYR VB 175 -46.38 -15.16 73.97
CA TYR VB 175 -46.28 -15.46 72.54
C TYR VB 175 -47.51 -14.97 71.74
N ALA VB 176 -48.70 -15.11 72.32
CA ALA VB 176 -49.98 -14.70 71.68
C ALA VB 176 -50.10 -13.20 71.41
N ILE VB 177 -49.80 -12.40 72.44
CA ILE VB 177 -49.87 -10.94 72.35
C ILE VB 177 -48.66 -10.37 71.55
N LYS VB 178 -47.60 -11.17 71.38
CA LYS VB 178 -46.48 -10.81 70.49
C LYS VB 178 -46.69 -11.06 69.00
N LYS VB 179 -47.68 -11.88 68.62
CA LYS VB 179 -48.07 -12.02 67.22
C LYS VB 179 -49.36 -11.26 66.88
N LYS VB 180 -50.31 -11.21 67.82
CA LYS VB 180 -51.47 -10.28 67.77
C LYS VB 180 -51.06 -8.86 67.39
N ASP VB 181 -49.88 -8.47 67.89
CA ASP VB 181 -49.17 -7.27 67.44
C ASP VB 181 -48.94 -7.28 65.90
N GLU VB 182 -48.18 -8.26 65.42
CA GLU VB 182 -47.62 -8.27 64.07
C GLU VB 182 -48.63 -8.44 62.95
N LEU VB 183 -49.65 -9.26 63.16
CA LEU VB 183 -50.64 -9.45 62.11
C LEU VB 183 -51.27 -8.09 61.89
N GLU VB 184 -51.53 -7.39 62.98
CA GLU VB 184 -51.99 -6.01 62.90
C GLU VB 184 -50.91 -5.14 62.26
N ARG VB 185 -49.66 -5.38 62.66
CA ARG VB 185 -48.53 -4.61 62.13
C ARG VB 185 -48.33 -4.82 60.63
N VAL VB 186 -48.45 -6.07 60.19
CA VAL VB 186 -48.35 -6.38 58.77
C VAL VB 186 -49.50 -5.72 58.00
N ALA VB 187 -50.68 -5.76 58.61
CA ALA VB 187 -51.87 -5.18 58.01
C ALA VB 187 -51.71 -3.68 57.85
N LYS VB 188 -51.10 -3.04 58.83
CA LYS VB 188 -50.90 -1.60 58.80
C LYS VB 188 -50.01 -1.21 57.63
N SER VB 189 -48.97 -2.01 57.38
CA SER VB 189 -48.07 -1.75 56.26
C SER VB 189 -48.81 -1.84 54.94
N ASN VB 190 -49.69 -2.84 54.82
CA ASN VB 190 -50.53 -2.99 53.64
C ASN VB 190 -51.49 -1.82 53.50
N ARG VB 191 -52.05 -1.37 54.62
CA ARG VB 191 -52.95 -0.23 54.65
C ARG VB 191 -53.67 -0.15 55.99
N MET WB 1 -48.25 -104.60 27.49
CA MET WB 1 -47.10 -105.43 26.99
C MET WB 1 -45.78 -104.68 27.25
N LEU WB 2 -45.55 -104.32 28.52
CA LEU WB 2 -44.63 -103.25 28.86
C LEU WB 2 -44.37 -103.14 30.36
N MET WB 3 -43.28 -102.44 30.71
CA MET WB 3 -43.00 -101.95 32.09
C MET WB 3 -42.98 -103.05 33.18
N PRO WB 4 -42.97 -102.67 34.48
CA PRO WB 4 -43.23 -103.62 35.56
C PRO WB 4 -44.48 -104.53 35.36
N LYS WB 5 -44.22 -105.81 35.09
CA LYS WB 5 -45.25 -106.77 34.61
C LYS WB 5 -46.33 -107.01 35.65
N LYS WB 6 -45.89 -107.35 36.87
CA LYS WB 6 -46.74 -107.58 38.04
C LYS WB 6 -47.74 -106.45 38.28
N ASN WB 7 -47.23 -105.21 38.26
CA ASN WB 7 -48.02 -104.02 38.53
C ASN WB 7 -48.94 -103.73 37.35
N ARG WB 8 -48.38 -103.69 36.15
CA ARG WB 8 -49.12 -103.25 34.96
C ARG WB 8 -50.15 -104.29 34.48
N ILE WB 9 -49.85 -105.60 34.60
CA ILE WB 9 -50.86 -106.65 34.35
C ILE WB 9 -52.06 -106.53 35.28
N ALA WB 10 -51.82 -106.06 36.50
CA ALA WB 10 -52.88 -105.82 37.47
C ALA WB 10 -53.70 -104.54 37.13
N ILE WB 11 -53.05 -103.52 36.58
CA ILE WB 11 -53.72 -102.27 36.15
C ILE WB 11 -54.70 -102.50 35.00
N TYR WB 12 -54.28 -103.29 34.01
CA TYR WB 12 -55.17 -103.72 32.94
C TYR WB 12 -56.43 -104.36 33.53
N GLU WB 13 -56.21 -105.41 34.33
CA GLU WB 13 -57.31 -106.23 34.85
C GLU WB 13 -58.17 -105.49 35.90
N LEU WB 14 -57.61 -104.47 36.53
CA LEU WB 14 -58.41 -103.48 37.27
C LEU WB 14 -59.35 -102.77 36.31
N LEU WB 15 -58.79 -102.18 35.24
CA LEU WB 15 -59.57 -101.42 34.27
C LEU WB 15 -60.60 -102.28 33.56
N PHE WB 16 -60.27 -103.56 33.31
CA PHE WB 16 -61.28 -104.47 32.73
C PHE WB 16 -62.37 -104.83 33.73
N LYS WB 17 -62.00 -104.94 35.01
CA LYS WB 17 -62.97 -105.16 36.09
C LYS WB 17 -63.96 -104.02 36.24
N GLU WB 18 -63.49 -102.79 35.97
CA GLU WB 18 -64.30 -101.61 36.21
C GLU WB 18 -64.83 -100.97 34.94
N GLY WB 19 -65.95 -100.25 35.09
CA GLY WB 19 -66.51 -99.45 34.02
C GLY WB 19 -65.61 -98.25 33.80
N VAL WB 20 -65.37 -97.52 34.89
CA VAL WB 20 -64.51 -96.33 34.89
C VAL WB 20 -63.41 -96.38 35.94
N MET WB 21 -62.22 -95.92 35.55
CA MET WB 21 -61.09 -95.78 36.46
C MET WB 21 -60.67 -94.31 36.52
N VAL WB 22 -60.93 -93.68 37.67
CA VAL WB 22 -60.45 -92.33 37.95
C VAL WB 22 -59.00 -92.42 38.36
N ALA WB 23 -58.37 -91.27 38.56
CA ALA WB 23 -57.02 -91.26 39.11
C ALA WB 23 -56.75 -89.95 39.83
N LYS WB 24 -55.48 -89.67 40.10
CA LYS WB 24 -55.03 -88.30 40.31
C LYS WB 24 -53.74 -88.11 39.55
N LYS WB 25 -53.48 -86.87 39.15
CA LYS WB 25 -52.20 -86.51 38.57
C LYS WB 25 -51.25 -86.19 39.71
N ASP WB 26 -50.53 -87.20 40.16
CA ASP WB 26 -49.55 -87.02 41.22
C ASP WB 26 -48.64 -88.25 41.22
N VAL WB 27 -47.43 -88.05 40.70
CA VAL WB 27 -46.37 -89.08 40.68
C VAL WB 27 -45.98 -89.65 42.06
N HIS WB 28 -46.19 -88.86 43.11
CA HIS WB 28 -45.71 -89.19 44.45
C HIS WB 28 -46.87 -89.66 45.36
N MET WB 29 -47.52 -90.77 45.01
CA MET WB 29 -48.59 -91.34 45.87
C MET WB 29 -48.22 -92.65 46.60
N PRO WB 30 -47.27 -93.44 46.07
CA PRO WB 30 -47.17 -94.89 46.20
C PRO WB 30 -48.42 -95.69 46.61
N LYS WB 31 -49.49 -95.56 45.80
CA LYS WB 31 -50.82 -96.18 46.01
C LYS WB 31 -51.85 -95.54 45.05
N HIS WB 32 -53.08 -96.03 45.09
CA HIS WB 32 -54.17 -95.56 44.25
C HIS WB 32 -55.37 -96.42 44.71
N PRO WB 33 -56.50 -95.78 45.05
CA PRO WB 33 -57.64 -96.44 45.72
C PRO WB 33 -58.29 -97.55 44.89
N GLU WB 34 -58.39 -98.73 45.51
CA GLU WB 34 -58.65 -100.01 44.82
C GLU WB 34 -57.46 -100.42 43.95
N LEU WB 35 -57.23 -101.74 43.93
CA LEU WB 35 -56.00 -102.33 43.45
C LEU WB 35 -54.86 -101.76 44.31
N ALA WB 36 -53.76 -101.30 43.71
CA ALA WB 36 -52.56 -101.02 44.48
C ALA WB 36 -52.25 -102.21 45.40
N ASP WB 37 -52.04 -103.38 44.77
CA ASP WB 37 -51.41 -104.51 45.45
C ASP WB 37 -50.11 -103.96 46.07
N LYS WB 38 -49.40 -103.14 45.30
CA LYS WB 38 -48.11 -102.59 45.70
C LYS WB 38 -47.78 -101.34 44.88
N ASN WB 39 -47.48 -100.25 45.57
CA ASN WB 39 -46.93 -98.99 44.98
C ASN WB 39 -47.81 -98.45 43.84
N VAL WB 40 -47.45 -98.77 42.59
CA VAL WB 40 -48.23 -98.51 41.39
C VAL WB 40 -49.15 -97.26 41.46
N PRO WB 41 -48.54 -96.07 41.63
CA PRO WB 41 -49.28 -94.81 41.76
C PRO WB 41 -49.73 -94.26 40.40
N ASN WB 42 -49.96 -92.95 40.28
CA ASN WB 42 -49.81 -92.32 38.97
C ASN WB 42 -48.34 -92.51 38.58
N LEU WB 43 -48.11 -92.83 37.31
CA LEU WB 43 -46.95 -93.60 36.83
C LEU WB 43 -47.17 -95.08 37.19
N HIS WB 44 -46.94 -95.95 36.21
CA HIS WB 44 -47.49 -97.33 36.09
C HIS WB 44 -48.99 -97.33 35.75
N VAL WB 45 -49.78 -96.42 36.34
CA VAL WB 45 -51.16 -96.19 35.88
C VAL WB 45 -51.18 -95.24 34.69
N MET WB 46 -50.69 -94.02 34.88
CA MET WB 46 -50.66 -93.04 33.80
C MET WB 46 -49.90 -93.62 32.63
N LYS WB 47 -48.61 -93.92 32.82
CA LYS WB 47 -47.76 -94.48 31.76
C LYS WB 47 -48.50 -95.54 30.92
N ALA WB 48 -49.31 -96.37 31.58
CA ALA WB 48 -50.17 -97.34 30.90
C ALA WB 48 -51.30 -96.65 30.15
N MET WB 49 -52.10 -95.87 30.87
CA MET WB 49 -53.32 -95.29 30.30
C MET WB 49 -53.09 -94.21 29.25
N GLN WB 50 -52.10 -93.35 29.48
CA GLN WB 50 -51.66 -92.39 28.46
C GLN WB 50 -51.02 -93.09 27.25
N SER WB 51 -50.67 -94.37 27.38
CA SER WB 51 -50.44 -95.23 26.21
C SER WB 51 -51.77 -95.60 25.58
N LEU WB 52 -52.66 -96.21 26.38
CA LEU WB 52 -53.95 -96.68 25.88
C LEU WB 52 -54.69 -95.65 25.01
N LYS WB 53 -54.73 -94.38 25.41
CA LYS WB 53 -55.48 -93.36 24.66
C LYS WB 53 -54.86 -93.08 23.30
N SER WB 54 -53.52 -92.95 23.30
CA SER WB 54 -52.80 -92.46 22.14
C SER WB 54 -52.81 -93.48 21.00
N ARG WB 55 -52.71 -94.76 21.37
CA ARG WB 55 -52.97 -95.84 20.41
C ARG WB 55 -54.50 -95.93 20.16
N GLY WB 56 -55.34 -95.81 21.20
CA GLY WB 56 -56.82 -95.65 21.03
C GLY WB 56 -57.79 -96.51 21.84
N TYR WB 57 -57.31 -97.23 22.85
CA TYR WB 57 -58.06 -98.33 23.55
C TYR WB 57 -58.37 -97.79 24.99
N VAL WB 58 -58.85 -96.53 25.01
CA VAL WB 58 -59.29 -95.71 26.19
C VAL WB 58 -59.50 -94.23 25.73
N LYS WB 59 -60.32 -93.45 26.45
CA LYS WB 59 -60.54 -92.00 26.15
C LYS WB 59 -60.61 -91.13 27.44
N GLU WB 60 -60.15 -89.88 27.34
CA GLU WB 60 -59.86 -88.99 28.48
C GLU WB 60 -60.91 -87.94 28.83
N GLN WB 61 -60.85 -87.48 30.07
CA GLN WB 61 -61.01 -86.05 30.44
C GLN WB 61 -59.87 -85.69 31.39
N PHE WB 62 -59.80 -84.45 31.89
CA PHE WB 62 -58.71 -84.03 32.79
C PHE WB 62 -59.26 -83.46 34.11
N ALA WB 63 -60.04 -82.38 34.00
CA ALA WB 63 -60.86 -81.78 35.08
C ALA WB 63 -60.21 -81.60 36.46
N TRP WB 64 -59.68 -80.40 36.73
CA TRP WB 64 -58.92 -80.12 37.96
C TRP WB 64 -57.90 -81.23 38.30
N ARG WB 65 -56.78 -81.26 37.57
CA ARG WB 65 -55.70 -82.22 37.81
C ARG WB 65 -56.17 -83.57 38.38
N HIS WB 66 -56.56 -84.48 37.48
CA HIS WB 66 -56.97 -85.86 37.88
C HIS WB 66 -56.90 -87.02 36.83
N PHE WB 67 -57.23 -86.74 35.56
CA PHE WB 67 -57.30 -87.76 34.48
C PHE WB 67 -58.55 -88.64 34.59
N TYR WB 68 -59.47 -88.49 33.62
CA TYR WB 68 -60.83 -89.07 33.68
C TYR WB 68 -61.00 -90.25 32.70
N TRP WB 69 -60.21 -91.30 32.97
CA TRP WB 69 -60.02 -92.47 32.08
C TRP WB 69 -61.27 -93.31 31.90
N TYR WB 70 -61.84 -93.19 30.71
CA TYR WB 70 -63.08 -93.85 30.31
C TYR WB 70 -62.74 -94.90 29.26
N LEU WB 71 -63.25 -96.11 29.44
CA LEU WB 71 -62.84 -97.23 28.60
C LEU WB 71 -63.61 -97.32 27.27
N THR WB 72 -62.85 -97.33 26.17
CA THR WB 72 -63.40 -97.37 24.81
C THR WB 72 -63.82 -98.79 24.40
N ASN WB 73 -64.82 -98.85 23.53
CA ASN WB 73 -65.32 -100.12 22.97
C ASN WB 73 -64.33 -100.93 22.14
N GLU WB 74 -63.40 -100.25 21.47
CA GLU WB 74 -62.31 -100.92 20.77
C GLU WB 74 -61.34 -101.56 21.78
N GLY WB 75 -61.05 -100.83 22.86
CA GLY WB 75 -60.18 -101.33 23.92
C GLY WB 75 -60.65 -102.60 24.58
N ILE WB 76 -61.97 -102.77 24.64
CA ILE WB 76 -62.58 -104.02 25.07
C ILE WB 76 -61.81 -105.20 24.47
N GLN WB 77 -61.55 -105.14 23.16
CA GLN WB 77 -60.74 -106.15 22.46
C GLN WB 77 -59.27 -106.09 22.92
N TYR WB 78 -58.63 -104.93 22.82
CA TYR WB 78 -57.18 -104.78 23.09
C TYR WB 78 -56.77 -105.39 24.42
N LEU WB 79 -57.52 -105.08 25.48
CA LEU WB 79 -57.17 -105.49 26.83
C LEU WB 79 -57.60 -106.93 27.19
N ARG WB 80 -58.75 -107.39 26.67
CA ARG WB 80 -59.20 -108.78 26.91
C ARG WB 80 -58.32 -109.78 26.14
N ASP WB 81 -57.91 -109.37 24.93
CA ASP WB 81 -56.93 -110.14 24.14
C ASP WB 81 -55.54 -110.01 24.79
N TYR WB 82 -55.21 -108.85 25.38
CA TYR WB 82 -54.02 -108.77 26.27
C TYR WB 82 -54.16 -109.75 27.43
N LEU WB 83 -55.32 -109.80 28.08
CA LEU WB 83 -55.55 -110.61 29.28
C LEU WB 83 -56.16 -112.02 29.02
N HIS WB 84 -56.12 -112.50 27.77
CA HIS WB 84 -56.77 -113.77 27.34
C HIS WB 84 -58.21 -114.01 27.85
N LEU WB 85 -58.90 -112.95 28.28
CA LEU WB 85 -60.12 -113.09 29.09
C LEU WB 85 -61.28 -113.63 28.24
N PRO WB 86 -62.28 -114.30 28.87
CA PRO WB 86 -63.32 -115.04 28.13
C PRO WB 86 -64.04 -114.23 27.03
N PRO WB 87 -64.43 -114.87 25.91
CA PRO WB 87 -65.04 -114.11 24.79
C PRO WB 87 -66.43 -113.49 25.05
N GLU WB 88 -67.06 -113.82 26.18
CA GLU WB 88 -68.14 -113.01 26.75
C GLU WB 88 -67.55 -111.83 27.51
N ILE WB 89 -66.62 -112.13 28.41
CA ILE WB 89 -65.85 -111.15 29.19
C ILE WB 89 -66.69 -110.40 30.25
N VAL WB 90 -67.74 -109.68 29.81
CA VAL WB 90 -68.49 -108.70 30.62
C VAL WB 90 -67.61 -107.82 31.53
N PRO WB 91 -67.16 -106.65 31.03
CA PRO WB 91 -66.15 -105.86 31.77
C PRO WB 91 -66.64 -105.41 33.14
N ALA WB 92 -67.78 -104.72 33.14
CA ALA WB 92 -68.28 -104.02 34.30
C ALA WB 92 -69.62 -103.41 33.99
N THR WB 93 -69.72 -102.74 32.84
CA THR WB 93 -71.00 -102.21 32.34
C THR WB 93 -71.97 -103.31 31.84
N LEU WB 94 -72.27 -104.26 32.73
CA LEU WB 94 -73.33 -105.26 32.55
C LEU WB 94 -74.65 -104.49 32.59
N ARG WB 95 -74.79 -103.67 33.63
CA ARG WB 95 -75.83 -102.65 33.80
C ARG WB 95 -77.27 -103.10 33.63
N ARG WB 96 -77.74 -103.79 34.68
CA ARG WB 96 -79.16 -103.92 34.96
C ARG WB 96 -79.70 -102.52 35.23
N SER WB 97 -80.70 -102.13 34.44
CA SER WB 97 -81.23 -100.77 34.44
C SER WB 97 -82.62 -100.71 35.11
N ARG WB 98 -83.64 -101.19 34.41
CA ARG WB 98 -85.04 -101.04 34.82
C ARG WB 98 -85.81 -102.34 34.63
N GLY XB 1 -62.28 -124.39 16.87
CA GLY XB 1 -60.97 -123.67 16.98
C GLY XB 1 -60.18 -124.08 18.21
N GLY XB 2 -58.88 -124.28 18.04
CA GLY XB 2 -57.97 -124.68 19.12
C GLY XB 2 -57.97 -126.18 19.39
N VAL XB 3 -57.91 -126.99 18.32
CA VAL XB 3 -57.94 -128.47 18.41
C VAL XB 3 -56.57 -129.17 18.19
N MET XB 4 -55.46 -128.42 18.34
CA MET XB 4 -54.08 -128.93 18.23
C MET XB 4 -53.67 -129.53 16.86
N ASP XB 5 -53.15 -128.66 16.00
CA ASP XB 5 -52.38 -129.06 14.79
C ASP XB 5 -50.98 -129.62 15.15
N VAL XB 6 -50.10 -129.81 14.15
CA VAL XB 6 -48.70 -130.26 14.36
C VAL XB 6 -47.86 -129.10 14.94
N ASN XB 7 -46.85 -129.44 15.76
CA ASN XB 7 -46.11 -128.50 16.66
C ASN XB 7 -46.83 -127.23 17.16
N THR XB 8 -48.14 -127.34 17.44
CA THR XB 8 -48.93 -126.27 18.08
C THR XB 8 -49.62 -126.70 19.39
N ALA XB 9 -49.25 -127.86 19.92
CA ALA XB 9 -49.69 -128.31 21.24
C ALA XB 9 -48.75 -127.76 22.33
N LEU XB 10 -47.46 -127.59 22.01
CA LEU XB 10 -46.51 -126.88 22.89
C LEU XB 10 -46.71 -125.35 22.81
N GLN XB 11 -47.30 -124.88 21.71
CA GLN XB 11 -47.45 -123.44 21.43
C GLN XB 11 -48.49 -122.73 22.30
N GLU XB 12 -49.61 -123.39 22.56
CA GLU XB 12 -50.67 -122.84 23.44
C GLU XB 12 -50.27 -122.86 24.92
N VAL XB 13 -49.54 -123.89 25.33
CA VAL XB 13 -49.02 -124.00 26.71
C VAL XB 13 -47.90 -122.96 26.97
N LEU XB 14 -47.05 -122.74 25.96
CA LEU XB 14 -46.03 -121.67 26.02
C LEU XB 14 -46.64 -120.25 25.95
N LYS XB 15 -47.62 -120.05 25.06
CA LYS XB 15 -48.35 -118.77 24.94
C LYS XB 15 -49.23 -118.47 26.16
N THR XB 16 -49.78 -119.50 26.82
CA THR XB 16 -50.55 -119.29 28.08
C THR XB 16 -49.67 -119.26 29.35
N ALA XB 17 -48.50 -119.90 29.33
CA ALA XB 17 -47.50 -119.74 30.42
C ALA XB 17 -46.79 -118.38 30.36
N LEU XB 18 -46.42 -117.95 29.14
CA LEU XB 18 -46.00 -116.56 28.83
C LEU XB 18 -46.86 -115.52 29.53
N ILE XB 19 -48.16 -115.60 29.28
CA ILE XB 19 -49.16 -114.61 29.70
C ILE XB 19 -49.63 -114.82 31.16
N HIS XB 20 -49.43 -116.04 31.69
CA HIS XB 20 -49.65 -116.35 33.13
C HIS XB 20 -48.41 -116.05 34.02
N ASP XB 21 -47.29 -115.64 33.41
CA ASP XB 21 -46.17 -114.93 34.08
C ASP XB 21 -45.40 -115.87 35.05
N GLY XB 22 -44.41 -116.56 34.48
CA GLY XB 22 -43.75 -117.72 35.09
C GLY XB 22 -43.21 -118.65 34.02
N LEU XB 23 -42.11 -118.25 33.38
CA LEU XB 23 -41.40 -119.06 32.39
C LEU XB 23 -39.91 -119.03 32.81
N ALA XB 24 -39.38 -120.18 33.27
CA ALA XB 24 -37.99 -120.28 33.76
C ALA XB 24 -37.10 -120.43 32.54
N ARG XB 25 -37.12 -119.37 31.74
CA ARG XB 25 -36.93 -119.49 30.32
C ARG XB 25 -35.44 -119.31 29.96
N GLY XB 26 -34.64 -120.36 30.21
CA GLY XB 26 -33.22 -120.46 29.76
C GLY XB 26 -32.19 -121.17 30.63
N ILE XB 27 -31.10 -121.68 30.01
CA ILE XB 27 -30.01 -122.47 30.69
C ILE XB 27 -29.81 -122.16 32.17
N ARG XB 28 -29.96 -120.89 32.49
CA ARG XB 28 -29.90 -120.40 33.83
C ARG XB 28 -31.17 -120.63 34.70
N GLU XB 29 -32.26 -119.92 34.37
CA GLU XB 29 -33.53 -120.09 35.11
C GLU XB 29 -34.12 -121.48 34.91
N ALA XB 30 -33.92 -122.05 33.72
CA ALA XB 30 -34.24 -123.44 33.42
C ALA XB 30 -33.56 -124.40 34.38
N ALA XB 31 -32.24 -124.25 34.57
CA ALA XB 31 -31.48 -125.07 35.52
C ALA XB 31 -31.78 -124.76 36.99
N LYS XB 32 -32.05 -123.49 37.33
CA LYS XB 32 -32.51 -123.12 38.69
C LYS XB 32 -33.99 -123.45 38.93
N ALA XB 33 -34.75 -123.70 37.85
CA ALA XB 33 -36.11 -124.26 37.93
C ALA XB 33 -36.08 -125.77 38.05
N LEU XB 34 -35.24 -126.43 37.24
CA LEU XB 34 -35.01 -127.88 37.34
C LEU XB 34 -34.31 -128.30 38.66
N ASP XB 35 -33.48 -127.42 39.21
CA ASP XB 35 -32.90 -127.61 40.55
C ASP XB 35 -33.97 -127.67 41.67
N LYS XB 36 -35.11 -127.01 41.44
CA LYS XB 36 -36.27 -127.06 42.36
C LYS XB 36 -37.50 -127.68 41.65
N ARG XB 37 -38.68 -127.59 42.28
CA ARG XB 37 -39.95 -127.96 41.63
C ARG XB 37 -40.50 -126.80 40.78
N GLN XB 38 -39.80 -125.66 40.78
CA GLN XB 38 -40.01 -124.57 39.83
C GLN XB 38 -40.13 -125.00 38.35
N ALA XB 39 -39.45 -126.07 37.94
CA ALA XB 39 -39.61 -126.63 36.58
C ALA XB 39 -40.88 -127.50 36.44
N HIS XB 40 -41.35 -127.68 35.20
CA HIS XB 40 -42.56 -128.49 34.87
C HIS XB 40 -42.49 -129.10 33.46
N LEU XB 41 -42.57 -128.25 32.42
CA LEU XB 41 -42.43 -128.68 31.01
C LEU XB 41 -41.39 -127.80 30.32
N CYS XB 42 -40.89 -128.23 29.16
CA CYS XB 42 -39.76 -127.58 28.48
C CYS XB 42 -39.77 -127.87 26.98
N VAL XB 43 -39.00 -127.07 26.24
CA VAL XB 43 -38.78 -127.28 24.81
C VAL XB 43 -37.28 -127.04 24.49
N GLN XB 44 -36.52 -128.13 24.32
CA GLN XB 44 -35.08 -128.05 24.03
C GLN XB 44 -34.82 -127.94 22.54
N ALA XB 45 -33.66 -127.41 22.16
CA ALA XB 45 -33.26 -127.30 20.74
C ALA XB 45 -32.40 -128.48 20.34
N SER XB 46 -32.76 -129.11 19.21
CA SER XB 46 -31.94 -130.17 18.62
C SER XB 46 -30.55 -129.63 18.30
N ASN XB 47 -30.51 -128.52 17.56
CA ASN XB 47 -29.26 -127.88 17.17
C ASN XB 47 -28.69 -127.10 18.36
N CYS XB 48 -27.42 -127.33 18.65
CA CYS XB 48 -26.77 -126.75 19.82
C CYS XB 48 -25.25 -126.86 19.68
N ASP XB 49 -24.58 -125.72 19.48
CA ASP XB 49 -23.10 -125.69 19.45
C ASP XB 49 -22.61 -125.91 20.89
N GLU XB 50 -21.45 -126.56 21.04
CA GLU XB 50 -21.00 -127.17 22.31
C GLU XB 50 -22.19 -127.79 23.08
N PRO XB 51 -22.62 -129.02 22.68
CA PRO XB 51 -23.85 -129.58 23.26
C PRO XB 51 -23.78 -129.96 24.76
N MET XB 52 -22.81 -129.40 25.48
CA MET XB 52 -22.80 -129.35 26.94
C MET XB 52 -24.04 -128.62 27.47
N TYR XB 53 -24.43 -127.52 26.81
CA TYR XB 53 -25.68 -126.80 27.17
C TYR XB 53 -26.94 -127.71 26.99
N VAL XB 54 -27.11 -128.41 25.85
CA VAL XB 54 -28.22 -129.42 25.76
C VAL XB 54 -28.07 -130.59 26.75
N LYS XB 55 -26.84 -130.94 27.10
CA LYS XB 55 -26.56 -132.02 28.07
C LYS XB 55 -26.95 -131.64 29.51
N LEU XB 56 -26.63 -130.40 29.92
CA LEU XB 56 -27.06 -129.86 31.23
C LEU XB 56 -28.57 -129.87 31.38
N VAL XB 57 -29.24 -129.51 30.28
CA VAL XB 57 -30.70 -129.63 30.17
C VAL XB 57 -31.06 -131.12 30.33
N GLU XB 58 -30.78 -131.93 29.31
CA GLU XB 58 -31.10 -133.38 29.32
C GLU XB 58 -30.87 -134.11 30.64
N ALA XB 59 -29.70 -133.87 31.25
CA ALA XB 59 -29.31 -134.52 32.51
C ALA XB 59 -30.21 -134.12 33.68
N LEU XB 60 -30.53 -132.84 33.77
CA LEU XB 60 -31.48 -132.35 34.79
C LEU XB 60 -32.91 -132.83 34.46
N LEU XB 61 -33.30 -132.66 33.20
CA LEU XB 61 -34.63 -133.06 32.70
C LEU XB 61 -34.97 -134.52 33.01
N ALA XB 62 -33.98 -135.39 32.79
CA ALA XB 62 -34.15 -136.82 32.98
C ALA XB 62 -34.25 -137.31 34.44
N GLU XB 63 -34.04 -136.42 35.42
CA GLU XB 63 -34.10 -136.79 36.86
C GLU XB 63 -35.56 -137.05 37.31
N HIS XB 64 -35.86 -137.07 38.63
CA HIS XB 64 -37.27 -137.07 39.07
C HIS XB 64 -37.74 -135.71 38.54
N GLN XB 65 -39.04 -135.45 38.58
CA GLN XB 65 -39.59 -134.21 38.02
C GLN XB 65 -39.39 -134.34 36.49
N ILE XB 66 -39.85 -135.46 35.95
CA ILE XB 66 -39.52 -135.89 34.58
C ILE XB 66 -40.03 -134.94 33.50
N ASN XB 67 -39.09 -134.34 32.76
CA ASN XB 67 -39.40 -133.57 31.58
C ASN XB 67 -38.83 -134.23 30.28
N LEU XB 68 -39.36 -133.81 29.11
CA LEU XB 68 -38.62 -133.71 27.80
C LEU XB 68 -39.53 -133.33 26.61
N ILE XB 69 -38.93 -133.12 25.42
CA ILE XB 69 -39.59 -133.18 24.08
C ILE XB 69 -38.44 -133.35 23.06
N LYS XB 70 -38.36 -132.54 21.99
CA LYS XB 70 -37.18 -132.52 21.11
C LYS XB 70 -37.15 -131.25 20.26
N VAL XB 71 -38.17 -131.07 19.42
CA VAL XB 71 -38.30 -129.92 18.50
C VAL XB 71 -37.00 -129.60 17.73
N ASP XB 72 -36.98 -129.97 16.46
CA ASP XB 72 -35.84 -129.70 15.58
C ASP XB 72 -35.64 -128.17 15.40
N ASP XB 73 -34.42 -127.78 15.02
CA ASP XB 73 -34.05 -126.40 14.65
C ASP XB 73 -33.87 -125.42 15.83
N ASN XB 74 -32.74 -124.70 15.83
CA ASN XB 74 -32.57 -123.47 16.63
C ASN XB 74 -33.51 -122.36 16.11
N LYS XB 75 -33.44 -122.10 14.81
CA LYS XB 75 -34.03 -120.88 14.18
C LYS XB 75 -35.56 -120.67 14.35
N LYS XB 76 -36.30 -121.74 14.69
CA LYS XB 76 -37.73 -121.63 15.00
C LYS XB 76 -38.05 -121.39 16.48
N LEU XB 77 -37.21 -121.89 17.40
CA LEU XB 77 -37.66 -122.28 18.76
C LEU XB 77 -38.38 -121.25 19.70
N GLY XB 78 -38.65 -120.02 19.27
CA GLY XB 78 -39.30 -119.05 20.15
C GLY XB 78 -40.72 -118.58 19.86
N GLU XB 79 -41.12 -118.46 18.60
CA GLU XB 79 -42.36 -117.72 18.24
C GLU XB 79 -43.74 -118.35 18.62
N TRP XB 80 -43.72 -119.39 19.47
CA TRP XB 80 -44.93 -119.98 20.12
C TRP XB 80 -44.79 -119.77 21.67
N VAL XB 81 -43.80 -118.97 22.11
CA VAL XB 81 -43.71 -118.36 23.49
C VAL XB 81 -44.09 -116.86 23.33
N GLY XB 82 -43.57 -115.96 24.17
CA GLY XB 82 -43.79 -114.51 24.02
C GLY XB 82 -42.55 -113.74 23.63
N LEU XB 83 -42.64 -112.98 22.53
CA LEU XB 83 -41.48 -112.33 21.88
C LEU XB 83 -41.84 -111.63 20.55
N CYS XB 84 -42.74 -110.65 20.63
CA CYS XB 84 -43.03 -109.69 19.53
C CYS XB 84 -43.96 -108.54 20.00
N LYS XB 85 -43.66 -107.31 19.59
CA LYS XB 85 -44.38 -106.08 20.02
C LYS XB 85 -45.36 -105.54 18.94
N ILE XB 86 -45.79 -106.39 18.01
CA ILE XB 86 -46.63 -106.05 16.82
C ILE XB 86 -45.97 -105.26 15.66
N ASP XB 87 -45.04 -104.34 15.94
CA ASP XB 87 -44.39 -103.49 14.89
C ASP XB 87 -44.24 -104.22 13.53
N ARG XB 88 -45.03 -103.78 12.53
CA ARG XB 88 -45.11 -104.35 11.15
C ARG XB 88 -46.23 -105.40 11.06
N GLU XB 89 -47.19 -105.15 10.16
CA GLU XB 89 -48.48 -105.87 10.13
C GLU XB 89 -48.39 -107.36 9.73
N GLY XB 90 -47.50 -107.69 8.79
CA GLY XB 90 -47.33 -109.08 8.33
C GLY XB 90 -46.43 -110.00 9.15
N ASN XB 91 -46.15 -109.62 10.40
CA ASN XB 91 -45.14 -110.25 11.28
C ASN XB 91 -43.87 -110.77 10.55
N PRO XB 92 -42.85 -109.91 10.37
CA PRO XB 92 -41.50 -110.41 10.10
C PRO XB 92 -40.68 -110.46 11.40
N ARG XB 93 -41.36 -110.63 12.54
CA ARG XB 93 -40.83 -110.15 13.81
C ARG XB 93 -39.62 -110.95 14.35
N LYS XB 94 -38.47 -110.27 14.28
CA LYS XB 94 -37.28 -110.45 15.15
C LYS XB 94 -36.10 -111.11 14.40
N VAL XB 95 -35.69 -112.34 14.73
CA VAL XB 95 -34.78 -113.17 13.91
C VAL XB 95 -33.28 -113.26 14.34
N VAL XB 96 -33.01 -114.13 15.35
CA VAL XB 96 -31.69 -114.78 15.62
C VAL XB 96 -31.92 -116.34 15.69
N GLY XB 97 -31.20 -117.13 16.50
CA GLY XB 97 -31.58 -118.56 16.79
C GLY XB 97 -32.44 -118.74 18.04
N CYS XB 98 -32.79 -119.98 18.42
CA CYS XB 98 -33.60 -120.28 19.66
C CYS XB 98 -33.30 -121.65 20.36
N SER XB 99 -33.59 -121.72 21.67
CA SER XB 99 -33.11 -122.84 22.51
C SER XB 99 -34.01 -123.15 23.76
N CYS XB 100 -33.42 -123.57 24.89
CA CYS XB 100 -34.14 -124.32 25.94
C CYS XB 100 -34.84 -123.48 27.02
N VAL XB 101 -36.18 -123.45 26.98
CA VAL XB 101 -37.01 -122.75 27.98
C VAL XB 101 -37.42 -123.75 29.08
N VAL XB 102 -38.09 -123.27 30.13
CA VAL XB 102 -38.74 -124.14 31.15
C VAL XB 102 -40.13 -123.57 31.50
N VAL XB 103 -41.17 -124.18 30.95
CA VAL XB 103 -42.56 -123.75 31.11
C VAL XB 103 -43.07 -124.02 32.52
N LYS XB 104 -43.37 -122.94 33.25
CA LYS XB 104 -43.91 -123.04 34.62
C LYS XB 104 -45.35 -122.55 34.66
N ASP XB 105 -46.10 -123.11 35.59
CA ASP XB 105 -47.51 -122.77 35.81
C ASP XB 105 -48.34 -122.66 34.51
N TYR XB 106 -48.08 -123.61 33.60
CA TYR XB 106 -48.83 -123.86 32.33
C TYR XB 106 -49.64 -122.70 31.69
N GLY XB 107 -50.62 -122.17 32.40
CA GLY XB 107 -51.44 -121.04 31.91
C GLY XB 107 -52.74 -120.89 32.68
N LYS XB 108 -53.42 -122.03 32.85
CA LYS XB 108 -54.59 -122.15 33.73
C LYS XB 108 -54.97 -123.64 33.84
N GLU XB 109 -55.33 -124.23 32.69
CA GLU XB 109 -55.74 -125.63 32.51
C GLU XB 109 -56.37 -125.78 31.10
N SER XB 110 -56.45 -127.02 30.61
CA SER XB 110 -57.10 -127.35 29.33
C SER XB 110 -56.40 -126.70 28.10
N GLN XB 111 -57.14 -126.48 27.00
CA GLN XB 111 -56.62 -125.89 25.75
C GLN XB 111 -55.56 -126.77 25.06
N ALA XB 112 -54.32 -126.76 25.56
CA ALA XB 112 -53.27 -127.70 25.13
C ALA XB 112 -52.61 -128.50 26.26
N LYS XB 113 -53.05 -128.27 27.51
CA LYS XB 113 -52.41 -128.84 28.71
C LYS XB 113 -52.90 -130.28 29.08
N ASP XB 114 -54.11 -130.65 28.63
CA ASP XB 114 -54.55 -132.08 28.61
C ASP XB 114 -54.11 -132.81 27.33
N VAL XB 115 -53.76 -132.06 26.28
CA VAL XB 115 -53.15 -132.66 25.08
C VAL XB 115 -51.71 -133.06 25.39
N ILE XB 116 -50.81 -132.08 25.60
CA ILE XB 116 -49.35 -132.38 25.73
C ILE XB 116 -48.87 -133.13 26.99
N GLU XB 117 -49.48 -132.89 28.16
CA GLU XB 117 -49.02 -133.49 29.43
C GLU XB 117 -49.77 -134.79 29.82
N GLU XB 118 -50.76 -135.19 29.01
CA GLU XB 118 -51.32 -136.56 28.99
C GLU XB 118 -50.59 -137.43 27.93
N TYR XB 119 -50.25 -136.81 26.79
CA TYR XB 119 -49.51 -137.42 25.66
C TYR XB 119 -48.00 -137.60 26.01
N PHE XB 120 -47.35 -136.63 26.72
CA PHE XB 120 -45.91 -136.80 27.08
C PHE XB 120 -45.66 -137.85 28.17
N LYS XB 121 -46.38 -137.76 29.29
CA LYS XB 121 -46.25 -138.72 30.39
C LYS XB 121 -46.69 -140.14 30.01
N CYS XB 122 -47.56 -140.24 29.00
CA CYS XB 122 -48.03 -141.54 28.50
C CYS XB 122 -48.08 -141.54 26.96
N LYS XB 123 -46.89 -141.50 26.32
CA LYS XB 123 -46.76 -141.63 24.85
C LYS XB 123 -47.11 -143.04 24.40
N LYS XB 124 -48.40 -143.30 24.18
CA LYS XB 124 -48.90 -144.63 23.78
C LYS XB 124 -50.12 -144.54 22.87
N VAL YB 1 0.99 -90.11 63.88
CA VAL YB 1 0.42 -89.39 65.05
C VAL YB 1 0.92 -90.02 66.36
N GLU YB 2 2.14 -89.66 66.77
CA GLU YB 2 2.76 -90.14 68.03
C GLU YB 2 3.95 -89.28 68.49
N GLN YB 3 4.51 -89.62 69.66
CA GLN YB 3 5.80 -89.09 70.18
C GLN YB 3 5.79 -87.63 70.66
N LYS YB 4 6.84 -87.25 71.42
CA LYS YB 4 6.96 -85.92 72.03
C LYS YB 4 7.41 -84.86 71.01
N LYS YB 5 6.71 -83.72 70.96
CA LYS YB 5 7.05 -82.55 70.10
C LYS YB 5 7.02 -82.74 68.56
N LYS YB 6 7.15 -83.97 68.07
CA LYS YB 6 6.91 -84.32 66.67
C LYS YB 6 5.45 -84.01 66.31
N ARG YB 7 5.23 -83.39 65.13
CA ARG YB 7 3.90 -83.06 64.55
C ARG YB 7 2.94 -82.15 65.38
N THR YB 8 3.47 -81.38 66.34
CA THR YB 8 2.61 -80.60 67.27
C THR YB 8 2.96 -79.07 67.44
N PHE YB 9 3.23 -78.61 68.66
CA PHE YB 9 2.82 -77.25 69.17
C PHE YB 9 1.72 -76.50 68.40
N ARG YB 10 0.55 -77.14 68.39
CA ARG YB 10 -0.69 -76.58 67.84
C ARG YB 10 -1.71 -76.23 68.97
N LYS YB 11 -1.86 -77.10 69.98
CA LYS YB 11 -2.87 -76.99 71.08
C LYS YB 11 -4.36 -76.77 70.68
N PHE YB 12 -4.70 -75.65 70.01
CA PHE YB 12 -6.06 -75.39 69.44
C PHE YB 12 -7.15 -75.53 70.53
N THR YB 13 -6.77 -75.33 71.80
CA THR YB 13 -7.54 -75.88 72.94
C THR YB 13 -8.97 -75.34 73.04
N TYR YB 14 -9.92 -76.09 72.49
CA TYR YB 14 -11.35 -75.77 72.60
C TYR YB 14 -11.76 -75.87 74.07
N ARG YB 15 -12.36 -74.79 74.58
CA ARG YB 15 -12.86 -74.69 75.96
C ARG YB 15 -12.02 -75.40 77.06
N GLY YB 16 -10.69 -75.44 76.90
CA GLY YB 16 -9.80 -76.05 77.90
C GLY YB 16 -9.47 -77.51 77.70
N VAL YB 17 -10.38 -78.25 77.07
CA VAL YB 17 -10.15 -79.64 76.74
C VAL YB 17 -9.09 -79.67 75.62
N ASP YB 18 -8.04 -80.45 75.84
CA ASP YB 18 -6.97 -80.64 74.84
C ASP YB 18 -7.37 -81.60 73.73
N LEU YB 19 -6.81 -81.38 72.56
CA LEU YB 19 -7.18 -82.14 71.35
C LEU YB 19 -7.03 -83.65 71.54
N ASP YB 20 -6.05 -84.04 72.35
CA ASP YB 20 -5.88 -85.44 72.75
C ASP YB 20 -7.10 -85.95 73.49
N GLN YB 21 -7.54 -85.22 74.52
CA GLN YB 21 -8.76 -85.58 75.25
C GLN YB 21 -10.02 -85.58 74.35
N LEU YB 22 -10.05 -84.67 73.36
CA LEU YB 22 -11.15 -84.61 72.40
C LEU YB 22 -11.22 -85.82 71.43
N LEU YB 23 -10.09 -86.23 70.87
CA LEU YB 23 -10.04 -87.43 70.02
C LEU YB 23 -10.34 -88.67 70.87
N ASP YB 24 -9.74 -88.72 72.06
CA ASP YB 24 -10.10 -89.66 73.16
C ASP YB 24 -11.58 -89.50 73.62
N MET YB 25 -12.57 -89.62 72.74
CA MET YB 25 -13.96 -89.49 73.18
C MET YB 25 -14.96 -90.05 72.19
N SER YB 26 -16.07 -90.52 72.75
CA SER YB 26 -17.25 -90.80 71.98
C SER YB 26 -17.79 -89.46 71.50
N TYR YB 27 -18.10 -89.41 70.20
CA TYR YB 27 -18.79 -88.27 69.57
C TYR YB 27 -20.04 -87.82 70.44
N GLU YB 28 -20.55 -88.70 71.32
CA GLU YB 28 -21.69 -88.45 72.26
C GLU YB 28 -21.39 -87.56 73.46
N GLN YB 29 -20.13 -87.53 73.90
CA GLN YB 29 -19.74 -86.69 75.03
C GLN YB 29 -19.50 -85.26 74.59
N LEU YB 30 -18.81 -85.09 73.46
CA LEU YB 30 -18.46 -83.77 72.93
C LEU YB 30 -19.64 -82.80 72.82
N MET YB 31 -20.78 -83.29 72.32
CA MET YB 31 -22.05 -82.51 72.27
C MET YB 31 -22.43 -81.98 73.65
N GLN YB 32 -22.27 -82.84 74.67
CA GLN YB 32 -22.52 -82.47 76.05
C GLN YB 32 -21.47 -81.42 76.42
N LEU YB 33 -20.27 -81.62 75.89
CA LEU YB 33 -19.12 -80.74 76.12
C LEU YB 33 -18.97 -79.55 75.14
N TYR YB 34 -20.11 -78.98 74.76
CA TYR YB 34 -20.26 -77.54 74.51
C TYR YB 34 -19.91 -77.02 73.11
N SER YB 35 -20.73 -76.05 72.64
CA SER YB 35 -20.99 -75.57 71.22
C SER YB 35 -22.53 -75.53 70.88
N ALA YB 36 -23.26 -74.46 71.26
CA ALA YB 36 -24.79 -74.51 71.32
C ALA YB 36 -25.53 -74.97 70.08
N ARG YB 37 -25.26 -74.30 68.97
CA ARG YB 37 -25.93 -74.61 67.72
C ARG YB 37 -25.47 -75.99 67.18
N GLN YB 38 -24.25 -76.41 67.52
CA GLN YB 38 -23.80 -77.78 67.18
C GLN YB 38 -24.49 -78.84 68.07
N ARG YB 39 -24.54 -78.60 69.39
CA ARG YB 39 -25.24 -79.49 70.38
C ARG YB 39 -26.45 -80.09 69.73
N ARG YB 40 -27.24 -79.21 69.15
CA ARG YB 40 -28.49 -79.62 68.58
C ARG YB 40 -28.44 -80.15 67.15
N ARG YB 41 -27.45 -79.80 66.33
CA ARG YB 41 -27.37 -80.41 64.99
C ARG YB 41 -27.18 -81.94 65.07
N LEU YB 42 -26.50 -82.43 66.11
CA LEU YB 42 -26.31 -83.88 66.29
C LEU YB 42 -27.58 -84.59 66.73
N ASN YB 43 -28.27 -83.97 67.68
CA ASN YB 43 -29.38 -84.59 68.37
C ASN YB 43 -30.66 -84.43 67.59
N ARG YB 44 -31.01 -83.19 67.24
CA ARG YB 44 -32.19 -82.89 66.40
C ARG YB 44 -32.03 -83.43 64.99
N GLY YB 45 -30.78 -83.64 64.57
CA GLY YB 45 -30.46 -84.29 63.32
C GLY YB 45 -30.96 -85.72 63.25
N LEU YB 46 -30.39 -86.57 64.09
CA LEU YB 46 -30.53 -88.03 63.96
C LEU YB 46 -29.92 -88.44 62.59
N ARG YB 47 -29.80 -89.74 62.33
CA ARG YB 47 -29.34 -90.28 61.03
C ARG YB 47 -28.42 -89.33 60.24
N ARG YB 48 -27.30 -88.94 60.87
CA ARG YB 48 -26.33 -88.01 60.26
C ARG YB 48 -26.16 -88.24 58.76
N LYS YB 49 -25.68 -89.44 58.41
CA LYS YB 49 -25.38 -89.82 57.02
C LYS YB 49 -24.20 -89.03 56.39
N GLN YB 50 -23.28 -88.60 57.26
CA GLN YB 50 -21.92 -88.24 56.88
C GLN YB 50 -21.02 -89.41 57.29
N HIS YB 51 -21.63 -90.51 57.77
CA HIS YB 51 -21.04 -91.85 57.72
C HIS YB 51 -20.01 -91.95 56.61
N SER YB 52 -20.49 -91.76 55.38
CA SER YB 52 -19.71 -91.98 54.16
C SER YB 52 -18.54 -91.02 53.98
N LEU YB 53 -18.60 -89.85 54.63
CA LEU YB 53 -17.48 -88.92 54.66
C LEU YB 53 -16.51 -89.22 55.80
N LEU YB 54 -17.04 -89.38 57.00
CA LEU YB 54 -16.23 -89.71 58.18
C LEU YB 54 -15.31 -90.92 57.95
N LYS YB 55 -15.90 -92.00 57.42
CA LYS YB 55 -15.13 -93.21 57.07
C LYS YB 55 -14.20 -92.99 55.85
N ARG YB 56 -14.63 -92.18 54.88
CA ARG YB 56 -13.80 -91.83 53.72
C ARG YB 56 -12.67 -90.84 54.07
N LEU YB 57 -12.90 -90.03 55.10
CA LEU YB 57 -11.87 -89.14 55.63
C LEU YB 57 -10.86 -89.90 56.47
N ARG YB 58 -11.37 -90.77 57.34
CA ARG YB 58 -10.57 -91.70 58.14
C ARG YB 58 -9.74 -92.68 57.27
N LYS YB 59 -10.39 -93.28 56.25
CA LYS YB 59 -9.71 -94.21 55.31
C LYS YB 59 -8.60 -93.51 54.54
N ALA YB 60 -8.82 -92.25 54.17
CA ALA YB 60 -7.75 -91.41 53.63
C ALA YB 60 -6.70 -91.10 54.70
N LYS YB 61 -7.14 -90.78 55.91
CA LYS YB 61 -6.24 -90.46 57.03
C LYS YB 61 -5.27 -91.59 57.44
N LYS YB 62 -5.73 -92.84 57.40
CA LYS YB 62 -4.84 -93.99 57.65
C LYS YB 62 -3.95 -94.30 56.42
N GLU YB 63 -4.51 -94.20 55.21
CA GLU YB 63 -3.73 -94.30 53.94
C GLU YB 63 -2.75 -93.14 53.75
N ALA YB 64 -2.88 -92.08 54.54
CA ALA YB 64 -1.91 -90.98 54.57
C ALA YB 64 -0.48 -91.50 54.74
N PRO YB 65 0.48 -91.00 53.94
CA PRO YB 65 1.90 -91.31 54.16
C PRO YB 65 2.38 -90.96 55.60
N PRO YB 66 3.59 -91.43 55.99
CA PRO YB 66 4.16 -91.18 57.33
C PRO YB 66 4.15 -89.72 57.82
N MET YB 67 4.01 -88.77 56.91
CA MET YB 67 3.77 -87.37 57.24
C MET YB 67 2.73 -86.75 56.28
N GLU YB 68 2.23 -85.56 56.65
CA GLU YB 68 1.38 -84.68 55.80
C GLU YB 68 -0.08 -85.10 55.69
N LYS YB 69 -0.89 -84.20 55.13
CA LYS YB 69 -2.31 -84.45 54.83
C LYS YB 69 -2.45 -85.61 53.87
N PRO YB 70 -3.65 -86.22 53.78
CA PRO YB 70 -3.77 -87.34 52.86
C PRO YB 70 -3.89 -86.92 51.39
N GLU YB 71 -5.11 -86.72 50.91
CA GLU YB 71 -5.39 -86.57 49.47
C GLU YB 71 -6.58 -85.68 49.18
N VAL YB 72 -7.33 -85.30 50.22
CA VAL YB 72 -8.30 -84.21 50.18
C VAL YB 72 -9.58 -84.73 49.55
N VAL YB 73 -10.41 -85.33 50.41
CA VAL YB 73 -11.65 -85.95 49.98
C VAL YB 73 -12.63 -84.82 49.61
N LYS YB 74 -13.25 -84.93 48.43
CA LYS YB 74 -14.27 -83.97 47.98
C LYS YB 74 -15.57 -84.28 48.69
N THR YB 75 -16.08 -83.32 49.46
CA THR YB 75 -17.39 -83.44 50.07
C THR YB 75 -18.25 -82.38 49.49
N HIS YB 76 -19.53 -82.53 49.76
CA HIS YB 76 -20.52 -81.62 49.28
C HIS YB 76 -21.29 -80.95 50.43
N LEU YB 77 -21.00 -81.33 51.67
CA LEU YB 77 -21.81 -80.98 52.84
C LEU YB 77 -21.08 -79.98 53.72
N ARG YB 78 -21.34 -78.70 53.47
CA ARG YB 78 -20.98 -77.62 54.40
C ARG YB 78 -21.60 -77.80 55.77
N ASP YB 79 -22.88 -78.15 55.74
CA ASP YB 79 -23.71 -78.46 56.94
C ASP YB 79 -22.93 -79.09 58.10
N MET YB 80 -22.03 -80.04 57.79
CA MET YB 80 -21.20 -80.69 58.81
C MET YB 80 -20.25 -79.72 59.52
N ILE YB 81 -20.45 -79.56 60.83
CA ILE YB 81 -19.54 -78.82 61.69
C ILE YB 81 -18.36 -79.73 61.98
N ILE YB 82 -17.16 -79.15 61.97
CA ILE YB 82 -15.93 -79.90 62.16
C ILE YB 82 -15.76 -80.17 63.64
N LEU YB 83 -15.71 -81.47 63.97
CA LEU YB 83 -15.32 -81.93 65.30
C LEU YB 83 -13.92 -82.56 65.21
N PRO YB 84 -13.18 -82.61 66.35
CA PRO YB 84 -11.86 -83.20 66.50
C PRO YB 84 -11.39 -84.26 65.47
N GLU YB 85 -12.24 -85.26 65.21
CA GLU YB 85 -11.92 -86.36 64.26
C GLU YB 85 -11.31 -85.86 62.95
N MET YB 86 -11.82 -84.74 62.43
CA MET YB 86 -11.41 -84.20 61.13
C MET YB 86 -10.24 -83.18 61.16
N VAL YB 87 -9.69 -82.88 62.35
CA VAL YB 87 -8.70 -81.78 62.46
C VAL YB 87 -7.32 -82.28 62.02
N GLY YB 88 -6.89 -81.84 60.85
CA GLY YB 88 -5.76 -82.42 60.14
C GLY YB 88 -6.26 -82.99 58.82
N SER YB 89 -7.36 -83.73 58.88
CA SER YB 89 -8.02 -84.28 57.68
C SER YB 89 -8.51 -83.13 56.79
N MET YB 90 -7.88 -82.99 55.63
CA MET YB 90 -8.22 -81.91 54.67
C MET YB 90 -9.32 -82.33 53.72
N VAL YB 91 -10.09 -81.35 53.25
CA VAL YB 91 -11.34 -81.58 52.55
C VAL YB 91 -11.49 -80.63 51.35
N GLY YB 92 -12.07 -81.15 50.26
CA GLY YB 92 -12.32 -80.38 49.04
C GLY YB 92 -13.73 -79.82 49.01
N VAL YB 93 -14.00 -78.91 49.95
CA VAL YB 93 -15.35 -78.44 50.25
C VAL YB 93 -15.82 -77.60 49.08
N TYR YB 94 -16.85 -78.08 48.38
CA TYR YB 94 -17.35 -77.39 47.19
C TYR YB 94 -18.31 -76.24 47.53
N ASN YB 95 -17.89 -75.03 47.16
CA ASN YB 95 -18.52 -73.76 47.52
C ASN YB 95 -19.32 -73.14 46.35
N GLY YB 96 -20.01 -73.97 45.56
CA GLY YB 96 -20.76 -73.50 44.39
C GLY YB 96 -19.94 -72.97 43.22
N PRO ZB 1 -93.49 -53.04 97.87
CA PRO ZB 1 -92.67 -53.32 96.70
C PRO ZB 1 -91.86 -52.12 96.22
N LEU ZB 2 -90.55 -52.29 96.13
CA LEU ZB 2 -89.63 -51.21 95.77
C LEU ZB 2 -89.60 -51.03 94.24
N GLN ZB 3 -88.73 -50.11 93.80
CA GLN ZB 3 -88.43 -49.94 92.39
C GLN ZB 3 -87.43 -50.98 91.91
N SER ZB 4 -87.38 -51.17 90.60
CA SER ZB 4 -86.45 -52.11 89.97
C SER ZB 4 -86.22 -51.73 88.50
N VAL ZB 5 -85.94 -50.45 88.28
CA VAL ZB 5 -85.81 -49.91 86.94
C VAL ZB 5 -84.37 -50.08 86.49
N GLN ZB 6 -84.17 -50.86 85.42
CA GLN ZB 6 -82.86 -51.01 84.77
C GLN ZB 6 -82.84 -50.05 83.58
N VAL ZB 7 -81.76 -49.28 83.38
CA VAL ZB 7 -81.58 -48.51 82.12
C VAL ZB 7 -80.12 -48.44 81.69
N PHE ZB 8 -79.91 -48.52 80.37
CA PHE ZB 8 -78.58 -48.47 79.75
C PHE ZB 8 -78.38 -47.18 78.97
N GLY ZB 9 -77.13 -46.74 78.98
CA GLY ZB 9 -76.66 -45.68 78.11
C GLY ZB 9 -75.33 -46.12 77.51
N ARG ZB 10 -75.12 -45.80 76.23
CA ARG ZB 10 -73.94 -46.27 75.53
C ARG ZB 10 -73.11 -45.15 74.95
N LYS ZB 11 -71.86 -45.51 74.69
CA LYS ZB 11 -70.91 -44.69 73.98
C LYS ZB 11 -70.04 -45.71 73.24
N LYS ZB 12 -69.78 -45.44 71.97
CA LYS ZB 12 -69.03 -46.39 71.15
C LYS ZB 12 -69.55 -47.82 71.38
N THR ZB 13 -68.75 -48.71 71.97
CA THR ZB 13 -69.22 -50.08 72.27
C THR ZB 13 -69.19 -50.34 73.77
N ALA ZB 14 -69.47 -49.31 74.55
CA ALA ZB 14 -69.45 -49.43 75.99
C ALA ZB 14 -70.88 -49.42 76.45
N THR ZB 15 -71.48 -50.59 76.48
CA THR ZB 15 -72.81 -50.74 77.08
C THR ZB 15 -72.64 -50.67 78.58
N ALA ZB 16 -73.37 -49.74 79.20
CA ALA ZB 16 -73.37 -49.64 80.64
C ALA ZB 16 -74.78 -49.73 81.07
N VAL ZB 17 -75.15 -50.83 81.72
CA VAL ZB 17 -76.50 -50.98 82.24
C VAL ZB 17 -76.53 -50.58 83.71
N ALA ZB 18 -77.23 -49.49 83.99
CA ALA ZB 18 -77.48 -49.05 85.35
C ALA ZB 18 -78.72 -49.73 85.82
N HIS ZB 19 -78.88 -49.77 87.15
CA HIS ZB 19 -80.21 -50.03 87.72
C HIS ZB 19 -80.52 -49.47 89.11
N CYS ZB 20 -81.74 -48.96 89.20
CA CYS ZB 20 -82.20 -48.20 90.32
C CYS ZB 20 -83.19 -49.02 91.13
N LYS ZB 21 -82.80 -49.29 92.37
CA LYS ZB 21 -83.64 -49.89 93.39
C LYS ZB 21 -83.92 -48.81 94.42
N ARG ZB 22 -84.98 -48.98 95.19
CA ARG ZB 22 -85.26 -48.07 96.29
C ARG ZB 22 -84.48 -48.49 97.53
N GLY ZB 23 -83.89 -47.53 98.22
CA GLY ZB 23 -83.19 -47.81 99.47
C GLY ZB 23 -82.69 -46.54 100.14
N ASN ZB 24 -81.49 -46.61 100.69
CA ASN ZB 24 -80.81 -45.42 101.17
C ASN ZB 24 -80.25 -44.72 99.94
N GLY ZB 25 -79.57 -45.49 99.10
CA GLY ZB 25 -79.17 -45.02 97.79
C GLY ZB 25 -77.91 -44.20 97.79
N LEU ZB 26 -76.77 -44.88 97.74
CA LEU ZB 26 -75.46 -44.22 97.64
C LEU ZB 26 -74.68 -44.54 96.35
N ILE ZB 27 -75.27 -45.28 95.40
CA ILE ZB 27 -74.80 -45.35 94.00
C ILE ZB 27 -73.46 -46.04 93.83
N LYS ZB 28 -73.37 -46.95 92.86
CA LYS ZB 28 -72.06 -47.56 92.52
C LYS ZB 28 -71.96 -48.26 91.16
N VAL ZB 29 -70.75 -48.22 90.64
CA VAL ZB 29 -70.43 -48.76 89.33
C VAL ZB 29 -69.80 -50.12 89.59
N ASN ZB 30 -70.24 -51.12 88.82
CA ASN ZB 30 -69.97 -52.53 89.12
C ASN ZB 30 -70.14 -52.81 90.61
N GLY ZB 31 -69.12 -52.50 91.41
CA GLY ZB 31 -69.16 -52.75 92.84
C GLY ZB 31 -68.30 -51.79 93.64
N ARG ZB 32 -68.41 -50.51 93.32
CA ARG ZB 32 -67.56 -49.50 93.94
C ARG ZB 32 -68.22 -48.15 93.70
N PRO ZB 33 -68.26 -47.28 94.72
CA PRO ZB 33 -68.97 -46.01 94.54
C PRO ZB 33 -68.34 -45.08 93.49
N LEU ZB 34 -69.01 -43.96 93.24
CA LEU ZB 34 -68.59 -43.04 92.19
C LEU ZB 34 -67.29 -42.28 92.52
N GLU ZB 35 -66.89 -42.28 93.79
CA GLU ZB 35 -65.71 -41.52 94.23
C GLU ZB 35 -64.42 -42.05 93.61
N MET ZB 36 -64.43 -43.30 93.13
CA MET ZB 36 -63.25 -43.90 92.50
C MET ZB 36 -63.50 -44.07 90.98
N ILE ZB 37 -63.36 -45.28 90.42
CA ILE ZB 37 -63.25 -45.52 88.97
C ILE ZB 37 -61.89 -45.02 88.41
N GLU ZB 38 -61.58 -43.74 88.63
CA GLU ZB 38 -60.19 -43.19 88.57
C GLU ZB 38 -59.53 -43.08 87.19
N PRO ZB 39 -60.32 -42.80 86.14
CA PRO ZB 39 -59.78 -41.83 85.19
C PRO ZB 39 -59.62 -40.49 85.90
N ARG ZB 40 -60.54 -40.20 86.81
CA ARG ZB 40 -60.33 -39.28 87.94
C ARG ZB 40 -60.37 -37.81 87.57
N THR ZB 41 -59.60 -37.40 86.54
CA THR ZB 41 -59.72 -36.04 86.01
C THR ZB 41 -61.17 -35.80 85.67
N LEU ZB 42 -61.79 -36.83 85.11
CA LEU ZB 42 -63.22 -36.81 84.82
C LEU ZB 42 -64.00 -36.77 86.12
N GLN ZB 43 -64.16 -37.91 86.78
CA GLN ZB 43 -64.89 -38.02 88.06
C GLN ZB 43 -66.17 -37.14 88.21
N TYR ZB 44 -66.03 -35.82 88.35
CA TYR ZB 44 -67.19 -34.90 88.37
C TYR ZB 44 -68.12 -35.24 87.23
N LYS ZB 45 -67.51 -35.47 86.07
CA LYS ZB 45 -68.14 -36.08 84.89
C LYS ZB 45 -69.29 -37.04 85.14
N LEU ZB 46 -69.06 -38.04 85.98
CA LEU ZB 46 -70.08 -39.03 86.30
C LEU ZB 46 -70.87 -38.66 87.57
N LEU ZB 47 -70.31 -37.80 88.41
CA LEU ZB 47 -71.05 -37.22 89.52
C LEU ZB 47 -72.15 -36.27 89.02
N GLU ZB 48 -71.89 -35.57 87.92
CA GLU ZB 48 -72.81 -34.56 87.34
C GLU ZB 48 -74.29 -34.74 87.62
N PRO ZB 49 -74.90 -35.86 87.15
CA PRO ZB 49 -76.32 -36.08 87.46
C PRO ZB 49 -76.68 -35.83 88.93
N VAL ZB 50 -75.87 -36.35 89.85
CA VAL ZB 50 -76.00 -36.11 91.29
C VAL ZB 50 -75.97 -34.61 91.54
N LEU ZB 51 -74.88 -34.00 91.12
CA LEU ZB 51 -74.56 -32.64 91.49
C LEU ZB 51 -75.52 -31.62 90.88
N LEU ZB 52 -76.16 -32.00 89.77
CA LEU ZB 52 -77.15 -31.14 89.13
C LEU ZB 52 -78.47 -31.17 89.83
N LEU ZB 53 -79.02 -32.38 89.96
CA LEU ZB 53 -80.41 -32.58 90.36
C LEU ZB 53 -80.55 -32.43 91.86
N GLY ZB 54 -79.54 -32.92 92.59
CA GLY ZB 54 -79.46 -32.79 94.03
C GLY ZB 54 -79.04 -34.10 94.66
N LYS ZB 55 -78.29 -34.02 95.75
CA LYS ZB 55 -77.93 -35.21 96.52
C LYS ZB 55 -79.18 -35.88 97.09
N GLU ZB 56 -80.22 -35.06 97.32
CA GLU ZB 56 -81.57 -35.53 97.68
C GLU ZB 56 -82.23 -36.46 96.66
N ARG ZB 57 -81.93 -36.23 95.38
CA ARG ZB 57 -82.67 -36.90 94.28
C ARG ZB 57 -82.41 -38.38 94.11
N PHE ZB 58 -81.35 -38.90 94.72
CA PHE ZB 58 -81.09 -40.32 94.75
C PHE ZB 58 -81.18 -40.79 96.23
N ALA ZB 59 -81.76 -39.99 97.11
CA ALA ZB 59 -81.76 -40.29 98.55
C ALA ZB 59 -82.76 -41.40 98.93
N GLY ZB 60 -83.61 -41.79 97.98
CA GLY ZB 60 -84.38 -43.03 98.09
C GLY ZB 60 -84.10 -43.95 96.91
N VAL ZB 61 -82.84 -44.02 96.46
CA VAL ZB 61 -82.51 -44.71 95.20
C VAL ZB 61 -81.09 -45.31 95.18
N ASP ZB 62 -80.99 -46.57 95.61
CA ASP ZB 62 -79.77 -47.36 95.38
C ASP ZB 62 -79.61 -47.66 93.87
N ILE ZB 63 -78.57 -47.10 93.24
CA ILE ZB 63 -78.29 -47.39 91.84
C ILE ZB 63 -77.06 -48.29 91.78
N ARG ZB 64 -77.14 -49.36 90.98
CA ARG ZB 64 -75.97 -50.22 90.70
C ARG ZB 64 -75.75 -50.36 89.21
N VAL ZB 65 -74.59 -49.91 88.73
CA VAL ZB 65 -74.27 -49.95 87.32
C VAL ZB 65 -73.40 -51.16 87.09
N ARG ZB 66 -73.35 -51.61 85.84
CA ARG ZB 66 -72.35 -52.56 85.38
C ARG ZB 66 -71.82 -52.11 84.00
N VAL ZB 67 -70.53 -52.29 83.76
CA VAL ZB 67 -69.91 -51.84 82.51
C VAL ZB 67 -69.02 -52.91 81.90
N LYS ZB 68 -69.29 -53.21 80.64
CA LYS ZB 68 -68.38 -53.98 79.80
C LYS ZB 68 -68.31 -53.30 78.45
N GLY ZB 69 -67.25 -53.64 77.74
CA GLY ZB 69 -67.07 -53.20 76.38
C GLY ZB 69 -66.57 -51.77 76.33
N GLY ZB 70 -66.19 -51.38 75.12
CA GLY ZB 70 -65.66 -50.06 74.88
C GLY ZB 70 -64.34 -49.84 75.55
N GLY ZB 71 -64.21 -48.69 76.23
CA GLY ZB 71 -62.94 -48.27 76.73
C GLY ZB 71 -62.96 -47.24 77.83
N HIS ZB 72 -61.88 -47.25 78.59
CA HIS ZB 72 -61.62 -46.35 79.70
C HIS ZB 72 -62.48 -45.09 79.82
N VAL ZB 73 -62.41 -44.20 78.82
CA VAL ZB 73 -63.17 -42.94 78.85
C VAL ZB 73 -64.62 -43.16 78.48
N ALA ZB 74 -64.83 -43.91 77.40
CA ALA ZB 74 -66.18 -44.19 76.93
C ALA ZB 74 -67.07 -44.73 78.05
N GLN ZB 75 -66.56 -45.76 78.73
CA GLN ZB 75 -67.22 -46.38 79.88
C GLN ZB 75 -67.83 -45.35 80.85
N ILE ZB 76 -67.34 -44.11 80.85
CA ILE ZB 76 -67.86 -43.07 81.72
C ILE ZB 76 -69.08 -42.28 81.21
N TYR ZB 77 -69.16 -41.89 79.93
CA TYR ZB 77 -70.40 -41.23 79.45
C TYR ZB 77 -71.43 -42.33 79.28
N ALA ZB 78 -70.95 -43.57 79.10
CA ALA ZB 78 -71.81 -44.73 79.22
C ALA ZB 78 -72.47 -44.81 80.62
N ILE ZB 79 -71.68 -44.82 81.70
CA ILE ZB 79 -72.27 -44.85 83.07
C ILE ZB 79 -72.92 -43.54 83.50
N ARG ZB 80 -72.45 -42.40 82.98
CA ARG ZB 80 -73.14 -41.14 83.21
C ARG ZB 80 -74.52 -41.21 82.59
N GLN ZB 81 -74.56 -41.49 81.29
CA GLN ZB 81 -75.81 -41.59 80.54
C GLN ZB 81 -76.76 -42.57 81.22
N SER ZB 82 -76.22 -43.69 81.69
CA SER ZB 82 -77.05 -44.70 82.33
C SER ZB 82 -77.73 -44.23 83.63
N ILE ZB 83 -76.99 -43.63 84.56
CA ILE ZB 83 -77.57 -43.16 85.84
C ILE ZB 83 -78.36 -41.85 85.75
N SER ZB 84 -78.35 -41.22 84.57
CA SER ZB 84 -79.27 -40.13 84.28
C SER ZB 84 -80.53 -40.66 83.59
N LYS ZB 85 -80.35 -41.61 82.67
CA LYS ZB 85 -81.49 -42.28 82.03
C LYS ZB 85 -82.29 -43.10 83.04
N ALA ZB 86 -81.60 -43.92 83.82
CA ALA ZB 86 -82.25 -44.78 84.81
C ALA ZB 86 -83.03 -43.97 85.83
N LEU ZB 87 -82.36 -42.97 86.38
CA LEU ZB 87 -82.98 -42.01 87.28
C LEU ZB 87 -84.17 -41.29 86.63
N VAL ZB 88 -84.09 -41.04 85.33
CA VAL ZB 88 -85.22 -40.50 84.58
C VAL ZB 88 -86.39 -41.46 84.51
N ALA ZB 89 -86.13 -42.72 84.16
CA ALA ZB 89 -87.19 -43.73 84.11
C ALA ZB 89 -87.77 -44.02 85.49
N TYR ZB 90 -86.97 -43.81 86.53
CA TYR ZB 90 -87.45 -43.90 87.92
C TYR ZB 90 -88.64 -42.97 88.15
N TYR ZB 91 -88.42 -41.66 88.09
CA TYR ZB 91 -89.44 -40.65 88.46
C TYR ZB 91 -90.60 -40.64 87.49
N GLN ZB 92 -90.36 -41.09 86.25
CA GLN ZB 92 -91.45 -41.30 85.30
C GLN ZB 92 -92.38 -42.46 85.68
N LYS ZB 93 -91.87 -43.70 85.65
CA LYS ZB 93 -92.76 -44.87 85.63
C LYS ZB 93 -93.71 -45.01 86.83
N TYR ZB 94 -93.21 -44.93 88.07
CA TYR ZB 94 -94.13 -45.02 89.22
C TYR ZB 94 -94.31 -43.65 89.91
N VAL ZB 95 -93.27 -42.82 90.00
CA VAL ZB 95 -93.32 -41.69 90.94
C VAL ZB 95 -94.28 -40.57 90.52
N ASP ZB 96 -93.95 -39.85 89.45
CA ASP ZB 96 -94.68 -38.62 89.06
C ASP ZB 96 -94.55 -38.40 87.54
N GLU ZB 97 -94.54 -37.14 87.11
CA GLU ZB 97 -93.95 -36.73 85.83
C GLU ZB 97 -93.26 -35.36 85.92
N ALA ZB 98 -93.87 -34.40 86.62
CA ALA ZB 98 -93.30 -33.06 86.87
C ALA ZB 98 -91.82 -33.06 87.29
N SER ZB 99 -91.45 -33.94 88.22
CA SER ZB 99 -90.05 -34.09 88.64
C SER ZB 99 -89.22 -34.80 87.56
N LYS ZB 100 -89.84 -35.77 86.87
CA LYS ZB 100 -89.24 -36.35 85.65
C LYS ZB 100 -88.89 -35.25 84.64
N LYS ZB 101 -89.82 -34.31 84.44
CA LYS ZB 101 -89.62 -33.19 83.52
C LYS ZB 101 -88.68 -32.13 84.08
N GLU ZB 102 -88.70 -31.91 85.39
CA GLU ZB 102 -87.73 -30.98 86.00
C GLU ZB 102 -86.31 -31.57 85.94
N ILE ZB 103 -86.21 -32.89 86.08
CA ILE ZB 103 -84.95 -33.61 85.84
C ILE ZB 103 -84.53 -33.48 84.37
N LYS ZB 104 -85.36 -34.00 83.48
CA LYS ZB 104 -85.10 -34.00 82.02
C LYS ZB 104 -84.75 -32.60 81.49
N ASP ZB 105 -85.39 -31.57 82.04
CA ASP ZB 105 -84.96 -30.19 81.79
C ASP ZB 105 -83.53 -29.96 82.29
N ILE ZB 106 -83.32 -30.17 83.60
CA ILE ZB 106 -82.02 -29.89 84.22
C ILE ZB 106 -80.88 -30.61 83.50
N LEU ZB 107 -81.14 -31.81 83.02
CA LEU ZB 107 -80.16 -32.54 82.23
C LEU ZB 107 -80.05 -31.94 80.82
N ILE ZB 108 -81.12 -31.99 80.04
CA ILE ZB 108 -81.06 -31.60 78.61
C ILE ZB 108 -80.85 -30.10 78.37
N GLN ZB 109 -80.91 -29.24 79.39
CA GLN ZB 109 -80.39 -27.88 79.18
C GLN ZB 109 -78.84 -27.91 79.02
N TYR ZB 110 -78.15 -28.96 79.48
CA TYR ZB 110 -76.79 -29.23 78.97
C TYR ZB 110 -76.38 -30.69 78.76
N ASP ZB 111 -77.34 -31.50 78.31
CA ASP ZB 111 -77.09 -32.77 77.61
C ASP ZB 111 -75.77 -33.38 78.00
N ARG ZB 112 -74.69 -32.97 77.35
CA ARG ZB 112 -73.50 -33.78 77.21
C ARG ZB 112 -73.89 -35.23 76.88
N THR ZB 113 -74.91 -35.35 76.02
CA THR ZB 113 -75.53 -36.61 75.65
C THR ZB 113 -75.97 -37.43 76.87
N LEU ZB 114 -76.67 -36.77 77.80
CA LEU ZB 114 -77.03 -37.39 79.06
C LEU ZB 114 -78.15 -38.39 78.88
N LEU ZB 115 -79.20 -37.97 78.19
CA LEU ZB 115 -80.33 -38.85 77.87
C LEU ZB 115 -80.34 -39.21 76.41
N VAL ZB 116 -79.43 -38.63 75.64
CA VAL ZB 116 -79.37 -38.80 74.20
C VAL ZB 116 -78.20 -39.71 73.95
N ALA ZB 117 -78.44 -40.81 73.25
CA ALA ZB 117 -77.35 -41.67 72.82
C ALA ZB 117 -76.54 -40.92 71.75
N ASP ZB 118 -75.21 -40.87 71.88
CA ASP ZB 118 -74.36 -40.31 70.82
C ASP ZB 118 -74.55 -41.26 69.66
N PRO ZB 119 -75.06 -40.75 68.54
CA PRO ZB 119 -75.39 -41.62 67.42
C PRO ZB 119 -74.16 -42.16 66.69
N ARG ZB 120 -72.98 -41.65 67.05
CA ARG ZB 120 -71.79 -41.89 66.29
C ARG ZB 120 -71.20 -43.27 66.55
N ARG ZB 121 -70.54 -43.83 65.54
CA ARG ZB 121 -69.63 -44.95 65.76
C ARG ZB 121 -68.56 -44.94 64.67
N CYS ZB 122 -67.43 -45.61 64.93
CA CYS ZB 122 -66.25 -45.56 64.05
C CYS ZB 122 -66.46 -46.03 62.60
N GLU ZB 123 -65.74 -45.38 61.67
CA GLU ZB 123 -65.76 -45.74 60.25
C GLU ZB 123 -64.95 -47.00 60.07
N SER ZB 124 -65.19 -47.73 58.99
CA SER ZB 124 -64.34 -48.86 58.67
C SER ZB 124 -63.11 -48.35 57.91
N LYS ZB 125 -62.06 -49.15 57.89
CA LYS ZB 125 -60.90 -48.94 57.02
C LYS ZB 125 -61.27 -49.34 55.59
N LYS ZB 126 -60.71 -48.67 54.59
CA LYS ZB 126 -60.83 -49.09 53.19
C LYS ZB 126 -59.44 -49.43 52.66
N PHE ZB 127 -59.33 -50.43 51.79
CA PHE ZB 127 -58.04 -50.77 51.23
C PHE ZB 127 -57.43 -49.54 50.57
N GLY ZB 128 -56.11 -49.54 50.51
CA GLY ZB 128 -55.34 -48.39 50.05
C GLY ZB 128 -55.37 -47.25 51.03
N GLY ZB 129 -55.37 -47.54 52.32
CA GLY ZB 129 -55.19 -46.52 53.37
C GLY ZB 129 -55.06 -47.05 54.80
N PRO ZB 130 -54.25 -46.38 55.66
CA PRO ZB 130 -54.09 -46.82 57.08
C PRO ZB 130 -55.36 -46.73 57.90
N GLY ZB 131 -56.12 -45.65 57.68
CA GLY ZB 131 -57.41 -45.47 58.31
C GLY ZB 131 -58.53 -45.58 57.29
N ALA ZB 132 -59.69 -45.07 57.68
CA ALA ZB 132 -60.83 -44.96 56.81
C ALA ZB 132 -60.45 -44.17 55.58
N ARG ZB 133 -60.05 -42.92 55.80
CA ARG ZB 133 -59.98 -41.96 54.74
C ARG ZB 133 -58.58 -41.86 54.16
N ALA ZB 134 -57.59 -41.64 55.03
CA ALA ZB 134 -56.21 -41.39 54.58
C ALA ZB 134 -55.68 -42.52 53.76
N ARG ZB 135 -54.61 -42.25 53.02
CA ARG ZB 135 -54.17 -43.08 51.90
C ARG ZB 135 -52.64 -43.28 51.96
N TYR ZB 136 -52.16 -44.47 51.53
CA TYR ZB 136 -50.70 -44.75 51.53
C TYR ZB 136 -50.03 -43.85 50.52
N GLN ZB 137 -48.97 -43.17 50.97
CA GLN ZB 137 -48.41 -42.05 50.23
C GLN ZB 137 -48.10 -42.38 48.77
N LYS ZB 138 -48.44 -41.44 47.89
CA LYS ZB 138 -48.38 -41.62 46.45
C LYS ZB 138 -46.95 -41.46 45.99
N SER ZB 139 -46.43 -42.45 45.29
CA SER ZB 139 -45.01 -42.49 44.96
C SER ZB 139 -44.65 -41.27 44.14
N TYR ZB 140 -45.03 -41.27 42.87
CA TYR ZB 140 -44.86 -40.12 41.99
C TYR ZB 140 -43.36 -40.00 41.58
N ARG ZB 141 -43.07 -39.72 40.31
CA ARG ZB 141 -41.64 -39.61 39.85
C ARG ZB 141 -40.94 -38.38 40.43
N MET AC 1 -80.18 -30.87 47.87
CA MET AC 1 -78.71 -30.97 48.05
C MET AC 1 -78.46 -32.48 48.02
N GLY AC 2 -78.77 -33.16 49.12
CA GLY AC 2 -78.82 -34.61 49.10
C GLY AC 2 -79.99 -35.03 48.25
N ARG AC 3 -81.19 -34.52 48.57
CA ARG AC 3 -82.42 -35.00 47.94
C ARG AC 3 -83.23 -33.97 47.15
N VAL AC 4 -83.09 -34.14 45.82
CA VAL AC 4 -84.06 -33.80 44.78
C VAL AC 4 -84.59 -35.12 44.27
N ARG AC 5 -85.83 -35.15 43.78
CA ARG AC 5 -86.47 -36.43 43.46
C ARG AC 5 -86.19 -36.96 42.07
N THR AC 6 -86.21 -38.30 41.97
CA THR AC 6 -86.01 -39.02 40.71
C THR AC 6 -87.31 -39.21 39.98
N LYS AC 7 -87.21 -39.40 38.66
CA LYS AC 7 -88.40 -39.48 37.80
C LYS AC 7 -89.22 -40.77 37.98
N THR AC 8 -88.66 -41.80 38.63
CA THR AC 8 -89.49 -42.94 39.06
C THR AC 8 -90.47 -42.49 40.13
N VAL AC 9 -90.06 -41.55 40.97
CA VAL AC 9 -90.92 -41.00 42.00
C VAL AC 9 -91.82 -39.92 41.42
N LYS AC 10 -91.21 -38.87 40.84
CA LYS AC 10 -91.97 -37.73 40.30
C LYS AC 10 -93.12 -38.21 39.39
N LYS AC 11 -92.88 -39.27 38.60
CA LYS AC 11 -93.92 -39.82 37.68
C LYS AC 11 -94.95 -40.67 38.35
N ALA AC 12 -94.51 -41.59 39.20
CA ALA AC 12 -95.44 -42.41 39.95
C ALA AC 12 -96.30 -41.56 40.90
N ALA AC 13 -95.65 -40.69 41.67
CA ALA AC 13 -96.34 -39.75 42.56
C ALA AC 13 -97.47 -39.02 41.84
N ARG AC 14 -97.10 -38.28 40.80
CA ARG AC 14 -98.07 -37.50 40.01
C ARG AC 14 -99.20 -38.41 39.50
N VAL AC 15 -98.88 -39.65 39.13
CA VAL AC 15 -99.89 -40.61 38.61
C VAL AC 15 -100.80 -41.30 39.65
N ILE AC 16 -100.31 -41.49 40.88
CA ILE AC 16 -101.19 -41.89 41.98
C ILE AC 16 -102.26 -40.81 42.12
N ILE AC 17 -101.83 -39.55 42.29
CA ILE AC 17 -102.74 -38.42 42.59
C ILE AC 17 -103.76 -38.23 41.49
N GLU AC 18 -103.34 -38.44 40.26
CA GLU AC 18 -104.24 -38.32 39.12
C GLU AC 18 -105.35 -39.33 39.32
N LYS AC 19 -105.01 -40.49 39.87
CA LYS AC 19 -105.98 -41.57 39.99
C LYS AC 19 -106.66 -41.76 41.37
N TYR AC 20 -106.16 -41.13 42.45
CA TYR AC 20 -106.76 -41.29 43.79
C TYR AC 20 -106.83 -39.97 44.54
N TYR AC 21 -107.19 -38.87 43.86
CA TYR AC 21 -107.25 -37.57 44.54
C TYR AC 21 -108.07 -37.67 45.82
N THR AC 22 -109.21 -38.36 45.74
CA THR AC 22 -110.09 -38.51 46.90
C THR AC 22 -109.50 -39.33 48.06
N ARG AC 23 -108.74 -40.38 47.73
CA ARG AC 23 -108.13 -41.26 48.73
C ARG AC 23 -107.07 -40.63 49.62
N LEU AC 24 -106.34 -39.67 49.07
CA LEU AC 24 -105.18 -39.10 49.73
C LEU AC 24 -105.58 -37.91 50.56
N GLY AC 25 -104.64 -37.43 51.34
CA GLY AC 25 -104.84 -36.24 52.14
C GLY AC 25 -103.55 -35.49 52.30
N ASN AC 26 -103.60 -34.50 53.17
CA ASN AC 26 -102.42 -33.75 53.51
C ASN AC 26 -101.87 -34.19 54.89
N ASP AC 27 -101.62 -35.50 55.02
CA ASP AC 27 -100.73 -36.06 56.06
C ASP AC 27 -99.70 -36.91 55.34
N PHE AC 28 -98.70 -37.40 56.06
CA PHE AC 28 -97.73 -38.30 55.46
C PHE AC 28 -98.24 -39.70 55.73
N HIS AC 29 -98.21 -40.10 57.01
CA HIS AC 29 -98.22 -41.54 57.40
C HIS AC 29 -99.55 -42.25 57.07
N THR AC 30 -100.58 -41.47 56.76
CA THR AC 30 -101.85 -41.98 56.25
C THR AC 30 -101.67 -42.47 54.81
N ASN AC 31 -101.50 -41.48 53.91
CA ASN AC 31 -101.30 -41.73 52.48
C ASN AC 31 -100.01 -42.50 52.19
N LYS AC 32 -99.12 -42.51 53.18
CA LYS AC 32 -97.93 -43.35 53.17
C LYS AC 32 -98.26 -44.81 52.89
N ARG AC 33 -99.21 -45.37 53.63
CA ARG AC 33 -99.61 -46.77 53.42
C ARG AC 33 -100.94 -46.93 52.68
N VAL AC 34 -101.44 -45.83 52.11
CA VAL AC 34 -102.36 -45.93 50.97
C VAL AC 34 -101.58 -46.50 49.81
N CYS AC 35 -100.39 -45.95 49.60
CA CYS AC 35 -99.50 -46.37 48.51
C CYS AC 35 -99.15 -47.87 48.52
N GLU AC 36 -99.08 -48.47 49.72
CA GLU AC 36 -98.94 -49.93 49.86
C GLU AC 36 -100.14 -50.67 49.26
N GLU AC 37 -101.34 -50.13 49.46
CA GLU AC 37 -102.54 -50.72 48.88
C GLU AC 37 -102.54 -50.58 47.35
N ILE AC 38 -102.72 -49.34 46.88
CA ILE AC 38 -102.95 -49.08 45.44
C ILE AC 38 -101.75 -49.30 44.49
N ALA AC 39 -100.56 -49.62 45.02
CA ALA AC 39 -99.39 -49.87 44.17
C ALA AC 39 -98.59 -51.05 44.67
N ILE AC 40 -97.65 -51.51 43.84
CA ILE AC 40 -96.68 -52.56 44.20
C ILE AC 40 -95.30 -51.94 44.20
N ILE AC 41 -95.04 -51.17 45.26
CA ILE AC 41 -93.77 -50.51 45.42
C ILE AC 41 -92.90 -51.50 46.17
N PRO AC 42 -91.78 -51.93 45.56
CA PRO AC 42 -91.00 -53.02 46.14
C PRO AC 42 -90.23 -52.63 47.38
N SER AC 43 -89.54 -51.51 47.33
CA SER AC 43 -88.62 -51.13 48.38
C SER AC 43 -89.29 -50.17 49.34
N LYS AC 44 -89.00 -50.32 50.62
CA LYS AC 44 -89.53 -49.43 51.63
C LYS AC 44 -89.06 -47.99 51.43
N LYS AC 45 -87.81 -47.82 50.99
CA LYS AC 45 -87.28 -46.49 50.74
C LYS AC 45 -88.18 -45.79 49.75
N LEU AC 46 -88.49 -46.45 48.63
CA LEU AC 46 -89.28 -45.84 47.55
C LEU AC 46 -90.75 -45.66 47.91
N ARG AC 47 -91.32 -46.72 48.47
CA ARG AC 47 -92.67 -46.73 49.05
C ARG AC 47 -92.80 -45.47 49.84
N ASN AC 48 -91.84 -45.28 50.75
CA ASN AC 48 -91.89 -44.18 51.63
C ASN AC 48 -91.58 -42.86 50.94
N LYS AC 49 -90.55 -42.88 50.11
CA LYS AC 49 -90.08 -41.72 49.32
C LYS AC 49 -91.20 -41.17 48.40
N ILE AC 50 -92.10 -42.04 47.93
CA ILE AC 50 -93.18 -41.63 47.00
C ILE AC 50 -94.22 -40.71 47.64
N ALA AC 51 -94.65 -41.06 48.84
CA ALA AC 51 -95.51 -40.17 49.60
C ALA AC 51 -94.89 -38.78 49.83
N GLY AC 52 -93.62 -38.62 49.46
CA GLY AC 52 -93.00 -37.33 49.19
C GLY AC 52 -93.85 -36.32 48.44
N TYR AC 53 -94.00 -36.44 47.11
CA TYR AC 53 -94.85 -35.46 46.36
C TYR AC 53 -96.31 -35.62 46.61
N VAL AC 54 -96.73 -36.84 46.92
CA VAL AC 54 -98.12 -37.04 47.28
C VAL AC 54 -98.56 -35.96 48.27
N THR AC 55 -97.71 -35.60 49.23
CA THR AC 55 -97.95 -34.42 50.06
C THR AC 55 -97.61 -33.10 49.35
N HIS AC 56 -96.42 -32.98 48.76
CA HIS AC 56 -95.94 -31.71 48.15
C HIS AC 56 -96.81 -31.22 47.00
N LEU AC 57 -97.66 -32.11 46.48
CA LEU AC 57 -98.64 -31.77 45.46
C LEU AC 57 -100.04 -31.46 46.03
N MET AC 58 -100.38 -31.96 47.21
CA MET AC 58 -101.58 -31.47 47.91
C MET AC 58 -101.41 -30.07 48.50
N LYS AC 59 -100.25 -29.80 49.10
CA LYS AC 59 -99.91 -28.44 49.57
C LYS AC 59 -99.92 -27.39 48.43
N ARG AC 60 -99.57 -27.84 47.23
CA ARG AC 60 -99.73 -27.05 46.00
C ARG AC 60 -101.18 -26.88 45.57
N ILE AC 61 -101.94 -27.97 45.61
CA ILE AC 61 -103.29 -27.99 45.07
C ILE AC 61 -104.26 -27.07 45.81
N GLN AC 62 -104.19 -27.07 47.13
CA GLN AC 62 -105.09 -26.24 47.90
C GLN AC 62 -104.80 -24.78 47.58
N ARG AC 63 -103.52 -24.44 47.54
CA ARG AC 63 -103.11 -23.08 47.19
C ARG AC 63 -103.49 -22.73 45.76
N GLY AC 64 -103.25 -23.66 44.84
CA GLY AC 64 -103.59 -23.47 43.44
C GLY AC 64 -103.69 -24.77 42.67
N PRO AC 65 -104.32 -24.70 41.50
CA PRO AC 65 -104.39 -25.84 40.59
C PRO AC 65 -103.26 -25.80 39.57
N VAL AC 66 -102.58 -26.92 39.36
CA VAL AC 66 -101.41 -26.97 38.49
C VAL AC 66 -101.76 -26.65 37.04
N ARG AC 67 -100.85 -25.96 36.35
CA ARG AC 67 -101.10 -25.57 34.96
C ARG AC 67 -101.25 -26.81 34.11
N GLY AC 68 -100.40 -27.79 34.34
CA GLY AC 68 -100.58 -29.11 33.75
C GLY AC 68 -100.67 -30.10 34.89
N ILE AC 69 -101.80 -30.79 34.99
CA ILE AC 69 -102.02 -31.73 36.08
C ILE AC 69 -103.13 -32.71 35.73
N SER AC 70 -103.21 -33.80 36.49
CA SER AC 70 -104.31 -34.74 36.33
C SER AC 70 -105.25 -34.59 37.51
N ILE AC 71 -106.52 -34.33 37.22
CA ILE AC 71 -107.52 -34.14 38.26
C ILE AC 71 -108.93 -34.43 37.75
N LYS AC 72 -109.84 -34.76 38.66
CA LYS AC 72 -111.23 -35.00 38.30
C LYS AC 72 -112.11 -33.79 38.60
N LEU AC 73 -111.90 -33.18 39.76
CA LEU AC 73 -112.65 -31.99 40.13
C LEU AC 73 -112.38 -30.82 39.19
N GLN AC 74 -111.11 -30.64 38.84
CA GLN AC 74 -110.73 -29.53 37.97
C GLN AC 74 -111.36 -29.63 36.58
N GLU AC 75 -111.36 -30.83 36.01
CA GLU AC 75 -111.99 -31.04 34.72
C GLU AC 75 -113.49 -30.76 34.84
N GLU AC 76 -114.07 -31.25 35.93
CA GLU AC 76 -115.47 -31.00 36.22
C GLU AC 76 -115.71 -29.51 36.43
N GLU AC 77 -114.78 -28.87 37.12
CA GLU AC 77 -114.85 -27.43 37.39
C GLU AC 77 -114.78 -26.63 36.09
N ARG AC 78 -113.91 -27.05 35.19
CA ARG AC 78 -113.71 -26.35 33.92
C ARG AC 78 -114.96 -26.34 33.06
N GLU AC 79 -115.67 -27.45 33.04
CA GLU AC 79 -116.89 -27.57 32.24
C GLU AC 79 -117.93 -26.57 32.70
N ARG AC 80 -118.05 -26.42 34.02
CA ARG AC 80 -119.03 -25.50 34.59
C ARG AC 80 -118.74 -24.06 34.19
N ARG AC 81 -117.47 -23.69 34.20
CA ARG AC 81 -117.06 -22.33 33.84
C ARG AC 81 -117.40 -22.01 32.40
N ASP AC 82 -117.19 -22.99 31.51
CA ASP AC 82 -117.46 -22.81 30.09
C ASP AC 82 -118.94 -22.55 29.78
N ASN AC 83 -119.82 -23.25 30.48
CA ASN AC 83 -121.25 -23.13 30.22
C ASN AC 83 -121.79 -21.72 30.47
N TYR AC 84 -121.35 -21.10 31.56
CA TYR AC 84 -121.79 -19.74 31.86
C TYR AC 84 -121.44 -18.81 30.71
N VAL AC 85 -122.40 -17.96 30.33
CA VAL AC 85 -122.20 -17.00 29.26
C VAL AC 85 -123.13 -15.80 29.37
N PRO AC 86 -122.68 -14.64 28.75
CA PRO AC 86 -123.68 -13.55 28.70
C PRO AC 86 -124.75 -13.91 27.69
N GLU AC 87 -125.95 -13.33 27.79
CA GLU AC 87 -127.02 -13.71 26.89
C GLU AC 87 -126.62 -13.43 25.45
N VAL AC 88 -126.04 -12.26 25.22
CA VAL AC 88 -125.34 -11.99 23.97
C VAL AC 88 -123.97 -11.42 24.29
N SER AC 89 -122.92 -12.14 23.90
CA SER AC 89 -121.56 -11.68 24.13
C SER AC 89 -121.21 -10.43 23.33
N ALA AC 90 -121.62 -10.43 22.06
CA ALA AC 90 -121.21 -9.37 21.12
C ALA AC 90 -122.27 -8.32 20.81
N LEU AC 91 -123.40 -8.36 21.50
CA LEU AC 91 -124.49 -7.45 21.18
C LEU AC 91 -124.08 -5.99 21.38
N ASP AC 92 -123.37 -5.73 22.46
CA ASP AC 92 -122.84 -4.40 22.73
C ASP AC 92 -123.94 -3.35 22.76
N GLN AC 93 -125.10 -3.73 23.28
CA GLN AC 93 -126.20 -2.79 23.46
C GLN AC 93 -126.52 -2.07 22.14
N GLU AC 94 -126.64 -0.74 22.20
CA GLU AC 94 -126.85 0.07 21.02
C GLU AC 94 -125.75 1.11 20.90
N ILE AC 95 -125.16 1.23 19.71
CA ILE AC 95 -124.06 2.23 19.50
C ILE AC 95 -122.64 1.61 19.63
N ILE AC 96 -122.01 1.30 18.47
CA ILE AC 96 -120.61 0.82 18.38
C ILE AC 96 -119.68 2.02 18.08
N GLU AC 97 -118.47 2.00 18.63
CA GLU AC 97 -117.47 3.07 18.40
C GLU AC 97 -116.76 2.90 17.03
N VAL AC 98 -117.30 3.57 16.03
CA VAL AC 98 -116.98 3.31 14.63
C VAL AC 98 -116.34 4.49 13.90
N ASP AC 99 -115.27 4.20 13.17
CA ASP AC 99 -114.56 5.19 12.38
C ASP AC 99 -115.37 5.65 11.17
N PRO AC 100 -115.07 6.92 10.69
CA PRO AC 100 -115.87 7.31 9.51
C PRO AC 100 -115.61 6.37 8.33
N ASP AC 101 -114.37 5.95 8.17
CA ASP AC 101 -114.00 5.04 7.09
C ASP AC 101 -114.76 3.73 7.23
N THR AC 102 -114.92 3.28 8.47
CA THR AC 102 -115.68 2.06 8.76
C THR AC 102 -117.12 2.26 8.30
N LYS AC 103 -117.64 3.46 8.48
CA LYS AC 103 -118.97 3.81 8.00
C LYS AC 103 -118.98 3.68 6.49
N GLU AC 104 -117.88 4.07 5.86
CA GLU AC 104 -117.72 3.97 4.42
C GLU AC 104 -117.81 2.52 3.94
N MET AC 105 -117.25 1.61 4.72
CA MET AC 105 -117.28 0.19 4.38
C MET AC 105 -118.72 -0.28 4.30
N LEU AC 106 -119.54 0.19 5.24
CA LEU AC 106 -120.95 -0.16 5.27
C LEU AC 106 -121.68 0.32 4.02
N LYS AC 107 -121.32 1.52 3.57
CA LYS AC 107 -121.98 2.13 2.41
C LYS AC 107 -121.77 1.30 1.14
N LEU AC 108 -120.56 0.77 0.97
CA LEU AC 108 -120.29 -0.11 -0.16
C LEU AC 108 -121.18 -1.33 -0.04
N LEU AC 109 -121.34 -1.80 1.19
CA LEU AC 109 -122.27 -2.87 1.50
C LEU AC 109 -123.68 -2.40 1.18
N ASP AC 110 -123.93 -1.13 1.48
CA ASP AC 110 -125.23 -0.48 1.24
C ASP AC 110 -126.19 -0.73 2.39
N PHE AC 111 -125.69 -1.41 3.42
CA PHE AC 111 -126.47 -1.60 4.65
C PHE AC 111 -126.61 -0.29 5.39
N GLY AC 112 -127.77 -0.09 6.03
CA GLY AC 112 -127.99 1.08 6.85
C GLY AC 112 -128.18 0.71 8.30
N SER AC 113 -127.37 1.29 9.18
CA SER AC 113 -127.44 0.99 10.60
C SER AC 113 -127.23 2.25 11.43
N LEU AC 114 -127.77 2.25 12.64
CA LEU AC 114 -127.58 3.36 13.56
C LEU AC 114 -126.12 3.45 14.01
N SER AC 115 -125.63 4.67 14.15
CA SER AC 115 -124.25 4.92 14.61
C SER AC 115 -123.78 6.36 14.30
N ASN AC 116 -123.23 7.01 15.34
CA ASN AC 116 -122.55 8.29 15.17
C ASN AC 116 -121.06 8.02 14.97
N LEU AC 117 -120.45 8.71 14.01
CA LEU AC 117 -119.04 8.49 13.71
C LEU AC 117 -118.19 9.73 14.02
N GLN AC 118 -117.13 9.54 14.79
CA GLN AC 118 -116.24 10.63 15.16
C GLN AC 118 -114.80 10.38 14.73
N VAL AC 119 -114.22 11.35 14.03
CA VAL AC 119 -112.80 11.32 13.69
C VAL AC 119 -112.14 12.55 14.28
N THR AC 120 -111.07 12.37 15.05
CA THR AC 120 -110.41 13.48 15.70
C THR AC 120 -108.90 13.33 15.84
N GLN AC 121 -108.22 14.46 15.94
CA GLN AC 121 -106.79 14.52 16.28
C GLN AC 121 -105.85 14.49 15.09
N PRO AC 122 -104.55 14.91 15.37
CA PRO AC 122 -103.63 14.84 14.22
C PRO AC 122 -103.23 13.41 13.90
N THR AC 123 -102.74 13.17 12.69
CA THR AC 123 -102.33 11.84 12.28
C THR AC 123 -100.92 11.56 12.80
N VAL AC 124 -100.83 11.34 14.11
CA VAL AC 124 -99.56 11.10 14.77
C VAL AC 124 -98.85 9.84 14.28
N GLY AC 125 -99.61 8.78 14.06
CA GLY AC 125 -99.04 7.50 13.70
C GLY AC 125 -98.62 6.75 14.95
N MET AC 126 -97.96 5.60 14.77
CA MET AC 126 -97.57 4.76 15.90
C MET AC 126 -96.06 4.57 16.06
N ASN AC 127 -95.59 4.76 17.29
CA ASN AC 127 -94.21 4.50 17.69
C ASN AC 127 -93.28 5.72 17.58
N PHE AC 128 -92.17 5.65 18.31
CA PHE AC 128 -91.20 6.75 18.35
C PHE AC 128 -89.78 6.25 18.11
N LYS AC 129 -89.43 6.02 16.85
CA LYS AC 129 -88.10 5.52 16.48
C LYS AC 129 -86.98 6.10 17.32
N PRO BC 1 -24.50 -30.67 101.39
CA PRO BC 1 -24.69 -32.10 101.20
C PRO BC 1 -23.41 -32.80 100.74
N GLU BC 2 -22.28 -32.25 101.15
CA GLU BC 2 -20.98 -32.81 100.79
C GLU BC 2 -20.75 -32.82 99.27
N LYS BC 3 -19.96 -31.87 98.79
CA LYS BC 3 -19.61 -31.76 97.39
C LYS BC 3 -18.15 -32.15 97.16
N PHE BC 4 -17.56 -32.80 98.15
CA PHE BC 4 -16.12 -33.00 98.23
C PHE BC 4 -15.50 -33.79 97.08
N GLN BC 5 -16.16 -34.85 96.63
CA GLN BC 5 -15.56 -35.74 95.64
C GLN BC 5 -15.25 -35.07 94.32
N HIS BC 6 -16.17 -34.25 93.82
CA HIS BC 6 -15.90 -33.49 92.60
C HIS BC 6 -15.45 -34.41 91.48
N ILE BC 7 -16.12 -35.55 91.35
CA ILE BC 7 -15.81 -36.58 90.36
C ILE BC 7 -14.82 -37.60 90.93
N LEU BC 8 -14.75 -38.77 90.29
CA LEU BC 8 -13.89 -39.85 90.76
C LEU BC 8 -13.26 -40.63 89.60
N ARG BC 9 -12.12 -41.26 89.86
CA ARG BC 9 -11.45 -42.09 88.87
C ARG BC 9 -11.47 -43.54 89.34
N VAL BC 10 -12.04 -44.43 88.54
CA VAL BC 10 -12.14 -45.85 88.92
C VAL BC 10 -11.68 -46.84 87.86
N LEU BC 11 -10.89 -47.82 88.29
CA LEU BC 11 -10.51 -48.96 87.45
C LEU BC 11 -9.79 -48.57 86.17
N ASN BC 12 -8.98 -47.51 86.23
CA ASN BC 12 -8.17 -47.10 85.10
C ASN BC 12 -8.98 -46.34 84.05
N THR BC 13 -10.24 -46.08 84.36
CA THR BC 13 -11.12 -45.35 83.46
C THR BC 13 -11.73 -44.14 84.15
N ASN BC 14 -11.70 -43.00 83.49
CA ASN BC 14 -12.28 -41.79 84.04
C ASN BC 14 -13.79 -41.93 84.24
N ILE BC 15 -14.27 -41.46 85.38
CA ILE BC 15 -15.68 -41.57 85.75
C ILE BC 15 -16.16 -40.26 86.39
N ASP BC 16 -17.47 -40.04 86.36
CA ASP BC 16 -18.03 -38.80 86.88
C ASP BC 16 -18.73 -38.98 88.23
N GLY BC 17 -18.28 -38.18 89.21
CA GLY BC 17 -18.83 -38.21 90.55
C GLY BC 17 -20.28 -37.77 90.68
N ARG BC 18 -20.66 -36.74 89.92
CA ARG BC 18 -21.99 -36.16 90.02
C ARG BC 18 -23.08 -37.17 89.66
N ARG BC 19 -22.81 -37.97 88.63
CA ARG BC 19 -23.79 -38.93 88.15
C ARG BC 19 -24.13 -39.96 89.23
N LYS BC 20 -25.37 -40.45 89.18
CA LYS BC 20 -25.87 -41.40 90.17
C LYS BC 20 -25.07 -42.68 90.12
N ILE BC 21 -24.97 -43.37 91.26
CA ILE BC 21 -24.03 -44.46 91.43
C ILE BC 21 -24.25 -45.61 90.45
N ALA BC 22 -25.50 -45.97 90.21
CA ALA BC 22 -25.80 -47.04 89.27
C ALA BC 22 -25.33 -46.65 87.87
N PHE BC 23 -25.57 -45.39 87.51
CA PHE BC 23 -25.15 -44.85 86.21
C PHE BC 23 -23.63 -44.81 86.04
N ALA BC 24 -22.93 -44.44 87.10
CA ALA BC 24 -21.48 -44.25 87.05
C ALA BC 24 -20.73 -45.53 86.71
N ILE BC 25 -21.19 -46.64 87.26
CA ILE BC 25 -20.58 -47.94 87.01
C ILE BC 25 -20.71 -48.30 85.53
N THR BC 26 -21.73 -47.74 84.90
CA THR BC 26 -22.10 -48.05 83.52
C THR BC 26 -21.00 -47.74 82.51
N ALA BC 27 -20.24 -46.68 82.75
CA ALA BC 27 -19.30 -46.15 81.76
C ALA BC 27 -18.20 -47.13 81.34
N ILE BC 28 -17.68 -47.92 82.28
CA ILE BC 28 -16.58 -48.83 81.97
C ILE BC 28 -17.00 -49.88 80.94
N LYS BC 29 -16.10 -50.20 80.01
CA LYS BC 29 -16.44 -51.13 78.93
C LYS BC 29 -16.53 -52.52 79.57
N GLY BC 30 -17.60 -53.23 79.23
CA GLY BC 30 -17.90 -54.56 79.80
C GLY BC 30 -18.99 -54.54 80.85
N VAL BC 31 -19.66 -53.41 81.03
CA VAL BC 31 -20.63 -53.29 82.13
C VAL BC 31 -22.09 -53.16 81.67
N GLY BC 32 -22.59 -51.93 81.58
CA GLY BC 32 -23.98 -51.68 81.26
C GLY BC 32 -24.85 -51.53 82.51
N ARG BC 33 -26.04 -50.97 82.33
CA ARG BC 33 -26.95 -50.71 83.44
C ARG BC 33 -27.41 -51.98 84.16
N ARG BC 34 -27.73 -53.01 83.39
CA ARG BC 34 -28.13 -54.30 83.97
C ARG BC 34 -27.26 -54.71 85.15
N TYR BC 35 -26.03 -55.04 84.81
CA TYR BC 35 -25.03 -55.60 85.72
C TYR BC 35 -24.58 -54.56 86.76
N ALA BC 36 -24.63 -53.30 86.36
CA ALA BC 36 -24.22 -52.22 87.21
C ALA BC 36 -25.17 -51.90 88.36
N HIS BC 37 -26.41 -52.41 88.40
CA HIS BC 37 -27.15 -52.34 89.70
C HIS BC 37 -26.70 -53.55 90.47
N VAL BC 38 -26.68 -54.72 89.81
CA VAL BC 38 -26.50 -56.01 90.48
C VAL BC 38 -25.20 -55.99 91.31
N VAL BC 39 -24.17 -55.35 90.78
CA VAL BC 39 -22.94 -55.11 91.53
C VAL BC 39 -23.28 -54.31 92.81
N LEU BC 40 -24.02 -53.22 92.67
CA LEU BC 40 -24.44 -52.35 93.80
C LEU BC 40 -25.61 -52.88 94.66
N ARG BC 41 -26.05 -54.10 94.36
CA ARG BC 41 -27.01 -54.82 95.17
C ARG BC 41 -26.36 -55.88 96.05
N LYS BC 42 -25.38 -56.60 95.51
CA LYS BC 42 -24.59 -57.53 96.31
C LYS BC 42 -23.68 -56.77 97.27
N ALA BC 43 -22.91 -55.81 96.73
CA ALA BC 43 -22.04 -54.93 97.54
C ALA BC 43 -22.77 -54.21 98.69
N ASP BC 44 -24.07 -54.01 98.52
CA ASP BC 44 -24.95 -53.40 99.52
C ASP BC 44 -24.66 -51.92 99.71
N ILE BC 45 -24.16 -51.30 98.64
CA ILE BC 45 -24.00 -49.87 98.56
C ILE BC 45 -25.41 -49.32 98.36
N ASP BC 46 -25.76 -48.25 99.08
CA ASP BC 46 -27.06 -47.64 98.91
C ASP BC 46 -27.13 -46.99 97.51
N LEU BC 47 -28.06 -47.48 96.68
CA LEU BC 47 -28.19 -47.02 95.28
C LEU BC 47 -28.64 -45.56 95.12
N THR BC 48 -29.23 -44.97 96.17
CA THR BC 48 -29.69 -43.58 96.16
C THR BC 48 -28.57 -42.54 96.42
N LYS BC 49 -27.45 -42.65 95.70
CA LYS BC 49 -26.27 -41.78 95.92
C LYS BC 49 -25.33 -41.64 94.72
N ARG BC 50 -24.49 -40.61 94.77
CA ARG BC 50 -23.63 -40.21 93.65
C ARG BC 50 -22.17 -40.62 93.77
N ALA BC 51 -21.60 -41.07 92.66
CA ALA BC 51 -20.23 -41.62 92.59
C ALA BC 51 -19.14 -40.64 93.06
N GLY BC 52 -19.50 -39.36 93.17
CA GLY BC 52 -18.70 -38.38 93.91
C GLY BC 52 -19.02 -38.31 95.41
N GLU BC 53 -19.49 -39.43 95.97
CA GLU BC 53 -19.59 -39.65 97.42
C GLU BC 53 -18.94 -41.00 97.75
N LEU BC 54 -19.33 -41.65 98.86
CA LEU BC 54 -18.84 -43.00 99.24
C LEU BC 54 -17.39 -42.95 99.80
N THR BC 55 -16.84 -44.12 100.15
CA THR BC 55 -15.44 -44.25 100.56
C THR BC 55 -14.62 -45.13 99.59
N GLU BC 56 -13.31 -45.22 99.83
CA GLU BC 56 -12.41 -46.10 99.06
C GLU BC 56 -12.77 -47.60 99.17
N ASP BC 57 -13.29 -47.99 100.33
CA ASP BC 57 -13.78 -49.35 100.57
C ASP BC 57 -15.00 -49.69 99.71
N GLU BC 58 -15.92 -48.74 99.57
CA GLU BC 58 -17.12 -48.88 98.72
C GLU BC 58 -16.72 -49.11 97.28
N VAL BC 59 -15.88 -48.22 96.75
CA VAL BC 59 -15.45 -48.30 95.35
C VAL BC 59 -14.57 -49.52 95.04
N GLU BC 60 -13.79 -49.99 96.02
CA GLU BC 60 -13.08 -51.27 95.88
C GLU BC 60 -14.06 -52.44 96.01
N ARG BC 61 -15.07 -52.26 96.86
CA ARG BC 61 -16.09 -53.27 97.05
C ARG BC 61 -16.75 -53.47 95.69
N VAL BC 62 -16.95 -52.37 94.96
CA VAL BC 62 -17.43 -52.52 93.60
C VAL BC 62 -16.46 -53.37 92.77
N ILE BC 63 -15.19 -52.98 92.71
CA ILE BC 63 -14.22 -53.62 91.79
C ILE BC 63 -13.97 -55.09 92.10
N THR BC 64 -13.79 -55.41 93.38
CA THR BC 64 -13.63 -56.80 93.81
C THR BC 64 -14.80 -57.64 93.32
N ILE BC 65 -16.01 -57.12 93.52
CA ILE BC 65 -17.22 -57.79 93.07
C ILE BC 65 -17.30 -57.80 91.55
N MET BC 66 -17.28 -56.63 90.91
CA MET BC 66 -17.51 -56.59 89.47
C MET BC 66 -16.41 -57.31 88.67
N GLN BC 67 -15.17 -57.24 89.12
CA GLN BC 67 -14.06 -57.91 88.45
C GLN BC 67 -14.08 -59.42 88.76
N ASN BC 68 -14.47 -59.79 89.99
CA ASN BC 68 -14.67 -61.21 90.38
C ASN BC 68 -16.13 -61.48 90.81
N PRO BC 69 -17.07 -61.55 89.84
CA PRO BC 69 -18.51 -61.59 90.15
C PRO BC 69 -19.06 -62.89 90.73
N ARG BC 70 -18.79 -64.01 90.06
CA ARG BC 70 -19.46 -65.29 90.36
C ARG BC 70 -19.44 -65.69 91.84
N GLN BC 71 -18.37 -65.31 92.53
CA GLN BC 71 -18.15 -65.69 93.93
C GLN BC 71 -19.09 -64.99 94.92
N TYR BC 72 -19.66 -63.84 94.54
CA TYR BC 72 -20.58 -63.10 95.42
C TYR BC 72 -21.95 -63.26 94.82
N LYS BC 73 -22.34 -64.53 94.70
CA LYS BC 73 -23.67 -65.00 94.28
C LYS BC 73 -24.15 -64.59 92.90
N ILE BC 74 -23.40 -63.74 92.18
CA ILE BC 74 -23.88 -63.22 90.90
C ILE BC 74 -23.89 -64.41 89.94
N PRO BC 75 -25.09 -64.76 89.46
CA PRO BC 75 -25.24 -65.89 88.55
C PRO BC 75 -24.67 -65.60 87.17
N ASP BC 76 -25.01 -66.43 86.19
CA ASP BC 76 -24.25 -66.49 84.97
C ASP BC 76 -24.94 -65.87 83.74
N TRP BC 77 -26.16 -65.36 83.91
CA TRP BC 77 -26.61 -64.22 83.09
C TRP BC 77 -25.49 -63.20 83.02
N PHE BC 78 -25.23 -62.52 84.14
CA PHE BC 78 -24.37 -61.32 84.17
C PHE BC 78 -22.91 -61.71 84.23
N LEU BC 79 -22.55 -62.53 83.24
CA LEU BC 79 -21.21 -62.73 82.79
C LEU BC 79 -21.33 -62.50 81.29
N ASN BC 80 -20.69 -61.45 80.81
CA ASN BC 80 -20.63 -61.14 79.39
C ASN BC 80 -19.78 -62.21 78.69
N ARG BC 81 -18.77 -62.71 79.43
CA ARG BC 81 -17.83 -63.73 78.94
C ARG BC 81 -18.39 -65.11 79.37
N GLN BC 82 -19.12 -65.77 78.45
CA GLN BC 82 -19.69 -67.11 78.70
C GLN BC 82 -19.02 -68.16 77.83
N LYS BC 83 -18.58 -69.24 78.47
CA LYS BC 83 -17.61 -70.19 77.92
C LYS BC 83 -16.63 -69.62 76.88
N ASP BC 84 -15.62 -68.89 77.38
CA ASP BC 84 -14.65 -68.13 76.56
C ASP BC 84 -14.15 -68.86 75.27
N VAL BC 85 -13.77 -70.13 75.41
CA VAL BC 85 -13.18 -71.01 74.34
C VAL BC 85 -11.71 -71.28 74.64
N LYS BC 86 -10.93 -70.22 74.85
CA LYS BC 86 -9.53 -70.39 75.31
C LYS BC 86 -9.56 -70.74 76.80
N ASP BC 87 -9.68 -72.04 77.06
CA ASP BC 87 -10.15 -72.61 78.33
C ASP BC 87 -11.63 -72.28 78.53
N GLY BC 88 -12.35 -73.20 79.15
CA GLY BC 88 -13.79 -73.05 79.33
C GLY BC 88 -14.11 -72.13 80.49
N LYS BC 89 -13.44 -70.98 80.53
CA LYS BC 89 -13.62 -70.02 81.59
C LYS BC 89 -14.85 -69.23 81.26
N TYR BC 90 -15.64 -68.95 82.28
CA TYR BC 90 -16.82 -68.14 82.07
C TYR BC 90 -16.99 -67.11 83.23
N SER BC 91 -16.59 -65.87 82.92
CA SER BC 91 -16.28 -64.79 83.90
C SER BC 91 -16.79 -63.47 83.31
N GLN BC 92 -16.43 -62.30 83.87
CA GLN BC 92 -16.82 -61.02 83.23
C GLN BC 92 -15.70 -60.07 82.85
N VAL BC 93 -15.42 -60.02 81.55
CA VAL BC 93 -14.35 -59.20 80.99
C VAL BC 93 -14.77 -57.73 81.08
N LEU BC 94 -13.78 -56.89 81.31
CA LEU BC 94 -13.96 -55.46 81.50
C LEU BC 94 -12.79 -54.67 80.90
N ALA BC 95 -12.93 -53.35 80.89
CA ALA BC 95 -11.87 -52.43 80.44
C ALA BC 95 -11.49 -52.70 78.98
N ASN BC 96 -10.30 -52.26 78.60
CA ASN BC 96 -9.63 -52.69 77.37
C ASN BC 96 -9.58 -54.22 77.17
N GLY BC 97 -9.61 -54.97 78.28
CA GLY BC 97 -9.68 -56.43 78.25
C GLY BC 97 -10.64 -56.97 77.22
N LEU BC 98 -11.83 -56.38 77.13
CA LEU BC 98 -12.81 -56.81 76.14
C LEU BC 98 -12.37 -56.46 74.74
N ASP BC 99 -11.78 -55.28 74.56
CA ASP BC 99 -11.18 -54.91 73.27
C ASP BC 99 -10.12 -55.93 72.85
N ASN BC 100 -9.35 -56.38 73.84
CA ASN BC 100 -8.38 -57.45 73.65
C ASN BC 100 -9.06 -58.76 73.23
N LYS BC 101 -10.05 -59.18 74.01
CA LYS BC 101 -10.85 -60.39 73.70
C LYS BC 101 -11.57 -60.28 72.36
N LEU BC 102 -12.27 -59.16 72.18
CA LEU BC 102 -12.89 -58.79 70.93
C LEU BC 102 -11.92 -59.04 69.80
N ARG BC 103 -10.80 -58.31 69.82
CA ARG BC 103 -9.77 -58.44 68.79
C ARG BC 103 -9.31 -59.89 68.60
N GLU BC 104 -9.08 -60.58 69.71
CA GLU BC 104 -8.61 -61.96 69.66
C GLU BC 104 -9.60 -62.90 68.95
N ASP BC 105 -10.90 -62.73 69.18
CA ASP BC 105 -11.90 -63.54 68.48
C ASP BC 105 -12.10 -63.13 67.02
N LEU BC 106 -11.84 -61.86 66.69
CA LEU BC 106 -11.82 -61.43 65.28
C LEU BC 106 -10.62 -62.05 64.62
N GLU BC 107 -9.48 -61.90 65.28
CA GLU BC 107 -8.21 -62.53 64.88
C GLU BC 107 -8.33 -64.03 64.71
N ARG BC 108 -8.97 -64.68 65.68
CA ARG BC 108 -9.15 -66.11 65.64
C ARG BC 108 -9.98 -66.48 64.38
N LEU BC 109 -11.15 -65.88 64.21
CA LEU BC 109 -12.02 -66.13 63.02
C LEU BC 109 -11.30 -65.90 61.70
N LYS BC 110 -10.59 -64.78 61.65
CA LYS BC 110 -9.79 -64.39 60.50
C LYS BC 110 -8.70 -65.41 60.20
N LYS BC 111 -7.93 -65.72 61.23
CA LYS BC 111 -6.86 -66.70 61.18
C LYS BC 111 -7.37 -68.07 60.69
N ILE BC 112 -8.55 -68.49 61.17
CA ILE BC 112 -9.20 -69.72 60.67
C ILE BC 112 -10.02 -69.40 59.40
N ARG BC 113 -9.43 -68.64 58.46
CA ARG BC 113 -10.02 -68.28 57.15
C ARG BC 113 -11.58 -68.30 57.00
N ALA BC 114 -12.30 -68.13 58.12
CA ALA BC 114 -13.73 -68.38 58.16
C ALA BC 114 -14.41 -67.09 57.80
N HIS BC 115 -15.68 -67.19 57.45
CA HIS BC 115 -16.35 -66.08 56.79
C HIS BC 115 -16.41 -64.81 57.64
N ARG BC 116 -17.02 -64.90 58.81
CA ARG BC 116 -17.22 -63.73 59.70
C ARG BC 116 -16.00 -62.86 59.90
N GLY BC 117 -14.83 -63.48 59.88
CA GLY BC 117 -13.57 -62.76 59.99
C GLY BC 117 -13.34 -61.95 58.74
N LEU BC 118 -13.35 -62.63 57.60
CA LEU BC 118 -13.17 -61.97 56.31
C LEU BC 118 -14.05 -60.73 56.33
N ARG BC 119 -15.33 -60.90 56.69
CA ARG BC 119 -16.24 -59.75 56.70
C ARG BC 119 -15.78 -58.54 57.55
N HIS BC 120 -15.17 -58.74 58.73
CA HIS BC 120 -14.59 -57.60 59.46
C HIS BC 120 -13.39 -57.04 58.70
N PHE BC 121 -12.47 -57.93 58.32
CA PHE BC 121 -11.27 -57.57 57.53
C PHE BC 121 -11.64 -56.60 56.40
N TRP BC 122 -12.69 -56.94 55.64
CA TRP BC 122 -13.11 -56.14 54.49
C TRP BC 122 -13.79 -54.84 54.97
N GLY BC 123 -14.51 -54.92 56.09
CA GLY BC 123 -15.31 -53.79 56.59
C GLY BC 123 -16.66 -53.90 55.93
N LEU BC 124 -17.50 -54.76 56.47
CA LEU BC 124 -18.82 -55.05 55.92
C LEU BC 124 -19.80 -55.29 57.08
N ARG BC 125 -20.98 -55.82 56.75
CA ARG BC 125 -21.79 -56.48 57.75
C ARG BC 125 -21.29 -57.90 57.90
N VAL BC 126 -21.26 -58.37 59.14
CA VAL BC 126 -21.14 -59.79 59.47
C VAL BC 126 -22.50 -60.48 59.49
N ARG BC 127 -23.49 -59.77 60.04
CA ARG BC 127 -24.79 -60.33 60.26
C ARG BC 127 -25.54 -60.13 58.94
N GLY BC 128 -25.80 -61.22 58.20
CA GLY BC 128 -26.35 -61.14 56.84
C GLY BC 128 -27.59 -60.28 56.58
N GLN BC 129 -27.47 -58.98 56.84
CA GLN BC 129 -28.46 -58.01 56.37
C GLN BC 129 -27.93 -57.47 55.06
N HIS BC 130 -28.85 -56.92 54.27
CA HIS BC 130 -28.57 -56.64 52.89
C HIS BC 130 -27.89 -55.27 52.99
N THR BC 131 -26.78 -55.08 52.28
CA THR BC 131 -26.03 -53.81 52.33
C THR BC 131 -26.12 -52.99 51.03
N LYS BC 132 -27.14 -53.29 50.22
CA LYS BC 132 -27.45 -52.54 49.01
C LYS BC 132 -27.70 -51.08 49.30
N THR BC 133 -28.46 -50.85 50.36
CA THR BC 133 -29.01 -49.54 50.65
C THR BC 133 -28.57 -48.94 51.96
N THR BC 134 -28.31 -49.77 52.97
CA THR BC 134 -27.71 -49.34 54.22
C THR BC 134 -26.24 -49.71 54.23
N GLY BC 135 -25.53 -49.16 55.21
CA GLY BC 135 -24.10 -49.39 55.35
C GLY BC 135 -23.34 -48.54 54.36
N ARG BC 136 -23.66 -47.26 54.34
CA ARG BC 136 -23.05 -46.31 53.43
C ARG BC 136 -22.33 -45.23 54.23
N ARG BC 137 -21.01 -45.39 54.39
CA ARG BC 137 -20.15 -44.37 54.97
C ARG BC 137 -18.76 -44.43 54.32
N VAL CC 1 -66.65 -51.84 103.63
CA VAL CC 1 -65.41 -51.36 102.93
C VAL CC 1 -64.51 -52.48 102.35
N THR CC 2 -65.02 -53.24 101.39
CA THR CC 2 -64.23 -54.26 100.69
C THR CC 2 -63.10 -53.64 99.85
N VAL CC 3 -62.26 -54.53 99.29
CA VAL CC 3 -61.14 -54.14 98.42
C VAL CC 3 -61.53 -53.08 97.37
N LYS CC 4 -62.76 -53.16 96.88
CA LYS CC 4 -63.30 -52.20 95.93
C LYS CC 4 -63.59 -50.87 96.59
N ASP CC 5 -64.28 -50.91 97.72
CA ASP CC 5 -64.66 -49.70 98.47
C ASP CC 5 -63.44 -48.86 98.92
N VAL CC 6 -62.33 -49.53 99.21
CA VAL CC 6 -61.04 -48.86 99.43
C VAL CC 6 -60.47 -48.47 98.09
N ASN CC 7 -59.93 -47.26 98.01
CA ASN CC 7 -59.32 -46.82 96.75
C ASN CC 7 -58.07 -47.64 96.40
N GLN CC 8 -58.30 -48.52 95.45
CA GLN CC 8 -57.61 -49.81 95.32
C GLN CC 8 -56.06 -49.66 95.25
N GLN CC 9 -55.55 -48.49 94.85
CA GLN CC 9 -54.09 -48.34 94.69
C GLN CC 9 -53.35 -48.13 96.00
N GLU CC 10 -53.98 -47.45 96.97
CA GLU CC 10 -53.46 -47.43 98.35
C GLU CC 10 -53.92 -48.64 99.18
N PHE CC 11 -54.53 -49.64 98.52
CA PHE CC 11 -54.66 -50.95 99.12
C PHE CC 11 -53.29 -51.57 99.23
N VAL CC 12 -52.71 -51.89 98.09
CA VAL CC 12 -51.52 -52.74 98.03
C VAL CC 12 -50.30 -52.08 98.70
N ARG CC 13 -50.32 -50.76 98.79
CA ARG CC 13 -49.38 -50.03 99.62
C ARG CC 13 -49.31 -50.58 101.06
N ALA CC 14 -50.49 -50.76 101.67
CA ALA CC 14 -50.62 -51.26 103.04
C ALA CC 14 -50.54 -52.78 103.12
N LEU CC 15 -51.05 -53.46 102.11
CA LEU CC 15 -50.89 -54.92 102.03
C LEU CC 15 -49.44 -55.34 101.81
N ALA CC 16 -48.65 -54.51 101.13
CA ALA CC 16 -47.19 -54.71 101.04
C ALA CC 16 -46.58 -54.57 102.43
N ALA CC 17 -47.05 -53.55 103.15
CA ALA CC 17 -46.63 -53.33 104.53
C ALA CC 17 -46.99 -54.52 105.42
N PHE CC 18 -48.22 -55.04 105.28
CA PHE CC 18 -48.68 -56.19 106.07
C PHE CC 18 -47.60 -57.25 106.03
N LEU CC 19 -47.31 -57.72 104.82
CA LEU CC 19 -46.53 -58.93 104.64
C LEU CC 19 -45.04 -58.70 104.96
N LYS CC 20 -44.61 -57.43 104.94
CA LYS CC 20 -43.31 -57.01 105.49
C LYS CC 20 -43.30 -57.07 107.02
N LYS CC 21 -44.29 -56.40 107.63
CA LYS CC 21 -44.43 -56.34 109.09
C LYS CC 21 -44.88 -57.64 109.76
N SER CC 22 -45.30 -58.63 108.96
CA SER CC 22 -45.43 -60.02 109.41
C SER CC 22 -44.06 -60.66 109.59
N GLY CC 23 -43.14 -60.36 108.67
CA GLY CC 23 -41.80 -60.93 108.69
C GLY CC 23 -41.78 -62.39 108.25
N LYS CC 24 -42.75 -62.78 107.42
CA LYS CC 24 -42.81 -64.12 106.85
C LYS CC 24 -43.61 -64.09 105.55
N LEU CC 25 -43.21 -64.95 104.61
CA LEU CC 25 -43.86 -65.11 103.30
C LEU CC 25 -43.09 -66.15 102.50
N LYS CC 26 -41.79 -65.88 102.39
CA LYS CC 26 -40.74 -66.72 101.77
C LYS CC 26 -40.10 -66.00 100.60
N VAL CC 27 -39.35 -64.94 100.94
CA VAL CC 27 -38.51 -64.24 99.98
C VAL CC 27 -37.36 -65.13 99.54
N PRO CC 28 -37.10 -65.18 98.23
CA PRO CC 28 -35.98 -66.04 97.87
C PRO CC 28 -34.69 -65.40 97.24
N GLU CC 29 -34.07 -66.09 96.26
CA GLU CC 29 -32.72 -65.78 95.74
C GLU CC 29 -32.55 -65.28 94.26
N TRP CC 30 -33.53 -65.48 93.38
CA TRP CC 30 -33.44 -65.10 91.93
C TRP CC 30 -33.74 -63.55 92.09
N VAL CC 31 -34.59 -63.19 93.08
CA VAL CC 31 -34.76 -61.81 93.72
C VAL CC 31 -33.90 -60.57 93.36
N ASP CC 32 -32.66 -60.48 93.85
CA ASP CC 32 -31.86 -59.26 93.63
C ASP CC 32 -31.42 -59.17 92.16
N THR CC 33 -31.43 -60.30 91.46
CA THR CC 33 -30.95 -60.38 90.09
C THR CC 33 -32.07 -60.65 89.09
N VAL CC 34 -33.29 -60.23 89.44
CA VAL CC 34 -34.46 -60.55 88.62
C VAL CC 34 -34.78 -59.40 87.67
N LYS CC 35 -35.20 -59.80 86.47
CA LYS CC 35 -35.59 -58.89 85.42
C LYS CC 35 -37.00 -58.38 85.69
N LEU CC 36 -37.91 -59.33 85.98
CA LEU CC 36 -39.34 -59.12 86.32
C LEU CC 36 -40.25 -59.55 85.19
N ALA CC 37 -39.84 -59.23 83.98
CA ALA CC 37 -40.41 -59.75 82.73
C ALA CC 37 -39.47 -59.34 81.61
N LYS CC 38 -39.14 -60.22 80.67
CA LYS CC 38 -38.26 -59.85 79.53
C LYS CC 38 -38.74 -58.55 78.89
N HIS CC 39 -40.06 -58.37 78.97
CA HIS CC 39 -40.74 -57.10 78.85
C HIS CC 39 -39.96 -55.82 79.19
N LYS CC 40 -39.48 -55.76 80.43
CA LYS CC 40 -38.92 -54.54 81.02
C LYS CC 40 -37.54 -54.23 80.44
N GLU CC 41 -37.04 -53.04 80.74
CA GLU CC 41 -35.66 -52.65 80.41
C GLU CC 41 -34.71 -53.03 81.54
N LEU CC 42 -35.22 -52.95 82.77
CA LEU CC 42 -34.39 -52.66 83.94
C LEU CC 42 -34.99 -53.13 85.26
N ALA CC 43 -34.14 -53.69 86.13
CA ALA CC 43 -34.59 -54.26 87.40
C ALA CC 43 -35.15 -53.19 88.34
N PRO CC 44 -36.32 -53.45 88.95
CA PRO CC 44 -37.12 -52.48 89.72
C PRO CC 44 -36.50 -51.91 91.00
N TYR CC 45 -36.81 -50.63 91.28
CA TYR CC 45 -36.10 -49.85 92.31
C TYR CC 45 -36.49 -50.19 93.71
N ASP CC 46 -37.78 -50.04 94.04
CA ASP CC 46 -38.25 -50.53 95.32
C ASP CC 46 -37.83 -51.99 95.29
N GLU CC 47 -36.86 -52.31 96.15
CA GLU CC 47 -36.17 -53.59 96.14
C GLU CC 47 -37.07 -54.75 96.56
N ASN CC 48 -38.34 -54.44 96.81
CA ASN CC 48 -39.25 -55.30 97.50
C ASN CC 48 -40.59 -55.47 96.77
N TRP CC 49 -40.53 -55.82 95.46
CA TRP CC 49 -41.76 -56.04 94.63
C TRP CC 49 -42.73 -57.00 95.25
N PHE CC 50 -42.26 -58.12 95.77
CA PHE CC 50 -43.12 -59.30 95.74
C PHE CC 50 -43.93 -59.24 97.02
N TYR CC 51 -43.46 -58.54 98.04
CA TYR CC 51 -44.37 -58.12 99.10
C TYR CC 51 -45.52 -57.24 98.53
N THR CC 52 -45.17 -56.27 97.68
CA THR CC 52 -46.18 -55.41 97.01
C THR CC 52 -46.87 -56.06 95.80
N ARG CC 53 -46.27 -57.06 95.18
CA ARG CC 53 -46.89 -57.74 94.04
C ARG CC 53 -47.69 -58.96 94.49
N ALA CC 54 -47.18 -59.70 95.47
CA ALA CC 54 -48.00 -60.72 96.13
C ALA CC 54 -49.22 -60.06 96.75
N ALA CC 55 -49.05 -58.83 97.23
CA ALA CC 55 -50.20 -58.03 97.60
C ALA CC 55 -51.17 -57.94 96.43
N SER CC 56 -50.68 -57.40 95.30
CA SER CC 56 -51.51 -57.26 94.10
C SER CC 56 -52.13 -58.60 93.72
N THR CC 57 -51.29 -59.59 93.41
CA THR CC 57 -51.73 -60.93 93.04
C THR CC 57 -52.81 -61.50 93.93
N ALA CC 58 -52.63 -61.35 95.25
CA ALA CC 58 -53.58 -61.88 96.21
C ALA CC 58 -54.88 -61.12 96.21
N ARG CC 59 -54.84 -59.79 96.10
CA ARG CC 59 -56.11 -59.03 96.04
C ARG CC 59 -56.77 -59.31 94.70
N HIS CC 60 -55.97 -59.38 93.65
CA HIS CC 60 -56.44 -59.75 92.33
C HIS CC 60 -57.32 -61.02 92.38
N LEU CC 61 -56.79 -62.09 92.99
CA LEU CC 61 -57.56 -63.32 93.20
C LEU CC 61 -58.86 -63.04 93.96
N TYR CC 62 -58.84 -62.10 94.92
CA TYR CC 62 -60.07 -61.69 95.58
C TYR CC 62 -61.10 -61.25 94.54
N LEU CC 63 -60.71 -60.34 93.65
CA LEU CC 63 -61.61 -59.85 92.62
C LEU CC 63 -62.04 -60.93 91.61
N ARG CC 64 -61.19 -61.92 91.33
CA ARG CC 64 -61.47 -62.95 90.31
C ARG CC 64 -61.42 -64.40 90.81
N GLY CC 65 -62.55 -65.08 90.65
CA GLY CC 65 -62.73 -66.46 91.10
C GLY CC 65 -61.96 -67.46 90.27
N GLY CC 66 -60.65 -67.52 90.49
CA GLY CC 66 -59.76 -68.46 89.81
C GLY CC 66 -58.79 -67.69 88.95
N ALA CC 67 -57.53 -68.13 88.95
CA ALA CC 67 -56.50 -67.52 88.11
C ALA CC 67 -55.25 -68.40 88.08
N GLY CC 68 -54.80 -68.75 86.88
CA GLY CC 68 -53.57 -69.50 86.72
C GLY CC 68 -52.36 -68.60 86.66
N VAL CC 69 -51.20 -69.24 86.64
CA VAL CC 69 -49.92 -68.57 86.39
C VAL CC 69 -49.98 -67.86 85.04
N GLY CC 70 -50.40 -68.60 84.02
CA GLY CC 70 -50.66 -68.04 82.69
C GLY CC 70 -51.50 -66.79 82.73
N SER CC 71 -52.49 -66.78 83.63
CA SER CC 71 -53.29 -65.58 83.86
C SER CC 71 -52.43 -64.46 84.47
N MET CC 72 -51.71 -64.73 85.56
CA MET CC 72 -50.91 -63.68 86.22
C MET CC 72 -49.90 -63.05 85.27
N THR CC 73 -49.28 -63.88 84.43
CA THR CC 73 -48.30 -63.40 83.44
C THR CC 73 -48.97 -62.41 82.51
N LYS CC 74 -50.10 -62.85 81.99
CA LYS CC 74 -50.93 -62.04 81.12
C LYS CC 74 -51.14 -60.68 81.74
N ILE CC 75 -51.68 -60.64 82.95
CA ILE CC 75 -52.14 -59.36 83.49
C ILE CC 75 -51.02 -58.33 83.70
N TYR CC 76 -49.86 -58.74 84.20
CA TYR CC 76 -48.76 -57.78 84.34
C TYR CC 76 -48.03 -57.81 83.00
N GLY CC 77 -48.50 -56.92 82.12
CA GLY CC 77 -47.95 -56.74 80.80
C GLY CC 77 -47.38 -55.34 80.61
N GLY CC 78 -47.53 -54.81 79.39
CA GLY CC 78 -46.82 -53.62 78.92
C GLY CC 78 -46.62 -53.64 77.40
N ARG CC 79 -45.96 -52.63 76.87
CA ARG CC 79 -45.48 -52.63 75.49
C ARG CC 79 -44.01 -53.04 75.63
N GLN CC 80 -43.38 -53.37 74.50
CA GLN CC 80 -42.02 -53.92 74.49
C GLN CC 80 -41.32 -53.39 73.24
N ARG CC 81 -40.43 -52.41 73.36
CA ARG CC 81 -39.64 -52.01 72.18
C ARG CC 81 -38.77 -53.19 71.86
N ASN CC 82 -38.97 -53.75 70.67
CA ASN CC 82 -37.94 -54.59 70.05
C ASN CC 82 -37.01 -53.63 69.32
N GLY CC 83 -37.38 -52.34 69.36
CA GLY CC 83 -36.46 -51.21 69.24
C GLY CC 83 -36.96 -50.29 68.15
N VAL CC 84 -36.25 -50.34 67.02
CA VAL CC 84 -36.68 -49.73 65.77
C VAL CC 84 -37.98 -50.40 65.29
N MET CC 85 -38.16 -51.66 65.71
CA MET CC 85 -39.43 -52.37 65.58
C MET CC 85 -40.57 -51.66 66.28
N PRO CC 86 -41.81 -52.03 65.95
CA PRO CC 86 -42.95 -51.55 66.73
C PRO CC 86 -43.06 -52.30 68.03
N SER CC 87 -43.80 -51.71 68.96
CA SER CC 87 -44.00 -52.33 70.27
C SER CC 87 -45.08 -53.41 70.18
N HIS CC 88 -44.89 -54.50 70.92
CA HIS CC 88 -45.87 -55.61 71.02
C HIS CC 88 -46.05 -55.95 72.50
N PHE CC 89 -46.92 -56.91 72.77
CA PHE CC 89 -47.27 -57.29 74.13
C PHE CC 89 -46.53 -58.59 74.41
N SER CC 90 -45.79 -58.58 75.51
CA SER CC 90 -45.12 -59.72 76.09
C SER CC 90 -45.67 -60.02 77.50
N ARG CC 91 -46.14 -61.26 77.70
CA ARG CC 91 -46.49 -61.79 79.02
C ARG CC 91 -45.43 -61.45 80.05
N GLY CC 92 -45.84 -61.23 81.30
CA GLY CC 92 -44.89 -61.20 82.42
C GLY CC 92 -44.13 -62.52 82.65
N SER CC 93 -43.17 -62.48 83.57
CA SER CC 93 -42.43 -63.66 84.04
C SER CC 93 -43.36 -64.65 84.73
N LYS CC 94 -43.24 -65.94 84.41
CA LYS CC 94 -44.03 -66.97 85.10
C LYS CC 94 -43.42 -67.22 86.46
N SER CC 95 -42.16 -67.66 86.46
CA SER CC 95 -41.40 -67.95 87.66
C SER CC 95 -41.84 -67.12 88.86
N VAL CC 96 -41.84 -65.80 88.68
CA VAL CC 96 -42.13 -64.88 89.76
C VAL CC 96 -43.59 -64.84 90.19
N ALA CC 97 -44.52 -64.87 89.23
CA ALA CC 97 -45.95 -64.89 89.57
C ALA CC 97 -46.31 -66.22 90.21
N ARG CC 98 -45.73 -67.29 89.67
CA ARG CC 98 -45.81 -68.63 90.25
C ARG CC 98 -45.34 -68.65 91.72
N ARG CC 99 -44.08 -68.33 91.95
CA ARG CC 99 -43.57 -68.29 93.34
C ARG CC 99 -44.31 -67.30 94.21
N VAL CC 100 -44.87 -66.25 93.61
CA VAL CC 100 -45.77 -65.39 94.36
C VAL CC 100 -46.99 -66.19 94.79
N LEU CC 101 -47.57 -66.95 93.87
CA LEU CC 101 -48.72 -67.80 94.22
C LEU CC 101 -48.35 -68.86 95.25
N GLN CC 102 -47.28 -69.61 94.97
CA GLN CC 102 -46.79 -70.62 95.91
C GLN CC 102 -46.44 -70.02 97.28
N ALA CC 103 -45.92 -68.79 97.31
CA ALA CC 103 -45.53 -68.12 98.58
C ALA CC 103 -46.75 -67.64 99.35
N LEU CC 104 -47.70 -67.02 98.65
CA LEU CC 104 -49.00 -66.73 99.23
C LEU CC 104 -49.61 -68.01 99.81
N GLU CC 105 -49.40 -69.12 99.12
CA GLU CC 105 -49.81 -70.46 99.58
C GLU CC 105 -49.18 -70.87 100.93
N GLY CC 106 -47.93 -70.47 101.18
CA GLY CC 106 -47.22 -70.73 102.44
C GLY CC 106 -47.90 -70.12 103.66
N LEU CC 107 -48.20 -68.82 103.60
CA LEU CC 107 -49.04 -68.15 104.60
C LEU CC 107 -50.49 -68.64 104.57
N LYS CC 108 -50.88 -69.19 103.43
CA LYS CC 108 -52.21 -69.72 103.19
C LYS CC 108 -53.16 -68.55 103.09
N MET CC 109 -52.75 -67.60 102.24
CA MET CC 109 -53.62 -66.58 101.70
C MET CC 109 -54.48 -67.23 100.63
N VAL CC 110 -53.86 -68.11 99.86
CA VAL CC 110 -54.47 -68.73 98.70
C VAL CC 110 -54.48 -70.24 98.81
N GLU CC 111 -55.14 -70.85 97.82
CA GLU CC 111 -55.09 -72.28 97.63
C GLU CC 111 -55.27 -72.55 96.15
N LYS CC 112 -54.92 -73.76 95.74
CA LYS CC 112 -55.29 -74.25 94.42
C LYS CC 112 -56.80 -74.56 94.40
N ASP CC 113 -57.51 -73.95 93.45
CA ASP CC 113 -58.95 -74.16 93.28
C ASP CC 113 -59.19 -75.55 92.71
N GLN CC 114 -60.46 -75.93 92.68
CA GLN CC 114 -60.90 -76.97 91.77
C GLN CC 114 -61.02 -76.39 90.34
N ASP CC 115 -60.93 -77.29 89.35
CA ASP CC 115 -60.95 -76.97 87.91
C ASP CC 115 -59.71 -76.16 87.44
N GLY CC 116 -58.59 -76.31 88.16
CA GLY CC 116 -57.37 -75.55 87.88
C GLY CC 116 -57.42 -74.12 88.36
N GLY CC 117 -56.23 -73.51 88.51
CA GLY CC 117 -56.11 -72.11 88.90
C GLY CC 117 -56.17 -71.86 90.39
N ARG CC 118 -55.41 -70.88 90.84
CA ARG CC 118 -55.43 -70.47 92.24
C ARG CC 118 -56.61 -69.51 92.48
N LYS CC 119 -57.20 -69.63 93.67
CA LYS CC 119 -58.08 -68.60 94.26
C LYS CC 119 -57.63 -68.39 95.70
N LEU CC 120 -58.14 -67.33 96.34
CA LEU CC 120 -57.79 -67.09 97.74
C LEU CC 120 -58.71 -67.83 98.70
N THR CC 121 -58.13 -68.26 99.82
CA THR CC 121 -58.83 -69.07 100.83
C THR CC 121 -59.38 -68.14 101.93
N PRO CC 122 -60.47 -68.52 102.62
CA PRO CC 122 -61.07 -67.67 103.66
C PRO CC 122 -60.11 -66.96 104.63
N GLN CC 123 -59.15 -67.70 105.16
CA GLN CC 123 -58.07 -67.16 106.01
C GLN CC 123 -57.40 -65.95 105.39
N GLY CC 124 -57.04 -66.09 104.11
CA GLY CC 124 -56.33 -65.05 103.36
C GLY CC 124 -57.27 -63.95 102.96
N GLN CC 125 -58.40 -64.35 102.39
CA GLN CC 125 -59.57 -63.50 102.23
C GLN CC 125 -59.62 -62.46 103.38
N ARG CC 126 -59.38 -62.89 104.63
CA ARG CC 126 -59.18 -61.94 105.78
C ARG CC 126 -58.00 -60.99 105.71
N ASP CC 127 -56.79 -61.52 105.81
CA ASP CC 127 -55.58 -60.70 105.97
C ASP CC 127 -55.61 -59.59 104.92
N LEU CC 128 -55.95 -59.99 103.69
CA LEU CC 128 -56.22 -59.07 102.58
C LEU CC 128 -56.97 -57.84 103.04
N ASP CC 129 -58.23 -58.04 103.36
CA ASP CC 129 -59.21 -56.98 103.38
C ASP CC 129 -59.57 -56.54 104.81
N ARG CC 130 -59.10 -57.29 105.81
CA ARG CC 130 -58.99 -56.80 107.17
C ARG CC 130 -58.45 -55.37 107.12
N ILE CC 131 -57.27 -55.23 106.52
CA ILE CC 131 -56.59 -53.93 106.40
C ILE CC 131 -57.31 -52.94 105.50
N ALA CC 132 -58.22 -53.42 104.66
CA ALA CC 132 -59.14 -52.52 103.97
C ALA CC 132 -59.91 -51.63 104.94
N GLY CC 133 -60.42 -52.24 105.99
CA GLY CC 133 -60.97 -51.47 107.10
C GLY CC 133 -59.95 -50.48 107.64
N GLN CC 134 -58.72 -50.96 107.84
CA GLN CC 134 -57.62 -50.13 108.34
C GLN CC 134 -57.14 -49.06 107.36
N VAL CC 135 -57.37 -49.25 106.06
CA VAL CC 135 -56.95 -48.29 105.02
C VAL CC 135 -58.04 -47.21 104.81
N ALA CC 136 -59.31 -47.61 104.80
CA ALA CC 136 -60.40 -46.64 104.83
C ALA CC 136 -60.33 -45.85 106.12
N ALA CC 137 -60.31 -46.60 107.23
CA ALA CC 137 -60.25 -46.01 108.57
C ALA CC 137 -58.84 -45.69 109.08
N ALA CC 138 -57.83 -45.70 108.19
CA ALA CC 138 -56.53 -45.08 108.50
C ALA CC 138 -56.87 -43.63 108.70
N ASN CC 139 -57.31 -42.99 107.63
CA ASN CC 139 -58.14 -41.80 107.72
C ASN CC 139 -58.82 -41.50 106.41
N LYS CC 140 -59.90 -40.75 106.51
CA LYS CC 140 -60.55 -40.15 105.37
C LYS CC 140 -59.62 -39.05 104.86
N LYS CC 141 -59.20 -39.15 103.59
CA LYS CC 141 -58.34 -38.14 102.95
C LYS CC 141 -58.52 -38.11 101.42
CA ALA DC 1 -89.97 -92.75 75.48
C ALA DC 1 -89.88 -91.29 75.05
N ILE DC 2 -89.45 -90.42 75.97
CA ILE DC 2 -89.30 -88.97 75.72
C ILE DC 2 -87.86 -88.55 76.09
N HIS DC 3 -87.06 -88.17 75.09
CA HIS DC 3 -85.61 -87.90 75.26
C HIS DC 3 -85.21 -86.50 74.76
N ARG DC 4 -84.08 -85.97 75.24
CA ARG DC 4 -83.79 -84.51 75.24
C ARG DC 4 -83.20 -84.01 73.92
N ILE DC 5 -84.01 -84.04 72.87
CA ILE DC 5 -83.49 -83.91 71.51
C ILE DC 5 -83.12 -82.45 71.20
N ARG DC 6 -81.95 -82.26 70.58
CA ARG DC 6 -81.60 -80.97 69.97
C ARG DC 6 -81.52 -81.16 68.46
N ILE DC 7 -82.14 -80.22 67.75
CA ILE DC 7 -82.03 -80.12 66.31
C ILE DC 7 -81.23 -78.86 66.01
N THR DC 8 -80.06 -79.02 65.38
CA THR DC 8 -79.18 -77.89 65.06
C THR DC 8 -79.26 -77.59 63.56
N LEU DC 9 -79.86 -76.45 63.21
CA LEU DC 9 -80.05 -76.08 61.81
C LEU DC 9 -78.98 -75.08 61.38
N THR DC 10 -78.07 -75.53 60.54
CA THR DC 10 -76.99 -74.70 60.02
C THR DC 10 -77.16 -74.55 58.54
N SER DC 11 -77.30 -73.31 58.09
CA SER DC 11 -77.34 -73.02 56.66
C SER DC 11 -76.95 -71.60 56.35
N ARG DC 12 -76.70 -71.40 55.08
CA ARG DC 12 -76.22 -70.16 54.54
C ARG DC 12 -77.38 -69.20 54.25
N ASN DC 13 -78.42 -69.72 53.57
CA ASN DC 13 -79.58 -68.92 53.15
C ASN DC 13 -80.54 -68.69 54.31
N VAL DC 14 -80.59 -67.45 54.80
CA VAL DC 14 -81.40 -67.10 55.97
C VAL DC 14 -82.88 -67.38 55.71
N LYS DC 15 -83.38 -67.01 54.54
CA LYS DC 15 -84.78 -67.21 54.21
C LYS DC 15 -85.10 -68.71 54.04
N SER DC 16 -84.26 -69.43 53.31
CA SER DC 16 -84.48 -70.88 53.12
C SER DC 16 -84.03 -71.75 54.31
N LEU DC 17 -83.51 -71.11 55.36
CA LEU DC 17 -83.31 -71.75 56.67
C LEU DC 17 -84.48 -71.50 57.61
N GLU DC 18 -85.05 -70.30 57.57
CA GLU DC 18 -86.19 -69.97 58.43
C GLU DC 18 -87.59 -70.31 57.85
N LYS DC 19 -87.66 -70.93 56.66
CA LYS DC 19 -88.87 -71.67 56.26
C LYS DC 19 -88.85 -73.07 56.90
N VAL DC 20 -87.67 -73.67 56.98
CA VAL DC 20 -87.48 -74.98 57.61
C VAL DC 20 -87.66 -74.86 59.12
N CYS DC 21 -86.94 -73.91 59.71
CA CYS DC 21 -87.01 -73.59 61.13
C CYS DC 21 -88.44 -73.38 61.63
N ALA DC 22 -89.25 -72.65 60.86
CA ALA DC 22 -90.67 -72.47 61.17
C ALA DC 22 -91.45 -73.79 61.04
N ASP DC 23 -91.13 -74.61 60.04
CA ASP DC 23 -91.83 -75.89 59.83
C ASP DC 23 -91.54 -76.93 60.93
N LEU DC 24 -90.41 -76.81 61.64
CA LEU DC 24 -90.13 -77.72 62.77
C LEU DC 24 -90.92 -77.32 64.01
N ILE DC 25 -91.06 -76.00 64.22
CA ILE DC 25 -91.91 -75.47 65.30
C ILE DC 25 -93.37 -75.89 65.00
N ARG DC 26 -93.84 -75.52 63.81
CA ARG DC 26 -95.21 -75.85 63.37
C ARG DC 26 -95.44 -77.35 63.11
N GLY DC 27 -94.37 -78.10 62.91
CA GLY DC 27 -94.42 -79.56 62.81
C GLY DC 27 -94.47 -80.27 64.17
N ALA DC 28 -93.80 -79.69 65.16
CA ALA DC 28 -93.81 -80.23 66.53
C ALA DC 28 -95.06 -79.80 67.30
N LYS DC 29 -95.39 -78.52 67.19
CA LYS DC 29 -96.57 -77.96 67.87
C LYS DC 29 -97.90 -78.56 67.37
N GLU DC 30 -97.92 -79.07 66.13
CA GLU DC 30 -99.00 -79.94 65.62
C GLU DC 30 -99.25 -81.11 66.58
N LYS DC 31 -98.18 -81.82 66.92
CA LYS DC 31 -98.23 -83.03 67.74
C LYS DC 31 -97.67 -82.75 69.13
N ASN DC 32 -98.08 -81.62 69.70
CA ASN DC 32 -97.38 -80.97 70.84
C ASN DC 32 -96.78 -81.80 71.99
N LEU DC 33 -95.70 -81.24 72.53
CA LEU DC 33 -94.74 -81.93 73.38
C LEU DC 33 -93.96 -80.94 74.26
N LYS DC 34 -93.21 -80.04 73.61
CA LYS DC 34 -92.38 -79.02 74.25
C LYS DC 34 -91.66 -78.28 73.11
N VAL DC 35 -90.69 -77.41 73.42
CA VAL DC 35 -89.80 -76.84 72.39
C VAL DC 35 -88.58 -76.03 72.95
N LYS DC 36 -88.82 -74.85 73.52
CA LYS DC 36 -87.81 -73.76 73.61
C LYS DC 36 -87.39 -73.43 72.18
N GLY DC 37 -88.02 -72.38 71.66
CA GLY DC 37 -87.94 -71.96 70.26
C GLY DC 37 -86.57 -71.81 69.64
N PRO DC 38 -86.54 -71.33 68.39
CA PRO DC 38 -85.27 -71.25 67.69
C PRO DC 38 -84.29 -70.32 68.39
N VAL DC 39 -83.09 -70.82 68.59
CA VAL DC 39 -82.00 -70.04 69.17
C VAL DC 39 -81.27 -69.39 68.00
N ARG DC 40 -80.78 -68.20 68.24
CA ARG DC 40 -80.03 -67.48 67.23
C ARG DC 40 -78.58 -67.24 67.70
N MET DC 41 -77.65 -68.05 67.18
CA MET DC 41 -76.21 -67.86 67.35
C MET DC 41 -75.74 -66.66 66.56
N PRO DC 42 -74.58 -66.10 66.94
CA PRO DC 42 -73.93 -65.17 66.03
C PRO DC 42 -73.63 -65.85 64.69
N THR DC 43 -73.86 -65.07 63.64
CA THR DC 43 -73.65 -65.50 62.29
C THR DC 43 -72.17 -65.40 62.02
N LYS DC 44 -71.60 -66.45 61.45
CA LYS DC 44 -70.17 -66.48 61.24
C LYS DC 44 -69.91 -65.98 59.83
N THR DC 45 -69.07 -64.94 59.70
CA THR DC 45 -68.77 -64.32 58.40
C THR DC 45 -67.40 -64.76 57.88
N LEU DC 46 -67.43 -65.59 56.84
CA LEU DC 46 -66.23 -66.17 56.26
C LEU DC 46 -65.63 -65.23 55.23
N ARG DC 47 -64.70 -64.40 55.72
CA ARG DC 47 -64.33 -63.19 55.02
C ARG DC 47 -62.93 -63.40 54.42
N ILE DC 48 -62.83 -63.35 53.09
CA ILE DC 48 -61.54 -63.45 52.38
C ILE DC 48 -61.29 -62.17 51.61
N THR DC 49 -60.03 -61.78 51.49
CA THR DC 49 -59.67 -60.49 50.91
C THR DC 49 -58.49 -60.65 49.95
N THR DC 50 -58.77 -60.98 48.71
CA THR DC 50 -57.71 -61.23 47.72
C THR DC 50 -57.64 -60.08 46.74
N ARG DC 51 -56.48 -59.95 46.10
CA ARG DC 51 -56.28 -59.00 45.01
C ARG DC 51 -57.24 -59.25 43.84
N LYS DC 52 -57.74 -58.17 43.25
CA LYS DC 52 -58.54 -58.26 42.02
C LYS DC 52 -57.68 -58.73 40.87
N THR DC 53 -56.47 -58.22 40.86
CA THR DC 53 -55.53 -58.46 39.80
C THR DC 53 -54.96 -59.87 39.80
N PRO DC 54 -55.17 -60.60 38.69
CA PRO DC 54 -54.21 -61.63 38.43
C PRO DC 54 -52.97 -60.97 37.89
N CYS DC 55 -51.84 -61.56 38.23
CA CYS DC 55 -50.54 -60.94 38.05
C CYS DC 55 -50.42 -59.65 38.84
N GLY DC 56 -49.52 -58.78 38.42
CA GLY DC 56 -49.03 -57.76 39.32
C GLY DC 56 -49.88 -56.55 39.48
N GLU DC 57 -50.26 -55.96 38.35
CA GLU DC 57 -50.29 -54.51 38.27
C GLU DC 57 -51.51 -53.79 37.84
N GLY DC 58 -51.47 -52.52 38.24
CA GLY DC 58 -52.61 -51.69 38.39
C GLY DC 58 -52.65 -51.23 39.82
N SER DC 59 -53.29 -50.09 40.05
CA SER DC 59 -53.51 -49.58 41.39
C SER DC 59 -54.23 -50.64 42.20
N LYS DC 60 -53.77 -50.81 43.43
CA LYS DC 60 -54.05 -52.01 44.19
C LYS DC 60 -55.49 -52.05 44.66
N THR DC 61 -56.31 -52.79 43.92
CA THR DC 61 -57.73 -53.01 44.26
C THR DC 61 -57.93 -54.48 44.65
N TRP DC 62 -58.62 -54.72 45.77
CA TRP DC 62 -58.96 -56.08 46.20
C TRP DC 62 -60.47 -56.23 46.32
N ASP DC 63 -60.91 -57.48 46.32
CA ASP DC 63 -62.30 -57.81 46.53
C ASP DC 63 -62.44 -58.30 47.93
N ARG DC 64 -63.68 -58.42 48.37
CA ARG DC 64 -63.99 -58.64 49.74
C ARG DC 64 -64.97 -59.83 49.79
N PHE DC 65 -64.45 -61.02 49.49
CA PHE DC 65 -65.26 -62.26 49.31
C PHE DC 65 -65.84 -62.73 50.65
N GLN DC 66 -67.17 -62.76 50.74
CA GLN DC 66 -67.87 -63.11 51.99
C GLN DC 66 -68.79 -64.30 51.84
N MET DC 67 -68.84 -65.15 52.86
CA MET DC 67 -69.91 -66.14 53.01
C MET DC 67 -70.38 -66.13 54.44
N ARG DC 68 -71.69 -65.99 54.61
CA ARG DC 68 -72.29 -66.08 55.92
C ARG DC 68 -72.68 -67.53 56.20
N ILE DC 69 -72.88 -67.81 57.48
CA ILE DC 69 -73.41 -69.10 57.93
C ILE DC 69 -74.15 -68.92 59.29
N PRO DC 70 -75.46 -68.50 59.24
CA PRO DC 70 -76.30 -68.48 60.45
C PRO DC 70 -76.74 -69.86 60.98
N LYS DC 71 -76.57 -70.09 62.28
CA LYS DC 71 -77.05 -71.29 62.95
C LYS DC 71 -78.26 -70.97 63.81
N ARG DC 72 -79.35 -71.68 63.56
CA ARG DC 72 -80.47 -71.71 64.47
C ARG DC 72 -80.30 -73.04 65.18
N LEU DC 73 -80.89 -73.18 66.37
CA LEU DC 73 -81.16 -74.51 66.91
C LEU DC 73 -82.42 -74.55 67.76
N ILE DC 74 -83.05 -75.72 67.77
CA ILE DC 74 -84.34 -75.91 68.40
C ILE DC 74 -84.27 -77.14 69.30
N ASP DC 75 -84.54 -76.93 70.59
CA ASP DC 75 -84.66 -78.03 71.55
C ASP DC 75 -86.03 -78.66 71.45
N LEU DC 76 -86.15 -79.92 71.85
CA LEU DC 76 -87.43 -80.65 71.83
C LEU DC 76 -87.36 -81.91 72.71
N HIS DC 77 -88.53 -82.52 72.94
CA HIS DC 77 -88.63 -83.82 73.63
C HIS DC 77 -89.67 -84.73 72.97
N SER DC 78 -89.24 -85.89 72.50
CA SER DC 78 -90.03 -86.74 71.59
C SER DC 78 -89.57 -88.20 71.58
N PRO DC 79 -90.29 -89.08 70.84
CA PRO DC 79 -89.81 -90.44 70.54
C PRO DC 79 -89.01 -90.49 69.22
N SER DC 80 -88.73 -91.70 68.72
CA SER DC 80 -88.07 -91.89 67.42
C SER DC 80 -89.03 -91.80 66.21
N GLU DC 81 -90.28 -91.38 66.41
CA GLU DC 81 -91.18 -91.02 65.30
C GLU DC 81 -91.05 -89.54 64.98
N ILE DC 82 -91.37 -88.71 65.97
CA ILE DC 82 -91.51 -87.25 65.78
C ILE DC 82 -90.19 -86.61 65.30
N VAL DC 83 -89.07 -87.19 65.71
CA VAL DC 83 -87.76 -86.82 65.18
C VAL DC 83 -87.64 -87.18 63.71
N LYS DC 84 -87.94 -88.45 63.39
CA LYS DC 84 -87.77 -88.98 62.03
C LYS DC 84 -88.85 -88.51 61.04
N GLN DC 85 -89.94 -87.93 61.56
CA GLN DC 85 -90.92 -87.20 60.76
C GLN DC 85 -90.40 -85.78 60.48
N ILE DC 86 -90.15 -85.02 61.56
CA ILE DC 86 -89.84 -83.58 61.48
C ILE DC 86 -88.51 -83.29 60.76
N THR DC 87 -87.55 -84.20 60.86
CA THR DC 87 -86.24 -84.03 60.19
C THR DC 87 -86.31 -84.32 58.69
N SER DC 88 -86.94 -85.43 58.30
CA SER DC 88 -86.99 -85.84 56.88
C SER DC 88 -87.89 -84.94 56.01
N ILE DC 89 -88.96 -84.41 56.59
CA ILE DC 89 -89.76 -83.34 55.97
C ILE DC 89 -89.01 -82.02 56.19
N SER DC 90 -89.26 -81.03 55.32
CA SER DC 90 -88.70 -79.68 55.44
C SER DC 90 -87.17 -79.67 55.24
N ILE DC 91 -86.74 -80.41 54.23
CA ILE DC 91 -85.34 -80.52 53.86
C ILE DC 91 -85.21 -79.60 52.65
N GLU DC 92 -84.42 -80.01 51.64
CA GLU DC 92 -84.45 -79.51 50.24
C GLU DC 92 -83.27 -78.58 49.85
N PRO DC 93 -83.30 -77.28 50.20
CA PRO DC 93 -82.24 -76.41 49.69
C PRO DC 93 -80.87 -76.71 50.35
N GLY DC 94 -79.89 -75.82 50.20
CA GLY DC 94 -78.60 -75.97 50.92
C GLY DC 94 -78.68 -75.79 52.43
N VAL DC 95 -79.29 -76.75 53.12
CA VAL DC 95 -79.54 -76.72 54.57
C VAL DC 95 -79.00 -78.01 55.22
N GLU DC 96 -78.13 -77.85 56.20
CA GLU DC 96 -77.60 -78.97 56.97
C GLU DC 96 -78.38 -79.05 58.28
N VAL DC 97 -78.72 -80.27 58.69
CA VAL DC 97 -79.47 -80.54 59.92
C VAL DC 97 -78.69 -81.55 60.77
N GLU DC 98 -78.42 -81.18 62.03
CA GLU DC 98 -77.85 -82.10 63.01
C GLU DC 98 -78.95 -82.60 63.92
N VAL DC 99 -78.72 -83.77 64.53
CA VAL DC 99 -79.64 -84.32 65.54
C VAL DC 99 -78.86 -84.89 66.73
N THR DC 100 -78.78 -84.10 67.80
CA THR DC 100 -78.17 -84.55 69.06
C THR DC 100 -79.14 -85.50 69.76
N ILE DC 101 -78.61 -86.52 70.45
CA ILE DC 101 -79.44 -87.50 71.15
C ILE DC 101 -80.04 -86.85 72.39
N ALA DC 102 -79.18 -86.42 73.31
CA ALA DC 102 -79.63 -85.92 74.60
C ALA DC 102 -78.48 -85.28 75.37
N ASP DC 103 -78.75 -84.09 75.93
CA ASP DC 103 -77.82 -83.39 76.84
C ASP DC 103 -76.42 -83.08 76.25
N ALA DC 104 -75.55 -84.08 76.15
CA ALA DC 104 -74.17 -83.90 75.64
C ALA DC 104 -74.06 -84.27 74.14
N ARG EC 1 -27.97 -23.15 71.91
CA ARG EC 1 -27.22 -22.32 72.89
C ARG EC 1 -27.57 -22.66 74.33
N ASP EC 2 -28.88 -22.77 74.61
CA ASP EC 2 -29.44 -23.10 75.95
C ASP EC 2 -28.67 -24.29 76.58
N LYS EC 3 -27.63 -23.95 77.35
CA LYS EC 3 -26.84 -24.90 78.13
C LYS EC 3 -26.86 -24.46 79.60
N LEU EC 4 -27.16 -25.40 80.49
CA LEU EC 4 -27.53 -25.09 81.86
C LEU EC 4 -27.04 -26.23 82.77
N ASN EC 5 -25.79 -26.13 83.24
CA ASN EC 5 -25.15 -27.17 84.05
C ASN EC 5 -25.04 -26.65 85.48
N ASN EC 6 -25.66 -27.37 86.40
CA ASN EC 6 -25.73 -26.94 87.80
C ASN EC 6 -25.26 -28.01 88.79
N LEU EC 7 -24.77 -27.55 89.94
CA LEU EC 7 -24.26 -28.45 90.97
C LEU EC 7 -25.35 -29.34 91.56
N VAL EC 8 -25.00 -30.60 91.82
CA VAL EC 8 -25.96 -31.57 92.36
C VAL EC 8 -26.47 -31.21 93.75
N LEU EC 9 -25.58 -30.72 94.60
CA LEU EC 9 -25.93 -30.42 95.99
C LEU EC 9 -25.69 -28.95 96.32
N PHE EC 10 -26.67 -28.31 96.98
CA PHE EC 10 -26.56 -26.90 97.32
C PHE EC 10 -25.37 -26.65 98.24
N ASP EC 11 -24.64 -25.58 97.96
CA ASP EC 11 -23.59 -25.13 98.86
C ASP EC 11 -24.26 -24.50 100.08
N LYS EC 12 -23.53 -24.43 101.20
CA LYS EC 12 -24.14 -23.96 102.44
C LYS EC 12 -24.65 -22.53 102.29
N ALA EC 13 -23.89 -21.69 101.61
CA ALA EC 13 -24.33 -20.32 101.38
C ALA EC 13 -25.60 -20.33 100.52
N THR EC 14 -25.61 -21.17 99.50
CA THR EC 14 -26.77 -21.33 98.63
C THR EC 14 -27.98 -21.87 99.38
N TYR EC 15 -27.74 -22.83 100.27
CA TYR EC 15 -28.83 -23.47 101.00
C TYR EC 15 -29.57 -22.44 101.85
N ASP EC 16 -28.81 -21.56 102.48
CA ASP EC 16 -29.41 -20.49 103.26
C ASP EC 16 -30.37 -19.68 102.41
N LYS EC 17 -29.97 -19.39 101.17
CA LYS EC 17 -30.83 -18.66 100.25
C LYS EC 17 -32.10 -19.46 99.95
N LEU EC 18 -31.94 -20.76 99.74
CA LEU EC 18 -33.11 -21.63 99.54
C LEU EC 18 -33.94 -21.62 100.82
N CYS EC 19 -33.24 -21.71 101.96
CA CYS EC 19 -33.88 -21.55 103.26
C CYS EC 19 -34.39 -20.12 103.32
N LYS EC 20 -33.59 -19.20 102.81
CA LYS EC 20 -33.93 -17.78 102.80
C LYS EC 20 -34.76 -17.39 101.59
N GLU EC 21 -34.22 -17.65 100.40
CA GLU EC 21 -34.78 -17.16 99.13
C GLU EC 21 -36.12 -17.79 98.75
N VAL EC 22 -36.33 -19.05 99.16
CA VAL EC 22 -37.56 -19.82 98.85
C VAL EC 22 -38.87 -19.29 99.48
N PRO EC 23 -38.78 -18.78 100.72
CA PRO EC 23 -39.81 -17.90 101.28
C PRO EC 23 -40.25 -16.69 100.43
N ASN EC 24 -39.40 -16.23 99.50
CA ASN EC 24 -39.67 -15.03 98.68
C ASN EC 24 -40.31 -15.34 97.29
N TYR EC 25 -40.80 -16.57 97.06
CA TYR EC 25 -41.54 -16.92 95.84
C TYR EC 25 -42.99 -17.34 96.15
N LYS EC 26 -43.82 -17.44 95.11
CA LYS EC 26 -45.16 -18.08 95.17
C LYS EC 26 -45.23 -19.36 94.33
N LEU EC 27 -45.13 -19.22 93.00
CA LEU EC 27 -45.36 -20.33 92.05
C LEU EC 27 -44.10 -21.23 91.91
N ILE EC 28 -43.82 -22.06 92.92
CA ILE EC 28 -42.59 -22.85 92.98
C ILE EC 28 -42.80 -24.27 92.44
N THR EC 29 -41.72 -24.85 91.92
CA THR EC 29 -41.67 -26.21 91.45
C THR EC 29 -40.20 -26.56 91.34
N PRO EC 30 -39.87 -27.85 91.11
CA PRO EC 30 -38.47 -28.21 90.82
C PRO EC 30 -37.82 -27.36 89.72
N ALA EC 31 -38.62 -26.89 88.77
CA ALA EC 31 -38.21 -25.88 87.79
C ALA EC 31 -37.71 -24.58 88.45
N VAL EC 32 -38.57 -23.96 89.24
CA VAL EC 32 -38.35 -22.58 89.72
C VAL EC 32 -37.17 -22.46 90.69
N VAL EC 33 -36.79 -23.57 91.32
CA VAL EC 33 -35.56 -23.62 92.08
C VAL EC 33 -34.35 -23.86 91.15
N SER EC 34 -34.48 -24.77 90.16
CA SER EC 34 -33.36 -25.11 89.26
C SER EC 34 -33.03 -24.07 88.15
N GLU EC 35 -33.91 -23.08 87.94
CA GLU EC 35 -33.64 -21.95 87.02
C GLU EC 35 -33.23 -20.65 87.73
N ARG EC 36 -33.88 -20.33 88.85
CA ARG EC 36 -33.51 -19.17 89.68
C ARG EC 36 -32.20 -19.46 90.39
N LEU EC 37 -32.15 -20.62 91.03
CA LEU EC 37 -30.95 -21.13 91.68
C LEU EC 37 -30.38 -22.15 90.70
N LYS EC 38 -29.12 -22.52 90.87
CA LYS EC 38 -28.51 -23.50 89.98
C LYS EC 38 -28.41 -24.83 90.71
N ILE EC 39 -29.57 -25.41 91.00
CA ILE EC 39 -29.66 -26.75 91.57
C ILE EC 39 -30.08 -27.70 90.45
N ARG EC 40 -29.54 -28.94 90.46
CA ARG EC 40 -29.79 -29.97 89.42
C ARG EC 40 -31.27 -29.95 89.02
N GLY EC 41 -32.13 -30.27 89.98
CA GLY EC 41 -33.55 -30.43 89.72
C GLY EC 41 -34.07 -31.69 90.38
N SER EC 42 -33.28 -32.76 90.41
CA SER EC 42 -33.57 -33.94 91.25
C SER EC 42 -33.26 -33.66 92.73
N LEU EC 43 -32.20 -32.88 92.98
CA LEU EC 43 -31.91 -32.31 94.31
C LEU EC 43 -32.84 -31.14 94.65
N ALA EC 44 -33.44 -30.51 93.64
CA ALA EC 44 -34.54 -29.56 93.83
C ALA EC 44 -35.77 -30.37 94.22
N ARG EC 45 -36.13 -31.33 93.37
CA ARG EC 45 -37.15 -32.36 93.67
C ARG EC 45 -37.00 -32.69 95.14
N ALA EC 46 -35.79 -33.12 95.53
CA ALA EC 46 -35.46 -33.48 96.92
C ALA EC 46 -35.61 -32.32 97.92
N ALA EC 47 -34.96 -31.20 97.63
CA ALA EC 47 -34.97 -30.00 98.48
C ALA EC 47 -36.38 -29.56 98.87
N LEU EC 48 -37.32 -29.75 97.95
CA LEU EC 48 -38.70 -29.33 98.16
C LEU EC 48 -39.42 -30.19 99.21
N GLN EC 49 -38.98 -31.43 99.42
CA GLN EC 49 -39.50 -32.26 100.53
C GLN EC 49 -38.78 -31.86 101.82
N GLU EC 50 -37.46 -31.64 101.75
CA GLU EC 50 -36.68 -31.07 102.89
C GLU EC 50 -37.35 -29.79 103.43
N LEU EC 51 -37.78 -28.94 102.50
CA LEU EC 51 -38.44 -27.66 102.83
C LEU EC 51 -39.89 -27.82 103.36
N LEU EC 52 -40.40 -29.05 103.41
CA LEU EC 52 -41.57 -29.41 104.23
C LEU EC 52 -41.20 -29.85 105.65
N SER EC 53 -39.96 -29.55 106.09
CA SER EC 53 -39.53 -29.77 107.49
C SER EC 53 -40.56 -29.27 108.48
N LYS EC 54 -41.03 -28.06 108.24
CA LYS EC 54 -42.24 -27.56 108.87
C LYS EC 54 -42.93 -26.57 107.94
N GLY EC 55 -43.31 -27.05 106.76
CA GLY EC 55 -43.98 -26.24 105.73
C GLY EC 55 -43.53 -24.80 105.65
N LEU EC 56 -42.22 -24.59 105.53
CA LEU EC 56 -41.66 -23.27 105.17
C LEU EC 56 -42.34 -22.74 103.91
N ILE EC 57 -42.73 -23.68 103.03
CA ILE EC 57 -43.54 -23.41 101.85
C ILE EC 57 -44.77 -24.33 101.90
N LYS EC 58 -45.75 -24.05 101.03
CA LYS EC 58 -47.06 -24.70 101.07
C LYS EC 58 -47.37 -25.53 99.81
N LEU EC 59 -47.88 -26.73 100.03
CA LEU EC 59 -48.39 -27.57 98.96
C LEU EC 59 -49.83 -27.20 98.69
N VAL EC 60 -50.10 -26.77 97.46
CA VAL EC 60 -51.46 -26.60 96.97
C VAL EC 60 -52.01 -28.00 96.74
N SER EC 61 -51.28 -28.76 95.91
CA SER EC 61 -51.69 -30.10 95.50
C SER EC 61 -50.60 -30.77 94.67
N LYS EC 62 -49.93 -31.73 95.27
CA LYS EC 62 -49.04 -32.63 94.51
C LYS EC 62 -49.82 -33.54 93.55
N HIS EC 63 -49.75 -33.16 92.27
CA HIS EC 63 -50.22 -33.97 91.14
C HIS EC 63 -49.14 -34.98 90.88
N ARG EC 64 -49.53 -36.25 90.80
CA ARG EC 64 -48.63 -37.33 90.46
C ARG EC 64 -47.31 -36.83 89.85
N ALA EC 65 -47.40 -36.12 88.73
CA ALA EC 65 -46.21 -35.62 88.04
C ALA EC 65 -45.59 -34.40 88.71
N GLN EC 66 -46.39 -33.35 88.92
CA GLN EC 66 -45.87 -32.02 89.24
C GLN EC 66 -46.36 -31.45 90.58
N VAL EC 67 -45.38 -31.12 91.45
CA VAL EC 67 -45.59 -30.81 92.88
C VAL EC 67 -46.60 -29.69 93.13
N ILE EC 68 -46.42 -28.59 92.38
CA ILE EC 68 -47.34 -27.45 92.38
C ILE EC 68 -47.50 -26.80 93.77
N TYR EC 69 -46.72 -25.74 93.98
CA TYR EC 69 -46.06 -25.46 95.25
C TYR EC 69 -45.95 -23.94 95.51
N THR EC 70 -46.65 -23.48 96.53
CA THR EC 70 -47.00 -22.06 96.69
C THR EC 70 -46.13 -21.26 97.67
N ARG EC 71 -46.51 -19.99 97.86
CA ARG EC 71 -45.96 -19.14 98.93
C ARG EC 71 -46.27 -19.68 100.34
N ASN EC 72 -45.31 -19.42 101.24
CA ASN EC 72 -45.30 -19.78 102.69
C ASN EC 72 -46.65 -20.00 103.43
N THR EC 73 -47.64 -19.15 103.12
CA THR EC 73 -48.98 -19.05 103.78
C THR EC 73 -49.01 -17.89 104.77
N LYS EC 74 -48.63 -16.71 104.27
CA LYS EC 74 -48.65 -15.47 105.04
C LYS EC 74 -50.05 -14.83 104.95
N GLY EC 75 -50.21 -13.68 105.61
CA GLY EC 75 -51.47 -12.94 105.57
C GLY EC 75 -51.47 -11.69 106.44
N ARG FC 1 -54.42 12.26 62.85
CA ARG FC 1 -55.46 12.34 61.76
C ARG FC 1 -56.83 11.86 62.31
N VAL FC 2 -57.21 10.59 62.08
CA VAL FC 2 -58.42 9.96 62.65
C VAL FC 2 -58.10 8.48 62.88
N GLN FC 3 -58.36 7.98 64.10
CA GLN FC 3 -57.81 6.69 64.52
C GLN FC 3 -58.70 5.83 65.43
N PRO FC 4 -60.05 5.94 65.33
CA PRO FC 4 -60.87 5.28 66.33
C PRO FC 4 -60.98 3.78 66.09
N ILE FC 5 -61.70 3.10 66.97
CA ILE FC 5 -62.03 1.71 66.78
C ILE FC 5 -63.55 1.63 66.68
N LYS FC 6 -64.03 1.07 65.58
CA LYS FC 6 -65.46 0.97 65.36
C LYS FC 6 -65.84 -0.48 65.12
N LEU FC 7 -66.85 -0.95 65.82
CA LEU FC 7 -67.30 -2.32 65.65
C LEU FC 7 -68.68 -2.34 65.01
N ALA FC 8 -68.78 -2.98 63.85
CA ALA FC 8 -70.05 -3.13 63.17
C ALA FC 8 -70.11 -4.49 62.49
N ARG FC 9 -71.31 -5.04 62.36
CA ARG FC 9 -71.51 -6.28 61.64
C ARG FC 9 -72.47 -6.02 60.48
N VAL FC 10 -72.08 -6.43 59.28
CA VAL FC 10 -72.94 -6.20 58.12
C VAL FC 10 -74.25 -6.96 58.32
N THR FC 11 -75.35 -6.33 57.97
CA THR FC 11 -76.66 -6.93 58.16
C THR FC 11 -76.80 -8.20 57.32
N LYS FC 12 -76.30 -8.15 56.10
CA LYS FC 12 -76.35 -9.31 55.20
C LYS FC 12 -74.98 -9.74 54.71
N VAL FC 13 -74.68 -11.03 54.81
CA VAL FC 13 -73.53 -11.58 54.13
C VAL FC 13 -73.84 -11.42 52.66
N LEU FC 14 -72.83 -11.08 51.86
CA LEU FC 14 -73.10 -10.69 50.46
C LEU FC 14 -72.52 -11.62 49.40
N GLY FC 15 -71.26 -12.01 49.56
CA GLY FC 15 -70.59 -12.90 48.62
C GLY FC 15 -69.35 -13.47 49.26
N ARG FC 16 -68.58 -14.27 48.53
CA ARG FC 16 -67.38 -14.91 49.08
C ARG FC 16 -66.22 -14.80 48.12
N THR FC 17 -65.84 -13.55 47.88
CA THR FC 17 -64.81 -13.19 46.92
C THR FC 17 -63.42 -13.47 47.54
N GLY FC 18 -62.37 -12.84 47.02
CA GLY FC 18 -60.99 -13.25 47.31
C GLY FC 18 -60.58 -14.30 46.28
N SER FC 19 -59.27 -14.47 46.09
CA SER FC 19 -58.74 -15.37 45.06
C SER FC 19 -59.09 -16.81 45.37
N GLN FC 20 -58.60 -17.28 46.52
CA GLN FC 20 -58.79 -18.66 46.94
C GLN FC 20 -60.12 -18.93 47.61
N GLY FC 21 -61.02 -17.94 47.63
CA GLY FC 21 -62.21 -18.07 48.44
C GLY FC 21 -61.73 -17.90 49.87
N GLN FC 22 -61.54 -16.64 50.25
CA GLN FC 22 -61.20 -16.25 51.63
C GLN FC 22 -62.25 -15.28 52.14
N CYS FC 23 -62.31 -14.15 51.44
CA CYS FC 23 -62.92 -12.95 51.95
C CYS FC 23 -64.41 -13.01 51.71
N THR FC 24 -65.20 -12.91 52.77
CA THR FC 24 -66.64 -12.81 52.56
C THR FC 24 -66.98 -11.34 52.59
N GLN FC 25 -67.43 -10.81 51.46
CA GLN FC 25 -67.74 -9.39 51.41
C GLN FC 25 -68.89 -9.10 52.34
N VAL FC 26 -68.76 -8.02 53.11
CA VAL FC 26 -69.78 -7.67 54.09
C VAL FC 26 -70.17 -6.21 54.00
N ARG FC 27 -71.46 -5.95 54.17
CA ARG FC 27 -71.93 -4.59 54.29
C ARG FC 27 -72.13 -4.42 55.79
N VAL FC 28 -71.41 -3.47 56.37
CA VAL FC 28 -71.37 -3.36 57.82
C VAL FC 28 -71.88 -2.03 58.34
N GLU FC 29 -72.82 -2.10 59.29
CA GLU FC 29 -73.25 -0.92 60.00
C GLU FC 29 -72.10 -0.45 60.87
N PHE FC 30 -71.98 0.86 61.05
CA PHE FC 30 -70.87 1.37 61.84
C PHE FC 30 -70.96 0.88 63.27
N MET FC 31 -72.19 0.81 63.80
CA MET FC 31 -72.40 0.42 65.19
C MET FC 31 -72.15 1.62 66.09
N ASP FC 32 -70.97 2.21 65.97
CA ASP FC 32 -70.69 3.45 66.70
C ASP FC 32 -71.66 4.50 66.19
N ASP FC 33 -71.86 4.51 64.87
CA ASP FC 33 -72.86 5.36 64.24
C ASP FC 33 -73.81 4.50 63.41
N THR FC 34 -75.11 4.66 63.66
CA THR FC 34 -76.12 3.91 62.92
C THR FC 34 -76.13 4.27 61.43
N SER FC 35 -75.98 5.56 61.15
CA SER FC 35 -76.10 6.09 59.80
C SER FC 35 -75.05 5.57 58.82
N ARG FC 36 -73.80 5.46 59.27
CA ARG FC 36 -72.72 5.07 58.38
C ARG FC 36 -72.88 3.67 57.82
N SER FC 37 -72.61 3.53 56.53
CA SER FC 37 -72.61 2.23 55.88
C SER FC 37 -71.27 2.02 55.16
N ILE FC 38 -70.65 0.88 55.39
CA ILE FC 38 -69.36 0.59 54.77
C ILE FC 38 -69.31 -0.82 54.20
N ILE FC 39 -68.51 -1.00 53.15
CA ILE FC 39 -68.29 -2.32 52.58
C ILE FC 39 -66.85 -2.74 52.81
N ARG FC 40 -66.66 -3.91 53.39
CA ARG FC 40 -65.33 -4.41 53.71
C ARG FC 40 -65.24 -5.90 53.44
N ASN FC 41 -64.03 -6.38 53.20
CA ASN FC 41 -63.80 -7.81 53.01
C ASN FC 41 -63.30 -8.41 54.32
N VAL FC 42 -64.01 -9.42 54.81
CA VAL FC 42 -63.63 -10.06 56.08
C VAL FC 42 -62.98 -11.41 55.79
N LYS FC 43 -62.06 -11.84 56.65
CA LYS FC 43 -61.39 -13.15 56.49
C LYS FC 43 -62.00 -14.35 57.23
N GLY FC 44 -62.37 -14.17 58.48
CA GLY FC 44 -63.01 -15.23 59.25
C GLY FC 44 -64.44 -15.55 58.79
N PRO FC 45 -64.90 -16.78 59.06
CA PRO FC 45 -66.30 -17.15 58.85
C PRO FC 45 -67.35 -16.30 59.61
N VAL FC 46 -68.12 -15.48 58.89
CA VAL FC 46 -69.12 -14.55 59.48
C VAL FC 46 -70.55 -15.04 59.35
N ARG FC 47 -71.49 -14.41 60.08
CA ARG FC 47 -72.88 -14.32 59.60
C ARG FC 47 -73.70 -13.09 60.00
N GLU FC 48 -74.86 -12.99 59.36
CA GLU FC 48 -76.00 -12.13 59.72
C GLU FC 48 -76.22 -12.14 61.24
N GLY FC 49 -75.89 -11.03 61.90
CA GLY FC 49 -76.12 -10.88 63.34
C GLY FC 49 -74.86 -10.62 64.13
N ASP FC 50 -73.74 -11.22 63.69
CA ASP FC 50 -72.47 -11.11 64.40
C ASP FC 50 -71.81 -9.74 64.22
N VAL FC 51 -70.50 -8.65 65.67
CA VAL FC 51 -69.66 -7.46 65.56
C VAL FC 51 -68.24 -7.75 65.05
N LEU FC 52 -67.76 -6.90 64.13
CA LEU FC 52 -66.43 -7.05 63.54
C LEU FC 52 -65.63 -5.75 63.59
N THR FC 53 -64.33 -5.82 63.38
CA THR FC 53 -63.41 -4.71 63.67
C THR FC 53 -62.50 -4.35 62.50
N LEU FC 54 -62.47 -3.06 62.16
CA LEU FC 54 -61.59 -2.53 61.11
C LEU FC 54 -60.73 -1.39 61.63
N LEU FC 55 -59.44 -1.43 61.30
CA LEU FC 55 -58.49 -0.42 61.75
C LEU FC 55 -58.79 0.99 61.23
N GLU FC 56 -59.16 1.10 59.96
CA GLU FC 56 -59.46 2.40 59.34
C GLU FC 56 -60.89 2.40 58.82
N SER FC 57 -61.63 3.47 59.10
CA SER FC 57 -63.09 3.45 58.81
C SER FC 57 -63.40 4.36 57.64
N GLU FC 58 -62.83 3.98 56.52
CA GLU FC 58 -62.72 4.85 55.36
C GLU FC 58 -62.45 4.00 54.09
N ARG FC 59 -61.37 3.20 54.13
CA ARG FC 59 -60.93 2.30 53.03
C ARG FC 59 -62.03 1.69 52.17
N GLU FC 60 -63.11 1.24 52.81
CA GLU FC 60 -64.29 0.70 52.15
C GLU FC 60 -63.84 -0.34 51.12
N ALA FC 61 -63.23 -1.41 51.62
CA ALA FC 61 -62.52 -2.42 50.81
C ALA FC 61 -63.28 -2.81 49.54
N ARG FC 62 -62.69 -2.53 48.37
CA ARG FC 62 -63.34 -2.75 47.07
C ARG FC 62 -62.91 -4.06 46.42
N ARG FC 63 -63.58 -4.41 45.32
CA ARG FC 63 -63.34 -5.64 44.52
C ARG FC 63 -61.85 -6.08 44.55
N LEU FC 64 -61.60 -7.34 44.94
CA LEU FC 64 -60.24 -7.88 45.11
C LEU FC 64 -60.13 -9.31 44.53
N GLY GC 1 -38.59 -97.92 40.97
CA GLY GC 1 -39.25 -96.74 41.61
C GLY GC 1 -38.59 -96.30 42.91
N PHE GC 2 -37.58 -95.42 42.78
CA PHE GC 2 -36.93 -94.80 43.96
C PHE GC 2 -36.47 -93.35 43.66
N TYR GC 3 -36.14 -92.60 44.72
CA TYR GC 3 -35.65 -91.19 44.65
C TYR GC 3 -36.56 -90.16 44.04
N TRP GC 4 -37.13 -89.35 44.92
CA TRP GC 4 -37.82 -88.12 44.60
C TRP GC 4 -38.26 -87.51 45.95
N SER GC 5 -37.20 -87.06 46.67
CA SER GC 5 -37.09 -87.07 48.14
C SER GC 5 -36.62 -85.77 48.83
N HIS GC 6 -37.33 -85.39 49.90
CA HIS GC 6 -37.08 -84.18 50.70
C HIS GC 6 -38.11 -84.12 51.83
N PRO GC 7 -38.28 -82.92 52.41
CA PRO GC 7 -39.58 -82.48 52.88
C PRO GC 7 -40.42 -81.98 51.72
N ARG GC 8 -41.32 -82.85 51.29
CA ARG GC 8 -42.49 -82.45 50.57
C ARG GC 8 -43.61 -82.38 51.62
N LYS GC 9 -43.28 -82.10 52.90
CA LYS GC 9 -44.23 -82.26 54.02
C LYS GC 9 -44.68 -80.95 54.66
N PHE GC 10 -43.76 -79.99 54.77
CA PHE GC 10 -44.10 -78.56 54.87
C PHE GC 10 -43.46 -77.88 53.65
N GLY GC 11 -43.51 -76.54 53.61
CA GLY GC 11 -42.97 -75.75 52.50
C GLY GC 11 -43.81 -75.90 51.25
N GLN GC 12 -43.74 -74.93 50.34
CA GLN GC 12 -44.64 -74.96 49.17
C GLN GC 12 -44.31 -76.06 48.14
N GLY GC 13 -43.19 -76.75 48.36
CA GLY GC 13 -42.99 -78.11 47.86
C GLY GC 13 -44.27 -78.93 47.99
N SER GC 14 -44.78 -78.96 49.22
CA SER GC 14 -45.94 -79.76 49.59
C SER GC 14 -47.22 -79.23 48.97
N ARG GC 15 -47.61 -78.03 49.37
CA ARG GC 15 -48.93 -77.50 49.03
C ARG GC 15 -48.91 -76.77 47.68
N SER GC 16 -49.98 -76.98 46.92
CA SER GC 16 -50.19 -76.36 45.61
C SER GC 16 -51.68 -76.21 45.34
N CYS GC 17 -52.03 -75.50 44.27
CA CYS GC 17 -53.43 -75.23 43.96
C CYS GC 17 -54.13 -76.50 43.52
N ARG GC 18 -55.31 -76.73 44.06
CA ARG GC 18 -56.07 -77.91 43.72
C ARG GC 18 -56.62 -77.89 42.33
N VAL GC 19 -56.75 -76.71 41.75
CA VAL GC 19 -57.34 -76.58 40.43
C VAL GC 19 -56.28 -76.71 39.36
N CYS GC 20 -55.14 -76.06 39.59
CA CYS GC 20 -54.14 -75.90 38.53
C CYS GC 20 -52.68 -76.13 38.93
N SER GC 21 -52.44 -76.60 40.15
CA SER GC 21 -51.09 -77.03 40.57
C SER GC 21 -50.01 -75.93 40.54
N ASN GC 22 -50.42 -74.66 40.66
CA ASN GC 22 -49.50 -73.50 40.77
C ASN GC 22 -49.38 -73.16 42.24
N ARG GC 23 -48.27 -72.55 42.59
CA ARG GC 23 -47.69 -72.76 43.92
C ARG GC 23 -47.27 -71.43 44.50
N HIS GC 24 -48.16 -70.45 44.32
CA HIS GC 24 -47.99 -69.11 44.86
C HIS GC 24 -49.35 -68.51 45.16
N GLY GC 25 -49.34 -67.47 46.00
CA GLY GC 25 -50.53 -66.69 46.34
C GLY GC 25 -51.67 -67.58 46.71
N LEU GC 26 -51.41 -68.47 47.66
CA LEU GC 26 -52.25 -69.62 47.89
C LEU GC 26 -53.16 -69.41 49.10
N ILE GC 27 -54.45 -69.60 48.87
CA ILE GC 27 -55.47 -69.37 49.89
C ILE GC 27 -55.48 -70.57 50.83
N ARG GC 28 -54.56 -70.53 51.78
CA ARG GC 28 -54.42 -71.61 52.72
C ARG GC 28 -55.64 -71.70 53.61
N LYS GC 29 -56.06 -70.53 54.09
CA LYS GC 29 -57.12 -70.40 55.10
C LYS GC 29 -58.28 -71.29 54.76
N TYR GC 30 -58.97 -71.74 55.80
CA TYR GC 30 -60.29 -72.26 55.64
C TYR GC 30 -60.37 -73.55 54.79
N GLY GC 31 -59.25 -74.28 54.74
CA GLY GC 31 -59.12 -75.51 53.98
C GLY GC 31 -59.57 -75.42 52.53
N LEU GC 32 -59.13 -74.37 51.84
CA LEU GC 32 -59.38 -74.22 50.41
C LEU GC 32 -58.22 -74.77 49.60
N ASN GC 33 -57.07 -74.11 49.73
CA ASN GC 33 -55.88 -74.45 48.96
C ASN GC 33 -56.15 -74.26 47.44
N MET GC 34 -56.73 -73.11 47.14
CA MET GC 34 -56.85 -72.59 45.77
C MET GC 34 -55.73 -71.57 45.63
N CYS GC 35 -55.24 -71.36 44.41
CA CYS GC 35 -54.52 -70.12 44.12
C CYS GC 35 -55.53 -68.95 44.18
N ARG GC 36 -55.03 -67.76 44.50
CA ARG GC 36 -55.87 -66.56 44.66
C ARG GC 36 -56.74 -66.21 43.45
N GLN GC 37 -56.36 -66.65 42.25
CA GLN GC 37 -57.17 -66.46 41.03
C GLN GC 37 -58.23 -67.52 40.93
N CYS GC 38 -57.78 -68.74 41.16
CA CYS GC 38 -58.68 -69.85 41.21
C CYS GC 38 -59.76 -69.66 42.26
N PHE GC 39 -59.62 -68.67 43.15
CA PHE GC 39 -60.83 -68.17 43.80
C PHE GC 39 -61.83 -67.64 42.81
N ARG GC 40 -61.49 -66.51 42.21
CA ARG GC 40 -62.48 -65.70 41.55
C ARG GC 40 -63.16 -66.45 40.43
N GLN GC 41 -62.47 -67.46 39.88
CA GLN GC 41 -63.16 -68.45 39.06
C GLN GC 41 -64.15 -69.29 39.90
N TYR GC 42 -63.63 -70.08 40.85
CA TYR GC 42 -64.41 -71.13 41.54
C TYR GC 42 -65.01 -70.55 42.89
N ALA GC 43 -65.38 -69.25 42.88
CA ALA GC 43 -65.80 -68.47 44.08
C ALA GC 43 -67.31 -68.43 44.33
N LYS GC 44 -68.05 -67.94 43.34
CA LYS GC 44 -69.53 -67.97 43.38
C LYS GC 44 -70.03 -69.38 43.61
N ASP GC 45 -69.43 -70.30 42.87
CA ASP GC 45 -69.75 -71.71 43.00
C ASP GC 45 -69.50 -72.17 44.43
N ILE GC 46 -68.36 -71.78 45.02
CA ILE GC 46 -68.12 -72.10 46.43
C ILE GC 46 -69.25 -71.50 47.27
N GLY GC 47 -69.38 -70.18 47.23
CA GLY GC 47 -70.28 -69.47 48.15
C GLY GC 47 -69.90 -68.06 48.57
N PHE GC 48 -68.64 -67.69 48.39
CA PHE GC 48 -68.21 -66.34 48.73
C PHE GC 48 -68.78 -65.41 47.68
N ILE GC 49 -69.70 -64.59 48.16
CA ILE GC 49 -70.40 -63.59 47.37
C ILE GC 49 -69.90 -62.23 47.85
N LYS GC 50 -69.67 -61.34 46.90
CA LYS GC 50 -69.18 -60.02 47.22
C LYS GC 50 -70.38 -59.19 47.66
N LEU GC 51 -70.39 -58.76 48.92
CA LEU GC 51 -71.50 -57.97 49.48
C LEU GC 51 -71.11 -56.48 49.52
N ASP GC 52 -70.58 -55.98 50.64
CA ASP GC 52 -69.91 -54.67 50.64
C ASP GC 52 -68.51 -54.88 50.05
N LYS HC 1 -28.46 -65.41 25.15
CA LYS HC 1 -28.33 -65.95 26.53
C LYS HC 1 -26.86 -66.20 26.91
N LYS HC 2 -26.21 -67.12 26.18
CA LYS HC 2 -24.83 -67.54 26.48
C LYS HC 2 -24.18 -68.37 25.35
N SER HC 3 -24.83 -69.46 24.94
CA SER HC 3 -24.29 -70.48 24.01
C SER HC 3 -23.21 -71.32 24.72
N TYR HC 4 -23.52 -72.60 24.94
CA TYR HC 4 -22.75 -73.44 25.87
C TYR HC 4 -21.40 -73.90 25.30
N THR HC 5 -20.31 -73.42 25.89
CA THR HC 5 -18.95 -73.78 25.46
C THR HC 5 -18.66 -75.26 25.74
N THR HC 6 -18.89 -75.67 27.00
CA THR HC 6 -18.64 -77.04 27.49
C THR HC 6 -17.10 -77.28 27.62
N PRO HC 7 -16.57 -77.44 28.87
CA PRO HC 7 -15.15 -77.81 28.99
C PRO HC 7 -14.89 -79.14 28.27
N LYS HC 8 -14.01 -79.13 27.27
CA LYS HC 8 -13.90 -80.26 26.32
C LYS HC 8 -13.58 -81.60 27.01
N LYS HC 9 -14.65 -82.19 27.55
CA LYS HC 9 -14.60 -83.46 28.27
C LYS HC 9 -15.98 -84.09 28.16
N ASN HC 10 -16.40 -84.30 26.92
CA ASN HC 10 -17.76 -84.74 26.62
C ASN HC 10 -18.05 -86.12 27.19
N LYS HC 11 -18.74 -86.12 28.34
CA LYS HC 11 -18.85 -87.29 29.19
C LYS HC 11 -19.53 -88.47 28.52
N HIS HC 12 -19.03 -89.66 28.85
CA HIS HC 12 -19.39 -90.88 28.14
C HIS HC 12 -20.77 -91.36 28.56
N LYS HC 13 -21.65 -91.57 27.56
CA LYS HC 13 -22.85 -92.40 27.74
C LYS HC 13 -22.43 -93.83 27.42
N ARG HC 14 -22.63 -94.73 28.39
CA ARG HC 14 -21.94 -96.03 28.39
C ARG HC 14 -22.86 -97.26 28.36
N LYS HC 15 -22.33 -98.33 27.78
CA LYS HC 15 -23.11 -99.41 27.15
C LYS HC 15 -23.62 -100.51 28.08
N LYS HC 16 -23.21 -100.49 29.36
CA LYS HC 16 -23.36 -101.63 30.28
C LYS HC 16 -22.64 -102.91 29.83
N VAL HC 17 -21.65 -102.79 28.93
CA VAL HC 17 -20.94 -103.93 28.29
C VAL HC 17 -21.87 -104.84 27.45
N LYS HC 18 -21.33 -105.40 26.37
CA LYS HC 18 -22.07 -106.33 25.50
C LYS HC 18 -22.29 -107.68 26.22
N LEU HC 19 -21.27 -108.54 26.23
CA LEU HC 19 -21.24 -109.82 26.97
C LEU HC 19 -22.31 -110.87 26.62
N ALA HC 20 -21.86 -112.03 26.13
CA ALA HC 20 -22.70 -113.25 26.07
C ALA HC 20 -22.99 -113.77 27.49
N VAL HC 21 -22.03 -113.56 28.40
CA VAL HC 21 -22.14 -113.81 29.85
C VAL HC 21 -22.12 -115.31 30.22
N LEU HC 22 -23.11 -116.07 29.74
CA LEU HC 22 -23.22 -117.51 30.09
C LEU HC 22 -22.63 -118.45 29.05
N LYS HC 23 -21.30 -118.46 29.00
CA LYS HC 23 -20.51 -119.58 28.48
C LYS HC 23 -19.69 -120.27 29.60
N TYR HC 24 -19.37 -119.53 30.66
CA TYR HC 24 -18.41 -119.97 31.68
C TYR HC 24 -19.19 -120.74 32.77
N TYR HC 25 -19.36 -122.04 32.50
CA TYR HC 25 -20.28 -122.94 33.20
C TYR HC 25 -19.64 -124.34 33.09
N LYS HC 26 -18.93 -124.79 34.14
CA LYS HC 26 -18.10 -126.01 34.03
C LYS HC 26 -18.93 -127.32 34.01
N VAL HC 27 -19.16 -127.84 32.80
CA VAL HC 27 -19.87 -129.11 32.57
C VAL HC 27 -18.84 -130.24 32.54
N ASP HC 28 -18.48 -130.75 33.72
CA ASP HC 28 -17.44 -131.77 33.87
C ASP HC 28 -17.98 -133.15 33.44
N GLU HC 29 -17.68 -133.54 32.19
CA GLU HC 29 -18.08 -134.84 31.59
C GLU HC 29 -19.61 -134.98 31.33
N ASN HC 30 -20.39 -135.37 32.35
CA ASN HC 30 -21.85 -135.50 32.25
C ASN HC 30 -22.48 -134.18 32.74
N GLY HC 31 -23.82 -134.13 32.84
CA GLY HC 31 -24.52 -132.92 33.29
C GLY HC 31 -24.40 -132.65 34.79
N LYS HC 32 -23.56 -131.69 35.16
CA LYS HC 32 -23.41 -131.23 36.57
C LYS HC 32 -22.74 -129.84 36.62
N ILE HC 33 -23.35 -128.89 37.34
CA ILE HC 33 -22.94 -127.44 37.33
C ILE HC 33 -22.62 -126.79 38.68
N SER HC 34 -21.38 -126.32 38.81
CA SER HC 34 -20.88 -125.62 40.01
C SER HC 34 -19.42 -125.19 39.82
N ARG HC 35 -19.18 -123.87 39.71
CA ARG HC 35 -17.82 -123.27 39.81
C ARG HC 35 -17.68 -122.55 41.16
N LEU HC 36 -16.46 -122.08 41.46
CA LEU HC 36 -16.20 -121.30 42.70
C LEU HC 36 -15.33 -120.04 42.46
N ARG HC 37 -15.70 -118.96 43.18
CA ARG HC 37 -15.18 -117.57 43.09
C ARG HC 37 -15.74 -116.94 44.40
N ARG HC 38 -16.07 -115.64 44.44
CA ARG HC 38 -16.64 -115.03 45.66
C ARG HC 38 -18.20 -115.01 45.63
N GLU HC 39 -18.83 -114.94 46.82
CA GLU HC 39 -20.32 -114.98 46.97
C GLU HC 39 -20.91 -113.77 47.71
N CYS HC 40 -22.19 -113.50 47.42
CA CYS HC 40 -23.03 -112.52 48.12
C CYS HC 40 -23.88 -113.18 49.22
N PRO HC 41 -24.19 -112.43 50.31
CA PRO HC 41 -25.25 -112.82 51.27
C PRO HC 41 -26.62 -112.11 51.07
N SER HC 42 -27.48 -112.69 50.22
CA SER HC 42 -28.89 -112.28 50.06
C SER HC 42 -29.79 -113.54 49.97
N ASP HC 43 -31.12 -113.36 49.98
CA ASP HC 43 -32.09 -114.51 50.04
C ASP HC 43 -32.62 -114.97 48.68
N GLU HC 44 -33.10 -114.01 47.88
CA GLU HC 44 -33.49 -114.30 46.49
C GLU HC 44 -32.27 -114.72 45.67
N CYS HC 45 -31.12 -114.11 45.95
CA CYS HC 45 -29.82 -114.58 45.47
C CYS HC 45 -29.34 -115.74 46.38
N GLY HC 46 -29.96 -116.91 46.21
CA GLY HC 46 -29.78 -118.06 47.12
C GLY HC 46 -28.62 -119.00 46.80
N ALA HC 47 -27.45 -118.71 47.39
CA ALA HC 47 -26.25 -119.58 47.36
C ALA HC 47 -25.50 -119.65 46.02
N GLY HC 48 -26.21 -119.84 44.91
CA GLY HC 48 -25.62 -119.76 43.56
C GLY HC 48 -25.04 -118.40 43.19
N VAL HC 49 -25.58 -117.33 43.78
CA VAL HC 49 -25.18 -115.92 43.53
C VAL HC 49 -23.68 -115.68 43.43
N PHE HC 50 -23.25 -114.99 42.37
CA PHE HC 50 -21.88 -115.16 41.93
C PHE HC 50 -20.97 -113.89 41.68
N MET HC 51 -19.65 -113.98 42.03
CA MET HC 51 -18.69 -112.79 42.05
C MET HC 51 -17.26 -112.99 41.40
N ALA HC 52 -16.31 -112.06 41.60
CA ALA HC 52 -15.52 -111.47 40.47
C ALA HC 52 -14.00 -111.08 40.53
N SER HC 53 -13.58 -110.37 39.46
CA SER HC 53 -12.40 -109.46 39.43
C SER HC 53 -12.48 -108.34 38.32
N HIS HC 54 -12.40 -107.05 38.71
CA HIS HC 54 -12.59 -105.84 37.84
C HIS HC 54 -11.34 -104.95 37.94
N PHE HC 55 -11.49 -103.62 37.75
CA PHE HC 55 -10.78 -102.65 38.61
C PHE HC 55 -11.69 -102.45 39.81
N ASP HC 56 -11.60 -103.45 40.67
CA ASP HC 56 -12.33 -103.65 41.93
C ASP HC 56 -13.69 -104.40 41.90
N ARG HC 57 -14.73 -103.88 41.25
CA ARG HC 57 -16.11 -104.40 41.45
C ARG HC 57 -16.35 -105.91 41.12
N HIS HC 58 -17.54 -106.42 41.45
CA HIS HC 58 -17.71 -107.81 41.91
C HIS HC 58 -19.18 -108.38 41.81
N TYR HC 59 -20.15 -107.62 41.30
CA TYR HC 59 -21.51 -107.47 41.95
C TYR HC 59 -22.46 -108.71 41.87
N CYS HC 60 -23.54 -108.69 42.64
CA CYS HC 60 -24.52 -109.79 42.71
C CYS HC 60 -25.85 -109.26 42.17
N GLY HC 61 -26.52 -110.00 41.30
CA GLY HC 61 -27.64 -109.44 40.53
C GLY HC 61 -28.97 -110.19 40.52
N LYS HC 62 -29.50 -110.53 41.70
CA LYS HC 62 -30.57 -111.53 41.78
C LYS HC 62 -31.78 -111.37 42.69
N CYS HC 63 -31.89 -110.29 43.44
CA CYS HC 63 -33.21 -109.88 43.94
C CYS HC 63 -33.75 -108.96 42.81
N CYS HC 64 -34.00 -109.57 41.65
CA CYS HC 64 -33.96 -108.93 40.30
C CYS HC 64 -32.73 -107.97 40.12
N LEU HC 65 -32.93 -106.66 40.19
CA LEU HC 65 -31.86 -105.64 40.52
C LEU HC 65 -32.53 -105.07 41.77
N THR HC 66 -32.16 -105.69 42.87
CA THR HC 66 -32.18 -105.08 44.18
C THR HC 66 -31.02 -105.81 44.87
N TYR HC 67 -30.07 -105.05 45.39
CA TYR HC 67 -28.94 -105.53 46.19
C TYR HC 67 -27.54 -105.94 45.45
N CYS HC 68 -26.64 -104.94 45.15
CA CYS HC 68 -25.11 -104.87 44.89
C CYS HC 68 -24.28 -104.25 46.10
N PHE HC 69 -23.19 -104.86 46.59
CA PHE HC 69 -22.67 -104.66 47.99
C PHE HC 69 -21.88 -103.30 47.95
N ASN HC 70 -20.65 -103.21 48.48
CA ASN HC 70 -19.61 -102.13 48.20
C ASN HC 70 -18.06 -102.62 48.15
N LYS HC 71 -17.60 -103.47 47.18
CA LYS HC 71 -16.21 -104.12 47.06
C LYS HC 71 -15.87 -104.20 45.59
N THR IC 1 -130.01 -22.17 74.03
CA THR IC 1 -129.85 -21.53 75.37
C THR IC 1 -128.43 -21.59 75.96
N GLU IC 2 -127.43 -21.91 75.14
CA GLU IC 2 -126.07 -22.15 75.64
C GLU IC 2 -125.00 -22.11 74.53
N GLN IC 3 -123.75 -21.89 74.95
CA GLN IC 3 -122.62 -21.73 74.04
C GLN IC 3 -121.31 -22.21 74.71
N MET IC 4 -120.43 -22.86 73.93
CA MET IC 4 -119.16 -23.40 74.47
C MET IC 4 -118.14 -22.28 74.69
N THR IC 5 -117.04 -22.61 75.39
CA THR IC 5 -115.97 -21.65 75.67
C THR IC 5 -114.68 -22.36 76.09
N LEU IC 6 -113.54 -21.93 75.55
CA LEU IC 6 -112.24 -22.61 75.77
C LEU IC 6 -111.82 -22.61 77.24
N ARG IC 7 -112.09 -23.72 77.91
CA ARG IC 7 -111.80 -23.86 79.34
C ARG IC 7 -110.29 -23.93 79.55
N GLY IC 8 -109.64 -24.80 78.79
CA GLY IC 8 -108.20 -24.96 78.87
C GLY IC 8 -107.62 -25.70 77.68
N THR IC 9 -106.28 -25.68 77.65
CA THR IC 9 -105.49 -26.38 76.65
C THR IC 9 -104.53 -27.29 77.40
N LEU IC 10 -104.61 -28.58 77.11
CA LEU IC 10 -103.75 -29.57 77.73
C LEU IC 10 -102.40 -29.57 77.04
N LYS IC 11 -101.44 -30.25 77.66
CA LYS IC 11 -100.08 -30.37 77.11
C LYS IC 11 -99.86 -31.85 76.75
N GLY IC 12 -98.78 -32.47 77.23
CA GLY IC 12 -98.66 -33.92 77.28
C GLY IC 12 -98.10 -34.49 76.00
N HIS IC 13 -98.97 -34.58 75.00
CA HIS IC 13 -98.66 -35.32 73.81
C HIS IC 13 -97.65 -34.57 72.94
N ASN IC 14 -97.21 -35.28 71.92
CA ASN IC 14 -96.10 -34.91 71.07
C ASN IC 14 -96.45 -35.64 69.74
N GLY IC 15 -97.73 -35.46 69.36
CA GLY IC 15 -98.43 -36.21 68.29
C GLY IC 15 -99.91 -35.82 68.17
N TRP IC 16 -100.45 -35.71 66.94
CA TRP IC 16 -101.91 -35.36 66.71
C TRP IC 16 -102.68 -36.50 67.42
N VAL IC 17 -103.65 -36.12 68.25
CA VAL IC 17 -104.31 -37.07 69.17
C VAL IC 17 -105.33 -37.94 68.44
N THR IC 18 -104.91 -39.14 68.06
CA THR IC 18 -105.73 -40.06 67.25
C THR IC 18 -107.16 -40.30 67.74
N GLN IC 19 -107.35 -40.39 69.06
CA GLN IC 19 -108.66 -40.68 69.68
C GLN IC 19 -108.62 -40.25 71.15
N ILE IC 20 -109.78 -40.15 71.78
CA ILE IC 20 -109.89 -39.92 73.23
C ILE IC 20 -111.04 -40.77 73.81
N ALA IC 21 -110.76 -41.40 74.96
CA ALA IC 21 -111.70 -42.32 75.64
C ALA IC 21 -112.06 -41.80 77.03
N THR IC 22 -113.34 -41.49 77.22
CA THR IC 22 -113.89 -41.13 78.54
C THR IC 22 -114.19 -42.39 79.35
N THR IC 23 -114.54 -42.16 80.62
CA THR IC 23 -115.21 -43.16 81.43
C THR IC 23 -116.27 -42.43 82.26
N PRO IC 24 -117.52 -42.95 82.28
CA PRO IC 24 -118.50 -42.40 83.22
C PRO IC 24 -118.13 -42.63 84.68
N GLN IC 25 -117.65 -43.83 84.99
CA GLN IC 25 -117.38 -44.27 86.36
C GLN IC 25 -116.33 -43.43 87.12
N PHE IC 26 -115.49 -42.68 86.39
CA PHE IC 26 -114.70 -41.60 86.99
C PHE IC 26 -114.93 -40.32 86.19
N PRO IC 27 -115.58 -39.30 86.79
CA PRO IC 27 -115.81 -38.02 86.12
C PRO IC 27 -114.64 -37.03 86.22
N ASP IC 28 -113.58 -37.41 86.94
CA ASP IC 28 -112.31 -36.69 86.88
C ASP IC 28 -111.22 -37.63 86.39
N MET IC 29 -111.43 -38.15 85.17
CA MET IC 29 -110.44 -38.99 84.48
C MET IC 29 -110.73 -39.07 82.97
N ILE IC 30 -109.75 -38.70 82.14
CA ILE IC 30 -109.82 -38.88 80.69
C ILE IC 30 -108.56 -39.60 80.21
N LEU IC 31 -108.71 -40.45 79.20
CA LEU IC 31 -107.60 -41.15 78.59
C LEU IC 31 -107.49 -40.67 77.14
N SER IC 32 -106.28 -40.31 76.71
CA SER IC 32 -106.03 -39.80 75.35
C SER IC 32 -104.85 -40.51 74.68
N ALA IC 33 -105.08 -41.05 73.48
CA ALA IC 33 -104.03 -41.71 72.68
C ALA IC 33 -103.24 -40.67 71.91
N SER IC 34 -102.22 -41.09 71.17
CA SER IC 34 -101.43 -40.14 70.36
C SER IC 34 -100.48 -40.80 69.37
N ARG IC 35 -99.83 -39.94 68.57
CA ARG IC 35 -98.88 -40.37 67.54
C ARG IC 35 -97.57 -40.94 68.11
N ASP IC 36 -96.98 -40.23 69.07
CA ASP IC 36 -95.77 -40.71 69.78
C ASP IC 36 -95.84 -42.07 70.50
N LYS IC 37 -96.88 -42.89 70.26
CA LYS IC 37 -97.08 -44.21 70.88
C LYS IC 37 -97.61 -44.15 72.32
N THR IC 38 -97.74 -42.95 72.86
CA THR IC 38 -97.99 -42.76 74.27
C THR IC 38 -99.47 -42.48 74.47
N ILE IC 39 -100.17 -43.43 75.06
CA ILE IC 39 -101.53 -43.20 75.53
C ILE IC 39 -101.30 -42.64 76.92
N ILE IC 40 -101.59 -41.35 77.09
CA ILE IC 40 -101.34 -40.68 78.35
C ILE IC 40 -102.65 -40.71 79.13
N MET IC 41 -102.54 -40.90 80.44
CA MET IC 41 -103.68 -40.99 81.36
C MET IC 41 -103.85 -39.64 82.05
N TRP IC 42 -105.08 -39.12 82.07
CA TRP IC 42 -105.35 -37.74 82.48
C TRP IC 42 -106.29 -37.67 83.67
N LYS IC 43 -105.71 -37.45 84.85
CA LYS IC 43 -106.46 -37.04 86.02
C LYS IC 43 -106.91 -35.60 85.76
N LEU IC 44 -108.19 -35.43 85.44
CA LEU IC 44 -108.73 -34.10 85.15
C LEU IC 44 -108.88 -33.32 86.46
N THR IC 45 -107.76 -32.71 86.85
CA THR IC 45 -107.63 -31.95 88.08
C THR IC 45 -108.50 -30.70 88.16
N ARG IC 46 -108.81 -30.11 87.00
CA ARG IC 46 -109.65 -28.91 86.90
C ARG IC 46 -108.97 -27.62 87.43
N ASP IC 47 -107.65 -27.69 87.68
CA ASP IC 47 -106.90 -26.55 88.23
C ASP IC 47 -106.85 -25.37 87.22
N GLU IC 48 -106.49 -24.20 87.75
CA GLU IC 48 -106.20 -22.96 86.99
C GLU IC 48 -105.39 -23.13 85.70
N THR IC 49 -104.07 -23.37 85.82
CA THR IC 49 -103.14 -23.30 84.68
C THR IC 49 -103.35 -24.35 83.57
N ASN IC 50 -104.02 -25.45 83.89
CA ASN IC 50 -104.23 -26.56 82.96
C ASN IC 50 -105.53 -27.29 83.34
N TYR IC 51 -106.39 -27.65 82.36
CA TYR IC 51 -107.63 -28.35 82.76
C TYR IC 51 -107.33 -29.75 83.43
N GLY IC 52 -106.21 -30.40 83.07
CA GLY IC 52 -105.86 -31.71 83.67
C GLY IC 52 -104.39 -32.11 83.55
N ILE IC 53 -104.01 -33.24 84.16
CA ILE IC 53 -102.60 -33.63 84.33
C ILE IC 53 -102.29 -34.99 83.69
N PRO IC 54 -101.09 -35.13 83.06
CA PRO IC 54 -100.63 -36.42 82.52
C PRO IC 54 -100.07 -37.42 83.57
N GLN IC 55 -100.95 -38.21 84.18
CA GLN IC 55 -100.60 -39.19 85.23
C GLN IC 55 -99.43 -40.12 84.84
N ARG IC 56 -99.67 -40.92 83.80
CA ARG IC 56 -98.76 -41.99 83.36
C ARG IC 56 -98.69 -41.95 81.84
N ALA IC 57 -97.90 -42.85 81.27
CA ALA IC 57 -97.92 -43.11 79.84
C ALA IC 57 -97.97 -44.61 79.64
N LEU IC 58 -99.00 -45.09 78.97
CA LEU IC 58 -99.04 -46.48 78.54
C LEU IC 58 -98.08 -46.59 77.36
N ARG IC 59 -97.05 -47.42 77.51
CA ARG IC 59 -95.89 -47.43 76.60
C ARG IC 59 -95.99 -48.48 75.49
N GLY IC 60 -95.20 -49.56 75.55
CA GLY IC 60 -95.50 -50.80 74.82
C GLY IC 60 -95.74 -50.71 73.33
N HIS IC 61 -96.88 -50.13 72.96
CA HIS IC 61 -97.22 -49.86 71.57
C HIS IC 61 -96.08 -49.34 70.67
N SER IC 62 -96.10 -49.77 69.40
CA SER IC 62 -95.04 -49.49 68.41
C SER IC 62 -95.29 -48.25 67.54
N HIS IC 63 -96.55 -47.80 67.39
CA HIS IC 63 -96.89 -46.53 66.68
C HIS IC 63 -98.04 -45.73 67.27
N PHE IC 64 -98.14 -44.48 66.77
CA PHE IC 64 -99.41 -43.75 66.56
C PHE IC 64 -100.60 -44.65 66.94
N VAL IC 65 -101.22 -44.41 68.10
CA VAL IC 65 -102.24 -45.33 68.61
C VAL IC 65 -103.64 -44.89 68.14
N SER IC 66 -104.07 -45.43 67.01
CA SER IC 66 -105.29 -45.02 66.30
C SER IC 66 -106.53 -44.85 67.17
N ASP IC 67 -106.77 -45.81 68.08
CA ASP IC 67 -107.94 -45.77 68.96
C ASP IC 67 -107.60 -46.19 70.37
N VAL IC 68 -108.25 -45.54 71.32
CA VAL IC 68 -108.25 -45.94 72.71
C VAL IC 68 -109.69 -45.85 73.22
N VAL IC 69 -110.08 -46.82 74.03
CA VAL IC 69 -111.41 -46.89 74.64
C VAL IC 69 -111.19 -47.50 76.03
N ILE IC 70 -111.96 -47.05 77.01
CA ILE IC 70 -111.90 -47.64 78.36
C ILE IC 70 -113.08 -48.60 78.55
N SER IC 71 -112.96 -49.50 79.52
CA SER IC 71 -114.12 -50.19 80.08
C SER IC 71 -115.06 -49.19 80.74
N SER IC 72 -116.36 -49.51 80.76
CA SER IC 72 -117.37 -48.67 81.44
C SER IC 72 -117.06 -48.52 82.95
N ASP IC 73 -116.29 -49.46 83.48
CA ASP IC 73 -115.81 -49.43 84.86
C ASP IC 73 -114.69 -48.40 85.15
N GLY IC 74 -113.99 -47.93 84.11
CA GLY IC 74 -112.95 -46.91 84.26
C GLY IC 74 -111.64 -47.45 84.81
N GLN IC 75 -111.15 -48.54 84.21
CA GLN IC 75 -110.07 -49.35 84.77
C GLN IC 75 -109.19 -50.13 83.78
N PHE IC 76 -109.79 -50.80 82.80
CA PHE IC 76 -109.06 -51.68 81.85
C PHE IC 76 -109.27 -51.24 80.39
N ALA IC 77 -108.42 -50.30 79.96
CA ALA IC 77 -108.58 -49.62 78.67
C ALA IC 77 -107.92 -50.36 77.53
N LEU IC 78 -108.69 -50.64 76.49
CA LEU IC 78 -108.12 -51.13 75.24
C LEU IC 78 -107.38 -50.02 74.52
N SER IC 79 -106.53 -50.42 73.58
CA SER IC 79 -105.95 -49.50 72.61
C SER IC 79 -105.41 -50.28 71.41
N GLY IC 80 -105.73 -49.77 70.22
CA GLY IC 80 -105.31 -50.35 68.94
C GLY IC 80 -104.51 -49.31 68.18
N SER IC 81 -103.51 -49.77 67.43
CA SER IC 81 -102.46 -48.89 66.97
C SER IC 81 -101.95 -49.09 65.55
N TRP IC 82 -101.03 -48.20 65.18
CA TRP IC 82 -100.40 -48.15 63.87
C TRP IC 82 -99.36 -49.32 63.67
N ASP IC 83 -99.36 -50.31 64.58
CA ASP IC 83 -98.53 -51.60 64.54
C ASP IC 83 -99.28 -52.77 63.92
N GLY IC 84 -100.51 -52.96 64.35
CA GLY IC 84 -101.29 -54.15 64.06
C GLY IC 84 -101.53 -55.02 65.29
N THR IC 85 -101.74 -54.38 66.45
CA THR IC 85 -101.98 -55.10 67.70
C THR IC 85 -102.88 -54.31 68.65
N LEU IC 86 -104.02 -54.92 69.00
CA LEU IC 86 -104.83 -54.44 70.12
C LEU IC 86 -104.13 -54.84 71.39
N ARG IC 87 -104.38 -54.09 72.46
CA ARG IC 87 -103.85 -54.42 73.78
C ARG IC 87 -104.78 -53.96 74.90
N LEU IC 88 -104.88 -54.79 75.95
CA LEU IC 88 -105.70 -54.50 77.13
C LEU IC 88 -104.87 -53.77 78.20
N TRP IC 89 -104.83 -52.44 78.11
CA TRP IC 89 -104.01 -51.59 78.97
C TRP IC 89 -104.73 -51.30 80.30
N ASP IC 90 -104.31 -52.01 81.36
CA ASP IC 90 -104.83 -51.75 82.71
C ASP IC 90 -104.43 -50.33 83.15
N LEU IC 91 -105.44 -49.48 83.25
CA LEU IC 91 -105.31 -48.03 83.43
C LEU IC 91 -104.61 -47.60 84.72
N THR IC 92 -104.90 -48.28 85.83
CA THR IC 92 -104.44 -47.84 87.16
C THR IC 92 -102.93 -47.99 87.40
N THR IC 93 -102.26 -48.87 86.63
CA THR IC 93 -100.82 -49.14 86.79
C THR IC 93 -99.99 -48.94 85.52
N GLY IC 94 -100.41 -49.54 84.41
CA GLY IC 94 -99.67 -49.43 83.14
C GLY IC 94 -99.74 -50.72 82.37
N THR IC 95 -98.76 -51.58 82.63
CA THR IC 95 -98.71 -52.99 82.19
C THR IC 95 -99.78 -53.55 81.22
N THR IC 96 -99.30 -54.06 80.09
CA THR IC 96 -100.11 -54.90 79.22
C THR IC 96 -100.57 -56.14 80.00
N THR IC 97 -101.78 -56.07 80.54
CA THR IC 97 -102.35 -57.21 81.26
C THR IC 97 -102.62 -58.36 80.29
N ARG IC 98 -103.19 -58.02 79.13
CA ARG IC 98 -103.25 -58.92 77.98
C ARG IC 98 -103.01 -58.07 76.74
N ARG IC 99 -102.54 -58.71 75.66
CA ARG IC 99 -102.64 -58.12 74.32
C ARG IC 99 -103.38 -59.06 73.39
N PHE IC 100 -103.56 -58.59 72.16
CA PHE IC 100 -104.17 -59.38 71.11
C PHE IC 100 -103.33 -59.35 69.84
N VAL IC 101 -103.35 -60.46 69.12
CA VAL IC 101 -102.66 -60.60 67.85
C VAL IC 101 -103.63 -61.22 66.85
N GLY IC 102 -103.55 -60.80 65.60
CA GLY IC 102 -104.43 -61.29 64.55
C GLY IC 102 -104.45 -60.35 63.39
N HIS IC 103 -104.57 -59.05 63.69
CA HIS IC 103 -104.50 -58.02 62.66
C HIS IC 103 -103.12 -57.96 62.04
N THR IC 104 -103.03 -58.35 60.77
CA THR IC 104 -101.79 -58.26 60.01
C THR IC 104 -101.44 -56.79 59.87
N LYS IC 105 -102.30 -56.05 59.18
CA LYS IC 105 -102.05 -54.64 58.91
C LYS IC 105 -102.46 -53.76 60.12
N ASP IC 106 -102.54 -52.45 59.92
CA ASP IC 106 -102.67 -51.47 61.01
C ASP IC 106 -104.07 -51.46 61.61
N VAL IC 107 -104.16 -51.35 62.94
CA VAL IC 107 -105.46 -51.32 63.63
C VAL IC 107 -105.93 -49.89 63.77
N LEU IC 108 -107.11 -49.62 63.25
CA LEU IC 108 -107.61 -48.26 63.06
C LEU IC 108 -108.58 -47.90 64.16
N SER IC 109 -109.34 -48.88 64.64
CA SER IC 109 -110.28 -48.65 65.72
C SER IC 109 -110.59 -49.91 66.48
N VAL IC 110 -111.03 -49.71 67.71
CA VAL IC 110 -111.36 -50.78 68.61
C VAL IC 110 -112.56 -50.38 69.46
N ALA IC 111 -113.56 -51.25 69.47
CA ALA IC 111 -114.80 -51.03 70.19
C ALA IC 111 -114.84 -52.00 71.36
N PHE IC 112 -114.81 -51.45 72.57
CA PHE IC 112 -114.96 -52.23 73.79
C PHE IC 112 -116.42 -52.15 74.21
N SER IC 113 -116.93 -53.24 74.78
CA SER IC 113 -118.37 -53.33 75.08
C SER IC 113 -118.83 -52.54 76.31
N SER IC 114 -120.09 -52.13 76.30
CA SER IC 114 -120.78 -51.54 77.46
C SER IC 114 -120.85 -52.52 78.64
N ASP IC 115 -120.95 -53.82 78.31
CA ASP IC 115 -121.07 -54.91 79.29
C ASP IC 115 -119.71 -55.49 79.67
N ASN IC 116 -118.65 -54.94 79.05
CA ASN IC 116 -117.25 -55.19 79.39
C ASN IC 116 -116.87 -56.66 79.21
N ARG IC 117 -117.45 -57.28 78.18
CA ARG IC 117 -117.43 -58.72 77.99
C ARG IC 117 -117.35 -59.12 76.51
N GLN IC 118 -116.85 -58.21 75.69
CA GLN IC 118 -117.01 -58.29 74.25
C GLN IC 118 -116.18 -57.16 73.60
N ILE IC 119 -115.39 -57.51 72.59
CA ILE IC 119 -114.48 -56.57 71.91
C ILE IC 119 -114.61 -56.71 70.39
N VAL IC 120 -114.44 -55.58 69.69
CA VAL IC 120 -114.48 -55.52 68.23
C VAL IC 120 -113.34 -54.63 67.77
N SER IC 121 -112.80 -54.88 66.57
CA SER IC 121 -111.67 -54.07 66.07
C SER IC 121 -111.46 -54.11 64.56
N GLY IC 122 -111.14 -52.93 63.99
CA GLY IC 122 -111.02 -52.74 62.53
C GLY IC 122 -109.61 -52.46 62.06
N SER IC 123 -109.21 -53.14 60.99
CA SER IC 123 -107.86 -53.04 60.41
C SER IC 123 -107.89 -53.26 58.90
N ARG IC 124 -106.76 -52.97 58.24
CA ARG IC 124 -106.68 -53.02 56.78
C ARG IC 124 -106.44 -54.37 56.15
N ASP IC 125 -106.38 -55.39 56.98
CA ASP IC 125 -106.79 -56.72 56.55
C ASP IC 125 -108.26 -56.72 56.04
N LYS IC 126 -108.96 -55.59 56.23
CA LYS IC 126 -110.29 -55.30 55.70
C LYS IC 126 -111.29 -56.20 56.42
N THR IC 127 -111.03 -56.41 57.70
CA THR IC 127 -111.81 -57.32 58.54
C THR IC 127 -111.92 -56.78 59.97
N ILE IC 128 -113.12 -56.93 60.52
CA ILE IC 128 -113.52 -56.36 61.81
C ILE IC 128 -113.51 -57.47 62.85
N LYS IC 129 -112.32 -57.93 63.23
CA LYS IC 129 -112.21 -59.10 64.11
C LYS IC 129 -112.84 -58.84 65.50
N LEU IC 130 -113.20 -59.94 66.17
CA LEU IC 130 -114.06 -59.94 67.37
C LEU IC 130 -113.34 -60.58 68.60
N TRP IC 131 -112.80 -59.74 69.48
CA TRP IC 131 -111.76 -60.16 70.47
C TRP IC 131 -112.35 -60.60 71.79
N ASN IC 132 -112.25 -61.90 72.09
CA ASN IC 132 -112.61 -62.40 73.41
C ASN IC 132 -111.57 -61.88 74.44
N THR IC 133 -112.05 -61.28 75.54
CA THR IC 133 -111.25 -60.46 76.50
C THR IC 133 -109.93 -61.08 77.02
N LEU IC 134 -109.79 -62.39 76.85
CA LEU IC 134 -108.50 -63.09 77.02
C LEU IC 134 -107.45 -62.59 76.05
N GLY IC 135 -107.76 -62.70 74.76
CA GLY IC 135 -106.75 -62.69 73.71
C GLY IC 135 -107.22 -63.32 72.39
N VAL IC 136 -108.10 -64.32 72.47
CA VAL IC 136 -108.56 -65.05 71.28
C VAL IC 136 -109.69 -64.31 70.58
N CYS IC 137 -109.70 -64.40 69.24
CA CYS IC 137 -110.81 -63.86 68.45
C CYS IC 137 -111.97 -64.86 68.43
N LYS IC 138 -113.20 -64.36 68.54
CA LYS IC 138 -114.39 -65.22 68.40
C LYS IC 138 -114.65 -65.53 66.92
N TYR IC 139 -115.35 -64.67 66.16
CA TYR IC 139 -115.23 -64.77 64.68
C TYR IC 139 -114.67 -63.50 64.00
N THR IC 140 -113.62 -63.74 63.19
CA THR IC 140 -113.03 -62.78 62.27
C THR IC 140 -114.01 -62.36 61.18
N VAL IC 141 -114.62 -61.20 61.34
CA VAL IC 141 -115.57 -60.67 60.36
C VAL IC 141 -114.98 -60.71 58.93
N GLN IC 142 -115.35 -61.74 58.18
CA GLN IC 142 -115.14 -61.81 56.73
C GLN IC 142 -116.51 -61.52 56.08
N ASP IC 143 -116.76 -61.98 54.85
CA ASP IC 143 -118.09 -61.88 54.17
C ASP IC 143 -118.19 -60.52 53.48
N GLU IC 144 -117.29 -60.33 52.50
CA GLU IC 144 -117.07 -59.04 51.84
C GLU IC 144 -117.34 -57.90 52.85
N SER IC 145 -116.55 -57.92 53.93
CA SER IC 145 -116.72 -57.02 55.07
C SER IC 145 -116.64 -55.58 54.64
N HIS IC 146 -115.53 -55.30 53.96
CA HIS IC 146 -115.34 -54.05 53.27
C HIS IC 146 -114.38 -54.33 52.12
N SER IC 147 -114.69 -53.81 50.93
CA SER IC 147 -113.77 -53.90 49.79
C SER IC 147 -112.45 -53.14 50.04
N GLU IC 148 -112.46 -52.16 50.95
CA GLU IC 148 -111.31 -51.30 51.24
C GLU IC 148 -111.11 -51.22 52.79
N TRP IC 149 -110.65 -50.07 53.30
CA TRP IC 149 -110.22 -49.92 54.70
C TRP IC 149 -111.40 -49.89 55.68
N VAL IC 150 -111.11 -50.01 56.98
CA VAL IC 150 -112.15 -50.19 58.04
C VAL IC 150 -112.05 -49.13 59.12
N SER IC 151 -112.36 -47.90 58.74
CA SER IC 151 -111.86 -46.72 59.47
C SER IC 151 -112.23 -46.68 60.94
N CYS IC 152 -113.49 -47.01 61.24
CA CYS IC 152 -113.98 -46.98 62.61
C CYS IC 152 -115.15 -47.93 62.84
N VAL IC 153 -114.91 -48.93 63.69
CA VAL IC 153 -115.91 -49.90 64.10
C VAL IC 153 -116.29 -49.57 65.53
N ARG IC 154 -117.58 -49.49 65.76
CA ARG IC 154 -118.10 -49.05 67.04
C ARG IC 154 -119.36 -49.84 67.36
N PHE IC 155 -119.78 -49.71 68.61
CA PHE IC 155 -120.49 -50.74 69.32
C PHE IC 155 -121.76 -50.17 69.92
N SER IC 156 -122.88 -50.84 69.65
CA SER IC 156 -124.20 -50.33 70.05
C SER IC 156 -124.41 -50.39 71.57
N PRO IC 157 -125.22 -49.47 72.10
CA PRO IC 157 -125.90 -49.73 73.37
C PRO IC 157 -126.74 -51.00 73.29
N ASN IC 158 -126.81 -51.74 74.38
CA ASN IC 158 -127.30 -53.12 74.39
C ASN IC 158 -128.80 -53.29 74.09
N SER IC 159 -129.58 -52.22 74.32
CA SER IC 159 -131.02 -52.28 74.22
C SER IC 159 -131.55 -52.48 72.79
N SER IC 160 -131.47 -53.75 72.34
CA SER IC 160 -132.02 -54.25 71.05
C SER IC 160 -131.42 -55.63 70.78
N ASN IC 161 -130.11 -55.65 70.59
CA ASN IC 161 -129.36 -56.84 70.16
C ASN IC 161 -127.86 -56.50 70.16
N PRO IC 162 -126.96 -57.50 70.36
CA PRO IC 162 -125.55 -57.32 70.02
C PRO IC 162 -125.35 -56.85 68.56
N ILE IC 163 -125.32 -55.53 68.40
CA ILE IC 163 -125.21 -54.87 67.10
C ILE IC 163 -123.97 -53.98 67.10
N ILE IC 164 -123.28 -53.94 65.97
CA ILE IC 164 -122.11 -53.09 65.76
C ILE IC 164 -122.20 -52.39 64.43
N VAL IC 165 -121.61 -51.20 64.35
CA VAL IC 165 -121.57 -50.42 63.13
C VAL IC 165 -120.10 -50.31 62.72
N SER IC 166 -119.82 -50.45 61.43
CA SER IC 166 -118.44 -50.51 60.93
C SER IC 166 -118.27 -49.78 59.61
N CYS IC 167 -117.74 -48.55 59.66
CA CYS IC 167 -117.57 -47.77 58.44
C CYS IC 167 -116.36 -48.25 57.65
N GLY IC 168 -116.53 -48.20 56.33
CA GLY IC 168 -115.55 -48.67 55.39
C GLY IC 168 -115.13 -47.56 54.45
N TRP IC 169 -113.83 -47.36 54.36
CA TRP IC 169 -113.23 -46.61 53.26
C TRP IC 169 -113.65 -47.12 51.89
N ASP IC 170 -114.25 -48.31 51.82
CA ASP IC 170 -114.99 -48.73 50.61
C ASP IC 170 -116.18 -47.84 50.23
N LYS IC 171 -116.44 -46.77 51.02
CA LYS IC 171 -117.50 -45.77 50.77
C LYS IC 171 -118.77 -46.14 51.56
N LEU IC 172 -118.97 -47.43 51.87
CA LEU IC 172 -120.15 -47.95 52.59
C LEU IC 172 -119.98 -47.85 54.10
N VAL IC 173 -121.04 -47.45 54.79
CA VAL IC 173 -121.21 -47.73 56.23
C VAL IC 173 -121.85 -49.13 56.26
N LYS IC 174 -121.70 -49.85 57.37
CA LYS IC 174 -122.40 -51.11 57.54
C LYS IC 174 -122.77 -51.35 59.00
N VAL IC 175 -123.82 -52.14 59.20
CA VAL IC 175 -124.21 -52.62 60.54
C VAL IC 175 -124.19 -54.14 60.52
N TRP IC 176 -123.56 -54.72 61.53
CA TRP IC 176 -123.29 -56.15 61.57
C TRP IC 176 -123.95 -56.77 62.80
N ASN IC 177 -124.70 -57.85 62.59
CA ASN IC 177 -125.28 -58.60 63.70
C ASN IC 177 -124.21 -59.46 64.37
N LEU IC 178 -123.97 -59.26 65.68
CA LEU IC 178 -122.99 -60.05 66.46
C LEU IC 178 -123.50 -61.41 66.93
N ALA IC 179 -124.81 -61.51 67.17
CA ALA IC 179 -125.41 -62.76 67.66
C ALA IC 179 -125.12 -63.92 66.72
N ASN IC 180 -125.66 -63.87 65.50
CA ASN IC 180 -125.26 -64.83 64.46
C ASN IC 180 -123.84 -64.53 63.95
N CYS IC 181 -123.57 -63.27 63.61
CA CYS IC 181 -122.34 -62.80 62.92
C CYS IC 181 -122.54 -62.75 61.39
N LYS IC 182 -123.24 -61.71 60.94
CA LYS IC 182 -123.30 -61.35 59.50
C LYS IC 182 -123.61 -59.87 59.31
N LEU IC 183 -123.54 -59.42 58.05
CA LEU IC 183 -123.98 -58.08 57.65
C LEU IC 183 -125.50 -57.94 57.82
N LYS IC 184 -125.91 -57.03 58.70
CA LYS IC 184 -127.31 -56.80 59.01
C LYS IC 184 -127.93 -55.82 58.01
N THR IC 185 -127.17 -54.75 57.70
CA THR IC 185 -127.55 -53.81 56.62
C THR IC 185 -126.31 -53.11 56.00
N ASN IC 186 -126.33 -52.96 54.67
CA ASN IC 186 -125.41 -52.08 53.97
C ASN IC 186 -126.07 -50.71 53.92
N HIS IC 187 -125.74 -49.89 54.90
CA HIS IC 187 -126.09 -48.50 54.86
C HIS IC 187 -125.23 -47.84 53.75
N ILE IC 188 -125.73 -47.76 52.52
CA ILE IC 188 -125.01 -47.11 51.40
C ILE IC 188 -125.34 -45.61 51.37
N GLY IC 189 -124.35 -44.75 51.17
CA GLY IC 189 -124.63 -43.31 51.10
C GLY IC 189 -123.49 -42.40 50.71
N HIS IC 190 -122.38 -42.47 51.44
CA HIS IC 190 -121.31 -41.44 51.35
C HIS IC 190 -120.52 -41.44 50.07
N THR IC 191 -119.62 -40.47 49.93
CA THR IC 191 -118.87 -40.31 48.71
C THR IC 191 -117.44 -39.95 49.08
N GLY IC 192 -116.50 -40.81 48.67
CA GLY IC 192 -115.11 -40.65 49.02
C GLY IC 192 -114.81 -41.77 49.97
N TYR IC 193 -114.69 -41.43 51.25
CA TYR IC 193 -114.52 -42.44 52.29
C TYR IC 193 -115.35 -42.09 53.52
N LEU IC 194 -115.16 -42.86 54.60
CA LEU IC 194 -115.84 -42.65 55.89
C LEU IC 194 -114.85 -42.77 57.02
N ASN IC 195 -114.68 -41.71 57.82
CA ASN IC 195 -113.60 -41.66 58.83
C ASN IC 195 -114.03 -41.75 60.30
N THR IC 196 -115.27 -42.21 60.53
CA THR IC 196 -115.77 -42.48 61.87
C THR IC 196 -117.16 -43.12 61.86
N VAL IC 197 -117.52 -43.71 63.00
CA VAL IC 197 -118.91 -43.97 63.35
C VAL IC 197 -119.09 -43.60 64.82
N THR IC 198 -120.25 -43.01 65.15
CA THR IC 198 -120.70 -42.93 66.54
C THR IC 198 -122.16 -43.36 66.59
N VAL IC 199 -122.48 -44.13 67.63
CA VAL IC 199 -123.84 -44.58 67.90
C VAL IC 199 -124.34 -43.76 69.08
N SER IC 200 -125.62 -43.38 69.01
CA SER IC 200 -126.23 -42.53 70.03
C SER IC 200 -126.29 -43.22 71.41
N PRO IC 201 -126.61 -42.46 72.49
CA PRO IC 201 -126.85 -43.07 73.82
C PRO IC 201 -128.13 -43.96 73.91
N ASP IC 202 -129.07 -43.74 72.99
CA ASP IC 202 -130.33 -44.48 72.93
C ASP IC 202 -130.15 -45.85 72.26
N GLY IC 203 -129.51 -45.86 71.09
CA GLY IC 203 -129.44 -47.03 70.20
C GLY IC 203 -130.35 -46.93 68.98
N SER IC 204 -130.76 -45.71 68.65
CA SER IC 204 -131.62 -45.43 67.49
C SER IC 204 -130.82 -44.81 66.35
N LEU IC 205 -130.07 -43.74 66.66
CA LEU IC 205 -129.33 -42.97 65.65
C LEU IC 205 -127.87 -43.38 65.51
N CYS IC 206 -127.43 -43.54 64.25
CA CYS IC 206 -126.01 -43.69 63.89
C CYS IC 206 -125.59 -42.51 63.04
N ALA IC 207 -124.42 -41.95 63.33
CA ALA IC 207 -123.80 -40.95 62.45
C ALA IC 207 -122.44 -41.43 61.98
N SER IC 208 -122.10 -40.97 60.78
CA SER IC 208 -120.86 -41.35 60.12
C SER IC 208 -120.48 -40.24 59.15
N GLY IC 209 -119.22 -39.84 59.21
CA GLY IC 209 -118.69 -38.72 58.40
C GLY IC 209 -117.36 -39.08 57.78
N GLY IC 210 -117.10 -38.52 56.61
CA GLY IC 210 -115.92 -38.87 55.82
C GLY IC 210 -115.36 -37.68 55.09
N LYS IC 211 -114.78 -37.92 53.92
CA LYS IC 211 -114.20 -36.84 53.14
C LYS IC 211 -115.28 -35.87 52.70
N ASP IC 212 -116.43 -36.35 52.18
CA ASP IC 212 -117.35 -35.42 51.50
C ASP IC 212 -118.10 -34.40 52.37
N GLY IC 213 -117.92 -34.47 53.69
CA GLY IC 213 -118.53 -33.48 54.57
C GLY IC 213 -120.00 -33.76 54.82
N GLN IC 214 -120.59 -34.70 54.08
CA GLN IC 214 -121.89 -35.25 54.41
C GLN IC 214 -121.66 -36.00 55.73
N ALA IC 215 -122.56 -35.80 56.68
CA ALA IC 215 -122.47 -36.42 58.02
C ALA IC 215 -123.77 -37.11 58.35
N MET IC 216 -124.19 -37.98 57.44
CA MET IC 216 -125.56 -38.47 57.39
C MET IC 216 -126.00 -39.14 58.70
N LEU IC 217 -127.29 -39.03 59.00
CA LEU IC 217 -127.94 -39.64 60.17
C LEU IC 217 -128.80 -40.79 59.67
N TRP IC 218 -128.63 -41.95 60.30
CA TRP IC 218 -129.21 -43.21 59.83
C TRP IC 218 -129.90 -43.85 61.01
N ASP IC 219 -131.20 -44.16 60.85
CA ASP IC 219 -131.94 -44.82 61.91
C ASP IC 219 -131.52 -46.28 61.93
N LEU IC 220 -130.75 -46.64 62.95
CA LEU IC 220 -130.37 -48.02 63.25
C LEU IC 220 -131.59 -48.86 63.59
N ASN IC 221 -132.55 -48.23 64.26
CA ASN IC 221 -133.74 -48.92 64.76
C ASN IC 221 -134.66 -49.43 63.62
N GLU IC 222 -134.88 -48.59 62.60
CA GLU IC 222 -135.64 -48.99 61.40
C GLU IC 222 -134.75 -49.58 60.29
N GLY IC 223 -133.53 -49.06 60.16
CA GLY IC 223 -132.61 -49.41 59.08
C GLY IC 223 -132.77 -48.49 57.88
N LYS IC 224 -132.91 -47.20 58.17
CA LYS IC 224 -133.27 -46.21 57.15
C LYS IC 224 -132.50 -44.90 57.35
N HIS IC 225 -131.80 -44.49 56.29
CA HIS IC 225 -131.27 -43.13 56.11
C HIS IC 225 -132.29 -42.11 56.61
N LEU IC 226 -131.98 -41.45 57.72
CA LEU IC 226 -132.72 -40.26 58.15
C LEU IC 226 -132.27 -39.07 57.33
N TYR IC 227 -131.11 -38.47 57.64
CA TYR IC 227 -130.67 -37.30 56.86
C TYR IC 227 -129.23 -36.82 56.90
N THR IC 228 -128.89 -36.11 55.81
CA THR IC 228 -127.59 -35.52 55.61
C THR IC 228 -127.54 -34.11 56.20
N LEU IC 229 -126.34 -33.71 56.62
CA LEU IC 229 -126.01 -32.31 56.92
C LEU IC 229 -124.63 -32.00 56.35
N ASP IC 230 -124.49 -30.85 55.73
CA ASP IC 230 -123.21 -30.44 55.14
C ASP IC 230 -122.24 -29.94 56.25
N GLY IC 231 -121.12 -30.64 56.39
CA GLY IC 231 -120.01 -30.23 57.25
C GLY IC 231 -118.95 -29.42 56.51
N GLY IC 232 -119.01 -29.36 55.19
CA GLY IC 232 -118.12 -28.50 54.40
C GLY IC 232 -116.79 -29.13 54.05
N ASP IC 233 -116.05 -29.57 55.07
CA ASP IC 233 -114.76 -30.24 54.86
C ASP IC 233 -114.69 -31.60 55.58
N ILE IC 234 -113.56 -32.29 55.37
CA ILE IC 234 -113.30 -33.63 55.89
C ILE IC 234 -113.72 -33.84 57.34
N ILE IC 235 -114.74 -34.67 57.54
CA ILE IC 235 -115.19 -35.02 58.87
C ILE IC 235 -114.29 -36.12 59.40
N ASN IC 236 -113.47 -35.75 60.38
CA ASN IC 236 -112.57 -36.67 61.04
C ASN IC 236 -113.30 -37.66 61.94
N ALA IC 237 -113.95 -37.12 62.97
CA ALA IC 237 -114.56 -37.93 64.04
C ALA IC 237 -115.86 -37.31 64.55
N LEU IC 238 -116.84 -38.16 64.83
CA LEU IC 238 -118.18 -37.72 65.27
C LEU IC 238 -118.46 -38.20 66.71
N CYS IC 239 -119.40 -37.55 67.40
CA CYS IC 239 -119.78 -37.94 68.77
C CYS IC 239 -121.15 -37.38 69.26
N PHE IC 240 -122.12 -38.26 69.57
CA PHE IC 240 -123.43 -37.84 70.18
C PHE IC 240 -123.27 -37.51 71.64
N SER IC 241 -123.86 -36.41 72.07
CA SER IC 241 -123.89 -36.04 73.48
C SER IC 241 -124.71 -37.10 74.25
N PRO IC 242 -124.26 -37.49 75.47
CA PRO IC 242 -124.88 -38.60 76.20
C PRO IC 242 -126.31 -38.34 76.65
N ASN IC 243 -126.61 -37.07 76.94
CA ASN IC 243 -127.89 -36.63 77.46
C ASN IC 243 -128.69 -35.72 76.49
N ARG IC 244 -127.98 -34.89 75.72
CA ARG IC 244 -128.59 -33.93 74.77
C ARG IC 244 -128.76 -34.52 73.37
N TYR IC 245 -129.26 -33.71 72.45
CA TYR IC 245 -129.40 -34.08 71.03
C TYR IC 245 -128.43 -33.27 70.13
N TRP IC 246 -127.18 -33.14 70.60
CA TRP IC 246 -126.05 -32.57 69.80
C TRP IC 246 -125.26 -33.67 69.10
N LEU IC 247 -125.01 -33.48 67.80
CA LEU IC 247 -124.02 -34.27 67.07
C LEU IC 247 -122.77 -33.41 66.93
N CYS IC 248 -121.73 -33.75 67.71
CA CYS IC 248 -120.46 -33.03 67.67
C CYS IC 248 -119.54 -33.65 66.63
N ALA IC 249 -119.41 -32.95 65.50
CA ALA IC 249 -118.61 -33.38 64.36
C ALA IC 249 -117.26 -32.67 64.37
N ALA IC 250 -116.22 -33.37 63.93
CA ALA IC 250 -114.88 -32.81 63.87
C ALA IC 250 -114.47 -32.63 62.40
N THR IC 251 -114.65 -31.42 61.87
CA THR IC 251 -114.32 -31.11 60.48
C THR IC 251 -112.90 -30.58 60.32
N GLY IC 252 -112.40 -30.66 59.09
CA GLY IC 252 -111.01 -30.32 58.73
C GLY IC 252 -110.42 -29.01 59.25
N PRO IC 253 -111.23 -27.94 59.31
CA PRO IC 253 -110.78 -26.77 60.05
C PRO IC 253 -110.84 -27.00 61.56
N SER IC 254 -112.00 -27.47 62.02
CA SER IC 254 -112.34 -27.43 63.44
C SER IC 254 -113.64 -28.20 63.74
N ILE IC 255 -114.06 -28.17 65.01
CA ILE IC 255 -115.26 -28.88 65.49
C ILE IC 255 -116.55 -28.14 65.07
N LYS IC 256 -117.64 -28.91 64.93
CA LYS IC 256 -118.96 -28.39 64.58
C LYS IC 256 -120.03 -29.10 65.45
N ILE IC 257 -121.05 -28.37 65.90
CA ILE IC 257 -122.19 -28.95 66.69
C ILE IC 257 -123.57 -28.51 66.19
N TRP IC 258 -124.29 -29.44 65.58
CA TRP IC 258 -125.69 -29.23 65.20
C TRP IC 258 -126.61 -29.90 66.23
N ASP IC 259 -127.80 -29.35 66.42
CA ASP IC 259 -128.87 -30.00 67.21
C ASP IC 259 -129.69 -30.89 66.26
N LEU IC 260 -130.09 -32.07 66.73
CA LEU IC 260 -130.79 -33.06 65.87
C LEU IC 260 -132.20 -32.61 65.52
N GLU IC 261 -133.00 -32.31 66.55
CA GLU IC 261 -134.42 -31.98 66.37
C GLU IC 261 -134.61 -30.62 65.68
N GLY IC 262 -133.89 -29.61 66.15
CA GLY IC 262 -133.81 -28.31 65.47
C GLY IC 262 -132.53 -28.27 64.66
N LYS IC 263 -132.63 -28.45 63.34
CA LYS IC 263 -131.46 -28.54 62.45
C LYS IC 263 -130.77 -27.18 62.38
N ILE IC 264 -129.98 -26.87 63.40
CA ILE IC 264 -129.30 -25.58 63.52
C ILE IC 264 -127.85 -25.78 63.96
N ILE IC 265 -126.94 -25.22 63.18
CA ILE IC 265 -125.53 -25.12 63.54
C ILE IC 265 -125.38 -24.15 64.74
N VAL IC 266 -125.07 -24.71 65.90
CA VAL IC 266 -124.97 -23.94 67.14
C VAL IC 266 -123.62 -23.23 67.22
N ASP IC 267 -122.56 -23.94 66.87
CA ASP IC 267 -121.21 -23.36 66.77
C ASP IC 267 -120.22 -24.22 65.97
N GLU IC 268 -119.41 -23.55 65.15
CA GLU IC 268 -118.19 -24.12 64.60
C GLU IC 268 -117.10 -23.73 65.59
N LEU IC 269 -116.71 -24.69 66.45
CA LEU IC 269 -115.81 -24.41 67.57
C LEU IC 269 -114.35 -24.37 67.16
N LYS IC 270 -113.94 -23.21 66.64
CA LYS IC 270 -112.52 -22.90 66.42
C LYS IC 270 -111.98 -22.20 67.65
N GLN IC 271 -110.75 -22.52 68.03
CA GLN IC 271 -109.93 -21.56 68.75
C GLN IC 271 -109.32 -20.69 67.67
N GLU IC 272 -109.29 -19.38 67.93
CA GLU IC 272 -108.69 -18.46 66.99
C GLU IC 272 -107.36 -18.04 67.55
N VAL IC 273 -106.32 -18.17 66.73
CA VAL IC 273 -104.98 -17.72 67.09
C VAL IC 273 -104.93 -16.18 67.11
N ILE IC 274 -104.14 -15.65 68.04
CA ILE IC 274 -103.89 -14.20 68.17
C ILE IC 274 -102.41 -13.94 67.85
N SER IC 275 -102.13 -12.81 67.18
CA SER IC 275 -100.79 -12.41 66.72
C SER IC 275 -100.29 -13.19 65.49
N THR IC 276 -100.23 -14.52 65.58
CA THR IC 276 -99.82 -15.38 64.45
C THR IC 276 -100.77 -15.24 63.26
N SER IC 277 -100.21 -15.01 62.08
CA SER IC 277 -100.97 -14.99 60.84
C SER IC 277 -101.42 -16.40 60.49
N SER IC 278 -102.72 -16.58 60.25
CA SER IC 278 -103.29 -17.90 59.91
C SER IC 278 -103.01 -18.25 58.43
N LYS IC 279 -101.80 -18.73 58.19
CA LYS IC 279 -101.32 -19.10 56.84
C LYS IC 279 -100.87 -20.56 56.89
N ALA IC 280 -101.51 -21.40 56.07
CA ALA IC 280 -101.69 -22.83 56.36
C ALA IC 280 -102.54 -22.91 57.64
N GLU IC 281 -102.23 -23.85 58.54
CA GLU IC 281 -102.63 -23.83 59.98
C GLU IC 281 -103.62 -24.92 60.42
N PRO IC 282 -104.90 -24.80 60.00
CA PRO IC 282 -106.00 -25.47 60.71
C PRO IC 282 -105.68 -26.92 61.12
N PRO IC 283 -105.30 -27.12 62.39
CA PRO IC 283 -105.11 -28.50 62.83
C PRO IC 283 -106.49 -29.17 62.90
N GLN IC 284 -106.82 -29.89 61.83
CA GLN IC 284 -108.04 -30.70 61.75
C GLN IC 284 -108.25 -31.52 63.02
N CYS IC 285 -109.32 -31.21 63.77
CA CYS IC 285 -109.64 -31.95 64.98
C CYS IC 285 -109.88 -33.41 64.62
N THR IC 286 -108.92 -34.26 64.97
CA THR IC 286 -108.91 -35.66 64.53
C THR IC 286 -109.77 -36.55 65.41
N SER IC 287 -109.97 -36.16 66.67
CA SER IC 287 -110.87 -36.89 67.55
C SER IC 287 -111.51 -36.01 68.60
N LEU IC 288 -112.61 -36.52 69.18
CA LEU IC 288 -113.30 -35.87 70.28
C LEU IC 288 -114.14 -36.86 71.06
N ALA IC 289 -114.53 -36.47 72.27
CA ALA IC 289 -115.31 -37.37 73.12
C ALA IC 289 -116.10 -36.60 74.18
N TRP IC 290 -117.40 -36.89 74.27
CA TRP IC 290 -118.28 -36.31 75.30
C TRP IC 290 -117.98 -36.94 76.66
N SER IC 291 -117.69 -36.10 77.65
CA SER IC 291 -117.67 -36.51 79.06
C SER IC 291 -119.02 -37.10 79.39
N ALA IC 292 -119.06 -38.22 80.13
CA ALA IC 292 -120.33 -38.83 80.56
C ALA IC 292 -121.25 -37.83 81.27
N ASP IC 293 -120.67 -36.73 81.76
CA ASP IC 293 -121.42 -35.59 82.27
C ASP IC 293 -122.33 -34.79 81.32
N GLY IC 294 -122.25 -35.04 80.00
CA GLY IC 294 -123.06 -34.29 79.00
C GLY IC 294 -122.84 -32.79 79.12
N GLN IC 295 -121.61 -32.44 79.51
CA GLN IC 295 -121.24 -31.13 80.04
C GLN IC 295 -119.93 -30.70 79.38
N THR IC 296 -118.86 -31.46 79.60
CA THR IC 296 -117.57 -31.18 78.96
C THR IC 296 -117.30 -32.15 77.79
N LEU IC 297 -116.45 -31.72 76.85
CA LEU IC 297 -116.03 -32.55 75.72
C LEU IC 297 -114.55 -32.30 75.34
N PHE IC 298 -113.76 -33.38 75.26
CA PHE IC 298 -112.28 -33.31 75.12
C PHE IC 298 -112.02 -33.79 73.70
N ALA IC 299 -111.40 -32.92 72.91
CA ALA IC 299 -111.22 -33.11 71.47
C ALA IC 299 -109.80 -32.76 71.05
N GLY IC 300 -109.13 -33.70 70.37
CA GLY IC 300 -107.71 -33.59 70.00
C GLY IC 300 -107.45 -33.39 68.51
N TYR IC 301 -106.45 -32.56 68.19
CA TYR IC 301 -106.09 -32.25 66.78
C TYR IC 301 -104.56 -32.35 66.49
N THR IC 302 -104.18 -31.96 65.26
CA THR IC 302 -102.79 -32.03 64.75
C THR IC 302 -101.92 -30.80 65.01
N ASP IC 303 -101.83 -30.40 66.27
CA ASP IC 303 -100.76 -29.50 66.71
C ASP IC 303 -100.14 -30.04 67.99
N ASN IC 304 -100.12 -31.38 68.08
CA ASN IC 304 -99.72 -32.07 69.30
C ASN IC 304 -100.52 -31.54 70.51
N LEU IC 305 -101.83 -31.81 70.55
CA LEU IC 305 -102.70 -31.16 71.54
C LEU IC 305 -104.12 -31.75 71.73
N VAL IC 306 -104.53 -31.83 73.00
CA VAL IC 306 -105.91 -32.10 73.41
C VAL IC 306 -106.52 -30.82 74.00
N ARG IC 307 -107.68 -30.41 73.49
CA ARG IC 307 -108.42 -29.27 74.04
C ARG IC 307 -109.78 -29.68 74.54
N VAL IC 308 -110.23 -29.04 75.61
CA VAL IC 308 -111.47 -29.41 76.33
C VAL IC 308 -112.51 -28.28 76.22
N TRP IC 309 -113.79 -28.65 76.32
CA TRP IC 309 -114.89 -27.67 76.17
C TRP IC 309 -116.12 -27.91 77.04
N GLN IC 310 -116.40 -26.94 77.92
CA GLN IC 310 -117.54 -27.00 78.84
C GLN IC 310 -118.76 -26.26 78.27
N VAL IC 311 -119.94 -26.89 78.41
CA VAL IC 311 -121.22 -26.29 78.01
C VAL IC 311 -121.56 -25.18 79.02
N THR IC 312 -121.35 -23.92 78.62
CA THR IC 312 -121.63 -22.74 79.46
C THR IC 312 -122.85 -21.94 78.95
N ILE IC 313 -123.39 -21.08 79.83
CA ILE IC 313 -124.62 -20.31 79.59
C ILE IC 313 -124.37 -18.82 79.74
N PRO JC 1 3.19 -75.99 -64.66
CA PRO JC 1 2.76 -76.06 -63.26
C PRO JC 1 2.78 -74.69 -62.54
N GLN JC 2 3.93 -74.02 -62.50
CA GLN JC 2 4.01 -72.68 -61.92
C GLN JC 2 3.79 -71.62 -63.03
N TYR JC 3 2.53 -71.23 -63.29
CA TYR JC 3 2.18 -70.35 -64.45
C TYR JC 3 2.59 -68.88 -64.22
N GLN JC 4 3.91 -68.68 -64.17
CA GLN JC 4 4.55 -67.42 -63.78
C GLN JC 4 4.62 -66.47 -64.96
N THR JC 5 3.84 -65.38 -64.87
CA THR JC 5 3.09 -64.79 -65.99
C THR JC 5 1.54 -64.80 -65.77
N TRP JC 6 0.73 -64.44 -66.78
CA TRP JC 6 -0.73 -64.18 -66.58
C TRP JC 6 -1.84 -64.58 -67.62
N GLU JC 7 -3.09 -64.58 -67.14
CA GLU JC 7 -4.34 -64.92 -67.78
C GLU JC 7 -4.33 -66.43 -68.09
N GLU JC 8 -3.13 -66.98 -68.34
CA GLU JC 8 -2.93 -68.43 -68.50
C GLU JC 8 -3.09 -69.19 -67.16
N PHE JC 9 -2.47 -68.68 -66.08
CA PHE JC 9 -2.67 -69.27 -64.75
C PHE JC 9 -4.15 -69.26 -64.40
N SER JC 10 -4.79 -68.11 -64.60
CA SER JC 10 -6.19 -67.90 -64.24
C SER JC 10 -7.17 -68.82 -64.98
N ARG JC 11 -6.98 -68.92 -66.30
CA ARG JC 11 -7.82 -69.80 -67.14
C ARG JC 11 -7.61 -71.29 -66.86
N ALA JC 12 -6.36 -71.69 -66.67
CA ALA JC 12 -6.03 -73.07 -66.28
C ALA JC 12 -6.72 -73.44 -64.97
N ALA JC 13 -6.49 -72.61 -63.94
CA ALA JC 13 -7.05 -72.81 -62.60
C ALA JC 13 -8.60 -72.80 -62.56
N GLU JC 14 -9.20 -71.84 -63.26
CA GLU JC 14 -10.67 -71.77 -63.41
C GLU JC 14 -11.23 -73.05 -64.01
N LYS JC 15 -10.55 -73.59 -65.02
CA LYS JC 15 -10.94 -74.87 -65.63
C LYS JC 15 -10.74 -76.04 -64.67
N LEU JC 16 -9.70 -76.00 -63.83
CA LEU JC 16 -9.51 -77.02 -62.78
C LEU JC 16 -10.67 -77.01 -61.78
N TYR JC 17 -11.19 -75.82 -61.48
CA TYR JC 17 -12.38 -75.72 -60.63
C TYR JC 17 -13.56 -76.42 -61.32
N LEU JC 18 -13.87 -75.97 -62.54
CA LEU JC 18 -15.06 -76.47 -63.27
C LEU JC 18 -15.02 -77.96 -63.62
N ALA JC 19 -13.82 -78.56 -63.66
CA ALA JC 19 -13.68 -80.02 -63.81
C ALA JC 19 -14.32 -80.78 -62.65
N ASP JC 20 -13.86 -80.53 -61.42
CA ASP JC 20 -14.47 -81.09 -60.19
C ASP JC 20 -14.42 -80.04 -59.07
N PRO JC 21 -15.56 -79.35 -58.83
CA PRO JC 21 -15.60 -78.25 -57.86
C PRO JC 21 -15.50 -78.63 -56.38
N MET JC 22 -15.87 -79.85 -56.02
CA MET JC 22 -15.88 -80.30 -54.62
C MET JC 22 -14.46 -80.54 -54.10
N LYS JC 23 -13.64 -81.17 -54.94
CA LYS JC 23 -12.26 -81.53 -54.56
C LYS JC 23 -11.32 -80.32 -54.48
N ALA JC 24 -11.52 -79.31 -55.32
CA ALA JC 24 -10.54 -78.21 -55.46
C ALA JC 24 -10.45 -77.28 -54.25
N ARG JC 25 -9.21 -76.91 -53.90
CA ARG JC 25 -8.92 -75.81 -52.95
C ARG JC 25 -7.98 -74.82 -53.61
N VAL JC 26 -7.99 -73.59 -53.10
CA VAL JC 26 -7.09 -72.52 -53.53
C VAL JC 26 -6.47 -71.89 -52.28
N VAL JC 27 -5.14 -71.98 -52.18
CA VAL JC 27 -4.40 -71.37 -51.07
C VAL JC 27 -3.90 -69.99 -51.49
N LEU JC 28 -3.70 -69.14 -50.50
CA LEU JC 28 -3.21 -67.79 -50.71
C LEU JC 28 -2.25 -67.46 -49.58
N LYS JC 29 -0.96 -67.56 -49.86
CA LYS JC 29 0.09 -67.36 -48.86
C LYS JC 29 0.72 -65.98 -48.98
N TYR JC 30 0.80 -65.27 -47.86
CA TYR JC 30 1.49 -63.98 -47.78
C TYR JC 30 2.68 -64.07 -46.87
N ARG JC 31 3.72 -63.32 -47.22
CA ARG JC 31 4.97 -63.32 -46.48
C ARG JC 31 5.50 -61.89 -46.56
N HIS JC 32 5.15 -61.10 -45.55
CA HIS JC 32 5.44 -59.67 -45.56
C HIS JC 32 6.92 -59.35 -45.34
N SER JC 33 7.56 -60.07 -44.43
CA SER JC 33 8.97 -59.82 -44.08
C SER JC 33 9.89 -59.71 -45.30
N ASP JC 34 9.82 -60.71 -46.20
CA ASP JC 34 10.70 -60.77 -47.40
C ASP JC 34 9.90 -60.32 -48.65
N GLY JC 35 8.59 -60.10 -48.49
CA GLY JC 35 7.82 -59.23 -49.38
C GLY JC 35 7.18 -59.90 -50.59
N ASN JC 36 6.58 -61.07 -50.39
CA ASN JC 36 5.99 -61.87 -51.48
C ASN JC 36 4.60 -62.41 -51.14
N LEU JC 37 3.88 -62.75 -52.21
CA LEU JC 37 2.58 -63.38 -52.17
C LEU JC 37 2.70 -64.68 -52.97
N CYS JC 38 1.72 -65.57 -52.85
CA CYS JC 38 1.74 -66.84 -53.56
C CYS JC 38 0.35 -67.48 -53.64
N VAL JC 39 -0.25 -67.46 -54.83
CA VAL JC 39 -1.54 -68.11 -55.07
C VAL JC 39 -1.24 -69.52 -55.53
N LYS JC 40 -2.07 -70.47 -55.13
CA LYS JC 40 -2.01 -71.82 -55.71
C LYS JC 40 -3.39 -72.46 -55.71
N VAL JC 41 -3.81 -72.95 -56.88
CA VAL JC 41 -4.99 -73.78 -57.00
C VAL JC 41 -4.52 -75.20 -57.29
N THR JC 42 -4.94 -76.12 -56.44
CA THR JC 42 -4.63 -77.55 -56.60
C THR JC 42 -5.94 -78.33 -56.48
N ASP JC 43 -5.96 -79.47 -57.17
CA ASP JC 43 -7.21 -80.04 -57.70
C ASP JC 43 -7.40 -81.53 -57.38
N ASP JC 44 -6.59 -82.06 -56.44
CA ASP JC 44 -6.41 -83.50 -56.22
C ASP JC 44 -5.91 -84.32 -57.44
N LEU JC 45 -5.80 -83.69 -58.62
CA LEU JC 45 -5.71 -84.38 -59.91
C LEU JC 45 -4.38 -84.17 -60.64
N VAL JC 46 -3.66 -83.17 -60.06
CA VAL JC 46 -2.72 -82.16 -60.61
C VAL JC 46 -2.72 -80.81 -59.77
N CYS JC 47 -1.92 -79.78 -60.13
CA CYS JC 47 -1.82 -78.47 -59.36
C CYS JC 47 -1.19 -77.22 -60.09
N LEU JC 48 -1.28 -75.97 -59.55
CA LEU JC 48 -0.72 -74.87 -60.27
C LEU JC 48 -0.54 -73.68 -59.34
N VAL JC 49 0.63 -73.06 -59.40
CA VAL JC 49 1.01 -72.00 -58.46
C VAL JC 49 1.46 -70.76 -59.22
N TYR JC 50 1.26 -69.60 -58.61
CA TYR JC 50 1.62 -68.31 -59.19
C TYR JC 50 2.42 -67.53 -58.19
N LYS JC 51 3.63 -67.16 -58.58
CA LYS JC 51 4.51 -66.50 -57.66
C LYS JC 51 4.93 -65.13 -58.06
N THR JC 52 4.14 -64.22 -57.53
CA THR JC 52 4.62 -63.39 -56.44
C THR JC 52 3.84 -62.10 -56.25
N ASP JC 53 4.46 -60.94 -56.43
CA ASP JC 53 4.00 -59.72 -55.76
C ASP JC 53 3.87 -58.62 -56.82
N GLN JC 54 4.97 -57.97 -57.16
CA GLN JC 54 4.99 -56.84 -58.09
C GLN JC 54 3.94 -55.73 -57.77
N ALA JC 55 3.38 -55.75 -56.55
CA ALA JC 55 2.10 -55.08 -56.15
C ALA JC 55 0.97 -54.89 -57.18
N GLN JC 56 1.30 -54.47 -58.40
CA GLN JC 56 0.35 -54.48 -59.54
C GLN JC 56 -0.45 -55.80 -59.68
N ASP JC 57 0.07 -56.93 -59.16
CA ASP JC 57 -0.65 -58.21 -59.15
C ASP JC 57 -1.55 -58.45 -57.93
N VAL JC 58 -1.43 -57.66 -56.86
CA VAL JC 58 -2.24 -57.88 -55.63
C VAL JC 58 -3.73 -57.77 -55.93
N LYS JC 59 -4.10 -56.74 -56.70
CA LYS JC 59 -5.48 -56.48 -57.06
C LYS JC 59 -6.08 -57.66 -57.85
N LYS JC 60 -5.51 -57.95 -59.01
CA LYS JC 60 -5.94 -59.08 -59.84
C LYS JC 60 -5.98 -60.43 -59.08
N ILE JC 61 -5.01 -60.65 -58.19
CA ILE JC 61 -4.93 -61.88 -57.39
C ILE JC 61 -6.10 -62.03 -56.41
N GLU JC 62 -6.44 -60.97 -55.69
CA GLU JC 62 -7.54 -61.05 -54.72
C GLU JC 62 -8.94 -61.03 -55.37
N LYS JC 63 -9.06 -60.46 -56.58
CA LYS JC 63 -10.33 -60.52 -57.34
C LYS JC 63 -10.61 -61.92 -57.84
N PHE JC 64 -9.57 -62.56 -58.38
CA PHE JC 64 -9.53 -63.99 -58.67
C PHE JC 64 -9.92 -64.83 -57.46
N HIS JC 65 -9.32 -64.49 -56.32
CA HIS JC 65 -9.65 -65.16 -55.07
C HIS JC 65 -11.13 -64.91 -54.71
N SER JC 66 -11.54 -63.64 -54.73
CA SER JC 66 -12.93 -63.26 -54.48
C SER JC 66 -13.94 -63.79 -55.51
N GLN JC 67 -13.49 -64.07 -56.74
CA GLN JC 67 -14.37 -64.64 -57.78
C GLN JC 67 -14.68 -66.10 -57.50
N LEU JC 68 -13.63 -66.87 -57.24
CA LEU JC 68 -13.77 -68.29 -56.96
C LEU JC 68 -14.74 -68.55 -55.78
N MET JC 69 -14.81 -67.59 -54.86
CA MET JC 69 -15.83 -67.56 -53.80
C MET JC 69 -17.28 -67.51 -54.33
N ARG JC 70 -17.57 -66.57 -55.24
CA ARG JC 70 -18.92 -66.46 -55.81
C ARG JC 70 -19.38 -67.75 -56.49
N LEU JC 71 -18.44 -68.45 -57.14
CA LEU JC 71 -18.73 -69.74 -57.80
C LEU JC 71 -18.94 -70.89 -56.80
N MET JC 72 -18.26 -70.83 -55.65
CA MET JC 72 -18.48 -71.78 -54.54
C MET JC 72 -19.88 -71.71 -53.97
N VAL JC 73 -20.44 -70.51 -53.99
CA VAL JC 73 -21.66 -70.19 -53.28
C VAL JC 73 -22.95 -70.25 -54.13
N ALA JC 74 -22.83 -70.06 -55.45
CA ALA JC 74 -23.97 -69.99 -56.36
C ALA JC 74 -25.14 -70.97 -56.09
N VAL KC 1 -10.39 -73.11 -35.19
CA VAL KC 1 -11.38 -72.32 -34.41
C VAL KC 1 -12.43 -71.77 -35.39
N LEU KC 2 -13.61 -72.40 -35.42
CA LEU KC 2 -14.71 -72.02 -36.31
C LEU KC 2 -15.47 -70.82 -35.74
N LEU KC 3 -15.38 -69.69 -36.44
CA LEU KC 3 -15.91 -68.42 -35.97
C LEU KC 3 -17.10 -67.95 -36.83
N GLU KC 4 -17.73 -66.89 -36.37
CA GLU KC 4 -18.73 -66.15 -37.13
C GLU KC 4 -18.01 -65.29 -38.18
N SER KC 5 -18.71 -64.93 -39.26
CA SER KC 5 -18.16 -64.08 -40.34
C SER KC 5 -17.50 -62.75 -39.92
N GLU KC 6 -17.90 -62.15 -38.80
CA GLU KC 6 -17.31 -60.87 -38.31
C GLU KC 6 -16.01 -61.08 -37.52
N GLN KC 7 -16.10 -61.92 -36.49
CA GLN KC 7 -14.96 -62.25 -35.61
C GLN KC 7 -13.69 -62.60 -36.39
N PHE KC 8 -13.85 -63.51 -37.35
CA PHE KC 8 -12.83 -63.95 -38.33
C PHE KC 8 -12.06 -62.82 -38.99
N LEU KC 9 -12.79 -61.78 -39.43
CA LEU KC 9 -12.15 -60.62 -40.07
C LEU KC 9 -11.21 -59.86 -39.12
N THR KC 10 -11.59 -59.76 -37.84
CA THR KC 10 -10.71 -59.15 -36.82
C THR KC 10 -9.54 -60.06 -36.44
N GLU KC 11 -9.77 -61.38 -36.40
CA GLU KC 11 -8.69 -62.35 -36.16
C GLU KC 11 -7.72 -62.43 -37.32
N LEU KC 12 -8.25 -62.44 -38.55
CA LEU KC 12 -7.45 -62.44 -39.77
C LEU KC 12 -6.70 -61.12 -39.98
N THR KC 13 -7.23 -60.01 -39.42
CA THR KC 13 -6.50 -58.73 -39.39
C THR KC 13 -5.22 -58.86 -38.58
N ARG KC 14 -5.34 -59.43 -37.38
CA ARG KC 14 -4.20 -59.65 -36.49
C ARG KC 14 -3.12 -60.58 -37.07
N LEU KC 15 -3.51 -61.57 -37.87
CA LEU KC 15 -2.54 -62.50 -38.46
C LEU KC 15 -1.55 -61.82 -39.41
N PHE KC 16 -2.00 -60.83 -40.18
CA PHE KC 16 -1.09 -60.03 -41.03
C PHE KC 16 -0.26 -59.08 -40.16
N GLN KC 17 -0.84 -58.58 -39.06
CA GLN KC 17 -0.14 -57.73 -38.09
C GLN KC 17 0.91 -58.48 -37.25
N LYS KC 18 0.58 -59.71 -36.84
CA LYS KC 18 1.47 -60.56 -36.06
C LYS KC 18 2.64 -61.07 -36.91
N CYS KC 19 2.40 -61.28 -38.21
CA CYS KC 19 3.45 -61.63 -39.18
C CYS KC 19 3.90 -60.43 -40.04
N ARG KC 20 3.80 -59.24 -39.47
CA ARG KC 20 4.24 -58.00 -40.11
C ARG KC 20 5.80 -57.95 -40.10
N THR KC 21 6.42 -58.54 -39.08
CA THR KC 21 7.89 -58.61 -38.93
C THR KC 21 8.48 -59.90 -39.52
N SER KC 22 7.83 -61.02 -39.25
CA SER KC 22 8.25 -62.33 -39.76
C SER KC 22 7.10 -63.35 -39.70
N GLY KC 23 6.98 -64.16 -40.76
CA GLY KC 23 5.97 -65.23 -40.84
C GLY KC 23 5.10 -65.21 -42.06
N SER KC 24 4.54 -66.39 -42.40
CA SER KC 24 3.58 -66.54 -43.49
C SER KC 24 2.16 -66.58 -42.95
N VAL KC 25 1.24 -66.00 -43.72
CA VAL KC 25 -0.19 -66.05 -43.40
C VAL KC 25 -0.90 -66.78 -44.53
N TYR KC 26 -1.36 -67.99 -44.24
CA TYR KC 26 -2.02 -68.86 -45.22
C TYR KC 26 -3.53 -68.61 -45.20
N ILE KC 27 -4.17 -68.81 -46.35
CA ILE KC 27 -5.64 -68.75 -46.47
C ILE KC 27 -6.11 -69.80 -47.48
N THR KC 28 -6.73 -70.88 -46.99
CA THR KC 28 -7.17 -72.01 -47.83
C THR KC 28 -8.69 -72.02 -48.04
N LEU KC 29 -9.13 -71.54 -49.20
CA LEU KC 29 -10.57 -71.44 -49.52
C LEU KC 29 -11.03 -72.72 -50.21
N LYS KC 30 -12.24 -73.18 -49.88
CA LYS KC 30 -12.71 -74.49 -50.34
C LYS KC 30 -14.23 -74.68 -50.33
N LYS KC 31 -14.74 -75.48 -51.27
CA LYS KC 31 -16.18 -75.82 -51.36
C LYS KC 31 -16.53 -76.80 -50.23
N TYR KC 32 -17.75 -76.72 -49.69
CA TYR KC 32 -18.11 -77.42 -48.45
C TYR KC 32 -19.61 -77.73 -48.31
N ASP KC 33 -19.93 -78.91 -47.78
CA ASP KC 33 -21.29 -79.24 -47.27
C ASP KC 33 -21.29 -79.95 -45.89
N GLY KC 34 -20.83 -81.21 -45.85
CA GLY KC 34 -20.97 -82.07 -44.66
C GLY KC 34 -20.12 -81.71 -43.46
N ASN KC 35 -25.61 -72.54 -51.05
CA ASN KC 35 -24.46 -73.45 -51.03
C ASN KC 35 -23.27 -72.78 -50.38
N LYS KC 36 -22.45 -73.56 -49.68
CA LYS KC 36 -21.47 -72.98 -48.75
C LYS KC 36 -20.04 -73.13 -49.21
N CYS KC 37 -19.16 -72.35 -48.57
CA CYS KC 37 -17.73 -72.38 -48.83
C CYS KC 37 -16.95 -72.16 -47.52
N LEU KC 38 -15.97 -73.02 -47.30
CA LEU KC 38 -15.16 -72.98 -46.11
C LEU KC 38 -13.97 -72.06 -46.35
N LEU KC 39 -13.75 -71.12 -45.44
CA LEU KC 39 -12.57 -70.27 -45.48
C LEU KC 39 -11.80 -70.32 -44.15
N ARG KC 40 -10.48 -70.45 -44.25
CA ARG KC 40 -9.60 -70.79 -43.12
C ARG KC 40 -8.27 -70.05 -43.27
N ALA KC 41 -7.67 -69.64 -42.15
CA ALA KC 41 -6.39 -68.91 -42.17
C ALA KC 41 -5.51 -69.26 -40.98
N THR KC 42 -4.22 -69.48 -41.26
CA THR KC 42 -3.28 -70.06 -40.29
C THR KC 42 -1.85 -69.47 -40.46
N ASP KC 43 -1.41 -68.70 -39.48
CA ASP KC 43 0.00 -68.24 -39.43
C ASP KC 43 1.01 -69.38 -39.17
N GLY KC 44 0.53 -70.48 -38.55
CA GLY KC 44 1.36 -71.63 -38.16
C GLY KC 44 1.12 -71.96 -36.68
N LYS KC 45 0.79 -70.93 -35.92
CA LYS KC 45 0.57 -70.98 -34.47
C LYS KC 45 -0.91 -71.13 -34.09
N LYS KC 46 -1.72 -70.23 -34.63
CA LYS KC 46 -3.14 -70.07 -34.29
C LYS KC 46 -4.00 -70.25 -35.54
N LYS KC 47 -4.94 -71.20 -35.50
CA LYS KC 47 -5.87 -71.43 -36.61
C LYS KC 47 -7.17 -70.64 -36.40
N ILE KC 48 -7.74 -70.12 -37.48
CA ILE KC 48 -9.11 -69.59 -37.51
C ILE KC 48 -9.83 -70.02 -38.79
N SER KC 49 -11.15 -70.06 -38.74
CA SER KC 49 -11.96 -70.45 -39.89
C SER KC 49 -13.40 -69.93 -39.79
N THR KC 50 -14.07 -69.89 -40.93
CA THR KC 50 -15.50 -69.57 -40.99
C THR KC 50 -16.17 -70.14 -42.23
N VAL KC 51 -17.50 -70.18 -42.16
CA VAL KC 51 -18.34 -70.73 -43.21
C VAL KC 51 -19.20 -69.61 -43.79
N VAL KC 52 -18.93 -69.31 -45.05
CA VAL KC 52 -19.53 -68.22 -45.79
C VAL KC 52 -20.63 -68.80 -46.71
N SER KC 53 -21.88 -68.44 -46.45
CA SER KC 53 -23.03 -68.90 -47.25
C SER KC 53 -23.57 -67.81 -48.20
N SER KC 54 -24.38 -68.20 -49.18
CA SER KC 54 -25.00 -67.27 -50.17
C SER KC 54 -25.83 -66.19 -49.50
N LYS KC 55 -26.27 -66.46 -48.29
CA LYS KC 55 -26.91 -65.46 -47.43
C LYS KC 55 -25.95 -64.37 -46.96
N GLU KC 56 -24.64 -64.50 -47.20
CA GLU KC 56 -23.69 -63.52 -46.71
C GLU KC 56 -22.37 -63.35 -47.48
N VAL KC 57 -22.31 -63.74 -48.76
CA VAL KC 57 -21.11 -63.47 -49.55
C VAL KC 57 -20.97 -61.99 -49.88
N ASN KC 58 -22.08 -61.34 -50.30
CA ASN KC 58 -22.03 -59.94 -50.78
C ASN KC 58 -21.50 -59.02 -49.69
N LYS KC 59 -21.95 -59.29 -48.46
CA LYS KC 59 -21.41 -58.65 -47.24
C LYS KC 59 -19.94 -58.98 -46.97
N PHE KC 60 -19.55 -60.22 -47.24
CA PHE KC 60 -18.19 -60.71 -46.97
C PHE KC 60 -17.12 -60.27 -47.97
N GLN KC 61 -17.43 -60.23 -49.27
CA GLN KC 61 -16.44 -59.82 -50.30
C GLN KC 61 -15.96 -58.39 -50.10
N MET KC 62 -16.81 -57.55 -49.50
CA MET KC 62 -16.55 -56.12 -49.43
C MET KC 62 -15.48 -55.78 -48.38
N ALA KC 63 -15.69 -56.21 -47.14
CA ALA KC 63 -14.72 -55.95 -46.05
C ALA KC 63 -13.48 -56.85 -46.17
N TYR KC 64 -13.65 -58.04 -46.74
CA TYR KC 64 -12.57 -58.98 -47.01
C TYR KC 64 -11.65 -58.52 -48.14
N SER KC 65 -12.23 -58.03 -49.22
CA SER KC 65 -11.44 -57.45 -50.31
C SER KC 65 -10.62 -56.22 -49.85
N ASN KC 66 -11.16 -55.41 -48.93
CA ASN KC 66 -10.44 -54.23 -48.39
C ASN KC 66 -9.34 -54.66 -47.46
N LEU KC 67 -9.69 -55.55 -46.52
CA LEU KC 67 -8.75 -56.15 -45.58
C LEU KC 67 -7.58 -56.82 -46.31
N LEU KC 68 -7.88 -57.62 -47.34
CA LEU KC 68 -6.83 -58.31 -48.11
C LEU KC 68 -5.92 -57.31 -48.84
N ARG KC 69 -6.51 -56.41 -49.65
CA ARG KC 69 -5.74 -55.37 -50.35
C ARG KC 69 -4.95 -54.46 -49.42
N ALA KC 70 -5.57 -54.06 -48.30
CA ALA KC 70 -4.93 -53.19 -47.32
C ALA KC 70 -3.78 -53.89 -46.59
N ASN KC 71 -3.98 -55.14 -46.18
CA ASN KC 71 -2.94 -55.88 -45.47
C ASN KC 71 -1.97 -56.66 -46.34
N MET KC 72 -1.99 -56.41 -47.67
CA MET KC 72 -0.94 -56.89 -48.59
C MET KC 72 -0.21 -55.75 -49.34
N ASP KC 73 1.09 -55.61 -49.03
CA ASP KC 73 2.01 -54.65 -49.68
C ASP KC 73 3.41 -55.27 -49.83
N GLY KC 74 3.75 -55.67 -51.06
CA GLY KC 74 5.02 -56.33 -51.36
C GLY KC 74 5.99 -55.46 -52.15
N LEU KC 75 5.87 -55.53 -53.48
CA LEU KC 75 6.90 -55.06 -54.44
C LEU KC 75 6.47 -53.86 -55.28
N LYS KC 76 7.44 -53.00 -55.59
CA LYS KC 76 7.21 -51.88 -56.49
C LYS KC 76 7.84 -52.17 -57.85
MG MG LC . 30.66 -10.62 77.45
MG MG MC . 21.69 -10.85 -25.88
MG MG NC . -33.18 70.87 -38.81
ZN ZN OC . 49.05 -45.33 -6.33
ZN ZN PC . 21.45 24.72 79.97
MG MG QC . 33.69 29.71 22.37
MG MG RC . 29.09 32.36 24.87
MG MG SC . 21.89 40.19 28.44
MG MG TC . 28.09 49.50 32.86
MG MG UC . 25.18 57.57 16.82
MG MG VC . 19.76 73.59 11.97
MG MG WC . 26.49 78.86 28.13
MG MG XC . 22.12 78.43 31.37
MG MG YC . 46.54 51.90 45.96
MG MG ZC . 32.72 70.28 44.95
MG MG AD . 45.92 80.68 40.97
MG MG BD . 15.12 94.90 39.06
MG MG CD . 5.76 94.51 40.64
MG MG DD . 71.77 87.85 -1.09
MG MG ED . 73.36 76.86 -0.78
MG MG FD . 71.61 72.82 -4.67
MG MG GD . 11.13 65.63 41.45
MG MG HD . 5.46 43.37 35.68
MG MG ID . 22.32 48.41 33.71
MG MG JD . 23.98 49.63 30.48
MG MG KD . 20.11 55.17 58.91
MG MG LD . 18.72 77.31 41.38
MG MG MD . 59.88 51.84 10.10
MG MG ND . 47.56 50.90 2.57
MG MG OD . 48.87 53.49 -4.18
MG MG PD . 68.99 62.97 -13.04
MG MG QD . 74.26 56.61 -20.55
MG MG RD . 70.30 56.40 -19.85
MG MG SD . 65.61 51.65 -20.72
MG MG TD . 70.16 32.57 -23.81
MG MG UD . 75.90 24.28 -30.58
MG MG VD . 73.81 19.09 18.83
MG MG WD . 63.38 23.67 16.66
MG MG XD . 27.86 30.58 -35.39
MG MG YD . 25.90 26.67 -45.89
MG MG ZD . 13.07 27.25 -47.51
MG MG AE . 13.53 51.57 -43.08
MG MG BE . 26.23 54.94 -42.95
MG MG CE . 40.43 41.28 -38.54
MG MG DE . -2.40 66.72 -15.64
MG MG EE . -4.58 59.92 -27.29
MG MG FE . -45.92 49.33 -44.64
MG MG GE . 11.87 59.93 -38.61
MG MG HE . 25.67 37.55 -37.77
MG MG IE . 24.26 46.78 -26.81
MG MG JE . 25.34 36.11 -21.75
MG MG KE . 14.37 -5.69 -43.15
MG MG LE . 7.98 7.27 -30.19
MG MG ME . -12.29 3.68 -28.35
MG MG NE . -11.96 -2.49 -9.43
MG MG OE . -6.60 16.04 -14.39
MG MG PE . 11.77 22.22 -13.34
MG MG QE . -15.00 16.14 24.44
MG MG RE . -13.99 18.15 8.25
MG MG SE . -2.01 9.80 13.07
MG MG TE . -16.81 -6.30 7.52
MG MG UE . -5.66 -9.30 -8.35
MG MG VE . -18.11 9.28 9.77
MG MG WE . 43.07 17.52 -34.60
MG MG XE . 49.23 4.18 -1.10
MG MG YE . 32.77 18.56 24.01
MG MG ZE . 28.44 11.28 21.56
MG MG AF . 26.46 30.67 20.79
MG MG BF . 19.64 28.27 17.43
MG MG CF . 10.05 28.99 18.36
MG MG DF . 2.91 27.45 12.32
MG MG EF . 4.63 25.26 28.11
MG MG FF . 21.47 34.58 17.95
MG MG GF . 45.89 -12.82 44.63
MG MG HF . 52.40 -7.23 41.16
MG MG IF . 26.79 -4.87 66.59
MG MG JF . 33.85 -9.58 83.67
MG MG KF . 37.30 12.24 76.22
MG MG LF . 10.40 14.26 3.30
MG MG MF . 8.19 19.95 0.28
MG MG NF . 3.05 19.86 -0.73
MG MG OF . 11.51 12.22 -4.02
MG MG PF . 43.11 18.84 4.29
MG MG QF . 41.01 5.53 9.99
MG MG RF . 45.85 8.39 9.62
MG MG SF . 37.39 -4.15 3.63
MG MG TF . 27.58 -54.80 6.40
MG MG UF . 44.08 0.53 16.94
MG MG VF . 38.35 7.43 -11.51
MG MG WF . 37.97 13.05 -9.55
MG MG XF . 30.39 -49.07 -21.93
MG MG YF . 16.44 -10.52 -23.18
MG MG ZF . 11.38 -8.78 -24.48
MG MG AG . 6.02 -9.51 -22.18
MG MG BG . 29.49 9.40 -16.99
MG MG CG . 32.54 -2.75 -10.09
MG MG DG . 34.05 -18.97 -18.68
MG MG EG . 43.12 -30.25 -11.68
MG MG FG . 35.82 4.44 -16.20
MG MG GG . 21.90 9.21 -24.20
MG MG HG . 15.60 5.80 -11.80
MG MG IG . -6.40 6.07 3.51
MG MG JG . 19.70 15.53 -23.07
MG MG KG . 31.67 18.22 -26.77
MG MG LG . 19.78 -58.56 -31.98
MG MG MG . 55.67 -38.61 -30.75
MG MG NG . 59.17 -42.45 -27.10
MG MG OG . 56.73 -43.76 -17.10
MG MG PG . 6.61 21.09 -72.04
MG MG QG . 102.41 6.30 -24.60
MG MG RG . 70.34 -3.43 20.01
MG MG SG . 44.04 17.61 13.88
MG MG TG . 45.97 17.01 20.84
MG MG UG . 51.58 24.78 12.37
MG MG VG . 18.25 60.10 62.90
MG MG WG . 60.34 52.96 -15.64
MG MG XG . 52.93 52.14 -9.52
MG MG YG . 60.43 52.61 -12.10
MG MG ZG . 59.81 39.79 0.39
MG MG AH . 30.05 -6.77 -62.53
MG MG BH . 32.34 31.08 -27.99
MG MG CH . 24.37 -28.32 96.62
MG MG DH . 41.80 -43.13 89.58
MG MG EH . 40.80 -39.03 90.41
MG MG FH . 50.87 -40.66 65.50
MG MG GH . 69.50 -9.38 22.08
MG MG HH . -0.77 91.22 23.21
MG MG IH . 58.72 50.70 -9.12
MG MG JH . 54.28 49.54 -11.62
MG MG KH . 68.71 39.68 -20.11
MG MG LH . 69.28 52.34 0.08
MG MG MH . -22.43 89.97 18.55
ZN ZN NH . 18.01 63.40 -5.27
MG MG OH . -67.01 -47.29 -18.65
MG MG PH . -55.89 -42.32 4.72
MG MG QH . -61.65 -26.06 -15.32
MG MG RH . -53.45 -40.63 -19.34
MG MG SH . -40.01 -51.55 -38.47
MG MG TH . -25.48 -38.83 -52.45
MG MG UH . -27.35 -42.56 -61.00
MG MG VH . -40.42 -37.73 -64.09
MG MG WH . -43.99 -37.68 -57.66
MG MG XH . -53.47 -24.52 -77.51
MG MG YH . -33.25 -27.70 -37.21
MG MG ZH . -68.12 -25.41 -35.42
MG MG AI . -39.80 -54.41 -59.40
MG MG BI . -33.52 -30.73 -63.21
MG MG CI . -27.09 -29.43 -63.11
MG MG DI . -53.71 -59.97 -38.57
MG MG EI . -51.30 -76.32 -32.43
MG MG FI . -55.73 -55.72 -10.09
MG MG GI . -56.66 -35.59 -25.96
MG MG HI . -66.70 -34.88 -25.45
MG MG II . -72.41 -21.17 -20.82
MG MG JI . -69.44 -16.77 -11.02
MG MG KI . -57.96 -17.33 -4.90
MG MG LI . -55.79 -18.19 0.73
MG MG MI . -49.47 -24.72 -13.36
MG MG NI . -62.01 -3.66 -9.07
MG MG OI . -51.21 -5.63 -8.66
MG MG PI . -67.12 4.59 -21.57
MG MG QI . -81.97 -2.15 -35.68
MG MG RI . -64.11 20.44 15.38
MG MG SI . -58.84 1.55 0.32
MG MG TI . -53.30 -0.74 -21.82
MG MG UI . -47.28 9.37 -1.29
MG MG VI . -43.34 11.01 1.71
MG MG WI . -36.44 17.01 1.53
MG MG XI . -39.56 2.25 22.33
ZN ZN YI . -56.33 -1.54 22.35
#